data_6QC2
#
_entry.id   6QC2
#
_cell.length_a   1.00
_cell.length_b   1.00
_cell.length_c   1.00
_cell.angle_alpha   90.000
_cell.angle_beta   90.000
_cell.angle_gamma   90.000
#
_symmetry.space_group_name_H-M   'P 1'
#
loop_
_entity.id
_entity.type
_entity.pdbx_description
1 polymer 'NADH-ubiquinone oxidoreductase chain 3'
2 polymer 'NADH-ubiquinone oxidoreductase chain 1'
3 polymer 'NADH-ubiquinone oxidoreductase chain 6'
4 polymer 'NADH-ubiquinone oxidoreductase chain 4L'
5 polymer 'NADH-ubiquinone oxidoreductase chain 5'
6 polymer 'NADH-ubiquinone oxidoreductase chain 4'
7 polymer 'NADH-ubiquinone oxidoreductase chain 2'
8 polymer NDUFA11
9 polymer 'NADH:ubiquinone oxidoreductase subunit B5'
10 polymer 'Acyl carrier protein'
11 polymer 'NADH dehydrogenase [ubiquinone] 1 alpha subcomplex subunit 8'
12 polymer NDUFB10
13 polymer 'NADH dehydrogenase [ubiquinone] 1 alpha subcomplex subunit 10, mitochondrial'
14 polymer 'NADH:ubiquinone oxidoreductase subunit S5'
15 polymer 'NADH:ubiquinone oxidoreductase subunit A3'
16 polymer 'NADH:ubiquinone oxidoreductase subunit B3'
17 polymer 'NADH dehydrogenase [ubiquinone] 1 subunit C2'
18 polymer 'NADH:ubiquinone oxidoreductase subunit B4'
19 polymer NDUFA13
20 polymer NDUFB6
21 polymer 'NADH:ubiquinone oxidoreductase subunit B7'
22 polymer 'NADH:ubiquinone oxidoreductase subunit B9'
23 polymer 'NADH:ubiquinone oxidoreductase subunit B2'
24 polymer 'NADH dehydrogenase [ubiquinone] 1 beta subcomplex subunit 8, mitochondrial'
25 polymer NDUFB11
26 polymer NDUFC1
27 polymer NDUFB1
28 polymer NDUFA1
29 polymer UQCRC1
30 polymer 'Ubiquinol-cytochrome c reductase core protein 2'
31 polymer 'Cytochrome b'
32 polymer 'Cytochrome c1'
33 polymer 'Cytochrome b-c1 complex subunit Rieske, mitochondrial'
34 polymer UQCRB
35 polymer 'Ubiquinol-cytochrome c reductase complex III subunit VII'
36 polymer UQCRQH
37 polymer UQCRFS1N
38 polymer 'Ubiquinol-cytochrome c reductase, complex III subunit X'
39 polymer 'NADH dehydrogenase [ubiquinone] flavoprotein 1, mitochondrial'
40 polymer NDUFV2
41 polymer 'NADH:ubiquinone oxidoreductase core subunit S1'
42 polymer NDUFS2
43 polymer 'NADH:ubiquinone oxidoreductase core subunit S3'
44 polymer NDUFS7
45 polymer NDUFS8
46 polymer NDUFV3
47 polymer NDUFS6
48 polymer 'NADH:ubiquinone oxidoreductase subunit S4'
49 polymer 'NADH:ubiquinone oxidoreductase subunit A9'
50 polymer 'NADH dehydrogenase [ubiquinone] 1 alpha subcomplex subunit 2'
51 polymer NDUFA5
52 polymer 'NADH:ubiquinone oxidoreductase subunit A6'
53 polymer NDUFA7
54 polymer 'NADH dehydrogenase [ubiquinone] 1 alpha subcomplex subunit 12'
55 non-polymer 1,2-Distearoyl-sn-glycerophosphoethanolamine
56 non-polymer 1,2-DIACYL-SN-GLYCERO-3-PHOSPHOCHOLINE
57 non-polymer 'S-[2-({N-[(2S)-2-hydroxy-3,3-dimethyl-4-(phosphonooxy)butanoyl]-beta-alanyl}amino)ethyl] tetradecanethioate'
58 non-polymer 'PROTOPORPHYRIN IX CONTAINING FE'
59 non-polymer 'HEME C'
60 non-polymer 'FE2/S2 (INORGANIC) CLUSTER'
61 non-polymer CARDIOLIPIN
62 non-polymer 'IRON/SULFUR CLUSTER'
63 non-polymer 'FLAVIN MONONUCLEOTIDE'
64 non-polymer 'ZINC ION'
65 non-polymer 'NADPH DIHYDRO-NICOTINAMIDE-ADENINE-DINUCLEOTIDE PHOSPHATE'
#
loop_
_entity_poly.entity_id
_entity_poly.type
_entity_poly.pdbx_seq_one_letter_code
_entity_poly.pdbx_strand_id
1 'polypeptide(L)'
;MNLMITLLTNFTLATLLVTIAFWLPQLNVYSEKTSPYECGFDPMGSARLPFSMKFFLVAITFLLFDLEIALLLPLPWASQ
TTNLNTMLTMALLLIFLLAVSLAYEWTQKGLEWTE
;
D3
2 'polypeptide(L)'
;MFMINVLTLIIPILLAVAFLTLVERKVLGYMQFRKGPNVVGPYGLLQPIADAIKLFIKEPLRPATSSISMFILAPILALT
LALTMWIPLPMPYPLINMNLGVLFMLAMSSLAVYSILWSGWASNSKYALIGALRAVAQTISYEVTLAIILLSVLLMNGSF
TLSTLIITQEQVWLIFPAWPLAMMWFISTLAETNRAPFDLTEGESELVSGFNVEYAAGPFALFFMAEYANIIMMNIFTTT
LFLGAFHNPYMPELYTINFTIKSLLLSITFLWIRASYPRFRYDQLMHLLWKNFLPLTLALCMWHVSLPILLSSIPPQT
;
D1
3 'polypeptide(L)'
;MMTYIVFILSIIFVMGFVGFSSKPSPIYGGLGLIVSGGVGCGIVLNFGGSFLGLMVFLIYLGGMMVVFGYTTAMATEQYP
EVWVSNKVVLGTFITGLLMEFLMVYYVLKDKEVEIVFKFNGMGDWVIYDTGDSGFFSEEAMGIAALYSYGTWLVIVTGWS
LLIGVVVIMEITRGN
;
D6
4 'polypeptide(L)'
;MSLVYMNIMMAFTVSLTGLLMYRSHLMSSLLCLEGMMLSLFILATLMILNSHFTLASMMPIILLVFAACEAALGLSLLVM
VSNTYGTDYVQNLNLLQC
;
4L
5 'polypeptide(L)'
;MNLFSSLTLVTLILLTMPIAAINFNTHKFTNYPLYVKTTISCAFITSMIPTMMFIHTGQEMIISNWHWLTIQTLKLSLSF
KMDFFSMMFVPVALFVTWSIMEFSMWYMHSDPNINQFFKYLLLFLITMLILVTANNLFQLFIGWEGVGIMSFLLIGWWYG
RTDANTAALQAILYNRIGDIGFILAMAWFLINLNTWDLQQIFMLNPNDSNLPLMGLILAATGKSAQFGLHPWLPSAMEGP
TPVSALLHSSTMVVAGIFLLIRFYPLTENNKFGQSIMLCLGAMTTLFTAMCALTQNDIKKIIAFSTSSQLGLMMVTIGIN
QPHLAFLHICTHAFFKAMLFMCSGSIIHSLNDEQDIRKMGGLFKAMPFTTTALIIGSLALTGMPFLTGFYSKDLIIESAN
TSYTNAWALLMTLVATSFTAIYSTRIIFFALLGQPRFPTLININENNPFLINSIKRLLIGSLFAGFIISNNIPPMTIPQM
TMPHYLKMTALTVTILGFILALEISNTTHYLKFNYPSNTFKFSNLLGYYPTIMHRLTPYMNLTMSQKSASSLLDLIWLET
ILPKTISLAQMKMSTTITSQKGLIKLYFLSFLITILISTTLLNFHE
;
D5
6 'polypeptide(L)'
;MLKYIIPTMMLMPLTWLSKNSMIWINTTLHSLLISLTSLLLLNQFGDNSLNFSLTFFSDSLSTPLLILTMWLLPLMLMAS
QHHLSKENLARKKLFISMLILLQLFLIMTFTATELIFFYIMFEATLVPTLIIITRWGNQTERLNAGLYFLFYTLAGSLPL
LVALIYIQNTMGSLNFLILQYWVQPMPNSWSNTFMWLACMMAFMVKMPLYGLHLWLPKAHVEAPIAGSMVLAAILLKLGG
YGMMRITLLLNPITDFMAYPFIMLSLWGMIMTSSICLRQTDLKSLIAYSSVSHMALVIVAILIQTPWSYMGATALMIAHG
LTSSMLFCLANSNYERVHSRTMILARGLQTLLPLMAAWWLLASLTNLALPPSINLIGELFVVMSTFSWSNITIILMGLNM
VITALYSLYMLITTQRGKHTHHINNILPSFTRENALMSLHMLPLLLLSLNPKIILGPLY
;
D4
7 'polypeptide(L)'
;MNPIILIIILMTVMLGTIIVMISTHWLLIWIGFEMNMLAIIPIMMKKHNPRATEASTKYFLTQSTASMLLMMAIIINLMF
SGQWTVMKLFNPMASMLMTMALAMKLGMAPFHFWVPEVTQGIPLSSGLILLTWQKLAPMSVLYQILPSINLDLILTLSIL
SITIGGWGGLNQTQLRKIMAYSSIAHMGWMTAVLLYNPTMTLLNLIIYIIMTSTMFTLFMANSTTTTLSLSHTWNKAPIM
TILVLITLLSMGGLPPLSGFMPKWMIIQEMTKNDSIILPTLMAITALLNLYFYMRLTYSTALTMFPSTNNMKMKWQFPTT
KRMTLLPTMTVLSTMLLPLTPILSILE
;
D2
8 'polypeptide(L)'
;AKTLLHQYWDIPEGTECHRKTYAATSIGGASGLVVSAYSVALKTPTSFLEGVARTGRYTFTAAAIGAIFGLTSCISAQVR
EKPDDPLNYLIGGCAGGLTLGARTRSYGIGAAACAYMGLTAALVKMGQLEGWKVFAEPKV
;
AK
9 'polypeptide(L)'
;SGDHGKRLFIIKPSGFYDKRFLKLLRFYILLTGIPVVIGITLINVFIGEAELAEIPEGYVPEHWEYFKHPISRWIARTFF
DAPEKNYERTMAILQIESEKAELRLKELEVRRLMRAKGDGPWFQYPTIDKALIDHSPKATPDN
;
B5
10 'polypeptide(L)'
;SDAPPLTLEGIKDRVLYVLKLYDKIDPEKLSVNSHFMKDLGLDSLDQVEIIMAMEDEFGFEIPDIDAEKLMCPQEIVDYI
ADKKDVYE
;
AB,AA
11 'polypeptide(L)'
;PGIVELPSLEDLKVQEVKVSSSVLKAAAHHYGAQCDKPNKEFMLCRWEEKDPRRCLEEGKLVNQCALEFFRQIKRHCAEP
FTEYWTCIDYSGLQLFRRCRKEQAQFDKCVLDKLGWVRPDLGELSKVTKVKTDRPLPENPYHSRARPEPNPEVEGDLKPA
RHGSRLFFWTM
;
A8
12 'polypeptide(L)'
;PDSWDKDVYPEPPRRTPAPSPQTSLPNPITYLTKAFDLLVDRPVTLVREFIERQHAKNKYYYYHREFRRVPDITECHEKD
VLCMFEAEMQWKRDYKVDQEIVNIIQERLKACQQREGESHRQNCAKELQQFTQVVKAYQDRYHDLGAHYSARKCLAKQKQ
RMLAERKATKEAAAA
;
BJ
13 'polypeptide(L)'
;LQYGPLAYILGEKTTKKMTENSKLITVDGNICSGKSKLAKEVAEKLGLKHFPEAGIHYADSTTGDGKPLPVRFSGNCSLE
KFYDDPKSNDGNSYRLQAWLYASRLLQYADALEHLLSTGQGVVLERSIYSDFVFLEAMYRQGFIRKQCVDHYNQVKKVTV
CEYLPPHVVIYVDVPVSEVQSRIQKKGNPHEMKITSAYLQDIENVYKGTFLPEMSEKCEVLQYSAWEAEDAEKVVEDIQY
LKYDKGPWLDQDDRKLHNLRMLVQDKLEVLNYTSIPVFLPEVTIGAHQSDRVFQEFTELPGRKYRAGYNEDVGDKWIWLK
;
AJ
14 'polypeptide(L)'
;PFFDVQKKLGVDLDHWMTIQSAEQPHRIPARCHAFEKEWIECAHGIGSIRAEKECKIEFEDFRECLLRQKTMKRLNAIKR
QRDKLIKEGKYTPPPHHSGQEDLRP
;
S5
15 'polypeptide(L)'
;APRVAAFLKNVWAKEPVLVASFAIAGLAVILPTLSPYTKYSLMINRATPYNYPVPLRDDGNMPDVPSHPQDPQGPSLEWL
KRL
;
A3
16 'polypeptide(L)'
;AHGHGHEHGPSKMELPDYKQWKIEGTPLETVQEKLAARGLRDPWGRNEAWRYMGGFANNVSFVGALLKGFKWGFAAFVVA
VGAEYYLESQKKDKKHH
;
B3
17 'polypeptide(L)'
;MMTGRQARAPLQFLPDEARSLPPPKLTDPRLAYIGFLGYCSGLIDNAIRRRPVLSAGLHRQFLYITSFVFVGYYLLKRQD
YMYAVRDHDMFSYIKSHPEDFPEKDKKTYREVFEEFHPVR
;
C2
18 'polypeptide(L)'
;SFPKYEPSRLASLPTTLDPAEYDISSETRKAQAERLAIRSRLKREYQLQYNDPSRRGVVEDPALIRWTCARSANVYPNFR
PNTKTSLLGALFGIGPLIFWYYVFKTDRDRKEKLIQEGKLDRTFNISY
;
B4
19 'polypeptide(L)'
;AASKVKQDMPPVGGYGPIDYKRNLPRRGLSGYSMFAVGIGALLFGYWSMMRWNRERRRLQIEDFEARIALMPLLQAEKDR
RVLQMLRENLEEEATIMKDVPGWKVGESVFHTTRWVTPMMGELYGLRTGEEILSSTYGFIWYT
;
AM
20 'polypeptide(L)'
;SGYTPDEKLRLQQLRELRRRWLKDQELSPREPVLPPRRVSPVERFWNKFLQDGALWKNVIYKTYRHSIFAFTHVLIPVWI
IHYYLKYHVTTKPYTIVEKKPRIFPGDTILETGEVIPPMKEFPDQHH
;
B6
21 'polypeptide(L)'
;GAHLARRYLGDASVEPEPLRMPTFPPDYGFPERKEREMVATQQEMNDAQLVLQQRDYCAHYLIRFLKCKRDSFPNFLACK
HEQHDWDYCEHLDYVKRMKEFERERRLLQRKKRREQREA
;
B7
22 'polypeptide(L)'
;AFLPSAAYLTHQQKVLQLYKRALRHLESRCVHRDKYRYFACLLRARFDEHKNEKDMVKATQLLREAEKEFWHGQHPQPYI
FPESPGGTSYERYECYKVPEWCLDDWHPSEKAMYPDYFAKREQWKKLRRESWEREVKQLQEETPVGGPRTEALPPARKQG
DLPPLWWHIVTRPRERPM
;
B9
23 'polypeptide(L)' AGGGAHIEPRYRQFPQLTRSQVIQAEFFSATMWFWILWRFWHDSDAVLGHFPYPDPSQWTDEELGIPPDDED B2
24 'polypeptide(L)'
;ASHITKDMLPGPYPKTPEERAAAAKKYNMRVEDYEPYPDDGMGYGDYPKLPDRSQQERDPWYDWDHPDLRLNWGEPMHWD
LDMYIRNRVDTSPTPVNWNLMCKHLFGFVAFMLFMFWVGETYPTYQPVGPKQYPYNNLYLERGGDPNKEPEPVVHYEI
;
B8
25 'polypeptide(L)'
;ESSSSRAVIAPSTLAGKRPSEPTLRWQEDPEPEDENLYEKNPDSHGYDKDPAVDVWNMRVVFFFGFSIVLVLGSTFVAYL
PDYRMQEWARREAERLVKYREAHGLPLMESNCFDPSKIQLPEDED
;
BK
26 'polypeptide(L)' KFYIQEPPHGSPNWLKVGLTLGTSAFLWIYLIKQHNEDVLEYKRRNGLE C1
27 'polypeptide(L)' MNLLQVVRDHWIHVLVPVGFVFGYYLDRKNDEKLAAFRNKSLLYKRELKPNEEVTWK B1
28 'polypeptide(L)' MWFEVLPGIAVMGVCLFIPGMATARIHRFSNGGREKRVAHYSYQWYLMERDRRVSGVNRYYVSKGLENID A1
29 'polypeptide(L)'
;TATYAQALQSVPETQVSQLDNGLRVASEQSSQPTCTVGVWIDAGSRYETEKNNGAGYFVEHLAFKGTKNRPGNALEKEVE
SMGAHLNAYSTREHTAYYIKALSKDLPKAVELLADIVQNCSLEDSQIEKERDVILQELQENDTSMRDVVFNYLHATAFQG
TPLAQSVEGPSENVRKLSRADLTEYLSRHYKAPRMVLAAAGGLEHRQLLDLAQKHFSGLSGTYDEDAVPTLTPCRFTGSE
IRHREDGLPLAHVAIAVEGPGWANPDNVALQVANAIIGHYDCTYGGGMHLSSPLASVAVTNKLCQSFQTFNICYADTGLL
GAHFVCDHMSIDDMMFVLQGQWMRLCTSATESEVVRGKNLLRNALVSHLDGTTPVCEDIGRSLLTYGRRIPLAEWESRIA
EVDARVVREVCSKYFYDQCPAVAGFGPIEQLPDYNRIRSGMFWLRF
;
a1,a3
30 'polypeptide(L)'
;SLKVAPKAKATAAPAGVPQHPQDLEFTRLPNGLVIASLENYAPASRIGLFIKAGSRYENFNNLGTSHLLRLASSLTTKGA
SSFKITRGIEAVGGKLSVTSTRENMAYTVECLRDDVDILMEFLLNVTTAPEFRRWEVAALQSQLRIDKAVAFQNPQAHVI
ENLHAAAYRNALANSLYCPDYRIGKVTPDELHDYVQNHFTSARMALIGLGVSHPVLKQVAEQFLNIRGGLGLSGAKAKYR
GGEIREQNGDSLVHAALVAESAAIGSAEANAFSVLQHVLGAGPHVKRGSNATSSLYQAVAKGVHQPFDVSAFNASYSDSG
LFGFYTISQAASAGDVIKAAYNQVKTIAQGNLSNPDVQAAKNKLKAGYLMSVESSEGFLDEVGCQALAAGSYTPPSTVLQ
QIDAVADADVINAAKKFVSGRKSMAASGNLGHTPFIDEL
;
a2,a4
31 'polypeptide(L)'
;MINIRKTHPLMKIVNNAFIDLPAPSNISSWWNFGSLLGICLILQILTGLFLAMHYTPDTTTAFSSVTHICRDVNYGWIIR
YMHANGASMFFICLFMHVGRGLYYGSYTFLETWNIGVILLFATMATAFMGYVLPWGQMSFWGATVITNLLSAIPYIGTNL
VEWIWGGFSVDKATLTRFFAFHFIFPFIIAALAMVHLLFLHETGSNNPTGIPSDTDKIPFHPYYTIKDILGAILLILILM
LLVLFTPDLLGDPDNYTPANPLNTPPHIKPEWYFLFAYAILRSIPNKLGGVLALVLSILVLVIMPLLHTSKQRSMMFRPI
SQCMFWILVADLLTLTWIGGQPVEHPYIIIGQLASIMYFLIILVMMPVASIIENNLLKW
;
b1,b2
32 'polypeptide(L)'
;SDLELHPPSYPWSHRGLLSSLDHTSIRRGFQVYKQVCSSCHSMDYVAYRHLVGVCYTEDEAKALAEEVEVQDGPNEDGEM
FMRPGKLSDYFPKPYPNPEAARAANNGALPPDLSYIVRARHGGEDYVFSLLTGYCEPPRVSLREGLYFNPYFPGQAIGMA
PPIYNEVLEFDDGTPATMSQVAKDVCTFLRWAAEPEHDHRKRMGLKMLLMMGLLLPLVYAMKRHKWSVLKSRKLAYRPPK
;
c1,c2
33 'polypeptide(L)'
;SHTDIKVPDFSDYRRPEVLDSTKSSKESSEARKGFSYLITATTTVGVAYAAKNVVSQFVSSMSASADVLAMSKIEIKLSD
IPEGKNMAFKWRGKPLFVRHRTKKEIDQEAAVEVSQLRDPQHDLERVKKPEWVILIGVCTHLGCVPIANAGDFGGYYCPC
HGSHYDASGRIRKGPAPLNLEVPSYEFTSDDMVIVG
;
f1,f2
34 'polypeptide(L)'
;AGRPAVSASSKWLEGIRKWYYNAAGFNKLGLMRDDTIHENDDVKEAIRRLPENLYNDRVFRIKRALDLSMRQQILPKEQW
TKYEEDKFYLEPYLKEVIRERKEREEWTKK
;
d1,d2
35 'polypeptide(L)'
;GRQFGHLTRVRHVITYSLSPFEQRAFPHYFSKGIPNVLRRTRACILRVAPPFVVFYLVYTWGTQEFEKSKRKNPAAYEND
K
;
q1,q2
36 'polypeptide(L)' GDPKEEEEEEEELVDPLTTVREQCEQLEKCVKARERLELCDERVSSRSQTEEDCTEELFDFLHARDHCVAHKLFNSLK h1,h2
37 'polypeptide(L)'
;(UNK)(UNK)(UNK)(UNK)(UNK)(UNK)(UNK)(UNK)(UNK)(UNK)(UNK)(UNK)(UNK)(UNK)(UNK)(UNK)
(UNK)(UNK)(UNK)(UNK)(UNK)(UNK)(UNK)(UNK)(UNK)(UNK)(UNK)(UNK)(UNK)(UNK)(UNK)(UNK)
(UNK)(UNK)(UNK)(UNK)(UNK)(UNK)(UNK)(UNK)(UNK)(UNK)(UNK)(UNK)(UNK)(UNK)(UNK)(UNK)
(UNK)(UNK)(UNK)(UNK)(UNK)(UNK)(UNK)(UNK)(UNK)(UNK)(UNK)(UNK)(UNK)(UNK)(UNK)(UNK)
(UNK)(UNK)(UNK)(UNK)(UNK)(UNK)(UNK)(UNK)(UNK)(UNK)(UNK)(UNK)(UNK)(UNK)
;
x1,x2
38 'polypeptide(L)' AAPTLTARLYSLLFRRTSTFALTIVVGALFFERAFDQGADAIYEHINEGKLWKHIKHKYENKE i1,i2
39 'polypeptide(L)'
;FSGDTTAPKKTSFGSLKDEDRIFTNLYGRHDWRLKGAQSRGDWYKTKEILLKGPDWILGEVKTSGLRGRGGAGFPTGLKW
SFMNKPSDGRPKYLVVNADEGEPGTCKDREIIRHDPHKLVEGCLVGGRAMGARAAYIYIRGEFYNEASNLQVAIREAYEA
GLIGKNACGSGYDFDVFVVRGAGAYICGEETALIESIEGKQGKPRLKPPFPADVGVFGCPTTVANVETVAVSPTICRRGG
AWFASFGRERNSGTKLFNISGHVNNPCTVEEEMSVPLKELIEKHAGGVTGGWDNLLAVIPGGSSTPLIPKSVCETVLMDF
DALIQAQTGLGTAAVIVMDRSTDIVKAIARLIEFYKHESCGQCTPCREGVDWMNKVMARFVRGDARPAEIDSLWEISKQI
EGHTICALGDGAAWPVQGLIRHFRPELEERMQRFAQQHQARQAAS
;
V1
40 'polypeptide(L)'
;GAGGALFVHRDTPKNNPETPFDFTPENYKRIEAIVKNYPEGHKAAAVLPVLDLAQRQNGWLPISAMNKVAEILQVPPMRV
YEVATFYTMYNRKPVGKYHIQVCTTTPCMLRNSDSILEAIQKKLGIKVGETTPDKLFTLIEVECLGACVNAPMVQINDNY
YEDLTPKDIEEIIDELKAGKIPKPGPRSGRFSCEPAGGLTSLTEPPKGPGFGVQAGL
;
V2
41 'polypeptide(L)'
;TATAASNLIEVFVDGQSVMVEPGTTVLQACEKVGMQIPRFCYHERLSVAGNCRMCLVEIEKAPKVVAACAMPVMKGWNIL
TNSEKTKKAREGVMEFLLANHPLDCPICDQGGECDLQDQSMMFGSDRSRFLEGKRAVEDKNIGPLVKTIMTRCIQCTRCI
RFASEIAGVDDLGTTGRGNDMQVGTYIEKMFMSELSGNIIDICPVGALTSKPYAFTARPWETRKTESIDVMDAVGSNIVV
STRTGEVMRILPRMHEDINEEWISDKTRFAYDGLKRQRLTEPMVRNEKGLLTHTTWEDALSRVAGMLQSCQGNDVAAIAG
GLVDAEALIALKDLLNRVDSDTLCTEEVFPTAGAGTDLRSNYLLNTTIAGVEEADVVLLVGTNPRFEAPLFNARIRKSWL
HNDLKVALIGSPVDLTYRYDHLGDSPKILQDIASGSHPFSQVLQEAKKPMVVLGSSALQRNDGAAILAAVSNIAQKIRTS
SGVTGDWKVMNILHRIASQVAALDLGYKPGVEAIRKNPPKMLFLLGADGGCVTRQDLPKDCFIVYQGHHGDVGAPIADVI
LPGAAYTEKSATYVNTEGRAQQTKVAVMPPGLAREDWKIIRALSEIAGMTLPYDTLDQVRNRLEEVSPNLVRYDDVEGAN
YFQQASELSKLVNQQLLADPLVPPQLTIKDFYMTDSISRASQTMAKCVKAVTEGAHAVEEPSIC
;
S1
42 'polypeptide(L)'
;ARQWQPDVEWAEQYGGAVMYPTKETAHWKPPPWNDVDPPKDTLVSNLTLNFGPQHPAAHGVLRLVMELSGEMVRKCDPHI
GLLHRGTEKLIEYKTYLQALPYFDRLDYVSMMCNEQAYSLAVEKLLNIQPPPRAQWIRVLFGEITRLLNHIMAVTTHALD
IGAMTPFFWMFEEREKMFEFYERVSGARMHAAYVRPGGVHQDLPLGLMDDIYEFSKNFSLRIDELEEMLTNNRIWRNRTV
DIGVVTAEDALNYGFSGVMLRGSGIQWDLRKTQPYDVYDQVEFDVPIGSRGDCYDRYLCRVEEMRQSIRIISQCLNKMPP
GEIKVDDAKVSPPKRAEMKTSMESLIHHFKLYTEGYQVPPGATYTAIEAPKGEFGVYLVSDGSSRPYRCKIKAPGFAHLA
GLDKMSKGHMLADVVAIIGTQDIVFGEVDR
;
S2
43 'polypeptide(L)'
;ESASADTRPTVRPRNDVAHKQLSAFGEYVAEILPKYVQQVQVSCFSELEICIHPDGVIPVLTFLRDHSNAQFKSLADLTA
VDIPTRQNRFEIVYNLLSLRFNSRIRVKTYTDELTPVESSVSVYKAANWYEREIWDMFGVFFANHPDLRRILTDYGFEGH
PFRKDFPLSGYVELRYDDEVKRVVAEPVELAQEFRKFDLNSPWEAFPAYRQPPESLKLEAGDKKPEAK
;
S3
44 'polypeptide(L)'
;PSSTQPAVSQARAVVPKPAALPSSRGEYVVAKLDDLINWARRSSLWPMTFGLACCAVEMMHMAAPRYDMDRFGVVFRASP
RQSDVMIVAGTLTNKMAPALRKVYDQMPEPRYVVSMGSCANGGGYYHYSYSVVRGCDRIVPVDIYVPGCPPTAEALLYGI
LQLQKKIKREKRLRIWYRR
;
S7
45 'polypeptide(L)'
;TYKYVNLREPSMDMKSVTDRAAQTLLWTELIRGLGMTLSYLFREPATINYPFEKGPLSPRFRGEHALRRYPSGEERCIAC
KLCEAVCPAQAITIEAEPRADGSRRTTRYDIDMTKCIYCGFCQEACPVDAIVEGPNFEFSTETHEELLYNKEKLLNNGDK
WEAEIAANIQADYLYR
;
S8
46 'polypeptide(L)' SAESGKNEKGLPPNPKKQSPPKKPASAAPTEPFDNTTYKNLQHHDYSTYTFLDLNLDLSKFRMPQPSSGRESPRH V3
47 'polypeptide(L)'
;GVRTSPTGEKVTHTGQVYDDEDYRRVRFVGRQKEVNENFAIDLIAEQPVSQVGSRVISCDGGGGALGHPRVYINLDKETK
TGTCGYCGLQFRQQHH
;
S6
48 'polypeptide(L)'
;AQDQTRDTQLITVDEKLDITTLTGVPEEHIKTRKARIFVPARNNMQSGVNNTKKWKMEFDTRERWENPLMGWASTADPLS
NLVLTFSTKEDAIAFAEKNGWSYDVEERKVPKPKSKSYGANFSWNKRTRVSTK
;
S4
49 'polypeptide(L)'
;LHHAVIPHGKGGRSSVSGIVATVFGATGFLGRYLVNHLGRMGSQVIVPYRCEPYDTMHLRPMGDLGQIIFMDWNGRDKDS
IRRAVEHSNVVINLVGREWETKNFDFEDVFVKIPQAIAQVSKEAGVEKFIHISHLNADIKSSSKYLRNKAVGEKEVRETF
PEATIIKPADIFGREDRFLNYFANIRWFGGVPLISLGKKTVKQPVYIVDVTKGIINAIKDPDARGKTFAFVGPNRYLLFD
LVQYVFAVAHRPFLPYPMPHFAYRWIGRLFEISPFEPWTTRDKVERIHTTDRTLPHLPGLEDLGVQATPLELKAIEVLRR
HRTYRWLSSEIEDVQPAK
;
A9
50 'polypeptide(L)'
;AAAAAIRGVRGKLGLREIRIHLCQRSPGSQGVRDFIEKRYVELKKANPDLPILIRECSDVQPKLWARYAFGQEKNVSLNN
FSADQVTRALENVLSSKA
;
A2
51 'polypeptide(L)'
;AGLLKKTTGLVGLAVCETPHERLKILYTKILDVLGHIPKNAAYRKYTEQITNEKLSIVKAEPDVKKLEEQLQGGQIEEVI
LQAENELSLARKMIQWKPWEPLVEEPPASQWKWPI
;
A5
52 'polypeptide(L)'
;AASGLRQAAVAASTSVKPIFSRDMNEAKRRVRELYRAWYREVPNTVHLFQLDISVKQGRDKVREMFKKNAHVTDPRVVDL
LVIKGKMELEETINVWKQRTHVMRFFHETEAPRPKDFLSKFYVGHDP
;
A6
53 'polypeptide(L)'
;ASATRLIQGLRNWASGRDLQAKLQLRYQEISKRTQPPPKLPVGPSHRLSNNYYCARDGRREAMPPSIVMSSQKVLVAGKP
AESSAVAASEKKAVSPAPPIKRWELSQDEPYL
;
A7
54 'polypeptide(L)'
;MELLQVLKRGLQQVSGHGGLRGYLRVLFRANDVRVGTLVGEDKYGNKYYEDNKQFFGRHRWVIYTTEMNGKNTFWDVDGS
MVPPEWHRWLHCMTDDPPTVKPPTARKFIWTNHKFNLSGTPQQYVPYSTTRKKIQEWVPPSTPYK
;
AL
#
loop_
_chem_comp.id
_chem_comp.type
_chem_comp.name
_chem_comp.formula
3PE non-polymer 1,2-Distearoyl-sn-glycerophosphoethanolamine 'C41 H82 N O8 P'
CDL non-polymer CARDIOLIPIN 'C81 H156 O17 P2 -2'
FES non-polymer 'FE2/S2 (INORGANIC) CLUSTER' 'Fe2 S2'
FMN non-polymer 'FLAVIN MONONUCLEOTIDE' 'C17 H21 N4 O9 P'
HEC non-polymer 'HEME C' 'C34 H34 Fe N4 O4'
HEM non-polymer 'PROTOPORPHYRIN IX CONTAINING FE' 'C34 H32 Fe N4 O4'
NDP non-polymer 'NADPH DIHYDRO-NICOTINAMIDE-ADENINE-DINUCLEOTIDE PHOSPHATE' 'C21 H30 N7 O17 P3'
PC1 non-polymer 1,2-DIACYL-SN-GLYCERO-3-PHOSPHOCHOLINE 'C44 H88 N O8 P'
SF4 non-polymer 'IRON/SULFUR CLUSTER' 'Fe4 S4'
ZMP non-polymer 'S-[2-({N-[(2S)-2-hydroxy-3,3-dimethyl-4-(phosphonooxy)butanoyl]-beta-alanyl}amino)ethyl] tetradecanethioate' 'C25 H49 N2 O8 P S'
ZN non-polymer 'ZINC ION' 'Zn 2'
#
# COMPACT_ATOMS: atom_id res chain seq x y z
N MET A 1 -17.40 -59.85 -26.49
CA MET A 1 -18.38 -59.71 -25.42
C MET A 1 -18.24 -60.87 -24.45
N ASN A 2 -17.67 -61.98 -24.93
CA ASN A 2 -17.26 -63.05 -24.03
C ASN A 2 -16.25 -62.52 -23.03
N LEU A 3 -15.09 -62.06 -23.52
CA LEU A 3 -14.06 -61.63 -22.60
C LEU A 3 -14.39 -60.29 -21.95
N MET A 4 -15.24 -59.48 -22.56
CA MET A 4 -15.72 -58.28 -21.88
C MET A 4 -16.58 -58.66 -20.69
N ILE A 5 -17.47 -59.64 -20.86
CA ILE A 5 -18.28 -60.13 -19.75
C ILE A 5 -17.42 -60.75 -18.67
N THR A 6 -16.39 -61.52 -19.06
CA THR A 6 -15.52 -62.14 -18.04
C THR A 6 -14.75 -61.08 -17.26
N LEU A 7 -14.19 -60.11 -17.97
CA LEU A 7 -13.50 -58.99 -17.35
C LEU A 7 -14.41 -58.23 -16.39
N LEU A 8 -15.66 -58.01 -16.79
CA LEU A 8 -16.59 -57.30 -15.94
C LEU A 8 -16.97 -58.13 -14.72
N THR A 9 -17.06 -59.45 -14.88
CA THR A 9 -17.35 -60.31 -13.73
C THR A 9 -16.20 -60.33 -12.76
N ASN A 10 -14.96 -60.31 -13.27
CA ASN A 10 -13.80 -60.23 -12.40
C ASN A 10 -13.82 -58.93 -11.61
N PHE A 11 -14.15 -57.83 -12.29
CA PHE A 11 -14.22 -56.54 -11.62
C PHE A 11 -15.33 -56.51 -10.57
N THR A 12 -16.51 -57.05 -10.90
CA THR A 12 -17.62 -56.99 -9.97
C THR A 12 -17.42 -57.89 -8.76
N LEU A 13 -16.85 -59.08 -8.97
CA LEU A 13 -16.58 -59.95 -7.82
C LEU A 13 -15.47 -59.39 -6.96
N ALA A 14 -14.47 -58.75 -7.58
CA ALA A 14 -13.44 -58.11 -6.79
C ALA A 14 -13.99 -56.94 -5.98
N THR A 15 -14.89 -56.15 -6.58
CA THR A 15 -15.50 -55.04 -5.82
C THR A 15 -16.42 -55.56 -4.72
N LEU A 16 -17.14 -56.66 -4.98
CA LEU A 16 -17.94 -57.29 -3.95
C LEU A 16 -17.06 -57.72 -2.78
N LEU A 17 -15.91 -58.30 -3.09
CA LEU A 17 -15.02 -58.77 -2.03
C LEU A 17 -14.39 -57.61 -1.28
N VAL A 18 -14.08 -56.51 -1.98
CA VAL A 18 -13.55 -55.32 -1.31
C VAL A 18 -14.61 -54.68 -0.42
N THR A 19 -15.85 -54.60 -0.89
CA THR A 19 -16.90 -54.00 -0.08
C THR A 19 -17.26 -54.85 1.13
N ILE A 20 -17.14 -56.18 1.03
CA ILE A 20 -17.28 -57.00 2.22
C ILE A 20 -16.09 -56.80 3.14
N ALA A 21 -14.91 -56.60 2.56
CA ALA A 21 -13.71 -56.38 3.37
C ALA A 21 -13.71 -55.02 4.05
N PHE A 22 -14.45 -54.06 3.54
CA PHE A 22 -14.46 -52.71 4.09
C PHE A 22 -15.66 -52.42 4.96
N TRP A 23 -16.84 -52.89 4.56
CA TRP A 23 -18.08 -52.46 5.18
C TRP A 23 -18.31 -53.09 6.55
N LEU A 24 -17.83 -54.32 6.76
CA LEU A 24 -18.12 -55.03 8.00
C LEU A 24 -17.57 -54.41 9.28
N PRO A 25 -16.44 -53.67 9.29
CA PRO A 25 -16.20 -52.81 10.46
C PRO A 25 -17.19 -51.66 10.55
N GLN A 26 -17.44 -50.97 9.46
CA GLN A 26 -18.31 -49.81 9.46
C GLN A 26 -19.78 -50.21 9.57
N PRO A 50 14.65 -36.34 -0.48
CA PRO A 50 15.94 -36.98 -0.74
C PRO A 50 15.74 -38.34 -1.38
N PHE A 51 16.75 -38.82 -2.10
CA PHE A 51 16.57 -39.97 -2.98
C PHE A 51 17.93 -40.60 -3.22
N SER A 52 18.00 -41.49 -4.21
CA SER A 52 19.27 -41.99 -4.71
C SER A 52 19.30 -41.85 -6.22
N MET A 53 20.48 -41.50 -6.73
CA MET A 53 20.66 -41.49 -8.19
C MET A 53 20.64 -42.91 -8.74
N LYS A 54 21.12 -43.89 -7.95
CA LYS A 54 21.14 -45.27 -8.39
C LYS A 54 19.76 -45.87 -8.58
N PHE A 55 18.75 -45.32 -7.90
CA PHE A 55 17.37 -45.73 -8.18
C PHE A 55 16.96 -45.35 -9.59
N PHE A 56 17.42 -44.20 -10.05
CA PHE A 56 16.91 -43.67 -11.30
C PHE A 56 17.47 -44.41 -12.51
N LEU A 57 18.72 -44.89 -12.42
CA LEU A 57 19.32 -45.52 -13.59
C LEU A 57 18.76 -46.89 -13.86
N VAL A 58 18.20 -47.53 -12.83
CA VAL A 58 17.51 -48.81 -13.00
C VAL A 58 16.29 -48.64 -13.89
N ALA A 59 15.53 -47.57 -13.67
CA ALA A 59 14.31 -47.34 -14.44
C ALA A 59 14.62 -47.04 -15.90
N ILE A 60 15.62 -46.20 -16.16
CA ILE A 60 15.87 -45.82 -17.54
C ILE A 60 16.59 -46.94 -18.27
N THR A 61 17.40 -47.71 -17.54
CA THR A 61 18.02 -48.89 -18.11
C THR A 61 16.96 -49.90 -18.50
N PHE A 62 15.96 -50.10 -17.63
CA PHE A 62 14.82 -50.94 -17.99
C PHE A 62 14.08 -50.40 -19.19
N LEU A 63 13.89 -49.08 -19.25
CA LEU A 63 13.09 -48.49 -20.31
C LEU A 63 13.75 -48.72 -21.66
N LEU A 64 15.06 -48.53 -21.74
CA LEU A 64 15.73 -48.69 -23.01
C LEU A 64 15.84 -50.16 -23.42
N PHE A 65 16.14 -51.05 -22.46
CA PHE A 65 16.19 -52.46 -22.82
C PHE A 65 14.80 -53.02 -23.10
N ASP A 66 13.76 -52.45 -22.50
CA ASP A 66 12.40 -52.86 -22.80
C ASP A 66 11.98 -52.39 -24.18
N LEU A 67 12.47 -51.23 -24.61
CA LEU A 67 12.23 -50.82 -25.99
C LEU A 67 12.91 -51.75 -26.96
N GLU A 68 14.13 -52.18 -26.65
CA GLU A 68 14.81 -53.11 -27.55
C GLU A 68 14.14 -54.48 -27.53
N ILE A 69 13.53 -54.85 -26.39
CA ILE A 69 12.63 -56.00 -26.34
C ILE A 69 11.46 -55.80 -27.31
N ALA A 70 10.89 -54.60 -27.31
CA ALA A 70 9.73 -54.32 -28.16
C ALA A 70 10.08 -54.42 -29.64
N LEU A 71 11.32 -54.11 -29.98
CA LEU A 71 11.75 -54.37 -31.35
C LEU A 71 11.92 -55.87 -31.60
N LEU A 72 12.55 -56.58 -30.67
CA LEU A 72 12.94 -57.98 -30.90
C LEU A 72 11.74 -58.91 -31.03
N LEU A 73 10.81 -58.86 -30.09
CA LEU A 73 9.82 -59.92 -29.91
C LEU A 73 8.85 -60.29 -31.06
N PRO A 74 8.61 -59.46 -32.10
CA PRO A 74 7.89 -60.02 -33.26
C PRO A 74 8.76 -60.79 -34.25
N LEU A 75 9.98 -61.16 -33.84
CA LEU A 75 10.84 -62.01 -34.66
C LEU A 75 10.23 -63.37 -35.07
N PRO A 76 9.57 -64.15 -34.21
CA PRO A 76 9.08 -65.45 -34.68
C PRO A 76 7.93 -65.37 -35.66
N TRP A 77 7.17 -64.28 -35.69
CA TRP A 77 6.24 -64.06 -36.79
C TRP A 77 6.99 -63.87 -38.09
N ALA A 78 8.16 -63.26 -38.03
CA ALA A 78 8.92 -62.93 -39.22
C ALA A 78 9.74 -64.09 -39.72
N SER A 79 10.00 -65.10 -38.89
CA SER A 79 11.03 -66.11 -39.11
C SER A 79 10.84 -67.00 -40.35
N GLN A 80 9.79 -66.76 -41.14
CA GLN A 80 9.56 -67.43 -42.40
C GLN A 80 9.57 -66.42 -43.55
N THR A 81 10.77 -66.09 -44.02
CA THR A 81 10.95 -65.25 -45.19
C THR A 81 11.74 -66.01 -46.24
N THR A 82 11.88 -65.39 -47.41
CA THR A 82 12.76 -65.93 -48.44
C THR A 82 14.15 -65.34 -48.41
N ASN A 83 14.33 -64.21 -47.73
CA ASN A 83 15.65 -63.60 -47.55
C ASN A 83 16.12 -63.92 -46.14
N LEU A 84 16.58 -65.16 -45.96
CA LEU A 84 16.96 -65.64 -44.63
C LEU A 84 18.24 -64.99 -44.15
N ASN A 85 19.17 -64.72 -45.07
CA ASN A 85 20.45 -64.14 -44.71
C ASN A 85 20.30 -62.73 -44.16
N THR A 86 19.40 -61.93 -44.74
CA THR A 86 19.18 -60.58 -44.26
C THR A 86 18.53 -60.58 -42.88
N MET A 87 17.55 -61.45 -42.67
CA MET A 87 16.89 -61.56 -41.38
C MET A 87 17.85 -62.03 -40.31
N LEU A 88 18.70 -62.99 -40.65
CA LEU A 88 19.74 -63.46 -39.76
C LEU A 88 20.67 -62.33 -39.36
N THR A 89 21.10 -61.53 -40.35
CA THR A 89 22.09 -60.50 -40.10
C THR A 89 21.52 -59.35 -39.27
N MET A 90 20.31 -58.90 -39.60
CA MET A 90 19.72 -57.82 -38.81
C MET A 90 19.24 -58.28 -37.44
N ALA A 91 18.85 -59.55 -37.29
CA ALA A 91 18.52 -60.06 -35.97
C ALA A 91 19.74 -60.10 -35.07
N LEU A 92 20.87 -60.59 -35.60
CA LEU A 92 22.10 -60.57 -34.84
C LEU A 92 22.57 -59.15 -34.58
N LEU A 93 22.27 -58.22 -35.50
CA LEU A 93 22.56 -56.80 -35.26
C LEU A 93 21.79 -56.27 -34.06
N LEU A 94 20.51 -56.63 -33.96
CA LEU A 94 19.69 -56.13 -32.85
C LEU A 94 20.17 -56.67 -31.51
N ILE A 95 20.38 -57.99 -31.42
CA ILE A 95 20.83 -58.53 -30.14
C ILE A 95 22.25 -58.11 -29.82
N PHE A 96 23.09 -57.92 -30.84
CA PHE A 96 24.46 -57.50 -30.60
C PHE A 96 24.50 -56.07 -30.12
N LEU A 97 23.61 -55.22 -30.61
CA LEU A 97 23.57 -53.86 -30.10
C LEU A 97 23.02 -53.83 -28.69
N LEU A 98 22.08 -54.70 -28.37
CA LEU A 98 21.58 -54.78 -27.00
C LEU A 98 22.70 -55.16 -26.04
N ALA A 99 23.47 -56.18 -26.42
CA ALA A 99 24.60 -56.59 -25.60
C ALA A 99 25.71 -55.56 -25.58
N VAL A 100 25.84 -54.76 -26.64
CA VAL A 100 26.87 -53.72 -26.65
C VAL A 100 26.47 -52.56 -25.74
N SER A 101 25.18 -52.22 -25.68
CA SER A 101 24.75 -51.19 -24.73
C SER A 101 24.94 -51.66 -23.29
N LEU A 102 24.61 -52.93 -23.03
CA LEU A 102 24.95 -53.55 -21.76
C LEU A 102 26.44 -53.49 -21.48
N ALA A 103 27.26 -53.76 -22.51
CA ALA A 103 28.70 -53.75 -22.34
C ALA A 103 29.22 -52.35 -22.09
N TYR A 104 28.58 -51.34 -22.67
CA TYR A 104 29.02 -49.97 -22.45
C TYR A 104 28.74 -49.55 -21.02
N GLU A 105 27.54 -49.83 -20.52
CA GLU A 105 27.30 -49.46 -19.12
C GLU A 105 28.07 -50.37 -18.17
N TRP A 106 28.43 -51.57 -18.60
CA TRP A 106 29.23 -52.49 -17.80
C TRP A 106 30.64 -51.96 -17.62
N THR A 107 31.26 -51.53 -18.72
CA THR A 107 32.61 -50.98 -18.63
C THR A 107 32.59 -49.61 -17.98
N GLN A 108 31.51 -48.84 -18.17
CA GLN A 108 31.43 -47.51 -17.59
C GLN A 108 30.70 -47.51 -16.26
N LYS A 109 30.82 -48.62 -15.50
CA LYS A 109 30.35 -48.81 -14.12
C LYS A 109 28.91 -48.32 -13.90
N GLY A 110 28.07 -48.56 -14.90
CA GLY A 110 26.77 -47.90 -14.97
C GLY A 110 25.80 -48.32 -13.89
N LEU A 111 25.90 -49.57 -13.42
CA LEU A 111 25.17 -50.00 -12.24
C LEU A 111 26.20 -50.44 -11.22
N GLU A 112 26.70 -49.48 -10.46
CA GLU A 112 27.38 -49.72 -9.20
C GLU A 112 26.41 -49.48 -8.06
N TRP A 113 26.87 -49.76 -6.85
CA TRP A 113 26.01 -49.60 -5.68
C TRP A 113 26.78 -49.03 -4.49
N MET B 1 -24.87 -70.60 -19.68
CA MET B 1 -23.87 -71.64 -19.48
C MET B 1 -22.48 -71.05 -19.48
N PHE B 2 -22.31 -69.99 -20.28
CA PHE B 2 -21.02 -69.30 -20.29
C PHE B 2 -20.77 -68.59 -18.97
N MET B 3 -21.82 -68.11 -18.32
CA MET B 3 -21.65 -67.57 -16.98
C MET B 3 -21.24 -68.66 -16.00
N ILE B 4 -21.64 -69.91 -16.26
CA ILE B 4 -21.21 -70.99 -15.39
C ILE B 4 -19.75 -71.31 -15.64
N ASN B 5 -19.30 -71.17 -16.89
CA ASN B 5 -17.86 -71.24 -17.18
C ASN B 5 -17.08 -70.17 -16.44
N VAL B 6 -17.63 -68.95 -16.40
CA VAL B 6 -16.98 -67.84 -15.70
C VAL B 6 -16.86 -68.14 -14.21
N LEU B 7 -17.95 -68.60 -13.60
CA LEU B 7 -17.95 -68.83 -12.16
C LEU B 7 -17.05 -70.01 -11.79
N THR B 8 -17.08 -71.08 -12.58
CA THR B 8 -16.17 -72.19 -12.36
C THR B 8 -14.73 -71.84 -12.69
N LEU B 9 -14.50 -70.76 -13.42
CA LEU B 9 -13.12 -70.33 -13.59
C LEU B 9 -12.63 -69.52 -12.40
N ILE B 10 -13.42 -68.53 -11.97
CA ILE B 10 -12.88 -67.50 -11.09
C ILE B 10 -13.25 -67.66 -9.63
N ILE B 11 -14.22 -68.52 -9.31
CA ILE B 11 -14.50 -68.84 -7.92
C ILE B 11 -13.59 -69.93 -7.34
N PRO B 12 -13.37 -71.10 -7.97
CA PRO B 12 -12.56 -72.13 -7.28
C PRO B 12 -11.09 -71.81 -7.16
N ILE B 13 -10.60 -70.73 -7.79
CA ILE B 13 -9.20 -70.35 -7.59
C ILE B 13 -9.02 -69.79 -6.18
N LEU B 14 -10.07 -69.26 -5.57
CA LEU B 14 -9.94 -68.76 -4.21
C LEU B 14 -9.83 -69.89 -3.22
N LEU B 15 -10.62 -70.95 -3.40
CA LEU B 15 -10.44 -72.17 -2.63
C LEU B 15 -9.08 -72.80 -2.89
N ALA B 16 -8.59 -72.69 -4.13
CA ALA B 16 -7.26 -73.15 -4.47
C ALA B 16 -6.19 -72.40 -3.69
N VAL B 17 -6.34 -71.08 -3.56
CA VAL B 17 -5.38 -70.28 -2.81
C VAL B 17 -5.41 -70.61 -1.33
N ALA B 18 -6.61 -70.75 -0.75
CA ALA B 18 -6.72 -71.07 0.68
C ALA B 18 -6.14 -72.45 0.99
N PHE B 19 -6.39 -73.41 0.12
CA PHE B 19 -5.84 -74.73 0.38
C PHE B 19 -4.36 -74.76 0.04
N LEU B 20 -3.89 -73.84 -0.80
CA LEU B 20 -2.45 -73.68 -0.98
C LEU B 20 -1.79 -73.15 0.28
N THR B 21 -2.49 -72.27 1.01
CA THR B 21 -1.92 -71.79 2.28
C THR B 21 -1.78 -72.94 3.28
N LEU B 22 -2.78 -73.81 3.35
CA LEU B 22 -2.62 -74.95 4.27
C LEU B 22 -1.55 -75.91 3.80
N VAL B 23 -1.45 -76.14 2.49
CA VAL B 23 -0.44 -77.05 1.97
C VAL B 23 0.96 -76.51 2.19
N GLU B 24 1.17 -75.21 1.95
CA GLU B 24 2.52 -74.68 2.14
C GLU B 24 2.90 -74.62 3.61
N ARG B 25 1.93 -74.38 4.51
CA ARG B 25 2.27 -74.41 5.92
C ARG B 25 2.56 -75.83 6.41
N LYS B 26 1.74 -76.80 5.98
CA LYS B 26 1.96 -78.19 6.37
C LYS B 26 3.26 -78.74 5.83
N VAL B 27 3.53 -78.53 4.55
CA VAL B 27 4.72 -79.14 3.97
C VAL B 27 5.95 -78.42 4.47
N LEU B 28 5.87 -77.11 4.75
CA LEU B 28 7.04 -76.44 5.29
C LEU B 28 7.28 -76.85 6.74
N GLY B 29 6.21 -77.25 7.44
CA GLY B 29 6.40 -77.86 8.74
C GLY B 29 7.11 -79.19 8.66
N TYR B 30 6.63 -80.07 7.76
CA TYR B 30 7.25 -81.39 7.62
C TYR B 30 8.64 -81.31 7.04
N MET B 31 8.96 -80.24 6.33
CA MET B 31 10.35 -79.94 6.02
C MET B 31 11.12 -79.62 7.28
N GLN B 32 10.62 -78.64 8.03
CA GLN B 32 11.32 -78.08 9.17
C GLN B 32 11.49 -79.08 10.31
N PHE B 33 10.50 -79.21 11.20
CA PHE B 33 10.04 -80.39 11.91
C PHE B 33 8.73 -80.03 12.58
N ARG B 34 7.59 -80.18 11.92
CA ARG B 34 6.36 -79.71 12.56
C ARG B 34 5.18 -80.44 11.96
N LYS B 35 4.45 -81.16 12.80
CA LYS B 35 3.06 -81.38 12.49
C LYS B 35 2.33 -80.06 12.69
N GLY B 36 1.28 -79.85 11.91
CA GLY B 36 0.41 -78.73 12.16
C GLY B 36 0.19 -77.82 10.98
N PRO B 37 -1.02 -77.26 10.86
CA PRO B 37 -2.17 -77.34 11.75
C PRO B 37 -2.94 -78.64 11.70
N ASN B 38 -3.13 -79.25 12.87
CA ASN B 38 -3.87 -80.49 12.93
C ASN B 38 -4.86 -80.51 14.10
N VAL B 39 -5.08 -79.38 14.76
CA VAL B 39 -5.88 -79.38 15.98
C VAL B 39 -7.23 -78.76 15.68
N VAL B 40 -7.24 -77.53 15.19
CA VAL B 40 -8.48 -76.91 14.77
C VAL B 40 -8.86 -77.54 13.43
N GLY B 41 -9.90 -78.36 13.43
CA GLY B 41 -10.35 -79.05 12.24
C GLY B 41 -9.58 -80.33 11.98
N PRO B 42 -10.20 -81.27 11.31
CA PRO B 42 -9.50 -82.51 10.95
C PRO B 42 -8.45 -82.27 9.88
N TYR B 43 -7.18 -82.41 10.29
CA TYR B 43 -5.99 -82.27 9.46
C TYR B 43 -5.85 -80.88 8.86
N GLY B 44 -6.48 -79.87 9.47
CA GLY B 44 -6.24 -78.49 9.15
C GLY B 44 -6.81 -77.98 7.84
N LEU B 45 -8.10 -77.93 7.73
CA LEU B 45 -8.74 -77.32 6.57
C LEU B 45 -9.78 -76.31 7.00
N LEU B 46 -10.50 -76.63 8.08
CA LEU B 46 -11.29 -75.64 8.79
C LEU B 46 -10.40 -74.53 9.34
N GLN B 47 -9.12 -74.83 9.60
CA GLN B 47 -8.20 -73.79 10.06
C GLN B 47 -7.96 -72.69 9.03
N PRO B 48 -7.67 -72.97 7.75
CA PRO B 48 -7.62 -71.84 6.79
C PRO B 48 -8.96 -71.22 6.48
N ILE B 49 -10.06 -71.99 6.50
CA ILE B 49 -11.36 -71.35 6.31
C ILE B 49 -11.63 -70.34 7.43
N ALA B 50 -11.29 -70.72 8.65
CA ALA B 50 -11.38 -69.79 9.76
C ALA B 50 -10.36 -68.67 9.70
N ASP B 51 -9.21 -68.91 9.05
CA ASP B 51 -8.24 -67.83 8.85
C ASP B 51 -8.85 -66.71 8.02
N ALA B 52 -9.46 -67.08 6.89
CA ALA B 52 -10.07 -66.08 6.02
C ALA B 52 -11.26 -65.40 6.69
N ILE B 53 -12.06 -66.16 7.45
CA ILE B 53 -13.21 -65.58 8.16
C ILE B 53 -12.75 -64.56 9.20
N LYS B 54 -11.79 -64.94 10.04
CA LYS B 54 -11.29 -64.06 11.10
C LYS B 54 -10.61 -62.83 10.51
N LEU B 55 -9.95 -62.96 9.37
CA LEU B 55 -9.36 -61.78 8.78
C LEU B 55 -10.41 -60.88 8.15
N PHE B 56 -11.55 -61.44 7.75
CA PHE B 56 -12.65 -60.60 7.31
C PHE B 56 -13.36 -59.89 8.46
N ILE B 57 -13.31 -60.45 9.68
CA ILE B 57 -14.10 -59.89 10.77
C ILE B 57 -13.48 -58.60 11.30
N LYS B 58 -12.15 -58.51 11.34
CA LYS B 58 -11.40 -57.49 12.08
C LYS B 58 -11.72 -56.08 11.63
N GLU B 59 -11.39 -55.11 12.51
CA GLU B 59 -11.89 -53.75 12.42
C GLU B 59 -10.72 -52.77 12.35
N PRO B 60 -10.13 -52.57 11.17
CA PRO B 60 -8.92 -51.75 11.07
C PRO B 60 -9.20 -50.25 11.03
N SER B 66 -2.97 -43.17 1.64
CA SER B 66 -4.33 -43.69 1.68
C SER B 66 -5.16 -43.15 0.53
N SER B 67 -5.92 -42.10 0.89
CA SER B 67 -6.76 -41.33 -0.03
C SER B 67 -7.73 -42.29 -0.68
N ILE B 68 -8.86 -42.63 -0.03
CA ILE B 68 -9.66 -43.85 -0.27
C ILE B 68 -9.81 -44.28 -1.73
N SER B 69 -9.76 -43.32 -2.66
CA SER B 69 -9.32 -43.56 -4.04
C SER B 69 -8.08 -44.47 -4.10
N MET B 70 -6.91 -44.04 -3.56
CA MET B 70 -5.73 -44.86 -3.82
C MET B 70 -5.77 -46.08 -2.92
N PHE B 71 -6.40 -45.87 -1.77
CA PHE B 71 -6.46 -46.92 -0.75
C PHE B 71 -7.32 -48.09 -1.20
N ILE B 72 -8.26 -47.88 -2.10
CA ILE B 72 -9.08 -48.97 -2.58
C ILE B 72 -8.60 -49.40 -3.96
N LEU B 73 -8.07 -48.46 -4.74
CA LEU B 73 -7.63 -48.84 -6.08
C LEU B 73 -6.32 -49.61 -6.11
N ALA B 74 -5.61 -49.75 -5.01
CA ALA B 74 -4.53 -50.74 -5.15
C ALA B 74 -5.01 -52.20 -5.05
N PRO B 75 -5.74 -52.64 -4.00
CA PRO B 75 -6.10 -54.08 -3.95
C PRO B 75 -7.14 -54.48 -4.98
N ILE B 76 -7.99 -53.55 -5.43
CA ILE B 76 -8.98 -53.90 -6.45
C ILE B 76 -8.27 -54.26 -7.75
N LEU B 77 -7.17 -53.59 -8.05
CA LEU B 77 -6.45 -53.87 -9.27
C LEU B 77 -5.64 -55.15 -9.12
N ALA B 78 -5.04 -55.36 -7.94
CA ALA B 78 -4.27 -56.59 -7.71
C ALA B 78 -5.17 -57.82 -7.84
N LEU B 79 -6.37 -57.76 -7.26
CA LEU B 79 -7.18 -58.95 -7.30
C LEU B 79 -7.91 -59.11 -8.62
N THR B 80 -8.19 -58.02 -9.35
CA THR B 80 -8.75 -58.26 -10.67
C THR B 80 -7.69 -58.76 -11.64
N LEU B 81 -6.40 -58.49 -11.38
CA LEU B 81 -5.36 -59.19 -12.12
C LEU B 81 -5.34 -60.66 -11.78
N ALA B 82 -5.45 -60.97 -10.49
CA ALA B 82 -5.47 -62.36 -10.03
C ALA B 82 -6.64 -63.14 -10.63
N LEU B 83 -7.77 -62.46 -10.85
CA LEU B 83 -8.90 -63.13 -11.48
C LEU B 83 -8.70 -63.26 -12.99
N THR B 84 -8.35 -62.17 -13.68
CA THR B 84 -8.25 -62.19 -15.13
C THR B 84 -7.10 -63.02 -15.66
N MET B 85 -6.15 -63.44 -14.83
CA MET B 85 -4.94 -63.97 -15.43
C MET B 85 -4.88 -65.49 -15.55
N TRP B 86 -6.03 -66.17 -15.51
CA TRP B 86 -6.07 -67.55 -15.99
C TRP B 86 -6.99 -67.67 -17.18
N ILE B 87 -7.03 -66.65 -18.04
CA ILE B 87 -7.91 -66.71 -19.20
C ILE B 87 -7.37 -67.66 -20.28
N PRO B 88 -6.16 -67.53 -20.84
CA PRO B 88 -5.83 -68.36 -22.00
C PRO B 88 -5.02 -69.62 -21.69
N LEU B 89 -4.81 -69.96 -20.43
CA LEU B 89 -4.00 -71.11 -20.09
C LEU B 89 -4.70 -72.39 -20.52
N PRO B 90 -4.18 -73.12 -21.48
CA PRO B 90 -4.95 -74.22 -22.10
C PRO B 90 -4.99 -75.47 -21.23
N MET B 91 -5.65 -75.35 -20.09
CA MET B 91 -6.23 -76.53 -19.48
C MET B 91 -7.26 -77.00 -20.49
N PRO B 92 -7.11 -78.20 -21.05
CA PRO B 92 -7.09 -78.39 -22.52
C PRO B 92 -7.85 -77.41 -23.38
N TYR B 93 -9.08 -77.10 -22.99
CA TYR B 93 -9.85 -76.08 -23.68
C TYR B 93 -9.73 -74.80 -22.88
N PRO B 94 -8.95 -73.82 -23.32
CA PRO B 94 -8.87 -72.56 -22.59
C PRO B 94 -10.17 -71.77 -22.73
N LEU B 95 -10.38 -70.85 -21.79
CA LEU B 95 -11.67 -70.17 -21.71
C LEU B 95 -11.85 -69.20 -22.87
N ILE B 96 -10.78 -68.52 -23.27
CA ILE B 96 -10.77 -67.67 -24.45
C ILE B 96 -9.60 -68.10 -25.31
N ASN B 97 -9.87 -68.46 -26.55
CA ASN B 97 -8.83 -68.88 -27.47
C ASN B 97 -8.15 -67.63 -28.01
N MET B 98 -7.29 -67.04 -27.18
CA MET B 98 -6.54 -65.87 -27.63
C MET B 98 -5.51 -66.30 -28.67
N ASN B 99 -5.51 -65.60 -29.80
CA ASN B 99 -4.52 -65.87 -30.83
C ASN B 99 -3.12 -65.43 -30.39
N LEU B 100 -3.03 -64.56 -29.38
CA LEU B 100 -1.76 -64.22 -28.76
C LEU B 100 -2.00 -63.96 -27.28
N GLY B 101 -1.34 -64.73 -26.41
CA GLY B 101 -1.60 -64.64 -24.98
C GLY B 101 -0.38 -64.48 -24.10
N VAL B 102 0.78 -64.79 -24.65
CA VAL B 102 1.99 -64.68 -23.85
C VAL B 102 2.36 -63.21 -23.65
N LEU B 103 2.04 -62.38 -24.64
CA LEU B 103 2.24 -60.95 -24.48
C LEU B 103 1.25 -60.40 -23.47
N PHE B 104 0.07 -61.02 -23.37
CA PHE B 104 -0.90 -60.68 -22.34
C PHE B 104 -0.37 -61.01 -20.95
N MET B 105 0.37 -62.13 -20.84
CA MET B 105 1.03 -62.49 -19.57
C MET B 105 1.98 -61.40 -19.12
N LEU B 106 2.83 -60.94 -20.04
CA LEU B 106 3.78 -59.87 -19.72
C LEU B 106 3.09 -58.58 -19.30
N ALA B 107 2.04 -58.21 -20.04
CA ALA B 107 1.32 -56.96 -19.76
C ALA B 107 0.68 -56.98 -18.37
N MET B 108 0.15 -58.13 -17.98
CA MET B 108 -0.49 -58.17 -16.67
C MET B 108 0.51 -58.30 -15.53
N SER B 109 1.71 -58.83 -15.79
CA SER B 109 2.79 -58.68 -14.82
C SER B 109 3.11 -57.20 -14.59
N SER B 110 3.13 -56.42 -15.67
CA SER B 110 3.36 -54.99 -15.53
C SER B 110 2.25 -54.29 -14.75
N LEU B 111 1.01 -54.74 -14.94
CA LEU B 111 -0.09 -54.17 -14.15
C LEU B 111 0.05 -54.50 -12.66
N ALA B 112 0.62 -55.67 -12.34
CA ALA B 112 0.90 -55.97 -10.93
C ALA B 112 1.95 -55.03 -10.35
N VAL B 113 2.93 -54.63 -11.18
CA VAL B 113 3.90 -53.64 -10.75
C VAL B 113 3.21 -52.32 -10.40
N TYR B 114 2.23 -51.92 -11.22
CA TYR B 114 1.40 -50.74 -10.92
C TYR B 114 0.71 -50.85 -9.56
N SER B 115 0.18 -52.04 -9.26
CA SER B 115 -0.56 -52.23 -8.02
C SER B 115 0.33 -52.04 -6.80
N ILE B 116 1.53 -52.59 -6.87
CA ILE B 116 2.45 -52.45 -5.74
C ILE B 116 2.91 -51.00 -5.59
N LEU B 117 3.11 -50.30 -6.71
CA LEU B 117 3.54 -48.90 -6.61
C LEU B 117 2.44 -48.01 -6.06
N TRP B 118 1.18 -48.30 -6.39
CA TRP B 118 0.08 -47.49 -5.87
C TRP B 118 -0.10 -47.70 -4.38
N SER B 119 -0.01 -48.95 -3.93
CA SER B 119 -0.13 -49.19 -2.50
C SER B 119 1.04 -48.59 -1.74
N GLY B 120 2.23 -48.57 -2.34
CA GLY B 120 3.36 -47.94 -1.70
C GLY B 120 3.23 -46.43 -1.64
N TRP B 121 2.65 -45.81 -2.67
CA TRP B 121 2.41 -44.38 -2.63
C TRP B 121 1.35 -44.03 -1.59
N ALA B 122 0.27 -44.79 -1.56
CA ALA B 122 -0.77 -44.51 -0.59
C ALA B 122 -0.40 -44.94 0.83
N SER B 123 0.71 -45.65 1.00
CA SER B 123 1.17 -46.00 2.34
C SER B 123 1.54 -44.74 3.13
N ASN B 124 2.17 -43.77 2.44
CA ASN B 124 2.41 -42.41 2.95
C ASN B 124 3.29 -42.40 4.20
N SER B 125 4.42 -43.10 4.11
CA SER B 125 5.45 -43.04 5.13
C SER B 125 6.76 -43.41 4.47
N LYS B 126 7.81 -42.63 4.73
CA LYS B 126 8.97 -42.60 3.84
C LYS B 126 9.77 -43.89 3.90
N TYR B 127 9.77 -44.59 5.03
CA TYR B 127 10.46 -45.88 5.08
C TYR B 127 9.71 -46.93 4.28
N ALA B 128 8.38 -46.96 4.39
CA ALA B 128 7.58 -47.85 3.54
C ALA B 128 7.62 -47.40 2.10
N LEU B 129 7.81 -46.10 1.86
CA LEU B 129 7.89 -45.59 0.50
C LEU B 129 9.16 -46.06 -0.18
N ILE B 130 10.31 -45.94 0.49
CA ILE B 130 11.55 -46.38 -0.12
C ILE B 130 11.61 -47.91 -0.19
N GLY B 131 10.95 -48.61 0.74
CA GLY B 131 10.86 -50.05 0.63
C GLY B 131 10.04 -50.50 -0.56
N ALA B 132 8.88 -49.87 -0.77
CA ALA B 132 8.05 -50.19 -1.92
C ALA B 132 8.71 -49.78 -3.22
N LEU B 133 9.52 -48.73 -3.18
CA LEU B 133 10.26 -48.32 -4.36
C LEU B 133 11.27 -49.37 -4.78
N ARG B 134 12.05 -49.87 -3.81
CA ARG B 134 13.02 -50.92 -4.12
C ARG B 134 12.34 -52.20 -4.55
N ALA B 135 11.16 -52.48 -4.00
CA ALA B 135 10.43 -53.67 -4.42
C ALA B 135 9.89 -53.54 -5.84
N VAL B 136 9.49 -52.32 -6.23
CA VAL B 136 9.10 -52.09 -7.63
C VAL B 136 10.28 -52.29 -8.55
N ALA B 137 11.47 -51.84 -8.13
CA ALA B 137 12.64 -51.98 -8.99
C ALA B 137 13.06 -53.45 -9.13
N GLN B 138 12.96 -54.23 -8.07
CA GLN B 138 13.31 -55.64 -8.25
C GLN B 138 12.17 -56.47 -8.79
N THR B 139 10.95 -55.94 -8.84
CA THR B 139 9.90 -56.61 -9.58
C THR B 139 10.06 -56.34 -11.07
N ILE B 140 10.42 -55.12 -11.42
CA ILE B 140 10.56 -54.76 -12.82
C ILE B 140 11.87 -55.26 -13.41
N SER B 141 12.85 -55.60 -12.57
CA SER B 141 14.16 -55.94 -13.09
C SER B 141 14.23 -57.33 -13.70
N TYR B 142 13.18 -58.12 -13.63
CA TYR B 142 13.23 -59.46 -14.16
C TYR B 142 12.24 -59.73 -15.27
N GLU B 143 11.36 -58.78 -15.56
CA GLU B 143 10.48 -58.91 -16.71
C GLU B 143 11.20 -58.77 -18.04
N VAL B 144 12.44 -58.28 -18.04
CA VAL B 144 13.29 -58.36 -19.21
C VAL B 144 13.57 -59.83 -19.54
N THR B 145 14.17 -60.52 -18.57
CA THR B 145 14.64 -61.89 -18.75
C THR B 145 13.49 -62.84 -19.05
N LEU B 146 12.37 -62.65 -18.34
CA LEU B 146 11.17 -63.44 -18.58
C LEU B 146 10.68 -63.28 -20.01
N ALA B 147 10.68 -62.05 -20.51
CA ALA B 147 10.24 -61.79 -21.88
C ALA B 147 11.17 -62.42 -22.90
N ILE B 148 12.48 -62.31 -22.68
CA ILE B 148 13.37 -62.78 -23.74
C ILE B 148 13.44 -64.30 -23.75
N ILE B 149 13.35 -64.95 -22.58
CA ILE B 149 13.32 -66.40 -22.55
C ILE B 149 12.03 -66.93 -23.13
N LEU B 150 10.91 -66.26 -22.84
CA LEU B 150 9.63 -66.62 -23.46
C LEU B 150 9.69 -66.51 -24.97
N LEU B 151 10.37 -65.48 -25.45
CA LEU B 151 10.60 -65.31 -26.88
C LEU B 151 11.36 -66.49 -27.46
N SER B 152 12.43 -66.91 -26.80
CA SER B 152 13.23 -67.97 -27.38
C SER B 152 12.56 -69.33 -27.26
N VAL B 153 11.72 -69.53 -26.26
CA VAL B 153 11.09 -70.84 -26.17
C VAL B 153 9.90 -70.94 -27.11
N LEU B 154 9.27 -69.82 -27.48
CA LEU B 154 8.22 -69.99 -28.46
C LEU B 154 8.73 -69.86 -29.88
N LEU B 155 9.94 -69.32 -30.08
CA LEU B 155 10.54 -69.34 -31.41
C LEU B 155 10.78 -70.75 -31.88
N MET B 156 11.02 -71.68 -30.95
CA MET B 156 11.07 -73.09 -31.28
C MET B 156 9.70 -73.66 -31.66
N ASN B 157 8.62 -72.92 -31.42
CA ASN B 157 7.27 -73.45 -31.60
C ASN B 157 6.35 -72.50 -32.37
N GLY B 158 6.89 -71.45 -32.96
CA GLY B 158 6.21 -70.76 -34.03
C GLY B 158 5.35 -69.57 -33.68
N SER B 159 4.31 -69.79 -32.89
CA SER B 159 3.26 -68.80 -32.79
C SER B 159 2.91 -68.52 -31.33
N PHE B 160 2.36 -67.32 -31.12
CA PHE B 160 1.94 -66.84 -29.82
C PHE B 160 0.70 -67.53 -29.27
N THR B 161 0.12 -68.47 -30.01
CA THR B 161 -1.24 -68.90 -29.76
C THR B 161 -1.36 -69.75 -28.49
N LEU B 162 -0.29 -70.48 -28.16
CA LEU B 162 -0.05 -71.35 -27.00
C LEU B 162 -0.81 -72.68 -27.11
N SER B 163 -1.81 -72.73 -27.99
CA SER B 163 -2.45 -73.99 -28.30
C SER B 163 -1.60 -74.79 -29.28
N THR B 164 -0.94 -74.08 -30.19
CA THR B 164 0.10 -74.73 -30.98
C THR B 164 1.25 -75.22 -30.11
N LEU B 165 1.53 -74.51 -29.01
CA LEU B 165 2.56 -74.98 -28.09
C LEU B 165 2.16 -76.29 -27.43
N ILE B 166 0.92 -76.36 -26.94
CA ILE B 166 0.47 -77.60 -26.31
C ILE B 166 0.30 -78.71 -27.34
N ILE B 167 0.20 -78.38 -28.63
CA ILE B 167 0.38 -79.38 -29.68
C ILE B 167 1.82 -79.87 -29.72
N THR B 168 2.76 -78.93 -29.81
CA THR B 168 4.15 -79.28 -30.10
C THR B 168 4.86 -79.99 -28.97
N GLN B 169 4.37 -79.89 -27.74
CA GLN B 169 5.01 -80.63 -26.66
C GLN B 169 4.46 -82.04 -26.51
N GLU B 170 3.92 -82.63 -27.58
CA GLU B 170 3.58 -84.05 -27.49
C GLU B 170 4.81 -84.92 -27.68
N GLN B 171 5.76 -84.48 -28.51
CA GLN B 171 6.86 -85.34 -28.89
C GLN B 171 7.89 -85.43 -27.77
N VAL B 172 8.52 -84.30 -27.42
CA VAL B 172 9.41 -84.27 -26.28
C VAL B 172 8.91 -83.20 -25.32
N TRP B 173 9.28 -83.37 -24.06
CA TRP B 173 9.11 -82.28 -23.13
C TRP B 173 10.15 -81.23 -23.45
N LEU B 174 9.69 -79.98 -23.57
CA LEU B 174 10.53 -78.91 -24.06
C LEU B 174 11.60 -78.48 -23.05
N ILE B 175 11.59 -79.08 -21.86
CA ILE B 175 12.66 -78.90 -20.90
C ILE B 175 13.99 -79.45 -21.43
N PHE B 176 13.94 -80.42 -22.34
CA PHE B 176 15.21 -80.93 -22.87
C PHE B 176 15.86 -80.00 -23.90
N PRO B 177 15.21 -79.54 -24.98
CA PRO B 177 15.97 -78.77 -25.98
C PRO B 177 16.26 -77.34 -25.58
N ALA B 178 15.79 -76.87 -24.43
CA ALA B 178 16.40 -75.69 -23.81
C ALA B 178 16.31 -75.86 -22.30
N TRP B 179 17.26 -76.57 -21.74
CA TRP B 179 17.26 -76.64 -20.30
C TRP B 179 17.83 -75.42 -19.56
N PRO B 180 18.98 -74.80 -19.94
CA PRO B 180 19.44 -73.68 -19.09
C PRO B 180 18.55 -72.47 -19.24
N LEU B 181 17.94 -72.32 -20.40
CA LEU B 181 17.00 -71.24 -20.66
C LEU B 181 15.77 -71.38 -19.78
N ALA B 182 15.27 -72.62 -19.67
CA ALA B 182 14.13 -72.90 -18.81
C ALA B 182 14.46 -72.70 -17.34
N MET B 183 15.69 -73.07 -16.94
CA MET B 183 16.11 -72.89 -15.56
C MET B 183 16.17 -71.42 -15.19
N MET B 184 16.67 -70.59 -16.12
CA MET B 184 16.74 -69.17 -15.86
C MET B 184 15.35 -68.55 -15.84
N TRP B 185 14.44 -69.09 -16.63
CA TRP B 185 13.07 -68.61 -16.55
C TRP B 185 12.43 -68.97 -15.23
N PHE B 186 12.76 -70.15 -14.69
CA PHE B 186 12.17 -70.55 -13.44
C PHE B 186 12.71 -69.73 -12.27
N ILE B 187 14.00 -69.37 -12.32
CA ILE B 187 14.53 -68.45 -11.31
C ILE B 187 13.90 -67.07 -11.44
N SER B 188 13.58 -66.63 -12.66
CA SER B 188 12.90 -65.35 -12.79
C SER B 188 11.45 -65.43 -12.32
N THR B 189 10.82 -66.61 -12.38
CA THR B 189 9.49 -66.74 -11.77
C THR B 189 9.58 -66.62 -10.27
N LEU B 190 10.62 -67.19 -9.67
CA LEU B 190 10.89 -66.98 -8.25
C LEU B 190 11.06 -65.51 -7.92
N ALA B 191 11.70 -64.76 -8.80
CA ALA B 191 11.88 -63.33 -8.56
C ALA B 191 10.57 -62.56 -8.68
N GLU B 192 9.77 -62.91 -9.69
CA GLU B 192 8.54 -62.17 -9.93
C GLU B 192 7.49 -62.47 -8.88
N THR B 193 7.50 -63.67 -8.29
CA THR B 193 6.50 -63.97 -7.28
C THR B 193 6.74 -63.31 -5.93
N ASN B 194 7.89 -62.64 -5.76
CA ASN B 194 8.27 -61.94 -4.52
C ASN B 194 8.29 -62.88 -3.33
N ARG B 195 9.01 -63.97 -3.46
CA ARG B 195 9.15 -64.88 -2.34
C ARG B 195 10.62 -64.99 -1.98
N ALA B 196 10.93 -65.85 -1.03
CA ALA B 196 12.32 -66.14 -0.76
C ALA B 196 12.90 -66.90 -1.93
N PRO B 197 14.15 -66.65 -2.31
CA PRO B 197 15.14 -65.75 -1.73
C PRO B 197 15.02 -64.29 -2.16
N PHE B 198 13.98 -63.94 -2.89
CA PHE B 198 13.99 -62.73 -3.72
C PHE B 198 13.00 -61.72 -3.14
N ASP B 199 13.44 -60.96 -2.16
CA ASP B 199 12.59 -59.94 -1.54
C ASP B 199 13.26 -58.57 -1.56
N ALA B 217 -1.48 -50.61 6.07
CA ALA B 217 -1.11 -51.83 5.35
C ALA B 217 -2.28 -52.82 5.31
N GLY B 218 -3.08 -52.76 4.26
CA GLY B 218 -4.22 -53.63 4.11
C GLY B 218 -5.07 -53.27 2.91
N PRO B 219 -6.14 -54.05 2.63
CA PRO B 219 -6.51 -55.33 3.23
C PRO B 219 -5.61 -56.47 2.80
N PHE B 220 -4.96 -57.03 3.82
CA PHE B 220 -3.91 -58.01 3.58
C PHE B 220 -4.47 -59.30 3.01
N ALA B 221 -5.76 -59.59 3.26
CA ALA B 221 -6.42 -60.72 2.62
C ALA B 221 -6.40 -60.58 1.11
N LEU B 222 -6.75 -59.40 0.62
CA LEU B 222 -6.77 -59.16 -0.82
C LEU B 222 -5.36 -59.17 -1.40
N PHE B 223 -4.43 -58.50 -0.73
CA PHE B 223 -3.06 -58.37 -1.23
C PHE B 223 -2.36 -59.73 -1.27
N PHE B 224 -2.39 -60.42 -0.14
CA PHE B 224 -1.99 -61.82 0.03
C PHE B 224 -2.62 -62.74 -1.01
N MET B 225 -3.91 -62.56 -1.27
CA MET B 225 -4.64 -63.41 -2.19
C MET B 225 -4.12 -63.24 -3.61
N ALA B 226 -3.91 -61.99 -4.03
CA ALA B 226 -3.40 -61.71 -5.36
C ALA B 226 -1.98 -62.24 -5.53
N GLU B 227 -1.17 -62.15 -4.47
CA GLU B 227 0.18 -62.72 -4.51
C GLU B 227 0.13 -64.22 -4.77
N TYR B 228 -0.70 -64.95 -4.03
CA TYR B 228 -0.65 -66.40 -4.20
C TYR B 228 -1.31 -66.85 -5.50
N ALA B 229 -2.29 -66.09 -5.99
CA ALA B 229 -2.87 -66.44 -7.28
C ALA B 229 -1.88 -66.21 -8.40
N ASN B 230 -1.05 -65.18 -8.28
CA ASN B 230 0.03 -64.97 -9.24
C ASN B 230 1.05 -66.11 -9.17
N ILE B 231 1.27 -66.64 -7.97
CA ILE B 231 2.20 -67.77 -7.80
C ILE B 231 1.69 -69.01 -8.55
N ILE B 232 0.42 -69.35 -8.33
CA ILE B 232 -0.12 -70.55 -8.97
C ILE B 232 -0.25 -70.33 -10.48
N MET B 233 -0.45 -69.09 -10.92
CA MET B 233 -0.43 -68.78 -12.34
C MET B 233 0.92 -69.09 -12.95
N MET B 234 2.00 -68.63 -12.29
CA MET B 234 3.33 -68.93 -12.80
C MET B 234 3.65 -70.41 -12.75
N ASN B 235 3.13 -71.14 -11.76
CA ASN B 235 3.33 -72.58 -11.73
C ASN B 235 2.65 -73.27 -12.91
N ILE B 236 1.40 -72.89 -13.17
CA ILE B 236 0.65 -73.51 -14.27
C ILE B 236 1.24 -73.10 -15.61
N PHE B 237 1.69 -71.85 -15.72
CA PHE B 237 2.27 -71.39 -16.96
C PHE B 237 3.62 -72.02 -17.20
N THR B 238 4.34 -72.35 -16.12
CA THR B 238 5.57 -73.11 -16.25
C THR B 238 5.28 -74.51 -16.75
N THR B 239 4.27 -75.15 -16.18
CA THR B 239 3.93 -76.51 -16.54
C THR B 239 3.42 -76.59 -17.97
N THR B 240 2.69 -75.58 -18.43
CA THR B 240 2.21 -75.59 -19.81
C THR B 240 3.32 -75.23 -20.79
N LEU B 241 4.14 -74.23 -20.43
CA LEU B 241 5.14 -73.72 -21.36
C LEU B 241 6.23 -74.74 -21.63
N PHE B 242 6.51 -75.64 -20.70
CA PHE B 242 7.69 -76.47 -20.82
C PHE B 242 7.44 -77.95 -20.96
N LEU B 243 6.32 -78.48 -20.49
CA LEU B 243 6.12 -79.91 -20.50
C LEU B 243 4.62 -80.20 -20.55
N GLY B 244 4.25 -81.44 -20.34
CA GLY B 244 2.86 -81.81 -20.43
C GLY B 244 2.72 -83.28 -20.72
N ALA B 245 1.56 -83.65 -21.23
CA ALA B 245 1.23 -85.03 -21.49
C ALA B 245 0.61 -85.13 -22.88
N PHE B 246 0.40 -86.35 -23.34
CA PHE B 246 -0.16 -86.56 -24.65
C PHE B 246 -1.67 -86.37 -24.58
N HIS B 247 -2.20 -85.60 -25.51
CA HIS B 247 -3.59 -85.16 -25.49
C HIS B 247 -4.47 -86.23 -26.10
N ASN B 248 -5.30 -86.85 -25.28
CA ASN B 248 -6.22 -87.88 -25.75
C ASN B 248 -7.32 -87.22 -26.58
N PRO B 249 -7.59 -87.71 -27.78
CA PRO B 249 -8.79 -87.30 -28.51
C PRO B 249 -10.04 -87.65 -27.72
N TYR B 250 -10.96 -86.68 -27.65
CA TYR B 250 -12.29 -86.77 -27.00
C TYR B 250 -12.26 -87.30 -25.57
N MET B 251 -11.12 -87.17 -24.88
CA MET B 251 -11.09 -87.47 -23.44
C MET B 251 -9.99 -86.64 -22.80
N PRO B 252 -10.28 -85.37 -22.50
CA PRO B 252 -9.25 -84.50 -21.92
C PRO B 252 -9.06 -84.66 -20.42
N GLU B 253 -9.80 -85.56 -19.78
CA GLU B 253 -9.73 -85.69 -18.34
C GLU B 253 -8.38 -86.24 -17.91
N LEU B 254 -7.81 -87.17 -18.69
CA LEU B 254 -6.52 -87.73 -18.34
C LEU B 254 -5.41 -86.70 -18.51
N TYR B 255 -5.52 -85.87 -19.56
CA TYR B 255 -4.55 -84.79 -19.72
C TYR B 255 -4.64 -83.79 -18.59
N THR B 256 -5.86 -83.48 -18.15
CA THR B 256 -6.04 -82.52 -17.06
C THR B 256 -5.46 -83.08 -15.76
N ILE B 257 -5.64 -84.38 -15.53
CA ILE B 257 -5.10 -85.03 -14.34
C ILE B 257 -3.58 -84.97 -14.32
N ASN B 258 -2.93 -85.36 -15.42
CA ASN B 258 -1.48 -85.41 -15.40
C ASN B 258 -0.88 -84.01 -15.39
N PHE B 259 -1.56 -83.07 -16.03
CA PHE B 259 -1.15 -81.66 -15.99
C PHE B 259 -1.24 -81.09 -14.59
N THR B 260 -2.34 -81.36 -13.89
CA THR B 260 -2.55 -80.84 -12.55
C THR B 260 -1.55 -81.43 -11.57
N ILE B 261 -1.26 -82.73 -11.71
CA ILE B 261 -0.28 -83.36 -10.83
C ILE B 261 1.11 -82.81 -11.09
N LYS B 262 1.43 -82.51 -12.35
CA LYS B 262 2.74 -81.88 -12.61
C LYS B 262 2.81 -80.46 -12.06
N SER B 263 1.72 -79.71 -12.15
CA SER B 263 1.71 -78.37 -11.57
C SER B 263 1.83 -78.41 -10.05
N LEU B 264 1.23 -79.42 -9.43
CA LEU B 264 1.33 -79.55 -7.98
C LEU B 264 2.71 -79.99 -7.55
N LEU B 265 3.35 -80.89 -8.30
CA LEU B 265 4.72 -81.28 -7.97
C LEU B 265 5.68 -80.13 -8.16
N LEU B 266 5.42 -79.26 -9.14
CA LEU B 266 6.28 -78.10 -9.26
C LEU B 266 6.00 -77.09 -8.15
N SER B 267 4.76 -77.02 -7.65
CA SER B 267 4.48 -76.12 -6.55
C SER B 267 5.09 -76.62 -5.23
N ILE B 268 5.12 -77.93 -5.04
CA ILE B 268 5.84 -78.49 -3.91
C ILE B 268 7.34 -78.26 -4.07
N THR B 269 7.84 -78.32 -5.30
CA THR B 269 9.26 -78.01 -5.54
C THR B 269 9.55 -76.54 -5.24
N PHE B 270 8.56 -75.70 -5.46
CA PHE B 270 8.66 -74.28 -5.17
C PHE B 270 8.71 -74.04 -3.67
N LEU B 271 7.90 -74.77 -2.92
CA LEU B 271 8.05 -74.83 -1.46
C LEU B 271 9.43 -75.31 -1.06
N TRP B 272 9.91 -76.34 -1.74
CA TRP B 272 11.16 -77.01 -1.39
C TRP B 272 12.34 -76.07 -1.56
N ILE B 273 12.26 -75.18 -2.56
CA ILE B 273 13.24 -74.13 -2.71
C ILE B 273 13.00 -73.00 -1.70
N ARG B 274 11.75 -72.74 -1.33
CA ARG B 274 11.45 -71.70 -0.33
C ARG B 274 12.13 -71.97 1.00
N ALA B 275 11.97 -73.18 1.52
CA ALA B 275 12.28 -73.41 2.92
C ALA B 275 13.76 -73.64 3.19
N SER B 276 14.67 -73.23 2.31
CA SER B 276 16.06 -73.59 2.53
C SER B 276 17.07 -72.52 2.17
N TYR B 277 16.67 -71.30 1.80
CA TYR B 277 17.67 -70.33 1.42
C TYR B 277 17.41 -68.94 1.99
N PRO B 278 18.46 -68.22 2.39
CA PRO B 278 18.26 -66.88 2.93
C PRO B 278 17.93 -65.89 1.82
N ARG B 279 17.45 -64.74 2.24
CA ARG B 279 17.14 -63.69 1.30
C ARG B 279 18.43 -63.07 0.78
N PHE B 280 18.42 -62.67 -0.49
CA PHE B 280 19.62 -62.05 -1.00
C PHE B 280 19.72 -60.63 -0.47
N ARG B 281 20.93 -60.09 -0.49
CA ARG B 281 21.08 -58.66 -0.35
C ARG B 281 20.66 -58.03 -1.66
N TYR B 282 20.05 -56.86 -1.56
CA TYR B 282 19.37 -56.25 -2.71
C TYR B 282 20.35 -55.89 -3.82
N ASP B 283 21.50 -55.34 -3.46
CA ASP B 283 22.49 -55.03 -4.47
C ASP B 283 23.10 -56.29 -5.05
N GLN B 284 23.20 -57.35 -4.26
CA GLN B 284 23.61 -58.64 -4.81
C GLN B 284 22.58 -59.15 -5.80
N LEU B 285 21.31 -58.88 -5.54
CA LEU B 285 20.24 -59.30 -6.43
C LEU B 285 20.33 -58.61 -7.78
N MET B 286 20.54 -57.28 -7.76
CA MET B 286 20.65 -56.55 -9.03
C MET B 286 21.91 -56.90 -9.78
N HIS B 287 23.04 -56.96 -9.06
CA HIS B 287 24.32 -57.31 -9.65
C HIS B 287 24.24 -58.68 -10.29
N LEU B 288 23.58 -59.62 -9.60
CA LEU B 288 23.39 -60.96 -10.10
C LEU B 288 22.56 -60.97 -11.37
N LEU B 289 21.44 -60.25 -11.36
CA LEU B 289 20.55 -60.18 -12.53
C LEU B 289 21.28 -59.67 -13.75
N TRP B 290 21.78 -58.43 -13.71
CA TRP B 290 22.40 -57.84 -14.88
C TRP B 290 23.63 -58.62 -15.30
N LYS B 291 24.65 -58.65 -14.44
CA LYS B 291 25.91 -59.21 -14.89
C LYS B 291 25.96 -60.72 -14.80
N ASN B 292 24.83 -61.41 -14.55
CA ASN B 292 24.93 -62.85 -14.60
C ASN B 292 23.84 -63.50 -15.43
N PHE B 293 22.59 -63.02 -15.34
CA PHE B 293 21.62 -63.50 -16.29
C PHE B 293 21.81 -62.86 -17.64
N LEU B 294 22.03 -61.54 -17.67
CA LEU B 294 21.74 -60.81 -18.88
C LEU B 294 22.68 -61.10 -20.04
N PRO B 295 23.99 -61.36 -19.86
CA PRO B 295 24.73 -61.91 -21.00
C PRO B 295 24.33 -63.33 -21.33
N LEU B 296 24.00 -64.14 -20.33
CA LEU B 296 23.78 -65.55 -20.60
C LEU B 296 22.45 -65.78 -21.30
N THR B 297 21.41 -65.03 -20.89
CA THR B 297 20.14 -65.07 -21.61
C THR B 297 20.30 -64.58 -23.04
N LEU B 298 21.05 -63.51 -23.26
CA LEU B 298 21.25 -62.98 -24.61
C LEU B 298 21.98 -63.97 -25.50
N ALA B 299 23.00 -64.62 -24.98
CA ALA B 299 23.74 -65.57 -25.79
C ALA B 299 22.91 -66.80 -26.10
N LEU B 300 22.11 -67.28 -25.13
CA LEU B 300 21.24 -68.42 -25.42
C LEU B 300 20.13 -68.03 -26.39
N CYS B 301 19.65 -66.79 -26.32
CA CYS B 301 18.57 -66.37 -27.20
C CYS B 301 19.06 -66.14 -28.62
N MET B 302 20.27 -65.60 -28.79
CA MET B 302 20.77 -65.49 -30.15
C MET B 302 21.14 -66.85 -30.70
N TRP B 303 21.44 -67.81 -29.83
CA TRP B 303 21.68 -69.15 -30.34
C TRP B 303 20.38 -69.80 -30.79
N HIS B 304 19.29 -69.57 -30.06
CA HIS B 304 17.99 -70.03 -30.53
C HIS B 304 17.42 -69.20 -31.67
N VAL B 305 17.99 -68.04 -31.96
CA VAL B 305 17.64 -67.36 -33.20
C VAL B 305 18.36 -68.01 -34.37
N SER B 306 19.69 -68.10 -34.27
CA SER B 306 20.48 -68.52 -35.41
C SER B 306 20.41 -70.02 -35.68
N LEU B 307 19.97 -70.82 -34.73
CA LEU B 307 20.13 -72.25 -34.90
C LEU B 307 18.98 -73.01 -35.61
N PRO B 308 17.68 -72.73 -35.35
CA PRO B 308 16.64 -73.42 -36.13
C PRO B 308 16.66 -73.10 -37.62
N ILE B 309 17.30 -72.01 -38.04
CA ILE B 309 17.54 -71.84 -39.46
C ILE B 309 18.68 -72.73 -39.93
N LEU B 310 19.48 -73.26 -39.01
CA LEU B 310 20.59 -74.12 -39.37
C LEU B 310 20.25 -75.60 -39.30
N LEU B 311 19.16 -75.95 -38.62
CA LEU B 311 18.76 -77.34 -38.57
C LEU B 311 17.62 -77.66 -39.52
N SER B 312 17.43 -76.85 -40.57
CA SER B 312 16.35 -76.98 -41.56
C SER B 312 14.98 -77.00 -40.93
N SER B 313 14.79 -76.22 -39.86
CA SER B 313 13.61 -76.40 -39.01
C SER B 313 13.11 -75.04 -38.57
N ILE B 314 12.25 -74.42 -39.37
CA ILE B 314 11.54 -73.27 -38.83
C ILE B 314 10.08 -73.65 -38.62
N PRO B 315 9.52 -73.30 -37.46
CA PRO B 315 8.22 -73.82 -37.09
C PRO B 315 7.11 -73.13 -37.86
N PRO B 316 6.05 -73.85 -38.18
CA PRO B 316 4.95 -73.26 -38.96
C PRO B 316 3.96 -72.46 -38.16
N GLN B 317 4.21 -71.16 -38.04
CA GLN B 317 3.09 -70.23 -37.98
C GLN B 317 2.12 -70.56 -39.10
N THR B 318 0.88 -70.83 -38.73
CA THR B 318 -0.08 -71.49 -39.60
C THR B 318 -0.50 -70.62 -40.78
N MET C 1 -24.89 -51.90 -24.57
CA MET C 1 -25.59 -53.08 -25.02
C MET C 1 -26.06 -52.96 -26.47
N MET C 2 -25.41 -52.09 -27.25
CA MET C 2 -25.86 -51.83 -28.60
C MET C 2 -24.67 -51.77 -29.53
N THR C 3 -24.89 -51.23 -30.73
CA THR C 3 -23.97 -51.39 -31.84
C THR C 3 -22.73 -50.50 -31.69
N TYR C 4 -22.90 -49.27 -31.22
CA TYR C 4 -21.90 -48.23 -31.40
C TYR C 4 -20.85 -48.25 -30.30
N ILE C 5 -20.29 -49.43 -30.05
CA ILE C 5 -19.38 -49.61 -28.92
C ILE C 5 -18.06 -48.92 -29.17
N VAL C 6 -17.71 -48.70 -30.44
CA VAL C 6 -16.51 -47.96 -30.79
C VAL C 6 -16.63 -46.52 -30.37
N PHE C 7 -17.76 -45.90 -30.71
CA PHE C 7 -18.03 -44.52 -30.29
C PHE C 7 -18.12 -44.41 -28.77
N ILE C 8 -18.67 -45.43 -28.11
CA ILE C 8 -18.77 -45.40 -26.65
C ILE C 8 -17.39 -45.42 -26.00
N LEU C 9 -16.55 -46.35 -26.43
CA LEU C 9 -15.19 -46.41 -25.90
C LEU C 9 -14.38 -45.18 -26.26
N SER C 10 -14.69 -44.54 -27.39
CA SER C 10 -13.99 -43.32 -27.71
C SER C 10 -14.44 -42.18 -26.81
N ILE C 11 -15.69 -42.22 -26.35
CA ILE C 11 -16.13 -41.24 -25.36
C ILE C 11 -15.40 -41.43 -24.04
N ILE C 12 -15.22 -42.69 -23.61
CA ILE C 12 -14.43 -42.92 -22.39
C ILE C 12 -12.97 -42.48 -22.58
N PHE C 13 -12.46 -42.60 -23.80
CA PHE C 13 -11.09 -42.18 -24.11
C PHE C 13 -10.92 -40.67 -23.96
N VAL C 14 -11.86 -39.91 -24.51
CA VAL C 14 -11.83 -38.46 -24.38
C VAL C 14 -12.03 -38.04 -22.93
N MET C 15 -12.88 -38.77 -22.19
CA MET C 15 -13.02 -38.57 -20.74
C MET C 15 -11.70 -38.73 -20.01
N GLY C 16 -10.91 -39.74 -20.37
CA GLY C 16 -9.65 -39.94 -19.69
C GLY C 16 -8.62 -38.86 -19.99
N PHE C 17 -8.54 -38.45 -21.26
CA PHE C 17 -7.61 -37.38 -21.61
C PHE C 17 -7.99 -36.06 -20.96
N VAL C 18 -9.29 -35.78 -20.81
CA VAL C 18 -9.68 -34.58 -20.07
C VAL C 18 -9.35 -34.73 -18.59
N GLY C 19 -9.57 -35.94 -18.05
CA GLY C 19 -9.36 -36.22 -16.64
C GLY C 19 -7.93 -36.12 -16.17
N PHE C 20 -6.96 -36.25 -17.06
CA PHE C 20 -5.62 -35.81 -16.65
C PHE C 20 -5.14 -34.56 -17.36
N SER C 21 -5.90 -34.01 -18.30
CA SER C 21 -5.48 -32.72 -18.83
C SER C 21 -5.86 -31.59 -17.91
N SER C 22 -6.74 -31.84 -16.93
CA SER C 22 -7.02 -30.81 -15.93
C SER C 22 -5.89 -30.61 -14.92
N LYS C 23 -4.68 -31.15 -15.13
CA LYS C 23 -3.49 -30.94 -14.30
C LYS C 23 -3.72 -31.29 -12.84
N PRO C 24 -3.89 -32.55 -12.49
CA PRO C 24 -4.05 -32.90 -11.08
C PRO C 24 -2.71 -33.03 -10.40
N SER C 25 -2.71 -33.58 -9.20
CA SER C 25 -1.52 -34.23 -8.70
C SER C 25 -1.05 -35.28 -9.72
N PRO C 26 0.26 -35.41 -9.95
CA PRO C 26 0.72 -36.25 -11.06
C PRO C 26 0.45 -37.74 -10.91
N ILE C 27 0.11 -38.22 -9.71
CA ILE C 27 -0.21 -39.64 -9.65
C ILE C 27 -1.69 -39.89 -9.97
N TYR C 28 -2.57 -38.93 -9.66
CA TYR C 28 -3.90 -38.92 -10.29
C TYR C 28 -3.78 -38.85 -11.80
N GLY C 29 -2.83 -38.04 -12.29
CA GLY C 29 -2.59 -37.98 -13.72
C GLY C 29 -2.15 -39.31 -14.31
N GLY C 30 -1.29 -40.03 -13.58
CA GLY C 30 -0.85 -41.34 -14.05
C GLY C 30 -1.98 -42.36 -14.07
N LEU C 31 -2.86 -42.31 -13.07
CA LEU C 31 -4.05 -43.17 -13.05
C LEU C 31 -4.94 -42.90 -14.26
N GLY C 32 -5.23 -41.63 -14.54
CA GLY C 32 -6.06 -41.28 -15.68
C GLY C 32 -5.43 -41.68 -17.01
N LEU C 33 -4.10 -41.56 -17.10
CA LEU C 33 -3.45 -41.93 -18.35
C LEU C 33 -3.39 -43.44 -18.54
N ILE C 34 -3.33 -44.20 -17.45
CA ILE C 34 -3.45 -45.66 -17.56
C ILE C 34 -4.82 -46.05 -18.07
N VAL C 35 -5.87 -45.41 -17.56
CA VAL C 35 -7.22 -45.71 -18.03
C VAL C 35 -7.39 -45.33 -19.50
N SER C 36 -6.77 -44.21 -19.90
CA SER C 36 -6.83 -43.76 -21.27
C SER C 36 -6.14 -44.74 -22.22
N GLY C 37 -4.95 -45.21 -21.84
CA GLY C 37 -4.25 -46.16 -22.66
C GLY C 37 -4.93 -47.51 -22.75
N GLY C 38 -5.59 -47.92 -21.66
CA GLY C 38 -6.34 -49.16 -21.69
C GLY C 38 -7.52 -49.11 -22.65
N VAL C 39 -8.27 -48.01 -22.65
CA VAL C 39 -9.40 -47.98 -23.58
C VAL C 39 -8.96 -47.68 -25.00
N GLY C 40 -7.83 -47.01 -25.20
CA GLY C 40 -7.31 -46.89 -26.56
C GLY C 40 -6.87 -48.23 -27.11
N CYS C 41 -6.25 -49.06 -26.26
CA CYS C 41 -5.92 -50.42 -26.65
C CYS C 41 -7.18 -51.23 -26.93
N GLY C 42 -8.23 -51.00 -26.15
CA GLY C 42 -9.51 -51.66 -26.44
C GLY C 42 -10.09 -51.25 -27.78
N ILE C 43 -9.95 -49.96 -28.13
CA ILE C 43 -10.46 -49.46 -29.40
C ILE C 43 -9.72 -50.08 -30.57
N VAL C 44 -8.39 -50.09 -30.50
CA VAL C 44 -7.64 -50.64 -31.63
C VAL C 44 -7.81 -52.16 -31.69
N LEU C 45 -7.96 -52.82 -30.54
CA LEU C 45 -8.29 -54.23 -30.52
C LEU C 45 -9.73 -54.51 -30.91
N ASN C 46 -10.56 -53.48 -31.04
CA ASN C 46 -11.89 -53.63 -31.63
C ASN C 46 -11.93 -53.36 -33.12
N PHE C 47 -10.92 -52.66 -33.67
CA PHE C 47 -10.85 -52.55 -35.12
C PHE C 47 -10.03 -53.65 -35.77
N GLY C 48 -9.80 -54.75 -35.06
CA GLY C 48 -9.11 -55.90 -35.64
C GLY C 48 -7.68 -55.68 -36.09
N GLY C 49 -6.72 -55.52 -35.17
CA GLY C 49 -6.96 -55.59 -33.75
C GLY C 49 -6.38 -56.81 -33.09
N SER C 50 -5.72 -57.63 -33.91
CA SER C 50 -5.14 -58.87 -33.41
C SER C 50 -3.97 -58.58 -32.49
N PHE C 51 -3.04 -57.74 -32.93
CA PHE C 51 -1.73 -57.67 -32.30
C PHE C 51 -1.38 -56.33 -31.72
N LEU C 52 -1.47 -55.25 -32.51
CA LEU C 52 -0.53 -54.14 -32.37
C LEU C 52 -0.81 -53.29 -31.14
N GLY C 53 -2.08 -53.07 -30.80
CA GLY C 53 -2.39 -52.39 -29.57
C GLY C 53 -1.96 -53.18 -28.34
N LEU C 54 -2.07 -54.50 -28.40
CA LEU C 54 -1.66 -55.33 -27.28
C LEU C 54 -0.16 -55.36 -27.17
N MET C 55 0.51 -55.33 -28.32
CA MET C 55 1.95 -55.13 -28.37
C MET C 55 2.37 -53.91 -27.60
N VAL C 56 1.73 -52.78 -27.89
CA VAL C 56 2.15 -51.56 -27.22
C VAL C 56 1.60 -51.45 -25.81
N PHE C 57 0.63 -52.30 -25.47
CA PHE C 57 0.07 -52.32 -24.12
C PHE C 57 1.13 -52.71 -23.10
N LEU C 58 2.03 -53.63 -23.48
CA LEU C 58 3.23 -53.91 -22.70
C LEU C 58 4.09 -52.67 -22.55
N ILE C 59 4.26 -51.92 -23.63
CA ILE C 59 5.26 -50.87 -23.65
C ILE C 59 4.72 -49.57 -23.08
N TYR C 60 3.62 -49.10 -23.64
CA TYR C 60 3.11 -47.81 -23.23
C TYR C 60 2.45 -47.90 -21.87
N LEU C 61 1.72 -48.98 -21.61
CA LEU C 61 1.14 -49.22 -20.30
C LEU C 61 1.89 -50.29 -19.54
N GLY C 62 3.01 -50.76 -20.06
CA GLY C 62 3.82 -51.63 -19.22
C GLY C 62 5.21 -51.10 -18.94
N GLY C 63 5.71 -50.22 -19.80
CA GLY C 63 7.05 -49.71 -19.60
C GLY C 63 7.17 -48.20 -19.49
N MET C 64 6.06 -47.47 -19.42
CA MET C 64 6.16 -46.01 -19.33
C MET C 64 5.60 -45.45 -18.03
N MET C 65 4.35 -45.75 -17.71
CA MET C 65 3.76 -45.21 -16.49
C MET C 65 4.42 -45.77 -15.24
N VAL C 66 5.04 -46.94 -15.34
CA VAL C 66 5.86 -47.44 -14.24
C VAL C 66 6.97 -46.46 -13.96
N VAL C 67 7.64 -46.01 -15.02
CA VAL C 67 8.79 -45.14 -14.83
C VAL C 67 8.33 -43.75 -14.41
N PHE C 68 7.15 -43.33 -14.87
CA PHE C 68 6.60 -42.05 -14.42
C PHE C 68 6.25 -42.09 -12.95
N GLY C 69 5.58 -43.15 -12.50
CA GLY C 69 5.26 -43.28 -11.08
C GLY C 69 6.51 -43.42 -10.23
N TYR C 70 7.53 -44.06 -10.78
CA TYR C 70 8.80 -44.24 -10.09
C TYR C 70 9.47 -42.89 -9.84
N THR C 71 9.67 -42.12 -10.92
CA THR C 71 10.29 -40.82 -10.82
C THR C 71 9.38 -39.76 -10.23
N THR C 72 8.09 -40.04 -10.05
CA THR C 72 7.26 -39.12 -9.30
C THR C 72 7.37 -39.39 -7.81
N ALA C 73 7.41 -40.68 -7.44
CA ALA C 73 7.55 -41.05 -6.04
C ALA C 73 8.89 -40.64 -5.47
N MET C 74 9.96 -40.68 -6.26
CA MET C 74 11.25 -40.29 -5.71
C MET C 74 11.63 -38.85 -6.05
N ALA C 75 10.71 -38.04 -6.56
CA ALA C 75 10.96 -36.60 -6.69
C ALA C 75 10.26 -35.80 -5.61
N THR C 76 8.92 -35.83 -5.59
CA THR C 76 8.16 -34.89 -4.78
C THR C 76 6.72 -35.38 -4.65
N GLU C 77 5.93 -34.66 -3.87
CA GLU C 77 4.51 -34.96 -3.71
C GLU C 77 3.68 -33.74 -4.10
N SER C 85 -10.30 -30.64 -4.97
CA SER C 85 -9.57 -29.94 -3.93
C SER C 85 -9.42 -28.46 -4.26
N ASN C 86 -8.80 -28.16 -5.39
CA ASN C 86 -8.64 -26.80 -5.89
C ASN C 86 -9.69 -26.52 -6.94
N LYS C 87 -10.09 -25.24 -7.05
CA LYS C 87 -11.23 -24.90 -7.87
C LYS C 87 -10.92 -24.89 -9.37
N VAL C 88 -9.67 -24.60 -9.74
CA VAL C 88 -9.35 -24.48 -11.16
C VAL C 88 -9.37 -25.85 -11.83
N VAL C 89 -8.82 -26.87 -11.17
CA VAL C 89 -8.75 -28.22 -11.72
C VAL C 89 -10.15 -28.79 -11.92
N LEU C 90 -10.98 -28.69 -10.87
CA LEU C 90 -12.34 -29.22 -10.94
C LEU C 90 -13.20 -28.42 -11.90
N GLY C 91 -12.96 -27.10 -12.00
CA GLY C 91 -13.70 -26.28 -12.95
C GLY C 91 -13.36 -26.60 -14.39
N THR C 92 -12.07 -26.77 -14.70
CA THR C 92 -11.69 -27.15 -16.06
C THR C 92 -12.16 -28.55 -16.41
N PHE C 93 -12.19 -29.46 -15.43
CA PHE C 93 -12.72 -30.79 -15.69
C PHE C 93 -14.21 -30.74 -16.02
N ILE C 94 -14.97 -29.93 -15.28
CA ILE C 94 -16.41 -29.85 -15.56
C ILE C 94 -16.67 -29.17 -16.90
N THR C 95 -15.87 -28.15 -17.25
CA THR C 95 -16.10 -27.51 -18.55
C THR C 95 -15.65 -28.39 -19.71
N GLY C 96 -14.60 -29.18 -19.54
CA GLY C 96 -14.23 -30.14 -20.57
C GLY C 96 -15.28 -31.22 -20.75
N LEU C 97 -15.85 -31.70 -19.63
CA LEU C 97 -16.98 -32.62 -19.68
C LEU C 97 -18.18 -32.00 -20.38
N LEU C 98 -18.38 -30.69 -20.20
CA LEU C 98 -19.50 -30.01 -20.83
C LEU C 98 -19.30 -29.91 -22.33
N MET C 99 -18.06 -29.66 -22.77
CA MET C 99 -17.76 -29.66 -24.21
C MET C 99 -17.92 -31.06 -24.80
N GLU C 100 -17.58 -32.09 -24.02
CA GLU C 100 -17.84 -33.46 -24.43
C GLU C 100 -19.33 -33.71 -24.62
N PHE C 101 -20.14 -33.28 -23.64
CA PHE C 101 -21.58 -33.44 -23.68
C PHE C 101 -22.19 -32.73 -24.87
N LEU C 102 -21.69 -31.53 -25.17
CA LEU C 102 -22.22 -30.75 -26.28
C LEU C 102 -21.87 -31.40 -27.62
N MET C 103 -20.64 -31.93 -27.74
CA MET C 103 -20.27 -32.59 -28.99
C MET C 103 -21.01 -33.90 -29.19
N VAL C 104 -21.29 -34.63 -28.12
CA VAL C 104 -22.13 -35.83 -28.22
C VAL C 104 -23.52 -35.47 -28.68
N TYR C 105 -24.08 -34.38 -28.15
CA TYR C 105 -25.42 -33.95 -28.52
C TYR C 105 -25.49 -33.55 -29.99
N TYR C 106 -24.47 -32.82 -30.48
CA TYR C 106 -24.47 -32.45 -31.88
C TYR C 106 -24.16 -33.60 -32.82
N VAL C 107 -23.49 -34.65 -32.35
CA VAL C 107 -23.40 -35.86 -33.15
C VAL C 107 -24.75 -36.53 -33.26
N LEU C 108 -25.45 -36.68 -32.12
CA LEU C 108 -26.66 -37.48 -32.07
C LEU C 108 -27.81 -36.80 -32.83
N LYS C 109 -28.23 -35.63 -32.38
CA LYS C 109 -29.47 -35.07 -32.89
C LYS C 109 -29.27 -34.10 -34.05
N ASP C 110 -28.22 -34.32 -34.85
CA ASP C 110 -28.00 -33.59 -36.09
C ASP C 110 -27.60 -34.60 -37.17
N LYS C 111 -27.14 -34.09 -38.30
CA LYS C 111 -26.65 -34.92 -39.40
C LYS C 111 -25.13 -34.96 -39.48
N GLU C 112 -24.47 -33.82 -39.39
CA GLU C 112 -23.03 -33.75 -39.51
C GLU C 112 -22.46 -32.74 -38.53
N VAL C 113 -21.19 -32.95 -38.17
CA VAL C 113 -20.48 -32.11 -37.22
C VAL C 113 -19.20 -31.64 -37.89
N GLU C 114 -18.91 -30.34 -37.78
CA GLU C 114 -17.75 -29.74 -38.42
C GLU C 114 -16.92 -29.02 -37.37
N ILE C 115 -15.67 -29.41 -37.20
CA ILE C 115 -14.78 -28.51 -36.48
C ILE C 115 -14.01 -27.70 -37.52
N VAL C 116 -13.11 -28.33 -38.28
CA VAL C 116 -12.87 -27.90 -39.65
C VAL C 116 -12.66 -29.16 -40.50
N PHE C 117 -13.77 -29.80 -40.81
CA PHE C 117 -13.90 -31.04 -41.59
C PHE C 117 -15.38 -31.18 -41.88
N LYS C 118 -15.80 -32.36 -42.34
CA LYS C 118 -17.17 -32.80 -42.18
C LYS C 118 -17.17 -34.24 -41.67
N PHE C 119 -17.85 -34.46 -40.55
CA PHE C 119 -17.97 -35.77 -39.93
C PHE C 119 -19.42 -36.22 -40.02
N ASN C 120 -19.64 -37.36 -40.68
CA ASN C 120 -20.98 -37.92 -40.82
C ASN C 120 -21.46 -38.40 -39.46
N GLY C 121 -22.47 -37.73 -38.93
CA GLY C 121 -22.86 -38.01 -37.57
C GLY C 121 -23.80 -39.19 -37.47
N MET C 122 -23.21 -40.35 -37.24
CA MET C 122 -23.85 -41.61 -36.88
C MET C 122 -22.73 -42.58 -36.50
N GLY C 123 -23.06 -43.53 -35.64
CA GLY C 123 -22.11 -44.56 -35.29
C GLY C 123 -21.82 -45.47 -36.48
N ASP C 124 -20.54 -45.77 -36.67
CA ASP C 124 -20.05 -46.28 -37.94
C ASP C 124 -19.15 -47.48 -37.75
N TRP C 125 -19.68 -48.66 -38.08
CA TRP C 125 -18.82 -49.79 -38.40
C TRP C 125 -18.16 -49.59 -39.75
N VAL C 126 -18.83 -48.87 -40.64
CA VAL C 126 -18.27 -48.49 -41.92
C VAL C 126 -17.11 -47.53 -41.71
N ILE C 127 -16.04 -47.69 -42.49
CA ILE C 127 -15.84 -48.76 -43.44
C ILE C 127 -15.21 -49.94 -42.74
N TYR C 128 -15.21 -51.09 -43.42
CA TYR C 128 -14.83 -52.33 -42.77
C TYR C 128 -14.58 -53.35 -43.87
N ASP C 129 -13.82 -54.39 -43.53
CA ASP C 129 -13.54 -55.45 -44.49
C ASP C 129 -14.79 -56.25 -44.78
N THR C 130 -14.89 -56.74 -46.02
CA THR C 130 -16.04 -57.55 -46.43
C THR C 130 -15.78 -59.05 -46.29
N GLY C 131 -15.31 -59.45 -45.12
CA GLY C 131 -15.09 -60.85 -44.80
C GLY C 131 -14.06 -61.54 -45.67
N ASP C 132 -13.07 -60.80 -46.15
CA ASP C 132 -12.17 -61.32 -47.17
C ASP C 132 -11.15 -62.28 -46.59
N SER C 133 -10.72 -63.21 -47.42
CA SER C 133 -9.84 -64.30 -47.01
C SER C 133 -8.43 -63.76 -46.78
N GLY C 134 -8.07 -63.55 -45.52
CA GLY C 134 -6.71 -63.22 -45.20
C GLY C 134 -5.86 -64.46 -45.00
N PHE C 135 -6.24 -65.25 -44.00
CA PHE C 135 -5.62 -66.50 -43.53
C PHE C 135 -4.26 -66.30 -42.87
N PHE C 136 -3.69 -65.10 -42.90
CA PHE C 136 -2.43 -64.89 -42.21
C PHE C 136 -2.42 -63.67 -41.28
N SER C 137 -3.58 -63.06 -41.00
CA SER C 137 -3.75 -61.99 -40.02
C SER C 137 -2.86 -60.79 -40.36
N GLU C 138 -3.30 -60.06 -41.39
CA GLU C 138 -2.60 -59.01 -42.15
C GLU C 138 -1.67 -58.12 -41.34
N GLU C 139 -2.16 -57.59 -40.21
CA GLU C 139 -1.32 -56.70 -39.42
C GLU C 139 -0.19 -57.45 -38.73
N ALA C 140 -0.40 -58.72 -38.39
CA ALA C 140 0.68 -59.47 -37.76
C ALA C 140 1.79 -59.76 -38.76
N MET C 141 1.44 -59.99 -40.02
CA MET C 141 2.51 -60.16 -41.01
C MET C 141 3.11 -58.83 -41.42
N GLY C 142 2.35 -57.75 -41.32
CA GLY C 142 2.93 -56.43 -41.44
C GLY C 142 3.99 -56.18 -40.40
N ILE C 143 3.71 -56.53 -39.15
CA ILE C 143 4.75 -56.44 -38.12
C ILE C 143 5.83 -57.51 -38.35
N ALA C 144 5.49 -58.60 -39.03
CA ALA C 144 6.49 -59.58 -39.43
C ALA C 144 7.31 -59.13 -40.62
N ALA C 145 7.09 -57.92 -41.13
CA ALA C 145 8.13 -57.20 -41.85
C ALA C 145 9.09 -56.56 -40.86
N LEU C 146 9.88 -55.57 -41.31
CA LEU C 146 11.03 -54.90 -40.67
C LEU C 146 12.25 -55.78 -40.60
N TYR C 147 12.09 -57.06 -40.88
CA TYR C 147 13.16 -58.03 -40.69
C TYR C 147 13.56 -58.68 -41.99
N SER C 148 12.78 -58.49 -43.05
CA SER C 148 13.23 -58.82 -44.39
C SER C 148 13.47 -57.58 -45.22
N TYR C 149 12.46 -56.73 -45.31
CA TYR C 149 12.61 -55.51 -46.09
C TYR C 149 13.20 -54.38 -45.27
N GLY C 150 13.01 -54.42 -43.97
CA GLY C 150 13.44 -53.34 -43.11
C GLY C 150 14.93 -53.32 -42.86
N THR C 151 15.71 -52.96 -43.88
CA THR C 151 17.13 -52.82 -43.65
C THR C 151 17.41 -51.56 -42.86
N TRP C 152 17.10 -50.40 -43.46
CA TRP C 152 17.57 -49.12 -42.96
C TRP C 152 16.92 -48.76 -41.64
N LEU C 153 15.68 -49.17 -41.46
CA LEU C 153 14.86 -48.62 -40.40
C LEU C 153 15.27 -49.13 -39.04
N VAL C 154 15.50 -50.44 -38.92
CA VAL C 154 15.95 -50.97 -37.64
C VAL C 154 17.39 -50.62 -37.38
N ILE C 155 18.19 -50.36 -38.43
CA ILE C 155 19.56 -49.89 -38.23
C ILE C 155 19.57 -48.54 -37.53
N VAL C 156 18.83 -47.57 -38.08
CA VAL C 156 18.83 -46.26 -37.44
C VAL C 156 18.06 -46.29 -36.13
N THR C 157 17.12 -47.23 -35.97
CA THR C 157 16.38 -47.28 -34.72
C THR C 157 17.23 -47.82 -33.58
N GLY C 158 17.91 -48.95 -33.80
CA GLY C 158 18.84 -49.44 -32.81
C GLY C 158 19.99 -48.49 -32.57
N TRP C 159 20.42 -47.76 -33.60
CA TRP C 159 21.48 -46.79 -33.40
C TRP C 159 21.02 -45.65 -32.51
N SER C 160 19.80 -45.16 -32.70
CA SER C 160 19.28 -44.13 -31.83
C SER C 160 19.01 -44.65 -30.43
N LEU C 161 18.73 -45.95 -30.28
CA LEU C 161 18.63 -46.53 -28.95
C LEU C 161 19.96 -46.52 -28.23
N LEU C 162 21.03 -46.90 -28.93
CA LEU C 162 22.36 -46.90 -28.32
C LEU C 162 22.80 -45.48 -27.95
N ILE C 163 22.47 -44.52 -28.81
CA ILE C 163 22.81 -43.14 -28.50
C ILE C 163 21.96 -42.61 -27.36
N GLY C 164 20.71 -43.07 -27.24
CA GLY C 164 19.91 -42.72 -26.09
C GLY C 164 20.49 -43.25 -24.79
N VAL C 165 21.07 -44.46 -24.84
CA VAL C 165 21.72 -45.05 -23.67
C VAL C 165 22.88 -44.19 -23.19
N VAL C 166 23.79 -43.86 -24.10
CA VAL C 166 24.99 -43.11 -23.68
C VAL C 166 24.61 -41.68 -23.28
N VAL C 167 23.57 -41.12 -23.90
CA VAL C 167 23.08 -39.79 -23.56
C VAL C 167 22.51 -39.78 -22.13
N ILE C 168 21.68 -40.78 -21.81
CA ILE C 168 21.08 -40.88 -20.48
C ILE C 168 22.14 -40.96 -19.40
N MET C 169 23.14 -41.82 -19.60
CA MET C 169 24.12 -41.98 -18.53
C MET C 169 25.04 -40.76 -18.40
N GLU C 170 25.38 -40.13 -19.53
CA GLU C 170 26.22 -38.94 -19.47
C GLU C 170 25.53 -37.80 -18.75
N ILE C 171 24.24 -37.54 -19.08
CA ILE C 171 23.47 -36.49 -18.42
C ILE C 171 23.23 -36.82 -16.95
N THR C 172 23.00 -38.09 -16.63
CA THR C 172 22.96 -38.51 -15.24
C THR C 172 24.33 -38.96 -14.76
N ARG C 173 25.31 -38.11 -15.07
CA ARG C 173 26.65 -38.04 -14.52
C ARG C 173 27.53 -39.17 -14.98
N GLY C 174 27.74 -39.26 -16.30
CA GLY C 174 28.85 -40.03 -16.81
C GLY C 174 30.14 -39.37 -16.34
N ASN C 175 30.92 -40.07 -15.53
CA ASN C 175 30.74 -41.48 -15.20
C ASN C 175 30.56 -41.71 -13.69
N MET D 1 -15.90 -37.87 -43.04
CA MET D 1 -14.73 -38.56 -42.54
C MET D 1 -15.20 -39.85 -41.88
N SER D 2 -15.40 -39.80 -40.57
CA SER D 2 -15.95 -40.90 -39.80
C SER D 2 -16.55 -40.31 -38.54
N LEU D 3 -16.79 -41.15 -37.55
CA LEU D 3 -17.18 -40.64 -36.25
C LEU D 3 -16.05 -40.75 -35.24
N VAL D 4 -15.27 -41.82 -35.31
CA VAL D 4 -14.21 -42.07 -34.33
C VAL D 4 -13.06 -41.08 -34.50
N TYR D 5 -12.82 -40.60 -35.73
CA TYR D 5 -11.66 -39.76 -36.00
C TYR D 5 -11.82 -38.39 -35.38
N MET D 6 -13.06 -37.89 -35.35
CA MET D 6 -13.34 -36.61 -34.71
C MET D 6 -13.07 -36.66 -33.22
N ASN D 7 -13.45 -37.77 -32.58
CA ASN D 7 -13.24 -37.86 -31.15
C ASN D 7 -11.78 -38.06 -30.80
N ILE D 8 -11.03 -38.78 -31.63
CA ILE D 8 -9.60 -38.93 -31.36
C ILE D 8 -8.86 -37.62 -31.57
N MET D 9 -9.24 -36.84 -32.60
CA MET D 9 -8.60 -35.54 -32.76
C MET D 9 -9.01 -34.56 -31.67
N MET D 10 -10.25 -34.65 -31.18
CA MET D 10 -10.66 -33.80 -30.06
C MET D 10 -9.86 -34.14 -28.81
N ALA D 11 -9.62 -35.44 -28.59
CA ALA D 11 -8.78 -35.87 -27.48
C ALA D 11 -7.36 -35.38 -27.64
N PHE D 12 -6.85 -35.38 -28.89
CA PHE D 12 -5.52 -34.85 -29.18
C PHE D 12 -5.39 -33.38 -28.82
N THR D 13 -6.31 -32.56 -29.30
CA THR D 13 -6.18 -31.13 -29.08
C THR D 13 -6.41 -30.76 -27.61
N VAL D 14 -7.24 -31.52 -26.90
CA VAL D 14 -7.36 -31.29 -25.46
C VAL D 14 -6.06 -31.67 -24.76
N SER D 15 -5.42 -32.76 -25.20
CA SER D 15 -4.10 -33.11 -24.67
C SER D 15 -3.06 -32.06 -25.01
N LEU D 16 -3.19 -31.42 -26.15
CA LEU D 16 -2.25 -30.37 -26.53
C LEU D 16 -2.41 -29.15 -25.66
N THR D 17 -3.66 -28.78 -25.35
CA THR D 17 -3.89 -27.66 -24.43
C THR D 17 -3.36 -27.98 -23.04
N GLY D 18 -3.54 -29.22 -22.59
CA GLY D 18 -2.98 -29.62 -21.32
C GLY D 18 -1.46 -29.63 -21.31
N LEU D 19 -0.85 -29.89 -22.47
CA LEU D 19 0.60 -29.75 -22.58
C LEU D 19 1.03 -28.29 -22.51
N LEU D 20 0.34 -27.42 -23.23
CA LEU D 20 0.78 -26.04 -23.32
C LEU D 20 0.51 -25.28 -22.03
N MET D 21 -0.74 -25.13 -21.63
CA MET D 21 -0.98 -24.46 -20.36
C MET D 21 -0.80 -25.48 -19.23
N TYR D 22 0.10 -25.17 -18.30
CA TYR D 22 0.35 -26.06 -17.16
C TYR D 22 0.90 -25.26 -16.00
N ARG D 23 0.46 -25.62 -14.80
CA ARG D 23 0.45 -24.67 -13.69
C ARG D 23 1.69 -24.74 -12.81
N SER D 24 1.95 -25.89 -12.18
CA SER D 24 2.95 -25.93 -11.13
C SER D 24 4.07 -26.92 -11.38
N HIS D 25 3.77 -28.15 -11.76
CA HIS D 25 4.79 -29.17 -11.93
C HIS D 25 5.12 -29.38 -13.39
N LEU D 26 6.31 -29.91 -13.62
CA LEU D 26 6.74 -30.26 -14.97
C LEU D 26 6.51 -31.72 -15.29
N MET D 27 6.37 -32.56 -14.27
CA MET D 27 6.07 -33.97 -14.49
C MET D 27 4.73 -34.15 -15.18
N SER D 28 3.74 -33.36 -14.79
CA SER D 28 2.44 -33.41 -15.45
C SER D 28 2.52 -32.93 -16.89
N SER D 29 3.44 -31.99 -17.18
CA SER D 29 3.61 -31.54 -18.54
C SER D 29 4.22 -32.62 -19.42
N LEU D 30 5.25 -33.30 -18.92
CA LEU D 30 5.84 -34.38 -19.70
C LEU D 30 4.86 -35.55 -19.83
N LEU D 31 4.02 -35.74 -18.82
CA LEU D 31 3.01 -36.79 -18.86
C LEU D 31 1.93 -36.47 -19.90
N CYS D 32 1.58 -35.19 -20.05
CA CYS D 32 0.66 -34.84 -21.13
C CYS D 32 1.31 -35.00 -22.49
N LEU D 33 2.63 -34.82 -22.58
CA LEU D 33 3.31 -35.14 -23.84
C LEU D 33 3.20 -36.63 -24.14
N GLU D 34 3.26 -37.46 -23.10
CA GLU D 34 3.07 -38.89 -23.29
C GLU D 34 1.65 -39.20 -23.77
N GLY D 35 0.67 -38.47 -23.26
CA GLY D 35 -0.69 -38.67 -23.72
C GLY D 35 -0.88 -38.28 -25.18
N MET D 36 -0.20 -37.22 -25.59
CA MET D 36 -0.22 -36.81 -27.00
C MET D 36 0.43 -37.86 -27.89
N MET D 37 1.49 -38.50 -27.38
CA MET D 37 2.10 -39.66 -28.06
C MET D 37 1.10 -40.77 -28.28
N LEU D 38 0.33 -41.10 -27.23
CA LEU D 38 -0.72 -42.11 -27.33
C LEU D 38 -1.74 -41.74 -28.39
N SER D 39 -2.13 -40.47 -28.46
CA SER D 39 -3.14 -40.05 -29.42
C SER D 39 -2.65 -40.21 -30.85
N LEU D 40 -1.40 -39.81 -31.12
CA LEU D 40 -0.85 -39.97 -32.46
C LEU D 40 -0.71 -41.44 -32.84
N PHE D 41 -0.30 -42.26 -31.87
CA PHE D 41 -0.22 -43.70 -32.04
C PHE D 41 -1.54 -44.31 -32.49
N ILE D 42 -2.58 -44.06 -31.70
CA ILE D 42 -3.90 -44.66 -31.95
C ILE D 42 -4.45 -44.17 -33.28
N LEU D 43 -4.17 -42.91 -33.61
CA LEU D 43 -4.72 -42.33 -34.84
C LEU D 43 -4.09 -42.98 -36.07
N ALA D 44 -2.74 -43.05 -36.09
CA ALA D 44 -2.04 -43.66 -37.21
C ALA D 44 -2.35 -45.14 -37.34
N THR D 45 -2.52 -45.81 -36.21
CA THR D 45 -2.81 -47.23 -36.23
C THR D 45 -4.18 -47.52 -36.83
N LEU D 46 -5.20 -46.78 -36.42
CA LEU D 46 -6.53 -47.06 -36.96
C LEU D 46 -6.62 -46.69 -38.42
N MET D 47 -5.88 -45.65 -38.84
CA MET D 47 -5.77 -45.33 -40.26
C MET D 47 -5.21 -46.49 -41.07
N ILE D 48 -4.06 -47.02 -40.63
CA ILE D 48 -3.38 -48.07 -41.39
C ILE D 48 -4.20 -49.36 -41.37
N LEU D 49 -4.88 -49.65 -40.26
CA LEU D 49 -5.70 -50.86 -40.22
C LEU D 49 -6.93 -50.75 -41.09
N ASN D 50 -7.57 -49.58 -41.12
CA ASN D 50 -8.77 -49.45 -41.94
C ASN D 50 -8.42 -49.37 -43.42
N SER D 51 -7.23 -48.91 -43.75
CA SER D 51 -6.82 -48.94 -45.15
C SER D 51 -6.47 -50.34 -45.63
N HIS D 52 -6.23 -51.27 -44.69
CA HIS D 52 -5.55 -52.56 -44.94
C HIS D 52 -4.24 -52.36 -45.68
N PHE D 53 -3.56 -51.27 -45.34
CA PHE D 53 -2.28 -50.88 -45.92
C PHE D 53 -1.22 -51.62 -45.11
N THR D 54 -1.07 -52.89 -45.45
CA THR D 54 -0.27 -53.81 -44.63
C THR D 54 1.22 -53.53 -44.72
N LEU D 55 1.65 -52.78 -45.73
CA LEU D 55 3.07 -52.71 -46.05
C LEU D 55 3.83 -51.88 -45.03
N ALA D 56 3.45 -50.62 -44.87
CA ALA D 56 4.09 -49.77 -43.88
C ALA D 56 3.27 -49.81 -42.59
N SER D 57 3.36 -50.96 -41.94
CA SER D 57 2.86 -51.13 -40.59
C SER D 57 3.92 -50.82 -39.55
N MET D 58 5.05 -50.25 -39.97
CA MET D 58 6.15 -49.97 -39.06
C MET D 58 5.84 -48.77 -38.20
N MET D 59 5.04 -47.85 -38.76
CA MET D 59 4.74 -46.55 -38.20
C MET D 59 4.35 -46.53 -36.73
N PRO D 60 3.39 -47.32 -36.22
CA PRO D 60 2.97 -47.09 -34.84
C PRO D 60 3.99 -47.56 -33.84
N ILE D 61 4.57 -48.74 -34.06
CA ILE D 61 5.51 -49.27 -33.09
C ILE D 61 6.80 -48.46 -33.10
N ILE D 62 7.21 -47.94 -34.26
CA ILE D 62 8.46 -47.22 -34.29
C ILE D 62 8.28 -45.78 -33.82
N LEU D 63 7.13 -45.19 -34.15
CA LEU D 63 6.69 -43.95 -33.51
C LEU D 63 6.73 -44.05 -32.00
N LEU D 64 6.24 -45.15 -31.44
CA LEU D 64 6.14 -45.16 -30.00
C LEU D 64 7.47 -45.48 -29.33
N VAL D 65 8.33 -46.31 -29.94
CA VAL D 65 9.63 -46.54 -29.33
C VAL D 65 10.48 -45.27 -29.37
N PHE D 66 10.32 -44.47 -30.43
CA PHE D 66 11.10 -43.24 -30.49
C PHE D 66 10.56 -42.18 -29.55
N ALA D 67 9.25 -41.96 -29.52
CA ALA D 67 8.76 -40.96 -28.59
C ALA D 67 8.87 -41.44 -27.14
N ALA D 68 9.01 -42.75 -26.93
CA ALA D 68 9.40 -43.29 -25.64
C ALA D 68 10.81 -42.86 -25.24
N CYS D 69 11.78 -42.95 -26.15
CA CYS D 69 13.12 -42.52 -25.74
C CYS D 69 13.21 -41.00 -25.63
N GLU D 70 12.34 -40.28 -26.33
CA GLU D 70 12.15 -38.86 -26.07
C GLU D 70 11.71 -38.62 -24.62
N ALA D 71 10.73 -39.40 -24.15
CA ALA D 71 10.28 -39.26 -22.77
C ALA D 71 11.35 -39.68 -21.78
N ALA D 72 12.20 -40.63 -22.16
CA ALA D 72 13.32 -41.02 -21.29
C ALA D 72 14.31 -39.88 -21.12
N LEU D 73 14.65 -39.20 -22.22
CA LEU D 73 15.48 -38.00 -22.14
C LEU D 73 14.82 -36.94 -21.27
N GLY D 74 13.50 -36.80 -21.39
CA GLY D 74 12.80 -35.82 -20.59
C GLY D 74 12.82 -36.12 -19.10
N LEU D 75 12.67 -37.39 -18.74
CA LEU D 75 12.71 -37.75 -17.35
C LEU D 75 14.09 -37.57 -16.76
N SER D 76 15.13 -37.84 -17.56
CA SER D 76 16.50 -37.54 -17.12
C SER D 76 16.67 -36.05 -16.83
N LEU D 77 16.14 -35.19 -17.70
CA LEU D 77 16.28 -33.75 -17.47
C LEU D 77 15.49 -33.29 -16.25
N LEU D 78 14.29 -33.83 -16.06
CA LEU D 78 13.46 -33.40 -14.94
C LEU D 78 14.06 -33.85 -13.62
N VAL D 79 14.64 -35.05 -13.59
CA VAL D 79 15.28 -35.50 -12.36
C VAL D 79 16.57 -34.73 -12.11
N MET D 80 17.23 -34.25 -13.16
CA MET D 80 18.39 -33.39 -12.97
C MET D 80 18.00 -32.07 -12.30
N VAL D 81 16.88 -31.48 -12.75
CA VAL D 81 16.36 -30.27 -12.13
C VAL D 81 16.01 -30.50 -10.67
N SER D 82 15.28 -31.60 -10.40
CA SER D 82 14.85 -31.86 -9.03
C SER D 82 16.01 -32.25 -8.12
N ASN D 83 17.12 -32.74 -8.67
CA ASN D 83 18.33 -32.87 -7.88
C ASN D 83 18.88 -31.50 -7.52
N THR D 84 19.09 -30.65 -8.52
CA THR D 84 19.78 -29.39 -8.23
C THR D 84 18.87 -28.34 -7.58
N TYR D 85 17.65 -28.69 -7.21
CA TYR D 85 16.80 -27.85 -6.37
C TYR D 85 16.09 -28.76 -5.39
N GLY D 86 15.03 -28.24 -4.77
CA GLY D 86 14.24 -29.03 -3.85
C GLY D 86 13.09 -29.75 -4.51
N THR D 87 12.42 -29.10 -5.44
CA THR D 87 11.23 -29.62 -6.10
C THR D 87 11.46 -29.65 -7.60
N ASP D 88 10.36 -29.82 -8.34
CA ASP D 88 10.36 -29.71 -9.80
C ASP D 88 9.33 -28.68 -10.26
N TYR D 89 9.27 -27.55 -9.58
CA TYR D 89 8.29 -26.53 -9.91
C TYR D 89 8.67 -25.81 -11.20
N VAL D 90 7.71 -25.06 -11.74
CA VAL D 90 8.06 -24.12 -12.80
C VAL D 90 8.83 -22.96 -12.21
N GLN D 91 8.57 -22.63 -10.96
CA GLN D 91 9.51 -21.82 -10.21
C GLN D 91 10.76 -22.64 -9.95
N ASN D 92 11.85 -21.93 -9.60
CA ASN D 92 13.28 -22.27 -9.64
C ASN D 92 13.82 -22.21 -11.07
N LEU D 93 12.95 -22.07 -12.06
CA LEU D 93 13.40 -21.77 -13.41
C LEU D 93 13.35 -20.27 -13.66
N ASN D 94 13.08 -19.49 -12.62
CA ASN D 94 12.91 -18.06 -12.80
C ASN D 94 14.22 -17.33 -13.07
N LEU D 95 15.37 -17.98 -12.79
CA LEU D 95 16.63 -17.37 -13.15
C LEU D 95 16.91 -17.62 -14.63
N LEU D 96 18.05 -17.14 -15.09
CA LEU D 96 18.40 -16.99 -16.50
C LEU D 96 17.30 -16.19 -17.20
N GLN D 97 17.22 -14.93 -16.82
CA GLN D 97 16.09 -14.13 -17.28
C GLN D 97 16.35 -13.61 -18.68
N CYS D 98 15.26 -13.30 -19.37
CA CYS D 98 15.29 -12.84 -20.75
C CYS D 98 15.95 -11.48 -20.84
N MET E 1 43.30 51.86 -87.83
CA MET E 1 44.62 52.45 -87.63
C MET E 1 45.33 51.73 -86.49
N ASN E 2 46.63 51.53 -86.65
CA ASN E 2 47.40 50.80 -85.64
C ASN E 2 47.58 51.60 -84.38
N LEU E 3 47.76 52.92 -84.53
CA LEU E 3 48.35 53.73 -83.48
C LEU E 3 47.41 53.85 -82.28
N PHE E 4 46.13 54.04 -82.56
CA PHE E 4 45.15 54.31 -81.52
C PHE E 4 44.94 53.09 -80.63
N SER E 5 44.72 51.94 -81.26
CA SER E 5 44.54 50.69 -80.52
C SER E 5 45.81 50.30 -79.76
N SER E 6 46.97 50.44 -80.40
CA SER E 6 48.22 50.05 -79.75
C SER E 6 48.51 50.92 -78.53
N LEU E 7 48.26 52.23 -78.63
CA LEU E 7 48.51 53.07 -77.47
C LEU E 7 47.50 52.85 -76.35
N THR E 8 46.23 52.57 -76.66
CA THR E 8 45.31 52.34 -75.56
C THR E 8 45.59 51.00 -74.86
N LEU E 9 45.98 49.98 -75.63
CA LEU E 9 46.35 48.72 -74.99
C LEU E 9 47.63 48.84 -74.19
N VAL E 10 48.59 49.66 -74.62
CA VAL E 10 49.76 49.80 -73.76
C VAL E 10 49.49 50.69 -72.57
N THR E 11 48.48 51.57 -72.62
CA THR E 11 48.11 52.27 -71.40
C THR E 11 47.39 51.35 -70.44
N LEU E 12 46.73 50.32 -70.95
CA LEU E 12 46.27 49.27 -70.04
C LEU E 12 47.44 48.50 -69.47
N ILE E 13 48.36 48.05 -70.32
CA ILE E 13 49.34 47.05 -69.91
C ILE E 13 50.50 47.68 -69.14
N LEU E 14 50.71 48.99 -69.23
CA LEU E 14 51.68 49.63 -68.37
C LEU E 14 51.16 49.81 -66.96
N LEU E 15 49.87 49.57 -66.77
CA LEU E 15 49.34 49.29 -65.44
C LEU E 15 49.28 47.78 -65.22
N THR E 16 50.39 47.10 -65.48
CA THR E 16 50.54 45.72 -65.05
C THR E 16 51.90 45.45 -64.42
N MET E 17 52.93 46.20 -64.79
CA MET E 17 54.29 45.84 -64.45
C MET E 17 54.66 45.91 -62.97
N PRO E 18 54.20 46.85 -62.13
CA PRO E 18 54.66 46.83 -60.73
C PRO E 18 54.16 45.67 -59.91
N ILE E 19 53.01 45.10 -60.26
CA ILE E 19 52.57 43.86 -59.64
C ILE E 19 53.54 42.74 -60.00
N ALA E 20 54.00 42.71 -61.24
CA ALA E 20 55.06 41.79 -61.62
C ALA E 20 56.38 42.12 -60.92
N ALA E 21 56.57 43.39 -60.54
CA ALA E 21 57.82 43.79 -59.91
C ALA E 21 57.88 43.31 -58.48
N ILE E 22 56.77 43.41 -57.74
CA ILE E 22 56.78 42.83 -56.41
C ILE E 22 56.72 41.31 -56.47
N ASN E 23 56.16 40.75 -57.54
CA ASN E 23 56.14 39.30 -57.63
C ASN E 23 57.47 38.71 -58.06
N PHE E 24 58.35 39.50 -58.67
CA PHE E 24 59.71 39.10 -58.92
C PHE E 24 60.69 39.84 -58.01
N ASN E 25 60.23 40.29 -56.84
CA ASN E 25 61.08 41.16 -56.04
C ASN E 25 62.10 40.35 -55.25
N THR E 26 61.63 39.61 -54.24
CA THR E 26 62.43 38.94 -53.20
C THR E 26 63.55 39.87 -52.70
N HIS E 27 63.19 41.12 -52.41
CA HIS E 27 64.10 42.11 -51.86
C HIS E 27 63.29 43.09 -51.02
N LYS E 28 63.91 44.23 -50.72
CA LYS E 28 63.26 45.36 -50.09
C LYS E 28 63.65 46.56 -50.94
N PHE E 29 62.90 46.81 -52.01
CA PHE E 29 63.12 48.02 -52.80
C PHE E 29 62.69 49.23 -52.01
N THR E 30 63.64 50.12 -51.73
CA THR E 30 63.36 51.39 -51.11
C THR E 30 62.93 52.45 -52.11
N ASN E 31 62.71 52.07 -53.36
CA ASN E 31 62.30 53.01 -54.38
C ASN E 31 61.10 52.51 -55.17
N TYR E 32 60.50 51.40 -54.75
CA TYR E 32 59.25 50.93 -55.33
C TYR E 32 58.10 51.95 -55.38
N PRO E 33 57.88 52.81 -54.37
CA PRO E 33 56.94 53.92 -54.60
C PRO E 33 57.34 54.85 -55.73
N LEU E 34 58.64 55.14 -55.86
CA LEU E 34 59.09 56.01 -56.94
C LEU E 34 58.86 55.36 -58.29
N TYR E 35 59.05 54.04 -58.33
CA TYR E 35 58.77 53.24 -59.52
C TYR E 35 57.31 53.34 -59.92
N VAL E 36 56.41 53.22 -58.94
CA VAL E 36 54.99 53.25 -59.27
C VAL E 36 54.56 54.64 -59.69
N LYS E 37 55.13 55.68 -59.06
CA LYS E 37 54.80 57.04 -59.47
C LYS E 37 55.26 57.32 -60.90
N THR E 38 56.46 56.87 -61.25
CA THR E 38 56.92 57.20 -62.60
C THR E 38 56.25 56.34 -63.66
N THR E 39 55.83 55.11 -63.35
CA THR E 39 55.08 54.38 -64.36
C THR E 39 53.65 54.93 -64.50
N ILE E 40 53.10 55.53 -63.44
CA ILE E 40 51.80 56.20 -63.59
C ILE E 40 51.94 57.46 -64.44
N SER E 41 53.02 58.21 -64.23
CA SER E 41 53.26 59.41 -65.02
C SER E 41 53.45 59.06 -66.50
N CYS E 42 54.16 57.97 -66.76
CA CYS E 42 54.35 57.52 -68.13
C CYS E 42 53.03 57.08 -68.76
N ALA E 43 52.18 56.42 -67.96
CA ALA E 43 50.90 55.96 -68.48
C ALA E 43 49.99 57.12 -68.84
N PHE E 44 49.98 58.18 -68.02
CA PHE E 44 49.18 59.35 -68.36
C PHE E 44 49.69 60.06 -69.61
N ILE E 45 51.02 60.21 -69.73
CA ILE E 45 51.51 60.97 -70.87
C ILE E 45 51.45 60.15 -72.16
N THR E 46 51.31 58.83 -72.06
CA THR E 46 50.97 58.05 -73.24
C THR E 46 49.48 57.91 -73.47
N SER E 47 48.65 58.23 -72.47
CA SER E 47 47.21 58.14 -72.67
C SER E 47 46.56 59.44 -73.12
N MET E 48 47.20 60.59 -72.90
CA MET E 48 46.56 61.83 -73.31
C MET E 48 46.55 61.97 -74.83
N ILE E 49 47.53 61.36 -75.50
CA ILE E 49 47.64 61.51 -76.95
C ILE E 49 46.52 60.83 -77.74
N PRO E 50 46.08 59.60 -77.41
CA PRO E 50 44.93 59.07 -78.16
C PRO E 50 43.62 59.82 -77.92
N THR E 51 43.45 60.45 -76.76
CA THR E 51 42.30 61.35 -76.60
C THR E 51 42.42 62.55 -77.54
N MET E 52 43.63 63.05 -77.72
CA MET E 52 43.85 64.15 -78.66
C MET E 52 43.52 63.72 -80.08
N MET E 53 43.79 62.46 -80.41
CA MET E 53 43.36 61.91 -81.69
C MET E 53 41.85 61.84 -81.79
N PHE E 54 41.19 61.48 -80.68
CA PHE E 54 39.72 61.40 -80.65
C PHE E 54 39.08 62.75 -80.94
N ILE E 55 39.60 63.81 -80.32
CA ILE E 55 38.98 65.12 -80.56
C ILE E 55 39.47 65.74 -81.87
N HIS E 56 40.63 65.33 -82.38
CA HIS E 56 41.05 65.79 -83.70
C HIS E 56 40.16 65.22 -84.80
N THR E 57 40.05 63.91 -84.87
CA THR E 57 39.13 63.38 -85.87
C THR E 57 38.10 62.41 -85.30
N GLY E 58 38.52 61.48 -84.45
CA GLY E 58 37.62 60.42 -84.06
C GLY E 58 38.24 59.04 -84.22
N GLN E 59 37.74 58.28 -85.20
CA GLN E 59 38.12 56.87 -85.45
C GLN E 59 37.85 56.03 -84.20
N GLU E 60 36.56 55.91 -83.90
CA GLU E 60 36.12 55.67 -82.52
C GLU E 60 35.82 54.18 -82.37
N MET E 61 36.62 53.46 -81.63
CA MET E 61 36.73 52.05 -82.00
C MET E 61 36.44 51.14 -80.83
N ILE E 62 36.20 49.87 -81.15
CA ILE E 62 36.12 48.84 -80.13
C ILE E 62 37.16 47.79 -80.47
N ILE E 63 37.79 47.24 -79.44
CA ILE E 63 38.66 46.10 -79.65
C ILE E 63 38.07 44.97 -78.84
N SER E 64 38.33 43.75 -79.28
CA SER E 64 37.84 42.55 -78.64
C SER E 64 38.58 41.35 -79.20
N ASN E 65 39.08 40.49 -78.31
CA ASN E 65 39.53 39.17 -78.71
C ASN E 65 39.46 38.25 -77.51
N TRP E 66 40.06 37.07 -77.66
CA TRP E 66 40.29 36.10 -76.59
C TRP E 66 38.97 35.67 -75.95
N HIS E 67 38.16 35.03 -76.78
CA HIS E 67 36.87 34.55 -76.32
C HIS E 67 37.04 33.37 -75.39
N TRP E 68 36.16 33.28 -74.39
CA TRP E 68 36.21 32.17 -73.47
C TRP E 68 34.81 31.85 -72.98
N LEU E 69 34.57 30.55 -72.81
CA LEU E 69 33.27 29.96 -72.49
C LEU E 69 32.14 30.41 -73.43
N THR E 70 32.40 30.35 -74.74
CA THR E 70 31.35 30.64 -75.71
C THR E 70 30.38 29.47 -75.78
N ILE E 71 29.49 29.41 -74.80
CA ILE E 71 28.82 28.16 -74.50
C ILE E 71 27.57 27.91 -75.34
N GLN E 72 26.50 28.62 -75.08
CA GLN E 72 25.31 28.57 -75.89
C GLN E 72 25.36 29.71 -76.90
N THR E 73 24.19 30.12 -77.39
CA THR E 73 24.03 31.08 -78.47
C THR E 73 24.71 32.44 -78.31
N LEU E 74 25.34 32.72 -77.17
CA LEU E 74 26.13 33.94 -77.04
C LEU E 74 27.62 33.62 -77.19
N LYS E 75 28.44 34.63 -76.95
CA LYS E 75 29.86 34.44 -76.70
C LYS E 75 30.31 35.63 -75.87
N LEU E 76 31.38 35.45 -75.12
CA LEU E 76 31.93 36.56 -74.39
C LEU E 76 33.44 36.49 -74.39
N SER E 77 34.06 37.63 -74.65
CA SER E 77 35.48 37.78 -74.91
C SER E 77 35.98 38.96 -74.10
N LEU E 78 37.30 39.18 -74.11
CA LEU E 78 37.77 40.45 -73.60
C LEU E 78 37.40 41.47 -74.66
N SER E 79 36.54 42.40 -74.29
CA SER E 79 35.94 43.31 -75.24
C SER E 79 35.83 44.65 -74.55
N PHE E 80 36.48 45.67 -75.08
CA PHE E 80 36.31 46.98 -74.49
C PHE E 80 36.42 48.05 -75.55
N LYS E 81 35.77 49.17 -75.27
CA LYS E 81 35.50 50.17 -76.28
C LYS E 81 36.10 51.50 -75.85
N MET E 82 36.56 52.26 -76.84
CA MET E 82 36.92 53.65 -76.61
C MET E 82 36.04 54.53 -77.50
N ASP E 83 35.26 55.35 -76.80
CA ASP E 83 34.21 56.21 -77.33
C ASP E 83 34.38 57.49 -76.53
N PHE E 84 33.33 58.32 -76.46
CA PHE E 84 33.35 59.59 -75.75
C PHE E 84 33.68 59.45 -74.27
N PHE E 85 32.85 58.71 -73.54
CA PHE E 85 32.95 58.64 -72.09
C PHE E 85 34.20 57.88 -71.68
N SER E 86 34.39 56.70 -72.26
CA SER E 86 35.57 55.88 -72.06
C SER E 86 36.84 56.51 -72.60
N MET E 87 36.76 57.56 -73.41
CA MET E 87 37.96 58.19 -73.90
C MET E 87 38.35 59.36 -73.01
N MET E 88 37.45 60.31 -72.84
CA MET E 88 37.81 61.49 -72.06
C MET E 88 37.75 61.23 -70.56
N PHE E 89 37.23 60.09 -70.12
CA PHE E 89 37.17 59.84 -68.69
C PHE E 89 38.53 59.47 -68.12
N VAL E 90 39.34 58.76 -68.90
CA VAL E 90 40.55 58.13 -68.35
C VAL E 90 41.64 59.12 -67.93
N PRO E 91 42.07 60.11 -68.75
CA PRO E 91 43.22 60.92 -68.33
C PRO E 91 42.96 61.78 -67.12
N VAL E 92 41.71 62.14 -66.86
CA VAL E 92 41.33 62.83 -65.63
C VAL E 92 41.68 61.97 -64.42
N ALA E 93 41.25 60.71 -64.44
CA ALA E 93 41.51 59.82 -63.32
C ALA E 93 42.99 59.51 -63.19
N LEU E 94 43.71 59.43 -64.31
CA LEU E 94 45.15 59.20 -64.23
C LEU E 94 45.88 60.39 -63.60
N PHE E 95 45.46 61.61 -63.92
CA PHE E 95 46.11 62.79 -63.38
C PHE E 95 45.85 62.92 -61.88
N VAL E 96 44.58 62.71 -61.49
CA VAL E 96 44.19 62.69 -60.08
C VAL E 96 44.99 61.65 -59.32
N THR E 97 45.09 60.44 -59.86
CA THR E 97 45.73 59.37 -59.11
C THR E 97 47.24 59.54 -59.07
N TRP E 98 47.82 60.19 -60.06
CA TRP E 98 49.25 60.50 -60.00
C TRP E 98 49.54 61.50 -58.88
N SER E 99 48.65 62.48 -58.72
CA SER E 99 48.77 63.41 -57.59
C SER E 99 48.65 62.68 -56.26
N ILE E 100 47.75 61.71 -56.19
CA ILE E 100 47.58 60.97 -54.96
C ILE E 100 48.79 60.08 -54.68
N MET E 101 49.47 59.61 -55.74
CA MET E 101 50.73 58.90 -55.54
C MET E 101 51.77 59.79 -54.89
N GLU E 102 51.85 61.05 -55.33
CA GLU E 102 52.76 62.00 -54.68
C GLU E 102 52.40 62.21 -53.22
N PHE E 103 51.13 62.49 -52.96
CA PHE E 103 50.72 62.82 -51.61
C PHE E 103 50.79 61.63 -50.69
N SER E 104 50.70 60.42 -51.22
CA SER E 104 50.86 59.25 -50.40
C SER E 104 52.31 58.83 -50.26
N MET E 105 53.22 59.33 -51.10
CA MET E 105 54.62 59.30 -50.70
C MET E 105 54.84 60.13 -49.46
N TRP E 106 54.26 61.33 -49.42
CA TRP E 106 54.57 62.18 -48.28
C TRP E 106 53.81 61.77 -47.02
N TYR E 107 52.49 61.73 -47.10
CA TYR E 107 51.63 61.52 -45.94
C TYR E 107 51.83 60.16 -45.32
N MET E 108 52.16 59.17 -46.13
CA MET E 108 52.33 57.80 -45.71
C MET E 108 53.81 57.42 -45.81
N HIS E 109 54.69 58.37 -45.50
CA HIS E 109 56.12 58.09 -45.56
C HIS E 109 56.58 57.21 -44.42
N SER E 110 56.05 57.43 -43.23
CA SER E 110 56.64 56.89 -42.01
C SER E 110 55.93 55.63 -41.56
N ASP E 111 55.53 54.76 -42.48
CA ASP E 111 55.01 53.45 -42.14
C ASP E 111 55.80 52.36 -42.83
N PRO E 112 56.26 51.35 -42.10
CA PRO E 112 57.13 50.33 -42.71
C PRO E 112 56.38 49.25 -43.48
N ASN E 113 55.13 49.49 -43.81
CA ASN E 113 54.37 48.55 -44.62
C ASN E 113 53.78 49.31 -45.81
N ILE E 114 54.63 50.09 -46.48
CA ILE E 114 54.16 50.99 -47.52
C ILE E 114 54.03 50.29 -48.88
N ASN E 115 54.81 49.23 -49.10
CA ASN E 115 54.80 48.55 -50.40
C ASN E 115 53.47 47.85 -50.64
N GLN E 116 52.94 47.23 -49.59
CA GLN E 116 51.62 46.60 -49.64
C GLN E 116 50.53 47.62 -49.94
N PHE E 117 50.69 48.83 -49.38
CA PHE E 117 49.75 49.91 -49.62
C PHE E 117 49.72 50.29 -51.09
N PHE E 118 50.89 50.44 -51.70
CA PHE E 118 50.88 50.86 -53.09
C PHE E 118 50.51 49.74 -54.05
N LYS E 119 50.80 48.49 -53.68
CA LYS E 119 50.27 47.35 -54.43
C LYS E 119 48.76 47.39 -54.50
N TYR E 120 48.12 47.54 -53.33
CA TYR E 120 46.66 47.56 -53.28
C TYR E 120 46.08 48.76 -54.01
N LEU E 121 46.73 49.92 -53.89
CA LEU E 121 46.17 51.12 -54.50
C LEU E 121 46.29 51.06 -56.02
N LEU E 122 47.40 50.51 -56.52
CA LEU E 122 47.53 50.36 -57.97
C LEU E 122 46.55 49.34 -58.52
N LEU E 123 46.35 48.24 -57.78
CA LEU E 123 45.38 47.22 -58.20
C LEU E 123 43.98 47.79 -58.24
N PHE E 124 43.66 48.67 -57.28
CA PHE E 124 42.41 49.40 -57.30
C PHE E 124 42.28 50.28 -58.54
N LEU E 125 43.36 50.96 -58.93
CA LEU E 125 43.33 51.81 -60.11
C LEU E 125 43.06 50.99 -61.37
N ILE E 126 43.75 49.86 -61.50
CA ILE E 126 43.61 48.98 -62.66
C ILE E 126 42.18 48.48 -62.76
N THR E 127 41.59 48.13 -61.60
CA THR E 127 40.22 47.63 -61.61
C THR E 127 39.24 48.69 -62.06
N MET E 128 39.44 49.94 -61.61
CA MET E 128 38.51 50.98 -62.01
C MET E 128 38.66 51.34 -63.48
N LEU E 129 39.88 51.23 -64.01
CA LEU E 129 40.08 51.40 -65.45
C LEU E 129 39.35 50.33 -66.25
N ILE E 130 39.45 49.07 -65.81
CA ILE E 130 38.77 47.97 -66.49
C ILE E 130 37.26 48.12 -66.39
N LEU E 131 36.77 48.76 -65.33
CA LEU E 131 35.36 49.12 -65.29
C LEU E 131 35.02 50.14 -66.37
N VAL E 132 35.81 51.22 -66.48
CA VAL E 132 35.37 52.33 -67.31
C VAL E 132 35.77 52.20 -68.77
N THR E 133 36.50 51.17 -69.16
CA THR E 133 36.69 50.97 -70.59
C THR E 133 35.82 49.88 -71.18
N ALA E 134 35.27 48.99 -70.34
CA ALA E 134 34.60 47.79 -70.83
C ALA E 134 33.25 48.11 -71.45
N ASN E 135 32.90 47.33 -72.47
CA ASN E 135 31.57 47.38 -73.05
C ASN E 135 30.80 46.08 -72.88
N ASN E 136 31.49 44.95 -72.88
CA ASN E 136 30.88 43.69 -72.46
C ASN E 136 30.53 43.80 -70.99
N LEU E 137 29.26 43.62 -70.66
CA LEU E 137 28.72 43.96 -69.36
C LEU E 137 29.23 43.03 -68.26
N PHE E 138 29.66 41.82 -68.62
CA PHE E 138 30.26 40.92 -67.64
C PHE E 138 31.55 41.50 -67.09
N GLN E 139 32.32 42.17 -67.95
CA GLN E 139 33.53 42.82 -67.51
C GLN E 139 33.21 44.03 -66.63
N LEU E 140 32.06 44.67 -66.86
CA LEU E 140 31.60 45.71 -65.94
C LEU E 140 31.33 45.12 -64.56
N PHE E 141 30.76 43.92 -64.52
CA PHE E 141 30.51 43.28 -63.24
C PHE E 141 31.81 42.91 -62.54
N ILE E 142 32.81 42.53 -63.34
CA ILE E 142 34.15 42.29 -62.83
C ILE E 142 34.71 43.54 -62.16
N GLY E 143 34.67 44.67 -62.87
CA GLY E 143 35.20 45.90 -62.32
C GLY E 143 34.43 46.39 -61.12
N TRP E 144 33.11 46.14 -61.11
CA TRP E 144 32.24 46.51 -60.00
C TRP E 144 32.69 45.85 -58.70
N GLU E 145 32.69 44.52 -58.68
CA GLU E 145 33.08 43.86 -57.44
C GLU E 145 34.57 43.98 -57.14
N GLY E 146 35.41 44.21 -58.15
CA GLY E 146 36.82 44.38 -57.88
C GLY E 146 37.12 45.67 -57.15
N VAL E 147 36.53 46.79 -57.62
CA VAL E 147 36.74 48.02 -56.85
C VAL E 147 36.00 47.98 -55.53
N GLY E 148 34.94 47.19 -55.42
CA GLY E 148 34.32 47.00 -54.11
C GLY E 148 35.25 46.33 -53.11
N ILE E 149 35.95 45.28 -53.55
CA ILE E 149 36.78 44.59 -52.58
C ILE E 149 38.11 45.33 -52.36
N MET E 150 38.57 46.12 -53.33
CA MET E 150 39.72 46.96 -53.03
C MET E 150 39.35 48.11 -52.12
N SER E 151 38.09 48.56 -52.20
CA SER E 151 37.57 49.51 -51.24
C SER E 151 37.57 48.89 -49.85
N PHE E 152 37.20 47.62 -49.76
CA PHE E 152 37.26 46.90 -48.49
C PHE E 152 38.66 46.89 -47.91
N LEU E 153 39.66 46.45 -48.68
CA LEU E 153 41.00 46.32 -48.13
C LEU E 153 41.61 47.68 -47.79
N LEU E 154 41.35 48.70 -48.59
CA LEU E 154 41.98 49.98 -48.29
C LEU E 154 41.24 50.78 -47.23
N ILE E 155 39.95 50.54 -47.00
CA ILE E 155 39.34 51.08 -45.80
C ILE E 155 39.87 50.35 -44.58
N GLY E 156 39.91 49.03 -44.63
CA GLY E 156 40.41 48.27 -43.51
C GLY E 156 41.91 48.09 -43.50
N TRP E 157 42.62 49.06 -44.10
CA TRP E 157 44.07 49.09 -44.05
C TRP E 157 44.60 49.17 -42.62
N TRP E 158 44.10 50.10 -41.83
CA TRP E 158 44.54 50.18 -40.44
C TRP E 158 43.85 49.08 -39.65
N TYR E 159 44.48 47.92 -39.59
CA TYR E 159 43.91 46.84 -38.82
C TYR E 159 44.11 47.12 -37.34
N GLY E 160 43.21 46.56 -36.53
CA GLY E 160 42.84 47.19 -35.29
C GLY E 160 41.76 48.20 -35.58
N ARG E 161 41.34 48.93 -34.54
CA ARG E 161 40.41 50.05 -34.66
C ARG E 161 39.06 49.64 -35.24
N THR E 162 38.19 49.07 -34.40
CA THR E 162 36.85 48.60 -34.74
C THR E 162 36.00 49.49 -35.65
N ASP E 163 36.25 50.81 -35.61
CA ASP E 163 35.71 51.72 -36.61
C ASP E 163 36.05 51.29 -38.03
N ALA E 164 37.29 50.84 -38.26
CA ALA E 164 37.77 50.62 -39.62
C ALA E 164 37.12 49.41 -40.26
N ASN E 165 37.18 48.27 -39.60
CA ASN E 165 36.51 47.10 -40.17
C ASN E 165 34.99 47.19 -40.06
N THR E 166 34.44 48.00 -39.14
CA THR E 166 33.02 48.31 -39.20
C THR E 166 32.65 49.04 -40.48
N ALA E 167 33.47 50.04 -40.84
CA ALA E 167 33.28 50.78 -42.07
C ALA E 167 33.42 49.88 -43.28
N ALA E 168 34.40 48.99 -43.25
CA ALA E 168 34.61 48.04 -44.33
C ALA E 168 33.40 47.14 -44.50
N LEU E 169 32.80 46.74 -43.38
CA LEU E 169 31.63 45.85 -43.42
C LEU E 169 30.43 46.54 -44.04
N GLN E 170 30.16 47.80 -43.65
CA GLN E 170 29.01 48.50 -44.24
C GLN E 170 29.24 48.80 -45.72
N ALA E 171 30.49 49.12 -46.09
CA ALA E 171 30.79 49.41 -47.50
C ALA E 171 30.59 48.17 -48.37
N ILE E 172 31.05 47.02 -47.91
CA ILE E 172 30.93 45.84 -48.75
C ILE E 172 29.50 45.33 -48.76
N LEU E 173 28.72 45.57 -47.70
CA LEU E 173 27.31 45.18 -47.71
C LEU E 173 26.51 46.00 -48.71
N TYR E 174 26.73 47.31 -48.73
CA TYR E 174 26.01 48.14 -49.68
C TYR E 174 26.47 47.88 -51.12
N ASN E 175 27.73 47.46 -51.28
CA ASN E 175 28.14 47.02 -52.60
C ASN E 175 27.48 45.71 -53.01
N ARG E 176 27.12 44.84 -52.07
CA ARG E 176 26.34 43.67 -52.48
C ARG E 176 24.90 44.05 -52.80
N ILE E 177 24.39 45.13 -52.21
CA ILE E 177 23.05 45.54 -52.62
C ILE E 177 23.07 46.12 -54.03
N GLY E 178 24.15 46.82 -54.36
CA GLY E 178 24.41 47.12 -55.77
C GLY E 178 24.53 45.87 -56.63
N ASP E 179 25.09 44.79 -56.07
CA ASP E 179 25.27 43.55 -56.82
C ASP E 179 23.94 42.89 -57.16
N ILE E 180 23.01 42.80 -56.19
CA ILE E 180 21.72 42.18 -56.48
C ILE E 180 20.95 42.99 -57.51
N GLY E 181 21.02 44.33 -57.43
CA GLY E 181 20.41 45.15 -58.48
C GLY E 181 21.02 44.90 -59.85
N PHE E 182 22.35 44.76 -59.90
CA PHE E 182 23.03 44.61 -61.17
C PHE E 182 22.75 43.24 -61.78
N ILE E 183 22.62 42.20 -60.95
CA ILE E 183 22.36 40.90 -61.55
C ILE E 183 20.91 40.77 -61.97
N LEU E 184 19.99 41.53 -61.37
CA LEU E 184 18.64 41.57 -61.94
C LEU E 184 18.67 42.19 -63.34
N ALA E 185 19.45 43.27 -63.48
CA ALA E 185 19.60 43.88 -64.80
C ALA E 185 20.23 42.92 -65.80
N MET E 186 21.24 42.17 -65.37
CA MET E 186 21.89 41.22 -66.25
C MET E 186 20.95 40.08 -66.63
N ALA E 187 20.06 39.71 -65.70
CA ALA E 187 19.11 38.64 -65.97
C ALA E 187 18.12 39.02 -67.04
N TRP E 188 17.57 40.23 -66.94
CA TRP E 188 16.63 40.63 -67.97
C TRP E 188 17.33 40.82 -69.31
N PHE E 189 18.59 41.26 -69.31
CA PHE E 189 19.30 41.44 -70.57
C PHE E 189 19.58 40.12 -71.25
N LEU E 190 19.92 39.09 -70.48
CA LEU E 190 20.12 37.78 -71.05
C LEU E 190 18.82 37.23 -71.62
N ILE E 191 17.78 37.17 -70.78
CA ILE E 191 16.60 36.41 -71.12
C ILE E 191 15.59 37.25 -71.92
N ASN E 192 15.99 38.44 -72.38
CA ASN E 192 15.21 39.06 -73.44
C ASN E 192 16.01 39.59 -74.61
N LEU E 193 17.34 39.66 -74.55
CA LEU E 193 18.07 40.12 -75.73
C LEU E 193 19.29 39.27 -76.04
N ASN E 194 19.31 38.03 -75.58
CA ASN E 194 20.26 36.97 -75.96
C ASN E 194 21.70 37.24 -75.50
N THR E 195 21.99 38.42 -74.96
CA THR E 195 23.35 38.72 -74.53
C THR E 195 23.33 39.84 -73.52
N TRP E 196 24.50 40.09 -72.95
CA TRP E 196 24.82 41.37 -72.35
C TRP E 196 26.03 41.93 -73.10
N ASP E 197 25.74 42.53 -74.25
CA ASP E 197 26.72 43.27 -75.02
C ASP E 197 26.08 44.56 -75.47
N LEU E 198 26.72 45.67 -75.13
CA LEU E 198 26.05 46.96 -75.06
C LEU E 198 25.61 47.48 -76.43
N GLN E 199 26.33 47.11 -77.47
CA GLN E 199 25.95 47.50 -78.82
C GLN E 199 24.61 46.89 -79.21
N GLN E 200 24.40 45.64 -78.82
CA GLN E 200 23.18 44.93 -79.20
C GLN E 200 21.99 45.43 -78.41
N ILE E 201 22.20 45.72 -77.13
CA ILE E 201 21.13 46.26 -76.30
C ILE E 201 20.77 47.67 -76.75
N PHE E 202 21.76 48.42 -77.26
CA PHE E 202 21.43 49.68 -77.90
C PHE E 202 20.69 49.46 -79.21
N MET E 203 21.03 48.38 -79.92
CA MET E 203 20.45 48.10 -81.22
C MET E 203 18.97 47.79 -81.11
N LEU E 204 18.56 47.09 -80.06
CA LEU E 204 17.12 46.97 -79.93
C LEU E 204 16.52 48.12 -79.14
N ASN E 205 15.19 48.19 -79.22
CA ASN E 205 14.37 49.10 -78.42
C ASN E 205 13.52 48.24 -77.52
N PRO E 206 13.96 47.99 -76.29
CA PRO E 206 13.09 47.30 -75.33
C PRO E 206 11.98 48.23 -74.85
N ASN E 207 10.76 47.67 -74.78
CA ASN E 207 9.62 48.47 -74.35
C ASN E 207 9.35 48.33 -72.86
N ASP E 208 9.05 47.11 -72.39
CA ASP E 208 8.71 46.94 -70.98
C ASP E 208 10.02 46.96 -70.17
N SER E 209 10.53 48.17 -70.00
CA SER E 209 11.83 48.41 -69.41
C SER E 209 11.72 48.90 -67.97
N ASN E 210 10.67 48.47 -67.26
CA ASN E 210 10.59 48.78 -65.84
C ASN E 210 11.64 48.01 -65.07
N LEU E 211 11.56 46.69 -65.10
CA LEU E 211 12.38 45.83 -64.25
C LEU E 211 13.89 45.99 -64.42
N PRO E 212 14.49 45.97 -65.63
CA PRO E 212 15.95 46.11 -65.68
C PRO E 212 16.44 47.50 -65.31
N LEU E 213 15.70 48.53 -65.69
CA LEU E 213 16.15 49.87 -65.40
C LEU E 213 15.98 50.17 -63.91
N MET E 214 14.98 49.58 -63.26
CA MET E 214 14.91 49.66 -61.80
C MET E 214 16.05 48.91 -61.14
N GLY E 215 16.51 47.81 -61.75
CA GLY E 215 17.70 47.16 -61.24
C GLY E 215 18.92 48.05 -61.34
N LEU E 216 19.01 48.83 -62.40
CA LEU E 216 20.13 49.76 -62.56
C LEU E 216 20.02 50.93 -61.58
N ILE E 217 18.79 51.35 -61.28
CA ILE E 217 18.56 52.33 -60.22
C ILE E 217 19.07 51.82 -58.90
N LEU E 218 18.78 50.55 -58.58
CA LEU E 218 19.27 49.96 -57.34
C LEU E 218 20.79 49.86 -57.36
N ALA E 219 21.36 49.61 -58.54
CA ALA E 219 22.81 49.56 -58.68
C ALA E 219 23.44 50.92 -58.39
N ALA E 220 22.83 51.98 -58.90
CA ALA E 220 23.34 53.32 -58.66
C ALA E 220 23.26 53.71 -57.20
N THR E 221 22.09 53.48 -56.58
CA THR E 221 21.96 53.88 -55.18
C THR E 221 22.71 52.96 -54.23
N GLY E 222 23.15 51.80 -54.69
CA GLY E 222 23.96 50.96 -53.85
C GLY E 222 25.44 51.23 -54.02
N LYS E 223 25.83 51.76 -55.16
CA LYS E 223 27.25 51.98 -55.39
C LYS E 223 27.69 53.39 -55.05
N SER E 224 26.90 54.38 -55.44
CA SER E 224 27.35 55.76 -55.41
C SER E 224 26.77 56.54 -54.25
N ALA E 225 26.41 55.83 -53.17
CA ALA E 225 26.11 56.40 -51.86
C ALA E 225 24.93 57.38 -51.92
N GLN E 226 23.77 56.86 -52.25
CA GLN E 226 22.58 57.66 -52.42
C GLN E 226 21.50 57.17 -51.47
N PHE E 227 20.43 57.94 -51.37
CA PHE E 227 19.57 57.96 -50.20
C PHE E 227 18.83 56.64 -50.01
N GLY E 228 18.66 56.27 -48.74
CA GLY E 228 18.30 54.94 -48.35
C GLY E 228 19.49 54.03 -48.18
N LEU E 229 20.59 54.34 -48.88
CA LEU E 229 21.79 53.51 -48.83
C LEU E 229 23.05 54.37 -48.75
N HIS E 230 22.92 55.68 -48.68
CA HIS E 230 24.08 56.58 -48.59
C HIS E 230 24.98 56.51 -47.36
N PRO E 231 24.50 56.32 -46.09
CA PRO E 231 25.35 56.78 -44.97
C PRO E 231 26.55 55.92 -44.62
N TRP E 232 26.98 55.05 -45.54
CA TRP E 232 28.26 54.37 -45.40
C TRP E 232 29.44 55.26 -45.71
N LEU E 233 29.19 56.46 -46.20
CA LEU E 233 30.21 57.37 -46.69
C LEU E 233 31.04 58.07 -45.61
N PRO E 234 30.50 58.58 -44.49
CA PRO E 234 31.41 59.11 -43.47
C PRO E 234 32.12 58.05 -42.69
N SER E 235 31.46 56.92 -42.46
CA SER E 235 32.14 55.75 -41.92
C SER E 235 33.29 55.35 -42.83
N ALA E 236 33.08 55.43 -44.15
CA ALA E 236 34.17 55.26 -45.10
C ALA E 236 35.23 56.35 -44.95
N MET E 237 34.84 57.57 -44.60
CA MET E 237 35.82 58.62 -44.31
C MET E 237 36.62 58.36 -43.05
N GLU E 238 36.23 57.41 -42.22
CA GLU E 238 37.03 57.09 -41.04
C GLU E 238 38.19 56.12 -41.33
N GLY E 239 38.71 56.12 -42.56
CA GLY E 239 39.93 55.43 -42.89
C GLY E 239 41.07 56.38 -43.16
N PRO E 240 42.05 55.96 -43.97
CA PRO E 240 43.18 56.82 -44.29
C PRO E 240 42.77 57.95 -45.21
N THR E 241 43.66 58.92 -45.36
CA THR E 241 43.33 60.13 -46.09
C THR E 241 43.46 60.02 -47.62
N PRO E 242 44.58 59.55 -48.22
CA PRO E 242 44.57 59.44 -49.69
C PRO E 242 43.73 58.28 -50.17
N VAL E 243 43.55 57.26 -49.32
CA VAL E 243 42.55 56.23 -49.58
C VAL E 243 41.19 56.85 -49.79
N SER E 244 40.77 57.70 -48.85
CA SER E 244 39.46 58.32 -48.93
C SER E 244 39.38 59.28 -50.11
N ALA E 245 40.49 59.98 -50.39
CA ALA E 245 40.53 60.94 -51.49
C ALA E 245 40.34 60.24 -52.83
N LEU E 246 41.10 59.17 -53.07
CA LEU E 246 40.95 58.43 -54.30
C LEU E 246 39.63 57.68 -54.37
N LEU E 247 39.24 57.05 -53.26
CA LEU E 247 38.09 56.17 -53.22
C LEU E 247 36.79 56.94 -53.31
N HIS E 248 36.80 58.24 -53.00
CA HIS E 248 35.56 58.97 -52.97
C HIS E 248 35.66 60.30 -53.70
N SER E 249 36.71 60.48 -54.51
CA SER E 249 36.79 61.64 -55.37
C SER E 249 36.35 61.32 -56.79
N SER E 250 37.05 60.41 -57.46
CA SER E 250 36.71 59.99 -58.81
C SER E 250 36.34 58.52 -58.86
N THR E 251 37.27 57.66 -58.45
CA THR E 251 37.10 56.23 -58.57
C THR E 251 36.12 55.74 -57.51
N MET E 252 35.46 54.61 -57.81
CA MET E 252 34.62 53.84 -56.90
C MET E 252 33.31 54.54 -56.54
N VAL E 253 33.19 55.82 -56.81
CA VAL E 253 32.00 56.55 -56.44
C VAL E 253 31.25 57.08 -57.65
N VAL E 254 31.89 57.20 -58.81
CA VAL E 254 31.12 57.53 -60.01
C VAL E 254 30.57 56.28 -60.67
N ALA E 255 31.03 55.08 -60.29
CA ALA E 255 30.56 53.84 -60.90
C ALA E 255 29.10 53.54 -60.61
N GLY E 256 28.47 54.27 -59.68
CA GLY E 256 27.02 54.19 -59.57
C GLY E 256 26.33 54.93 -60.70
N ILE E 257 26.85 56.09 -61.09
CA ILE E 257 26.23 56.85 -62.17
C ILE E 257 26.89 56.64 -63.52
N PHE E 258 28.15 56.21 -63.55
CA PHE E 258 28.83 55.99 -64.81
C PHE E 258 28.15 54.93 -65.65
N LEU E 259 27.56 53.94 -64.99
CA LEU E 259 26.77 52.92 -65.66
C LEU E 259 25.53 53.50 -66.32
N LEU E 260 24.83 54.40 -65.62
CA LEU E 260 23.63 54.99 -66.19
C LEU E 260 23.97 55.93 -67.33
N ILE E 261 25.14 56.56 -67.29
CA ILE E 261 25.56 57.37 -68.42
C ILE E 261 25.98 56.46 -69.57
N ARG E 262 26.50 55.29 -69.25
CA ARG E 262 26.81 54.30 -70.27
C ARG E 262 25.55 53.81 -70.98
N PHE E 263 24.42 53.81 -70.30
CA PHE E 263 23.14 53.43 -70.91
C PHE E 263 22.35 54.63 -71.38
N TYR E 264 23.02 55.65 -71.93
CA TYR E 264 22.30 56.85 -72.34
C TYR E 264 21.27 56.66 -73.46
N PRO E 265 21.49 55.91 -74.56
CA PRO E 265 20.42 55.85 -75.56
C PRO E 265 19.26 54.99 -75.14
N LEU E 266 19.41 54.18 -74.09
CA LEU E 266 18.27 53.47 -73.56
C LEU E 266 17.58 54.27 -72.46
N THR E 267 18.27 55.18 -71.80
CA THR E 267 17.58 56.07 -70.89
C THR E 267 17.11 57.34 -71.57
N GLU E 268 17.28 57.45 -72.90
CA GLU E 268 16.57 58.50 -73.64
C GLU E 268 15.06 58.30 -73.58
N ASN E 269 14.61 57.06 -73.46
CA ASN E 269 13.21 56.68 -73.45
C ASN E 269 12.77 56.39 -72.02
N ASN E 270 11.54 55.90 -71.86
CA ASN E 270 11.00 55.38 -70.60
C ASN E 270 10.98 56.46 -69.51
N LYS E 271 10.07 57.43 -69.71
CA LYS E 271 9.97 58.62 -68.85
C LYS E 271 9.78 58.30 -67.38
N PHE E 272 9.16 57.16 -67.07
CA PHE E 272 9.00 56.72 -65.69
C PHE E 272 10.34 56.53 -65.00
N GLY E 273 11.30 55.94 -65.72
CA GLY E 273 12.63 55.74 -65.16
C GLY E 273 13.34 57.04 -64.87
N GLN E 274 13.24 58.01 -65.77
CA GLN E 274 13.88 59.31 -65.52
C GLN E 274 13.18 60.07 -64.41
N SER E 275 11.88 59.84 -64.22
CA SER E 275 11.20 60.44 -63.07
C SER E 275 11.76 59.91 -61.76
N ILE E 276 11.98 58.59 -61.68
CA ILE E 276 12.55 58.03 -60.45
C ILE E 276 14.01 58.47 -60.28
N MET E 277 14.76 58.58 -61.38
CA MET E 277 16.09 59.18 -61.40
C MET E 277 16.12 60.53 -60.70
N LEU E 278 15.32 61.47 -61.20
CA LEU E 278 15.40 62.82 -60.68
C LEU E 278 14.84 62.92 -59.27
N CYS E 279 13.84 62.12 -58.91
CA CYS E 279 13.32 62.20 -57.55
C CYS E 279 14.32 61.66 -56.54
N LEU E 280 14.98 60.54 -56.86
CA LEU E 280 16.06 60.05 -56.01
C LEU E 280 17.19 61.06 -55.90
N GLY E 281 17.53 61.71 -57.01
CA GLY E 281 18.63 62.66 -56.98
C GLY E 281 18.35 63.88 -56.14
N ALA E 282 17.14 64.43 -56.23
CA ALA E 282 16.77 65.55 -55.40
C ALA E 282 16.72 65.17 -53.92
N MET E 283 16.27 63.94 -53.63
CA MET E 283 16.21 63.49 -52.25
C MET E 283 17.60 63.39 -51.63
N THR E 284 18.53 62.76 -52.34
CA THR E 284 19.93 62.70 -51.91
C THR E 284 20.52 64.07 -51.73
N THR E 285 20.24 64.96 -52.68
CA THR E 285 20.88 66.26 -52.73
C THR E 285 20.50 67.09 -51.53
N LEU E 286 19.21 67.20 -51.26
CA LEU E 286 18.80 68.03 -50.13
C LEU E 286 19.08 67.33 -48.81
N PHE E 287 18.96 66.01 -48.74
CA PHE E 287 19.14 65.37 -47.44
C PHE E 287 20.61 65.39 -47.02
N THR E 288 21.53 65.17 -47.95
CA THR E 288 22.93 65.25 -47.57
C THR E 288 23.40 66.69 -47.42
N ALA E 289 22.76 67.65 -48.10
CA ALA E 289 23.12 69.04 -47.82
C ALA E 289 22.60 69.48 -46.46
N MET E 290 21.44 68.97 -46.04
CA MET E 290 20.91 69.28 -44.72
C MET E 290 21.75 68.64 -43.63
N CYS E 291 22.17 67.39 -43.86
CA CYS E 291 23.04 66.70 -42.93
C CYS E 291 24.44 67.30 -42.93
N ALA E 292 24.82 67.99 -44.01
CA ALA E 292 26.19 68.48 -44.12
C ALA E 292 26.48 69.62 -43.18
N LEU E 293 25.49 70.44 -42.86
CA LEU E 293 25.67 71.44 -41.82
C LEU E 293 25.75 70.77 -40.46
N THR E 294 26.27 71.53 -39.49
CA THR E 294 26.37 71.16 -38.08
C THR E 294 27.17 69.86 -37.94
N GLN E 295 28.44 69.99 -38.26
CA GLN E 295 29.33 68.85 -38.28
C GLN E 295 30.74 69.34 -38.00
N ASN E 296 31.46 68.61 -37.16
CA ASN E 296 32.70 69.13 -36.60
C ASN E 296 33.93 68.38 -37.07
N ASP E 297 33.82 67.63 -38.16
CA ASP E 297 34.96 66.93 -38.71
C ASP E 297 35.12 67.39 -40.15
N ILE E 298 36.33 67.37 -40.68
CA ILE E 298 36.50 67.86 -42.04
C ILE E 298 35.97 66.84 -43.03
N LYS E 299 36.46 65.61 -42.94
CA LYS E 299 36.24 64.62 -43.98
C LYS E 299 34.78 64.22 -44.10
N LYS E 300 34.04 64.26 -42.99
CA LYS E 300 32.62 63.97 -43.06
C LYS E 300 31.87 65.08 -43.79
N ILE E 301 32.29 66.33 -43.61
CA ILE E 301 31.73 67.44 -44.37
C ILE E 301 32.04 67.31 -45.85
N ILE E 302 33.28 66.92 -46.18
CA ILE E 302 33.64 66.88 -47.59
C ILE E 302 32.97 65.69 -48.29
N ALA E 303 32.76 64.60 -47.58
CA ALA E 303 32.03 63.48 -48.17
C ALA E 303 30.56 63.79 -48.34
N PHE E 304 29.99 64.56 -47.41
CA PHE E 304 28.62 65.02 -47.62
C PHE E 304 28.52 65.92 -48.84
N SER E 305 29.57 66.70 -49.08
CA SER E 305 29.61 67.50 -50.29
C SER E 305 29.64 66.63 -51.53
N THR E 306 30.44 65.56 -51.52
CA THR E 306 30.50 64.76 -52.75
C THR E 306 29.25 63.91 -52.92
N SER E 307 28.56 63.58 -51.84
CA SER E 307 27.28 62.90 -51.96
C SER E 307 26.24 63.82 -52.60
N SER E 308 26.22 65.10 -52.19
CA SER E 308 25.25 66.00 -52.81
C SER E 308 25.60 66.31 -54.26
N GLN E 309 26.88 66.32 -54.62
CA GLN E 309 27.25 66.51 -56.02
C GLN E 309 26.81 65.33 -56.87
N LEU E 310 26.94 64.11 -56.33
CA LEU E 310 26.41 62.96 -57.05
C LEU E 310 24.90 62.99 -57.14
N GLY E 311 24.24 63.63 -56.18
CA GLY E 311 22.82 63.87 -56.31
C GLY E 311 22.48 64.79 -57.47
N LEU E 312 23.30 65.83 -57.67
CA LEU E 312 23.14 66.66 -58.87
C LEU E 312 23.35 65.87 -60.14
N MET E 313 24.27 64.90 -60.12
CA MET E 313 24.44 64.09 -61.32
C MET E 313 23.26 63.16 -61.57
N MET E 314 22.62 62.67 -60.50
CA MET E 314 21.39 61.89 -60.69
C MET E 314 20.27 62.73 -61.26
N VAL E 315 20.15 63.98 -60.83
CA VAL E 315 19.17 64.88 -61.43
C VAL E 315 19.53 65.18 -62.88
N THR E 316 20.83 65.29 -63.17
CA THR E 316 21.29 65.54 -64.53
C THR E 316 21.03 64.35 -65.45
N ILE E 317 20.94 63.15 -64.90
CA ILE E 317 20.50 62.02 -65.72
C ILE E 317 18.98 61.94 -65.77
N GLY E 318 18.30 62.43 -64.74
CA GLY E 318 16.84 62.49 -64.77
C GLY E 318 16.32 63.39 -65.89
N ILE E 319 16.88 64.59 -66.00
CA ILE E 319 16.70 65.37 -67.21
C ILE E 319 17.52 64.70 -68.31
N ASN E 320 17.04 64.75 -69.55
CA ASN E 320 17.79 64.10 -70.62
C ASN E 320 19.06 64.87 -71.01
N GLN E 321 20.03 64.97 -70.10
CA GLN E 321 21.32 65.61 -70.40
C GLN E 321 22.45 64.78 -69.81
N PRO E 322 22.90 63.76 -70.51
CA PRO E 322 23.94 62.89 -69.93
C PRO E 322 25.36 63.43 -70.06
N HIS E 323 25.60 64.23 -71.08
CA HIS E 323 26.96 64.62 -71.38
C HIS E 323 27.47 65.71 -70.45
N LEU E 324 26.59 66.63 -70.05
CA LEU E 324 26.96 67.58 -69.02
C LEU E 324 27.16 66.89 -67.68
N ALA E 325 26.48 65.76 -67.45
CA ALA E 325 26.76 64.97 -66.27
C ALA E 325 28.17 64.39 -66.32
N PHE E 326 28.62 63.98 -67.51
CA PHE E 326 30.01 63.54 -67.63
C PHE E 326 30.99 64.68 -67.36
N LEU E 327 30.65 65.88 -67.83
CA LEU E 327 31.46 67.06 -67.53
C LEU E 327 31.53 67.31 -66.02
N HIS E 328 30.41 67.07 -65.33
CA HIS E 328 30.36 67.22 -63.89
C HIS E 328 31.26 66.21 -63.20
N ILE E 329 31.32 64.99 -63.75
CA ILE E 329 32.25 63.98 -63.24
C ILE E 329 33.68 64.48 -63.28
N CYS E 330 34.08 65.01 -64.45
CA CYS E 330 35.48 65.39 -64.65
C CYS E 330 35.91 66.53 -63.72
N THR E 331 35.13 67.62 -63.71
CA THR E 331 35.52 68.77 -62.89
C THR E 331 35.39 68.46 -61.42
N HIS E 332 34.39 67.65 -61.04
CA HIS E 332 34.24 67.18 -59.69
C HIS E 332 35.44 66.36 -59.23
N ALA E 333 36.00 65.56 -60.15
CA ALA E 333 37.13 64.71 -59.81
C ALA E 333 38.37 65.55 -59.46
N PHE E 334 38.76 66.45 -60.38
CA PHE E 334 39.89 67.35 -60.12
C PHE E 334 39.68 68.13 -58.83
N PHE E 335 38.49 68.70 -58.71
CA PHE E 335 38.04 69.51 -57.59
C PHE E 335 38.27 68.86 -56.24
N LYS E 336 37.62 67.72 -55.99
CA LYS E 336 37.73 67.18 -54.65
C LYS E 336 39.00 66.39 -54.40
N ALA E 337 39.70 65.95 -55.46
CA ALA E 337 41.04 65.42 -55.24
C ALA E 337 41.94 66.48 -54.65
N MET E 338 41.89 67.68 -55.23
CA MET E 338 42.68 68.80 -54.75
C MET E 338 42.28 69.20 -53.34
N LEU E 339 40.97 69.18 -53.05
CA LEU E 339 40.49 69.61 -51.74
C LEU E 339 40.87 68.64 -50.63
N PHE E 340 40.62 67.34 -50.83
CA PHE E 340 41.02 66.34 -49.84
C PHE E 340 42.51 66.32 -49.62
N MET E 341 43.30 66.42 -50.69
CA MET E 341 44.74 66.36 -50.54
C MET E 341 45.27 67.53 -49.72
N CYS E 342 44.73 68.73 -49.97
CA CYS E 342 45.11 69.89 -49.18
C CYS E 342 44.69 69.75 -47.72
N SER E 343 43.46 69.30 -47.48
CA SER E 343 42.99 69.22 -46.09
C SER E 343 43.72 68.17 -45.30
N GLY E 344 43.96 66.99 -45.89
CA GLY E 344 44.72 65.96 -45.21
C GLY E 344 46.17 66.34 -44.98
N SER E 345 46.73 67.18 -45.88
CA SER E 345 48.03 67.76 -45.62
C SER E 345 48.03 68.61 -44.36
N ILE E 346 46.98 69.41 -44.20
CA ILE E 346 46.85 70.23 -43.00
C ILE E 346 46.70 69.36 -41.75
N ILE E 347 45.97 68.25 -41.89
CA ILE E 347 45.76 67.31 -40.78
C ILE E 347 47.08 66.70 -40.33
N HIS E 348 47.86 66.19 -41.28
CA HIS E 348 49.16 65.62 -40.94
C HIS E 348 50.11 66.68 -40.42
N SER E 349 49.92 67.94 -40.85
CA SER E 349 50.73 69.01 -40.30
C SER E 349 50.36 69.34 -38.87
N LEU E 350 49.12 69.06 -38.47
CA LEU E 350 48.67 69.51 -37.15
C LEU E 350 48.08 68.35 -36.35
N ASN E 351 48.83 67.25 -36.28
CA ASN E 351 48.79 66.30 -35.16
C ASN E 351 47.48 65.53 -35.03
N ASP E 352 47.01 64.97 -36.15
CA ASP E 352 46.00 63.90 -36.19
C ASP E 352 44.64 64.32 -35.66
N GLU E 353 44.38 65.62 -35.53
CA GLU E 353 43.16 66.03 -34.85
C GLU E 353 41.95 65.96 -35.75
N GLN E 354 42.07 66.49 -36.98
CA GLN E 354 41.15 66.32 -38.09
C GLN E 354 39.80 67.03 -37.86
N ASP E 355 39.57 67.59 -36.67
CA ASP E 355 38.27 68.13 -36.33
C ASP E 355 38.26 69.64 -36.52
N ILE E 356 37.05 70.18 -36.64
CA ILE E 356 36.90 71.60 -36.95
C ILE E 356 37.31 72.47 -35.77
N ARG E 357 36.84 72.12 -34.58
CA ARG E 357 37.34 72.77 -33.39
C ARG E 357 38.80 72.40 -33.18
N LYS E 358 39.50 73.25 -32.43
CA LYS E 358 40.92 73.09 -32.10
C LYS E 358 41.76 73.05 -33.38
N MET E 359 41.33 73.83 -34.38
CA MET E 359 41.96 73.87 -35.69
C MET E 359 41.91 75.28 -36.24
N GLY E 360 41.85 76.29 -35.37
CA GLY E 360 41.34 77.60 -35.71
C GLY E 360 42.08 78.43 -36.73
N GLY E 361 43.28 78.88 -36.41
CA GLY E 361 43.96 79.90 -37.19
C GLY E 361 45.01 79.31 -38.09
N LEU E 362 44.80 79.46 -39.40
CA LEU E 362 45.71 78.89 -40.37
C LEU E 362 46.07 79.79 -41.52
N PHE E 363 45.35 80.88 -41.76
CA PHE E 363 45.79 81.81 -42.78
C PHE E 363 47.07 82.50 -42.31
N LYS E 364 48.02 82.63 -43.25
CA LYS E 364 49.42 83.05 -43.13
C LYS E 364 50.31 81.99 -42.49
N ALA E 365 49.71 80.91 -41.97
CA ALA E 365 50.46 79.70 -41.67
C ALA E 365 50.49 78.88 -42.94
N MET E 366 51.68 78.67 -43.49
CA MET E 366 52.03 79.06 -44.85
C MET E 366 50.89 78.98 -45.85
N PRO E 367 50.63 80.09 -46.55
CA PRO E 367 49.36 80.26 -47.25
C PRO E 367 49.23 79.49 -48.54
N PHE E 368 50.18 78.60 -48.84
CA PHE E 368 50.05 77.76 -50.03
C PHE E 368 48.85 76.83 -49.90
N THR E 369 48.74 76.17 -48.75
CA THR E 369 47.59 75.32 -48.52
C THR E 369 46.32 76.11 -48.24
N THR E 370 46.41 77.33 -47.70
CA THR E 370 45.17 78.06 -47.46
C THR E 370 44.63 78.63 -48.76
N THR E 371 45.54 79.09 -49.62
CA THR E 371 45.22 79.40 -51.01
C THR E 371 44.56 78.22 -51.68
N ALA E 372 45.13 77.03 -51.50
CA ALA E 372 44.60 75.82 -52.11
C ALA E 372 43.18 75.53 -51.64
N LEU E 373 42.95 75.64 -50.35
CA LEU E 373 41.66 75.29 -49.80
C LEU E 373 40.59 76.30 -50.22
N ILE E 374 40.92 77.58 -50.26
CA ILE E 374 39.89 78.54 -50.66
C ILE E 374 39.70 78.54 -52.17
N ILE E 375 40.69 78.12 -52.95
CA ILE E 375 40.46 77.95 -54.39
C ILE E 375 39.51 76.78 -54.62
N GLY E 376 39.66 75.72 -53.82
CA GLY E 376 38.67 74.66 -53.83
C GLY E 376 37.28 75.14 -53.45
N SER E 377 37.20 75.92 -52.38
CA SER E 377 35.86 76.30 -51.93
C SER E 377 35.24 77.43 -52.74
N LEU E 378 36.01 78.13 -53.58
CA LEU E 378 35.39 79.01 -54.56
C LEU E 378 35.12 78.34 -55.88
N ALA E 379 35.85 77.27 -56.21
CA ALA E 379 35.43 76.44 -57.32
C ALA E 379 34.16 75.68 -56.99
N LEU E 380 33.88 75.48 -55.71
CA LEU E 380 32.57 75.02 -55.31
C LEU E 380 31.59 76.17 -55.54
N THR E 381 30.35 75.82 -55.94
CA THR E 381 29.26 76.70 -56.36
C THR E 381 29.54 77.53 -57.61
N GLY E 382 30.71 77.36 -58.25
CA GLY E 382 30.93 77.88 -59.58
C GLY E 382 31.05 79.38 -59.73
N MET E 383 32.15 79.97 -59.25
CA MET E 383 32.36 81.39 -59.42
C MET E 383 32.61 81.71 -60.89
N PRO E 384 31.99 82.77 -61.40
CA PRO E 384 31.87 82.92 -62.86
C PRO E 384 33.03 83.61 -63.58
N PHE E 385 33.64 82.95 -64.57
CA PHE E 385 33.33 81.57 -64.93
C PHE E 385 34.59 80.73 -65.07
N LEU E 386 34.70 79.80 -64.12
CA LEU E 386 35.90 79.04 -63.77
C LEU E 386 35.63 77.57 -64.09
N THR E 387 36.52 76.68 -63.64
CA THR E 387 36.30 75.25 -63.83
C THR E 387 35.05 74.76 -63.12
N GLY E 388 34.77 75.30 -61.93
CA GLY E 388 33.57 74.91 -61.24
C GLY E 388 32.29 75.52 -61.77
N PHE E 389 32.40 76.52 -62.63
CA PHE E 389 31.22 77.16 -63.21
C PHE E 389 30.45 76.19 -64.08
N TYR E 390 31.17 75.53 -64.99
CA TYR E 390 30.60 74.94 -66.20
C TYR E 390 29.59 73.86 -65.86
N SER E 391 30.03 72.91 -65.04
CA SER E 391 29.23 71.74 -64.68
C SER E 391 27.95 72.12 -63.97
N LYS E 392 28.08 72.73 -62.79
CA LYS E 392 26.91 73.00 -61.94
C LYS E 392 25.98 74.01 -62.60
N ASP E 393 26.55 74.96 -63.32
CA ASP E 393 25.69 76.01 -63.84
C ASP E 393 24.96 75.57 -65.09
N LEU E 394 25.61 74.77 -65.95
CA LEU E 394 24.87 74.20 -67.07
C LEU E 394 23.86 73.16 -66.60
N ILE E 395 24.13 72.49 -65.47
CA ILE E 395 23.16 71.56 -64.90
C ILE E 395 21.91 72.29 -64.44
N ILE E 396 22.07 73.37 -63.68
CA ILE E 396 20.87 74.05 -63.17
C ILE E 396 20.15 74.77 -64.30
N GLU E 397 20.87 75.20 -65.33
CA GLU E 397 20.20 75.80 -66.49
C GLU E 397 19.35 74.77 -67.24
N SER E 398 19.96 73.65 -67.64
CA SER E 398 19.22 72.65 -68.41
C SER E 398 18.15 71.95 -67.58
N ALA E 399 18.33 71.91 -66.25
CA ALA E 399 17.30 71.37 -65.39
C ALA E 399 16.17 72.37 -65.19
N ASN E 400 16.51 73.65 -65.15
CA ASN E 400 15.50 74.68 -64.96
C ASN E 400 14.64 74.82 -66.21
N THR E 401 15.21 74.54 -67.37
CA THR E 401 14.47 74.66 -68.62
C THR E 401 14.04 73.30 -69.16
N SER E 402 13.31 72.52 -68.36
CA SER E 402 12.85 71.22 -68.84
C SER E 402 11.58 70.79 -68.11
N TYR E 403 11.02 69.67 -68.57
CA TYR E 403 9.76 69.14 -68.08
C TYR E 403 10.04 68.29 -66.84
N THR E 404 10.33 68.98 -65.75
CA THR E 404 10.82 68.38 -64.53
C THR E 404 9.61 68.15 -63.61
N ASN E 405 9.83 68.05 -62.30
CA ASN E 405 8.86 67.51 -61.37
C ASN E 405 8.25 68.54 -60.44
N ALA E 406 8.71 69.80 -60.51
CA ALA E 406 8.29 70.93 -59.67
C ALA E 406 8.52 70.74 -58.18
N TRP E 407 9.29 69.75 -57.78
CA TRP E 407 9.78 69.74 -56.42
C TRP E 407 11.28 69.57 -56.52
N ALA E 408 11.69 68.91 -57.60
CA ALA E 408 13.09 68.56 -57.79
C ALA E 408 13.95 69.78 -58.07
N LEU E 409 13.45 70.70 -58.90
CA LEU E 409 14.23 71.89 -59.24
C LEU E 409 14.38 72.78 -58.02
N LEU E 410 13.31 72.86 -57.22
CA LEU E 410 13.33 73.61 -55.97
C LEU E 410 14.30 73.01 -54.97
N MET E 411 14.37 71.67 -54.93
CA MET E 411 15.32 71.01 -54.04
C MET E 411 16.76 71.25 -54.46
N THR E 412 17.05 71.17 -55.77
CA THR E 412 18.40 71.43 -56.25
C THR E 412 18.82 72.86 -55.99
N LEU E 413 17.87 73.79 -56.13
CA LEU E 413 18.11 75.19 -55.84
C LEU E 413 18.47 75.42 -54.37
N VAL E 414 17.66 74.86 -53.47
CA VAL E 414 17.91 75.03 -52.04
C VAL E 414 19.19 74.33 -51.62
N ALA E 415 19.51 73.21 -52.23
CA ALA E 415 20.76 72.56 -51.89
C ALA E 415 21.97 73.26 -52.48
N THR E 416 21.81 74.01 -53.57
CA THR E 416 22.89 74.89 -54.02
C THR E 416 23.16 75.97 -52.98
N SER E 417 22.10 76.54 -52.42
CA SER E 417 22.28 77.49 -51.31
C SER E 417 22.96 76.82 -50.11
N PHE E 418 22.59 75.59 -49.82
CA PHE E 418 23.18 74.92 -48.67
C PHE E 418 24.64 74.54 -48.90
N THR E 419 25.02 74.22 -50.14
CA THR E 419 26.41 73.88 -50.35
C THR E 419 27.28 75.12 -50.33
N ALA E 420 26.70 76.26 -50.72
CA ALA E 420 27.36 77.54 -50.48
C ALA E 420 27.58 77.79 -49.00
N ILE E 421 26.58 77.51 -48.16
CA ILE E 421 26.76 77.91 -46.76
C ILE E 421 27.70 76.96 -46.00
N TYR E 422 27.71 75.65 -46.29
CA TYR E 422 28.73 74.87 -45.56
C TYR E 422 30.13 75.07 -46.13
N SER E 423 30.27 75.39 -47.42
CA SER E 423 31.60 75.75 -47.89
C SER E 423 32.09 77.04 -47.27
N THR E 424 31.18 77.98 -47.02
CA THR E 424 31.55 79.17 -46.28
C THR E 424 31.94 78.83 -44.85
N ARG E 425 31.27 77.84 -44.26
CA ARG E 425 31.62 77.48 -42.89
C ARG E 425 33.00 76.81 -42.82
N ILE E 426 33.31 75.95 -43.78
CA ILE E 426 34.63 75.30 -43.74
C ILE E 426 35.74 76.32 -43.95
N ILE E 427 35.51 77.33 -44.81
CA ILE E 427 36.48 78.43 -44.94
C ILE E 427 36.66 79.15 -43.61
N PHE E 428 35.55 79.61 -43.02
CA PHE E 428 35.63 80.49 -41.85
C PHE E 428 36.23 79.78 -40.65
N PHE E 429 35.84 78.55 -40.38
CA PHE E 429 36.37 77.86 -39.22
C PHE E 429 37.75 77.30 -39.45
N ALA E 430 38.09 76.91 -40.68
CA ALA E 430 39.40 76.30 -40.85
C ALA E 430 40.48 77.35 -40.94
N LEU E 431 40.29 78.37 -41.76
CA LEU E 431 41.42 79.19 -42.16
C LEU E 431 41.37 80.61 -41.65
N LEU E 432 40.19 81.16 -41.41
CA LEU E 432 40.04 82.58 -41.17
C LEU E 432 39.48 82.87 -39.80
N GLY E 433 40.00 82.19 -38.79
CA GLY E 433 39.57 82.37 -37.43
C GLY E 433 40.72 82.71 -36.51
N GLN E 434 40.36 83.13 -35.30
CA GLN E 434 41.37 83.39 -34.28
C GLN E 434 41.91 82.07 -33.76
N PRO E 435 43.23 81.95 -33.59
CA PRO E 435 43.86 80.63 -33.58
C PRO E 435 43.61 79.78 -32.35
N ARG E 436 42.79 78.75 -32.53
CA ARG E 436 42.64 77.67 -31.56
C ARG E 436 43.24 76.42 -32.19
N PHE E 437 44.31 75.92 -31.55
CA PHE E 437 45.02 74.68 -31.84
C PHE E 437 46.08 74.59 -30.76
N PRO E 438 46.48 73.40 -30.32
CA PRO E 438 47.34 73.30 -29.16
C PRO E 438 48.75 73.71 -29.53
N THR E 439 49.53 74.02 -28.50
CA THR E 439 50.83 74.62 -28.66
C THR E 439 51.86 73.57 -29.04
N LEU E 440 53.16 73.95 -28.93
CA LEU E 440 54.31 73.14 -29.35
C LEU E 440 54.14 72.78 -30.82
N ILE E 441 54.14 73.81 -31.63
CA ILE E 441 53.58 73.71 -32.97
C ILE E 441 54.67 73.42 -33.98
N ASN E 442 54.38 72.50 -34.89
CA ASN E 442 55.36 71.99 -35.84
C ASN E 442 54.86 72.16 -37.26
N ILE E 443 54.37 73.36 -37.56
CA ILE E 443 53.88 73.72 -38.88
C ILE E 443 55.05 73.68 -39.86
N ASN E 444 55.00 72.75 -40.81
CA ASN E 444 56.12 72.51 -41.71
C ASN E 444 55.57 72.07 -43.06
N GLU E 445 55.84 72.84 -44.11
CA GLU E 445 55.53 72.42 -45.47
C GLU E 445 56.69 72.69 -46.41
N ASN E 446 57.92 72.47 -45.96
CA ASN E 446 59.08 72.55 -46.85
C ASN E 446 59.26 71.18 -47.48
N ASN E 447 58.38 70.88 -48.40
CA ASN E 447 58.30 69.59 -49.08
C ASN E 447 58.20 69.84 -50.57
N PRO E 448 59.13 69.34 -51.38
CA PRO E 448 58.96 69.47 -52.83
C PRO E 448 57.82 68.63 -53.36
N PHE E 449 57.56 67.48 -52.75
CA PHE E 449 56.50 66.56 -53.20
C PHE E 449 55.13 67.21 -53.10
N LEU E 450 54.82 67.77 -51.94
CA LEU E 450 53.47 68.27 -51.74
C LEU E 450 53.24 69.57 -52.49
N ILE E 451 54.26 70.41 -52.64
CA ILE E 451 54.06 71.61 -53.44
C ILE E 451 53.94 71.25 -54.92
N ASN E 452 54.61 70.17 -55.35
CA ASN E 452 54.37 69.65 -56.69
C ASN E 452 52.93 69.21 -56.90
N SER E 453 52.39 68.49 -55.92
CA SER E 453 51.05 67.91 -56.09
C SER E 453 49.97 68.98 -56.03
N ILE E 454 50.01 69.84 -55.00
CA ILE E 454 49.04 70.93 -54.87
C ILE E 454 49.16 71.91 -56.03
N LYS E 455 50.40 72.21 -56.44
CA LYS E 455 50.70 73.04 -57.60
C LYS E 455 49.99 72.56 -58.84
N ARG E 456 50.22 71.29 -59.18
CA ARG E 456 49.72 70.81 -60.45
C ARG E 456 48.23 70.53 -60.39
N LEU E 457 47.66 70.28 -59.21
CA LEU E 457 46.21 70.16 -59.16
C LEU E 457 45.47 71.48 -59.15
N LEU E 458 46.04 72.55 -58.63
CA LEU E 458 45.35 73.81 -58.87
C LEU E 458 45.54 74.28 -60.31
N ILE E 459 46.64 73.88 -60.94
CA ILE E 459 46.79 74.06 -62.38
C ILE E 459 45.65 73.37 -63.12
N GLY E 460 45.40 72.11 -62.79
CA GLY E 460 44.26 71.42 -63.36
C GLY E 460 42.91 71.91 -62.88
N SER E 461 42.87 72.70 -61.80
CA SER E 461 41.60 73.22 -61.31
C SER E 461 41.36 74.67 -61.67
N LEU E 462 42.23 75.31 -62.45
CA LEU E 462 41.96 76.65 -62.96
C LEU E 462 41.79 76.72 -64.46
N PHE E 463 42.56 75.96 -65.22
CA PHE E 463 42.53 76.00 -66.67
C PHE E 463 41.83 74.79 -67.28
N ALA E 464 42.05 73.62 -66.70
CA ALA E 464 41.73 72.37 -67.38
C ALA E 464 40.24 72.10 -67.46
N GLY E 465 39.44 72.70 -66.58
CA GLY E 465 38.01 72.67 -66.79
C GLY E 465 37.60 73.36 -68.07
N PHE E 466 38.28 74.46 -68.40
CA PHE E 466 38.02 75.11 -69.68
C PHE E 466 38.64 74.34 -70.84
N ILE E 467 39.78 73.67 -70.61
CA ILE E 467 40.39 72.84 -71.64
C ILE E 467 39.46 71.67 -71.99
N ILE E 468 38.81 71.10 -70.99
CA ILE E 468 37.81 70.06 -71.23
C ILE E 468 36.58 70.65 -71.91
N SER E 469 35.95 71.62 -71.25
CA SER E 469 34.63 72.10 -71.63
C SER E 469 34.61 72.82 -72.95
N ASN E 470 35.75 73.35 -73.41
CA ASN E 470 35.79 74.07 -74.66
C ASN E 470 35.51 73.13 -75.83
N ASN E 471 36.45 72.24 -76.11
CA ASN E 471 36.30 71.39 -77.29
C ASN E 471 35.73 70.02 -76.94
N ILE E 472 34.61 70.00 -76.23
CA ILE E 472 33.86 68.76 -76.13
C ILE E 472 33.19 68.55 -77.48
N PRO E 473 33.08 67.32 -77.96
CA PRO E 473 32.21 67.06 -79.09
C PRO E 473 30.77 67.25 -78.66
N PRO E 474 30.05 68.20 -79.25
CA PRO E 474 28.72 68.53 -78.72
C PRO E 474 27.69 67.45 -79.01
N MET E 475 27.35 66.69 -77.97
CA MET E 475 26.49 65.52 -78.11
C MET E 475 25.09 65.76 -77.54
N THR E 476 24.68 67.01 -77.43
CA THR E 476 23.32 67.34 -77.02
C THR E 476 22.90 68.60 -77.75
N ILE E 477 21.72 69.10 -77.42
CA ILE E 477 21.27 70.38 -77.96
C ILE E 477 21.13 71.39 -76.83
N PRO E 478 21.90 72.46 -76.83
CA PRO E 478 21.85 73.41 -75.71
C PRO E 478 20.58 74.25 -75.73
N GLN E 479 20.13 74.61 -74.52
CA GLN E 479 18.92 75.42 -74.40
C GLN E 479 19.19 76.89 -74.73
N MET E 480 20.00 77.54 -73.88
CA MET E 480 20.71 78.80 -74.16
C MET E 480 19.81 80.03 -74.27
N THR E 481 18.48 79.85 -74.27
CA THR E 481 17.53 80.96 -74.37
C THR E 481 16.79 81.02 -73.04
N MET E 482 17.39 81.64 -72.07
CA MET E 482 16.71 81.65 -70.80
C MET E 482 16.04 83.01 -70.57
N PRO E 483 15.03 83.06 -69.73
CA PRO E 483 14.52 84.36 -69.30
C PRO E 483 15.47 85.01 -68.30
N HIS E 484 15.11 86.19 -67.83
CA HIS E 484 15.77 86.74 -66.65
C HIS E 484 15.35 85.92 -65.44
N TYR E 485 16.12 86.06 -64.35
CA TYR E 485 15.99 85.30 -63.09
C TYR E 485 15.94 83.79 -63.28
N LEU E 486 16.52 83.29 -64.37
CA LEU E 486 16.76 81.85 -64.53
C LEU E 486 18.15 81.54 -65.02
N LYS E 487 18.89 82.50 -65.56
CA LYS E 487 20.32 82.34 -65.65
C LYS E 487 21.02 83.09 -64.54
N MET E 488 20.39 84.17 -64.06
CA MET E 488 20.93 84.90 -62.93
C MET E 488 20.69 84.17 -61.62
N THR E 489 19.83 83.13 -61.62
CA THR E 489 19.46 82.45 -60.37
C THR E 489 20.63 81.70 -59.75
N ALA E 490 21.60 81.27 -60.56
CA ALA E 490 22.77 80.58 -60.01
C ALA E 490 23.59 81.51 -59.13
N LEU E 491 24.04 82.61 -59.70
CA LEU E 491 24.82 83.60 -58.97
C LEU E 491 24.01 84.23 -57.85
N THR E 492 22.70 84.39 -58.06
CA THR E 492 21.83 84.94 -57.01
C THR E 492 21.80 84.04 -55.79
N VAL E 493 21.59 82.74 -56.00
CA VAL E 493 21.52 81.80 -54.89
C VAL E 493 22.87 81.66 -54.20
N THR E 494 23.96 81.64 -54.95
CA THR E 494 25.27 81.49 -54.31
C THR E 494 25.65 82.74 -53.51
N ILE E 495 25.33 83.93 -54.02
CA ILE E 495 25.63 85.16 -53.29
C ILE E 495 24.78 85.28 -52.04
N LEU E 496 23.49 84.96 -52.13
CA LEU E 496 22.66 85.03 -50.94
C LEU E 496 23.04 83.95 -49.93
N GLY E 497 23.53 82.80 -50.41
CA GLY E 497 24.06 81.81 -49.50
C GLY E 497 25.30 82.28 -48.77
N PHE E 498 26.18 83.00 -49.48
CA PHE E 498 27.39 83.51 -48.83
C PHE E 498 27.05 84.55 -47.78
N ILE E 499 26.10 85.43 -48.07
CA ILE E 499 25.69 86.45 -47.10
C ILE E 499 24.98 85.80 -45.91
N LEU E 500 24.19 84.75 -46.17
CA LEU E 500 23.48 84.04 -45.13
C LEU E 500 24.46 83.37 -44.16
N ALA E 501 25.48 82.71 -44.70
CA ALA E 501 26.44 82.05 -43.83
C ALA E 501 27.35 83.04 -43.12
N LEU E 502 27.66 84.18 -43.76
CA LEU E 502 28.45 85.21 -43.11
C LEU E 502 27.71 85.81 -41.91
N GLU E 503 26.41 86.05 -42.04
CA GLU E 503 25.70 86.60 -40.89
C GLU E 503 25.46 85.53 -39.82
N ILE E 504 25.37 84.25 -40.22
CA ILE E 504 25.43 83.15 -39.25
C ILE E 504 26.71 83.22 -38.43
N SER E 505 27.83 83.45 -39.12
CA SER E 505 29.13 83.56 -38.45
C SER E 505 29.19 84.75 -37.50
N ASN E 506 28.67 85.91 -37.94
CA ASN E 506 28.74 87.11 -37.12
C ASN E 506 27.85 87.00 -35.89
N THR E 507 26.72 86.28 -35.98
CA THR E 507 25.96 86.02 -34.75
C THR E 507 26.64 84.95 -33.92
N THR E 508 27.43 84.08 -34.54
CA THR E 508 28.18 83.08 -33.79
C THR E 508 29.35 83.70 -33.04
N HIS E 509 29.75 84.93 -33.40
CA HIS E 509 30.70 85.69 -32.59
C HIS E 509 30.17 85.96 -31.18
N TYR E 510 28.86 86.19 -31.08
CA TYR E 510 28.28 86.71 -29.85
C TYR E 510 28.22 85.65 -28.76
N LEU E 511 27.95 86.10 -27.55
CA LEU E 511 27.87 85.23 -26.38
C LEU E 511 26.41 85.10 -25.98
N LYS E 512 25.81 83.97 -26.30
CA LYS E 512 24.46 83.79 -25.80
C LYS E 512 24.21 82.41 -25.20
N PHE E 513 24.78 81.35 -25.79
CA PHE E 513 24.60 79.96 -25.39
C PHE E 513 23.12 79.57 -25.37
N ASN E 514 22.56 79.51 -26.57
CA ASN E 514 21.20 79.02 -26.75
C ASN E 514 21.18 77.50 -26.76
N TYR E 515 20.19 76.93 -26.08
CA TYR E 515 19.97 75.51 -26.05
C TYR E 515 19.65 74.97 -27.44
N PRO E 516 19.91 73.68 -27.71
CA PRO E 516 19.56 73.13 -29.01
C PRO E 516 18.08 72.86 -29.14
N SER E 517 17.55 73.07 -30.35
CA SER E 517 16.12 73.05 -30.59
C SER E 517 15.71 72.00 -31.62
N ASN E 518 16.41 70.86 -31.61
CA ASN E 518 16.08 69.60 -32.31
C ASN E 518 16.22 69.65 -33.83
N THR E 519 16.34 70.83 -34.42
CA THR E 519 16.69 70.85 -35.83
C THR E 519 18.19 70.90 -35.96
N PHE E 520 18.82 71.60 -35.03
CA PHE E 520 20.23 71.43 -34.74
C PHE E 520 20.55 69.96 -34.53
N LYS E 521 19.76 69.28 -33.71
CA LYS E 521 19.97 67.86 -33.46
C LYS E 521 19.68 67.01 -34.68
N PHE E 522 18.72 67.39 -35.51
CA PHE E 522 18.44 66.59 -36.68
C PHE E 522 19.50 66.76 -37.74
N SER E 523 20.07 67.95 -37.86
CA SER E 523 21.16 68.12 -38.79
C SER E 523 22.46 67.56 -38.26
N ASN E 524 22.57 67.37 -36.95
CA ASN E 524 23.81 66.90 -36.38
C ASN E 524 23.85 65.40 -36.19
N LEU E 525 22.72 64.77 -35.88
CA LEU E 525 22.64 63.33 -35.66
C LEU E 525 22.41 62.56 -36.92
N LEU E 526 22.88 63.08 -38.05
CA LEU E 526 22.92 62.39 -39.34
C LEU E 526 21.53 62.09 -39.87
N GLY E 527 20.54 62.83 -39.39
CA GLY E 527 19.15 62.61 -39.73
C GLY E 527 18.49 61.48 -38.99
N TYR E 528 19.17 60.91 -37.99
CA TYR E 528 18.80 59.74 -37.18
C TYR E 528 18.74 58.44 -38.01
N TYR E 529 18.99 58.52 -39.32
CA TYR E 529 18.95 57.34 -40.17
C TYR E 529 20.08 56.34 -39.88
N PRO E 530 21.37 56.72 -39.79
CA PRO E 530 22.38 55.68 -39.53
C PRO E 530 22.24 55.09 -38.16
N THR E 531 21.91 55.91 -37.17
CA THR E 531 21.69 55.42 -35.82
C THR E 531 20.57 54.40 -35.77
N ILE E 532 19.40 54.73 -36.32
CA ILE E 532 18.26 53.83 -36.18
C ILE E 532 18.41 52.58 -37.04
N MET E 533 18.87 52.74 -38.29
CA MET E 533 18.99 51.56 -39.16
C MET E 533 20.12 50.66 -38.71
N HIS E 534 21.27 51.23 -38.35
CA HIS E 534 22.39 50.44 -37.89
C HIS E 534 22.22 49.92 -36.47
N ARG E 535 21.23 50.42 -35.73
CA ARG E 535 20.90 49.79 -34.46
C ARG E 535 19.77 48.80 -34.55
N LEU E 536 18.95 48.84 -35.59
CA LEU E 536 17.79 47.95 -35.62
C LEU E 536 17.97 46.78 -36.57
N THR E 537 18.35 47.06 -37.83
CA THR E 537 18.55 45.98 -38.79
C THR E 537 19.65 44.96 -38.44
N PRO E 538 20.63 45.26 -37.58
CA PRO E 538 21.33 44.12 -36.98
C PRO E 538 20.47 43.35 -36.01
N TYR E 539 19.91 44.04 -35.02
CA TYR E 539 19.30 43.38 -33.87
C TYR E 539 18.09 42.54 -34.24
N MET E 540 17.32 42.96 -35.24
CA MET E 540 16.18 42.16 -35.66
C MET E 540 16.60 40.87 -36.32
N ASN E 541 17.55 40.93 -37.24
CA ASN E 541 17.95 39.72 -37.96
C ASN E 541 18.66 38.73 -37.06
N LEU E 542 19.36 39.22 -36.06
CA LEU E 542 20.11 38.29 -35.22
C LEU E 542 19.28 37.79 -34.05
N THR E 543 18.29 38.56 -33.60
CA THR E 543 17.31 37.97 -32.70
C THR E 543 16.44 36.96 -33.46
N MET E 544 16.21 37.19 -34.75
CA MET E 544 15.58 36.20 -35.62
C MET E 544 16.60 35.22 -36.20
N SER E 545 17.81 35.17 -35.66
CA SER E 545 18.73 34.09 -35.95
C SER E 545 19.21 33.36 -34.73
N GLN E 546 19.05 33.93 -33.54
CA GLN E 546 19.36 33.20 -32.32
C GLN E 546 18.25 32.21 -32.00
N LYS E 547 17.03 32.72 -31.87
CA LYS E 547 15.90 31.84 -31.59
C LYS E 547 15.49 31.07 -32.82
N SER E 548 15.38 31.73 -33.96
CA SER E 548 14.77 31.10 -35.12
C SER E 548 15.70 30.08 -35.76
N ALA E 549 16.85 30.53 -36.26
CA ALA E 549 17.72 29.63 -37.01
C ALA E 549 18.44 28.65 -36.11
N SER E 550 19.25 29.17 -35.18
CA SER E 550 20.14 28.31 -34.41
C SER E 550 19.38 27.49 -33.38
N SER E 551 18.79 28.16 -32.42
CA SER E 551 18.25 27.50 -31.25
C SER E 551 16.90 26.85 -31.49
N LEU E 552 16.26 27.11 -32.60
CA LEU E 552 14.91 26.59 -32.63
C LEU E 552 14.59 25.76 -33.88
N LEU E 553 14.99 26.20 -35.06
CA LEU E 553 14.53 25.42 -36.19
C LEU E 553 15.43 24.23 -36.47
N ASP E 554 16.74 24.43 -36.54
CA ASP E 554 17.59 23.34 -36.99
C ASP E 554 17.85 22.34 -35.87
N LEU E 555 18.55 22.79 -34.82
CA LEU E 555 18.96 21.93 -33.71
C LEU E 555 17.79 21.29 -33.01
N ILE E 556 16.94 22.09 -32.38
CA ILE E 556 16.01 21.52 -31.43
C ILE E 556 14.86 20.81 -32.16
N TRP E 557 14.30 21.41 -33.22
CA TRP E 557 13.16 20.73 -33.82
C TRP E 557 13.56 19.68 -34.81
N LEU E 558 14.68 19.86 -35.50
CA LEU E 558 15.01 18.83 -36.46
C LEU E 558 15.58 17.61 -35.73
N GLU E 559 16.33 17.82 -34.64
CA GLU E 559 16.77 16.68 -33.83
C GLU E 559 15.63 16.04 -33.05
N THR E 560 14.57 16.78 -32.70
CA THR E 560 13.46 16.06 -32.09
C THR E 560 12.72 15.24 -33.13
N ILE E 561 12.47 15.80 -34.32
CA ILE E 561 11.52 15.12 -35.18
C ILE E 561 12.16 13.93 -35.89
N LEU E 562 13.42 14.03 -36.37
CA LEU E 562 13.89 12.80 -36.98
C LEU E 562 14.72 11.87 -36.08
N PRO E 563 15.75 12.31 -35.35
CA PRO E 563 16.43 11.33 -34.47
C PRO E 563 15.67 10.94 -33.22
N LYS E 564 15.08 11.91 -32.49
CA LYS E 564 14.47 11.57 -31.21
C LYS E 564 13.24 10.71 -31.38
N THR E 565 12.38 11.03 -32.35
CA THR E 565 11.13 10.29 -32.52
C THR E 565 11.39 8.84 -32.86
N ILE E 566 12.23 8.60 -33.87
CA ILE E 566 12.54 7.23 -34.28
C ILE E 566 13.30 6.52 -33.17
N SER E 567 14.26 7.19 -32.55
CA SER E 567 15.10 6.53 -31.55
C SER E 567 14.30 6.17 -30.30
N LEU E 568 13.41 7.05 -29.87
CA LEU E 568 12.58 6.76 -28.71
C LEU E 568 11.53 5.71 -29.03
N ALA E 569 11.02 5.69 -30.26
CA ALA E 569 10.07 4.64 -30.62
C ALA E 569 10.74 3.26 -30.59
N GLN E 570 11.95 3.15 -31.13
CA GLN E 570 12.63 1.87 -31.12
C GLN E 570 13.03 1.47 -29.71
N MET E 571 13.45 2.43 -28.88
CA MET E 571 13.82 2.13 -27.51
C MET E 571 12.63 1.68 -26.68
N LYS E 572 11.45 2.29 -26.90
CA LYS E 572 10.28 1.84 -26.17
C LYS E 572 9.79 0.48 -26.65
N MET E 573 9.93 0.20 -27.95
CA MET E 573 9.58 -1.14 -28.41
C MET E 573 10.56 -2.18 -27.87
N SER E 574 11.81 -1.80 -27.66
CA SER E 574 12.76 -2.72 -27.02
C SER E 574 12.38 -2.98 -25.58
N THR E 575 12.07 -1.93 -24.82
CA THR E 575 11.72 -2.12 -23.42
C THR E 575 10.39 -2.81 -23.23
N THR E 576 9.52 -2.86 -24.25
CA THR E 576 8.35 -3.70 -24.10
C THR E 576 8.56 -5.13 -24.61
N ILE E 577 9.48 -5.35 -25.53
CA ILE E 577 9.67 -6.69 -26.04
C ILE E 577 10.59 -7.50 -25.15
N THR E 578 11.78 -7.00 -24.88
CA THR E 578 12.75 -7.85 -24.17
C THR E 578 12.50 -7.91 -22.68
N SER E 579 11.58 -7.11 -22.13
CA SER E 579 11.29 -7.17 -20.70
C SER E 579 10.33 -8.33 -20.43
N GLN E 580 10.87 -9.53 -20.52
CA GLN E 580 10.14 -10.75 -20.22
C GLN E 580 10.71 -11.34 -18.94
N LYS E 581 9.86 -11.50 -17.95
CA LYS E 581 10.25 -12.25 -16.78
C LYS E 581 10.43 -13.71 -17.17
N GLY E 582 11.42 -14.35 -16.57
CA GLY E 582 11.83 -15.67 -17.02
C GLY E 582 10.93 -16.78 -16.53
N LEU E 583 9.70 -16.85 -17.03
CA LEU E 583 8.78 -17.93 -16.70
C LEU E 583 8.39 -18.65 -17.98
N ILE E 584 7.81 -19.83 -17.82
CA ILE E 584 7.62 -20.77 -18.91
C ILE E 584 6.14 -20.92 -19.27
N LYS E 585 5.26 -20.89 -18.26
CA LYS E 585 3.82 -20.93 -18.50
C LYS E 585 3.36 -19.76 -19.37
N LEU E 586 4.00 -18.61 -19.23
CA LEU E 586 3.68 -17.45 -20.04
C LEU E 586 3.99 -17.69 -21.51
N TYR E 587 5.13 -18.33 -21.78
CA TYR E 587 5.54 -18.50 -23.16
C TYR E 587 4.68 -19.55 -23.84
N PHE E 588 4.29 -20.57 -23.09
CA PHE E 588 3.41 -21.55 -23.71
C PHE E 588 1.99 -21.03 -23.87
N LEU E 589 1.53 -20.11 -23.01
CA LEU E 589 0.24 -19.48 -23.30
C LEU E 589 0.30 -18.59 -24.52
N SER E 590 1.46 -17.96 -24.77
CA SER E 590 1.62 -17.24 -26.03
C SER E 590 1.53 -18.18 -27.21
N PHE E 591 2.14 -19.37 -27.09
CA PHE E 591 2.07 -20.36 -28.16
C PHE E 591 0.64 -20.80 -28.41
N LEU E 592 -0.10 -21.02 -27.33
CA LEU E 592 -1.48 -21.51 -27.44
C LEU E 592 -2.39 -20.48 -28.10
N ILE E 593 -2.31 -19.22 -27.67
CA ILE E 593 -3.20 -18.24 -28.27
C ILE E 593 -2.76 -17.92 -29.68
N THR E 594 -1.47 -18.11 -29.99
CA THR E 594 -1.02 -17.96 -31.38
C THR E 594 -1.64 -19.02 -32.27
N ILE E 595 -1.67 -20.27 -31.79
CA ILE E 595 -2.32 -21.35 -32.52
C ILE E 595 -3.80 -21.06 -32.73
N LEU E 596 -4.49 -20.65 -31.68
CA LEU E 596 -5.93 -20.47 -31.79
C LEU E 596 -6.29 -19.24 -32.62
N ILE E 597 -5.51 -18.15 -32.50
CA ILE E 597 -5.80 -16.95 -33.26
C ILE E 597 -5.35 -17.12 -34.71
N SER E 598 -4.50 -18.09 -34.99
CA SER E 598 -4.19 -18.38 -36.37
C SER E 598 -5.20 -19.32 -37.00
N THR E 599 -5.80 -20.20 -36.20
CA THR E 599 -6.86 -21.04 -36.76
C THR E 599 -8.15 -20.25 -36.97
N THR E 600 -8.79 -19.82 -35.88
CA THR E 600 -10.19 -19.47 -35.99
C THR E 600 -10.45 -17.99 -36.28
N LEU E 601 -9.44 -17.13 -36.20
CA LEU E 601 -9.69 -15.71 -36.37
C LEU E 601 -9.04 -15.16 -37.64
N LEU E 602 -7.74 -15.35 -37.80
CA LEU E 602 -7.02 -14.87 -38.97
C LEU E 602 -6.52 -16.13 -39.67
N ASN E 603 -7.34 -16.64 -40.58
CA ASN E 603 -7.20 -18.01 -41.05
C ASN E 603 -5.96 -18.20 -41.92
N PHE E 604 -5.31 -19.34 -41.72
CA PHE E 604 -4.17 -19.75 -42.51
C PHE E 604 -4.39 -21.09 -43.19
N HIS E 605 -5.43 -21.82 -42.80
CA HIS E 605 -5.80 -23.08 -43.40
C HIS E 605 -6.77 -22.92 -44.56
N GLU E 606 -6.71 -21.79 -45.26
CA GLU E 606 -7.49 -21.59 -46.49
C GLU E 606 -6.62 -20.94 -47.56
N MET F 1 40.96 3.95 -68.43
CA MET F 1 40.39 4.02 -67.10
C MET F 1 40.91 2.89 -66.26
N LEU F 2 41.00 1.70 -66.85
CA LEU F 2 41.55 0.58 -66.08
C LEU F 2 43.03 0.77 -65.83
N LYS F 3 43.71 1.50 -66.72
CA LYS F 3 45.05 2.00 -66.46
C LYS F 3 45.07 3.13 -65.45
N TYR F 4 43.92 3.64 -65.00
CA TYR F 4 43.88 4.59 -63.91
C TYR F 4 43.47 3.93 -62.62
N ILE F 5 42.86 2.77 -62.70
CA ILE F 5 42.43 2.01 -61.53
C ILE F 5 43.55 1.14 -61.00
N ILE F 6 44.15 0.34 -61.87
CA ILE F 6 45.13 -0.66 -61.43
C ILE F 6 46.41 -0.09 -60.78
N PRO F 7 46.94 1.11 -61.09
CA PRO F 7 48.04 1.58 -60.24
C PRO F 7 47.56 2.14 -58.91
N THR F 8 46.28 2.44 -58.76
CA THR F 8 45.80 2.78 -57.43
C THR F 8 45.68 1.52 -56.57
N MET F 9 45.39 0.36 -57.19
CA MET F 9 45.57 -0.90 -56.49
C MET F 9 47.02 -1.11 -56.10
N MET F 10 47.94 -0.93 -57.03
CA MET F 10 49.33 -1.24 -56.72
C MET F 10 49.97 -0.20 -55.81
N LEU F 11 49.36 0.96 -55.68
CA LEU F 11 49.81 1.98 -54.74
C LEU F 11 49.45 1.61 -53.30
N MET F 12 48.53 0.67 -53.10
CA MET F 12 48.14 0.31 -51.75
C MET F 12 49.21 -0.50 -51.00
N PRO F 13 49.87 -1.53 -51.56
CA PRO F 13 50.93 -2.18 -50.79
C PRO F 13 52.23 -1.39 -50.75
N LEU F 14 52.28 -0.20 -51.35
CA LEU F 14 53.45 0.66 -51.23
C LEU F 14 53.77 0.98 -49.79
N THR F 15 52.77 1.51 -49.07
CA THR F 15 52.94 1.88 -47.68
C THR F 15 53.22 0.67 -46.81
N TRP F 16 52.71 -0.48 -47.21
CA TRP F 16 52.99 -1.70 -46.47
C TRP F 16 54.43 -2.14 -46.63
N LEU F 17 54.89 -2.34 -47.87
CA LEU F 17 56.29 -2.71 -48.02
C LEU F 17 57.19 -1.51 -48.30
N SER F 18 57.00 -0.44 -47.54
CA SER F 18 58.06 0.53 -47.32
C SER F 18 58.29 0.67 -45.83
N LYS F 19 59.57 0.78 -45.46
CA LYS F 19 59.96 0.86 -44.05
C LYS F 19 59.63 2.24 -43.49
N ASN F 20 59.92 2.42 -42.21
CA ASN F 20 59.56 3.65 -41.53
C ASN F 20 60.44 4.79 -41.99
N SER F 21 59.91 6.01 -41.85
CA SER F 21 60.53 7.27 -42.27
C SER F 21 60.87 7.29 -43.75
N MET F 22 60.19 6.47 -44.53
CA MET F 22 60.41 6.41 -45.96
C MET F 22 59.09 6.27 -46.68
N ILE F 23 58.01 5.95 -45.97
CA ILE F 23 56.68 5.78 -46.54
C ILE F 23 56.15 7.09 -47.09
N TRP F 24 56.54 8.20 -46.48
CA TRP F 24 55.90 9.48 -46.72
C TRP F 24 56.22 9.99 -48.11
N ILE F 25 57.51 9.97 -48.44
CA ILE F 25 57.99 10.45 -49.72
C ILE F 25 57.46 9.58 -50.85
N ASN F 26 57.40 8.27 -50.58
CA ASN F 26 56.94 7.32 -51.58
C ASN F 26 55.49 7.57 -51.94
N THR F 27 54.64 7.72 -50.92
CA THR F 27 53.21 7.94 -51.16
C THR F 27 52.96 9.27 -51.84
N THR F 28 53.70 10.31 -51.43
CA THR F 28 53.54 11.62 -52.05
C THR F 28 53.92 11.61 -53.52
N LEU F 29 55.13 11.13 -53.82
CA LEU F 29 55.64 11.11 -55.20
C LEU F 29 54.78 10.26 -56.11
N HIS F 30 54.36 9.09 -55.61
CA HIS F 30 53.66 8.18 -56.50
C HIS F 30 52.24 8.63 -56.73
N SER F 31 51.58 9.18 -55.71
CA SER F 31 50.22 9.66 -55.95
C SER F 31 50.21 10.91 -56.82
N LEU F 32 51.29 11.71 -56.78
CA LEU F 32 51.37 12.85 -57.70
C LEU F 32 51.61 12.40 -59.15
N LEU F 33 52.41 11.36 -59.35
CA LEU F 33 52.55 10.83 -60.70
C LEU F 33 51.24 10.24 -61.22
N ILE F 34 50.45 9.65 -60.33
CA ILE F 34 49.09 9.25 -60.67
C ILE F 34 48.24 10.46 -61.03
N SER F 35 48.50 11.60 -60.41
CA SER F 35 47.73 12.80 -60.75
C SER F 35 48.07 13.32 -62.15
N LEU F 36 49.34 13.23 -62.56
CA LEU F 36 49.68 13.54 -63.95
C LEU F 36 48.95 12.63 -64.93
N THR F 37 49.06 11.32 -64.69
CA THR F 37 48.44 10.34 -65.57
C THR F 37 46.92 10.46 -65.55
N SER F 38 46.39 10.98 -64.46
CA SER F 38 44.98 11.32 -64.36
C SER F 38 44.62 12.45 -65.29
N LEU F 39 45.42 13.51 -65.31
CA LEU F 39 45.09 14.66 -66.16
C LEU F 39 45.27 14.32 -67.63
N LEU F 40 46.00 13.25 -67.93
CA LEU F 40 46.10 12.71 -69.28
C LEU F 40 44.77 12.15 -69.83
N LEU F 41 43.74 11.99 -68.99
CA LEU F 41 42.46 11.41 -69.41
C LEU F 41 41.76 12.24 -70.47
N LEU F 42 41.99 13.54 -70.48
CA LEU F 42 41.06 14.48 -71.09
C LEU F 42 41.13 14.39 -72.60
N ASN F 43 40.40 13.44 -73.17
CA ASN F 43 40.35 13.20 -74.60
C ASN F 43 38.97 13.54 -75.15
N GLN F 44 38.07 14.03 -74.31
CA GLN F 44 36.66 14.05 -74.65
C GLN F 44 36.34 15.07 -75.73
N PHE F 45 35.47 14.66 -76.65
CA PHE F 45 35.17 15.46 -77.83
C PHE F 45 33.72 15.28 -78.24
N GLY F 46 33.07 16.40 -78.54
CA GLY F 46 31.95 16.48 -79.46
C GLY F 46 30.74 15.62 -79.26
N ASP F 47 30.66 14.59 -80.10
CA ASP F 47 29.44 13.82 -80.26
C ASP F 47 29.14 12.95 -79.04
N ASN F 48 30.03 12.02 -78.73
CA ASN F 48 29.76 11.01 -77.73
C ASN F 48 30.57 11.27 -76.47
N SER F 49 30.26 10.48 -75.46
CA SER F 49 31.18 10.26 -74.36
C SER F 49 32.21 9.23 -74.79
N LEU F 50 33.30 9.10 -74.03
CA LEU F 50 34.30 8.10 -74.40
C LEU F 50 34.08 6.87 -73.53
N ASN F 51 33.70 5.76 -74.18
CA ASN F 51 33.09 4.63 -73.50
C ASN F 51 33.94 3.41 -73.80
N PHE F 52 34.38 2.69 -72.76
CA PHE F 52 35.18 1.49 -72.98
C PHE F 52 35.17 0.60 -71.74
N SER F 53 35.68 -0.62 -71.95
CA SER F 53 35.82 -1.66 -70.92
C SER F 53 34.50 -1.90 -70.20
N LEU F 54 33.54 -2.45 -70.94
CA LEU F 54 32.15 -2.01 -71.04
C LEU F 54 31.51 -1.31 -69.84
N THR F 55 31.96 -1.61 -68.63
CA THR F 55 31.52 -0.90 -67.44
C THR F 55 31.89 0.59 -67.43
N PHE F 56 32.81 1.07 -68.28
CA PHE F 56 33.36 2.40 -68.03
C PHE F 56 32.99 3.39 -69.12
N PHE F 57 32.72 4.63 -68.72
CA PHE F 57 32.63 5.72 -69.69
C PHE F 57 32.85 7.05 -69.00
N SER F 58 33.24 8.04 -69.79
CA SER F 58 33.52 9.37 -69.30
C SER F 58 32.76 10.42 -70.11
N ASP F 59 31.91 11.17 -69.41
CA ASP F 59 31.34 12.44 -69.85
C ASP F 59 32.31 13.56 -69.49
N SER F 60 31.84 14.80 -69.57
CA SER F 60 32.47 15.93 -68.90
C SER F 60 31.73 16.31 -67.65
N LEU F 61 30.77 15.48 -67.26
CA LEU F 61 30.26 15.47 -65.91
C LEU F 61 31.16 14.66 -65.00
N SER F 62 31.98 13.79 -65.59
CA SER F 62 32.80 12.84 -64.87
C SER F 62 34.29 13.12 -64.98
N THR F 63 34.74 13.63 -66.13
CA THR F 63 36.14 14.01 -66.29
C THR F 63 36.63 15.05 -65.29
N PRO F 64 35.96 16.21 -65.09
CA PRO F 64 36.55 17.17 -64.14
C PRO F 64 36.46 16.72 -62.70
N LEU F 65 35.37 16.06 -62.31
CA LEU F 65 35.30 15.55 -60.95
C LEU F 65 36.27 14.42 -60.71
N LEU F 66 36.54 13.62 -61.74
CA LEU F 66 37.50 12.53 -61.57
C LEU F 66 38.90 13.09 -61.41
N ILE F 67 39.24 14.12 -62.19
CA ILE F 67 40.51 14.80 -62.02
C ILE F 67 40.58 15.51 -60.68
N LEU F 68 39.43 15.99 -60.18
CA LEU F 68 39.38 16.62 -58.86
C LEU F 68 39.71 15.62 -57.76
N THR F 69 39.18 14.40 -57.86
CA THR F 69 39.52 13.37 -56.87
C THR F 69 40.97 12.95 -56.98
N MET F 70 41.42 12.66 -58.20
CA MET F 70 42.79 12.19 -58.38
C MET F 70 43.83 13.30 -58.25
N TRP F 71 43.44 14.54 -58.03
CA TRP F 71 44.32 15.61 -57.61
C TRP F 71 44.17 15.97 -56.14
N LEU F 72 42.99 15.78 -55.56
CA LEU F 72 42.80 16.07 -54.15
C LEU F 72 43.31 14.96 -53.27
N LEU F 73 43.60 13.78 -53.83
CA LEU F 73 44.21 12.75 -53.00
C LEU F 73 45.59 13.12 -52.47
N PRO F 74 46.62 13.45 -53.28
CA PRO F 74 47.95 13.64 -52.68
C PRO F 74 48.05 14.89 -51.83
N LEU F 75 47.27 15.91 -52.17
CA LEU F 75 47.12 17.09 -51.31
C LEU F 75 46.69 16.70 -49.92
N MET F 76 45.74 15.79 -49.83
CA MET F 76 45.29 15.34 -48.54
C MET F 76 46.30 14.44 -47.87
N LEU F 77 47.00 13.63 -48.68
CA LEU F 77 48.01 12.72 -48.17
C LEU F 77 49.13 13.48 -47.49
N MET F 78 49.47 14.64 -48.04
CA MET F 78 50.41 15.54 -47.37
C MET F 78 49.77 16.25 -46.20
N ALA F 79 48.49 16.61 -46.33
CA ALA F 79 47.81 17.49 -45.40
C ALA F 79 47.65 16.90 -44.00
N SER F 80 47.58 15.58 -43.90
CA SER F 80 47.12 14.93 -42.67
C SER F 80 48.26 14.46 -41.79
N GLN F 81 49.35 15.19 -41.71
CA GLN F 81 50.32 14.93 -40.67
C GLN F 81 50.28 16.05 -39.65
N HIS F 82 51.20 15.94 -38.68
CA HIS F 82 51.33 16.72 -37.44
C HIS F 82 50.24 16.37 -36.42
N HIS F 83 49.23 15.61 -36.81
CA HIS F 83 48.26 15.14 -35.85
C HIS F 83 48.27 13.63 -35.72
N LEU F 84 49.09 12.94 -36.51
CA LEU F 84 49.30 11.52 -36.32
C LEU F 84 50.75 11.12 -36.53
N SER F 85 51.67 12.07 -36.56
CA SER F 85 53.09 11.73 -36.62
C SER F 85 53.52 11.01 -35.35
N LYS F 86 52.99 11.44 -34.22
CA LYS F 86 53.27 10.84 -32.93
C LYS F 86 52.46 9.58 -32.66
N GLU F 87 51.56 9.19 -33.57
CA GLU F 87 50.91 7.90 -33.44
C GLU F 87 51.83 6.80 -33.96
N ASN F 88 51.36 5.56 -33.87
CA ASN F 88 52.23 4.43 -34.10
C ASN F 88 52.33 4.13 -35.59
N LEU F 89 53.27 3.23 -35.89
CA LEU F 89 53.55 2.85 -37.27
C LEU F 89 52.37 2.10 -37.88
N ALA F 90 51.76 1.20 -37.12
CA ALA F 90 50.69 0.37 -37.65
C ALA F 90 49.46 1.20 -37.98
N ARG F 91 49.03 2.04 -37.03
CA ARG F 91 47.86 2.88 -37.26
C ARG F 91 48.15 3.96 -38.30
N LYS F 92 49.40 4.39 -38.43
CA LYS F 92 49.80 5.32 -39.48
C LYS F 92 49.61 4.70 -40.86
N LYS F 93 50.20 3.51 -41.06
CA LYS F 93 50.06 2.81 -42.33
C LYS F 93 48.62 2.44 -42.63
N LEU F 94 47.86 2.10 -41.59
CA LEU F 94 46.46 1.74 -41.78
C LEU F 94 45.64 2.94 -42.21
N PHE F 95 45.90 4.11 -41.62
CA PHE F 95 45.25 5.35 -42.00
C PHE F 95 45.50 5.67 -43.48
N ILE F 96 46.77 5.60 -43.89
CA ILE F 96 47.11 5.95 -45.26
C ILE F 96 46.48 4.98 -46.25
N SER F 97 46.55 3.68 -45.96
CA SER F 97 45.97 2.70 -46.87
C SER F 97 44.45 2.76 -46.89
N MET F 98 43.83 3.16 -45.78
CA MET F 98 42.39 3.36 -45.77
C MET F 98 41.99 4.51 -46.68
N LEU F 99 42.77 5.59 -46.66
CA LEU F 99 42.50 6.68 -47.60
C LEU F 99 42.65 6.24 -49.05
N ILE F 100 43.63 5.38 -49.33
CA ILE F 100 43.84 4.95 -50.71
C ILE F 100 42.67 4.10 -51.19
N LEU F 101 42.19 3.21 -50.32
CA LEU F 101 41.02 2.39 -50.66
C LEU F 101 39.76 3.24 -50.80
N LEU F 102 39.68 4.32 -50.03
CA LEU F 102 38.60 5.29 -50.22
C LEU F 102 38.67 5.93 -51.59
N GLN F 103 39.88 6.26 -52.06
CA GLN F 103 40.02 6.81 -53.40
C GLN F 103 39.59 5.82 -54.46
N LEU F 104 39.96 4.55 -54.28
CA LEU F 104 39.61 3.52 -55.26
C LEU F 104 38.10 3.36 -55.41
N PHE F 105 37.38 3.32 -54.28
CA PHE F 105 35.93 3.23 -54.42
C PHE F 105 35.32 4.53 -54.94
N LEU F 106 35.98 5.67 -54.72
CA LEU F 106 35.50 6.91 -55.34
C LEU F 106 35.60 6.89 -56.86
N ILE F 107 36.72 6.42 -57.40
CA ILE F 107 36.87 6.45 -58.85
C ILE F 107 35.97 5.41 -59.49
N MET F 108 35.83 4.25 -58.84
CA MET F 108 34.82 3.27 -59.23
C MET F 108 33.42 3.87 -59.23
N THR F 109 33.13 4.78 -58.30
CA THR F 109 31.83 5.42 -58.31
C THR F 109 31.70 6.38 -59.48
N PHE F 110 32.74 7.15 -59.77
CA PHE F 110 32.64 8.17 -60.81
C PHE F 110 32.71 7.62 -62.23
N THR F 111 33.09 6.37 -62.42
CA THR F 111 33.11 5.88 -63.80
C THR F 111 32.15 4.70 -63.90
N ALA F 112 30.97 4.86 -63.35
CA ALA F 112 30.01 3.78 -63.28
C ALA F 112 29.01 3.93 -64.41
N THR F 113 29.05 3.00 -65.37
CA THR F 113 27.96 2.89 -66.31
C THR F 113 26.71 2.40 -65.60
N GLU F 114 26.78 1.21 -65.03
CA GLU F 114 25.61 0.55 -64.51
C GLU F 114 25.27 1.12 -63.15
N LEU F 115 24.00 1.48 -62.97
CA LEU F 115 23.65 2.23 -61.78
C LEU F 115 23.61 1.36 -60.54
N ILE F 116 23.54 0.05 -60.69
CA ILE F 116 23.70 -0.83 -59.53
C ILE F 116 25.15 -0.87 -59.09
N PHE F 117 26.06 -0.88 -60.07
CA PHE F 117 27.47 -0.72 -59.79
C PHE F 117 27.73 0.64 -59.15
N PHE F 118 27.00 1.66 -59.59
CA PHE F 118 27.08 2.97 -58.98
C PHE F 118 26.64 2.96 -57.53
N TYR F 119 25.55 2.26 -57.22
CA TYR F 119 25.06 2.24 -55.84
C TYR F 119 25.98 1.45 -54.91
N ILE F 120 26.53 0.36 -55.42
CA ILE F 120 27.49 -0.42 -54.64
C ILE F 120 28.73 0.41 -54.35
N MET F 121 29.26 1.09 -55.35
CA MET F 121 30.42 1.91 -55.06
C MET F 121 30.07 3.18 -54.29
N PHE F 122 28.80 3.56 -54.28
CA PHE F 122 28.32 4.67 -53.46
C PHE F 122 28.44 4.35 -51.98
N GLU F 123 27.86 3.23 -51.55
CA GLU F 123 28.01 2.93 -50.13
C GLU F 123 29.39 2.38 -49.81
N ALA F 124 30.13 1.93 -50.82
CA ALA F 124 31.54 1.67 -50.64
C ALA F 124 32.33 2.94 -50.38
N THR F 125 31.91 4.06 -50.97
CA THR F 125 32.47 5.34 -50.58
C THR F 125 32.14 5.65 -49.13
N LEU F 126 30.94 5.27 -48.70
CA LEU F 126 30.54 5.52 -47.31
C LEU F 126 31.44 4.83 -46.30
N VAL F 127 31.61 3.51 -46.42
CA VAL F 127 32.09 2.70 -45.29
C VAL F 127 33.50 3.01 -44.75
N PRO F 128 34.52 3.51 -45.51
CA PRO F 128 35.78 3.78 -44.81
C PRO F 128 35.77 5.13 -44.10
N THR F 129 34.93 6.04 -44.61
CA THR F 129 34.89 7.40 -44.10
C THR F 129 34.45 7.43 -42.65
N LEU F 130 33.54 6.53 -42.28
CA LEU F 130 33.14 6.38 -40.90
C LEU F 130 34.30 5.94 -40.02
N ILE F 131 35.09 4.97 -40.49
CA ILE F 131 36.22 4.47 -39.72
C ILE F 131 37.26 5.55 -39.54
N ILE F 132 37.46 6.39 -40.56
CA ILE F 132 38.41 7.50 -40.46
C ILE F 132 37.96 8.51 -39.40
N ILE F 133 36.71 8.99 -39.52
CA ILE F 133 36.27 10.04 -38.61
C ILE F 133 36.12 9.51 -37.18
N THR F 134 35.77 8.25 -37.04
CA THR F 134 35.51 7.75 -35.70
C THR F 134 36.79 7.34 -35.00
N ARG F 135 37.82 6.95 -35.74
CA ARG F 135 39.05 6.61 -35.06
C ARG F 135 39.93 7.82 -34.82
N TRP F 136 39.94 8.80 -35.72
CA TRP F 136 40.83 9.95 -35.52
C TRP F 136 40.09 11.27 -35.43
N GLY F 137 38.89 11.27 -34.85
CA GLY F 137 38.13 12.51 -34.79
C GLY F 137 38.71 13.57 -33.86
N ASN F 138 39.37 13.15 -32.78
CA ASN F 138 40.03 14.05 -31.81
C ASN F 138 39.03 15.02 -31.17
N GLN F 139 37.85 14.51 -30.82
CA GLN F 139 36.88 15.23 -30.00
C GLN F 139 36.04 14.15 -29.32
N THR F 140 34.93 14.55 -28.67
CA THR F 140 34.18 13.62 -27.83
C THR F 140 32.79 13.25 -28.31
N GLU F 141 32.24 13.91 -29.32
CA GLU F 141 30.97 13.49 -29.86
C GLU F 141 31.11 12.84 -31.23
N ARG F 142 32.34 12.58 -31.65
CA ARG F 142 32.63 11.96 -32.94
C ARG F 142 31.94 10.61 -33.11
N LEU F 143 31.71 9.92 -31.99
CA LEU F 143 31.03 8.64 -31.98
C LEU F 143 29.59 8.79 -32.46
N ASN F 144 28.86 9.69 -31.81
CA ASN F 144 27.49 10.04 -32.21
C ASN F 144 27.46 10.62 -33.61
N ALA F 145 28.52 11.33 -34.01
CA ALA F 145 28.59 11.90 -35.35
C ALA F 145 28.62 10.80 -36.41
N GLY F 146 29.49 9.82 -36.22
CA GLY F 146 29.56 8.70 -37.17
C GLY F 146 28.28 7.89 -37.19
N LEU F 147 27.63 7.73 -36.04
CA LEU F 147 26.40 6.96 -35.98
C LEU F 147 25.28 7.63 -36.76
N TYR F 148 25.07 8.94 -36.51
CA TYR F 148 24.11 9.72 -37.27
C TYR F 148 24.42 9.69 -38.75
N PHE F 149 25.71 9.82 -39.09
CA PHE F 149 26.19 9.83 -40.46
C PHE F 149 25.74 8.58 -41.21
N LEU F 150 26.05 7.41 -40.66
CA LEU F 150 25.81 6.21 -41.44
C LEU F 150 24.32 5.93 -41.52
N PHE F 151 23.56 6.20 -40.46
CA PHE F 151 22.15 5.84 -40.53
C PHE F 151 21.39 6.78 -41.46
N TYR F 152 21.74 8.08 -41.47
CA TYR F 152 21.13 8.99 -42.44
C TYR F 152 21.46 8.58 -43.87
N THR F 153 22.74 8.34 -44.17
CA THR F 153 23.10 8.11 -45.56
C THR F 153 22.57 6.76 -46.06
N LEU F 154 22.60 5.72 -45.23
CA LEU F 154 22.02 4.45 -45.62
C LEU F 154 20.51 4.55 -45.78
N ALA F 155 19.79 4.93 -44.70
CA ALA F 155 18.33 4.88 -44.71
C ALA F 155 17.72 5.84 -45.70
N GLY F 156 18.42 6.90 -46.09
CA GLY F 156 17.97 7.65 -47.22
C GLY F 156 18.25 6.90 -48.50
N SER F 157 19.47 6.38 -48.63
CA SER F 157 19.87 5.80 -49.90
C SER F 157 19.44 4.36 -50.06
N LEU F 158 18.76 3.78 -49.08
CA LEU F 158 18.37 2.37 -49.17
C LEU F 158 17.27 2.09 -50.20
N PRO F 159 16.11 2.76 -50.21
CA PRO F 159 15.07 2.36 -51.19
C PRO F 159 15.39 2.73 -52.62
N LEU F 160 16.39 3.58 -52.83
CA LEU F 160 16.94 3.83 -54.16
C LEU F 160 17.37 2.54 -54.84
N LEU F 161 17.92 1.60 -54.07
CA LEU F 161 18.26 0.29 -54.59
C LEU F 161 17.04 -0.43 -55.11
N VAL F 162 15.94 -0.41 -54.36
CA VAL F 162 14.73 -1.11 -54.77
C VAL F 162 14.14 -0.50 -56.02
N ALA F 163 14.17 0.83 -56.11
CA ALA F 163 13.66 1.50 -57.30
C ALA F 163 14.51 1.20 -58.53
N LEU F 164 15.83 1.16 -58.35
CA LEU F 164 16.69 0.82 -59.48
C LEU F 164 16.51 -0.62 -59.93
N ILE F 165 16.29 -1.54 -59.00
CA ILE F 165 16.05 -2.92 -59.38
C ILE F 165 14.73 -3.04 -60.13
N TYR F 166 13.72 -2.30 -59.69
CA TYR F 166 12.44 -2.23 -60.38
C TYR F 166 12.61 -1.72 -61.80
N ILE F 167 13.46 -0.71 -61.99
CA ILE F 167 13.80 -0.22 -63.32
C ILE F 167 14.52 -1.31 -64.13
N GLN F 168 15.42 -2.04 -63.48
CA GLN F 168 16.21 -3.08 -64.15
C GLN F 168 15.34 -4.20 -64.68
N ASN F 169 14.28 -4.54 -63.98
CA ASN F 169 13.46 -5.64 -64.46
C ASN F 169 12.06 -5.21 -64.91
N THR F 170 11.85 -3.93 -65.19
CA THR F 170 10.68 -3.53 -65.95
C THR F 170 11.01 -2.96 -67.32
N MET F 171 12.26 -2.61 -67.60
CA MET F 171 12.64 -2.01 -68.88
C MET F 171 13.70 -2.80 -69.61
N GLY F 172 14.68 -3.34 -68.89
CA GLY F 172 15.86 -3.88 -69.54
C GLY F 172 17.09 -3.44 -68.78
N SER F 173 18.22 -3.30 -69.46
CA SER F 173 19.46 -3.07 -68.76
C SER F 173 19.58 -1.63 -68.28
N LEU F 174 20.64 -1.38 -67.52
CA LEU F 174 20.95 -0.07 -66.96
C LEU F 174 22.30 0.44 -67.42
N ASN F 175 22.62 0.23 -68.68
CA ASN F 175 23.58 1.11 -69.31
C ASN F 175 22.98 2.51 -69.30
N PHE F 176 23.82 3.50 -69.06
CA PHE F 176 23.36 4.88 -69.08
C PHE F 176 22.90 5.31 -70.47
N LEU F 177 23.46 4.71 -71.52
CA LEU F 177 23.03 5.05 -72.86
C LEU F 177 21.70 4.37 -73.20
N ILE F 178 21.57 3.13 -72.74
CA ILE F 178 20.34 2.37 -72.95
C ILE F 178 19.32 2.75 -71.89
N LEU F 179 19.74 3.36 -70.79
CA LEU F 179 18.79 4.20 -70.06
C LEU F 179 18.38 5.38 -70.91
N GLN F 180 19.36 5.98 -71.58
CA GLN F 180 19.06 6.93 -72.63
C GLN F 180 18.76 6.11 -73.89
N TYR F 181 18.43 6.76 -74.98
CA TYR F 181 18.06 6.20 -76.28
C TYR F 181 16.85 5.25 -76.27
N TRP F 182 16.30 4.93 -75.09
CA TRP F 182 15.17 4.03 -74.88
C TRP F 182 14.15 4.51 -73.89
N VAL F 183 14.36 5.66 -73.23
CA VAL F 183 13.56 5.98 -72.06
C VAL F 183 12.15 6.38 -72.48
N GLN F 184 11.18 5.60 -72.03
CA GLN F 184 9.83 6.03 -72.34
C GLN F 184 9.36 7.02 -71.27
N PRO F 185 8.60 8.04 -71.67
CA PRO F 185 8.11 9.01 -70.69
C PRO F 185 7.07 8.38 -69.78
N MET F 186 7.25 8.55 -68.48
CA MET F 186 6.32 7.81 -67.63
C MET F 186 5.25 8.73 -67.07
N PRO F 187 3.99 8.31 -67.10
CA PRO F 187 2.90 9.22 -66.74
C PRO F 187 2.79 9.51 -65.26
N ASN F 188 1.79 10.29 -64.86
CA ASN F 188 1.67 10.78 -63.48
C ASN F 188 0.58 10.02 -62.73
N SER F 189 0.79 8.74 -62.52
CA SER F 189 0.01 8.00 -61.54
C SER F 189 0.73 8.11 -60.20
N TRP F 190 0.28 7.37 -59.19
CA TRP F 190 0.91 7.57 -57.90
C TRP F 190 2.18 6.74 -57.74
N SER F 191 2.29 5.60 -58.44
CA SER F 191 3.51 4.80 -58.33
C SER F 191 4.69 5.49 -58.96
N ASN F 192 4.46 6.22 -60.05
CA ASN F 192 5.53 7.01 -60.63
C ASN F 192 5.95 8.12 -59.69
N THR F 193 4.98 8.67 -58.95
CA THR F 193 5.29 9.68 -57.95
C THR F 193 6.17 9.11 -56.85
N PHE F 194 5.86 7.90 -56.38
CA PHE F 194 6.70 7.30 -55.35
C PHE F 194 8.08 6.94 -55.87
N MET F 195 8.19 6.50 -57.13
CA MET F 195 9.50 6.11 -57.63
C MET F 195 10.41 7.32 -57.78
N TRP F 196 9.86 8.41 -58.32
CA TRP F 196 10.60 9.66 -58.39
C TRP F 196 10.95 10.17 -57.02
N LEU F 197 10.02 10.06 -56.08
CA LEU F 197 10.27 10.57 -54.74
C LEU F 197 11.30 9.71 -54.03
N ALA F 198 11.38 8.43 -54.38
CA ALA F 198 12.38 7.55 -53.78
C ALA F 198 13.77 7.93 -54.23
N CYS F 199 13.98 8.04 -55.55
CA CYS F 199 15.32 8.37 -56.07
C CYS F 199 15.75 9.76 -55.64
N MET F 200 14.86 10.74 -55.80
CA MET F 200 15.19 12.10 -55.41
C MET F 200 15.36 12.24 -53.91
N MET F 201 14.63 11.46 -53.10
CA MET F 201 14.75 11.58 -51.66
C MET F 201 16.06 10.99 -51.18
N ALA F 202 16.52 9.91 -51.83
CA ALA F 202 17.85 9.37 -51.51
C ALA F 202 18.94 10.39 -51.77
N PHE F 203 18.88 11.06 -52.92
CA PHE F 203 19.97 12.01 -53.12
C PHE F 203 19.77 13.32 -52.38
N MET F 204 18.51 13.70 -52.08
CA MET F 204 18.25 14.80 -51.15
C MET F 204 18.90 14.57 -49.80
N VAL F 205 18.86 13.32 -49.33
CA VAL F 205 19.60 12.95 -48.13
C VAL F 205 21.08 13.19 -48.34
N LYS F 206 21.59 12.83 -49.52
CA LYS F 206 23.04 12.84 -49.66
C LYS F 206 23.62 14.26 -49.79
N MET F 207 22.85 15.24 -50.29
CA MET F 207 23.45 16.53 -50.66
C MET F 207 23.95 17.38 -49.49
N PRO F 208 23.21 17.57 -48.39
CA PRO F 208 21.83 17.35 -47.97
C PRO F 208 20.98 18.46 -48.55
N LEU F 209 19.67 18.31 -48.44
CA LEU F 209 18.77 19.43 -48.57
C LEU F 209 18.64 20.06 -47.18
N TYR F 210 17.72 20.99 -46.99
CA TYR F 210 17.65 21.67 -45.72
C TYR F 210 17.08 20.80 -44.61
N GLY F 211 16.04 20.04 -44.88
CA GLY F 211 15.37 19.31 -43.83
C GLY F 211 16.10 18.11 -43.27
N LEU F 212 17.25 17.77 -43.81
CA LEU F 212 18.00 16.57 -43.43
C LEU F 212 19.48 16.91 -43.29
N HIS F 213 19.78 18.09 -42.77
CA HIS F 213 21.11 18.64 -42.94
C HIS F 213 21.97 18.56 -41.70
N LEU F 214 21.41 18.29 -40.52
CA LEU F 214 22.24 18.17 -39.33
C LEU F 214 23.06 16.88 -39.32
N TRP F 215 22.78 15.97 -40.25
CA TRP F 215 23.72 14.97 -40.73
C TRP F 215 25.15 15.45 -40.83
N LEU F 216 25.35 16.54 -41.52
CA LEU F 216 26.66 17.01 -41.93
C LEU F 216 27.51 17.75 -40.90
N PRO F 217 27.04 18.81 -40.21
CA PRO F 217 27.99 19.70 -39.53
C PRO F 217 28.66 19.08 -38.33
N LYS F 218 27.98 18.17 -37.63
CA LYS F 218 28.64 17.39 -36.60
C LYS F 218 29.74 16.51 -37.18
N ALA F 219 29.42 15.87 -38.30
CA ALA F 219 30.39 15.02 -38.99
C ALA F 219 31.54 15.84 -39.56
N HIS F 220 31.32 17.10 -39.90
CA HIS F 220 32.45 17.91 -40.31
C HIS F 220 33.29 18.36 -39.13
N VAL F 221 32.66 18.92 -38.09
CA VAL F 221 33.45 19.52 -37.02
C VAL F 221 34.07 18.49 -36.08
N GLU F 222 33.73 17.22 -36.21
CA GLU F 222 34.30 16.21 -35.33
C GLU F 222 35.09 15.16 -36.09
N ALA F 223 35.84 15.61 -37.10
CA ALA F 223 36.53 14.74 -38.03
C ALA F 223 37.98 15.21 -38.17
N PRO F 224 38.88 14.33 -38.57
CA PRO F 224 40.21 14.80 -38.98
C PRO F 224 40.12 15.52 -40.31
N ILE F 225 41.21 16.21 -40.65
CA ILE F 225 41.24 17.07 -41.82
C ILE F 225 41.08 16.29 -43.10
N ALA F 226 41.60 15.06 -43.14
CA ALA F 226 41.48 14.24 -44.33
C ALA F 226 40.04 13.82 -44.56
N GLY F 227 39.40 13.27 -43.52
CA GLY F 227 38.01 12.90 -43.61
C GLY F 227 37.09 14.08 -43.83
N SER F 228 37.44 15.23 -43.23
CA SER F 228 36.62 16.42 -43.42
C SER F 228 36.68 16.91 -44.86
N MET F 229 37.86 16.93 -45.48
CA MET F 229 37.96 17.43 -46.84
C MET F 229 37.33 16.46 -47.84
N VAL F 230 37.67 15.17 -47.74
CA VAL F 230 37.07 14.18 -48.62
C VAL F 230 35.56 14.15 -48.45
N LEU F 231 35.10 14.21 -47.20
CA LEU F 231 33.68 14.23 -46.87
C LEU F 231 32.98 15.37 -47.58
N ALA F 232 33.36 16.62 -47.26
CA ALA F 232 32.75 17.82 -47.82
C ALA F 232 32.79 17.84 -49.34
N ALA F 233 34.00 17.98 -49.89
CA ALA F 233 34.14 18.15 -51.33
C ALA F 233 33.67 16.92 -52.10
N ILE F 234 34.32 15.79 -51.86
CA ILE F 234 34.13 14.68 -52.77
C ILE F 234 32.79 14.01 -52.53
N LEU F 235 32.34 13.88 -51.27
CA LEU F 235 31.08 13.19 -51.05
C LEU F 235 29.87 14.04 -51.47
N LEU F 236 29.86 15.34 -51.16
CA LEU F 236 28.68 16.09 -51.53
C LEU F 236 28.62 16.32 -53.03
N LYS F 237 29.78 16.48 -53.65
CA LYS F 237 29.77 16.67 -55.08
C LYS F 237 29.55 15.35 -55.79
N LEU F 238 29.79 14.23 -55.11
CA LEU F 238 29.41 12.93 -55.63
C LEU F 238 27.90 12.75 -55.63
N GLY F 239 27.24 13.21 -54.56
CA GLY F 239 25.78 13.18 -54.55
C GLY F 239 25.18 13.99 -55.68
N GLY F 240 25.75 15.17 -55.94
CA GLY F 240 25.30 15.97 -57.08
C GLY F 240 25.53 15.30 -58.42
N TYR F 241 26.69 14.67 -58.58
CA TYR F 241 27.03 13.90 -59.79
C TYR F 241 26.02 12.80 -60.04
N GLY F 242 25.67 12.05 -59.00
CA GLY F 242 24.70 10.98 -59.14
C GLY F 242 23.32 11.48 -59.48
N MET F 243 22.94 12.66 -58.96
CA MET F 243 21.64 13.20 -59.32
C MET F 243 21.60 13.67 -60.76
N MET F 244 22.67 14.31 -61.23
CA MET F 244 22.81 14.67 -62.64
C MET F 244 22.72 13.46 -63.55
N ARG F 245 23.18 12.30 -63.10
CA ARG F 245 23.00 11.11 -63.92
C ARG F 245 21.57 10.60 -63.90
N ILE F 246 20.98 10.44 -62.71
CA ILE F 246 19.69 9.75 -62.64
C ILE F 246 18.52 10.62 -63.06
N THR F 247 18.71 11.91 -63.23
CA THR F 247 17.58 12.75 -63.63
C THR F 247 17.16 12.59 -65.08
N LEU F 248 17.86 11.78 -65.89
CA LEU F 248 17.52 11.67 -67.30
C LEU F 248 16.21 10.92 -67.51
N LEU F 249 15.84 10.06 -66.57
CA LEU F 249 14.52 9.44 -66.58
C LEU F 249 13.53 10.30 -65.80
N LEU F 250 12.25 9.91 -65.92
CA LEU F 250 11.12 10.53 -65.20
C LEU F 250 11.03 12.03 -65.45
N ASN F 251 11.37 12.42 -66.67
CA ASN F 251 11.18 13.81 -67.07
C ASN F 251 9.75 14.33 -67.03
N PRO F 252 8.73 13.73 -67.67
CA PRO F 252 7.46 14.45 -67.80
C PRO F 252 6.60 14.47 -66.55
N ILE F 253 7.10 14.04 -65.40
CA ILE F 253 6.38 14.20 -64.15
C ILE F 253 7.08 15.11 -63.16
N THR F 254 8.40 15.28 -63.27
CA THR F 254 9.14 16.02 -62.26
C THR F 254 8.82 17.51 -62.30
N ASP F 255 8.25 18.00 -63.40
CA ASP F 255 7.69 19.34 -63.42
C ASP F 255 6.53 19.45 -62.45
N PHE F 256 5.64 18.46 -62.48
CA PHE F 256 4.45 18.51 -61.65
C PHE F 256 4.79 18.23 -60.20
N MET F 257 5.75 17.34 -59.96
CA MET F 257 6.00 16.82 -58.63
C MET F 257 7.27 17.37 -58.01
N ALA F 258 7.91 18.35 -58.62
CA ALA F 258 9.16 18.89 -58.08
C ALA F 258 9.03 20.35 -57.64
N TYR F 259 7.82 20.81 -57.37
CA TYR F 259 7.69 22.12 -56.75
C TYR F 259 8.28 22.14 -55.34
N PRO F 260 7.73 21.42 -54.32
CA PRO F 260 7.96 21.82 -52.91
C PRO F 260 9.40 21.74 -52.46
N PHE F 261 10.22 20.98 -53.19
CA PHE F 261 11.63 20.89 -52.85
C PHE F 261 12.36 22.18 -53.20
N ILE F 262 11.89 22.91 -54.21
CA ILE F 262 12.44 24.23 -54.52
C ILE F 262 12.21 25.20 -53.38
N MET F 263 11.00 25.20 -52.82
CA MET F 263 10.67 26.09 -51.71
C MET F 263 11.46 25.73 -50.47
N LEU F 264 11.54 24.42 -50.16
CA LEU F 264 12.36 23.99 -49.03
C LEU F 264 13.82 24.33 -49.25
N SER F 265 14.31 24.21 -50.48
CA SER F 265 15.71 24.48 -50.77
C SER F 265 16.04 25.96 -50.63
N LEU F 266 15.21 26.84 -51.16
CA LEU F 266 15.52 28.27 -51.09
C LEU F 266 15.36 28.82 -49.69
N TRP F 267 14.30 28.42 -48.99
CA TRP F 267 14.17 28.93 -47.64
C TRP F 267 15.23 28.33 -46.72
N GLY F 268 15.66 27.10 -47.01
CA GLY F 268 16.78 26.56 -46.27
C GLY F 268 18.09 27.21 -46.60
N MET F 269 18.23 27.72 -47.83
CA MET F 269 19.43 28.45 -48.19
C MET F 269 19.55 29.74 -47.39
N ILE F 270 18.45 30.46 -47.27
CA ILE F 270 18.49 31.68 -46.48
C ILE F 270 18.68 31.39 -45.00
N MET F 271 18.00 30.36 -44.47
CA MET F 271 18.16 30.03 -43.05
C MET F 271 19.54 29.50 -42.74
N THR F 272 20.18 28.81 -43.68
CA THR F 272 21.52 28.29 -43.46
C THR F 272 22.56 29.40 -43.49
N SER F 273 22.42 30.33 -44.45
CA SER F 273 23.32 31.47 -44.43
C SER F 273 23.10 32.35 -43.22
N SER F 274 21.89 32.35 -42.66
CA SER F 274 21.68 33.10 -41.42
C SER F 274 22.19 32.37 -40.18
N ILE F 275 22.14 31.04 -40.17
CA ILE F 275 22.62 30.34 -38.98
C ILE F 275 24.13 30.35 -38.94
N CYS F 276 24.79 30.46 -40.08
CA CYS F 276 26.24 30.59 -40.03
C CYS F 276 26.68 32.04 -39.95
N LEU F 277 25.82 32.92 -39.49
CA LEU F 277 26.19 34.30 -39.27
C LEU F 277 26.56 34.55 -37.82
N ARG F 278 26.14 33.67 -36.92
CA ARG F 278 26.16 33.99 -35.53
C ARG F 278 26.76 32.88 -34.67
N GLN F 279 27.16 31.76 -35.25
CA GLN F 279 27.80 30.73 -34.46
C GLN F 279 29.23 31.08 -34.07
N THR F 280 29.66 30.49 -32.96
CA THR F 280 31.06 30.30 -32.63
C THR F 280 31.55 29.06 -33.36
N ASP F 281 32.72 28.53 -32.96
CA ASP F 281 33.29 27.30 -33.49
C ASP F 281 33.51 27.40 -35.00
N LEU F 282 34.55 28.18 -35.34
CA LEU F 282 35.02 28.51 -36.69
C LEU F 282 34.92 27.38 -37.70
N LYS F 283 35.16 26.14 -37.26
CA LYS F 283 35.04 24.96 -38.09
C LYS F 283 33.62 24.78 -38.64
N SER F 284 32.60 25.22 -37.92
CA SER F 284 31.23 24.95 -38.35
C SER F 284 30.76 25.83 -39.48
N LEU F 285 31.36 27.03 -39.63
CA LEU F 285 30.89 27.98 -40.62
C LEU F 285 31.09 27.47 -42.03
N ILE F 286 32.17 26.71 -42.25
CA ILE F 286 32.45 26.21 -43.57
C ILE F 286 31.49 25.08 -43.92
N ALA F 287 31.08 24.29 -42.91
CA ALA F 287 30.06 23.28 -43.12
C ALA F 287 28.73 23.91 -43.52
N TYR F 288 28.34 24.99 -42.85
CA TYR F 288 27.09 25.62 -43.25
C TYR F 288 27.22 26.37 -44.57
N SER F 289 28.42 26.82 -44.92
CA SER F 289 28.66 27.35 -46.26
C SER F 289 28.42 26.29 -47.31
N SER F 290 28.87 25.07 -47.02
CA SER F 290 28.67 23.95 -47.92
C SER F 290 27.19 23.63 -48.08
N VAL F 291 26.43 23.73 -47.00
CA VAL F 291 25.00 23.47 -47.09
C VAL F 291 24.31 24.54 -47.92
N SER F 292 24.77 25.79 -47.82
CA SER F 292 24.21 26.87 -48.64
C SER F 292 24.44 26.62 -50.13
N HIS F 293 25.69 26.32 -50.50
CA HIS F 293 26.01 26.03 -51.89
C HIS F 293 25.26 24.81 -52.41
N MET F 294 25.12 23.76 -51.60
CA MET F 294 24.45 22.57 -52.10
C MET F 294 22.95 22.76 -52.24
N ALA F 295 22.36 23.63 -51.42
CA ALA F 295 20.96 23.98 -51.64
C ALA F 295 20.80 24.70 -52.98
N LEU F 296 21.76 25.57 -53.30
CA LEU F 296 21.70 26.25 -54.60
C LEU F 296 21.88 25.26 -55.75
N VAL F 297 22.72 24.25 -55.55
CA VAL F 297 22.91 23.20 -56.54
C VAL F 297 21.63 22.41 -56.76
N ILE F 298 20.90 22.14 -55.68
CA ILE F 298 19.65 21.38 -55.79
C ILE F 298 18.59 22.16 -56.55
N VAL F 299 18.54 23.48 -56.36
CA VAL F 299 17.70 24.31 -57.21
C VAL F 299 18.12 24.16 -58.66
N ALA F 300 19.44 24.15 -58.88
CA ALA F 300 19.96 24.06 -60.23
C ALA F 300 19.64 22.73 -60.91
N ILE F 301 19.52 21.65 -60.15
CA ILE F 301 19.22 20.38 -60.80
C ILE F 301 17.71 20.18 -60.96
N LEU F 302 16.90 20.71 -60.05
CA LEU F 302 15.46 20.61 -60.24
C LEU F 302 14.97 21.44 -61.41
N ILE F 303 15.58 22.57 -61.69
CA ILE F 303 15.31 23.16 -63.00
C ILE F 303 16.14 22.41 -64.03
N GLN F 304 15.72 22.45 -65.30
CA GLN F 304 16.34 21.58 -66.28
C GLN F 304 16.89 22.32 -67.49
N THR F 305 17.65 23.33 -67.26
CA THR F 305 18.24 24.16 -68.31
C THR F 305 19.72 23.82 -68.49
N PRO F 306 20.24 23.84 -69.72
CA PRO F 306 21.68 23.63 -69.90
C PRO F 306 22.52 24.70 -69.24
N TRP F 307 22.01 25.93 -69.19
CA TRP F 307 22.61 26.96 -68.34
C TRP F 307 22.69 26.51 -66.91
N SER F 308 21.62 25.88 -66.43
CA SER F 308 21.58 25.40 -65.06
C SER F 308 22.55 24.26 -64.84
N TYR F 309 22.72 23.39 -65.83
CA TYR F 309 23.62 22.27 -65.60
C TYR F 309 25.08 22.69 -65.67
N MET F 310 25.40 23.63 -66.56
CA MET F 310 26.78 24.15 -66.61
C MET F 310 27.12 24.89 -65.33
N GLY F 311 26.19 25.73 -64.85
CA GLY F 311 26.41 26.38 -63.57
C GLY F 311 26.47 25.41 -62.41
N ALA F 312 25.75 24.30 -62.51
CA ALA F 312 25.74 23.31 -61.45
C ALA F 312 27.09 22.63 -61.31
N THR F 313 27.64 22.12 -62.42
CA THR F 313 28.92 21.43 -62.32
C THR F 313 30.06 22.38 -62.01
N ALA F 314 29.97 23.64 -62.45
CA ALA F 314 31.01 24.60 -62.08
C ALA F 314 30.93 24.93 -60.59
N LEU F 315 29.71 25.04 -60.06
CA LEU F 315 29.54 25.34 -58.64
C LEU F 315 30.06 24.20 -57.79
N MET F 316 29.80 22.97 -58.23
CA MET F 316 30.33 21.79 -57.56
C MET F 316 31.85 21.82 -57.46
N ILE F 317 32.53 21.99 -58.60
CA ILE F 317 33.99 21.92 -58.58
C ILE F 317 34.60 23.05 -57.77
N ALA F 318 34.07 24.28 -57.95
CA ALA F 318 34.63 25.43 -57.27
C ALA F 318 34.42 25.35 -55.78
N HIS F 319 33.24 24.94 -55.33
CA HIS F 319 33.05 24.92 -53.90
C HIS F 319 33.76 23.74 -53.25
N GLY F 320 33.98 22.66 -54.00
CA GLY F 320 34.83 21.60 -53.49
C GLY F 320 36.22 22.09 -53.17
N LEU F 321 36.83 22.82 -54.11
CA LEU F 321 38.16 23.37 -53.88
C LEU F 321 38.17 24.39 -52.74
N THR F 322 37.20 25.30 -52.74
CA THR F 322 37.18 26.39 -51.77
C THR F 322 36.97 25.89 -50.35
N SER F 323 35.95 25.04 -50.16
CA SER F 323 35.65 24.56 -48.82
C SER F 323 36.72 23.61 -48.31
N SER F 324 37.36 22.84 -49.21
CA SER F 324 38.47 22.01 -48.77
C SER F 324 39.63 22.85 -48.27
N MET F 325 39.97 23.91 -49.01
CA MET F 325 41.05 24.79 -48.59
C MET F 325 40.74 25.45 -47.25
N LEU F 326 39.52 25.97 -47.10
CA LEU F 326 39.22 26.72 -45.91
C LEU F 326 39.10 25.82 -44.68
N PHE F 327 38.74 24.55 -44.89
CA PHE F 327 38.92 23.55 -43.86
C PHE F 327 40.38 23.41 -43.47
N CYS F 328 41.29 23.42 -44.46
CA CYS F 328 42.70 23.28 -44.11
C CYS F 328 43.23 24.48 -43.33
N LEU F 329 42.74 25.69 -43.65
CA LEU F 329 43.12 26.85 -42.85
C LEU F 329 42.59 26.75 -41.43
N ALA F 330 41.35 26.26 -41.28
CA ALA F 330 40.79 26.06 -39.95
C ALA F 330 41.60 25.06 -39.15
N ASN F 331 42.06 23.99 -39.81
CA ASN F 331 42.90 23.03 -39.12
C ASN F 331 44.24 23.63 -38.73
N SER F 332 44.79 24.52 -39.56
CA SER F 332 46.06 25.13 -39.22
C SER F 332 45.95 26.03 -38.01
N ASN F 333 44.85 26.78 -37.93
CA ASN F 333 44.64 27.63 -36.76
C ASN F 333 44.40 26.79 -35.51
N TYR F 334 43.68 25.67 -35.64
CA TYR F 334 43.45 24.82 -34.48
C TYR F 334 44.72 24.10 -34.03
N GLU F 335 45.61 23.78 -34.95
CA GLU F 335 46.87 23.21 -34.51
C GLU F 335 47.82 24.27 -33.97
N ARG F 336 47.60 25.54 -34.30
CA ARG F 336 48.34 26.60 -33.62
C ARG F 336 47.86 26.74 -32.18
N VAL F 337 46.56 26.80 -31.95
CA VAL F 337 46.02 26.93 -30.62
C VAL F 337 44.91 25.90 -30.43
N HIS F 338 45.09 25.01 -29.44
CA HIS F 338 44.23 23.84 -29.30
C HIS F 338 42.91 24.23 -28.65
N SER F 339 42.07 24.91 -29.45
CA SER F 339 40.87 25.55 -28.92
C SER F 339 39.57 25.05 -29.54
N ARG F 340 39.46 25.11 -30.88
CA ARG F 340 38.32 24.81 -31.76
C ARG F 340 37.23 25.88 -31.67
N THR F 341 37.28 26.73 -30.65
CA THR F 341 36.39 27.86 -30.60
C THR F 341 36.95 28.97 -31.48
N MET F 342 36.24 30.10 -31.55
CA MET F 342 36.68 31.15 -32.46
C MET F 342 37.33 32.32 -31.77
N ILE F 343 36.66 32.92 -30.78
CA ILE F 343 37.03 34.26 -30.31
C ILE F 343 38.30 34.25 -29.46
N LEU F 344 38.81 33.07 -29.12
CA LEU F 344 40.06 32.99 -28.37
C LEU F 344 41.25 33.40 -29.23
N ALA F 345 41.26 32.95 -30.49
CA ALA F 345 42.39 33.20 -31.38
C ALA F 345 42.11 34.40 -32.27
N ARG F 346 42.10 35.57 -31.65
CA ARG F 346 42.00 36.82 -32.38
C ARG F 346 43.37 37.20 -32.94
N GLY F 347 43.45 38.34 -33.59
CA GLY F 347 44.73 38.84 -34.03
C GLY F 347 45.13 38.22 -35.34
N LEU F 348 46.33 37.62 -35.37
CA LEU F 348 46.86 36.83 -36.49
C LEU F 348 46.98 37.59 -37.80
N GLN F 349 46.98 38.91 -37.80
CA GLN F 349 47.49 39.63 -38.96
C GLN F 349 48.98 39.87 -38.80
N THR F 350 49.37 40.32 -37.63
CA THR F 350 50.75 40.59 -37.26
C THR F 350 51.55 39.30 -37.32
N LEU F 351 51.21 38.37 -36.44
CA LEU F 351 51.88 37.10 -36.41
C LEU F 351 51.24 36.17 -37.43
N LEU F 352 52.04 35.25 -37.96
CA LEU F 352 51.77 34.46 -39.16
C LEU F 352 51.37 35.43 -40.27
N PRO F 353 52.32 36.23 -40.79
CA PRO F 353 51.92 37.42 -41.54
C PRO F 353 51.34 37.13 -42.91
N LEU F 354 51.92 36.20 -43.65
CA LEU F 354 51.41 35.89 -44.97
C LEU F 354 50.39 34.76 -44.93
N MET F 355 50.02 34.32 -43.73
CA MET F 355 48.80 33.53 -43.59
C MET F 355 47.58 34.36 -43.94
N ALA F 356 47.68 35.68 -43.72
CA ALA F 356 46.60 36.60 -44.02
C ALA F 356 46.28 36.66 -45.49
N ALA F 357 47.31 36.49 -46.34
CA ALA F 357 47.09 36.46 -47.77
C ALA F 357 46.22 35.27 -48.17
N TRP F 358 46.41 34.14 -47.51
CA TRP F 358 45.63 32.99 -47.90
C TRP F 358 44.23 32.99 -47.29
N TRP F 359 44.06 33.56 -46.10
CA TRP F 359 42.70 33.81 -45.62
C TRP F 359 41.96 34.75 -46.54
N LEU F 360 42.62 35.82 -46.98
CA LEU F 360 42.03 36.76 -47.92
C LEU F 360 41.62 36.07 -49.20
N LEU F 361 42.52 35.26 -49.76
CA LEU F 361 42.26 34.66 -51.06
C LEU F 361 41.15 33.62 -50.98
N ALA F 362 41.17 32.77 -49.94
CA ALA F 362 40.12 31.77 -49.78
C ALA F 362 38.78 32.42 -49.49
N SER F 363 38.76 33.47 -48.66
CA SER F 363 37.50 34.10 -48.34
C SER F 363 36.94 34.90 -49.51
N LEU F 364 37.80 35.38 -50.40
CA LEU F 364 37.23 36.07 -51.55
C LEU F 364 36.74 35.10 -52.59
N THR F 365 37.37 33.93 -52.71
CA THR F 365 36.78 32.91 -53.55
C THR F 365 35.48 32.39 -52.97
N ASN F 366 35.31 32.47 -51.65
CA ASN F 366 34.00 32.20 -51.09
C ASN F 366 33.04 33.36 -51.35
N LEU F 367 33.57 34.58 -51.49
CA LEU F 367 32.77 35.78 -51.63
C LEU F 367 32.05 35.85 -52.97
N ALA F 368 32.42 34.97 -53.92
CA ALA F 368 32.30 35.17 -55.37
C ALA F 368 33.12 36.40 -55.81
N LEU F 369 34.43 36.21 -55.71
CA LEU F 369 35.41 37.06 -56.38
C LEU F 369 35.03 37.23 -57.85
N PRO F 370 35.19 38.42 -58.43
CA PRO F 370 34.45 38.78 -59.67
C PRO F 370 34.90 38.07 -60.94
N PRO F 371 36.11 37.52 -61.05
CA PRO F 371 36.31 36.48 -62.09
C PRO F 371 36.31 35.03 -61.60
N SER F 372 35.94 34.75 -60.36
CA SER F 372 36.12 33.40 -59.84
C SER F 372 35.10 32.42 -60.40
N ILE F 373 35.42 31.14 -60.27
CA ILE F 373 34.57 30.06 -60.77
C ILE F 373 33.31 29.96 -59.93
N ASN F 374 33.41 30.29 -58.64
CA ASN F 374 32.27 30.35 -57.75
C ASN F 374 31.24 31.35 -58.25
N LEU F 375 31.71 32.51 -58.69
CA LEU F 375 30.82 33.53 -59.22
C LEU F 375 30.18 33.08 -60.53
N ILE F 376 30.94 32.37 -61.36
CA ILE F 376 30.41 31.88 -62.63
C ILE F 376 29.28 30.89 -62.39
N GLY F 377 29.49 29.98 -61.45
CA GLY F 377 28.46 29.01 -61.12
C GLY F 377 27.21 29.64 -60.55
N GLU F 378 27.38 30.50 -59.53
CA GLU F 378 26.23 31.16 -58.93
C GLU F 378 25.51 32.06 -59.91
N LEU F 379 26.24 32.69 -60.81
CA LEU F 379 25.63 33.58 -61.78
C LEU F 379 24.77 32.83 -62.75
N PHE F 380 25.26 31.71 -63.28
CA PHE F 380 24.42 31.02 -64.25
C PHE F 380 23.27 30.31 -63.58
N VAL F 381 23.41 29.92 -62.31
CA VAL F 381 22.26 29.41 -61.59
C VAL F 381 21.21 30.49 -61.41
N VAL F 382 21.63 31.71 -61.11
CA VAL F 382 20.67 32.81 -60.93
C VAL F 382 19.99 33.17 -62.25
N MET F 383 20.74 33.13 -63.36
CA MET F 383 20.15 33.38 -64.67
C MET F 383 19.10 32.33 -65.01
N SER F 384 19.43 31.07 -64.80
CA SER F 384 18.51 30.02 -65.17
C SER F 384 17.27 30.02 -64.28
N THR F 385 17.44 30.32 -62.99
CA THR F 385 16.26 30.33 -62.16
C THR F 385 15.42 31.59 -62.38
N PHE F 386 16.01 32.67 -62.88
CA PHE F 386 15.19 33.81 -63.26
C PHE F 386 14.36 33.48 -64.48
N SER F 387 14.92 32.69 -65.39
CA SER F 387 14.10 32.23 -66.51
C SER F 387 13.03 31.24 -66.04
N TRP F 388 13.31 30.52 -64.96
CA TRP F 388 12.31 29.64 -64.38
C TRP F 388 11.16 30.46 -63.82
N SER F 389 11.45 31.50 -63.05
CA SER F 389 10.41 32.37 -62.54
C SER F 389 11.02 33.73 -62.26
N ASN F 390 10.25 34.79 -62.52
CA ASN F 390 10.78 36.14 -62.45
C ASN F 390 10.83 36.70 -61.04
N ILE F 391 10.52 35.91 -60.02
CA ILE F 391 10.40 36.43 -58.67
C ILE F 391 11.44 35.84 -57.73
N THR F 392 12.15 34.79 -58.14
CA THR F 392 13.10 34.09 -57.28
C THR F 392 14.35 34.88 -56.96
N ILE F 393 14.56 36.02 -57.61
CA ILE F 393 15.85 36.70 -57.54
C ILE F 393 16.04 37.43 -56.22
N ILE F 394 14.97 37.62 -55.44
CA ILE F 394 15.10 38.22 -54.12
C ILE F 394 15.83 37.27 -53.20
N LEU F 395 15.47 35.99 -53.22
CA LEU F 395 16.12 35.01 -52.36
C LEU F 395 17.56 34.77 -52.77
N MET F 396 17.83 34.81 -54.08
CA MET F 396 19.20 34.66 -54.57
C MET F 396 20.08 35.83 -54.14
N GLY F 397 19.59 37.06 -54.33
CA GLY F 397 20.40 38.19 -53.93
C GLY F 397 20.54 38.34 -52.43
N LEU F 398 19.52 37.93 -51.67
CA LEU F 398 19.62 38.00 -50.23
C LEU F 398 20.60 36.95 -49.73
N ASN F 399 20.63 35.80 -50.39
CA ASN F 399 21.69 34.81 -50.19
C ASN F 399 23.05 35.43 -50.47
N MET F 400 23.17 36.21 -51.54
CA MET F 400 24.45 36.81 -51.89
C MET F 400 24.92 37.79 -50.83
N VAL F 401 23.99 38.60 -50.31
CA VAL F 401 24.30 39.58 -49.27
C VAL F 401 24.74 38.88 -47.99
N ILE F 402 23.97 37.90 -47.55
CA ILE F 402 24.34 37.22 -46.30
C ILE F 402 25.59 36.37 -46.48
N THR F 403 25.83 35.85 -47.70
CA THR F 403 27.04 35.06 -47.92
C THR F 403 28.28 35.93 -47.83
N ALA F 404 28.22 37.11 -48.44
CA ALA F 404 29.28 38.08 -48.28
C ALA F 404 29.45 38.51 -46.85
N LEU F 405 28.34 38.60 -46.11
CA LEU F 405 28.43 39.08 -44.73
C LEU F 405 29.09 38.07 -43.82
N TYR F 406 28.72 36.78 -43.94
CA TYR F 406 29.38 35.86 -43.02
C TYR F 406 30.81 35.58 -43.45
N SER F 407 31.10 35.65 -44.76
CA SER F 407 32.49 35.54 -45.20
C SER F 407 33.34 36.65 -44.63
N LEU F 408 32.81 37.86 -44.63
CA LEU F 408 33.60 38.97 -44.11
C LEU F 408 33.69 38.91 -42.60
N TYR F 409 32.65 38.40 -41.94
CA TYR F 409 32.70 38.22 -40.48
C TYR F 409 33.78 37.24 -40.08
N MET F 410 33.84 36.11 -40.80
CA MET F 410 34.91 35.14 -40.63
C MET F 410 36.28 35.75 -40.88
N LEU F 411 36.37 36.67 -41.85
CA LEU F 411 37.65 37.29 -42.12
C LEU F 411 38.06 38.25 -41.01
N ILE F 412 37.18 39.17 -40.62
CA ILE F 412 37.60 40.26 -39.77
C ILE F 412 37.31 40.00 -38.29
N THR F 413 36.88 38.80 -37.93
CA THR F 413 36.76 38.50 -36.52
C THR F 413 37.80 37.50 -36.06
N THR F 414 38.05 36.46 -36.85
CA THR F 414 39.07 35.50 -36.48
C THR F 414 40.46 36.08 -36.69
N GLN F 415 40.62 36.96 -37.67
CA GLN F 415 41.96 37.33 -38.08
C GLN F 415 42.07 38.84 -38.24
N ARG F 416 41.63 39.59 -37.24
CA ARG F 416 41.66 41.04 -37.34
C ARG F 416 41.50 41.71 -35.98
N GLY F 417 42.44 42.57 -35.66
CA GLY F 417 42.21 43.64 -34.70
C GLY F 417 43.14 43.71 -33.52
N LYS F 418 43.42 42.56 -32.90
CA LYS F 418 44.22 42.53 -31.68
C LYS F 418 44.63 41.11 -31.32
N HIS F 419 45.93 40.87 -31.19
CA HIS F 419 46.39 39.64 -30.55
C HIS F 419 46.01 39.67 -29.08
N THR F 420 45.55 38.54 -28.56
CA THR F 420 45.02 38.58 -27.20
C THR F 420 46.10 38.55 -26.13
N HIS F 421 47.38 38.47 -26.53
CA HIS F 421 48.58 38.71 -25.71
C HIS F 421 48.59 37.94 -24.39
N HIS F 422 48.03 36.74 -24.42
CA HIS F 422 48.24 35.79 -23.34
C HIS F 422 48.43 34.39 -23.91
N ILE F 423 49.02 34.31 -25.10
CA ILE F 423 48.94 33.11 -25.92
C ILE F 423 50.27 32.36 -25.93
N ASN F 424 51.34 33.02 -26.39
CA ASN F 424 52.74 32.62 -26.47
C ASN F 424 53.05 31.15 -26.75
N ASN F 425 52.38 30.59 -27.74
CA ASN F 425 52.78 29.31 -28.29
C ASN F 425 52.68 29.24 -29.80
N ILE F 426 52.20 30.29 -30.46
CA ILE F 426 52.04 30.24 -31.90
C ILE F 426 53.38 30.50 -32.58
N LEU F 427 53.74 29.64 -33.49
CA LEU F 427 55.02 29.66 -34.15
C LEU F 427 54.88 30.53 -35.38
N PRO F 428 55.95 30.76 -36.14
CA PRO F 428 55.74 31.16 -37.53
C PRO F 428 55.18 30.01 -38.33
N SER F 429 54.59 30.34 -39.46
CA SER F 429 53.92 29.33 -40.26
C SER F 429 54.94 28.47 -40.99
N PHE F 430 54.71 27.16 -40.97
CA PHE F 430 55.63 26.24 -41.60
C PHE F 430 55.54 26.32 -43.11
N THR F 431 56.47 25.63 -43.77
CA THR F 431 56.48 25.61 -45.21
C THR F 431 55.42 24.69 -45.76
N ARG F 432 55.05 23.66 -44.99
CA ARG F 432 54.02 22.74 -45.42
C ARG F 432 52.67 23.43 -45.56
N GLU F 433 52.36 24.34 -44.62
CA GLU F 433 51.09 25.04 -44.66
C GLU F 433 51.00 25.93 -45.87
N ASN F 434 52.06 26.69 -46.15
CA ASN F 434 52.07 27.53 -47.33
C ASN F 434 52.11 26.70 -48.61
N ALA F 435 52.68 25.50 -48.53
CA ALA F 435 52.65 24.57 -49.66
C ALA F 435 51.22 24.12 -49.95
N LEU F 436 50.44 23.88 -48.91
CA LEU F 436 49.06 23.47 -49.12
C LEU F 436 48.19 24.62 -49.58
N MET F 437 48.49 25.84 -49.13
CA MET F 437 47.81 27.02 -49.66
C MET F 437 48.07 27.17 -51.14
N SER F 438 49.32 26.95 -51.55
CA SER F 438 49.65 27.00 -52.97
C SER F 438 48.99 25.87 -53.75
N LEU F 439 48.98 24.67 -53.20
CA LEU F 439 48.36 23.56 -53.90
C LEU F 439 46.85 23.66 -53.96
N HIS F 440 46.25 24.49 -53.11
CA HIS F 440 44.83 24.76 -53.30
C HIS F 440 44.59 25.86 -54.32
N MET F 441 45.34 26.95 -54.27
CA MET F 441 44.98 28.14 -55.05
C MET F 441 45.79 28.33 -56.32
N LEU F 442 46.49 27.34 -56.77
CA LEU F 442 46.87 27.38 -58.16
C LEU F 442 45.80 26.82 -59.12
N PRO F 443 45.16 25.67 -58.87
CA PRO F 443 44.20 25.19 -59.88
C PRO F 443 42.96 26.04 -59.98
N LEU F 444 42.55 26.71 -58.91
CA LEU F 444 41.38 27.56 -59.00
C LEU F 444 41.65 28.77 -59.89
N LEU F 445 42.84 29.33 -59.82
CA LEU F 445 43.14 30.47 -60.69
C LEU F 445 43.42 30.03 -62.12
N LEU F 446 44.02 28.85 -62.30
CA LEU F 446 44.20 28.35 -63.66
C LEU F 446 42.87 28.03 -64.31
N LEU F 447 41.91 27.52 -63.54
CA LEU F 447 40.57 27.31 -64.08
C LEU F 447 39.84 28.63 -64.28
N SER F 448 40.21 29.65 -63.49
CA SER F 448 39.68 30.98 -63.74
C SER F 448 40.15 31.53 -65.07
N LEU F 449 41.35 31.12 -65.52
CA LEU F 449 41.78 31.54 -66.85
C LEU F 449 40.95 30.89 -67.94
N ASN F 450 41.03 29.56 -68.08
CA ASN F 450 40.32 28.87 -69.16
C ASN F 450 39.34 27.89 -68.54
N PRO F 451 38.07 28.27 -68.38
CA PRO F 451 37.12 27.43 -67.66
C PRO F 451 36.29 26.51 -68.52
N LYS F 452 36.35 26.64 -69.86
CA LYS F 452 35.51 25.84 -70.74
C LYS F 452 35.84 24.35 -70.73
N ILE F 453 36.90 23.96 -70.03
CA ILE F 453 37.15 22.55 -69.74
C ILE F 453 36.01 21.95 -68.95
N ILE F 454 35.64 22.59 -67.84
CA ILE F 454 34.92 21.92 -66.77
C ILE F 454 33.43 22.19 -66.79
N LEU F 455 32.91 22.81 -67.83
CA LEU F 455 31.47 22.98 -67.85
C LEU F 455 30.82 21.70 -68.36
N GLY F 456 29.50 21.61 -68.16
CA GLY F 456 28.78 20.37 -68.28
C GLY F 456 28.71 19.78 -69.66
N PRO F 457 28.23 18.54 -69.75
CA PRO F 457 28.09 17.91 -71.07
C PRO F 457 27.05 18.57 -71.92
N LEU F 458 26.11 19.29 -71.33
CA LEU F 458 25.27 20.20 -72.09
C LEU F 458 26.10 21.46 -72.33
N TYR F 459 26.99 21.36 -73.30
CA TYR F 459 27.86 22.46 -73.60
C TYR F 459 27.31 23.14 -74.84
N MET G 1 32.32 -36.99 -19.95
CA MET G 1 32.61 -37.01 -21.36
C MET G 1 33.90 -37.77 -21.65
N ASN G 2 33.95 -38.39 -22.81
CA ASN G 2 35.21 -38.83 -23.38
C ASN G 2 35.26 -38.27 -24.78
N PRO G 3 36.46 -38.06 -25.32
CA PRO G 3 36.55 -37.65 -26.74
C PRO G 3 35.98 -38.68 -27.69
N ILE G 4 36.07 -39.97 -27.34
CA ILE G 4 35.32 -41.01 -28.03
C ILE G 4 33.84 -40.70 -28.03
N ILE G 5 33.31 -40.36 -26.86
CA ILE G 5 31.88 -40.12 -26.71
C ILE G 5 31.46 -38.88 -27.49
N LEU G 6 32.27 -37.84 -27.48
CA LEU G 6 31.91 -36.66 -28.26
C LEU G 6 32.03 -36.88 -29.76
N ILE G 7 33.00 -37.67 -30.22
CA ILE G 7 33.07 -37.94 -31.65
C ILE G 7 31.89 -38.78 -32.09
N ILE G 8 31.45 -39.70 -31.23
CA ILE G 8 30.22 -40.45 -31.49
C ILE G 8 29.01 -39.51 -31.56
N ILE G 9 28.90 -38.59 -30.61
CA ILE G 9 27.71 -37.74 -30.54
C ILE G 9 27.67 -36.73 -31.68
N LEU G 10 28.82 -36.18 -32.07
CA LEU G 10 28.88 -35.32 -33.24
C LEU G 10 28.59 -36.09 -34.51
N MET G 11 29.05 -37.35 -34.58
CA MET G 11 28.69 -38.21 -35.71
C MET G 11 27.19 -38.45 -35.77
N THR G 12 26.52 -38.52 -34.63
CA THR G 12 25.09 -38.71 -34.67
C THR G 12 24.32 -37.45 -35.02
N VAL G 13 24.81 -36.28 -34.63
CA VAL G 13 24.18 -35.05 -35.09
C VAL G 13 24.28 -34.93 -36.60
N MET G 14 25.47 -35.24 -37.13
CA MET G 14 25.67 -35.30 -38.58
C MET G 14 24.75 -36.33 -39.21
N LEU G 15 24.58 -37.47 -38.55
CA LEU G 15 23.76 -38.54 -39.10
C LEU G 15 22.30 -38.14 -39.15
N GLY G 16 21.83 -37.41 -38.14
CA GLY G 16 20.47 -36.93 -38.16
C GLY G 16 20.22 -35.94 -39.28
N THR G 17 21.16 -35.03 -39.49
CA THR G 17 20.97 -34.08 -40.58
C THR G 17 21.05 -34.76 -41.95
N ILE G 18 21.91 -35.76 -42.09
CA ILE G 18 22.02 -36.45 -43.38
C ILE G 18 20.77 -37.26 -43.67
N ILE G 19 20.18 -37.86 -42.64
CA ILE G 19 18.92 -38.59 -42.81
C ILE G 19 17.78 -37.63 -43.19
N VAL G 20 17.77 -36.42 -42.61
CA VAL G 20 16.74 -35.45 -43.01
C VAL G 20 16.94 -35.00 -44.45
N MET G 21 18.19 -34.74 -44.84
CA MET G 21 18.47 -34.34 -46.22
C MET G 21 18.20 -35.43 -47.23
N ILE G 22 18.26 -36.70 -46.82
CA ILE G 22 18.48 -37.76 -47.79
C ILE G 22 17.24 -38.57 -48.12
N SER G 23 16.18 -38.50 -47.32
CA SER G 23 15.13 -39.51 -47.39
C SER G 23 13.95 -39.04 -48.23
N THR G 24 13.11 -40.01 -48.58
CA THR G 24 11.86 -39.79 -49.30
C THR G 24 10.69 -40.41 -48.56
N HIS G 25 10.71 -40.33 -47.25
CA HIS G 25 9.72 -41.03 -46.44
C HIS G 25 9.58 -40.27 -45.14
N TRP G 26 8.34 -39.98 -44.77
CA TRP G 26 8.09 -38.96 -43.74
C TRP G 26 8.52 -39.41 -42.36
N LEU G 27 8.43 -40.71 -42.09
CA LEU G 27 8.87 -41.23 -40.80
C LEU G 27 10.37 -41.05 -40.62
N LEU G 28 11.13 -41.16 -41.71
CA LEU G 28 12.57 -40.93 -41.64
C LEU G 28 12.88 -39.48 -41.33
N ILE G 29 12.05 -38.55 -41.80
CA ILE G 29 12.24 -37.15 -41.46
C ILE G 29 12.00 -36.93 -39.98
N TRP G 30 10.95 -37.54 -39.45
CA TRP G 30 10.63 -37.34 -38.03
C TRP G 30 11.68 -37.96 -37.13
N ILE G 31 12.17 -39.14 -37.49
CA ILE G 31 13.23 -39.80 -36.74
C ILE G 31 14.51 -38.99 -36.82
N GLY G 32 14.76 -38.34 -37.97
CA GLY G 32 15.93 -37.49 -38.09
C GLY G 32 15.90 -36.31 -37.14
N PHE G 33 14.74 -35.65 -37.05
CA PHE G 33 14.63 -34.51 -36.13
C PHE G 33 14.76 -34.94 -34.69
N GLU G 34 14.17 -36.07 -34.35
CA GLU G 34 14.26 -36.58 -32.99
C GLU G 34 15.68 -36.95 -32.61
N MET G 35 16.38 -37.70 -33.47
CA MET G 35 17.76 -38.09 -33.21
C MET G 35 18.67 -36.89 -33.11
N ASN G 36 18.38 -35.86 -33.90
CA ASN G 36 19.14 -34.62 -33.79
C ASN G 36 18.94 -33.98 -32.43
N MET G 37 17.71 -33.98 -31.92
CA MET G 37 17.45 -33.46 -30.57
C MET G 37 18.18 -34.28 -29.50
N LEU G 38 18.03 -35.61 -29.57
CA LEU G 38 18.58 -36.53 -28.58
C LEU G 38 20.07 -36.37 -28.45
N ALA G 39 20.76 -36.25 -29.58
CA ALA G 39 22.19 -36.09 -29.49
C ALA G 39 22.58 -34.66 -29.13
N ILE G 40 21.78 -33.67 -29.51
CA ILE G 40 22.22 -32.30 -29.28
C ILE G 40 22.02 -31.87 -27.83
N ILE G 41 21.29 -32.64 -27.04
CA ILE G 41 21.17 -32.27 -25.62
C ILE G 41 22.50 -32.39 -24.85
N PRO G 42 23.28 -33.48 -24.89
CA PRO G 42 24.52 -33.49 -24.11
C PRO G 42 25.68 -32.74 -24.71
N ILE G 43 25.53 -32.10 -25.86
CA ILE G 43 26.51 -31.08 -26.21
C ILE G 43 26.34 -29.88 -25.30
N MET G 44 25.10 -29.48 -25.05
CA MET G 44 24.81 -28.65 -23.91
C MET G 44 25.07 -29.42 -22.62
N MET G 45 25.15 -28.68 -21.52
CA MET G 45 25.55 -29.22 -20.21
C MET G 45 26.90 -29.93 -20.28
N LYS G 46 27.82 -29.35 -21.05
CA LYS G 46 29.20 -29.79 -20.98
C LYS G 46 29.80 -29.42 -19.63
N LYS G 47 29.37 -28.29 -19.07
CA LYS G 47 29.60 -27.96 -17.67
C LYS G 47 28.38 -28.46 -16.88
N HIS G 48 28.21 -28.03 -15.64
CA HIS G 48 27.07 -28.55 -14.90
C HIS G 48 26.36 -27.48 -14.10
N ASN G 49 26.49 -26.22 -14.50
CA ASN G 49 25.82 -25.13 -13.84
C ASN G 49 24.31 -25.25 -14.01
N PRO G 50 23.52 -24.62 -13.12
CA PRO G 50 22.07 -24.63 -13.32
C PRO G 50 21.61 -23.87 -14.55
N ARG G 51 22.45 -22.96 -15.07
CA ARG G 51 22.14 -22.26 -16.31
C ARG G 51 21.92 -23.24 -17.46
N ALA G 52 22.82 -24.20 -17.61
CA ALA G 52 22.69 -25.18 -18.69
C ALA G 52 21.54 -26.15 -18.45
N THR G 53 21.26 -26.48 -17.20
CA THR G 53 20.15 -27.37 -16.89
C THR G 53 18.82 -26.74 -17.26
N GLU G 54 18.63 -25.48 -16.88
CA GLU G 54 17.40 -24.78 -17.24
C GLU G 54 17.32 -24.54 -18.74
N ALA G 55 18.45 -24.23 -19.38
CA ALA G 55 18.44 -23.94 -20.81
C ALA G 55 18.10 -25.18 -21.61
N SER G 56 18.71 -26.32 -21.26
CA SER G 56 18.39 -27.56 -21.93
C SER G 56 16.99 -28.03 -21.62
N THR G 57 16.44 -27.67 -20.45
CA THR G 57 15.06 -28.01 -20.14
C THR G 57 14.09 -27.27 -21.05
N LYS G 58 14.30 -25.96 -21.20
CA LYS G 58 13.45 -25.15 -22.06
C LYS G 58 13.56 -25.59 -23.50
N TYR G 59 14.78 -25.84 -23.96
CA TYR G 59 14.99 -26.29 -25.33
C TYR G 59 14.33 -27.64 -25.56
N PHE G 60 14.39 -28.53 -24.57
CA PHE G 60 13.80 -29.85 -24.73
C PHE G 60 12.30 -29.76 -24.85
N LEU G 61 11.65 -28.95 -24.00
CA LEU G 61 10.19 -28.88 -24.03
C LEU G 61 9.69 -28.28 -25.35
N THR G 62 10.30 -27.18 -25.79
CA THR G 62 9.88 -26.56 -27.05
C THR G 62 10.17 -27.45 -28.25
N GLN G 63 11.35 -28.08 -28.26
CA GLN G 63 11.72 -28.90 -29.39
C GLN G 63 10.89 -30.17 -29.47
N SER G 64 10.58 -30.79 -28.33
CA SER G 64 9.80 -32.01 -28.36
C SER G 64 8.35 -31.75 -28.73
N THR G 65 7.77 -30.63 -28.27
CA THR G 65 6.41 -30.35 -28.71
C THR G 65 6.37 -29.95 -30.18
N ALA G 66 7.46 -29.39 -30.71
CA ALA G 66 7.52 -29.13 -32.14
C ALA G 66 7.57 -30.43 -32.93
N SER G 67 8.32 -31.42 -32.44
CA SER G 67 8.43 -32.68 -33.16
C SER G 67 7.11 -33.45 -33.16
N MET G 68 6.40 -33.43 -32.02
CA MET G 68 5.12 -34.12 -31.99
C MET G 68 4.07 -33.40 -32.82
N LEU G 69 4.15 -32.07 -32.92
CA LEU G 69 3.25 -31.37 -33.80
C LEU G 69 3.57 -31.65 -35.27
N LEU G 70 4.84 -31.88 -35.60
CA LEU G 70 5.18 -32.31 -36.96
C LEU G 70 4.61 -33.69 -37.27
N MET G 71 4.68 -34.60 -36.31
CA MET G 71 4.08 -35.92 -36.51
C MET G 71 2.56 -35.83 -36.67
N MET G 72 1.93 -34.89 -35.96
CA MET G 72 0.51 -34.61 -36.20
C MET G 72 0.25 -34.16 -37.62
N ALA G 73 1.14 -33.34 -38.18
CA ALA G 73 0.97 -32.89 -39.56
C ALA G 73 1.10 -34.04 -40.54
N ILE G 74 2.04 -34.95 -40.31
CA ILE G 74 2.20 -36.12 -41.17
C ILE G 74 0.96 -37.02 -41.08
N ILE G 75 0.42 -37.19 -39.88
CA ILE G 75 -0.71 -38.08 -39.71
C ILE G 75 -1.99 -37.48 -40.31
N ILE G 76 -2.13 -36.16 -40.29
CA ILE G 76 -3.21 -35.52 -41.05
C ILE G 76 -3.04 -35.74 -42.55
N ASN G 77 -1.79 -35.60 -43.03
CA ASN G 77 -1.49 -35.85 -44.45
C ASN G 77 -1.88 -37.26 -44.87
N LEU G 78 -1.75 -38.24 -43.99
CA LEU G 78 -2.15 -39.57 -44.41
C LEU G 78 -3.57 -39.96 -43.99
N MET G 79 -4.23 -39.17 -43.12
CA MET G 79 -5.68 -39.26 -43.03
C MET G 79 -6.31 -38.84 -44.34
N PHE G 80 -5.73 -37.84 -44.98
CA PHE G 80 -6.02 -37.54 -46.37
C PHE G 80 -5.15 -38.45 -47.24
N SER G 81 -4.89 -38.01 -48.48
CA SER G 81 -4.24 -38.78 -49.54
C SER G 81 -3.02 -39.57 -49.07
N GLY G 82 -3.17 -40.89 -49.10
CA GLY G 82 -2.34 -41.76 -48.29
C GLY G 82 -1.18 -42.40 -49.00
N GLN G 83 -0.02 -41.79 -48.85
CA GLN G 83 1.23 -42.30 -49.39
C GLN G 83 2.35 -41.58 -48.67
N TRP G 84 3.49 -42.24 -48.56
CA TRP G 84 4.61 -41.65 -47.83
C TRP G 84 5.61 -40.96 -48.76
N THR G 85 5.14 -40.14 -49.67
CA THR G 85 6.03 -39.41 -50.57
C THR G 85 6.22 -38.02 -50.02
N VAL G 86 7.47 -37.59 -49.88
CA VAL G 86 7.72 -36.27 -49.33
C VAL G 86 7.49 -35.27 -50.45
N MET G 87 6.28 -34.73 -50.51
CA MET G 87 5.90 -33.86 -51.61
C MET G 87 4.83 -32.91 -51.10
N LYS G 88 4.14 -32.29 -52.05
CA LYS G 88 2.95 -31.47 -51.83
C LYS G 88 1.96 -32.13 -50.88
N LEU G 89 1.58 -31.40 -49.84
CA LEU G 89 0.57 -31.93 -48.93
C LEU G 89 -0.80 -31.77 -49.56
N PHE G 90 -1.82 -32.27 -48.89
CA PHE G 90 -3.15 -32.30 -49.51
C PHE G 90 -4.18 -31.72 -48.57
N ASN G 91 -3.76 -30.84 -47.72
CA ASN G 91 -4.59 -30.17 -46.76
C ASN G 91 -3.91 -28.85 -46.44
N PRO G 92 -4.62 -27.74 -46.52
CA PRO G 92 -4.08 -26.51 -45.93
C PRO G 92 -3.88 -26.60 -44.42
N MET G 93 -4.66 -27.44 -43.72
CA MET G 93 -4.45 -27.60 -42.28
C MET G 93 -3.14 -28.31 -41.98
N ALA G 94 -2.82 -29.35 -42.76
CA ALA G 94 -1.58 -30.07 -42.57
C ALA G 94 -0.38 -29.19 -42.85
N SER G 95 -0.44 -28.39 -43.92
CA SER G 95 0.61 -27.44 -44.22
C SER G 95 0.74 -26.37 -43.16
N MET G 96 -0.40 -25.96 -42.59
CA MET G 96 -0.40 -24.96 -41.52
C MET G 96 0.34 -25.46 -40.30
N LEU G 97 -0.02 -26.66 -39.82
CA LEU G 97 0.66 -27.19 -38.65
C LEU G 97 2.10 -27.56 -38.96
N MET G 98 2.42 -27.89 -40.20
CA MET G 98 3.79 -28.24 -40.51
C MET G 98 4.69 -27.01 -40.50
N THR G 99 4.21 -25.91 -41.08
CA THR G 99 4.95 -24.66 -41.00
C THR G 99 5.05 -24.16 -39.57
N MET G 100 4.02 -24.39 -38.76
CA MET G 100 4.17 -23.96 -37.38
C MET G 100 5.08 -24.88 -36.59
N ALA G 101 5.20 -26.14 -37.01
CA ALA G 101 6.18 -27.03 -36.41
C ALA G 101 7.59 -26.56 -36.72
N LEU G 102 7.85 -26.15 -37.95
CA LEU G 102 9.18 -25.62 -38.24
C LEU G 102 9.42 -24.26 -37.61
N ALA G 103 8.35 -23.48 -37.46
CA ALA G 103 8.50 -22.18 -36.83
C ALA G 103 8.77 -22.29 -35.35
N MET G 104 8.30 -23.37 -34.70
CA MET G 104 8.78 -23.67 -33.37
C MET G 104 10.17 -24.30 -33.40
N LYS G 105 10.51 -25.01 -34.48
CA LYS G 105 11.78 -25.72 -34.55
C LYS G 105 12.96 -24.76 -34.58
N LEU G 106 13.02 -23.91 -35.61
CA LEU G 106 14.20 -23.09 -35.83
C LEU G 106 14.04 -21.64 -35.38
N GLY G 107 12.92 -21.28 -34.77
CA GLY G 107 12.83 -19.95 -34.19
C GLY G 107 12.21 -18.93 -35.11
N MET G 108 10.95 -18.61 -34.87
CA MET G 108 10.28 -17.49 -35.50
C MET G 108 9.53 -16.74 -34.42
N ALA G 109 9.18 -15.49 -34.71
CA ALA G 109 8.79 -14.56 -33.67
C ALA G 109 7.60 -14.93 -32.78
N PRO G 110 6.57 -15.66 -33.20
CA PRO G 110 5.63 -16.18 -32.20
C PRO G 110 6.25 -17.22 -31.32
N PHE G 111 7.32 -17.88 -31.76
CA PHE G 111 7.80 -19.12 -31.19
C PHE G 111 9.26 -19.01 -30.76
N HIS G 112 9.77 -17.80 -30.57
CA HIS G 112 11.20 -17.57 -30.55
C HIS G 112 11.76 -17.33 -29.16
N PHE G 113 10.92 -17.33 -28.13
CA PHE G 113 11.33 -16.95 -26.79
C PHE G 113 12.40 -17.83 -26.21
N TRP G 114 12.47 -19.08 -26.66
CA TRP G 114 13.44 -20.00 -26.11
C TRP G 114 14.85 -19.77 -26.62
N VAL G 115 15.01 -19.12 -27.77
CA VAL G 115 16.32 -19.02 -28.42
C VAL G 115 17.31 -18.17 -27.62
N PRO G 116 17.02 -16.94 -27.15
CA PRO G 116 18.04 -16.24 -26.38
C PRO G 116 18.29 -16.85 -25.02
N GLU G 117 17.24 -17.42 -24.42
CA GLU G 117 17.39 -18.12 -23.16
C GLU G 117 18.32 -19.30 -23.28
N VAL G 118 18.17 -20.08 -24.36
CA VAL G 118 19.00 -21.27 -24.43
C VAL G 118 20.40 -20.91 -24.92
N THR G 119 20.56 -19.83 -25.69
CA THR G 119 21.90 -19.50 -26.13
C THR G 119 22.72 -18.78 -25.08
N GLN G 120 22.09 -18.17 -24.08
CA GLN G 120 22.93 -17.55 -23.07
C GLN G 120 23.51 -18.59 -22.12
N GLY G 121 22.70 -19.55 -21.69
CA GLY G 121 23.08 -20.40 -20.59
C GLY G 121 23.97 -21.59 -20.92
N ILE G 122 24.66 -21.53 -22.05
CA ILE G 122 25.48 -22.65 -22.52
C ILE G 122 26.84 -22.10 -22.90
N PRO G 123 27.85 -22.98 -23.04
CA PRO G 123 29.09 -22.51 -23.66
C PRO G 123 28.94 -22.28 -25.15
N LEU G 124 29.97 -21.71 -25.77
CA LEU G 124 29.88 -21.28 -27.16
C LEU G 124 29.86 -22.41 -28.17
N SER G 125 30.45 -23.56 -27.83
CA SER G 125 30.49 -24.66 -28.79
C SER G 125 29.10 -25.24 -29.04
N SER G 126 28.34 -25.42 -27.97
CA SER G 126 26.97 -25.88 -28.07
C SER G 126 26.11 -24.88 -28.83
N GLY G 127 26.32 -23.59 -28.61
CA GLY G 127 25.58 -22.58 -29.35
C GLY G 127 25.93 -22.59 -30.83
N LEU G 128 27.21 -22.82 -31.14
CA LEU G 128 27.67 -22.93 -32.51
C LEU G 128 26.98 -24.06 -33.24
N ILE G 129 27.02 -25.26 -32.65
CA ILE G 129 26.44 -26.41 -33.32
C ILE G 129 24.92 -26.29 -33.42
N LEU G 130 24.27 -25.68 -32.41
CA LEU G 130 22.81 -25.60 -32.47
C LEU G 130 22.38 -24.61 -33.54
N LEU G 131 22.98 -23.41 -33.59
CA LEU G 131 22.59 -22.42 -34.57
C LEU G 131 22.85 -22.92 -35.99
N THR G 132 24.07 -23.40 -36.26
CA THR G 132 24.43 -23.84 -37.61
C THR G 132 23.62 -25.05 -38.05
N TRP G 133 23.68 -26.15 -37.31
CA TRP G 133 23.01 -27.34 -37.85
C TRP G 133 21.50 -27.29 -37.65
N GLN G 134 21.02 -26.88 -36.48
CA GLN G 134 19.59 -26.83 -36.26
C GLN G 134 18.91 -25.77 -37.13
N LYS G 135 19.64 -24.84 -37.73
CA LYS G 135 19.02 -23.99 -38.71
C LYS G 135 19.37 -24.38 -40.13
N LEU G 136 20.28 -25.34 -40.30
CA LEU G 136 20.50 -25.89 -41.63
C LEU G 136 19.41 -26.88 -42.00
N ALA G 137 19.22 -27.91 -41.17
CA ALA G 137 18.43 -29.08 -41.58
C ALA G 137 16.94 -28.86 -41.89
N PRO G 138 16.16 -28.06 -41.14
CA PRO G 138 14.75 -27.92 -41.53
C PRO G 138 14.51 -27.06 -42.75
N MET G 139 15.49 -26.28 -43.19
CA MET G 139 15.36 -25.59 -44.48
C MET G 139 15.29 -26.57 -45.62
N SER G 140 15.92 -27.73 -45.48
CA SER G 140 15.76 -28.81 -46.44
C SER G 140 14.32 -29.29 -46.50
N VAL G 141 13.68 -29.37 -45.34
CA VAL G 141 12.28 -29.79 -45.26
C VAL G 141 11.38 -28.77 -45.95
N LEU G 142 11.64 -27.48 -45.72
CA LEU G 142 10.86 -26.46 -46.41
C LEU G 142 11.10 -26.48 -47.92
N TYR G 143 12.34 -26.73 -48.34
CA TYR G 143 12.66 -26.84 -49.76
C TYR G 143 11.97 -28.04 -50.39
N GLN G 144 11.66 -29.06 -49.61
CA GLN G 144 10.95 -30.19 -50.17
C GLN G 144 9.43 -29.99 -50.16
N ILE G 145 8.90 -29.14 -49.28
CA ILE G 145 7.45 -28.97 -49.25
C ILE G 145 7.02 -27.58 -49.73
N LEU G 146 7.87 -26.87 -50.46
CA LEU G 146 7.48 -25.55 -50.96
C LEU G 146 6.23 -25.45 -51.86
N PRO G 147 5.82 -26.43 -52.70
CA PRO G 147 4.67 -26.15 -53.58
C PRO G 147 3.33 -26.10 -52.88
N SER G 148 3.22 -26.44 -51.60
CA SER G 148 1.91 -26.49 -50.96
C SER G 148 1.92 -25.67 -49.69
N ILE G 149 2.34 -24.42 -49.77
CA ILE G 149 2.39 -23.55 -48.61
C ILE G 149 1.46 -22.37 -48.84
N ASN G 150 0.55 -22.15 -47.90
CA ASN G 150 -0.14 -20.87 -47.82
C ASN G 150 0.88 -19.78 -47.54
N LEU G 151 0.96 -18.80 -48.42
CA LEU G 151 2.04 -17.81 -48.33
C LEU G 151 1.87 -16.87 -47.15
N ASP G 152 0.65 -16.75 -46.62
CA ASP G 152 0.42 -15.90 -45.47
C ASP G 152 1.18 -16.37 -44.25
N LEU G 153 1.38 -17.68 -44.12
CA LEU G 153 2.22 -18.26 -43.09
C LEU G 153 3.64 -17.72 -43.13
N ILE G 154 4.34 -17.99 -44.24
CA ILE G 154 5.74 -17.61 -44.36
C ILE G 154 5.90 -16.10 -44.35
N LEU G 155 4.94 -15.40 -44.93
CA LEU G 155 4.96 -13.94 -44.93
C LEU G 155 4.87 -13.38 -43.52
N THR G 156 3.86 -13.82 -42.76
CA THR G 156 3.64 -13.31 -41.42
C THR G 156 4.79 -13.67 -40.49
N LEU G 157 5.18 -14.95 -40.50
CA LEU G 157 6.25 -15.40 -39.63
C LEU G 157 7.57 -14.75 -39.98
N SER G 158 7.79 -14.49 -41.27
CA SER G 158 9.03 -13.88 -41.71
C SER G 158 9.10 -12.41 -41.33
N ILE G 159 8.05 -11.64 -41.64
CA ILE G 159 8.04 -10.21 -41.30
C ILE G 159 8.13 -10.01 -39.80
N LEU G 160 7.32 -10.77 -39.07
CA LEU G 160 7.30 -10.65 -37.63
C LEU G 160 8.63 -11.10 -37.04
N SER G 161 9.29 -12.08 -37.66
CA SER G 161 10.59 -12.51 -37.16
C SER G 161 11.66 -11.45 -37.39
N ILE G 162 11.62 -10.79 -38.55
CA ILE G 162 12.58 -9.72 -38.81
C ILE G 162 12.40 -8.58 -37.83
N THR G 163 11.15 -8.16 -37.59
CA THR G 163 10.98 -7.00 -36.71
C THR G 163 11.17 -7.33 -35.24
N ILE G 164 10.86 -8.56 -34.80
CA ILE G 164 11.11 -8.91 -33.41
C ILE G 164 12.59 -9.11 -33.18
N GLY G 165 13.27 -9.83 -34.07
CA GLY G 165 14.71 -9.95 -33.96
C GLY G 165 15.45 -8.66 -34.17
N GLY G 166 14.81 -7.67 -34.78
CA GLY G 166 15.38 -6.35 -34.80
C GLY G 166 15.24 -5.66 -33.47
N TRP G 167 14.02 -5.61 -32.93
CA TRP G 167 13.78 -4.73 -31.79
C TRP G 167 14.36 -5.31 -30.51
N GLY G 168 14.25 -6.61 -30.32
CA GLY G 168 15.17 -7.26 -29.43
C GLY G 168 16.56 -7.15 -29.99
N GLY G 169 17.50 -6.75 -29.14
CA GLY G 169 18.86 -6.48 -29.56
C GLY G 169 19.30 -5.06 -29.32
N LEU G 170 18.36 -4.14 -29.15
CA LEU G 170 18.76 -2.80 -28.73
C LEU G 170 19.10 -2.76 -27.26
N ASN G 171 18.59 -3.70 -26.47
CA ASN G 171 18.78 -3.66 -25.03
C ASN G 171 19.83 -4.64 -24.53
N GLN G 172 20.07 -5.72 -25.25
CA GLN G 172 20.91 -6.78 -24.72
C GLN G 172 22.38 -6.42 -24.84
N THR G 173 23.07 -6.45 -23.72
CA THR G 173 24.52 -6.27 -23.67
C THR G 173 25.26 -7.59 -23.67
N GLN G 174 24.58 -8.70 -23.35
CA GLN G 174 25.18 -10.02 -23.45
C GLN G 174 25.46 -10.37 -24.90
N LEU G 175 26.61 -11.00 -25.15
CA LEU G 175 26.96 -11.33 -26.53
C LEU G 175 26.04 -12.37 -27.13
N ARG G 176 25.63 -13.34 -26.32
CA ARG G 176 24.94 -14.49 -26.88
C ARG G 176 23.51 -14.14 -27.27
N LYS G 177 22.86 -13.29 -26.49
CA LYS G 177 21.52 -12.83 -26.89
C LYS G 177 21.58 -11.92 -28.10
N ILE G 178 22.66 -11.16 -28.26
CA ILE G 178 22.89 -10.41 -29.49
C ILE G 178 22.97 -11.36 -30.66
N MET G 179 23.71 -12.45 -30.50
CA MET G 179 23.92 -13.38 -31.60
C MET G 179 22.64 -14.14 -31.92
N ALA G 180 21.81 -14.42 -30.92
CA ALA G 180 20.54 -15.10 -31.18
C ALA G 180 19.53 -14.16 -31.82
N TYR G 181 19.56 -12.89 -31.46
CA TYR G 181 18.69 -11.93 -32.13
C TYR G 181 19.10 -11.74 -33.58
N SER G 182 20.41 -11.74 -33.84
CA SER G 182 20.90 -11.76 -35.21
C SER G 182 20.45 -13.01 -35.94
N SER G 183 20.36 -14.14 -35.21
CA SER G 183 19.91 -15.38 -35.81
C SER G 183 18.47 -15.29 -36.26
N ILE G 184 17.59 -14.74 -35.42
CA ILE G 184 16.19 -14.61 -35.82
C ILE G 184 16.05 -13.63 -36.99
N ALA G 185 16.89 -12.60 -37.02
CA ALA G 185 16.89 -11.67 -38.15
C ALA G 185 17.24 -12.36 -39.46
N HIS G 186 18.31 -13.17 -39.44
CA HIS G 186 18.60 -13.90 -40.65
C HIS G 186 17.62 -15.04 -40.92
N MET G 187 16.90 -15.55 -39.93
CA MET G 187 15.85 -16.52 -40.24
C MET G 187 14.73 -15.86 -41.01
N GLY G 188 14.42 -14.60 -40.69
CA GLY G 188 13.44 -13.87 -41.47
C GLY G 188 13.90 -13.66 -42.90
N TRP G 189 15.17 -13.27 -43.09
CA TRP G 189 15.67 -13.10 -44.45
C TRP G 189 15.77 -14.42 -45.20
N MET G 190 16.03 -15.52 -44.50
CA MET G 190 16.15 -16.81 -45.15
C MET G 190 14.81 -17.48 -45.36
N THR G 191 13.75 -17.00 -44.75
CA THR G 191 12.47 -17.65 -44.92
C THR G 191 11.54 -16.89 -45.86
N ALA G 192 11.58 -15.56 -45.88
CA ALA G 192 10.61 -14.81 -46.69
C ALA G 192 10.77 -15.00 -48.20
N VAL G 193 11.91 -15.53 -48.67
CA VAL G 193 12.15 -15.64 -50.10
C VAL G 193 11.59 -16.93 -50.66
N LEU G 194 11.08 -17.80 -49.79
CA LEU G 194 11.08 -19.23 -50.03
C LEU G 194 10.10 -19.62 -51.13
N LEU G 195 8.95 -18.98 -51.17
CA LEU G 195 7.95 -19.33 -52.16
C LEU G 195 8.17 -18.64 -53.50
N TYR G 196 9.35 -18.05 -53.71
CA TYR G 196 9.65 -17.37 -54.95
C TYR G 196 10.79 -18.01 -55.70
N ASN G 197 11.96 -18.14 -55.10
CA ASN G 197 13.10 -18.80 -55.74
C ASN G 197 14.01 -19.32 -54.64
N PRO G 198 13.91 -20.60 -54.31
CA PRO G 198 14.55 -21.11 -53.10
C PRO G 198 16.06 -21.24 -53.18
N THR G 199 16.63 -21.10 -54.38
CA THR G 199 18.09 -21.04 -54.52
C THR G 199 18.66 -19.86 -53.74
N MET G 200 17.92 -18.75 -53.71
CA MET G 200 18.26 -17.62 -52.86
C MET G 200 18.32 -18.01 -51.40
N THR G 201 17.34 -18.80 -50.93
CA THR G 201 17.29 -19.16 -49.52
C THR G 201 18.43 -20.08 -49.16
N LEU G 202 18.77 -21.02 -50.05
CA LEU G 202 19.83 -21.94 -49.68
C LEU G 202 21.20 -21.27 -49.74
N LEU G 203 21.38 -20.32 -50.67
CA LEU G 203 22.60 -19.53 -50.67
C LEU G 203 22.68 -18.62 -49.45
N ASN G 204 21.54 -18.05 -49.04
CA ASN G 204 21.51 -17.28 -47.81
C ASN G 204 21.83 -18.14 -46.60
N LEU G 205 21.44 -19.42 -46.65
CA LEU G 205 21.76 -20.35 -45.57
C LEU G 205 23.25 -20.57 -45.47
N ILE G 206 23.90 -20.80 -46.61
CA ILE G 206 25.35 -20.98 -46.63
C ILE G 206 26.07 -19.72 -46.16
N ILE G 207 25.58 -18.55 -46.58
CA ILE G 207 26.17 -17.28 -46.15
C ILE G 207 26.06 -17.10 -44.64
N TYR G 208 24.87 -17.30 -44.09
CA TYR G 208 24.66 -17.11 -42.66
C TYR G 208 25.49 -18.08 -41.83
N ILE G 209 25.63 -19.32 -42.30
CA ILE G 209 26.38 -20.31 -41.54
C ILE G 209 27.87 -19.96 -41.53
N ILE G 210 28.40 -19.49 -42.67
CA ILE G 210 29.80 -19.10 -42.71
C ILE G 210 30.06 -17.88 -41.84
N MET G 211 29.14 -16.90 -41.86
CA MET G 211 29.28 -15.71 -41.04
C MET G 211 29.25 -16.05 -39.55
N THR G 212 28.33 -16.90 -39.14
CA THR G 212 28.17 -17.18 -37.72
C THR G 212 29.29 -18.07 -37.20
N SER G 213 29.85 -18.94 -38.06
CA SER G 213 31.03 -19.68 -37.66
C SER G 213 32.23 -18.76 -37.45
N THR G 214 32.39 -17.75 -38.32
CA THR G 214 33.45 -16.76 -38.10
C THR G 214 33.25 -16.02 -36.79
N MET G 215 32.01 -15.68 -36.48
CA MET G 215 31.73 -14.89 -35.30
C MET G 215 31.99 -15.69 -34.03
N PHE G 216 31.59 -16.95 -34.01
CA PHE G 216 31.84 -17.75 -32.81
C PHE G 216 33.29 -18.17 -32.68
N THR G 217 34.03 -18.30 -33.78
CA THR G 217 35.47 -18.52 -33.62
C THR G 217 36.15 -17.28 -33.04
N LEU G 218 35.71 -16.09 -33.45
CA LEU G 218 36.28 -14.88 -32.89
C LEU G 218 35.89 -14.66 -31.44
N PHE G 219 34.72 -15.15 -31.02
CA PHE G 219 34.44 -15.10 -29.60
C PHE G 219 35.00 -16.31 -28.85
N MET G 220 35.56 -17.29 -29.55
CA MET G 220 36.38 -18.30 -28.91
C MET G 220 37.86 -17.97 -28.95
N ALA G 221 38.23 -16.83 -29.53
CA ALA G 221 39.60 -16.35 -29.40
C ALA G 221 39.99 -16.18 -27.94
N ASN G 222 39.03 -15.73 -27.13
CA ASN G 222 39.05 -15.88 -25.68
C ASN G 222 37.62 -15.81 -25.21
N SER G 223 37.35 -16.45 -24.07
CA SER G 223 35.97 -16.67 -23.63
C SER G 223 35.39 -15.36 -23.15
N THR G 224 34.58 -14.73 -23.98
CA THR G 224 34.01 -13.41 -23.70
C THR G 224 32.50 -13.50 -23.67
N THR G 225 31.90 -12.80 -22.72
CA THR G 225 30.45 -12.80 -22.57
C THR G 225 29.82 -11.43 -22.70
N THR G 226 30.47 -10.39 -22.24
CA THR G 226 29.96 -9.06 -22.38
C THR G 226 30.74 -8.37 -23.48
N THR G 227 30.52 -7.07 -23.61
CA THR G 227 31.33 -6.30 -24.53
C THR G 227 32.62 -5.82 -23.89
N LEU G 228 32.61 -5.69 -22.57
CA LEU G 228 33.76 -5.20 -21.83
C LEU G 228 34.94 -6.15 -21.99
N SER G 229 34.64 -7.45 -22.00
CA SER G 229 35.66 -8.44 -22.29
C SER G 229 36.23 -8.26 -23.68
N LEU G 230 35.44 -7.77 -24.63
CA LEU G 230 36.00 -7.50 -25.95
C LEU G 230 36.88 -6.26 -25.97
N SER G 231 36.60 -5.27 -25.12
CA SER G 231 37.55 -4.17 -24.98
C SER G 231 38.88 -4.65 -24.43
N HIS G 232 38.83 -5.63 -23.55
CA HIS G 232 40.10 -6.21 -23.10
C HIS G 232 40.74 -7.08 -24.19
N THR G 233 39.94 -7.62 -25.11
CA THR G 233 40.53 -8.27 -26.28
C THR G 233 41.23 -7.28 -27.18
N TRP G 234 40.75 -6.04 -27.21
CA TRP G 234 41.55 -4.99 -27.84
C TRP G 234 42.90 -4.85 -27.17
N ASN G 235 42.89 -4.71 -25.85
CA ASN G 235 44.14 -4.40 -25.17
C ASN G 235 45.14 -5.56 -25.27
N LYS G 236 44.66 -6.79 -25.42
CA LYS G 236 45.60 -7.91 -25.48
C LYS G 236 45.96 -8.33 -26.90
N ALA G 237 45.21 -7.93 -27.92
CA ALA G 237 45.52 -8.33 -29.29
C ALA G 237 45.01 -7.30 -30.28
N PRO G 238 45.78 -6.95 -31.29
CA PRO G 238 45.35 -5.90 -32.22
C PRO G 238 44.56 -6.39 -33.43
N ILE G 239 44.73 -7.63 -33.83
CA ILE G 239 44.15 -8.08 -35.10
C ILE G 239 42.75 -8.65 -34.89
N MET G 240 42.44 -9.09 -33.66
CA MET G 240 41.08 -9.47 -33.33
C MET G 240 40.14 -8.28 -33.40
N THR G 241 40.67 -7.09 -33.14
CA THR G 241 39.91 -5.86 -33.28
C THR G 241 39.44 -5.67 -34.72
N ILE G 242 40.37 -5.69 -35.67
CA ILE G 242 40.00 -5.39 -37.04
C ILE G 242 39.17 -6.53 -37.64
N LEU G 243 39.34 -7.75 -37.16
CA LEU G 243 38.45 -8.78 -37.67
C LEU G 243 37.05 -8.69 -37.09
N VAL G 244 36.91 -8.27 -35.83
CA VAL G 244 35.58 -8.01 -35.30
C VAL G 244 34.92 -6.87 -36.06
N LEU G 245 35.70 -5.86 -36.45
CA LEU G 245 35.19 -4.77 -37.29
C LEU G 245 34.63 -5.28 -38.60
N ILE G 246 35.44 -6.04 -39.36
CA ILE G 246 35.04 -6.41 -40.70
C ILE G 246 33.89 -7.42 -40.66
N THR G 247 33.94 -8.38 -39.75
CA THR G 247 32.87 -9.35 -39.69
C THR G 247 31.59 -8.79 -39.07
N LEU G 248 31.68 -7.79 -38.19
CA LEU G 248 30.47 -7.17 -37.68
C LEU G 248 29.78 -6.34 -38.74
N LEU G 249 30.56 -5.60 -39.54
CA LEU G 249 29.92 -4.88 -40.63
C LEU G 249 29.46 -5.80 -41.74
N SER G 250 30.04 -6.99 -41.88
CA SER G 250 29.52 -7.93 -42.85
C SER G 250 28.25 -8.63 -42.35
N MET G 251 28.12 -8.82 -41.05
CA MET G 251 26.82 -9.17 -40.51
C MET G 251 25.83 -8.04 -40.74
N GLY G 252 26.30 -6.80 -40.72
CA GLY G 252 25.44 -5.68 -41.06
C GLY G 252 25.08 -5.64 -42.53
N GLY G 253 25.98 -6.08 -43.39
CA GLY G 253 25.65 -6.13 -44.81
C GLY G 253 25.78 -4.84 -45.56
N LEU G 254 27.01 -4.37 -45.75
CA LEU G 254 27.23 -3.18 -46.57
C LEU G 254 27.80 -3.58 -47.94
N PRO G 255 27.38 -2.88 -49.00
CA PRO G 255 27.62 -3.33 -50.40
C PRO G 255 29.06 -3.62 -50.78
N PRO G 256 30.10 -2.92 -50.28
CA PRO G 256 31.47 -3.38 -50.62
C PRO G 256 31.85 -4.68 -49.96
N LEU G 257 31.07 -5.16 -49.01
CA LEU G 257 31.42 -6.28 -48.17
C LEU G 257 30.45 -7.43 -48.44
N SER G 258 30.90 -8.66 -48.18
CA SER G 258 30.17 -9.84 -48.64
C SER G 258 28.90 -10.14 -47.87
N GLY G 259 28.55 -9.37 -46.87
CA GLY G 259 27.27 -9.61 -46.26
C GLY G 259 26.12 -8.94 -46.96
N PHE G 260 26.35 -8.38 -48.13
CA PHE G 260 25.32 -7.68 -48.88
C PHE G 260 24.73 -8.52 -49.98
N MET G 261 25.50 -9.51 -50.44
CA MET G 261 24.99 -10.55 -51.34
C MET G 261 23.70 -11.24 -50.90
N PRO G 262 23.42 -11.50 -49.62
CA PRO G 262 22.07 -12.00 -49.30
C PRO G 262 20.98 -10.99 -49.58
N LYS G 263 21.15 -9.73 -49.20
CA LYS G 263 20.11 -8.72 -49.40
C LYS G 263 19.88 -8.47 -50.88
N TRP G 264 20.95 -8.37 -51.64
CA TRP G 264 20.94 -7.76 -52.95
C TRP G 264 20.21 -8.63 -53.97
N MET G 265 20.64 -9.88 -54.10
CA MET G 265 20.02 -10.80 -55.05
C MET G 265 18.61 -11.16 -54.64
N ILE G 266 18.33 -11.17 -53.34
CA ILE G 266 16.99 -11.48 -52.87
C ILE G 266 16.03 -10.35 -53.19
N ILE G 267 16.46 -9.10 -53.04
CA ILE G 267 15.65 -7.97 -53.48
C ILE G 267 15.42 -8.03 -54.99
N GLN G 268 16.44 -8.48 -55.74
CA GLN G 268 16.30 -8.60 -57.19
C GLN G 268 15.24 -9.62 -57.58
N GLU G 269 15.45 -10.88 -57.22
CA GLU G 269 14.49 -11.91 -57.59
C GLU G 269 13.35 -12.02 -56.59
N MET G 270 13.14 -10.98 -55.80
CA MET G 270 11.93 -10.70 -55.05
C MET G 270 11.06 -9.69 -55.78
N THR G 271 11.68 -8.68 -56.38
CA THR G 271 10.96 -7.65 -57.09
C THR G 271 10.98 -7.85 -58.60
N LYS G 272 11.39 -9.03 -59.07
CA LYS G 272 10.88 -9.43 -60.38
C LYS G 272 9.52 -10.09 -60.26
N ASN G 273 9.02 -10.23 -59.05
CA ASN G 273 7.59 -10.19 -58.78
C ASN G 273 7.19 -8.72 -58.70
N ASP G 274 6.02 -8.43 -58.18
CA ASP G 274 5.69 -7.05 -57.86
C ASP G 274 5.30 -6.90 -56.40
N SER G 275 5.94 -7.66 -55.55
CA SER G 275 6.00 -7.29 -54.15
C SER G 275 7.11 -6.25 -54.04
N ILE G 276 6.75 -5.01 -53.70
CA ILE G 276 7.72 -3.95 -53.50
C ILE G 276 7.66 -3.38 -52.08
N ILE G 277 6.45 -3.23 -51.54
CA ILE G 277 6.27 -2.69 -50.19
C ILE G 277 6.84 -3.65 -49.15
N LEU G 278 6.69 -4.95 -49.38
CA LEU G 278 7.31 -5.94 -48.50
C LEU G 278 8.83 -5.94 -48.57
N PRO G 279 9.50 -5.92 -49.75
CA PRO G 279 10.96 -5.77 -49.74
C PRO G 279 11.46 -4.49 -49.13
N THR G 280 10.82 -3.35 -49.38
CA THR G 280 11.37 -2.13 -48.82
C THR G 280 11.14 -2.06 -47.30
N LEU G 281 10.08 -2.70 -46.80
CA LEU G 281 9.91 -2.76 -45.36
C LEU G 281 10.95 -3.68 -44.72
N MET G 282 11.21 -4.82 -45.38
CA MET G 282 12.25 -5.73 -44.91
C MET G 282 13.62 -5.07 -44.91
N ALA G 283 13.88 -4.24 -45.91
CA ALA G 283 15.19 -3.61 -45.96
C ALA G 283 15.32 -2.48 -44.95
N ILE G 284 14.21 -1.82 -44.59
CA ILE G 284 14.26 -0.85 -43.50
C ILE G 284 14.56 -1.53 -42.16
N THR G 285 13.93 -2.67 -41.90
CA THR G 285 14.25 -3.34 -40.65
C THR G 285 15.65 -3.96 -40.68
N ALA G 286 16.14 -4.27 -41.89
CA ALA G 286 17.54 -4.67 -42.04
C ALA G 286 18.47 -3.53 -41.73
N LEU G 287 18.04 -2.30 -41.98
CA LEU G 287 18.81 -1.17 -41.49
C LEU G 287 18.74 -1.10 -39.98
N LEU G 288 17.63 -1.53 -39.39
CA LEU G 288 17.50 -1.44 -37.94
C LEU G 288 18.45 -2.39 -37.21
N ASN G 289 18.61 -3.64 -37.68
CA ASN G 289 19.38 -4.56 -36.86
C ASN G 289 20.89 -4.28 -36.90
N LEU G 290 21.34 -3.43 -37.81
CA LEU G 290 22.74 -3.09 -37.91
C LEU G 290 23.20 -2.23 -36.75
N TYR G 291 22.27 -1.67 -35.98
CA TYR G 291 22.65 -0.76 -34.91
C TYR G 291 23.39 -1.46 -33.78
N PHE G 292 22.98 -2.66 -33.41
CA PHE G 292 23.68 -3.26 -32.27
C PHE G 292 25.03 -3.81 -32.67
N TYR G 293 25.16 -4.26 -33.93
CA TYR G 293 26.47 -4.47 -34.53
C TYR G 293 27.31 -3.21 -34.43
N MET G 294 26.70 -2.07 -34.71
CA MET G 294 27.44 -0.84 -34.78
C MET G 294 27.85 -0.37 -33.39
N ARG G 295 27.02 -0.58 -32.38
CA ARG G 295 27.40 -0.16 -31.05
C ARG G 295 28.44 -1.11 -30.47
N LEU G 296 28.46 -2.37 -30.89
CA LEU G 296 29.55 -3.26 -30.47
C LEU G 296 30.87 -2.82 -31.09
N THR G 297 30.82 -2.44 -32.38
CA THR G 297 31.98 -1.91 -33.08
C THR G 297 32.51 -0.65 -32.41
N TYR G 298 31.61 0.28 -32.09
CA TYR G 298 31.97 1.50 -31.40
C TYR G 298 32.49 1.24 -30.00
N SER G 299 32.02 0.16 -29.37
CA SER G 299 32.50 -0.16 -28.04
C SER G 299 33.94 -0.62 -28.06
N THR G 300 34.31 -1.42 -29.05
CA THR G 300 35.63 -2.05 -28.96
C THR G 300 36.61 -1.63 -30.04
N ALA G 301 36.27 -1.77 -31.31
CA ALA G 301 37.31 -1.67 -32.32
C ALA G 301 37.61 -0.25 -32.73
N LEU G 302 36.75 0.69 -32.38
CA LEU G 302 36.89 2.06 -32.84
C LEU G 302 37.21 3.03 -31.72
N THR G 303 36.45 3.03 -30.65
CA THR G 303 36.98 3.68 -29.46
C THR G 303 37.89 2.73 -28.72
N MET G 304 38.49 3.21 -27.64
CA MET G 304 39.32 2.37 -26.78
C MET G 304 38.91 2.59 -25.34
N PHE G 305 38.50 1.53 -24.68
CA PHE G 305 38.03 1.62 -23.31
C PHE G 305 39.21 1.66 -22.35
N PRO G 306 38.98 2.10 -21.11
CA PRO G 306 40.01 1.89 -20.10
C PRO G 306 40.11 0.42 -19.80
N SER G 307 41.29 0.02 -19.36
CA SER G 307 41.52 -1.40 -19.17
C SER G 307 42.25 -1.64 -17.88
N THR G 308 42.73 -2.86 -17.70
CA THR G 308 43.09 -3.35 -16.39
C THR G 308 44.50 -3.90 -16.45
N ASN G 309 45.27 -3.67 -15.40
CA ASN G 309 46.51 -4.41 -15.24
C ASN G 309 46.20 -5.88 -14.96
N ASN G 310 47.26 -6.70 -15.02
CA ASN G 310 47.37 -8.14 -15.24
C ASN G 310 47.16 -8.47 -16.70
N MET G 311 46.72 -7.53 -17.54
CA MET G 311 46.88 -7.71 -18.96
C MET G 311 48.32 -7.56 -19.35
N LYS G 312 49.07 -6.75 -18.59
CA LYS G 312 50.53 -6.80 -18.62
C LYS G 312 51.03 -8.21 -18.37
N MET G 313 50.41 -8.93 -17.44
CA MET G 313 50.79 -10.30 -17.19
C MET G 313 50.33 -11.21 -18.32
N LYS G 314 49.29 -10.80 -19.04
CA LYS G 314 48.80 -11.61 -20.13
C LYS G 314 49.58 -11.40 -21.43
N TRP G 315 50.39 -10.35 -21.51
CA TRP G 315 51.12 -10.06 -22.75
C TRP G 315 52.16 -11.11 -23.09
N GLN G 316 52.68 -11.83 -22.11
CA GLN G 316 53.80 -12.74 -22.37
C GLN G 316 53.33 -14.02 -23.04
N PHE G 317 52.25 -14.48 -22.70
CA PHE G 317 51.73 -15.78 -23.06
C PHE G 317 51.05 -15.74 -24.42
N PRO G 318 51.11 -16.83 -25.17
CA PRO G 318 50.38 -16.90 -26.44
C PRO G 318 48.90 -17.18 -26.21
N THR G 319 48.10 -16.73 -27.17
CA THR G 319 46.68 -17.08 -27.23
C THR G 319 46.55 -18.40 -27.99
N THR G 320 47.00 -19.45 -27.32
CA THR G 320 47.48 -20.66 -27.98
C THR G 320 46.43 -21.75 -28.06
N LYS G 321 45.18 -21.38 -28.29
CA LYS G 321 44.22 -22.34 -28.83
C LYS G 321 44.61 -22.71 -30.26
N ARG G 322 43.91 -23.69 -30.80
CA ARG G 322 43.82 -23.79 -32.25
C ARG G 322 42.48 -23.20 -32.65
N MET G 323 42.52 -22.20 -33.51
CA MET G 323 41.31 -21.72 -34.13
C MET G 323 40.92 -22.73 -35.20
N THR G 324 39.64 -23.12 -35.17
CA THR G 324 39.20 -24.33 -35.86
C THR G 324 39.34 -24.20 -37.37
N LEU G 325 38.68 -23.21 -37.96
CA LEU G 325 39.04 -22.76 -39.30
C LEU G 325 38.73 -21.26 -39.34
N LEU G 326 39.70 -20.47 -38.95
CA LEU G 326 39.49 -19.03 -38.92
C LEU G 326 39.76 -18.27 -40.22
N PRO G 327 40.96 -18.40 -40.89
CA PRO G 327 41.28 -17.40 -41.92
C PRO G 327 40.49 -17.60 -43.20
N THR G 328 40.30 -18.88 -43.55
CA THR G 328 39.53 -19.25 -44.73
C THR G 328 38.11 -18.72 -44.63
N MET G 329 37.46 -18.94 -43.49
CA MET G 329 36.10 -18.46 -43.34
C MET G 329 36.04 -16.95 -43.21
N THR G 330 37.08 -16.30 -42.69
CA THR G 330 37.11 -14.83 -42.64
C THR G 330 37.11 -14.22 -44.03
N VAL G 331 38.15 -14.52 -44.81
CA VAL G 331 38.22 -13.89 -46.13
C VAL G 331 37.32 -14.55 -47.16
N LEU G 332 36.63 -15.62 -46.80
CA LEU G 332 35.58 -16.14 -47.65
C LEU G 332 34.22 -15.60 -47.24
N SER G 333 34.13 -15.04 -46.04
CA SER G 333 32.91 -14.42 -45.56
C SER G 333 32.87 -12.94 -45.79
N THR G 334 34.00 -12.31 -46.09
CA THR G 334 33.99 -10.86 -46.20
C THR G 334 34.34 -10.33 -47.58
N MET G 335 35.30 -10.93 -48.27
CA MET G 335 35.75 -10.40 -49.54
C MET G 335 34.95 -10.95 -50.71
N LEU G 336 33.82 -11.60 -50.45
CA LEU G 336 33.12 -12.36 -51.49
C LEU G 336 31.98 -11.54 -52.11
N LEU G 337 32.20 -10.24 -52.23
CA LEU G 337 31.31 -9.44 -53.08
C LEU G 337 31.45 -9.77 -54.57
N PRO G 338 32.66 -9.73 -55.22
CA PRO G 338 32.65 -9.86 -56.68
C PRO G 338 32.41 -11.27 -57.20
N LEU G 339 31.88 -12.18 -56.40
CA LEU G 339 31.48 -13.50 -56.88
C LEU G 339 30.00 -13.79 -56.62
N THR G 340 29.14 -12.79 -56.71
CA THR G 340 27.71 -13.07 -56.80
C THR G 340 27.25 -13.88 -58.03
N PRO G 341 28.01 -14.00 -59.16
CA PRO G 341 27.65 -15.04 -60.13
C PRO G 341 28.03 -16.45 -59.70
N ILE G 342 28.38 -16.65 -58.44
CA ILE G 342 28.41 -17.97 -57.85
C ILE G 342 27.09 -18.25 -57.10
N LEU G 343 26.06 -17.46 -57.38
CA LEU G 343 24.71 -17.85 -57.00
C LEU G 343 24.32 -19.15 -57.66
N SER G 344 24.50 -19.23 -58.96
CA SER G 344 24.03 -20.36 -59.73
C SER G 344 24.94 -21.58 -59.62
N ILE G 345 25.84 -21.60 -58.65
CA ILE G 345 26.59 -22.80 -58.32
C ILE G 345 25.67 -23.87 -57.73
N LEU G 346 24.49 -23.47 -57.27
CA LEU G 346 23.75 -24.27 -56.31
C LEU G 346 23.00 -25.40 -56.99
N GLU G 347 22.06 -25.08 -57.88
CA GLU G 347 21.36 -26.12 -58.62
C GLU G 347 22.16 -26.37 -59.88
N ALA H 1 -10.08 -10.01 -39.64
CA ALA H 1 -10.10 -11.09 -40.61
C ALA H 1 -10.38 -10.61 -42.01
N LYS H 2 -10.19 -11.55 -42.94
CA LYS H 2 -10.50 -11.35 -44.36
C LYS H 2 -11.94 -10.92 -44.55
N THR H 3 -12.86 -11.49 -43.77
CA THR H 3 -14.28 -11.21 -43.94
C THR H 3 -14.61 -9.75 -43.60
N LEU H 4 -14.13 -9.25 -42.47
CA LEU H 4 -14.51 -7.89 -42.11
C LEU H 4 -13.71 -6.84 -42.84
N LEU H 5 -12.45 -7.10 -43.22
CA LEU H 5 -11.79 -6.13 -44.08
C LEU H 5 -12.42 -6.10 -45.46
N HIS H 6 -12.94 -7.25 -45.92
CA HIS H 6 -13.64 -7.28 -47.18
C HIS H 6 -14.98 -6.57 -47.10
N GLN H 7 -15.63 -6.63 -45.94
CA GLN H 7 -16.83 -5.82 -45.71
C GLN H 7 -16.50 -4.34 -45.74
N TYR H 8 -15.35 -3.98 -45.18
CA TYR H 8 -14.96 -2.58 -45.15
C TYR H 8 -14.63 -2.06 -46.53
N TRP H 9 -13.97 -2.86 -47.35
CA TRP H 9 -13.62 -2.41 -48.69
C TRP H 9 -14.69 -2.71 -49.72
N ASP H 10 -15.80 -3.34 -49.30
CA ASP H 10 -16.88 -3.58 -50.24
C ASP H 10 -17.64 -2.29 -50.55
N ILE H 11 -17.85 -1.46 -49.55
CA ILE H 11 -18.72 -0.29 -49.66
C ILE H 11 -17.99 0.80 -50.45
N PRO H 12 -18.62 1.42 -51.44
CA PRO H 12 -17.99 2.53 -52.16
C PRO H 12 -17.88 3.76 -51.28
N GLU H 13 -16.84 4.55 -51.53
CA GLU H 13 -16.38 5.56 -50.55
C GLU H 13 -16.30 6.97 -51.13
N GLY H 14 -17.35 7.52 -51.76
CA GLY H 14 -18.73 7.09 -51.71
C GLY H 14 -19.46 7.42 -50.44
N THR H 15 -20.79 7.30 -50.50
CA THR H 15 -21.66 7.66 -49.40
C THR H 15 -22.68 6.52 -49.26
N GLU H 16 -22.34 5.55 -48.42
CA GLU H 16 -23.24 4.51 -47.99
C GLU H 16 -23.01 4.32 -46.50
N CYS H 17 -23.14 5.43 -45.77
CA CYS H 17 -22.38 5.71 -44.57
C CYS H 17 -22.78 4.83 -43.39
N HIS H 18 -21.95 4.93 -42.35
CA HIS H 18 -21.97 4.35 -40.99
C HIS H 18 -21.84 2.83 -40.95
N ARG H 19 -22.00 2.17 -42.11
CA ARG H 19 -21.54 0.80 -42.24
C ARG H 19 -20.03 0.76 -42.17
N LYS H 20 -19.41 1.81 -42.72
CA LYS H 20 -17.98 2.01 -42.65
C LYS H 20 -17.53 2.14 -41.21
N THR H 21 -18.29 2.88 -40.39
CA THR H 21 -17.94 3.04 -38.99
C THR H 21 -18.10 1.75 -38.22
N TYR H 22 -19.15 0.99 -38.53
CA TYR H 22 -19.33 -0.27 -37.81
C TYR H 22 -18.27 -1.29 -38.19
N ALA H 23 -17.88 -1.32 -39.47
CA ALA H 23 -16.79 -2.20 -39.89
C ALA H 23 -15.47 -1.78 -39.29
N ALA H 24 -15.26 -0.48 -39.11
CA ALA H 24 -14.03 -0.03 -38.47
C ALA H 24 -14.04 -0.33 -36.98
N THR H 25 -15.20 -0.33 -36.34
CA THR H 25 -15.23 -0.79 -34.96
C THR H 25 -14.99 -2.29 -34.86
N SER H 26 -15.36 -3.05 -35.89
CA SER H 26 -15.02 -4.47 -35.89
C SER H 26 -13.51 -4.66 -36.03
N ILE H 27 -12.88 -3.83 -36.87
CA ILE H 27 -11.42 -3.76 -36.93
C ILE H 27 -10.83 -3.46 -35.55
N GLY H 28 -11.45 -2.53 -34.83
CA GLY H 28 -10.99 -2.20 -33.49
C GLY H 28 -11.16 -3.33 -32.51
N GLY H 29 -12.26 -4.08 -32.63
CA GLY H 29 -12.47 -5.21 -31.74
C GLY H 29 -11.47 -6.32 -31.98
N ALA H 30 -11.13 -6.56 -33.25
CA ALA H 30 -10.12 -7.57 -33.57
C ALA H 30 -8.74 -7.17 -33.08
N SER H 31 -8.36 -5.91 -33.31
CA SER H 31 -7.05 -5.43 -32.88
C SER H 31 -6.92 -5.45 -31.36
N GLY H 32 -8.01 -5.07 -30.67
CA GLY H 32 -8.00 -5.11 -29.22
C GLY H 32 -7.95 -6.51 -28.68
N LEU H 33 -8.60 -7.46 -29.35
CA LEU H 33 -8.51 -8.85 -28.93
C LEU H 33 -7.08 -9.38 -29.07
N VAL H 34 -6.39 -9.02 -30.17
CA VAL H 34 -5.01 -9.46 -30.38
C VAL H 34 -4.09 -8.92 -29.28
N VAL H 35 -4.12 -7.60 -29.10
CA VAL H 35 -3.22 -6.94 -28.14
C VAL H 35 -3.53 -7.38 -26.73
N SER H 36 -4.82 -7.53 -26.41
CA SER H 36 -5.21 -7.92 -25.07
C SER H 36 -4.84 -9.36 -24.78
N ALA H 37 -4.93 -10.23 -25.80
CA ALA H 37 -4.57 -11.63 -25.62
C ALA H 37 -3.09 -11.78 -25.33
N TYR H 38 -2.24 -11.11 -26.13
CA TYR H 38 -0.80 -11.20 -25.84
C TYR H 38 -0.45 -10.51 -24.54
N SER H 39 -1.13 -9.42 -24.19
CA SER H 39 -0.76 -8.67 -23.01
C SER H 39 -1.12 -9.42 -21.73
N VAL H 40 -2.28 -10.06 -21.69
CA VAL H 40 -2.59 -10.85 -20.51
C VAL H 40 -1.88 -12.21 -20.57
N ALA H 41 -1.40 -12.62 -21.74
CA ALA H 41 -0.59 -13.82 -21.80
C ALA H 41 0.83 -13.59 -21.34
N LEU H 42 1.30 -12.36 -21.35
CA LEU H 42 2.69 -12.09 -21.01
C LEU H 42 2.82 -11.07 -19.88
N LYS H 43 1.93 -11.12 -18.91
CA LYS H 43 2.08 -10.21 -17.78
C LYS H 43 1.98 -10.88 -16.42
N THR H 44 1.10 -11.89 -16.26
CA THR H 44 0.52 -12.33 -14.98
C THR H 44 -0.09 -11.12 -14.30
N PRO H 45 -1.31 -10.73 -14.69
CA PRO H 45 -1.89 -9.44 -14.25
C PRO H 45 -2.01 -9.26 -12.75
N THR H 46 -2.27 -10.34 -11.99
CA THR H 46 -2.40 -10.40 -10.52
C THR H 46 -3.23 -9.25 -9.93
N SER H 47 -4.53 -9.24 -10.19
CA SER H 47 -5.29 -10.45 -10.48
C SER H 47 -6.17 -10.31 -11.70
N PHE H 48 -7.09 -11.26 -11.84
CA PHE H 48 -7.86 -11.41 -13.07
C PHE H 48 -8.77 -10.22 -13.36
N LEU H 49 -9.29 -9.58 -12.31
CA LEU H 49 -10.15 -8.41 -12.52
C LEU H 49 -9.39 -7.25 -13.13
N GLU H 50 -8.14 -7.06 -12.70
CA GLU H 50 -7.28 -6.07 -13.33
C GLU H 50 -6.93 -6.45 -14.76
N GLY H 51 -6.85 -7.75 -15.04
CA GLY H 51 -6.66 -8.18 -16.42
C GLY H 51 -7.85 -7.85 -17.28
N VAL H 52 -9.06 -7.99 -16.73
CA VAL H 52 -10.27 -7.58 -17.43
C VAL H 52 -10.25 -6.09 -17.70
N ALA H 53 -9.75 -5.32 -16.73
CA ALA H 53 -9.61 -3.87 -16.91
C ALA H 53 -8.62 -3.53 -18.02
N ARG H 54 -7.50 -4.26 -18.09
CA ARG H 54 -6.50 -4.00 -19.12
C ARG H 54 -7.03 -4.34 -20.51
N THR H 55 -7.69 -5.50 -20.63
CA THR H 55 -8.29 -5.89 -21.90
C THR H 55 -9.37 -4.92 -22.34
N GLY H 56 -10.18 -4.47 -21.39
CA GLY H 56 -11.21 -3.49 -21.71
C GLY H 56 -10.62 -2.17 -22.16
N ARG H 57 -9.50 -1.78 -21.57
CA ARG H 57 -8.83 -0.54 -21.96
C ARG H 57 -8.31 -0.62 -23.38
N TYR H 58 -7.63 -1.72 -23.72
CA TYR H 58 -7.06 -1.85 -25.06
C TYR H 58 -8.15 -1.96 -26.13
N THR H 59 -9.19 -2.77 -25.87
CA THR H 59 -10.27 -2.88 -26.84
C THR H 59 -11.05 -1.59 -26.97
N PHE H 60 -11.21 -0.83 -25.89
CA PHE H 60 -11.93 0.42 -25.98
C PHE H 60 -11.14 1.46 -26.75
N THR H 61 -9.82 1.51 -26.56
CA THR H 61 -8.99 2.42 -27.35
C THR H 61 -9.00 2.05 -28.83
N ALA H 62 -8.87 0.76 -29.15
CA ALA H 62 -8.84 0.37 -30.55
C ALA H 62 -10.19 0.57 -31.23
N ALA H 63 -11.28 0.26 -30.52
CA ALA H 63 -12.61 0.50 -31.06
C ALA H 63 -12.88 1.98 -31.21
N ALA H 64 -12.37 2.82 -30.31
CA ALA H 64 -12.57 4.25 -30.43
C ALA H 64 -11.81 4.82 -31.62
N ILE H 65 -10.60 4.31 -31.87
CA ILE H 65 -9.85 4.69 -33.06
C ILE H 65 -10.64 4.32 -34.32
N GLY H 66 -11.16 3.09 -34.35
CA GLY H 66 -11.96 2.67 -35.49
C GLY H 66 -13.19 3.52 -35.71
N ALA H 67 -13.92 3.81 -34.63
CA ALA H 67 -15.17 4.57 -34.74
C ALA H 67 -14.91 5.99 -35.20
N ILE H 68 -13.93 6.66 -34.59
CA ILE H 68 -13.65 8.04 -34.95
C ILE H 68 -13.08 8.10 -36.37
N PHE H 69 -12.29 7.10 -36.76
CA PHE H 69 -11.71 7.10 -38.08
C PHE H 69 -12.76 6.84 -39.16
N GLY H 70 -13.73 5.97 -38.88
CA GLY H 70 -14.79 5.74 -39.84
C GLY H 70 -15.72 6.93 -39.99
N LEU H 71 -16.02 7.59 -38.87
CA LEU H 71 -16.84 8.80 -38.92
C LEU H 71 -16.18 9.90 -39.73
N THR H 72 -14.89 10.15 -39.49
CA THR H 72 -14.25 11.24 -40.23
C THR H 72 -13.99 10.85 -41.68
N SER H 73 -13.81 9.55 -41.96
CA SER H 73 -13.73 9.07 -43.34
C SER H 73 -14.98 9.39 -44.12
N CYS H 74 -16.13 8.97 -43.58
CA CYS H 74 -17.40 9.19 -44.24
C CYS H 74 -17.73 10.68 -44.37
N ILE H 75 -17.51 11.44 -43.31
CA ILE H 75 -17.88 12.86 -43.32
C ILE H 75 -17.01 13.63 -44.30
N SER H 76 -15.70 13.36 -44.31
CA SER H 76 -14.82 14.06 -45.24
C SER H 76 -15.11 13.69 -46.68
N ALA H 77 -15.46 12.43 -46.93
CA ALA H 77 -15.81 12.03 -48.29
C ALA H 77 -17.12 12.65 -48.74
N GLN H 78 -18.06 12.86 -47.83
CA GLN H 78 -19.31 13.51 -48.20
C GLN H 78 -19.11 14.99 -48.47
N VAL H 79 -18.27 15.64 -47.68
CA VAL H 79 -18.07 17.09 -47.82
C VAL H 79 -17.27 17.40 -49.07
N ARG H 80 -16.08 16.81 -49.20
CA ARG H 80 -15.21 17.17 -50.32
C ARG H 80 -15.69 16.62 -51.65
N GLU H 81 -16.58 15.63 -51.63
CA GLU H 81 -17.30 15.13 -52.80
C GLU H 81 -16.39 14.48 -53.84
N LYS H 82 -15.15 14.15 -53.45
CA LYS H 82 -14.17 13.56 -54.35
C LYS H 82 -13.76 12.21 -53.79
N PRO H 83 -14.39 11.12 -54.22
CA PRO H 83 -14.12 9.81 -53.61
C PRO H 83 -12.83 9.14 -54.07
N ASP H 84 -11.88 9.90 -54.61
CA ASP H 84 -10.63 9.32 -55.09
C ASP H 84 -9.39 9.89 -54.42
N ASP H 85 -9.50 11.00 -53.68
CA ASP H 85 -8.29 11.56 -53.10
C ASP H 85 -7.89 10.79 -51.85
N PRO H 86 -6.59 10.70 -51.56
CA PRO H 86 -6.14 10.14 -50.30
C PRO H 86 -6.03 11.17 -49.19
N LEU H 87 -6.21 12.45 -49.50
CA LEU H 87 -6.01 13.50 -48.52
C LEU H 87 -7.09 13.48 -47.46
N ASN H 88 -8.30 13.02 -47.80
CA ASN H 88 -9.35 12.87 -46.80
C ASN H 88 -8.97 11.80 -45.78
N TYR H 89 -8.34 10.72 -46.24
CA TYR H 89 -7.90 9.74 -45.28
C TYR H 89 -6.64 10.16 -44.55
N LEU H 90 -5.86 11.07 -45.13
CA LEU H 90 -4.76 11.70 -44.42
C LEU H 90 -5.30 12.46 -43.21
N ILE H 91 -6.33 13.27 -43.43
CA ILE H 91 -7.03 13.96 -42.34
C ILE H 91 -7.63 12.96 -41.36
N GLY H 92 -8.15 11.84 -41.88
CA GLY H 92 -8.72 10.84 -41.00
C GLY H 92 -7.70 10.15 -40.12
N GLY H 93 -6.53 9.83 -40.67
CA GLY H 93 -5.49 9.21 -39.89
C GLY H 93 -4.92 10.15 -38.83
N CYS H 94 -4.82 11.44 -39.17
CA CYS H 94 -4.39 12.40 -38.16
C CYS H 94 -5.43 12.54 -37.05
N ALA H 95 -6.71 12.51 -37.40
CA ALA H 95 -7.76 12.61 -36.39
C ALA H 95 -7.78 11.40 -35.47
N GLY H 96 -7.60 10.21 -36.06
CA GLY H 96 -7.50 9.00 -35.25
C GLY H 96 -6.29 9.00 -34.34
N GLY H 97 -5.17 9.53 -34.83
CA GLY H 97 -3.97 9.63 -34.01
C GLY H 97 -4.14 10.60 -32.84
N LEU H 98 -4.81 11.73 -33.09
CA LEU H 98 -5.05 12.67 -32.01
C LEU H 98 -5.98 12.11 -30.96
N THR H 99 -7.00 11.34 -31.37
CA THR H 99 -7.89 10.78 -30.36
C THR H 99 -7.24 9.63 -29.61
N LEU H 100 -6.34 8.89 -30.27
CA LEU H 100 -5.52 7.91 -29.56
C LEU H 100 -4.66 8.60 -28.50
N GLY H 101 -4.05 9.73 -28.86
CA GLY H 101 -3.23 10.45 -27.90
C GLY H 101 -4.05 11.05 -26.76
N ALA H 102 -5.28 11.45 -27.03
CA ALA H 102 -6.11 12.02 -25.98
C ALA H 102 -6.67 10.95 -25.04
N ARG H 103 -6.99 9.76 -25.56
CA ARG H 103 -7.38 8.69 -24.65
C ARG H 103 -6.19 8.17 -23.86
N THR H 104 -4.98 8.24 -24.44
CA THR H 104 -3.80 7.99 -23.62
C THR H 104 -3.36 9.21 -22.83
N ARG H 105 -4.00 10.36 -23.08
CA ARG H 105 -3.86 11.60 -22.29
C ARG H 105 -2.41 12.10 -22.30
N SER H 106 -2.00 12.50 -23.50
CA SER H 106 -0.69 13.10 -23.72
C SER H 106 -0.78 14.05 -24.90
N TYR H 107 0.36 14.64 -25.25
CA TYR H 107 0.44 15.51 -26.42
C TYR H 107 1.33 14.94 -27.50
N GLY H 108 2.57 14.57 -27.15
CA GLY H 108 3.53 14.13 -28.14
C GLY H 108 3.16 12.81 -28.78
N ILE H 109 2.58 11.90 -28.01
CA ILE H 109 2.10 10.64 -28.57
C ILE H 109 0.97 10.92 -29.55
N GLY H 110 0.13 11.90 -29.23
CA GLY H 110 -0.96 12.26 -30.13
C GLY H 110 -0.47 12.88 -31.42
N ALA H 111 0.55 13.73 -31.35
CA ALA H 111 1.02 14.39 -32.56
C ALA H 111 1.79 13.42 -33.47
N ALA H 112 2.67 12.61 -32.88
CA ALA H 112 3.38 11.63 -33.69
C ALA H 112 2.44 10.56 -34.23
N ALA H 113 1.41 10.21 -33.47
CA ALA H 113 0.41 9.28 -33.98
C ALA H 113 -0.40 9.90 -35.10
N CYS H 114 -0.71 11.21 -35.00
CA CYS H 114 -1.32 11.94 -36.11
C CYS H 114 -0.49 11.83 -37.37
N ALA H 115 0.80 12.11 -37.28
CA ALA H 115 1.67 12.11 -38.46
C ALA H 115 1.77 10.71 -39.07
N TYR H 116 2.09 9.71 -38.25
CA TYR H 116 2.35 8.39 -38.79
C TYR H 116 1.07 7.68 -39.22
N MET H 117 -0.01 7.78 -38.43
CA MET H 117 -1.27 7.19 -38.84
C MET H 117 -1.86 7.88 -40.06
N GLY H 118 -1.66 9.19 -40.20
CA GLY H 118 -2.13 9.87 -41.40
C GLY H 118 -1.37 9.43 -42.64
N LEU H 119 -0.04 9.36 -42.55
CA LEU H 119 0.74 8.94 -43.71
C LEU H 119 0.48 7.48 -44.07
N THR H 120 0.30 6.61 -43.07
CA THR H 120 0.03 5.22 -43.39
C THR H 120 -1.39 5.01 -43.93
N ALA H 121 -2.37 5.78 -43.45
CA ALA H 121 -3.71 5.67 -44.01
C ALA H 121 -3.75 6.19 -45.44
N ALA H 122 -2.97 7.25 -45.71
CA ALA H 122 -2.79 7.72 -47.08
C ALA H 122 -2.18 6.65 -47.95
N LEU H 123 -1.18 5.93 -47.43
CA LEU H 123 -0.60 4.82 -48.18
C LEU H 123 -1.59 3.70 -48.41
N VAL H 124 -2.48 3.45 -47.45
CA VAL H 124 -3.49 2.39 -47.59
C VAL H 124 -4.43 2.70 -48.74
N LYS H 125 -5.03 3.89 -48.72
CA LYS H 125 -5.97 4.24 -49.78
C LYS H 125 -5.25 4.42 -51.11
N MET H 126 -4.01 4.91 -51.07
CA MET H 126 -3.27 5.19 -52.29
C MET H 126 -2.91 3.89 -53.00
N GLY H 127 -2.54 2.87 -52.22
CA GLY H 127 -2.28 1.57 -52.80
C GLY H 127 -3.51 0.81 -53.20
N GLN H 128 -4.62 0.99 -52.47
CA GLN H 128 -5.85 0.36 -52.89
C GLN H 128 -6.39 1.02 -54.16
N LEU H 129 -6.09 2.30 -54.35
CA LEU H 129 -6.61 3.01 -55.50
C LEU H 129 -5.79 2.70 -56.74
N GLU H 130 -4.47 2.87 -56.68
CA GLU H 130 -3.68 2.58 -57.88
C GLU H 130 -3.58 1.08 -58.13
N GLY H 131 -3.51 0.30 -57.07
CA GLY H 131 -3.56 -1.15 -57.18
C GLY H 131 -2.24 -1.79 -56.82
N TRP H 132 -2.11 -2.18 -55.56
CA TRP H 132 -0.93 -2.86 -55.05
C TRP H 132 -1.42 -4.15 -54.41
N LYS H 133 -0.80 -5.27 -54.80
CA LYS H 133 -1.40 -6.56 -54.53
C LYS H 133 -1.25 -6.98 -53.08
N VAL H 134 -2.31 -7.58 -52.56
CA VAL H 134 -2.41 -7.91 -51.14
C VAL H 134 -1.55 -9.14 -50.88
N PHE H 135 -0.37 -8.91 -50.30
CA PHE H 135 0.45 -9.80 -49.49
C PHE H 135 1.23 -10.83 -50.32
N ALA H 136 1.03 -10.91 -51.63
CA ALA H 136 1.68 -11.92 -52.48
C ALA H 136 1.46 -11.56 -53.94
N GLU H 137 2.26 -12.19 -54.80
CA GLU H 137 1.71 -12.36 -56.15
C GLU H 137 0.87 -13.64 -56.24
N PRO H 138 1.36 -14.84 -55.83
CA PRO H 138 2.65 -15.43 -55.44
C PRO H 138 3.44 -15.93 -56.63
N LYS H 139 2.94 -15.63 -57.83
CA LYS H 139 3.54 -16.11 -59.07
C LYS H 139 4.87 -15.41 -59.35
N VAL H 140 5.48 -15.77 -60.47
CA VAL H 140 6.63 -15.04 -60.98
C VAL H 140 6.36 -14.59 -62.40
N GLY I 5 71.73 58.39 -33.31
CA GLY I 5 71.17 58.37 -31.98
C GLY I 5 69.68 58.59 -31.99
N LYS I 6 69.07 58.24 -33.13
CA LYS I 6 67.64 58.42 -33.34
C LYS I 6 66.93 57.12 -33.66
N ARG I 7 67.60 56.20 -34.34
CA ARG I 7 66.98 54.96 -34.78
C ARG I 7 66.77 54.01 -33.59
N LEU I 8 65.68 53.25 -33.67
CA LEU I 8 65.17 52.43 -32.58
C LEU I 8 65.19 50.97 -32.97
N PHE I 9 64.56 50.15 -32.15
CA PHE I 9 64.37 48.72 -32.43
C PHE I 9 62.89 48.52 -32.71
N ILE I 10 62.54 48.43 -33.98
CA ILE I 10 61.17 48.11 -34.35
C ILE I 10 61.01 46.60 -34.29
N ILE I 11 60.03 46.14 -33.52
CA ILE I 11 59.81 44.70 -33.36
C ILE I 11 59.12 44.20 -34.61
N LYS I 12 59.71 43.26 -35.24
CA LYS I 12 59.05 42.65 -36.38
C LYS I 12 58.49 41.29 -35.98
N PRO I 13 57.44 40.80 -36.64
CA PRO I 13 56.97 39.44 -36.35
C PRO I 13 57.99 38.37 -36.66
N SER I 14 58.35 38.27 -37.94
CA SER I 14 59.39 37.42 -38.53
C SER I 14 59.33 37.67 -40.02
N GLY I 15 60.41 37.33 -40.71
CA GLY I 15 60.36 37.37 -42.16
C GLY I 15 61.04 36.19 -42.81
N PHE I 16 61.71 35.38 -42.00
CA PHE I 16 62.65 34.39 -42.54
C PHE I 16 61.90 33.26 -43.23
N TYR I 17 60.93 32.66 -42.55
CA TYR I 17 60.18 31.55 -43.12
C TYR I 17 59.35 32.01 -44.30
N ASP I 18 58.85 33.24 -44.23
CA ASP I 18 57.97 33.74 -45.29
C ASP I 18 58.76 33.98 -46.56
N LYS I 19 59.90 34.68 -46.45
CA LYS I 19 60.71 34.90 -47.63
C LYS I 19 61.36 33.62 -48.12
N ARG I 20 61.58 32.65 -47.23
CA ARG I 20 62.06 31.34 -47.66
C ARG I 20 61.04 30.63 -48.53
N PHE I 21 59.77 30.64 -48.11
CA PHE I 21 58.73 30.01 -48.91
C PHE I 21 58.55 30.71 -50.25
N LEU I 22 58.52 32.05 -50.25
CA LEU I 22 58.32 32.74 -51.52
C LEU I 22 59.51 32.57 -52.45
N LYS I 23 60.73 32.49 -51.91
CA LYS I 23 61.87 32.27 -52.76
C LYS I 23 61.86 30.86 -53.34
N LEU I 24 61.51 29.86 -52.52
CA LEU I 24 61.42 28.49 -53.06
C LEU I 24 60.30 28.37 -54.08
N LEU I 25 59.20 29.10 -53.89
CA LEU I 25 58.11 29.05 -54.84
C LEU I 25 58.52 29.65 -56.18
N ARG I 26 59.19 30.81 -56.14
CA ARG I 26 59.54 31.45 -57.40
C ARG I 26 60.65 30.69 -58.11
N PHE I 27 61.58 30.09 -57.35
CA PHE I 27 62.63 29.33 -58.01
C PHE I 27 62.10 28.02 -58.58
N TYR I 28 61.13 27.41 -57.92
CA TYR I 28 60.66 26.12 -58.37
C TYR I 28 59.47 26.19 -59.30
N ILE I 29 58.96 27.39 -59.57
CA ILE I 29 58.24 27.57 -60.82
C ILE I 29 59.23 27.94 -61.93
N LEU I 30 60.27 28.71 -61.60
CA LEU I 30 61.28 29.15 -62.56
C LEU I 30 62.07 27.99 -63.15
N LEU I 31 62.17 26.87 -62.43
CA LEU I 31 63.05 25.77 -62.85
C LEU I 31 62.57 25.12 -64.13
N THR I 32 61.27 24.85 -64.23
CA THR I 32 60.66 24.49 -65.51
C THR I 32 59.48 25.38 -65.80
N GLY I 33 59.68 26.69 -65.67
CA GLY I 33 58.77 27.60 -66.32
C GLY I 33 59.46 28.20 -67.52
N ILE I 34 60.69 28.65 -67.30
CA ILE I 34 61.53 29.24 -68.32
C ILE I 34 61.90 28.22 -69.41
N PRO I 35 62.32 26.97 -69.13
CA PRO I 35 62.47 26.02 -70.24
C PRO I 35 61.19 25.71 -70.96
N VAL I 36 60.05 25.78 -70.27
CA VAL I 36 58.78 25.52 -70.92
C VAL I 36 58.38 26.65 -71.86
N VAL I 37 58.54 27.90 -71.42
CA VAL I 37 58.18 29.02 -72.29
C VAL I 37 59.18 29.13 -73.45
N ILE I 38 60.46 28.86 -73.19
CA ILE I 38 61.45 28.83 -74.27
C ILE I 38 61.14 27.73 -75.27
N GLY I 39 60.74 26.55 -74.79
CA GLY I 39 60.40 25.47 -75.69
C GLY I 39 59.18 25.74 -76.53
N ILE I 40 58.11 26.28 -75.91
CA ILE I 40 56.90 26.53 -76.68
C ILE I 40 57.12 27.67 -77.66
N THR I 41 58.00 28.63 -77.33
CA THR I 41 58.30 29.70 -78.26
C THR I 41 59.12 29.20 -79.45
N LEU I 42 60.15 28.39 -79.18
CA LEU I 42 60.96 27.78 -80.24
C LEU I 42 60.13 26.90 -81.15
N ILE I 43 59.17 26.18 -80.58
CA ILE I 43 58.28 25.36 -81.40
C ILE I 43 57.42 26.23 -82.29
N ASN I 44 56.65 27.15 -81.71
CA ASN I 44 55.72 27.85 -82.58
C ASN I 44 56.33 29.02 -83.33
N VAL I 45 57.65 29.22 -83.29
CA VAL I 45 58.27 30.16 -84.21
C VAL I 45 59.28 29.52 -85.15
N PHE I 46 59.84 28.35 -84.84
CA PHE I 46 60.80 27.73 -85.76
C PHE I 46 60.30 26.44 -86.40
N ILE I 47 59.01 26.16 -86.36
CA ILE I 47 58.50 25.06 -87.17
C ILE I 47 57.23 25.52 -87.88
N GLY I 48 56.66 26.63 -87.43
CA GLY I 48 55.46 27.16 -88.02
C GLY I 48 54.21 26.46 -87.52
N GLU I 49 53.05 27.05 -87.83
CA GLU I 49 51.84 26.42 -87.33
C GLU I 49 51.36 25.30 -88.24
N ALA I 50 50.73 25.66 -89.36
CA ALA I 50 49.96 24.73 -90.20
C ALA I 50 49.37 25.53 -91.35
N GLU I 51 48.75 24.80 -92.30
CA GLU I 51 48.11 25.41 -93.46
C GLU I 51 46.73 24.80 -93.69
N LEU I 52 45.84 25.62 -94.25
CA LEU I 52 44.40 25.38 -94.25
C LEU I 52 43.92 24.73 -95.53
N ALA I 53 44.72 23.85 -96.14
CA ALA I 53 44.34 23.33 -97.44
C ALA I 53 43.20 22.35 -97.32
N GLU I 54 42.49 22.17 -98.42
CA GLU I 54 41.37 21.26 -98.44
C GLU I 54 41.86 19.84 -98.65
N ILE I 55 40.95 18.90 -98.45
CA ILE I 55 41.25 17.47 -98.59
C ILE I 55 41.50 17.19 -100.06
N PRO I 56 42.69 16.73 -100.43
CA PRO I 56 42.96 16.45 -101.83
C PRO I 56 42.23 15.19 -102.29
N GLU I 57 42.13 15.05 -103.61
CA GLU I 57 41.33 14.00 -104.20
C GLU I 57 42.00 12.65 -103.98
N GLY I 58 41.23 11.71 -103.43
CA GLY I 58 41.73 10.37 -103.26
C GLY I 58 42.73 10.22 -102.13
N TYR I 59 42.74 11.15 -101.18
CA TYR I 59 43.64 11.05 -100.04
C TYR I 59 42.86 10.91 -98.74
N VAL I 60 43.30 9.98 -97.90
CA VAL I 60 42.75 9.77 -96.58
C VAL I 60 43.81 10.17 -95.55
N PRO I 61 43.53 11.10 -94.66
CA PRO I 61 44.49 11.47 -93.62
C PRO I 61 44.22 10.68 -92.35
N GLU I 62 45.12 10.83 -91.39
CA GLU I 62 44.97 10.16 -90.12
C GLU I 62 44.23 11.05 -89.13
N HIS I 63 44.25 10.69 -87.85
CA HIS I 63 43.55 11.48 -86.85
C HIS I 63 44.29 12.76 -86.51
N TRP I 64 45.58 12.84 -86.78
CA TRP I 64 46.26 14.12 -86.76
C TRP I 64 46.04 14.80 -88.11
N GLU I 65 46.89 15.79 -88.44
CA GLU I 65 46.75 16.66 -89.61
C GLU I 65 45.43 17.42 -89.60
N TYR I 66 44.94 17.69 -88.39
CA TYR I 66 43.69 18.38 -88.19
C TYR I 66 43.84 19.59 -87.29
N PHE I 67 45.03 19.86 -86.80
CA PHE I 67 45.26 20.79 -85.71
C PHE I 67 46.29 21.81 -86.11
N LYS I 68 46.10 23.05 -85.65
CA LYS I 68 46.99 24.15 -85.99
C LYS I 68 48.36 23.96 -85.35
N HIS I 69 48.38 23.96 -84.03
CA HIS I 69 49.63 23.93 -83.29
C HIS I 69 50.29 22.56 -83.43
N PRO I 70 51.59 22.50 -83.64
CA PRO I 70 52.24 21.23 -83.93
C PRO I 70 52.41 20.34 -82.71
N ILE I 71 52.48 20.89 -81.51
CA ILE I 71 52.46 20.00 -80.36
C ILE I 71 51.04 19.54 -80.08
N SER I 72 50.04 20.32 -80.50
CA SER I 72 48.68 19.78 -80.51
C SER I 72 48.57 18.62 -81.49
N ARG I 73 49.25 18.73 -82.64
CA ARG I 73 49.37 17.60 -83.55
C ARG I 73 50.10 16.43 -82.88
N TRP I 74 51.13 16.71 -82.09
CA TRP I 74 51.87 15.63 -81.46
C TRP I 74 51.05 14.93 -80.38
N ILE I 75 50.29 15.70 -79.60
CA ILE I 75 49.41 15.14 -78.58
C ILE I 75 48.33 14.28 -79.22
N ALA I 76 47.84 14.70 -80.38
CA ALA I 76 47.00 13.81 -81.18
C ALA I 76 47.75 12.55 -81.59
N ARG I 77 49.02 12.69 -81.95
CA ARG I 77 49.76 11.59 -82.57
C ARG I 77 50.16 10.53 -81.54
N THR I 78 50.36 10.91 -80.28
CA THR I 78 50.98 9.97 -79.36
C THR I 78 50.16 9.57 -78.15
N PHE I 79 49.13 10.32 -77.76
CA PHE I 79 48.48 10.06 -76.49
C PHE I 79 47.00 9.75 -76.57
N PHE I 80 46.36 9.96 -77.70
CA PHE I 80 44.91 9.89 -77.79
C PHE I 80 44.48 8.78 -78.73
N ASP I 81 43.17 8.74 -78.98
CA ASP I 81 42.58 7.80 -79.91
C ASP I 81 41.72 8.55 -80.92
N ALA I 82 41.60 7.98 -82.10
CA ALA I 82 40.80 8.59 -83.15
C ALA I 82 39.33 8.48 -82.80
N PRO I 83 38.49 9.37 -83.33
CA PRO I 83 37.04 9.16 -83.23
C PRO I 83 36.53 7.96 -84.00
N GLU I 84 37.31 7.42 -84.94
CA GLU I 84 36.94 6.18 -85.60
C GLU I 84 36.92 5.03 -84.59
N LYS I 85 38.05 4.84 -83.91
CA LYS I 85 38.21 3.78 -82.93
C LYS I 85 37.17 3.91 -81.81
N ASN I 86 37.00 5.12 -81.30
CA ASN I 86 36.02 5.39 -80.25
C ASN I 86 34.60 5.18 -80.74
N TYR I 87 34.30 5.64 -81.95
CA TYR I 87 32.93 5.60 -82.45
C TYR I 87 32.48 4.18 -82.72
N GLU I 88 33.33 3.41 -83.38
CA GLU I 88 32.97 2.01 -83.62
C GLU I 88 33.01 1.19 -82.34
N ARG I 89 33.84 1.60 -81.37
CA ARG I 89 33.77 0.99 -80.05
C ARG I 89 32.42 1.23 -79.38
N THR I 90 31.93 2.47 -79.42
CA THR I 90 30.62 2.76 -78.83
C THR I 90 29.51 2.04 -79.55
N MET I 91 29.62 1.91 -80.87
CA MET I 91 28.55 1.23 -81.60
C MET I 91 28.52 -0.25 -81.28
N ALA I 92 29.71 -0.88 -81.20
CA ALA I 92 29.79 -2.29 -80.80
C ALA I 92 29.30 -2.49 -79.38
N ILE I 93 29.59 -1.54 -78.49
CA ILE I 93 29.26 -1.73 -77.09
C ILE I 93 27.76 -1.54 -76.88
N LEU I 94 27.13 -0.69 -77.69
CA LEU I 94 25.69 -0.55 -77.59
C LEU I 94 24.98 -1.76 -78.15
N GLN I 95 25.50 -2.35 -79.22
CA GLN I 95 24.86 -3.54 -79.77
C GLN I 95 24.96 -4.71 -78.79
N ILE I 96 26.11 -4.85 -78.12
CA ILE I 96 26.28 -5.92 -77.13
C ILE I 96 25.29 -5.75 -75.98
N GLU I 97 25.26 -4.56 -75.37
CA GLU I 97 24.40 -4.45 -74.21
C GLU I 97 22.93 -4.35 -74.56
N SER I 98 22.61 -4.00 -75.80
CA SER I 98 21.24 -4.14 -76.29
C SER I 98 20.82 -5.61 -76.34
N GLU I 99 21.70 -6.47 -76.85
CA GLU I 99 21.43 -7.91 -76.81
C GLU I 99 21.23 -8.41 -75.39
N LYS I 100 22.02 -7.87 -74.45
CA LYS I 100 21.86 -8.27 -73.05
C LYS I 100 20.48 -7.90 -72.50
N ALA I 101 20.04 -6.68 -72.78
CA ALA I 101 18.74 -6.24 -72.27
C ALA I 101 17.59 -7.05 -72.88
N GLU I 102 17.68 -7.36 -74.18
CA GLU I 102 16.58 -8.09 -74.81
C GLU I 102 16.55 -9.54 -74.38
N LEU I 103 17.71 -10.15 -74.14
CA LEU I 103 17.72 -11.50 -73.59
C LEU I 103 17.15 -11.53 -72.18
N ARG I 104 17.41 -10.49 -71.38
CA ARG I 104 16.91 -10.49 -70.01
C ARG I 104 15.39 -10.31 -69.97
N LEU I 105 14.86 -9.47 -70.85
CA LEU I 105 13.40 -9.31 -70.93
C LEU I 105 12.73 -10.60 -71.40
N LYS I 106 13.33 -11.27 -72.39
CA LYS I 106 12.74 -12.51 -72.86
C LYS I 106 12.85 -13.61 -71.79
N GLU I 107 13.90 -13.56 -70.97
CA GLU I 107 14.03 -14.50 -69.85
C GLU I 107 12.90 -14.34 -68.84
N LEU I 108 12.61 -13.09 -68.45
CA LEU I 108 11.56 -12.92 -67.45
C LEU I 108 10.17 -13.25 -68.01
N GLU I 109 9.94 -13.01 -69.31
CA GLU I 109 8.67 -13.44 -69.91
C GLU I 109 8.53 -14.96 -69.91
N VAL I 110 9.60 -15.66 -70.31
CA VAL I 110 9.56 -17.11 -70.35
C VAL I 110 9.39 -17.68 -68.95
N ARG I 111 10.00 -17.03 -67.96
CA ARG I 111 9.87 -17.51 -66.58
C ARG I 111 8.44 -17.34 -66.06
N ARG I 112 7.80 -16.21 -66.37
CA ARG I 112 6.45 -16.02 -65.83
C ARG I 112 5.44 -16.94 -66.53
N LEU I 113 5.55 -17.12 -67.85
CA LEU I 113 4.61 -18.02 -68.49
C LEU I 113 4.90 -19.48 -68.18
N MET I 114 6.16 -19.80 -67.88
CA MET I 114 6.54 -21.16 -67.57
C MET I 114 6.14 -21.53 -66.15
N ARG I 115 6.15 -20.57 -65.22
CA ARG I 115 5.58 -20.84 -63.91
C ARG I 115 4.06 -20.89 -63.96
N ALA I 116 3.45 -20.15 -64.88
CA ALA I 116 2.00 -20.18 -65.01
C ALA I 116 1.52 -21.52 -65.54
N LYS I 117 1.91 -21.86 -66.76
CA LYS I 117 1.37 -23.09 -67.33
C LYS I 117 2.12 -24.32 -66.84
N GLY I 118 3.44 -24.33 -66.95
CA GLY I 118 4.22 -25.48 -66.57
C GLY I 118 4.64 -26.38 -67.71
N ASP I 119 4.58 -25.90 -68.95
CA ASP I 119 4.86 -26.70 -70.13
C ASP I 119 6.34 -26.72 -70.48
N GLY I 120 7.20 -26.48 -69.51
CA GLY I 120 8.61 -26.38 -69.78
C GLY I 120 9.43 -27.18 -68.82
N PRO I 121 10.72 -27.34 -69.10
CA PRO I 121 11.58 -28.18 -68.27
C PRO I 121 12.07 -27.53 -66.99
N TRP I 122 11.59 -26.34 -66.63
CA TRP I 122 12.05 -25.74 -65.37
C TRP I 122 11.28 -26.21 -64.15
N PHE I 123 10.01 -25.83 -64.06
CA PHE I 123 9.27 -25.99 -62.81
C PHE I 123 8.52 -27.32 -62.87
N GLN I 124 9.24 -28.37 -62.50
CA GLN I 124 8.66 -29.71 -62.41
C GLN I 124 9.01 -30.25 -61.03
N TYR I 125 8.07 -30.16 -60.15
CA TYR I 125 8.29 -30.59 -58.79
C TYR I 125 8.15 -32.11 -58.73
N PRO I 126 8.97 -32.79 -57.91
CA PRO I 126 9.20 -34.22 -58.12
C PRO I 126 8.01 -35.11 -57.83
N THR I 127 7.44 -35.63 -58.90
CA THR I 127 6.22 -36.43 -58.82
C THR I 127 6.57 -37.89 -58.57
N ILE I 128 5.61 -38.76 -58.78
CA ILE I 128 5.71 -40.14 -58.35
C ILE I 128 6.40 -40.96 -59.43
N ASP I 129 7.38 -41.76 -59.03
CA ASP I 129 8.06 -42.67 -59.95
C ASP I 129 7.25 -43.95 -60.11
N LYS I 130 7.33 -44.56 -61.29
CA LYS I 130 6.53 -45.74 -61.59
C LYS I 130 7.32 -47.04 -61.52
N ALA I 131 8.63 -46.99 -61.31
CA ALA I 131 9.42 -48.23 -61.29
C ALA I 131 9.12 -49.04 -60.03
N LEU I 132 8.82 -48.38 -58.93
CA LEU I 132 8.38 -49.07 -57.73
C LEU I 132 6.92 -49.48 -57.78
N ILE I 133 6.21 -49.20 -58.87
CA ILE I 133 4.84 -49.67 -59.03
C ILE I 133 4.87 -51.08 -59.62
N ASP I 134 4.26 -52.01 -58.91
CA ASP I 134 4.31 -53.42 -59.28
C ASP I 134 2.97 -53.84 -59.85
N HIS I 135 2.99 -54.95 -60.59
CA HIS I 135 1.77 -55.61 -61.05
C HIS I 135 2.07 -57.09 -61.23
N SER I 136 1.46 -57.90 -60.37
CA SER I 136 1.69 -59.34 -60.26
C SER I 136 0.50 -59.91 -59.51
N PRO I 137 0.15 -61.19 -59.71
CA PRO I 137 -1.12 -61.70 -59.17
C PRO I 137 -1.17 -61.73 -57.65
N LYS I 138 -2.11 -60.98 -57.09
CA LYS I 138 -2.28 -60.81 -55.65
C LYS I 138 -3.00 -61.99 -55.02
N ALA I 139 -3.54 -61.81 -53.82
CA ALA I 139 -4.36 -62.84 -53.21
C ALA I 139 -5.85 -62.53 -53.25
N THR I 140 -6.23 -61.34 -53.70
CA THR I 140 -7.63 -60.97 -53.84
C THR I 140 -7.82 -60.29 -55.19
N PRO I 141 -8.74 -60.75 -56.01
CA PRO I 141 -8.94 -60.15 -57.33
C PRO I 141 -9.48 -58.73 -57.28
N ASP I 142 -10.57 -58.52 -56.54
CA ASP I 142 -11.30 -57.26 -56.59
C ASP I 142 -10.53 -56.23 -55.77
N ASN I 143 -9.59 -55.58 -56.41
CA ASN I 143 -8.69 -54.65 -55.75
C ASN I 143 -9.41 -53.34 -55.45
N ASP J 2 55.16 64.36 -38.99
CA ASP J 2 54.84 63.90 -37.64
C ASP J 2 56.10 63.52 -36.86
N ALA J 3 56.84 64.50 -36.37
CA ALA J 3 58.00 64.25 -35.52
C ALA J 3 58.05 65.20 -34.34
N PRO J 4 57.33 64.88 -33.26
CA PRO J 4 57.55 65.61 -32.01
C PRO J 4 58.62 64.95 -31.17
N PRO J 5 59.66 65.67 -30.79
CA PRO J 5 60.62 65.13 -29.82
C PRO J 5 60.24 65.49 -28.39
N LEU J 6 60.34 64.48 -27.52
CA LEU J 6 60.00 64.64 -26.11
C LEU J 6 61.17 64.20 -25.25
N THR J 7 61.31 64.84 -24.10
CA THR J 7 62.35 64.47 -23.14
C THR J 7 61.83 64.76 -21.73
N LEU J 8 62.65 64.41 -20.74
CA LEU J 8 62.23 64.55 -19.35
C LEU J 8 62.17 66.01 -18.94
N GLU J 9 63.31 66.69 -18.98
CA GLU J 9 63.40 67.99 -18.34
C GLU J 9 62.71 69.06 -19.16
N GLY J 10 62.61 68.86 -20.48
CA GLY J 10 61.84 69.77 -21.31
C GLY J 10 60.35 69.75 -20.98
N ILE J 11 59.81 68.56 -20.76
CA ILE J 11 58.39 68.52 -20.41
C ILE J 11 58.18 68.88 -18.94
N LYS J 12 59.20 68.69 -18.09
CA LYS J 12 59.11 69.22 -16.72
C LYS J 12 59.05 70.73 -16.76
N ASP J 13 59.83 71.34 -17.65
CA ASP J 13 59.78 72.77 -17.87
C ASP J 13 58.41 73.21 -18.37
N ARG J 14 57.81 72.46 -19.29
CA ARG J 14 56.53 72.92 -19.83
C ARG J 14 55.40 72.79 -18.83
N VAL J 15 55.37 71.71 -18.04
CA VAL J 15 54.36 71.57 -16.99
C VAL J 15 54.53 72.66 -15.94
N LEU J 16 55.77 72.88 -15.50
CA LEU J 16 56.04 73.91 -14.51
C LEU J 16 55.74 75.29 -15.04
N TYR J 17 55.92 75.49 -16.35
CA TYR J 17 55.65 76.77 -16.98
C TYR J 17 54.16 77.07 -17.02
N VAL J 18 53.35 76.10 -17.45
CA VAL J 18 51.92 76.37 -17.49
C VAL J 18 51.26 76.25 -16.12
N LEU J 19 51.97 75.79 -15.10
CA LEU J 19 51.45 76.05 -13.77
C LEU J 19 51.83 77.43 -13.29
N LYS J 20 52.99 77.93 -13.72
CA LYS J 20 53.38 79.28 -13.34
C LYS J 20 52.51 80.32 -14.01
N LEU J 21 51.99 80.02 -15.21
CA LEU J 21 51.22 81.02 -15.93
C LEU J 21 49.83 81.20 -15.34
N TYR J 22 49.27 80.15 -14.77
CA TYR J 22 47.95 80.26 -14.14
C TYR J 22 48.06 81.08 -12.86
N ASP J 23 47.05 81.94 -12.65
CA ASP J 23 47.29 83.15 -11.86
C ASP J 23 47.20 82.92 -10.36
N LYS J 24 46.15 82.25 -9.88
CA LYS J 24 45.86 82.30 -8.45
C LYS J 24 46.75 81.40 -7.59
N ILE J 25 47.86 80.90 -8.11
CA ILE J 25 48.89 80.31 -7.29
C ILE J 25 49.99 81.35 -7.10
N ASP J 26 50.89 81.08 -6.15
CA ASP J 26 52.01 82.02 -6.11
C ASP J 26 53.21 81.46 -6.88
N PRO J 27 53.98 82.33 -7.54
CA PRO J 27 55.22 81.88 -8.17
C PRO J 27 56.40 81.78 -7.23
N GLU J 28 56.20 82.07 -5.94
CA GLU J 28 57.30 82.06 -4.98
C GLU J 28 57.60 80.66 -4.49
N LYS J 29 56.68 80.09 -3.71
CA LYS J 29 56.85 78.73 -3.20
C LYS J 29 56.05 77.81 -4.10
N LEU J 30 56.69 77.47 -5.23
CA LEU J 30 56.13 76.52 -6.19
C LEU J 30 57.28 75.62 -6.60
N SER J 31 57.52 74.58 -5.82
CA SER J 31 58.64 73.71 -6.10
C SER J 31 58.26 72.73 -7.20
N VAL J 32 59.25 71.94 -7.61
CA VAL J 32 58.99 70.88 -8.58
C VAL J 32 58.13 69.79 -7.95
N ASN J 33 58.52 69.34 -6.77
CA ASN J 33 57.68 68.45 -5.97
C ASN J 33 57.17 69.28 -4.80
N SER J 34 56.09 70.00 -5.03
CA SER J 34 55.34 70.62 -3.95
C SER J 34 53.87 70.38 -4.25
N HIS J 35 53.08 70.24 -3.18
CA HIS J 35 51.73 69.69 -3.31
C HIS J 35 50.77 70.68 -3.95
N PHE J 36 49.52 70.25 -4.09
CA PHE J 36 48.45 71.12 -4.56
C PHE J 36 47.51 71.52 -3.44
N MET J 37 46.91 70.55 -2.78
CA MET J 37 45.91 70.83 -1.77
C MET J 37 46.52 71.13 -0.41
N LYS J 38 47.58 70.43 -0.04
CA LYS J 38 48.09 70.47 1.32
C LYS J 38 48.82 71.78 1.63
N ASP J 39 49.56 72.33 0.67
CA ASP J 39 50.40 73.48 0.95
C ASP J 39 49.99 74.75 0.21
N LEU J 40 49.63 74.64 -1.06
CA LEU J 40 49.13 75.81 -1.78
C LEU J 40 47.74 76.19 -1.30
N GLY J 41 46.94 75.20 -0.91
CA GLY J 41 45.66 75.44 -0.28
C GLY J 41 44.49 75.59 -1.23
N LEU J 42 44.73 75.61 -2.54
CA LEU J 42 43.62 75.73 -3.48
C LEU J 42 42.88 74.39 -3.56
N ASP J 43 41.58 74.47 -3.79
CA ASP J 43 40.67 73.35 -3.54
C ASP J 43 40.69 72.34 -4.68
N SER J 44 39.75 71.41 -4.61
CA SER J 44 39.67 70.29 -5.54
C SER J 44 39.25 70.73 -6.93
N LEU J 45 38.34 71.70 -6.99
CA LEU J 45 37.68 72.05 -8.23
C LEU J 45 38.66 72.75 -9.18
N ASP J 46 39.43 73.69 -8.65
CA ASP J 46 40.44 74.35 -9.45
C ASP J 46 41.61 73.42 -9.76
N GLN J 47 41.84 72.40 -8.92
CA GLN J 47 42.80 71.35 -9.24
C GLN J 47 42.39 70.57 -10.48
N VAL J 48 41.09 70.28 -10.61
CA VAL J 48 40.66 69.58 -11.82
C VAL J 48 40.62 70.51 -13.01
N GLU J 49 40.46 71.82 -12.79
CA GLU J 49 40.69 72.76 -13.88
C GLU J 49 42.16 72.77 -14.32
N ILE J 50 43.09 72.56 -13.39
CA ILE J 50 44.50 72.40 -13.74
C ILE J 50 44.73 71.16 -14.60
N ILE J 51 44.10 70.05 -14.20
CA ILE J 51 44.18 68.80 -14.97
C ILE J 51 43.61 69.01 -16.36
N MET J 52 42.53 69.79 -16.46
CA MET J 52 41.97 70.17 -17.74
C MET J 52 42.96 70.95 -18.58
N ALA J 53 43.75 71.82 -17.93
CA ALA J 53 44.75 72.59 -18.67
C ALA J 53 45.83 71.70 -19.25
N MET J 54 46.30 70.72 -18.46
CA MET J 54 47.33 69.82 -18.99
C MET J 54 46.79 68.95 -20.12
N GLU J 55 45.55 68.49 -20.01
CA GLU J 55 44.94 67.74 -21.11
C GLU J 55 44.77 68.59 -22.35
N ASP J 56 44.32 69.83 -22.17
CA ASP J 56 44.17 70.73 -23.32
C ASP J 56 45.49 71.17 -23.88
N GLU J 57 46.58 70.97 -23.14
CA GLU J 57 47.86 71.30 -23.75
C GLU J 57 48.50 70.12 -24.46
N PHE J 58 48.47 68.92 -23.89
CA PHE J 58 49.33 67.87 -24.42
C PHE J 58 48.61 66.88 -25.34
N GLY J 59 47.30 67.05 -25.56
CA GLY J 59 46.64 66.33 -26.63
C GLY J 59 46.19 64.92 -26.35
N PHE J 60 45.77 64.63 -25.13
CA PHE J 60 45.20 63.34 -24.75
C PHE J 60 44.48 63.54 -23.42
N GLU J 61 43.33 62.91 -23.29
CA GLU J 61 42.63 62.99 -22.02
C GLU J 61 43.30 62.10 -21.00
N ILE J 62 43.25 62.50 -19.73
CA ILE J 62 43.67 61.57 -18.69
C ILE J 62 42.38 61.14 -18.00
N PRO J 63 42.28 59.91 -17.52
CA PRO J 63 40.99 59.43 -17.00
C PRO J 63 40.71 59.92 -15.59
N ASP J 64 39.44 59.78 -15.22
CA ASP J 64 38.98 60.09 -13.87
C ASP J 64 39.43 59.07 -12.84
N ILE J 65 39.81 57.87 -13.28
CA ILE J 65 40.39 56.95 -12.32
C ILE J 65 41.78 57.43 -11.91
N ASP J 66 42.52 58.06 -12.83
CA ASP J 66 43.83 58.59 -12.51
C ASP J 66 43.79 60.04 -12.10
N ALA J 67 42.65 60.71 -12.22
CA ALA J 67 42.57 62.12 -11.89
C ALA J 67 42.54 62.40 -10.39
N GLU J 68 42.48 61.38 -9.54
CA GLU J 68 42.40 61.62 -8.12
C GLU J 68 43.74 61.92 -7.50
N LYS J 69 44.83 61.64 -8.20
CA LYS J 69 46.05 61.26 -7.53
C LYS J 69 47.27 61.88 -8.18
N LEU J 70 47.14 63.12 -8.66
CA LEU J 70 48.29 63.78 -9.24
C LEU J 70 48.98 64.66 -8.20
N MET J 71 48.28 65.67 -7.69
CA MET J 71 48.54 66.33 -6.42
C MET J 71 49.84 67.12 -6.29
N CYS J 72 50.73 67.03 -7.28
CA CYS J 72 52.01 67.74 -7.32
C CYS J 72 52.59 67.57 -8.71
N PRO J 73 53.37 68.54 -9.21
CA PRO J 73 53.82 68.47 -10.62
C PRO J 73 54.77 67.32 -10.93
N GLN J 74 55.51 66.79 -9.95
CA GLN J 74 56.41 65.67 -10.23
C GLN J 74 55.64 64.41 -10.57
N GLU J 75 54.54 64.15 -9.85
CA GLU J 75 53.71 62.98 -10.16
C GLU J 75 52.97 63.18 -11.48
N ILE J 76 52.70 64.42 -11.85
CA ILE J 76 52.13 64.70 -13.17
C ILE J 76 53.12 64.34 -14.26
N VAL J 77 54.38 64.72 -14.09
CA VAL J 77 55.41 64.37 -15.07
C VAL J 77 55.63 62.86 -15.09
N ASP J 78 55.47 62.19 -13.95
CA ASP J 78 55.50 60.72 -13.93
C ASP J 78 54.43 60.12 -14.82
N TYR J 79 53.18 60.57 -14.67
CA TYR J 79 52.09 59.95 -15.41
C TYR J 79 52.15 60.28 -16.90
N ILE J 80 52.53 61.50 -17.25
CA ILE J 80 52.65 61.84 -18.67
C ILE J 80 53.82 61.08 -19.32
N ALA J 81 54.93 60.93 -18.59
CA ALA J 81 56.03 60.13 -19.13
C ALA J 81 55.67 58.65 -19.20
N ASP J 82 54.68 58.19 -18.44
CA ASP J 82 54.14 56.86 -18.68
C ASP J 82 53.26 56.84 -19.91
N LYS J 83 52.56 57.94 -20.19
CA LYS J 83 51.67 57.99 -21.34
C LYS J 83 52.44 57.95 -22.64
N LYS J 84 53.34 58.90 -22.85
CA LYS J 84 54.04 58.99 -24.12
C LYS J 84 55.34 58.20 -24.14
N ASP J 85 55.64 57.44 -23.10
CA ASP J 85 56.87 56.65 -22.94
C ASP J 85 58.10 57.54 -23.10
N VAL J 86 58.21 58.54 -22.24
CA VAL J 86 59.20 59.60 -22.42
C VAL J 86 60.47 59.15 -21.71
N TYR J 87 61.22 58.30 -22.40
CA TYR J 87 62.61 58.05 -22.08
C TYR J 87 63.32 57.79 -23.40
N GLU J 88 64.64 57.69 -23.33
CA GLU J 88 65.37 57.34 -24.55
C GLU J 88 65.25 55.84 -24.76
N PRO K 1 -22.41 -38.52 -61.84
CA PRO K 1 -21.61 -39.71 -62.17
C PRO K 1 -22.47 -40.84 -62.71
N GLY K 2 -21.84 -41.77 -63.43
CA GLY K 2 -22.59 -42.80 -64.11
C GLY K 2 -23.12 -43.85 -63.14
N ILE K 3 -24.29 -44.36 -63.44
CA ILE K 3 -24.95 -45.31 -62.56
C ILE K 3 -24.61 -46.73 -63.00
N VAL K 4 -24.69 -47.65 -62.05
CA VAL K 4 -24.23 -49.00 -62.23
C VAL K 4 -25.32 -49.83 -62.89
N GLU K 5 -24.93 -50.98 -63.43
CA GLU K 5 -25.86 -51.95 -63.98
C GLU K 5 -25.43 -53.33 -63.52
N LEU K 6 -26.40 -54.13 -63.10
CA LEU K 6 -26.19 -55.45 -62.55
C LEU K 6 -27.09 -56.43 -63.28
N PRO K 7 -26.79 -57.71 -63.23
CA PRO K 7 -27.81 -58.70 -63.59
C PRO K 7 -28.83 -58.80 -62.48
N SER K 8 -30.08 -59.02 -62.87
CA SER K 8 -31.19 -59.00 -61.93
C SER K 8 -31.29 -60.33 -61.19
N LEU K 9 -32.41 -60.52 -60.49
CA LEU K 9 -32.59 -61.68 -59.64
C LEU K 9 -32.75 -62.96 -60.45
N GLU K 10 -33.35 -62.87 -61.64
CA GLU K 10 -33.64 -64.03 -62.46
C GLU K 10 -32.40 -64.57 -63.16
N ASP K 11 -31.27 -63.90 -63.03
CA ASP K 11 -30.00 -64.45 -63.43
C ASP K 11 -29.31 -65.15 -62.27
N LEU K 12 -29.56 -64.70 -61.06
CA LEU K 12 -28.95 -65.28 -59.86
C LEU K 12 -29.91 -66.21 -59.13
N LYS K 13 -30.37 -67.25 -59.84
CA LYS K 13 -30.86 -68.45 -59.19
C LYS K 13 -30.12 -69.62 -59.84
N VAL K 14 -29.02 -70.01 -59.22
CA VAL K 14 -28.28 -71.21 -59.58
C VAL K 14 -28.17 -72.05 -58.33
N GLN K 15 -28.56 -73.33 -58.45
CA GLN K 15 -28.59 -74.21 -57.30
C GLN K 15 -27.19 -74.47 -56.76
N GLU K 16 -27.04 -74.27 -55.45
CA GLU K 16 -25.74 -74.20 -54.82
C GLU K 16 -25.50 -75.42 -53.95
N VAL K 17 -24.23 -75.64 -53.63
CA VAL K 17 -23.84 -76.78 -52.80
C VAL K 17 -24.18 -76.44 -51.36
N LYS K 18 -25.35 -76.89 -50.94
CA LYS K 18 -25.85 -76.62 -49.59
C LYS K 18 -25.45 -77.75 -48.64
N VAL K 19 -24.17 -78.09 -48.70
CA VAL K 19 -23.55 -78.98 -47.75
C VAL K 19 -22.73 -78.12 -46.79
N SER K 20 -22.27 -78.74 -45.72
CA SER K 20 -21.57 -77.99 -44.70
C SER K 20 -20.11 -77.77 -45.10
N SER K 21 -19.32 -77.28 -44.15
CA SER K 21 -17.94 -76.91 -44.38
C SER K 21 -16.94 -77.98 -43.97
N SER K 22 -17.29 -78.75 -42.94
CA SER K 22 -16.39 -79.81 -42.47
C SER K 22 -16.23 -80.91 -43.52
N VAL K 23 -17.34 -81.35 -44.12
CA VAL K 23 -17.28 -82.34 -45.19
C VAL K 23 -16.60 -81.75 -46.42
N LEU K 24 -16.75 -80.44 -46.62
CA LEU K 24 -16.20 -79.78 -47.79
C LEU K 24 -14.70 -79.66 -47.69
N LYS K 25 -14.18 -79.58 -46.46
CA LYS K 25 -12.74 -79.75 -46.26
C LYS K 25 -12.35 -81.22 -46.33
N ALA K 26 -13.24 -82.12 -45.89
CA ALA K 26 -12.87 -83.53 -45.78
C ALA K 26 -12.67 -84.17 -47.15
N ALA K 27 -13.38 -83.71 -48.16
CA ALA K 27 -13.25 -84.25 -49.51
C ALA K 27 -12.49 -83.29 -50.42
N ALA K 28 -11.42 -82.67 -49.91
CA ALA K 28 -10.80 -81.56 -50.61
C ALA K 28 -9.99 -82.00 -51.82
N HIS K 29 -9.05 -82.92 -51.63
CA HIS K 29 -8.02 -83.16 -52.63
C HIS K 29 -8.56 -83.85 -53.86
N HIS K 30 -9.40 -84.86 -53.66
CA HIS K 30 -9.95 -85.59 -54.79
C HIS K 30 -10.97 -84.76 -55.53
N TYR K 31 -11.57 -83.77 -54.88
CA TYR K 31 -12.25 -82.71 -55.60
C TYR K 31 -11.27 -81.86 -56.38
N GLY K 32 -10.07 -81.65 -55.82
CA GLY K 32 -9.07 -80.85 -56.50
C GLY K 32 -8.49 -81.51 -57.73
N ALA K 33 -8.58 -82.82 -57.83
CA ALA K 33 -8.06 -83.54 -58.98
C ALA K 33 -9.12 -83.98 -59.96
N GLN K 34 -10.27 -84.45 -59.48
CA GLN K 34 -11.29 -84.99 -60.38
C GLN K 34 -12.00 -83.87 -61.13
N CYS K 35 -12.68 -82.99 -60.40
CA CYS K 35 -13.17 -81.75 -60.98
C CYS K 35 -12.03 -80.74 -61.02
N ASP K 36 -12.38 -79.47 -61.16
CA ASP K 36 -11.46 -78.33 -61.11
C ASP K 36 -10.50 -78.28 -62.29
N LYS K 37 -10.78 -79.01 -63.34
CA LYS K 37 -10.25 -78.66 -64.65
C LYS K 37 -10.91 -77.39 -65.21
N PRO K 38 -12.22 -77.15 -65.09
CA PRO K 38 -12.73 -75.85 -65.57
C PRO K 38 -12.85 -74.74 -64.54
N ASN K 39 -12.52 -74.95 -63.26
CA ASN K 39 -12.65 -73.81 -62.35
C ASN K 39 -11.52 -72.82 -62.53
N LYS K 40 -10.38 -73.28 -63.04
CA LYS K 40 -9.29 -72.36 -63.33
C LYS K 40 -9.64 -71.42 -64.45
N GLU K 41 -10.60 -71.79 -65.28
CA GLU K 41 -11.18 -70.86 -66.23
C GLU K 41 -11.92 -69.74 -65.49
N PHE K 42 -12.67 -70.11 -64.44
CA PHE K 42 -13.33 -69.12 -63.59
C PHE K 42 -12.31 -68.24 -62.89
N MET K 43 -11.23 -68.84 -62.42
CA MET K 43 -10.21 -68.08 -61.70
C MET K 43 -9.47 -67.15 -62.64
N LEU K 44 -9.21 -67.59 -63.86
CA LEU K 44 -8.56 -66.74 -64.85
C LEU K 44 -9.45 -65.58 -65.23
N CYS K 45 -10.75 -65.81 -65.34
CA CYS K 45 -11.68 -64.70 -65.59
C CYS K 45 -11.68 -63.73 -64.44
N ARG K 46 -11.61 -64.25 -63.22
CA ARG K 46 -11.69 -63.41 -62.05
C ARG K 46 -10.44 -62.56 -61.87
N TRP K 47 -9.28 -63.12 -62.19
CA TRP K 47 -8.06 -62.31 -62.06
C TRP K 47 -7.86 -61.37 -63.24
N GLU K 48 -8.13 -61.82 -64.46
CA GLU K 48 -7.94 -60.95 -65.62
C GLU K 48 -8.99 -59.87 -65.71
N GLU K 49 -10.14 -60.09 -65.11
CA GLU K 49 -11.17 -59.06 -65.01
C GLU K 49 -11.67 -59.09 -63.58
N LYS K 50 -11.34 -58.08 -62.80
CA LYS K 50 -11.79 -58.05 -61.41
C LYS K 50 -13.20 -57.46 -61.29
N ASP K 51 -14.11 -58.02 -62.07
CA ASP K 51 -15.48 -57.51 -62.14
C ASP K 51 -16.43 -58.70 -62.13
N PRO K 52 -16.84 -59.18 -60.96
CA PRO K 52 -18.01 -60.04 -60.91
C PRO K 52 -19.25 -59.20 -61.23
N ARG K 53 -20.19 -59.82 -61.97
CA ARG K 53 -21.10 -59.33 -63.02
C ARG K 53 -20.47 -59.38 -64.41
N ARG K 54 -19.32 -60.04 -64.54
CA ARG K 54 -18.85 -60.36 -65.88
C ARG K 54 -18.50 -61.85 -66.01
N CYS K 55 -18.10 -62.49 -64.92
CA CYS K 55 -17.55 -63.84 -64.98
C CYS K 55 -18.45 -64.90 -64.37
N LEU K 56 -19.71 -64.57 -64.05
CA LEU K 56 -20.52 -65.43 -63.18
C LEU K 56 -20.98 -66.71 -63.85
N GLU K 57 -20.93 -66.79 -65.18
CA GLU K 57 -21.41 -68.00 -65.85
C GLU K 57 -20.43 -69.14 -65.66
N GLU K 58 -19.14 -68.84 -65.57
CA GLU K 58 -18.19 -69.86 -65.18
C GLU K 58 -18.37 -70.25 -63.72
N GLY K 59 -18.90 -69.34 -62.90
CA GLY K 59 -19.31 -69.73 -61.56
C GLY K 59 -20.46 -70.72 -61.57
N LYS K 60 -21.41 -70.54 -62.50
CA LYS K 60 -22.47 -71.52 -62.66
C LYS K 60 -21.91 -72.86 -63.11
N LEU K 61 -20.91 -72.82 -63.99
CA LEU K 61 -20.33 -74.05 -64.52
C LEU K 61 -19.56 -74.81 -63.44
N VAL K 62 -18.85 -74.10 -62.58
CA VAL K 62 -18.16 -74.82 -61.50
C VAL K 62 -19.15 -75.27 -60.43
N ASN K 63 -20.26 -74.54 -60.28
CA ASN K 63 -21.33 -74.97 -59.39
C ASN K 63 -21.91 -76.31 -59.81
N GLN K 64 -22.21 -76.46 -61.10
CA GLN K 64 -22.77 -77.73 -61.55
C GLN K 64 -21.71 -78.84 -61.59
N CYS K 65 -20.43 -78.50 -61.79
CA CYS K 65 -19.38 -79.52 -61.68
C CYS K 65 -19.28 -80.07 -60.27
N ALA K 66 -19.26 -79.19 -59.27
CA ALA K 66 -19.15 -79.63 -57.88
C ALA K 66 -20.40 -80.39 -57.45
N LEU K 67 -21.57 -79.99 -57.93
CA LEU K 67 -22.79 -80.72 -57.63
C LEU K 67 -22.78 -82.11 -58.23
N GLU K 68 -22.25 -82.24 -59.46
CA GLU K 68 -22.13 -83.56 -60.07
C GLU K 68 -21.13 -84.42 -59.31
N PHE K 69 -20.04 -83.81 -58.82
CA PHE K 69 -19.04 -84.55 -58.06
C PHE K 69 -19.62 -85.09 -56.76
N PHE K 70 -20.40 -84.27 -56.05
CA PHE K 70 -20.98 -84.76 -54.80
C PHE K 70 -22.10 -85.76 -55.04
N ARG K 71 -22.82 -85.64 -56.15
CA ARG K 71 -23.74 -86.70 -56.57
C ARG K 71 -23.02 -88.02 -56.77
N GLN K 72 -21.87 -87.97 -57.45
CA GLN K 72 -21.10 -89.17 -57.73
C GLN K 72 -20.56 -89.79 -56.45
N ILE K 73 -20.10 -88.97 -55.50
CA ILE K 73 -19.58 -89.56 -54.28
C ILE K 73 -20.71 -89.98 -53.33
N LYS K 74 -21.90 -89.40 -53.45
CA LYS K 74 -23.01 -89.84 -52.59
C LYS K 74 -23.52 -91.18 -53.02
N ARG K 75 -23.88 -91.32 -54.29
CA ARG K 75 -24.58 -92.52 -54.71
C ARG K 75 -23.66 -93.72 -54.93
N HIS K 76 -22.43 -93.68 -54.44
CA HIS K 76 -21.49 -94.78 -54.55
C HIS K 76 -20.71 -94.87 -53.24
N CYS K 77 -19.59 -95.57 -53.30
CA CYS K 77 -18.65 -95.66 -52.18
C CYS K 77 -18.04 -94.28 -51.94
N ALA K 78 -17.93 -93.85 -50.68
CA ALA K 78 -18.21 -94.67 -49.48
C ALA K 78 -19.33 -94.15 -48.60
N GLU K 79 -20.00 -95.08 -47.97
CA GLU K 79 -20.87 -94.76 -46.84
C GLU K 79 -20.07 -94.53 -45.56
N PRO K 80 -19.01 -95.27 -45.22
CA PRO K 80 -18.16 -94.82 -44.10
C PRO K 80 -17.31 -93.60 -44.40
N PHE K 81 -17.36 -93.05 -45.61
CA PHE K 81 -16.93 -91.67 -45.81
C PHE K 81 -17.74 -90.70 -44.95
N THR K 82 -19.01 -90.99 -44.70
CA THR K 82 -19.80 -90.16 -43.82
C THR K 82 -19.27 -90.22 -42.40
N GLU K 83 -18.89 -91.41 -41.98
CA GLU K 83 -18.21 -91.58 -40.71
C GLU K 83 -16.84 -90.89 -40.72
N TYR K 84 -16.20 -90.80 -41.88
CA TYR K 84 -14.92 -90.12 -41.98
C TYR K 84 -15.04 -88.62 -41.74
N TRP K 85 -15.99 -87.97 -42.41
CA TRP K 85 -16.07 -86.53 -42.20
C TRP K 85 -16.68 -86.20 -40.84
N THR K 86 -17.56 -87.05 -40.31
CA THR K 86 -17.98 -86.76 -38.96
C THR K 86 -16.93 -87.14 -37.92
N CYS K 87 -15.90 -87.90 -38.32
CA CYS K 87 -14.76 -88.12 -37.45
C CYS K 87 -13.82 -86.94 -37.45
N ILE K 88 -13.59 -86.31 -38.60
CA ILE K 88 -12.78 -85.10 -38.59
C ILE K 88 -13.59 -83.90 -38.09
N ASP K 89 -14.91 -84.05 -37.98
CA ASP K 89 -15.78 -82.91 -37.69
C ASP K 89 -15.62 -82.43 -36.26
N TYR K 90 -15.48 -83.34 -35.31
CA TYR K 90 -15.44 -82.93 -33.90
C TYR K 90 -14.02 -82.66 -33.42
N SER K 91 -13.04 -82.62 -34.30
CA SER K 91 -11.66 -82.42 -33.85
C SER K 91 -11.21 -80.96 -33.97
N GLY K 92 -12.01 -80.02 -33.45
CA GLY K 92 -11.62 -78.62 -33.36
C GLY K 92 -11.30 -77.99 -34.70
N LEU K 93 -10.21 -77.22 -34.72
CA LEU K 93 -9.65 -76.81 -36.01
C LEU K 93 -9.07 -78.06 -36.65
N GLN K 94 -9.41 -78.27 -37.91
CA GLN K 94 -9.30 -79.59 -38.51
C GLN K 94 -7.86 -79.93 -38.85
N LEU K 95 -7.43 -81.13 -38.47
CA LEU K 95 -6.13 -81.67 -38.83
C LEU K 95 -6.31 -82.95 -39.63
N PHE K 96 -5.39 -83.19 -40.55
CA PHE K 96 -5.41 -84.40 -41.33
C PHE K 96 -4.58 -85.50 -40.71
N ARG K 97 -3.94 -85.24 -39.58
CA ARG K 97 -3.16 -86.24 -38.89
C ARG K 97 -3.95 -86.98 -37.82
N ARG K 98 -5.08 -86.44 -37.39
CA ARG K 98 -5.82 -87.06 -36.31
C ARG K 98 -6.63 -88.26 -36.80
N CYS K 99 -7.63 -88.00 -37.64
CA CYS K 99 -8.51 -89.05 -38.12
C CYS K 99 -7.94 -89.48 -39.47
N ARG K 100 -6.90 -90.32 -39.40
CA ARG K 100 -6.11 -90.67 -40.56
C ARG K 100 -6.41 -92.05 -41.10
N LYS K 101 -6.72 -93.00 -40.23
CA LYS K 101 -6.96 -94.37 -40.67
C LYS K 101 -8.23 -94.47 -41.51
N GLU K 102 -9.25 -93.68 -41.18
CA GLU K 102 -10.45 -93.66 -42.00
C GLU K 102 -10.19 -92.97 -43.33
N GLN K 103 -9.23 -92.04 -43.37
CA GLN K 103 -8.84 -91.45 -44.64
C GLN K 103 -8.20 -92.49 -45.54
N ALA K 104 -7.35 -93.34 -44.97
CA ALA K 104 -6.80 -94.44 -45.76
C ALA K 104 -7.89 -95.43 -46.18
N GLN K 105 -8.90 -95.65 -45.34
CA GLN K 105 -10.01 -96.52 -45.73
C GLN K 105 -10.79 -95.97 -46.91
N PHE K 106 -11.12 -94.68 -46.85
CA PHE K 106 -11.80 -94.00 -47.94
C PHE K 106 -10.95 -93.98 -49.20
N ASP K 107 -9.63 -93.90 -49.06
CA ASP K 107 -8.75 -93.95 -50.22
C ASP K 107 -8.71 -95.35 -50.82
N LYS K 108 -8.71 -96.39 -50.00
CA LYS K 108 -8.76 -97.76 -50.51
C LYS K 108 -10.06 -98.01 -51.25
N CYS K 109 -11.18 -97.52 -50.69
CA CYS K 109 -12.47 -97.49 -51.36
C CYS K 109 -12.39 -96.90 -52.76
N VAL K 110 -11.85 -95.68 -52.85
CA VAL K 110 -11.92 -94.98 -54.13
C VAL K 110 -10.92 -95.57 -55.13
N LEU K 111 -9.81 -96.14 -54.65
CA LEU K 111 -8.86 -96.73 -55.58
C LEU K 111 -9.36 -98.08 -56.09
N ASP K 112 -10.04 -98.85 -55.25
CA ASP K 112 -10.59 -100.12 -55.72
C ASP K 112 -11.78 -99.90 -56.65
N LYS K 113 -12.79 -99.17 -56.19
CA LYS K 113 -14.01 -99.08 -56.98
C LYS K 113 -13.93 -98.04 -58.09
N LEU K 114 -13.16 -96.98 -57.93
CA LEU K 114 -13.33 -95.96 -58.96
C LEU K 114 -12.00 -95.48 -59.53
N GLY K 115 -10.97 -95.34 -58.71
CA GLY K 115 -9.67 -94.84 -59.15
C GLY K 115 -9.20 -93.69 -58.30
N TRP K 116 -8.97 -92.54 -58.94
CA TRP K 116 -8.79 -91.24 -58.29
C TRP K 116 -7.58 -91.24 -57.36
N VAL K 117 -6.40 -91.26 -57.99
CA VAL K 117 -5.15 -91.14 -57.26
C VAL K 117 -5.14 -89.86 -56.43
N ARG K 118 -4.81 -89.99 -55.15
CA ARG K 118 -4.65 -88.82 -54.31
C ARG K 118 -3.38 -88.09 -54.73
N PRO K 119 -3.44 -86.80 -55.01
CA PRO K 119 -2.26 -86.11 -55.54
C PRO K 119 -1.21 -85.84 -54.47
N ASP K 120 0.03 -85.81 -54.94
CA ASP K 120 1.20 -85.67 -54.09
C ASP K 120 1.33 -84.22 -53.60
N LEU K 121 2.12 -84.03 -52.56
CA LEU K 121 2.64 -82.70 -52.27
C LEU K 121 3.81 -82.44 -53.21
N GLY K 122 3.81 -81.31 -53.90
CA GLY K 122 2.83 -80.23 -53.74
C GLY K 122 1.90 -80.00 -54.92
N GLU K 123 1.30 -81.05 -55.47
CA GLU K 123 0.67 -81.00 -56.79
C GLU K 123 -0.57 -80.11 -56.88
N LEU K 124 -1.08 -79.57 -55.77
CA LEU K 124 -2.19 -78.61 -55.83
C LEU K 124 -1.66 -77.17 -55.85
N SER K 125 -0.79 -76.95 -56.83
CA SER K 125 0.03 -75.75 -56.97
C SER K 125 0.45 -75.71 -58.43
N LYS K 126 1.67 -75.19 -58.69
CA LYS K 126 2.38 -75.45 -59.94
C LYS K 126 1.67 -74.81 -61.12
N VAL K 127 1.81 -73.49 -61.22
CA VAL K 127 1.07 -72.53 -62.05
C VAL K 127 0.74 -73.08 -63.43
N THR K 128 -0.50 -72.87 -63.87
CA THR K 128 -1.17 -73.73 -64.82
C THR K 128 -1.62 -72.93 -66.05
N LYS K 129 -1.48 -73.53 -67.22
CA LYS K 129 -1.98 -72.94 -68.45
C LYS K 129 -3.36 -73.50 -68.77
N VAL K 130 -4.18 -72.66 -69.41
CA VAL K 130 -5.50 -73.04 -69.91
C VAL K 130 -5.85 -72.03 -71.00
N LYS K 131 -6.72 -72.43 -71.92
CA LYS K 131 -7.15 -71.53 -72.98
C LYS K 131 -8.66 -71.62 -73.15
N THR K 132 -9.24 -70.48 -73.52
CA THR K 132 -10.69 -70.36 -73.68
C THR K 132 -11.05 -69.84 -75.07
N ASP K 133 -12.31 -69.44 -75.25
CA ASP K 133 -12.72 -68.75 -76.46
C ASP K 133 -12.48 -67.25 -76.33
N ARG K 134 -12.68 -66.70 -75.13
CA ARG K 134 -12.64 -65.25 -74.95
C ARG K 134 -11.21 -64.74 -75.06
N PRO K 135 -11.04 -63.51 -75.54
CA PRO K 135 -9.70 -62.92 -75.62
C PRO K 135 -9.33 -62.23 -74.30
N LEU K 136 -8.07 -61.86 -74.22
CA LEU K 136 -7.64 -60.96 -73.15
C LEU K 136 -8.26 -59.58 -73.41
N PRO K 137 -8.87 -58.95 -72.41
CA PRO K 137 -9.60 -57.72 -72.66
C PRO K 137 -8.70 -56.50 -72.68
N GLU K 138 -9.16 -55.47 -73.39
CA GLU K 138 -8.49 -54.19 -73.35
C GLU K 138 -8.92 -53.39 -72.13
N ASN K 139 -7.98 -52.56 -71.63
CA ASN K 139 -7.96 -51.65 -70.48
C ASN K 139 -8.86 -52.09 -69.31
N PRO K 140 -8.54 -53.22 -68.65
CA PRO K 140 -9.40 -53.69 -67.55
C PRO K 140 -9.47 -52.72 -66.39
N TYR K 141 -8.38 -52.03 -66.13
CA TYR K 141 -8.43 -50.75 -65.44
C TYR K 141 -9.15 -49.77 -66.35
N HIS K 142 -10.41 -49.48 -66.05
CA HIS K 142 -11.19 -48.61 -66.91
C HIS K 142 -10.74 -47.17 -66.69
N SER K 143 -10.12 -46.57 -67.69
CA SER K 143 -9.62 -45.21 -67.55
C SER K 143 -9.56 -44.54 -68.91
N ARG K 144 -9.03 -43.33 -68.91
CA ARG K 144 -8.69 -42.59 -70.11
C ARG K 144 -7.31 -43.03 -70.59
N ALA K 145 -6.79 -42.36 -71.61
CA ALA K 145 -5.39 -42.53 -71.98
C ALA K 145 -4.53 -41.52 -71.22
N ARG K 146 -3.25 -41.84 -71.11
CA ARG K 146 -2.32 -40.97 -70.42
C ARG K 146 -2.12 -39.68 -71.21
N PRO K 147 -2.12 -38.50 -70.56
CA PRO K 147 -2.32 -37.24 -71.29
C PRO K 147 -1.24 -36.83 -72.28
N GLU K 148 0.00 -36.59 -71.83
CA GLU K 148 1.04 -36.04 -72.68
C GLU K 148 2.39 -36.48 -72.13
N PRO K 149 3.43 -36.43 -72.96
CA PRO K 149 4.79 -36.36 -72.42
C PRO K 149 5.17 -34.92 -72.09
N ASN K 150 6.44 -34.69 -71.85
CA ASN K 150 7.24 -33.49 -71.65
C ASN K 150 7.81 -33.02 -72.98
N PRO K 151 7.82 -31.73 -73.30
CA PRO K 151 8.69 -31.29 -74.40
C PRO K 151 10.15 -31.35 -73.98
N GLU K 152 10.87 -32.35 -74.48
CA GLU K 152 12.11 -32.76 -73.85
C GLU K 152 13.31 -32.12 -74.53
N VAL K 153 14.49 -32.50 -74.07
CA VAL K 153 15.75 -31.82 -74.40
C VAL K 153 16.49 -32.66 -75.43
N GLU K 154 16.71 -32.07 -76.62
CA GLU K 154 17.38 -32.76 -77.71
C GLU K 154 18.30 -31.78 -78.41
N GLY K 155 19.60 -32.09 -78.43
CA GLY K 155 20.58 -31.23 -79.05
C GLY K 155 21.73 -30.89 -78.12
N ASP K 156 22.87 -30.51 -78.68
CA ASP K 156 23.99 -30.07 -77.87
C ASP K 156 23.72 -28.68 -77.31
N LEU K 157 24.57 -28.27 -76.39
CA LEU K 157 24.46 -26.95 -75.78
C LEU K 157 25.63 -26.07 -76.19
N LYS K 158 25.33 -24.81 -76.48
CA LYS K 158 26.29 -23.81 -76.91
C LYS K 158 27.04 -23.29 -75.70
N PRO K 159 28.11 -22.52 -75.89
CA PRO K 159 28.60 -21.69 -74.79
C PRO K 159 27.57 -20.63 -74.42
N ALA K 160 27.69 -20.13 -73.20
CA ALA K 160 26.68 -19.26 -72.63
C ALA K 160 26.61 -17.94 -73.36
N ARG K 161 25.43 -17.34 -73.37
CA ARG K 161 25.18 -16.16 -74.18
C ARG K 161 25.65 -14.91 -73.45
N HIS K 162 26.79 -14.38 -73.88
CA HIS K 162 27.38 -13.11 -73.41
C HIS K 162 27.66 -13.08 -71.92
N GLY K 163 27.80 -14.24 -71.28
CA GLY K 163 28.15 -14.25 -69.88
C GLY K 163 26.99 -14.59 -68.98
N SER K 164 27.03 -14.04 -67.75
CA SER K 164 26.03 -14.40 -66.75
C SER K 164 24.67 -13.78 -67.06
N ARG K 165 24.68 -12.65 -67.76
CA ARG K 165 23.53 -11.77 -67.93
C ARG K 165 22.91 -11.40 -66.60
N LEU K 166 23.76 -11.19 -65.60
CA LEU K 166 23.41 -10.52 -64.36
C LEU K 166 23.78 -9.04 -64.57
N PHE K 167 23.87 -8.24 -63.51
CA PHE K 167 24.09 -6.79 -63.65
C PHE K 167 25.40 -6.49 -64.38
N PHE K 168 26.47 -7.12 -63.94
CA PHE K 168 27.76 -7.11 -64.62
C PHE K 168 28.30 -8.49 -64.35
N TRP K 169 29.63 -8.66 -64.32
CA TRP K 169 30.32 -9.95 -64.41
C TRP K 169 30.04 -10.57 -65.77
N THR K 170 30.24 -9.77 -66.81
CA THR K 170 30.08 -10.26 -68.18
C THR K 170 31.17 -11.27 -68.52
N MET K 171 30.92 -12.03 -69.59
CA MET K 171 31.70 -13.18 -70.05
C MET K 171 31.80 -14.27 -68.98
N SER L 3 43.78 35.09 -93.71
CA SER L 3 42.73 35.39 -94.67
C SER L 3 41.38 34.91 -94.17
N TRP L 4 40.30 35.52 -94.67
CA TRP L 4 38.96 35.16 -94.23
C TRP L 4 37.97 35.47 -95.34
N ASP L 5 36.92 34.68 -95.40
CA ASP L 5 35.98 34.74 -96.51
C ASP L 5 35.10 35.98 -96.40
N LYS L 6 35.18 36.85 -97.39
CA LYS L 6 34.53 38.14 -97.33
C LYS L 6 33.08 38.09 -97.75
N ASP L 7 32.68 37.06 -98.49
CA ASP L 7 31.30 36.96 -98.90
C ASP L 7 30.40 36.56 -97.74
N VAL L 8 30.97 35.98 -96.69
CA VAL L 8 30.22 35.59 -95.51
C VAL L 8 30.46 36.57 -94.35
N TYR L 9 31.51 37.38 -94.42
CA TYR L 9 31.79 38.45 -93.47
C TYR L 9 31.76 39.75 -94.25
N PRO L 10 30.59 40.29 -94.51
CA PRO L 10 30.49 41.37 -95.50
C PRO L 10 31.02 42.69 -94.98
N GLU L 11 32.11 43.14 -95.57
CA GLU L 11 32.69 44.43 -95.23
C GLU L 11 32.06 45.48 -96.13
N PRO L 12 31.40 46.49 -95.58
CA PRO L 12 30.76 47.53 -96.39
C PRO L 12 31.79 48.40 -97.09
N PRO L 13 31.38 49.20 -98.10
CA PRO L 13 32.36 50.03 -98.81
C PRO L 13 33.03 51.05 -97.91
N ARG L 14 34.36 51.10 -98.01
CA ARG L 14 35.17 51.96 -97.19
C ARG L 14 34.93 53.42 -97.55
N ARG L 15 35.05 54.30 -96.55
CA ARG L 15 34.96 55.75 -96.73
C ARG L 15 36.03 56.40 -95.88
N THR L 16 36.87 57.22 -96.48
CA THR L 16 37.86 57.93 -95.68
C THR L 16 38.14 59.32 -96.25
N PRO L 17 37.83 60.38 -95.52
CA PRO L 17 38.12 61.72 -96.01
C PRO L 17 39.55 62.16 -95.73
N ALA L 18 40.06 62.99 -96.62
CA ALA L 18 41.42 63.54 -96.50
C ALA L 18 41.39 64.80 -95.65
N PRO L 19 42.18 64.85 -94.58
CA PRO L 19 42.19 66.06 -93.72
C PRO L 19 42.88 67.23 -94.42
N SER L 20 42.23 68.39 -94.39
CA SER L 20 42.65 69.55 -95.17
C SER L 20 42.83 70.77 -94.28
N PRO L 21 43.99 70.91 -93.65
CA PRO L 21 44.31 72.17 -92.98
C PRO L 21 44.70 73.23 -94.01
N GLN L 22 44.48 74.53 -93.72
CA GLN L 22 43.71 75.27 -92.68
C GLN L 22 44.04 75.12 -91.18
N THR L 23 45.30 74.86 -90.86
CA THR L 23 45.85 75.01 -89.52
C THR L 23 47.26 75.59 -89.65
N SER L 24 47.62 76.48 -88.73
CA SER L 24 49.04 76.73 -88.47
C SER L 24 49.25 76.73 -86.95
N LEU L 25 49.23 75.55 -86.36
CA LEU L 25 49.92 75.31 -85.08
C LEU L 25 51.34 74.78 -85.29
N PRO L 26 51.59 73.81 -86.20
CA PRO L 26 50.81 72.77 -86.90
C PRO L 26 51.02 71.32 -86.42
N ASN L 27 49.93 70.53 -86.46
CA ASN L 27 49.93 69.09 -86.66
C ASN L 27 50.76 68.25 -85.70
N PRO L 28 50.27 68.00 -84.48
CA PRO L 28 50.99 67.04 -83.61
C PRO L 28 50.92 65.61 -84.10
N ILE L 29 49.81 65.24 -84.74
CA ILE L 29 49.59 63.84 -85.09
C ILE L 29 50.46 63.40 -86.25
N THR L 30 50.88 64.33 -87.12
CA THR L 30 51.74 63.96 -88.25
C THR L 30 53.14 63.59 -87.77
N TYR L 31 53.73 64.43 -86.91
CA TYR L 31 55.01 64.12 -86.29
C TYR L 31 54.90 62.86 -85.44
N LEU L 32 53.76 62.72 -84.76
CA LEU L 32 53.45 61.52 -83.99
C LEU L 32 53.48 60.26 -84.85
N THR L 33 52.77 60.27 -85.97
CA THR L 33 52.67 59.05 -86.77
C THR L 33 53.94 58.80 -87.59
N LYS L 34 54.71 59.84 -87.91
CA LYS L 34 56.01 59.63 -88.53
C LYS L 34 56.94 58.89 -87.60
N ALA L 35 57.08 59.40 -86.37
CA ALA L 35 57.91 58.72 -85.38
C ALA L 35 57.36 57.36 -85.02
N PHE L 36 56.03 57.20 -85.07
CA PHE L 36 55.43 55.90 -84.78
C PHE L 36 55.76 54.87 -85.84
N ASP L 37 55.67 55.26 -87.13
CA ASP L 37 56.01 54.34 -88.21
C ASP L 37 57.48 53.94 -88.14
N LEU L 38 58.36 54.93 -88.02
CA LEU L 38 59.80 54.66 -88.02
C LEU L 38 60.26 53.91 -86.77
N LEU L 39 59.57 54.05 -85.64
CA LEU L 39 60.04 53.38 -84.44
C LEU L 39 59.32 52.08 -84.12
N VAL L 40 58.13 51.84 -84.65
CA VAL L 40 57.34 50.69 -84.29
C VAL L 40 57.06 49.80 -85.50
N ASP L 41 56.66 50.40 -86.62
CA ASP L 41 56.16 49.59 -87.71
C ASP L 41 57.28 48.89 -88.47
N ARG L 42 58.44 49.54 -88.61
CA ARG L 42 59.54 48.92 -89.34
C ARG L 42 60.17 47.71 -88.63
N PRO L 43 60.64 47.80 -87.36
CA PRO L 43 61.38 46.65 -86.82
C PRO L 43 60.52 45.44 -86.53
N VAL L 44 59.25 45.67 -86.17
CA VAL L 44 58.30 44.57 -86.00
C VAL L 44 58.07 43.87 -87.33
N THR L 45 58.03 44.64 -88.42
CA THR L 45 57.89 44.03 -89.74
C THR L 45 59.14 43.26 -90.13
N LEU L 46 60.31 43.74 -89.73
CA LEU L 46 61.53 42.98 -90.00
C LEU L 46 61.56 41.65 -89.25
N VAL L 47 61.15 41.66 -87.98
CA VAL L 47 61.09 40.43 -87.21
C VAL L 47 60.04 39.49 -87.77
N ARG L 48 58.89 40.03 -88.19
CA ARG L 48 57.83 39.19 -88.74
C ARG L 48 58.21 38.59 -90.08
N GLU L 49 58.98 39.31 -90.90
CA GLU L 49 59.45 38.74 -92.15
C GLU L 49 60.49 37.65 -91.90
N PHE L 50 61.33 37.83 -90.88
CA PHE L 50 62.21 36.75 -90.44
C PHE L 50 61.43 35.52 -90.03
N ILE L 51 60.35 35.72 -89.27
CA ILE L 51 59.49 34.62 -88.86
C ILE L 51 58.84 33.95 -90.06
N GLU L 52 58.42 34.73 -91.04
CA GLU L 52 57.72 34.11 -92.17
C GLU L 52 58.69 33.40 -93.11
N ARG L 53 59.95 33.82 -93.16
CA ARG L 53 60.94 32.99 -93.82
C ARG L 53 61.17 31.69 -93.05
N GLN L 54 61.11 31.75 -91.72
CA GLN L 54 61.17 30.50 -90.95
C GLN L 54 59.93 29.64 -91.16
N HIS L 55 58.78 30.27 -91.43
CA HIS L 55 57.61 29.51 -91.84
C HIS L 55 57.82 28.86 -93.20
N ALA L 56 58.45 29.58 -94.10
CA ALA L 56 58.67 29.10 -95.45
C ALA L 56 59.85 28.16 -95.57
N LYS L 57 60.54 27.86 -94.47
CA LYS L 57 61.57 26.82 -94.50
C LYS L 57 60.95 25.45 -94.79
N ASN L 58 60.06 24.98 -93.92
CA ASN L 58 59.27 23.78 -94.19
C ASN L 58 57.84 24.01 -93.73
N LYS L 59 56.91 23.29 -94.33
CA LYS L 59 55.50 23.63 -94.22
C LYS L 59 54.68 22.44 -93.77
N TYR L 60 53.50 22.75 -93.24
CA TYR L 60 52.50 21.78 -92.82
C TYR L 60 51.20 21.96 -93.60
N TYR L 61 50.20 21.21 -93.18
CA TYR L 61 48.82 21.35 -93.61
C TYR L 61 47.93 20.86 -92.49
N TYR L 62 46.73 21.44 -92.37
CA TYR L 62 45.71 20.81 -91.56
C TYR L 62 44.41 20.90 -92.33
N TYR L 63 43.51 19.94 -92.08
CA TYR L 63 42.35 19.75 -92.93
C TYR L 63 41.07 20.03 -92.16
N HIS L 64 39.98 20.14 -92.91
CA HIS L 64 38.65 20.17 -92.30
C HIS L 64 38.15 18.74 -92.20
N ARG L 65 37.76 18.33 -91.00
CA ARG L 65 37.29 16.97 -90.80
C ARG L 65 35.90 16.81 -91.38
N GLU L 66 35.81 16.48 -92.66
CA GLU L 66 34.52 16.34 -93.32
C GLU L 66 33.83 15.05 -92.90
N PHE L 67 32.51 15.10 -92.87
CA PHE L 67 31.67 13.99 -92.47
C PHE L 67 30.68 13.64 -93.58
N ARG L 68 30.16 12.42 -93.52
CA ARG L 68 29.16 11.96 -94.47
C ARG L 68 27.78 12.44 -94.07
N ARG L 69 26.76 11.82 -94.62
CA ARG L 69 25.38 12.02 -94.20
C ARG L 69 24.76 10.64 -93.97
N VAL L 70 24.76 10.20 -92.71
CA VAL L 70 23.98 9.03 -92.32
C VAL L 70 22.51 9.46 -92.39
N PRO L 71 21.57 8.55 -92.73
CA PRO L 71 20.27 9.01 -93.26
C PRO L 71 19.35 9.81 -92.35
N ASP L 72 18.88 9.25 -91.24
CA ASP L 72 17.65 9.77 -90.67
C ASP L 72 17.40 9.14 -89.31
N ILE L 73 16.54 9.82 -88.53
CA ILE L 73 15.94 9.21 -87.34
C ILE L 73 14.49 8.79 -87.57
N THR L 74 13.82 9.30 -88.61
CA THR L 74 12.52 8.76 -88.93
C THR L 74 12.62 7.45 -89.72
N GLU L 75 13.83 7.01 -90.02
CA GLU L 75 14.07 5.77 -90.74
C GLU L 75 14.71 4.71 -89.85
N CYS L 76 14.68 4.91 -88.54
CA CYS L 76 15.00 3.90 -87.57
C CYS L 76 13.71 3.35 -86.98
N HIS L 77 13.80 2.18 -86.38
CA HIS L 77 12.63 1.46 -85.90
C HIS L 77 12.33 1.82 -84.45
N GLU L 78 11.56 0.97 -83.77
CA GLU L 78 11.26 1.08 -82.34
C GLU L 78 12.49 1.37 -81.50
N LYS L 79 13.43 0.42 -81.46
CA LYS L 79 14.48 0.45 -80.46
C LYS L 79 15.88 0.63 -81.04
N ASP L 80 16.35 -0.32 -81.87
CA ASP L 80 17.43 -0.22 -82.86
C ASP L 80 18.58 0.74 -82.55
N VAL L 81 19.27 0.50 -81.44
CA VAL L 81 20.20 1.44 -80.86
C VAL L 81 21.34 1.79 -81.81
N LEU L 82 21.75 0.83 -82.63
CA LEU L 82 22.82 1.06 -83.58
C LEU L 82 22.38 2.00 -84.71
N CYS L 83 21.09 2.08 -85.00
CA CYS L 83 20.61 3.06 -85.97
C CYS L 83 20.52 4.44 -85.35
N MET L 84 19.91 4.53 -84.17
CA MET L 84 19.68 5.82 -83.53
C MET L 84 20.97 6.46 -83.08
N PHE L 85 22.02 5.68 -82.87
CA PHE L 85 23.29 6.28 -82.48
C PHE L 85 23.83 7.14 -83.60
N GLU L 86 23.83 6.59 -84.83
CA GLU L 86 24.23 7.35 -86.01
C GLU L 86 23.31 8.54 -86.22
N ALA L 87 22.00 8.30 -86.09
CA ALA L 87 21.02 9.36 -86.33
C ALA L 87 21.19 10.52 -85.35
N GLU L 88 21.40 10.21 -84.07
CA GLU L 88 21.39 11.27 -83.11
C GLU L 88 22.75 11.94 -82.97
N MET L 89 23.85 11.25 -83.29
CA MET L 89 25.08 12.01 -83.36
C MET L 89 25.10 12.91 -84.59
N GLN L 90 24.41 12.50 -85.67
CA GLN L 90 24.22 13.40 -86.81
C GLN L 90 23.43 14.62 -86.40
N TRP L 91 22.34 14.41 -85.66
CA TRP L 91 21.52 15.54 -85.21
C TRP L 91 22.27 16.44 -84.24
N LYS L 92 23.13 15.86 -83.40
CA LYS L 92 23.83 16.70 -82.44
C LYS L 92 24.92 17.52 -83.12
N ARG L 93 25.53 16.99 -84.17
CA ARG L 93 26.46 17.80 -84.95
C ARG L 93 25.74 18.93 -85.66
N ASP L 94 24.53 18.67 -86.15
CA ASP L 94 23.70 19.75 -86.68
C ASP L 94 23.40 20.79 -85.63
N TYR L 95 23.19 20.36 -84.38
CA TYR L 95 22.83 21.30 -83.34
C TYR L 95 24.01 22.18 -82.94
N LYS L 96 25.22 21.61 -82.93
CA LYS L 96 26.42 22.41 -82.67
C LYS L 96 26.63 23.45 -83.75
N VAL L 97 26.60 23.02 -85.02
CA VAL L 97 26.83 23.98 -86.10
C VAL L 97 25.69 24.99 -86.20
N ASP L 98 24.50 24.64 -85.75
CA ASP L 98 23.38 25.56 -85.82
C ASP L 98 23.51 26.66 -84.76
N GLN L 99 24.00 26.30 -83.57
CA GLN L 99 24.34 27.32 -82.59
C GLN L 99 25.44 28.24 -83.10
N GLU L 100 26.41 27.68 -83.84
CA GLU L 100 27.46 28.53 -84.38
C GLU L 100 26.94 29.47 -85.47
N ILE L 101 25.89 29.06 -86.20
CA ILE L 101 25.24 29.94 -87.17
C ILE L 101 24.61 31.13 -86.44
N VAL L 102 23.96 30.86 -85.31
CA VAL L 102 23.37 31.95 -84.53
C VAL L 102 24.46 32.89 -84.03
N ASN L 103 25.63 32.34 -83.65
CA ASN L 103 26.75 33.17 -83.21
C ASN L 103 27.27 34.07 -84.33
N ILE L 104 27.29 33.54 -85.57
CA ILE L 104 27.78 34.34 -86.69
C ILE L 104 26.80 35.47 -87.02
N ILE L 105 25.49 35.20 -86.94
CA ILE L 105 24.51 36.27 -87.17
C ILE L 105 24.63 37.35 -86.10
N GLN L 106 24.89 36.94 -84.86
CA GLN L 106 25.04 37.92 -83.79
C GLN L 106 26.30 38.75 -83.95
N GLU L 107 27.38 38.14 -84.45
CA GLU L 107 28.60 38.90 -84.70
C GLU L 107 28.41 39.90 -85.83
N ARG L 108 27.64 39.53 -86.85
CA ARG L 108 27.27 40.48 -87.89
C ARG L 108 26.48 41.65 -87.32
N LEU L 109 25.57 41.38 -86.40
CA LEU L 109 24.76 42.48 -85.86
C LEU L 109 25.61 43.43 -85.02
N LYS L 110 26.56 42.89 -84.26
CA LYS L 110 27.49 43.73 -83.51
C LYS L 110 28.31 44.62 -84.44
N ALA L 111 28.79 44.05 -85.54
CA ALA L 111 29.62 44.83 -86.46
C ALA L 111 28.83 45.92 -87.17
N CYS L 112 27.57 45.61 -87.53
CA CYS L 112 26.70 46.63 -88.13
C CYS L 112 26.43 47.76 -87.16
N GLN L 113 26.24 47.42 -85.90
CA GLN L 113 25.97 48.46 -84.91
C GLN L 113 27.18 49.35 -84.70
N GLN L 114 28.37 48.76 -84.68
CA GLN L 114 29.51 49.62 -84.38
C GLN L 114 29.92 50.47 -85.57
N ARG L 115 29.77 49.97 -86.80
CA ARG L 115 30.20 50.76 -87.96
C ARG L 115 29.36 52.01 -88.14
N GLU L 116 28.04 51.90 -88.00
CA GLU L 116 27.19 53.05 -88.21
C GLU L 116 27.09 53.95 -86.99
N GLY L 117 27.74 53.59 -85.89
CA GLY L 117 28.06 54.53 -84.82
C GLY L 117 26.90 55.09 -84.04
N GLU L 118 26.58 56.36 -84.30
CA GLU L 118 25.54 57.07 -83.58
C GLU L 118 24.23 57.10 -84.35
N SER L 119 24.22 56.59 -85.59
CA SER L 119 23.00 56.44 -86.36
C SER L 119 22.72 54.95 -86.42
N HIS L 120 21.94 54.46 -85.45
CA HIS L 120 21.66 53.04 -85.42
C HIS L 120 20.58 52.70 -86.43
N ARG L 121 19.52 53.49 -86.43
CA ARG L 121 18.22 53.08 -86.95
C ARG L 121 18.13 53.15 -88.46
N GLN L 122 19.20 53.54 -89.13
CA GLN L 122 19.36 53.29 -90.55
C GLN L 122 20.62 52.48 -90.77
N ASN L 123 20.67 51.85 -91.94
CA ASN L 123 21.79 51.06 -92.44
C ASN L 123 22.10 49.86 -91.55
N CYS L 124 21.08 49.32 -90.85
CA CYS L 124 21.15 48.01 -90.23
C CYS L 124 19.83 47.26 -90.35
N ALA L 125 19.03 47.56 -91.38
CA ALA L 125 17.70 46.98 -91.47
C ALA L 125 17.74 45.53 -91.90
N LYS L 126 18.55 45.21 -92.92
CA LYS L 126 18.59 43.86 -93.47
C LYS L 126 19.15 42.87 -92.47
N GLU L 127 20.15 43.30 -91.69
CA GLU L 127 20.76 42.37 -90.76
C GLU L 127 19.85 42.09 -89.58
N LEU L 128 19.10 43.09 -89.12
CA LEU L 128 18.12 42.82 -88.07
C LEU L 128 16.98 41.97 -88.56
N GLN L 129 16.59 42.14 -89.83
CA GLN L 129 15.51 41.33 -90.38
C GLN L 129 15.92 39.87 -90.51
N GLN L 130 17.13 39.62 -91.01
CA GLN L 130 17.59 38.24 -91.10
C GLN L 130 17.89 37.67 -89.72
N PHE L 131 18.21 38.53 -88.74
CA PHE L 131 18.36 38.08 -87.36
C PHE L 131 17.05 37.57 -86.79
N THR L 132 15.97 38.34 -86.97
CA THR L 132 14.68 37.87 -86.47
C THR L 132 14.19 36.66 -87.23
N GLN L 133 14.55 36.53 -88.51
CA GLN L 133 14.16 35.32 -89.23
C GLN L 133 14.87 34.07 -88.69
N VAL L 134 16.20 34.16 -88.52
CA VAL L 134 16.93 32.99 -88.03
C VAL L 134 16.55 32.68 -86.59
N VAL L 135 16.24 33.69 -85.79
CA VAL L 135 15.93 33.37 -84.42
C VAL L 135 14.47 32.98 -84.26
N LYS L 136 13.61 33.35 -85.20
CA LYS L 136 12.26 32.81 -85.20
C LYS L 136 12.30 31.34 -85.55
N ALA L 137 13.17 30.97 -86.48
CA ALA L 137 13.41 29.56 -86.77
C ALA L 137 13.94 28.83 -85.55
N TYR L 138 14.90 29.42 -84.85
CA TYR L 138 15.52 28.73 -83.72
C TYR L 138 14.56 28.60 -82.54
N GLN L 139 13.86 29.68 -82.23
CA GLN L 139 12.85 29.68 -81.17
C GLN L 139 11.73 28.69 -81.47
N ASP L 140 11.30 28.60 -82.72
CA ASP L 140 10.25 27.65 -83.04
C ASP L 140 10.78 26.23 -83.07
N ARG L 141 12.07 26.04 -83.30
CA ARG L 141 12.49 24.69 -83.63
C ARG L 141 13.16 23.98 -82.46
N TYR L 142 14.16 24.57 -81.82
CA TYR L 142 14.98 23.81 -80.89
C TYR L 142 14.85 24.27 -79.46
N HIS L 143 13.95 25.19 -79.15
CA HIS L 143 14.10 25.96 -77.91
C HIS L 143 13.70 25.19 -76.66
N ASP L 144 12.42 24.85 -76.54
CA ASP L 144 11.91 24.53 -75.21
C ASP L 144 11.97 23.04 -74.92
N LEU L 145 13.09 22.40 -75.25
CA LEU L 145 13.24 20.98 -75.01
C LEU L 145 14.07 20.66 -73.76
N GLY L 146 14.47 21.67 -73.01
CA GLY L 146 15.05 21.42 -71.71
C GLY L 146 16.48 20.96 -71.72
N ALA L 147 16.74 19.82 -71.08
CA ALA L 147 18.10 19.38 -70.78
C ALA L 147 18.49 18.13 -71.55
N HIS L 148 17.70 17.08 -71.45
CA HIS L 148 18.08 15.79 -72.03
C HIS L 148 17.51 15.67 -73.44
N TYR L 149 18.01 16.53 -74.32
CA TYR L 149 17.74 16.36 -75.73
C TYR L 149 18.49 15.13 -76.23
N SER L 150 17.79 14.26 -76.95
CA SER L 150 18.43 13.09 -77.52
C SER L 150 18.44 13.20 -79.04
N ALA L 151 17.29 13.06 -79.69
CA ALA L 151 16.85 13.90 -80.79
C ALA L 151 15.34 13.86 -80.69
N ARG L 152 14.87 12.92 -79.87
CA ARG L 152 13.49 12.46 -79.98
C ARG L 152 12.52 13.48 -79.45
N LYS L 153 12.94 14.25 -78.44
CA LYS L 153 12.07 15.30 -77.93
C LYS L 153 11.94 16.44 -78.92
N CYS L 154 12.98 16.69 -79.72
CA CYS L 154 12.88 17.64 -80.81
C CYS L 154 11.84 17.20 -81.84
N LEU L 155 11.79 15.89 -82.14
CA LEU L 155 10.84 15.44 -83.13
C LEU L 155 9.43 15.37 -82.58
N ALA L 156 9.28 15.13 -81.28
CA ALA L 156 7.96 15.23 -80.68
C ALA L 156 7.46 16.67 -80.71
N LYS L 157 8.36 17.63 -80.47
CA LYS L 157 8.03 19.05 -80.65
C LYS L 157 7.64 19.34 -82.08
N GLN L 158 8.34 18.72 -83.03
CA GLN L 158 8.09 18.94 -84.44
C GLN L 158 6.69 18.49 -84.83
N LYS L 159 6.32 17.29 -84.37
CA LYS L 159 4.96 16.78 -84.57
C LYS L 159 3.94 17.69 -83.92
N GLN L 160 4.21 18.14 -82.69
CA GLN L 160 3.25 18.96 -81.95
C GLN L 160 3.02 20.29 -82.63
N ARG L 161 4.09 20.92 -83.12
CA ARG L 161 3.99 22.22 -83.75
C ARG L 161 3.27 22.14 -85.09
N MET L 162 3.64 21.16 -85.92
CA MET L 162 2.94 21.09 -87.20
C MET L 162 1.51 20.60 -87.06
N LEU L 163 1.20 19.85 -86.00
CA LEU L 163 -0.18 19.50 -85.74
C LEU L 163 -0.99 20.71 -85.29
N ALA L 164 -0.36 21.59 -84.51
CA ALA L 164 -0.99 22.86 -84.15
C ALA L 164 -1.28 23.70 -85.38
N GLU L 165 -0.32 23.78 -86.29
CA GLU L 165 -0.56 24.58 -87.49
C GLU L 165 -1.53 23.89 -88.45
N ARG L 166 -1.63 22.56 -88.40
CA ARG L 166 -2.63 21.85 -89.19
C ARG L 166 -4.03 22.20 -88.71
N LYS L 167 -4.24 22.17 -87.39
CA LYS L 167 -5.57 22.50 -86.90
C LYS L 167 -5.83 24.00 -87.02
N ALA L 168 -4.78 24.81 -87.05
CA ALA L 168 -4.93 26.24 -87.29
C ALA L 168 -5.41 26.51 -88.71
N THR L 169 -4.81 25.86 -89.71
CA THR L 169 -5.27 26.07 -91.08
C THR L 169 -6.59 25.36 -91.35
N LYS L 170 -6.96 24.36 -90.55
CA LYS L 170 -8.29 23.79 -90.70
C LYS L 170 -9.36 24.73 -90.17
N GLU L 171 -9.13 25.31 -88.99
CA GLU L 171 -10.06 26.27 -88.44
C GLU L 171 -10.09 27.58 -89.22
N ALA L 172 -9.01 27.92 -89.92
CA ALA L 172 -8.95 29.11 -90.77
C ALA L 172 -8.78 28.75 -92.24
N ALA L 173 -9.39 27.65 -92.68
CA ALA L 173 -9.35 27.25 -94.07
C ALA L 173 -10.62 27.67 -94.81
N LEU M 1 51.55 -28.21 -29.42
CA LEU M 1 51.42 -29.25 -28.41
C LEU M 1 51.08 -30.60 -29.03
N GLN M 2 51.58 -31.65 -28.41
CA GLN M 2 51.17 -33.01 -28.75
C GLN M 2 50.11 -33.45 -27.74
N TYR M 3 48.97 -32.76 -27.80
CA TYR M 3 47.85 -33.03 -26.91
C TYR M 3 46.55 -32.76 -27.65
N GLY M 4 45.48 -32.56 -26.90
CA GLY M 4 44.15 -32.56 -27.44
C GLY M 4 43.48 -33.86 -27.08
N PRO M 5 42.51 -34.28 -27.89
CA PRO M 5 41.93 -35.61 -27.67
C PRO M 5 42.90 -36.73 -27.98
N LEU M 6 43.75 -36.53 -28.99
CA LEU M 6 44.51 -37.61 -29.58
C LEU M 6 45.56 -38.15 -28.63
N ALA M 7 46.08 -37.31 -27.74
CA ALA M 7 47.01 -37.77 -26.73
C ALA M 7 46.34 -38.69 -25.73
N TYR M 8 45.12 -38.36 -25.32
CA TYR M 8 44.42 -39.24 -24.39
C TYR M 8 43.97 -40.51 -25.08
N ILE M 9 43.72 -40.45 -26.38
CA ILE M 9 43.31 -41.66 -27.10
C ILE M 9 44.50 -42.61 -27.27
N LEU M 10 45.66 -42.07 -27.69
CA LEU M 10 46.80 -42.94 -27.91
C LEU M 10 47.54 -43.24 -26.61
N GLY M 11 48.10 -42.21 -25.99
CA GLY M 11 48.67 -42.39 -24.66
C GLY M 11 47.56 -42.63 -23.66
N GLU M 12 47.68 -43.72 -22.90
CA GLU M 12 46.54 -44.34 -22.21
C GLU M 12 45.87 -43.46 -21.18
N LYS M 13 46.59 -43.15 -20.09
CA LYS M 13 46.01 -42.47 -18.97
C LYS M 13 47.04 -41.50 -18.42
N THR M 14 46.76 -41.00 -17.22
CA THR M 14 47.73 -40.33 -16.40
C THR M 14 47.65 -40.83 -14.96
N THR M 15 46.89 -41.89 -14.73
CA THR M 15 46.81 -42.51 -13.43
C THR M 15 48.13 -43.17 -13.04
N LYS M 16 48.90 -43.60 -14.03
CA LYS M 16 50.11 -44.37 -13.80
C LYS M 16 51.23 -43.56 -13.15
N LYS M 17 51.18 -42.23 -13.21
CA LYS M 17 52.17 -41.44 -12.49
C LYS M 17 51.67 -41.05 -11.11
N MET M 18 51.14 -42.05 -10.38
CA MET M 18 50.56 -41.91 -9.05
C MET M 18 50.73 -43.26 -8.37
N THR M 19 50.91 -43.30 -7.04
CA THR M 19 51.07 -42.18 -6.12
C THR M 19 52.08 -42.57 -5.03
N GLU M 20 52.10 -41.78 -3.95
CA GLU M 20 52.98 -41.85 -2.77
C GLU M 20 54.40 -41.42 -3.08
N ASN M 21 54.69 -41.05 -4.32
CA ASN M 21 55.77 -40.15 -4.66
C ASN M 21 55.21 -38.81 -5.13
N SER M 22 54.36 -38.85 -6.14
CA SER M 22 53.78 -37.63 -6.69
C SER M 22 52.62 -37.17 -5.80
N LYS M 23 52.68 -35.92 -5.38
CA LYS M 23 51.72 -35.32 -4.45
C LYS M 23 51.91 -33.80 -4.42
N LEU M 24 50.97 -33.13 -3.75
CA LEU M 24 51.01 -31.69 -3.52
C LEU M 24 51.19 -31.41 -2.03
N ILE M 25 52.38 -30.98 -1.66
CA ILE M 25 52.57 -30.51 -0.31
C ILE M 25 52.75 -29.00 -0.39
N THR M 26 52.34 -28.29 0.65
CA THR M 26 52.40 -26.84 0.64
C THR M 26 52.77 -26.35 2.02
N VAL M 27 53.92 -25.72 2.14
CA VAL M 27 54.41 -25.23 3.42
C VAL M 27 54.01 -23.78 3.57
N ASP M 28 53.25 -23.47 4.62
CA ASP M 28 52.78 -22.11 4.86
C ASP M 28 53.11 -21.70 6.28
N GLY M 29 53.90 -20.65 6.42
CA GLY M 29 54.18 -20.06 7.71
C GLY M 29 53.79 -18.60 7.70
N ASN M 30 54.37 -17.83 8.61
CA ASN M 30 54.15 -16.39 8.58
C ASN M 30 55.35 -15.79 7.84
N ILE M 31 55.44 -14.47 7.81
CA ILE M 31 56.35 -13.81 6.87
C ILE M 31 57.79 -13.98 7.33
N CYS M 32 58.64 -14.45 6.41
CA CYS M 32 60.08 -14.60 6.55
C CYS M 32 60.46 -15.55 7.69
N SER M 33 59.56 -16.46 8.07
CA SER M 33 59.82 -17.31 9.22
C SER M 33 59.87 -18.77 8.82
N GLY M 34 58.75 -19.32 8.35
CA GLY M 34 58.80 -20.60 7.69
C GLY M 34 59.08 -20.32 6.24
N LYS M 35 60.35 -20.35 5.89
CA LYS M 35 60.78 -20.03 4.54
C LYS M 35 61.33 -21.30 3.93
N SER M 36 62.02 -21.14 2.80
CA SER M 36 62.52 -22.25 2.00
C SER M 36 63.57 -23.11 2.71
N LYS M 37 63.93 -22.85 3.97
CA LYS M 37 64.67 -23.83 4.76
C LYS M 37 63.90 -25.14 4.82
N LEU M 38 62.69 -25.09 5.36
CA LEU M 38 61.89 -26.29 5.54
C LEU M 38 61.43 -26.85 4.20
N ALA M 39 61.20 -25.97 3.22
CA ALA M 39 60.78 -26.42 1.91
C ALA M 39 61.90 -27.15 1.18
N LYS M 40 63.12 -26.60 1.23
CA LYS M 40 64.25 -27.31 0.65
C LYS M 40 64.56 -28.59 1.39
N GLU M 41 64.30 -28.64 2.70
CA GLU M 41 64.50 -29.89 3.43
C GLU M 41 63.52 -30.96 2.97
N VAL M 42 62.24 -30.63 2.88
CA VAL M 42 61.28 -31.66 2.48
C VAL M 42 61.46 -32.02 1.03
N ALA M 43 61.95 -31.10 0.21
CA ALA M 43 62.23 -31.44 -1.18
C ALA M 43 63.43 -32.37 -1.29
N GLU M 44 64.49 -32.10 -0.54
CA GLU M 44 65.72 -32.87 -0.66
C GLU M 44 65.70 -34.16 0.14
N LYS M 45 64.77 -34.32 1.07
CA LYS M 45 64.66 -35.56 1.80
C LYS M 45 63.36 -36.30 1.55
N LEU M 46 62.47 -35.78 0.70
CA LEU M 46 61.26 -36.49 0.38
C LEU M 46 61.20 -36.92 -1.08
N GLY M 47 62.15 -36.47 -1.90
CA GLY M 47 62.18 -36.87 -3.30
C GLY M 47 61.07 -36.25 -4.10
N LEU M 48 61.11 -34.93 -4.24
CA LEU M 48 59.92 -34.17 -4.59
C LEU M 48 60.34 -32.79 -5.07
N LYS M 49 59.99 -32.45 -6.31
CA LYS M 49 60.67 -31.38 -7.01
C LYS M 49 60.13 -30.01 -6.62
N HIS M 50 61.05 -29.08 -6.37
CA HIS M 50 60.78 -27.84 -5.66
C HIS M 50 60.41 -26.73 -6.61
N PHE M 51 59.50 -25.85 -6.16
CA PHE M 51 59.31 -24.58 -6.82
C PHE M 51 59.49 -23.44 -5.83
N PRO M 52 60.18 -22.37 -6.23
CA PRO M 52 60.50 -21.29 -5.28
C PRO M 52 59.31 -20.47 -4.84
N GLU M 53 59.59 -19.49 -3.99
CA GLU M 53 58.57 -18.57 -3.50
C GLU M 53 58.05 -17.71 -4.64
N ALA M 54 56.77 -17.36 -4.57
CA ALA M 54 56.12 -16.61 -5.64
C ALA M 54 56.27 -15.13 -5.36
N GLY M 55 57.32 -14.54 -5.92
CA GLY M 55 57.53 -13.11 -5.79
C GLY M 55 56.72 -12.33 -6.79
N ILE M 56 57.33 -11.32 -7.42
CA ILE M 56 56.67 -10.50 -8.41
C ILE M 56 57.12 -10.85 -9.82
N HIS M 57 58.43 -10.97 -10.04
CA HIS M 57 58.94 -11.16 -11.39
C HIS M 57 58.96 -12.63 -11.80
N TYR M 58 58.07 -13.45 -11.24
CA TYR M 58 57.90 -14.80 -11.76
C TYR M 58 57.33 -14.79 -13.17
N ALA M 59 56.44 -13.84 -13.45
CA ALA M 59 55.97 -13.69 -14.82
C ALA M 59 57.08 -13.22 -15.75
N ASP M 60 58.07 -12.53 -15.21
CA ASP M 60 59.23 -12.17 -16.00
C ASP M 60 60.12 -13.38 -16.27
N SER M 61 60.33 -14.19 -15.24
CA SER M 61 61.26 -15.31 -15.37
C SER M 61 60.59 -16.60 -15.78
N THR M 62 59.33 -16.56 -16.20
CA THR M 62 58.65 -17.81 -16.52
C THR M 62 58.66 -18.16 -17.99
N THR M 63 58.93 -17.21 -18.87
CA THR M 63 58.89 -17.49 -20.30
C THR M 63 59.86 -16.58 -21.02
N GLY M 64 60.42 -17.09 -22.11
CA GLY M 64 61.46 -16.38 -22.81
C GLY M 64 62.70 -16.25 -21.94
N ASP M 65 63.27 -15.06 -21.92
CA ASP M 65 64.42 -14.80 -21.09
C ASP M 65 64.01 -14.76 -19.62
N GLY M 66 64.89 -15.25 -18.78
CA GLY M 66 64.72 -15.20 -17.35
C GLY M 66 65.23 -13.94 -16.71
N LYS M 67 65.81 -13.05 -17.50
CA LYS M 67 66.17 -11.74 -17.01
C LYS M 67 64.89 -10.96 -16.73
N PRO M 68 64.74 -10.39 -15.53
CA PRO M 68 63.46 -9.76 -15.18
C PRO M 68 63.27 -8.43 -15.87
N LEU M 69 62.07 -8.21 -16.30
CA LEU M 69 61.62 -7.02 -16.98
C LEU M 69 61.36 -5.91 -15.95
N PRO M 70 61.55 -4.65 -16.32
CA PRO M 70 61.43 -3.57 -15.32
C PRO M 70 59.98 -3.32 -14.94
N VAL M 71 59.83 -2.57 -13.84
CA VAL M 71 58.55 -2.46 -13.16
C VAL M 71 57.52 -1.62 -13.91
N ARG M 72 57.90 -0.96 -15.00
CA ARG M 72 56.90 -0.30 -15.83
C ARG M 72 55.98 -1.31 -16.48
N PHE M 73 56.52 -2.49 -16.83
CA PHE M 73 55.74 -3.54 -17.45
C PHE M 73 55.16 -4.47 -16.40
N SER M 74 56.02 -5.14 -15.64
CA SER M 74 55.59 -6.17 -14.70
C SER M 74 55.08 -5.62 -13.39
N GLY M 75 54.81 -4.33 -13.29
CA GLY M 75 54.33 -3.78 -12.03
C GLY M 75 52.86 -3.43 -12.06
N ASN M 76 52.50 -2.26 -11.54
CA ASN M 76 53.45 -1.35 -10.91
C ASN M 76 53.36 -1.53 -9.42
N CYS M 77 53.95 -2.62 -8.94
CA CYS M 77 53.74 -3.08 -7.57
C CYS M 77 54.48 -2.19 -6.58
N SER M 78 55.81 -2.11 -6.71
CA SER M 78 56.72 -1.39 -5.82
C SER M 78 56.59 -1.89 -4.38
N LEU M 79 57.09 -3.12 -4.20
CA LEU M 79 56.88 -3.86 -2.96
C LEU M 79 57.49 -3.16 -1.75
N GLU M 80 58.67 -2.57 -1.92
CA GLU M 80 59.25 -1.86 -0.79
C GLU M 80 58.49 -0.57 -0.49
N LYS M 81 57.87 0.04 -1.50
CA LYS M 81 56.95 1.14 -1.23
C LYS M 81 55.71 0.66 -0.50
N PHE M 82 55.27 -0.58 -0.74
CA PHE M 82 54.15 -1.11 0.03
C PHE M 82 54.53 -1.33 1.48
N TYR M 83 55.72 -1.89 1.71
CA TYR M 83 56.14 -2.12 3.08
C TYR M 83 56.42 -0.82 3.82
N ASP M 84 56.84 0.23 3.11
CA ASP M 84 57.08 1.51 3.78
C ASP M 84 55.79 2.26 4.04
N ASP M 85 55.00 2.48 2.99
CA ASP M 85 53.76 3.27 3.07
C ASP M 85 52.60 2.42 2.58
N PRO M 86 52.02 1.59 3.43
CA PRO M 86 50.77 0.94 3.02
C PRO M 86 49.54 1.76 3.38
N LYS M 87 49.62 3.08 3.18
CA LYS M 87 48.50 3.96 3.49
C LYS M 87 48.29 5.04 2.46
N SER M 88 49.16 5.17 1.46
CA SER M 88 49.05 6.23 0.48
C SER M 88 47.94 5.91 -0.50
N ASN M 89 47.09 6.90 -0.78
CA ASN M 89 45.93 6.70 -1.63
C ASN M 89 46.25 6.86 -3.11
N ASP M 90 47.51 6.79 -3.48
CA ASP M 90 47.87 6.82 -4.89
C ASP M 90 47.65 5.48 -5.56
N GLY M 91 47.51 4.42 -4.77
CA GLY M 91 47.27 3.09 -5.26
C GLY M 91 48.56 2.32 -5.26
N ASN M 92 48.83 1.61 -4.18
CA ASN M 92 50.05 0.82 -4.11
C ASN M 92 49.87 -0.48 -3.33
N SER M 93 48.69 -0.71 -2.77
CA SER M 93 48.44 -1.92 -2.00
C SER M 93 47.64 -2.94 -2.78
N TYR M 94 46.49 -2.53 -3.33
CA TYR M 94 45.62 -3.49 -3.97
C TYR M 94 46.16 -3.93 -5.31
N ARG M 95 46.83 -3.02 -6.02
CA ARG M 95 47.48 -3.37 -7.27
C ARG M 95 48.49 -4.48 -7.05
N LEU M 96 49.35 -4.30 -6.05
CA LEU M 96 50.29 -5.32 -5.63
C LEU M 96 49.59 -6.59 -5.19
N GLN M 97 48.43 -6.44 -4.55
CA GLN M 97 47.67 -7.59 -4.07
C GLN M 97 47.20 -8.45 -5.23
N ALA M 98 46.56 -7.84 -6.20
CA ALA M 98 46.05 -8.58 -7.34
C ALA M 98 47.18 -9.12 -8.21
N TRP M 99 48.30 -8.41 -8.29
CA TRP M 99 49.43 -8.92 -9.03
C TRP M 99 50.02 -10.15 -8.37
N LEU M 100 50.15 -10.11 -7.04
CA LEU M 100 50.61 -11.30 -6.33
C LEU M 100 49.62 -12.45 -6.45
N TYR M 101 48.33 -12.14 -6.54
CA TYR M 101 47.33 -13.18 -6.70
C TYR M 101 47.48 -13.88 -8.03
N ALA M 102 47.68 -13.10 -9.09
CA ALA M 102 47.93 -13.69 -10.40
C ALA M 102 49.25 -14.44 -10.43
N SER M 103 50.25 -13.97 -9.70
CA SER M 103 51.53 -14.67 -9.66
C SER M 103 51.39 -16.03 -8.99
N ARG M 104 50.74 -16.05 -7.82
CA ARG M 104 50.45 -17.30 -7.10
C ARG M 104 49.65 -18.26 -7.96
N LEU M 105 48.66 -17.74 -8.68
CA LEU M 105 47.80 -18.60 -9.48
C LEU M 105 48.56 -19.19 -10.66
N LEU M 106 49.43 -18.38 -11.27
CA LEU M 106 50.25 -18.84 -12.38
C LEU M 106 51.18 -19.97 -11.95
N GLN M 107 51.93 -19.75 -10.87
CA GLN M 107 52.89 -20.77 -10.47
C GLN M 107 52.20 -21.97 -9.87
N TYR M 108 50.99 -21.80 -9.33
CA TYR M 108 50.18 -22.93 -8.90
C TYR M 108 49.76 -23.79 -10.07
N ALA M 109 49.32 -23.16 -11.16
CA ALA M 109 48.92 -23.94 -12.33
C ALA M 109 50.11 -24.65 -12.97
N ASP M 110 51.26 -23.99 -12.99
CA ASP M 110 52.44 -24.63 -13.56
C ASP M 110 52.90 -25.82 -12.72
N ALA M 111 52.85 -25.67 -11.39
CA ALA M 111 53.16 -26.79 -10.52
C ALA M 111 52.13 -27.89 -10.62
N LEU M 112 50.88 -27.55 -10.94
CA LEU M 112 49.88 -28.59 -11.13
C LEU M 112 50.17 -29.39 -12.39
N GLU M 113 50.66 -28.71 -13.45
CA GLU M 113 51.05 -29.46 -14.64
C GLU M 113 52.24 -30.34 -14.36
N HIS M 114 53.22 -29.82 -13.64
CA HIS M 114 54.40 -30.62 -13.32
C HIS M 114 54.10 -31.72 -12.32
N LEU M 115 52.99 -31.64 -11.59
CA LEU M 115 52.51 -32.83 -10.90
C LEU M 115 51.89 -33.82 -11.88
N LEU M 116 51.00 -33.35 -12.74
CA LEU M 116 50.24 -34.25 -13.60
C LEU M 116 51.07 -34.90 -14.70
N SER M 117 52.28 -34.43 -14.92
CA SER M 117 53.21 -35.09 -15.84
C SER M 117 54.49 -35.39 -15.08
N THR M 118 54.99 -36.62 -15.22
CA THR M 118 56.34 -37.07 -14.88
C THR M 118 56.58 -37.18 -13.36
N GLY M 119 55.67 -36.66 -12.55
CA GLY M 119 56.02 -36.52 -11.16
C GLY M 119 56.92 -35.28 -10.99
N GLN M 120 57.53 -35.16 -9.81
CA GLN M 120 57.49 -36.15 -8.76
C GLN M 120 56.67 -35.62 -7.59
N GLY M 121 55.70 -34.78 -7.88
CA GLY M 121 55.08 -34.06 -6.77
C GLY M 121 55.89 -32.84 -6.38
N VAL M 122 55.19 -31.79 -5.95
CA VAL M 122 55.86 -30.53 -5.70
C VAL M 122 55.54 -30.00 -4.32
N VAL M 123 56.49 -29.21 -3.83
CA VAL M 123 56.33 -28.40 -2.63
C VAL M 123 56.06 -26.97 -3.05
N LEU M 124 54.89 -26.48 -2.70
CA LEU M 124 54.56 -25.07 -2.83
C LEU M 124 54.89 -24.36 -1.54
N GLU M 125 54.97 -23.05 -1.63
CA GLU M 125 55.16 -22.24 -0.44
C GLU M 125 54.43 -20.93 -0.64
N ARG M 126 53.59 -20.60 0.35
CA ARG M 126 52.72 -19.43 0.34
C ARG M 126 51.77 -19.48 -0.87
N SER M 127 50.87 -20.46 -0.81
CA SER M 127 49.91 -20.66 -1.89
C SER M 127 48.75 -19.68 -1.75
N ILE M 128 47.72 -19.90 -2.58
CA ILE M 128 46.66 -18.94 -2.85
C ILE M 128 45.75 -18.71 -1.64
N TYR M 129 45.63 -19.70 -0.79
CA TYR M 129 44.69 -19.64 0.33
C TYR M 129 45.22 -18.68 1.39
N SER M 130 46.53 -18.72 1.60
CA SER M 130 47.21 -17.69 2.35
C SER M 130 47.03 -16.31 1.74
N ASP M 131 46.78 -16.21 0.44
CA ASP M 131 46.61 -14.89 -0.14
C ASP M 131 45.26 -14.31 0.18
N PHE M 132 44.19 -15.13 0.21
CA PHE M 132 42.95 -14.50 0.64
C PHE M 132 42.98 -14.21 2.13
N VAL M 133 43.73 -15.01 2.90
CA VAL M 133 43.97 -14.68 4.30
C VAL M 133 44.72 -13.35 4.43
N PHE M 134 45.67 -13.08 3.52
CA PHE M 134 46.38 -11.81 3.53
C PHE M 134 45.45 -10.64 3.25
N LEU M 135 44.50 -10.81 2.32
CA LEU M 135 43.58 -9.70 2.06
C LEU M 135 42.68 -9.48 3.27
N GLU M 136 42.24 -10.56 3.91
CA GLU M 136 41.42 -10.46 5.12
C GLU M 136 42.12 -9.68 6.22
N ALA M 137 43.37 -10.05 6.53
CA ALA M 137 44.09 -9.35 7.60
C ALA M 137 44.50 -7.93 7.19
N MET M 138 44.77 -7.72 5.91
CA MET M 138 45.11 -6.39 5.42
C MET M 138 43.91 -5.46 5.51
N TYR M 139 42.71 -6.01 5.37
CA TYR M 139 41.52 -5.23 5.62
C TYR M 139 41.29 -5.04 7.12
N ARG M 140 41.73 -6.00 7.95
CA ARG M 140 41.63 -5.82 9.39
C ARG M 140 42.47 -4.65 9.87
N GLN M 141 43.62 -4.41 9.23
CA GLN M 141 44.34 -3.19 9.55
C GLN M 141 43.67 -1.95 8.96
N GLY M 142 42.75 -2.10 8.03
CA GLY M 142 42.09 -0.95 7.48
C GLY M 142 42.96 -0.22 6.48
N PHE M 143 43.39 -0.92 5.44
CA PHE M 143 44.13 -0.29 4.37
C PHE M 143 43.34 -0.10 3.09
N ILE M 144 42.30 -0.91 2.87
CA ILE M 144 41.56 -0.91 1.61
C ILE M 144 40.09 -0.75 1.91
N ARG M 145 39.42 0.09 1.12
CA ARG M 145 37.97 0.26 1.15
C ARG M 145 37.26 -1.06 0.86
N LYS M 146 36.06 -1.19 1.44
CA LYS M 146 35.34 -2.47 1.46
C LYS M 146 34.92 -2.94 0.07
N GLN M 147 34.64 -1.99 -0.82
CA GLN M 147 34.28 -2.29 -2.22
C GLN M 147 35.34 -3.12 -2.91
N CYS M 148 36.59 -2.78 -2.67
CA CYS M 148 37.67 -3.45 -3.36
C CYS M 148 37.95 -4.81 -2.74
N VAL M 149 37.64 -4.94 -1.44
CA VAL M 149 37.65 -6.24 -0.78
C VAL M 149 36.61 -7.15 -1.42
N ASP M 150 35.44 -6.60 -1.75
CA ASP M 150 34.42 -7.39 -2.44
C ASP M 150 34.86 -7.77 -3.85
N HIS M 151 35.63 -6.91 -4.51
CA HIS M 151 36.17 -7.27 -5.83
C HIS M 151 37.10 -8.47 -5.75
N TYR M 152 38.02 -8.44 -4.78
CA TYR M 152 38.90 -9.59 -4.60
C TYR M 152 38.13 -10.83 -4.21
N ASN M 153 37.04 -10.65 -3.45
CA ASN M 153 36.18 -11.77 -3.12
C ASN M 153 35.58 -12.37 -4.39
N GLN M 154 35.24 -11.53 -5.37
CA GLN M 154 34.66 -12.04 -6.61
C GLN M 154 35.68 -12.79 -7.44
N VAL M 155 36.90 -12.25 -7.50
CA VAL M 155 37.99 -12.95 -8.18
C VAL M 155 38.25 -14.31 -7.53
N LYS M 156 38.21 -14.33 -6.19
CA LYS M 156 38.41 -15.58 -5.46
C LYS M 156 37.28 -16.56 -5.72
N LYS M 157 36.05 -16.06 -5.86
CA LYS M 157 34.91 -16.91 -6.16
C LYS M 157 35.08 -17.59 -7.50
N VAL M 158 35.52 -16.84 -8.50
CA VAL M 158 35.51 -17.41 -9.84
C VAL M 158 36.72 -18.30 -10.08
N THR M 159 37.91 -17.88 -9.62
CA THR M 159 39.12 -18.58 -9.99
C THR M 159 39.29 -19.91 -9.27
N VAL M 160 39.13 -19.91 -7.94
CA VAL M 160 39.46 -21.06 -7.11
C VAL M 160 38.50 -22.22 -7.34
N CYS M 161 37.31 -21.95 -7.83
CA CYS M 161 36.28 -22.97 -8.00
C CYS M 161 36.40 -23.72 -9.32
N GLU M 162 37.61 -23.84 -9.85
CA GLU M 162 37.88 -24.69 -11.00
C GLU M 162 38.94 -25.73 -10.72
N TYR M 163 39.53 -25.73 -9.55
CA TYR M 163 40.76 -26.48 -9.29
C TYR M 163 40.54 -27.55 -8.23
N LEU M 164 41.65 -28.13 -7.79
CA LEU M 164 41.67 -29.07 -6.71
C LEU M 164 42.51 -28.49 -5.58
N PRO M 165 42.02 -28.52 -4.34
CA PRO M 165 42.86 -28.14 -3.22
C PRO M 165 43.96 -29.16 -3.00
N PRO M 166 45.14 -28.74 -2.58
CA PRO M 166 46.29 -29.65 -2.48
C PRO M 166 46.12 -30.70 -1.40
N HIS M 167 47.07 -31.64 -1.38
CA HIS M 167 47.00 -32.76 -0.46
C HIS M 167 47.26 -32.30 0.96
N VAL M 168 48.45 -31.79 1.24
CA VAL M 168 48.74 -31.43 2.62
C VAL M 168 49.27 -30.01 2.72
N VAL M 169 48.92 -29.37 3.84
CA VAL M 169 49.39 -28.04 4.16
C VAL M 169 50.11 -28.10 5.49
N ILE M 170 51.37 -27.71 5.49
CA ILE M 170 52.16 -27.66 6.71
C ILE M 170 52.06 -26.24 7.25
N TYR M 171 51.14 -26.04 8.18
CA TYR M 171 51.10 -24.78 8.90
C TYR M 171 52.27 -24.71 9.85
N VAL M 172 52.91 -23.55 9.90
CA VAL M 172 54.01 -23.32 10.84
C VAL M 172 53.69 -22.07 11.64
N ASP M 173 53.56 -22.24 12.96
CA ASP M 173 53.30 -21.12 13.86
C ASP M 173 54.63 -20.60 14.37
N VAL M 174 54.90 -19.32 14.15
CA VAL M 174 55.99 -18.62 14.81
C VAL M 174 55.37 -17.40 15.49
N PRO M 175 55.60 -17.18 16.79
CA PRO M 175 54.93 -16.09 17.51
C PRO M 175 55.37 -14.69 17.11
N VAL M 176 54.84 -13.69 17.81
CA VAL M 176 54.95 -12.28 17.37
C VAL M 176 56.39 -11.81 17.43
N SER M 177 56.99 -11.88 18.61
CA SER M 177 58.30 -11.29 18.86
C SER M 177 59.39 -12.04 18.12
N GLU M 178 59.18 -13.31 17.80
CA GLU M 178 60.21 -14.08 17.11
C GLU M 178 60.27 -13.71 15.63
N VAL M 179 59.11 -13.57 14.98
CA VAL M 179 59.06 -13.03 13.62
C VAL M 179 59.60 -11.61 13.61
N GLN M 180 59.26 -10.84 14.64
CA GLN M 180 59.68 -9.44 14.69
C GLN M 180 61.18 -9.33 14.91
N SER M 181 61.76 -10.25 15.67
CA SER M 181 63.20 -10.31 15.85
C SER M 181 63.89 -10.73 14.56
N ARG M 182 63.32 -11.70 13.84
CA ARG M 182 63.92 -12.13 12.58
C ARG M 182 63.86 -11.04 11.52
N ILE M 183 62.75 -10.30 11.47
CA ILE M 183 62.67 -9.25 10.46
C ILE M 183 63.52 -8.04 10.86
N GLN M 184 63.73 -7.82 12.16
CA GLN M 184 64.58 -6.72 12.58
C GLN M 184 66.03 -7.13 12.73
N LYS M 185 66.35 -8.38 12.46
CA LYS M 185 67.74 -8.81 12.33
C LYS M 185 68.07 -9.33 10.93
N LYS M 186 67.16 -9.19 9.97
CA LYS M 186 67.49 -9.58 8.61
C LYS M 186 68.40 -8.55 7.95
N GLY M 187 67.90 -7.33 7.75
CA GLY M 187 68.75 -6.27 7.21
C GLY M 187 68.17 -5.40 6.12
N ASN M 188 67.14 -5.89 5.44
CA ASN M 188 66.47 -5.12 4.38
C ASN M 188 65.73 -3.95 5.00
N PRO M 189 66.12 -2.70 4.71
CA PRO M 189 65.62 -1.56 5.50
C PRO M 189 64.12 -1.33 5.34
N HIS M 190 63.62 -1.50 4.13
CA HIS M 190 62.20 -1.33 3.90
C HIS M 190 61.41 -2.51 4.43
N GLU M 191 62.08 -3.62 4.79
CA GLU M 191 61.49 -4.64 5.61
C GLU M 191 61.69 -4.38 7.10
N MET M 192 62.74 -3.64 7.47
CA MET M 192 62.91 -3.21 8.86
C MET M 192 61.78 -2.30 9.28
N LYS M 193 61.26 -1.50 8.35
CA LYS M 193 60.25 -0.49 8.64
C LYS M 193 58.84 -1.04 8.74
N ILE M 194 58.64 -2.34 8.93
CA ILE M 194 57.31 -2.92 8.93
C ILE M 194 56.66 -2.65 10.29
N THR M 195 55.35 -2.85 10.40
CA THR M 195 54.65 -2.71 11.66
C THR M 195 54.31 -4.08 12.22
N SER M 196 53.76 -4.08 13.43
CA SER M 196 53.60 -5.30 14.22
C SER M 196 52.16 -5.74 14.40
N ALA M 197 51.21 -4.80 14.46
CA ALA M 197 49.81 -5.18 14.59
C ALA M 197 49.29 -5.82 13.30
N TYR M 198 49.89 -5.48 12.16
CA TYR M 198 49.58 -6.19 10.92
C TYR M 198 50.01 -7.64 11.01
N LEU M 199 51.19 -7.89 11.57
CA LEU M 199 51.66 -9.24 11.84
C LEU M 199 50.74 -9.95 12.82
N GLN M 200 50.20 -9.19 13.79
CA GLN M 200 49.26 -9.76 14.74
C GLN M 200 47.95 -10.17 14.07
N ASP M 201 47.46 -9.34 13.15
CA ASP M 201 46.25 -9.69 12.41
C ASP M 201 46.45 -10.88 11.50
N ILE M 202 47.65 -11.00 10.92
CA ILE M 202 48.00 -12.20 10.17
C ILE M 202 47.93 -13.42 11.06
N GLU M 203 48.49 -13.33 12.27
CA GLU M 203 48.42 -14.45 13.23
C GLU M 203 46.98 -14.80 13.58
N ASN M 204 46.15 -13.79 13.84
CA ASN M 204 44.80 -14.03 14.34
C ASN M 204 43.91 -14.64 13.28
N VAL M 205 43.91 -14.07 12.07
CA VAL M 205 43.10 -14.63 11.01
C VAL M 205 43.67 -15.95 10.53
N TYR M 206 45.00 -16.06 10.52
CA TYR M 206 45.70 -17.23 10.00
C TYR M 206 45.58 -18.42 10.93
N LYS M 207 45.27 -18.17 12.21
CA LYS M 207 44.78 -19.23 13.08
C LYS M 207 43.30 -19.47 12.87
N GLY M 208 42.48 -18.44 13.12
CA GLY M 208 41.06 -18.65 13.29
C GLY M 208 40.26 -18.87 12.03
N THR M 209 40.84 -18.69 10.85
CA THR M 209 40.05 -18.79 9.64
C THR M 209 40.57 -19.84 8.66
N PHE M 210 41.88 -19.96 8.53
CA PHE M 210 42.47 -20.98 7.66
C PHE M 210 42.21 -22.38 8.21
N LEU M 211 42.62 -22.60 9.46
CA LEU M 211 42.58 -23.94 10.04
C LEU M 211 41.19 -24.49 10.31
N PRO M 212 40.16 -23.71 10.68
CA PRO M 212 38.81 -24.31 10.64
C PRO M 212 38.33 -24.57 9.24
N GLU M 213 38.57 -23.66 8.30
CA GLU M 213 37.96 -23.78 6.98
C GLU M 213 38.71 -24.69 6.04
N MET M 214 39.77 -25.37 6.49
CA MET M 214 40.26 -26.50 5.71
C MET M 214 39.30 -27.68 5.79
N SER M 215 39.13 -28.24 7.00
CA SER M 215 38.26 -29.38 7.29
C SER M 215 38.58 -30.58 6.39
N GLU M 216 39.84 -31.03 6.51
CA GLU M 216 40.37 -32.28 5.98
C GLU M 216 40.43 -32.35 4.46
N LYS M 217 39.85 -31.38 3.75
CA LYS M 217 40.43 -30.96 2.49
C LYS M 217 41.67 -30.17 2.87
N CYS M 218 42.79 -30.46 2.21
CA CYS M 218 44.12 -29.99 2.60
C CYS M 218 44.41 -30.39 4.05
N GLU M 219 44.65 -31.70 4.23
CA GLU M 219 45.09 -32.25 5.51
C GLU M 219 46.25 -31.46 6.08
N VAL M 220 46.06 -30.95 7.29
CA VAL M 220 46.96 -29.97 7.88
C VAL M 220 47.95 -30.67 8.78
N LEU M 221 49.09 -30.01 8.95
CA LEU M 221 50.12 -30.42 9.91
C LEU M 221 50.57 -29.14 10.60
N GLN M 222 50.15 -28.96 11.85
CA GLN M 222 50.45 -27.74 12.58
C GLN M 222 51.75 -27.93 13.36
N TYR M 223 52.73 -27.08 13.09
CA TYR M 223 54.04 -27.20 13.71
C TYR M 223 54.36 -25.96 14.53
N SER M 224 55.16 -26.18 15.57
CA SER M 224 55.54 -25.12 16.49
C SER M 224 56.67 -24.28 15.89
N ALA M 225 57.25 -23.40 16.71
CA ALA M 225 58.19 -22.41 16.21
C ALA M 225 59.52 -23.04 15.85
N TRP M 226 60.19 -23.61 16.84
CA TRP M 226 61.50 -24.19 16.64
C TRP M 226 61.44 -25.64 16.17
N GLU M 227 60.28 -26.10 15.70
CA GLU M 227 60.18 -27.43 15.10
C GLU M 227 60.59 -27.43 13.64
N ALA M 228 61.77 -26.89 13.37
CA ALA M 228 62.34 -26.84 12.03
C ALA M 228 63.79 -27.28 12.15
N GLU M 229 64.17 -28.26 11.31
CA GLU M 229 65.49 -28.87 11.27
C GLU M 229 65.88 -29.49 12.63
N ASP M 230 65.22 -30.59 13.05
CA ASP M 230 63.90 -31.22 12.74
C ASP M 230 63.38 -31.49 11.31
N ALA M 231 64.05 -32.41 10.61
CA ALA M 231 63.59 -32.84 9.30
C ALA M 231 62.98 -34.23 9.29
N GLU M 232 63.49 -35.13 10.15
CA GLU M 232 62.97 -36.48 10.15
C GLU M 232 61.55 -36.54 10.68
N LYS M 233 61.14 -35.58 11.52
CA LYS M 233 59.76 -35.55 12.01
C LYS M 233 58.78 -35.21 10.90
N VAL M 234 59.08 -34.19 10.11
CA VAL M 234 58.16 -33.85 9.04
C VAL M 234 58.19 -34.91 7.95
N VAL M 235 59.34 -35.56 7.73
CA VAL M 235 59.39 -36.63 6.73
C VAL M 235 58.59 -37.85 7.19
N GLU M 236 58.73 -38.25 8.46
CA GLU M 236 57.98 -39.40 8.94
C GLU M 236 56.51 -39.07 9.07
N ASP M 237 56.16 -37.80 9.28
CA ASP M 237 54.75 -37.48 9.45
C ASP M 237 54.07 -37.38 8.10
N ILE M 238 54.79 -36.94 7.07
CA ILE M 238 54.24 -37.00 5.71
C ILE M 238 54.09 -38.43 5.25
N GLN M 239 55.10 -39.27 5.51
CA GLN M 239 55.06 -40.65 5.05
C GLN M 239 53.97 -41.45 5.76
N TYR M 240 53.84 -41.29 7.07
CA TYR M 240 53.07 -42.24 7.85
C TYR M 240 51.62 -41.82 8.06
N LEU M 241 51.17 -40.75 7.43
CA LEU M 241 49.74 -40.52 7.35
C LEU M 241 49.14 -41.31 6.18
N LYS M 242 47.82 -41.29 6.11
CA LYS M 242 47.09 -41.91 5.02
C LYS M 242 46.07 -40.92 4.49
N TYR M 243 45.88 -40.91 3.18
CA TYR M 243 45.04 -39.92 2.54
C TYR M 243 43.68 -40.54 2.26
N ASP M 244 42.67 -40.04 2.98
CA ASP M 244 41.31 -40.55 2.88
C ASP M 244 40.28 -39.46 2.69
N LYS M 245 40.65 -38.19 2.81
CA LYS M 245 39.73 -37.08 2.67
C LYS M 245 40.15 -36.19 1.50
N GLY M 246 39.26 -35.27 1.16
CA GLY M 246 39.50 -34.36 0.08
C GLY M 246 39.09 -34.94 -1.26
N PRO M 247 38.99 -34.08 -2.27
CA PRO M 247 38.56 -34.54 -3.60
C PRO M 247 39.61 -35.32 -4.37
N TRP M 248 40.79 -35.55 -3.82
CA TRP M 248 41.83 -36.32 -4.50
C TRP M 248 41.69 -37.82 -4.33
N LEU M 249 40.50 -38.32 -4.00
CA LEU M 249 40.30 -39.76 -3.99
C LEU M 249 40.12 -40.30 -5.40
N ASP M 250 39.09 -39.86 -6.08
CA ASP M 250 38.72 -40.43 -7.37
C ASP M 250 38.56 -39.32 -8.39
N GLN M 251 39.11 -39.51 -9.57
CA GLN M 251 38.99 -38.51 -10.62
C GLN M 251 38.25 -38.98 -11.87
N ASP M 252 38.58 -40.12 -12.52
CA ASP M 252 39.70 -41.06 -12.37
C ASP M 252 40.72 -40.74 -13.43
N ASP M 253 40.22 -40.56 -14.65
CA ASP M 253 41.04 -40.21 -15.79
C ASP M 253 40.46 -38.98 -16.45
N ARG M 254 39.14 -38.83 -16.33
CA ARG M 254 38.43 -37.77 -17.03
C ARG M 254 38.71 -36.41 -16.42
N LYS M 255 38.59 -36.30 -15.09
CA LYS M 255 38.92 -35.06 -14.41
C LYS M 255 40.38 -34.67 -14.63
N LEU M 256 41.27 -35.65 -14.59
CA LEU M 256 42.68 -35.36 -14.78
C LEU M 256 42.97 -34.94 -16.20
N HIS M 257 42.24 -35.51 -17.17
CA HIS M 257 42.35 -35.07 -18.55
C HIS M 257 41.87 -33.64 -18.71
N ASN M 258 40.75 -33.30 -18.07
CA ASN M 258 40.23 -31.94 -18.16
C ASN M 258 41.16 -30.93 -17.51
N LEU M 259 41.79 -31.31 -16.39
CA LEU M 259 42.74 -30.40 -15.77
C LEU M 259 44.03 -30.27 -16.57
N ARG M 260 44.44 -31.35 -17.25
CA ARG M 260 45.61 -31.24 -18.10
C ARG M 260 45.34 -30.30 -19.27
N MET M 261 44.14 -30.35 -19.83
CA MET M 261 43.86 -29.43 -20.93
C MET M 261 43.45 -28.05 -20.44
N LEU M 262 43.13 -27.91 -19.15
CA LEU M 262 42.80 -26.60 -18.62
C LEU M 262 44.04 -25.84 -18.16
N VAL M 263 45.06 -26.56 -17.70
CA VAL M 263 46.30 -25.91 -17.28
C VAL M 263 47.08 -25.43 -18.51
N GLN M 264 47.14 -26.24 -19.56
CA GLN M 264 47.70 -25.77 -20.81
C GLN M 264 46.80 -24.68 -21.41
N ASP M 265 47.41 -23.87 -22.29
CA ASP M 265 46.85 -22.64 -22.84
C ASP M 265 46.48 -21.66 -21.71
N LYS M 266 47.53 -21.17 -21.04
CA LYS M 266 47.44 -20.48 -19.74
C LYS M 266 46.53 -19.26 -19.72
N LEU M 267 46.20 -18.72 -20.89
CA LEU M 267 45.16 -17.70 -20.97
C LEU M 267 43.79 -18.24 -20.57
N GLU M 268 43.58 -19.56 -20.63
CA GLU M 268 42.37 -20.14 -20.05
C GLU M 268 42.30 -19.90 -18.55
N VAL M 269 43.44 -20.01 -17.88
CA VAL M 269 43.50 -19.67 -16.45
C VAL M 269 43.25 -18.18 -16.28
N LEU M 270 43.85 -17.37 -17.13
CA LEU M 270 43.87 -15.94 -16.91
C LEU M 270 42.67 -15.21 -17.51
N ASN M 271 41.70 -15.93 -18.09
CA ASN M 271 40.50 -15.31 -18.63
C ASN M 271 39.61 -14.67 -17.58
N TYR M 272 39.75 -15.09 -16.32
CA TYR M 272 38.88 -14.61 -15.27
C TYR M 272 39.61 -13.72 -14.31
N THR M 273 40.78 -13.20 -14.72
CA THR M 273 41.50 -12.27 -13.88
C THR M 273 40.90 -10.88 -13.96
N SER M 274 40.64 -10.39 -15.18
CA SER M 274 39.96 -9.12 -15.37
C SER M 274 38.47 -9.37 -15.45
N ILE M 275 37.72 -8.80 -14.51
CA ILE M 275 36.28 -9.06 -14.48
C ILE M 275 35.56 -8.17 -15.48
N PRO M 276 35.68 -6.83 -15.48
CA PRO M 276 36.18 -5.77 -14.59
C PRO M 276 35.02 -5.10 -13.83
N VAL M 277 35.33 -4.47 -12.70
CA VAL M 277 34.32 -3.78 -11.91
C VAL M 277 34.58 -2.27 -11.88
N PHE M 278 35.83 -1.84 -12.14
CA PHE M 278 36.37 -0.50 -12.43
C PHE M 278 36.74 0.38 -11.25
N LEU M 279 36.75 -0.11 -10.02
CA LEU M 279 37.92 -0.06 -9.15
C LEU M 279 38.88 1.11 -9.32
N PRO M 280 38.59 2.29 -8.80
CA PRO M 280 39.44 3.46 -9.10
C PRO M 280 40.90 3.41 -8.65
N GLU M 281 41.34 2.31 -8.02
CA GLU M 281 42.74 2.06 -7.74
C GLU M 281 43.41 1.14 -8.75
N VAL M 282 42.67 0.55 -9.68
CA VAL M 282 43.16 -0.55 -10.47
C VAL M 282 43.21 -0.22 -11.96
N THR M 283 42.17 0.42 -12.49
CA THR M 283 42.07 0.62 -13.93
C THR M 283 43.07 1.63 -14.43
N ILE M 284 43.49 1.45 -15.67
CA ILE M 284 44.46 2.32 -16.33
C ILE M 284 43.82 2.81 -17.62
N GLY M 285 43.93 4.11 -17.88
CA GLY M 285 43.47 4.65 -19.13
C GLY M 285 44.26 4.15 -20.30
N ALA M 286 43.64 4.27 -21.48
CA ALA M 286 44.18 3.62 -22.67
C ALA M 286 45.45 4.27 -23.17
N HIS M 287 45.73 5.52 -22.81
CA HIS M 287 46.92 6.19 -23.32
C HIS M 287 48.17 5.62 -22.71
N GLN M 288 48.17 5.47 -21.38
CA GLN M 288 49.32 4.91 -20.70
C GLN M 288 49.53 3.46 -21.11
N SER M 289 48.44 2.71 -21.22
CA SER M 289 48.54 1.32 -21.63
C SER M 289 49.04 1.20 -23.06
N ASP M 290 48.65 2.13 -23.93
CA ASP M 290 49.07 2.02 -25.32
C ASP M 290 50.54 2.38 -25.50
N ARG M 291 51.02 3.44 -24.83
CA ARG M 291 52.44 3.72 -24.99
C ARG M 291 53.30 2.68 -24.29
N VAL M 292 52.84 2.14 -23.16
CA VAL M 292 53.57 1.05 -22.51
C VAL M 292 53.50 -0.22 -23.34
N PHE M 293 52.42 -0.42 -24.08
CA PHE M 293 52.30 -1.61 -24.92
C PHE M 293 53.19 -1.52 -26.14
N GLN M 294 53.31 -0.34 -26.74
CA GLN M 294 54.24 -0.18 -27.85
C GLN M 294 55.68 -0.31 -27.38
N GLU M 295 55.99 0.24 -26.20
CA GLU M 295 57.32 0.05 -25.65
C GLU M 295 57.57 -1.38 -25.21
N PHE M 296 56.51 -2.13 -24.92
CA PHE M 296 56.68 -3.55 -24.61
C PHE M 296 56.92 -4.36 -25.85
N THR M 297 56.31 -3.97 -26.96
CA THR M 297 56.68 -4.58 -28.23
C THR M 297 58.08 -4.21 -28.65
N GLU M 298 58.61 -3.10 -28.17
CA GLU M 298 60.00 -2.77 -28.48
C GLU M 298 61.03 -3.59 -27.72
N LEU M 299 60.63 -4.44 -26.77
CA LEU M 299 61.59 -5.30 -26.09
C LEU M 299 62.07 -6.40 -27.04
N PRO M 300 63.36 -6.77 -26.97
CA PRO M 300 63.96 -7.57 -28.05
C PRO M 300 63.51 -9.02 -28.10
N GLY M 301 62.69 -9.49 -27.18
CA GLY M 301 62.25 -10.86 -27.25
C GLY M 301 60.77 -11.02 -27.46
N ARG M 302 59.98 -10.11 -26.90
CA ARG M 302 58.54 -10.31 -26.80
C ARG M 302 57.80 -10.03 -28.08
N LYS M 303 58.45 -9.46 -29.09
CA LYS M 303 57.73 -8.93 -30.24
C LYS M 303 57.42 -10.08 -31.20
N TYR M 304 56.13 -10.43 -31.30
CA TYR M 304 55.57 -11.45 -32.19
C TYR M 304 56.23 -12.83 -32.00
N ARG M 305 55.83 -13.47 -30.88
CA ARG M 305 55.96 -14.91 -30.70
C ARG M 305 57.40 -15.42 -30.70
N ALA M 306 58.05 -15.34 -29.54
CA ALA M 306 59.46 -15.74 -29.35
C ALA M 306 59.82 -17.14 -29.87
N GLY M 307 58.85 -18.02 -30.12
CA GLY M 307 59.14 -19.24 -30.86
C GLY M 307 59.61 -18.99 -32.27
N TYR M 308 59.15 -17.91 -32.90
CA TYR M 308 59.53 -17.55 -34.27
C TYR M 308 60.48 -16.38 -34.36
N ASN M 309 60.99 -15.88 -33.24
CA ASN M 309 61.47 -14.51 -33.20
C ASN M 309 62.78 -14.33 -33.95
N GLU M 310 62.85 -13.26 -34.73
CA GLU M 310 64.07 -12.87 -35.40
C GLU M 310 65.00 -12.17 -34.41
N ASP M 311 66.20 -11.86 -34.89
CA ASP M 311 67.23 -11.07 -34.21
C ASP M 311 67.76 -11.76 -32.96
N VAL M 312 67.39 -13.02 -32.74
CA VAL M 312 68.06 -13.95 -31.84
C VAL M 312 68.33 -15.16 -32.71
N GLY M 313 67.47 -15.37 -33.70
CA GLY M 313 67.59 -16.45 -34.66
C GLY M 313 66.30 -16.65 -35.42
N ASP M 314 65.87 -17.89 -35.62
CA ASP M 314 66.67 -19.06 -35.30
C ASP M 314 67.08 -19.70 -36.62
N LYS M 315 67.21 -18.84 -37.63
CA LYS M 315 67.57 -19.15 -39.01
C LYS M 315 66.56 -20.06 -39.72
N TRP M 316 65.39 -20.29 -39.14
CA TRP M 316 64.35 -21.06 -39.79
C TRP M 316 63.05 -20.27 -39.70
N ILE M 317 62.94 -19.30 -40.59
CA ILE M 317 61.69 -18.66 -40.93
C ILE M 317 61.28 -19.05 -42.34
N TRP M 318 61.78 -20.20 -42.81
CA TRP M 318 61.47 -20.79 -44.11
C TRP M 318 61.79 -19.82 -45.26
N LEU M 319 63.09 -19.54 -45.41
CA LEU M 319 63.67 -18.70 -46.46
C LEU M 319 63.06 -17.29 -46.52
N PRO N 1 18.52 -28.68 -48.66
CA PRO N 1 17.95 -29.07 -49.95
C PRO N 1 17.43 -30.50 -49.96
N PHE N 2 17.89 -31.29 -50.93
CA PHE N 2 17.57 -32.71 -51.01
C PHE N 2 18.58 -33.32 -51.96
N PHE N 3 19.22 -34.40 -51.54
CA PHE N 3 20.16 -35.04 -52.42
C PHE N 3 19.55 -36.32 -52.97
N ASP N 4 20.28 -37.00 -53.86
CA ASP N 4 19.77 -38.19 -54.52
C ASP N 4 20.72 -39.35 -54.34
N VAL N 5 21.26 -39.52 -53.12
CA VAL N 5 22.09 -40.67 -52.84
C VAL N 5 21.27 -41.95 -52.93
N GLN N 6 19.99 -41.85 -52.56
CA GLN N 6 18.99 -42.88 -52.78
C GLN N 6 18.90 -43.30 -54.24
N LYS N 7 19.14 -42.37 -55.16
CA LYS N 7 19.13 -42.67 -56.59
C LYS N 7 20.48 -43.15 -57.10
N LYS N 8 21.57 -42.51 -56.68
CA LYS N 8 22.87 -42.80 -57.25
C LYS N 8 23.43 -44.12 -56.76
N LEU N 9 23.20 -44.46 -55.49
CA LEU N 9 23.63 -45.78 -55.03
C LEU N 9 22.69 -46.88 -55.48
N GLY N 10 21.54 -46.54 -56.06
CA GLY N 10 20.75 -47.51 -56.78
C GLY N 10 19.85 -48.39 -55.95
N VAL N 11 20.31 -48.80 -54.76
CA VAL N 11 19.52 -49.66 -53.90
C VAL N 11 18.40 -48.81 -53.31
N ASP N 12 17.18 -49.01 -53.80
CA ASP N 12 16.01 -48.28 -53.31
C ASP N 12 15.65 -48.85 -51.94
N LEU N 13 16.41 -48.42 -50.94
CA LEU N 13 16.26 -48.93 -49.58
C LEU N 13 15.14 -48.26 -48.82
N ASP N 14 14.49 -47.27 -49.40
CA ASP N 14 13.37 -46.61 -48.77
C ASP N 14 12.15 -46.49 -49.65
N HIS N 15 12.27 -46.82 -50.93
CA HIS N 15 11.16 -46.71 -51.88
C HIS N 15 10.24 -47.92 -51.84
N TRP N 16 10.41 -48.79 -50.86
CA TRP N 16 9.54 -49.92 -50.61
C TRP N 16 8.52 -49.64 -49.52
N MET N 17 8.90 -48.82 -48.56
CA MET N 17 8.03 -48.30 -47.51
C MET N 17 6.96 -47.35 -48.02
N THR N 18 7.10 -46.86 -49.25
CA THR N 18 6.56 -45.54 -49.55
C THR N 18 5.07 -45.59 -49.88
N ILE N 19 4.72 -46.30 -50.95
CA ILE N 19 3.37 -46.28 -51.48
C ILE N 19 2.90 -47.73 -51.45
N GLN N 20 1.70 -48.01 -51.97
CA GLN N 20 1.26 -49.36 -52.30
C GLN N 20 1.87 -49.77 -53.63
N SER N 21 1.31 -50.83 -54.23
CA SER N 21 1.72 -51.34 -55.54
C SER N 21 3.18 -51.76 -55.53
N ALA N 22 3.63 -52.32 -54.42
CA ALA N 22 5.00 -52.79 -54.29
C ALA N 22 4.99 -54.19 -53.71
N GLU N 23 6.13 -54.65 -53.23
CA GLU N 23 6.19 -55.92 -52.52
C GLU N 23 5.61 -55.74 -51.12
N GLN N 24 4.29 -55.80 -51.04
CA GLN N 24 3.69 -56.13 -49.75
C GLN N 24 4.07 -57.57 -49.42
N PRO N 25 4.35 -57.89 -48.14
CA PRO N 25 5.26 -59.01 -47.82
C PRO N 25 4.79 -60.38 -48.28
N HIS N 26 3.52 -60.70 -48.07
CA HIS N 26 2.84 -61.73 -48.84
C HIS N 26 1.89 -61.00 -49.76
N ARG N 27 1.87 -61.41 -51.02
CA ARG N 27 1.40 -60.52 -52.07
C ARG N 27 -0.10 -60.34 -52.00
N ILE N 28 -0.52 -59.38 -51.18
CA ILE N 28 -1.90 -58.94 -51.10
C ILE N 28 -1.92 -57.46 -51.43
N PRO N 29 -3.05 -56.94 -51.86
CA PRO N 29 -3.13 -55.49 -52.04
C PRO N 29 -3.70 -54.84 -50.79
N ALA N 30 -3.85 -53.53 -50.84
CA ALA N 30 -4.60 -52.81 -49.82
C ALA N 30 -6.05 -52.66 -50.28
N ARG N 31 -6.81 -51.78 -49.63
CA ARG N 31 -8.19 -51.53 -50.04
C ARG N 31 -8.25 -50.67 -51.30
N CYS N 32 -7.37 -49.68 -51.43
CA CYS N 32 -7.47 -48.74 -52.54
C CYS N 32 -6.28 -48.85 -53.48
N HIS N 33 -5.92 -50.08 -53.87
CA HIS N 33 -4.75 -50.31 -54.72
C HIS N 33 -4.91 -49.66 -56.08
N ALA N 34 -5.97 -50.03 -56.80
CA ALA N 34 -6.08 -49.68 -58.21
C ALA N 34 -6.29 -48.19 -58.40
N PHE N 35 -6.89 -47.52 -57.43
CA PHE N 35 -6.98 -46.06 -57.46
C PHE N 35 -5.61 -45.42 -57.41
N GLU N 36 -4.73 -45.90 -56.53
CA GLU N 36 -3.39 -45.33 -56.45
C GLU N 36 -2.62 -45.59 -57.73
N LYS N 37 -2.76 -46.80 -58.28
CA LYS N 37 -2.04 -47.11 -59.50
C LYS N 37 -2.51 -46.26 -60.66
N GLU N 38 -3.82 -46.00 -60.73
CA GLU N 38 -4.34 -45.14 -61.78
C GLU N 38 -3.89 -43.70 -61.62
N TRP N 39 -3.86 -43.18 -60.39
CA TRP N 39 -3.48 -41.79 -60.23
C TRP N 39 -1.99 -41.58 -60.44
N ILE N 40 -1.18 -42.55 -60.02
CA ILE N 40 0.25 -42.47 -60.27
C ILE N 40 0.54 -42.56 -61.75
N GLU N 41 -0.09 -43.49 -62.47
CA GLU N 41 0.13 -43.53 -63.90
C GLU N 41 -0.55 -42.38 -64.63
N CYS N 42 -1.46 -41.65 -63.99
CA CYS N 42 -1.90 -40.38 -64.56
C CYS N 42 -0.79 -39.36 -64.52
N ALA N 43 -0.22 -39.14 -63.34
CA ALA N 43 0.70 -38.02 -63.15
C ALA N 43 2.15 -38.46 -63.01
N HIS N 44 2.59 -39.42 -63.84
CA HIS N 44 3.93 -39.93 -63.64
C HIS N 44 5.01 -38.99 -64.20
N GLY N 45 5.03 -38.80 -65.52
CA GLY N 45 6.06 -38.00 -66.14
C GLY N 45 5.59 -36.60 -66.41
N ILE N 46 4.85 -36.06 -65.45
CA ILE N 46 4.14 -34.81 -65.61
C ILE N 46 4.74 -33.82 -64.60
N GLY N 47 4.79 -32.56 -64.98
CA GLY N 47 5.47 -31.57 -64.17
C GLY N 47 4.72 -30.99 -63.00
N SER N 48 3.89 -31.78 -62.34
CA SER N 48 3.27 -31.54 -61.04
C SER N 48 2.25 -30.40 -61.01
N ILE N 49 2.09 -29.63 -62.09
CA ILE N 49 1.13 -28.54 -62.12
C ILE N 49 0.11 -28.70 -63.23
N ARG N 50 0.54 -29.14 -64.41
CA ARG N 50 -0.45 -29.66 -65.33
C ARG N 50 -0.94 -31.04 -64.90
N ALA N 51 -0.26 -31.67 -63.94
CA ALA N 51 -0.85 -32.79 -63.21
C ALA N 51 -2.07 -32.35 -62.42
N GLU N 52 -1.94 -31.24 -61.68
CA GLU N 52 -3.09 -30.63 -61.01
C GLU N 52 -4.13 -30.11 -61.98
N LYS N 53 -3.75 -29.84 -63.22
CA LYS N 53 -4.75 -29.48 -64.21
C LYS N 53 -5.47 -30.70 -64.78
N GLU N 54 -4.77 -31.84 -64.94
CA GLU N 54 -5.31 -32.97 -65.67
C GLU N 54 -5.14 -34.30 -64.95
N CYS N 55 -5.11 -34.30 -63.63
CA CYS N 55 -5.30 -35.55 -62.91
C CYS N 55 -6.24 -35.36 -61.73
N LYS N 56 -7.08 -34.32 -61.77
CA LYS N 56 -7.97 -34.01 -60.65
C LYS N 56 -9.07 -35.05 -60.50
N ILE N 57 -9.52 -35.60 -61.62
CA ILE N 57 -10.65 -36.52 -61.61
C ILE N 57 -10.28 -37.81 -60.89
N GLU N 58 -9.15 -38.41 -61.27
CA GLU N 58 -8.75 -39.65 -60.62
C GLU N 58 -8.29 -39.42 -59.19
N PHE N 59 -7.81 -38.22 -58.86
CA PHE N 59 -7.38 -37.99 -57.50
C PHE N 59 -8.59 -37.82 -56.57
N GLU N 60 -9.63 -37.16 -57.05
CA GLU N 60 -10.89 -37.15 -56.31
C GLU N 60 -11.47 -38.55 -56.21
N ASP N 61 -11.29 -39.36 -57.25
CA ASP N 61 -11.76 -40.74 -57.23
C ASP N 61 -11.01 -41.55 -56.18
N PHE N 62 -9.71 -41.30 -56.05
CA PHE N 62 -8.91 -41.95 -55.03
C PHE N 62 -9.31 -41.53 -53.63
N ARG N 63 -9.55 -40.23 -53.43
CA ARG N 63 -9.94 -39.77 -52.11
C ARG N 63 -11.32 -40.31 -51.74
N GLU N 64 -12.20 -40.46 -52.73
CA GLU N 64 -13.48 -41.09 -52.46
C GLU N 64 -13.35 -42.58 -52.23
N CYS N 65 -12.28 -43.21 -52.72
CA CYS N 65 -12.01 -44.59 -52.29
C CYS N 65 -11.62 -44.62 -50.83
N LEU N 66 -10.66 -43.77 -50.44
CA LEU N 66 -10.07 -43.88 -49.13
C LEU N 66 -11.04 -43.45 -48.04
N LEU N 67 -11.67 -42.30 -48.22
CA LEU N 67 -12.58 -41.81 -47.20
C LEU N 67 -13.97 -42.41 -47.31
N ARG N 68 -14.47 -42.56 -48.55
CA ARG N 68 -15.85 -42.92 -48.84
C ARG N 68 -16.83 -42.01 -48.12
N GLN N 69 -16.51 -40.72 -48.11
CA GLN N 69 -17.34 -39.80 -47.36
C GLN N 69 -18.65 -39.51 -48.08
N LYS N 70 -18.60 -39.36 -49.40
CA LYS N 70 -19.83 -39.11 -50.15
C LYS N 70 -20.75 -40.32 -50.14
N THR N 71 -20.16 -41.52 -50.14
CA THR N 71 -20.98 -42.72 -50.08
C THR N 71 -21.66 -42.83 -48.72
N MET N 72 -20.95 -42.45 -47.66
CA MET N 72 -21.56 -42.35 -46.35
C MET N 72 -22.62 -41.25 -46.29
N LYS N 73 -22.43 -40.18 -47.05
CA LYS N 73 -23.41 -39.10 -47.07
C LYS N 73 -24.73 -39.58 -47.66
N ARG N 74 -24.65 -40.25 -48.80
CA ARG N 74 -25.83 -40.84 -49.42
C ARG N 74 -26.46 -41.88 -48.52
N LEU N 75 -25.63 -42.70 -47.86
CA LEU N 75 -26.12 -43.75 -46.98
C LEU N 75 -26.87 -43.18 -45.78
N ASN N 76 -26.35 -42.08 -45.22
CA ASN N 76 -26.99 -41.45 -44.07
C ASN N 76 -28.28 -40.77 -44.49
N ALA N 77 -28.32 -40.19 -45.70
CA ALA N 77 -29.55 -39.58 -46.19
C ALA N 77 -30.64 -40.64 -46.38
N ILE N 78 -30.25 -41.81 -46.90
CA ILE N 78 -31.16 -42.94 -47.03
C ILE N 78 -31.69 -43.39 -45.68
N LYS N 79 -30.81 -43.47 -44.69
CA LYS N 79 -31.26 -43.97 -43.38
C LYS N 79 -32.15 -42.96 -42.66
N ARG N 80 -31.89 -41.67 -42.80
CA ARG N 80 -32.75 -40.71 -42.11
C ARG N 80 -34.10 -40.57 -42.81
N GLN N 81 -34.13 -40.71 -44.13
CA GLN N 81 -35.43 -40.77 -44.80
C GLN N 81 -36.18 -42.05 -44.45
N ARG N 82 -35.45 -43.16 -44.28
CA ARG N 82 -36.05 -44.40 -43.78
C ARG N 82 -36.67 -44.20 -42.42
N ASP N 83 -35.98 -43.50 -41.54
CA ASP N 83 -36.49 -43.24 -40.21
C ASP N 83 -37.73 -42.36 -40.24
N LYS N 84 -37.74 -41.32 -41.07
CA LYS N 84 -38.92 -40.47 -41.08
C LYS N 84 -40.11 -41.16 -41.76
N LEU N 85 -39.87 -42.04 -42.73
CA LEU N 85 -41.01 -42.73 -43.32
C LEU N 85 -41.53 -43.85 -42.43
N ILE N 86 -40.65 -44.53 -41.69
CA ILE N 86 -41.12 -45.55 -40.77
C ILE N 86 -41.72 -44.93 -39.52
N LYS N 87 -41.42 -43.66 -39.23
CA LYS N 87 -42.16 -42.98 -38.19
C LYS N 87 -43.51 -42.50 -38.72
N GLU N 88 -43.57 -42.09 -39.99
CA GLU N 88 -44.80 -41.53 -40.52
C GLU N 88 -45.81 -42.60 -40.88
N GLY N 89 -45.38 -43.79 -41.26
CA GLY N 89 -46.36 -44.85 -41.48
C GLY N 89 -46.45 -45.48 -42.85
N LYS N 90 -45.32 -45.68 -43.52
CA LYS N 90 -45.28 -46.51 -44.72
C LYS N 90 -44.38 -47.72 -44.50
N TYR N 91 -44.97 -48.91 -44.67
CA TYR N 91 -44.36 -50.23 -44.54
C TYR N 91 -43.57 -50.42 -43.25
N THR N 92 -44.32 -50.62 -42.16
CA THR N 92 -43.88 -51.38 -40.99
C THR N 92 -43.05 -52.55 -41.50
N PRO N 93 -41.77 -52.61 -41.13
CA PRO N 93 -40.70 -52.92 -42.11
C PRO N 93 -40.74 -54.35 -42.64
N PRO N 94 -40.88 -54.51 -43.95
CA PRO N 94 -40.50 -55.78 -44.58
C PRO N 94 -39.15 -55.80 -45.29
N PRO N 95 -38.30 -54.77 -45.36
CA PRO N 95 -37.24 -54.81 -46.38
C PRO N 95 -36.05 -55.71 -46.04
N HIS N 96 -36.17 -56.54 -45.01
CA HIS N 96 -35.16 -57.51 -44.64
C HIS N 96 -35.89 -58.82 -44.33
N HIS N 97 -35.37 -59.93 -44.86
CA HIS N 97 -35.77 -61.30 -44.53
C HIS N 97 -37.17 -61.65 -45.06
N SER N 98 -37.91 -60.68 -45.58
CA SER N 98 -39.26 -60.96 -46.07
C SER N 98 -39.57 -59.99 -47.20
N GLY N 99 -39.12 -60.33 -48.40
CA GLY N 99 -39.23 -59.43 -49.54
C GLY N 99 -40.62 -59.41 -50.15
N ASN O 10 42.96 -67.25 -14.27
CA ASN O 10 43.29 -66.90 -15.64
C ASN O 10 42.07 -66.36 -16.37
N VAL O 11 41.92 -66.76 -17.63
CA VAL O 11 40.85 -66.25 -18.48
C VAL O 11 39.49 -66.84 -18.07
N TRP O 12 39.48 -67.96 -17.35
CA TRP O 12 38.28 -68.75 -17.10
C TRP O 12 37.72 -68.60 -15.70
N ALA O 13 38.59 -68.57 -14.68
CA ALA O 13 38.14 -68.62 -13.29
C ALA O 13 37.49 -67.32 -12.85
N LYS O 14 37.91 -66.20 -13.42
CA LYS O 14 37.45 -64.91 -12.95
C LYS O 14 36.02 -64.62 -13.39
N GLU O 15 35.72 -64.88 -14.66
CA GLU O 15 34.39 -64.63 -15.23
C GLU O 15 33.99 -65.82 -16.07
N PRO O 16 33.52 -66.91 -15.45
CA PRO O 16 33.25 -68.13 -16.23
C PRO O 16 32.05 -68.03 -17.13
N VAL O 17 30.95 -67.47 -16.63
CA VAL O 17 29.74 -67.34 -17.43
C VAL O 17 29.94 -66.35 -18.56
N LEU O 18 30.85 -65.39 -18.39
CA LEU O 18 31.18 -64.48 -19.48
C LEU O 18 31.88 -65.22 -20.60
N VAL O 19 32.77 -66.15 -20.26
CA VAL O 19 33.47 -66.92 -21.27
C VAL O 19 32.51 -67.85 -21.99
N ALA O 20 31.62 -68.50 -21.23
CA ALA O 20 30.66 -69.41 -21.86
C ALA O 20 29.69 -68.65 -22.76
N SER O 21 29.32 -67.43 -22.36
CA SER O 21 28.45 -66.61 -23.19
C SER O 21 29.13 -66.18 -24.48
N PHE O 22 30.40 -65.74 -24.39
CA PHE O 22 31.15 -65.44 -25.62
C PHE O 22 31.35 -66.66 -26.50
N ALA O 23 31.47 -67.85 -25.91
CA ALA O 23 31.69 -69.06 -26.70
C ALA O 23 30.43 -69.43 -27.48
N ILE O 24 29.30 -69.50 -26.80
CA ILE O 24 28.07 -69.88 -27.50
C ILE O 24 27.62 -68.75 -28.43
N ALA O 25 27.96 -67.49 -28.13
CA ALA O 25 27.65 -66.40 -29.05
C ALA O 25 28.54 -66.45 -30.28
N GLY O 26 29.81 -66.83 -30.09
CA GLY O 26 30.71 -66.95 -31.22
C GLY O 26 30.30 -68.07 -32.15
N LEU O 27 29.81 -69.18 -31.59
CA LEU O 27 29.33 -70.24 -32.49
C LEU O 27 27.99 -69.86 -33.11
N ALA O 28 27.16 -69.08 -32.41
CA ALA O 28 25.92 -68.63 -33.02
C ALA O 28 26.13 -67.55 -34.08
N VAL O 29 27.30 -66.94 -34.13
CA VAL O 29 27.64 -66.05 -35.25
C VAL O 29 28.32 -66.81 -36.37
N ILE O 30 29.33 -67.61 -36.03
CA ILE O 30 30.19 -68.24 -37.04
C ILE O 30 29.47 -69.40 -37.73
N LEU O 31 28.74 -70.21 -36.95
CA LEU O 31 28.08 -71.38 -37.51
C LEU O 31 27.00 -71.10 -38.57
N PRO O 32 26.22 -70.01 -38.56
CA PRO O 32 25.35 -69.74 -39.72
C PRO O 32 26.05 -69.46 -41.03
N THR O 33 27.37 -69.29 -41.07
CA THR O 33 28.05 -69.18 -42.34
C THR O 33 28.07 -70.52 -43.06
N LEU O 34 28.70 -71.51 -42.43
CA LEU O 34 28.92 -72.81 -43.04
C LEU O 34 27.93 -73.82 -42.47
N SER O 35 27.11 -74.39 -43.34
CA SER O 35 26.10 -75.37 -42.99
C SER O 35 25.59 -76.08 -44.23
N PRO O 36 25.30 -77.36 -44.15
CA PRO O 36 24.71 -78.06 -45.31
C PRO O 36 23.19 -78.01 -45.33
N TYR O 37 22.57 -77.09 -44.60
CA TYR O 37 21.12 -77.12 -44.42
C TYR O 37 20.39 -75.84 -44.80
N THR O 38 21.10 -74.74 -45.03
CA THR O 38 20.44 -73.46 -45.26
C THR O 38 19.68 -73.43 -46.57
N LYS O 39 20.18 -74.14 -47.59
CA LYS O 39 19.44 -74.25 -48.85
C LYS O 39 18.16 -75.04 -48.66
N TYR O 40 18.15 -76.00 -47.75
CA TYR O 40 16.93 -76.72 -47.43
C TYR O 40 15.95 -75.81 -46.71
N SER O 41 16.45 -74.97 -45.79
CA SER O 41 15.60 -74.00 -45.11
C SER O 41 14.95 -73.05 -46.10
N LEU O 42 15.73 -72.56 -47.07
CA LEU O 42 15.21 -71.64 -48.07
C LEU O 42 14.19 -72.31 -48.98
N MET O 43 14.43 -73.55 -49.39
CA MET O 43 13.49 -74.20 -50.29
C MET O 43 12.19 -74.58 -49.58
N ILE O 44 12.27 -75.03 -48.33
CA ILE O 44 11.07 -75.32 -47.56
C ILE O 44 10.29 -74.04 -47.32
N ASN O 45 10.99 -72.95 -47.01
CA ASN O 45 10.32 -71.70 -46.71
C ASN O 45 9.74 -71.08 -47.97
N ARG O 46 10.32 -71.37 -49.13
CA ARG O 46 9.80 -70.81 -50.37
C ARG O 46 8.58 -71.59 -50.85
N ALA O 47 8.61 -72.92 -50.75
CA ALA O 47 7.64 -73.74 -51.47
C ALA O 47 6.36 -74.00 -50.69
N THR O 48 5.96 -73.14 -49.76
CA THR O 48 4.70 -73.35 -49.03
C THR O 48 3.69 -72.30 -49.45
N PRO O 49 2.79 -72.61 -50.36
CA PRO O 49 1.96 -71.56 -50.99
C PRO O 49 0.89 -70.97 -50.08
N TYR O 50 1.13 -69.74 -49.64
CA TYR O 50 0.12 -68.98 -48.92
C TYR O 50 -1.02 -68.58 -49.85
N ASN O 51 -0.69 -67.86 -50.90
CA ASN O 51 -1.69 -67.25 -51.76
C ASN O 51 -2.07 -68.23 -52.86
N TYR O 52 -2.83 -67.77 -53.83
CA TYR O 52 -3.23 -68.77 -54.79
C TYR O 52 -2.35 -68.71 -56.02
N PRO O 53 -1.74 -69.82 -56.42
CA PRO O 53 -0.98 -69.85 -57.68
C PRO O 53 -1.93 -69.74 -58.87
N VAL O 54 -1.72 -68.71 -59.67
CA VAL O 54 -2.71 -68.24 -60.64
C VAL O 54 -2.76 -69.17 -61.84
N PRO O 55 -3.91 -69.32 -62.49
CA PRO O 55 -3.91 -69.81 -63.87
C PRO O 55 -3.68 -68.66 -64.83
N LEU O 56 -3.10 -68.98 -65.98
CA LEU O 56 -2.73 -67.97 -66.97
C LEU O 56 -3.26 -68.35 -68.33
N ARG O 57 -3.42 -67.33 -69.17
CA ARG O 57 -3.62 -67.54 -70.60
C ARG O 57 -2.44 -68.34 -71.14
N ASP O 58 -2.75 -69.32 -71.98
CA ASP O 58 -2.01 -70.57 -72.09
C ASP O 58 -0.51 -70.43 -72.36
N ASP O 59 -0.12 -69.97 -73.55
CA ASP O 59 1.27 -69.82 -73.94
C ASP O 59 1.48 -69.05 -75.23
N GLY O 60 2.73 -68.71 -75.50
CA GLY O 60 3.23 -68.44 -76.83
C GLY O 60 3.94 -69.67 -77.34
N ASN O 61 3.34 -70.83 -77.02
CA ASN O 61 3.83 -72.18 -77.32
C ASN O 61 5.23 -72.41 -76.72
N MET O 62 5.24 -72.37 -75.38
CA MET O 62 6.38 -72.47 -74.47
C MET O 62 6.47 -73.87 -73.86
N PRO O 63 7.68 -74.44 -73.77
CA PRO O 63 7.86 -75.82 -73.29
C PRO O 63 7.98 -75.91 -71.77
N ASP O 64 6.98 -75.38 -71.08
CA ASP O 64 6.90 -75.33 -69.63
C ASP O 64 5.43 -75.40 -69.25
N VAL O 65 5.11 -74.94 -68.03
CA VAL O 65 3.77 -74.69 -67.47
C VAL O 65 2.83 -75.88 -67.68
N PRO O 66 2.99 -76.94 -66.88
CA PRO O 66 2.23 -78.18 -67.10
C PRO O 66 0.73 -77.99 -66.87
N SER O 67 -0.06 -78.56 -67.79
CA SER O 67 -1.49 -78.31 -67.79
C SER O 67 -2.19 -79.06 -66.67
N HIS O 68 -2.02 -80.34 -66.62
CA HIS O 68 -2.72 -81.08 -65.60
C HIS O 68 -1.96 -80.92 -64.27
N PRO O 69 -2.65 -80.85 -63.14
CA PRO O 69 -1.97 -80.92 -61.84
C PRO O 69 -1.43 -82.29 -61.46
N GLN O 70 -1.42 -83.24 -62.39
CA GLN O 70 -0.73 -84.51 -62.24
C GLN O 70 0.30 -84.68 -63.35
N ASP O 71 0.47 -83.68 -64.20
CA ASP O 71 1.43 -83.75 -65.29
C ASP O 71 2.82 -83.40 -64.75
N PRO O 72 3.81 -84.29 -64.86
CA PRO O 72 5.09 -84.07 -64.18
C PRO O 72 6.10 -83.15 -64.86
N GLN O 73 5.68 -82.24 -65.75
CA GLN O 73 6.64 -81.33 -66.37
C GLN O 73 7.26 -80.38 -65.35
N GLY O 74 6.43 -79.65 -64.61
CA GLY O 74 6.86 -78.47 -63.91
C GLY O 74 7.69 -78.69 -62.66
N PRO O 75 7.92 -77.60 -61.91
CA PRO O 75 8.74 -77.71 -60.70
C PRO O 75 7.99 -78.41 -59.57
N SER O 76 8.72 -79.24 -58.85
CA SER O 76 8.12 -80.13 -57.88
C SER O 76 8.92 -80.13 -56.58
N LEU O 77 8.19 -80.18 -55.47
CA LEU O 77 8.77 -80.45 -54.17
C LEU O 77 8.58 -81.93 -53.88
N GLU O 78 9.67 -82.63 -53.61
CA GLU O 78 9.61 -84.07 -53.43
C GLU O 78 10.38 -84.59 -52.25
N TRP O 79 11.32 -83.83 -51.71
CA TRP O 79 12.25 -84.36 -50.72
C TRP O 79 11.69 -84.30 -49.31
N LEU O 80 10.45 -83.86 -49.12
CA LEU O 80 9.81 -83.98 -47.82
C LEU O 80 9.59 -85.45 -47.48
N LYS O 81 9.04 -86.18 -48.42
CA LYS O 81 8.96 -87.63 -48.32
C LYS O 81 10.34 -88.28 -48.45
N ARG O 82 11.23 -87.66 -49.23
CA ARG O 82 12.56 -88.20 -49.52
C ARG O 82 13.63 -87.58 -48.64
N LEU O 83 13.30 -87.30 -47.39
CA LEU O 83 14.20 -86.79 -46.33
C LEU O 83 14.78 -85.42 -46.65
N SER P 11 69.08 68.21 -26.29
CA SER P 11 68.51 69.40 -26.91
C SER P 11 67.76 70.27 -25.89
N LYS P 12 66.92 71.16 -26.39
CA LYS P 12 66.22 72.15 -25.57
C LYS P 12 65.04 72.69 -26.37
N MET P 13 64.37 73.69 -25.81
CA MET P 13 63.21 74.28 -26.48
C MET P 13 63.29 75.80 -26.45
N GLU P 14 64.02 76.32 -25.46
CA GLU P 14 64.41 77.71 -25.19
C GLU P 14 63.27 78.59 -24.70
N LEU P 15 62.01 78.12 -24.81
CA LEU P 15 60.85 78.46 -23.98
C LEU P 15 60.65 79.93 -23.64
N PRO P 16 60.08 80.72 -24.55
CA PRO P 16 59.63 82.07 -24.19
C PRO P 16 58.70 82.07 -22.98
N ASP P 17 59.17 82.71 -21.92
CA ASP P 17 58.65 82.50 -20.57
C ASP P 17 57.55 83.49 -20.22
N TYR P 18 57.26 83.60 -18.92
CA TYR P 18 56.17 84.41 -18.40
C TYR P 18 56.54 85.89 -18.38
N LYS P 19 55.78 86.69 -17.61
CA LYS P 19 55.90 88.17 -17.44
C LYS P 19 55.92 88.89 -18.80
N GLN P 20 55.25 88.30 -19.76
CA GLN P 20 55.31 88.68 -21.16
C GLN P 20 53.93 88.70 -21.78
N TRP P 21 52.96 88.00 -21.19
CA TRP P 21 51.67 87.83 -21.83
C TRP P 21 50.76 89.00 -21.53
N LYS P 22 50.47 89.22 -20.24
CA LYS P 22 50.19 90.55 -19.69
C LYS P 22 48.95 91.17 -20.34
N ILE P 23 47.81 90.58 -20.02
CA ILE P 23 46.79 90.15 -20.99
C ILE P 23 46.47 91.12 -22.12
N GLU P 24 45.86 92.27 -21.83
CA GLU P 24 45.73 93.42 -22.75
C GLU P 24 44.93 93.16 -24.03
N GLY P 25 44.65 91.91 -24.37
CA GLY P 25 43.98 91.56 -25.60
C GLY P 25 42.51 91.83 -25.42
N THR P 26 41.98 92.69 -26.27
CA THR P 26 40.68 93.32 -26.00
C THR P 26 39.48 92.39 -25.81
N PRO P 27 39.34 91.23 -26.46
CA PRO P 27 38.20 90.37 -26.08
C PRO P 27 38.36 89.77 -24.69
N LEU P 28 39.56 89.35 -24.30
CA LEU P 28 39.73 88.84 -22.94
C LEU P 28 39.62 89.93 -21.90
N GLU P 29 40.05 91.15 -22.24
CA GLU P 29 39.94 92.25 -21.30
C GLU P 29 38.49 92.68 -21.11
N THR P 30 37.74 92.81 -22.21
CA THR P 30 36.33 93.15 -22.10
C THR P 30 35.50 92.03 -21.51
N VAL P 31 35.90 90.78 -21.70
CA VAL P 31 35.11 89.72 -21.10
C VAL P 31 35.44 89.61 -19.61
N GLN P 32 36.64 90.02 -19.19
CA GLN P 32 36.87 90.13 -17.75
C GLN P 32 36.13 91.33 -17.18
N GLU P 33 35.90 92.37 -17.99
CA GLU P 33 35.03 93.47 -17.57
C GLU P 33 33.60 93.00 -17.36
N LYS P 34 33.07 92.22 -18.31
CA LYS P 34 31.70 91.73 -18.19
C LYS P 34 31.56 90.77 -17.03
N LEU P 35 32.57 89.93 -16.83
CA LEU P 35 32.52 88.99 -15.73
C LEU P 35 32.73 89.69 -14.39
N ALA P 36 33.44 90.82 -14.41
CA ALA P 36 33.56 91.61 -13.21
C ALA P 36 32.24 92.27 -12.86
N ALA P 37 31.54 92.76 -13.88
CA ALA P 37 30.20 93.30 -13.67
C ALA P 37 29.23 92.23 -13.21
N ARG P 38 29.47 90.98 -13.58
CA ARG P 38 28.70 89.87 -13.03
C ARG P 38 29.03 89.64 -11.56
N GLY P 39 30.31 89.68 -11.20
CA GLY P 39 30.64 89.64 -9.79
C GLY P 39 31.45 88.43 -9.33
N LEU P 40 32.29 87.91 -10.19
CA LEU P 40 33.25 86.87 -9.82
C LEU P 40 34.69 87.38 -9.81
N ARG P 41 35.11 88.02 -10.91
CA ARG P 41 36.39 88.73 -11.05
C ARG P 41 37.58 87.79 -10.93
N ASP P 42 37.36 86.50 -11.18
CA ASP P 42 38.44 85.50 -11.08
C ASP P 42 38.27 84.42 -12.13
N PRO P 43 38.62 84.71 -13.39
CA PRO P 43 38.70 83.62 -14.36
C PRO P 43 40.04 82.92 -14.30
N TRP P 44 40.26 82.05 -15.27
CA TRP P 44 41.54 81.42 -15.50
C TRP P 44 42.57 82.50 -15.82
N GLY P 45 42.47 83.07 -17.01
CA GLY P 45 43.30 84.21 -17.32
C GLY P 45 44.21 84.05 -18.52
N ARG P 46 45.49 84.25 -18.28
CA ARG P 46 46.44 84.69 -19.30
C ARG P 46 47.04 83.55 -20.10
N ASN P 47 46.36 82.43 -20.18
CA ASN P 47 46.91 81.28 -20.89
C ASN P 47 46.90 81.46 -22.40
N GLU P 48 46.18 82.47 -22.91
CA GLU P 48 45.83 82.52 -24.32
C GLU P 48 46.18 83.87 -24.94
N ALA P 49 47.08 84.61 -24.29
CA ALA P 49 47.59 85.81 -24.93
C ALA P 49 48.41 85.49 -26.16
N TRP P 50 49.04 84.31 -26.20
CA TRP P 50 49.62 83.87 -27.46
C TRP P 50 48.55 83.57 -28.48
N ARG P 51 47.36 83.19 -28.05
CA ARG P 51 46.30 83.04 -29.02
C ARG P 51 45.74 84.37 -29.48
N TYR P 52 45.96 85.46 -28.73
CA TYR P 52 45.36 86.73 -29.10
C TYR P 52 46.35 87.87 -29.37
N MET P 53 47.64 87.61 -29.45
CA MET P 53 48.59 88.66 -29.83
C MET P 53 49.85 88.01 -30.37
N GLY P 54 50.62 88.79 -31.13
CA GLY P 54 51.79 88.30 -31.84
C GLY P 54 51.59 88.39 -33.34
N GLY P 55 51.99 87.31 -34.04
CA GLY P 55 51.80 87.20 -35.49
C GLY P 55 50.36 86.99 -35.92
N PHE P 56 49.47 86.87 -34.96
CA PHE P 56 48.03 86.79 -35.06
C PHE P 56 47.50 88.22 -35.02
N ALA P 57 46.25 88.43 -34.56
CA ALA P 57 45.85 89.71 -33.99
C ALA P 57 45.84 90.89 -34.97
N ASN P 58 44.72 91.01 -35.70
CA ASN P 58 44.50 91.48 -37.07
C ASN P 58 44.92 90.34 -37.97
N ASN P 59 44.63 89.12 -37.50
CA ASN P 59 44.20 88.07 -38.40
C ASN P 59 43.01 88.58 -39.20
N VAL P 60 43.01 88.28 -40.49
CA VAL P 60 42.10 88.93 -41.43
C VAL P 60 40.68 88.45 -41.17
N SER P 61 39.70 89.29 -41.54
CA SER P 61 38.29 88.94 -41.48
C SER P 61 37.93 88.10 -42.70
N PHE P 62 36.63 87.87 -42.93
CA PHE P 62 36.24 86.85 -43.89
C PHE P 62 36.48 87.26 -45.33
N VAL P 63 36.24 88.52 -45.67
CA VAL P 63 36.33 88.92 -47.06
C VAL P 63 37.75 89.04 -47.56
N GLY P 64 38.74 89.04 -46.66
CA GLY P 64 40.10 89.41 -47.05
C GLY P 64 40.84 88.33 -47.81
N ALA P 65 40.62 87.05 -47.43
CA ALA P 65 41.27 85.98 -48.18
C ALA P 65 40.72 85.85 -49.59
N LEU P 66 39.51 86.34 -49.83
CA LEU P 66 38.99 86.49 -51.17
C LEU P 66 39.38 87.82 -51.79
N LEU P 67 39.78 88.81 -50.98
CA LEU P 67 40.42 90.00 -51.51
C LEU P 67 41.82 89.70 -52.01
N LYS P 68 42.42 88.60 -51.56
CA LYS P 68 43.83 88.31 -51.75
C LYS P 68 44.24 88.10 -53.21
N GLY P 69 43.29 88.04 -54.13
CA GLY P 69 43.63 87.98 -55.55
C GLY P 69 44.18 89.26 -56.14
N PHE P 70 43.40 90.34 -56.12
CA PHE P 70 43.67 91.50 -56.98
C PHE P 70 44.82 92.36 -56.53
N LYS P 71 45.46 92.09 -55.39
CA LYS P 71 46.60 92.89 -54.96
C LYS P 71 47.81 92.68 -55.84
N TRP P 72 47.82 91.62 -56.63
CA TRP P 72 48.82 91.44 -57.66
C TRP P 72 48.16 90.94 -58.93
N GLY P 73 46.83 91.06 -59.05
CA GLY P 73 46.08 90.54 -60.18
C GLY P 73 45.36 91.55 -61.06
N PHE P 74 44.79 92.60 -60.46
CA PHE P 74 44.25 93.72 -61.22
C PHE P 74 45.29 94.35 -62.14
N ALA P 75 46.53 94.46 -61.64
CA ALA P 75 47.59 95.08 -62.43
C ALA P 75 47.95 94.23 -63.64
N ALA P 76 48.07 92.91 -63.46
CA ALA P 76 48.33 92.04 -64.60
C ALA P 76 47.14 91.98 -65.55
N PHE P 77 45.93 92.13 -65.02
CA PHE P 77 44.75 92.25 -65.89
C PHE P 77 44.82 93.50 -66.75
N VAL P 78 45.20 94.64 -66.17
CA VAL P 78 45.32 95.88 -66.94
C VAL P 78 46.47 95.76 -67.94
N VAL P 79 47.53 95.03 -67.58
CA VAL P 79 48.62 94.75 -68.51
C VAL P 79 48.14 93.97 -69.72
N ALA P 80 47.32 92.94 -69.49
CA ALA P 80 46.80 92.17 -70.61
C ALA P 80 45.75 92.94 -71.40
N VAL P 81 45.05 93.89 -70.77
CA VAL P 81 44.12 94.74 -71.50
C VAL P 81 44.87 95.69 -72.41
N GLY P 82 45.90 96.35 -71.87
CA GLY P 82 46.70 97.26 -72.67
C GLY P 82 47.57 96.56 -73.69
N ALA P 83 47.85 95.28 -73.51
CA ALA P 83 48.68 94.53 -74.45
C ALA P 83 47.93 94.27 -75.76
N MET Q 2 14.17 -23.33 -59.60
CA MET Q 2 14.20 -24.18 -60.78
C MET Q 2 14.75 -25.55 -60.41
N THR Q 3 13.84 -26.48 -60.18
CA THR Q 3 14.16 -27.81 -59.68
C THR Q 3 14.47 -28.70 -60.91
N GLY Q 4 14.47 -30.02 -60.75
CA GLY Q 4 14.69 -30.94 -61.85
C GLY Q 4 13.62 -30.81 -62.94
N ARG Q 5 13.93 -30.63 -64.24
CA ARG Q 5 15.21 -30.70 -65.00
C ARG Q 5 15.90 -32.07 -64.75
N GLN Q 6 15.03 -33.08 -64.71
CA GLN Q 6 15.29 -34.52 -64.92
C GLN Q 6 16.58 -35.02 -64.29
N ALA Q 7 16.75 -34.69 -63.02
CA ALA Q 7 17.90 -35.17 -62.27
C ALA Q 7 17.73 -36.65 -61.98
N ARG Q 8 18.61 -37.48 -62.56
CA ARG Q 8 18.42 -38.92 -62.62
C ARG Q 8 19.47 -39.77 -61.91
N ALA Q 9 20.80 -39.65 -62.16
CA ALA Q 9 21.71 -38.49 -62.39
C ALA Q 9 21.50 -37.43 -61.31
N PRO Q 10 22.13 -37.65 -60.14
CA PRO Q 10 22.03 -36.72 -59.01
C PRO Q 10 22.73 -35.38 -59.23
N LEU Q 11 23.04 -34.72 -58.10
CA LEU Q 11 23.71 -33.41 -58.09
C LEU Q 11 24.90 -33.35 -59.05
N GLN Q 12 25.76 -34.39 -59.05
CA GLN Q 12 26.65 -34.77 -60.15
C GLN Q 12 27.53 -33.60 -60.59
N PHE Q 13 28.46 -33.25 -59.71
CA PHE Q 13 29.15 -31.96 -59.61
C PHE Q 13 29.61 -31.32 -60.92
N LEU Q 14 29.92 -32.14 -61.92
CA LEU Q 14 29.87 -31.67 -63.29
C LEU Q 14 29.27 -32.85 -64.05
N PRO Q 15 28.21 -32.65 -64.81
CA PRO Q 15 27.58 -33.76 -65.51
C PRO Q 15 28.41 -34.19 -66.72
N ASP Q 16 27.84 -35.12 -67.49
CA ASP Q 16 28.51 -35.56 -68.70
C ASP Q 16 28.47 -34.46 -69.76
N GLU Q 17 27.45 -33.62 -69.73
CA GLU Q 17 27.18 -32.67 -70.81
C GLU Q 17 28.06 -31.44 -70.74
N ALA Q 18 28.72 -31.18 -69.60
CA ALA Q 18 29.54 -29.99 -69.44
C ALA Q 18 30.86 -30.07 -70.20
N ARG Q 19 31.15 -31.18 -70.84
CA ARG Q 19 32.37 -31.36 -71.59
C ARG Q 19 32.25 -30.84 -73.01
N SER Q 20 31.10 -30.27 -73.37
CA SER Q 20 30.86 -29.72 -74.70
C SER Q 20 31.15 -28.23 -74.79
N LEU Q 21 31.07 -27.54 -73.72
CA LEU Q 21 31.50 -26.16 -73.59
C LEU Q 21 32.98 -26.12 -73.21
N PRO Q 22 33.72 -25.06 -73.55
CA PRO Q 22 35.12 -25.02 -73.18
C PRO Q 22 35.27 -24.71 -71.71
N PRO Q 23 36.34 -25.18 -71.07
CA PRO Q 23 36.59 -24.85 -69.67
C PRO Q 23 37.04 -23.41 -69.55
N PRO Q 24 37.11 -22.85 -68.33
CA PRO Q 24 37.76 -21.55 -68.19
C PRO Q 24 39.24 -21.67 -68.50
N LYS Q 25 39.76 -20.62 -69.13
CA LYS Q 25 41.15 -20.65 -69.54
C LYS Q 25 42.06 -20.52 -68.33
N LEU Q 26 43.31 -20.88 -68.54
CA LEU Q 26 44.35 -20.50 -67.60
C LEU Q 26 44.49 -18.98 -67.64
N THR Q 27 44.93 -18.40 -66.51
CA THR Q 27 44.89 -16.99 -66.14
C THR Q 27 43.65 -16.22 -66.58
N ASP Q 28 42.49 -16.86 -66.43
CA ASP Q 28 41.25 -16.09 -66.41
C ASP Q 28 41.22 -15.21 -65.17
N PRO Q 29 40.59 -14.04 -65.26
CA PRO Q 29 40.70 -13.09 -64.15
C PRO Q 29 39.98 -13.52 -62.88
N ARG Q 30 38.91 -14.31 -62.98
CA ARG Q 30 38.19 -14.68 -61.77
C ARG Q 30 38.98 -15.67 -60.93
N LEU Q 31 39.63 -16.64 -61.59
CA LEU Q 31 40.50 -17.52 -60.84
C LEU Q 31 41.74 -16.80 -60.34
N ALA Q 32 42.14 -15.72 -61.01
CA ALA Q 32 43.23 -14.90 -60.49
C ALA Q 32 42.80 -14.15 -59.25
N TYR Q 33 41.55 -13.69 -59.22
CA TYR Q 33 40.99 -13.12 -57.99
C TYR Q 33 40.98 -14.14 -56.88
N ILE Q 34 40.62 -15.38 -57.20
CA ILE Q 34 40.61 -16.45 -56.21
C ILE Q 34 42.01 -16.70 -55.68
N GLY Q 35 43.00 -16.63 -56.56
CA GLY Q 35 44.38 -16.79 -56.12
C GLY Q 35 44.85 -15.68 -55.21
N PHE Q 36 44.45 -14.44 -55.52
CA PHE Q 36 44.79 -13.34 -54.64
C PHE Q 36 44.09 -13.46 -53.30
N LEU Q 37 42.86 -13.98 -53.31
CA LEU Q 37 42.16 -14.13 -52.05
C LEU Q 37 42.77 -15.25 -51.23
N GLY Q 38 43.34 -16.27 -51.89
CA GLY Q 38 44.07 -17.28 -51.16
C GLY Q 38 45.36 -16.75 -50.56
N TYR Q 39 46.03 -15.88 -51.29
CA TYR Q 39 47.20 -15.19 -50.76
C TYR Q 39 46.85 -14.37 -49.54
N CYS Q 40 45.72 -13.64 -49.59
CA CYS Q 40 45.31 -12.85 -48.44
C CYS Q 40 44.86 -13.73 -47.29
N SER Q 41 44.34 -14.91 -47.60
CA SER Q 41 44.00 -15.88 -46.57
C SER Q 41 45.23 -16.35 -45.83
N GLY Q 42 46.29 -16.66 -46.57
CA GLY Q 42 47.52 -17.06 -45.92
C GLY Q 42 48.14 -15.94 -45.12
N LEU Q 43 48.02 -14.71 -45.61
CA LEU Q 43 48.59 -13.58 -44.91
C LEU Q 43 47.85 -13.31 -43.60
N ILE Q 44 46.52 -13.42 -43.61
CA ILE Q 44 45.81 -13.25 -42.35
C ILE Q 44 45.98 -14.48 -41.46
N ASP Q 45 46.30 -15.64 -42.05
CA ASP Q 45 46.64 -16.82 -41.25
C ASP Q 45 47.94 -16.59 -40.49
N ASN Q 46 48.90 -15.95 -41.14
CA ASN Q 46 50.07 -15.47 -40.43
C ASN Q 46 49.68 -14.44 -39.38
N ALA Q 47 48.63 -13.67 -39.64
CA ALA Q 47 48.30 -12.61 -38.71
C ALA Q 47 47.58 -13.08 -37.45
N ILE Q 48 46.89 -14.23 -37.49
CA ILE Q 48 46.11 -14.65 -36.34
C ILE Q 48 47.03 -15.11 -35.20
N ARG Q 49 47.83 -16.12 -35.47
CA ARG Q 49 48.94 -16.43 -34.60
C ARG Q 49 49.94 -15.28 -34.63
N ARG Q 50 50.81 -15.24 -33.64
CA ARG Q 50 51.72 -14.13 -33.54
C ARG Q 50 53.00 -14.36 -34.34
N ARG Q 51 52.97 -15.22 -35.34
CA ARG Q 51 54.09 -15.35 -36.25
C ARG Q 51 54.20 -14.08 -37.09
N PRO Q 52 55.41 -13.74 -37.55
CA PRO Q 52 55.56 -12.53 -38.37
C PRO Q 52 54.88 -12.65 -39.71
N VAL Q 53 54.21 -11.58 -40.12
CA VAL Q 53 53.53 -11.56 -41.39
C VAL Q 53 54.55 -11.39 -42.51
N LEU Q 54 54.15 -11.79 -43.72
CA LEU Q 54 54.94 -11.74 -44.95
C LEU Q 54 56.20 -12.61 -44.91
N SER Q 55 56.28 -13.52 -43.94
CA SER Q 55 57.34 -14.51 -43.87
C SER Q 55 56.84 -15.64 -42.97
N ALA Q 56 57.68 -16.67 -42.84
CA ALA Q 56 57.50 -17.81 -41.94
C ALA Q 56 56.24 -18.60 -42.21
N GLY Q 57 55.62 -18.44 -43.38
CA GLY Q 57 54.44 -19.20 -43.71
C GLY Q 57 54.37 -19.55 -45.17
N LEU Q 58 55.54 -19.62 -45.83
CA LEU Q 58 55.56 -19.67 -47.28
C LEU Q 58 55.03 -20.97 -47.84
N HIS Q 59 55.27 -22.08 -47.14
CA HIS Q 59 54.61 -23.32 -47.53
C HIS Q 59 53.11 -23.23 -47.30
N ARG Q 60 52.67 -22.54 -46.25
CA ARG Q 60 51.24 -22.35 -46.07
C ARG Q 60 50.66 -21.38 -47.09
N GLN Q 61 51.46 -20.41 -47.54
CA GLN Q 61 51.05 -19.56 -48.67
C GLN Q 61 50.79 -20.41 -49.89
N PHE Q 62 51.72 -21.32 -50.19
CA PHE Q 62 51.61 -22.14 -51.37
C PHE Q 62 50.43 -23.10 -51.28
N LEU Q 63 50.19 -23.64 -50.08
CA LEU Q 63 49.06 -24.54 -49.90
C LEU Q 63 47.72 -23.82 -50.02
N TYR Q 64 47.59 -22.65 -49.39
CA TYR Q 64 46.31 -21.95 -49.46
C TYR Q 64 46.02 -21.47 -50.88
N ILE Q 65 47.04 -21.00 -51.59
CA ILE Q 65 46.83 -20.57 -52.96
C ILE Q 65 46.43 -21.74 -53.84
N THR Q 66 47.06 -22.91 -53.66
CA THR Q 66 46.71 -24.07 -54.46
C THR Q 66 45.28 -24.54 -54.17
N SER Q 67 44.92 -24.59 -52.90
CA SER Q 67 43.59 -25.07 -52.51
C SER Q 67 42.50 -24.19 -53.08
N PHE Q 68 42.65 -22.87 -52.93
CA PHE Q 68 41.61 -21.98 -53.43
C PHE Q 68 41.55 -21.97 -54.95
N VAL Q 69 42.68 -21.96 -55.65
CA VAL Q 69 42.65 -21.91 -57.11
C VAL Q 69 42.03 -23.18 -57.68
N PHE Q 70 42.33 -24.32 -57.07
CA PHE Q 70 41.78 -25.60 -57.51
C PHE Q 70 40.27 -25.63 -57.33
N VAL Q 71 39.80 -25.25 -56.13
CA VAL Q 71 38.37 -25.32 -55.85
C VAL Q 71 37.60 -24.33 -56.72
N GLY Q 72 38.12 -23.10 -56.85
CA GLY Q 72 37.45 -22.12 -57.69
C GLY Q 72 37.45 -22.47 -59.16
N TYR Q 73 38.45 -23.23 -59.61
CA TYR Q 73 38.45 -23.70 -60.98
C TYR Q 73 37.29 -24.64 -61.23
N TYR Q 74 37.09 -25.60 -60.33
CA TYR Q 74 35.96 -26.51 -60.53
C TYR Q 74 34.61 -25.80 -60.39
N LEU Q 75 34.55 -24.78 -59.53
CA LEU Q 75 33.30 -24.03 -59.40
C LEU Q 75 32.99 -23.22 -60.64
N LEU Q 76 34.01 -22.64 -61.28
CA LEU Q 76 33.77 -21.93 -62.53
C LEU Q 76 33.31 -22.85 -63.63
N LYS Q 77 33.83 -24.09 -63.64
CA LYS Q 77 33.34 -25.06 -64.61
C LYS Q 77 31.86 -25.36 -64.39
N ARG Q 78 31.45 -25.49 -63.12
CA ARG Q 78 30.04 -25.70 -62.81
C ARG Q 78 29.18 -24.52 -63.23
N GLN Q 79 29.69 -23.29 -63.01
CA GLN Q 79 28.94 -22.09 -63.37
C GLN Q 79 28.69 -22.00 -64.87
N ASP Q 80 29.72 -22.30 -65.67
CA ASP Q 80 29.55 -22.27 -67.12
C ASP Q 80 28.56 -23.30 -67.59
N TYR Q 81 28.58 -24.49 -66.96
CA TYR Q 81 27.54 -25.48 -67.25
C TYR Q 81 26.15 -24.96 -66.94
N MET Q 82 26.01 -24.26 -65.82
CA MET Q 82 24.70 -23.81 -65.38
C MET Q 82 24.12 -22.80 -66.35
N TYR Q 83 24.92 -21.82 -66.77
CA TYR Q 83 24.37 -20.80 -67.65
C TYR Q 83 24.14 -21.32 -69.05
N ALA Q 84 24.97 -22.25 -69.50
CA ALA Q 84 24.73 -22.88 -70.79
C ALA Q 84 23.41 -23.63 -70.79
N VAL Q 85 23.12 -24.36 -69.72
CA VAL Q 85 21.90 -25.15 -69.77
C VAL Q 85 20.68 -24.26 -69.56
N ARG Q 86 20.84 -23.12 -68.89
CA ARG Q 86 19.71 -22.20 -68.75
C ARG Q 86 19.33 -21.59 -70.10
N ASP Q 87 20.32 -21.16 -70.87
CA ASP Q 87 20.00 -20.62 -72.19
C ASP Q 87 19.48 -21.70 -73.13
N HIS Q 88 19.95 -22.93 -72.97
CA HIS Q 88 19.47 -24.00 -73.84
C HIS Q 88 18.01 -24.32 -73.56
N ASP Q 89 17.63 -24.38 -72.28
CA ASP Q 89 16.22 -24.58 -71.93
C ASP Q 89 15.36 -23.45 -72.42
N MET Q 90 15.86 -22.22 -72.30
CA MET Q 90 15.06 -21.07 -72.69
C MET Q 90 14.80 -21.06 -74.19
N PHE Q 91 15.85 -21.26 -75.00
CA PHE Q 91 15.64 -21.21 -76.44
C PHE Q 91 14.91 -22.43 -76.95
N SER Q 92 14.99 -23.56 -76.24
CA SER Q 92 14.16 -24.69 -76.62
C SER Q 92 12.69 -24.38 -76.42
N TYR Q 93 12.34 -23.74 -75.30
CA TYR Q 93 10.93 -23.40 -75.15
C TYR Q 93 10.52 -22.22 -76.03
N ILE Q 94 11.48 -21.38 -76.44
CA ILE Q 94 11.18 -20.36 -77.44
C ILE Q 94 10.78 -21.01 -78.75
N LYS Q 95 11.58 -21.98 -79.20
CA LYS Q 95 11.29 -22.66 -80.45
C LYS Q 95 10.13 -23.64 -80.32
N SER Q 96 9.68 -23.93 -79.10
CA SER Q 96 8.55 -24.83 -78.91
C SER Q 96 7.26 -24.23 -79.48
N HIS Q 97 6.82 -23.11 -78.94
CA HIS Q 97 5.53 -22.51 -79.31
C HIS Q 97 5.74 -21.05 -79.68
N PRO Q 98 6.18 -20.78 -80.91
CA PRO Q 98 6.44 -19.38 -81.29
C PRO Q 98 5.20 -18.56 -81.46
N GLU Q 99 4.05 -19.21 -81.63
CA GLU Q 99 2.82 -18.50 -81.91
C GLU Q 99 2.25 -17.81 -80.67
N ASP Q 100 2.72 -18.18 -79.49
CA ASP Q 100 2.31 -17.52 -78.24
C ASP Q 100 3.27 -16.42 -77.82
N PHE Q 101 4.44 -16.34 -78.44
CA PHE Q 101 5.34 -15.20 -78.24
C PHE Q 101 5.31 -14.34 -79.49
N PRO Q 102 4.56 -13.24 -79.49
CA PRO Q 102 4.44 -12.43 -80.69
C PRO Q 102 5.72 -11.63 -80.94
N GLU Q 103 6.08 -11.51 -82.21
CA GLU Q 103 7.12 -10.60 -82.63
C GLU Q 103 6.45 -9.32 -83.09
N LYS Q 104 6.61 -8.26 -82.31
CA LYS Q 104 5.87 -7.04 -82.56
C LYS Q 104 6.47 -6.28 -83.75
N ASP Q 105 5.67 -5.37 -84.28
CA ASP Q 105 6.01 -4.67 -85.51
C ASP Q 105 7.01 -3.57 -85.22
N LYS Q 106 8.13 -3.56 -85.95
CA LYS Q 106 9.09 -2.48 -85.80
C LYS Q 106 8.54 -1.24 -86.50
N LYS Q 107 7.73 -0.49 -85.76
CA LYS Q 107 7.19 0.76 -86.26
C LYS Q 107 8.28 1.81 -86.26
N THR Q 108 8.41 2.53 -87.37
CA THR Q 108 9.36 3.62 -87.40
C THR Q 108 8.80 4.83 -86.66
N TYR Q 109 9.67 5.79 -86.40
CA TYR Q 109 9.26 6.96 -85.65
C TYR Q 109 8.46 7.95 -86.46
N ARG Q 110 8.26 7.68 -87.76
CA ARG Q 110 7.35 8.48 -88.56
C ARG Q 110 5.91 8.29 -88.11
N GLU Q 111 5.60 7.16 -87.48
CA GLU Q 111 4.24 6.87 -87.04
C GLU Q 111 4.10 6.66 -85.54
N VAL Q 112 5.18 6.44 -84.80
CA VAL Q 112 5.09 6.35 -83.34
C VAL Q 112 4.93 7.75 -82.79
N PHE Q 113 3.76 8.06 -82.25
CA PHE Q 113 3.49 9.37 -81.70
C PHE Q 113 3.74 9.37 -80.20
N GLU Q 114 4.28 10.48 -79.71
CA GLU Q 114 4.56 10.67 -78.30
C GLU Q 114 3.91 11.96 -77.85
N GLU Q 115 3.30 11.93 -76.67
CA GLU Q 115 2.76 13.17 -76.12
C GLU Q 115 3.90 13.99 -75.56
N PHE Q 116 3.93 15.27 -75.91
CA PHE Q 116 5.19 16.00 -75.91
C PHE Q 116 5.60 16.51 -74.53
N HIS Q 117 4.77 17.37 -73.91
CA HIS Q 117 4.97 17.93 -72.58
C HIS Q 117 6.33 18.63 -72.41
N PRO Q 118 6.47 19.86 -72.92
CA PRO Q 118 7.78 20.53 -72.91
C PRO Q 118 8.30 20.79 -71.52
N VAL Q 119 9.59 20.50 -71.34
CA VAL Q 119 10.30 20.86 -70.12
C VAL Q 119 10.88 22.26 -70.29
N ARG Q 120 10.48 23.16 -69.41
CA ARG Q 120 10.85 24.55 -69.54
C ARG Q 120 12.11 24.78 -68.73
N SER R 1 14.31 69.61 -15.89
CA SER R 1 14.04 70.38 -17.10
C SER R 1 14.17 69.52 -18.34
N PHE R 2 13.56 68.34 -18.33
CA PHE R 2 13.76 67.40 -19.41
C PHE R 2 12.60 66.42 -19.43
N PRO R 3 12.32 65.80 -20.58
CA PRO R 3 11.30 64.75 -20.63
C PRO R 3 11.69 63.40 -20.04
N LYS R 4 12.75 63.35 -19.24
CA LYS R 4 13.08 62.29 -18.29
C LYS R 4 13.50 60.98 -18.95
N TYR R 5 13.69 60.97 -20.27
CA TYR R 5 14.55 60.02 -20.98
C TYR R 5 14.10 58.56 -20.77
N GLU R 6 13.00 58.21 -21.41
CA GLU R 6 12.58 56.82 -21.39
C GLU R 6 13.61 55.94 -22.08
N PRO R 7 13.84 54.74 -21.58
CA PRO R 7 14.75 53.82 -22.27
C PRO R 7 14.00 53.05 -23.34
N SER R 8 14.65 52.05 -23.92
CA SER R 8 14.00 51.19 -24.89
C SER R 8 14.67 49.82 -24.83
N ARG R 9 14.48 49.03 -25.88
CA ARG R 9 15.24 47.81 -26.02
C ARG R 9 16.66 48.10 -26.45
N LEU R 10 16.91 49.28 -27.02
CA LEU R 10 18.21 49.64 -27.55
C LEU R 10 18.81 50.85 -26.85
N ALA R 11 18.02 51.89 -26.63
CA ALA R 11 18.52 53.11 -26.00
C ALA R 11 18.74 52.84 -24.53
N SER R 12 19.96 52.48 -24.18
CA SER R 12 20.27 52.02 -22.84
C SER R 12 20.27 53.20 -21.87
N LEU R 13 19.87 52.93 -20.64
CA LEU R 13 19.73 53.98 -19.63
C LEU R 13 21.09 54.20 -18.97
N PRO R 14 21.73 55.35 -19.15
CA PRO R 14 23.08 55.54 -18.61
C PRO R 14 23.05 55.68 -17.09
N THR R 15 24.24 55.65 -16.49
CA THR R 15 24.37 55.50 -15.05
C THR R 15 24.04 56.75 -14.27
N THR R 16 23.77 57.86 -14.94
CA THR R 16 23.47 59.10 -14.21
C THR R 16 22.07 59.04 -13.61
N LEU R 17 21.04 58.98 -14.45
CA LEU R 17 19.66 59.07 -13.97
C LEU R 17 19.06 57.67 -13.85
N ASP R 18 19.48 56.96 -12.82
CA ASP R 18 19.10 55.57 -12.70
C ASP R 18 17.67 55.36 -12.16
N PRO R 19 17.24 56.01 -11.06
CA PRO R 19 17.80 56.78 -9.95
C PRO R 19 18.10 55.85 -8.80
N ALA R 20 18.28 54.56 -9.14
CA ALA R 20 18.58 53.54 -8.15
C ALA R 20 19.96 53.68 -7.54
N GLU R 21 20.83 54.51 -8.10
CA GLU R 21 22.14 54.78 -7.51
C GLU R 21 22.08 55.94 -6.51
N TYR R 22 20.91 56.18 -5.92
CA TYR R 22 20.70 57.22 -4.92
C TYR R 22 20.25 56.67 -3.58
N ASP R 23 19.26 55.77 -3.58
CA ASP R 23 18.76 55.18 -2.34
C ASP R 23 19.59 53.95 -1.98
N ILE R 24 20.86 54.22 -1.66
CA ILE R 24 21.80 53.15 -1.37
C ILE R 24 21.46 52.53 -0.03
N SER R 25 21.25 51.22 -0.03
CA SER R 25 20.95 50.47 1.18
C SER R 25 22.19 49.73 1.64
N SER R 26 22.01 48.85 2.63
CA SER R 26 23.14 48.10 3.16
C SER R 26 23.59 47.02 2.19
N GLU R 27 22.64 46.25 1.65
CA GLU R 27 23.02 45.15 0.78
C GLU R 27 23.54 45.61 -0.57
N THR R 28 23.26 46.87 -0.95
CA THR R 28 23.90 47.41 -2.15
C THR R 28 25.41 47.54 -1.97
N ARG R 29 25.85 48.15 -0.87
CA ARG R 29 27.29 48.26 -0.66
C ARG R 29 27.91 46.94 -0.28
N LYS R 30 27.15 46.06 0.37
CA LYS R 30 27.63 44.71 0.62
C LYS R 30 27.81 43.95 -0.69
N ALA R 31 26.91 44.17 -1.65
CA ALA R 31 27.01 43.52 -2.95
C ALA R 31 28.17 44.07 -3.75
N GLN R 32 28.41 45.39 -3.67
CA GLN R 32 29.56 45.95 -4.36
C GLN R 32 30.86 45.49 -3.73
N ALA R 33 30.88 45.31 -2.41
CA ALA R 33 32.07 44.79 -1.74
C ALA R 33 32.35 43.35 -2.15
N GLU R 34 31.33 42.50 -2.16
CA GLU R 34 31.55 41.12 -2.58
C GLU R 34 31.84 41.01 -4.06
N ARG R 35 31.29 41.91 -4.88
CA ARG R 35 31.56 41.92 -6.30
C ARG R 35 33.00 42.30 -6.59
N LEU R 36 33.53 43.27 -5.83
CA LEU R 36 34.95 43.57 -5.95
C LEU R 36 35.80 42.43 -5.44
N ALA R 37 35.33 41.70 -4.43
CA ALA R 37 36.07 40.52 -3.97
C ALA R 37 36.15 39.45 -5.06
N ILE R 38 35.06 39.26 -5.81
CA ILE R 38 35.05 38.28 -6.89
C ILE R 38 36.00 38.70 -8.00
N ARG R 39 35.91 39.97 -8.44
CA ARG R 39 36.80 40.44 -9.49
C ARG R 39 38.26 40.45 -9.02
N SER R 40 38.49 40.67 -7.73
CA SER R 40 39.83 40.64 -7.18
C SER R 40 40.43 39.25 -7.24
N ARG R 41 39.66 38.24 -6.82
CA ARG R 41 40.19 36.89 -6.82
C ARG R 41 40.41 36.37 -8.24
N LEU R 42 39.52 36.75 -9.15
CA LEU R 42 39.69 36.28 -10.52
C LEU R 42 40.87 36.95 -11.20
N LYS R 43 41.07 38.24 -10.97
CA LYS R 43 42.29 38.85 -11.51
C LYS R 43 43.53 38.34 -10.82
N ARG R 44 43.43 37.93 -9.56
CA ARG R 44 44.60 37.41 -8.87
C ARG R 44 45.05 36.09 -9.48
N GLU R 45 44.12 35.16 -9.66
CA GLU R 45 44.51 33.91 -10.30
C GLU R 45 44.86 34.10 -11.77
N TYR R 46 44.24 35.09 -12.42
CA TYR R 46 44.62 35.37 -13.80
C TYR R 46 46.04 35.89 -13.91
N GLN R 47 46.40 36.86 -13.07
CA GLN R 47 47.74 37.42 -13.14
C GLN R 47 48.78 36.44 -12.63
N LEU R 48 48.39 35.48 -11.79
CA LEU R 48 49.30 34.41 -11.43
C LEU R 48 49.57 33.49 -12.61
N GLN R 49 48.52 33.10 -13.33
CA GLN R 49 48.73 32.21 -14.47
C GLN R 49 49.03 32.96 -15.75
N TYR R 50 49.26 34.26 -15.66
CA TYR R 50 49.54 35.11 -16.80
C TYR R 50 50.98 35.58 -16.86
N ASN R 51 51.66 35.64 -15.72
CA ASN R 51 53.04 36.09 -15.68
C ASN R 51 54.03 34.97 -15.47
N ASP R 52 53.61 33.72 -15.54
CA ASP R 52 54.52 32.59 -15.34
C ASP R 52 55.44 32.45 -16.56
N PRO R 53 56.76 32.39 -16.35
CA PRO R 53 57.65 32.16 -17.49
C PRO R 53 57.65 30.73 -17.97
N SER R 54 57.19 29.78 -17.17
CA SER R 54 57.11 28.41 -17.62
C SER R 54 55.87 28.14 -18.46
N ARG R 55 54.99 29.14 -18.62
CA ARG R 55 53.71 28.95 -19.25
C ARG R 55 53.89 28.88 -20.75
N ARG R 56 53.34 27.83 -21.37
CA ARG R 56 53.55 27.58 -22.78
C ARG R 56 52.30 27.83 -23.60
N GLY R 57 51.21 27.13 -23.30
CA GLY R 57 49.99 27.24 -24.06
C GLY R 57 49.21 28.51 -23.75
N VAL R 58 47.91 28.44 -24.00
CA VAL R 58 47.03 29.54 -23.64
C VAL R 58 46.76 29.47 -22.14
N VAL R 59 46.13 30.51 -21.60
CA VAL R 59 45.84 30.54 -20.16
C VAL R 59 44.64 29.69 -19.81
N GLU R 60 43.97 29.10 -20.80
CA GLU R 60 42.95 28.05 -20.67
C GLU R 60 41.73 28.55 -19.89
N ASP R 61 41.05 29.50 -20.51
CA ASP R 61 39.96 30.25 -19.90
C ASP R 61 38.71 29.39 -19.74
N PRO R 62 38.28 29.09 -18.51
CA PRO R 62 37.19 28.12 -18.32
C PRO R 62 35.81 28.66 -18.67
N ALA R 63 35.61 29.97 -18.54
CA ALA R 63 34.28 30.52 -18.71
C ALA R 63 33.88 30.58 -20.18
N LEU R 64 34.84 30.81 -21.08
CA LEU R 64 34.56 30.77 -22.50
C LEU R 64 34.23 29.36 -22.96
N ILE R 65 34.95 28.37 -22.42
CA ILE R 65 34.64 26.96 -22.66
C ILE R 65 33.25 26.61 -22.18
N ARG R 66 32.89 27.11 -21.00
CA ARG R 66 31.59 26.84 -20.41
C ARG R 66 30.48 27.43 -21.25
N TRP R 67 30.65 28.66 -21.70
CA TRP R 67 29.66 29.28 -22.55
C TRP R 67 29.56 28.61 -23.91
N THR R 68 30.68 28.10 -24.43
CA THR R 68 30.63 27.38 -25.70
C THR R 68 29.83 26.09 -25.57
N CYS R 69 30.05 25.34 -24.50
CA CYS R 69 29.26 24.13 -24.28
C CYS R 69 27.81 24.48 -23.97
N ALA R 70 27.56 25.67 -23.46
CA ALA R 70 26.18 26.09 -23.22
C ALA R 70 25.46 26.38 -24.53
N ARG R 71 26.03 27.23 -25.36
CA ARG R 71 25.36 27.67 -26.57
C ARG R 71 25.33 26.59 -27.64
N SER R 72 26.27 25.65 -27.61
CA SER R 72 26.37 24.70 -28.72
C SER R 72 25.43 23.53 -28.56
N ALA R 73 25.69 22.67 -27.57
CA ALA R 73 25.06 21.37 -27.54
C ALA R 73 24.38 21.05 -26.22
N ASN R 74 24.32 22.00 -25.29
CA ASN R 74 23.48 21.84 -24.12
C ASN R 74 22.15 22.54 -24.30
N VAL R 75 21.79 22.82 -25.55
CA VAL R 75 20.47 23.34 -25.85
C VAL R 75 19.44 22.26 -25.64
N TYR R 76 19.73 21.07 -26.09
CA TYR R 76 18.70 20.08 -26.31
C TYR R 76 18.33 19.32 -25.03
N PRO R 77 19.27 18.86 -24.17
CA PRO R 77 18.89 18.81 -22.77
C PRO R 77 19.29 20.10 -22.06
N ASN R 78 18.36 20.77 -21.40
CA ASN R 78 16.96 20.39 -21.33
C ASN R 78 16.10 20.99 -22.43
N PHE R 79 15.03 20.27 -22.75
CA PHE R 79 13.98 20.78 -23.64
C PHE R 79 12.77 19.89 -23.50
N ARG R 80 11.63 20.50 -23.20
CA ARG R 80 10.36 19.84 -23.39
C ARG R 80 9.53 20.63 -24.39
N PRO R 81 8.87 19.96 -25.31
CA PRO R 81 8.02 20.68 -26.25
C PRO R 81 6.75 21.20 -25.62
N ASN R 82 6.72 22.49 -25.35
CA ASN R 82 5.59 23.11 -24.69
C ASN R 82 4.65 23.71 -25.73
N THR R 83 3.68 24.50 -25.25
CA THR R 83 2.79 25.22 -26.14
C THR R 83 3.56 26.30 -26.88
N LYS R 84 4.38 27.06 -26.15
CA LYS R 84 5.12 28.18 -26.72
C LYS R 84 6.15 27.69 -27.72
N THR R 85 6.91 26.67 -27.34
CA THR R 85 7.98 26.14 -28.16
C THR R 85 7.44 25.54 -29.46
N SER R 86 6.39 24.72 -29.35
CA SER R 86 5.83 24.07 -30.52
C SER R 86 5.14 25.06 -31.44
N LEU R 87 4.42 26.03 -30.87
CA LEU R 87 3.70 26.97 -31.72
C LEU R 87 4.66 27.88 -32.46
N LEU R 88 5.69 28.35 -31.77
CA LEU R 88 6.70 29.17 -32.43
C LEU R 88 7.51 28.35 -33.42
N GLY R 89 7.66 27.05 -33.19
CA GLY R 89 8.35 26.20 -34.14
C GLY R 89 7.57 26.01 -35.43
N ALA R 90 6.31 25.62 -35.31
CA ALA R 90 5.47 25.44 -36.49
C ALA R 90 5.19 26.75 -37.20
N LEU R 91 5.31 27.88 -36.52
CA LEU R 91 5.23 29.15 -37.22
C LEU R 91 6.50 29.43 -37.99
N PHE R 92 7.66 29.36 -37.35
CA PHE R 92 8.89 29.77 -38.01
C PHE R 92 9.38 28.77 -39.05
N GLY R 93 8.91 27.54 -39.03
CA GLY R 93 9.36 26.63 -40.05
C GLY R 93 8.46 26.55 -41.25
N ILE R 94 7.20 26.20 -41.01
CA ILE R 94 6.29 25.86 -42.09
C ILE R 94 5.70 27.11 -42.74
N GLY R 95 5.59 28.20 -41.99
CA GLY R 95 4.94 29.42 -42.42
C GLY R 95 5.52 30.08 -43.66
N PRO R 96 6.77 30.52 -43.59
CA PRO R 96 7.38 31.11 -44.78
C PRO R 96 7.55 30.14 -45.92
N LEU R 97 7.73 28.85 -45.62
CA LEU R 97 7.80 27.85 -46.68
C LEU R 97 6.49 27.77 -47.46
N ILE R 98 5.37 27.74 -46.75
CA ILE R 98 4.09 27.64 -47.44
C ILE R 98 3.74 28.95 -48.11
N PHE R 99 4.28 30.06 -47.59
CA PHE R 99 4.12 31.36 -48.24
C PHE R 99 4.84 31.40 -49.59
N TRP R 100 6.10 30.98 -49.61
CA TRP R 100 6.83 30.95 -50.87
C TRP R 100 6.26 29.92 -51.83
N TYR R 101 5.67 28.84 -51.30
CA TYR R 101 4.99 27.87 -52.15
C TYR R 101 3.81 28.51 -52.85
N TYR R 102 3.03 29.30 -52.13
CA TYR R 102 1.88 29.96 -52.76
C TYR R 102 2.33 31.00 -53.79
N VAL R 103 3.38 31.75 -53.50
CA VAL R 103 3.76 32.78 -54.47
C VAL R 103 4.40 32.14 -55.71
N PHE R 104 5.06 31.00 -55.57
CA PHE R 104 5.66 30.38 -56.73
C PHE R 104 4.61 29.69 -57.59
N LYS R 105 3.60 29.08 -56.96
CA LYS R 105 2.47 28.56 -57.72
C LYS R 105 1.74 29.67 -58.45
N THR R 106 1.62 30.84 -57.80
CA THR R 106 0.97 31.98 -58.44
C THR R 106 1.71 32.40 -59.71
N ASP R 107 3.02 32.65 -59.59
CA ASP R 107 3.79 33.10 -60.75
C ASP R 107 3.89 32.03 -61.83
N ARG R 108 3.99 30.76 -61.45
CA ARG R 108 4.08 29.72 -62.46
C ARG R 108 2.75 29.53 -63.18
N ASP R 109 1.63 29.65 -62.48
CA ASP R 109 0.35 29.50 -63.16
C ASP R 109 0.07 30.69 -64.08
N ARG R 110 0.48 31.89 -63.66
CA ARG R 110 0.36 33.04 -64.54
C ARG R 110 1.20 32.87 -65.80
N LYS R 111 2.42 32.35 -65.64
CA LYS R 111 3.29 32.20 -66.80
C LYS R 111 2.77 31.11 -67.75
N GLU R 112 2.30 29.99 -67.20
CA GLU R 112 1.78 28.91 -68.06
C GLU R 112 0.52 29.35 -68.79
N LYS R 113 -0.35 30.10 -68.11
CA LYS R 113 -1.54 30.63 -68.78
C LYS R 113 -1.17 31.63 -69.88
N LEU R 114 -0.17 32.47 -69.63
CA LEU R 114 0.17 33.50 -70.60
C LEU R 114 0.86 32.90 -71.83
N ILE R 115 1.63 31.83 -71.64
CA ILE R 115 2.24 31.21 -72.82
C ILE R 115 1.31 30.21 -73.49
N GLN R 116 0.26 29.77 -72.79
CA GLN R 116 -0.79 29.00 -73.44
C GLN R 116 -1.72 29.89 -74.24
N GLU R 117 -1.75 31.20 -73.94
CA GLU R 117 -2.45 32.15 -74.81
C GLU R 117 -1.86 32.16 -76.21
N GLY R 118 -0.54 32.02 -76.32
CA GLY R 118 0.15 32.17 -77.56
C GLY R 118 0.87 33.49 -77.71
N LYS R 119 0.51 34.50 -76.93
CA LYS R 119 1.14 35.82 -76.99
C LYS R 119 2.15 36.07 -75.85
N LEU R 120 3.09 35.17 -75.62
CA LEU R 120 4.23 35.56 -74.81
C LEU R 120 5.22 36.29 -75.69
N ASP R 121 5.88 37.30 -75.10
CA ASP R 121 6.88 38.11 -75.79
C ASP R 121 8.18 37.31 -75.89
N ARG R 122 8.13 36.28 -76.73
CA ARG R 122 9.27 35.42 -77.04
C ARG R 122 9.86 35.81 -78.39
N THR R 123 9.95 37.13 -78.60
CA THR R 123 10.47 37.70 -79.83
C THR R 123 11.86 37.17 -80.13
N PHE R 124 12.70 37.08 -79.11
CA PHE R 124 13.76 36.08 -79.05
C PHE R 124 14.17 35.89 -77.60
N ASN R 125 14.01 34.68 -77.12
CA ASN R 125 14.02 34.34 -75.70
C ASN R 125 14.82 33.05 -75.52
N ILE R 126 16.01 33.02 -76.09
CA ILE R 126 16.67 31.76 -76.44
C ILE R 126 17.18 31.04 -75.20
N SER R 127 18.05 31.70 -74.46
CA SER R 127 18.67 31.12 -73.29
C SER R 127 17.65 30.95 -72.18
N TYR R 128 17.01 29.80 -72.13
CA TYR R 128 15.88 29.59 -71.24
C TYR R 128 16.31 29.19 -69.84
N VAL S 5 29.13 -97.99 51.66
CA VAL S 5 29.47 -98.05 50.26
C VAL S 5 29.33 -96.68 49.62
N LYS S 6 29.84 -96.52 48.40
CA LYS S 6 29.74 -95.27 47.68
C LYS S 6 28.93 -95.52 46.43
N GLN S 7 27.92 -94.67 46.19
CA GLN S 7 27.00 -94.86 45.07
C GLN S 7 26.79 -93.56 44.33
N ASP S 8 27.86 -92.94 43.88
CA ASP S 8 27.75 -91.80 42.97
C ASP S 8 27.40 -92.25 41.56
N MET S 9 27.59 -91.37 40.58
CA MET S 9 27.50 -91.76 39.17
C MET S 9 28.90 -91.76 38.59
N PRO S 10 29.58 -92.90 38.52
CA PRO S 10 30.92 -92.92 37.96
C PRO S 10 30.87 -93.17 36.45
N PRO S 11 31.91 -92.80 35.73
CA PRO S 11 32.05 -93.30 34.34
C PRO S 11 32.34 -94.79 34.36
N VAL S 12 31.47 -95.56 33.73
CA VAL S 12 31.52 -97.00 33.89
C VAL S 12 32.62 -97.58 33.01
N GLY S 13 33.83 -97.67 33.57
CA GLY S 13 34.94 -98.38 32.95
C GLY S 13 35.48 -97.78 31.68
N GLY S 14 35.27 -96.49 31.45
CA GLY S 14 35.74 -95.91 30.20
C GLY S 14 34.70 -96.01 29.10
N TYR S 15 34.67 -94.99 28.25
CA TYR S 15 33.66 -94.84 27.23
C TYR S 15 34.29 -94.78 25.85
N GLY S 16 33.57 -95.28 24.86
CA GLY S 16 34.08 -95.36 23.51
C GLY S 16 34.22 -93.99 22.89
N PRO S 17 34.98 -93.90 21.80
CA PRO S 17 35.25 -92.60 21.20
C PRO S 17 34.05 -92.07 20.45
N ILE S 18 33.93 -90.74 20.47
CA ILE S 18 32.86 -90.04 19.77
C ILE S 18 33.50 -89.36 18.57
N ASP S 19 32.89 -89.53 17.40
CA ASP S 19 33.37 -88.88 16.18
C ASP S 19 33.35 -87.36 16.32
N TYR S 20 34.42 -86.73 15.85
CA TYR S 20 34.71 -85.35 16.22
C TYR S 20 35.29 -84.57 15.04
N LYS S 21 34.89 -84.89 13.82
CA LYS S 21 35.53 -84.28 12.67
C LYS S 21 34.51 -84.18 11.54
N ARG S 22 34.75 -83.23 10.64
CA ARG S 22 33.93 -83.05 9.45
C ARG S 22 34.05 -84.26 8.55
N ASN S 23 32.99 -84.51 7.76
CA ASN S 23 32.98 -85.66 6.87
C ASN S 23 32.03 -85.35 5.73
N LEU S 24 32.57 -85.12 4.54
CA LEU S 24 31.79 -84.71 3.38
C LEU S 24 31.93 -85.76 2.28
N PRO S 25 30.82 -86.35 1.81
CA PRO S 25 30.92 -87.40 0.79
C PRO S 25 31.32 -86.89 -0.57
N ARG S 26 31.08 -85.62 -0.86
CA ARG S 26 31.62 -84.81 -1.99
C ARG S 26 31.43 -85.45 -3.37
N ARG S 27 30.49 -86.36 -3.53
CA ARG S 27 30.30 -87.05 -4.80
C ARG S 27 29.46 -86.17 -5.73
N GLY S 28 28.99 -86.76 -6.83
CA GLY S 28 28.03 -86.08 -7.65
C GLY S 28 28.42 -85.88 -9.10
N LEU S 29 29.33 -86.71 -9.62
CA LEU S 29 29.68 -86.79 -11.04
C LEU S 29 30.21 -85.44 -11.55
N SER S 30 31.43 -85.14 -11.10
CA SER S 30 32.14 -83.87 -11.29
C SER S 30 32.09 -83.33 -12.72
N GLY S 31 32.21 -82.00 -12.84
CA GLY S 31 31.72 -81.21 -13.96
C GLY S 31 31.94 -81.65 -15.38
N TYR S 32 32.98 -82.46 -15.59
CA TYR S 32 33.25 -83.06 -16.90
C TYR S 32 32.08 -83.91 -17.37
N SER S 33 31.74 -84.95 -16.62
CA SER S 33 30.75 -85.92 -17.07
C SER S 33 29.35 -85.33 -17.08
N MET S 34 29.03 -84.48 -16.11
CA MET S 34 27.68 -83.96 -16.03
C MET S 34 27.48 -82.79 -17.00
N PHE S 35 28.53 -82.01 -17.23
CA PHE S 35 28.57 -81.06 -18.35
C PHE S 35 28.31 -81.77 -19.67
N ALA S 36 28.94 -82.95 -19.83
CA ALA S 36 28.76 -83.75 -21.04
C ALA S 36 27.33 -84.26 -21.17
N VAL S 37 26.74 -84.74 -20.07
CA VAL S 37 25.39 -85.30 -20.20
C VAL S 37 24.38 -84.17 -20.38
N GLY S 38 24.69 -82.97 -19.90
CA GLY S 38 23.82 -81.84 -20.15
C GLY S 38 23.81 -81.45 -21.62
N ILE S 39 25.00 -81.33 -22.22
CA ILE S 39 25.06 -81.01 -23.64
C ILE S 39 24.52 -82.15 -24.50
N GLY S 40 24.67 -83.39 -24.03
CA GLY S 40 24.15 -84.52 -24.79
C GLY S 40 22.63 -84.61 -24.78
N ALA S 41 22.01 -84.36 -23.63
CA ALA S 41 20.56 -84.33 -23.58
C ALA S 41 20.01 -83.15 -24.36
N LEU S 42 20.74 -82.03 -24.34
CA LEU S 42 20.37 -80.88 -25.15
C LEU S 42 20.41 -81.21 -26.64
N LEU S 43 21.42 -81.95 -27.08
CA LEU S 43 21.53 -82.34 -28.48
C LEU S 43 20.44 -83.34 -28.88
N PHE S 44 20.10 -84.24 -27.97
CA PHE S 44 19.02 -85.20 -28.18
C PHE S 44 17.69 -84.48 -28.40
N GLY S 45 17.41 -83.48 -27.56
CA GLY S 45 16.21 -82.69 -27.74
C GLY S 45 16.21 -81.89 -29.04
N TYR S 46 17.38 -81.38 -29.43
CA TYR S 46 17.51 -80.68 -30.71
C TYR S 46 17.16 -81.57 -31.89
N TRP S 47 17.69 -82.80 -31.90
CA TRP S 47 17.46 -83.67 -33.04
C TRP S 47 16.01 -84.10 -33.13
N SER S 48 15.39 -84.38 -31.98
CA SER S 48 13.96 -84.70 -32.00
C SER S 48 13.13 -83.52 -32.43
N MET S 49 13.57 -82.31 -32.07
CA MET S 49 12.87 -81.09 -32.47
C MET S 49 12.92 -80.89 -33.97
N MET S 50 14.10 -81.15 -34.56
CA MET S 50 14.30 -81.08 -36.00
C MET S 50 13.36 -82.02 -36.74
N ARG S 51 13.31 -83.28 -36.30
CA ARG S 51 12.49 -84.29 -36.98
C ARG S 51 11.01 -83.94 -36.90
N TRP S 52 10.56 -83.51 -35.71
CA TRP S 52 9.15 -83.22 -35.56
C TRP S 52 8.72 -81.98 -36.32
N ASN S 53 9.57 -80.96 -36.39
CA ASN S 53 9.17 -79.77 -37.14
C ASN S 53 9.18 -80.02 -38.65
N ARG S 54 10.04 -80.91 -39.14
CA ARG S 54 9.96 -81.26 -40.56
C ARG S 54 8.65 -81.96 -40.89
N GLU S 55 8.24 -82.92 -40.04
CA GLU S 55 6.94 -83.57 -40.23
C GLU S 55 5.79 -82.58 -40.13
N ARG S 56 5.94 -81.59 -39.26
CA ARG S 56 4.90 -80.59 -39.08
C ARG S 56 4.78 -79.69 -40.31
N ARG S 57 5.91 -79.39 -40.96
CA ARG S 57 5.85 -78.61 -42.18
C ARG S 57 5.21 -79.39 -43.32
N ARG S 58 5.43 -80.71 -43.35
CA ARG S 58 4.69 -81.57 -44.29
C ARG S 58 3.18 -81.42 -44.12
N LEU S 59 2.72 -81.53 -42.87
CA LEU S 59 1.29 -81.42 -42.59
C LEU S 59 0.75 -80.02 -42.94
N GLN S 60 1.58 -78.99 -42.72
CA GLN S 60 1.14 -77.63 -42.99
C GLN S 60 1.01 -77.39 -44.49
N ILE S 61 1.85 -78.03 -45.30
CA ILE S 61 1.67 -77.96 -46.75
C ILE S 61 0.40 -78.67 -47.18
N GLU S 62 0.04 -79.76 -46.50
CA GLU S 62 -1.23 -80.42 -46.85
C GLU S 62 -2.43 -79.53 -46.53
N ASP S 63 -2.37 -78.79 -45.43
CA ASP S 63 -3.46 -77.88 -45.12
C ASP S 63 -3.49 -76.70 -46.08
N PHE S 64 -2.34 -76.27 -46.57
CA PHE S 64 -2.31 -75.27 -47.63
C PHE S 64 -2.97 -75.79 -48.90
N GLU S 65 -2.72 -77.06 -49.25
CA GLU S 65 -3.39 -77.62 -50.42
C GLU S 65 -4.90 -77.66 -50.22
N ALA S 66 -5.33 -77.90 -48.98
CA ALA S 66 -6.76 -77.87 -48.69
C ALA S 66 -7.36 -76.48 -48.95
N ARG S 67 -6.71 -75.43 -48.44
CA ARG S 67 -7.28 -74.10 -48.65
C ARG S 67 -7.17 -73.68 -50.11
N ILE S 68 -6.19 -74.21 -50.84
CA ILE S 68 -6.06 -73.86 -52.24
C ILE S 68 -7.16 -74.53 -53.07
N ALA S 69 -7.36 -75.83 -52.88
CA ALA S 69 -8.32 -76.53 -53.71
C ALA S 69 -9.75 -76.20 -53.34
N LEU S 70 -9.99 -75.66 -52.14
CA LEU S 70 -11.34 -75.29 -51.77
C LEU S 70 -11.81 -74.01 -52.45
N MET S 71 -10.91 -73.07 -52.67
CA MET S 71 -11.23 -71.64 -52.79
C MET S 71 -12.24 -71.23 -53.87
N PRO S 72 -12.17 -71.70 -55.14
CA PRO S 72 -13.05 -71.09 -56.16
C PRO S 72 -14.53 -71.35 -55.95
N LEU S 73 -14.88 -72.45 -55.28
CA LEU S 73 -16.29 -72.73 -54.99
C LEU S 73 -16.87 -71.70 -54.02
N LEU S 74 -16.15 -71.44 -52.92
CA LEU S 74 -16.59 -70.41 -51.99
C LEU S 74 -16.53 -69.03 -52.61
N GLN S 75 -15.59 -68.80 -53.52
CA GLN S 75 -15.53 -67.51 -54.18
C GLN S 75 -16.73 -67.29 -55.10
N ALA S 76 -17.18 -68.36 -55.75
CA ALA S 76 -18.38 -68.26 -56.58
C ALA S 76 -19.62 -68.01 -55.75
N GLU S 77 -19.74 -68.71 -54.61
CA GLU S 77 -20.88 -68.44 -53.72
C GLU S 77 -20.83 -67.03 -53.15
N LYS S 78 -19.62 -66.53 -52.90
CA LYS S 78 -19.52 -65.21 -52.32
C LYS S 78 -19.85 -64.13 -53.34
N ASP S 79 -19.47 -64.35 -54.60
CA ASP S 79 -19.89 -63.44 -55.68
C ASP S 79 -21.40 -63.40 -55.81
N ARG S 80 -22.04 -64.57 -55.83
CA ARG S 80 -23.48 -64.59 -55.97
C ARG S 80 -24.16 -63.96 -54.77
N ARG S 81 -23.61 -64.11 -53.56
CA ARG S 81 -24.26 -63.52 -52.40
C ARG S 81 -24.10 -62.01 -52.37
N VAL S 82 -22.92 -61.50 -52.74
CA VAL S 82 -22.75 -60.05 -52.67
C VAL S 82 -23.50 -59.37 -53.81
N LEU S 83 -23.62 -60.02 -54.97
CA LEU S 83 -24.46 -59.47 -56.03
C LEU S 83 -25.92 -59.51 -55.62
N GLN S 84 -26.31 -60.52 -54.85
CA GLN S 84 -27.68 -60.62 -54.38
C GLN S 84 -28.01 -59.47 -53.43
N MET S 85 -27.11 -59.20 -52.47
CA MET S 85 -27.35 -58.09 -51.55
C MET S 85 -27.30 -56.73 -52.26
N LEU S 86 -26.42 -56.59 -53.26
CA LEU S 86 -26.42 -55.34 -54.02
C LEU S 86 -27.72 -55.15 -54.79
N ARG S 87 -28.25 -56.20 -55.41
CA ARG S 87 -29.50 -56.08 -56.15
C ARG S 87 -30.65 -55.76 -55.21
N GLU S 88 -30.68 -56.42 -54.04
CA GLU S 88 -31.70 -56.17 -53.03
C GLU S 88 -31.66 -54.72 -52.57
N ASN S 89 -30.47 -54.23 -52.27
CA ASN S 89 -30.40 -52.92 -51.66
C ASN S 89 -30.55 -51.81 -52.68
N LEU S 90 -30.20 -52.04 -53.95
CA LEU S 90 -30.52 -51.01 -54.94
C LEU S 90 -31.99 -51.02 -55.30
N GLU S 91 -32.64 -52.17 -55.26
CA GLU S 91 -34.09 -52.20 -55.41
C GLU S 91 -34.76 -51.45 -54.27
N GLU S 92 -34.23 -51.61 -53.06
CA GLU S 92 -34.84 -50.90 -51.95
C GLU S 92 -34.40 -49.46 -51.84
N GLU S 93 -33.28 -49.07 -52.46
CA GLU S 93 -33.00 -47.64 -52.64
C GLU S 93 -33.92 -47.02 -53.65
N ALA S 94 -34.31 -47.77 -54.68
CA ALA S 94 -35.31 -47.28 -55.61
C ALA S 94 -36.67 -47.13 -54.94
N THR S 95 -36.98 -48.01 -53.99
CA THR S 95 -38.27 -47.89 -53.30
C THR S 95 -38.27 -46.79 -52.26
N ILE S 96 -37.26 -46.77 -51.39
CA ILE S 96 -37.28 -46.01 -50.14
C ILE S 96 -37.23 -44.50 -50.35
N MET S 97 -36.88 -44.05 -51.55
CA MET S 97 -36.79 -42.63 -51.85
C MET S 97 -37.69 -42.28 -53.01
N LYS S 98 -38.90 -42.85 -53.03
CA LYS S 98 -39.73 -42.86 -54.24
C LYS S 98 -40.19 -41.48 -54.70
N ASP S 99 -40.14 -40.46 -53.85
CA ASP S 99 -40.74 -39.18 -54.17
C ASP S 99 -39.85 -37.99 -53.87
N VAL S 100 -38.59 -38.21 -53.49
CA VAL S 100 -37.72 -37.12 -53.07
C VAL S 100 -37.27 -36.34 -54.31
N PRO S 101 -37.17 -35.01 -54.23
CA PRO S 101 -36.65 -34.23 -55.36
C PRO S 101 -35.13 -34.25 -55.45
N GLY S 102 -34.62 -33.63 -56.51
CA GLY S 102 -33.22 -33.76 -56.86
C GLY S 102 -32.98 -35.21 -57.26
N TRP S 103 -31.90 -35.79 -56.72
CA TRP S 103 -31.81 -37.23 -56.47
C TRP S 103 -31.93 -38.14 -57.69
N LYS S 104 -30.87 -38.31 -58.46
CA LYS S 104 -30.81 -39.48 -59.32
C LYS S 104 -30.84 -40.76 -58.48
N VAL S 105 -31.31 -41.84 -59.08
CA VAL S 105 -31.76 -42.99 -58.29
C VAL S 105 -30.70 -44.04 -58.01
N GLY S 106 -29.61 -44.07 -58.77
CA GLY S 106 -28.68 -45.18 -58.67
C GLY S 106 -27.23 -44.74 -58.73
N GLU S 107 -26.94 -43.56 -58.19
CA GLU S 107 -25.66 -42.89 -58.37
C GLU S 107 -24.53 -43.67 -57.73
N SER S 108 -23.70 -44.29 -58.56
CA SER S 108 -22.36 -44.63 -58.13
C SER S 108 -21.59 -43.34 -57.88
N VAL S 109 -20.79 -43.32 -56.83
CA VAL S 109 -20.11 -42.09 -56.47
C VAL S 109 -18.93 -41.85 -57.40
N PHE S 110 -18.30 -42.93 -57.88
CA PHE S 110 -17.04 -42.84 -58.60
C PHE S 110 -17.23 -42.28 -60.01
N HIS S 111 -16.13 -42.20 -60.75
CA HIS S 111 -16.18 -41.75 -62.12
C HIS S 111 -15.77 -42.82 -63.11
N THR S 112 -15.23 -43.95 -62.65
CA THR S 112 -14.83 -45.04 -63.52
C THR S 112 -15.73 -46.23 -63.23
N THR S 113 -16.42 -46.72 -64.25
CA THR S 113 -17.25 -47.91 -64.07
C THR S 113 -16.32 -49.10 -64.04
N ARG S 114 -15.80 -49.38 -62.86
CA ARG S 114 -15.13 -50.61 -62.50
C ARG S 114 -15.93 -51.27 -61.40
N TRP S 115 -15.38 -52.31 -60.82
CA TRP S 115 -16.05 -52.95 -59.71
C TRP S 115 -15.47 -52.45 -58.40
N VAL S 116 -16.15 -51.48 -57.80
CA VAL S 116 -15.94 -51.17 -56.39
C VAL S 116 -16.32 -52.38 -55.54
N THR S 117 -15.55 -52.64 -54.53
CA THR S 117 -16.12 -53.48 -53.49
C THR S 117 -16.79 -52.59 -52.46
N PRO S 118 -18.07 -52.81 -52.14
CA PRO S 118 -18.75 -51.94 -51.18
C PRO S 118 -18.23 -52.14 -49.76
N MET S 119 -18.69 -51.24 -48.89
CA MET S 119 -18.03 -50.95 -47.62
C MET S 119 -18.77 -51.51 -46.41
N MET S 120 -19.53 -52.59 -46.60
CA MET S 120 -20.22 -53.34 -45.54
C MET S 120 -21.24 -52.48 -44.81
N GLY S 121 -21.75 -51.45 -45.48
CA GLY S 121 -22.94 -50.77 -45.03
C GLY S 121 -24.01 -50.91 -46.08
N GLU S 122 -23.58 -51.00 -47.33
CA GLU S 122 -24.49 -51.29 -48.42
C GLU S 122 -24.71 -52.78 -48.59
N LEU S 123 -23.73 -53.59 -48.18
CA LEU S 123 -24.00 -55.01 -48.05
C LEU S 123 -24.93 -55.28 -46.89
N TYR S 124 -24.84 -54.48 -45.83
CA TYR S 124 -25.59 -54.72 -44.60
C TYR S 124 -26.19 -53.40 -44.15
N GLY S 125 -27.41 -53.12 -44.57
CA GLY S 125 -28.15 -51.99 -44.06
C GLY S 125 -29.50 -52.44 -43.54
N LEU S 126 -30.14 -51.54 -42.78
CA LEU S 126 -31.52 -51.68 -42.24
C LEU S 126 -31.78 -53.01 -41.55
N ARG S 127 -30.75 -53.60 -40.95
CA ARG S 127 -30.87 -54.93 -40.41
C ARG S 127 -31.25 -54.92 -38.93
N THR S 128 -30.95 -53.82 -38.24
CA THR S 128 -31.26 -53.58 -36.82
C THR S 128 -30.61 -54.65 -35.94
N GLY S 129 -29.29 -54.53 -35.84
CA GLY S 129 -28.56 -55.15 -34.75
C GLY S 129 -27.99 -56.52 -35.00
N GLU S 130 -28.85 -57.50 -35.32
CA GLU S 130 -28.47 -58.91 -35.18
C GLU S 130 -27.42 -59.33 -36.20
N GLU S 131 -27.75 -59.26 -37.49
CA GLU S 131 -26.78 -59.73 -38.47
C GLU S 131 -25.61 -58.78 -38.62
N ILE S 132 -25.83 -57.47 -38.39
CA ILE S 132 -24.72 -56.54 -38.54
C ILE S 132 -23.71 -56.72 -37.42
N LEU S 133 -24.17 -56.95 -36.19
CA LEU S 133 -23.23 -57.19 -35.11
C LEU S 133 -22.61 -58.58 -35.23
N SER S 134 -23.41 -59.59 -35.54
CA SER S 134 -22.92 -60.96 -35.65
C SER S 134 -22.37 -61.28 -37.02
N SER S 135 -22.10 -60.27 -37.84
CA SER S 135 -21.46 -60.47 -39.11
C SER S 135 -20.39 -59.44 -39.42
N THR S 136 -20.23 -58.42 -38.59
CA THR S 136 -19.07 -57.56 -38.69
C THR S 136 -18.20 -57.64 -37.44
N TYR S 137 -18.76 -57.37 -36.27
CA TYR S 137 -17.95 -57.33 -35.07
C TYR S 137 -17.92 -58.67 -34.36
N GLY S 138 -18.53 -59.70 -34.93
CA GLY S 138 -18.69 -60.96 -34.23
C GLY S 138 -17.40 -61.73 -34.10
N PHE S 139 -16.61 -61.71 -35.18
CA PHE S 139 -15.34 -62.42 -35.18
C PHE S 139 -14.32 -61.81 -34.23
N ILE S 140 -14.32 -60.49 -34.08
CA ILE S 140 -13.22 -59.81 -33.38
C ILE S 140 -13.24 -60.12 -31.90
N TRP S 141 -14.39 -59.95 -31.26
CA TRP S 141 -14.50 -60.40 -29.89
C TRP S 141 -15.10 -61.79 -29.78
N TYR S 142 -15.17 -62.52 -30.88
CA TYR S 142 -15.25 -63.97 -30.80
C TYR S 142 -13.82 -64.51 -30.77
N THR S 143 -13.69 -65.78 -30.37
CA THR S 143 -12.45 -66.57 -30.32
C THR S 143 -11.44 -66.04 -29.31
N SER T 1 42.77 62.53 -0.14
CA SER T 1 42.36 61.60 -1.18
C SER T 1 43.36 61.62 -2.32
N GLY T 2 44.13 60.54 -2.44
CA GLY T 2 45.16 60.46 -3.44
C GLY T 2 45.95 59.16 -3.33
N TYR T 3 47.27 59.27 -3.32
CA TYR T 3 48.11 58.09 -3.24
C TYR T 3 48.18 57.54 -1.82
N THR T 4 48.47 56.26 -1.75
CA THR T 4 48.91 55.48 -0.62
C THR T 4 50.35 55.04 -0.87
N PRO T 5 51.19 54.92 0.17
CA PRO T 5 52.63 54.79 -0.07
C PRO T 5 53.05 53.51 -0.76
N ASP T 6 52.26 52.45 -0.65
CA ASP T 6 52.52 51.24 -1.42
C ASP T 6 52.40 51.52 -2.90
N GLU T 7 51.38 52.29 -3.29
CA GLU T 7 51.19 52.66 -4.68
C GLU T 7 52.32 53.55 -5.17
N LYS T 8 52.76 54.47 -4.31
CA LYS T 8 53.89 55.35 -4.63
C LYS T 8 55.16 54.55 -4.91
N LEU T 9 55.46 53.59 -4.03
CA LEU T 9 56.72 52.86 -4.13
C LEU T 9 56.73 51.90 -5.31
N ARG T 10 55.65 51.11 -5.43
CA ARG T 10 55.47 50.19 -6.53
C ARG T 10 55.47 50.92 -7.86
N LEU T 11 54.88 52.12 -7.89
CA LEU T 11 54.99 53.02 -9.02
C LEU T 11 56.43 53.35 -9.32
N GLN T 12 57.23 53.69 -8.30
CA GLN T 12 58.61 54.13 -8.53
C GLN T 12 59.49 53.02 -9.09
N GLN T 13 59.36 51.81 -8.54
CA GLN T 13 60.16 50.72 -9.08
C GLN T 13 59.72 50.35 -10.49
N LEU T 14 58.43 50.49 -10.79
CA LEU T 14 58.05 50.30 -12.19
C LEU T 14 58.51 51.44 -13.09
N ARG T 15 58.68 52.65 -12.55
CA ARG T 15 59.29 53.71 -13.35
C ARG T 15 60.72 53.36 -13.69
N GLU T 16 61.47 52.83 -12.72
CA GLU T 16 62.87 52.50 -12.95
C GLU T 16 63.02 51.34 -13.94
N LEU T 17 62.16 50.33 -13.83
CA LEU T 17 62.25 49.25 -14.80
C LEU T 17 61.79 49.69 -16.17
N ARG T 18 60.86 50.62 -16.25
CA ARG T 18 60.44 51.10 -17.55
C ARG T 18 61.54 51.93 -18.20
N ARG T 19 62.27 52.70 -17.37
CA ARG T 19 63.48 53.41 -17.79
C ARG T 19 64.47 52.45 -18.43
N ARG T 20 64.84 51.41 -17.69
CA ARG T 20 65.90 50.53 -18.16
C ARG T 20 65.46 49.71 -19.37
N TRP T 21 64.18 49.33 -19.42
CA TRP T 21 63.71 48.57 -20.57
C TRP T 21 63.71 49.42 -21.83
N LEU T 22 63.14 50.63 -21.74
CA LEU T 22 63.05 51.47 -22.93
C LEU T 22 64.42 51.99 -23.37
N LYS T 23 65.31 52.24 -22.41
CA LYS T 23 66.67 52.66 -22.76
C LYS T 23 67.45 51.49 -23.35
N ASP T 24 67.10 50.27 -23.00
CA ASP T 24 67.69 49.13 -23.68
C ASP T 24 67.11 48.98 -25.09
N GLN T 25 65.88 49.45 -25.30
CA GLN T 25 65.23 49.27 -26.59
C GLN T 25 65.77 50.14 -27.71
N GLU T 26 66.60 51.14 -27.43
CA GLU T 26 67.19 51.93 -28.51
C GLU T 26 68.59 51.40 -28.75
N LEU T 27 68.73 50.58 -29.77
CA LEU T 27 70.02 50.03 -30.11
C LEU T 27 70.73 51.01 -31.03
N SER T 28 71.99 51.27 -30.73
CA SER T 28 72.95 51.76 -31.71
C SER T 28 74.32 51.25 -31.30
N PRO T 29 74.65 50.02 -31.67
CA PRO T 29 75.96 49.49 -31.31
C PRO T 29 77.06 49.95 -32.26
N ARG T 30 76.83 51.05 -32.98
CA ARG T 30 77.64 51.63 -34.06
C ARG T 30 77.74 50.71 -35.27
N GLU T 31 76.98 49.61 -35.28
CA GLU T 31 76.83 48.61 -36.32
C GLU T 31 75.54 47.81 -36.08
N PRO T 32 74.33 48.46 -36.18
CA PRO T 32 73.10 47.75 -35.80
C PRO T 32 72.72 46.60 -36.73
N VAL T 33 72.56 46.89 -38.00
CA VAL T 33 72.30 45.87 -38.98
C VAL T 33 73.64 45.54 -39.63
N LEU T 34 73.74 44.33 -40.15
CA LEU T 34 74.90 43.93 -40.94
C LEU T 34 74.47 42.81 -41.88
N PRO T 35 74.77 42.92 -43.18
CA PRO T 35 74.32 41.96 -44.19
C PRO T 35 75.01 40.61 -44.08
N SER T 67 68.36 56.15 -70.29
CA SER T 67 66.94 56.02 -69.98
C SER T 67 66.46 54.62 -70.29
N ILE T 68 67.02 53.65 -69.57
CA ILE T 68 66.64 52.25 -69.76
C ILE T 68 65.19 52.03 -69.36
N PHE T 69 64.69 52.81 -68.38
CA PHE T 69 63.32 52.70 -67.93
C PHE T 69 62.36 53.16 -69.01
N ALA T 70 62.62 54.32 -69.59
CA ALA T 70 61.80 54.83 -70.68
C ALA T 70 61.86 53.89 -71.87
N PHE T 71 63.04 53.28 -72.10
CA PHE T 71 63.21 52.32 -73.18
C PHE T 71 62.27 51.14 -73.03
N THR T 72 62.32 50.46 -71.86
CA THR T 72 61.46 49.29 -71.68
C THR T 72 59.99 49.69 -71.66
N HIS T 73 59.61 50.69 -70.86
CA HIS T 73 58.20 50.97 -70.65
C HIS T 73 57.57 51.84 -71.72
N VAL T 74 58.26 52.19 -72.81
CA VAL T 74 57.46 52.66 -73.94
C VAL T 74 57.94 52.01 -75.23
N LEU T 75 58.79 50.99 -75.12
CA LEU T 75 59.04 50.27 -76.36
C LEU T 75 58.67 48.79 -76.30
N ILE T 76 58.97 48.09 -75.22
CA ILE T 76 58.84 46.64 -75.26
C ILE T 76 57.37 46.21 -75.21
N PRO T 77 56.49 46.73 -74.34
CA PRO T 77 55.07 46.40 -74.51
C PRO T 77 54.47 47.01 -75.76
N VAL T 78 55.00 48.13 -76.25
CA VAL T 78 54.52 48.69 -77.51
C VAL T 78 54.87 47.76 -78.67
N TRP T 79 56.10 47.23 -78.69
CA TRP T 79 56.49 46.31 -79.75
C TRP T 79 55.70 45.01 -79.66
N ILE T 80 55.50 44.49 -78.46
CA ILE T 80 54.75 43.26 -78.32
C ILE T 80 53.30 43.46 -78.69
N ILE T 81 52.71 44.59 -78.30
CA ILE T 81 51.29 44.78 -78.59
C ILE T 81 51.06 45.11 -80.05
N HIS T 82 51.97 45.83 -80.71
CA HIS T 82 51.76 46.01 -82.14
C HIS T 82 52.10 44.76 -82.93
N TYR T 83 52.95 43.87 -82.40
CA TYR T 83 53.06 42.54 -82.97
C TYR T 83 51.78 41.74 -82.74
N TYR T 84 51.09 42.03 -81.65
CA TYR T 84 49.85 41.36 -81.30
C TYR T 84 48.65 41.89 -82.06
N LEU T 85 48.73 43.12 -82.57
CA LEU T 85 47.57 43.78 -83.14
C LEU T 85 47.54 43.79 -84.65
N LYS T 86 48.63 43.47 -85.33
CA LYS T 86 48.43 43.17 -86.73
C LYS T 86 47.95 41.74 -86.88
N TYR T 87 48.83 40.79 -86.58
CA TYR T 87 48.80 39.53 -87.31
C TYR T 87 47.75 38.57 -86.75
N HIS T 88 47.92 38.16 -85.48
CA HIS T 88 46.99 37.23 -84.86
C HIS T 88 45.58 37.81 -84.79
N VAL T 89 45.48 39.08 -84.40
CA VAL T 89 44.17 39.62 -84.11
C VAL T 89 43.46 40.01 -85.40
N THR T 90 44.19 40.23 -86.51
CA THR T 90 43.50 40.44 -87.77
C THR T 90 43.19 39.13 -88.46
N THR T 91 43.90 38.04 -88.12
CA THR T 91 43.41 36.74 -88.55
C THR T 91 42.14 36.36 -87.82
N LYS T 92 41.92 36.92 -86.65
CA LYS T 92 40.56 36.86 -86.11
C LYS T 92 39.69 37.79 -86.93
N PRO T 93 38.56 37.33 -87.50
CA PRO T 93 37.86 38.12 -88.52
C PRO T 93 37.02 39.32 -88.06
N TYR T 94 36.13 39.16 -87.09
CA TYR T 94 35.34 40.30 -86.58
C TYR T 94 35.97 40.86 -85.31
N THR T 95 37.18 41.33 -85.49
CA THR T 95 37.97 41.92 -84.44
C THR T 95 37.70 43.42 -84.45
N ILE T 96 38.66 44.21 -84.00
CA ILE T 96 38.63 45.66 -83.81
C ILE T 96 37.95 46.36 -84.97
N VAL T 97 37.01 47.23 -84.67
CA VAL T 97 36.29 47.92 -85.72
C VAL T 97 36.25 49.39 -85.37
N GLU T 98 36.52 50.20 -86.38
CA GLU T 98 36.51 51.64 -86.23
C GLU T 98 35.09 52.14 -86.39
N LYS T 99 34.81 53.24 -85.72
CA LYS T 99 33.65 54.03 -86.05
C LYS T 99 34.13 55.09 -87.01
N LYS T 100 33.38 55.22 -88.10
CA LYS T 100 33.78 55.91 -89.31
C LYS T 100 33.88 57.41 -89.08
N PRO T 101 34.84 58.09 -89.71
CA PRO T 101 34.83 59.54 -89.72
C PRO T 101 33.64 60.08 -90.48
N ARG T 102 33.25 61.30 -90.14
CA ARG T 102 31.98 61.89 -90.57
C ARG T 102 32.24 62.84 -91.72
N ILE T 103 31.77 62.47 -92.91
CA ILE T 103 32.00 63.26 -94.09
C ILE T 103 31.02 64.43 -94.16
N PHE T 104 31.36 65.41 -94.98
CA PHE T 104 30.66 66.68 -95.14
C PHE T 104 30.36 66.89 -96.61
N PRO T 105 29.39 67.74 -96.94
CA PRO T 105 29.18 68.08 -98.36
C PRO T 105 30.33 68.83 -98.99
N GLY T 106 31.19 69.45 -98.20
CA GLY T 106 32.40 70.02 -98.74
C GLY T 106 33.59 69.10 -98.56
N ASP T 107 33.35 67.79 -98.59
CA ASP T 107 34.44 66.84 -98.50
C ASP T 107 34.56 66.03 -99.78
N THR T 108 35.80 65.64 -100.07
CA THR T 108 36.12 64.59 -101.00
C THR T 108 36.66 63.40 -100.21
N ILE T 109 37.03 62.34 -100.92
CA ILE T 109 37.42 61.09 -100.30
C ILE T 109 38.88 60.84 -100.62
N LEU T 110 39.66 60.48 -99.61
CA LEU T 110 41.07 60.16 -99.82
C LEU T 110 41.25 58.86 -100.59
N GLU T 111 40.28 57.93 -100.54
CA GLU T 111 40.53 56.53 -100.90
C GLU T 111 40.69 56.36 -102.40
N THR T 112 39.62 56.57 -103.15
CA THR T 112 39.70 56.58 -104.60
C THR T 112 39.70 57.99 -105.14
N GLY T 113 38.93 58.87 -104.52
CA GLY T 113 38.81 60.25 -104.93
C GLY T 113 37.54 60.42 -105.72
N GLU T 114 36.49 60.83 -105.02
CA GLU T 114 35.22 61.17 -105.64
C GLU T 114 34.51 62.13 -104.72
N VAL T 115 33.88 63.12 -105.29
CA VAL T 115 33.48 64.29 -104.55
C VAL T 115 31.99 64.24 -104.27
N ILE T 116 31.56 65.12 -103.36
CA ILE T 116 30.15 65.26 -103.01
C ILE T 116 29.78 66.68 -103.39
N PRO T 117 28.62 66.91 -104.02
CA PRO T 117 28.15 68.26 -104.28
C PRO T 117 27.93 69.00 -102.98
N PRO T 118 28.28 70.29 -102.93
CA PRO T 118 28.26 71.02 -101.65
C PRO T 118 26.84 71.27 -101.17
N MET T 119 26.79 71.77 -99.93
CA MET T 119 25.53 72.13 -99.31
C MET T 119 24.93 73.33 -100.03
N LYS T 120 23.59 73.39 -100.02
CA LYS T 120 22.83 74.30 -100.86
C LYS T 120 22.81 75.71 -100.30
N GLU T 121 21.84 76.50 -100.77
CA GLU T 121 21.69 77.89 -100.36
C GLU T 121 21.50 78.01 -98.84
N PHE T 122 22.09 79.06 -98.28
CA PHE T 122 22.04 79.39 -96.86
C PHE T 122 20.76 80.01 -96.28
N PRO T 123 19.96 80.82 -97.03
CA PRO T 123 19.51 82.12 -96.52
C PRO T 123 18.53 82.15 -95.36
N ASP T 124 18.08 83.38 -95.09
CA ASP T 124 17.34 83.80 -93.89
C ASP T 124 18.21 83.59 -92.63
N GLN T 125 19.33 84.30 -92.62
CA GLN T 125 20.10 84.46 -91.39
C GLN T 125 19.99 85.91 -90.94
N GLY U 1 7.23 81.13 -63.95
CA GLY U 1 6.49 82.19 -64.59
C GLY U 1 5.19 82.48 -63.89
N ALA U 2 4.32 83.24 -64.54
CA ALA U 2 2.98 83.50 -64.01
C ALA U 2 1.89 82.69 -64.69
N HIS U 3 2.11 82.25 -65.93
CA HIS U 3 1.16 81.38 -66.60
C HIS U 3 1.07 80.03 -65.91
N LEU U 4 2.20 79.56 -65.39
CA LEU U 4 2.23 78.33 -64.61
C LEU U 4 1.43 78.50 -63.32
N ALA U 5 1.56 79.68 -62.72
CA ALA U 5 0.82 80.00 -61.50
C ALA U 5 -0.67 80.09 -61.77
N ARG U 6 -1.06 80.65 -62.90
CA ARG U 6 -2.48 80.72 -63.23
C ARG U 6 -3.04 79.34 -63.54
N ARG U 7 -2.25 78.51 -64.23
CA ARG U 7 -2.70 77.17 -64.59
C ARG U 7 -2.86 76.27 -63.38
N TYR U 8 -2.10 76.52 -62.31
CA TYR U 8 -2.32 75.72 -61.11
C TYR U 8 -3.22 76.36 -60.07
N LEU U 9 -3.37 77.69 -60.06
CA LEU U 9 -4.15 78.33 -59.03
C LEU U 9 -5.55 78.72 -59.51
N GLY U 10 -5.65 79.39 -60.64
CA GLY U 10 -6.96 79.82 -61.12
C GLY U 10 -7.67 78.72 -61.87
N ASP U 11 -8.27 79.06 -63.00
CA ASP U 11 -8.92 78.06 -63.83
C ASP U 11 -7.88 77.17 -64.51
N ALA U 12 -8.31 75.97 -64.87
CA ALA U 12 -7.48 75.10 -65.70
C ALA U 12 -7.83 75.22 -67.18
N SER U 13 -8.76 76.10 -67.53
CA SER U 13 -9.23 76.19 -68.90
C SER U 13 -8.26 76.95 -69.79
N VAL U 14 -7.99 78.22 -69.44
CA VAL U 14 -7.39 79.15 -70.38
C VAL U 14 -5.94 78.83 -70.70
N GLU U 15 -5.26 78.09 -69.85
CA GLU U 15 -3.94 77.60 -70.22
C GLU U 15 -4.08 76.26 -70.92
N PRO U 16 -3.63 76.13 -72.15
CA PRO U 16 -3.70 74.84 -72.82
C PRO U 16 -2.70 73.87 -72.22
N GLU U 17 -3.17 72.66 -71.94
CA GLU U 17 -2.35 71.68 -71.27
C GLU U 17 -1.26 71.19 -72.22
N PRO U 18 -0.02 71.08 -71.75
CA PRO U 18 1.12 70.96 -72.67
C PRO U 18 1.20 69.56 -73.27
N LEU U 19 2.16 69.44 -74.20
CA LEU U 19 2.50 68.21 -74.95
C LEU U 19 1.31 67.60 -75.69
N ARG U 20 0.25 68.37 -75.88
CA ARG U 20 -0.88 68.10 -76.76
C ARG U 20 -1.19 69.35 -77.53
N MET U 21 -0.13 69.92 -78.10
CA MET U 21 -0.12 71.34 -78.46
C MET U 21 -1.06 71.70 -79.60
N PRO U 22 -1.07 71.01 -80.79
CA PRO U 22 -2.06 71.43 -81.80
C PRO U 22 -3.47 70.96 -81.46
N THR U 23 -4.30 71.90 -81.03
CA THR U 23 -5.73 71.66 -80.84
C THR U 23 -6.55 72.47 -81.83
N PHE U 24 -6.18 73.71 -82.02
CA PHE U 24 -6.72 74.49 -83.12
C PHE U 24 -6.13 73.97 -84.43
N PRO U 25 -6.91 73.99 -85.51
CA PRO U 25 -6.42 73.49 -86.78
C PRO U 25 -5.34 74.40 -87.35
N PRO U 26 -4.46 73.87 -88.18
CA PRO U 26 -3.54 74.73 -88.93
C PRO U 26 -4.25 75.51 -90.02
N ASP U 27 -3.48 76.32 -90.76
CA ASP U 27 -3.85 77.32 -91.77
C ASP U 27 -5.17 78.03 -91.47
N TYR U 28 -5.28 78.49 -90.22
CA TYR U 28 -6.48 79.05 -89.63
C TYR U 28 -6.29 80.49 -89.20
N GLY U 29 -5.07 80.87 -88.81
CA GLY U 29 -4.68 82.24 -88.60
C GLY U 29 -3.46 82.54 -89.46
N PHE U 30 -3.06 81.55 -90.24
CA PHE U 30 -2.02 81.63 -91.25
C PHE U 30 -2.46 82.33 -92.54
N PRO U 31 -3.74 82.20 -92.96
CA PRO U 31 -4.05 81.60 -94.28
C PRO U 31 -3.07 81.85 -95.41
N GLU U 32 -2.65 80.73 -96.02
CA GLU U 32 -1.66 80.66 -97.10
C GLU U 32 -0.31 81.27 -96.66
N ARG U 33 0.30 80.62 -95.67
CA ARG U 33 1.67 80.96 -95.30
C ARG U 33 2.34 79.73 -94.70
N LYS U 34 3.13 79.05 -95.53
CA LYS U 34 4.08 78.03 -95.09
C LYS U 34 5.14 77.87 -96.17
N GLU U 35 6.41 78.00 -95.78
CA GLU U 35 7.49 77.64 -96.70
C GLU U 35 8.33 76.48 -96.16
N ARG U 36 8.91 76.62 -94.96
CA ARG U 36 9.65 75.55 -94.25
C ARG U 36 10.80 75.01 -95.10
N GLU U 37 11.83 75.88 -95.24
CA GLU U 37 12.89 75.68 -96.23
C GLU U 37 13.59 74.34 -96.05
N MET U 38 14.23 74.13 -94.90
CA MET U 38 14.77 72.84 -94.47
C MET U 38 15.81 72.33 -95.47
N VAL U 39 16.92 73.05 -95.48
CA VAL U 39 17.90 72.97 -96.55
C VAL U 39 19.08 72.17 -95.99
N ALA U 40 18.77 71.21 -95.13
CA ALA U 40 19.80 70.34 -94.58
C ALA U 40 20.16 69.20 -95.51
N THR U 41 19.36 68.95 -96.55
CA THR U 41 19.60 67.92 -97.58
C THR U 41 19.71 66.52 -96.95
N GLN U 42 18.55 66.03 -96.51
CA GLN U 42 18.29 64.81 -95.73
C GLN U 42 19.21 63.63 -96.00
N GLN U 43 19.57 63.43 -97.27
CA GLN U 43 20.56 62.42 -97.62
C GLN U 43 21.92 62.72 -97.02
N GLU U 44 22.40 63.95 -97.16
CA GLU U 44 23.67 64.32 -96.56
C GLU U 44 23.57 64.39 -95.05
N MET U 45 22.36 64.68 -94.53
CA MET U 45 22.11 64.60 -93.10
C MET U 45 22.32 63.19 -92.56
N ASN U 46 21.77 62.19 -93.24
CA ASN U 46 21.90 60.83 -92.75
C ASN U 46 23.27 60.25 -93.07
N ASP U 47 23.92 60.71 -94.15
CA ASP U 47 25.28 60.27 -94.41
C ASP U 47 26.24 60.87 -93.41
N ALA U 48 25.95 62.07 -92.92
CA ALA U 48 26.62 62.55 -91.74
C ALA U 48 26.10 61.77 -90.53
N GLN U 49 26.96 61.59 -89.54
CA GLN U 49 26.60 60.77 -88.39
C GLN U 49 26.15 61.64 -87.22
N LEU U 50 25.18 62.50 -87.48
CA LEU U 50 24.60 63.24 -86.38
C LEU U 50 23.64 62.37 -85.59
N VAL U 51 23.49 62.72 -84.33
CA VAL U 51 22.69 61.95 -83.40
C VAL U 51 21.21 62.21 -83.68
N LEU U 52 20.36 61.26 -83.34
CA LEU U 52 18.94 61.55 -83.21
C LEU U 52 18.74 62.62 -82.15
N GLN U 53 17.63 63.37 -82.31
CA GLN U 53 17.33 64.61 -81.59
C GLN U 53 18.40 65.68 -81.82
N GLN U 54 19.19 65.52 -82.87
CA GLN U 54 20.03 66.58 -83.39
C GLN U 54 19.81 66.78 -84.87
N ARG U 55 19.09 65.87 -85.54
CA ARG U 55 18.76 66.00 -86.94
C ARG U 55 17.67 67.05 -87.11
N ASP U 56 17.96 68.29 -86.77
CA ASP U 56 16.96 69.28 -86.42
C ASP U 56 17.01 70.42 -87.43
N TYR U 57 16.27 71.47 -87.12
CA TYR U 57 16.38 72.67 -87.93
C TYR U 57 17.74 73.32 -87.69
N CYS U 58 18.13 74.15 -88.66
CA CYS U 58 19.39 74.90 -88.69
C CYS U 58 20.63 74.00 -88.73
N ALA U 59 20.47 72.73 -89.13
CA ALA U 59 21.54 71.75 -88.99
C ALA U 59 22.67 71.96 -89.98
N HIS U 60 22.41 72.69 -91.05
CA HIS U 60 23.47 73.11 -91.96
C HIS U 60 24.51 73.97 -91.27
N TYR U 61 24.09 74.82 -90.33
CA TYR U 61 25.04 75.60 -89.55
C TYR U 61 25.92 74.69 -88.70
N LEU U 62 25.31 73.64 -88.14
CA LEU U 62 26.05 72.65 -87.38
C LEU U 62 27.05 71.92 -88.28
N ILE U 63 26.67 71.67 -89.53
CA ILE U 63 27.58 71.03 -90.49
C ILE U 63 28.76 71.94 -90.80
N ARG U 64 28.50 73.24 -90.92
CA ARG U 64 29.58 74.21 -91.11
C ARG U 64 30.53 74.21 -89.93
N PHE U 65 29.98 74.17 -88.72
CA PHE U 65 30.81 74.21 -87.54
C PHE U 65 31.62 72.93 -87.39
N LEU U 66 31.04 71.79 -87.75
CA LEU U 66 31.79 70.54 -87.73
C LEU U 66 32.87 70.53 -88.81
N LYS U 67 32.62 71.20 -89.93
CA LYS U 67 33.64 71.29 -90.96
C LYS U 67 34.84 72.09 -90.48
N CYS U 68 34.58 73.25 -89.88
CA CYS U 68 35.72 74.06 -89.43
C CYS U 68 36.37 73.45 -88.20
N LYS U 69 35.62 72.73 -87.38
CA LYS U 69 36.19 72.15 -86.17
C LYS U 69 37.00 70.90 -86.50
N ARG U 70 36.65 70.20 -87.56
CA ARG U 70 37.52 69.13 -88.05
C ARG U 70 38.76 69.74 -88.69
N ASP U 71 38.57 70.77 -89.52
CA ASP U 71 39.68 71.25 -90.33
C ASP U 71 40.67 72.07 -89.53
N SER U 72 40.26 72.64 -88.41
CA SER U 72 41.15 73.42 -87.57
C SER U 72 41.00 72.92 -86.14
N PHE U 73 41.67 71.84 -85.83
CA PHE U 73 41.60 71.30 -84.48
C PHE U 73 42.56 71.98 -83.49
N PRO U 74 43.89 72.03 -83.70
CA PRO U 74 44.73 72.58 -82.64
C PRO U 74 44.62 74.10 -82.51
N ASN U 75 44.01 74.77 -83.49
CA ASN U 75 43.45 76.09 -83.24
C ASN U 75 42.41 75.97 -82.16
N PHE U 76 42.69 76.59 -81.03
CA PHE U 76 41.94 76.35 -79.81
C PHE U 76 40.67 77.17 -79.74
N LEU U 77 40.70 78.41 -80.22
CA LEU U 77 39.53 79.28 -80.23
C LEU U 77 39.41 79.98 -81.57
N ALA U 78 39.51 79.21 -82.66
CA ALA U 78 39.22 79.77 -83.97
C ALA U 78 37.73 79.74 -84.27
N CYS U 79 37.12 78.55 -84.22
CA CYS U 79 35.72 78.39 -84.58
C CYS U 79 34.79 78.96 -83.52
N LYS U 80 34.44 80.23 -83.67
CA LYS U 80 33.51 80.89 -82.78
C LYS U 80 32.18 81.19 -83.48
N HIS U 81 32.24 81.98 -84.56
CA HIS U 81 31.06 82.66 -85.05
C HIS U 81 30.11 81.74 -85.78
N GLU U 82 30.57 80.60 -86.27
CA GLU U 82 29.64 79.64 -86.87
C GLU U 82 28.74 79.00 -85.81
N GLN U 83 29.33 78.57 -84.70
CA GLN U 83 28.56 78.03 -83.61
C GLN U 83 27.73 79.11 -82.95
N HIS U 84 28.23 80.35 -82.95
CA HIS U 84 27.43 81.50 -82.55
C HIS U 84 26.19 81.66 -83.43
N ASP U 85 26.35 81.47 -84.74
CA ASP U 85 25.22 81.55 -85.67
C ASP U 85 24.24 80.41 -85.44
N TRP U 86 24.76 79.23 -85.13
CA TRP U 86 23.89 78.11 -84.83
C TRP U 86 23.10 78.35 -83.55
N ASP U 87 23.75 78.98 -82.56
CA ASP U 87 23.05 79.41 -81.35
C ASP U 87 21.95 80.41 -81.67
N TYR U 88 22.25 81.34 -82.58
CA TYR U 88 21.27 82.37 -82.91
C TYR U 88 20.09 81.78 -83.67
N CYS U 89 20.35 80.82 -84.55
CA CYS U 89 19.27 80.21 -85.31
C CYS U 89 18.39 79.36 -84.42
N GLU U 90 18.99 78.66 -83.46
CA GLU U 90 18.16 77.90 -82.54
C GLU U 90 17.47 78.79 -81.51
N HIS U 91 18.03 79.97 -81.23
CA HIS U 91 17.28 80.97 -80.48
C HIS U 91 16.02 81.37 -81.22
N LEU U 92 16.14 81.61 -82.53
CA LEU U 92 14.96 81.92 -83.33
C LEU U 92 14.01 80.74 -83.40
N ASP U 93 14.53 79.52 -83.34
CA ASP U 93 13.68 78.34 -83.32
C ASP U 93 12.88 78.25 -82.02
N TYR U 94 13.53 78.58 -80.90
CA TYR U 94 12.80 78.65 -79.63
C TYR U 94 11.76 79.77 -79.66
N VAL U 95 12.08 80.89 -80.30
CA VAL U 95 11.13 81.98 -80.42
C VAL U 95 9.92 81.53 -81.21
N LYS U 96 10.15 80.75 -82.26
CA LYS U 96 9.03 80.24 -83.06
C LYS U 96 8.16 79.29 -82.27
N ARG U 97 8.77 78.48 -81.40
CA ARG U 97 7.98 77.58 -80.55
C ARG U 97 7.16 78.36 -79.52
N MET U 98 7.75 79.43 -78.99
CA MET U 98 7.02 80.30 -78.08
C MET U 98 5.84 80.97 -78.78
N LYS U 99 6.05 81.37 -80.04
CA LYS U 99 4.99 81.95 -80.85
C LYS U 99 3.87 80.96 -81.06
N GLU U 100 4.22 79.69 -81.24
CA GLU U 100 3.18 78.66 -81.39
C GLU U 100 2.37 78.51 -80.12
N PHE U 101 3.05 78.46 -78.96
CA PHE U 101 2.31 78.29 -77.71
C PHE U 101 1.42 79.49 -77.41
N GLU U 102 1.90 80.70 -77.64
CA GLU U 102 1.04 81.83 -77.33
C GLU U 102 -0.04 82.07 -78.37
N ARG U 103 0.18 81.63 -79.61
CA ARG U 103 -0.90 81.62 -80.60
C ARG U 103 -2.01 80.69 -80.13
N GLU U 104 -1.65 79.49 -79.68
CA GLU U 104 -2.65 78.54 -79.19
C GLU U 104 -3.32 79.06 -77.94
N ARG U 105 -2.56 79.74 -77.08
CA ARG U 105 -3.11 80.29 -75.84
C ARG U 105 -4.13 81.38 -76.14
N ARG U 106 -3.79 82.30 -77.04
CA ARG U 106 -4.69 83.40 -77.32
C ARG U 106 -5.87 82.95 -78.16
N LEU U 107 -5.70 81.94 -79.01
CA LEU U 107 -6.84 81.35 -79.69
C LEU U 107 -7.81 80.74 -78.69
N LEU U 108 -7.28 79.96 -77.73
CA LEU U 108 -8.15 79.31 -76.75
C LEU U 108 -8.87 80.34 -75.90
N GLN U 109 -8.12 81.32 -75.41
CA GLN U 109 -8.65 82.42 -74.62
C GLN U 109 -9.74 83.18 -75.35
N ARG U 110 -9.39 83.85 -76.45
CA ARG U 110 -10.32 84.77 -77.09
C ARG U 110 -11.49 84.01 -77.74
N LYS U 111 -11.18 82.89 -78.39
CA LYS U 111 -12.21 82.05 -79.02
C LYS U 111 -13.19 81.52 -77.98
N LYS U 112 -12.69 80.83 -76.96
CA LYS U 112 -13.58 80.14 -76.05
C LYS U 112 -14.30 81.11 -75.13
N ARG U 113 -13.73 82.28 -74.87
CA ARG U 113 -14.50 83.22 -74.07
C ARG U 113 -15.53 83.96 -74.91
N ARG U 114 -15.26 84.25 -76.19
CA ARG U 114 -16.32 84.79 -77.06
C ARG U 114 -17.47 83.78 -77.22
N GLU U 115 -17.12 82.51 -77.38
CA GLU U 115 -18.12 81.46 -77.55
C GLU U 115 -18.94 81.23 -76.28
N GLN U 116 -18.28 81.15 -75.12
CA GLN U 116 -18.99 80.90 -73.88
C GLN U 116 -19.50 82.17 -73.22
N ARG U 117 -19.25 83.35 -73.80
CA ARG U 117 -20.04 84.50 -73.42
C ARG U 117 -21.34 84.55 -74.21
N GLU U 118 -21.25 84.44 -75.53
CA GLU U 118 -22.47 84.62 -76.30
C GLU U 118 -23.32 83.36 -76.36
N ALA U 119 -22.82 82.23 -75.88
CA ALA U 119 -23.66 81.06 -75.64
C ALA U 119 -23.98 80.96 -74.16
N PHE V 2 32.75 51.11 -10.05
CA PHE V 2 33.37 50.19 -11.00
C PHE V 2 34.76 50.68 -11.38
N LEU V 3 35.74 50.27 -10.59
CA LEU V 3 37.07 50.88 -10.59
C LEU V 3 37.98 49.95 -9.80
N PRO V 4 39.32 49.98 -10.06
CA PRO V 4 40.21 48.97 -9.45
C PRO V 4 40.32 48.97 -7.94
N SER V 5 40.72 50.10 -7.34
CA SER V 5 41.04 50.08 -5.92
C SER V 5 39.78 50.08 -5.07
N ALA V 6 38.97 51.14 -5.19
CA ALA V 6 37.76 51.23 -4.38
C ALA V 6 36.70 50.29 -4.93
N ALA V 7 35.80 49.87 -4.04
CA ALA V 7 34.69 49.04 -4.49
C ALA V 7 33.62 49.87 -5.17
N TYR V 8 33.65 51.19 -5.01
CA TYR V 8 32.62 52.08 -5.51
C TYR V 8 33.16 53.49 -5.47
N LEU V 9 32.48 54.39 -6.17
CA LEU V 9 32.89 55.78 -6.23
C LEU V 9 32.08 56.60 -5.23
N THR V 10 32.76 57.53 -4.58
CA THR V 10 32.10 58.34 -3.57
C THR V 10 31.30 59.46 -4.23
N HIS V 11 30.55 60.20 -3.41
CA HIS V 11 29.69 61.22 -3.99
C HIS V 11 30.49 62.45 -4.40
N GLN V 12 31.56 62.76 -3.70
CA GLN V 12 32.42 63.86 -4.09
C GLN V 12 33.08 63.57 -5.42
N GLN V 13 33.50 62.32 -5.60
CA GLN V 13 34.02 61.84 -6.87
C GLN V 13 33.00 61.97 -7.98
N LYS V 14 31.73 61.66 -7.69
CA LYS V 14 30.69 61.69 -8.70
C LYS V 14 30.39 63.12 -9.12
N VAL V 15 30.33 64.04 -8.16
CA VAL V 15 30.16 65.46 -8.45
C VAL V 15 31.32 65.96 -9.30
N LEU V 16 32.52 65.47 -9.01
CA LEU V 16 33.69 65.91 -9.74
C LEU V 16 33.67 65.42 -11.19
N GLN V 17 33.24 64.18 -11.41
CA GLN V 17 33.17 63.69 -12.78
C GLN V 17 32.09 64.39 -13.58
N LEU V 18 30.96 64.74 -12.93
CA LEU V 18 29.96 65.56 -13.59
C LEU V 18 30.53 66.92 -13.99
N TYR V 19 31.37 67.49 -13.11
CA TYR V 19 32.01 68.77 -13.42
C TYR V 19 32.89 68.64 -14.66
N LYS V 20 33.70 67.59 -14.73
CA LYS V 20 34.62 67.48 -15.86
C LYS V 20 33.85 67.21 -17.16
N ARG V 21 32.76 66.44 -17.08
CA ARG V 21 31.97 66.18 -18.28
C ARG V 21 31.27 67.43 -18.79
N ALA V 22 30.68 68.22 -17.90
CA ALA V 22 30.01 69.43 -18.31
C ALA V 22 30.99 70.43 -18.88
N LEU V 23 32.18 70.50 -18.30
CA LEU V 23 33.18 71.43 -18.78
C LEU V 23 33.70 71.01 -20.14
N ARG V 24 33.87 69.71 -20.35
CA ARG V 24 34.32 69.20 -21.65
C ARG V 24 33.28 69.46 -22.74
N HIS V 25 32.01 69.21 -22.43
CA HIS V 25 31.00 69.45 -23.45
C HIS V 25 30.77 70.94 -23.68
N LEU V 26 31.07 71.79 -22.72
CA LEU V 26 30.99 73.21 -23.01
C LEU V 26 32.14 73.66 -23.89
N GLU V 27 33.31 73.03 -23.74
CA GLU V 27 34.39 73.21 -24.72
C GLU V 27 33.90 72.84 -26.12
N SER V 28 33.23 71.69 -26.22
CA SER V 28 32.77 71.22 -27.54
C SER V 28 31.66 72.08 -28.09
N ARG V 29 30.84 72.65 -27.19
CA ARG V 29 29.74 73.50 -27.60
C ARG V 29 30.25 74.82 -28.13
N CYS V 30 31.23 75.39 -27.45
CA CYS V 30 31.51 76.81 -27.57
C CYS V 30 32.84 77.00 -28.28
N VAL V 31 32.79 77.60 -29.47
CA VAL V 31 33.97 77.97 -30.25
C VAL V 31 34.49 79.31 -29.73
N HIS V 32 35.63 79.74 -30.27
CA HIS V 32 36.35 81.01 -30.07
C HIS V 32 37.08 81.09 -28.75
N ARG V 33 36.83 80.14 -27.86
CA ARG V 33 37.60 79.78 -26.67
C ARG V 33 37.54 80.82 -25.53
N ASP V 34 37.22 82.07 -25.82
CA ASP V 34 37.17 83.06 -24.76
C ASP V 34 35.76 83.26 -24.24
N LYS V 35 34.78 83.27 -25.13
CA LYS V 35 33.40 83.13 -24.68
C LYS V 35 33.18 81.79 -24.02
N TYR V 36 33.93 80.77 -24.45
CA TYR V 36 34.05 79.54 -23.68
C TYR V 36 34.53 79.80 -22.27
N ARG V 37 35.59 80.60 -22.12
CA ARG V 37 36.13 80.89 -20.80
C ARG V 37 35.11 81.61 -19.94
N TYR V 38 34.33 82.50 -20.55
CA TYR V 38 33.26 83.22 -19.86
C TYR V 38 32.20 82.26 -19.36
N PHE V 39 31.70 81.39 -20.24
CA PHE V 39 30.65 80.46 -19.85
C PHE V 39 31.14 79.43 -18.85
N ALA V 40 32.43 79.09 -18.90
CA ALA V 40 32.98 78.15 -17.94
C ALA V 40 33.03 78.77 -16.55
N CYS V 41 33.38 80.05 -16.46
CA CYS V 41 33.35 80.66 -15.15
C CYS V 41 31.92 80.91 -14.67
N LEU V 42 30.97 81.07 -15.60
CA LEU V 42 29.56 81.10 -15.20
C LEU V 42 29.12 79.78 -14.62
N LEU V 43 29.57 78.68 -15.21
CA LEU V 43 29.26 77.36 -14.69
C LEU V 43 29.92 77.15 -13.33
N ARG V 44 31.14 77.63 -13.18
CA ARG V 44 31.84 77.52 -11.90
C ARG V 44 31.17 78.40 -10.85
N ALA V 45 30.55 79.49 -11.28
CA ALA V 45 29.75 80.30 -10.37
C ALA V 45 28.51 79.57 -9.90
N ARG V 46 27.85 78.86 -10.83
CA ARG V 46 26.69 78.04 -10.46
C ARG V 46 27.07 76.97 -9.46
N PHE V 47 28.29 76.45 -9.56
CA PHE V 47 28.72 75.53 -8.50
C PHE V 47 29.24 76.26 -7.26
N ASP V 48 29.53 77.56 -7.36
CA ASP V 48 29.82 78.37 -6.19
C ASP V 48 28.57 78.83 -5.45
N GLU V 49 27.39 78.69 -6.05
CA GLU V 49 26.17 79.23 -5.45
C GLU V 49 25.77 78.50 -4.16
N HIS V 50 26.05 77.20 -4.06
CA HIS V 50 25.69 76.42 -2.89
C HIS V 50 26.80 75.43 -2.54
N LYS V 51 28.05 75.87 -2.72
CA LYS V 51 29.19 75.00 -2.52
C LYS V 51 29.42 74.67 -1.06
N ASN V 52 28.94 75.49 -0.15
CA ASN V 52 29.31 75.43 1.26
C ASN V 52 28.15 74.91 2.09
N GLU V 53 27.41 73.94 1.57
CA GLU V 53 26.32 73.33 2.30
C GLU V 53 26.59 71.85 2.49
N LYS V 54 26.14 71.33 3.62
CA LYS V 54 26.45 69.96 4.02
C LYS V 54 25.21 69.14 4.28
N ASP V 55 24.03 69.61 3.87
CA ASP V 55 22.86 68.74 3.83
C ASP V 55 23.07 67.75 2.71
N MET V 56 23.50 66.55 3.08
CA MET V 56 23.86 65.51 2.11
C MET V 56 22.66 65.08 1.29
N VAL V 57 21.48 65.08 1.89
CA VAL V 57 20.29 64.72 1.12
C VAL V 57 19.89 65.86 0.18
N LYS V 58 20.07 67.12 0.58
CA LYS V 58 19.85 68.21 -0.36
C LYS V 58 20.95 68.25 -1.41
N ALA V 59 22.16 67.80 -1.04
CA ALA V 59 23.24 67.71 -2.00
C ALA V 59 22.93 66.70 -3.10
N THR V 60 22.45 65.51 -2.73
CA THR V 60 22.14 64.55 -3.77
C THR V 60 20.87 64.90 -4.53
N GLN V 61 19.94 65.66 -3.92
CA GLN V 61 18.83 66.23 -4.68
C GLN V 61 19.34 67.17 -5.77
N LEU V 62 20.26 68.05 -5.41
CA LEU V 62 20.87 68.94 -6.38
C LEU V 62 21.68 68.18 -7.41
N LEU V 63 22.25 67.04 -7.03
CA LEU V 63 23.02 66.24 -7.98
C LEU V 63 22.11 65.59 -9.01
N ARG V 64 20.94 65.13 -8.58
CA ARG V 64 19.98 64.58 -9.54
C ARG V 64 19.48 65.65 -10.50
N GLU V 65 19.16 66.84 -9.99
CA GLU V 65 18.75 67.90 -10.89
C GLU V 65 19.91 68.37 -11.77
N ALA V 66 21.14 68.21 -11.29
CA ALA V 66 22.30 68.54 -12.11
C ALA V 66 22.48 67.55 -13.25
N GLU V 67 22.23 66.27 -13.00
CA GLU V 67 22.27 65.29 -14.08
C GLU V 67 21.18 65.53 -15.10
N LYS V 68 20.00 65.97 -14.64
CA LYS V 68 18.94 66.33 -15.57
C LYS V 68 19.33 67.54 -16.42
N GLU V 69 19.87 68.59 -15.79
CA GLU V 69 20.24 69.77 -16.55
C GLU V 69 21.49 69.56 -17.39
N PHE V 70 22.29 68.54 -17.08
CA PHE V 70 23.36 68.17 -17.99
C PHE V 70 22.82 67.46 -19.21
N TRP V 71 21.89 66.53 -19.01
CA TRP V 71 21.42 65.76 -20.15
C TRP V 71 20.52 66.58 -21.04
N HIS V 72 19.91 67.64 -20.51
CA HIS V 72 19.07 68.50 -21.32
C HIS V 72 19.87 69.22 -22.39
N GLY V 73 21.04 69.73 -22.04
CA GLY V 73 21.81 70.51 -22.97
C GLY V 73 23.19 69.97 -23.26
N GLN V 74 23.32 68.66 -23.46
CA GLN V 74 24.64 68.16 -23.78
C GLN V 74 24.90 68.32 -25.28
N HIS V 75 26.08 67.96 -25.70
CA HIS V 75 26.41 68.16 -27.09
C HIS V 75 26.45 66.82 -27.80
N PRO V 76 25.99 66.75 -29.06
CA PRO V 76 25.91 65.46 -29.75
C PRO V 76 27.22 64.75 -29.99
N GLN V 77 28.16 65.37 -30.69
CA GLN V 77 29.49 64.79 -30.87
C GLN V 77 30.44 65.54 -29.96
N PRO V 78 30.81 64.98 -28.82
CA PRO V 78 31.74 65.68 -27.92
C PRO V 78 33.11 65.74 -28.54
N TYR V 79 33.81 66.83 -28.29
CA TYR V 79 35.16 66.93 -28.81
C TYR V 79 36.06 66.04 -27.98
N ILE V 80 36.35 64.87 -28.50
CA ILE V 80 37.22 63.91 -27.85
C ILE V 80 38.57 63.91 -28.54
N PHE V 81 39.62 63.73 -27.77
CA PHE V 81 40.97 63.89 -28.27
C PHE V 81 41.34 62.70 -29.13
N PRO V 82 42.28 62.86 -30.07
CA PRO V 82 42.61 61.73 -30.95
C PRO V 82 43.56 60.70 -30.35
N GLU V 83 43.38 60.38 -29.06
CA GLU V 83 43.86 59.13 -28.47
C GLU V 83 42.84 58.61 -27.47
N SER V 84 41.72 59.27 -27.34
CA SER V 84 40.69 58.93 -26.38
C SER V 84 39.90 57.74 -26.90
N PRO V 85 39.05 57.13 -26.08
CA PRO V 85 38.06 56.19 -26.63
C PRO V 85 37.11 56.88 -27.59
N GLY V 86 36.91 56.26 -28.75
CA GLY V 86 36.13 56.83 -29.80
C GLY V 86 36.84 57.85 -30.64
N GLY V 87 38.10 58.14 -30.35
CA GLY V 87 38.80 59.23 -30.97
C GLY V 87 39.19 58.94 -32.41
N THR V 88 39.99 59.86 -32.95
CA THR V 88 40.37 59.75 -34.35
C THR V 88 41.39 58.64 -34.54
N SER V 89 42.30 58.46 -33.59
CA SER V 89 43.24 57.34 -33.67
C SER V 89 42.73 56.12 -32.91
N TYR V 90 42.61 56.24 -31.59
CA TYR V 90 42.20 55.17 -30.65
C TYR V 90 42.94 53.86 -30.92
N GLU V 91 44.22 53.91 -30.60
CA GLU V 91 45.19 52.85 -30.89
C GLU V 91 45.26 52.61 -32.39
N ARG V 92 45.62 53.69 -33.07
CA ARG V 92 45.98 53.71 -34.49
C ARG V 92 47.00 52.64 -34.81
N TYR V 93 48.16 52.72 -34.18
CA TYR V 93 49.28 51.84 -34.49
C TYR V 93 49.23 50.52 -33.74
N GLU V 94 48.04 50.08 -33.34
CA GLU V 94 47.86 48.75 -32.77
C GLU V 94 48.15 47.66 -33.79
N CYS V 95 48.07 48.01 -35.08
CA CYS V 95 48.82 47.36 -36.14
C CYS V 95 50.26 47.06 -35.74
N TYR V 96 51.03 48.09 -35.41
CA TYR V 96 52.47 47.94 -35.25
C TYR V 96 52.89 47.62 -33.83
N LYS V 97 51.99 47.08 -32.99
CA LYS V 97 52.33 46.78 -31.61
C LYS V 97 52.49 45.27 -31.50
N VAL V 98 53.70 44.81 -31.75
CA VAL V 98 54.02 43.38 -31.68
C VAL V 98 54.37 43.04 -30.23
N PRO V 99 53.82 41.97 -29.66
CA PRO V 99 54.17 41.62 -28.29
C PRO V 99 55.60 41.13 -28.19
N GLU V 100 56.12 41.17 -26.97
CA GLU V 100 57.52 40.90 -26.70
C GLU V 100 57.75 39.54 -26.07
N TRP V 101 56.70 38.73 -25.92
CA TRP V 101 56.95 37.30 -25.70
C TRP V 101 57.51 36.69 -26.95
N CYS V 102 57.11 37.20 -28.11
CA CYS V 102 57.64 36.77 -29.38
C CYS V 102 58.96 37.48 -29.62
N LEU V 103 59.40 37.49 -30.88
CA LEU V 103 60.66 37.98 -31.44
C LEU V 103 61.78 36.97 -31.21
N ASP V 104 61.57 35.93 -30.40
CA ASP V 104 62.55 34.88 -30.17
C ASP V 104 62.29 33.64 -31.00
N ASP V 105 61.21 33.61 -31.75
CA ASP V 105 61.03 32.58 -32.78
C ASP V 105 61.55 33.06 -34.12
N TRP V 106 62.80 33.50 -34.13
CA TRP V 106 63.52 33.90 -35.32
C TRP V 106 64.49 32.82 -35.76
N HIS V 107 65.30 33.16 -36.74
CA HIS V 107 66.34 32.26 -37.21
C HIS V 107 67.69 32.70 -36.69
N PRO V 108 68.60 31.76 -36.35
CA PRO V 108 69.89 32.18 -35.76
C PRO V 108 70.77 33.01 -36.67
N SER V 109 70.57 32.99 -37.99
CA SER V 109 71.25 33.95 -38.83
C SER V 109 70.72 35.36 -38.59
N GLU V 110 69.39 35.52 -38.67
CA GLU V 110 68.78 36.81 -38.37
C GLU V 110 68.91 37.18 -36.91
N LYS V 111 69.10 36.20 -36.03
CA LYS V 111 69.48 36.55 -34.66
C LYS V 111 70.91 37.03 -34.59
N ALA V 112 71.80 36.47 -35.40
CA ALA V 112 73.19 36.93 -35.40
C ALA V 112 73.37 38.24 -36.15
N MET V 113 72.33 38.74 -36.82
CA MET V 113 72.42 40.07 -37.39
C MET V 113 72.32 41.16 -36.33
N TYR V 114 71.67 40.88 -35.20
CA TYR V 114 71.49 41.85 -34.11
C TYR V 114 72.10 41.28 -32.83
N PRO V 115 73.39 41.43 -32.62
CA PRO V 115 74.02 40.77 -31.48
C PRO V 115 73.68 41.32 -30.11
N ASP V 116 73.86 42.63 -29.91
CA ASP V 116 73.91 43.17 -28.56
C ASP V 116 72.52 43.25 -27.93
N TYR V 117 71.51 43.55 -28.74
CA TYR V 117 70.15 43.58 -28.22
C TYR V 117 69.71 42.20 -27.76
N PHE V 118 70.12 41.15 -28.46
CA PHE V 118 69.74 39.82 -28.01
C PHE V 118 70.56 39.36 -26.82
N ALA V 119 71.82 39.81 -26.69
CA ALA V 119 72.57 39.51 -25.47
C ALA V 119 71.96 40.20 -24.25
N LYS V 120 71.59 41.47 -24.40
CA LYS V 120 70.92 42.17 -23.31
C LYS V 120 69.52 41.61 -23.07
N ARG V 121 68.88 41.08 -24.10
CA ARG V 121 67.59 40.44 -23.88
C ARG V 121 67.74 39.14 -23.12
N GLU V 122 68.84 38.42 -23.36
CA GLU V 122 69.13 37.22 -22.60
C GLU V 122 69.35 37.55 -21.13
N GLN V 123 70.05 38.64 -20.84
CA GLN V 123 70.20 38.95 -19.42
C GLN V 123 68.93 39.53 -18.81
N TRP V 124 68.05 40.16 -19.60
CA TRP V 124 66.70 40.49 -19.11
C TRP V 124 65.92 39.25 -18.73
N LYS V 125 65.91 38.26 -19.61
CA LYS V 125 65.17 37.03 -19.36
C LYS V 125 65.74 36.28 -18.17
N LYS V 126 67.06 36.36 -17.98
CA LYS V 126 67.66 35.81 -16.77
C LYS V 126 67.25 36.60 -15.54
N LEU V 127 67.06 37.92 -15.67
CA LEU V 127 66.54 38.70 -14.56
C LEU V 127 65.13 38.28 -14.20
N ARG V 128 64.35 37.95 -15.22
CA ARG V 128 62.98 37.48 -15.01
C ARG V 128 62.95 36.16 -14.27
N ARG V 129 63.66 35.17 -14.78
CA ARG V 129 63.59 33.84 -14.19
C ARG V 129 64.35 33.77 -12.87
N GLU V 130 65.28 34.70 -12.65
CA GLU V 130 66.05 34.75 -11.41
C GLU V 130 65.16 34.95 -10.20
N SER V 131 64.36 36.00 -10.21
CA SER V 131 63.56 36.35 -9.06
C SER V 131 62.08 36.23 -9.38
N TRP V 132 61.70 35.12 -10.02
CA TRP V 132 60.28 34.90 -10.21
C TRP V 132 59.64 34.10 -9.10
N GLU V 133 60.30 33.04 -8.64
CA GLU V 133 59.57 32.10 -7.80
C GLU V 133 59.45 32.60 -6.37
N ARG V 134 60.58 32.72 -5.67
CA ARG V 134 60.55 32.74 -4.21
C ARG V 134 59.94 34.04 -3.69
N GLU V 135 60.51 35.17 -4.11
CA GLU V 135 60.12 36.44 -3.53
C GLU V 135 58.71 36.84 -3.96
N VAL V 136 58.42 36.69 -5.25
CA VAL V 136 57.13 37.10 -5.78
C VAL V 136 56.01 36.19 -5.27
N LYS V 137 56.22 34.88 -5.35
CA LYS V 137 55.19 33.95 -4.92
C LYS V 137 54.98 33.97 -3.41
N GLN V 138 56.04 34.19 -2.63
CA GLN V 138 55.85 34.24 -1.19
C GLN V 138 55.17 35.53 -0.78
N LEU V 139 55.50 36.66 -1.41
CA LEU V 139 54.79 37.90 -1.13
C LEU V 139 53.34 37.87 -1.58
N GLN V 140 53.00 37.03 -2.56
CA GLN V 140 51.60 36.92 -2.94
C GLN V 140 50.84 35.83 -2.21
N GLU V 141 51.53 34.91 -1.53
CA GLU V 141 50.83 33.90 -0.73
C GLU V 141 51.05 34.07 0.76
N GLU V 142 51.65 35.18 1.18
CA GLU V 142 51.83 35.47 2.60
C GLU V 142 51.09 36.72 3.02
N THR V 143 51.40 37.86 2.43
CA THR V 143 50.75 39.14 2.73
C THR V 143 49.29 39.31 2.31
N PRO V 144 48.76 38.71 1.24
CA PRO V 144 47.31 38.82 1.04
C PRO V 144 46.54 37.94 2.00
N VAL V 145 45.26 38.28 2.13
CA VAL V 145 44.31 37.53 2.93
C VAL V 145 43.83 36.39 2.03
N GLY V 146 43.07 35.43 2.57
CA GLY V 146 42.46 34.40 1.74
C GLY V 146 41.54 34.99 0.68
N GLY V 147 40.73 35.97 1.06
CA GLY V 147 40.06 36.81 0.10
C GLY V 147 40.88 38.08 -0.07
N PRO V 148 41.32 38.36 -1.30
CA PRO V 148 42.25 39.49 -1.51
C PRO V 148 41.64 40.86 -1.27
N ARG V 149 40.40 41.08 -1.69
CA ARG V 149 39.55 42.22 -1.36
C ARG V 149 40.08 43.55 -1.88
N THR V 150 41.14 43.55 -2.68
CA THR V 150 41.58 44.68 -3.48
C THR V 150 42.42 44.14 -4.63
N GLU V 151 42.95 45.03 -5.45
CA GLU V 151 43.78 44.61 -6.57
C GLU V 151 45.14 45.29 -6.64
N ALA V 152 45.40 46.30 -5.83
CA ALA V 152 46.72 46.93 -5.82
C ALA V 152 47.70 46.03 -5.07
N LEU V 153 48.72 45.57 -5.78
CA LEU V 153 49.64 44.63 -5.17
C LEU V 153 50.80 45.37 -4.49
N PRO V 154 51.27 44.89 -3.35
CA PRO V 154 52.27 45.65 -2.61
C PRO V 154 53.64 45.52 -3.27
N PRO V 155 54.46 46.56 -3.20
CA PRO V 155 55.80 46.47 -3.77
C PRO V 155 56.70 45.59 -2.92
N ALA V 156 57.85 45.26 -3.49
CA ALA V 156 58.84 44.43 -2.81
C ALA V 156 59.69 45.31 -1.89
N ARG V 157 59.04 45.80 -0.84
CA ARG V 157 59.73 46.56 0.19
C ARG V 157 60.54 45.68 1.12
N LYS V 158 60.37 44.35 1.04
CA LYS V 158 60.97 43.44 2.00
C LYS V 158 62.49 43.45 1.97
N GLN V 159 63.11 42.91 0.92
CA GLN V 159 64.56 43.04 0.88
C GLN V 159 65.14 43.57 -0.41
N GLY V 160 64.90 42.85 -1.49
CA GLY V 160 65.77 42.92 -2.63
C GLY V 160 65.18 43.37 -3.94
N ASP V 161 64.81 42.37 -4.75
CA ASP V 161 64.51 42.52 -6.16
C ASP V 161 63.13 43.07 -6.45
N LEU V 162 62.70 42.91 -7.69
CA LEU V 162 61.68 43.73 -8.32
C LEU V 162 60.32 43.51 -7.68
N PRO V 163 59.42 44.51 -7.73
CA PRO V 163 58.09 44.32 -7.15
C PRO V 163 57.31 43.33 -7.98
N PRO V 164 56.37 42.60 -7.37
CA PRO V 164 55.90 41.36 -7.97
C PRO V 164 55.03 41.56 -9.20
N LEU V 165 55.13 40.59 -10.11
CA LEU V 165 54.29 40.46 -11.31
C LEU V 165 54.43 41.68 -12.22
N TRP V 166 55.62 41.82 -12.79
CA TRP V 166 55.94 43.00 -13.54
C TRP V 166 56.15 42.77 -15.03
N TRP V 167 56.03 41.54 -15.52
CA TRP V 167 56.56 41.24 -16.85
C TRP V 167 55.74 41.91 -17.94
N HIS V 168 54.46 41.58 -18.03
CA HIS V 168 53.65 42.16 -19.09
C HIS V 168 53.22 43.59 -18.81
N ILE V 169 53.69 44.22 -17.74
CA ILE V 169 53.38 45.62 -17.47
C ILE V 169 54.60 46.51 -17.68
N VAL V 170 55.78 46.04 -17.28
CA VAL V 170 57.01 46.71 -17.68
C VAL V 170 57.20 46.58 -19.18
N THR V 171 56.98 45.39 -19.72
CA THR V 171 57.33 45.13 -21.11
C THR V 171 56.14 45.38 -22.03
N ARG V 172 55.62 46.59 -21.97
CA ARG V 172 54.63 46.97 -22.96
C ARG V 172 55.27 47.83 -24.04
N PRO V 173 54.74 47.86 -25.27
CA PRO V 173 55.41 48.60 -26.36
C PRO V 173 55.34 50.12 -26.26
N ARG V 174 55.85 50.81 -27.29
CA ARG V 174 56.11 52.24 -27.22
C ARG V 174 54.92 53.13 -27.53
N GLU V 175 53.79 52.59 -27.98
CA GLU V 175 52.58 53.31 -28.40
C GLU V 175 52.76 54.27 -29.57
N ARG V 176 53.95 54.34 -30.15
CA ARG V 176 54.21 55.04 -31.40
C ARG V 176 55.46 54.44 -32.03
N PRO V 177 55.41 53.22 -32.61
CA PRO V 177 56.64 52.77 -33.27
C PRO V 177 56.64 53.14 -34.74
N ALA W 5 68.51 74.62 -43.86
CA ALA W 5 68.01 73.30 -44.22
C ALA W 5 66.49 73.23 -44.03
N HIS W 6 66.07 72.72 -42.88
CA HIS W 6 64.64 72.61 -42.56
C HIS W 6 64.32 73.46 -41.34
N ILE W 7 63.03 73.55 -41.06
CA ILE W 7 62.46 74.49 -40.10
C ILE W 7 62.52 73.88 -38.71
N GLU W 8 62.31 74.69 -37.67
CA GLU W 8 62.26 74.20 -36.32
C GLU W 8 60.93 74.54 -35.65
N PRO W 9 60.43 73.65 -34.79
CA PRO W 9 59.19 73.96 -34.06
C PRO W 9 59.46 74.94 -32.93
N ARG W 10 58.67 75.99 -32.86
CA ARG W 10 58.75 76.96 -31.77
C ARG W 10 57.46 76.94 -30.97
N TYR W 11 57.51 77.54 -29.79
CA TYR W 11 56.50 77.35 -28.76
C TYR W 11 55.72 78.64 -28.56
N ARG W 12 54.42 78.61 -28.88
CA ARG W 12 53.48 79.72 -28.68
C ARG W 12 53.90 80.99 -29.39
N GLN W 13 54.66 80.86 -30.47
CA GLN W 13 55.02 82.00 -31.30
C GLN W 13 54.69 81.67 -32.74
N PHE W 14 54.63 82.70 -33.56
CA PHE W 14 54.28 82.50 -34.95
C PHE W 14 55.50 81.97 -35.69
N PRO W 15 55.42 80.81 -36.33
CA PRO W 15 56.60 80.21 -36.93
C PRO W 15 57.02 80.92 -38.22
N GLN W 16 58.32 80.95 -38.45
CA GLN W 16 58.82 81.61 -39.64
C GLN W 16 58.59 80.73 -40.86
N LEU W 17 58.70 81.36 -42.02
CA LEU W 17 58.41 80.75 -43.31
C LEU W 17 59.54 81.02 -44.29
N THR W 18 59.58 80.21 -45.34
CA THR W 18 60.43 80.49 -46.48
C THR W 18 59.68 81.42 -47.42
N ARG W 19 60.43 82.27 -48.12
CA ARG W 19 59.80 83.17 -49.07
C ARG W 19 59.26 82.44 -50.30
N SER W 20 59.73 81.23 -50.56
CA SER W 20 59.34 80.52 -51.77
C SER W 20 57.90 80.06 -51.71
N GLN W 21 57.47 79.52 -50.57
CA GLN W 21 56.09 79.04 -50.45
C GLN W 21 55.10 80.18 -50.48
N VAL W 22 55.48 81.35 -49.94
CA VAL W 22 54.53 82.45 -49.99
C VAL W 22 54.52 83.09 -51.38
N ILE W 23 55.63 83.06 -52.12
CA ILE W 23 55.54 83.62 -53.47
C ILE W 23 54.78 82.67 -54.41
N GLN W 24 54.87 81.35 -54.22
CA GLN W 24 54.01 80.47 -55.00
C GLN W 24 52.54 80.63 -54.64
N ALA W 25 52.23 80.86 -53.35
CA ALA W 25 50.84 81.03 -52.94
C ALA W 25 50.23 82.28 -53.53
N GLU W 26 50.93 83.41 -53.40
CA GLU W 26 50.45 84.66 -53.97
C GLU W 26 50.38 84.58 -55.49
N PHE W 27 51.33 83.86 -56.10
CA PHE W 27 51.36 83.68 -57.53
C PHE W 27 50.14 82.92 -58.03
N PHE W 28 49.72 81.91 -57.28
CA PHE W 28 48.59 81.10 -57.71
C PHE W 28 47.26 81.80 -57.47
N SER W 29 47.16 82.57 -56.37
CA SER W 29 45.98 83.41 -56.18
C SER W 29 45.87 84.46 -57.28
N ALA W 30 47.00 85.06 -57.66
CA ALA W 30 46.99 86.05 -58.71
C ALA W 30 46.63 85.44 -60.06
N THR W 31 47.11 84.22 -60.35
CA THR W 31 46.77 83.61 -61.62
C THR W 31 45.30 83.22 -61.68
N MET W 32 44.72 82.81 -60.55
CA MET W 32 43.27 82.62 -60.48
C MET W 32 42.52 83.90 -60.83
N TRP W 33 42.84 84.98 -60.12
CA TRP W 33 42.05 86.20 -60.26
C TRP W 33 42.26 86.84 -61.62
N PHE W 34 43.47 86.72 -62.17
CA PHE W 34 43.75 87.16 -63.52
C PHE W 34 43.00 86.35 -64.56
N TRP W 35 42.89 85.04 -64.34
CA TRP W 35 42.14 84.21 -65.26
C TRP W 35 40.66 84.58 -65.26
N ILE W 36 40.10 84.77 -64.07
CA ILE W 36 38.67 85.02 -64.02
C ILE W 36 38.35 86.42 -64.53
N LEU W 37 39.31 87.35 -64.45
CA LEU W 37 39.05 88.67 -65.01
C LEU W 37 39.20 88.69 -66.53
N TRP W 38 40.31 88.13 -67.06
CA TRP W 38 40.52 88.12 -68.51
C TRP W 38 39.48 87.26 -69.21
N ARG W 39 39.00 86.23 -68.52
CA ARG W 39 37.92 85.42 -69.02
C ARG W 39 36.60 86.14 -68.89
N PHE W 40 36.48 87.07 -67.93
CA PHE W 40 35.24 87.82 -67.78
C PHE W 40 35.16 89.01 -68.72
N TRP W 41 36.28 89.67 -69.02
CA TRP W 41 36.19 90.92 -69.78
C TRP W 41 36.43 90.74 -71.27
N HIS W 42 37.52 90.06 -71.62
CA HIS W 42 37.98 90.00 -73.00
C HIS W 42 36.99 89.28 -73.91
N ASP W 43 36.20 88.38 -73.36
CA ASP W 43 35.34 87.56 -74.21
C ASP W 43 33.87 87.69 -73.89
N SER W 44 33.47 87.46 -72.64
CA SER W 44 32.07 87.42 -72.23
C SER W 44 32.06 87.62 -70.72
N ASP W 45 31.15 88.45 -70.15
CA ASP W 45 29.73 88.78 -70.47
C ASP W 45 28.92 87.53 -70.80
N ALA W 46 29.19 86.48 -70.02
CA ALA W 46 28.61 85.17 -70.25
C ALA W 46 27.40 84.88 -69.38
N VAL W 47 27.34 85.48 -68.18
CA VAL W 47 26.28 85.14 -67.24
C VAL W 47 24.98 85.85 -67.61
N LEU W 48 25.03 86.88 -68.45
CA LEU W 48 23.85 87.56 -68.94
C LEU W 48 23.08 86.67 -69.91
N GLY W 49 21.98 87.21 -70.44
CA GLY W 49 21.08 86.38 -71.22
C GLY W 49 21.50 86.03 -72.64
N HIS W 50 22.58 86.63 -73.17
CA HIS W 50 23.21 86.34 -74.47
C HIS W 50 22.37 86.67 -75.69
N PHE W 51 21.11 87.03 -75.48
CA PHE W 51 20.11 87.24 -76.51
C PHE W 51 19.09 88.16 -75.91
N PRO W 52 18.45 88.99 -76.70
CA PRO W 52 17.26 89.66 -76.17
C PRO W 52 16.18 88.61 -76.01
N TYR W 53 16.03 88.14 -74.78
CA TYR W 53 14.93 87.27 -74.48
C TYR W 53 13.67 88.09 -74.61
N PRO W 54 12.78 87.78 -75.53
CA PRO W 54 11.70 88.69 -75.88
C PRO W 54 10.63 88.70 -74.80
N ASP W 55 9.62 89.51 -75.05
CA ASP W 55 8.36 89.54 -74.33
C ASP W 55 7.54 88.30 -74.67
N PRO W 56 6.32 88.14 -74.14
CA PRO W 56 5.36 87.27 -74.81
C PRO W 56 5.21 87.64 -76.28
N SER W 57 5.14 86.58 -77.11
CA SER W 57 5.80 86.46 -78.41
C SER W 57 5.84 87.71 -79.27
N GLN W 58 4.69 88.31 -79.51
CA GLN W 58 4.67 89.61 -80.17
C GLN W 58 3.77 90.62 -79.49
N TRP W 59 2.88 90.19 -78.58
CA TRP W 59 1.78 90.99 -78.04
C TRP W 59 0.91 91.59 -79.13
N THR W 60 0.78 90.90 -80.26
CA THR W 60 0.01 91.41 -81.40
C THR W 60 -1.19 90.50 -81.60
N ASP W 61 -2.37 91.02 -81.30
CA ASP W 61 -3.58 90.31 -81.66
C ASP W 61 -3.77 90.32 -83.16
N GLU W 62 -4.19 89.17 -83.69
CA GLU W 62 -4.48 88.80 -85.07
C GLU W 62 -3.29 88.93 -86.03
N GLU W 63 -2.13 89.28 -85.50
CA GLU W 63 -0.85 89.01 -86.15
C GLU W 63 -0.27 87.80 -85.45
N LEU W 64 -0.03 86.75 -86.23
CA LEU W 64 -0.14 85.30 -86.00
C LEU W 64 -1.59 84.85 -86.03
N GLY W 65 -2.57 85.76 -86.04
CA GLY W 65 -3.93 85.38 -86.35
C GLY W 65 -4.73 84.92 -85.16
N ILE W 66 -5.73 85.69 -84.76
CA ILE W 66 -6.80 85.15 -83.92
C ILE W 66 -8.12 85.51 -84.60
N PRO W 67 -8.72 84.60 -85.36
CA PRO W 67 -10.03 84.87 -85.93
C PRO W 67 -11.19 84.31 -85.12
N PRO W 68 -11.38 84.70 -83.84
CA PRO W 68 -12.77 84.92 -83.40
C PRO W 68 -13.17 86.38 -83.55
N ASP W 69 -14.40 86.70 -83.18
CA ASP W 69 -14.96 88.02 -83.40
C ASP W 69 -14.31 89.09 -82.51
N SER X 2 42.46 17.68 -19.20
CA SER X 2 41.33 17.21 -18.41
C SER X 2 40.43 18.36 -17.99
N HIS X 3 39.13 18.10 -17.97
CA HIS X 3 38.17 19.05 -17.43
C HIS X 3 36.97 18.30 -16.89
N ILE X 4 36.45 18.80 -15.76
CA ILE X 4 35.36 18.12 -15.08
C ILE X 4 34.09 18.26 -15.90
N THR X 5 33.26 17.22 -15.90
CA THR X 5 31.96 17.32 -16.52
C THR X 5 31.03 18.24 -15.71
N LYS X 6 31.29 18.38 -14.41
CA LYS X 6 30.42 19.13 -13.52
C LYS X 6 30.63 20.63 -13.55
N ASP X 7 31.56 21.15 -14.35
CA ASP X 7 31.60 22.58 -14.61
C ASP X 7 30.74 22.97 -15.79
N MET X 8 30.11 22.02 -16.44
CA MET X 8 29.07 22.33 -17.41
C MET X 8 27.76 22.58 -16.67
N LEU X 9 26.66 22.69 -17.39
CA LEU X 9 25.43 23.26 -16.84
C LEU X 9 24.15 22.53 -17.26
N PRO X 10 23.96 21.28 -16.81
CA PRO X 10 22.72 20.58 -17.11
C PRO X 10 21.58 21.09 -16.23
N GLY X 11 20.37 20.66 -16.59
CA GLY X 11 19.21 20.84 -15.77
C GLY X 11 18.74 22.27 -15.66
N PRO X 12 17.60 22.47 -15.03
CA PRO X 12 17.19 23.83 -14.65
C PRO X 12 17.57 24.16 -13.24
N TYR X 13 17.23 25.37 -12.87
CA TYR X 13 17.34 26.10 -11.62
C TYR X 13 16.58 25.66 -10.34
N PRO X 14 15.49 24.86 -10.36
CA PRO X 14 15.00 24.37 -9.07
C PRO X 14 15.92 23.29 -8.53
N LYS X 15 16.03 23.20 -7.20
CA LYS X 15 15.29 24.00 -6.21
C LYS X 15 16.08 25.22 -5.80
N THR X 16 15.60 25.92 -4.80
CA THR X 16 16.27 27.12 -4.30
C THR X 16 17.55 26.93 -3.46
N PRO X 17 17.78 25.83 -2.70
CA PRO X 17 19.14 25.67 -2.17
C PRO X 17 20.16 25.30 -3.24
N GLU X 18 19.84 24.24 -3.97
CA GLU X 18 20.78 23.47 -4.78
C GLU X 18 21.40 24.30 -5.87
N GLU X 19 20.56 24.70 -6.83
CA GLU X 19 21.09 25.34 -8.02
C GLU X 19 21.53 26.76 -7.72
N ARG X 20 20.96 27.39 -6.71
CA ARG X 20 21.36 28.76 -6.42
C ARG X 20 22.75 28.81 -5.80
N ALA X 21 23.00 27.96 -4.80
CA ALA X 21 24.35 27.86 -4.25
C ALA X 21 25.34 27.34 -5.30
N ALA X 22 24.89 26.41 -6.14
CA ALA X 22 25.76 25.84 -7.15
C ALA X 22 26.13 26.86 -8.23
N ALA X 23 25.15 27.64 -8.69
CA ALA X 23 25.41 28.61 -9.75
C ALA X 23 26.20 29.79 -9.23
N ALA X 24 26.03 30.12 -7.96
CA ALA X 24 26.89 31.14 -7.37
C ALA X 24 28.33 30.65 -7.27
N LYS X 25 28.53 29.40 -6.85
CA LYS X 25 29.89 28.90 -6.70
C LYS X 25 30.54 28.57 -8.04
N LYS X 26 29.75 28.37 -9.08
CA LYS X 26 30.28 27.92 -10.36
C LYS X 26 30.38 29.04 -11.39
N TYR X 27 29.53 30.05 -11.31
CA TYR X 27 29.59 31.15 -12.25
C TYR X 27 30.30 32.36 -11.69
N ASN X 28 30.81 32.28 -10.45
CA ASN X 28 31.53 33.35 -9.76
C ASN X 28 30.70 34.62 -9.72
N MET X 29 29.49 34.50 -9.20
CA MET X 29 28.61 35.64 -9.07
C MET X 29 28.01 35.69 -7.68
N ARG X 30 27.28 36.77 -7.44
CA ARG X 30 26.48 36.89 -6.24
C ARG X 30 25.36 35.87 -6.28
N VAL X 31 24.89 35.46 -5.10
CA VAL X 31 23.94 34.35 -5.04
C VAL X 31 22.59 34.75 -5.62
N GLU X 32 22.06 35.88 -5.18
CA GLU X 32 20.76 36.30 -5.67
C GLU X 32 20.83 36.87 -7.08
N ASP X 33 22.01 37.32 -7.51
CA ASP X 33 22.12 37.96 -8.81
C ASP X 33 22.34 36.98 -9.93
N TYR X 34 22.53 35.71 -9.61
CA TYR X 34 22.26 34.66 -10.57
C TYR X 34 20.76 34.62 -10.80
N GLU X 35 20.33 35.08 -11.95
CA GLU X 35 18.93 34.96 -12.32
C GLU X 35 18.83 34.14 -13.59
N PRO X 36 18.27 32.95 -13.51
CA PRO X 36 17.99 32.18 -14.73
C PRO X 36 16.84 32.75 -15.51
N TYR X 37 16.48 32.12 -16.61
CA TYR X 37 15.73 32.85 -17.61
C TYR X 37 14.26 33.22 -17.40
N PRO X 38 13.43 32.43 -16.71
CA PRO X 38 13.38 31.09 -16.15
C PRO X 38 12.96 30.09 -17.20
N ASP X 39 12.41 28.96 -16.77
CA ASP X 39 12.17 27.80 -17.63
C ASP X 39 11.03 28.13 -18.58
N ASP X 40 11.39 28.85 -19.64
CA ASP X 40 10.47 29.10 -20.74
C ASP X 40 10.33 27.88 -21.64
N GLY X 41 11.17 26.87 -21.43
CA GLY X 41 11.12 25.66 -22.23
C GLY X 41 11.90 25.73 -23.51
N MET X 42 12.55 26.84 -23.79
CA MET X 42 13.24 27.07 -25.05
C MET X 42 14.63 26.48 -25.07
N GLY X 43 14.93 25.51 -24.23
CA GLY X 43 16.29 25.10 -24.06
C GLY X 43 16.93 26.00 -23.04
N TYR X 44 18.00 26.71 -23.44
CA TYR X 44 18.63 27.80 -22.71
C TYR X 44 19.32 27.40 -21.41
N GLY X 45 19.18 26.14 -20.99
CA GLY X 45 19.86 25.61 -19.83
C GLY X 45 19.48 26.29 -18.53
N ASP X 46 20.46 26.42 -17.67
CA ASP X 46 20.35 27.13 -16.41
C ASP X 46 21.41 28.20 -16.30
N TYR X 47 21.59 28.86 -17.27
CA TYR X 47 22.56 29.90 -17.54
C TYR X 47 21.94 31.25 -17.18
N PRO X 48 22.70 32.25 -16.74
CA PRO X 48 22.08 33.43 -16.16
C PRO X 48 21.51 34.41 -17.18
N LYS X 49 20.62 35.26 -16.68
CA LYS X 49 20.13 36.43 -17.39
C LYS X 49 20.97 37.63 -16.98
N LEU X 50 21.40 38.41 -17.94
CA LEU X 50 22.23 39.59 -17.74
C LEU X 50 21.59 40.78 -18.42
N PRO X 51 21.94 42.03 -18.03
CA PRO X 51 21.24 43.20 -18.60
C PRO X 51 21.58 43.59 -20.05
N ASP X 52 22.28 42.73 -20.78
CA ASP X 52 22.20 42.62 -22.24
C ASP X 52 22.74 43.80 -23.04
N ARG X 53 23.36 44.82 -22.47
CA ARG X 53 23.79 45.93 -23.32
C ARG X 53 25.30 46.06 -23.38
N SER X 54 25.94 46.29 -22.25
CA SER X 54 27.21 45.67 -21.87
C SER X 54 28.47 45.95 -22.69
N GLN X 55 28.40 46.65 -23.82
CA GLN X 55 29.69 46.70 -24.50
C GLN X 55 30.14 48.10 -24.86
N GLN X 56 29.25 48.99 -25.28
CA GLN X 56 29.59 50.40 -25.32
C GLN X 56 29.37 51.07 -23.98
N GLU X 57 28.89 50.31 -23.01
CA GLU X 57 29.12 50.57 -21.60
C GLU X 57 30.47 49.98 -21.25
N ARG X 58 30.75 49.78 -19.96
CA ARG X 58 32.01 49.22 -19.46
C ARG X 58 33.20 50.09 -19.90
N ASP X 59 33.28 51.27 -19.26
CA ASP X 59 34.22 52.37 -19.44
C ASP X 59 35.63 51.90 -19.74
N PRO X 60 36.25 52.43 -20.79
CA PRO X 60 37.52 51.85 -21.28
C PRO X 60 38.70 52.09 -20.37
N TRP X 61 38.56 52.91 -19.33
CA TRP X 61 39.70 53.26 -18.51
C TRP X 61 39.88 52.34 -17.32
N TYR X 62 39.08 51.27 -17.21
CA TYR X 62 39.27 50.31 -16.11
C TYR X 62 40.50 49.45 -16.32
N ASP X 63 40.84 49.17 -17.58
CA ASP X 63 42.05 48.48 -18.00
C ASP X 63 42.10 47.04 -17.46
N TRP X 64 41.14 46.27 -17.94
CA TRP X 64 41.01 44.84 -17.69
C TRP X 64 41.96 44.05 -18.59
N ASP X 65 41.68 42.77 -18.81
CA ASP X 65 42.52 42.00 -19.72
C ASP X 65 42.25 42.29 -21.19
N HIS X 66 41.13 41.78 -21.74
CA HIS X 66 40.96 41.76 -23.19
C HIS X 66 40.56 43.14 -23.67
N PRO X 67 41.44 43.87 -24.34
CA PRO X 67 41.29 45.33 -24.41
C PRO X 67 40.15 45.79 -25.30
N ASP X 68 39.66 44.96 -26.20
CA ASP X 68 38.55 45.38 -27.04
C ASP X 68 37.29 44.58 -26.83
N LEU X 69 37.40 43.34 -26.36
CA LEU X 69 36.20 42.55 -26.09
C LEU X 69 35.47 43.01 -24.85
N ARG X 70 36.12 43.78 -23.98
CA ARG X 70 35.58 44.24 -22.69
C ARG X 70 35.23 43.05 -21.79
N LEU X 71 36.24 42.25 -21.49
CA LEU X 71 36.08 41.06 -20.66
C LEU X 71 36.96 41.14 -19.43
N ASN X 72 36.89 40.12 -18.59
CA ASN X 72 37.60 40.17 -17.32
C ASN X 72 38.22 38.84 -16.95
N TRP X 73 38.18 37.85 -17.85
CA TRP X 73 38.61 36.45 -17.79
C TRP X 73 37.70 35.57 -16.91
N GLY X 74 36.92 36.18 -16.03
CA GLY X 74 35.99 35.41 -15.23
C GLY X 74 34.70 36.16 -15.10
N GLU X 75 33.67 35.62 -15.68
CA GLU X 75 32.48 36.40 -15.95
C GLU X 75 31.45 35.39 -16.41
N PRO X 76 30.16 35.63 -16.20
CA PRO X 76 29.15 34.70 -16.72
C PRO X 76 29.08 34.60 -18.24
N MET X 77 29.78 35.46 -19.00
CA MET X 77 29.95 35.32 -20.46
C MET X 77 28.59 35.31 -21.15
N HIS X 78 27.99 36.52 -21.18
CA HIS X 78 26.63 36.79 -21.62
C HIS X 78 26.20 36.01 -22.85
N TRP X 79 24.94 35.55 -22.83
CA TRP X 79 24.49 34.52 -23.75
C TRP X 79 24.47 35.02 -25.18
N ASP X 80 24.05 36.25 -25.41
CA ASP X 80 24.04 36.80 -26.76
C ASP X 80 25.28 37.62 -27.04
N LEU X 81 26.45 37.18 -26.57
CA LEU X 81 27.64 38.02 -26.67
C LEU X 81 28.09 38.22 -28.10
N ASP X 82 27.83 37.23 -28.98
CA ASP X 82 28.15 37.36 -30.40
C ASP X 82 27.40 38.49 -31.07
N MET X 83 26.24 38.82 -30.54
CA MET X 83 25.41 39.87 -31.08
C MET X 83 25.76 41.23 -30.48
N TYR X 84 26.81 41.30 -29.66
CA TYR X 84 27.06 42.49 -28.88
C TYR X 84 28.45 43.08 -28.91
N ILE X 85 29.47 42.39 -29.45
CA ILE X 85 30.84 42.93 -29.45
C ILE X 85 30.87 44.23 -30.24
N ARG X 86 31.60 45.21 -29.71
CA ARG X 86 31.83 46.46 -30.44
C ARG X 86 32.39 46.16 -31.83
N ASN X 87 31.82 46.85 -32.82
CA ASN X 87 31.54 46.60 -34.25
C ASN X 87 30.19 45.95 -34.58
N ARG X 88 29.31 45.64 -33.64
CA ARG X 88 28.05 45.01 -34.04
C ARG X 88 26.82 45.86 -33.74
N VAL X 89 26.54 46.17 -32.47
CA VAL X 89 25.31 46.85 -32.09
C VAL X 89 25.66 47.88 -31.02
N ASP X 90 25.44 49.15 -31.32
CA ASP X 90 25.82 50.23 -30.41
C ASP X 90 24.59 50.61 -29.60
N THR X 91 24.49 50.05 -28.39
CA THR X 91 23.45 50.47 -27.44
C THR X 91 23.98 51.52 -26.49
N SER X 92 24.62 52.53 -27.02
CA SER X 92 24.89 53.70 -26.20
C SER X 92 23.60 54.49 -26.02
N PRO X 93 23.49 55.23 -24.93
CA PRO X 93 22.35 56.16 -24.79
C PRO X 93 22.40 57.27 -25.82
N THR X 94 21.37 57.32 -26.65
CA THR X 94 21.26 58.37 -27.65
C THR X 94 20.93 59.69 -26.99
N PRO X 95 21.41 60.81 -27.53
CA PRO X 95 21.26 62.10 -26.85
C PRO X 95 19.86 62.67 -26.84
N VAL X 96 18.84 62.02 -27.42
CA VAL X 96 17.52 62.61 -27.35
C VAL X 96 16.50 61.69 -26.69
N ASN X 97 16.11 60.60 -27.35
CA ASN X 97 15.11 59.63 -26.93
C ASN X 97 15.22 58.46 -27.88
N TRP X 98 14.23 57.60 -27.94
CA TRP X 98 14.14 56.67 -29.07
C TRP X 98 12.86 56.86 -29.86
N ASN X 99 11.73 57.02 -29.14
CA ASN X 99 10.45 57.32 -29.78
C ASN X 99 10.53 58.61 -30.57
N LEU X 100 11.20 59.62 -30.03
CA LEU X 100 11.25 60.92 -30.67
C LEU X 100 12.16 60.90 -31.89
N MET X 101 13.25 60.11 -31.83
CA MET X 101 14.08 59.82 -32.98
C MET X 101 13.26 59.27 -34.13
N CYS X 102 12.57 58.15 -33.89
CA CYS X 102 11.87 57.50 -34.99
C CYS X 102 10.67 58.30 -35.46
N LYS X 103 10.08 59.12 -34.57
CA LYS X 103 8.99 59.99 -35.02
C LYS X 103 9.49 61.05 -35.99
N HIS X 104 10.63 61.68 -35.70
CA HIS X 104 11.15 62.69 -36.63
C HIS X 104 11.59 62.07 -37.95
N LEU X 105 12.19 60.88 -37.89
CA LEU X 105 12.65 60.23 -39.10
C LEU X 105 11.48 59.87 -40.02
N PHE X 106 10.47 59.21 -39.46
CA PHE X 106 9.33 58.78 -40.27
C PHE X 106 8.54 59.96 -40.78
N GLY X 107 8.47 61.04 -39.98
CA GLY X 107 7.80 62.24 -40.44
C GLY X 107 8.49 62.89 -41.62
N PHE X 108 9.83 62.95 -41.59
CA PHE X 108 10.52 63.59 -42.71
C PHE X 108 10.46 62.74 -43.97
N VAL X 109 10.57 61.42 -43.83
CA VAL X 109 10.49 60.55 -45.00
C VAL X 109 9.10 60.60 -45.63
N ALA X 110 8.06 60.56 -44.79
CA ALA X 110 6.69 60.62 -45.30
C ALA X 110 6.40 61.98 -45.95
N PHE X 111 6.94 63.06 -45.37
CA PHE X 111 6.74 64.39 -45.93
C PHE X 111 7.39 64.52 -47.30
N MET X 112 8.62 64.01 -47.44
CA MET X 112 9.29 64.14 -48.74
C MET X 112 8.63 63.26 -49.79
N LEU X 113 8.14 62.08 -49.42
CA LEU X 113 7.47 61.26 -50.42
C LEU X 113 6.11 61.81 -50.80
N PHE X 114 5.41 62.43 -49.84
CA PHE X 114 4.15 63.09 -50.15
C PHE X 114 4.35 64.27 -51.09
N MET X 115 5.39 65.08 -50.84
CA MET X 115 5.62 66.21 -51.74
C MET X 115 6.19 65.76 -53.07
N PHE X 116 6.86 64.60 -53.11
CA PHE X 116 7.20 63.99 -54.38
C PHE X 116 5.97 63.63 -55.19
N TRP X 117 4.95 63.06 -54.54
CA TRP X 117 3.74 62.71 -55.28
C TRP X 117 3.00 63.94 -55.78
N VAL X 118 2.89 64.97 -54.93
CA VAL X 118 2.27 66.23 -55.33
C VAL X 118 3.06 66.89 -56.45
N GLY X 119 4.37 66.73 -56.45
CA GLY X 119 5.15 67.17 -57.59
C GLY X 119 4.92 66.33 -58.82
N GLU X 120 4.70 65.02 -58.65
CA GLU X 120 4.51 64.14 -59.79
C GLU X 120 3.23 64.45 -60.53
N THR X 121 2.16 64.80 -59.80
CA THR X 121 0.95 65.16 -60.51
C THR X 121 1.01 66.56 -61.12
N TYR X 122 1.95 67.41 -60.68
CA TYR X 122 1.99 68.82 -61.07
C TYR X 122 3.35 69.16 -61.66
N PRO X 123 3.56 68.97 -62.95
CA PRO X 123 4.87 69.21 -63.54
C PRO X 123 5.19 70.70 -63.71
N THR X 124 6.39 70.96 -64.21
CA THR X 124 6.82 72.24 -64.76
C THR X 124 6.81 72.17 -66.27
N TYR X 125 6.61 73.33 -66.88
CA TYR X 125 6.81 73.53 -68.30
C TYR X 125 6.98 75.01 -68.55
N GLN X 126 7.97 75.36 -69.32
CA GLN X 126 8.11 76.72 -69.79
C GLN X 126 7.25 76.88 -71.03
N PRO X 127 6.88 78.11 -71.42
CA PRO X 127 6.00 78.23 -72.58
C PRO X 127 6.74 77.90 -73.85
N VAL X 128 6.57 76.66 -74.29
CA VAL X 128 7.42 76.02 -75.28
C VAL X 128 6.52 75.16 -76.15
N GLY X 129 6.74 75.20 -77.46
CA GLY X 129 6.04 74.30 -78.36
C GLY X 129 6.67 72.94 -78.39
N PRO X 130 6.20 72.07 -79.28
CA PRO X 130 6.90 70.81 -79.51
C PRO X 130 8.18 71.05 -80.28
N LYS X 131 9.12 70.13 -80.11
CA LYS X 131 10.30 70.12 -80.99
C LYS X 131 9.84 69.70 -82.39
N GLN X 132 9.90 70.64 -83.33
CA GLN X 132 9.40 70.35 -84.67
C GLN X 132 10.39 69.47 -85.40
N TYR X 133 9.99 68.26 -85.68
CA TYR X 133 10.81 67.42 -86.52
C TYR X 133 10.21 67.33 -87.91
N PRO X 134 10.99 67.60 -88.95
CA PRO X 134 10.39 67.87 -90.26
C PRO X 134 9.90 66.65 -91.02
N TYR X 135 10.67 65.57 -91.03
CA TYR X 135 10.51 64.52 -92.02
C TYR X 135 9.53 63.47 -91.49
N ASN X 136 8.26 63.91 -91.43
CA ASN X 136 7.15 63.17 -90.82
C ASN X 136 7.47 62.71 -89.40
N ASN X 137 7.90 63.68 -88.59
CA ASN X 137 8.36 63.46 -87.20
C ASN X 137 9.52 62.48 -87.17
N LEU X 138 10.55 62.78 -87.95
CA LEU X 138 11.83 62.07 -87.99
C LEU X 138 11.62 60.61 -88.44
N TYR X 139 10.66 60.42 -89.32
CA TYR X 139 10.36 59.12 -89.87
C TYR X 139 11.45 58.73 -90.85
N LEU X 140 11.60 57.42 -91.05
CA LEU X 140 12.74 56.74 -91.66
C LEU X 140 14.06 56.96 -90.91
N GLU X 141 14.00 57.51 -89.71
CA GLU X 141 15.10 57.46 -88.77
C GLU X 141 14.63 57.05 -87.39
N ARG X 142 13.34 56.73 -87.26
CA ARG X 142 12.86 55.97 -86.13
C ARG X 142 13.09 54.49 -86.37
N GLY X 143 12.39 53.63 -85.63
CA GLY X 143 12.65 52.20 -85.63
C GLY X 143 12.54 51.49 -86.96
N GLY X 144 11.74 52.02 -87.90
CA GLY X 144 11.68 51.36 -89.19
C GLY X 144 10.60 51.82 -90.15
N ASP X 145 9.84 50.85 -90.68
CA ASP X 145 8.91 51.00 -91.79
C ASP X 145 9.62 51.60 -93.00
N PRO X 146 10.37 50.79 -93.76
CA PRO X 146 11.24 51.36 -94.82
C PRO X 146 10.45 51.95 -95.98
N ASN X 147 9.43 51.26 -96.47
CA ASN X 147 8.58 51.81 -97.51
C ASN X 147 7.11 51.47 -97.30
N LYS X 148 6.70 51.22 -96.06
CA LYS X 148 5.34 50.75 -95.86
C LYS X 148 4.34 51.89 -95.87
N GLU X 149 4.46 52.83 -94.93
CA GLU X 149 3.50 53.93 -94.83
C GLU X 149 4.20 55.24 -94.51
N PRO X 150 4.66 55.95 -95.53
CA PRO X 150 5.02 57.35 -95.31
C PRO X 150 3.78 58.18 -95.07
N GLU X 151 3.57 58.57 -93.82
CA GLU X 151 2.31 59.17 -93.40
C GLU X 151 2.50 60.68 -93.29
N PRO X 152 1.84 61.48 -94.14
CA PRO X 152 2.16 62.92 -94.22
C PRO X 152 1.81 63.72 -92.97
N VAL X 153 2.85 64.23 -92.31
CA VAL X 153 2.72 65.22 -91.26
C VAL X 153 3.91 66.17 -91.33
N VAL X 154 3.64 67.45 -91.59
CA VAL X 154 4.70 68.44 -91.73
C VAL X 154 4.39 69.61 -90.81
N HIS X 155 5.35 70.50 -90.69
CA HIS X 155 5.22 71.68 -89.87
C HIS X 155 4.94 72.89 -90.76
N TYR X 156 4.30 73.88 -90.20
CA TYR X 156 3.96 75.08 -90.94
C TYR X 156 4.66 76.28 -90.34
N GLU X 157 5.16 77.17 -91.19
CA GLU X 157 5.72 78.42 -90.73
C GLU X 157 4.65 79.28 -90.06
N ILE X 158 5.07 80.08 -89.09
CA ILE X 158 4.14 80.82 -88.26
C ILE X 158 4.16 82.30 -88.60
N PRO Y 22 41.05 10.43 -2.01
CA PRO Y 22 40.35 9.15 -1.83
C PRO Y 22 39.72 8.62 -3.12
N THR Y 23 39.96 9.30 -4.25
CA THR Y 23 39.41 8.88 -5.53
C THR Y 23 40.28 9.38 -6.66
N LEU Y 24 40.70 8.47 -7.53
CA LEU Y 24 41.58 8.85 -8.62
C LEU Y 24 41.09 8.38 -9.97
N ARG Y 25 40.50 7.18 -10.05
CA ARG Y 25 39.93 6.56 -11.25
C ARG Y 25 40.91 6.32 -12.38
N TRP Y 26 42.19 6.61 -12.19
CA TRP Y 26 43.10 6.64 -13.31
C TRP Y 26 44.49 6.25 -12.85
N GLN Y 27 45.37 6.09 -13.82
CA GLN Y 27 46.76 5.89 -13.51
C GLN Y 27 47.69 6.61 -14.49
N GLU Y 28 47.14 7.27 -15.51
CA GLU Y 28 47.99 7.85 -16.56
C GLU Y 28 48.49 9.23 -16.17
N ASP Y 29 49.46 9.70 -16.95
CA ASP Y 29 50.11 10.99 -16.73
C ASP Y 29 49.30 12.09 -17.40
N PRO Y 30 49.46 13.33 -16.97
CA PRO Y 30 48.92 14.45 -17.76
C PRO Y 30 49.73 14.61 -19.03
N GLU Y 31 49.13 14.23 -20.14
CA GLU Y 31 49.87 14.00 -21.36
C GLU Y 31 49.31 14.82 -22.51
N PRO Y 32 50.15 15.30 -23.44
CA PRO Y 32 51.60 15.21 -23.40
C PRO Y 32 52.25 16.54 -23.10
N GLU Y 33 53.57 16.58 -23.20
CA GLU Y 33 54.28 17.83 -23.32
C GLU Y 33 54.06 18.38 -24.72
N ASP Y 34 53.62 19.63 -24.80
CA ASP Y 34 53.20 20.21 -26.08
C ASP Y 34 54.44 20.63 -26.85
N GLU Y 35 55.06 19.66 -27.52
CA GLU Y 35 56.33 19.90 -28.19
C GLU Y 35 56.07 20.60 -29.52
N ASN Y 36 56.32 21.90 -29.56
CA ASN Y 36 56.51 22.56 -30.85
C ASN Y 36 57.81 22.07 -31.46
N LEU Y 37 57.79 21.82 -32.76
CA LEU Y 37 58.91 21.19 -33.44
C LEU Y 37 60.10 22.13 -33.57
N TYR Y 38 59.92 23.41 -33.30
CA TYR Y 38 61.01 24.38 -33.33
C TYR Y 38 61.88 24.24 -32.09
N GLU Y 39 62.81 25.20 -31.96
CA GLU Y 39 63.77 25.38 -30.87
C GLU Y 39 64.78 24.23 -30.79
N LYS Y 40 64.75 23.30 -31.74
CA LYS Y 40 65.69 22.18 -31.76
C LYS Y 40 66.26 21.98 -33.15
N ASN Y 41 65.53 22.39 -34.19
CA ASN Y 41 65.98 22.31 -35.56
C ASN Y 41 65.44 23.54 -36.28
N PRO Y 42 66.13 24.68 -36.16
CA PRO Y 42 65.52 25.95 -36.57
C PRO Y 42 65.47 26.16 -38.09
N ASP Y 43 66.08 25.28 -38.87
CA ASP Y 43 65.92 25.32 -40.32
C ASP Y 43 64.88 24.35 -40.83
N SER Y 44 64.14 23.68 -39.94
CA SER Y 44 63.27 22.60 -40.35
C SER Y 44 62.05 23.12 -41.11
N HIS Y 45 61.46 22.22 -41.86
CA HIS Y 45 60.17 22.44 -42.46
C HIS Y 45 59.14 21.87 -41.49
N GLY Y 46 57.89 21.67 -41.94
CA GLY Y 46 56.78 21.51 -41.02
C GLY Y 46 56.80 20.23 -40.20
N TYR Y 47 57.27 19.15 -40.78
CA TYR Y 47 57.10 17.85 -40.17
C TYR Y 47 58.42 17.40 -39.54
N ASP Y 48 58.45 16.14 -39.07
CA ASP Y 48 59.36 15.56 -38.07
C ASP Y 48 60.84 15.81 -38.28
N LYS Y 49 61.58 15.69 -37.19
CA LYS Y 49 62.86 16.38 -36.99
C LYS Y 49 64.04 15.80 -37.75
N ASP Y 50 63.85 14.73 -38.50
CA ASP Y 50 64.97 14.10 -39.19
C ASP Y 50 65.41 14.99 -40.36
N PRO Y 51 66.58 15.60 -40.31
CA PRO Y 51 66.88 16.72 -41.18
C PRO Y 51 67.26 16.34 -42.60
N ALA Y 52 67.48 15.06 -42.89
CA ALA Y 52 67.71 14.68 -44.27
C ALA Y 52 66.40 14.57 -45.03
N VAL Y 53 65.47 13.79 -44.49
CA VAL Y 53 64.20 13.56 -45.16
C VAL Y 53 63.34 14.80 -45.19
N ASP Y 54 63.61 15.78 -44.33
CA ASP Y 54 62.93 17.07 -44.42
C ASP Y 54 63.28 17.76 -45.74
N VAL Y 55 64.56 17.75 -46.08
CA VAL Y 55 65.02 18.27 -47.37
C VAL Y 55 64.46 17.43 -48.50
N TRP Y 56 64.36 16.11 -48.31
CA TRP Y 56 63.77 15.24 -49.33
C TRP Y 56 62.29 15.56 -49.56
N ASN Y 57 61.57 15.91 -48.51
CA ASN Y 57 60.16 16.19 -48.66
C ASN Y 57 59.93 17.51 -49.37
N MET Y 58 60.65 18.55 -48.96
CA MET Y 58 60.54 19.84 -49.65
C MET Y 58 60.94 19.71 -51.11
N ARG Y 59 61.97 18.90 -51.37
CA ARG Y 59 62.37 18.52 -52.72
C ARG Y 59 61.21 17.90 -53.50
N VAL Y 60 60.58 16.86 -52.95
CA VAL Y 60 59.66 16.09 -53.76
C VAL Y 60 58.37 16.85 -54.01
N VAL Y 61 57.92 17.68 -53.05
CA VAL Y 61 56.70 18.42 -53.34
C VAL Y 61 57.01 19.62 -54.24
N PHE Y 62 58.09 20.35 -54.00
CA PHE Y 62 58.35 21.55 -54.77
C PHE Y 62 59.08 21.26 -56.07
N PHE Y 63 59.27 20.01 -56.43
CA PHE Y 63 59.53 19.70 -57.82
C PHE Y 63 58.37 18.91 -58.43
N PHE Y 64 58.05 17.74 -57.88
CA PHE Y 64 57.03 16.87 -58.46
C PHE Y 64 55.64 17.22 -58.02
N GLY Y 65 55.37 18.48 -57.67
CA GLY Y 65 54.03 18.94 -57.48
C GLY Y 65 53.75 20.18 -58.30
N PHE Y 66 54.80 20.94 -58.60
CA PHE Y 66 54.68 22.20 -59.32
C PHE Y 66 55.40 22.14 -60.66
N SER Y 67 56.68 21.83 -60.64
CA SER Y 67 57.55 21.98 -61.78
C SER Y 67 57.35 20.90 -62.84
N ILE Y 68 56.58 19.86 -62.55
CA ILE Y 68 56.38 18.82 -63.54
C ILE Y 68 54.91 18.45 -63.57
N VAL Y 69 54.15 18.95 -62.61
CA VAL Y 69 52.73 18.66 -62.50
C VAL Y 69 51.90 19.85 -62.90
N LEU Y 70 52.06 20.96 -62.18
CA LEU Y 70 51.22 22.13 -62.37
C LEU Y 70 51.51 22.79 -63.71
N VAL Y 71 52.80 23.02 -64.00
CA VAL Y 71 53.15 23.71 -65.23
C VAL Y 71 52.91 22.81 -66.44
N LEU Y 72 53.12 21.50 -66.31
CA LEU Y 72 52.87 20.60 -67.43
C LEU Y 72 51.39 20.41 -67.66
N GLY Y 73 50.60 20.34 -66.59
CA GLY Y 73 49.16 20.33 -66.75
C GLY Y 73 48.64 21.62 -67.35
N SER Y 74 49.30 22.74 -67.04
CA SER Y 74 48.92 24.02 -67.63
C SER Y 74 49.22 24.05 -69.12
N THR Y 75 50.35 23.49 -69.55
CA THR Y 75 50.57 23.41 -70.99
C THR Y 75 49.65 22.39 -71.64
N PHE Y 76 49.30 21.33 -70.93
CA PHE Y 76 48.53 20.26 -71.53
C PHE Y 76 47.07 20.64 -71.71
N VAL Y 77 46.53 21.45 -70.80
CA VAL Y 77 45.19 22.00 -71.02
C VAL Y 77 45.24 23.35 -71.71
N ALA Y 78 46.42 23.91 -71.91
CA ALA Y 78 46.55 25.16 -72.65
C ALA Y 78 46.10 24.97 -74.09
N TYR Y 79 46.77 24.09 -74.79
CA TYR Y 79 46.31 23.59 -76.08
C TYR Y 79 46.12 22.10 -75.99
N LEU Y 80 45.13 21.61 -76.70
CA LEU Y 80 44.68 20.23 -76.75
C LEU Y 80 43.81 20.28 -78.01
N PRO Y 81 43.11 19.19 -78.45
CA PRO Y 81 42.17 19.36 -79.57
C PRO Y 81 41.05 20.37 -79.38
N ASP Y 82 40.22 20.54 -80.40
CA ASP Y 82 39.04 21.40 -80.27
C ASP Y 82 38.10 20.74 -79.27
N TYR Y 83 38.19 21.20 -78.03
CA TYR Y 83 37.54 20.55 -76.92
C TYR Y 83 36.04 20.71 -77.06
N ARG Y 84 35.35 19.57 -77.18
CA ARG Y 84 33.94 19.46 -77.54
C ARG Y 84 33.70 20.09 -78.92
N MET Y 85 34.67 19.89 -79.84
CA MET Y 85 34.54 20.15 -81.27
C MET Y 85 34.16 21.60 -81.57
N GLN Y 86 35.10 22.50 -81.29
CA GLN Y 86 34.80 23.92 -81.38
C GLN Y 86 35.18 24.53 -82.72
N GLU Y 87 36.46 24.50 -83.06
CA GLU Y 87 36.93 25.19 -84.24
C GLU Y 87 36.49 24.49 -85.51
N TRP Y 88 36.26 23.19 -85.43
CA TRP Y 88 35.52 22.47 -86.46
C TRP Y 88 34.19 23.13 -86.72
N ALA Y 89 33.45 23.43 -85.65
CA ALA Y 89 32.12 24.00 -85.80
C ALA Y 89 32.18 25.42 -86.34
N ARG Y 90 33.24 26.15 -86.01
CA ARG Y 90 33.46 27.46 -86.62
C ARG Y 90 33.59 27.34 -88.13
N ARG Y 91 34.48 26.46 -88.59
CA ARG Y 91 34.74 26.36 -90.01
C ARG Y 91 33.56 25.74 -90.77
N GLU Y 92 32.85 24.82 -90.12
CA GLU Y 92 31.66 24.23 -90.74
C GLU Y 92 30.55 25.25 -90.85
N ALA Y 93 30.39 26.10 -89.84
CA ALA Y 93 29.38 27.15 -89.91
C ALA Y 93 29.72 28.17 -90.97
N GLU Y 94 31.01 28.49 -91.14
CA GLU Y 94 31.40 29.44 -92.17
C GLU Y 94 31.09 28.90 -93.56
N ARG Y 95 31.43 27.63 -93.80
CA ARG Y 95 31.15 27.03 -95.11
C ARG Y 95 29.66 26.96 -95.37
N LEU Y 96 28.88 26.58 -94.36
CA LEU Y 96 27.45 26.42 -94.60
C LEU Y 96 26.75 27.77 -94.76
N VAL Y 97 27.23 28.82 -94.09
CA VAL Y 97 26.56 30.10 -94.26
C VAL Y 97 26.96 30.74 -95.59
N LYS Y 98 28.21 30.53 -96.05
CA LYS Y 98 28.58 30.96 -97.39
C LYS Y 98 27.73 30.24 -98.44
N TYR Y 99 27.50 28.95 -98.24
CA TYR Y 99 26.66 28.16 -99.14
C TYR Y 99 25.22 28.68 -99.15
N ARG Y 100 24.64 28.91 -97.96
CA ARG Y 100 23.25 29.29 -97.86
C ARG Y 100 22.97 30.68 -98.38
N GLU Y 101 23.91 31.61 -98.22
CA GLU Y 101 23.68 32.92 -98.78
C GLU Y 101 24.15 33.04 -100.22
N ALA Y 102 24.93 32.09 -100.73
CA ALA Y 102 25.21 32.09 -102.15
C ALA Y 102 24.04 31.54 -102.94
N HIS Y 103 23.56 30.35 -102.59
CA HIS Y 103 22.62 29.64 -103.43
C HIS Y 103 21.16 30.02 -103.17
N GLY Y 104 20.91 31.22 -102.65
CA GLY Y 104 19.58 31.77 -102.56
C GLY Y 104 18.68 31.20 -101.49
N LEU Y 105 19.09 30.15 -100.82
CA LEU Y 105 18.19 29.45 -99.91
C LEU Y 105 18.13 30.19 -98.57
N PRO Y 106 17.04 30.03 -97.80
CA PRO Y 106 16.95 30.77 -96.54
C PRO Y 106 17.85 30.17 -95.48
N LEU Y 107 18.60 31.03 -94.79
CA LEU Y 107 19.53 30.56 -93.78
C LEU Y 107 18.77 30.08 -92.55
N MET Y 108 19.08 28.85 -92.15
CA MET Y 108 18.39 28.12 -91.07
C MET Y 108 16.89 28.05 -91.32
N GLU Y 109 16.56 27.26 -92.35
CA GLU Y 109 15.19 26.85 -92.57
C GLU Y 109 14.64 26.15 -91.32
N SER Y 110 13.38 26.45 -90.99
CA SER Y 110 12.69 25.74 -89.93
C SER Y 110 12.37 24.32 -90.35
N ASN Y 111 11.71 23.58 -89.45
CA ASN Y 111 11.25 22.20 -89.68
C ASN Y 111 12.42 21.29 -90.05
N CYS Y 112 13.28 21.05 -89.05
CA CYS Y 112 14.56 20.35 -89.25
C CYS Y 112 14.38 18.95 -89.82
N PHE Y 113 13.24 18.33 -89.57
CA PHE Y 113 12.85 17.15 -90.32
C PHE Y 113 11.79 17.55 -91.32
N ASP Y 114 11.85 16.94 -92.49
CA ASP Y 114 10.92 17.24 -93.55
C ASP Y 114 9.52 16.76 -93.17
N PRO Y 115 8.51 17.63 -93.20
CA PRO Y 115 7.13 17.17 -92.97
C PRO Y 115 6.55 16.30 -94.08
N SER Y 116 7.26 16.06 -95.17
CA SER Y 116 6.82 15.01 -96.08
C SER Y 116 7.02 13.64 -95.46
N LYS Y 117 7.99 13.50 -94.55
CA LYS Y 117 8.20 12.26 -93.81
C LYS Y 117 7.52 12.35 -92.45
N ILE Y 118 6.19 12.49 -92.46
CA ILE Y 118 5.40 12.42 -91.25
C ILE Y 118 4.05 11.83 -91.62
N GLN Y 119 3.43 11.15 -90.65
CA GLN Y 119 2.04 10.69 -90.77
C GLN Y 119 1.37 11.06 -89.47
N LEU Y 120 0.84 12.26 -89.41
CA LEU Y 120 0.19 12.75 -88.21
C LEU Y 120 -1.13 12.02 -87.99
N PRO Y 121 -1.52 11.83 -86.73
CA PRO Y 121 -2.87 11.33 -86.47
C PRO Y 121 -3.91 12.36 -86.87
N GLU Y 122 -5.03 11.87 -87.37
CA GLU Y 122 -6.08 12.72 -87.91
C GLU Y 122 -7.36 12.52 -87.10
N ASP Y 123 -8.43 13.16 -87.55
CA ASP Y 123 -9.74 12.97 -86.92
C ASP Y 123 -10.72 12.45 -87.97
N LYS Z 1 70.01 -21.17 -27.26
CA LYS Z 1 70.51 -19.81 -27.37
C LYS Z 1 69.39 -18.82 -27.03
N PHE Z 2 69.53 -18.16 -25.87
CA PHE Z 2 68.75 -17.04 -25.37
C PHE Z 2 67.35 -17.45 -24.89
N TYR Z 3 66.92 -18.68 -25.16
CA TYR Z 3 65.60 -19.13 -24.76
C TYR Z 3 65.72 -20.12 -23.61
N ILE Z 4 64.82 -20.00 -22.65
CA ILE Z 4 64.86 -20.79 -21.43
C ILE Z 4 63.67 -21.72 -21.42
N GLN Z 5 63.94 -23.02 -21.56
CA GLN Z 5 63.16 -24.18 -21.17
C GLN Z 5 61.82 -24.35 -21.89
N GLU Z 6 61.44 -23.41 -22.75
CA GLU Z 6 60.19 -23.51 -23.51
C GLU Z 6 60.29 -22.89 -24.89
N PRO Z 7 60.91 -23.58 -25.84
CA PRO Z 7 60.43 -23.47 -27.23
C PRO Z 7 59.32 -24.48 -27.48
N PRO Z 8 58.05 -24.04 -27.53
CA PRO Z 8 56.96 -25.01 -27.70
C PRO Z 8 56.87 -25.54 -29.12
N HIS Z 9 57.12 -24.69 -30.10
CA HIS Z 9 57.45 -25.12 -31.45
C HIS Z 9 58.39 -24.07 -32.02
N GLY Z 10 58.53 -24.03 -33.34
CA GLY Z 10 59.53 -23.25 -33.98
C GLY Z 10 60.78 -24.03 -34.29
N SER Z 11 61.04 -25.07 -33.52
CA SER Z 11 61.95 -26.12 -33.97
C SER Z 11 61.21 -26.89 -35.05
N PRO Z 12 61.60 -26.76 -36.32
CA PRO Z 12 60.69 -27.14 -37.42
C PRO Z 12 60.55 -28.64 -37.56
N ASN Z 13 59.31 -29.12 -37.49
CA ASN Z 13 59.06 -30.49 -37.88
C ASN Z 13 59.23 -30.64 -39.38
N TRP Z 14 59.53 -31.84 -39.81
CA TRP Z 14 59.78 -32.06 -41.22
C TRP Z 14 58.82 -33.06 -41.85
N LEU Z 15 57.91 -33.64 -41.07
CA LEU Z 15 56.84 -34.42 -41.65
C LEU Z 15 55.85 -33.50 -42.36
N LYS Z 16 55.37 -32.48 -41.66
CA LYS Z 16 54.22 -31.74 -42.14
C LYS Z 16 54.58 -30.83 -43.29
N VAL Z 17 55.79 -30.25 -43.27
CA VAL Z 17 56.17 -29.31 -44.32
C VAL Z 17 56.39 -30.03 -45.65
N GLY Z 18 57.02 -31.22 -45.59
CA GLY Z 18 57.17 -32.02 -46.78
C GLY Z 18 55.85 -32.56 -47.27
N LEU Z 19 54.94 -32.87 -46.35
CA LEU Z 19 53.62 -33.33 -46.74
C LEU Z 19 52.84 -32.23 -47.45
N THR Z 20 52.92 -30.99 -46.94
CA THR Z 20 52.22 -29.86 -47.56
C THR Z 20 52.76 -29.56 -48.94
N LEU Z 21 54.09 -29.50 -49.06
CA LEU Z 21 54.69 -29.22 -50.36
C LEU Z 21 54.39 -30.33 -51.37
N GLY Z 22 54.39 -31.59 -50.92
CA GLY Z 22 54.09 -32.68 -51.83
C GLY Z 22 52.65 -32.70 -52.28
N THR Z 23 51.71 -32.51 -51.35
CA THR Z 23 50.31 -32.53 -51.74
C THR Z 23 49.94 -31.32 -52.57
N SER Z 24 50.65 -30.20 -52.37
CA SER Z 24 50.32 -29.01 -53.14
C SER Z 24 50.86 -29.09 -54.55
N ALA Z 25 52.11 -29.58 -54.71
CA ALA Z 25 52.66 -29.79 -56.04
C ALA Z 25 51.87 -30.85 -56.79
N PHE Z 26 51.43 -31.89 -56.08
CA PHE Z 26 50.59 -32.92 -56.69
C PHE Z 26 49.26 -32.34 -57.14
N LEU Z 27 48.69 -31.45 -56.35
CA LEU Z 27 47.40 -30.86 -56.69
C LEU Z 27 47.53 -29.96 -57.92
N TRP Z 28 48.66 -29.23 -58.03
CA TRP Z 28 48.92 -28.44 -59.22
C TRP Z 28 49.06 -29.30 -60.47
N ILE Z 29 49.84 -30.39 -60.37
CA ILE Z 29 50.06 -31.25 -61.53
C ILE Z 29 48.76 -31.93 -61.96
N TYR Z 30 47.92 -32.27 -61.00
CA TYR Z 30 46.62 -32.84 -61.33
C TYR Z 30 45.72 -31.84 -62.02
N LEU Z 31 45.71 -30.58 -61.59
CA LEU Z 31 44.81 -29.63 -62.25
C LEU Z 31 45.33 -29.25 -63.64
N ILE Z 32 46.64 -29.20 -63.83
CA ILE Z 32 47.17 -28.89 -65.16
C ILE Z 32 46.89 -30.04 -66.12
N LYS Z 33 47.06 -31.28 -65.65
CA LYS Z 33 46.70 -32.45 -66.44
C LYS Z 33 45.21 -32.44 -66.78
N GLN Z 34 44.38 -32.05 -65.81
CA GLN Z 34 42.94 -31.93 -66.03
C GLN Z 34 42.62 -30.89 -67.08
N HIS Z 35 43.30 -29.76 -67.05
CA HIS Z 35 43.02 -28.70 -67.99
C HIS Z 35 43.45 -29.07 -69.41
N ASN Z 36 44.57 -29.78 -69.53
CA ASN Z 36 45.00 -30.26 -70.84
C ASN Z 36 44.03 -31.28 -71.40
N GLU Z 37 43.56 -32.20 -70.55
CA GLU Z 37 42.56 -33.17 -70.98
C GLU Z 37 41.26 -32.50 -71.39
N ASP Z 38 40.88 -31.42 -70.70
CA ASP Z 38 39.66 -30.72 -71.07
C ASP Z 38 39.78 -30.01 -72.40
N VAL Z 39 40.93 -29.38 -72.66
CA VAL Z 39 41.14 -28.71 -73.94
C VAL Z 39 41.12 -29.73 -75.08
N LEU Z 40 41.78 -30.88 -74.89
CA LEU Z 40 41.83 -31.84 -75.98
C LEU Z 40 40.49 -32.55 -76.15
N GLU Z 41 39.75 -32.76 -75.07
CA GLU Z 41 38.39 -33.28 -75.17
C GLU Z 41 37.49 -32.30 -75.89
N TYR Z 42 37.71 -31.01 -75.67
CA TYR Z 42 36.89 -29.99 -76.33
C TYR Z 42 37.16 -29.91 -77.82
N LYS Z 43 38.44 -29.93 -78.21
CA LYS Z 43 38.74 -29.90 -79.64
C LYS Z 43 38.50 -31.24 -80.31
N ARG Z 44 38.36 -32.33 -79.55
CA ARG Z 44 37.94 -33.59 -80.13
C ARG Z 44 36.44 -33.59 -80.39
N ARG Z 45 35.66 -33.09 -79.43
CA ARG Z 45 34.21 -33.05 -79.60
C ARG Z 45 33.82 -32.03 -80.67
N ASN Z 46 34.53 -30.92 -80.74
CA ASN Z 46 34.24 -29.94 -81.78
C ASN Z 46 35.48 -29.56 -82.56
N VAL AA 6 70.50 0.39 -61.23
CA VAL AA 6 70.22 1.24 -60.08
C VAL AA 6 68.85 0.86 -59.52
N VAL AA 7 68.12 0.04 -60.29
CA VAL AA 7 66.76 -0.31 -59.95
C VAL AA 7 66.73 -1.24 -58.74
N ARG AA 8 67.67 -2.20 -58.69
CA ARG AA 8 67.78 -3.10 -57.54
C ARG AA 8 68.17 -2.37 -56.26
N ASP AA 9 68.82 -1.21 -56.37
CA ASP AA 9 69.24 -0.45 -55.20
C ASP AA 9 68.04 0.12 -54.45
N HIS AA 10 67.31 1.03 -55.07
CA HIS AA 10 66.02 1.48 -54.54
C HIS AA 10 64.95 1.14 -55.57
N TRP AA 11 64.13 0.15 -55.22
CA TRP AA 11 63.17 -0.47 -56.11
C TRP AA 11 61.74 -0.12 -55.77
N ILE AA 12 61.53 0.66 -54.72
CA ILE AA 12 60.20 1.09 -54.32
C ILE AA 12 59.62 2.03 -55.36
N HIS AA 13 60.46 2.84 -56.00
CA HIS AA 13 60.02 3.88 -56.90
C HIS AA 13 59.83 3.38 -58.33
N VAL AA 14 59.52 2.11 -58.51
CA VAL AA 14 59.24 1.56 -59.83
C VAL AA 14 57.84 0.98 -59.92
N LEU AA 15 57.12 0.89 -58.81
CA LEU AA 15 55.95 0.01 -58.75
C LEU AA 15 54.77 0.58 -59.53
N VAL AA 16 54.45 1.84 -59.32
CA VAL AA 16 53.33 2.44 -60.05
C VAL AA 16 53.57 2.69 -61.55
N PRO AA 17 54.79 2.91 -62.08
CA PRO AA 17 54.90 2.82 -63.54
C PRO AA 17 54.70 1.43 -64.08
N VAL AA 18 55.10 0.40 -63.32
CA VAL AA 18 54.79 -0.98 -63.72
C VAL AA 18 53.29 -1.20 -63.73
N GLY AA 19 52.60 -0.68 -62.72
CA GLY AA 19 51.15 -0.80 -62.67
C GLY AA 19 50.47 -0.05 -63.81
N PHE AA 20 50.95 1.14 -64.14
CA PHE AA 20 50.33 1.90 -65.21
C PHE AA 20 50.61 1.30 -66.59
N VAL AA 21 51.85 0.87 -66.85
CA VAL AA 21 52.14 0.28 -68.15
C VAL AA 21 51.42 -1.06 -68.31
N PHE AA 22 51.26 -1.81 -67.22
CA PHE AA 22 50.47 -3.05 -67.29
C PHE AA 22 49.00 -2.76 -67.54
N GLY AA 23 48.46 -1.72 -66.90
CA GLY AA 23 47.09 -1.33 -67.18
C GLY AA 23 46.89 -0.80 -68.58
N TYR AA 24 47.90 -0.13 -69.11
CA TYR AA 24 47.85 0.36 -70.48
C TYR AA 24 47.80 -0.79 -71.46
N TYR AA 25 48.67 -1.79 -71.25
CA TYR AA 25 48.64 -2.98 -72.09
C TYR AA 25 47.34 -3.75 -71.94
N LEU AA 26 46.73 -3.71 -70.75
CA LEU AA 26 45.52 -4.47 -70.55
C LEU AA 26 44.33 -3.78 -71.21
N ASP AA 27 44.34 -2.44 -71.24
CA ASP AA 27 43.38 -1.72 -72.07
C ASP AA 27 43.60 -2.01 -73.56
N ARG AA 28 44.86 -2.15 -73.97
CA ARG AA 28 45.14 -2.49 -75.37
C ARG AA 28 44.58 -3.86 -75.73
N LYS AA 29 44.79 -4.84 -74.86
CA LYS AA 29 44.25 -6.19 -75.09
C LYS AA 29 42.73 -6.18 -75.10
N ASN AA 30 42.11 -5.39 -74.23
CA ASN AA 30 40.66 -5.31 -74.21
C ASN AA 30 40.11 -4.62 -75.45
N ASP AA 31 40.82 -3.62 -75.97
CA ASP AA 31 40.39 -2.97 -77.20
C ASP AA 31 40.57 -3.89 -78.40
N GLU AA 32 41.59 -4.74 -78.36
CA GLU AA 32 41.70 -5.78 -79.38
C GLU AA 32 40.58 -6.82 -79.26
N LYS AA 33 40.03 -6.98 -78.06
CA LYS AA 33 38.92 -7.91 -77.87
C LYS AA 33 37.60 -7.33 -78.36
N LEU AA 34 37.33 -6.07 -78.05
CA LEU AA 34 36.00 -5.51 -78.24
C LEU AA 34 35.71 -5.12 -79.69
N ALA AA 35 36.73 -5.03 -80.52
CA ALA AA 35 36.62 -4.38 -81.83
C ALA AA 35 35.93 -5.28 -82.85
N ALA AA 36 34.60 -5.25 -82.84
CA ALA AA 36 33.82 -5.58 -84.01
C ALA AA 36 33.40 -4.27 -84.67
N PHE AA 37 32.60 -4.38 -85.73
CA PHE AA 37 32.19 -3.26 -86.57
C PHE AA 37 33.41 -2.49 -87.09
N ARG AA 38 34.33 -3.22 -87.73
CA ARG AA 38 35.62 -2.63 -88.09
C ARG AA 38 35.49 -1.62 -89.21
N ASN AA 39 34.59 -1.87 -90.15
CA ASN AA 39 34.22 -0.90 -91.18
C ASN AA 39 32.72 -0.83 -91.34
N LYS AA 40 31.98 -1.49 -90.47
CA LYS AA 40 30.53 -1.66 -90.60
C LYS AA 40 29.74 -0.43 -90.21
N SER AA 41 30.41 0.64 -89.77
CA SER AA 41 29.71 1.89 -89.55
C SER AA 41 29.26 2.49 -90.87
N LEU AA 42 28.10 3.13 -90.86
CA LEU AA 42 27.63 3.90 -92.00
C LEU AA 42 28.22 5.29 -92.05
N LEU AA 43 29.19 5.58 -91.22
CA LEU AA 43 29.78 6.91 -91.12
C LEU AA 43 31.27 6.92 -91.41
N TYR AA 44 32.01 5.96 -90.89
CA TYR AA 44 33.43 5.82 -91.14
C TYR AA 44 33.64 4.56 -91.96
N LYS AA 45 33.37 4.67 -93.26
CA LYS AA 45 33.34 3.51 -94.14
C LYS AA 45 34.14 3.87 -95.39
N ARG AA 46 35.44 3.58 -95.35
CA ARG AA 46 36.30 3.87 -96.48
C ARG AA 46 36.99 2.59 -96.94
N GLU AA 47 37.50 2.62 -98.18
CA GLU AA 47 38.24 1.50 -98.71
C GLU AA 47 39.63 1.48 -98.09
N LEU AA 48 39.96 0.35 -97.47
CA LEU AA 48 41.26 0.21 -96.83
C LEU AA 48 42.35 0.14 -97.89
N LYS AA 49 43.38 0.93 -97.71
CA LYS AA 49 44.48 1.01 -98.68
C LYS AA 49 45.70 1.57 -97.98
N PRO AA 50 46.90 1.27 -98.46
CA PRO AA 50 47.21 0.19 -99.39
C PRO AA 50 48.13 -0.89 -98.83
N ASN AA 51 48.63 -0.71 -97.60
CA ASN AA 51 49.82 -1.46 -97.20
C ASN AA 51 49.47 -2.89 -96.79
N GLU AA 52 48.81 -3.04 -95.63
CA GLU AA 52 48.47 -4.37 -95.11
C GLU AA 52 47.23 -4.26 -94.22
N GLU AA 53 46.06 -4.55 -94.81
CA GLU AA 53 45.03 -5.35 -94.16
C GLU AA 53 44.31 -4.75 -92.95
N VAL AA 54 44.74 -3.59 -92.45
CA VAL AA 54 44.11 -3.03 -91.27
C VAL AA 54 44.22 -1.51 -91.35
N THR AA 55 43.18 -0.83 -90.86
CA THR AA 55 43.08 0.61 -90.95
C THR AA 55 43.01 1.30 -89.60
N TRP AA 56 42.63 0.60 -88.54
CA TRP AA 56 42.61 1.19 -87.21
C TRP AA 56 42.70 0.06 -86.21
N LYS AA 57 43.19 0.37 -85.02
CA LYS AA 57 43.34 -0.66 -84.01
C LYS AA 57 43.42 -0.07 -82.61
N MET BA 1 5.19 -88.63 9.01
CA MET BA 1 5.51 -88.48 7.60
C MET BA 1 4.49 -87.58 6.91
N TRP BA 2 4.30 -87.79 5.62
CA TRP BA 2 3.30 -87.13 4.79
C TRP BA 2 1.89 -87.64 5.01
N PHE BA 3 1.68 -88.52 5.98
CA PHE BA 3 0.43 -89.25 6.15
C PHE BA 3 -0.74 -88.33 6.48
N GLU BA 4 -0.47 -87.11 6.95
CA GLU BA 4 -1.52 -86.15 7.23
C GLU BA 4 -1.44 -84.93 6.31
N VAL BA 5 -0.67 -84.98 5.22
CA VAL BA 5 -0.60 -83.85 4.30
C VAL BA 5 -1.24 -84.19 2.96
N LEU BA 6 -1.32 -85.46 2.59
CA LEU BA 6 -2.10 -85.86 1.42
C LEU BA 6 -3.61 -85.57 1.48
N PRO BA 7 -4.29 -85.42 2.64
CA PRO BA 7 -5.66 -84.88 2.55
C PRO BA 7 -5.76 -83.49 1.96
N GLY BA 8 -4.97 -82.54 2.45
CA GLY BA 8 -5.03 -81.19 1.91
C GLY BA 8 -4.57 -81.12 0.48
N ILE BA 9 -3.52 -81.88 0.15
CA ILE BA 9 -3.01 -81.91 -1.22
C ILE BA 9 -4.01 -82.56 -2.15
N ALA BA 10 -4.71 -83.61 -1.68
CA ALA BA 10 -5.71 -84.26 -2.53
C ALA BA 10 -6.91 -83.37 -2.76
N VAL BA 11 -7.39 -82.67 -1.73
CA VAL BA 11 -8.53 -81.79 -1.88
C VAL BA 11 -8.18 -80.60 -2.77
N MET BA 12 -6.96 -80.07 -2.62
CA MET BA 12 -6.56 -78.96 -3.46
C MET BA 12 -6.27 -79.42 -4.88
N GLY BA 13 -5.86 -80.67 -5.06
CA GLY BA 13 -5.70 -81.20 -6.40
C GLY BA 13 -7.02 -81.42 -7.11
N VAL BA 14 -8.07 -81.75 -6.35
CA VAL BA 14 -9.40 -81.76 -6.95
C VAL BA 14 -9.85 -80.33 -7.27
N CYS BA 15 -9.56 -79.39 -6.37
CA CYS BA 15 -9.97 -78.01 -6.56
C CYS BA 15 -9.23 -77.31 -7.70
N LEU BA 16 -8.07 -77.83 -8.11
CA LEU BA 16 -7.44 -77.37 -9.34
C LEU BA 16 -7.88 -78.17 -10.56
N PHE BA 17 -8.37 -79.39 -10.35
CA PHE BA 17 -8.82 -80.22 -11.46
C PHE BA 17 -10.12 -79.70 -12.04
N ILE BA 18 -10.98 -79.15 -11.20
CA ILE BA 18 -12.37 -78.88 -11.55
C ILE BA 18 -12.63 -77.85 -12.66
N PRO BA 19 -11.88 -76.75 -12.87
CA PRO BA 19 -12.33 -75.83 -13.93
C PRO BA 19 -12.08 -76.34 -15.33
N GLY BA 20 -10.98 -77.07 -15.55
CA GLY BA 20 -10.73 -77.62 -16.87
C GLY BA 20 -11.69 -78.73 -17.23
N MET BA 21 -11.99 -79.62 -16.27
CA MET BA 21 -12.93 -80.69 -16.54
C MET BA 21 -14.34 -80.16 -16.72
N ALA BA 22 -14.73 -79.16 -15.93
CA ALA BA 22 -16.04 -78.55 -16.11
C ALA BA 22 -16.12 -77.78 -17.42
N THR BA 23 -15.02 -77.17 -17.85
CA THR BA 23 -15.02 -76.44 -19.11
C THR BA 23 -15.15 -77.39 -20.29
N ALA BA 24 -14.47 -78.54 -20.24
CA ALA BA 24 -14.60 -79.51 -21.32
C ALA BA 24 -15.99 -80.14 -21.33
N ARG BA 25 -16.54 -80.38 -20.14
CA ARG BA 25 -17.92 -80.84 -20.02
C ARG BA 25 -18.89 -79.86 -20.66
N ILE BA 26 -18.69 -78.57 -20.43
CA ILE BA 26 -19.61 -77.58 -20.99
C ILE BA 26 -19.36 -77.35 -22.48
N HIS BA 27 -18.11 -77.49 -22.94
CA HIS BA 27 -17.85 -77.39 -24.38
C HIS BA 27 -18.50 -78.53 -25.14
N ARG BA 28 -18.51 -79.73 -24.57
CA ARG BA 28 -19.23 -80.80 -25.25
C ARG BA 28 -20.74 -80.65 -25.10
N PHE BA 29 -21.21 -80.14 -23.95
CA PHE BA 29 -22.64 -80.00 -23.71
C PHE BA 29 -23.26 -78.90 -24.57
N SER BA 30 -22.50 -77.85 -24.87
CA SER BA 30 -23.03 -76.69 -25.58
C SER BA 30 -22.68 -76.71 -27.06
N ASN BA 31 -22.46 -77.89 -27.63
CA ASN BA 31 -22.28 -78.00 -29.07
C ASN BA 31 -23.03 -79.20 -29.64
N GLY BA 32 -23.94 -79.79 -28.87
CA GLY BA 32 -24.57 -81.02 -29.30
C GLY BA 32 -23.65 -82.21 -29.33
N GLY BA 33 -22.58 -82.18 -28.53
CA GLY BA 33 -21.61 -83.24 -28.49
C GLY BA 33 -20.34 -82.98 -29.26
N ARG BA 34 -20.27 -81.91 -30.03
CA ARG BA 34 -19.08 -81.64 -30.81
C ARG BA 34 -18.05 -80.91 -29.97
N GLU BA 35 -17.02 -80.40 -30.63
CA GLU BA 35 -16.04 -79.50 -30.04
C GLU BA 35 -16.24 -78.10 -30.61
N LYS BA 36 -16.04 -77.08 -29.77
CA LYS BA 36 -16.14 -75.70 -30.22
C LYS BA 36 -15.03 -75.38 -31.21
N ARG BA 37 -15.38 -74.67 -32.29
CA ARG BA 37 -14.40 -74.30 -33.29
C ARG BA 37 -13.51 -73.17 -32.79
N VAL BA 38 -12.38 -73.02 -33.47
CA VAL BA 38 -11.34 -72.07 -33.07
C VAL BA 38 -10.82 -71.39 -34.33
N ALA BA 39 -11.44 -70.27 -34.68
CA ALA BA 39 -11.09 -69.52 -35.89
C ALA BA 39 -10.10 -68.43 -35.50
N HIS BA 40 -8.81 -68.75 -35.64
CA HIS BA 40 -7.77 -67.76 -35.43
C HIS BA 40 -7.71 -66.75 -36.56
N TYR BA 41 -8.14 -67.15 -37.75
CA TYR BA 41 -7.94 -66.40 -38.96
C TYR BA 41 -9.31 -66.09 -39.54
N SER BA 42 -9.37 -65.13 -40.45
CA SER BA 42 -10.65 -64.77 -41.04
C SER BA 42 -11.17 -65.85 -41.99
N TYR BA 43 -10.29 -66.70 -42.49
CA TYR BA 43 -10.70 -67.77 -43.40
C TYR BA 43 -11.52 -68.81 -42.67
N GLN BA 44 -11.07 -69.24 -41.50
CA GLN BA 44 -11.87 -70.18 -40.72
C GLN BA 44 -13.13 -69.52 -40.19
N TRP BA 45 -13.11 -68.20 -39.97
CA TRP BA 45 -14.33 -67.51 -39.62
C TRP BA 45 -15.33 -67.54 -40.76
N TYR BA 46 -14.87 -67.34 -41.99
CA TYR BA 46 -15.81 -67.37 -43.11
C TYR BA 46 -16.33 -68.76 -43.36
N LEU BA 47 -15.48 -69.76 -43.16
CA LEU BA 47 -15.89 -71.15 -43.34
C LEU BA 47 -16.91 -71.56 -42.28
N MET BA 48 -16.65 -71.19 -41.02
CA MET BA 48 -17.63 -71.38 -39.95
C MET BA 48 -18.90 -70.58 -40.19
N GLU BA 49 -18.79 -69.41 -40.80
CA GLU BA 49 -19.95 -68.56 -41.00
C GLU BA 49 -20.87 -69.12 -42.08
N ARG BA 50 -20.30 -69.62 -43.18
CA ARG BA 50 -21.14 -70.27 -44.17
C ARG BA 50 -21.68 -71.58 -43.65
N ASP BA 51 -20.96 -72.21 -42.73
CA ASP BA 51 -21.47 -73.42 -42.09
C ASP BA 51 -22.71 -73.13 -41.26
N ARG BA 52 -22.69 -72.06 -40.46
CA ARG BA 52 -23.88 -71.74 -39.67
C ARG BA 52 -24.97 -71.12 -40.51
N ARG BA 53 -24.63 -70.61 -41.69
CA ARG BA 53 -25.66 -70.15 -42.61
C ARG BA 53 -26.41 -71.32 -43.22
N VAL BA 54 -25.69 -72.34 -43.70
CA VAL BA 54 -26.33 -73.44 -44.41
C VAL BA 54 -26.93 -74.50 -43.49
N SER BA 55 -26.84 -74.33 -42.18
CA SER BA 55 -27.56 -75.26 -41.33
C SER BA 55 -29.04 -74.92 -41.29
N GLY BA 56 -29.38 -73.65 -41.51
CA GLY BA 56 -30.74 -73.19 -41.48
C GLY BA 56 -31.24 -72.83 -40.09
N VAL BA 57 -30.69 -73.46 -39.05
CA VAL BA 57 -31.15 -73.30 -37.69
C VAL BA 57 -30.31 -72.23 -36.97
N ASN BA 58 -29.46 -71.52 -37.71
CA ASN BA 58 -28.50 -70.54 -37.20
C ASN BA 58 -27.55 -71.16 -36.16
N ARG BA 59 -27.23 -72.44 -36.34
CA ARG BA 59 -26.46 -73.22 -35.38
C ARG BA 59 -25.61 -74.23 -36.15
N TYR BA 60 -24.30 -74.02 -36.18
CA TYR BA 60 -23.47 -74.70 -37.17
C TYR BA 60 -23.17 -76.15 -36.86
N TYR BA 61 -23.35 -76.59 -35.60
CA TYR BA 61 -22.95 -77.94 -35.22
C TYR BA 61 -23.78 -79.02 -35.90
N VAL BA 62 -24.95 -78.67 -36.43
CA VAL BA 62 -25.83 -79.64 -37.07
C VAL BA 62 -25.18 -80.18 -38.33
N SER BA 63 -24.70 -79.29 -39.19
CA SER BA 63 -23.78 -79.55 -40.29
C SER BA 63 -24.34 -80.45 -41.38
N LYS BA 64 -25.66 -80.73 -41.36
CA LYS BA 64 -26.57 -81.08 -42.46
C LYS BA 64 -25.91 -81.91 -43.55
N GLY BA 65 -25.20 -82.96 -43.15
CA GLY BA 65 -24.25 -83.57 -44.04
C GLY BA 65 -24.82 -84.56 -45.03
N LEU BA 66 -24.60 -84.27 -46.32
CA LEU BA 66 -24.91 -85.17 -47.44
C LEU BA 66 -26.40 -85.49 -47.50
N GLU BA 67 -27.23 -84.50 -47.14
CA GLU BA 67 -28.68 -84.66 -47.11
C GLU BA 67 -29.41 -83.64 -47.95
N ASN BA 68 -28.82 -82.45 -48.16
CA ASN BA 68 -29.31 -81.48 -49.11
C ASN BA 68 -28.64 -81.67 -50.46
N ILE BA 69 -28.32 -82.91 -50.81
CA ILE BA 69 -27.65 -83.19 -52.06
C ILE BA 69 -28.59 -82.96 -53.24
N ASP BA 70 -29.66 -83.74 -53.30
CA ASP BA 70 -30.55 -83.69 -54.44
C ASP BA 70 -31.97 -83.44 -53.98
N ALA CA 2 -53.00 -1.79 37.65
CA ALA CA 2 -54.11 -1.10 38.26
C ALA CA 2 -54.75 -0.12 37.27
N THR CA 3 -56.08 -0.05 37.28
CA THR CA 3 -56.88 0.67 36.30
C THR CA 3 -57.68 1.77 36.96
N TYR CA 4 -58.57 2.38 36.16
CA TYR CA 4 -59.52 3.36 36.69
C TYR CA 4 -60.57 2.70 37.56
N ALA CA 5 -60.80 1.40 37.37
CA ALA CA 5 -61.59 0.67 38.35
C ALA CA 5 -60.83 0.53 39.67
N GLN CA 6 -59.51 0.37 39.59
CA GLN CA 6 -58.72 0.27 40.82
C GLN CA 6 -58.62 1.62 41.51
N ALA CA 7 -58.52 2.70 40.74
CA ALA CA 7 -58.46 4.03 41.34
C ALA CA 7 -59.83 4.55 41.73
N LEU CA 8 -60.90 4.09 41.09
CA LEU CA 8 -62.25 4.59 41.32
C LEU CA 8 -63.11 3.63 42.12
N GLN CA 9 -62.55 2.50 42.57
CA GLN CA 9 -63.27 1.64 43.49
C GLN CA 9 -63.03 2.06 44.93
N SER CA 10 -61.82 2.55 45.22
CA SER CA 10 -61.50 3.22 46.47
C SER CA 10 -61.46 4.71 46.16
N VAL CA 11 -62.50 5.43 46.52
CA VAL CA 11 -62.66 6.83 46.12
C VAL CA 11 -63.53 7.52 47.17
N PRO CA 12 -63.25 8.77 47.53
CA PRO CA 12 -64.11 9.48 48.49
C PRO CA 12 -65.49 9.79 47.93
N GLU CA 13 -66.43 9.97 48.85
CA GLU CA 13 -67.85 9.81 48.58
C GLU CA 13 -68.67 11.08 48.76
N THR CA 14 -68.37 11.88 49.79
CA THR CA 14 -69.01 13.17 50.09
C THR CA 14 -70.52 13.00 50.31
N GLN CA 15 -70.84 12.41 51.46
CA GLN CA 15 -72.24 12.23 51.85
C GLN CA 15 -72.91 13.56 52.17
N VAL CA 16 -74.19 13.68 51.78
CA VAL CA 16 -74.92 14.91 51.95
C VAL CA 16 -76.17 14.64 52.77
N SER CA 17 -76.75 15.73 53.29
CA SER CA 17 -78.03 15.68 53.99
C SER CA 17 -78.70 17.04 53.83
N GLN CA 18 -79.97 17.11 54.24
CA GLN CA 18 -80.78 18.31 54.08
C GLN CA 18 -81.40 18.68 55.43
N LEU CA 19 -80.79 19.64 56.12
CA LEU CA 19 -81.31 20.08 57.39
C LEU CA 19 -82.59 20.89 57.23
N ASP CA 20 -83.46 20.72 58.22
CA ASP CA 20 -84.88 21.03 58.12
C ASP CA 20 -85.17 22.51 58.28
N ASN CA 21 -84.47 23.33 57.52
CA ASN CA 21 -84.84 24.73 57.41
C ASN CA 21 -84.58 25.23 55.99
N GLY CA 22 -84.38 24.33 55.04
CA GLY CA 22 -83.81 24.69 53.77
C GLY CA 22 -82.30 24.69 53.76
N LEU CA 23 -81.67 24.11 54.79
CA LEU CA 23 -80.22 24.07 54.86
C LEU CA 23 -79.75 22.81 54.16
N ARG CA 24 -78.65 22.90 53.42
CA ARG CA 24 -78.05 21.68 52.90
C ARG CA 24 -76.70 21.48 53.55
N VAL CA 25 -76.26 20.22 53.67
CA VAL CA 25 -74.96 19.94 54.24
C VAL CA 25 -74.26 18.87 53.41
N ALA CA 26 -72.95 18.99 53.29
CA ALA CA 26 -72.12 18.06 52.52
C ALA CA 26 -70.84 17.79 53.28
N SER CA 27 -70.40 16.54 53.24
CA SER CA 27 -69.22 16.11 53.99
C SER CA 27 -68.35 15.27 53.06
N GLU CA 28 -67.10 15.67 52.91
CA GLU CA 28 -66.11 14.87 52.21
C GLU CA 28 -65.27 14.17 53.26
N GLN CA 29 -65.66 12.94 53.58
CA GLN CA 29 -65.08 12.21 54.69
C GLN CA 29 -64.01 11.26 54.19
N SER CA 30 -62.78 11.47 54.65
CA SER CA 30 -61.67 10.56 54.39
C SER CA 30 -60.63 10.79 55.47
N SER CA 31 -59.39 10.39 55.20
CA SER CA 31 -58.32 10.31 56.19
C SER CA 31 -57.37 11.49 56.15
N GLN CA 32 -57.85 12.69 55.85
CA GLN CA 32 -56.85 13.75 55.85
C GLN CA 32 -56.91 14.60 57.11
N PRO CA 33 -55.73 14.96 57.66
CA PRO CA 33 -55.68 15.62 58.98
C PRO CA 33 -55.88 17.13 58.89
N THR CA 34 -57.05 17.53 58.41
CA THR CA 34 -57.40 18.94 58.28
C THR CA 34 -58.91 19.05 58.16
N CYS CA 35 -59.39 20.29 58.05
CA CYS CA 35 -60.78 20.51 57.69
C CYS CA 35 -60.90 21.81 56.94
N THR CA 36 -61.73 21.80 55.90
CA THR CA 36 -62.14 23.01 55.19
C THR CA 36 -63.65 23.09 55.37
N VAL CA 37 -64.10 24.08 56.12
CA VAL CA 37 -65.50 24.20 56.49
C VAL CA 37 -66.02 25.51 55.93
N GLY CA 38 -66.97 25.43 55.01
CA GLY CA 38 -67.38 26.62 54.30
C GLY CA 38 -68.87 26.70 54.04
N VAL CA 39 -69.31 27.93 53.84
CA VAL CA 39 -70.69 28.26 53.55
C VAL CA 39 -70.74 28.79 52.13
N TRP CA 40 -71.45 28.08 51.26
CA TRP CA 40 -71.68 28.51 49.89
C TRP CA 40 -73.13 28.95 49.75
N ILE CA 41 -73.32 30.23 49.43
CA ILE CA 41 -74.65 30.79 49.28
C ILE CA 41 -74.77 31.37 47.89
N ASP CA 42 -75.86 31.02 47.20
CA ASP CA 42 -76.11 31.46 45.84
C ASP CA 42 -76.50 32.93 45.81
N ALA CA 43 -75.56 33.82 46.07
CA ALA CA 43 -75.87 35.24 46.01
C ALA CA 43 -74.73 35.95 45.30
N GLY CA 44 -75.09 36.83 44.38
CA GLY CA 44 -74.11 37.57 43.62
C GLY CA 44 -74.73 38.79 42.98
N SER CA 45 -74.01 39.35 42.01
CA SER CA 45 -74.46 40.56 41.34
C SER CA 45 -75.55 40.31 40.32
N ARG CA 46 -75.84 39.05 40.01
CA ARG CA 46 -76.91 38.75 39.08
C ARG CA 46 -78.27 39.00 39.73
N TYR CA 47 -78.42 38.59 40.99
CA TYR CA 47 -79.68 38.76 41.71
C TYR CA 47 -79.93 40.19 42.14
N GLU CA 48 -78.91 41.04 42.10
CA GLU CA 48 -79.01 42.40 42.62
C GLU CA 48 -79.83 43.27 41.67
N THR CA 49 -80.04 44.51 42.09
CA THR CA 49 -80.84 45.46 41.35
C THR CA 49 -79.96 46.64 40.96
N GLU CA 50 -80.58 47.67 40.38
CA GLU CA 50 -79.83 48.85 39.98
C GLU CA 50 -79.35 49.65 41.18
N LYS CA 51 -80.16 49.77 42.21
CA LYS CA 51 -79.68 50.47 43.41
C LYS CA 51 -78.86 49.57 44.30
N ASN CA 52 -79.09 48.26 44.27
CA ASN CA 52 -78.33 47.33 45.08
C ASN CA 52 -77.15 46.74 44.32
N ASN CA 53 -76.64 47.46 43.33
CA ASN CA 53 -75.51 46.98 42.55
C ASN CA 53 -74.25 47.11 43.40
N GLY CA 54 -73.51 46.03 43.51
CA GLY CA 54 -72.29 46.01 44.29
C GLY CA 54 -72.48 45.84 45.77
N ALA CA 55 -73.72 45.60 46.22
CA ALA CA 55 -73.95 45.45 47.65
C ALA CA 55 -73.34 44.16 48.18
N GLY CA 56 -73.17 43.15 47.34
CA GLY CA 56 -72.65 41.89 47.82
C GLY CA 56 -71.15 41.89 48.05
N TYR CA 57 -70.45 42.52 47.13
CA TYR CA 57 -69.03 42.84 47.31
C TYR CA 57 -68.83 43.67 48.56
N PHE CA 58 -69.75 44.62 48.78
CA PHE CA 58 -69.76 45.43 49.97
C PHE CA 58 -69.98 44.58 51.23
N VAL CA 59 -70.85 43.55 51.14
CA VAL CA 59 -71.10 42.68 52.28
C VAL CA 59 -69.86 41.88 52.62
N GLU CA 60 -69.25 41.24 51.61
CA GLU CA 60 -68.06 40.43 51.88
C GLU CA 60 -66.87 41.28 52.28
N HIS CA 61 -66.92 42.60 52.07
CA HIS CA 61 -66.03 43.47 52.83
C HIS CA 61 -66.52 43.70 54.26
N LEU CA 62 -67.82 43.91 54.46
CA LEU CA 62 -68.32 44.30 55.77
C LEU CA 62 -68.75 43.11 56.62
N ALA CA 63 -68.30 41.91 56.31
CA ALA CA 63 -68.71 40.73 57.06
C ALA CA 63 -67.83 40.47 58.28
N PHE CA 64 -66.95 41.40 58.63
CA PHE CA 64 -65.99 41.14 59.68
C PHE CA 64 -65.81 42.33 60.62
N LYS CA 65 -66.64 43.34 60.53
CA LYS CA 65 -66.49 44.56 61.30
C LYS CA 65 -67.65 44.74 62.27
N GLY CA 66 -68.00 43.65 62.94
CA GLY CA 66 -69.00 43.68 63.97
C GLY CA 66 -69.95 42.51 63.93
N THR CA 67 -70.07 41.80 65.05
CA THR CA 67 -71.13 40.84 65.28
C THR CA 67 -71.79 41.19 66.61
N LYS CA 68 -72.97 40.63 66.84
CA LYS CA 68 -73.67 40.94 68.09
C LYS CA 68 -73.03 40.28 69.29
N ASN CA 69 -72.19 39.28 69.09
CA ASN CA 69 -71.54 38.58 70.19
C ASN CA 69 -70.10 38.99 70.43
N ARG CA 70 -69.37 39.41 69.39
CA ARG CA 70 -68.02 39.88 69.58
C ARG CA 70 -67.80 41.15 68.77
N PRO CA 71 -66.87 42.00 69.22
CA PRO CA 71 -66.37 43.05 68.31
C PRO CA 71 -65.42 42.49 67.26
N GLY CA 72 -64.87 43.37 66.43
CA GLY CA 72 -64.16 42.90 65.25
C GLY CA 72 -62.78 42.34 65.56
N ASN CA 73 -62.03 43.02 66.42
CA ASN CA 73 -60.65 42.63 66.70
C ASN CA 73 -60.59 41.32 67.48
N ALA CA 74 -61.52 41.13 68.42
CA ALA CA 74 -61.56 39.89 69.18
C ALA CA 74 -62.04 38.72 68.34
N LEU CA 75 -62.88 38.98 67.34
CA LEU CA 75 -63.40 37.93 66.47
C LEU CA 75 -62.28 37.29 65.64
N GLU CA 76 -61.58 38.11 64.87
CA GLU CA 76 -60.44 37.62 64.11
C GLU CA 76 -59.29 37.24 65.03
N LYS CA 77 -59.22 37.79 66.24
CA LYS CA 77 -58.27 37.31 67.23
C LYS CA 77 -58.61 35.89 67.68
N GLU CA 78 -59.90 35.56 67.76
CA GLU CA 78 -60.30 34.17 68.01
C GLU CA 78 -59.87 33.28 66.87
N VAL CA 79 -60.02 33.78 65.63
CA VAL CA 79 -59.59 33.04 64.44
C VAL CA 79 -58.08 32.79 64.49
N GLU CA 80 -57.33 33.78 64.98
CA GLU CA 80 -55.89 33.63 65.13
C GLU CA 80 -55.55 32.67 66.27
N SER CA 81 -56.22 32.82 67.41
CA SER CA 81 -55.85 32.10 68.61
C SER CA 81 -56.20 30.63 68.51
N MET CA 82 -57.18 30.28 67.69
CA MET CA 82 -57.37 28.86 67.40
C MET CA 82 -56.37 28.34 66.38
N GLY CA 83 -55.58 29.22 65.76
CA GLY CA 83 -54.57 28.80 64.82
C GLY CA 83 -55.17 28.28 63.54
N ALA CA 84 -55.79 29.15 62.75
CA ALA CA 84 -56.53 28.70 61.58
C ALA CA 84 -56.26 29.67 60.43
N HIS CA 85 -57.07 29.54 59.38
CA HIS CA 85 -57.00 30.41 58.22
C HIS CA 85 -58.42 30.65 57.72
N LEU CA 86 -58.64 31.85 57.19
CA LEU CA 86 -59.99 32.29 56.83
C LEU CA 86 -59.96 32.89 55.43
N ASN CA 87 -61.03 32.69 54.67
CA ASN CA 87 -61.12 33.27 53.33
C ASN CA 87 -62.58 33.43 52.95
N ALA CA 88 -62.85 34.36 52.05
CA ALA CA 88 -64.17 34.59 51.53
C ALA CA 88 -64.06 35.27 50.17
N TYR CA 89 -65.04 35.02 49.31
CA TYR CA 89 -65.17 35.80 48.09
C TYR CA 89 -66.60 35.74 47.57
N SER CA 90 -66.86 36.57 46.57
CA SER CA 90 -68.18 36.71 45.95
C SER CA 90 -68.01 36.97 44.47
N THR CA 91 -68.47 36.04 43.65
CA THR CA 91 -68.52 36.23 42.21
C THR CA 91 -69.84 36.92 41.84
N ARG CA 92 -70.20 36.86 40.57
CA ARG CA 92 -71.49 37.41 40.14
C ARG CA 92 -72.67 36.55 40.54
N GLU CA 93 -72.44 35.34 40.99
CA GLU CA 93 -73.55 34.44 41.28
C GLU CA 93 -73.49 33.82 42.67
N HIS CA 94 -72.29 33.45 43.14
CA HIS CA 94 -72.17 32.70 44.37
C HIS CA 94 -71.30 33.47 45.35
N THR CA 95 -71.23 32.96 46.57
CA THR CA 95 -70.43 33.58 47.63
C THR CA 95 -70.01 32.51 48.61
N ALA CA 96 -68.72 32.44 48.90
CA ALA CA 96 -68.17 31.43 49.80
C ALA CA 96 -67.45 32.09 50.97
N TYR CA 97 -67.86 31.73 52.18
CA TYR CA 97 -67.18 32.09 53.42
C TYR CA 97 -66.62 30.79 53.99
N TYR CA 98 -65.33 30.56 53.87
CA TYR CA 98 -64.79 29.28 54.32
C TYR CA 98 -63.60 29.46 55.25
N ILE CA 99 -63.36 28.39 56.01
CA ILE CA 99 -62.35 28.34 57.04
C ILE CA 99 -61.47 27.13 56.78
N LYS CA 100 -60.19 27.38 56.55
CA LYS CA 100 -59.18 26.34 56.51
C LYS CA 100 -58.68 26.15 57.93
N ALA CA 101 -59.21 25.14 58.63
CA ALA CA 101 -58.78 24.91 60.01
C ALA CA 101 -58.32 23.48 60.22
N LEU CA 102 -58.04 23.14 61.46
CA LEU CA 102 -57.66 21.80 61.84
C LEU CA 102 -58.84 21.12 62.53
N SER CA 103 -58.80 19.79 62.59
CA SER CA 103 -59.96 19.01 63.05
C SER CA 103 -60.27 19.20 64.52
N LYS CA 104 -59.29 19.59 65.34
CA LYS CA 104 -59.51 19.74 66.76
C LYS CA 104 -60.13 21.08 67.13
N ASP CA 105 -60.45 21.92 66.15
CA ASP CA 105 -61.18 23.15 66.39
C ASP CA 105 -62.41 23.26 65.49
N LEU CA 106 -62.90 22.12 65.01
CA LEU CA 106 -64.15 22.09 64.23
C LEU CA 106 -65.37 22.70 64.93
N PRO CA 107 -65.70 22.41 66.20
CA PRO CA 107 -66.93 22.99 66.74
C PRO CA 107 -66.87 24.49 66.94
N LYS CA 108 -65.72 25.00 67.40
CA LYS CA 108 -65.56 26.43 67.54
C LYS CA 108 -65.57 27.11 66.18
N ALA CA 109 -65.05 26.41 65.16
CA ALA CA 109 -65.14 26.92 63.79
C ALA CA 109 -66.57 27.05 63.33
N VAL CA 110 -67.40 26.04 63.60
CA VAL CA 110 -68.81 26.06 63.19
C VAL CA 110 -69.55 27.18 63.90
N GLU CA 111 -69.26 27.37 65.18
CA GLU CA 111 -69.92 28.39 65.99
C GLU CA 111 -69.61 29.80 65.49
N LEU CA 112 -68.31 30.11 65.34
CA LEU CA 112 -67.93 31.45 64.93
C LEU CA 112 -68.32 31.70 63.49
N LEU CA 113 -68.31 30.66 62.64
CA LEU CA 113 -68.76 30.80 61.27
C LEU CA 113 -70.25 31.09 61.19
N ALA CA 114 -71.04 30.51 62.10
CA ALA CA 114 -72.47 30.78 62.10
C ALA CA 114 -72.78 32.21 62.50
N ASP CA 115 -72.07 32.73 63.52
CA ASP CA 115 -72.25 34.14 63.86
C ASP CA 115 -71.78 35.04 62.72
N ILE CA 116 -70.73 34.64 62.00
CA ILE CA 116 -70.28 35.38 60.81
C ILE CA 116 -71.38 35.46 59.77
N VAL CA 117 -72.08 34.35 59.55
CA VAL CA 117 -73.10 34.31 58.50
C VAL CA 117 -74.31 35.15 58.87
N GLN CA 118 -74.90 34.91 60.04
CA GLN CA 118 -76.27 35.39 60.20
C GLN CA 118 -76.45 36.65 61.04
N ASN CA 119 -75.49 37.04 61.87
CA ASN CA 119 -75.71 38.13 62.82
C ASN CA 119 -74.56 39.14 62.83
N CYS CA 120 -74.24 39.68 61.66
CA CYS CA 120 -73.27 40.76 61.59
C CYS CA 120 -73.80 42.04 62.23
N SER CA 121 -72.88 42.85 62.72
CA SER CA 121 -73.21 44.16 63.26
C SER CA 121 -72.44 45.23 62.49
N LEU CA 122 -73.06 46.40 62.35
CA LEU CA 122 -72.61 47.42 61.42
C LEU CA 122 -72.26 48.69 62.18
N GLU CA 123 -71.37 49.49 61.59
CA GLU CA 123 -70.98 50.76 62.18
C GLU CA 123 -70.95 51.84 61.11
N ASP CA 124 -71.11 53.08 61.57
CA ASP CA 124 -70.99 54.23 60.70
C ASP CA 124 -69.53 54.52 60.39
N SER CA 125 -68.68 54.35 61.41
CA SER CA 125 -67.24 54.38 61.20
C SER CA 125 -66.80 53.29 60.23
N GLN CA 126 -67.33 52.08 60.39
CA GLN CA 126 -66.88 50.97 59.55
C GLN CA 126 -67.42 51.08 58.13
N ILE CA 127 -68.64 51.58 57.97
CA ILE CA 127 -69.13 51.82 56.61
C ILE CA 127 -68.33 52.93 55.95
N GLU CA 128 -67.85 53.91 56.71
CA GLU CA 128 -67.07 54.97 56.09
C GLU CA 128 -65.66 54.49 55.71
N LYS CA 129 -65.01 53.75 56.61
CA LYS CA 129 -63.67 53.24 56.34
C LYS CA 129 -63.68 52.26 55.18
N GLU CA 130 -64.65 51.34 55.15
CA GLU CA 130 -64.67 50.39 54.05
C GLU CA 130 -65.17 51.00 52.76
N ARG CA 131 -65.95 52.09 52.81
CA ARG CA 131 -66.27 52.82 51.59
C ARG CA 131 -65.00 53.41 50.98
N ASP CA 132 -64.12 53.99 51.81
CA ASP CA 132 -62.86 54.49 51.30
C ASP CA 132 -61.96 53.37 50.77
N VAL CA 133 -61.93 52.23 51.46
CA VAL CA 133 -61.09 51.11 51.03
C VAL CA 133 -61.58 50.55 49.70
N ILE CA 134 -62.89 50.42 49.51
CA ILE CA 134 -63.41 49.90 48.26
C ILE CA 134 -63.26 50.91 47.12
N LEU CA 135 -63.32 52.22 47.41
CA LEU CA 135 -63.01 53.20 46.37
C LEU CA 135 -61.55 53.12 45.93
N GLN CA 136 -60.64 53.01 46.89
CA GLN CA 136 -59.23 52.86 46.53
C GLN CA 136 -58.95 51.54 45.83
N GLU CA 137 -59.66 50.47 46.18
CA GLU CA 137 -59.41 49.22 45.49
C GLU CA 137 -60.11 49.14 44.14
N LEU CA 138 -61.13 49.95 43.88
CA LEU CA 138 -61.57 50.11 42.50
C LEU CA 138 -60.52 50.83 41.68
N GLN CA 139 -59.91 51.88 42.25
CA GLN CA 139 -58.85 52.57 41.54
C GLN CA 139 -57.61 51.69 41.39
N GLU CA 140 -57.45 50.69 42.24
CA GLU CA 140 -56.45 49.65 42.06
C GLU CA 140 -56.89 48.59 41.05
N ASN CA 141 -58.18 48.30 40.92
CA ASN CA 141 -58.68 47.43 39.87
C ASN CA 141 -58.76 48.11 38.53
N ASP CA 142 -58.40 49.39 38.44
CA ASP CA 142 -57.97 49.94 37.17
C ASP CA 142 -56.75 49.19 36.63
N THR CA 143 -55.87 48.71 37.51
CA THR CA 143 -54.59 48.16 37.08
C THR CA 143 -54.73 46.74 36.54
N SER CA 144 -55.53 45.90 37.18
CA SER CA 144 -55.67 44.52 36.73
C SER CA 144 -56.49 44.52 35.45
N MET CA 145 -55.79 44.51 34.31
CA MET CA 145 -56.38 44.63 32.99
C MET CA 145 -57.31 43.47 32.67
N ARG CA 146 -57.03 42.30 33.24
CA ARG CA 146 -57.69 41.06 32.85
C ARG CA 146 -59.16 41.06 33.26
N ASP CA 147 -59.45 41.37 34.52
CA ASP CA 147 -60.85 41.44 34.91
C ASP CA 147 -61.54 42.66 34.35
N VAL CA 148 -60.80 43.71 33.98
CA VAL CA 148 -61.39 44.82 33.22
C VAL CA 148 -61.89 44.32 31.87
N VAL CA 149 -61.11 43.46 31.23
CA VAL CA 149 -61.51 42.87 29.95
C VAL CA 149 -62.73 41.97 30.13
N PHE CA 150 -62.74 41.15 31.17
CA PHE CA 150 -63.89 40.27 31.38
C PHE CA 150 -65.14 41.05 31.79
N ASN CA 151 -64.98 42.16 32.50
CA ASN CA 151 -66.14 42.98 32.82
C ASN CA 151 -66.66 43.71 31.59
N TYR CA 152 -65.75 44.14 30.72
CA TYR CA 152 -66.16 44.65 29.41
C TYR CA 152 -66.93 43.60 28.64
N LEU CA 153 -66.46 42.35 28.71
CA LEU CA 153 -67.06 41.25 27.97
C LEU CA 153 -68.47 40.98 28.45
N HIS CA 154 -68.65 40.92 29.78
CA HIS CA 154 -69.98 40.72 30.33
C HIS CA 154 -70.89 41.90 30.04
N ALA CA 155 -70.36 43.12 30.16
CA ALA CA 155 -71.15 44.31 29.96
C ALA CA 155 -71.54 44.51 28.50
N THR CA 156 -70.79 43.96 27.56
CA THR CA 156 -71.21 44.05 26.17
C THR CA 156 -71.95 42.82 25.67
N ALA CA 157 -71.85 41.70 26.36
CA ALA CA 157 -72.54 40.51 25.93
C ALA CA 157 -73.88 40.33 26.61
N PHE CA 158 -74.18 41.12 27.63
CA PHE CA 158 -75.43 40.95 28.36
C PHE CA 158 -76.12 42.28 28.55
N GLN CA 159 -76.13 43.09 27.49
CA GLN CA 159 -76.53 44.49 27.58
C GLN CA 159 -78.01 44.60 27.91
N GLY CA 160 -78.31 45.12 29.09
CA GLY CA 160 -79.66 45.31 29.55
C GLY CA 160 -80.09 44.35 30.65
N THR CA 161 -79.41 43.22 30.81
CA THR CA 161 -79.75 42.26 31.84
C THR CA 161 -79.09 42.64 33.15
N PRO CA 162 -79.57 42.12 34.28
CA PRO CA 162 -78.81 42.24 35.52
C PRO CA 162 -77.51 41.47 35.53
N LEU CA 163 -77.28 40.55 34.58
CA LEU CA 163 -76.01 39.82 34.56
C LEU CA 163 -74.85 40.73 34.17
N ALA CA 164 -75.11 41.74 33.36
CA ALA CA 164 -74.05 42.66 33.00
C ALA CA 164 -73.79 43.72 34.05
N GLN CA 165 -74.39 43.62 35.24
CA GLN CA 165 -73.96 44.47 36.33
C GLN CA 165 -72.55 44.08 36.75
N SER CA 166 -71.76 45.09 37.09
CA SER CA 166 -70.39 44.89 37.51
C SER CA 166 -70.34 44.15 38.84
N VAL CA 167 -69.19 43.53 39.10
CA VAL CA 167 -69.03 42.65 40.25
C VAL CA 167 -69.06 43.46 41.54
N GLU CA 168 -68.56 44.70 41.49
CA GLU CA 168 -68.34 45.49 42.69
C GLU CA 168 -69.23 46.71 42.78
N GLY CA 169 -69.88 47.12 41.69
CA GLY CA 169 -70.73 48.28 41.69
C GLY CA 169 -70.00 49.55 41.30
N PRO CA 170 -70.69 50.47 40.63
CA PRO CA 170 -70.06 51.72 40.21
C PRO CA 170 -69.86 52.67 41.38
N SER CA 171 -69.04 53.69 41.15
CA SER CA 171 -68.44 54.47 42.23
C SER CA 171 -69.47 55.33 42.95
N GLU CA 172 -70.42 55.91 42.22
CA GLU CA 172 -71.52 56.62 42.87
C GLU CA 172 -72.37 55.66 43.67
N ASN CA 173 -72.68 54.51 43.09
CA ASN CA 173 -73.40 53.46 43.79
C ASN CA 173 -72.54 52.76 44.84
N VAL CA 174 -71.24 53.05 44.88
CA VAL CA 174 -70.47 52.74 46.07
C VAL CA 174 -70.69 53.79 47.13
N ARG CA 175 -70.59 55.06 46.76
CA ARG CA 175 -70.52 56.13 47.74
C ARG CA 175 -71.88 56.63 48.21
N LYS CA 176 -72.98 56.03 47.77
CA LYS CA 176 -74.29 56.55 48.12
C LYS CA 176 -75.13 55.63 48.98
N LEU CA 177 -74.71 54.37 49.18
CA LEU CA 177 -75.60 53.39 49.77
C LEU CA 177 -75.78 53.62 51.28
N SER CA 178 -76.62 52.77 51.88
CA SER CA 178 -77.11 52.96 53.23
C SER CA 178 -76.97 51.68 54.03
N ARG CA 179 -77.37 51.77 55.30
CA ARG CA 179 -77.46 50.59 56.15
C ARG CA 179 -78.76 49.83 55.91
N ALA CA 180 -79.86 50.58 55.70
CA ALA CA 180 -81.18 49.97 55.56
C ALA CA 180 -81.28 49.11 54.31
N ASP CA 181 -80.75 49.62 53.20
CA ASP CA 181 -80.68 48.84 51.97
C ASP CA 181 -79.84 47.61 52.14
N LEU CA 182 -78.77 47.70 52.93
CA LEU CA 182 -77.85 46.58 53.07
C LEU CA 182 -78.46 45.48 53.93
N THR CA 183 -79.20 45.88 54.97
CA THR CA 183 -79.92 44.90 55.78
C THR CA 183 -81.03 44.25 54.98
N GLU CA 184 -81.70 45.02 54.11
CA GLU CA 184 -82.71 44.44 53.22
C GLU CA 184 -82.07 43.46 52.24
N TYR CA 185 -80.88 43.79 51.75
CA TYR CA 185 -80.12 42.91 50.87
C TYR CA 185 -79.80 41.58 51.55
N LEU CA 186 -79.17 41.65 52.72
CA LEU CA 186 -78.78 40.46 53.46
C LEU CA 186 -79.99 39.65 53.88
N SER CA 187 -81.10 40.32 54.17
CA SER CA 187 -82.31 39.61 54.58
C SER CA 187 -83.02 38.97 53.40
N ARG CA 188 -82.84 39.51 52.19
CA ARG CA 188 -83.48 38.85 51.05
C ARG CA 188 -82.65 37.69 50.53
N HIS CA 189 -81.33 37.80 50.54
CA HIS CA 189 -80.53 36.85 49.79
C HIS CA 189 -79.95 35.73 50.65
N TYR CA 190 -79.15 36.06 51.65
CA TYR CA 190 -78.35 35.02 52.32
C TYR CA 190 -79.11 34.32 53.43
N LYS CA 191 -80.37 33.90 53.30
CA LYS CA 191 -80.97 33.44 54.54
C LYS CA 191 -81.46 31.99 54.61
N ALA CA 192 -82.63 31.68 54.05
CA ALA CA 192 -83.11 30.35 54.40
C ALA CA 192 -82.84 29.24 53.39
N PRO CA 193 -83.23 29.35 52.08
CA PRO CA 193 -83.23 28.13 51.26
C PRO CA 193 -81.89 27.88 50.59
N ARG CA 194 -81.10 28.94 50.50
CA ARG CA 194 -80.12 29.09 49.43
C ARG CA 194 -78.70 28.90 49.95
N MET CA 195 -78.51 27.91 50.82
CA MET CA 195 -77.21 27.77 51.45
C MET CA 195 -76.79 26.32 51.64
N VAL CA 196 -75.53 26.08 51.30
CA VAL CA 196 -74.89 24.77 51.36
C VAL CA 196 -73.73 24.89 52.35
N LEU CA 197 -73.86 24.22 53.49
CA LEU CA 197 -72.75 24.07 54.41
C LEU CA 197 -71.96 22.84 53.99
N ALA CA 198 -70.77 23.05 53.47
CA ALA CA 198 -69.93 21.92 53.16
C ALA CA 198 -68.72 21.91 54.08
N ALA CA 199 -68.13 20.73 54.20
CA ALA CA 199 -66.95 20.55 55.02
C ALA CA 199 -66.21 19.33 54.52
N ALA CA 200 -64.88 19.41 54.52
CA ALA CA 200 -64.07 18.37 53.92
C ALA CA 200 -62.87 18.09 54.80
N GLY CA 201 -62.63 16.81 55.09
CA GLY CA 201 -61.43 16.47 55.84
C GLY CA 201 -61.58 15.48 56.97
N GLY CA 202 -60.79 15.67 58.03
CA GLY CA 202 -60.86 14.80 59.19
C GLY CA 202 -62.07 15.09 60.03
N LEU CA 203 -63.23 14.69 59.54
CA LEU CA 203 -64.49 15.04 60.17
C LEU CA 203 -65.45 13.85 60.12
N GLU CA 204 -66.59 14.02 60.77
CA GLU CA 204 -67.63 13.00 60.81
C GLU CA 204 -68.94 13.62 60.39
N HIS CA 205 -70.03 12.88 60.51
CA HIS CA 205 -71.32 13.43 60.13
C HIS CA 205 -72.20 13.77 61.32
N ARG CA 206 -72.03 13.08 62.44
CA ARG CA 206 -73.01 13.19 63.52
C ARG CA 206 -72.81 14.44 64.38
N GLN CA 207 -71.59 14.62 64.92
CA GLN CA 207 -71.28 15.81 65.71
C GLN CA 207 -71.38 17.06 64.86
N LEU CA 208 -70.80 17.02 63.64
CA LEU CA 208 -70.92 18.09 62.66
C LEU CA 208 -72.38 18.41 62.35
N LEU CA 209 -73.19 17.37 62.21
CA LEU CA 209 -74.60 17.49 61.89
C LEU CA 209 -75.36 18.25 62.96
N ASP CA 210 -75.26 17.79 64.20
CA ASP CA 210 -75.99 18.44 65.27
C ASP CA 210 -75.39 19.78 65.68
N LEU CA 211 -74.10 20.01 65.41
CA LEU CA 211 -73.56 21.35 65.61
C LEU CA 211 -74.14 22.34 64.61
N ALA CA 212 -74.28 21.93 63.35
CA ALA CA 212 -74.96 22.77 62.38
C ALA CA 212 -76.41 22.99 62.77
N GLN CA 213 -77.04 21.95 63.34
CA GLN CA 213 -78.41 22.07 63.82
C GLN CA 213 -78.52 23.02 65.00
N LYS CA 214 -77.48 23.06 65.85
CA LYS CA 214 -77.51 23.96 67.00
C LYS CA 214 -77.28 25.39 66.58
N HIS CA 215 -76.34 25.63 65.67
CA HIS CA 215 -75.86 26.98 65.43
C HIS CA 215 -76.48 27.68 64.23
N PHE CA 216 -76.86 26.95 63.18
CA PHE CA 216 -77.36 27.59 61.96
C PHE CA 216 -78.88 27.58 61.84
N SER CA 217 -79.59 26.87 62.69
CA SER CA 217 -81.03 26.74 62.53
C SER CA 217 -81.74 27.90 63.21
N GLY CA 218 -83.06 27.79 63.31
CA GLY CA 218 -83.89 28.82 63.90
C GLY CA 218 -84.26 29.96 62.98
N LEU CA 219 -83.86 29.89 61.71
CA LEU CA 219 -83.97 31.05 60.82
C LEU CA 219 -85.38 31.16 60.25
N SER CA 220 -85.75 30.23 59.37
CA SER CA 220 -87.07 30.10 58.74
C SER CA 220 -87.51 31.38 58.02
N GLY CA 221 -86.77 31.74 56.98
CA GLY CA 221 -87.15 32.83 56.12
C GLY CA 221 -87.96 32.35 54.92
N THR CA 222 -88.84 33.21 54.43
CA THR CA 222 -89.70 32.85 53.32
C THR CA 222 -90.12 34.08 52.54
N PRO CA 229 -87.81 34.44 44.24
CA PRO CA 229 -88.49 35.52 43.52
C PRO CA 229 -87.54 36.33 42.64
N THR CA 230 -86.47 35.70 42.17
CA THR CA 230 -85.45 36.36 41.37
C THR CA 230 -85.08 35.35 40.27
N LEU CA 231 -83.94 35.58 39.60
CA LEU CA 231 -83.35 34.73 38.56
C LEU CA 231 -84.27 34.59 37.34
N THR CA 232 -84.41 35.71 36.64
CA THR CA 232 -84.95 35.70 35.30
C THR CA 232 -83.99 35.00 34.34
N PRO CA 233 -84.48 34.42 33.25
CA PRO CA 233 -83.58 33.96 32.19
C PRO CA 233 -82.91 35.11 31.48
N CYS CA 234 -81.71 34.85 30.98
CA CYS CA 234 -80.85 35.89 30.42
C CYS CA 234 -80.93 35.91 28.90
N ARG CA 235 -80.17 36.83 28.30
CA ARG CA 235 -80.10 37.00 26.86
C ARG CA 235 -78.67 37.34 26.47
N PHE CA 236 -78.10 36.54 25.58
CA PHE CA 236 -76.84 36.88 24.95
C PHE CA 236 -77.12 37.83 23.80
N THR CA 237 -76.16 38.71 23.51
CA THR CA 237 -76.31 39.60 22.37
C THR CA 237 -75.27 39.36 21.30
N GLY CA 238 -73.99 39.54 21.61
CA GLY CA 238 -72.99 39.49 20.57
C GLY CA 238 -72.82 40.88 19.98
N SER CA 239 -71.68 41.51 20.20
CA SER CA 239 -71.48 42.92 19.88
C SER CA 239 -69.97 43.19 20.01
N GLU CA 240 -69.59 44.47 20.00
CA GLU CA 240 -68.19 44.82 20.08
C GLU CA 240 -68.01 46.06 20.94
N ILE CA 241 -67.13 45.96 21.93
CA ILE CA 241 -66.71 47.12 22.71
C ILE CA 241 -65.19 47.22 22.63
N ARG CA 242 -64.70 48.44 22.47
CA ARG CA 242 -63.26 48.57 22.45
C ARG CA 242 -62.82 49.81 23.20
N HIS CA 243 -61.68 49.69 23.88
CA HIS CA 243 -61.10 50.74 24.71
C HIS CA 243 -59.74 51.07 24.12
N ARG CA 244 -59.76 52.02 23.21
CA ARG CA 244 -58.56 52.50 22.56
C ARG CA 244 -57.77 53.37 23.54
N GLU CA 245 -56.55 52.89 23.85
CA GLU CA 245 -55.62 53.41 24.85
C GLU CA 245 -54.23 53.10 24.28
N ASP CA 246 -53.66 54.06 23.54
CA ASP CA 246 -52.49 53.80 22.71
C ASP CA 246 -51.18 54.02 23.43
N GLY CA 247 -51.13 53.87 24.74
CA GLY CA 247 -49.89 54.05 25.46
C GLY CA 247 -49.37 52.77 26.09
N LEU CA 248 -50.25 51.78 26.22
CA LEU CA 248 -49.90 50.56 26.91
C LEU CA 248 -48.98 49.69 26.04
N PRO CA 249 -48.06 48.95 26.65
CA PRO CA 249 -47.17 48.10 25.86
C PRO CA 249 -47.80 46.80 25.40
N LEU CA 250 -48.98 46.43 25.88
CA LEU CA 250 -49.63 45.21 25.46
C LEU CA 250 -51.12 45.45 25.27
N ALA CA 251 -51.72 44.64 24.41
CA ALA CA 251 -53.14 44.66 24.13
C ALA CA 251 -53.79 43.36 24.64
N HIS CA 252 -54.96 43.50 25.23
CA HIS CA 252 -55.75 42.36 25.70
C HIS CA 252 -57.01 42.28 24.85
N VAL CA 253 -57.16 41.20 24.11
CA VAL CA 253 -58.30 41.02 23.24
C VAL CA 253 -58.97 39.71 23.59
N ALA CA 254 -60.25 39.76 23.91
CA ALA CA 254 -61.01 38.56 24.19
C ALA CA 254 -62.27 38.56 23.35
N ILE CA 255 -62.76 37.36 23.06
CA ILE CA 255 -63.97 37.19 22.26
C ILE CA 255 -64.67 35.91 22.70
N ALA CA 256 -65.98 35.98 22.83
CA ALA CA 256 -66.73 34.85 23.34
C ALA CA 256 -68.04 34.69 22.60
N VAL CA 257 -68.50 33.44 22.53
CA VAL CA 257 -69.81 33.12 22.01
C VAL CA 257 -70.66 32.57 23.15
N GLU CA 258 -71.96 32.43 22.89
CA GLU CA 258 -72.88 31.98 23.93
C GLU CA 258 -72.74 30.48 24.13
N GLY CA 259 -72.04 30.10 25.19
CA GLY CA 259 -71.92 28.72 25.56
C GLY CA 259 -73.21 28.20 26.18
N PRO CA 260 -73.25 26.89 26.45
CA PRO CA 260 -74.51 26.30 26.94
C PRO CA 260 -74.83 26.62 28.39
N GLY CA 261 -73.82 26.58 29.25
CA GLY CA 261 -74.06 26.67 30.68
C GLY CA 261 -73.78 25.36 31.37
N TRP CA 262 -74.43 25.14 32.51
CA TRP CA 262 -74.11 24.00 33.36
C TRP CA 262 -74.81 22.72 32.93
N ALA CA 263 -76.02 22.83 32.39
CA ALA CA 263 -76.96 21.71 32.37
C ALA CA 263 -77.02 20.99 31.04
N ASN CA 264 -75.87 20.74 30.42
CA ASN CA 264 -75.83 19.98 29.18
C ASN CA 264 -74.63 19.06 29.19
N PRO CA 265 -74.66 17.98 28.39
CA PRO CA 265 -73.42 17.30 28.00
C PRO CA 265 -72.56 18.11 27.04
N ASP CA 266 -73.14 19.17 26.46
CA ASP CA 266 -72.38 20.16 25.71
C ASP CA 266 -71.28 20.77 26.56
N ASN CA 267 -71.51 20.90 27.87
CA ASN CA 267 -70.47 21.32 28.80
C ASN CA 267 -69.29 20.36 28.76
N VAL CA 268 -69.56 19.05 28.73
CA VAL CA 268 -68.48 18.06 28.68
C VAL CA 268 -67.73 18.14 27.36
N ALA CA 269 -68.47 18.31 26.26
CA ALA CA 269 -67.81 18.39 24.95
C ALA CA 269 -66.94 19.64 24.82
N LEU CA 270 -67.43 20.77 25.33
CA LEU CA 270 -66.63 21.98 25.25
C LEU CA 270 -65.49 21.99 26.24
N GLN CA 271 -65.59 21.26 27.35
CA GLN CA 271 -64.41 21.08 28.17
C GLN CA 271 -63.37 20.23 27.47
N VAL CA 272 -63.80 19.28 26.63
CA VAL CA 272 -62.82 18.54 25.83
C VAL CA 272 -62.16 19.47 24.81
N ALA CA 273 -62.94 20.35 24.17
CA ALA CA 273 -62.38 21.23 23.14
C ALA CA 273 -61.45 22.29 23.73
N ASN CA 274 -61.81 22.85 24.87
CA ASN CA 274 -60.95 23.78 25.55
C ASN CA 274 -59.96 23.09 26.47
N ALA CA 275 -59.91 21.76 26.46
CA ALA CA 275 -58.71 21.07 26.87
C ALA CA 275 -57.77 20.87 25.69
N ILE CA 276 -58.32 20.78 24.48
CA ILE CA 276 -57.48 20.73 23.30
C ILE CA 276 -56.74 22.04 23.10
N ILE CA 277 -57.46 23.16 23.16
CA ILE CA 277 -56.73 24.40 22.92
C ILE CA 277 -56.29 25.04 24.23
N GLY CA 278 -57.23 25.55 25.07
CA GLY CA 278 -56.88 25.86 26.45
C GLY CA 278 -55.85 26.95 26.63
N HIS CA 279 -54.75 26.62 27.31
CA HIS CA 279 -53.82 27.62 27.82
C HIS CA 279 -52.52 27.64 27.03
N TYR CA 280 -51.94 28.84 26.96
CA TYR CA 280 -50.52 29.03 26.67
C TYR CA 280 -50.07 30.35 27.29
N ASP CA 281 -48.90 30.32 27.91
CA ASP CA 281 -48.18 31.51 28.33
C ASP CA 281 -46.78 31.45 27.72
N CYS CA 282 -46.19 32.62 27.49
CA CYS CA 282 -44.92 32.76 26.80
C CYS CA 282 -43.71 32.51 27.68
N THR CA 283 -43.84 31.73 28.75
CA THR CA 283 -42.69 31.30 29.55
C THR CA 283 -42.53 29.78 29.54
N TYR CA 284 -43.03 29.11 28.52
CA TYR CA 284 -43.10 27.65 28.60
C TYR CA 284 -41.83 27.01 28.07
N GLY CA 285 -41.64 25.75 28.44
CA GLY CA 285 -40.46 25.00 28.06
C GLY CA 285 -40.69 24.13 26.85
N GLY CA 286 -39.97 24.42 25.76
CA GLY CA 286 -40.15 23.74 24.50
C GLY CA 286 -41.08 24.52 23.61
N GLY CA 287 -40.53 25.29 22.68
CA GLY CA 287 -41.35 26.25 21.96
C GLY CA 287 -41.78 25.83 20.57
N MET CA 288 -40.83 25.36 19.77
CA MET CA 288 -41.10 25.03 18.39
C MET CA 288 -41.60 23.61 18.22
N HIS CA 289 -41.65 22.84 19.29
CA HIS CA 289 -42.10 21.46 19.27
C HIS CA 289 -43.32 21.28 20.15
N LEU CA 290 -44.20 22.28 20.15
CA LEU CA 290 -45.40 22.20 20.97
C LEU CA 290 -46.41 21.21 20.40
N SER CA 291 -47.20 20.63 21.31
CA SER CA 291 -48.24 19.70 20.91
C SER CA 291 -49.48 20.43 20.42
N SER CA 292 -49.85 21.49 21.13
CA SER CA 292 -50.99 22.30 20.72
C SER CA 292 -50.66 23.04 19.43
N PRO CA 293 -51.40 22.81 18.34
CA PRO CA 293 -50.99 23.37 17.04
C PRO CA 293 -51.17 24.87 16.95
N LEU CA 294 -52.20 25.40 17.60
CA LEU CA 294 -52.37 26.84 17.71
C LEU CA 294 -51.18 27.47 18.44
N ALA CA 295 -50.77 26.84 19.54
CA ALA CA 295 -49.60 27.33 20.27
C ALA CA 295 -48.32 27.14 19.48
N SER CA 296 -48.25 26.08 18.67
CA SER CA 296 -47.09 25.85 17.81
C SER CA 296 -46.92 26.99 16.80
N VAL CA 297 -48.02 27.40 16.16
CA VAL CA 297 -47.95 28.51 15.22
C VAL CA 297 -47.69 29.81 15.95
N ALA CA 298 -48.29 29.99 17.12
CA ALA CA 298 -48.15 31.22 17.90
C ALA CA 298 -46.74 31.39 18.46
N VAL CA 299 -45.98 30.32 18.58
CA VAL CA 299 -44.55 30.45 18.89
C VAL CA 299 -43.73 30.60 17.61
N THR CA 300 -44.13 29.89 16.56
CA THR CA 300 -43.38 29.86 15.29
C THR CA 300 -43.30 31.24 14.65
N ASN CA 301 -44.33 32.06 14.81
CA ASN CA 301 -44.23 33.39 14.24
C ASN CA 301 -44.54 34.48 15.26
N LYS CA 302 -44.47 34.17 16.55
CA LYS CA 302 -44.65 35.11 17.67
C LYS CA 302 -45.99 35.83 17.58
N LEU CA 303 -47.04 35.10 17.23
CA LEU CA 303 -48.27 35.74 16.82
C LEU CA 303 -49.07 36.30 17.97
N CYS CA 304 -48.71 35.99 19.21
CA CYS CA 304 -49.26 36.67 20.38
C CYS CA 304 -48.25 36.52 21.51
N GLN CA 305 -48.71 36.79 22.73
CA GLN CA 305 -47.95 36.44 23.92
C GLN CA 305 -48.59 35.30 24.68
N SER CA 306 -49.89 35.39 24.97
CA SER CA 306 -50.51 34.37 25.79
C SER CA 306 -51.98 34.26 25.43
N PHE CA 307 -52.58 33.12 25.78
CA PHE CA 307 -54.02 33.00 25.66
C PHE CA 307 -54.53 31.95 26.60
N GLN CA 308 -55.81 32.07 26.91
CA GLN CA 308 -56.59 31.02 27.53
C GLN CA 308 -57.91 30.92 26.78
N THR CA 309 -58.23 29.72 26.32
CA THR CA 309 -59.43 29.42 25.58
C THR CA 309 -60.13 28.32 26.36
N PHE CA 310 -61.37 28.61 26.75
CA PHE CA 310 -62.00 28.12 27.97
C PHE CA 310 -63.50 28.34 27.87
N ASN CA 311 -64.20 28.09 28.97
CA ASN CA 311 -65.63 28.31 29.07
C ASN CA 311 -65.95 28.73 30.50
N ILE CA 312 -66.81 29.73 30.65
CA ILE CA 312 -67.28 30.16 31.96
C ILE CA 312 -68.80 30.05 31.98
N CYS CA 313 -69.34 29.33 32.97
CA CYS CA 313 -70.76 29.06 33.04
C CYS CA 313 -71.41 29.90 34.13
N TYR CA 314 -72.37 30.74 33.75
CA TYR CA 314 -73.34 31.23 34.69
C TYR CA 314 -74.53 30.29 34.66
N ALA CA 315 -75.58 30.62 35.41
CA ALA CA 315 -76.63 29.67 35.75
C ALA CA 315 -77.42 29.30 34.50
N ASP CA 316 -76.98 28.19 33.90
CA ASP CA 316 -77.50 27.66 32.65
C ASP CA 316 -77.40 28.67 31.52
N THR CA 317 -76.26 29.37 31.46
CA THR CA 317 -75.84 30.08 30.26
C THR CA 317 -74.32 30.12 30.26
N GLY CA 318 -73.73 30.32 29.09
CA GLY CA 318 -72.30 30.11 28.96
C GLY CA 318 -71.64 31.20 28.14
N LEU CA 319 -70.43 31.52 28.55
CA LEU CA 319 -69.51 32.34 27.77
C LEU CA 319 -68.38 31.40 27.36
N LEU CA 320 -68.54 30.84 26.16
CA LEU CA 320 -67.51 30.01 25.56
C LEU CA 320 -66.48 30.97 24.98
N GLY CA 321 -65.35 31.11 25.65
CA GLY CA 321 -64.51 32.24 25.35
C GLY CA 321 -63.05 31.98 25.07
N ALA CA 322 -62.41 32.97 24.47
CA ALA CA 322 -60.98 32.99 24.27
C ALA CA 322 -60.47 34.36 24.68
N HIS CA 323 -59.30 34.39 25.27
CA HIS CA 323 -58.69 35.61 25.79
C HIS CA 323 -57.20 35.56 25.49
N PHE CA 324 -56.73 36.42 24.59
CA PHE CA 324 -55.33 36.41 24.23
C PHE CA 324 -54.74 37.80 24.38
N VAL CA 325 -53.51 37.82 24.86
CA VAL CA 325 -52.74 39.02 25.12
C VAL CA 325 -51.61 39.04 24.11
N CYS CA 326 -51.43 40.18 23.46
CA CYS CA 326 -50.46 40.27 22.37
C CYS CA 326 -49.95 41.70 22.26
N ASP CA 327 -49.15 41.94 21.25
CA ASP CA 327 -48.79 43.28 20.84
C ASP CA 327 -49.59 43.64 19.60
N HIS CA 328 -49.73 44.95 19.35
CA HIS CA 328 -50.59 45.45 18.28
C HIS CA 328 -50.07 45.10 16.91
N MET CA 329 -48.80 44.75 16.79
CA MET CA 329 -48.21 44.40 15.50
C MET CA 329 -48.80 43.14 14.90
N SER CA 330 -49.33 42.23 15.72
CA SER CA 330 -49.79 40.95 15.23
C SER CA 330 -51.12 40.56 15.86
N ILE CA 331 -52.05 41.51 15.93
CA ILE CA 331 -53.39 41.17 16.42
C ILE CA 331 -54.12 40.33 15.38
N ASP CA 332 -54.07 40.77 14.11
CA ASP CA 332 -54.87 40.17 13.05
C ASP CA 332 -54.46 38.72 12.81
N ASP CA 333 -53.17 38.42 12.93
CA ASP CA 333 -52.69 37.08 12.62
C ASP CA 333 -53.18 36.08 13.66
N MET CA 334 -53.09 36.46 14.94
CA MET CA 334 -53.58 35.60 16.00
C MET CA 334 -55.09 35.45 15.91
N MET CA 335 -55.78 36.52 15.52
CA MET CA 335 -57.23 36.46 15.36
C MET CA 335 -57.63 35.47 14.27
N PHE CA 336 -56.94 35.54 13.14
CA PHE CA 336 -57.26 34.69 12.00
C PHE CA 336 -56.96 33.23 12.27
N VAL CA 337 -55.82 32.95 12.92
CA VAL CA 337 -55.49 31.55 13.18
C VAL CA 337 -56.37 30.98 14.28
N LEU CA 338 -56.87 31.83 15.19
CA LEU CA 338 -57.88 31.40 16.15
C LEU CA 338 -59.15 30.94 15.46
N GLN CA 339 -59.63 31.74 14.50
CA GLN CA 339 -60.83 31.33 13.79
C GLN CA 339 -60.60 30.10 12.92
N GLY CA 340 -59.37 29.96 12.39
CA GLY CA 340 -59.04 28.74 11.64
C GLY CA 340 -59.05 27.50 12.50
N GLN CA 341 -58.60 27.61 13.75
CA GLN CA 341 -58.60 26.43 14.60
C GLN CA 341 -59.99 26.07 15.07
N TRP CA 342 -60.85 27.07 15.30
CA TRP CA 342 -62.25 26.77 15.56
C TRP CA 342 -62.91 26.05 14.40
N MET CA 343 -62.66 26.51 13.16
CA MET CA 343 -63.30 25.85 12.03
C MET CA 343 -62.70 24.48 11.74
N ARG CA 344 -61.43 24.28 12.07
CA ARG CA 344 -60.83 22.95 11.97
C ARG CA 344 -61.46 21.97 12.95
N LEU CA 345 -61.80 22.44 14.16
CA LEU CA 345 -62.62 21.61 15.02
C LEU CA 345 -64.02 21.40 14.44
N CYS CA 346 -64.55 22.41 13.75
CA CYS CA 346 -65.92 22.31 13.24
C CYS CA 346 -66.05 21.28 12.13
N THR CA 347 -65.01 21.12 11.30
CA THR CA 347 -65.18 20.26 10.13
C THR CA 347 -64.30 19.02 10.13
N SER CA 348 -63.02 19.14 10.44
CA SER CA 348 -62.10 18.03 10.24
C SER CA 348 -61.57 17.51 11.57
N ALA CA 349 -62.45 17.27 12.52
CA ALA CA 349 -62.06 16.70 13.81
C ALA CA 349 -61.51 15.29 13.63
N THR CA 350 -60.20 15.13 13.81
CA THR CA 350 -59.56 13.84 13.62
C THR CA 350 -59.61 13.05 14.92
N GLU CA 351 -58.79 12.01 15.03
CA GLU CA 351 -58.92 11.05 16.12
C GLU CA 351 -58.00 11.33 17.30
N SER CA 352 -56.70 11.42 17.05
CA SER CA 352 -55.72 11.49 18.13
C SER CA 352 -55.81 12.78 18.90
N GLU CA 353 -56.31 13.84 18.26
CA GLU CA 353 -56.58 15.08 18.97
C GLU CA 353 -57.73 14.93 19.96
N VAL CA 354 -58.74 14.12 19.61
CA VAL CA 354 -59.82 13.84 20.54
C VAL CA 354 -59.32 12.99 21.70
N VAL CA 355 -58.43 12.03 21.40
CA VAL CA 355 -57.87 11.19 22.44
C VAL CA 355 -56.99 12.00 23.40
N ARG CA 356 -56.17 12.90 22.85
CA ARG CA 356 -55.34 13.77 23.68
C ARG CA 356 -56.19 14.74 24.49
N GLY CA 357 -57.30 15.22 23.91
CA GLY CA 357 -58.20 16.09 24.66
C GLY CA 357 -58.83 15.38 25.84
N LYS CA 358 -59.20 14.12 25.65
CA LYS CA 358 -59.75 13.34 26.76
C LYS CA 358 -58.69 13.07 27.82
N ASN CA 359 -57.44 12.80 27.41
CA ASN CA 359 -56.38 12.55 28.39
C ASN CA 359 -56.05 13.80 29.19
N LEU CA 360 -55.97 14.96 28.53
CA LEU CA 360 -55.73 16.20 29.23
C LEU CA 360 -56.88 16.53 30.17
N LEU CA 361 -58.12 16.20 29.76
CA LEU CA 361 -59.26 16.46 30.62
C LEU CA 361 -59.21 15.61 31.88
N ARG CA 362 -58.83 14.33 31.72
CA ARG CA 362 -58.65 13.42 32.85
C ARG CA 362 -57.60 13.95 33.83
N ASN CA 363 -56.39 14.21 33.34
CA ASN CA 363 -55.29 14.59 34.23
C ASN CA 363 -55.49 15.95 34.85
N ALA CA 364 -56.04 16.91 34.09
CA ALA CA 364 -56.28 18.24 34.64
C ALA CA 364 -57.42 18.23 35.64
N LEU CA 365 -58.44 17.41 35.43
CA LEU CA 365 -59.52 17.36 36.42
C LEU CA 365 -59.05 16.68 37.71
N VAL CA 366 -58.17 15.66 37.58
CA VAL CA 366 -57.62 15.01 38.76
C VAL CA 366 -56.74 15.97 39.55
N SER CA 367 -55.83 16.67 38.87
CA SER CA 367 -55.00 17.63 39.58
C SER CA 367 -55.78 18.85 40.05
N HIS CA 368 -56.91 19.14 39.41
CA HIS CA 368 -57.84 20.14 39.92
C HIS CA 368 -58.47 19.67 41.22
N LEU CA 369 -58.64 18.36 41.36
CA LEU CA 369 -59.13 17.78 42.61
C LEU CA 369 -57.93 17.41 43.49
N ASP CA 370 -57.25 18.45 43.97
CA ASP CA 370 -56.10 18.32 44.84
C ASP CA 370 -56.33 19.11 46.12
N GLY CA 371 -55.73 18.64 47.20
CA GLY CA 371 -55.90 19.26 48.48
C GLY CA 371 -57.30 19.01 49.00
N THR CA 372 -57.72 19.89 49.90
CA THR CA 372 -59.06 19.89 50.43
C THR CA 372 -59.83 21.17 50.12
N THR CA 373 -59.14 22.31 50.06
CA THR CA 373 -59.82 23.57 49.77
C THR CA 373 -60.33 23.68 48.34
N PRO CA 374 -59.57 23.35 47.28
CA PRO CA 374 -60.19 23.36 45.94
C PRO CA 374 -61.27 22.30 45.76
N VAL CA 375 -61.10 21.15 46.41
CA VAL CA 375 -62.09 20.09 46.28
C VAL CA 375 -63.40 20.48 46.94
N CYS CA 376 -63.32 21.08 48.13
CA CYS CA 376 -64.54 21.49 48.82
C CYS CA 376 -65.15 22.74 48.17
N GLU CA 377 -64.33 23.54 47.51
CA GLU CA 377 -64.86 24.61 46.67
C GLU CA 377 -65.66 24.02 45.51
N ASP CA 378 -65.15 22.95 44.90
CA ASP CA 378 -65.88 22.25 43.87
C ASP CA 378 -67.15 21.62 44.42
N ILE CA 379 -67.11 21.19 45.67
CA ILE CA 379 -68.28 20.62 46.34
C ILE CA 379 -69.38 21.66 46.47
N GLY CA 380 -69.03 22.83 46.99
CA GLY CA 380 -70.02 23.87 47.17
C GLY CA 380 -70.59 24.36 45.86
N ARG CA 381 -69.72 24.56 44.87
CA ARG CA 381 -70.18 25.02 43.57
C ARG CA 381 -70.98 23.95 42.83
N SER CA 382 -70.77 22.67 43.15
CA SER CA 382 -71.57 21.63 42.53
C SER CA 382 -72.92 21.49 43.20
N LEU CA 383 -72.97 21.61 44.52
CA LEU CA 383 -74.25 21.47 45.21
C LEU CA 383 -75.12 22.72 45.07
N LEU CA 384 -74.55 23.85 44.66
CA LEU CA 384 -75.45 24.94 44.28
C LEU CA 384 -76.11 24.68 42.93
N THR CA 385 -75.31 24.56 41.87
CA THR CA 385 -75.87 24.54 40.52
C THR CA 385 -76.49 23.20 40.18
N TYR CA 386 -75.68 22.14 40.21
CA TYR CA 386 -76.12 20.81 39.80
C TYR CA 386 -77.11 20.19 40.77
N GLY CA 387 -77.15 20.67 42.02
CA GLY CA 387 -77.91 20.02 43.05
C GLY CA 387 -77.23 18.83 43.67
N ARG CA 388 -75.99 18.54 43.27
CA ARG CA 388 -75.30 17.31 43.66
C ARG CA 388 -73.83 17.48 43.33
N ARG CA 389 -73.02 16.60 43.90
CA ARG CA 389 -71.61 16.48 43.53
C ARG CA 389 -71.45 15.30 42.60
N ILE CA 390 -70.82 15.52 41.47
CA ILE CA 390 -70.64 14.46 40.47
C ILE CA 390 -69.47 13.60 40.89
N PRO CA 391 -69.64 12.28 40.94
CA PRO CA 391 -68.51 11.39 41.21
C PRO CA 391 -67.54 11.36 40.05
N LEU CA 392 -66.28 11.05 40.38
CA LEU CA 392 -65.22 11.05 39.37
C LEU CA 392 -65.40 9.92 38.38
N ALA CA 393 -66.04 8.83 38.80
CA ALA CA 393 -66.40 7.78 37.85
C ALA CA 393 -67.44 8.27 36.86
N GLU CA 394 -68.36 9.13 37.30
CA GLU CA 394 -69.30 9.73 36.36
C GLU CA 394 -68.60 10.68 35.41
N TRP CA 395 -67.58 11.39 35.89
CA TRP CA 395 -66.77 12.23 35.01
C TRP CA 395 -66.07 11.39 33.96
N GLU CA 396 -65.43 10.30 34.38
CA GLU CA 396 -64.72 9.45 33.44
C GLU CA 396 -65.66 8.75 32.47
N SER CA 397 -66.87 8.42 32.94
CA SER CA 397 -67.87 7.83 32.07
C SER CA 397 -68.35 8.83 31.02
N ARG CA 398 -68.59 10.08 31.41
CA ARG CA 398 -68.97 11.08 30.43
C ARG CA 398 -67.81 11.48 29.53
N ILE CA 399 -66.57 11.28 29.98
CA ILE CA 399 -65.42 11.47 29.08
C ILE CA 399 -65.41 10.40 28.00
N ALA CA 400 -65.55 9.13 28.40
CA ALA CA 400 -65.56 8.05 27.43
C ALA CA 400 -66.83 8.02 26.58
N GLU CA 401 -67.90 8.68 27.01
CA GLU CA 401 -69.14 8.76 26.24
C GLU CA 401 -69.11 9.83 25.15
N VAL CA 402 -67.95 10.36 24.77
CA VAL CA 402 -67.84 11.32 23.68
C VAL CA 402 -66.67 10.91 22.80
N ASP CA 403 -66.93 10.75 21.50
CA ASP CA 403 -65.91 10.62 20.49
C ASP CA 403 -65.99 11.83 19.55
N ALA CA 404 -65.30 11.73 18.41
CA ALA CA 404 -65.20 12.84 17.47
C ALA CA 404 -66.53 13.29 16.91
N ARG CA 405 -67.53 12.40 16.85
CA ARG CA 405 -68.82 12.76 16.29
C ARG CA 405 -69.55 13.79 17.14
N VAL CA 406 -69.58 13.56 18.46
CA VAL CA 406 -70.20 14.52 19.36
C VAL CA 406 -69.43 15.82 19.36
N VAL CA 407 -68.10 15.76 19.20
CA VAL CA 407 -67.28 16.96 19.20
C VAL CA 407 -67.58 17.82 17.99
N ARG CA 408 -67.65 17.20 16.81
CA ARG CA 408 -67.94 17.99 15.62
C ARG CA 408 -69.38 18.47 15.59
N GLU CA 409 -70.31 17.74 16.22
CA GLU CA 409 -71.67 18.26 16.33
C GLU CA 409 -71.76 19.46 17.26
N VAL CA 410 -71.04 19.42 18.38
CA VAL CA 410 -71.09 20.53 19.33
C VAL CA 410 -70.39 21.76 18.75
N CYS CA 411 -69.27 21.55 18.05
CA CYS CA 411 -68.64 22.66 17.35
C CYS CA 411 -69.52 23.17 16.21
N SER CA 412 -70.33 22.30 15.61
CA SER CA 412 -71.30 22.74 14.61
C SER CA 412 -72.39 23.59 15.24
N LYS CA 413 -72.77 23.28 16.47
CA LYS CA 413 -73.85 24.04 17.10
C LYS CA 413 -73.37 25.37 17.66
N TYR CA 414 -72.23 25.39 18.32
CA TYR CA 414 -71.84 26.55 19.12
C TYR CA 414 -70.84 27.47 18.43
N PHE CA 415 -69.86 26.92 17.70
CA PHE CA 415 -68.88 27.78 17.05
C PHE CA 415 -69.35 28.25 15.69
N TYR CA 416 -69.88 27.34 14.90
CA TYR CA 416 -70.04 27.55 13.47
C TYR CA 416 -71.16 28.55 13.21
N ASP CA 417 -70.77 29.72 12.70
CA ASP CA 417 -71.66 30.73 12.13
C ASP CA 417 -72.68 31.21 13.17
N GLN CA 418 -72.14 31.86 14.19
CA GLN CA 418 -72.90 32.47 15.28
C GLN CA 418 -72.51 33.95 15.35
N CYS CA 419 -72.90 34.62 16.44
CA CYS CA 419 -72.72 36.06 16.60
C CYS CA 419 -71.95 36.39 17.88
N PRO CA 420 -70.63 36.51 17.82
CA PRO CA 420 -69.83 36.62 19.05
C PRO CA 420 -69.90 38.02 19.68
N ALA CA 421 -69.18 38.14 20.79
CA ALA CA 421 -69.02 39.39 21.51
C ALA CA 421 -67.53 39.62 21.72
N VAL CA 422 -67.09 40.84 21.43
CA VAL CA 422 -65.68 41.18 21.36
C VAL CA 422 -65.40 42.26 22.39
N ALA CA 423 -64.36 42.07 23.18
CA ALA CA 423 -63.88 43.08 24.10
C ALA CA 423 -62.41 43.33 23.80
N GLY CA 424 -62.10 44.55 23.37
CA GLY CA 424 -60.73 44.93 23.03
C GLY CA 424 -60.22 46.00 23.99
N PHE CA 425 -58.97 45.89 24.40
CA PHE CA 425 -58.40 46.82 25.37
C PHE CA 425 -56.95 47.11 25.03
N GLY CA 426 -56.64 48.38 24.79
CA GLY CA 426 -55.26 48.79 24.66
C GLY CA 426 -54.91 49.38 23.30
N PRO CA 427 -53.80 48.92 22.71
CA PRO CA 427 -53.41 49.24 21.33
C PRO CA 427 -54.15 48.33 20.36
N ILE CA 428 -55.38 48.71 20.05
CA ILE CA 428 -56.31 47.82 19.38
C ILE CA 428 -56.84 48.46 18.11
N GLU CA 429 -56.04 49.33 17.52
CA GLU CA 429 -56.45 49.95 16.26
C GLU CA 429 -56.33 48.97 15.11
N GLN CA 430 -55.32 48.11 15.16
CA GLN CA 430 -55.08 47.13 14.12
C GLN CA 430 -55.91 45.88 14.32
N LEU CA 431 -56.81 45.88 15.30
CA LEU CA 431 -57.89 44.91 15.34
C LEU CA 431 -58.75 45.10 14.11
N PRO CA 432 -59.11 44.04 13.41
CA PRO CA 432 -60.07 44.18 12.31
C PRO CA 432 -61.43 44.57 12.85
N ASP CA 433 -62.22 45.18 11.98
CA ASP CA 433 -63.55 45.57 12.39
C ASP CA 433 -64.44 44.34 12.46
N TYR CA 434 -65.63 44.53 13.06
CA TYR CA 434 -66.46 43.43 13.50
C TYR CA 434 -66.98 42.58 12.35
N ASN CA 435 -67.21 43.21 11.20
CA ASN CA 435 -67.64 42.46 10.03
C ASN CA 435 -66.55 41.56 9.47
N ARG CA 436 -65.28 41.90 9.70
CA ARG CA 436 -64.22 40.98 9.30
C ARG CA 436 -64.22 39.73 10.16
N ILE CA 437 -64.49 39.89 11.46
CA ILE CA 437 -64.63 38.75 12.36
C ILE CA 437 -65.81 37.88 11.94
N ARG CA 438 -66.92 38.51 11.56
CA ARG CA 438 -68.10 37.73 11.16
C ARG CA 438 -67.87 37.01 9.82
N SER CA 439 -67.34 37.72 8.82
CA SER CA 439 -67.09 37.06 7.54
C SER CA 439 -65.92 36.10 7.59
N GLY CA 440 -65.13 36.13 8.66
CA GLY CA 440 -64.23 35.04 8.93
C GLY CA 440 -64.80 33.99 9.83
N MET CA 441 -66.00 34.20 10.38
CA MET CA 441 -66.53 33.20 11.29
C MET CA 441 -67.04 31.97 10.54
N PHE CA 442 -67.65 32.15 9.37
CA PHE CA 442 -68.14 31.01 8.61
C PHE CA 442 -67.22 30.72 7.44
N TRP CA 443 -67.03 29.45 7.15
CA TRP CA 443 -66.30 29.02 5.97
C TRP CA 443 -67.22 28.85 4.77
N LEU CA 444 -66.84 29.48 3.66
CA LEU CA 444 -67.03 28.90 2.34
C LEU CA 444 -65.75 28.22 1.87
N ARG CA 445 -65.02 27.64 2.83
CA ARG CA 445 -63.65 27.11 2.71
C ARG CA 445 -62.66 28.20 2.30
N PHE CA 446 -62.97 29.46 2.63
CA PHE CA 446 -62.14 30.65 2.44
C PHE CA 446 -61.66 30.84 1.01
N HIS DA 20 -57.20 4.98 53.46
CA HIS DA 20 -56.03 4.16 53.14
C HIS DA 20 -55.03 4.16 54.30
N PRO DA 21 -55.09 3.12 55.15
CA PRO DA 21 -54.26 3.13 56.36
C PRO DA 21 -52.81 2.78 56.11
N GLN DA 22 -52.46 2.23 54.96
CA GLN DA 22 -51.07 1.87 54.70
C GLN DA 22 -50.22 3.12 54.50
N ASP DA 23 -48.94 2.99 54.80
CA ASP DA 23 -48.06 4.14 54.93
C ASP DA 23 -46.82 4.06 54.05
N LEU DA 24 -45.92 5.03 54.22
CA LEU DA 24 -44.77 5.19 53.35
C LEU DA 24 -43.76 4.08 53.59
N GLU DA 25 -42.78 4.01 52.69
CA GLU DA 25 -41.69 3.05 52.79
C GLU DA 25 -40.40 3.75 52.39
N PHE DA 26 -39.46 3.79 53.32
CA PHE DA 26 -38.15 4.39 53.12
C PHE DA 26 -37.20 3.28 52.71
N THR DA 27 -36.39 3.52 51.69
CA THR DA 27 -35.37 2.57 51.30
C THR DA 27 -34.18 3.35 50.77
N ARG DA 28 -33.12 3.41 51.54
CA ARG DA 28 -31.92 4.14 51.16
C ARG DA 28 -30.96 3.13 50.55
N LEU DA 29 -30.91 3.07 49.22
CA LEU DA 29 -30.00 2.14 48.59
C LEU DA 29 -28.57 2.65 48.69
N PRO DA 30 -27.64 1.80 49.12
CA PRO DA 30 -26.37 2.27 49.69
C PRO DA 30 -25.33 2.69 48.67
N ASN DA 31 -25.60 2.53 47.38
CA ASN DA 31 -24.85 3.27 46.37
C ASN DA 31 -25.09 4.76 46.49
N GLY DA 32 -26.19 5.17 47.11
CA GLY DA 32 -26.32 6.52 47.61
C GLY DA 32 -27.70 7.14 47.57
N LEU DA 33 -28.68 6.48 46.95
CA LEU DA 33 -29.91 7.21 46.65
C LEU DA 33 -31.03 6.83 47.61
N VAL DA 34 -32.08 7.64 47.59
CA VAL DA 34 -33.18 7.53 48.54
C VAL DA 34 -34.47 7.28 47.77
N ILE DA 35 -35.10 6.14 48.04
CA ILE DA 35 -36.41 5.83 47.49
C ILE DA 35 -37.44 6.00 48.59
N ALA DA 36 -38.38 6.91 48.39
CA ALA DA 36 -39.44 7.12 49.37
C ALA DA 36 -40.76 6.83 48.68
N SER DA 37 -41.29 5.62 48.87
CA SER DA 37 -42.51 5.25 48.19
C SER DA 37 -43.71 5.45 49.10
N LEU DA 38 -44.87 5.61 48.46
CA LEU DA 38 -46.15 5.64 49.17
C LEU DA 38 -47.18 5.03 48.22
N GLU DA 39 -47.55 3.79 48.45
CA GLU DA 39 -48.61 3.16 47.68
C GLU DA 39 -49.97 3.49 48.31
N ASN DA 40 -50.81 4.18 47.56
CA ASN DA 40 -52.20 4.40 47.92
C ASN DA 40 -53.07 4.15 46.71
N TYR DA 41 -54.39 4.12 46.92
CA TYR DA 41 -55.34 4.02 45.82
C TYR DA 41 -55.75 5.40 45.32
N ALA DA 42 -54.79 6.24 45.07
CA ALA DA 42 -55.04 7.61 44.68
C ALA DA 42 -54.88 7.76 43.17
N PRO DA 43 -55.65 8.68 42.55
CA PRO DA 43 -55.46 8.93 41.11
C PRO DA 43 -54.15 9.62 40.79
N ALA DA 44 -53.87 10.72 41.50
CA ALA DA 44 -52.83 11.68 41.11
C ALA DA 44 -51.45 11.07 41.35
N SER DA 45 -51.04 10.23 40.41
CA SER DA 45 -49.74 9.57 40.48
C SER DA 45 -48.66 10.61 40.20
N ARG DA 46 -47.95 11.03 41.25
CA ARG DA 46 -46.89 12.01 41.12
C ARG DA 46 -45.55 11.36 41.40
N ILE DA 47 -44.59 11.63 40.52
CA ILE DA 47 -43.22 11.21 40.71
C ILE DA 47 -42.37 12.47 40.85
N GLY DA 48 -41.59 12.53 41.91
CA GLY DA 48 -40.63 13.59 42.11
C GLY DA 48 -39.23 13.03 42.04
N LEU DA 49 -38.34 13.76 41.38
CA LEU DA 49 -36.91 13.53 41.49
C LEU DA 49 -36.28 14.78 42.04
N PHE DA 50 -35.73 14.68 43.24
CA PHE DA 50 -35.17 15.83 43.92
C PHE DA 50 -33.66 15.64 44.00
N ILE DA 51 -32.91 16.65 43.55
CA ILE DA 51 -31.47 16.65 43.70
C ILE DA 51 -31.04 17.98 44.30
N LYS DA 52 -30.25 17.91 45.36
CA LYS DA 52 -29.63 19.10 45.95
C LYS DA 52 -28.59 19.61 44.96
N ALA DA 53 -29.03 20.41 43.99
CA ALA DA 53 -28.11 20.96 43.01
C ALA DA 53 -28.50 22.39 42.67
N GLY DA 54 -28.84 23.19 43.66
CA GLY DA 54 -29.29 24.54 43.41
C GLY DA 54 -28.18 25.53 43.12
N SER DA 55 -28.40 26.79 43.44
CA SER DA 55 -27.48 27.84 43.05
C SER DA 55 -26.25 27.93 43.94
N ARG DA 56 -26.16 27.14 45.00
CA ARG DA 56 -25.00 27.18 45.88
C ARG DA 56 -23.91 26.21 45.48
N TYR DA 57 -23.90 25.75 44.24
CA TYR DA 57 -22.85 24.85 43.78
C TYR DA 57 -22.13 25.39 42.56
N GLU DA 58 -22.41 26.63 42.17
CA GLU DA 58 -21.67 27.27 41.11
C GLU DA 58 -20.39 27.86 41.69
N ASN DA 59 -19.52 28.37 40.81
CA ASN DA 59 -18.45 29.23 41.28
C ASN DA 59 -18.57 30.57 40.56
N PHE DA 60 -17.54 31.39 40.64
CA PHE DA 60 -17.63 32.73 40.09
C PHE DA 60 -17.66 32.78 38.57
N ASN DA 61 -17.24 31.70 37.90
CA ASN DA 61 -17.04 31.78 36.46
C ASN DA 61 -18.28 31.48 35.65
N ASN DA 62 -19.22 30.70 36.17
CA ASN DA 62 -20.35 30.28 35.35
C ASN DA 62 -21.68 30.68 35.99
N LEU DA 63 -21.79 31.93 36.38
CA LEU DA 63 -23.00 32.41 37.04
C LEU DA 63 -24.18 32.45 36.07
N GLY DA 64 -25.30 31.88 36.50
CA GLY DA 64 -26.49 31.76 35.67
C GLY DA 64 -26.67 30.42 35.04
N THR DA 65 -25.80 29.45 35.33
CA THR DA 65 -25.85 28.15 34.69
C THR DA 65 -27.02 27.33 35.20
N SER DA 66 -27.34 27.45 36.49
CA SER DA 66 -28.43 26.68 37.07
C SER DA 66 -29.77 27.11 36.50
N HIS DA 67 -29.93 28.41 36.25
CA HIS DA 67 -31.11 28.92 35.56
C HIS DA 67 -31.22 28.33 34.16
N LEU DA 68 -30.09 28.22 33.46
CA LEU DA 68 -30.07 27.65 32.13
C LEU DA 68 -30.47 26.18 32.15
N LEU DA 69 -30.00 25.45 33.16
CA LEU DA 69 -30.38 24.05 33.28
C LEU DA 69 -31.84 23.91 33.66
N ARG DA 70 -32.36 24.87 34.43
CA ARG DA 70 -33.75 24.82 34.84
C ARG DA 70 -34.68 25.06 33.67
N LEU DA 71 -34.28 25.89 32.71
CA LEU DA 71 -35.06 25.99 31.50
C LEU DA 71 -34.70 24.93 30.47
N ALA DA 72 -33.80 24.00 30.79
CA ALA DA 72 -33.36 22.99 29.84
C ALA DA 72 -34.07 21.66 30.06
N SER DA 73 -35.35 21.71 30.40
CA SER DA 73 -36.12 20.49 30.60
C SER DA 73 -36.80 20.01 29.32
N SER DA 74 -36.46 20.58 28.18
CA SER DA 74 -37.13 20.25 26.92
C SER DA 74 -36.11 20.14 25.78
N LEU DA 75 -35.00 19.46 26.04
CA LEU DA 75 -33.95 19.34 25.04
C LEU DA 75 -33.69 17.88 24.73
N THR DA 76 -33.13 17.64 23.55
CA THR DA 76 -32.95 16.28 23.04
C THR DA 76 -31.93 15.53 23.86
N THR DA 77 -32.14 14.22 23.99
CA THR DA 77 -31.22 13.34 24.69
C THR DA 77 -30.63 12.36 23.70
N LYS DA 78 -29.85 11.42 24.21
CA LYS DA 78 -29.26 10.40 23.37
C LYS DA 78 -30.31 9.31 23.13
N GLY DA 79 -31.08 9.45 22.05
CA GLY DA 79 -32.09 8.48 21.67
C GLY DA 79 -33.51 8.97 21.80
N ALA DA 80 -33.78 9.86 22.75
CA ALA DA 80 -35.12 10.41 22.93
C ALA DA 80 -35.04 11.90 22.59
N SER DA 81 -35.38 12.23 21.35
CA SER DA 81 -35.35 13.62 20.91
C SER DA 81 -36.45 14.42 21.59
N SER DA 82 -36.26 15.75 21.61
CA SER DA 82 -37.15 16.63 22.37
C SER DA 82 -38.54 16.67 21.78
N PHE DA 83 -38.67 16.43 20.48
CA PHE DA 83 -39.97 16.35 19.85
C PHE DA 83 -40.77 15.19 20.41
N LYS DA 84 -40.15 14.00 20.49
CA LYS DA 84 -40.78 12.84 21.09
C LYS DA 84 -41.13 13.09 22.55
N ILE DA 85 -40.24 13.76 23.27
CA ILE DA 85 -40.44 14.05 24.70
C ILE DA 85 -41.69 14.90 24.90
N THR DA 86 -41.76 16.04 24.22
CA THR DA 86 -42.87 16.96 24.42
C THR DA 86 -44.17 16.35 23.90
N ARG DA 87 -44.12 15.67 22.75
CA ARG DA 87 -45.34 15.13 22.18
C ARG DA 87 -45.89 13.96 23.00
N GLY DA 88 -45.02 13.07 23.49
CA GLY DA 88 -45.51 11.97 24.30
C GLY DA 88 -45.99 12.40 25.67
N ILE DA 89 -45.29 13.36 26.29
CA ILE DA 89 -45.69 13.83 27.61
C ILE DA 89 -47.00 14.60 27.56
N GLU DA 90 -47.15 15.50 26.60
CA GLU DA 90 -48.43 16.17 26.49
C GLU DA 90 -49.47 15.36 25.73
N ALA DA 91 -49.12 14.18 25.23
CA ALA DA 91 -50.11 13.29 24.65
C ALA DA 91 -50.73 12.35 25.66
N VAL DA 92 -49.96 11.93 26.67
CA VAL DA 92 -50.56 11.18 27.77
C VAL DA 92 -51.24 12.10 28.77
N GLY DA 93 -51.09 13.41 28.61
CA GLY DA 93 -51.75 14.37 29.47
C GLY DA 93 -51.00 14.75 30.73
N GLY DA 94 -50.00 13.96 31.11
CA GLY DA 94 -49.29 14.25 32.35
C GLY DA 94 -48.43 15.49 32.22
N LYS DA 95 -48.46 16.32 33.26
CA LYS DA 95 -47.78 17.61 33.22
C LYS DA 95 -46.48 17.55 34.02
N LEU DA 96 -45.48 18.26 33.53
CA LEU DA 96 -44.14 18.19 34.08
C LEU DA 96 -43.66 19.59 34.43
N SER DA 97 -43.32 19.80 35.68
CA SER DA 97 -42.78 21.08 36.11
C SER DA 97 -41.43 20.85 36.75
N VAL DA 98 -40.64 21.92 36.82
CA VAL DA 98 -39.31 21.90 37.38
C VAL DA 98 -39.18 23.12 38.28
N THR DA 99 -38.96 22.90 39.56
CA THR DA 99 -38.74 24.03 40.45
C THR DA 99 -37.38 23.93 41.11
N SER DA 100 -36.99 25.02 41.77
CA SER DA 100 -35.65 25.12 42.34
C SER DA 100 -35.63 26.15 43.45
N THR DA 101 -35.01 25.76 44.57
CA THR DA 101 -34.47 26.66 45.58
C THR DA 101 -32.96 26.69 45.42
N ARG DA 102 -32.31 27.52 46.24
CA ARG DA 102 -30.87 27.71 46.15
C ARG DA 102 -30.08 26.46 46.52
N GLU DA 103 -30.70 25.50 47.22
CA GLU DA 103 -30.11 24.19 47.36
C GLU DA 103 -30.64 23.20 46.32
N ASN DA 104 -31.91 23.30 45.93
CA ASN DA 104 -32.61 22.14 45.42
C ASN DA 104 -33.13 22.36 43.99
N MET DA 105 -33.03 21.32 43.17
CA MET DA 105 -33.74 21.22 41.93
C MET DA 105 -34.71 20.05 42.00
N ALA DA 106 -35.86 20.22 41.37
CA ALA DA 106 -36.98 19.32 41.55
C ALA DA 106 -37.66 19.09 40.21
N TYR DA 107 -37.78 17.83 39.81
CA TYR DA 107 -38.45 17.42 38.57
C TYR DA 107 -39.72 16.71 38.97
N THR DA 108 -40.87 17.34 38.75
CA THR DA 108 -42.15 16.85 39.26
C THR DA 108 -43.05 16.51 38.08
N VAL DA 109 -43.33 15.22 37.89
CA VAL DA 109 -44.22 14.76 36.83
C VAL DA 109 -45.51 14.23 37.45
N GLU DA 110 -46.64 14.81 37.05
CA GLU DA 110 -47.95 14.35 37.46
C GLU DA 110 -48.63 13.62 36.30
N CYS DA 111 -49.29 12.52 36.63
CA CYS DA 111 -50.07 11.75 35.68
C CYS DA 111 -51.03 10.88 36.48
N LEU DA 112 -51.64 9.91 35.81
CA LEU DA 112 -52.38 8.87 36.48
C LEU DA 112 -51.50 7.63 36.51
N ARG DA 113 -52.08 6.50 36.86
CA ARG DA 113 -51.35 5.24 36.86
C ARG DA 113 -51.35 4.56 35.50
N ASP DA 114 -51.53 5.34 34.43
CA ASP DA 114 -51.69 4.79 33.09
C ASP DA 114 -50.34 4.40 32.48
N ASP DA 115 -49.43 5.36 32.33
CA ASP DA 115 -48.17 5.17 31.62
C ASP DA 115 -47.00 5.74 32.43
N VAL DA 116 -46.93 5.38 33.72
CA VAL DA 116 -45.85 5.86 34.56
C VAL DA 116 -44.50 5.30 34.17
N ASP DA 117 -44.45 4.18 33.44
CA ASP DA 117 -43.19 3.56 33.07
C ASP DA 117 -42.51 4.32 31.95
N ILE DA 118 -43.27 4.69 30.91
CA ILE DA 118 -42.65 5.43 29.82
C ILE DA 118 -42.35 6.86 30.26
N LEU DA 119 -43.14 7.41 31.19
CA LEU DA 119 -42.87 8.75 31.71
C LEU DA 119 -41.65 8.74 32.62
N MET DA 120 -41.49 7.68 33.39
CA MET DA 120 -40.27 7.48 34.16
C MET DA 120 -39.06 7.34 33.25
N GLU DA 121 -39.21 6.63 32.13
CA GLU DA 121 -38.07 6.47 31.21
C GLU DA 121 -37.70 7.79 30.56
N PHE DA 122 -38.70 8.61 30.20
CA PHE DA 122 -38.41 9.97 29.72
C PHE DA 122 -37.73 10.81 30.79
N LEU DA 123 -38.15 10.66 32.05
CA LEU DA 123 -37.54 11.43 33.13
C LEU DA 123 -36.07 11.02 33.33
N LEU DA 124 -35.80 9.72 33.27
CA LEU DA 124 -34.43 9.24 33.39
C LEU DA 124 -33.57 9.70 32.23
N ASN DA 125 -34.12 9.72 31.02
CA ASN DA 125 -33.36 10.19 29.88
C ASN DA 125 -33.07 11.68 29.98
N VAL DA 126 -34.05 12.46 30.46
CA VAL DA 126 -33.90 13.90 30.62
C VAL DA 126 -32.80 14.21 31.65
N THR DA 127 -32.78 13.49 32.76
CA THR DA 127 -31.74 13.70 33.75
C THR DA 127 -30.38 13.25 33.24
N THR DA 128 -30.26 11.99 32.82
CA THR DA 128 -28.98 11.35 32.63
C THR DA 128 -28.71 10.98 31.18
N ALA DA 129 -29.08 11.85 30.24
CA ALA DA 129 -28.48 11.83 28.90
C ALA DA 129 -28.38 13.24 28.38
N PRO DA 130 -27.38 14.00 28.85
CA PRO DA 130 -27.28 15.41 28.41
C PRO DA 130 -26.60 15.51 27.06
N GLU DA 131 -27.21 16.26 26.15
CA GLU DA 131 -26.56 16.61 24.89
C GLU DA 131 -26.36 18.10 24.73
N PHE DA 132 -27.42 18.89 24.95
CA PHE DA 132 -27.41 20.36 24.91
C PHE DA 132 -26.91 20.88 23.56
N ARG DA 133 -27.69 20.61 22.55
CA ARG DA 133 -27.30 20.99 21.20
C ARG DA 133 -27.43 22.51 21.03
N ARG DA 134 -26.56 23.05 20.18
CA ARG DA 134 -26.06 24.41 20.30
C ARG DA 134 -27.09 25.46 19.86
N TRP DA 135 -27.81 25.19 18.79
CA TRP DA 135 -28.87 26.07 18.32
C TRP DA 135 -30.00 26.17 19.36
N GLU DA 136 -30.33 25.04 19.98
CA GLU DA 136 -31.29 25.01 21.07
C GLU DA 136 -30.80 25.81 22.26
N VAL DA 137 -29.48 25.81 22.47
CA VAL DA 137 -28.88 26.61 23.53
C VAL DA 137 -29.10 28.10 23.25
N ALA DA 138 -28.97 28.53 21.99
CA ALA DA 138 -29.18 29.94 21.66
C ALA DA 138 -30.64 30.37 21.84
N ALA DA 139 -31.57 29.53 21.38
CA ALA DA 139 -32.99 29.80 21.63
C ALA DA 139 -33.30 29.83 23.11
N LEU DA 140 -32.60 29.01 23.89
CA LEU DA 140 -32.78 29.02 25.33
C LEU DA 140 -32.15 30.25 25.99
N GLN DA 141 -31.13 30.86 25.36
CA GLN DA 141 -30.62 32.15 25.86
C GLN DA 141 -31.68 33.22 25.77
N SER DA 142 -32.33 33.31 24.60
CA SER DA 142 -33.43 34.26 24.44
C SER DA 142 -34.55 33.97 25.42
N GLN DA 143 -34.83 32.68 25.66
CA GLN DA 143 -35.80 32.27 26.66
C GLN DA 143 -35.37 32.69 28.07
N LEU DA 144 -34.06 32.73 28.34
CA LEU DA 144 -33.58 33.19 29.64
C LEU DA 144 -33.88 34.67 29.84
N ARG DA 145 -33.69 35.48 28.79
CA ARG DA 145 -34.01 36.91 28.92
C ARG DA 145 -35.51 37.11 29.16
N ILE DA 146 -36.34 36.33 28.46
CA ILE DA 146 -37.80 36.37 28.65
C ILE DA 146 -38.17 36.00 30.09
N ASP DA 147 -37.61 34.89 30.58
CA ASP DA 147 -37.93 34.36 31.89
C ASP DA 147 -37.49 35.30 33.01
N LYS DA 148 -36.33 35.94 32.84
CA LYS DA 148 -35.85 36.87 33.85
C LYS DA 148 -36.73 38.13 33.89
N ALA DA 149 -37.21 38.58 32.74
CA ALA DA 149 -38.13 39.72 32.76
C ALA DA 149 -39.43 39.37 33.46
N VAL DA 150 -39.98 38.19 33.19
CA VAL DA 150 -41.25 37.78 33.80
C VAL DA 150 -41.07 37.51 35.29
N ALA DA 151 -39.88 37.08 35.70
CA ALA DA 151 -39.62 36.91 37.12
C ALA DA 151 -39.53 38.26 37.83
N PHE DA 152 -38.61 39.11 37.40
CA PHE DA 152 -38.33 40.34 38.11
C PHE DA 152 -39.21 41.50 37.67
N GLN DA 153 -40.36 41.23 37.06
CA GLN DA 153 -41.41 42.24 37.10
C GLN DA 153 -42.13 42.28 38.44
N ASN DA 154 -41.90 41.29 39.30
CA ASN DA 154 -42.21 41.43 40.72
C ASN DA 154 -40.99 42.00 41.41
N PRO DA 155 -41.06 43.20 41.99
CA PRO DA 155 -39.86 43.80 42.59
C PRO DA 155 -39.39 43.08 43.83
N GLN DA 156 -40.29 42.34 44.47
CA GLN DA 156 -40.02 41.74 45.76
C GLN DA 156 -39.04 40.59 45.65
N ALA DA 157 -39.11 39.84 44.54
CA ALA DA 157 -38.10 38.82 44.30
C ALA DA 157 -36.73 39.44 44.04
N HIS DA 158 -36.70 40.63 43.43
CA HIS DA 158 -35.43 41.32 43.27
C HIS DA 158 -34.90 41.84 44.61
N VAL DA 159 -35.81 42.21 45.52
CA VAL DA 159 -35.40 42.58 46.87
C VAL DA 159 -34.78 41.39 47.59
N ILE DA 160 -35.37 40.22 47.42
CA ILE DA 160 -34.80 39.00 48.01
C ILE DA 160 -33.45 38.65 47.39
N GLU DA 161 -33.30 38.90 46.08
CA GLU DA 161 -32.04 38.59 45.44
C GLU DA 161 -30.93 39.54 45.87
N ASN DA 162 -31.24 40.83 46.00
CA ASN DA 162 -30.27 41.74 46.59
C ASN DA 162 -30.00 41.41 48.06
N LEU DA 163 -30.98 40.84 48.75
CA LEU DA 163 -30.81 40.47 50.15
C LEU DA 163 -29.80 39.35 50.30
N HIS DA 164 -29.95 38.29 49.51
CA HIS DA 164 -28.95 37.22 49.52
C HIS DA 164 -27.63 37.67 48.93
N ALA DA 165 -27.64 38.68 48.07
CA ALA DA 165 -26.38 39.27 47.66
C ALA DA 165 -25.76 40.11 48.77
N ALA DA 166 -26.53 40.50 49.77
CA ALA DA 166 -26.04 41.38 50.82
C ALA DA 166 -25.55 40.64 52.05
N ALA DA 167 -25.68 39.32 52.10
CA ALA DA 167 -25.39 38.58 53.32
C ALA DA 167 -24.22 37.62 53.23
N TYR DA 168 -23.82 37.20 52.03
CA TYR DA 168 -22.81 36.17 51.90
C TYR DA 168 -21.75 36.60 50.90
N ARG DA 169 -20.52 36.15 51.16
CA ARG DA 169 -19.43 36.25 50.21
C ARG DA 169 -19.27 34.97 49.41
N ASN DA 170 -20.20 34.04 49.57
CA ASN DA 170 -19.95 32.64 49.28
C ASN DA 170 -21.20 32.10 48.57
N ALA DA 171 -21.36 30.78 48.59
CA ALA DA 171 -22.32 30.07 47.75
C ALA DA 171 -23.78 30.48 47.96
N LEU DA 172 -24.14 31.02 49.12
CA LEU DA 172 -25.50 31.50 49.32
C LEU DA 172 -25.68 32.95 48.92
N ALA DA 173 -24.81 33.48 48.05
CA ALA DA 173 -24.97 34.82 47.52
C ALA DA 173 -25.40 34.84 46.07
N ASN DA 174 -25.50 33.69 45.42
CA ASN DA 174 -25.74 33.62 44.00
C ASN DA 174 -27.19 33.93 43.68
N SER DA 175 -27.57 33.74 42.42
CA SER DA 175 -28.92 34.05 41.98
C SER DA 175 -29.68 32.78 41.60
N LEU DA 176 -31.01 32.87 41.75
CA LEU DA 176 -31.89 31.92 41.07
C LEU DA 176 -31.71 31.99 39.56
N TYR DA 177 -31.40 33.17 39.04
CA TYR DA 177 -31.43 33.48 37.63
C TYR DA 177 -30.04 33.85 37.15
N CYS DA 178 -29.97 34.39 35.96
CA CYS DA 178 -28.73 34.71 35.27
C CYS DA 178 -28.50 36.22 35.24
N PRO DA 179 -27.24 36.67 35.33
CA PRO DA 179 -26.96 38.10 35.22
C PRO DA 179 -27.18 38.61 33.80
N ASP DA 180 -27.03 39.93 33.66
CA ASP DA 180 -27.38 40.62 32.43
C ASP DA 180 -26.35 40.48 31.33
N TYR DA 181 -25.19 39.92 31.61
CA TYR DA 181 -24.16 39.80 30.58
C TYR DA 181 -23.90 38.36 30.15
N ARG DA 182 -24.07 37.39 31.04
CA ARG DA 182 -23.89 35.99 30.65
C ARG DA 182 -25.01 35.49 29.74
N ILE DA 183 -26.12 36.23 29.64
CA ILE DA 183 -27.20 35.89 28.72
C ILE DA 183 -26.69 36.01 27.29
N GLY DA 184 -26.69 34.89 26.58
CA GLY DA 184 -26.10 34.81 25.27
C GLY DA 184 -24.62 34.47 25.27
N LYS DA 185 -24.00 34.34 26.45
CA LYS DA 185 -22.59 34.07 26.53
C LYS DA 185 -22.24 32.79 27.27
N VAL DA 186 -23.22 32.03 27.75
CA VAL DA 186 -22.96 30.78 28.46
C VAL DA 186 -22.99 29.62 27.48
N THR DA 187 -21.93 28.79 27.51
CA THR DA 187 -21.68 27.67 26.62
C THR DA 187 -22.19 26.38 27.25
N PRO DA 188 -22.66 25.43 26.43
CA PRO DA 188 -23.16 24.17 26.98
C PRO DA 188 -22.09 23.20 27.49
N ASP DA 189 -20.80 23.46 27.24
CA ASP DA 189 -19.76 22.63 27.83
C ASP DA 189 -19.71 22.80 29.33
N GLU DA 190 -20.03 24.00 29.80
CA GLU DA 190 -20.20 24.23 31.23
C GLU DA 190 -21.33 23.38 31.80
N LEU DA 191 -22.44 23.23 31.04
CA LEU DA 191 -23.54 22.37 31.47
C LEU DA 191 -23.11 20.91 31.52
N HIS DA 192 -22.37 20.46 30.51
CA HIS DA 192 -21.90 19.07 30.48
C HIS DA 192 -21.00 18.77 31.67
N ASP DA 193 -20.01 19.63 31.93
CA ASP DA 193 -19.11 19.36 33.04
C ASP DA 193 -19.77 19.56 34.40
N TYR DA 194 -20.74 20.48 34.49
CA TYR DA 194 -21.46 20.70 35.74
C TYR DA 194 -22.34 19.51 36.09
N VAL DA 195 -23.03 18.95 35.09
CA VAL DA 195 -23.80 17.73 35.30
C VAL DA 195 -22.88 16.55 35.64
N GLN DA 196 -21.68 16.53 35.03
CA GLN DA 196 -20.73 15.46 35.33
C GLN DA 196 -20.25 15.50 36.77
N ASN DA 197 -19.94 16.68 37.29
CA ASN DA 197 -19.38 16.74 38.64
C ASN DA 197 -20.38 17.21 39.68
N HIS DA 198 -21.69 17.16 39.39
CA HIS DA 198 -22.66 17.49 40.42
C HIS DA 198 -23.87 16.58 40.49
N PHE DA 199 -23.95 15.52 39.68
CA PHE DA 199 -25.05 14.57 39.77
C PHE DA 199 -24.50 13.21 40.16
N THR DA 200 -24.40 12.98 41.46
CA THR DA 200 -24.06 11.67 41.98
C THR DA 200 -25.30 10.81 42.07
N SER DA 201 -25.10 9.53 42.36
CA SER DA 201 -26.19 8.74 42.89
C SER DA 201 -26.42 9.02 44.37
N ALA DA 202 -25.45 9.67 45.03
CA ALA DA 202 -25.45 9.88 46.47
C ALA DA 202 -26.23 11.11 46.90
N ARG DA 203 -27.01 11.72 46.01
CA ARG DA 203 -27.79 12.89 46.34
C ARG DA 203 -29.23 12.82 45.84
N MET DA 204 -29.60 11.75 45.15
CA MET DA 204 -30.83 11.69 44.40
C MET DA 204 -31.94 11.09 45.23
N ALA DA 205 -33.12 11.73 45.18
CA ALA DA 205 -34.29 11.30 45.92
C ALA DA 205 -35.42 11.05 44.94
N LEU DA 206 -35.79 9.77 44.77
CA LEU DA 206 -36.95 9.40 43.98
C LEU DA 206 -38.13 9.24 44.94
N ILE DA 207 -39.12 10.11 44.79
CA ILE DA 207 -40.22 10.23 45.74
C ILE DA 207 -41.49 9.87 44.99
N GLY DA 208 -42.12 8.77 45.39
CA GLY DA 208 -43.24 8.26 44.62
C GLY DA 208 -44.57 8.25 45.34
N LEU DA 209 -45.60 8.81 44.71
CA LEU DA 209 -46.97 8.81 45.21
C LEU DA 209 -47.86 8.19 44.15
N GLY DA 210 -48.22 6.93 44.34
CA GLY DA 210 -49.14 6.28 43.44
C GLY DA 210 -48.64 4.96 42.91
N VAL DA 211 -47.35 4.87 42.65
CA VAL DA 211 -46.77 3.64 42.13
C VAL DA 211 -46.12 2.90 43.28
N SER DA 212 -45.90 1.60 43.07
CA SER DA 212 -45.44 0.75 44.15
C SER DA 212 -43.94 0.90 44.35
N HIS DA 213 -43.49 0.49 45.53
CA HIS DA 213 -42.05 0.40 45.79
C HIS DA 213 -41.25 -0.56 44.90
N PRO DA 214 -41.69 -1.80 44.60
CA PRO DA 214 -40.79 -2.68 43.83
C PRO DA 214 -40.56 -2.24 42.40
N VAL DA 215 -41.54 -1.58 41.77
CA VAL DA 215 -41.33 -1.12 40.40
C VAL DA 215 -40.29 -0.01 40.37
N LEU DA 216 -40.39 0.95 41.31
CA LEU DA 216 -39.39 1.98 41.49
C LEU DA 216 -38.04 1.39 41.85
N LYS DA 217 -38.05 0.30 42.62
CA LYS DA 217 -36.82 -0.39 43.00
C LYS DA 217 -36.12 -0.95 41.78
N GLN DA 218 -36.89 -1.60 40.90
CA GLN DA 218 -36.35 -2.15 39.66
C GLN DA 218 -35.78 -1.06 38.77
N VAL DA 219 -36.54 0.02 38.60
CA VAL DA 219 -36.12 1.13 37.74
C VAL DA 219 -34.84 1.77 38.24
N ALA DA 220 -34.85 2.23 39.49
CA ALA DA 220 -33.70 2.94 40.03
C ALA DA 220 -32.52 2.02 40.30
N GLU DA 221 -32.75 0.71 40.40
CA GLU DA 221 -31.64 -0.21 40.58
C GLU DA 221 -30.96 -0.51 39.25
N GLN DA 222 -31.73 -0.66 38.19
CA GLN DA 222 -31.18 -1.11 36.92
C GLN DA 222 -30.87 0.01 35.95
N PHE DA 223 -31.26 1.26 36.24
CA PHE DA 223 -31.33 2.24 35.18
C PHE DA 223 -30.43 3.47 35.31
N LEU DA 224 -29.80 3.74 36.45
CA LEU DA 224 -28.83 4.84 36.49
C LEU DA 224 -27.42 4.37 36.81
N ASN DA 225 -27.16 3.97 38.04
CA ASN DA 225 -25.90 3.41 38.57
C ASN DA 225 -24.62 4.10 38.06
N ILE DA 226 -24.55 5.43 38.23
CA ILE DA 226 -23.40 6.16 37.68
C ILE DA 226 -22.35 6.46 38.75
N ARG DA 227 -22.72 7.25 39.76
CA ARG DA 227 -21.78 7.63 40.80
C ARG DA 227 -22.44 7.53 42.18
N GLY DA 234 -19.38 20.33 48.37
CA GLY DA 234 -19.79 21.63 47.88
C GLY DA 234 -19.01 22.77 48.52
N ALA DA 235 -19.72 23.80 48.96
CA ALA DA 235 -19.09 24.95 49.59
C ALA DA 235 -20.07 25.53 50.60
N LYS DA 236 -19.56 25.85 51.79
CA LYS DA 236 -20.39 26.27 52.89
C LYS DA 236 -20.60 27.79 52.85
N ALA DA 237 -21.12 28.36 53.93
CA ALA DA 237 -21.56 29.75 53.95
C ALA DA 237 -20.70 30.59 54.87
N LYS DA 238 -20.36 31.80 54.41
CA LYS DA 238 -19.67 32.79 55.21
C LYS DA 238 -20.48 34.08 55.21
N TYR DA 239 -20.67 34.66 56.38
CA TYR DA 239 -21.47 35.87 56.50
C TYR DA 239 -20.68 37.07 56.00
N ARG DA 240 -21.38 38.00 55.37
CA ARG DA 240 -20.75 39.14 54.72
C ARG DA 240 -21.13 40.47 55.35
N GLY DA 241 -22.42 40.80 55.43
CA GLY DA 241 -22.84 42.02 56.09
C GLY DA 241 -22.68 43.29 55.26
N GLY DA 242 -23.55 44.27 55.51
CA GLY DA 242 -23.57 45.50 54.76
C GLY DA 242 -24.97 45.87 54.32
N GLU DA 243 -25.08 46.61 53.22
CA GLU DA 243 -26.40 46.88 52.66
C GLU DA 243 -26.25 47.04 51.16
N ILE DA 244 -27.38 46.90 50.47
CA ILE DA 244 -27.48 47.12 49.04
C ILE DA 244 -28.69 48.00 48.78
N ARG DA 245 -28.43 49.17 48.21
CA ARG DA 245 -29.47 50.14 47.91
C ARG DA 245 -29.66 50.23 46.41
N GLU DA 246 -30.91 50.12 45.96
CA GLU DA 246 -31.27 50.16 44.56
C GLU DA 246 -32.25 51.32 44.36
N GLN DA 247 -31.69 52.47 44.01
CA GLN DA 247 -32.46 53.67 43.73
C GLN DA 247 -33.29 53.43 42.47
N ASN DA 248 -34.61 53.39 42.61
CA ASN DA 248 -35.46 52.96 41.50
C ASN DA 248 -36.63 53.87 41.19
N GLY DA 249 -37.05 54.74 42.11
CA GLY DA 249 -38.11 55.71 41.84
C GLY DA 249 -39.46 55.09 41.56
N ASP DA 250 -40.07 54.48 42.59
CA ASP DA 250 -41.27 53.68 42.41
C ASP DA 250 -42.40 54.03 43.37
N SER DA 251 -42.20 55.00 44.28
CA SER DA 251 -43.11 55.34 45.39
C SER DA 251 -43.43 54.16 46.29
N LEU DA 252 -42.51 53.17 46.36
CA LEU DA 252 -42.68 51.99 47.19
C LEU DA 252 -41.30 51.62 47.73
N VAL DA 253 -41.00 52.08 48.94
CA VAL DA 253 -39.76 51.68 49.57
C VAL DA 253 -39.89 50.24 50.04
N HIS DA 254 -39.11 49.34 49.45
CA HIS DA 254 -39.10 47.94 49.86
C HIS DA 254 -37.79 47.69 50.59
N ALA DA 255 -37.87 47.37 51.87
CA ALA DA 255 -36.69 47.35 52.73
C ALA DA 255 -36.67 46.10 53.58
N ALA DA 256 -35.63 45.29 53.44
CA ALA DA 256 -35.46 44.10 54.26
C ALA DA 256 -34.23 44.27 55.16
N LEU DA 257 -34.37 43.84 56.41
CA LEU DA 257 -33.32 43.91 57.41
C LEU DA 257 -33.17 42.53 58.00
N VAL DA 258 -32.04 41.87 57.74
CA VAL DA 258 -31.83 40.46 58.02
C VAL DA 258 -30.47 40.30 58.68
N ALA DA 259 -30.41 39.49 59.74
CA ALA DA 259 -29.17 38.95 60.29
C ALA DA 259 -29.17 37.43 60.21
N GLU DA 260 -27.98 36.85 60.20
CA GLU DA 260 -27.84 35.41 60.16
C GLU DA 260 -28.36 34.79 61.45
N SER DA 261 -29.04 33.65 61.34
CA SER DA 261 -29.72 33.07 62.48
C SER DA 261 -29.12 31.76 62.97
N ALA DA 262 -29.16 30.72 62.15
CA ALA DA 262 -28.94 29.34 62.59
C ALA DA 262 -29.03 28.42 61.38
N ALA DA 263 -28.57 27.18 61.57
CA ALA DA 263 -28.71 26.15 60.56
C ALA DA 263 -30.10 25.53 60.63
N ILE DA 264 -30.37 24.58 59.73
CA ILE DA 264 -31.66 23.93 59.69
C ILE DA 264 -31.59 22.64 60.47
N GLY DA 265 -32.75 22.17 60.95
CA GLY DA 265 -32.79 20.97 61.75
C GLY DA 265 -32.46 21.17 63.20
N SER DA 266 -32.53 22.40 63.69
CA SER DA 266 -32.22 22.70 65.08
C SER DA 266 -33.44 23.24 65.81
N ALA DA 267 -33.48 22.96 67.12
CA ALA DA 267 -34.49 23.57 67.98
C ALA DA 267 -34.33 25.09 68.05
N GLU DA 268 -33.10 25.56 67.83
CA GLU DA 268 -32.85 26.98 67.63
C GLU DA 268 -33.61 27.51 66.41
N ALA DA 269 -33.56 26.78 65.29
CA ALA DA 269 -34.29 27.20 64.10
C ALA DA 269 -35.81 27.11 64.32
N ASN DA 270 -36.24 26.11 65.07
CA ASN DA 270 -37.66 26.06 65.45
C ASN DA 270 -38.03 27.24 66.34
N ALA DA 271 -37.11 27.71 67.17
CA ALA DA 271 -37.35 28.89 68.00
C ALA DA 271 -37.44 30.15 67.15
N PHE DA 272 -36.63 30.24 66.09
CA PHE DA 272 -36.80 31.35 65.14
C PHE DA 272 -38.15 31.27 64.45
N SER DA 273 -38.63 30.05 64.16
CA SER DA 273 -39.94 29.88 63.54
C SER DA 273 -41.06 30.34 64.46
N VAL DA 274 -40.97 29.96 65.74
CA VAL DA 274 -41.93 30.41 66.75
C VAL DA 274 -41.86 31.93 66.90
N LEU DA 275 -40.64 32.47 66.85
CA LEU DA 275 -40.45 33.90 67.01
C LEU DA 275 -41.06 34.68 65.86
N GLN DA 276 -40.98 34.15 64.64
CA GLN DA 276 -41.60 34.91 63.55
C GLN DA 276 -43.10 34.72 63.51
N HIS DA 277 -43.62 33.60 64.00
CA HIS DA 277 -45.07 33.53 64.22
C HIS DA 277 -45.52 34.50 65.30
N VAL DA 278 -44.67 34.81 66.28
CA VAL DA 278 -44.97 35.88 67.22
C VAL DA 278 -44.98 37.22 66.49
N LEU DA 279 -43.93 37.49 65.72
CA LEU DA 279 -43.72 38.82 65.16
C LEU DA 279 -44.73 39.16 64.07
N GLY DA 280 -45.16 38.17 63.29
CA GLY DA 280 -46.16 38.42 62.28
C GLY DA 280 -45.80 37.93 60.89
N ALA DA 281 -46.74 37.28 60.23
CA ALA DA 281 -46.54 36.74 58.90
C ALA DA 281 -47.67 37.26 58.03
N GLY DA 282 -47.87 36.62 56.88
CA GLY DA 282 -49.04 36.82 56.05
C GLY DA 282 -50.31 36.55 56.81
N PRO DA 283 -51.38 37.29 56.50
CA PRO DA 283 -52.59 37.25 57.32
C PRO DA 283 -53.32 35.93 57.24
N HIS DA 284 -53.75 35.46 58.42
CA HIS DA 284 -54.64 34.31 58.47
C HIS DA 284 -56.00 34.66 57.90
N VAL DA 285 -56.48 35.86 58.19
CA VAL DA 285 -57.78 36.34 57.74
C VAL DA 285 -57.57 37.26 56.55
N LYS DA 286 -58.31 37.00 55.48
CA LYS DA 286 -58.35 37.92 54.35
C LYS DA 286 -59.05 39.21 54.77
N ARG DA 287 -58.42 40.36 54.42
CA ARG DA 287 -58.85 41.71 54.83
C ARG DA 287 -58.93 41.86 56.34
N GLY DA 288 -57.99 41.26 57.05
CA GLY DA 288 -57.96 41.31 58.50
C GLY DA 288 -57.18 42.50 59.03
N SER DA 289 -56.65 42.34 60.24
CA SER DA 289 -55.80 43.35 60.86
C SER DA 289 -54.54 42.79 61.48
N ASN DA 290 -54.49 41.50 61.80
CA ASN DA 290 -53.35 40.81 62.43
C ASN DA 290 -52.97 41.45 63.77
N ALA DA 291 -53.91 41.36 64.72
CA ALA DA 291 -53.74 42.03 66.02
C ALA DA 291 -52.65 41.37 66.85
N THR DA 292 -52.44 40.07 66.67
CA THR DA 292 -51.37 39.39 67.41
C THR DA 292 -50.00 39.73 66.84
N SER DA 293 -49.94 40.16 65.58
CA SER DA 293 -48.68 40.61 64.98
C SER DA 293 -48.23 41.89 65.67
N SER DA 294 -47.18 41.79 66.47
CA SER DA 294 -46.73 42.92 67.28
C SER DA 294 -46.14 44.03 66.43
N LEU DA 295 -45.57 43.67 65.28
CA LEU DA 295 -44.89 44.66 64.46
C LEU DA 295 -45.88 45.59 63.79
N TYR DA 296 -46.94 45.01 63.22
CA TYR DA 296 -48.02 45.81 62.69
C TYR DA 296 -48.69 46.62 63.78
N GLN DA 297 -48.74 46.09 65.01
CA GLN DA 297 -49.32 46.85 66.12
C GLN DA 297 -48.46 48.05 66.48
N ALA DA 298 -47.14 47.90 66.44
CA ALA DA 298 -46.26 49.01 66.77
C ALA DA 298 -46.31 50.09 65.71
N VAL DA 299 -46.31 49.70 64.44
CA VAL DA 299 -46.36 50.70 63.37
C VAL DA 299 -47.76 51.29 63.28
N ALA DA 300 -48.78 50.53 63.66
CA ALA DA 300 -50.14 51.07 63.71
C ALA DA 300 -50.28 52.10 64.83
N LYS DA 301 -49.66 51.83 65.99
CA LYS DA 301 -49.65 52.79 67.08
C LYS DA 301 -48.85 54.03 66.71
N GLY DA 302 -47.77 53.87 65.96
CA GLY DA 302 -46.97 55.00 65.56
C GLY DA 302 -47.43 55.70 64.30
N VAL DA 303 -47.52 54.96 63.19
CA VAL DA 303 -47.73 55.53 61.86
C VAL DA 303 -49.21 55.40 61.52
N HIS DA 304 -49.75 56.41 60.83
CA HIS DA 304 -51.11 56.35 60.31
C HIS DA 304 -51.07 56.62 58.81
N GLN DA 305 -50.78 55.55 58.07
CA GLN DA 305 -50.51 55.59 56.63
C GLN DA 305 -50.78 54.21 56.08
N PRO DA 306 -50.76 54.05 54.76
CA PRO DA 306 -50.66 52.70 54.20
C PRO DA 306 -49.24 52.17 54.28
N PHE DA 307 -49.12 50.89 54.66
CA PHE DA 307 -47.84 50.20 54.78
C PHE DA 307 -48.09 48.70 54.86
N ASP DA 308 -47.02 47.96 55.10
CA ASP DA 308 -47.07 46.56 55.52
C ASP DA 308 -45.72 46.19 56.13
N VAL DA 309 -45.78 45.36 57.18
CA VAL DA 309 -44.59 44.88 57.86
C VAL DA 309 -44.71 43.36 57.94
N SER DA 310 -43.60 42.65 57.73
CA SER DA 310 -43.60 41.20 57.84
C SER DA 310 -42.29 40.72 58.43
N ALA DA 311 -42.27 39.43 58.76
CA ALA DA 311 -41.05 38.73 59.15
C ALA DA 311 -40.48 37.99 57.96
N PHE DA 312 -39.30 37.41 58.15
CA PHE DA 312 -38.65 36.65 57.09
C PHE DA 312 -37.66 35.68 57.69
N ASN DA 313 -37.69 34.43 57.24
CA ASN DA 313 -36.77 33.41 57.71
C ASN DA 313 -36.50 32.43 56.60
N ALA DA 314 -35.25 32.35 56.16
CA ALA DA 314 -34.77 31.26 55.35
C ALA DA 314 -33.81 30.43 56.18
N SER DA 315 -33.70 29.15 55.85
CA SER DA 315 -32.81 28.30 56.61
C SER DA 315 -32.34 27.19 55.70
N TYR DA 316 -31.05 26.90 55.73
CA TYR DA 316 -30.47 25.91 54.85
C TYR DA 316 -29.58 24.99 55.65
N SER DA 317 -29.01 24.00 54.97
CA SER DA 317 -28.34 22.88 55.63
C SER DA 317 -27.03 23.26 56.32
N ASP DA 318 -26.57 24.48 56.16
CA ASP DA 318 -25.41 24.97 56.90
C ASP DA 318 -25.70 26.24 57.69
N SER DA 319 -26.55 27.13 57.16
CA SER DA 319 -26.84 28.38 57.83
C SER DA 319 -28.20 28.86 57.38
N GLY DA 320 -28.64 29.96 57.97
CA GLY DA 320 -29.92 30.55 57.62
C GLY DA 320 -29.94 32.03 57.96
N LEU DA 321 -31.03 32.66 57.56
CA LEU DA 321 -31.20 34.10 57.60
C LEU DA 321 -32.54 34.42 58.26
N PHE DA 322 -32.59 35.52 59.01
CA PHE DA 322 -33.80 35.90 59.70
C PHE DA 322 -33.84 37.41 59.84
N GLY DA 323 -35.03 37.99 59.73
CA GLY DA 323 -35.19 39.40 59.98
C GLY DA 323 -36.61 39.84 59.69
N PHE DA 324 -36.76 41.12 59.38
CA PHE DA 324 -38.07 41.62 59.00
C PHE DA 324 -37.99 42.35 57.67
N TYR DA 325 -39.16 42.74 57.17
CA TYR DA 325 -39.36 43.03 55.76
C TYR DA 325 -40.50 44.02 55.61
N THR DA 326 -40.21 45.24 55.20
CA THR DA 326 -41.16 46.33 55.20
C THR DA 326 -41.46 46.81 53.80
N ILE DA 327 -42.71 47.21 53.58
CA ILE DA 327 -43.16 47.83 52.35
C ILE DA 327 -43.87 49.11 52.75
N SER DA 328 -43.32 50.26 52.37
CA SER DA 328 -43.90 51.50 52.88
C SER DA 328 -43.82 52.62 51.85
N GLN DA 329 -44.40 53.76 52.22
CA GLN DA 329 -44.44 54.95 51.40
C GLN DA 329 -43.05 55.57 51.28
N ALA DA 330 -42.97 56.58 50.41
CA ALA DA 330 -41.70 57.26 50.15
C ALA DA 330 -41.26 58.10 51.35
N ALA DA 331 -42.11 59.01 51.79
CA ALA DA 331 -41.81 59.87 52.92
C ALA DA 331 -42.16 59.22 54.25
N SER DA 332 -42.46 57.93 54.26
CA SER DA 332 -42.84 57.21 55.47
C SER DA 332 -42.09 55.89 55.53
N ALA DA 333 -40.77 55.92 55.37
CA ALA DA 333 -39.96 54.72 55.42
C ALA DA 333 -39.29 54.53 56.77
N GLY DA 334 -38.55 55.56 57.22
CA GLY DA 334 -37.75 55.44 58.40
C GLY DA 334 -38.55 55.27 59.67
N ASP DA 335 -39.76 55.84 59.71
CA ASP DA 335 -40.63 55.66 60.86
C ASP DA 335 -41.10 54.23 60.99
N VAL DA 336 -41.44 53.61 59.85
CA VAL DA 336 -41.82 52.19 59.83
C VAL DA 336 -40.66 51.33 60.31
N ILE DA 337 -39.45 51.64 59.81
CA ILE DA 337 -38.25 50.89 60.18
C ILE DA 337 -37.98 50.99 61.68
N LYS DA 338 -38.05 52.21 62.21
CA LYS DA 338 -37.77 52.43 63.62
C LYS DA 338 -38.81 51.79 64.52
N ALA DA 339 -40.09 51.86 64.15
CA ALA DA 339 -41.14 51.30 64.98
C ALA DA 339 -41.03 49.79 65.06
N ALA DA 340 -40.82 49.12 63.93
CA ALA DA 340 -40.71 47.67 63.95
C ALA DA 340 -39.44 47.21 64.66
N TYR DA 341 -38.33 47.94 64.49
CA TYR DA 341 -37.10 47.52 65.13
C TYR DA 341 -37.16 47.69 66.65
N ASN DA 342 -37.75 48.79 67.12
CA ASN DA 342 -37.90 48.94 68.56
C ASN DA 342 -38.95 47.99 69.13
N GLN DA 343 -39.91 47.53 68.30
CA GLN DA 343 -40.82 46.50 68.77
C GLN DA 343 -40.11 45.17 68.97
N VAL DA 344 -39.22 44.82 68.04
CA VAL DA 344 -38.42 43.60 68.20
C VAL DA 344 -37.53 43.73 69.42
N LYS DA 345 -37.01 44.94 69.67
CA LYS DA 345 -36.17 45.14 70.85
C LYS DA 345 -36.96 45.00 72.14
N THR DA 346 -38.15 45.61 72.22
CA THR DA 346 -38.90 45.53 73.46
C THR DA 346 -39.53 44.16 73.68
N ILE DA 347 -39.60 43.32 72.66
CA ILE DA 347 -39.89 41.93 72.95
C ILE DA 347 -38.62 41.20 73.38
N ALA DA 348 -37.46 41.58 72.82
CA ALA DA 348 -36.20 40.93 73.16
C ALA DA 348 -35.63 41.37 74.50
N GLN DA 349 -36.23 42.35 75.17
CA GLN DA 349 -35.81 42.77 76.51
C GLN DA 349 -36.42 41.91 77.62
N GLY DA 350 -36.85 40.69 77.32
CA GLY DA 350 -37.47 39.82 78.31
C GLY DA 350 -38.91 40.14 78.63
N ASN DA 351 -39.62 40.81 77.72
CA ASN DA 351 -40.95 41.34 77.97
C ASN DA 351 -41.89 40.75 76.93
N LEU DA 352 -42.55 39.65 77.28
CA LEU DA 352 -43.32 38.88 76.33
C LEU DA 352 -44.61 38.40 76.99
N SER DA 353 -45.36 37.57 76.25
CA SER DA 353 -46.61 37.01 76.74
C SER DA 353 -46.62 35.52 76.42
N ASN DA 354 -46.78 34.69 77.44
CA ASN DA 354 -46.90 33.25 77.25
C ASN DA 354 -48.15 32.80 76.49
N PRO DA 355 -49.31 33.48 76.57
CA PRO DA 355 -50.34 33.24 75.55
C PRO DA 355 -49.88 33.50 74.13
N ASP DA 356 -49.00 34.47 73.89
CA ASP DA 356 -48.45 34.62 72.55
C ASP DA 356 -47.50 33.48 72.21
N VAL DA 357 -46.83 32.90 73.21
CA VAL DA 357 -45.97 31.75 72.95
C VAL DA 357 -46.81 30.54 72.54
N GLN DA 358 -47.91 30.30 73.25
CA GLN DA 358 -48.79 29.21 72.89
C GLN DA 358 -49.51 29.48 71.57
N ALA DA 359 -49.84 30.74 71.31
CA ALA DA 359 -50.47 31.12 70.05
C ALA DA 359 -49.53 30.90 68.87
N ALA DA 360 -48.25 31.21 69.06
CA ALA DA 360 -47.27 30.95 68.01
C ALA DA 360 -47.01 29.47 67.82
N LYS DA 361 -47.06 28.69 68.90
CA LYS DA 361 -46.94 27.25 68.75
C LYS DA 361 -48.12 26.67 67.97
N ASN DA 362 -49.34 27.17 68.23
CA ASN DA 362 -50.50 26.74 67.46
C ASN DA 362 -50.42 27.21 66.00
N LYS DA 363 -49.93 28.43 65.78
CA LYS DA 363 -49.82 28.93 64.41
C LYS DA 363 -48.75 28.19 63.63
N LEU DA 364 -47.66 27.80 64.27
CA LEU DA 364 -46.63 27.02 63.59
C LEU DA 364 -47.11 25.60 63.33
N LYS DA 365 -47.87 25.03 64.29
CA LYS DA 365 -48.50 23.73 64.05
C LYS DA 365 -49.48 23.80 62.89
N ALA DA 366 -50.27 24.87 62.83
CA ALA DA 366 -51.22 25.05 61.74
C ALA DA 366 -50.51 25.24 60.41
N GLY DA 367 -49.40 25.98 60.42
CA GLY DA 367 -48.67 26.23 59.19
C GLY DA 367 -48.03 24.98 58.62
N TYR DA 368 -47.36 24.19 59.48
CA TYR DA 368 -46.75 22.98 58.97
C TYR DA 368 -47.79 21.91 58.65
N LEU DA 369 -48.85 21.81 59.44
CA LEU DA 369 -49.89 20.82 59.15
C LEU DA 369 -50.80 21.22 58.01
N MET DA 370 -50.81 22.49 57.59
CA MET DA 370 -51.69 22.90 56.52
C MET DA 370 -50.94 23.45 55.32
N SER DA 371 -49.62 23.31 55.30
CA SER DA 371 -48.88 23.41 54.05
C SER DA 371 -48.66 22.05 53.41
N VAL DA 372 -49.27 21.01 53.96
CA VAL DA 372 -49.00 19.64 53.53
C VAL DA 372 -50.28 18.93 53.08
N GLU DA 373 -51.33 19.68 52.76
CA GLU DA 373 -52.53 19.03 52.22
C GLU DA 373 -52.34 18.66 50.76
N SER DA 374 -52.03 19.67 49.94
CA SER DA 374 -52.04 19.53 48.49
C SER DA 374 -50.89 18.67 48.01
N SER DA 375 -51.19 17.79 47.04
CA SER DA 375 -50.29 16.72 46.62
C SER DA 375 -48.98 17.25 46.05
N GLU DA 376 -49.01 18.41 45.39
CA GLU DA 376 -47.78 19.05 44.95
C GLU DA 376 -46.94 19.50 46.14
N GLY DA 377 -47.54 20.27 47.04
CA GLY DA 377 -46.80 20.76 48.19
C GLY DA 377 -46.45 19.67 49.17
N PHE DA 378 -47.34 18.69 49.34
CA PHE DA 378 -47.05 17.57 50.22
C PHE DA 378 -45.96 16.68 49.63
N LEU DA 379 -45.95 16.51 48.31
CA LEU DA 379 -44.87 15.79 47.64
C LEU DA 379 -43.54 16.50 47.83
N ASP DA 380 -43.53 17.82 47.62
CA ASP DA 380 -42.31 18.59 47.79
C ASP DA 380 -41.82 18.54 49.23
N GLU DA 381 -42.75 18.63 50.18
CA GLU DA 381 -42.37 18.64 51.58
C GLU DA 381 -41.85 17.28 52.03
N VAL DA 382 -42.52 16.20 51.62
CA VAL DA 382 -42.08 14.85 51.98
C VAL DA 382 -40.73 14.55 51.37
N GLY DA 383 -40.54 14.89 50.10
CA GLY DA 383 -39.25 14.61 49.46
C GLY DA 383 -38.12 15.46 50.01
N CYS DA 384 -38.38 16.74 50.29
CA CYS DA 384 -37.33 17.58 50.85
C CYS DA 384 -37.03 17.21 52.30
N GLN DA 385 -38.03 16.79 53.05
CA GLN DA 385 -37.79 16.36 54.42
C GLN DA 385 -37.10 15.01 54.45
N ALA DA 386 -37.28 14.20 53.41
CA ALA DA 386 -36.59 12.93 53.32
C ALA DA 386 -35.16 13.08 52.79
N LEU DA 387 -34.92 14.10 51.99
CA LEU DA 387 -33.62 14.26 51.36
C LEU DA 387 -32.69 15.18 52.13
N ALA DA 388 -33.25 16.15 52.86
CA ALA DA 388 -32.51 17.33 53.32
C ALA DA 388 -31.39 16.96 54.28
N ALA DA 389 -31.72 16.27 55.37
CA ALA DA 389 -30.70 15.59 56.16
C ALA DA 389 -30.61 14.12 55.81
N GLY DA 390 -31.28 13.70 54.74
CA GLY DA 390 -31.23 12.31 54.33
C GLY DA 390 -31.98 11.36 55.24
N SER DA 391 -33.03 11.84 55.92
CA SER DA 391 -33.74 11.01 56.87
C SER DA 391 -35.17 11.53 57.00
N TYR DA 392 -36.14 10.63 56.83
CA TYR DA 392 -37.53 11.04 56.96
C TYR DA 392 -37.88 11.30 58.41
N THR DA 393 -38.77 12.25 58.61
CA THR DA 393 -39.34 12.49 59.91
C THR DA 393 -40.84 12.66 59.77
N PRO DA 394 -41.65 11.88 60.48
CA PRO DA 394 -43.10 12.08 60.46
C PRO DA 394 -43.48 13.39 61.13
N PRO DA 395 -44.66 13.95 60.80
CA PRO DA 395 -45.02 15.26 61.34
C PRO DA 395 -45.30 15.28 62.83
N SER DA 396 -45.67 14.15 63.45
CA SER DA 396 -46.11 14.15 64.85
C SER DA 396 -44.96 14.46 65.79
N THR DA 397 -43.79 13.88 65.55
CA THR DA 397 -42.63 14.23 66.36
C THR DA 397 -42.08 15.61 66.04
N VAL DA 398 -42.36 16.15 64.85
CA VAL DA 398 -42.05 17.55 64.59
C VAL DA 398 -42.96 18.45 65.43
N LEU DA 399 -44.24 18.07 65.56
CA LEU DA 399 -45.14 18.77 66.47
C LEU DA 399 -44.66 18.66 67.91
N GLN DA 400 -44.10 17.50 68.27
CA GLN DA 400 -43.52 17.31 69.60
C GLN DA 400 -42.32 18.23 69.83
N GLN DA 401 -41.47 18.38 68.82
CA GLN DA 401 -40.32 19.28 68.94
C GLN DA 401 -40.75 20.74 68.97
N ILE DA 402 -41.86 21.06 68.30
CA ILE DA 402 -42.48 22.37 68.47
C ILE DA 402 -42.95 22.54 69.92
N ASP DA 403 -43.52 21.49 70.48
CA ASP DA 403 -43.93 21.50 71.89
C ASP DA 403 -42.75 21.54 72.84
N ALA DA 404 -41.55 21.22 72.37
CA ALA DA 404 -40.39 21.09 73.25
C ALA DA 404 -39.60 22.38 73.42
N VAL DA 405 -39.64 23.30 72.45
CA VAL DA 405 -38.79 24.48 72.51
C VAL DA 405 -39.47 25.54 73.39
N ALA DA 406 -38.75 25.98 74.42
CA ALA DA 406 -39.29 26.88 75.42
C ALA DA 406 -38.78 28.31 75.21
N ASP DA 407 -39.09 29.19 76.15
CA ASP DA 407 -38.84 30.63 76.06
C ASP DA 407 -37.38 30.99 76.24
N ALA DA 408 -36.55 30.05 76.72
CA ALA DA 408 -35.14 30.32 76.92
C ALA DA 408 -34.42 30.61 75.61
N ASP DA 409 -34.53 29.69 74.64
CA ASP DA 409 -33.94 29.95 73.33
C ASP DA 409 -34.70 31.01 72.54
N VAL DA 410 -35.95 31.29 72.89
CA VAL DA 410 -36.67 32.43 72.30
C VAL DA 410 -35.95 33.72 72.64
N ILE DA 411 -35.73 33.97 73.94
CA ILE DA 411 -35.08 35.21 74.32
C ILE DA 411 -33.59 35.18 73.97
N ASN DA 412 -32.99 33.99 73.90
CA ASN DA 412 -31.59 33.89 73.48
C ASN DA 412 -31.42 34.24 72.01
N ALA DA 413 -32.26 33.68 71.14
CA ALA DA 413 -32.18 33.98 69.72
C ALA DA 413 -32.59 35.42 69.42
N ALA DA 414 -33.55 35.96 70.17
CA ALA DA 414 -33.91 37.37 70.00
C ALA DA 414 -32.80 38.29 70.44
N LYS DA 415 -32.10 37.95 71.53
CA LYS DA 415 -30.96 38.75 71.95
C LYS DA 415 -29.80 38.64 70.97
N LYS DA 416 -29.62 37.46 70.36
CA LYS DA 416 -28.57 37.32 69.34
C LYS DA 416 -28.89 38.13 68.10
N PHE DA 417 -30.16 38.16 67.70
CA PHE DA 417 -30.54 38.96 66.54
C PHE DA 417 -30.43 40.45 66.80
N VAL DA 418 -30.87 40.91 67.97
CA VAL DA 418 -30.84 42.33 68.26
C VAL DA 418 -29.41 42.81 68.45
N SER DA 419 -28.61 42.06 69.22
CA SER DA 419 -27.21 42.42 69.45
C SER DA 419 -26.28 41.65 68.54
N GLY DA 420 -26.65 41.44 67.27
CA GLY DA 420 -25.74 40.84 66.31
C GLY DA 420 -25.43 41.80 65.17
N ARG DA 421 -24.83 41.30 64.10
CA ARG DA 421 -24.56 42.12 62.92
C ARG DA 421 -25.83 42.36 62.13
N LYS DA 422 -25.74 43.17 61.09
CA LYS DA 422 -26.90 43.55 60.31
C LYS DA 422 -26.61 43.42 58.82
N SER DA 423 -27.68 43.21 58.04
CA SER DA 423 -27.63 43.25 56.60
C SER DA 423 -28.92 43.88 56.11
N MET DA 424 -28.80 44.78 55.14
CA MET DA 424 -29.98 45.49 54.65
C MET DA 424 -30.01 45.47 53.13
N ALA DA 425 -31.21 45.31 52.58
CA ALA DA 425 -31.43 45.44 51.14
C ALA DA 425 -32.68 46.28 50.91
N ALA DA 426 -32.52 47.41 50.25
CA ALA DA 426 -33.65 48.29 50.00
C ALA DA 426 -33.68 48.69 48.53
N SER DA 427 -34.88 48.82 47.99
CA SER DA 427 -35.05 49.27 46.60
C SER DA 427 -36.24 50.21 46.52
N GLY DA 428 -36.21 51.02 45.47
CA GLY DA 428 -37.19 52.06 45.24
C GLY DA 428 -36.62 53.44 45.49
N ASN DA 429 -37.51 54.38 45.74
CA ASN DA 429 -37.09 55.70 46.20
C ASN DA 429 -36.46 55.56 47.58
N LEU DA 430 -35.45 56.36 47.85
CA LEU DA 430 -34.65 56.23 49.07
C LEU DA 430 -34.39 57.60 49.68
N GLY DA 431 -35.45 58.39 49.83
CA GLY DA 431 -35.29 59.74 50.35
C GLY DA 431 -34.97 59.79 51.83
N HIS DA 432 -35.52 58.86 52.61
CA HIS DA 432 -35.42 58.95 54.06
C HIS DA 432 -35.11 57.60 54.68
N THR DA 433 -34.20 56.85 54.08
CA THR DA 433 -33.99 55.49 54.55
C THR DA 433 -32.77 55.43 55.46
N PRO DA 434 -32.93 55.00 56.70
CA PRO DA 434 -31.77 54.81 57.57
C PRO DA 434 -30.93 53.64 57.09
N PHE DA 435 -29.64 53.68 57.44
CA PHE DA 435 -28.73 52.73 56.82
C PHE DA 435 -28.51 51.50 57.67
N ILE DA 436 -27.81 51.63 58.79
CA ILE DA 436 -27.66 50.56 59.76
C ILE DA 436 -27.89 51.14 61.16
N ASP DA 437 -27.21 52.26 61.44
CA ASP DA 437 -27.17 52.81 62.80
C ASP DA 437 -28.54 53.32 63.23
N GLU DA 438 -29.30 53.90 62.30
CA GLU DA 438 -30.45 54.72 62.65
C GLU DA 438 -31.75 53.94 62.60
N LEU DA 439 -31.72 52.66 62.97
CA LEU DA 439 -32.90 51.80 63.05
C LEU DA 439 -33.85 52.19 64.20
N ILE EA 2 -48.83 30.73 8.12
CA ILE EA 2 -49.93 31.52 8.67
C ILE EA 2 -51.07 31.59 7.69
N ASN EA 3 -50.78 32.20 6.54
CA ASN EA 3 -51.80 32.55 5.59
C ASN EA 3 -51.12 32.79 4.26
N ILE EA 4 -51.82 32.51 3.18
CA ILE EA 4 -51.28 32.84 1.86
C ILE EA 4 -51.27 34.34 1.67
N ARG EA 5 -52.30 35.04 2.20
CA ARG EA 5 -52.57 36.44 1.85
C ARG EA 5 -51.45 37.38 2.30
N LYS EA 6 -50.73 37.03 3.36
CA LYS EA 6 -49.66 37.88 3.86
C LYS EA 6 -48.27 37.36 3.53
N THR EA 7 -48.16 36.22 2.86
CA THR EA 7 -46.86 35.68 2.49
C THR EA 7 -46.71 35.42 1.00
N HIS EA 8 -47.72 35.71 0.21
CA HIS EA 8 -47.63 35.50 -1.23
C HIS EA 8 -47.43 36.82 -1.92
N PRO EA 9 -46.51 36.91 -2.88
CA PRO EA 9 -46.13 38.23 -3.43
C PRO EA 9 -47.24 38.90 -4.23
N LEU EA 10 -48.22 38.17 -4.73
CA LEU EA 10 -49.33 38.82 -5.41
C LEU EA 10 -50.39 39.26 -4.41
N MET EA 11 -50.73 38.38 -3.46
CA MET EA 11 -51.76 38.74 -2.50
C MET EA 11 -51.28 39.74 -1.48
N LYS EA 12 -49.97 39.97 -1.34
CA LYS EA 12 -49.49 41.15 -0.65
C LYS EA 12 -49.99 42.41 -1.34
N ILE EA 13 -49.90 42.44 -2.67
CA ILE EA 13 -50.32 43.62 -3.42
C ILE EA 13 -51.83 43.76 -3.41
N VAL EA 14 -52.53 42.63 -3.55
CA VAL EA 14 -53.99 42.70 -3.49
C VAL EA 14 -54.46 43.03 -2.09
N ASN EA 15 -53.73 42.57 -1.07
CA ASN EA 15 -54.09 42.86 0.31
C ASN EA 15 -53.83 44.33 0.64
N ASN EA 16 -52.81 44.92 0.04
CA ASN EA 16 -52.49 46.32 0.26
C ASN EA 16 -53.21 47.24 -0.71
N ALA EA 17 -53.95 46.71 -1.65
CA ALA EA 17 -54.75 47.57 -2.53
C ALA EA 17 -56.23 47.47 -2.28
N PHE EA 18 -56.77 46.29 -2.00
CA PHE EA 18 -58.20 46.06 -1.97
C PHE EA 18 -58.75 45.60 -0.63
N ILE EA 19 -57.91 45.11 0.27
CA ILE EA 19 -58.44 44.48 1.48
C ILE EA 19 -57.98 45.20 2.73
N ASP EA 20 -56.66 45.27 2.97
CA ASP EA 20 -56.17 46.00 4.13
C ASP EA 20 -55.92 47.46 3.84
N LEU EA 21 -56.49 47.98 2.78
CA LEU EA 21 -56.45 49.41 2.52
C LEU EA 21 -57.27 50.13 3.57
N PRO EA 22 -56.70 51.04 4.33
CA PRO EA 22 -57.49 51.77 5.33
C PRO EA 22 -58.38 52.79 4.66
N ALA EA 23 -59.59 52.55 4.66
CA ALA EA 23 -60.42 53.53 4.02
C ALA EA 23 -60.97 54.52 5.04
N PRO EA 24 -61.18 55.76 4.65
CA PRO EA 24 -61.88 56.70 5.54
C PRO EA 24 -63.34 56.32 5.63
N SER EA 25 -63.90 56.42 6.82
CA SER EA 25 -65.29 56.03 7.07
C SER EA 25 -66.24 57.17 6.83
N ASN EA 26 -65.95 58.03 5.87
CA ASN EA 26 -66.67 59.26 5.70
C ASN EA 26 -67.27 59.44 4.32
N ILE EA 27 -66.82 58.70 3.33
CA ILE EA 27 -67.08 59.09 1.95
C ILE EA 27 -68.50 58.75 1.55
N SER EA 28 -69.13 59.68 0.86
CA SER EA 28 -70.50 59.57 0.40
C SER EA 28 -70.52 58.90 -0.97
N SER EA 29 -71.66 58.94 -1.65
CA SER EA 29 -71.75 58.34 -2.96
C SER EA 29 -71.00 59.12 -4.03
N TRP EA 30 -70.59 60.36 -3.74
CA TRP EA 30 -69.76 61.13 -4.65
C TRP EA 30 -68.41 60.47 -4.88
N TRP EA 31 -67.94 59.64 -3.96
CA TRP EA 31 -66.69 58.91 -4.12
C TRP EA 31 -66.86 57.59 -4.85
N ASN EA 32 -68.06 57.25 -5.30
CA ASN EA 32 -68.21 55.97 -5.97
C ASN EA 32 -67.72 55.98 -7.41
N PHE EA 33 -67.41 57.14 -7.96
CA PHE EA 33 -67.21 57.21 -9.40
C PHE EA 33 -65.87 56.68 -9.86
N GLY EA 34 -64.93 56.41 -8.94
CA GLY EA 34 -63.66 55.83 -9.35
C GLY EA 34 -63.80 54.38 -9.80
N SER EA 35 -64.43 53.55 -8.97
CA SER EA 35 -64.66 52.16 -9.33
C SER EA 35 -65.61 52.03 -10.50
N LEU EA 36 -66.55 52.97 -10.63
CA LEU EA 36 -67.43 52.98 -11.78
C LEU EA 36 -66.69 53.34 -13.06
N LEU EA 37 -65.72 54.25 -12.98
CA LEU EA 37 -64.86 54.51 -14.13
C LEU EA 37 -64.05 53.29 -14.50
N GLY EA 38 -63.53 52.56 -13.51
CA GLY EA 38 -62.76 51.36 -13.82
C GLY EA 38 -63.59 50.27 -14.47
N ILE EA 39 -64.81 50.05 -13.96
CA ILE EA 39 -65.67 49.03 -14.53
C ILE EA 39 -66.16 49.43 -15.91
N CYS EA 40 -66.47 50.73 -16.11
CA CYS EA 40 -66.80 51.21 -17.44
C CYS EA 40 -65.63 51.07 -18.39
N LEU EA 41 -64.41 51.21 -17.88
CA LEU EA 41 -63.23 51.09 -18.74
C LEU EA 41 -63.08 49.65 -19.24
N ILE EA 42 -63.20 48.67 -18.34
CA ILE EA 42 -63.04 47.31 -18.83
C ILE EA 42 -64.25 46.87 -19.64
N LEU EA 43 -65.42 47.46 -19.38
CA LEU EA 43 -66.58 47.12 -20.18
C LEU EA 43 -66.45 47.70 -21.58
N GLN EA 44 -65.86 48.89 -21.69
CA GLN EA 44 -65.57 49.44 -23.00
C GLN EA 44 -64.54 48.60 -23.73
N ILE EA 45 -63.55 48.08 -23.00
CA ILE EA 45 -62.57 47.19 -23.62
C ILE EA 45 -63.24 45.94 -24.17
N LEU EA 46 -64.19 45.39 -23.42
CA LEU EA 46 -64.82 44.15 -23.84
C LEU EA 46 -65.73 44.37 -25.05
N THR EA 47 -66.57 45.41 -25.00
CA THR EA 47 -67.50 45.63 -26.11
C THR EA 47 -66.75 46.06 -27.37
N GLY EA 48 -65.73 46.90 -27.21
CA GLY EA 48 -64.90 47.24 -28.34
C GLY EA 48 -64.16 46.06 -28.91
N LEU EA 49 -63.76 45.11 -28.07
CA LEU EA 49 -63.06 43.94 -28.59
C LEU EA 49 -63.99 43.05 -29.41
N PHE EA 50 -65.26 42.96 -29.01
CA PHE EA 50 -66.19 42.21 -29.85
C PHE EA 50 -66.46 42.94 -31.17
N LEU EA 51 -66.56 44.28 -31.10
CA LEU EA 51 -66.60 45.10 -32.31
C LEU EA 51 -65.38 44.87 -33.19
N ALA EA 52 -64.22 44.72 -32.59
CA ALA EA 52 -63.01 44.48 -33.36
C ALA EA 52 -63.01 43.10 -33.98
N MET EA 53 -63.66 42.13 -33.35
CA MET EA 53 -63.80 40.86 -34.04
C MET EA 53 -64.80 40.91 -35.18
N HIS EA 54 -65.68 41.91 -35.24
CA HIS EA 54 -66.48 41.99 -36.45
C HIS EA 54 -66.34 43.28 -37.26
N TYR EA 55 -65.14 43.74 -37.56
CA TYR EA 55 -65.02 45.03 -38.23
C TYR EA 55 -63.98 44.99 -39.33
N THR EA 56 -64.26 45.67 -40.44
CA THR EA 56 -63.37 45.73 -41.59
C THR EA 56 -63.03 47.17 -41.91
N PRO EA 57 -61.88 47.69 -41.47
CA PRO EA 57 -61.52 49.10 -41.74
C PRO EA 57 -61.08 49.35 -43.17
N ASP EA 58 -62.01 49.18 -44.11
CA ASP EA 58 -61.88 49.76 -45.44
C ASP EA 58 -62.94 50.83 -45.58
N THR EA 59 -62.52 52.00 -46.06
CA THR EA 59 -63.37 53.18 -46.01
C THR EA 59 -64.58 53.06 -46.93
N THR EA 60 -64.44 52.32 -48.03
CA THR EA 60 -65.60 52.11 -48.88
C THR EA 60 -66.59 51.17 -48.22
N THR EA 61 -66.10 50.24 -47.41
CA THR EA 61 -66.94 49.25 -46.77
C THR EA 61 -67.02 49.41 -45.26
N ALA EA 62 -66.55 50.53 -44.71
CA ALA EA 62 -66.68 50.73 -43.27
C ALA EA 62 -68.13 50.95 -42.86
N PHE EA 63 -68.85 51.75 -43.65
CA PHE EA 63 -70.24 52.03 -43.36
C PHE EA 63 -71.10 50.78 -43.48
N SER EA 64 -70.87 49.99 -44.54
CA SER EA 64 -71.53 48.70 -44.68
C SER EA 64 -71.13 47.72 -43.60
N SER EA 65 -69.89 47.80 -43.12
CA SER EA 65 -69.44 46.89 -42.06
C SER EA 65 -70.17 47.18 -40.77
N VAL EA 66 -70.29 48.46 -40.42
CA VAL EA 66 -71.06 48.88 -39.25
C VAL EA 66 -72.52 48.48 -39.41
N THR EA 67 -73.04 48.56 -40.65
CA THR EA 67 -74.40 48.15 -40.93
C THR EA 67 -74.60 46.66 -40.67
N HIS EA 68 -73.65 45.84 -41.13
CA HIS EA 68 -73.74 44.40 -40.94
C HIS EA 68 -73.58 44.00 -39.49
N ILE EA 69 -72.79 44.77 -38.74
CA ILE EA 69 -72.72 44.62 -37.28
C ILE EA 69 -74.08 44.84 -36.66
N CYS EA 70 -74.73 45.94 -37.03
CA CYS EA 70 -76.01 46.27 -36.40
C CYS EA 70 -77.15 45.40 -36.90
N ARG EA 71 -76.98 44.68 -37.99
CA ARG EA 71 -78.08 43.90 -38.53
C ARG EA 71 -77.89 42.39 -38.39
N ASP EA 72 -76.84 41.83 -38.99
CA ASP EA 72 -76.81 40.39 -39.21
C ASP EA 72 -75.91 39.63 -38.25
N VAL EA 73 -74.91 40.26 -37.69
CA VAL EA 73 -74.21 39.66 -36.58
C VAL EA 73 -75.17 39.61 -35.40
N ASN EA 74 -75.27 38.44 -34.75
CA ASN EA 74 -76.19 38.27 -33.65
C ASN EA 74 -75.78 39.15 -32.48
N TYR EA 75 -76.74 39.93 -31.97
CA TYR EA 75 -76.57 40.87 -30.86
C TYR EA 75 -75.53 41.95 -31.15
N GLY EA 76 -75.19 42.17 -32.42
CA GLY EA 76 -74.23 43.21 -32.75
C GLY EA 76 -74.76 44.59 -32.45
N TRP EA 77 -76.08 44.74 -32.47
CA TRP EA 77 -76.70 46.00 -32.11
C TRP EA 77 -76.56 46.29 -30.62
N ILE EA 78 -76.73 45.28 -29.75
CA ILE EA 78 -76.55 45.59 -28.32
C ILE EA 78 -75.08 45.80 -28.01
N ILE EA 79 -74.17 45.14 -28.74
CA ILE EA 79 -72.76 45.36 -28.44
C ILE EA 79 -72.33 46.76 -28.90
N ARG EA 80 -72.79 47.19 -30.07
CA ARG EA 80 -72.43 48.52 -30.56
C ARG EA 80 -73.06 49.60 -29.71
N TYR EA 81 -74.30 49.41 -29.29
CA TYR EA 81 -74.96 50.43 -28.51
C TYR EA 81 -74.37 50.52 -27.11
N MET EA 82 -73.98 49.36 -26.55
CA MET EA 82 -73.25 49.38 -25.30
C MET EA 82 -71.93 50.10 -25.43
N HIS EA 83 -71.21 49.91 -26.55
CA HIS EA 83 -69.91 50.58 -26.69
C HIS EA 83 -70.07 52.09 -26.78
N ALA EA 84 -71.01 52.56 -27.61
CA ALA EA 84 -71.18 54.00 -27.79
C ALA EA 84 -71.73 54.66 -26.52
N ASN EA 85 -72.82 54.13 -25.97
CA ASN EA 85 -73.35 54.83 -24.82
C ASN EA 85 -72.61 54.47 -23.53
N GLY EA 86 -71.78 53.43 -23.53
CA GLY EA 86 -70.88 53.22 -22.42
C GLY EA 86 -69.73 54.19 -22.45
N ALA EA 87 -69.33 54.63 -23.66
CA ALA EA 87 -68.42 55.77 -23.73
C ALA EA 87 -69.07 57.03 -23.19
N SER EA 88 -70.36 57.21 -23.45
CA SER EA 88 -71.08 58.37 -22.93
C SER EA 88 -71.13 58.37 -21.40
N MET EA 89 -71.54 57.25 -20.81
CA MET EA 89 -71.53 57.16 -19.35
C MET EA 89 -70.12 57.16 -18.78
N PHE EA 90 -69.13 56.74 -19.57
CA PHE EA 90 -67.73 56.82 -19.16
C PHE EA 90 -67.33 58.27 -18.95
N PHE EA 91 -67.69 59.14 -19.89
CA PHE EA 91 -67.34 60.54 -19.66
C PHE EA 91 -68.20 61.19 -18.57
N ILE EA 92 -69.43 60.72 -18.37
CA ILE EA 92 -70.22 61.22 -17.23
C ILE EA 92 -69.54 60.92 -15.91
N CYS EA 93 -69.12 59.66 -15.72
CA CYS EA 93 -68.41 59.30 -14.49
C CYS EA 93 -67.04 59.96 -14.41
N LEU EA 94 -66.42 60.27 -15.56
CA LEU EA 94 -65.20 61.06 -15.54
C LEU EA 94 -65.46 62.46 -14.98
N PHE EA 95 -66.55 63.10 -15.40
CA PHE EA 95 -66.81 64.44 -14.91
C PHE EA 95 -67.21 64.46 -13.45
N MET EA 96 -67.95 63.45 -13.00
CA MET EA 96 -68.24 63.40 -11.57
C MET EA 96 -67.00 63.07 -10.76
N HIS EA 97 -66.06 62.32 -11.33
CA HIS EA 97 -64.81 62.03 -10.63
C HIS EA 97 -63.98 63.29 -10.45
N VAL EA 98 -63.87 64.09 -11.51
CA VAL EA 98 -63.10 65.32 -11.43
C VAL EA 98 -63.78 66.34 -10.53
N GLY EA 99 -65.11 66.43 -10.62
CA GLY EA 99 -65.83 67.36 -9.78
C GLY EA 99 -65.75 67.01 -8.31
N ARG EA 100 -65.76 65.70 -8.01
CA ARG EA 100 -65.43 65.23 -6.66
C ARG EA 100 -64.06 65.72 -6.25
N GLY EA 101 -63.05 65.40 -7.07
CA GLY EA 101 -61.67 65.70 -6.73
C GLY EA 101 -61.33 67.17 -6.65
N LEU EA 102 -62.18 68.04 -7.19
CA LEU EA 102 -62.00 69.47 -7.03
C LEU EA 102 -62.80 70.01 -5.85
N TYR EA 103 -64.12 69.82 -5.86
CA TYR EA 103 -65.01 70.42 -4.86
C TYR EA 103 -64.72 69.91 -3.46
N TYR EA 104 -64.34 68.64 -3.31
CA TYR EA 104 -63.97 68.16 -2.00
C TYR EA 104 -62.49 68.31 -1.74
N GLY EA 105 -61.81 69.17 -2.49
CA GLY EA 105 -60.49 69.65 -2.13
C GLY EA 105 -59.39 68.63 -2.19
N SER EA 106 -59.58 67.53 -2.91
CA SER EA 106 -58.58 66.47 -2.98
C SER EA 106 -57.46 66.80 -3.94
N TYR EA 107 -57.47 67.98 -4.53
CA TYR EA 107 -56.44 68.42 -5.45
C TYR EA 107 -55.27 69.07 -4.74
N THR EA 108 -55.11 68.85 -3.44
CA THR EA 108 -53.87 69.21 -2.79
C THR EA 108 -52.74 68.32 -3.26
N PHE EA 109 -53.06 67.10 -3.66
CA PHE EA 109 -52.06 66.16 -4.17
C PHE EA 109 -51.59 66.64 -5.52
N LEU EA 110 -50.28 66.65 -5.72
CA LEU EA 110 -49.75 67.14 -6.99
C LEU EA 110 -49.82 66.06 -8.06
N GLU EA 111 -49.12 64.95 -7.80
CA GLU EA 111 -48.77 64.00 -8.83
C GLU EA 111 -49.95 63.15 -9.26
N THR EA 112 -50.85 62.81 -8.34
CA THR EA 112 -52.06 62.09 -8.70
C THR EA 112 -52.95 62.95 -9.59
N TRP EA 113 -53.01 64.24 -9.28
CA TRP EA 113 -53.76 65.18 -10.10
C TRP EA 113 -53.16 65.30 -11.50
N ASN EA 114 -51.83 65.38 -11.60
CA ASN EA 114 -51.21 65.49 -12.91
C ASN EA 114 -51.38 64.21 -13.73
N ILE EA 115 -51.30 63.06 -13.09
CA ILE EA 115 -51.58 61.79 -13.76
C ILE EA 115 -53.03 61.74 -14.23
N GLY EA 116 -53.94 62.28 -13.42
CA GLY EA 116 -55.32 62.40 -13.86
C GLY EA 116 -55.49 63.27 -15.09
N VAL EA 117 -54.71 64.36 -15.17
CA VAL EA 117 -54.85 65.23 -16.33
C VAL EA 117 -54.30 64.56 -17.59
N ILE EA 118 -53.20 63.81 -17.45
CA ILE EA 118 -52.68 63.03 -18.58
C ILE EA 118 -53.69 61.98 -19.02
N LEU EA 119 -54.39 61.40 -18.05
CA LEU EA 119 -55.51 60.50 -18.36
C LEU EA 119 -56.61 61.21 -19.11
N LEU EA 120 -56.86 62.47 -18.78
CA LEU EA 120 -57.89 63.25 -19.46
C LEU EA 120 -57.53 63.46 -20.92
N PHE EA 121 -56.27 63.81 -21.19
CA PHE EA 121 -55.80 63.95 -22.57
C PHE EA 121 -55.97 62.65 -23.35
N ALA EA 122 -55.56 61.54 -22.73
CA ALA EA 122 -55.64 60.25 -23.41
C ALA EA 122 -57.08 59.84 -23.71
N THR EA 123 -57.99 60.07 -22.76
CA THR EA 123 -59.38 59.69 -22.99
C THR EA 123 -60.06 60.58 -24.01
N MET EA 124 -59.72 61.88 -24.03
CA MET EA 124 -60.32 62.77 -25.03
C MET EA 124 -59.87 62.40 -26.44
N ALA EA 125 -58.58 62.14 -26.61
CA ALA EA 125 -58.11 61.74 -27.93
C ALA EA 125 -58.68 60.38 -28.34
N THR EA 126 -58.76 59.43 -27.39
CA THR EA 126 -59.30 58.11 -27.66
C THR EA 126 -60.75 58.18 -28.09
N ALA EA 127 -61.55 58.98 -27.39
CA ALA EA 127 -62.96 59.11 -27.74
C ALA EA 127 -63.14 59.80 -29.08
N PHE EA 128 -62.24 60.74 -29.42
CA PHE EA 128 -62.37 61.36 -30.74
C PHE EA 128 -62.04 60.39 -31.87
N MET EA 129 -61.01 59.56 -31.67
CA MET EA 129 -60.64 58.57 -32.68
C MET EA 129 -61.74 57.54 -32.86
N GLY EA 130 -62.36 57.15 -31.75
CA GLY EA 130 -63.55 56.30 -31.83
C GLY EA 130 -64.67 56.95 -32.61
N TYR EA 131 -64.95 58.22 -32.34
CA TYR EA 131 -66.05 58.90 -33.00
C TYR EA 131 -65.78 59.08 -34.50
N VAL EA 132 -64.51 59.13 -34.89
CA VAL EA 132 -64.19 59.19 -36.31
C VAL EA 132 -64.41 57.84 -36.98
N LEU EA 133 -64.03 56.74 -36.30
CA LEU EA 133 -64.14 55.37 -36.85
C LEU EA 133 -65.35 54.88 -37.63
N PRO EA 134 -66.61 55.29 -37.36
CA PRO EA 134 -67.70 54.75 -38.18
C PRO EA 134 -67.71 55.25 -39.60
N TRP EA 135 -66.97 56.32 -39.90
CA TRP EA 135 -66.84 56.91 -41.24
C TRP EA 135 -68.21 57.33 -41.77
N GLY EA 136 -68.89 58.14 -40.96
CA GLY EA 136 -70.08 58.82 -41.38
C GLY EA 136 -69.79 60.27 -41.73
N GLN EA 137 -70.86 61.00 -41.99
CA GLN EA 137 -70.75 62.39 -42.43
C GLN EA 137 -70.15 63.26 -41.33
N MET EA 138 -70.72 63.18 -40.14
CA MET EA 138 -70.29 63.99 -39.01
C MET EA 138 -68.90 63.60 -38.57
N SER EA 139 -68.60 62.30 -38.63
CA SER EA 139 -67.27 61.81 -38.29
C SER EA 139 -66.23 62.37 -39.23
N PHE EA 140 -66.50 62.29 -40.53
CA PHE EA 140 -65.54 62.73 -41.54
C PHE EA 140 -65.29 64.22 -41.45
N TRP EA 141 -66.35 65.01 -41.32
CA TRP EA 141 -66.13 66.45 -41.29
C TRP EA 141 -65.56 66.94 -39.96
N GLY EA 142 -65.93 66.34 -38.83
CA GLY EA 142 -65.32 66.71 -37.57
C GLY EA 142 -63.85 66.32 -37.51
N ALA EA 143 -63.51 65.21 -38.16
CA ALA EA 143 -62.11 64.84 -38.30
C ALA EA 143 -61.34 65.89 -39.09
N THR EA 144 -61.94 66.39 -40.17
CA THR EA 144 -61.30 67.44 -40.96
C THR EA 144 -61.13 68.73 -40.15
N VAL EA 145 -62.13 69.06 -39.34
CA VAL EA 145 -62.09 70.27 -38.51
C VAL EA 145 -60.97 70.20 -37.49
N ILE EA 146 -60.89 69.09 -36.76
CA ILE EA 146 -59.91 69.04 -35.67
C ILE EA 146 -58.49 68.79 -36.21
N THR EA 147 -58.38 68.15 -37.38
CA THR EA 147 -57.09 68.07 -38.05
C THR EA 147 -56.61 69.46 -38.47
N ASN EA 148 -57.53 70.32 -38.89
CA ASN EA 148 -57.12 71.66 -39.27
C ASN EA 148 -56.79 72.53 -38.05
N LEU EA 149 -57.49 72.32 -36.93
CA LEU EA 149 -57.09 72.96 -35.68
C LEU EA 149 -55.71 72.54 -35.22
N LEU EA 150 -55.32 71.30 -35.48
CA LEU EA 150 -53.93 70.92 -35.27
C LEU EA 150 -53.02 71.62 -36.27
N SER EA 151 -53.53 71.92 -37.47
CA SER EA 151 -52.71 72.63 -38.46
C SER EA 151 -52.59 74.11 -38.20
N ALA EA 152 -53.33 74.64 -37.23
CA ALA EA 152 -53.35 76.08 -36.93
C ALA EA 152 -52.00 76.64 -36.50
N ILE EA 153 -51.08 75.81 -36.02
CA ILE EA 153 -49.81 76.30 -35.49
C ILE EA 153 -48.83 76.53 -36.64
N PRO EA 154 -48.33 77.76 -36.83
CA PRO EA 154 -47.27 77.97 -37.82
C PRO EA 154 -45.96 77.39 -37.33
N TYR EA 155 -45.14 76.94 -38.29
CA TYR EA 155 -43.72 76.66 -38.14
C TYR EA 155 -43.41 75.41 -37.32
N ILE EA 156 -44.39 74.83 -36.63
CA ILE EA 156 -44.13 73.72 -35.72
C ILE EA 156 -45.00 72.53 -36.10
N GLY EA 157 -46.18 72.79 -36.63
CA GLY EA 157 -47.18 71.75 -36.77
C GLY EA 157 -47.71 71.52 -38.16
N THR EA 158 -47.18 72.26 -39.14
CA THR EA 158 -47.65 72.12 -40.52
C THR EA 158 -47.23 70.77 -41.09
N ASN EA 159 -45.96 70.42 -40.95
CA ASN EA 159 -45.53 69.08 -41.31
C ASN EA 159 -46.09 68.02 -40.38
N LEU EA 160 -46.46 68.39 -39.16
CA LEU EA 160 -47.12 67.45 -38.25
C LEU EA 160 -48.50 67.05 -38.80
N VAL EA 161 -49.20 68.01 -39.40
CA VAL EA 161 -50.52 67.69 -39.92
C VAL EA 161 -50.44 67.08 -41.32
N GLU EA 162 -49.44 67.47 -42.11
CA GLU EA 162 -49.09 66.70 -43.30
C GLU EA 162 -48.71 65.26 -42.97
N TRP EA 163 -48.09 65.06 -41.80
CA TRP EA 163 -47.73 63.72 -41.36
C TRP EA 163 -48.95 62.92 -40.96
N ILE EA 164 -49.85 63.51 -40.16
CA ILE EA 164 -51.05 62.76 -39.75
C ILE EA 164 -52.11 62.69 -40.83
N TRP EA 165 -51.98 63.46 -41.91
CA TRP EA 165 -52.90 63.35 -43.03
C TRP EA 165 -52.75 62.01 -43.73
N GLY EA 166 -51.51 61.59 -43.98
CA GLY EA 166 -51.24 60.53 -44.92
C GLY EA 166 -51.30 60.96 -46.36
N GLY EA 167 -51.52 62.23 -46.63
CA GLY EA 167 -51.69 62.70 -47.98
C GLY EA 167 -52.20 64.13 -48.04
N PHE EA 168 -53.27 64.35 -48.80
CA PHE EA 168 -53.84 65.69 -48.93
C PHE EA 168 -54.86 65.99 -47.86
N SER EA 169 -55.58 64.98 -47.40
CA SER EA 169 -56.69 65.17 -46.50
C SER EA 169 -56.93 63.86 -45.77
N VAL EA 170 -58.12 63.71 -45.19
CA VAL EA 170 -58.48 62.45 -44.57
C VAL EA 170 -58.75 61.45 -45.69
N ASP EA 171 -57.76 60.65 -45.98
CA ASP EA 171 -57.81 59.58 -46.95
C ASP EA 171 -58.12 58.29 -46.21
N LYS EA 172 -57.90 57.16 -46.85
CA LYS EA 172 -58.08 55.88 -46.19
C LYS EA 172 -57.01 55.62 -45.14
N ALA EA 173 -55.80 56.14 -45.38
CA ALA EA 173 -54.69 55.93 -44.45
C ALA EA 173 -54.93 56.62 -43.13
N THR EA 174 -55.60 57.79 -43.16
CA THR EA 174 -56.01 58.45 -41.93
C THR EA 174 -57.00 57.58 -41.15
N LEU EA 175 -57.86 56.85 -41.86
CA LEU EA 175 -58.83 56.00 -41.18
C LEU EA 175 -58.14 54.82 -40.52
N THR EA 176 -57.14 54.23 -41.17
CA THR EA 176 -56.47 53.11 -40.53
C THR EA 176 -55.56 53.57 -39.38
N ARG EA 177 -54.97 54.76 -39.49
CA ARG EA 177 -54.24 55.33 -38.36
C ARG EA 177 -55.15 55.53 -37.16
N PHE EA 178 -56.35 56.06 -37.41
CA PHE EA 178 -57.29 56.30 -36.31
C PHE EA 178 -57.81 55.00 -35.72
N PHE EA 179 -57.99 53.97 -36.55
CA PHE EA 179 -58.37 52.67 -36.03
C PHE EA 179 -57.30 52.10 -35.13
N ALA EA 180 -56.04 52.23 -35.50
CA ALA EA 180 -54.97 51.67 -34.68
C ALA EA 180 -54.82 52.43 -33.36
N PHE EA 181 -54.87 53.76 -33.39
CA PHE EA 181 -54.70 54.49 -32.14
C PHE EA 181 -55.89 54.34 -31.21
N HIS EA 182 -57.12 54.32 -31.75
CA HIS EA 182 -58.29 53.99 -30.93
C HIS EA 182 -58.20 52.57 -30.40
N PHE EA 183 -57.52 51.72 -31.12
CA PHE EA 183 -57.48 50.32 -30.81
C PHE EA 183 -56.38 49.98 -29.82
N ILE EA 184 -55.46 50.90 -29.55
CA ILE EA 184 -54.40 50.69 -28.58
C ILE EA 184 -54.52 51.59 -27.35
N PHE EA 185 -54.89 52.87 -27.51
CA PHE EA 185 -54.78 53.84 -26.42
C PHE EA 185 -55.54 53.55 -25.11
N PRO EA 186 -56.66 52.82 -25.08
CA PRO EA 186 -57.20 52.43 -23.76
C PRO EA 186 -56.28 51.58 -22.91
N PHE EA 187 -55.29 50.89 -23.47
CA PHE EA 187 -54.36 50.16 -22.62
C PHE EA 187 -53.36 51.09 -21.95
N ILE EA 188 -52.93 52.13 -22.66
CA ILE EA 188 -52.16 53.20 -22.03
C ILE EA 188 -52.98 53.89 -20.95
N ILE EA 189 -54.28 54.05 -21.21
CA ILE EA 189 -55.19 54.58 -20.19
C ILE EA 189 -55.24 53.67 -18.97
N ALA EA 190 -55.26 52.35 -19.19
CA ALA EA 190 -55.31 51.43 -18.06
C ALA EA 190 -54.01 51.45 -17.25
N ALA EA 191 -52.87 51.56 -17.93
CA ALA EA 191 -51.59 51.63 -17.22
C ALA EA 191 -51.47 52.92 -16.42
N LEU EA 192 -51.84 54.05 -17.01
CA LEU EA 192 -51.76 55.29 -16.26
C LEU EA 192 -52.80 55.35 -15.17
N ALA EA 193 -53.91 54.63 -15.32
CA ALA EA 193 -54.85 54.48 -14.21
C ALA EA 193 -54.26 53.68 -13.08
N MET EA 194 -53.42 52.67 -13.40
CA MET EA 194 -52.73 51.96 -12.32
C MET EA 194 -51.74 52.87 -11.60
N VAL EA 195 -51.09 53.77 -12.31
CA VAL EA 195 -50.15 54.69 -11.65
C VAL EA 195 -50.90 55.73 -10.80
N HIS EA 196 -52.04 56.20 -11.31
CA HIS EA 196 -53.00 57.02 -10.57
C HIS EA 196 -53.39 56.35 -9.25
N LEU EA 197 -53.79 55.09 -9.33
CA LEU EA 197 -54.13 54.31 -8.16
C LEU EA 197 -52.94 54.11 -7.22
N LEU EA 198 -51.73 53.97 -7.78
CA LEU EA 198 -50.54 53.74 -6.96
C LEU EA 198 -50.19 54.95 -6.13
N PHE EA 199 -50.16 56.13 -6.74
CA PHE EA 199 -49.87 57.32 -5.95
C PHE EA 199 -50.99 57.62 -4.95
N LEU EA 200 -52.23 57.26 -5.25
CA LEU EA 200 -53.28 57.48 -4.27
C LEU EA 200 -53.14 56.54 -3.08
N HIS EA 201 -52.91 55.25 -3.34
CA HIS EA 201 -52.72 54.30 -2.25
C HIS EA 201 -51.40 54.49 -1.53
N GLU EA 202 -50.48 55.25 -2.10
CA GLU EA 202 -49.29 55.61 -1.36
C GLU EA 202 -49.55 56.77 -0.43
N THR EA 203 -50.23 57.81 -0.91
CA THR EA 203 -50.49 58.95 -0.04
C THR EA 203 -51.66 58.67 0.91
N GLY EA 204 -52.81 58.32 0.36
CA GLY EA 204 -53.99 58.12 1.17
C GLY EA 204 -55.18 58.86 0.59
N SER EA 205 -56.39 58.48 1.00
CA SER EA 205 -57.60 59.02 0.42
C SER EA 205 -57.93 60.39 1.01
N ASN EA 206 -59.15 60.84 0.78
CA ASN EA 206 -59.63 62.08 1.36
C ASN EA 206 -60.94 61.77 2.08
N ASN EA 207 -61.66 62.79 2.52
CA ASN EA 207 -62.96 62.64 3.15
C ASN EA 207 -63.74 63.92 2.90
N PRO EA 208 -65.08 63.90 3.04
CA PRO EA 208 -65.89 65.13 2.84
C PRO EA 208 -65.46 66.36 3.61
N THR EA 209 -65.02 66.21 4.86
CA THR EA 209 -64.70 67.38 5.65
C THR EA 209 -63.36 67.98 5.30
N GLY EA 210 -62.44 67.20 4.74
CA GLY EA 210 -61.10 67.66 4.55
C GLY EA 210 -60.19 67.47 5.75
N ILE EA 211 -60.74 67.16 6.92
CA ILE EA 211 -59.95 66.79 8.08
C ILE EA 211 -59.23 65.48 7.80
N PRO EA 212 -57.93 65.35 8.09
CA PRO EA 212 -57.25 64.07 7.90
C PRO EA 212 -57.83 63.00 8.81
N SER EA 213 -58.29 61.92 8.18
CA SER EA 213 -59.10 60.92 8.86
C SER EA 213 -58.27 59.81 9.46
N ASP EA 214 -57.07 60.10 9.90
CA ASP EA 214 -56.18 59.06 10.41
C ASP EA 214 -56.58 58.52 11.77
N THR EA 215 -57.76 58.83 12.32
CA THR EA 215 -58.23 58.22 13.55
C THR EA 215 -59.39 57.26 13.34
N ASP EA 216 -59.96 57.20 12.14
CA ASP EA 216 -61.18 56.43 11.90
C ASP EA 216 -61.06 55.66 10.58
N LYS EA 217 -59.99 54.89 10.43
CA LYS EA 217 -59.84 54.07 9.24
C LYS EA 217 -60.66 52.79 9.37
N ILE EA 218 -61.27 52.37 8.27
CA ILE EA 218 -62.04 51.13 8.23
C ILE EA 218 -61.50 50.27 7.09
N PRO EA 219 -61.65 48.95 7.12
CA PRO EA 219 -61.16 48.13 6.00
C PRO EA 219 -61.99 48.33 4.76
N PHE EA 220 -61.43 47.95 3.63
CA PHE EA 220 -62.09 48.27 2.37
C PHE EA 220 -63.17 47.25 2.05
N HIS EA 221 -62.93 46.02 2.40
CA HIS EA 221 -63.80 44.89 2.20
C HIS EA 221 -64.27 44.36 3.55
N PRO EA 222 -65.56 44.09 3.73
CA PRO EA 222 -66.65 44.19 2.75
C PRO EA 222 -67.55 45.40 2.91
N TYR EA 223 -67.00 46.59 3.07
CA TYR EA 223 -67.80 47.80 3.15
C TYR EA 223 -67.91 48.50 1.80
N TYR EA 224 -66.79 48.95 1.28
CA TYR EA 224 -66.86 49.69 0.04
C TYR EA 224 -66.90 48.79 -1.18
N THR EA 225 -66.55 47.51 -1.02
CA THR EA 225 -66.76 46.56 -2.11
C THR EA 225 -68.24 46.39 -2.41
N ILE EA 226 -69.04 46.15 -1.36
CA ILE EA 226 -70.46 46.02 -1.56
C ILE EA 226 -71.08 47.37 -1.92
N LYS EA 227 -70.47 48.47 -1.46
CA LYS EA 227 -70.98 49.79 -1.82
C LYS EA 227 -70.76 50.10 -3.30
N ASP EA 228 -69.59 49.73 -3.84
CA ASP EA 228 -69.31 49.96 -5.25
C ASP EA 228 -70.02 48.96 -6.14
N ILE EA 229 -70.33 47.77 -5.65
CA ILE EA 229 -71.19 46.87 -6.42
C ILE EA 229 -72.60 47.45 -6.52
N LEU EA 230 -73.09 48.08 -5.45
CA LEU EA 230 -74.36 48.81 -5.53
C LEU EA 230 -74.29 49.93 -6.56
N GLY EA 231 -73.20 50.68 -6.57
CA GLY EA 231 -72.99 51.67 -7.62
C GLY EA 231 -72.91 51.08 -9.01
N ALA EA 232 -72.37 49.87 -9.13
CA ALA EA 232 -72.28 49.20 -10.42
C ALA EA 232 -73.65 48.81 -10.93
N ILE EA 233 -74.50 48.28 -10.05
CA ILE EA 233 -75.85 47.90 -10.46
C ILE EA 233 -76.65 49.14 -10.84
N LEU EA 234 -76.44 50.25 -10.13
CA LEU EA 234 -77.10 51.50 -10.51
C LEU EA 234 -76.65 51.97 -11.89
N LEU EA 235 -75.33 51.93 -12.14
CA LEU EA 235 -74.82 52.35 -13.44
C LEU EA 235 -75.32 51.44 -14.55
N ILE EA 236 -75.42 50.14 -14.28
CA ILE EA 236 -75.88 49.20 -15.27
C ILE EA 236 -77.34 49.44 -15.61
N LEU EA 237 -78.18 49.73 -14.61
CA LEU EA 237 -79.58 49.98 -14.94
C LEU EA 237 -79.74 51.29 -15.70
N ILE EA 238 -78.91 52.28 -15.40
CA ILE EA 238 -78.95 53.53 -16.16
C ILE EA 238 -78.56 53.29 -17.61
N LEU EA 239 -77.46 52.58 -17.81
CA LEU EA 239 -76.97 52.38 -19.17
C LEU EA 239 -77.88 51.46 -19.98
N MET EA 240 -78.53 50.49 -19.31
CA MET EA 240 -79.42 49.61 -20.05
C MET EA 240 -80.77 50.24 -20.32
N LEU EA 241 -81.25 51.13 -19.45
CA LEU EA 241 -82.41 51.95 -19.83
C LEU EA 241 -82.08 52.83 -21.03
N LEU EA 242 -80.89 53.41 -21.03
CA LEU EA 242 -80.53 54.32 -22.11
C LEU EA 242 -80.32 53.58 -23.43
N VAL EA 243 -79.88 52.32 -23.40
CA VAL EA 243 -79.69 51.59 -24.64
C VAL EA 243 -80.84 50.66 -24.96
N LEU EA 244 -81.86 50.57 -24.10
CA LEU EA 244 -83.01 49.75 -24.43
C LEU EA 244 -84.33 50.53 -24.46
N PHE EA 245 -84.31 51.85 -24.35
CA PHE EA 245 -85.57 52.54 -24.61
C PHE EA 245 -85.47 53.58 -25.71
N THR EA 246 -84.55 54.53 -25.61
CA THR EA 246 -84.24 55.44 -26.70
C THR EA 246 -82.73 55.50 -26.84
N PRO EA 247 -82.14 54.57 -27.59
CA PRO EA 247 -80.68 54.57 -27.75
C PRO EA 247 -80.14 55.71 -28.58
N ASP EA 248 -80.99 56.43 -29.29
CA ASP EA 248 -80.57 57.63 -30.02
C ASP EA 248 -80.84 58.89 -29.21
N LEU EA 249 -80.73 58.80 -27.89
CA LEU EA 249 -81.01 59.97 -27.06
C LEU EA 249 -79.86 60.98 -27.15
N LEU EA 250 -78.64 60.53 -27.38
CA LEU EA 250 -77.51 61.44 -27.44
C LEU EA 250 -76.83 61.50 -28.80
N GLY EA 251 -76.69 60.37 -29.49
CA GLY EA 251 -75.94 60.34 -30.72
C GLY EA 251 -76.60 61.09 -31.86
N ASP EA 252 -75.78 61.53 -32.81
CA ASP EA 252 -76.25 62.38 -33.89
C ASP EA 252 -77.06 61.57 -34.90
N PRO EA 253 -78.20 62.12 -35.35
CA PRO EA 253 -78.87 61.51 -36.51
C PRO EA 253 -78.13 61.72 -37.80
N ASP EA 254 -77.30 62.76 -37.91
CA ASP EA 254 -76.65 63.07 -39.18
C ASP EA 254 -75.46 62.16 -39.44
N ASN EA 255 -75.01 61.40 -38.46
CA ASN EA 255 -73.83 60.59 -38.66
C ASN EA 255 -74.16 59.21 -39.22
N TYR EA 256 -75.38 58.99 -39.67
CA TYR EA 256 -75.75 57.70 -40.22
C TYR EA 256 -75.81 57.69 -41.73
N THR EA 257 -75.13 58.61 -42.38
CA THR EA 257 -75.00 58.58 -43.82
C THR EA 257 -73.58 58.18 -44.19
N PRO EA 258 -73.36 57.65 -45.40
CA PRO EA 258 -71.98 57.48 -45.87
C PRO EA 258 -71.26 58.81 -46.00
N ALA EA 259 -69.95 58.76 -45.91
CA ALA EA 259 -69.16 59.98 -45.87
C ALA EA 259 -69.13 60.67 -47.22
N ASN EA 260 -70.13 61.48 -47.49
CA ASN EA 260 -70.18 62.35 -48.65
C ASN EA 260 -69.10 63.40 -48.48
N PRO EA 261 -68.02 63.38 -49.26
CA PRO EA 261 -66.87 64.24 -48.96
C PRO EA 261 -67.02 65.65 -49.50
N LEU EA 262 -68.24 66.08 -49.82
CA LEU EA 262 -68.47 67.37 -50.44
C LEU EA 262 -69.51 68.22 -49.72
N ASN EA 263 -70.25 67.65 -48.75
CA ASN EA 263 -71.46 68.32 -48.29
C ASN EA 263 -71.16 69.37 -47.23
N THR EA 264 -70.65 68.94 -46.06
CA THR EA 264 -70.62 69.67 -44.79
C THR EA 264 -72.02 70.17 -44.48
N PRO EA 265 -72.88 69.31 -43.94
CA PRO EA 265 -74.22 69.74 -43.55
C PRO EA 265 -74.15 70.83 -42.51
N PRO EA 266 -75.09 71.79 -42.53
CA PRO EA 266 -74.88 73.04 -41.78
C PRO EA 266 -74.97 72.87 -40.28
N HIS EA 267 -75.69 71.86 -39.80
CA HIS EA 267 -75.74 71.60 -38.37
C HIS EA 267 -74.65 70.59 -38.01
N ILE EA 268 -73.42 71.05 -38.19
CA ILE EA 268 -72.24 70.29 -37.82
C ILE EA 268 -71.90 70.57 -36.36
N LYS EA 269 -71.77 69.49 -35.59
CA LYS EA 269 -71.17 69.53 -34.27
C LYS EA 269 -70.75 68.12 -33.90
N PRO EA 270 -69.69 67.97 -33.13
CA PRO EA 270 -69.38 66.65 -32.56
C PRO EA 270 -70.34 66.27 -31.45
N GLU EA 271 -70.05 65.17 -30.75
CA GLU EA 271 -70.90 64.73 -29.67
C GLU EA 271 -70.81 65.71 -28.50
N TRP EA 272 -71.80 65.66 -27.61
CA TRP EA 272 -72.03 66.68 -26.60
C TRP EA 272 -70.85 66.89 -25.66
N TYR EA 273 -70.05 65.84 -25.42
CA TYR EA 273 -69.00 65.96 -24.42
C TYR EA 273 -67.85 66.86 -24.86
N PHE EA 274 -67.62 67.00 -26.17
CA PHE EA 274 -66.61 67.94 -26.62
C PHE EA 274 -67.14 69.33 -26.86
N LEU EA 275 -68.46 69.53 -26.77
CA LEU EA 275 -69.04 70.75 -27.29
C LEU EA 275 -68.70 71.96 -26.44
N PHE EA 276 -68.53 71.79 -25.13
CA PHE EA 276 -68.10 72.95 -24.34
C PHE EA 276 -66.64 73.26 -24.58
N ALA EA 277 -65.83 72.22 -24.80
CA ALA EA 277 -64.48 72.44 -25.28
C ALA EA 277 -64.50 73.02 -26.69
N TYR EA 278 -65.50 72.65 -27.48
CA TYR EA 278 -65.70 73.27 -28.78
C TYR EA 278 -66.25 74.69 -28.64
N ALA EA 279 -66.98 74.97 -27.55
CA ALA EA 279 -67.63 76.26 -27.41
C ALA EA 279 -66.65 77.37 -27.09
N ILE EA 280 -65.53 77.03 -26.45
CA ILE EA 280 -64.53 78.05 -26.15
C ILE EA 280 -63.83 78.48 -27.42
N LEU EA 281 -63.75 77.58 -28.41
CA LEU EA 281 -63.11 77.87 -29.68
C LEU EA 281 -63.83 78.97 -30.45
N ARG EA 282 -65.06 78.69 -30.88
CA ARG EA 282 -65.75 79.57 -31.80
C ARG EA 282 -66.30 80.84 -31.15
N SER EA 283 -66.26 80.93 -29.82
CA SER EA 283 -66.59 82.18 -29.17
C SER EA 283 -65.36 83.03 -28.88
N ILE EA 284 -64.25 82.80 -29.59
CA ILE EA 284 -63.08 83.65 -29.52
C ILE EA 284 -62.65 84.00 -30.94
N PRO EA 285 -62.66 85.27 -31.34
CA PRO EA 285 -62.47 85.66 -32.75
C PRO EA 285 -61.02 85.58 -33.22
N ASN EA 286 -60.48 84.36 -33.22
CA ASN EA 286 -59.16 84.08 -33.78
C ASN EA 286 -59.07 82.59 -33.98
N LYS EA 287 -58.31 82.19 -35.01
CA LYS EA 287 -57.97 80.79 -35.17
C LYS EA 287 -56.98 80.35 -34.08
N LEU EA 288 -55.82 80.98 -34.06
CA LEU EA 288 -54.72 80.54 -33.21
C LEU EA 288 -55.01 80.81 -31.74
N GLY EA 289 -55.65 81.95 -31.45
CA GLY EA 289 -56.11 82.21 -30.10
C GLY EA 289 -57.13 81.22 -29.61
N GLY EA 290 -58.00 80.74 -30.50
CA GLY EA 290 -58.99 79.75 -30.11
C GLY EA 290 -58.37 78.40 -29.81
N VAL EA 291 -57.45 77.93 -30.65
CA VAL EA 291 -56.87 76.61 -30.41
C VAL EA 291 -55.94 76.65 -29.19
N LEU EA 292 -55.25 77.77 -28.99
CA LEU EA 292 -54.45 77.95 -27.79
C LEU EA 292 -55.33 78.05 -26.56
N ALA EA 293 -56.56 78.59 -26.70
CA ALA EA 293 -57.44 78.69 -25.55
C ALA EA 293 -58.04 77.35 -25.16
N LEU EA 294 -58.31 76.48 -26.14
CA LEU EA 294 -58.66 75.08 -25.84
C LEU EA 294 -57.57 74.39 -25.02
N VAL EA 295 -56.33 74.47 -25.53
CA VAL EA 295 -55.19 73.87 -24.83
C VAL EA 295 -55.03 74.47 -23.44
N LEU EA 296 -55.19 75.79 -23.32
CA LEU EA 296 -55.13 76.45 -22.02
C LEU EA 296 -56.32 76.13 -21.13
N SER EA 297 -57.43 75.64 -21.66
CA SER EA 297 -58.50 75.17 -20.80
C SER EA 297 -58.07 73.92 -20.04
N ILE EA 298 -57.52 72.94 -20.77
CA ILE EA 298 -57.08 71.76 -20.01
C ILE EA 298 -55.83 72.10 -19.18
N LEU EA 299 -55.02 73.05 -19.64
CA LEU EA 299 -53.90 73.48 -18.80
C LEU EA 299 -54.34 74.29 -17.58
N VAL EA 300 -55.53 74.90 -17.62
CA VAL EA 300 -56.11 75.47 -16.40
C VAL EA 300 -56.44 74.37 -15.41
N LEU EA 301 -56.96 73.25 -15.92
CA LEU EA 301 -57.13 72.08 -15.06
C LEU EA 301 -55.80 71.56 -14.52
N VAL EA 302 -54.70 71.79 -15.24
CA VAL EA 302 -53.37 71.48 -14.67
C VAL EA 302 -53.04 72.45 -13.54
N ILE EA 303 -53.24 73.74 -13.78
CA ILE EA 303 -52.71 74.80 -12.94
C ILE EA 303 -53.36 74.81 -11.57
N MET EA 304 -54.67 74.53 -11.50
CA MET EA 304 -55.51 74.75 -10.31
C MET EA 304 -55.07 74.27 -8.90
N PRO EA 305 -54.24 73.24 -8.72
CA PRO EA 305 -53.67 73.04 -7.38
C PRO EA 305 -52.68 74.10 -6.95
N LEU EA 306 -52.10 74.85 -7.87
CA LEU EA 306 -51.11 75.86 -7.53
C LEU EA 306 -51.72 77.21 -7.21
N LEU EA 307 -53.04 77.29 -7.08
CA LEU EA 307 -53.70 78.55 -6.75
C LEU EA 307 -54.49 78.45 -5.46
N HIS EA 308 -54.29 77.40 -4.69
CA HIS EA 308 -55.00 77.22 -3.44
C HIS EA 308 -54.30 77.99 -2.33
N THR EA 309 -54.96 79.03 -1.82
CA THR EA 309 -54.43 79.80 -0.70
C THR EA 309 -55.37 79.84 0.50
N SER EA 310 -56.37 78.97 0.53
CA SER EA 310 -57.16 78.80 1.74
C SER EA 310 -56.44 77.86 2.68
N LYS EA 311 -56.52 78.15 3.98
CA LYS EA 311 -55.92 77.31 5.00
C LYS EA 311 -56.82 76.17 5.43
N GLN EA 312 -57.89 75.90 4.68
CA GLN EA 312 -58.63 74.66 4.81
C GLN EA 312 -58.26 73.79 3.62
N ARG EA 313 -58.69 72.53 3.65
CA ARG EA 313 -58.53 71.69 2.47
C ARG EA 313 -59.79 71.65 1.64
N SER EA 314 -60.94 71.75 2.28
CA SER EA 314 -62.21 71.48 1.64
C SER EA 314 -62.87 72.75 1.10
N MET EA 315 -63.99 72.55 0.42
CA MET EA 315 -64.98 73.59 0.16
C MET EA 315 -66.31 73.26 0.81
N MET EA 316 -66.32 72.36 1.78
CA MET EA 316 -67.55 72.05 2.49
C MET EA 316 -67.87 73.12 3.53
N PHE EA 317 -66.90 73.97 3.86
CA PHE EA 317 -67.07 74.93 4.93
C PHE EA 317 -66.86 76.37 4.50
N ARG EA 318 -66.63 76.62 3.21
CA ARG EA 318 -66.44 77.96 2.69
C ARG EA 318 -67.58 78.24 1.73
N PRO EA 319 -68.73 78.69 2.22
CA PRO EA 319 -69.94 78.74 1.38
C PRO EA 319 -69.88 79.77 0.27
N ILE EA 320 -69.07 80.81 0.39
CA ILE EA 320 -68.98 81.81 -0.67
C ILE EA 320 -68.21 81.24 -1.86
N SER EA 321 -67.09 80.58 -1.58
CA SER EA 321 -66.37 79.83 -2.60
C SER EA 321 -67.24 78.71 -3.16
N GLN EA 322 -68.12 78.15 -2.33
CA GLN EA 322 -69.06 77.13 -2.78
C GLN EA 322 -70.05 77.70 -3.78
N CYS EA 323 -70.55 78.91 -3.51
CA CYS EA 323 -71.45 79.59 -4.45
C CYS EA 323 -70.74 79.86 -5.76
N MET EA 324 -69.48 80.30 -5.70
CA MET EA 324 -68.71 80.56 -6.91
C MET EA 324 -68.47 79.28 -7.71
N PHE EA 325 -68.25 78.17 -7.02
CA PHE EA 325 -68.03 76.92 -7.73
C PHE EA 325 -69.30 76.41 -8.40
N TRP EA 326 -70.46 76.60 -7.76
CA TRP EA 326 -71.69 76.22 -8.44
C TRP EA 326 -72.02 77.16 -9.60
N ILE EA 327 -71.57 78.42 -9.52
CA ILE EA 327 -71.63 79.31 -10.68
C ILE EA 327 -70.79 78.74 -11.81
N LEU EA 328 -69.63 78.18 -11.47
CA LEU EA 328 -68.82 77.54 -12.49
C LEU EA 328 -69.48 76.29 -13.06
N VAL EA 329 -70.26 75.57 -12.24
CA VAL EA 329 -71.01 74.41 -12.72
C VAL EA 329 -72.06 74.83 -13.76
N ALA EA 330 -72.84 75.85 -13.42
CA ALA EA 330 -73.86 76.35 -14.34
C ALA EA 330 -73.24 76.94 -15.59
N ASP EA 331 -72.05 77.52 -15.47
CA ASP EA 331 -71.34 78.01 -16.63
C ASP EA 331 -70.84 76.87 -17.52
N LEU EA 332 -70.45 75.75 -16.92
CA LEU EA 332 -70.07 74.57 -17.70
C LEU EA 332 -71.25 74.07 -18.53
N LEU EA 333 -72.43 73.96 -17.91
CA LEU EA 333 -73.56 73.45 -18.67
C LEU EA 333 -74.07 74.50 -19.66
N THR EA 334 -73.82 75.78 -19.37
CA THR EA 334 -74.08 76.85 -20.33
C THR EA 334 -73.23 76.71 -21.57
N LEU EA 335 -71.92 76.50 -21.38
CA LEU EA 335 -71.01 76.27 -22.49
C LEU EA 335 -71.37 75.01 -23.25
N THR EA 336 -71.88 73.99 -22.54
CA THR EA 336 -72.34 72.77 -23.20
C THR EA 336 -73.51 73.06 -24.14
N TRP EA 337 -74.48 73.85 -23.69
CA TRP EA 337 -75.62 74.14 -24.55
C TRP EA 337 -75.26 75.10 -25.69
N ILE EA 338 -74.35 76.04 -25.44
CA ILE EA 338 -73.91 76.91 -26.53
C ILE EA 338 -73.10 76.13 -27.54
N GLY EA 339 -72.35 75.12 -27.10
CA GLY EA 339 -71.79 74.17 -28.03
C GLY EA 339 -72.83 73.32 -28.73
N GLY EA 340 -73.99 73.17 -28.11
CA GLY EA 340 -75.06 72.41 -28.75
C GLY EA 340 -75.88 73.17 -29.77
N GLN EA 341 -75.64 74.46 -29.94
CA GLN EA 341 -76.38 75.25 -30.91
C GLN EA 341 -75.43 75.98 -31.84
N PRO EA 342 -75.83 76.19 -33.10
CA PRO EA 342 -74.95 76.88 -34.06
C PRO EA 342 -74.76 78.36 -33.79
N VAL EA 343 -73.94 79.01 -34.63
CA VAL EA 343 -73.48 80.37 -34.40
C VAL EA 343 -74.57 81.34 -34.84
N GLU EA 344 -75.23 81.99 -33.88
CA GLU EA 344 -76.15 83.07 -34.15
C GLU EA 344 -75.83 84.22 -33.21
N HIS EA 345 -76.35 85.40 -33.52
CA HIS EA 345 -75.94 86.62 -32.82
C HIS EA 345 -76.24 86.64 -31.31
N PRO EA 346 -77.42 86.22 -30.80
CA PRO EA 346 -77.52 86.07 -29.34
C PRO EA 346 -76.59 85.02 -28.80
N TYR EA 347 -76.35 83.97 -29.58
CA TYR EA 347 -75.47 82.91 -29.14
C TYR EA 347 -74.02 83.37 -29.16
N ILE EA 348 -73.67 84.27 -30.08
CA ILE EA 348 -72.34 84.89 -30.09
C ILE EA 348 -72.11 85.69 -28.82
N ILE EA 349 -73.11 86.53 -28.46
CA ILE EA 349 -73.05 87.35 -27.24
C ILE EA 349 -72.82 86.48 -26.01
N ILE EA 350 -73.73 85.54 -25.78
CA ILE EA 350 -73.65 84.79 -24.54
C ILE EA 350 -72.55 83.72 -24.58
N GLY EA 351 -72.03 83.39 -25.76
CA GLY EA 351 -70.89 82.49 -25.84
C GLY EA 351 -69.60 83.16 -25.41
N GLN EA 352 -69.36 84.38 -25.90
CA GLN EA 352 -68.23 85.16 -25.37
C GLN EA 352 -68.38 85.40 -23.88
N LEU EA 353 -69.61 85.69 -23.44
CA LEU EA 353 -69.92 85.89 -22.03
C LEU EA 353 -69.53 84.66 -21.20
N ALA EA 354 -69.97 83.48 -21.64
CA ALA EA 354 -69.78 82.29 -20.84
C ALA EA 354 -68.34 81.82 -20.83
N SER EA 355 -67.62 81.97 -21.95
CA SER EA 355 -66.23 81.53 -21.97
C SER EA 355 -65.33 82.45 -21.15
N ILE EA 356 -65.54 83.77 -21.26
CA ILE EA 356 -64.81 84.71 -20.43
C ILE EA 356 -65.12 84.48 -18.95
N MET EA 357 -66.37 84.14 -18.63
CA MET EA 357 -66.70 83.88 -17.23
C MET EA 357 -66.10 82.57 -16.73
N TYR EA 358 -65.96 81.57 -17.61
CA TYR EA 358 -65.25 80.33 -17.28
C TYR EA 358 -63.81 80.61 -16.86
N PHE EA 359 -63.05 81.26 -17.75
CA PHE EA 359 -61.65 81.53 -17.45
C PHE EA 359 -61.49 82.48 -16.28
N LEU EA 360 -62.37 83.48 -16.15
CA LEU EA 360 -62.22 84.46 -15.09
C LEU EA 360 -62.61 83.87 -13.74
N ILE EA 361 -63.50 82.88 -13.71
CA ILE EA 361 -63.79 82.24 -12.43
C ILE EA 361 -62.67 81.31 -12.02
N ILE EA 362 -62.21 80.44 -12.92
CA ILE EA 362 -61.26 79.44 -12.45
C ILE EA 362 -59.85 80.02 -12.31
N LEU EA 363 -59.45 80.95 -13.16
CA LEU EA 363 -58.13 81.55 -13.00
C LEU EA 363 -58.08 82.50 -11.82
N VAL EA 364 -59.11 83.33 -11.64
CA VAL EA 364 -59.02 84.50 -10.80
C VAL EA 364 -59.91 84.41 -9.56
N MET EA 365 -61.14 83.92 -9.71
CA MET EA 365 -62.13 84.08 -8.64
C MET EA 365 -61.91 83.13 -7.47
N MET EA 366 -61.33 81.95 -7.70
CA MET EA 366 -61.04 81.05 -6.58
C MET EA 366 -59.99 81.63 -5.62
N PRO EA 367 -58.86 82.23 -6.06
CA PRO EA 367 -58.02 82.90 -5.07
C PRO EA 367 -58.65 84.12 -4.40
N VAL EA 368 -59.56 84.82 -5.08
CA VAL EA 368 -60.17 85.99 -4.46
C VAL EA 368 -61.12 85.58 -3.33
N ALA EA 369 -62.00 84.61 -3.61
CA ALA EA 369 -62.85 84.10 -2.54
C ALA EA 369 -62.04 83.37 -1.49
N SER EA 370 -60.89 82.79 -1.89
CA SER EA 370 -60.04 82.10 -0.94
C SER EA 370 -59.39 83.06 0.04
N ILE EA 371 -58.88 84.20 -0.45
CA ILE EA 371 -58.28 85.16 0.46
C ILE EA 371 -59.34 85.90 1.27
N ILE EA 372 -60.57 86.00 0.74
CA ILE EA 372 -61.69 86.48 1.54
C ILE EA 372 -61.95 85.54 2.71
N GLU EA 373 -61.95 84.23 2.45
CA GLU EA 373 -62.17 83.28 3.53
C GLU EA 373 -60.98 83.17 4.46
N ASN EA 374 -59.79 83.49 3.96
CA ASN EA 374 -58.62 83.51 4.83
C ASN EA 374 -58.70 84.67 5.81
N ASN EA 375 -59.02 85.87 5.32
CA ASN EA 375 -59.09 87.02 6.20
C ASN EA 375 -60.31 86.95 7.10
N LEU EA 376 -61.40 86.37 6.61
CA LEU EA 376 -62.71 86.56 7.21
C LEU EA 376 -62.90 85.75 8.49
N LEU EA 377 -62.04 84.78 8.75
CA LEU EA 377 -62.13 83.94 9.94
C LEU EA 377 -60.99 84.20 10.93
N LYS EA 378 -60.58 85.47 11.03
CA LYS EA 378 -59.51 85.93 11.92
C LYS EA 378 -58.19 85.21 11.65
N TRP EA 379 -57.87 85.01 10.38
CA TRP EA 379 -56.55 84.51 9.99
C TRP EA 379 -55.88 85.47 9.02
N SER FA 1 -84.50 82.04 -46.21
CA SER FA 1 -85.45 81.85 -45.11
C SER FA 1 -84.93 80.83 -44.11
N ASP FA 2 -85.08 79.55 -44.46
CA ASP FA 2 -84.58 78.40 -43.69
C ASP FA 2 -85.20 78.33 -42.30
N LEU FA 3 -86.39 78.87 -42.12
CA LEU FA 3 -87.10 78.74 -40.86
C LEU FA 3 -87.63 77.32 -40.76
N GLU FA 4 -87.02 76.50 -39.91
CA GLU FA 4 -87.39 75.10 -39.88
C GLU FA 4 -88.70 74.90 -39.12
N LEU FA 5 -89.44 73.88 -39.51
CA LEU FA 5 -90.74 73.58 -38.95
C LEU FA 5 -90.64 72.28 -38.18
N HIS FA 6 -90.81 72.37 -36.87
CA HIS FA 6 -90.74 71.18 -36.02
C HIS FA 6 -91.90 70.25 -36.33
N PRO FA 7 -91.63 68.99 -36.67
CA PRO FA 7 -92.69 68.09 -37.12
C PRO FA 7 -93.62 67.73 -35.99
N PRO FA 8 -94.83 67.28 -36.29
CA PRO FA 8 -95.78 66.93 -35.24
C PRO FA 8 -95.45 65.63 -34.53
N SER FA 9 -96.25 65.29 -33.53
CA SER FA 9 -96.05 64.09 -32.73
C SER FA 9 -97.25 63.18 -32.93
N TYR FA 10 -97.04 62.04 -33.56
CA TYR FA 10 -98.14 61.25 -34.02
C TYR FA 10 -98.37 60.05 -33.12
N PRO FA 11 -99.59 59.77 -32.74
CA PRO FA 11 -99.87 58.56 -31.98
C PRO FA 11 -99.78 57.32 -32.84
N TRP FA 12 -98.57 56.79 -33.02
CA TRP FA 12 -98.41 55.56 -33.77
C TRP FA 12 -98.85 54.36 -32.95
N SER FA 13 -98.68 53.18 -33.51
CA SER FA 13 -98.82 51.96 -32.71
C SER FA 13 -97.53 51.59 -32.00
N HIS FA 14 -96.52 52.44 -32.05
CA HIS FA 14 -95.25 52.20 -31.40
C HIS FA 14 -94.72 53.46 -30.73
N ARG FA 15 -95.63 54.36 -30.35
CA ARG FA 15 -95.23 55.48 -29.52
C ARG FA 15 -94.83 55.01 -28.13
N GLY FA 16 -95.44 53.95 -27.63
CA GLY FA 16 -95.25 53.51 -26.26
C GLY FA 16 -93.91 52.85 -26.02
N LEU FA 17 -93.57 52.74 -24.74
CA LEU FA 17 -92.28 52.22 -24.32
C LEU FA 17 -92.23 50.70 -24.34
N LEU FA 18 -93.34 50.03 -24.52
CA LEU FA 18 -93.36 48.59 -24.56
C LEU FA 18 -94.04 48.05 -25.80
N SER FA 19 -94.55 48.93 -26.65
CA SER FA 19 -95.32 48.51 -27.82
C SER FA 19 -94.40 47.94 -28.88
N SER FA 20 -95.01 47.55 -29.99
CA SER FA 20 -94.33 46.87 -31.08
C SER FA 20 -94.86 47.48 -32.36
N LEU FA 21 -94.72 46.76 -33.46
CA LEU FA 21 -95.20 47.23 -34.75
C LEU FA 21 -96.37 46.38 -35.23
N ASP FA 22 -97.11 46.94 -36.18
CA ASP FA 22 -98.18 46.23 -36.86
C ASP FA 22 -97.56 45.48 -38.03
N HIS FA 23 -97.46 44.16 -37.90
CA HIS FA 23 -96.84 43.34 -38.93
C HIS FA 23 -97.64 43.34 -40.21
N THR FA 24 -98.96 43.49 -40.10
CA THR FA 24 -99.80 43.65 -41.27
C THR FA 24 -99.44 44.93 -42.00
N SER FA 25 -99.21 46.01 -41.25
CA SER FA 25 -98.78 47.27 -41.86
C SER FA 25 -97.38 47.18 -42.41
N ILE FA 26 -96.53 46.34 -41.82
CA ILE FA 26 -95.19 46.13 -42.36
C ILE FA 26 -95.27 45.46 -43.73
N ARG FA 27 -96.13 44.44 -43.86
CA ARG FA 27 -96.32 43.79 -45.15
C ARG FA 27 -96.93 44.73 -46.18
N ARG FA 28 -97.90 45.54 -45.75
CA ARG FA 28 -98.49 46.56 -46.61
C ARG FA 28 -97.42 47.53 -47.10
N GLY FA 29 -96.58 48.02 -46.18
CA GLY FA 29 -95.55 48.96 -46.55
C GLY FA 29 -94.49 48.35 -47.44
N PHE FA 30 -94.25 47.05 -47.31
CA PHE FA 30 -93.33 46.40 -48.25
C PHE FA 30 -93.91 46.37 -49.64
N GLN FA 31 -95.21 46.07 -49.77
CA GLN FA 31 -95.85 46.09 -51.08
C GLN FA 31 -95.83 47.50 -51.67
N VAL FA 32 -95.99 48.51 -50.81
CA VAL FA 32 -95.94 49.90 -51.25
C VAL FA 32 -94.54 50.28 -51.73
N TYR FA 33 -93.52 49.87 -50.99
CA TYR FA 33 -92.14 50.17 -51.39
C TYR FA 33 -91.80 49.49 -52.70
N LYS FA 34 -92.14 48.20 -52.81
CA LYS FA 34 -91.69 47.42 -53.96
C LYS FA 34 -92.44 47.84 -55.23
N GLN FA 35 -93.71 48.18 -55.11
CA GLN FA 35 -94.47 48.53 -56.30
C GLN FA 35 -94.34 50.00 -56.69
N VAL FA 36 -94.03 50.89 -55.74
CA VAL FA 36 -94.01 52.31 -56.06
C VAL FA 36 -92.62 52.88 -55.84
N CYS FA 37 -92.08 52.72 -54.63
CA CYS FA 37 -90.86 53.42 -54.23
C CYS FA 37 -89.59 52.73 -54.73
N SER FA 38 -89.69 51.52 -55.26
CA SER FA 38 -88.53 50.72 -55.63
C SER FA 38 -87.94 51.11 -56.97
N SER FA 39 -88.35 52.22 -57.58
CA SER FA 39 -87.82 52.60 -58.87
C SER FA 39 -86.85 53.76 -58.80
N CYS FA 40 -86.71 54.40 -57.65
CA CYS FA 40 -85.75 55.49 -57.51
C CYS FA 40 -84.94 55.46 -56.23
N HIS FA 41 -85.31 54.65 -55.25
CA HIS FA 41 -84.62 54.61 -53.97
C HIS FA 41 -84.19 53.18 -53.69
N SER FA 42 -82.94 53.01 -53.31
CA SER FA 42 -82.43 51.73 -52.88
C SER FA 42 -82.78 51.47 -51.43
N MET FA 43 -82.68 50.21 -51.03
CA MET FA 43 -82.73 49.88 -49.61
C MET FA 43 -81.64 48.85 -49.36
N ASP FA 44 -80.43 49.18 -49.84
CA ASP FA 44 -79.28 48.33 -50.14
C ASP FA 44 -78.98 47.17 -49.20
N TYR FA 45 -79.15 47.38 -47.89
CA TYR FA 45 -78.65 46.44 -46.91
C TYR FA 45 -79.72 45.51 -46.39
N VAL FA 46 -80.75 45.27 -47.19
CA VAL FA 46 -81.91 44.51 -46.75
C VAL FA 46 -82.06 43.35 -47.73
N ALA FA 47 -81.55 42.18 -47.37
CA ALA FA 47 -81.82 40.97 -48.13
C ALA FA 47 -83.19 40.42 -47.77
N TYR FA 48 -83.57 39.32 -48.41
CA TYR FA 48 -84.89 38.75 -48.17
C TYR FA 48 -84.97 37.99 -46.86
N ARG FA 49 -83.83 37.60 -46.28
CA ARG FA 49 -83.84 36.84 -45.04
C ARG FA 49 -84.25 37.67 -43.84
N HIS FA 50 -84.33 38.99 -43.97
CA HIS FA 50 -84.87 39.81 -42.90
C HIS FA 50 -86.39 39.68 -42.81
N LEU FA 51 -87.04 39.38 -43.91
CA LEU FA 51 -88.49 39.42 -44.02
C LEU FA 51 -89.15 38.13 -43.56
N VAL FA 52 -88.39 37.19 -42.99
CA VAL FA 52 -88.87 35.82 -42.85
C VAL FA 52 -89.87 35.69 -41.71
N GLY FA 53 -89.52 36.16 -40.53
CA GLY FA 53 -90.42 36.05 -39.40
C GLY FA 53 -91.18 37.31 -39.07
N VAL FA 54 -91.22 38.29 -39.96
CA VAL FA 54 -91.81 39.58 -39.61
C VAL FA 54 -93.26 39.61 -40.01
N CYS FA 55 -93.53 39.53 -41.31
CA CYS FA 55 -94.89 39.47 -41.81
C CYS FA 55 -95.09 38.29 -42.75
N TYR FA 56 -94.18 38.11 -43.70
CA TYR FA 56 -94.26 37.04 -44.67
C TYR FA 56 -93.88 35.71 -44.03
N THR FA 57 -93.80 34.68 -44.86
CA THR FA 57 -93.20 33.41 -44.50
C THR FA 57 -92.04 33.13 -45.45
N GLU FA 58 -91.45 31.95 -45.30
CA GLU FA 58 -90.26 31.61 -46.09
C GLU FA 58 -90.62 31.36 -47.54
N ASP FA 59 -91.79 30.79 -47.78
CA ASP FA 59 -92.20 30.48 -49.15
C ASP FA 59 -92.51 31.76 -49.92
N GLU FA 60 -93.25 32.67 -49.28
CA GLU FA 60 -93.62 33.93 -49.90
C GLU FA 60 -92.40 34.81 -50.13
N ALA FA 61 -91.41 34.71 -49.24
CA ALA FA 61 -90.14 35.40 -49.46
C ALA FA 61 -89.42 34.89 -50.69
N LYS FA 62 -89.47 33.56 -50.92
CA LYS FA 62 -88.90 33.01 -52.13
C LYS FA 62 -89.66 33.47 -53.36
N ALA FA 63 -90.98 33.64 -53.23
CA ALA FA 63 -91.77 34.15 -54.34
C ALA FA 63 -91.38 35.58 -54.68
N LEU FA 64 -91.26 36.42 -53.66
CA LEU FA 64 -90.87 37.82 -53.85
C LEU FA 64 -89.45 37.94 -54.39
N ALA FA 65 -88.56 37.03 -53.99
CA ALA FA 65 -87.21 37.05 -54.54
C ALA FA 65 -87.17 36.50 -55.97
N GLU FA 66 -88.08 35.59 -56.30
CA GLU FA 66 -88.18 35.11 -57.67
C GLU FA 66 -88.84 36.12 -58.60
N GLU FA 67 -89.53 37.12 -58.04
CA GLU FA 67 -90.10 38.17 -58.89
C GLU FA 67 -89.04 39.03 -59.57
N VAL FA 68 -87.81 39.05 -59.07
CA VAL FA 68 -86.73 39.84 -59.67
C VAL FA 68 -85.55 38.91 -59.93
N GLU FA 69 -85.16 38.78 -61.18
CA GLU FA 69 -83.93 38.09 -61.55
C GLU FA 69 -82.79 39.09 -61.44
N VAL FA 70 -81.70 38.72 -60.76
CA VAL FA 70 -80.69 39.74 -60.52
C VAL FA 70 -79.43 39.49 -61.32
N GLN FA 71 -78.61 38.52 -60.87
CA GLN FA 71 -77.28 38.24 -61.41
C GLN FA 71 -76.63 37.09 -60.64
N ASP FA 72 -75.74 36.35 -61.29
CA ASP FA 72 -74.78 35.45 -60.65
C ASP FA 72 -73.42 35.77 -61.26
N GLY FA 73 -72.37 35.06 -60.82
CA GLY FA 73 -71.02 35.34 -61.25
C GLY FA 73 -70.69 34.89 -62.67
N PRO FA 74 -69.41 34.64 -62.94
CA PRO FA 74 -69.02 34.16 -64.28
C PRO FA 74 -69.50 32.74 -64.51
N ASN FA 75 -70.22 32.55 -65.61
CA ASN FA 75 -70.64 31.21 -66.03
C ASN FA 75 -69.57 30.56 -66.90
N GLU FA 76 -68.33 30.58 -66.39
CA GLU FA 76 -67.14 30.00 -67.02
C GLU FA 76 -66.84 30.59 -68.40
N ASP FA 77 -67.44 31.75 -68.70
CA ASP FA 77 -67.22 32.53 -69.91
C ASP FA 77 -67.17 34.02 -69.62
N GLY FA 78 -67.52 34.46 -68.43
CA GLY FA 78 -67.57 35.87 -68.12
C GLY FA 78 -68.77 36.53 -68.79
N GLU FA 79 -69.97 36.11 -68.40
CA GLU FA 79 -71.19 36.62 -69.02
C GLU FA 79 -72.18 37.23 -68.04
N MET FA 80 -72.14 36.86 -66.76
CA MET FA 80 -72.94 37.43 -65.68
C MET FA 80 -74.44 37.30 -65.98
N PHE FA 81 -74.88 36.05 -66.03
CA PHE FA 81 -76.25 35.73 -66.37
C PHE FA 81 -77.20 36.10 -65.23
N MET FA 82 -78.49 36.05 -65.53
CA MET FA 82 -79.53 36.47 -64.61
C MET FA 82 -79.94 35.32 -63.71
N ARG FA 83 -80.34 35.66 -62.48
CA ARG FA 83 -80.81 34.66 -61.54
C ARG FA 83 -81.71 35.33 -60.52
N PRO FA 84 -82.86 34.71 -60.16
CA PRO FA 84 -83.67 35.24 -59.07
C PRO FA 84 -82.96 35.25 -57.72
N GLY FA 85 -82.48 34.09 -57.28
CA GLY FA 85 -81.70 34.02 -56.05
C GLY FA 85 -82.58 33.99 -54.82
N LYS FA 86 -82.31 33.06 -53.91
CA LYS FA 86 -83.27 32.78 -52.84
C LYS FA 86 -83.26 33.87 -51.76
N LEU FA 87 -82.15 33.97 -51.05
CA LEU FA 87 -82.12 34.79 -49.84
C LEU FA 87 -80.91 35.71 -49.87
N SER FA 88 -79.84 35.22 -50.51
CA SER FA 88 -78.54 35.88 -50.42
C SER FA 88 -78.49 37.15 -51.24
N ASP FA 89 -79.32 37.28 -52.26
CA ASP FA 89 -79.31 38.50 -53.05
C ASP FA 89 -79.96 39.64 -52.28
N TYR FA 90 -79.45 40.84 -52.49
CA TYR FA 90 -79.99 42.01 -51.82
C TYR FA 90 -81.14 42.56 -52.66
N PHE FA 91 -81.60 43.74 -52.31
CA PHE FA 91 -82.70 44.21 -53.13
C PHE FA 91 -82.14 45.01 -54.30
N PRO FA 92 -82.75 44.88 -55.48
CA PRO FA 92 -82.14 45.42 -56.70
C PRO FA 92 -82.11 46.94 -56.70
N LYS FA 93 -80.93 47.48 -56.94
CA LYS FA 93 -80.74 48.92 -56.89
C LYS FA 93 -81.46 49.58 -58.06
N PRO FA 94 -82.21 50.65 -57.84
CA PRO FA 94 -82.78 51.39 -58.97
C PRO FA 94 -81.74 52.07 -59.84
N TYR FA 95 -80.61 52.48 -59.29
CA TYR FA 95 -79.59 53.09 -60.10
C TYR FA 95 -78.22 52.58 -59.70
N PRO FA 96 -77.44 52.06 -60.65
CA PRO FA 96 -76.13 51.47 -60.33
C PRO FA 96 -75.11 52.48 -59.84
N ASN FA 97 -74.96 53.58 -60.56
CA ASN FA 97 -74.11 54.67 -60.14
C ASN FA 97 -74.93 55.79 -59.52
N PRO FA 98 -74.30 56.68 -58.75
CA PRO FA 98 -74.95 57.96 -58.48
C PRO FA 98 -75.17 58.77 -59.74
N GLU FA 99 -74.22 58.69 -60.67
CA GLU FA 99 -74.37 59.34 -61.97
C GLU FA 99 -75.46 58.69 -62.81
N ALA FA 100 -75.81 57.43 -62.51
CA ALA FA 100 -76.99 56.83 -63.11
C ALA FA 100 -78.25 57.51 -62.62
N ALA FA 101 -78.25 58.03 -61.40
CA ALA FA 101 -79.36 58.86 -60.97
C ALA FA 101 -79.23 60.28 -61.50
N ARG FA 102 -78.00 60.73 -61.77
CA ARG FA 102 -77.80 62.08 -62.28
C ARG FA 102 -78.31 62.20 -63.72
N ALA FA 103 -77.95 61.25 -64.57
CA ALA FA 103 -78.25 61.31 -65.98
C ALA FA 103 -79.64 60.78 -66.32
N ALA FA 104 -80.39 60.27 -65.34
CA ALA FA 104 -81.76 59.84 -65.56
C ALA FA 104 -82.79 60.71 -64.84
N ASN FA 105 -82.37 61.49 -63.85
CA ASN FA 105 -83.23 62.44 -63.16
C ASN FA 105 -82.75 63.84 -63.50
N ASN FA 106 -83.42 64.84 -62.93
CA ASN FA 106 -83.01 66.23 -63.11
C ASN FA 106 -81.96 66.55 -62.05
N GLY FA 107 -80.77 66.00 -62.27
CA GLY FA 107 -79.78 65.91 -61.22
C GLY FA 107 -80.35 65.02 -60.14
N ALA FA 108 -80.57 65.59 -58.96
CA ALA FA 108 -81.50 65.06 -57.94
C ALA FA 108 -81.11 63.66 -57.46
N LEU FA 109 -79.96 63.61 -56.79
CA LEU FA 109 -79.48 62.37 -56.17
C LEU FA 109 -80.39 61.93 -55.03
N PRO FA 110 -81.05 60.77 -55.15
CA PRO FA 110 -82.01 60.37 -54.12
C PRO FA 110 -81.28 59.74 -52.95
N PRO FA 111 -81.85 59.80 -51.76
CA PRO FA 111 -81.30 59.03 -50.65
C PRO FA 111 -81.89 57.64 -50.64
N ASP FA 112 -81.08 56.66 -50.32
CA ASP FA 112 -81.61 55.32 -50.16
C ASP FA 112 -82.31 55.20 -48.82
N LEU FA 113 -83.33 54.36 -48.78
CA LEU FA 113 -84.30 54.34 -47.69
C LEU FA 113 -84.04 53.25 -46.67
N SER FA 114 -82.79 52.94 -46.39
CA SER FA 114 -82.53 52.01 -45.29
C SER FA 114 -82.35 52.74 -43.97
N TYR FA 115 -81.82 53.96 -43.99
CA TYR FA 115 -81.48 54.68 -42.78
C TYR FA 115 -82.09 56.07 -42.72
N ILE FA 116 -83.21 56.33 -43.40
CA ILE FA 116 -83.74 57.69 -43.40
C ILE FA 116 -84.37 58.02 -42.05
N VAL FA 117 -84.99 57.03 -41.41
CA VAL FA 117 -85.64 57.23 -40.12
C VAL FA 117 -84.63 57.63 -39.06
N ARG FA 118 -83.49 56.96 -39.04
CA ARG FA 118 -82.42 57.31 -38.12
C ARG FA 118 -81.47 58.34 -38.72
N ALA FA 119 -81.77 58.86 -39.92
CA ALA FA 119 -80.89 59.81 -40.58
C ALA FA 119 -81.40 61.24 -40.54
N ARG FA 120 -82.64 61.46 -40.10
CA ARG FA 120 -83.24 62.79 -40.08
C ARG FA 120 -83.72 63.11 -38.68
N HIS FA 121 -83.89 64.41 -38.44
CA HIS FA 121 -84.46 64.88 -37.18
C HIS FA 121 -85.91 64.45 -37.07
N GLY FA 122 -86.24 63.78 -35.98
CA GLY FA 122 -87.51 63.11 -35.87
C GLY FA 122 -87.46 61.74 -36.52
N GLY FA 123 -88.38 60.89 -36.11
CA GLY FA 123 -88.40 59.55 -36.66
C GLY FA 123 -89.20 59.51 -37.93
N GLU FA 124 -90.22 58.66 -37.95
CA GLU FA 124 -91.05 58.49 -39.13
C GLU FA 124 -92.05 59.62 -39.32
N ASP FA 125 -92.18 60.53 -38.36
CA ASP FA 125 -93.14 61.61 -38.50
C ASP FA 125 -92.66 62.62 -39.54
N TYR FA 126 -91.34 62.85 -39.57
CA TYR FA 126 -90.73 63.65 -40.64
C TYR FA 126 -91.00 63.01 -41.99
N VAL FA 127 -90.92 61.69 -42.06
CA VAL FA 127 -91.17 60.98 -43.31
C VAL FA 127 -92.62 61.14 -43.73
N PHE FA 128 -93.55 61.09 -42.76
CA PHE FA 128 -94.96 61.29 -43.04
C PHE FA 128 -95.24 62.66 -43.63
N SER FA 129 -94.75 63.71 -42.97
CA SER FA 129 -95.06 65.05 -43.44
C SER FA 129 -94.27 65.42 -44.69
N LEU FA 130 -93.10 64.82 -44.89
CA LEU FA 130 -92.37 65.02 -46.13
C LEU FA 130 -93.06 64.33 -47.29
N LEU FA 131 -93.66 63.17 -47.04
CA LEU FA 131 -94.40 62.48 -48.09
C LEU FA 131 -95.67 63.23 -48.45
N THR FA 132 -96.43 63.64 -47.45
CA THR FA 132 -97.76 64.17 -47.70
C THR FA 132 -97.74 65.66 -47.99
N GLY FA 133 -97.11 66.46 -47.12
CA GLY FA 133 -97.43 67.86 -46.98
C GLY FA 133 -97.03 68.81 -48.11
N TYR FA 134 -97.50 68.49 -49.31
CA TYR FA 134 -97.39 69.40 -50.43
C TYR FA 134 -98.48 70.47 -50.34
N CYS FA 135 -98.07 71.73 -50.46
CA CYS FA 135 -98.99 72.82 -50.67
C CYS FA 135 -98.37 73.74 -51.71
N GLU FA 136 -98.90 74.96 -51.83
CA GLU FA 136 -98.38 75.78 -52.92
C GLU FA 136 -97.90 77.13 -52.41
N PRO FA 137 -96.75 77.60 -52.89
CA PRO FA 137 -96.12 78.77 -52.30
C PRO FA 137 -96.81 80.05 -52.72
N PRO FA 138 -96.83 81.07 -51.85
CA PRO FA 138 -97.38 82.36 -52.26
C PRO FA 138 -96.53 83.06 -53.28
N ARG FA 139 -95.24 83.27 -52.98
CA ARG FA 139 -94.41 84.16 -53.79
C ARG FA 139 -93.07 83.55 -54.18
N VAL FA 140 -92.86 82.26 -53.94
CA VAL FA 140 -91.56 81.63 -54.15
C VAL FA 140 -91.73 80.60 -55.25
N SER FA 141 -91.46 80.99 -56.49
CA SER FA 141 -91.58 80.11 -57.65
C SER FA 141 -90.28 80.14 -58.41
N LEU FA 142 -89.62 78.98 -58.52
CA LEU FA 142 -88.22 78.99 -58.96
C LEU FA 142 -87.97 78.38 -60.33
N ARG FA 143 -88.18 77.08 -60.55
CA ARG FA 143 -87.88 76.57 -61.89
C ARG FA 143 -88.73 75.41 -62.38
N GLU FA 144 -89.70 74.92 -61.59
CA GLU FA 144 -90.42 73.65 -61.83
C GLU FA 144 -89.43 72.49 -62.05
N GLY FA 145 -88.34 72.53 -61.28
CA GLY FA 145 -87.34 71.49 -61.32
C GLY FA 145 -87.02 71.06 -59.92
N LEU FA 146 -87.46 71.88 -58.97
CA LEU FA 146 -87.42 71.58 -57.55
C LEU FA 146 -88.77 72.01 -56.99
N TYR FA 147 -89.61 71.05 -56.62
CA TYR FA 147 -91.00 71.34 -56.30
C TYR FA 147 -91.09 72.01 -54.93
N PHE FA 148 -92.29 72.40 -54.55
CA PHE FA 148 -92.49 73.06 -53.27
C PHE FA 148 -92.93 72.06 -52.20
N ASN FA 149 -92.26 72.10 -51.05
CA ASN FA 149 -92.64 71.32 -49.88
C ASN FA 149 -92.06 71.97 -48.63
N PRO FA 150 -92.91 72.41 -47.69
CA PRO FA 150 -92.40 73.06 -46.48
C PRO FA 150 -91.68 72.14 -45.54
N TYR FA 151 -91.85 70.83 -45.64
CA TYR FA 151 -91.13 69.90 -44.76
C TYR FA 151 -89.80 69.49 -45.35
N PHE FA 152 -88.98 70.48 -45.71
CA PHE FA 152 -87.67 70.22 -46.27
C PHE FA 152 -86.87 71.48 -46.00
N PRO FA 153 -85.57 71.39 -45.75
CA PRO FA 153 -84.77 72.61 -45.57
C PRO FA 153 -84.64 73.41 -46.85
N GLY FA 154 -85.16 74.63 -46.82
CA GLY FA 154 -85.14 75.51 -47.97
C GLY FA 154 -86.34 75.40 -48.88
N GLN FA 155 -87.24 74.44 -48.58
CA GLN FA 155 -88.49 74.21 -49.31
C GLN FA 155 -88.24 73.89 -50.80
N ALA FA 156 -87.65 72.72 -51.03
CA ALA FA 156 -87.37 72.27 -52.40
C ALA FA 156 -87.26 70.75 -52.41
N ILE FA 157 -88.27 70.07 -52.91
CA ILE FA 157 -88.18 68.64 -53.14
C ILE FA 157 -88.05 68.40 -54.64
N GLY FA 158 -87.25 67.40 -55.00
CA GLY FA 158 -87.04 67.06 -56.39
C GLY FA 158 -87.72 65.76 -56.72
N MET FA 159 -88.87 65.52 -56.09
CA MET FA 159 -89.59 64.28 -56.19
C MET FA 159 -91.06 64.59 -56.42
N ALA FA 160 -91.67 63.92 -57.38
CA ALA FA 160 -93.10 64.02 -57.57
C ALA FA 160 -93.82 63.37 -56.39
N PRO FA 161 -94.99 63.87 -56.01
CA PRO FA 161 -95.72 63.30 -54.86
C PRO FA 161 -96.26 61.92 -55.16
N PRO FA 162 -95.68 60.89 -54.55
CA PRO FA 162 -95.97 59.51 -54.95
C PRO FA 162 -97.08 58.87 -54.13
N ILE FA 163 -98.23 59.54 -54.03
CA ILE FA 163 -99.36 58.93 -53.35
C ILE FA 163 -100.61 58.94 -54.23
N TYR FA 164 -101.07 60.14 -54.59
CA TYR FA 164 -102.14 60.51 -55.52
C TYR FA 164 -103.31 59.53 -55.62
N ASN FA 165 -103.92 59.22 -54.48
CA ASN FA 165 -105.26 58.66 -54.39
C ASN FA 165 -105.45 57.29 -55.04
N GLU FA 166 -105.02 56.23 -54.31
CA GLU FA 166 -105.36 54.84 -54.61
C GLU FA 166 -104.72 54.31 -55.88
N VAL FA 167 -103.39 54.15 -55.87
CA VAL FA 167 -102.66 53.63 -56.99
C VAL FA 167 -102.37 52.13 -56.88
N LEU FA 168 -102.82 51.47 -55.81
CA LEU FA 168 -102.43 50.10 -55.57
C LEU FA 168 -103.59 49.11 -55.55
N GLU FA 169 -104.61 49.38 -54.74
CA GLU FA 169 -105.69 48.45 -54.33
C GLU FA 169 -105.15 47.04 -54.06
N PHE FA 170 -104.32 46.97 -53.02
CA PHE FA 170 -103.55 45.79 -52.66
C PHE FA 170 -104.43 44.75 -51.95
N ASP FA 171 -103.77 43.77 -51.31
CA ASP FA 171 -104.29 42.44 -51.02
C ASP FA 171 -105.61 42.37 -50.26
N ASP FA 172 -105.63 42.76 -49.00
CA ASP FA 172 -106.85 42.69 -48.21
C ASP FA 172 -107.63 43.99 -48.35
N GLY FA 173 -108.66 44.18 -47.49
CA GLY FA 173 -109.72 45.15 -47.70
C GLY FA 173 -109.31 46.61 -47.83
N THR FA 174 -108.84 47.22 -46.74
CA THR FA 174 -107.77 48.22 -46.65
C THR FA 174 -107.67 49.20 -47.80
N PRO FA 175 -108.59 50.16 -47.92
CA PRO FA 175 -108.59 51.07 -49.08
C PRO FA 175 -107.34 51.94 -49.11
N ALA FA 176 -106.82 52.14 -50.33
CA ALA FA 176 -105.50 52.75 -50.50
C ALA FA 176 -105.57 54.28 -50.43
N THR FA 177 -106.12 54.78 -49.32
CA THR FA 177 -106.22 56.21 -49.09
C THR FA 177 -104.85 56.79 -48.76
N MET FA 178 -104.82 58.11 -48.57
CA MET FA 178 -103.57 58.82 -48.31
C MET FA 178 -102.94 58.39 -47.00
N SER FA 179 -103.73 58.43 -45.92
CA SER FA 179 -103.21 58.14 -44.59
C SER FA 179 -102.85 56.68 -44.44
N GLN FA 180 -103.59 55.79 -45.11
CA GLN FA 180 -103.28 54.38 -45.02
C GLN FA 180 -101.94 54.06 -45.68
N VAL FA 181 -101.71 54.56 -46.89
CA VAL FA 181 -100.46 54.26 -47.59
C VAL FA 181 -99.28 54.99 -46.93
N ALA FA 182 -99.52 56.16 -46.32
CA ALA FA 182 -98.42 56.85 -45.67
C ALA FA 182 -98.06 56.19 -44.34
N LYS FA 183 -99.06 55.69 -43.61
CA LYS FA 183 -98.79 54.91 -42.41
C LYS FA 183 -98.06 53.61 -42.75
N ASP FA 184 -98.41 53.00 -43.88
CA ASP FA 184 -97.73 51.78 -44.32
C ASP FA 184 -96.26 52.04 -44.62
N VAL FA 185 -95.97 53.10 -45.37
CA VAL FA 185 -94.58 53.34 -45.75
C VAL FA 185 -93.76 53.85 -44.57
N CYS FA 186 -94.38 54.57 -43.62
CA CYS FA 186 -93.63 55.00 -42.44
C CYS FA 186 -93.33 53.83 -41.52
N THR FA 187 -94.29 52.91 -41.37
CA THR FA 187 -94.06 51.72 -40.56
C THR FA 187 -92.97 50.85 -41.17
N PHE FA 188 -93.01 50.70 -42.50
CA PHE FA 188 -91.99 49.94 -43.18
C PHE FA 188 -90.63 50.61 -43.10
N LEU FA 189 -90.60 51.94 -43.09
CA LEU FA 189 -89.31 52.63 -42.97
C LEU FA 189 -88.75 52.55 -41.57
N ARG FA 190 -89.60 52.56 -40.54
CA ARG FA 190 -89.11 52.35 -39.19
C ARG FA 190 -88.56 50.94 -39.03
N TRP FA 191 -89.22 49.96 -39.65
CA TRP FA 191 -88.64 48.62 -39.61
C TRP FA 191 -87.37 48.52 -40.44
N ALA FA 192 -87.29 49.24 -41.56
CA ALA FA 192 -86.10 49.17 -42.39
C ALA FA 192 -84.92 49.84 -41.73
N ALA FA 193 -85.18 50.82 -40.86
CA ALA FA 193 -84.12 51.35 -40.04
C ALA FA 193 -83.72 50.35 -38.94
N GLU FA 194 -84.67 49.99 -38.08
CA GLU FA 194 -84.32 49.12 -36.96
C GLU FA 194 -84.83 47.72 -37.20
N PRO FA 195 -83.95 46.72 -37.26
CA PRO FA 195 -84.43 45.36 -37.54
C PRO FA 195 -85.12 44.68 -36.36
N GLU FA 196 -84.68 44.91 -35.14
CA GLU FA 196 -85.13 44.13 -33.98
C GLU FA 196 -85.66 45.01 -32.87
N HIS FA 197 -86.62 45.86 -33.21
CA HIS FA 197 -87.30 46.69 -32.22
C HIS FA 197 -88.01 45.84 -31.18
N ASP FA 198 -88.60 44.73 -31.61
CA ASP FA 198 -89.40 43.89 -30.72
C ASP FA 198 -88.54 43.21 -29.68
N HIS FA 199 -87.39 42.70 -30.08
CA HIS FA 199 -86.50 42.04 -29.14
C HIS FA 199 -85.85 43.06 -28.22
N ARG FA 200 -85.66 44.28 -28.70
CA ARG FA 200 -85.14 45.35 -27.86
C ARG FA 200 -86.10 45.67 -26.73
N LYS FA 201 -87.38 45.86 -27.05
CA LYS FA 201 -88.34 46.13 -25.99
C LYS FA 201 -88.56 44.92 -25.10
N ARG FA 202 -88.37 43.71 -25.64
CA ARG FA 202 -88.47 42.51 -24.82
C ARG FA 202 -87.38 42.47 -23.75
N MET FA 203 -86.13 42.71 -24.16
CA MET FA 203 -85.05 42.70 -23.17
C MET FA 203 -85.12 43.91 -22.24
N GLY FA 204 -85.71 45.01 -22.70
CA GLY FA 204 -85.99 46.12 -21.80
C GLY FA 204 -86.96 45.74 -20.70
N LEU FA 205 -88.03 45.03 -21.04
CA LEU FA 205 -89.00 44.63 -20.02
C LEU FA 205 -88.44 43.56 -19.08
N LYS FA 206 -87.68 42.61 -19.64
CA LYS FA 206 -86.96 41.62 -18.83
C LYS FA 206 -86.06 42.29 -17.80
N MET FA 207 -85.23 43.22 -18.23
CA MET FA 207 -84.27 43.76 -17.29
C MET FA 207 -84.89 44.81 -16.37
N LEU FA 208 -86.04 45.38 -16.74
CA LEU FA 208 -86.77 46.17 -15.75
C LEU FA 208 -87.31 45.28 -14.64
N LEU FA 209 -87.74 44.06 -14.98
CA LEU FA 209 -88.12 43.16 -13.89
C LEU FA 209 -86.89 42.71 -13.08
N MET FA 210 -85.74 42.60 -13.75
CA MET FA 210 -84.48 42.34 -13.05
C MET FA 210 -84.17 43.42 -12.01
N MET FA 211 -84.26 44.69 -12.43
CA MET FA 211 -83.95 45.76 -11.49
C MET FA 211 -85.06 45.96 -10.47
N GLY FA 212 -86.29 45.55 -10.78
CA GLY FA 212 -87.32 45.52 -9.76
C GLY FA 212 -87.06 44.46 -8.72
N LEU FA 213 -86.39 43.38 -9.10
CA LEU FA 213 -86.06 42.35 -8.13
C LEU FA 213 -84.82 42.72 -7.30
N LEU FA 214 -83.76 43.18 -7.97
CA LEU FA 214 -82.44 43.20 -7.33
C LEU FA 214 -82.24 44.41 -6.43
N LEU FA 215 -82.76 45.58 -6.82
CA LEU FA 215 -82.47 46.81 -6.08
C LEU FA 215 -82.95 46.85 -4.65
N PRO FA 216 -84.09 46.26 -4.25
CA PRO FA 216 -84.31 46.10 -2.80
C PRO FA 216 -83.30 45.20 -2.16
N LEU FA 217 -82.83 44.18 -2.87
CA LEU FA 217 -81.99 43.18 -2.24
C LEU FA 217 -80.56 43.67 -2.04
N VAL FA 218 -79.99 44.32 -3.07
CA VAL FA 218 -78.61 44.78 -2.99
C VAL FA 218 -78.49 45.93 -2.01
N TYR FA 219 -79.39 46.90 -2.11
CA TYR FA 219 -79.42 48.02 -1.18
C TYR FA 219 -79.75 47.56 0.23
N ALA FA 220 -80.54 46.49 0.35
CA ALA FA 220 -80.80 45.90 1.65
C ALA FA 220 -79.54 45.30 2.23
N MET FA 221 -78.71 44.65 1.41
CA MET FA 221 -77.46 44.10 1.91
C MET FA 221 -76.48 45.19 2.30
N LYS FA 222 -76.47 46.29 1.55
CA LYS FA 222 -75.58 47.40 1.88
C LYS FA 222 -75.95 48.04 3.20
N ARG FA 223 -77.25 48.31 3.39
CA ARG FA 223 -77.74 48.82 4.67
C ARG FA 223 -77.53 47.79 5.79
N HIS FA 224 -77.57 46.50 5.44
CA HIS FA 224 -77.37 45.44 6.42
C HIS FA 224 -75.95 45.44 6.98
N LYS FA 225 -74.95 45.29 6.12
CA LYS FA 225 -73.57 45.25 6.60
C LYS FA 225 -73.02 46.63 6.94
N TRP FA 226 -73.71 47.69 6.56
CA TRP FA 226 -73.32 49.03 6.97
C TRP FA 226 -73.99 49.50 8.22
N SER FA 227 -75.06 48.84 8.67
CA SER FA 227 -75.76 49.36 9.84
C SER FA 227 -74.98 49.15 11.13
N VAL FA 228 -73.89 48.38 11.09
CA VAL FA 228 -72.97 48.35 12.22
C VAL FA 228 -72.35 49.72 12.42
N LEU FA 229 -71.80 50.29 11.35
CA LEU FA 229 -71.21 51.62 11.44
C LEU FA 229 -72.26 52.70 11.58
N LYS FA 230 -73.44 52.49 11.00
CA LYS FA 230 -74.53 53.43 11.20
C LYS FA 230 -75.07 53.39 12.62
N SER FA 231 -74.75 52.37 13.39
CA SER FA 231 -75.22 52.27 14.76
C SER FA 231 -74.06 51.98 15.70
N ARG FA 232 -72.93 52.66 15.48
CA ARG FA 232 -71.86 52.64 16.46
C ARG FA 232 -71.83 54.00 17.15
N LYS FA 233 -71.44 53.98 18.42
CA LYS FA 233 -71.44 55.20 19.23
C LYS FA 233 -70.15 55.25 20.04
N LEU FA 234 -69.86 56.43 20.60
CA LEU FA 234 -68.56 56.72 21.18
C LEU FA 234 -68.68 57.29 22.58
N ALA FA 235 -67.58 57.20 23.32
CA ALA FA 235 -67.47 57.83 24.63
C ALA FA 235 -66.00 58.14 24.88
N TYR FA 236 -65.74 59.26 25.55
CA TYR FA 236 -64.37 59.66 25.85
C TYR FA 236 -64.09 59.42 27.33
N ARG FA 237 -63.09 58.58 27.60
CA ARG FA 237 -62.56 58.38 28.94
C ARG FA 237 -61.11 58.82 28.98
N PRO FA 238 -60.87 60.03 29.49
CA PRO FA 238 -59.67 60.33 30.24
C PRO FA 238 -59.96 60.21 31.73
N PRO FA 239 -58.96 60.35 32.61
CA PRO FA 239 -59.28 60.57 34.03
C PRO FA 239 -59.99 61.91 34.30
N SER GA 1 -62.36 52.97 36.37
CA SER GA 1 -62.79 53.46 35.07
C SER GA 1 -63.83 52.55 34.46
N HIS GA 2 -63.64 51.26 34.64
CA HIS GA 2 -64.49 50.31 33.98
C HIS GA 2 -65.77 50.03 34.76
N THR GA 3 -65.71 50.10 36.10
CA THR GA 3 -66.90 49.81 36.88
C THR GA 3 -67.94 50.91 36.79
N ASP GA 4 -67.55 52.11 36.38
CA ASP GA 4 -68.46 53.23 36.20
C ASP GA 4 -69.06 53.28 34.80
N ILE GA 5 -69.17 52.14 34.12
CA ILE GA 5 -69.65 52.08 32.76
C ILE GA 5 -71.07 51.54 32.75
N LYS GA 6 -71.99 52.30 32.18
CA LYS GA 6 -73.26 51.78 31.69
C LYS GA 6 -73.23 51.79 30.17
N VAL GA 7 -73.51 50.64 29.58
CA VAL GA 7 -73.55 50.55 28.12
C VAL GA 7 -74.82 51.23 27.62
N PRO GA 8 -74.71 52.20 26.71
CA PRO GA 8 -75.91 52.85 26.17
C PRO GA 8 -76.72 51.87 25.33
N ASP GA 9 -78.01 52.10 25.30
CA ASP GA 9 -78.94 51.11 24.78
C ASP GA 9 -79.37 51.46 23.37
N PHE GA 10 -79.72 50.43 22.60
CA PHE GA 10 -80.15 50.58 21.21
C PHE GA 10 -81.58 50.08 21.06
N SER GA 11 -82.48 50.55 21.93
CA SER GA 11 -83.87 50.12 21.91
C SER GA 11 -84.55 50.43 20.59
N ASP GA 12 -84.15 51.53 19.95
CA ASP GA 12 -84.74 51.90 18.67
C ASP GA 12 -84.29 51.00 17.54
N TYR GA 13 -83.17 50.29 17.70
CA TYR GA 13 -82.50 49.68 16.56
C TYR GA 13 -82.68 48.18 16.48
N ARG GA 14 -83.00 47.51 17.59
CA ARG GA 14 -83.06 46.06 17.64
C ARG GA 14 -84.31 45.54 16.93
N ARG GA 15 -84.36 44.22 16.75
CA ARG GA 15 -85.58 43.62 16.24
C ARG GA 15 -86.62 43.55 17.35
N PRO GA 16 -87.91 43.69 17.03
CA PRO GA 16 -88.95 43.74 18.06
C PRO GA 16 -89.29 42.39 18.68
N GLU GA 17 -88.48 41.36 18.44
CA GLU GA 17 -88.68 40.04 19.02
C GLU GA 17 -87.55 39.65 19.96
N VAL GA 18 -86.46 40.43 19.99
CA VAL GA 18 -85.34 40.16 20.87
C VAL GA 18 -85.17 41.41 21.74
N LEU GA 19 -86.29 42.09 22.02
CA LEU GA 19 -86.29 43.25 22.90
C LEU GA 19 -86.63 42.92 24.34
N ASP GA 20 -86.25 41.73 24.80
CA ASP GA 20 -86.58 41.27 26.14
C ASP GA 20 -85.35 40.63 26.77
N SER GA 21 -84.88 41.23 27.87
CA SER GA 21 -83.77 40.65 28.62
C SER GA 21 -84.19 39.40 29.38
N THR GA 22 -85.49 39.15 29.51
CA THR GA 22 -85.95 37.85 29.99
C THR GA 22 -85.75 36.78 28.91
N LYS GA 23 -86.02 37.13 27.66
CA LYS GA 23 -86.13 36.13 26.60
C LYS GA 23 -84.76 35.61 26.19
N SER GA 24 -84.67 34.29 26.05
CA SER GA 24 -83.47 33.61 25.60
C SER GA 24 -83.40 33.58 24.07
N SER GA 25 -82.19 33.45 23.55
CA SER GA 25 -81.94 33.54 22.11
C SER GA 25 -80.99 32.43 21.66
N LYS GA 26 -81.32 31.19 22.00
CA LYS GA 26 -80.66 30.07 21.35
C LYS GA 26 -81.29 29.78 20.00
N GLU GA 27 -82.61 29.94 19.91
CA GLU GA 27 -83.38 29.54 18.75
C GLU GA 27 -83.69 30.68 17.80
N SER GA 28 -83.87 31.89 18.31
CA SER GA 28 -84.29 33.00 17.45
C SER GA 28 -83.16 33.51 16.57
N SER GA 29 -81.95 32.98 16.71
CA SER GA 29 -80.86 33.36 15.82
C SER GA 29 -81.09 32.83 14.41
N GLU GA 30 -81.72 31.66 14.31
CA GLU GA 30 -81.85 31.02 13.01
C GLU GA 30 -82.85 31.73 12.12
N ALA GA 31 -83.86 32.38 12.70
CA ALA GA 31 -84.79 33.17 11.91
C ALA GA 31 -84.11 34.39 11.32
N ARG GA 32 -83.27 35.07 12.11
CA ARG GA 32 -82.58 36.26 11.65
C ARG GA 32 -81.57 35.92 10.58
N LYS GA 33 -80.80 34.85 10.81
CA LYS GA 33 -79.81 34.39 9.84
C LYS GA 33 -80.48 33.92 8.56
N GLY GA 34 -81.65 33.27 8.69
CA GLY GA 34 -82.37 32.87 7.50
C GLY GA 34 -82.87 34.05 6.70
N PHE GA 35 -83.28 35.11 7.39
CA PHE GA 35 -83.73 36.31 6.70
C PHE GA 35 -82.60 36.98 5.92
N SER GA 36 -81.47 37.21 6.60
CA SER GA 36 -80.35 37.88 5.94
C SER GA 36 -79.73 37.02 4.84
N TYR GA 37 -79.51 35.74 5.14
CA TYR GA 37 -78.95 34.84 4.15
C TYR GA 37 -79.92 34.55 3.01
N LEU GA 38 -81.24 34.67 3.27
CA LEU GA 38 -82.22 34.67 2.20
C LEU GA 38 -82.01 35.83 1.26
N ILE GA 39 -81.74 37.02 1.81
CA ILE GA 39 -81.48 38.18 0.97
C ILE GA 39 -80.20 37.97 0.14
N THR GA 40 -79.15 37.45 0.78
CA THR GA 40 -77.87 37.25 0.06
C THR GA 40 -78.00 36.18 -1.02
N ALA GA 41 -78.74 35.11 -0.73
CA ALA GA 41 -78.92 34.03 -1.68
C ALA GA 41 -79.76 34.46 -2.87
N THR GA 42 -80.83 35.23 -2.62
CA THR GA 42 -81.67 35.67 -3.72
C THR GA 42 -80.94 36.68 -4.60
N THR GA 43 -80.11 37.53 -3.98
CA THR GA 43 -79.26 38.42 -4.75
C THR GA 43 -78.26 37.65 -5.60
N THR GA 44 -77.69 36.57 -5.03
CA THR GA 44 -76.74 35.75 -5.76
C THR GA 44 -77.41 35.01 -6.93
N VAL GA 45 -78.68 34.61 -6.75
CA VAL GA 45 -79.45 34.01 -7.84
C VAL GA 45 -79.63 35.00 -8.98
N GLY GA 46 -79.99 36.24 -8.64
CA GLY GA 46 -80.11 37.28 -9.66
C GLY GA 46 -78.81 37.57 -10.39
N VAL GA 47 -77.71 37.63 -9.64
CA VAL GA 47 -76.40 37.93 -10.22
C VAL GA 47 -75.95 36.82 -11.16
N ALA GA 48 -76.02 35.56 -10.70
CA ALA GA 48 -75.54 34.44 -11.51
C ALA GA 48 -76.44 34.21 -12.72
N TYR GA 49 -77.74 34.50 -12.61
CA TYR GA 49 -78.60 34.33 -13.77
C TYR GA 49 -78.35 35.43 -14.81
N ALA GA 50 -78.12 36.67 -14.35
CA ALA GA 50 -77.70 37.73 -15.26
C ALA GA 50 -76.37 37.38 -15.93
N ALA GA 51 -75.47 36.74 -15.19
CA ALA GA 51 -74.18 36.35 -15.75
C ALA GA 51 -74.33 35.28 -16.80
N LYS GA 52 -75.23 34.31 -16.60
CA LYS GA 52 -75.36 33.27 -17.62
C LYS GA 52 -76.09 33.78 -18.85
N ASN GA 53 -76.97 34.79 -18.69
CA ASN GA 53 -77.53 35.42 -19.88
C ASN GA 53 -76.48 36.19 -20.66
N VAL GA 54 -75.58 36.89 -19.96
CA VAL GA 54 -74.54 37.66 -20.63
C VAL GA 54 -73.56 36.75 -21.36
N VAL GA 55 -73.16 35.65 -20.71
CA VAL GA 55 -72.28 34.67 -21.35
C VAL GA 55 -72.95 34.03 -22.56
N SER GA 56 -74.24 33.69 -22.43
CA SER GA 56 -74.97 33.05 -23.52
C SER GA 56 -75.08 33.98 -24.73
N GLN GA 57 -75.43 35.24 -24.48
CA GLN GA 57 -75.60 36.19 -25.57
C GLN GA 57 -74.26 36.57 -26.19
N PHE GA 58 -73.18 36.55 -25.42
CA PHE GA 58 -71.89 36.86 -26.04
C PHE GA 58 -71.34 35.71 -26.86
N VAL GA 59 -71.54 34.46 -26.42
CA VAL GA 59 -71.11 33.33 -27.23
C VAL GA 59 -71.95 33.24 -28.50
N SER GA 60 -73.25 33.53 -28.42
CA SER GA 60 -74.05 33.59 -29.63
C SER GA 60 -73.73 34.81 -30.49
N SER GA 61 -73.16 35.86 -29.91
CA SER GA 61 -72.66 36.96 -30.72
C SER GA 61 -71.42 36.53 -31.48
N MET GA 62 -70.60 35.68 -30.87
CA MET GA 62 -69.44 35.15 -31.55
C MET GA 62 -69.77 33.96 -32.43
N SER GA 63 -71.03 33.73 -32.81
CA SER GA 63 -71.34 32.48 -33.51
C SER GA 63 -70.99 32.57 -34.98
N ALA GA 64 -71.75 33.36 -35.73
CA ALA GA 64 -71.63 33.51 -37.19
C ALA GA 64 -72.58 34.63 -37.60
N SER GA 65 -72.74 34.82 -38.90
CA SER GA 65 -73.70 35.76 -39.44
C SER GA 65 -74.98 35.03 -39.83
N ALA GA 66 -75.94 35.80 -40.34
CA ALA GA 66 -77.18 35.18 -40.81
C ALA GA 66 -76.97 34.49 -42.15
N ASP GA 67 -76.36 35.18 -43.11
CA ASP GA 67 -76.16 34.63 -44.44
C ASP GA 67 -75.05 33.58 -44.49
N VAL GA 68 -74.20 33.50 -43.47
CA VAL GA 68 -73.26 32.39 -43.40
C VAL GA 68 -74.01 31.10 -43.10
N LEU GA 69 -75.04 31.16 -42.27
CA LEU GA 69 -75.90 30.00 -42.09
C LEU GA 69 -76.79 29.76 -43.30
N ALA GA 70 -77.02 30.78 -44.13
CA ALA GA 70 -77.81 30.62 -45.34
C ALA GA 70 -77.01 29.85 -46.38
N MET GA 71 -77.22 28.53 -46.43
CA MET GA 71 -76.68 27.69 -47.47
C MET GA 71 -77.63 27.68 -48.66
N SER GA 72 -77.27 26.94 -49.71
CA SER GA 72 -78.05 26.93 -50.93
C SER GA 72 -78.05 25.53 -51.55
N LYS GA 73 -79.03 25.29 -52.42
CA LYS GA 73 -79.10 24.06 -53.20
C LYS GA 73 -78.49 24.30 -54.57
N ILE GA 74 -77.71 23.34 -55.05
CA ILE GA 74 -77.02 23.54 -56.33
C ILE GA 74 -77.46 22.46 -57.31
N GLU GA 75 -77.27 22.76 -58.60
CA GLU GA 75 -77.36 21.78 -59.66
C GLU GA 75 -76.05 21.79 -60.44
N ILE GA 76 -75.48 20.61 -60.65
CA ILE GA 76 -74.20 20.45 -61.32
C ILE GA 76 -74.42 19.64 -62.59
N LYS GA 77 -73.81 20.09 -63.69
CA LYS GA 77 -73.75 19.29 -64.91
C LYS GA 77 -72.59 18.30 -64.81
N LEU GA 78 -72.85 17.05 -65.19
CA LEU GA 78 -72.00 15.92 -64.88
C LEU GA 78 -70.95 15.63 -65.96
N SER GA 79 -71.34 15.65 -67.24
CA SER GA 79 -70.52 15.09 -68.31
C SER GA 79 -69.65 16.13 -69.02
N ASP GA 80 -69.19 17.15 -68.30
CA ASP GA 80 -68.21 18.08 -68.83
C ASP GA 80 -66.78 17.66 -68.50
N ILE GA 81 -66.60 16.45 -67.96
CA ILE GA 81 -65.39 16.07 -67.25
C ILE GA 81 -64.69 14.97 -68.02
N PRO GA 82 -63.36 15.02 -68.16
CA PRO GA 82 -62.63 13.91 -68.79
C PRO GA 82 -62.66 12.65 -67.94
N GLU GA 83 -62.24 11.56 -68.55
CA GLU GA 83 -62.34 10.25 -67.95
C GLU GA 83 -61.26 10.05 -66.90
N GLY GA 84 -61.67 9.56 -65.73
CA GLY GA 84 -60.76 9.30 -64.62
C GLY GA 84 -60.26 10.59 -64.00
N LYS GA 85 -61.17 11.48 -63.65
CA LYS GA 85 -60.78 12.85 -63.32
C LYS GA 85 -61.88 13.51 -62.51
N ASN GA 86 -61.47 14.35 -61.55
CA ASN GA 86 -62.38 15.03 -60.63
C ASN GA 86 -62.44 16.52 -60.95
N MET GA 87 -63.63 17.10 -60.81
CA MET GA 87 -63.85 18.52 -60.98
C MET GA 87 -64.51 19.06 -59.72
N ALA GA 88 -64.04 20.21 -59.25
CA ALA GA 88 -64.47 20.76 -57.96
C ALA GA 88 -65.27 22.04 -58.18
N PHE GA 89 -66.50 22.07 -57.66
CA PHE GA 89 -67.34 23.25 -57.71
C PHE GA 89 -67.68 23.68 -56.29
N LYS GA 90 -67.49 24.97 -56.01
CA LYS GA 90 -67.57 25.48 -54.65
C LYS GA 90 -69.03 25.59 -54.20
N TRP GA 91 -69.30 25.09 -53.00
CA TRP GA 91 -70.65 25.05 -52.47
C TRP GA 91 -70.60 24.86 -50.97
N ARG GA 92 -71.40 25.65 -50.24
CA ARG GA 92 -71.38 25.74 -48.77
C ARG GA 92 -69.98 26.00 -48.25
N GLY GA 93 -69.23 26.85 -48.96
CA GLY GA 93 -67.87 27.19 -48.58
C GLY GA 93 -66.85 26.23 -49.12
N LYS GA 94 -67.15 24.94 -49.02
CA LYS GA 94 -66.23 23.87 -49.34
C LYS GA 94 -66.13 23.71 -50.86
N PRO GA 95 -65.10 23.03 -51.34
CA PRO GA 95 -65.17 22.47 -52.70
C PRO GA 95 -66.18 21.33 -52.74
N LEU GA 96 -66.57 20.98 -53.95
CA LEU GA 96 -67.59 19.95 -54.15
C LEU GA 96 -67.08 19.02 -55.24
N PHE GA 97 -66.84 17.75 -54.89
CA PHE GA 97 -66.25 16.80 -55.83
C PHE GA 97 -67.33 16.22 -56.73
N VAL GA 98 -67.17 16.40 -58.04
CA VAL GA 98 -67.90 15.63 -59.04
C VAL GA 98 -66.83 14.95 -59.89
N ARG GA 99 -66.67 13.64 -59.70
CA ARG GA 99 -65.56 12.91 -60.31
C ARG GA 99 -66.10 11.85 -61.26
N HIS GA 100 -65.54 11.82 -62.46
CA HIS GA 100 -65.76 10.73 -63.39
C HIS GA 100 -64.81 9.60 -63.01
N ARG GA 101 -65.38 8.56 -62.41
CA ARG GA 101 -64.70 7.30 -62.22
C ARG GA 101 -64.90 6.45 -63.45
N THR GA 102 -63.85 5.75 -63.86
CA THR GA 102 -63.90 4.91 -65.04
C THR GA 102 -64.73 3.66 -64.74
N LYS GA 103 -65.06 2.93 -65.81
CA LYS GA 103 -65.56 1.57 -65.62
C LYS GA 103 -64.47 0.69 -65.04
N LYS GA 104 -63.21 0.98 -65.39
CA LYS GA 104 -62.07 0.40 -64.70
C LYS GA 104 -62.05 0.81 -63.22
N GLU GA 105 -62.51 2.03 -62.88
CA GLU GA 105 -62.60 2.38 -61.47
C GLU GA 105 -63.87 1.86 -60.79
N ILE GA 106 -64.93 1.55 -61.54
CA ILE GA 106 -66.01 0.75 -60.96
C ILE GA 106 -65.48 -0.63 -60.58
N ASP GA 107 -64.64 -1.20 -61.43
CA ASP GA 107 -64.01 -2.48 -61.11
C ASP GA 107 -62.97 -2.35 -60.00
N GLN GA 108 -62.34 -1.18 -59.86
CA GLN GA 108 -61.44 -0.99 -58.72
C GLN GA 108 -62.21 -0.78 -57.43
N GLU GA 109 -63.41 -0.20 -57.50
CA GLU GA 109 -64.30 -0.17 -56.34
C GLU GA 109 -64.81 -1.56 -56.00
N ALA GA 110 -64.95 -2.41 -57.01
CA ALA GA 110 -65.20 -3.84 -56.77
C ALA GA 110 -63.94 -4.55 -56.30
N ALA GA 111 -62.76 -3.94 -56.48
CA ALA GA 111 -61.50 -4.45 -55.98
C ALA GA 111 -61.13 -3.86 -54.63
N VAL GA 112 -62.13 -3.52 -53.81
CA VAL GA 112 -61.93 -2.98 -52.47
C VAL GA 112 -62.46 -3.98 -51.46
N GLU GA 113 -61.61 -4.40 -50.53
CA GLU GA 113 -62.01 -5.35 -49.49
C GLU GA 113 -62.97 -4.66 -48.53
N VAL GA 114 -63.83 -5.47 -47.90
CA VAL GA 114 -64.87 -4.93 -47.04
C VAL GA 114 -64.27 -4.41 -45.73
N SER GA 115 -63.73 -5.30 -44.91
CA SER GA 115 -63.29 -4.92 -43.57
C SER GA 115 -61.88 -4.36 -43.54
N GLN GA 116 -61.11 -4.49 -44.63
CA GLN GA 116 -59.80 -3.86 -44.68
C GLN GA 116 -59.88 -2.35 -44.81
N LEU GA 117 -61.00 -1.83 -45.30
CA LEU GA 117 -61.33 -0.44 -45.05
C LEU GA 117 -61.49 -0.26 -43.54
N ARG GA 118 -60.66 0.60 -42.96
CA ARG GA 118 -60.77 0.86 -41.53
C ARG GA 118 -62.07 1.56 -41.16
N ASP GA 119 -62.69 2.25 -42.12
CA ASP GA 119 -64.10 2.59 -42.07
C ASP GA 119 -64.79 1.67 -43.08
N PRO GA 120 -65.21 0.46 -42.66
CA PRO GA 120 -65.63 -0.56 -43.64
C PRO GA 120 -66.99 -0.33 -44.25
N GLN GA 121 -67.03 0.07 -45.51
CA GLN GA 121 -68.29 0.38 -46.18
C GLN GA 121 -68.27 -0.12 -47.61
N HIS GA 122 -69.41 -0.67 -48.03
CA HIS GA 122 -69.60 -1.12 -49.40
C HIS GA 122 -69.79 0.09 -50.32
N ASP GA 123 -69.56 -0.14 -51.62
CA ASP GA 123 -69.63 0.94 -52.59
C ASP GA 123 -71.07 1.40 -52.81
N LEU GA 124 -72.01 0.45 -52.92
CA LEU GA 124 -73.42 0.79 -53.05
C LEU GA 124 -73.99 1.42 -51.78
N GLU GA 125 -73.33 1.21 -50.63
CA GLU GA 125 -73.67 1.95 -49.42
C GLU GA 125 -73.26 3.41 -49.51
N ARG GA 126 -72.38 3.77 -50.46
CA ARG GA 126 -71.82 5.11 -50.54
C ARG GA 126 -72.24 5.88 -51.79
N VAL GA 127 -72.36 5.21 -52.93
CA VAL GA 127 -72.65 5.90 -54.18
C VAL GA 127 -74.08 5.59 -54.60
N LYS GA 128 -74.62 6.43 -55.48
CA LYS GA 128 -75.94 6.21 -56.05
C LYS GA 128 -75.87 5.76 -57.50
N LYS GA 129 -75.22 6.55 -58.36
CA LYS GA 129 -74.98 5.96 -59.67
C LYS GA 129 -73.57 5.40 -59.72
N PRO GA 130 -73.36 4.27 -60.41
CA PRO GA 130 -72.07 3.57 -60.30
C PRO GA 130 -70.89 4.25 -60.97
N GLU GA 131 -71.11 4.99 -62.06
CA GLU GA 131 -70.00 5.50 -62.86
C GLU GA 131 -69.64 6.96 -62.59
N TRP GA 132 -70.58 7.78 -62.12
CA TRP GA 132 -70.31 9.15 -61.70
C TRP GA 132 -70.38 9.20 -60.19
N VAL GA 133 -69.37 9.79 -59.55
CA VAL GA 133 -69.39 9.90 -58.09
C VAL GA 133 -69.40 11.38 -57.73
N ILE GA 134 -70.14 11.71 -56.66
CA ILE GA 134 -70.35 13.09 -56.22
C ILE GA 134 -70.22 13.10 -54.70
N LEU GA 135 -69.20 13.78 -54.19
CA LEU GA 135 -68.96 13.78 -52.75
C LEU GA 135 -68.60 15.19 -52.27
N ILE GA 136 -68.51 15.31 -50.95
CA ILE GA 136 -68.00 16.52 -50.33
C ILE GA 136 -66.52 16.65 -50.63
N GLY GA 137 -66.11 17.83 -51.08
CA GLY GA 137 -64.76 18.03 -51.56
C GLY GA 137 -63.64 18.19 -50.55
N VAL GA 138 -63.86 17.76 -49.31
CA VAL GA 138 -62.92 17.98 -48.23
C VAL GA 138 -62.69 16.67 -47.51
N CYS GA 139 -61.43 16.28 -47.37
CA CYS GA 139 -61.07 15.15 -46.51
C CYS GA 139 -61.44 15.44 -45.07
N THR GA 140 -62.20 14.52 -44.46
CA THR GA 140 -62.87 14.79 -43.21
C THR GA 140 -61.97 14.66 -41.98
N HIS GA 141 -60.69 14.34 -42.15
CA HIS GA 141 -59.79 14.29 -41.00
C HIS GA 141 -59.46 15.70 -40.51
N LEU GA 142 -58.74 16.47 -41.34
CA LEU GA 142 -58.25 17.77 -40.91
C LEU GA 142 -58.47 18.85 -41.96
N GLY GA 143 -59.50 18.72 -42.79
CA GLY GA 143 -59.83 19.79 -43.70
C GLY GA 143 -58.93 19.96 -44.90
N CYS GA 144 -58.04 19.03 -45.16
CA CYS GA 144 -57.28 19.07 -46.40
C CYS GA 144 -58.18 18.68 -47.56
N VAL GA 145 -57.74 19.03 -48.77
CA VAL GA 145 -58.40 18.61 -50.00
C VAL GA 145 -57.44 17.70 -50.75
N PRO GA 146 -57.76 16.42 -50.93
CA PRO GA 146 -56.80 15.49 -51.55
C PRO GA 146 -56.60 15.76 -53.03
N ILE GA 147 -55.44 15.31 -53.53
CA ILE GA 147 -55.11 15.36 -54.95
C ILE GA 147 -55.33 13.98 -55.54
N ALA GA 148 -56.08 13.91 -56.63
CA ALA GA 148 -56.50 12.66 -57.25
C ALA GA 148 -55.44 12.14 -58.22
N ASN GA 149 -55.59 10.85 -58.56
CA ASN GA 149 -54.81 10.14 -59.58
C ASN GA 149 -53.31 10.17 -59.28
N ALA GA 150 -52.97 9.92 -58.02
CA ALA GA 150 -51.60 9.81 -57.54
C ALA GA 150 -51.60 8.81 -56.39
N GLY GA 151 -50.62 8.91 -55.51
CA GLY GA 151 -50.65 8.13 -54.28
C GLY GA 151 -50.11 6.72 -54.43
N ASP GA 152 -50.66 5.78 -53.66
CA ASP GA 152 -50.24 4.39 -53.70
C ASP GA 152 -51.35 3.40 -54.00
N PHE GA 153 -52.62 3.83 -53.95
CA PHE GA 153 -53.75 2.99 -54.36
C PHE GA 153 -54.43 3.48 -55.63
N GLY GA 154 -53.91 4.52 -56.26
CA GLY GA 154 -54.42 4.95 -57.54
C GLY GA 154 -55.70 5.75 -57.50
N GLY GA 155 -56.22 6.07 -56.32
CA GLY GA 155 -57.40 6.88 -56.23
C GLY GA 155 -57.06 8.31 -55.87
N TYR GA 156 -57.71 8.85 -54.83
CA TYR GA 156 -57.29 10.11 -54.27
C TYR GA 156 -55.94 9.95 -53.55
N TYR GA 157 -55.31 11.06 -53.22
CA TYR GA 157 -54.19 11.05 -52.30
C TYR GA 157 -54.17 12.36 -51.53
N CYS GA 158 -54.37 12.27 -50.22
CA CYS GA 158 -54.31 13.42 -49.35
C CYS GA 158 -52.87 13.58 -48.88
N PRO GA 159 -52.12 14.58 -49.36
CA PRO GA 159 -50.70 14.68 -49.02
C PRO GA 159 -50.43 15.18 -47.61
N CYS GA 160 -51.46 15.49 -46.83
CA CYS GA 160 -51.25 15.98 -45.47
C CYS GA 160 -50.82 14.86 -44.54
N HIS GA 161 -51.22 13.62 -44.82
CA HIS GA 161 -50.95 12.52 -43.91
C HIS GA 161 -50.55 11.22 -44.61
N GLY GA 162 -50.35 11.23 -45.92
CA GLY GA 162 -50.09 9.98 -46.63
C GLY GA 162 -51.31 9.08 -46.65
N SER GA 163 -52.50 9.65 -46.71
CA SER GA 163 -53.74 8.92 -46.59
C SER GA 163 -53.93 8.03 -47.82
N HIS GA 164 -53.82 6.74 -47.61
CA HIS GA 164 -53.94 5.75 -48.69
C HIS GA 164 -55.40 5.69 -49.09
N TYR GA 165 -55.75 6.41 -50.14
CA TYR GA 165 -57.12 6.47 -50.62
C TYR GA 165 -57.30 5.64 -51.87
N ASP GA 166 -58.42 4.92 -51.93
CA ASP GA 166 -58.88 4.29 -53.16
C ASP GA 166 -59.64 5.34 -53.98
N ALA GA 167 -60.32 4.90 -55.04
CA ALA GA 167 -61.03 5.83 -55.90
C ALA GA 167 -62.25 6.44 -55.22
N SER GA 168 -62.80 5.76 -54.21
CA SER GA 168 -63.82 6.35 -53.37
C SER GA 168 -63.24 7.22 -52.26
N GLY GA 169 -61.92 7.30 -52.16
CA GLY GA 169 -61.27 8.15 -51.19
C GLY GA 169 -61.47 7.69 -49.77
N ARG GA 170 -61.15 6.43 -49.50
CA ARG GA 170 -61.41 5.83 -48.20
C ARG GA 170 -60.09 5.47 -47.53
N ILE GA 171 -59.96 5.85 -46.26
CA ILE GA 171 -58.69 5.81 -45.57
C ILE GA 171 -58.27 4.38 -45.29
N ARG GA 172 -56.98 4.09 -45.45
CA ARG GA 172 -56.45 2.74 -45.30
C ARG GA 172 -55.29 2.64 -44.31
N LYS GA 173 -54.40 3.63 -44.27
CA LYS GA 173 -53.34 3.67 -43.26
C LYS GA 173 -53.05 5.13 -42.95
N GLY GA 174 -53.52 5.59 -41.80
CA GLY GA 174 -53.37 6.97 -41.42
C GLY GA 174 -54.34 7.38 -40.34
N PRO GA 175 -54.09 8.52 -39.69
CA PRO GA 175 -54.92 8.92 -38.54
C PRO GA 175 -56.29 9.43 -38.92
N ALA GA 176 -56.64 9.48 -40.20
CA ALA GA 176 -57.99 9.85 -40.62
C ALA GA 176 -58.94 8.74 -40.20
N PRO GA 177 -59.90 9.01 -39.32
CA PRO GA 177 -60.69 7.92 -38.75
C PRO GA 177 -61.87 7.52 -39.63
N LEU GA 178 -62.36 8.45 -40.45
CA LEU GA 178 -63.59 8.27 -41.19
C LEU GA 178 -63.38 8.66 -42.65
N ASN GA 179 -64.31 8.23 -43.50
CA ASN GA 179 -64.18 8.43 -44.93
C ASN GA 179 -64.85 9.74 -45.34
N LEU GA 180 -65.10 9.89 -46.65
CA LEU GA 180 -65.69 11.09 -47.21
C LEU GA 180 -67.19 11.15 -46.87
N GLU GA 181 -67.80 12.30 -47.14
CA GLU GA 181 -69.20 12.52 -46.78
C GLU GA 181 -70.07 12.53 -48.03
N VAL GA 182 -71.20 11.84 -47.93
CA VAL GA 182 -72.16 11.73 -49.01
C VAL GA 182 -73.20 12.84 -48.84
N PRO GA 183 -73.35 13.75 -49.79
CA PRO GA 183 -74.41 14.75 -49.72
C PRO GA 183 -75.73 14.20 -50.27
N SER GA 184 -76.75 15.05 -50.25
CA SER GA 184 -78.06 14.70 -50.83
C SER GA 184 -78.03 15.08 -52.30
N TYR GA 185 -77.61 14.15 -53.16
CA TYR GA 185 -77.55 14.38 -54.59
C TYR GA 185 -78.54 13.47 -55.32
N GLU GA 186 -79.31 14.07 -56.21
CA GLU GA 186 -80.38 13.40 -56.95
C GLU GA 186 -80.18 13.64 -58.44
N PHE GA 187 -80.25 12.58 -59.23
CA PHE GA 187 -79.91 12.64 -60.65
C PHE GA 187 -81.13 12.83 -61.52
N THR GA 188 -81.02 13.75 -62.48
CA THR GA 188 -81.98 13.94 -63.56
C THR GA 188 -81.26 13.77 -64.87
N SER GA 189 -81.93 13.14 -65.84
CA SER GA 189 -81.37 12.68 -67.11
C SER GA 189 -81.09 13.81 -68.10
N ASP GA 190 -81.11 15.07 -67.70
CA ASP GA 190 -80.50 16.16 -68.46
C ASP GA 190 -79.02 16.30 -68.16
N ASP GA 191 -78.39 15.21 -67.70
CA ASP GA 191 -77.02 15.20 -67.14
C ASP GA 191 -76.91 16.24 -66.03
N MET GA 192 -77.91 16.26 -65.16
CA MET GA 192 -77.97 17.26 -64.10
C MET GA 192 -78.15 16.59 -62.76
N VAL GA 193 -77.61 17.21 -61.71
CA VAL GA 193 -77.76 16.66 -60.37
C VAL GA 193 -78.06 17.79 -59.40
N ILE GA 194 -79.05 17.56 -58.53
CA ILE GA 194 -79.40 18.46 -57.43
C ILE GA 194 -78.64 18.01 -56.19
N VAL GA 195 -77.79 18.88 -55.66
CA VAL GA 195 -76.98 18.60 -54.48
C VAL GA 195 -77.41 19.55 -53.39
N GLY GA 196 -77.78 18.99 -52.24
CA GLY GA 196 -78.15 19.76 -51.06
C GLY GA 196 -77.77 19.04 -49.79
N LYS HA 11 -68.74 96.98 15.25
CA LYS HA 11 -69.09 97.30 13.87
C LYS HA 11 -69.93 96.16 13.30
N TRP HA 12 -70.66 96.47 12.22
CA TRP HA 12 -71.44 95.50 11.45
C TRP HA 12 -70.58 94.35 10.90
N LEU HA 13 -69.27 94.53 10.78
CA LEU HA 13 -68.40 93.44 10.33
C LEU HA 13 -68.27 92.36 11.39
N GLU HA 14 -68.43 92.71 12.67
CA GLU HA 14 -68.58 91.69 13.70
C GLU HA 14 -69.86 90.88 13.47
N GLY HA 15 -70.94 91.55 13.06
CA GLY HA 15 -72.14 90.82 12.69
C GLY HA 15 -71.95 89.96 11.47
N ILE HA 16 -71.11 90.40 10.53
CA ILE HA 16 -70.75 89.60 9.36
C ILE HA 16 -70.06 88.31 9.79
N ARG HA 17 -69.05 88.44 10.64
CA ARG HA 17 -68.35 87.26 11.14
C ARG HA 17 -69.23 86.38 12.00
N LYS HA 18 -70.17 86.98 12.75
CA LYS HA 18 -71.03 86.18 13.61
C LYS HA 18 -72.05 85.39 12.81
N TRP HA 19 -72.70 86.03 11.84
CA TRP HA 19 -73.57 85.32 10.92
C TRP HA 19 -72.80 84.26 10.14
N TYR HA 20 -71.55 84.57 9.78
CA TYR HA 20 -70.78 83.63 8.98
C TYR HA 20 -70.40 82.40 9.77
N TYR HA 21 -69.97 82.59 11.02
CA TYR HA 21 -69.71 81.43 11.87
C TYR HA 21 -70.98 80.69 12.19
N ASN HA 22 -72.12 81.39 12.24
CA ASN HA 22 -73.38 80.74 12.50
C ASN HA 22 -73.80 79.85 11.33
N ALA HA 23 -73.46 80.25 10.11
CA ALA HA 23 -73.86 79.50 8.92
C ALA HA 23 -72.71 78.76 8.25
N ALA HA 24 -71.56 78.68 8.89
CA ALA HA 24 -70.35 78.17 8.22
C ALA HA 24 -70.12 76.68 8.46
N GLY HA 25 -71.13 75.97 8.93
CA GLY HA 25 -71.08 74.52 8.93
C GLY HA 25 -70.49 73.87 10.16
N PHE HA 26 -69.22 74.14 10.45
CA PHE HA 26 -68.50 73.34 11.43
C PHE HA 26 -68.90 73.64 12.87
N ASN HA 27 -69.68 74.68 13.12
CA ASN HA 27 -70.24 74.81 14.46
C ASN HA 27 -71.34 73.79 14.70
N LYS HA 28 -72.01 73.35 13.64
CA LYS HA 28 -73.12 72.41 13.78
C LYS HA 28 -72.63 71.03 14.15
N LEU HA 29 -71.44 70.65 13.68
CA LEU HA 29 -70.92 69.34 14.01
C LEU HA 29 -70.21 69.33 15.36
N GLY HA 30 -69.90 70.48 15.92
CA GLY HA 30 -69.10 70.52 17.13
C GLY HA 30 -67.63 70.58 16.78
N LEU HA 31 -67.29 71.53 15.93
CA LEU HA 31 -65.90 71.76 15.53
C LEU HA 31 -65.57 73.22 15.76
N MET HA 32 -64.45 73.48 16.42
CA MET HA 32 -64.06 74.85 16.72
C MET HA 32 -63.27 75.40 15.54
N ARG HA 33 -62.63 76.55 15.77
CA ARG HA 33 -61.87 77.20 14.71
C ARG HA 33 -60.61 76.41 14.39
N ASP HA 34 -60.09 75.65 15.35
CA ASP HA 34 -58.84 74.93 15.23
C ASP HA 34 -59.02 73.52 14.73
N ASP HA 35 -60.04 73.26 13.95
CA ASP HA 35 -60.39 71.88 13.65
C ASP HA 35 -60.40 71.52 12.19
N THR HA 36 -60.64 72.47 11.30
CA THR HA 36 -60.67 72.20 9.87
C THR HA 36 -59.47 72.82 9.18
N ILE HA 37 -58.31 72.69 9.80
CA ILE HA 37 -57.10 73.31 9.28
C ILE HA 37 -56.51 72.45 8.18
N HIS HA 38 -56.06 73.09 7.10
CA HIS HA 38 -55.26 72.37 6.11
C HIS HA 38 -53.89 72.10 6.68
N GLU HA 39 -53.33 70.95 6.34
CA GLU HA 39 -52.12 70.50 6.99
C GLU HA 39 -51.00 70.36 5.95
N ASN HA 40 -50.22 71.40 5.82
CA ASN HA 40 -48.87 71.29 5.30
C ASN HA 40 -47.95 70.89 6.45
N ASP HA 41 -46.64 70.98 6.24
CA ASP HA 41 -45.71 70.47 7.25
C ASP HA 41 -45.66 71.36 8.49
N ASP HA 42 -45.97 72.65 8.33
CA ASP HA 42 -45.99 73.58 9.45
C ASP HA 42 -47.08 73.21 10.45
N VAL HA 43 -48.29 72.93 9.94
CA VAL HA 43 -49.39 72.57 10.81
C VAL HA 43 -49.15 71.20 11.43
N LYS HA 44 -48.41 70.32 10.76
CA LYS HA 44 -48.07 69.04 11.37
C LYS HA 44 -47.11 69.23 12.53
N GLU HA 45 -46.16 70.17 12.38
CA GLU HA 45 -45.32 70.55 13.50
C GLU HA 45 -46.14 71.14 14.64
N ALA HA 46 -47.16 71.92 14.30
CA ALA HA 46 -47.99 72.55 15.34
C ALA HA 46 -48.84 71.51 16.07
N ILE HA 47 -49.36 70.52 15.35
CA ILE HA 47 -50.12 69.45 15.98
C ILE HA 47 -49.22 68.60 16.85
N ARG HA 48 -47.97 68.40 16.44
CA ARG HA 48 -47.04 67.68 17.31
C ARG HA 48 -46.74 68.48 18.58
N ARG HA 49 -46.61 69.79 18.46
CA ARG HA 49 -46.29 70.63 19.62
C ARG HA 49 -47.55 70.96 20.41
N LEU HA 50 -48.10 69.96 21.09
CA LEU HA 50 -49.31 70.20 21.85
C LEU HA 50 -49.30 69.42 23.16
N PRO HA 51 -49.93 69.97 24.20
CA PRO HA 51 -50.13 69.21 25.44
C PRO HA 51 -51.11 68.07 25.21
N GLU HA 52 -51.12 67.15 26.17
CA GLU HA 52 -51.72 65.84 25.92
C GLU HA 52 -53.24 65.89 25.94
N ASN HA 53 -53.82 66.55 26.95
CA ASN HA 53 -55.28 66.54 27.09
C ASN HA 53 -55.96 67.38 26.01
N LEU HA 54 -55.32 68.47 25.59
CA LEU HA 54 -55.87 69.26 24.49
C LEU HA 54 -55.81 68.49 23.19
N TYR HA 55 -54.75 67.70 23.00
CA TYR HA 55 -54.65 66.79 21.88
C TYR HA 55 -55.76 65.76 21.92
N ASN HA 56 -56.10 65.29 23.12
CA ASN HA 56 -57.14 64.28 23.26
C ASN HA 56 -58.52 64.87 22.99
N ASP HA 57 -58.74 66.11 23.41
CA ASP HA 57 -60.00 66.77 23.09
C ASP HA 57 -60.12 67.02 21.59
N ARG HA 58 -59.00 67.33 20.94
CA ARG HA 58 -59.00 67.53 19.50
C ARG HA 58 -59.33 66.23 18.77
N VAL HA 59 -58.73 65.12 19.19
CA VAL HA 59 -59.00 63.88 18.47
C VAL HA 59 -60.40 63.36 18.80
N PHE HA 60 -60.96 63.68 19.97
CA PHE HA 60 -62.31 63.21 20.23
C PHE HA 60 -63.34 64.00 19.43
N ARG HA 61 -63.14 65.31 19.30
CA ARG HA 61 -64.00 66.11 18.44
C ARG HA 61 -63.90 65.66 17.00
N ILE HA 62 -62.70 65.31 16.53
CA ILE HA 62 -62.53 64.86 15.15
C ILE HA 62 -63.22 63.53 14.92
N LYS HA 63 -63.11 62.60 15.88
CA LYS HA 63 -63.71 61.28 15.70
C LYS HA 63 -65.24 61.37 15.71
N ARG HA 64 -65.79 62.23 16.58
CA ARG HA 64 -67.23 62.46 16.53
C ARG HA 64 -67.65 63.15 15.24
N ALA HA 65 -66.82 64.06 14.72
CA ALA HA 65 -67.17 64.74 13.48
C ALA HA 65 -67.15 63.77 12.30
N LEU HA 66 -66.23 62.82 12.32
CA LEU HA 66 -66.21 61.80 11.27
C LEU HA 66 -67.44 60.91 11.34
N ASP HA 67 -67.89 60.57 12.56
CA ASP HA 67 -69.12 59.79 12.67
C ASP HA 67 -70.34 60.55 12.17
N LEU HA 68 -70.44 61.84 12.54
CA LEU HA 68 -71.58 62.65 12.14
C LEU HA 68 -71.61 62.87 10.63
N SER HA 69 -70.45 63.13 10.04
CA SER HA 69 -70.42 63.31 8.60
C SER HA 69 -70.54 62.00 7.85
N MET HA 70 -70.33 60.87 8.52
CA MET HA 70 -70.68 59.59 7.91
C MET HA 70 -72.20 59.43 7.83
N ARG HA 71 -72.87 59.52 8.98
CA ARG HA 71 -74.32 59.30 8.95
C ARG HA 71 -75.10 60.48 8.41
N GLN HA 72 -74.43 61.61 8.15
CA GLN HA 72 -75.05 62.88 7.76
C GLN HA 72 -76.12 63.31 8.77
N GLN HA 73 -75.76 63.18 10.04
CA GLN HA 73 -76.59 63.54 11.17
C GLN HA 73 -75.94 64.71 11.88
N ILE HA 74 -76.74 65.67 12.35
CA ILE HA 74 -76.21 66.85 13.02
C ILE HA 74 -76.74 66.88 14.45
N LEU HA 75 -75.82 67.09 15.40
CA LEU HA 75 -76.02 67.24 16.83
C LEU HA 75 -77.08 68.27 17.20
N PRO HA 76 -77.72 68.14 18.37
CA PRO HA 76 -78.74 69.12 18.76
C PRO HA 76 -78.23 70.52 19.01
N LYS HA 77 -79.16 71.42 19.32
CA LYS HA 77 -78.82 72.82 19.58
C LYS HA 77 -78.03 72.97 20.87
N GLU HA 78 -78.19 72.03 21.80
CA GLU HA 78 -77.48 72.09 23.07
C GLU HA 78 -75.98 71.85 22.93
N GLN HA 79 -75.51 71.27 21.83
CA GLN HA 79 -74.10 70.89 21.72
C GLN HA 79 -73.36 71.59 20.59
N TRP HA 80 -73.97 72.59 19.95
CA TRP HA 80 -73.21 73.39 19.02
C TRP HA 80 -72.31 74.33 19.80
N THR HA 81 -71.28 74.83 19.12
CA THR HA 81 -70.41 75.85 19.71
C THR HA 81 -70.77 77.19 19.10
N LYS HA 82 -70.98 78.18 19.96
CA LYS HA 82 -71.37 79.51 19.52
C LYS HA 82 -70.15 80.41 19.39
N TYR HA 83 -70.37 81.56 18.75
CA TYR HA 83 -69.28 82.49 18.51
C TYR HA 83 -68.80 83.15 19.79
N GLU HA 84 -69.65 83.18 20.83
CA GLU HA 84 -69.24 83.63 22.15
C GLU HA 84 -68.19 82.73 22.77
N GLU HA 85 -68.13 81.47 22.35
CA GLU HA 85 -67.32 80.46 23.00
C GLU HA 85 -66.42 79.76 21.99
N ASP HA 86 -65.96 80.51 20.99
CA ASP HA 86 -64.97 79.98 20.05
C ASP HA 86 -63.62 79.83 20.73
N LYS HA 87 -63.33 78.63 21.25
CA LYS HA 87 -62.06 78.40 21.93
C LYS HA 87 -61.00 78.08 20.90
N PHE HA 88 -60.12 79.03 20.65
CA PHE HA 88 -59.02 78.84 19.72
C PHE HA 88 -57.71 78.74 20.50
N TYR HA 89 -56.96 77.70 20.22
CA TYR HA 89 -55.73 77.37 20.94
C TYR HA 89 -54.55 77.10 20.03
N LEU HA 90 -54.79 76.83 18.75
CA LEU HA 90 -53.73 76.42 17.84
C LEU HA 90 -53.00 77.62 17.24
N GLU HA 91 -53.46 78.84 17.51
CA GLU HA 91 -52.85 80.03 16.93
C GLU HA 91 -51.40 80.33 17.36
N PRO HA 92 -51.01 80.25 18.65
CA PRO HA 92 -49.59 80.59 18.95
C PRO HA 92 -48.58 79.61 18.39
N TYR HA 93 -48.89 78.31 18.39
CA TYR HA 93 -47.96 77.34 17.84
C TYR HA 93 -47.80 77.52 16.34
N LEU HA 94 -48.89 77.82 15.65
CA LEU HA 94 -48.87 78.13 14.23
C LEU HA 94 -48.02 79.38 13.96
N LYS HA 95 -48.16 80.40 14.82
CA LYS HA 95 -47.33 81.59 14.73
C LYS HA 95 -45.85 81.26 14.84
N GLU HA 96 -45.50 80.44 15.82
CA GLU HA 96 -44.08 80.17 16.07
C GLU HA 96 -43.47 79.37 14.93
N VAL HA 97 -44.22 78.43 14.36
CA VAL HA 97 -43.66 77.65 13.27
C VAL HA 97 -43.51 78.49 12.01
N ILE HA 98 -44.46 79.40 11.76
CA ILE HA 98 -44.32 80.28 10.61
C ILE HA 98 -43.14 81.24 10.78
N ARG HA 99 -42.94 81.75 12.00
CA ARG HA 99 -41.81 82.64 12.24
C ARG HA 99 -40.47 81.90 12.13
N GLU HA 100 -40.44 80.62 12.51
CA GLU HA 100 -39.20 79.86 12.35
C GLU HA 100 -38.93 79.54 10.88
N ARG HA 101 -39.97 79.27 10.10
CA ARG HA 101 -39.76 79.03 8.67
C ARG HA 101 -39.29 80.30 7.98
N LYS HA 102 -39.81 81.46 8.40
CA LYS HA 102 -39.31 82.71 7.87
C LYS HA 102 -37.89 83.00 8.33
N GLU HA 103 -37.53 82.51 9.52
CA GLU HA 103 -36.15 82.63 9.98
C GLU HA 103 -35.21 81.80 9.12
N ARG HA 104 -35.63 80.59 8.74
CA ARG HA 104 -34.82 79.76 7.86
C ARG HA 104 -34.72 80.38 6.46
N GLU HA 105 -35.80 80.98 5.99
CA GLU HA 105 -35.77 81.70 4.72
C GLU HA 105 -34.81 82.88 4.77
N GLU HA 106 -34.78 83.59 5.91
CA GLU HA 106 -33.86 84.72 6.04
C GLU HA 106 -32.42 84.23 6.12
N TRP HA 107 -32.18 83.09 6.77
CA TRP HA 107 -30.82 82.59 6.85
C TRP HA 107 -30.36 82.01 5.51
N THR HA 108 -31.28 81.60 4.64
CA THR HA 108 -30.86 81.20 3.32
C THR HA 108 -30.74 82.38 2.35
N LYS HA 109 -31.50 83.45 2.57
CA LYS HA 109 -31.46 84.64 1.73
C LYS HA 109 -30.78 85.81 2.42
N LYS HA 110 -29.85 85.53 3.33
CA LYS HA 110 -29.14 86.59 4.03
C LYS HA 110 -27.76 86.83 3.44
N GLY IA 1 -51.89 55.73 3.78
CA GLY IA 1 -51.12 55.07 2.75
C GLY IA 1 -50.78 53.61 3.03
N ARG IA 2 -50.13 53.37 4.16
CA ARG IA 2 -49.78 52.02 4.58
C ARG IA 2 -50.99 51.34 5.20
N GLN IA 3 -50.78 50.17 5.79
CA GLN IA 3 -51.85 49.43 6.44
C GLN IA 3 -52.18 50.05 7.80
N PHE IA 4 -53.03 49.38 8.56
CA PHE IA 4 -53.41 49.84 9.89
C PHE IA 4 -52.24 49.78 10.87
N GLY IA 5 -52.47 50.31 12.05
CA GLY IA 5 -51.61 50.05 13.18
C GLY IA 5 -50.70 51.20 13.57
N HIS IA 6 -50.12 51.87 12.57
CA HIS IA 6 -49.09 52.85 12.82
C HIS IA 6 -49.52 54.23 12.35
N LEU IA 7 -50.74 54.63 12.70
CA LEU IA 7 -51.32 55.83 12.14
C LEU IA 7 -51.38 56.99 13.13
N THR IA 8 -52.00 56.76 14.29
CA THR IA 8 -52.15 57.78 15.29
C THR IA 8 -52.07 57.14 16.67
N ARG IA 9 -52.06 57.99 17.70
CA ARG IA 9 -51.89 57.56 19.08
C ARG IA 9 -53.04 58.19 19.86
N VAL IA 10 -54.07 57.40 20.15
CA VAL IA 10 -55.29 57.89 20.76
C VAL IA 10 -55.61 57.05 22.00
N ARG IA 11 -55.63 57.70 23.16
CA ARG IA 11 -56.10 57.12 24.40
C ARG IA 11 -57.55 57.50 24.59
N HIS IA 12 -58.13 57.21 25.78
CA HIS IA 12 -59.32 57.86 26.26
C HIS IA 12 -60.53 57.64 25.35
N VAL IA 13 -60.58 56.56 24.55
CA VAL IA 13 -61.74 56.38 23.67
C VAL IA 13 -62.32 54.99 23.90
N ILE IA 14 -63.65 54.91 24.06
CA ILE IA 14 -64.36 53.64 24.12
C ILE IA 14 -65.47 53.67 23.08
N THR IA 15 -65.53 52.64 22.25
CA THR IA 15 -66.46 52.54 21.13
C THR IA 15 -67.40 51.36 21.32
N TYR IA 16 -68.70 51.62 21.12
CA TYR IA 16 -69.75 50.61 21.16
C TYR IA 16 -70.25 50.31 19.76
N SER IA 17 -70.40 49.02 19.45
CA SER IA 17 -70.99 48.61 18.18
C SER IA 17 -71.81 47.35 18.41
N LEU IA 18 -72.87 47.21 17.62
CA LEU IA 18 -73.79 46.08 17.70
C LEU IA 18 -73.64 45.20 16.46
N SER IA 19 -73.92 43.90 16.64
CA SER IA 19 -73.97 42.95 15.54
C SER IA 19 -75.06 43.34 14.53
N PRO IA 20 -74.83 43.12 13.23
CA PRO IA 20 -75.84 43.51 12.25
C PRO IA 20 -77.07 42.64 12.26
N PHE IA 21 -76.97 41.41 12.77
CA PHE IA 21 -78.12 40.51 12.76
C PHE IA 21 -79.16 40.93 13.80
N GLU IA 22 -78.71 41.38 14.97
CA GLU IA 22 -79.63 41.73 16.05
C GLU IA 22 -80.48 42.94 15.69
N GLN IA 23 -79.88 43.88 14.98
CA GLN IA 23 -80.60 45.08 14.60
C GLN IA 23 -81.35 44.87 13.30
N ARG IA 24 -82.42 45.66 13.14
CA ARG IA 24 -83.18 45.65 11.91
C ARG IA 24 -82.41 46.38 10.82
N ALA IA 25 -82.84 46.15 9.58
CA ALA IA 25 -82.24 46.87 8.46
C ALA IA 25 -82.68 48.33 8.47
N PHE IA 26 -83.96 48.58 8.65
CA PHE IA 26 -84.50 49.94 8.59
C PHE IA 26 -85.30 50.23 9.85
N PRO IA 27 -84.62 50.62 10.94
CA PRO IA 27 -85.36 51.08 12.12
C PRO IA 27 -85.84 52.51 11.91
N HIS IA 28 -87.15 52.67 11.67
CA HIS IA 28 -87.82 53.94 11.39
C HIS IA 28 -87.19 54.64 10.18
N TYR IA 29 -87.36 54.01 9.01
CA TYR IA 29 -86.72 54.58 7.82
C TYR IA 29 -87.47 55.82 7.33
N PHE IA 30 -88.71 55.63 6.87
CA PHE IA 30 -89.45 56.73 6.26
C PHE IA 30 -89.86 57.78 7.27
N SER IA 31 -90.14 57.35 8.51
CA SER IA 31 -90.59 58.25 9.55
C SER IA 31 -89.49 59.15 10.10
N LYS IA 32 -88.24 58.92 9.73
CA LYS IA 32 -87.14 59.81 10.06
C LYS IA 32 -86.39 60.29 8.83
N GLY IA 33 -86.23 59.40 7.84
CA GLY IA 33 -85.39 59.72 6.70
C GLY IA 33 -85.94 60.80 5.81
N ILE IA 34 -87.26 60.95 5.76
CA ILE IA 34 -87.85 62.01 4.94
C ILE IA 34 -87.69 63.37 5.61
N PRO IA 35 -87.89 63.56 6.93
CA PRO IA 35 -87.43 64.83 7.52
C PRO IA 35 -85.93 65.04 7.45
N ASN IA 36 -85.12 63.97 7.46
CA ASN IA 36 -83.68 64.15 7.34
C ASN IA 36 -83.29 64.65 5.95
N VAL IA 37 -83.90 64.08 4.91
CA VAL IA 37 -83.54 64.50 3.56
C VAL IA 37 -84.16 65.87 3.23
N LEU IA 38 -85.31 66.20 3.85
CA LEU IA 38 -85.80 67.56 3.73
C LEU IA 38 -84.91 68.55 4.48
N ARG IA 39 -84.28 68.11 5.57
CA ARG IA 39 -83.37 68.99 6.29
C ARG IA 39 -82.08 69.23 5.51
N ARG IA 40 -81.53 68.16 4.93
CA ARG IA 40 -80.37 68.31 4.05
C ARG IA 40 -80.73 69.13 2.81
N THR IA 41 -81.97 69.01 2.34
CA THR IA 41 -82.45 69.85 1.25
C THR IA 41 -82.45 71.31 1.66
N ARG IA 42 -83.05 71.61 2.81
CA ARG IA 42 -83.18 72.98 3.31
C ARG IA 42 -81.83 73.59 3.64
N ALA IA 43 -80.85 72.76 4.00
CA ALA IA 43 -79.54 73.28 4.34
C ALA IA 43 -78.64 73.54 3.14
N CYS IA 44 -79.11 73.29 1.90
CA CYS IA 44 -78.19 73.43 0.78
C CYS IA 44 -78.74 74.22 -0.40
N ILE IA 45 -80.07 74.19 -0.60
CA ILE IA 45 -80.61 74.64 -1.89
C ILE IA 45 -80.56 76.14 -2.06
N LEU IA 46 -80.41 76.90 -0.98
CA LEU IA 46 -80.16 78.32 -1.12
C LEU IA 46 -78.74 78.63 -1.55
N ARG IA 47 -77.83 77.67 -1.37
CA ARG IA 47 -76.48 77.72 -1.92
C ARG IA 47 -76.42 77.13 -3.31
N VAL IA 48 -77.41 76.32 -3.67
CA VAL IA 48 -77.45 75.64 -4.97
C VAL IA 48 -78.15 76.49 -6.03
N ALA IA 49 -79.29 77.09 -5.67
CA ALA IA 49 -80.17 77.74 -6.65
C ALA IA 49 -79.59 78.95 -7.41
N PRO IA 50 -78.95 79.96 -6.78
CA PRO IA 50 -78.63 81.21 -7.53
C PRO IA 50 -77.67 81.07 -8.71
N PRO IA 51 -76.96 79.95 -8.91
CA PRO IA 51 -76.49 79.68 -10.28
C PRO IA 51 -77.55 79.15 -11.23
N PHE IA 52 -78.35 78.20 -10.78
CA PHE IA 52 -79.16 77.45 -11.73
C PHE IA 52 -80.42 78.20 -12.13
N VAL IA 53 -81.02 78.97 -11.21
CA VAL IA 53 -82.20 79.73 -11.61
C VAL IA 53 -81.80 80.88 -12.53
N VAL IA 54 -80.61 81.44 -12.32
CA VAL IA 54 -80.11 82.46 -13.23
C VAL IA 54 -79.77 81.86 -14.58
N PHE IA 55 -79.23 80.63 -14.58
CA PHE IA 55 -78.97 79.94 -15.83
C PHE IA 55 -80.25 79.66 -16.60
N TYR IA 56 -81.30 79.24 -15.90
CA TYR IA 56 -82.54 78.92 -16.58
C TYR IA 56 -83.20 80.18 -17.14
N LEU IA 57 -83.11 81.29 -16.40
CA LEU IA 57 -83.69 82.53 -16.89
C LEU IA 57 -82.90 83.09 -18.06
N VAL IA 58 -81.56 82.98 -18.03
CA VAL IA 58 -80.74 83.41 -19.17
C VAL IA 58 -80.99 82.51 -20.36
N TYR IA 59 -81.23 81.23 -20.11
CA TYR IA 59 -81.60 80.30 -21.18
C TYR IA 59 -82.89 80.70 -21.85
N THR IA 60 -83.93 80.99 -21.05
CA THR IA 60 -85.20 81.41 -21.62
C THR IA 60 -85.11 82.77 -22.28
N TRP IA 61 -84.27 83.67 -21.75
CA TRP IA 61 -84.16 85.01 -22.33
C TRP IA 61 -83.41 85.00 -23.66
N GLY IA 62 -82.28 84.29 -23.73
CA GLY IA 62 -81.60 84.14 -25.00
C GLY IA 62 -82.40 83.31 -25.98
N THR IA 63 -83.21 82.38 -25.48
CA THR IA 63 -84.14 81.64 -26.33
C THR IA 63 -85.15 82.59 -26.93
N GLN IA 64 -85.71 83.47 -26.11
CA GLN IA 64 -86.67 84.47 -26.59
C GLN IA 64 -86.03 85.45 -27.56
N GLU IA 65 -84.76 85.80 -27.36
CA GLU IA 65 -84.11 86.74 -28.27
C GLU IA 65 -83.86 86.10 -29.64
N PHE IA 66 -83.37 84.84 -29.66
CA PHE IA 66 -83.20 84.14 -30.93
C PHE IA 66 -84.54 83.90 -31.62
N GLU IA 67 -85.56 83.50 -30.85
CA GLU IA 67 -86.88 83.28 -31.45
C GLU IA 67 -87.46 84.57 -31.99
N LYS IA 68 -87.29 85.68 -31.25
CA LYS IA 68 -87.78 86.99 -31.68
C LYS IA 68 -87.04 87.49 -32.91
N SER IA 69 -85.75 87.12 -33.05
CA SER IA 69 -85.08 87.32 -34.34
C SER IA 69 -85.72 86.46 -35.41
N LYS IA 70 -86.25 85.30 -35.05
CA LYS IA 70 -87.01 84.47 -35.97
C LYS IA 70 -88.52 84.59 -35.78
N ARG IA 71 -89.03 85.79 -35.50
CA ARG IA 71 -90.46 86.06 -35.51
C ARG IA 71 -90.91 87.07 -36.56
N LYS IA 72 -90.05 87.99 -36.97
CA LYS IA 72 -90.43 89.01 -37.93
C LYS IA 72 -89.71 88.86 -39.26
N ASN IA 73 -88.37 88.96 -39.26
CA ASN IA 73 -87.51 88.82 -40.44
C ASN IA 73 -87.91 89.64 -41.67
N LEU JA 13 -112.79 61.36 -53.07
CA LEU JA 13 -112.30 60.18 -52.38
C LEU JA 13 -112.24 60.49 -50.90
N VAL JA 14 -112.69 59.56 -50.06
CA VAL JA 14 -112.73 59.79 -48.63
C VAL JA 14 -111.33 59.59 -48.08
N ASP JA 15 -110.56 60.68 -48.05
CA ASP JA 15 -109.29 60.72 -47.33
C ASP JA 15 -109.56 61.31 -45.96
N PRO JA 16 -109.24 60.59 -44.88
CA PRO JA 16 -109.50 61.14 -43.54
C PRO JA 16 -108.61 62.31 -43.21
N LEU JA 17 -107.38 62.32 -43.72
CA LEU JA 17 -106.48 63.43 -43.47
C LEU JA 17 -106.98 64.70 -44.10
N THR JA 18 -107.57 64.58 -45.30
CA THR JA 18 -108.12 65.74 -45.99
C THR JA 18 -109.28 66.36 -45.21
N THR JA 19 -110.25 65.52 -44.82
CA THR JA 19 -111.43 66.00 -44.09
C THR JA 19 -111.04 66.56 -42.72
N VAL JA 20 -110.14 65.89 -42.02
CA VAL JA 20 -109.73 66.32 -40.70
C VAL JA 20 -108.91 67.62 -40.78
N ARG JA 21 -108.01 67.71 -41.76
CA ARG JA 21 -107.19 68.90 -41.92
C ARG JA 21 -108.04 70.11 -42.30
N GLU JA 22 -109.05 69.90 -43.14
CA GLU JA 22 -109.88 71.02 -43.52
C GLU JA 22 -110.85 71.44 -42.43
N GLN JA 23 -111.34 70.49 -41.64
CA GLN JA 23 -112.25 70.85 -40.55
C GLN JA 23 -111.52 71.36 -39.33
N CYS JA 24 -110.21 71.17 -39.24
CA CYS JA 24 -109.50 71.55 -38.03
C CYS JA 24 -109.12 73.02 -38.01
N GLU JA 25 -109.51 73.81 -39.01
CA GLU JA 25 -109.23 75.23 -38.98
C GLU JA 25 -110.29 76.03 -38.22
N GLN JA 26 -111.12 75.38 -37.42
CA GLN JA 26 -112.04 76.07 -36.53
C GLN JA 26 -111.36 76.63 -35.29
N LEU JA 27 -110.09 76.29 -35.09
CA LEU JA 27 -109.30 76.85 -34.00
C LEU JA 27 -108.92 78.28 -34.36
N GLU JA 28 -108.73 79.10 -33.32
CA GLU JA 28 -108.68 80.55 -33.54
C GLU JA 28 -107.34 80.98 -34.14
N LYS JA 29 -106.25 80.33 -33.72
CA LYS JA 29 -104.91 80.75 -34.12
C LYS JA 29 -104.66 80.49 -35.60
N CYS JA 30 -105.18 79.38 -36.11
CA CYS JA 30 -105.09 79.08 -37.54
C CYS JA 30 -105.80 80.13 -38.37
N VAL JA 31 -106.97 80.57 -37.90
CA VAL JA 31 -107.73 81.61 -38.58
C VAL JA 31 -106.96 82.92 -38.59
N LYS JA 32 -106.37 83.28 -37.44
CA LYS JA 32 -105.68 84.55 -37.34
C LYS JA 32 -104.41 84.59 -38.20
N ALA JA 33 -103.67 83.49 -38.23
CA ALA JA 33 -102.52 83.41 -39.14
C ALA JA 33 -102.95 83.41 -40.59
N ARG JA 34 -104.11 82.82 -40.89
CA ARG JA 34 -104.64 82.84 -42.25
C ARG JA 34 -104.94 84.26 -42.71
N GLU JA 35 -105.63 85.05 -41.88
CA GLU JA 35 -105.94 86.41 -42.33
C GLU JA 35 -104.72 87.33 -42.32
N ARG JA 36 -103.73 87.06 -41.45
CA ARG JA 36 -102.49 87.83 -41.53
C ARG JA 36 -101.76 87.54 -42.83
N LEU JA 37 -101.76 86.28 -43.27
CA LEU JA 37 -101.13 85.99 -44.55
C LEU JA 37 -101.95 86.60 -45.69
N GLU JA 38 -103.28 86.70 -45.52
CA GLU JA 38 -104.10 87.36 -46.53
C GLU JA 38 -103.77 88.85 -46.62
N LEU JA 39 -103.54 89.52 -45.49
CA LEU JA 39 -103.20 90.93 -45.57
C LEU JA 39 -101.78 91.12 -46.10
N CYS JA 40 -100.89 90.15 -45.88
CA CYS JA 40 -99.55 90.22 -46.47
C CYS JA 40 -99.62 90.03 -47.98
N ASP JA 41 -100.47 89.11 -48.43
CA ASP JA 41 -100.72 88.91 -49.85
C ASP JA 41 -101.31 90.16 -50.48
N GLU JA 42 -102.21 90.84 -49.76
CA GLU JA 42 -102.75 92.11 -50.23
C GLU JA 42 -101.67 93.19 -50.26
N ARG JA 43 -100.69 93.12 -49.36
CA ARG JA 43 -99.57 94.07 -49.41
C ARG JA 43 -98.73 93.84 -50.67
N VAL JA 44 -98.44 92.57 -50.98
CA VAL JA 44 -97.66 92.28 -52.19
C VAL JA 44 -98.48 92.60 -53.44
N SER JA 45 -99.81 92.49 -53.35
CA SER JA 45 -100.67 92.95 -54.42
C SER JA 45 -100.56 94.47 -54.62
N SER JA 46 -100.63 95.24 -53.52
CA SER JA 46 -100.52 96.68 -53.63
C SER JA 46 -99.06 97.10 -53.86
N ARG JA 47 -98.19 96.81 -52.90
CA ARG JA 47 -96.76 97.06 -53.08
C ARG JA 47 -96.19 95.87 -53.85
N SER JA 48 -96.45 95.85 -55.15
CA SER JA 48 -95.71 94.95 -56.02
C SER JA 48 -94.29 95.48 -56.22
N GLN JA 49 -93.45 94.62 -56.80
CA GLN JA 49 -92.01 94.86 -56.99
C GLN JA 49 -91.34 95.11 -55.63
N THR JA 50 -91.37 94.09 -54.80
CA THR JA 50 -90.75 94.07 -53.50
C THR JA 50 -89.80 92.88 -53.41
N GLU JA 51 -89.18 92.70 -52.25
CA GLU JA 51 -88.37 91.52 -51.97
C GLU JA 51 -88.81 90.89 -50.66
N GLU JA 52 -90.11 90.64 -50.55
CA GLU JA 52 -90.73 89.98 -49.41
C GLU JA 52 -91.73 88.97 -49.94
N ASP JA 53 -91.85 87.83 -49.25
CA ASP JA 53 -92.50 86.67 -49.83
C ASP JA 53 -93.73 86.16 -49.10
N CYS JA 54 -94.02 86.67 -47.90
CA CYS JA 54 -95.20 86.31 -47.08
C CYS JA 54 -95.22 84.80 -46.78
N THR JA 55 -94.25 84.39 -45.99
CA THR JA 55 -93.99 82.97 -45.79
C THR JA 55 -94.20 82.53 -44.35
N GLU JA 56 -93.91 83.39 -43.38
CA GLU JA 56 -93.82 82.97 -41.99
C GLU JA 56 -95.20 82.79 -41.33
N GLU JA 57 -96.19 83.58 -41.73
CA GLU JA 57 -97.54 83.29 -41.27
C GLU JA 57 -98.07 81.99 -41.85
N LEU JA 58 -97.66 81.65 -43.07
CA LEU JA 58 -98.02 80.35 -43.61
C LEU JA 58 -97.28 79.22 -42.89
N PHE JA 59 -96.05 79.49 -42.45
CA PHE JA 59 -95.36 78.57 -41.54
C PHE JA 59 -96.17 78.31 -40.28
N ASP JA 60 -96.58 79.37 -39.60
CA ASP JA 60 -97.30 79.19 -38.35
C ASP JA 60 -98.69 78.60 -38.57
N PHE JA 61 -99.28 78.86 -39.75
CA PHE JA 61 -100.55 78.24 -40.09
C PHE JA 61 -100.40 76.74 -40.24
N LEU JA 62 -99.40 76.29 -41.01
CA LEU JA 62 -99.14 74.86 -41.13
C LEU JA 62 -98.76 74.25 -39.79
N HIS JA 63 -98.03 75.00 -38.97
CA HIS JA 63 -97.65 74.56 -37.63
C HIS JA 63 -98.87 74.25 -36.76
N ALA JA 64 -99.73 75.25 -36.56
CA ALA JA 64 -100.89 75.09 -35.69
C ALA JA 64 -101.90 74.11 -36.28
N ARG JA 65 -102.10 74.16 -37.60
CA ARG JA 65 -103.06 73.27 -38.24
C ARG JA 65 -102.59 71.82 -38.17
N ASP JA 66 -101.32 71.56 -38.46
CA ASP JA 66 -100.87 70.19 -38.45
C ASP JA 66 -100.70 69.65 -37.03
N HIS JA 67 -100.51 70.52 -36.04
CA HIS JA 67 -100.50 70.03 -34.67
C HIS JA 67 -101.91 69.69 -34.19
N CYS JA 68 -102.92 70.48 -34.58
CA CYS JA 68 -104.27 70.11 -34.20
C CYS JA 68 -104.74 68.89 -34.99
N VAL JA 69 -104.17 68.67 -36.18
CA VAL JA 69 -104.36 67.41 -36.88
C VAL JA 69 -103.69 66.28 -36.11
N ALA JA 70 -102.50 66.54 -35.57
CA ALA JA 70 -101.72 65.53 -34.86
C ALA JA 70 -102.42 65.05 -33.61
N HIS JA 71 -103.15 65.94 -32.94
CA HIS JA 71 -103.97 65.47 -31.82
C HIS JA 71 -105.12 64.59 -32.30
N LYS JA 72 -105.59 64.76 -33.53
CA LYS JA 72 -106.87 64.22 -33.97
C LYS JA 72 -106.73 63.50 -35.31
N LEU JA 73 -105.73 62.64 -35.44
CA LEU JA 73 -105.52 61.93 -36.70
C LEU JA 73 -105.84 60.45 -36.56
N PHE JA 74 -105.15 59.75 -35.67
CA PHE JA 74 -105.31 58.30 -35.55
C PHE JA 74 -106.51 57.89 -34.73
N ASN JA 75 -107.39 58.83 -34.38
CA ASN JA 75 -108.68 58.49 -33.79
C ASN JA 75 -109.52 57.70 -34.77
N SER JA 76 -109.94 58.34 -35.86
CA SER JA 76 -110.69 57.67 -36.91
C SER JA 76 -109.80 56.98 -37.92
N LEU JA 77 -108.49 57.00 -37.72
CA LEU JA 77 -107.59 56.25 -38.57
C LEU JA 77 -107.31 54.93 -37.86
N UNK KA 1 -39.04 25.59 51.52
CA UNK KA 1 -40.20 24.76 51.19
C UNK KA 1 -41.45 25.33 51.84
N UNK KA 2 -41.59 25.08 53.14
CA UNK KA 2 -42.67 25.63 53.95
C UNK KA 2 -42.20 26.82 54.79
N UNK KA 3 -41.24 27.59 54.27
CA UNK KA 3 -40.56 28.62 55.05
C UNK KA 3 -41.17 30.00 54.90
N UNK KA 4 -42.07 30.19 53.93
CA UNK KA 4 -42.78 31.45 53.67
C UNK KA 4 -41.79 32.59 53.42
N UNK KA 5 -41.06 32.45 52.33
CA UNK KA 5 -40.00 33.38 52.01
C UNK KA 5 -38.86 32.72 51.28
N UNK KA 6 -38.77 31.41 51.39
CA UNK KA 6 -37.77 30.65 50.65
C UNK KA 6 -38.20 30.61 49.19
N UNK KA 7 -37.56 31.42 48.35
CA UNK KA 7 -37.93 31.55 46.95
C UNK KA 7 -37.67 30.27 46.18
N UNK KA 8 -38.60 29.90 45.30
CA UNK KA 8 -38.53 28.60 44.61
C UNK KA 8 -39.11 28.76 43.21
N UNK KA 9 -38.24 29.06 42.25
CA UNK KA 9 -38.70 29.31 40.88
C UNK KA 9 -39.14 28.02 40.22
N UNK KA 10 -40.25 28.08 39.48
CA UNK KA 10 -40.91 26.88 38.98
C UNK KA 10 -41.31 27.01 37.51
N UNK KA 11 -40.41 26.63 36.60
CA UNK KA 11 -40.83 26.54 35.21
C UNK KA 11 -41.67 25.28 35.01
N UNK KA 12 -42.35 25.21 33.87
CA UNK KA 12 -43.20 24.05 33.60
C UNK KA 12 -43.37 23.88 32.10
N UNK KA 13 -43.77 22.67 31.72
CA UNK KA 13 -44.18 22.44 30.33
C UNK KA 13 -45.62 22.85 30.09
N UNK KA 14 -46.35 23.24 31.14
CA UNK KA 14 -47.73 23.66 31.00
C UNK KA 14 -48.12 24.88 31.81
N UNK KA 15 -47.29 25.37 32.72
CA UNK KA 15 -47.65 26.45 33.62
C UNK KA 15 -46.55 27.49 33.69
N UNK KA 16 -46.87 28.64 34.29
CA UNK KA 16 -45.99 29.79 34.33
C UNK KA 16 -44.87 29.57 35.37
N UNK KA 17 -44.05 30.60 35.55
CA UNK KA 17 -42.87 30.52 36.40
C UNK KA 17 -42.91 31.57 37.50
N UNK KA 18 -42.74 31.13 38.74
CA UNK KA 18 -42.74 32.03 39.89
C UNK KA 18 -42.01 31.37 41.04
N UNK KA 19 -41.54 32.20 41.98
CA UNK KA 19 -40.90 31.74 43.21
C UNK KA 19 -41.92 31.81 44.34
N UNK KA 20 -42.72 30.75 44.46
CA UNK KA 20 -43.94 30.75 45.28
C UNK KA 20 -43.57 30.71 46.77
N UNK KA 21 -43.29 31.89 47.30
CA UNK KA 21 -42.88 32.04 48.68
C UNK KA 21 -43.63 33.21 49.31
N UNK KA 22 -44.05 33.03 50.55
CA UNK KA 22 -44.80 34.07 51.27
C UNK KA 22 -43.86 34.94 52.12
N UNK KA 23 -42.95 35.62 51.43
CA UNK KA 23 -41.97 36.49 52.09
C UNK KA 23 -42.62 37.72 52.67
N UNK KA 24 -46.72 41.15 54.34
CA UNK KA 24 -46.03 40.36 53.32
C UNK KA 24 -46.85 40.31 52.05
N UNK KA 25 -47.78 39.36 52.01
CA UNK KA 25 -48.71 39.20 50.90
C UNK KA 25 -50.06 39.86 51.19
N UNK KA 26 -50.07 40.88 52.03
CA UNK KA 26 -51.26 41.68 52.30
C UNK KA 26 -51.22 42.98 51.51
N UNK KA 27 -50.78 42.89 50.25
CA UNK KA 27 -50.48 44.06 49.45
C UNK KA 27 -51.74 44.86 49.10
N UNK KA 28 -52.86 44.18 48.87
CA UNK KA 28 -54.10 44.90 48.57
C UNK KA 28 -54.68 45.57 49.80
N UNK KA 29 -54.36 45.05 51.00
CA UNK KA 29 -54.75 45.73 52.22
C UNK KA 29 -54.03 47.06 52.38
N UNK KA 30 -52.81 47.16 51.84
CA UNK KA 30 -52.19 48.46 51.61
C UNK KA 30 -52.91 49.10 50.44
N UNK KA 31 -53.91 49.94 50.75
CA UNK KA 31 -54.73 50.58 49.74
C UNK KA 31 -53.92 51.61 48.95
N UNK KA 32 -54.46 51.97 47.78
CA UNK KA 32 -53.80 52.81 46.77
C UNK KA 32 -52.43 52.26 46.40
N UNK KA 33 -52.38 50.95 46.19
CA UNK KA 33 -51.14 50.27 45.84
C UNK KA 33 -50.82 50.45 44.36
N LEU LA 5 -90.77 30.26 10.69
CA LEU LA 5 -90.84 29.47 9.47
C LEU LA 5 -89.59 29.73 8.64
N THR LA 6 -89.04 30.94 8.78
CA THR LA 6 -87.79 31.25 8.11
C THR LA 6 -86.63 30.46 8.71
N ALA LA 7 -86.68 30.23 10.02
CA ALA LA 7 -85.63 29.47 10.71
C ALA LA 7 -85.60 28.02 10.26
N ARG LA 8 -86.74 27.44 9.90
CA ARG LA 8 -86.74 26.08 9.38
C ARG LA 8 -86.05 26.01 8.02
N LEU LA 9 -86.23 27.03 7.18
CA LEU LA 9 -85.55 27.06 5.88
C LEU LA 9 -84.06 27.30 6.04
N TYR LA 10 -83.67 28.12 7.03
CA TYR LA 10 -82.26 28.28 7.36
C TYR LA 10 -81.66 26.97 7.84
N SER LA 11 -82.41 26.22 8.64
CA SER LA 11 -81.95 24.91 9.10
C SER LA 11 -81.80 23.94 7.95
N LEU LA 12 -82.68 24.03 6.94
CA LEU LA 12 -82.58 23.09 5.83
C LEU LA 12 -81.45 23.45 4.88
N LEU LA 13 -81.53 24.61 4.21
CA LEU LA 13 -80.73 24.81 3.00
C LEU LA 13 -79.95 26.12 3.06
N PHE LA 14 -79.26 26.39 4.17
CA PHE LA 14 -78.39 27.56 4.27
C PHE LA 14 -77.11 27.34 5.06
N ARG LA 15 -76.75 26.11 5.44
CA ARG LA 15 -75.65 25.92 6.37
C ARG LA 15 -74.36 25.47 5.68
N ARG LA 16 -74.37 24.32 5.03
CA ARG LA 16 -73.21 23.88 4.27
C ARG LA 16 -73.18 24.66 2.97
N THR LA 17 -72.06 25.33 2.71
CA THR LA 17 -72.03 26.34 1.66
C THR LA 17 -71.99 25.70 0.27
N SER LA 18 -71.52 24.45 0.19
CA SER LA 18 -71.54 23.73 -1.08
C SER LA 18 -72.98 23.41 -1.52
N THR LA 19 -73.76 22.80 -0.62
CA THR LA 19 -75.16 22.55 -0.89
C THR LA 19 -75.95 23.84 -1.00
N PHE LA 20 -75.51 24.89 -0.29
CA PHE LA 20 -76.10 26.22 -0.44
C PHE LA 20 -75.96 26.74 -1.86
N ALA LA 21 -74.74 26.67 -2.41
CA ALA LA 21 -74.50 27.15 -3.76
C ALA LA 21 -75.22 26.30 -4.78
N LEU LA 22 -75.26 24.99 -4.54
CA LEU LA 22 -75.96 24.10 -5.45
C LEU LA 22 -77.46 24.35 -5.45
N THR LA 23 -78.06 24.60 -4.27
CA THR LA 23 -79.49 24.82 -4.24
C THR LA 23 -79.88 26.20 -4.72
N ILE LA 24 -78.99 27.19 -4.64
CA ILE LA 24 -79.36 28.46 -5.26
C ILE LA 24 -79.13 28.40 -6.77
N VAL LA 25 -78.27 27.50 -7.26
CA VAL LA 25 -78.23 27.25 -8.71
C VAL LA 25 -79.51 26.56 -9.18
N VAL LA 26 -80.01 25.61 -8.39
CA VAL LA 26 -81.29 24.95 -8.69
C VAL LA 26 -82.42 25.97 -8.71
N GLY LA 27 -82.45 26.85 -7.71
CA GLY LA 27 -83.40 27.95 -7.72
C GLY LA 27 -83.17 28.94 -8.84
N ALA LA 28 -81.94 29.04 -9.34
CA ALA LA 28 -81.66 29.94 -10.45
C ALA LA 28 -82.26 29.42 -11.75
N LEU LA 29 -82.17 28.12 -11.98
CA LEU LA 29 -82.82 27.60 -13.20
C LEU LA 29 -84.34 27.55 -13.04
N PHE LA 30 -84.81 27.32 -11.81
CA PHE LA 30 -86.22 27.51 -11.48
C PHE LA 30 -86.68 28.92 -11.84
N PHE LA 31 -85.88 29.91 -11.48
CA PHE LA 31 -86.18 31.30 -11.76
C PHE LA 31 -86.06 31.61 -13.24
N GLU LA 32 -85.14 30.94 -13.94
CA GLU LA 32 -85.07 31.04 -15.40
C GLU LA 32 -86.39 30.66 -16.04
N ARG LA 33 -86.92 29.50 -15.65
CA ARG LA 33 -88.18 29.01 -16.20
C ARG LA 33 -89.32 29.96 -15.92
N ALA LA 34 -89.50 30.31 -14.64
CA ALA LA 34 -90.59 31.18 -14.24
C ALA LA 34 -90.45 32.59 -14.82
N PHE LA 35 -89.22 33.08 -14.94
CA PHE LA 35 -89.02 34.45 -15.39
C PHE LA 35 -89.24 34.59 -16.88
N ASP LA 36 -88.78 33.60 -17.66
CA ASP LA 36 -89.03 33.65 -19.09
C ASP LA 36 -90.53 33.52 -19.38
N GLN LA 37 -91.23 32.64 -18.66
CA GLN LA 37 -92.67 32.54 -18.90
C GLN LA 37 -93.41 33.79 -18.43
N GLY LA 38 -92.96 34.41 -17.33
CA GLY LA 38 -93.58 35.64 -16.88
C GLY LA 38 -93.37 36.78 -17.85
N ALA LA 39 -92.16 36.93 -18.38
CA ALA LA 39 -91.86 37.97 -19.35
C ALA LA 39 -92.63 37.76 -20.65
N ASP LA 40 -92.75 36.50 -21.09
CA ASP LA 40 -93.46 36.21 -22.32
C ASP LA 40 -94.96 36.48 -22.18
N ALA LA 41 -95.54 36.08 -21.04
CA ALA LA 41 -96.97 36.33 -20.83
C ALA LA 41 -97.27 37.81 -20.71
N ILE LA 42 -96.41 38.56 -20.00
CA ILE LA 42 -96.65 40.00 -19.83
C ILE LA 42 -96.47 40.73 -21.15
N TYR LA 43 -95.40 40.44 -21.89
CA TYR LA 43 -95.16 41.14 -23.15
C TYR LA 43 -96.19 40.77 -24.21
N GLU LA 44 -96.69 39.54 -24.21
CA GLU LA 44 -97.77 39.22 -25.12
C GLU LA 44 -99.08 39.84 -24.67
N HIS LA 45 -99.25 40.07 -23.36
CA HIS LA 45 -100.48 40.68 -22.89
C HIS LA 45 -100.53 42.16 -23.26
N ILE LA 46 -99.38 42.84 -23.20
CA ILE LA 46 -99.38 44.24 -23.61
C ILE LA 46 -99.25 44.41 -25.11
N ASN LA 47 -99.06 43.32 -25.85
CA ASN LA 47 -99.09 43.34 -27.31
C ASN LA 47 -99.95 42.22 -27.83
N GLU LA 48 -101.14 42.07 -27.24
CA GLU LA 48 -102.19 41.26 -27.84
C GLU LA 48 -102.58 41.87 -29.19
N GLY LA 49 -102.74 41.02 -30.19
CA GLY LA 49 -102.88 41.59 -31.51
C GLY LA 49 -101.60 41.63 -32.32
N LYS LA 50 -100.86 42.74 -32.23
CA LYS LA 50 -99.86 43.10 -33.23
C LYS LA 50 -98.54 42.33 -33.11
N LEU LA 51 -98.63 41.01 -32.97
CA LEU LA 51 -97.45 40.16 -32.88
C LEU LA 51 -97.54 39.08 -33.95
N TRP LA 52 -96.37 38.61 -34.40
CA TRP LA 52 -96.30 37.74 -35.58
C TRP LA 52 -96.90 36.36 -35.35
N LYS LA 53 -96.96 35.90 -34.10
CA LYS LA 53 -97.59 34.61 -33.84
C LYS LA 53 -99.08 34.62 -34.14
N HIS LA 54 -99.74 35.76 -33.90
CA HIS LA 54 -101.16 35.89 -34.26
C HIS LA 54 -101.35 35.84 -35.77
N ILE LA 55 -100.58 36.65 -36.51
CA ILE LA 55 -100.76 36.76 -37.94
C ILE LA 55 -100.32 35.47 -38.63
N LYS LA 56 -99.31 34.81 -38.08
CA LYS LA 56 -98.84 33.55 -38.63
C LYS LA 56 -99.85 32.43 -38.38
N HIS LA 57 -100.50 32.44 -37.20
CA HIS LA 57 -101.61 31.51 -36.97
C HIS LA 57 -102.75 31.77 -37.94
N LYS LA 58 -102.97 33.03 -38.32
CA LYS LA 58 -103.93 33.29 -39.36
C LYS LA 58 -103.37 33.09 -40.76
N TYR LA 59 -102.11 32.65 -40.88
CA TYR LA 59 -101.53 32.27 -42.17
C TYR LA 59 -101.17 30.80 -42.19
N ALA MA 2 -9.10 94.09 21.52
CA ALA MA 2 -9.26 94.97 20.37
C ALA MA 2 -8.08 94.84 19.41
N THR MA 3 -8.24 95.45 18.23
CA THR MA 3 -7.21 95.59 17.19
C THR MA 3 -6.70 94.22 16.74
N TYR MA 4 -7.61 93.49 16.09
CA TYR MA 4 -7.46 92.05 15.84
C TYR MA 4 -6.23 91.71 15.02
N ALA MA 5 -6.12 92.24 13.80
CA ALA MA 5 -4.93 92.00 13.00
C ALA MA 5 -3.70 92.62 13.62
N GLN MA 6 -3.88 93.74 14.31
CA GLN MA 6 -2.77 94.32 15.06
C GLN MA 6 -2.37 93.44 16.22
N ALA MA 7 -3.33 92.71 16.80
CA ALA MA 7 -2.98 91.71 17.79
C ALA MA 7 -2.29 90.51 17.16
N LEU MA 8 -2.63 90.20 15.91
CA LEU MA 8 -1.95 89.14 15.18
C LEU MA 8 -0.50 89.50 14.87
N GLN MA 9 -0.22 90.80 14.73
CA GLN MA 9 1.16 91.24 14.56
C GLN MA 9 1.98 91.10 15.84
N SER MA 10 1.33 90.93 16.99
CA SER MA 10 2.01 90.89 18.27
C SER MA 10 2.28 89.47 18.75
N VAL MA 11 2.58 88.56 17.83
CA VAL MA 11 3.04 87.23 18.18
C VAL MA 11 4.55 87.31 18.33
N PRO MA 12 5.14 86.76 19.39
CA PRO MA 12 6.61 86.79 19.51
C PRO MA 12 7.32 85.94 18.46
N GLU MA 13 8.59 86.26 18.26
CA GLU MA 13 9.32 85.87 17.06
C GLU MA 13 9.75 84.41 17.12
N THR MA 14 9.86 83.79 15.95
CA THR MA 14 10.29 82.40 15.83
C THR MA 14 11.80 82.37 15.69
N GLN MA 15 12.48 82.14 16.80
CA GLN MA 15 13.94 82.15 16.83
C GLN MA 15 14.50 80.94 16.10
N VAL MA 16 15.26 81.18 15.03
CA VAL MA 16 15.82 80.13 14.18
C VAL MA 16 17.33 80.31 14.15
N SER MA 17 18.08 79.23 14.36
CA SER MA 17 19.53 79.29 14.30
C SER MA 17 20.08 77.94 13.88
N GLN MA 18 21.40 77.88 13.67
CA GLN MA 18 22.04 76.73 13.06
C GLN MA 18 23.32 76.40 13.78
N LEU MA 19 23.56 75.11 14.02
CA LEU MA 19 24.76 74.62 14.68
C LEU MA 19 25.71 73.99 13.68
N ASP MA 20 26.99 74.00 14.11
CA ASP MA 20 28.16 73.60 13.33
C ASP MA 20 28.06 72.20 12.77
N ASN MA 21 27.31 71.31 13.40
CA ASN MA 21 27.03 70.01 12.81
C ASN MA 21 25.92 70.07 11.76
N GLY MA 22 25.54 71.26 11.30
CA GLY MA 22 24.35 71.40 10.50
C GLY MA 22 23.08 71.19 11.27
N LEU MA 23 23.15 71.29 12.58
CA LEU MA 23 22.05 70.89 13.46
C LEU MA 23 21.08 72.06 13.59
N ARG MA 24 19.81 71.89 13.22
CA ARG MA 24 18.95 73.06 13.28
C ARG MA 24 18.49 73.26 14.71
N VAL MA 25 18.36 74.52 15.13
CA VAL MA 25 17.87 74.81 16.46
C VAL MA 25 16.89 75.96 16.36
N ALA MA 26 15.93 75.99 17.28
CA ALA MA 26 14.86 76.95 17.23
C ALA MA 26 14.24 77.09 18.60
N SER MA 27 13.87 78.31 18.95
CA SER MA 27 13.20 78.57 20.23
C SER MA 27 12.17 79.66 20.03
N GLU MA 28 11.08 79.54 20.78
CA GLU MA 28 10.10 80.61 20.83
C GLU MA 28 9.68 80.82 22.27
N GLN MA 29 9.75 82.06 22.74
CA GLN MA 29 9.53 82.39 24.13
C GLN MA 29 8.13 82.96 24.31
N SER MA 30 7.30 82.27 25.08
CA SER MA 30 6.04 82.83 25.55
C SER MA 30 6.28 83.52 26.89
N SER MA 31 5.22 83.77 27.64
CA SER MA 31 5.32 84.39 28.95
C SER MA 31 5.03 83.41 30.07
N GLN MA 32 5.43 82.15 29.90
CA GLN MA 32 5.06 81.16 30.88
C GLN MA 32 6.29 80.52 31.49
N PRO MA 33 6.23 80.14 32.78
CA PRO MA 33 7.31 79.33 33.35
C PRO MA 33 7.40 77.93 32.79
N THR MA 34 6.34 77.44 32.14
CA THR MA 34 6.38 76.14 31.50
C THR MA 34 7.27 76.17 30.27
N CYS MA 35 8.11 75.16 30.10
CA CYS MA 35 8.91 75.03 28.90
C CYS MA 35 8.73 73.64 28.29
N THR MA 36 9.00 73.55 27.00
CA THR MA 36 8.87 72.30 26.26
C THR MA 36 10.03 72.22 25.28
N VAL MA 37 10.90 71.25 25.48
CA VAL MA 37 12.15 71.14 24.73
C VAL MA 37 12.19 69.78 24.06
N GLY MA 38 12.49 69.76 22.76
CA GLY MA 38 12.46 68.50 22.06
C GLY MA 38 13.33 68.46 20.83
N VAL MA 39 13.46 67.25 20.32
CA VAL MA 39 14.18 66.95 19.09
C VAL MA 39 13.20 66.34 18.12
N TRP MA 40 13.04 66.97 16.97
CA TRP MA 40 12.27 66.44 15.87
C TRP MA 40 13.22 65.90 14.82
N ILE MA 41 13.00 64.66 14.41
CA ILE MA 41 13.88 63.93 13.52
C ILE MA 41 13.07 63.49 12.31
N ASP MA 42 13.56 63.84 11.12
CA ASP MA 42 12.92 63.46 9.86
C ASP MA 42 13.35 62.04 9.49
N ALA MA 43 12.83 61.08 10.24
CA ALA MA 43 13.08 59.67 9.95
C ALA MA 43 11.88 58.87 10.44
N GLY MA 44 10.88 58.74 9.59
CA GLY MA 44 9.71 57.99 9.91
C GLY MA 44 9.84 56.54 9.49
N SER MA 45 8.73 55.94 9.13
CA SER MA 45 8.75 54.59 8.58
C SER MA 45 8.83 54.58 7.07
N ARG MA 46 8.78 55.76 6.44
CA ARG MA 46 8.80 55.81 4.99
C ARG MA 46 10.15 55.40 4.44
N TYR MA 47 11.22 55.63 5.20
CA TYR MA 47 12.56 55.29 4.77
C TYR MA 47 12.87 53.81 4.92
N GLU MA 48 12.15 53.13 5.82
CA GLU MA 48 12.41 51.72 6.09
C GLU MA 48 12.14 50.86 4.86
N THR MA 49 12.92 49.80 4.72
CA THR MA 49 12.77 48.88 3.61
C THR MA 49 11.71 47.84 3.96
N GLU MA 50 11.65 46.77 3.18
CA GLU MA 50 10.70 45.72 3.50
C GLU MA 50 11.22 44.86 4.64
N LYS MA 51 12.54 44.81 4.87
CA LYS MA 51 13.11 44.11 6.00
C LYS MA 51 13.85 45.02 6.97
N ASN MA 52 13.72 46.33 6.82
CA ASN MA 52 13.95 47.25 7.92
C ASN MA 52 12.65 47.69 8.58
N ASN MA 53 11.55 47.01 8.26
CA ASN MA 53 10.24 47.43 8.74
C ASN MA 53 10.09 47.04 10.20
N GLY MA 54 9.56 47.97 10.98
CA GLY MA 54 9.47 47.79 12.41
C GLY MA 54 10.66 48.32 13.17
N ALA MA 55 11.59 49.01 12.50
CA ALA MA 55 12.79 49.48 13.16
C ALA MA 55 12.47 50.63 14.10
N GLY MA 56 11.99 51.75 13.55
CA GLY MA 56 11.94 53.01 14.29
C GLY MA 56 11.01 52.97 15.48
N TYR MA 57 9.90 52.25 15.36
CA TYR MA 57 9.01 52.02 16.49
C TYR MA 57 9.72 51.25 17.58
N PHE MA 58 10.53 50.27 17.19
CA PHE MA 58 11.20 49.46 18.18
C PHE MA 58 12.35 50.23 18.83
N VAL MA 59 12.96 51.14 18.07
CA VAL MA 59 13.96 52.05 18.61
C VAL MA 59 13.32 52.99 19.62
N GLU MA 60 12.11 53.45 19.32
CA GLU MA 60 11.40 54.31 20.27
C GLU MA 60 11.04 53.56 21.54
N HIS MA 61 10.73 52.27 21.43
CA HIS MA 61 10.55 51.53 22.67
C HIS MA 61 11.84 51.00 23.29
N LEU MA 62 12.99 51.18 22.64
CA LEU MA 62 14.26 50.89 23.30
C LEU MA 62 15.06 52.15 23.62
N ALA MA 63 14.51 53.33 23.35
CA ALA MA 63 15.21 54.56 23.68
C ALA MA 63 15.22 54.87 25.16
N PHE MA 64 14.32 54.25 25.93
CA PHE MA 64 14.13 54.58 27.34
C PHE MA 64 14.45 53.39 28.23
N LYS MA 65 15.42 52.59 27.82
CA LYS MA 65 15.75 51.35 28.50
C LYS MA 65 17.20 51.39 28.93
N GLY MA 66 17.59 52.47 29.58
CA GLY MA 66 18.98 52.69 29.90
C GLY MA 66 19.72 53.30 28.73
N THR MA 67 21.01 53.52 28.95
CA THR MA 67 21.88 54.10 27.95
C THR MA 67 23.31 53.71 28.28
N LYS MA 68 24.24 54.17 27.45
CA LYS MA 68 25.64 53.83 27.62
C LYS MA 68 26.34 54.69 28.65
N ASN MA 69 25.62 55.56 29.35
CA ASN MA 69 26.24 56.50 30.28
C ASN MA 69 25.49 56.62 31.60
N ARG MA 70 24.22 56.24 31.66
CA ARG MA 70 23.41 56.26 32.88
C ARG MA 70 22.48 55.05 32.83
N PRO MA 71 22.95 53.88 33.25
CA PRO MA 71 22.31 52.64 32.84
C PRO MA 71 21.01 52.34 33.56
N GLY MA 72 20.19 51.53 32.89
CA GLY MA 72 19.01 50.89 33.44
C GLY MA 72 17.76 51.72 33.49
N ASN MA 73 17.62 52.55 34.53
CA ASN MA 73 16.46 53.42 34.61
C ASN MA 73 16.81 54.77 35.23
N ALA MA 74 18.09 55.17 35.14
CA ALA MA 74 18.52 56.45 35.70
C ALA MA 74 17.91 57.61 34.94
N LEU MA 75 17.68 57.44 33.63
CA LEU MA 75 16.93 58.39 32.85
C LEU MA 75 15.54 58.64 33.43
N GLU MA 76 14.81 57.56 33.67
CA GLU MA 76 13.45 57.65 34.20
C GLU MA 76 13.45 58.22 35.61
N LYS MA 77 14.48 57.89 36.40
CA LYS MA 77 14.54 58.37 37.78
C LYS MA 77 14.85 59.87 37.83
N GLU MA 78 15.74 60.36 36.97
CA GLU MA 78 16.04 61.79 36.97
C GLU MA 78 14.87 62.59 36.42
N VAL MA 79 14.18 62.05 35.40
CA VAL MA 79 13.03 62.75 34.83
C VAL MA 79 11.88 62.82 35.83
N GLU MA 80 11.60 61.72 36.53
CA GLU MA 80 10.56 61.74 37.55
C GLU MA 80 10.93 62.62 38.73
N SER MA 81 12.22 62.66 39.11
CA SER MA 81 12.62 63.48 40.24
C SER MA 81 12.64 64.97 39.90
N MET MA 82 12.72 65.32 38.63
CA MET MA 82 12.70 66.74 38.28
C MET MA 82 11.35 67.23 37.82
N GLY MA 83 10.35 66.35 37.73
CA GLY MA 83 9.01 66.81 37.40
C GLY MA 83 8.83 67.19 35.94
N ALA MA 84 8.86 66.20 35.05
CA ALA MA 84 8.73 66.46 33.64
C ALA MA 84 7.94 65.35 32.98
N HIS MA 85 7.14 65.71 31.96
CA HIS MA 85 6.49 64.73 31.12
C HIS MA 85 7.44 64.36 29.98
N LEU MA 86 7.81 63.09 29.90
CA LEU MA 86 8.68 62.58 28.86
C LEU MA 86 7.82 61.95 27.78
N ASN MA 87 7.73 62.59 26.63
CA ASN MA 87 6.85 62.15 25.57
C ASN MA 87 7.66 61.88 24.31
N ALA MA 88 7.14 60.98 23.49
CA ALA MA 88 7.74 60.66 22.21
C ALA MA 88 6.66 60.07 21.31
N TYR MA 89 6.71 60.40 20.03
CA TYR MA 89 5.84 59.71 19.09
C TYR MA 89 6.56 59.61 17.75
N SER MA 90 5.96 58.84 16.85
CA SER MA 90 6.54 58.62 15.54
C SER MA 90 5.43 58.31 14.54
N THR MA 91 5.55 58.89 13.36
CA THR MA 91 4.65 58.67 12.24
C THR MA 91 5.45 58.07 11.10
N ARG MA 92 4.83 58.03 9.92
CA ARG MA 92 5.55 57.61 8.73
C ARG MA 92 6.56 58.65 8.29
N GLU MA 93 6.44 59.87 8.79
CA GLU MA 93 7.19 61.01 8.30
C GLU MA 93 8.11 61.62 9.34
N HIS MA 94 7.66 61.76 10.59
CA HIS MA 94 8.44 62.41 11.62
C HIS MA 94 8.59 61.51 12.83
N THR MA 95 9.50 61.90 13.71
CA THR MA 95 9.59 61.30 15.03
C THR MA 95 10.03 62.37 16.00
N ALA MA 96 9.27 62.58 17.06
CA ALA MA 96 9.59 63.60 18.04
C ALA MA 96 9.88 62.97 19.39
N TYR MA 97 10.99 63.36 20.01
CA TYR MA 97 11.29 63.11 21.40
C TYR MA 97 11.23 64.45 22.11
N TYR MA 98 10.37 64.60 23.12
CA TYR MA 98 10.36 65.89 23.80
C TYR MA 98 10.04 65.75 25.28
N ILE MA 99 10.33 66.82 26.00
CA ILE MA 99 10.25 66.90 27.45
C ILE MA 99 9.48 68.16 27.79
N LYS MA 100 8.38 68.00 28.52
CA LYS MA 100 7.64 69.12 29.09
C LYS MA 100 8.15 69.31 30.52
N ALA MA 101 8.85 70.42 30.77
CA ALA MA 101 9.46 70.64 32.07
C ALA MA 101 9.32 72.11 32.44
N LEU MA 102 10.07 72.51 33.45
CA LEU MA 102 10.01 73.87 33.99
C LEU MA 102 11.28 74.61 33.59
N SER MA 103 11.19 75.94 33.61
CA SER MA 103 12.25 76.79 33.08
C SER MA 103 13.57 76.66 33.84
N LYS MA 104 13.52 76.33 35.13
CA LYS MA 104 14.75 76.15 35.89
C LYS MA 104 15.36 74.77 35.71
N ASP MA 105 14.63 73.81 35.15
CA ASP MA 105 15.14 72.47 34.87
C ASP MA 105 15.71 72.34 33.47
N LEU MA 106 16.23 73.42 32.92
CA LEU MA 106 16.52 73.45 31.49
C LEU MA 106 17.82 72.72 31.10
N PRO MA 107 18.99 72.96 31.72
CA PRO MA 107 20.21 72.32 31.19
C PRO MA 107 20.25 70.83 31.41
N LYS MA 108 19.71 70.34 32.51
CA LYS MA 108 19.65 68.89 32.71
C LYS MA 108 18.67 68.26 31.74
N ALA MA 109 17.62 68.99 31.34
CA ALA MA 109 16.72 68.49 30.32
C ALA MA 109 17.42 68.34 28.98
N VAL MA 110 18.21 69.35 28.60
CA VAL MA 110 19.00 69.28 27.38
C VAL MA 110 19.99 68.12 27.44
N GLU MA 111 20.59 67.91 28.61
CA GLU MA 111 21.53 66.81 28.79
C GLU MA 111 20.85 65.45 28.68
N LEU MA 112 19.65 65.31 29.25
CA LEU MA 112 18.92 64.06 29.16
C LEU MA 112 18.47 63.79 27.73
N LEU MA 113 18.12 64.84 26.99
CA LEU MA 113 17.69 64.64 25.63
C LEU MA 113 18.86 64.26 24.74
N ALA MA 114 20.05 64.80 25.04
CA ALA MA 114 21.26 64.37 24.34
C ALA MA 114 21.59 62.92 24.61
N ASP MA 115 21.46 62.50 25.87
CA ASP MA 115 21.71 61.12 26.24
C ASP MA 115 20.73 60.19 25.56
N ILE MA 116 19.50 60.63 25.34
CA ILE MA 116 18.51 59.83 24.62
C ILE MA 116 18.89 59.70 23.14
N VAL MA 117 19.31 60.81 22.53
CA VAL MA 117 19.53 60.78 21.08
C VAL MA 117 20.83 60.05 20.73
N GLN MA 118 21.97 60.55 21.22
CA GLN MA 118 23.25 60.11 20.67
C GLN MA 118 23.90 58.99 21.47
N ASN MA 119 23.21 58.39 22.44
CA ASN MA 119 23.86 57.43 23.32
C ASN MA 119 23.04 56.16 23.53
N CYS MA 120 22.02 55.91 22.73
CA CYS MA 120 21.08 54.84 23.03
C CYS MA 120 21.70 53.49 22.69
N SER MA 121 22.17 52.78 23.71
CA SER MA 121 22.68 51.44 23.53
C SER MA 121 21.56 50.42 23.69
N LEU MA 122 21.89 49.16 23.51
CA LEU MA 122 20.90 48.10 23.43
C LEU MA 122 21.29 46.97 24.36
N GLU MA 123 20.30 46.13 24.68
CA GLU MA 123 20.54 44.92 25.45
C GLU MA 123 19.71 43.80 24.85
N ASP MA 124 20.24 42.59 24.92
CA ASP MA 124 19.51 41.44 24.39
C ASP MA 124 18.36 41.03 25.30
N SER MA 125 18.54 41.20 26.61
CA SER MA 125 17.43 41.03 27.54
C SER MA 125 16.32 42.03 27.22
N GLN MA 126 16.70 43.28 26.95
CA GLN MA 126 15.71 44.28 26.60
C GLN MA 126 15.09 44.01 25.24
N ILE MA 127 15.84 43.44 24.29
CA ILE MA 127 15.26 43.20 22.98
C ILE MA 127 14.29 42.03 23.06
N GLU MA 128 14.54 41.04 23.93
CA GLU MA 128 13.58 39.96 24.13
C GLU MA 128 12.35 40.46 24.87
N LYS MA 129 12.57 41.25 25.93
CA LYS MA 129 11.50 41.77 26.75
C LYS MA 129 10.57 42.66 25.95
N GLU MA 130 11.12 43.60 25.21
CA GLU MA 130 10.28 44.48 24.41
C GLU MA 130 9.78 43.82 23.14
N ARG MA 131 10.37 42.71 22.70
CA ARG MA 131 9.73 41.91 21.67
C ARG MA 131 8.41 41.36 22.17
N ASP MA 132 8.41 40.83 23.40
CA ASP MA 132 7.18 40.40 24.04
C ASP MA 132 6.20 41.56 24.22
N VAL MA 133 6.72 42.71 24.64
CA VAL MA 133 5.87 43.87 24.92
C VAL MA 133 5.18 44.36 23.65
N ILE MA 134 5.93 44.52 22.57
CA ILE MA 134 5.34 45.07 21.36
C ILE MA 134 4.50 44.03 20.63
N LEU MA 135 4.77 42.72 20.81
CA LEU MA 135 3.78 41.76 20.33
C LEU MA 135 2.46 41.87 21.08
N GLN MA 136 2.53 42.07 22.39
CA GLN MA 136 1.30 42.31 23.17
C GLN MA 136 0.60 43.58 22.73
N GLU MA 137 1.33 44.65 22.47
CA GLU MA 137 0.67 45.89 22.12
C GLU MA 137 0.22 45.94 20.66
N LEU MA 138 0.81 45.15 19.77
CA LEU MA 138 0.21 45.00 18.45
C LEU MA 138 -1.09 44.22 18.55
N GLN MA 139 -1.13 43.23 19.42
CA GLN MA 139 -2.37 42.50 19.63
C GLN MA 139 -3.43 43.40 20.29
N GLU MA 140 -2.98 44.36 21.09
CA GLU MA 140 -3.89 45.36 21.65
C GLU MA 140 -4.39 46.32 20.58
N ASN MA 141 -3.49 46.81 19.71
CA ASN MA 141 -3.84 47.69 18.60
C ASN MA 141 -4.68 47.01 17.54
N ASP MA 142 -4.82 45.68 17.59
CA ASP MA 142 -5.80 45.01 16.74
C ASP MA 142 -7.24 45.46 17.02
N THR MA 143 -7.52 45.98 18.21
CA THR MA 143 -8.88 46.28 18.62
C THR MA 143 -9.35 47.67 18.21
N SER MA 144 -8.50 48.68 18.36
CA SER MA 144 -8.87 50.06 18.03
C SER MA 144 -9.04 50.18 16.53
N MET MA 145 -10.28 50.34 16.09
CA MET MA 145 -10.63 50.17 14.69
C MET MA 145 -10.15 51.32 13.82
N ARG MA 146 -9.94 52.50 14.41
CA ARG MA 146 -9.65 53.68 13.61
C ARG MA 146 -8.25 53.62 13.01
N ASP MA 147 -7.27 53.13 13.77
CA ASP MA 147 -5.95 52.92 13.20
C ASP MA 147 -5.92 51.75 12.23
N VAL MA 148 -6.82 50.78 12.44
CA VAL MA 148 -6.98 49.68 11.48
C VAL MA 148 -7.38 50.22 10.13
N VAL MA 149 -8.35 51.14 10.11
CA VAL MA 149 -8.83 51.66 8.84
C VAL MA 149 -7.82 52.62 8.23
N PHE MA 150 -7.10 53.40 9.04
CA PHE MA 150 -6.10 54.29 8.46
C PHE MA 150 -4.92 53.53 7.90
N ASN MA 151 -4.53 52.43 8.54
CA ASN MA 151 -3.45 51.63 7.98
C ASN MA 151 -3.90 50.88 6.74
N TYR MA 152 -5.16 50.43 6.71
CA TYR MA 152 -5.71 49.86 5.48
C TYR MA 152 -5.70 50.88 4.35
N LEU MA 153 -6.05 52.12 4.66
CA LEU MA 153 -6.12 53.16 3.65
C LEU MA 153 -4.75 53.48 3.08
N HIS MA 154 -3.74 53.65 3.96
CA HIS MA 154 -2.39 53.90 3.49
C HIS MA 154 -1.86 52.74 2.67
N ALA MA 155 -2.07 51.51 3.14
CA ALA MA 155 -1.52 50.35 2.45
C ALA MA 155 -2.21 50.09 1.13
N THR MA 156 -3.45 50.54 0.95
CA THR MA 156 -4.07 50.34 -0.34
C THR MA 156 -3.96 51.53 -1.28
N ALA MA 157 -3.62 52.71 -0.80
CA ALA MA 157 -3.52 53.84 -1.71
C ALA MA 157 -2.08 54.20 -2.05
N PHE MA 158 -1.10 53.68 -1.31
CA PHE MA 158 0.27 53.95 -1.68
C PHE MA 158 1.02 52.67 -2.00
N GLN MA 159 0.41 51.78 -2.79
CA GLN MA 159 0.87 50.40 -2.95
C GLN MA 159 2.27 50.33 -3.54
N GLY MA 160 3.02 49.33 -3.11
CA GLY MA 160 4.35 49.11 -3.69
C GLY MA 160 5.46 50.04 -3.25
N THR MA 161 5.21 51.34 -3.29
CA THR MA 161 6.11 52.32 -2.71
C THR MA 161 6.22 52.08 -1.20
N PRO MA 162 7.32 52.49 -0.57
CA PRO MA 162 7.49 52.21 0.87
C PRO MA 162 6.50 52.91 1.78
N LEU MA 163 5.69 53.84 1.27
CA LEU MA 163 4.75 54.52 2.13
C LEU MA 163 3.57 53.62 2.51
N ALA MA 164 3.34 52.54 1.76
CA ALA MA 164 2.31 51.59 2.16
C ALA MA 164 2.69 50.81 3.41
N GLN MA 165 3.96 50.81 3.77
CA GLN MA 165 4.40 50.15 4.98
C GLN MA 165 3.85 50.89 6.19
N SER MA 166 3.42 50.13 7.20
CA SER MA 166 2.79 50.74 8.35
C SER MA 166 3.85 51.28 9.31
N VAL MA 167 3.38 51.79 10.45
CA VAL MA 167 4.27 52.33 11.46
C VAL MA 167 5.05 51.22 12.16
N GLU MA 168 4.46 50.03 12.24
CA GLU MA 168 5.09 48.92 12.92
C GLU MA 168 5.44 47.76 12.01
N GLY MA 169 4.80 47.65 10.85
CA GLY MA 169 5.13 46.60 9.92
C GLY MA 169 4.62 45.25 10.37
N PRO MA 170 4.89 44.22 9.59
CA PRO MA 170 4.44 42.88 9.96
C PRO MA 170 5.19 42.34 11.15
N SER MA 171 4.57 41.36 11.80
CA SER MA 171 5.13 40.73 12.98
C SER MA 171 6.35 39.90 12.67
N GLU MA 172 6.53 39.49 11.42
CA GLU MA 172 7.69 38.68 11.06
C GLU MA 172 8.97 39.51 11.07
N ASN MA 173 8.89 40.77 10.64
CA ASN MA 173 10.00 41.68 10.80
C ASN MA 173 10.10 42.29 12.19
N VAL MA 174 9.26 41.85 13.12
CA VAL MA 174 9.45 42.16 14.52
C VAL MA 174 10.09 41.00 15.26
N ARG MA 175 9.74 39.77 14.91
CA ARG MA 175 10.32 38.61 15.54
C ARG MA 175 11.60 38.13 14.85
N LYS MA 176 12.20 38.96 13.99
CA LYS MA 176 13.45 38.59 13.36
C LYS MA 176 14.60 39.54 13.66
N LEU MA 177 14.34 40.71 14.22
CA LEU MA 177 15.36 41.73 14.35
C LEU MA 177 16.37 41.37 15.44
N SER MA 178 17.52 42.01 15.36
CA SER MA 178 18.56 41.91 16.38
C SER MA 178 19.28 43.24 16.47
N ARG MA 179 20.44 43.23 17.10
CA ARG MA 179 21.16 44.47 17.37
C ARG MA 179 21.77 45.07 16.10
N ALA MA 180 21.99 44.27 15.06
CA ALA MA 180 22.69 44.74 13.88
C ALA MA 180 21.81 45.70 13.07
N ASP MA 181 20.55 45.33 12.83
CA ASP MA 181 19.68 46.17 12.00
C ASP MA 181 19.29 47.44 12.74
N LEU MA 182 19.11 47.35 14.05
CA LEU MA 182 18.88 48.55 14.83
C LEU MA 182 20.10 49.44 14.86
N THR MA 183 21.30 48.84 14.87
CA THR MA 183 22.53 49.60 14.80
C THR MA 183 22.62 50.36 13.48
N GLU MA 184 22.30 49.68 12.38
CA GLU MA 184 22.37 50.32 11.07
C GLU MA 184 21.30 51.39 10.91
N TYR MA 185 20.12 51.17 11.48
CA TYR MA 185 19.07 52.19 11.45
C TYR MA 185 19.48 53.43 12.24
N LEU MA 186 20.00 53.22 13.45
CA LEU MA 186 20.46 54.33 14.29
C LEU MA 186 21.57 55.11 13.60
N SER MA 187 22.52 54.41 12.99
CA SER MA 187 23.63 55.10 12.35
C SER MA 187 23.18 55.79 11.07
N ARG MA 188 22.16 55.26 10.40
CA ARG MA 188 21.82 55.78 9.10
C ARG MA 188 20.87 56.96 9.19
N HIS MA 189 20.01 57.02 10.20
CA HIS MA 189 19.03 58.11 10.22
C HIS MA 189 19.23 59.15 11.31
N TYR MA 190 19.59 58.76 12.53
CA TYR MA 190 19.72 59.73 13.61
C TYR MA 190 21.01 60.52 13.42
N LYS MA 191 20.98 61.45 12.48
CA LYS MA 191 22.15 62.16 12.05
C LYS MA 191 21.88 63.65 12.12
N ALA MA 192 22.96 64.40 12.34
CA ALA MA 192 22.86 65.79 12.75
C ALA MA 192 22.20 66.76 11.78
N PRO MA 193 22.39 66.72 10.45
CA PRO MA 193 21.73 67.74 9.62
C PRO MA 193 20.25 67.55 9.43
N ARG MA 194 19.67 66.44 9.85
CA ARG MA 194 18.24 66.24 9.69
C ARG MA 194 17.51 66.23 11.03
N MET MA 195 18.12 66.73 12.08
CA MET MA 195 17.45 66.84 13.35
C MET MA 195 17.43 68.28 13.85
N VAL MA 196 16.32 68.60 14.51
CA VAL MA 196 15.93 69.97 14.82
C VAL MA 196 15.60 70.03 16.30
N LEU MA 197 16.40 70.80 17.05
CA LEU MA 197 16.16 71.04 18.46
C LEU MA 197 15.23 72.23 18.61
N ALA MA 198 13.99 71.96 18.98
CA ALA MA 198 12.99 73.01 19.13
C ALA MA 198 12.60 73.14 20.59
N ALA MA 199 12.52 74.38 21.07
CA ALA MA 199 12.06 74.62 22.43
C ALA MA 199 11.13 75.82 22.45
N ALA MA 200 10.21 75.81 23.41
CA ALA MA 200 9.27 76.91 23.55
C ALA MA 200 8.94 77.10 25.02
N GLY MA 201 8.85 78.34 25.43
CA GLY MA 201 8.49 78.65 26.80
C GLY MA 201 9.43 79.67 27.39
N GLY MA 202 9.46 79.72 28.71
CA GLY MA 202 10.23 80.74 29.41
C GLY MA 202 11.72 80.53 29.37
N LEU MA 203 12.31 80.68 28.19
CA LEU MA 203 13.73 80.46 28.00
C LEU MA 203 14.24 81.47 26.98
N GLU MA 204 15.56 81.58 26.89
CA GLU MA 204 16.22 82.55 26.03
C GLU MA 204 16.98 81.83 24.92
N HIS MA 205 16.94 82.41 23.73
CA HIS MA 205 17.57 81.80 22.57
C HIS MA 205 19.09 81.81 22.70
N ARG MA 206 19.62 82.80 23.43
CA ARG MA 206 20.99 82.73 23.92
C ARG MA 206 21.25 81.45 24.68
N GLN MA 207 20.40 81.18 25.68
CA GLN MA 207 20.65 80.10 26.61
C GLN MA 207 20.48 78.75 25.95
N LEU MA 208 19.51 78.64 25.03
CA LEU MA 208 19.35 77.39 24.31
C LEU MA 208 20.47 77.18 23.30
N LEU MA 209 20.95 78.26 22.66
CA LEU MA 209 22.09 78.12 21.76
C LEU MA 209 23.33 77.69 22.52
N ASP MA 210 23.51 78.24 23.73
CA ASP MA 210 24.61 77.86 24.61
C ASP MA 210 24.52 76.39 24.99
N LEU MA 211 23.33 75.93 25.40
CA LEU MA 211 23.23 74.57 25.87
C LEU MA 211 23.28 73.58 24.71
N ALA MA 212 22.79 73.97 23.54
CA ALA MA 212 22.93 73.12 22.36
C ALA MA 212 24.38 72.99 21.94
N GLN MA 213 25.13 74.09 22.03
CA GLN MA 213 26.56 74.04 21.73
C GLN MA 213 27.31 73.20 22.75
N LYS MA 214 26.88 73.24 24.01
CA LYS MA 214 27.55 72.44 25.03
C LYS MA 214 27.25 70.96 24.89
N HIS MA 215 26.04 70.59 24.47
CA HIS MA 215 25.67 69.18 24.45
C HIS MA 215 25.65 68.56 23.05
N PHE MA 216 24.85 69.11 22.13
CA PHE MA 216 24.66 68.44 20.84
C PHE MA 216 25.86 68.55 19.90
N SER MA 217 26.89 69.32 20.24
CA SER MA 217 28.04 69.41 19.37
C SER MA 217 28.81 68.10 19.39
N GLY MA 218 29.37 67.74 18.23
CA GLY MA 218 30.03 66.46 18.11
C GLY MA 218 29.09 65.28 18.12
N LEU MA 219 27.86 65.47 17.63
CA LEU MA 219 26.90 64.36 17.64
C LEU MA 219 27.12 63.45 16.43
N SER MA 220 26.96 63.97 15.23
CA SER MA 220 27.08 63.22 13.98
C SER MA 220 27.21 64.22 12.84
N GLY MA 221 27.03 63.74 11.60
CA GLY MA 221 27.04 64.62 10.45
C GLY MA 221 27.59 64.00 9.18
N THR MA 222 28.11 62.79 9.28
CA THR MA 222 28.75 62.11 8.15
C THR MA 222 28.13 60.73 8.01
N TYR MA 223 27.60 60.43 6.83
CA TYR MA 223 27.00 59.11 6.63
C TYR MA 223 28.09 58.04 6.50
N ASP MA 224 27.67 56.79 6.62
CA ASP MA 224 28.62 55.68 6.79
C ASP MA 224 29.38 55.40 5.50
N GLU MA 225 28.68 54.92 4.48
CA GLU MA 225 29.30 54.49 3.25
C GLU MA 225 28.70 55.25 2.09
N ASP MA 226 28.43 56.53 2.35
CA ASP MA 226 27.71 57.44 1.46
C ASP MA 226 26.31 56.92 1.13
N ALA MA 227 25.67 56.27 2.10
CA ALA MA 227 24.35 55.68 1.88
C ALA MA 227 23.30 56.69 2.35
N VAL MA 228 22.98 57.64 1.48
CA VAL MA 228 22.01 58.68 1.80
C VAL MA 228 20.60 58.26 1.38
N PRO MA 229 19.65 58.20 2.30
CA PRO MA 229 18.26 57.95 1.90
C PRO MA 229 17.67 59.20 1.26
N THR MA 230 16.72 58.98 0.35
CA THR MA 230 16.13 60.07 -0.39
C THR MA 230 14.69 59.72 -0.71
N LEU MA 231 13.80 60.71 -0.59
CA LEU MA 231 12.40 60.55 -0.93
C LEU MA 231 12.27 60.40 -2.44
N THR MA 232 12.01 59.20 -2.90
CA THR MA 232 11.46 59.19 -4.24
C THR MA 232 9.96 59.47 -4.18
N PRO MA 233 9.41 60.10 -5.21
CA PRO MA 233 7.95 60.33 -5.22
C PRO MA 233 7.18 59.03 -5.27
N CYS MA 234 5.97 59.08 -4.75
CA CYS MA 234 5.11 57.91 -4.64
C CYS MA 234 3.86 58.08 -5.49
N ARG MA 235 3.13 56.99 -5.62
CA ARG MA 235 2.05 56.88 -6.59
C ARG MA 235 0.74 56.65 -5.86
N PHE MA 236 -0.15 57.61 -5.94
CA PHE MA 236 -1.50 57.42 -5.43
C PHE MA 236 -2.26 56.54 -6.41
N THR MA 237 -2.36 55.26 -6.10
CA THR MA 237 -2.89 54.29 -7.05
C THR MA 237 -4.39 54.46 -7.25
N GLY MA 238 -5.16 54.30 -6.20
CA GLY MA 238 -6.59 54.49 -6.32
C GLY MA 238 -7.27 53.16 -6.53
N SER MA 239 -7.91 52.67 -5.49
CA SER MA 239 -8.34 51.27 -5.44
C SER MA 239 -9.21 51.11 -4.21
N GLU MA 240 -9.56 49.86 -3.89
CA GLU MA 240 -10.35 49.66 -2.70
C GLU MA 240 -10.05 48.31 -2.09
N ILE MA 241 -10.14 48.29 -0.76
CA ILE MA 241 -10.09 47.08 0.04
C ILE MA 241 -11.28 47.09 0.98
N ARG MA 242 -12.02 46.01 1.00
CA ARG MA 242 -13.05 45.84 1.99
C ARG MA 242 -12.74 44.63 2.83
N HIS MA 243 -12.85 44.78 4.13
CA HIS MA 243 -12.56 43.71 5.06
C HIS MA 243 -13.89 43.37 5.72
N ARG MA 244 -14.55 42.37 5.17
CA ARG MA 244 -15.84 41.95 5.67
C ARG MA 244 -15.62 41.09 6.89
N GLU MA 245 -16.23 41.54 7.99
CA GLU MA 245 -16.22 40.93 9.32
C GLU MA 245 -17.55 41.34 9.96
N ASP MA 246 -18.55 40.48 9.81
CA ASP MA 246 -19.91 40.82 10.25
C ASP MA 246 -20.13 40.71 11.74
N GLY MA 247 -19.15 40.22 12.49
CA GLY MA 247 -19.29 40.14 13.93
C GLY MA 247 -18.83 41.39 14.63
N LEU MA 248 -19.32 42.54 14.18
CA LEU MA 248 -18.99 43.85 14.72
C LEU MA 248 -20.25 44.69 14.75
N PRO MA 249 -20.37 45.59 15.71
CA PRO MA 249 -21.61 46.36 15.83
C PRO MA 249 -21.72 47.51 14.85
N LEU MA 250 -20.60 48.13 14.48
CA LEU MA 250 -20.61 49.26 13.58
C LEU MA 250 -19.68 49.00 12.41
N ALA MA 251 -19.82 49.82 11.37
CA ALA MA 251 -19.03 49.71 10.17
C ALA MA 251 -18.20 50.96 9.99
N HIS MA 252 -16.93 50.78 9.65
CA HIS MA 252 -16.00 51.87 9.45
C HIS MA 252 -15.73 52.03 7.96
N VAL MA 253 -15.84 53.26 7.46
CA VAL MA 253 -15.61 53.54 6.06
C VAL MA 253 -14.64 54.71 5.99
N ALA MA 254 -13.65 54.61 5.12
CA ALA MA 254 -12.84 55.75 4.73
C ALA MA 254 -12.78 55.83 3.22
N ILE MA 255 -12.82 57.05 2.70
CA ILE MA 255 -12.66 57.28 1.28
C ILE MA 255 -11.74 58.48 1.09
N ALA MA 256 -10.73 58.33 0.24
CA ALA MA 256 -9.66 59.31 0.16
C ALA MA 256 -9.34 59.60 -1.29
N VAL MA 257 -8.86 60.81 -1.54
CA VAL MA 257 -8.39 61.20 -2.87
C VAL MA 257 -7.00 61.82 -2.76
N GLU MA 258 -6.55 62.37 -3.90
CA GLU MA 258 -5.17 62.77 -4.20
C GLU MA 258 -4.54 63.65 -3.13
N GLY MA 259 -3.21 63.69 -3.12
CA GLY MA 259 -2.47 64.51 -2.20
C GLY MA 259 -2.10 65.86 -2.76
N PRO MA 260 -2.22 66.90 -1.94
CA PRO MA 260 -1.80 68.24 -2.38
C PRO MA 260 -0.33 68.52 -2.09
N GLY MA 261 0.24 67.81 -1.13
CA GLY MA 261 1.62 68.07 -0.74
C GLY MA 261 1.72 69.05 0.41
N TRP MA 262 2.69 69.94 0.36
CA TRP MA 262 2.82 70.95 1.42
C TRP MA 262 2.93 72.36 0.88
N ALA MA 263 3.61 72.56 -0.24
CA ALA MA 263 4.10 73.89 -0.59
C ALA MA 263 3.01 74.79 -1.17
N ASN MA 264 2.15 74.21 -2.01
CA ASN MA 264 1.18 74.98 -2.76
C ASN MA 264 0.12 75.63 -1.85
N PRO MA 265 -0.46 76.75 -2.28
CA PRO MA 265 -1.60 77.34 -1.54
C PRO MA 265 -2.91 76.58 -1.72
N ASP MA 266 -2.89 75.55 -2.55
CA ASP MA 266 -3.95 74.56 -2.58
C ASP MA 266 -4.15 73.90 -1.23
N ASN MA 267 -3.09 73.80 -0.42
CA ASN MA 267 -3.22 73.35 0.95
C ASN MA 267 -4.14 74.26 1.74
N VAL MA 268 -4.02 75.58 1.55
CA VAL MA 268 -4.90 76.53 2.22
C VAL MA 268 -6.34 76.35 1.74
N ALA MA 269 -6.53 76.23 0.42
CA ALA MA 269 -7.88 76.10 -0.12
C ALA MA 269 -8.57 74.82 0.34
N LEU MA 270 -7.84 73.70 0.35
CA LEU MA 270 -8.42 72.45 0.79
C LEU MA 270 -8.62 72.41 2.30
N GLN MA 271 -7.80 73.14 3.07
CA GLN MA 271 -8.12 73.26 4.49
C GLN MA 271 -9.40 74.06 4.71
N VAL MA 272 -9.68 75.04 3.85
CA VAL MA 272 -10.96 75.74 3.96
C VAL MA 272 -12.12 74.81 3.65
N ALA MA 273 -11.99 73.99 2.60
CA ALA MA 273 -13.07 73.08 2.25
C ALA MA 273 -13.27 71.99 3.29
N ASN MA 274 -12.18 71.48 3.87
CA ASN MA 274 -12.35 70.52 4.95
C ASN MA 274 -12.88 71.18 6.21
N ALA MA 275 -12.65 72.48 6.39
CA ALA MA 275 -13.31 73.15 7.51
C ALA MA 275 -14.80 73.23 7.26
N ILE MA 276 -15.20 73.35 5.99
CA ILE MA 276 -16.63 73.33 5.67
C ILE MA 276 -17.22 71.96 5.98
N ILE MA 277 -16.47 70.87 5.73
CA ILE MA 277 -17.08 69.57 6.03
C ILE MA 277 -16.73 69.08 7.43
N GLY MA 278 -15.44 68.78 7.73
CA GLY MA 278 -15.06 68.77 9.15
C GLY MA 278 -15.59 67.57 9.90
N HIS MA 279 -16.11 67.83 11.09
CA HIS MA 279 -16.47 66.74 11.98
C HIS MA 279 -17.94 66.80 12.34
N TYR MA 280 -18.44 65.63 12.72
CA TYR MA 280 -19.66 65.48 13.48
C TYR MA 280 -19.57 64.19 14.29
N ASP MA 281 -20.07 64.23 15.51
CA ASP MA 281 -20.35 63.04 16.28
C ASP MA 281 -21.72 63.19 16.90
N CYS MA 282 -22.41 62.05 17.10
CA CYS MA 282 -23.75 61.99 17.65
C CYS MA 282 -23.88 62.49 19.09
N THR MA 283 -22.78 62.85 19.75
CA THR MA 283 -22.83 63.39 21.09
C THR MA 283 -22.78 64.91 21.10
N TYR MA 284 -23.38 65.56 20.11
CA TYR MA 284 -23.41 67.02 20.10
C TYR MA 284 -24.82 67.51 20.39
N GLY MA 285 -24.90 68.81 20.68
CA GLY MA 285 -26.17 69.44 20.99
C GLY MA 285 -26.62 70.31 19.84
N GLY MA 286 -27.93 70.47 19.71
CA GLY MA 286 -28.50 71.18 18.59
C GLY MA 286 -28.31 70.41 17.31
N GLY MA 287 -28.97 69.25 17.21
CA GLY MA 287 -28.71 68.37 16.09
C GLY MA 287 -29.31 68.89 14.80
N MET MA 288 -30.51 69.44 14.87
CA MET MA 288 -31.25 69.78 13.66
C MET MA 288 -30.92 71.16 13.13
N HIS MA 289 -29.85 71.80 13.59
CA HIS MA 289 -29.68 73.20 13.25
C HIS MA 289 -28.25 73.56 12.89
N LEU MA 290 -27.41 72.59 12.59
CA LEU MA 290 -26.02 72.90 12.29
C LEU MA 290 -25.90 73.47 10.88
N SER MA 291 -24.78 74.16 10.62
CA SER MA 291 -24.63 74.83 9.34
C SER MA 291 -24.09 73.91 8.26
N SER MA 292 -23.30 72.91 8.64
CA SER MA 292 -22.74 71.99 7.65
C SER MA 292 -23.84 71.08 7.15
N PRO MA 293 -24.18 71.12 5.85
CA PRO MA 293 -25.40 70.46 5.37
C PRO MA 293 -25.32 68.95 5.43
N LEU MA 294 -24.11 68.40 5.38
CA LEU MA 294 -23.92 66.97 5.58
C LEU MA 294 -24.41 66.55 6.96
N ALA MA 295 -24.00 67.28 7.99
CA ALA MA 295 -24.47 67.01 9.34
C ALA MA 295 -25.97 67.28 9.48
N SER MA 296 -26.48 68.27 8.74
CA SER MA 296 -27.91 68.57 8.75
C SER MA 296 -28.73 67.37 8.27
N VAL MA 297 -28.36 66.83 7.11
CA VAL MA 297 -29.11 65.71 6.54
C VAL MA 297 -28.88 64.44 7.34
N ALA MA 298 -27.65 64.26 7.85
CA ALA MA 298 -27.33 63.06 8.61
C ALA MA 298 -28.07 63.01 9.94
N VAL MA 299 -28.24 64.14 10.61
CA VAL MA 299 -29.01 64.13 11.85
C VAL MA 299 -30.50 64.07 11.52
N THR MA 300 -30.92 64.74 10.45
CA THR MA 300 -32.32 64.76 10.04
C THR MA 300 -32.82 63.35 9.69
N ASN MA 301 -31.94 62.50 9.18
CA ASN MA 301 -32.38 61.19 8.74
C ASN MA 301 -31.66 60.03 9.43
N LYS MA 302 -30.83 60.31 10.45
CA LYS MA 302 -30.30 59.32 11.39
C LYS MA 302 -29.44 58.27 10.70
N LEU MA 303 -28.47 58.73 9.92
CA LEU MA 303 -27.69 57.81 9.11
C LEU MA 303 -26.39 57.39 9.80
N CYS MA 304 -25.54 58.34 10.13
CA CYS MA 304 -24.20 58.03 10.60
C CYS MA 304 -24.10 58.23 12.11
N GLN MA 305 -23.15 57.53 12.71
CA GLN MA 305 -22.78 57.81 14.09
C GLN MA 305 -21.74 58.91 14.17
N SER MA 306 -20.73 58.89 13.31
CA SER MA 306 -19.74 59.95 13.35
C SER MA 306 -19.04 60.05 12.00
N PHE MA 307 -18.50 61.24 11.72
CA PHE MA 307 -17.52 61.37 10.66
C PHE MA 307 -16.52 62.45 11.00
N GLN MA 308 -15.29 62.24 10.56
CA GLN MA 308 -14.31 63.30 10.44
C GLN MA 308 -13.84 63.34 9.00
N THR MA 309 -13.73 64.55 8.47
CA THR MA 309 -13.43 64.79 7.07
C THR MA 309 -12.36 65.86 7.06
N PHE MA 310 -11.20 65.48 6.52
CA PHE MA 310 -9.89 65.75 7.10
C PHE MA 310 -8.84 65.71 6.00
N ASN MA 311 -7.60 65.92 6.41
CA ASN MA 311 -6.50 66.13 5.47
C ASN MA 311 -5.22 65.62 6.13
N ILE MA 312 -4.43 64.85 5.39
CA ILE MA 312 -3.11 64.42 5.86
C ILE MA 312 -2.14 64.65 4.72
N CYS MA 313 -0.99 65.24 5.02
CA CYS MA 313 0.00 65.54 4.00
C CYS MA 313 1.32 64.88 4.32
N TYR MA 314 1.94 64.31 3.30
CA TYR MA 314 3.31 63.80 3.36
C TYR MA 314 4.12 64.56 2.32
N ALA MA 315 5.39 64.17 2.19
CA ALA MA 315 6.36 64.96 1.43
C ALA MA 315 6.00 64.94 -0.05
N ASP MA 316 5.31 66.01 -0.45
CA ASP MA 316 4.74 66.19 -1.79
C ASP MA 316 3.79 65.06 -2.18
N THR MA 317 2.98 64.62 -1.21
CA THR MA 317 1.84 63.74 -1.49
C THR MA 317 0.87 63.84 -0.31
N GLY MA 318 -0.13 62.99 -0.28
CA GLY MA 318 -1.01 62.95 0.88
C GLY MA 318 -2.35 62.33 0.56
N LEU MA 319 -3.24 62.46 1.54
CA LEU MA 319 -4.59 61.91 1.45
C LEU MA 319 -5.57 63.00 1.83
N LEU MA 320 -6.45 63.35 0.90
CA LEU MA 320 -7.58 64.21 1.19
C LEU MA 320 -8.73 63.30 1.57
N GLY MA 321 -9.03 63.20 2.86
CA GLY MA 321 -9.85 62.08 3.25
C GLY MA 321 -11.18 62.41 3.88
N ALA MA 322 -12.05 61.40 3.94
CA ALA MA 322 -13.29 61.44 4.69
C ALA MA 322 -13.47 60.08 5.36
N HIS MA 323 -14.10 60.09 6.52
CA HIS MA 323 -14.06 58.94 7.41
C HIS MA 323 -15.35 58.93 8.21
N PHE MA 324 -16.22 57.96 7.97
CA PHE MA 324 -17.43 57.88 8.76
C PHE MA 324 -17.64 56.48 9.31
N VAL MA 325 -18.12 56.44 10.54
CA VAL MA 325 -18.48 55.22 11.23
C VAL MA 325 -19.99 55.25 11.36
N CYS MA 326 -20.65 54.21 10.87
CA CYS MA 326 -22.10 54.23 10.85
C CYS MA 326 -22.64 52.82 11.02
N ASP MA 327 -23.95 52.77 11.23
CA ASP MA 327 -24.68 51.52 11.34
C ASP MA 327 -24.70 50.80 10.00
N HIS MA 328 -24.79 49.47 10.06
CA HIS MA 328 -24.62 48.65 8.85
C HIS MA 328 -25.80 48.75 7.90
N MET MA 329 -26.85 49.49 8.22
CA MET MA 329 -27.97 49.62 7.31
C MET MA 329 -28.08 51.01 6.71
N SER MA 330 -27.11 51.87 6.94
CA SER MA 330 -27.23 53.22 6.41
C SER MA 330 -25.90 53.70 5.82
N ILE MA 331 -25.24 52.84 5.06
CA ILE MA 331 -23.96 53.23 4.47
C ILE MA 331 -24.17 54.07 3.21
N ASP MA 332 -24.95 53.55 2.26
CA ASP MA 332 -25.00 54.17 0.94
C ASP MA 332 -25.72 55.51 0.94
N ASP MA 333 -26.67 55.69 1.86
CA ASP MA 333 -27.33 56.98 1.99
C ASP MA 333 -26.34 58.05 2.43
N MET MA 334 -25.53 57.71 3.44
CA MET MA 334 -24.46 58.59 3.90
C MET MA 334 -23.46 58.85 2.78
N MET MA 335 -23.17 57.83 1.98
CA MET MA 335 -22.21 57.97 0.90
C MET MA 335 -22.72 58.93 -0.17
N PHE MA 336 -24.00 58.84 -0.48
CA PHE MA 336 -24.62 59.73 -1.46
C PHE MA 336 -24.63 61.16 -0.97
N VAL MA 337 -24.98 61.38 0.30
CA VAL MA 337 -25.04 62.75 0.80
C VAL MA 337 -23.63 63.34 0.91
N LEU MA 338 -22.64 62.50 1.17
CA LEU MA 338 -21.25 62.94 1.17
C LEU MA 338 -20.81 63.40 -0.21
N GLN MA 339 -21.10 62.60 -1.23
CA GLN MA 339 -20.68 63.00 -2.57
C GLN MA 339 -21.51 64.16 -3.11
N GLY MA 340 -22.75 64.30 -2.64
CA GLY MA 340 -23.52 65.48 -2.99
C GLY MA 340 -22.95 66.75 -2.40
N GLN MA 341 -22.44 66.67 -1.16
CA GLN MA 341 -21.75 67.82 -0.57
C GLN MA 341 -20.49 68.17 -1.34
N TRP MA 342 -19.69 67.16 -1.71
CA TRP MA 342 -18.49 67.42 -2.51
C TRP MA 342 -18.81 68.09 -3.83
N MET MA 343 -19.86 67.64 -4.52
CA MET MA 343 -20.14 68.24 -5.81
C MET MA 343 -20.79 69.61 -5.69
N ARG MA 344 -21.57 69.87 -4.64
CA ARG MA 344 -22.10 71.20 -4.44
C ARG MA 344 -20.98 72.19 -4.16
N LEU MA 345 -19.92 71.75 -3.47
CA LEU MA 345 -18.74 72.59 -3.39
C LEU MA 345 -18.12 72.80 -4.75
N CYS MA 346 -17.98 71.74 -5.53
CA CYS MA 346 -17.16 71.84 -6.72
C CYS MA 346 -17.84 72.55 -7.88
N THR MA 347 -19.14 72.82 -7.80
CA THR MA 347 -19.74 73.59 -8.89
C THR MA 347 -20.47 74.84 -8.47
N SER MA 348 -21.01 74.89 -7.25
CA SER MA 348 -21.91 75.98 -6.87
C SER MA 348 -21.40 76.65 -5.61
N ALA MA 349 -20.14 77.06 -5.63
CA ALA MA 349 -19.52 77.73 -4.50
C ALA MA 349 -20.17 79.09 -4.22
N THR MA 350 -20.94 79.16 -3.13
CA THR MA 350 -21.59 80.39 -2.72
C THR MA 350 -20.59 81.26 -1.95
N GLU MA 351 -21.08 82.24 -1.20
CA GLU MA 351 -20.20 83.07 -0.40
C GLU MA 351 -20.23 82.71 1.08
N SER MA 352 -21.41 82.39 1.62
CA SER MA 352 -21.57 82.19 3.06
C SER MA 352 -20.83 80.95 3.55
N GLU MA 353 -20.78 79.91 2.72
CA GLU MA 353 -20.00 78.74 3.07
C GLU MA 353 -18.51 79.06 3.09
N VAL MA 354 -18.05 79.98 2.24
CA VAL MA 354 -16.66 80.38 2.27
C VAL MA 354 -16.37 81.22 3.50
N VAL MA 355 -17.33 82.05 3.91
CA VAL MA 355 -17.19 82.87 5.11
C VAL MA 355 -17.04 81.98 6.34
N ARG MA 356 -17.92 81.00 6.46
CA ARG MA 356 -17.85 80.10 7.60
C ARG MA 356 -16.59 79.25 7.56
N GLY MA 357 -16.15 78.85 6.37
CA GLY MA 357 -14.93 78.06 6.26
C GLY MA 357 -13.70 78.84 6.67
N LYS MA 358 -13.62 80.10 6.26
CA LYS MA 358 -12.48 80.93 6.62
C LYS MA 358 -12.43 81.21 8.11
N ASN MA 359 -13.57 81.56 8.71
CA ASN MA 359 -13.52 81.86 10.12
C ASN MA 359 -13.34 80.62 10.98
N LEU MA 360 -13.88 79.48 10.54
CA LEU MA 360 -13.60 78.21 11.21
C LEU MA 360 -12.13 77.85 11.13
N LEU MA 361 -11.50 78.12 10.00
CA LEU MA 361 -10.10 77.75 9.86
C LEU MA 361 -9.21 78.67 10.68
N ARG MA 362 -9.55 79.96 10.73
CA ARG MA 362 -8.83 80.88 11.61
C ARG MA 362 -8.94 80.45 13.06
N ASN MA 363 -10.16 80.11 13.50
CA ASN MA 363 -10.38 79.73 14.89
C ASN MA 363 -9.66 78.44 15.22
N ALA MA 364 -9.73 77.45 14.33
CA ALA MA 364 -9.06 76.18 14.55
C ALA MA 364 -7.55 76.34 14.60
N LEU MA 365 -6.99 77.20 13.74
CA LEU MA 365 -5.54 77.36 13.70
C LEU MA 365 -5.02 78.10 14.92
N VAL MA 366 -5.66 79.22 15.27
CA VAL MA 366 -5.18 80.01 16.39
C VAL MA 366 -5.42 79.30 17.72
N SER MA 367 -6.57 78.63 17.86
CA SER MA 367 -6.78 77.82 19.05
C SER MA 367 -5.93 76.57 19.05
N HIS MA 368 -5.45 76.12 17.90
CA HIS MA 368 -4.55 74.98 17.85
C HIS MA 368 -3.16 75.38 18.31
N LEU MA 369 -2.80 76.64 18.16
CA LEU MA 369 -1.54 77.12 18.75
C LEU MA 369 -1.78 77.69 20.15
N ASP MA 370 -2.31 76.84 21.02
CA ASP MA 370 -2.54 77.16 22.42
C ASP MA 370 -1.55 76.41 23.28
N GLY MA 371 -1.25 76.98 24.44
CA GLY MA 371 -0.28 76.36 25.30
C GLY MA 371 1.13 76.50 24.73
N THR MA 372 1.95 75.51 25.01
CA THR MA 372 3.33 75.49 24.54
C THR MA 372 3.66 74.28 23.69
N THR MA 373 3.22 73.09 24.09
CA THR MA 373 3.51 71.85 23.37
C THR MA 373 2.97 71.83 21.93
N PRO MA 374 1.72 72.26 21.62
CA PRO MA 374 1.35 72.34 20.21
C PRO MA 374 2.12 73.39 19.43
N VAL MA 375 2.54 74.47 20.09
CA VAL MA 375 3.33 75.48 19.41
C VAL MA 375 4.70 74.92 19.03
N CYS MA 376 5.34 74.21 19.96
CA CYS MA 376 6.64 73.65 19.67
C CYS MA 376 6.55 72.49 18.67
N GLU MA 377 5.44 71.76 18.69
CA GLU MA 377 5.21 70.72 17.70
C GLU MA 377 5.03 71.30 16.32
N ASP MA 378 4.31 72.41 16.23
CA ASP MA 378 4.17 73.12 14.97
C ASP MA 378 5.51 73.65 14.47
N ILE MA 379 6.37 74.12 15.38
CA ILE MA 379 7.69 74.61 14.98
C ILE MA 379 8.53 73.48 14.40
N GLY MA 380 8.51 72.31 15.06
CA GLY MA 380 9.28 71.18 14.57
C GLY MA 380 8.81 70.68 13.21
N ARG MA 381 7.51 70.44 13.07
CA ARG MA 381 6.98 69.99 11.78
C ARG MA 381 7.06 71.07 10.72
N SER MA 382 7.16 72.33 11.11
CA SER MA 382 7.28 73.38 10.12
C SER MA 382 8.70 73.47 9.58
N LEU MA 383 9.71 73.37 10.46
CA LEU MA 383 11.06 73.38 9.91
C LEU MA 383 11.47 72.05 9.30
N LEU MA 384 10.69 70.98 9.48
CA LEU MA 384 10.99 69.81 8.67
C LEU MA 384 10.35 69.93 7.28
N THR MA 385 9.07 70.25 7.22
CA THR MA 385 8.37 70.24 5.94
C THR MA 385 8.62 71.51 5.15
N TYR MA 386 8.23 72.66 5.72
CA TYR MA 386 8.49 73.92 5.05
C TYR MA 386 9.95 74.32 5.09
N GLY MA 387 10.69 73.85 6.10
CA GLY MA 387 12.00 74.38 6.41
C GLY MA 387 11.97 75.61 7.31
N ARG MA 388 10.79 76.15 7.57
CA ARG MA 388 10.63 77.35 8.38
C ARG MA 388 9.24 77.32 8.98
N ARG MA 389 9.07 78.05 10.07
CA ARG MA 389 7.74 78.20 10.64
C ARG MA 389 7.07 79.36 9.92
N ILE MA 390 5.89 79.09 9.37
CA ILE MA 390 5.17 80.15 8.66
C ILE MA 390 4.26 80.82 9.69
N PRO MA 391 4.33 82.15 9.82
CA PRO MA 391 3.61 82.82 10.91
C PRO MA 391 2.13 82.95 10.63
N LEU MA 392 1.40 83.34 11.68
CA LEU MA 392 -0.06 83.43 11.61
C LEU MA 392 -0.49 84.60 10.75
N ALA MA 393 0.35 85.63 10.66
CA ALA MA 393 0.08 86.72 9.73
C ALA MA 393 0.15 86.23 8.29
N GLU MA 394 1.05 85.27 8.01
CA GLU MA 394 1.15 84.77 6.65
C GLU MA 394 -0.01 83.85 6.31
N TRP MA 395 -0.46 83.03 7.28
CA TRP MA 395 -1.70 82.29 7.08
C TRP MA 395 -2.88 83.23 6.89
N GLU MA 396 -2.88 84.37 7.58
CA GLU MA 396 -3.95 85.34 7.44
C GLU MA 396 -3.95 85.97 6.06
N SER MA 397 -2.76 86.23 5.51
CA SER MA 397 -2.66 86.72 4.15
C SER MA 397 -3.14 85.68 3.14
N ARG MA 398 -2.83 84.40 3.38
CA ARG MA 398 -3.32 83.34 2.49
C ARG MA 398 -4.83 83.22 2.53
N ILE MA 399 -5.43 83.35 3.71
CA ILE MA 399 -6.89 83.30 3.83
C ILE MA 399 -7.52 84.50 3.16
N ALA MA 400 -6.88 85.67 3.29
CA ALA MA 400 -7.38 86.88 2.64
C ALA MA 400 -7.28 86.77 1.12
N GLU MA 401 -6.29 86.03 0.61
CA GLU MA 401 -6.15 85.82 -0.82
C GLU MA 401 -7.12 84.78 -1.38
N VAL MA 402 -8.11 84.33 -0.62
CA VAL MA 402 -9.02 83.27 -1.06
C VAL MA 402 -10.44 83.75 -0.93
N ASP MA 403 -11.16 83.79 -2.05
CA ASP MA 403 -12.62 83.87 -2.11
C ASP MA 403 -13.12 82.61 -2.79
N ALA MA 404 -14.41 82.60 -3.14
CA ALA MA 404 -15.08 81.38 -3.59
C ALA MA 404 -14.51 80.82 -4.88
N ARG MA 405 -13.92 81.66 -5.73
CA ARG MA 405 -13.48 81.20 -7.05
C ARG MA 405 -12.27 80.29 -6.94
N VAL MA 406 -11.35 80.61 -6.04
CA VAL MA 406 -10.19 79.75 -5.83
C VAL MA 406 -10.61 78.41 -5.28
N VAL MA 407 -11.61 78.40 -4.39
CA VAL MA 407 -12.08 77.15 -3.79
C VAL MA 407 -12.76 76.28 -4.83
N ARG MA 408 -13.63 76.87 -5.65
CA ARG MA 408 -14.31 76.06 -6.65
C ARG MA 408 -13.35 75.57 -7.73
N GLU MA 409 -12.31 76.34 -8.05
CA GLU MA 409 -11.37 75.88 -9.07
C GLU MA 409 -10.45 74.77 -8.55
N VAL MA 410 -9.90 74.94 -7.34
CA VAL MA 410 -8.97 73.93 -6.85
C VAL MA 410 -9.72 72.68 -6.44
N CYS MA 411 -10.95 72.82 -5.93
CA CYS MA 411 -11.75 71.65 -5.63
C CYS MA 411 -12.25 70.98 -6.90
N SER MA 412 -12.39 71.73 -7.99
CA SER MA 412 -12.62 71.07 -9.26
C SER MA 412 -11.36 70.39 -9.78
N LYS MA 413 -10.19 70.78 -9.29
CA LYS MA 413 -8.99 70.05 -9.66
C LYS MA 413 -8.82 68.77 -8.87
N TYR MA 414 -9.12 68.80 -7.57
CA TYR MA 414 -8.75 67.69 -6.70
C TYR MA 414 -9.90 66.78 -6.32
N PHE MA 415 -11.15 67.25 -6.35
CA PHE MA 415 -12.23 66.29 -6.15
C PHE MA 415 -12.76 65.75 -7.46
N TYR MA 416 -12.93 66.62 -8.43
CA TYR MA 416 -13.88 66.40 -9.50
C TYR MA 416 -13.29 65.41 -10.49
N ASP MA 417 -13.83 64.20 -10.47
CA ASP MA 417 -13.46 63.09 -11.34
C ASP MA 417 -11.99 62.71 -11.14
N GLN MA 418 -11.70 62.22 -9.95
CA GLN MA 418 -10.48 61.49 -9.68
C GLN MA 418 -10.84 60.05 -9.37
N CYS MA 419 -9.82 59.22 -9.19
CA CYS MA 419 -10.01 57.82 -8.85
C CYS MA 419 -9.77 57.65 -7.37
N PRO MA 420 -10.79 57.44 -6.55
CA PRO MA 420 -10.61 57.41 -5.11
C PRO MA 420 -9.96 56.12 -4.62
N ALA MA 421 -9.80 56.06 -3.31
CA ALA MA 421 -9.44 54.84 -2.62
C ALA MA 421 -10.44 54.66 -1.50
N VAL MA 422 -10.94 53.44 -1.35
CA VAL MA 422 -11.98 53.13 -0.40
C VAL MA 422 -11.50 52.00 0.48
N ALA MA 423 -11.44 52.25 1.78
CA ALA MA 423 -11.06 51.22 2.72
C ALA MA 423 -12.20 51.03 3.70
N GLY MA 424 -12.77 49.82 3.73
CA GLY MA 424 -13.92 49.54 4.55
C GLY MA 424 -13.63 48.39 5.50
N PHE MA 425 -14.28 48.43 6.67
CA PHE MA 425 -14.03 47.42 7.69
C PHE MA 425 -15.27 47.16 8.51
N GLY MA 426 -15.75 45.92 8.49
CA GLY MA 426 -16.84 45.54 9.34
C GLY MA 426 -17.98 44.87 8.62
N PRO MA 427 -19.21 45.18 9.03
CA PRO MA 427 -20.43 44.78 8.31
C PRO MA 427 -20.71 45.70 7.13
N ILE MA 428 -19.90 45.55 6.09
CA ILE MA 428 -19.76 46.56 5.06
C ILE MA 428 -20.25 46.03 3.73
N GLU MA 429 -21.22 45.13 3.78
CA GLU MA 429 -21.71 44.53 2.54
C GLU MA 429 -22.54 45.51 1.74
N GLN MA 430 -23.26 46.39 2.41
CA GLN MA 430 -24.14 47.31 1.72
C GLN MA 430 -23.39 48.43 1.01
N LEU MA 431 -22.13 48.66 1.37
CA LEU MA 431 -21.26 49.57 0.64
C LEU MA 431 -21.16 49.10 -0.79
N PRO MA 432 -21.56 49.91 -1.77
CA PRO MA 432 -21.73 49.40 -3.12
C PRO MA 432 -20.43 49.11 -3.83
N ASP MA 433 -20.53 48.57 -5.04
CA ASP MA 433 -19.33 48.31 -5.78
C ASP MA 433 -18.78 49.61 -6.33
N TYR MA 434 -17.53 49.56 -6.79
CA TYR MA 434 -16.72 50.75 -6.99
C TYR MA 434 -17.21 51.62 -8.14
N ASN MA 435 -17.88 51.02 -9.12
CA ASN MA 435 -18.30 51.79 -10.27
C ASN MA 435 -19.46 52.71 -9.92
N ARG MA 436 -20.27 52.34 -8.94
CA ARG MA 436 -21.31 53.25 -8.50
C ARG MA 436 -20.73 54.44 -7.76
N ILE MA 437 -19.62 54.23 -7.05
CA ILE MA 437 -18.93 55.33 -6.38
C ILE MA 437 -18.33 56.28 -7.41
N ARG MA 438 -17.66 55.71 -8.41
CA ARG MA 438 -17.03 56.54 -9.43
C ARG MA 438 -18.07 57.26 -10.28
N SER MA 439 -19.22 56.63 -10.54
CA SER MA 439 -20.32 57.31 -11.22
C SER MA 439 -20.95 58.35 -10.31
N GLY MA 440 -20.86 58.17 -9.00
CA GLY MA 440 -21.33 59.19 -8.09
C GLY MA 440 -20.43 60.40 -8.04
N MET MA 441 -19.17 60.25 -8.43
CA MET MA 441 -18.24 61.39 -8.41
C MET MA 441 -18.65 62.50 -9.37
N PHE MA 442 -18.58 62.25 -10.67
CA PHE MA 442 -19.00 63.28 -11.62
C PHE MA 442 -20.49 63.11 -11.88
N TRP MA 443 -21.22 64.22 -11.85
CA TRP MA 443 -22.67 64.16 -11.86
C TRP MA 443 -23.18 65.03 -12.98
N LEU MA 444 -24.17 64.51 -13.70
CA LEU MA 444 -24.62 65.15 -14.94
C LEU MA 444 -25.33 66.45 -14.67
N ARG MA 445 -25.86 66.63 -13.47
CA ARG MA 445 -26.74 67.74 -13.17
C ARG MA 445 -25.91 68.94 -12.74
N HIS NA 20 4.52 96.11 29.28
CA HIS NA 20 3.57 95.68 30.31
C HIS NA 20 2.69 94.55 29.79
N PRO NA 21 2.56 93.49 30.58
CA PRO NA 21 1.67 92.37 30.20
C PRO NA 21 0.23 92.48 30.68
N GLN NA 22 -0.16 93.63 31.26
CA GLN NA 22 -1.54 93.91 31.71
C GLN NA 22 -2.01 92.87 32.74
N ASP NA 23 -1.40 92.94 33.91
CA ASP NA 23 -1.53 91.92 34.95
C ASP NA 23 -2.97 91.79 35.46
N LEU NA 24 -3.20 90.72 36.24
CA LEU NA 24 -4.52 90.17 36.47
C LEU NA 24 -5.42 91.12 37.26
N GLU NA 25 -6.69 91.18 36.86
CA GLU NA 25 -7.64 92.08 37.48
C GLU NA 25 -8.81 91.31 38.07
N PHE NA 26 -9.36 91.85 39.15
CA PHE NA 26 -10.28 91.16 40.02
C PHE NA 26 -11.26 92.15 40.62
N THR NA 27 -12.53 91.77 40.70
CA THR NA 27 -13.55 92.63 41.29
C THR NA 27 -14.63 91.71 41.87
N ARG NA 28 -15.26 92.12 42.96
CA ARG NA 28 -16.40 91.41 43.53
C ARG NA 28 -17.59 92.36 43.56
N LEU NA 29 -18.49 92.25 42.59
CA LEU NA 29 -19.64 93.12 42.59
C LEU NA 29 -20.61 92.65 43.66
N PRO NA 30 -21.03 93.50 44.60
CA PRO NA 30 -21.87 93.05 45.70
C PRO NA 30 -23.36 92.98 45.36
N ASN NA 31 -23.66 92.50 44.17
CA ASN NA 31 -24.85 91.70 43.96
C ASN NA 31 -24.57 90.28 44.39
N GLY NA 32 -23.30 89.97 44.64
CA GLY NA 32 -22.84 88.66 45.04
C GLY NA 32 -21.93 87.99 44.04
N LEU NA 33 -21.66 88.60 42.89
CA LEU NA 33 -21.03 87.89 41.78
C LEU NA 33 -19.66 88.46 41.52
N VAL NA 34 -18.72 87.59 41.17
CA VAL NA 34 -17.32 87.98 41.06
C VAL NA 34 -16.94 88.06 39.59
N ILE NA 35 -16.20 89.11 39.24
CA ILE NA 35 -15.83 89.42 37.86
C ILE NA 35 -14.32 89.55 37.82
N ALA NA 36 -13.66 88.62 37.14
CA ALA NA 36 -12.22 88.64 37.07
C ALA NA 36 -11.79 88.46 35.63
N SER NA 37 -10.74 89.16 35.25
CA SER NA 37 -10.25 89.02 33.88
C SER NA 37 -8.74 89.17 33.88
N LEU NA 38 -8.08 88.28 33.20
CA LEU NA 38 -6.68 88.46 32.85
C LEU NA 38 -6.65 89.12 31.49
N GLU NA 39 -5.64 89.92 31.25
CA GLU NA 39 -5.46 90.49 29.92
C GLU NA 39 -4.11 90.07 29.37
N ASN NA 40 -4.14 89.10 28.46
CA ASN NA 40 -3.04 88.87 27.53
C ASN NA 40 -3.52 89.18 26.12
N TYR NA 41 -2.61 89.69 25.31
CA TYR NA 41 -3.00 90.08 23.96
C TYR NA 41 -2.70 88.97 22.97
N ALA NA 42 -3.36 87.84 23.22
CA ALA NA 42 -3.44 86.68 22.35
C ALA NA 42 -4.68 86.80 21.46
N PRO NA 43 -4.59 86.34 20.21
CA PRO NA 43 -5.73 86.50 19.29
C PRO NA 43 -6.94 85.64 19.64
N ALA NA 44 -6.79 84.65 20.51
CA ALA NA 44 -7.95 83.95 21.02
C ALA NA 44 -8.69 84.82 22.03
N SER NA 45 -9.88 84.37 22.43
CA SER NA 45 -10.61 85.02 23.51
C SER NA 45 -11.47 83.99 24.20
N ARG NA 46 -11.46 83.96 25.53
CA ARG NA 46 -12.22 82.99 26.29
C ARG NA 46 -13.10 83.68 27.32
N ILE NA 47 -14.37 83.30 27.35
CA ILE NA 47 -15.30 83.79 28.35
C ILE NA 47 -15.81 82.60 29.13
N GLY NA 48 -15.69 82.66 30.44
CA GLY NA 48 -16.10 81.57 31.31
C GLY NA 48 -17.10 82.04 32.33
N LEU NA 49 -18.04 81.16 32.66
CA LEU NA 49 -18.99 81.40 33.74
C LEU NA 49 -19.00 80.14 34.59
N PHE NA 50 -18.56 80.26 35.83
CA PHE NA 50 -18.51 79.12 36.73
C PHE NA 50 -19.63 79.29 37.74
N ILE NA 51 -20.36 78.21 38.03
CA ILE NA 51 -21.54 78.25 38.88
C ILE NA 51 -21.52 77.07 39.82
N LYS NA 52 -21.79 77.32 41.12
CA LYS NA 52 -21.97 76.28 42.12
C LYS NA 52 -23.37 75.66 41.99
N ALA NA 53 -23.55 74.90 40.92
CA ALA NA 53 -24.78 74.15 40.71
C ALA NA 53 -24.45 72.78 40.14
N GLY NA 54 -23.49 72.11 40.75
CA GLY NA 54 -23.11 70.76 40.35
C GLY NA 54 -24.10 69.72 40.82
N SER NA 55 -23.60 68.50 40.94
CA SER NA 55 -24.46 67.37 41.26
C SER NA 55 -24.70 67.22 42.76
N ARG NA 56 -24.42 68.24 43.54
CA ARG NA 56 -24.60 68.20 44.98
C ARG NA 56 -25.66 69.17 45.45
N TYR NA 57 -26.40 69.75 44.53
CA TYR NA 57 -27.51 70.61 44.89
C TYR NA 57 -28.79 70.02 44.31
N GLU NA 58 -28.92 68.70 44.47
CA GLU NA 58 -30.04 67.92 44.00
C GLU NA 58 -30.50 67.00 45.11
N ASN NA 59 -31.77 67.08 45.46
CA ASN NA 59 -32.32 66.14 46.42
C ASN NA 59 -32.67 64.83 45.71
N PHE NA 60 -33.25 63.88 46.45
CA PHE NA 60 -33.65 62.60 45.87
C PHE NA 60 -34.77 62.73 44.85
N ASN NA 61 -35.48 63.86 44.86
CA ASN NA 61 -36.66 64.00 44.02
C ASN NA 61 -36.27 64.22 42.56
N ASN NA 62 -35.22 64.98 42.30
CA ASN NA 62 -34.86 65.32 40.94
C ASN NA 62 -33.53 64.70 40.53
N LEU NA 63 -33.33 63.43 40.89
CA LEU NA 63 -32.10 62.72 40.55
C LEU NA 63 -32.00 62.58 39.03
N GLY NA 64 -30.98 63.20 38.46
CA GLY NA 64 -30.84 63.20 37.02
C GLY NA 64 -31.26 64.50 36.36
N THR NA 65 -30.80 65.61 36.90
CA THR NA 65 -31.21 66.92 36.42
C THR NA 65 -30.05 67.77 35.92
N SER NA 66 -28.90 67.72 36.59
CA SER NA 66 -27.76 68.53 36.16
C SER NA 66 -27.20 68.07 34.84
N HIS NA 67 -27.31 66.78 34.54
CA HIS NA 67 -26.94 66.26 33.23
C HIS NA 67 -27.83 66.84 32.14
N LEU NA 68 -29.14 66.90 32.42
CA LEU NA 68 -30.08 67.49 31.47
C LEU NA 68 -29.82 68.97 31.29
N LEU NA 69 -29.47 69.65 32.38
CA LEU NA 69 -29.19 71.08 32.28
C LEU NA 69 -27.87 71.31 31.58
N ARG NA 70 -26.95 70.35 31.66
CA ARG NA 70 -25.72 70.42 30.88
C ARG NA 70 -26.02 70.26 29.40
N LEU NA 71 -26.91 69.34 29.05
CA LEU NA 71 -27.33 69.23 27.67
C LEU NA 71 -28.41 70.22 27.29
N ALA NA 72 -28.71 71.19 28.14
CA ALA NA 72 -29.63 72.27 27.82
C ALA NA 72 -28.92 73.44 27.18
N SER NA 73 -27.88 73.18 26.39
CA SER NA 73 -27.07 74.24 25.82
C SER NA 73 -27.84 75.02 24.77
N SER NA 74 -28.35 74.33 23.77
CA SER NA 74 -28.96 74.98 22.62
C SER NA 74 -30.47 74.92 22.62
N LEU NA 75 -31.11 75.05 23.79
CA LEU NA 75 -32.56 75.16 23.79
C LEU NA 75 -32.98 76.59 23.50
N THR NA 76 -34.26 76.78 23.24
CA THR NA 76 -34.75 78.10 22.88
C THR NA 76 -34.78 79.01 24.11
N THR NA 77 -34.47 80.27 23.89
CA THR NA 77 -34.34 81.24 24.96
C THR NA 77 -35.40 82.32 24.81
N LYS NA 78 -35.60 83.09 25.86
CA LYS NA 78 -36.46 84.27 25.78
C LYS NA 78 -35.66 85.37 25.09
N GLY NA 79 -35.61 85.27 23.76
CA GLY NA 79 -34.80 86.17 22.97
C GLY NA 79 -34.18 85.52 21.75
N ALA NA 80 -34.09 84.19 21.73
CA ALA NA 80 -33.52 83.47 20.61
C ALA NA 80 -34.00 82.03 20.62
N SER NA 81 -34.20 81.47 19.44
CA SER NA 81 -34.54 80.07 19.31
C SER NA 81 -33.27 79.24 19.36
N SER NA 82 -33.40 77.94 19.10
CA SER NA 82 -32.21 77.13 18.91
C SER NA 82 -31.47 77.51 17.63
N PHE NA 83 -32.22 77.93 16.61
CA PHE NA 83 -31.64 78.15 15.30
C PHE NA 83 -30.72 79.35 15.27
N LYS NA 84 -31.17 80.47 15.85
CA LYS NA 84 -30.37 81.69 15.82
C LYS NA 84 -29.09 81.52 16.61
N ILE NA 85 -29.19 80.87 17.77
CA ILE NA 85 -28.04 80.49 18.59
C ILE NA 85 -27.05 79.67 17.78
N THR NA 86 -27.54 78.59 17.17
CA THR NA 86 -26.63 77.62 16.56
C THR NA 86 -25.97 78.19 15.31
N ARG NA 87 -26.77 78.81 14.44
CA ARG NA 87 -26.21 79.31 13.19
C ARG NA 87 -25.34 80.52 13.41
N GLY NA 88 -25.64 81.39 14.40
CA GLY NA 88 -24.75 82.50 14.67
C GLY NA 88 -23.45 82.05 15.31
N ILE NA 89 -23.51 81.08 16.21
CA ILE NA 89 -22.30 80.62 16.88
C ILE NA 89 -21.39 79.87 15.92
N GLU NA 90 -21.95 79.09 15.01
CA GLU NA 90 -21.09 78.56 13.95
C GLU NA 90 -20.75 79.59 12.88
N ALA NA 91 -21.47 80.71 12.82
CA ALA NA 91 -21.12 81.73 11.84
C ALA NA 91 -19.88 82.49 12.27
N VAL NA 92 -19.74 82.77 13.56
CA VAL NA 92 -18.48 83.30 14.05
C VAL NA 92 -17.46 82.21 14.34
N GLY NA 93 -17.89 80.94 14.36
CA GLY NA 93 -16.98 79.85 14.56
C GLY NA 93 -16.50 79.64 15.97
N GLY NA 94 -17.06 80.36 16.94
CA GLY NA 94 -16.64 80.17 18.31
C GLY NA 94 -17.22 78.90 18.92
N LYS NA 95 -16.43 78.25 19.76
CA LYS NA 95 -16.84 76.99 20.35
C LYS NA 95 -17.38 77.22 21.75
N LEU NA 96 -18.53 76.61 22.03
CA LEU NA 96 -19.30 76.78 23.26
C LEU NA 96 -19.35 75.44 23.97
N SER NA 97 -18.45 75.23 24.91
CA SER NA 97 -18.43 73.99 25.65
C SER NA 97 -19.00 74.20 27.04
N VAL NA 98 -19.50 73.13 27.62
CA VAL NA 98 -20.11 73.15 28.95
C VAL NA 98 -19.54 71.97 29.70
N THR NA 99 -18.89 72.25 30.82
CA THR NA 99 -18.37 71.16 31.64
C THR NA 99 -19.04 71.14 32.99
N SER NA 100 -18.87 70.02 33.67
CA SER NA 100 -19.46 69.82 34.98
C SER NA 100 -18.51 69.00 35.83
N THR NA 101 -18.12 69.59 36.95
CA THR NA 101 -17.64 68.87 38.12
C THR NA 101 -18.80 68.80 39.09
N ARG NA 102 -18.66 67.95 40.10
CA ARG NA 102 -19.74 67.71 41.05
C ARG NA 102 -20.10 68.94 41.88
N GLU NA 103 -19.24 69.94 41.93
CA GLU NA 103 -19.63 71.21 42.52
C GLU NA 103 -20.05 72.25 41.50
N ASN NA 104 -19.54 72.19 40.28
CA ASN NA 104 -19.62 73.36 39.43
C ASN NA 104 -20.00 73.02 38.00
N MET NA 105 -21.02 73.69 37.51
CA MET NA 105 -21.14 73.78 36.07
C MET NA 105 -20.29 74.92 35.58
N ALA NA 106 -19.93 74.86 34.31
CA ALA NA 106 -19.12 75.91 33.73
C ALA NA 106 -19.43 76.03 32.25
N TYR NA 107 -19.76 77.24 31.83
CA TYR NA 107 -20.03 77.54 30.43
C TYR NA 107 -18.81 78.28 29.89
N THR NA 108 -18.24 77.79 28.81
CA THR NA 108 -17.11 78.46 28.18
C THR NA 108 -17.41 78.74 26.73
N VAL NA 109 -16.93 79.88 26.24
CA VAL NA 109 -17.01 80.21 24.83
C VAL NA 109 -15.70 80.84 24.40
N GLU NA 110 -15.05 80.27 23.39
CA GLU NA 110 -13.81 80.82 22.88
C GLU NA 110 -13.92 81.11 21.39
N CYS NA 111 -13.38 82.25 21.00
CA CYS NA 111 -13.63 82.83 19.68
C CYS NA 111 -12.59 83.90 19.41
N LEU NA 112 -12.86 84.72 18.40
CA LEU NA 112 -12.04 85.88 18.10
C LEU NA 112 -12.49 87.09 18.91
N ARG NA 113 -11.62 88.10 18.96
CA ARG NA 113 -11.83 89.22 19.86
C ARG NA 113 -12.84 90.25 19.36
N ASP NA 114 -13.20 90.24 18.08
CA ASP NA 114 -14.17 91.21 17.59
C ASP NA 114 -15.61 90.83 17.93
N ASP NA 115 -15.86 89.58 18.30
CA ASP NA 115 -17.21 89.06 18.45
C ASP NA 115 -17.46 88.57 19.86
N VAL NA 116 -16.71 89.09 20.83
CA VAL NA 116 -16.90 88.64 22.20
C VAL NA 116 -18.16 89.23 22.80
N ASP NA 117 -18.64 90.37 22.28
CA ASP NA 117 -19.84 90.97 22.84
C ASP NA 117 -21.09 90.24 22.37
N ILE NA 118 -21.11 89.82 21.10
CA ILE NA 118 -22.28 89.11 20.60
C ILE NA 118 -22.37 87.72 21.21
N LEU NA 119 -21.23 87.06 21.42
CA LEU NA 119 -21.27 85.76 22.06
C LEU NA 119 -21.51 85.89 23.56
N MET NA 120 -21.09 87.00 24.15
CA MET NA 120 -21.51 87.34 25.50
C MET NA 120 -23.02 87.46 25.59
N GLU NA 121 -23.62 88.10 24.58
CA GLU NA 121 -25.07 88.26 24.52
C GLU NA 121 -25.76 86.90 24.44
N PHE NA 122 -25.27 86.01 23.58
CA PHE NA 122 -25.87 84.67 23.45
C PHE NA 122 -25.73 83.89 24.75
N LEU NA 123 -24.55 83.93 25.36
CA LEU NA 123 -24.30 83.19 26.59
C LEU NA 123 -25.16 83.67 27.73
N LEU NA 124 -25.28 84.99 27.89
CA LEU NA 124 -26.03 85.51 29.00
C LEU NA 124 -27.53 85.40 28.79
N ASN NA 125 -28.00 85.41 27.54
CA ASN NA 125 -29.40 85.09 27.28
C ASN NA 125 -29.71 83.65 27.64
N VAL NA 126 -28.77 82.74 27.35
CA VAL NA 126 -28.96 81.33 27.73
C VAL NA 126 -29.01 81.18 29.24
N THR NA 127 -28.10 81.86 29.96
CA THR NA 127 -28.05 81.69 31.41
C THR NA 127 -29.23 82.32 32.11
N THR NA 128 -29.63 83.53 31.69
CA THR NA 128 -30.71 84.21 32.39
C THR NA 128 -32.07 83.64 31.99
N ALA NA 129 -32.33 83.51 30.69
CA ALA NA 129 -33.68 83.39 30.18
C ALA NA 129 -33.87 82.16 29.30
N PRO NA 130 -34.06 80.98 29.86
CA PRO NA 130 -34.42 79.81 29.06
C PRO NA 130 -35.91 79.80 28.77
N GLU NA 131 -36.36 78.77 28.07
CA GLU NA 131 -37.79 78.53 28.01
C GLU NA 131 -38.16 77.09 28.34
N PHE NA 132 -37.34 76.11 27.93
CA PHE NA 132 -37.55 74.68 28.11
C PHE NA 132 -38.88 74.23 27.46
N ARG NA 133 -38.89 74.32 26.15
CA ARG NA 133 -40.02 73.80 25.39
C ARG NA 133 -39.98 72.28 25.41
N ARG NA 134 -41.15 71.66 25.52
CA ARG NA 134 -41.26 70.32 26.09
C ARG NA 134 -40.89 69.21 25.10
N TRP NA 135 -41.23 69.38 23.83
CA TRP NA 135 -40.83 68.43 22.81
C TRP NA 135 -39.31 68.40 22.65
N GLU NA 136 -38.68 69.55 22.80
CA GLU NA 136 -37.23 69.62 22.83
C GLU NA 136 -36.68 68.88 24.04
N VAL NA 137 -37.41 68.89 25.15
CA VAL NA 137 -37.00 68.13 26.33
C VAL NA 137 -37.08 66.63 26.06
N ALA NA 138 -38.06 66.18 25.28
CA ALA NA 138 -38.15 64.74 24.96
C ALA NA 138 -37.02 64.29 24.04
N ALA NA 139 -36.72 65.07 22.99
CA ALA NA 139 -35.56 64.76 22.16
C ALA NA 139 -34.27 64.81 22.98
N LEU NA 140 -34.21 65.70 23.96
CA LEU NA 140 -33.05 65.75 24.84
C LEU NA 140 -32.99 64.57 25.80
N GLN NA 141 -34.14 63.94 26.11
CA GLN NA 141 -34.13 62.67 26.85
C GLN NA 141 -33.40 61.61 26.05
N SER NA 142 -33.70 61.54 24.74
CA SER NA 142 -32.99 60.61 23.87
C SER NA 142 -31.49 60.89 23.83
N GLN NA 143 -31.15 62.18 23.83
CA GLN NA 143 -29.74 62.59 23.87
C GLN NA 143 -29.06 62.15 25.15
N LEU NA 144 -29.79 62.22 26.28
CA LEU NA 144 -29.27 61.75 27.56
C LEU NA 144 -28.96 60.26 27.52
N ARG NA 145 -29.85 59.48 26.91
CA ARG NA 145 -29.61 58.04 26.72
C ARG NA 145 -28.30 57.78 25.98
N ILE NA 146 -28.14 58.44 24.82
CA ILE NA 146 -26.99 58.16 23.97
C ILE NA 146 -25.70 58.62 24.64
N ASP NA 147 -25.74 59.76 25.33
CA ASP NA 147 -24.53 60.24 25.99
C ASP NA 147 -24.21 59.42 27.23
N LYS NA 148 -25.20 58.84 27.90
CA LYS NA 148 -24.90 57.96 29.03
C LYS NA 148 -24.18 56.71 28.56
N ALA NA 149 -24.62 56.14 27.45
CA ALA NA 149 -23.93 54.97 26.90
C ALA NA 149 -22.50 55.32 26.49
N VAL NA 150 -22.32 56.44 25.79
CA VAL NA 150 -21.00 56.82 25.30
C VAL NA 150 -20.05 57.15 26.44
N ALA NA 151 -20.57 57.78 27.50
CA ALA NA 151 -19.72 58.09 28.64
C ALA NA 151 -19.34 56.83 29.41
N PHE NA 152 -20.31 55.99 29.73
CA PHE NA 152 -20.05 54.83 30.57
C PHE NA 152 -19.53 53.63 29.80
N GLN NA 153 -19.12 53.77 28.55
CA GLN NA 153 -18.34 52.68 27.98
C GLN NA 153 -16.93 52.58 28.56
N ASN NA 154 -16.46 53.60 29.29
CA ASN NA 154 -15.18 53.42 29.96
C ASN NA 154 -15.38 52.93 31.38
N PRO NA 155 -14.51 52.05 31.86
CA PRO NA 155 -14.69 51.48 33.20
C PRO NA 155 -14.45 52.47 34.31
N GLN NA 156 -13.60 53.47 34.06
CA GLN NA 156 -13.26 54.48 35.06
C GLN NA 156 -14.48 55.26 35.51
N ALA NA 157 -15.45 55.46 34.62
CA ALA NA 157 -16.66 56.21 34.99
C ALA NA 157 -17.51 55.44 35.99
N HIS NA 158 -17.72 54.14 35.75
CA HIS NA 158 -18.46 53.32 36.70
C HIS NA 158 -17.74 53.21 38.02
N VAL NA 159 -16.42 53.09 37.99
CA VAL NA 159 -15.66 52.96 39.22
C VAL NA 159 -15.73 54.23 40.04
N ILE NA 160 -15.56 55.39 39.39
CA ILE NA 160 -15.66 56.66 40.09
C ILE NA 160 -17.07 56.89 40.63
N GLU NA 161 -18.09 56.50 39.88
CA GLU NA 161 -19.44 56.79 40.31
C GLU NA 161 -19.90 55.89 41.44
N ASN NA 162 -19.62 54.59 41.36
CA ASN NA 162 -19.93 53.74 42.49
C ASN NA 162 -19.02 54.00 43.68
N LEU NA 163 -17.83 54.55 43.44
CA LEU NA 163 -16.94 54.93 44.53
C LEU NA 163 -17.51 56.13 45.27
N HIS NA 164 -18.03 57.12 44.54
CA HIS NA 164 -18.72 58.21 45.19
C HIS NA 164 -20.01 57.76 45.85
N ALA NA 165 -20.65 56.73 45.31
CA ALA NA 165 -21.86 56.21 45.94
C ALA NA 165 -21.55 55.55 47.27
N ALA NA 166 -20.52 54.70 47.31
CA ALA NA 166 -20.16 54.04 48.56
C ALA NA 166 -19.31 54.90 49.47
N ALA NA 167 -18.99 56.13 49.07
CA ALA NA 167 -18.31 57.03 49.99
C ALA NA 167 -19.31 57.77 50.86
N TYR NA 168 -20.13 58.61 50.25
CA TYR NA 168 -21.00 59.50 50.98
C TYR NA 168 -22.38 58.90 51.13
N ARG NA 169 -23.19 59.54 51.98
CA ARG NA 169 -24.57 59.16 52.18
C ARG NA 169 -25.53 60.20 51.66
N ASN NA 170 -25.03 61.23 51.00
CA ASN NA 170 -25.79 62.44 50.74
C ASN NA 170 -25.32 63.00 49.40
N ALA NA 171 -25.53 64.31 49.19
CA ALA NA 171 -25.58 64.93 47.88
C ALA NA 171 -24.28 64.84 47.07
N LEU NA 172 -23.15 64.57 47.72
CA LEU NA 172 -21.93 64.40 46.94
C LEU NA 172 -21.86 63.05 46.24
N ALA NA 173 -22.71 62.10 46.61
CA ALA NA 173 -22.70 60.79 45.99
C ALA NA 173 -23.42 60.76 44.66
N ASN NA 174 -24.07 61.85 44.26
CA ASN NA 174 -24.90 61.80 43.06
C ASN NA 174 -24.04 61.85 41.81
N SER NA 175 -24.68 61.61 40.68
CA SER NA 175 -23.97 61.33 39.45
C SER NA 175 -23.87 62.55 38.55
N LEU NA 176 -22.89 62.49 37.65
CA LEU NA 176 -22.82 63.43 36.54
C LEU NA 176 -23.87 63.11 35.49
N TYR NA 177 -24.43 61.89 35.53
CA TYR NA 177 -25.27 61.39 34.47
C TYR NA 177 -26.58 60.88 35.04
N CYS NA 178 -27.64 61.07 34.29
CA CYS NA 178 -28.96 60.68 34.74
C CYS NA 178 -29.09 59.15 34.71
N PRO NA 179 -29.77 58.56 35.69
CA PRO NA 179 -30.04 57.12 35.62
C PRO NA 179 -31.03 56.80 34.50
N ASP NA 180 -31.15 55.51 34.22
CA ASP NA 180 -31.91 55.09 33.03
C ASP NA 180 -33.41 55.27 33.23
N TYR NA 181 -33.92 54.96 34.42
CA TYR NA 181 -35.36 54.95 34.62
C TYR NA 181 -35.93 56.36 34.66
N ARG NA 182 -35.11 57.33 35.04
CA ARG NA 182 -35.55 58.72 35.05
C ARG NA 182 -35.64 59.33 33.65
N ILE NA 183 -35.17 58.64 32.62
CA ILE NA 183 -35.22 59.16 31.26
C ILE NA 183 -36.67 59.13 30.77
N GLY NA 184 -37.12 60.27 30.25
CA GLY NA 184 -38.46 60.40 29.74
C GLY NA 184 -39.45 60.96 30.74
N LYS NA 185 -39.24 60.69 32.02
CA LYS NA 185 -40.19 61.08 33.06
C LYS NA 185 -39.81 62.37 33.75
N VAL NA 186 -38.58 62.85 33.59
CA VAL NA 186 -38.10 64.05 34.26
C VAL NA 186 -38.58 65.26 33.47
N THR NA 187 -39.09 66.27 34.19
CA THR NA 187 -39.88 67.34 33.60
C THR NA 187 -39.07 68.62 33.47
N PRO NA 188 -39.40 69.44 32.47
CA PRO NA 188 -38.80 70.79 32.42
C PRO NA 188 -39.31 71.72 33.51
N ASP NA 189 -40.38 71.39 34.21
CA ASP NA 189 -40.80 72.22 35.34
C ASP NA 189 -39.79 72.15 36.47
N GLU NA 190 -39.20 70.98 36.68
CA GLU NA 190 -38.09 70.85 37.60
C GLU NA 190 -36.89 71.67 37.15
N LEU NA 191 -36.70 71.82 35.82
CA LEU NA 191 -35.65 72.71 35.34
C LEU NA 191 -35.97 74.16 35.64
N HIS NA 192 -37.25 74.54 35.53
CA HIS NA 192 -37.62 75.91 35.91
C HIS NA 192 -37.36 76.17 37.38
N ASP NA 193 -37.66 75.19 38.24
CA ASP NA 193 -37.36 75.34 39.66
C ASP NA 193 -35.85 75.39 39.90
N TYR NA 194 -35.09 74.60 39.14
CA TYR NA 194 -33.66 74.51 39.35
C TYR NA 194 -32.96 75.81 38.96
N VAL NA 195 -33.38 76.40 37.84
CA VAL NA 195 -32.83 77.67 37.43
C VAL NA 195 -33.29 78.79 38.37
N GLN NA 196 -34.49 78.67 38.95
CA GLN NA 196 -34.93 79.72 39.87
C GLN NA 196 -34.11 79.72 41.15
N ASN NA 197 -33.86 78.56 41.75
CA ASN NA 197 -33.12 78.59 43.00
C ASN NA 197 -31.73 77.96 42.92
N HIS NA 198 -31.05 78.06 41.78
CA HIS NA 198 -29.61 77.79 41.83
C HIS NA 198 -28.76 78.82 41.12
N PHE NA 199 -29.30 79.51 40.12
CA PHE NA 199 -28.54 80.54 39.43
C PHE NA 199 -28.73 81.91 40.08
N THR NA 200 -28.58 81.94 41.39
CA THR NA 200 -28.67 83.20 42.08
C THR NA 200 -27.34 83.94 41.99
N SER NA 201 -27.37 85.24 42.26
CA SER NA 201 -26.24 86.11 41.97
C SER NA 201 -25.04 85.85 42.88
N ALA NA 202 -25.26 85.25 44.04
CA ALA NA 202 -24.17 84.97 44.95
C ALA NA 202 -23.41 83.69 44.61
N ARG NA 203 -23.74 83.03 43.50
CA ARG NA 203 -23.17 81.74 43.14
C ARG NA 203 -22.53 81.80 41.77
N MET NA 204 -22.07 82.98 41.37
CA MET NA 204 -21.75 83.27 39.98
C MET NA 204 -20.36 83.88 39.83
N ALA NA 205 -19.56 83.28 38.97
CA ALA NA 205 -18.22 83.75 38.67
C ALA NA 205 -18.09 83.99 37.18
N LEU NA 206 -17.86 85.24 36.80
CA LEU NA 206 -17.66 85.61 35.40
C LEU NA 206 -16.19 85.92 35.18
N ILE NA 207 -15.55 85.19 34.26
CA ILE NA 207 -14.11 85.29 34.02
C ILE NA 207 -13.89 85.63 32.56
N GLY NA 208 -12.97 86.54 32.31
CA GLY NA 208 -12.60 86.92 30.95
C GLY NA 208 -11.13 86.80 30.70
N LEU NA 209 -10.77 86.32 29.50
CA LEU NA 209 -9.38 86.22 29.08
C LEU NA 209 -9.24 86.72 27.65
N GLY NA 210 -8.31 87.63 27.44
CA GLY NA 210 -8.14 88.27 26.16
C GLY NA 210 -9.13 89.37 25.88
N VAL NA 211 -9.93 89.75 26.86
CA VAL NA 211 -10.96 90.77 26.70
C VAL NA 211 -10.80 91.81 27.80
N SER NA 212 -11.29 93.01 27.52
CA SER NA 212 -11.12 94.12 28.44
C SER NA 212 -12.12 94.04 29.58
N HIS NA 213 -11.62 94.29 30.79
CA HIS NA 213 -12.47 94.37 31.98
C HIS NA 213 -13.59 95.42 31.95
N PRO NA 214 -13.44 96.64 31.39
CA PRO NA 214 -14.58 97.58 31.48
C PRO NA 214 -15.82 97.15 30.72
N VAL NA 215 -15.67 96.64 29.49
CA VAL NA 215 -16.81 96.16 28.72
C VAL NA 215 -17.47 94.98 29.39
N LEU NA 216 -16.64 94.05 29.89
CA LEU NA 216 -17.13 92.85 30.55
C LEU NA 216 -17.87 93.18 31.84
N LYS NA 217 -17.31 94.07 32.65
CA LYS NA 217 -17.96 94.46 33.90
C LYS NA 217 -19.24 95.25 33.63
N GLN NA 218 -19.27 96.03 32.55
CA GLN NA 218 -20.49 96.71 32.15
C GLN NA 218 -21.59 95.73 31.80
N VAL NA 219 -21.26 94.69 31.02
CA VAL NA 219 -22.27 93.71 30.62
C VAL NA 219 -22.72 92.89 31.83
N ALA NA 220 -21.81 92.61 32.75
CA ALA NA 220 -22.15 91.88 33.97
C ALA NA 220 -23.08 92.69 34.86
N GLU NA 221 -22.85 93.99 34.98
CA GLU NA 221 -23.75 94.84 35.74
C GLU NA 221 -25.07 95.08 35.01
N GLN NA 222 -25.08 94.96 33.68
CA GLN NA 222 -26.31 95.08 32.91
C GLN NA 222 -27.24 93.90 33.14
N PHE NA 223 -26.79 92.70 32.79
CA PHE NA 223 -27.73 91.61 32.55
C PHE NA 223 -28.16 90.88 33.81
N LEU NA 224 -27.24 90.56 34.71
CA LEU NA 224 -27.30 89.34 35.49
C LEU NA 224 -28.04 89.49 36.82
N ASN NA 225 -29.05 90.36 36.89
CA ASN NA 225 -29.87 90.51 38.08
C ASN NA 225 -30.85 89.34 38.19
N ILE NA 226 -30.37 88.25 38.79
CA ILE NA 226 -31.24 87.18 39.29
C ILE NA 226 -30.76 86.78 40.68
N ARG NA 227 -31.62 86.93 41.67
CA ARG NA 227 -31.34 86.50 43.03
C ARG NA 227 -32.59 85.97 43.71
N ALA NA 235 -25.12 69.78 51.02
CA ALA NA 235 -25.27 70.37 52.35
C ALA NA 235 -24.45 69.62 53.39
N LYS NA 236 -23.12 69.64 53.19
CA LYS NA 236 -22.13 69.03 54.08
C LYS NA 236 -22.37 67.53 54.25
N ALA NA 237 -22.13 66.80 53.17
CA ALA NA 237 -22.39 65.37 53.12
C ALA NA 237 -21.51 64.60 54.08
N LYS NA 238 -22.08 63.55 54.67
CA LYS NA 238 -21.42 62.72 55.67
C LYS NA 238 -20.82 61.47 55.04
N TYR NA 239 -20.05 60.74 55.85
CA TYR NA 239 -19.27 59.60 55.38
C TYR NA 239 -20.05 58.32 55.61
N ARG NA 240 -20.52 57.70 54.54
CA ARG NA 240 -21.39 56.55 54.67
C ARG NA 240 -20.61 55.30 55.05
N GLY NA 241 -19.40 55.17 54.55
CA GLY NA 241 -18.67 53.92 54.65
C GLY NA 241 -19.20 52.92 53.66
N GLY NA 242 -18.63 51.73 53.71
CA GLY NA 242 -19.16 50.61 52.95
C GLY NA 242 -18.51 50.42 51.59
N GLU NA 243 -19.23 49.71 50.73
CA GLU NA 243 -18.64 49.24 49.49
C GLU NA 243 -19.74 48.99 48.48
N ILE NA 244 -19.33 48.90 47.22
CA ILE NA 244 -20.17 48.39 46.14
C ILE NA 244 -19.36 47.41 45.31
N ARG NA 245 -19.85 46.19 45.22
CA ARG NA 245 -19.20 45.12 44.46
C ARG NA 245 -20.07 44.79 43.25
N GLU NA 246 -19.48 44.89 42.06
CA GLU NA 246 -20.22 44.78 40.80
C GLU NA 246 -19.57 43.70 39.93
N GLN NA 247 -20.15 42.51 39.94
CA GLN NA 247 -19.66 41.40 39.14
C GLN NA 247 -20.02 41.64 37.68
N ASN NA 248 -19.03 42.06 36.90
CA ASN NA 248 -19.22 42.36 35.49
C ASN NA 248 -18.64 41.29 34.57
N GLY NA 249 -17.58 40.60 35.01
CA GLY NA 249 -16.98 39.53 34.24
C GLY NA 249 -16.25 39.99 33.00
N ASP NA 250 -15.19 40.78 33.18
CA ASP NA 250 -14.47 41.34 32.05
C ASP NA 250 -12.98 41.06 32.13
N SER NA 251 -12.56 40.18 33.03
CA SER NA 251 -11.19 39.69 33.20
C SER NA 251 -10.19 40.79 33.55
N LEU NA 252 -10.66 41.93 34.06
CA LEU NA 252 -9.80 43.00 34.53
C LEU NA 252 -10.48 43.61 35.74
N VAL NA 253 -9.96 43.34 36.93
CA VAL NA 253 -10.57 43.88 38.15
C VAL NA 253 -10.24 45.36 38.25
N HIS NA 254 -11.27 46.19 38.32
CA HIS NA 254 -11.09 47.61 38.57
C HIS NA 254 -11.62 47.87 39.97
N ALA NA 255 -10.72 48.20 40.89
CA ALA NA 255 -11.13 48.35 42.28
C ALA NA 255 -10.48 49.58 42.90
N ALA NA 256 -11.29 50.39 43.56
CA ALA NA 256 -10.84 51.62 44.20
C ALA NA 256 -11.07 51.51 45.68
N LEU NA 257 -10.03 51.80 46.47
CA LEU NA 257 -10.05 51.72 47.92
C LEU NA 257 -9.79 53.12 48.47
N VAL NA 258 -10.79 53.71 49.13
CA VAL NA 258 -10.86 55.15 49.37
C VAL NA 258 -11.48 55.40 50.75
N ALA NA 259 -10.83 56.23 51.56
CA ALA NA 259 -11.41 56.78 52.78
C ALA NA 259 -11.53 58.29 52.68
N GLU NA 260 -12.07 58.91 53.73
CA GLU NA 260 -12.19 60.37 53.77
C GLU NA 260 -10.88 61.00 54.20
N SER NA 261 -10.53 62.12 53.59
CA SER NA 261 -9.25 62.77 53.83
C SER NA 261 -9.39 64.11 54.54
N ALA NA 262 -10.01 65.10 53.90
CA ALA NA 262 -10.09 66.49 54.35
C ALA NA 262 -10.85 67.27 53.27
N ALA NA 263 -11.18 68.52 53.59
CA ALA NA 263 -11.73 69.44 52.60
C ALA NA 263 -10.59 70.14 51.86
N ILE NA 264 -10.90 71.21 51.14
CA ILE NA 264 -9.90 72.01 50.46
C ILE NA 264 -9.61 73.22 51.32
N GLY NA 265 -8.51 73.91 51.02
CA GLY NA 265 -8.17 75.12 51.74
C GLY NA 265 -7.40 74.87 53.01
N SER NA 266 -6.46 73.92 52.98
CA SER NA 266 -5.69 73.61 54.17
C SER NA 266 -4.33 73.05 53.77
N ALA NA 267 -3.35 73.31 54.65
CA ALA NA 267 -2.06 72.65 54.53
C ALA NA 267 -2.17 71.15 54.76
N GLU NA 268 -3.21 70.71 55.47
CA GLU NA 268 -3.53 69.29 55.53
C GLU NA 268 -3.90 68.75 54.15
N ALA NA 269 -4.69 69.51 53.39
CA ALA NA 269 -5.06 69.08 52.03
C ALA NA 269 -3.83 69.06 51.12
N ASN NA 270 -2.97 70.06 51.25
CA ASN NA 270 -1.74 70.04 50.46
C ASN NA 270 -0.80 68.94 50.93
N ALA NA 271 -0.90 68.52 52.19
CA ALA NA 271 -0.17 67.36 52.65
C ALA NA 271 -0.69 66.09 52.01
N PHE NA 272 -2.01 66.00 51.81
CA PHE NA 272 -2.57 64.87 51.07
C PHE NA 272 -2.10 64.87 49.62
N SER NA 273 -1.95 66.05 49.02
CA SER NA 273 -1.45 66.11 47.64
C SER NA 273 0.01 65.70 47.56
N VAL NA 274 0.82 66.11 48.54
CA VAL NA 274 2.21 65.65 48.62
C VAL NA 274 2.25 64.13 48.79
N LEU NA 275 1.31 63.60 49.58
CA LEU NA 275 1.27 62.18 49.82
C LEU NA 275 0.86 61.40 48.58
N GLN NA 276 -0.03 61.95 47.75
CA GLN NA 276 -0.33 61.21 46.54
C GLN NA 276 0.77 61.32 45.50
N HIS NA 277 1.55 62.41 45.50
CA HIS NA 277 2.73 62.41 44.65
C HIS NA 277 3.78 61.42 45.15
N VAL NA 278 3.81 61.17 46.47
CA VAL NA 278 4.64 60.08 46.98
C VAL NA 278 4.13 58.74 46.46
N LEU NA 279 2.83 58.49 46.62
CA LEU NA 279 2.29 57.16 46.40
C LEU NA 279 2.26 56.81 44.92
N GLY NA 280 1.76 57.70 44.08
CA GLY NA 280 1.84 57.43 42.66
C GLY NA 280 0.63 57.82 41.83
N ALA NA 281 0.89 58.67 40.85
CA ALA NA 281 -0.09 59.20 39.91
C ALA NA 281 0.28 58.67 38.53
N GLY NA 282 -0.35 59.26 37.51
CA GLY NA 282 -0.10 58.93 36.13
C GLY NA 282 1.36 59.01 35.73
N PRO NA 283 1.82 58.06 34.92
CA PRO NA 283 3.26 57.92 34.64
C PRO NA 283 3.81 59.07 33.81
N HIS NA 284 4.83 59.72 34.35
CA HIS NA 284 5.52 60.78 33.60
C HIS NA 284 6.41 60.19 32.53
N VAL NA 285 6.88 58.96 32.72
CA VAL NA 285 7.66 58.26 31.71
C VAL NA 285 6.69 57.52 30.82
N LYS NA 286 6.72 57.83 29.53
CA LYS NA 286 5.85 57.19 28.58
C LYS NA 286 6.38 55.80 28.27
N ARG NA 287 5.61 54.77 28.68
CA ARG NA 287 5.96 53.36 28.51
C ARG NA 287 7.28 53.02 29.19
N GLY NA 288 7.35 53.31 30.48
CA GLY NA 288 8.49 52.93 31.30
C GLY NA 288 8.10 52.02 32.44
N SER NA 289 8.90 51.98 33.50
CA SER NA 289 8.58 51.14 34.64
C SER NA 289 8.31 51.93 35.93
N ASN NA 290 8.50 53.25 35.91
CA ASN NA 290 8.09 54.18 36.97
C ASN NA 290 8.73 53.84 38.32
N ALA NA 291 10.04 54.08 38.37
CA ALA NA 291 10.85 53.69 39.52
C ALA NA 291 10.75 54.67 40.70
N THR NA 292 9.71 55.49 40.78
CA THR NA 292 9.52 56.40 41.91
C THR NA 292 8.27 56.09 42.72
N SER NA 293 7.18 55.69 42.06
CA SER NA 293 5.95 55.31 42.74
C SER NA 293 6.17 54.08 43.61
N SER NA 294 6.07 54.26 44.93
CA SER NA 294 6.30 53.16 45.86
C SER NA 294 5.26 52.07 45.71
N LEU NA 295 4.04 52.46 45.34
CA LEU NA 295 2.96 51.50 45.15
C LEU NA 295 3.26 50.56 43.99
N TYR NA 296 3.60 51.12 42.83
CA TYR NA 296 3.78 50.28 41.65
C TYR NA 296 5.05 49.44 41.74
N GLN NA 297 6.11 50.01 42.30
CA GLN NA 297 7.34 49.25 42.50
C GLN NA 297 7.14 48.15 43.53
N ALA NA 298 6.38 48.43 44.58
CA ALA NA 298 6.15 47.42 45.62
C ALA NA 298 5.31 46.27 45.09
N VAL NA 299 4.19 46.59 44.41
CA VAL NA 299 3.29 45.52 43.99
C VAL NA 299 3.86 44.77 42.78
N ALA NA 300 4.61 45.44 41.91
CA ALA NA 300 5.30 44.74 40.83
C ALA NA 300 6.46 43.91 41.36
N LYS NA 301 7.06 44.33 42.47
CA LYS NA 301 8.04 43.48 43.13
C LYS NA 301 7.38 42.29 43.78
N GLY NA 302 6.11 42.42 44.17
CA GLY NA 302 5.38 41.31 44.74
C GLY NA 302 5.05 40.20 43.75
N VAL NA 303 4.13 40.46 42.83
CA VAL NA 303 3.64 39.47 41.88
C VAL NA 303 3.87 40.00 40.47
N HIS NA 304 4.36 39.14 39.59
CA HIS NA 304 4.81 39.53 38.26
C HIS NA 304 3.68 39.68 37.24
N GLN NA 305 2.61 40.36 37.59
CA GLN NA 305 1.53 40.47 36.63
C GLN NA 305 1.61 41.78 35.87
N PRO NA 306 0.91 41.89 34.73
CA PRO NA 306 0.64 43.21 34.14
C PRO NA 306 -0.55 43.86 34.82
N PHE NA 307 -0.34 45.06 35.37
CA PHE NA 307 -1.40 45.75 36.11
C PHE NA 307 -1.07 47.24 36.16
N ASP NA 308 -1.80 47.95 37.03
CA ASP NA 308 -1.53 49.34 37.40
C ASP NA 308 -2.13 49.60 38.76
N VAL NA 309 -1.40 50.37 39.56
CA VAL NA 309 -1.90 50.92 40.81
C VAL NA 309 -1.58 52.41 40.82
N SER NA 310 -2.61 53.24 40.96
CA SER NA 310 -2.47 54.68 41.01
C SER NA 310 -3.13 55.20 42.27
N ALA NA 311 -2.99 56.48 42.53
CA ALA NA 311 -3.64 57.11 43.66
C ALA NA 311 -4.90 57.85 43.22
N PHE NA 312 -5.56 58.47 44.19
CA PHE NA 312 -6.86 59.07 43.93
C PHE NA 312 -7.13 60.12 45.00
N ASN NA 313 -7.02 61.39 44.62
CA ASN NA 313 -7.42 62.49 45.49
C ASN NA 313 -8.57 63.23 44.81
N ALA NA 314 -9.73 63.21 45.45
CA ALA NA 314 -10.90 63.94 44.96
C ALA NA 314 -11.29 64.93 46.04
N SER NA 315 -10.67 66.09 46.02
CA SER NA 315 -11.03 67.12 46.99
C SER NA 315 -12.33 67.80 46.59
N TYR NA 316 -12.93 68.46 47.56
CA TYR NA 316 -14.11 69.27 47.34
C TYR NA 316 -14.01 70.44 48.31
N SER NA 317 -15.02 71.30 48.28
CA SER NA 317 -15.04 72.42 49.21
C SER NA 317 -15.34 71.96 50.63
N ASP NA 318 -16.23 70.99 50.77
CA ASP NA 318 -16.69 70.54 52.07
C ASP NA 318 -15.93 69.34 52.60
N SER NA 319 -15.54 68.42 51.73
CA SER NA 319 -14.84 67.22 52.14
C SER NA 319 -13.91 66.80 51.01
N GLY NA 320 -13.48 65.55 51.03
CA GLY NA 320 -12.65 65.07 49.96
C GLY NA 320 -12.08 63.70 50.24
N LEU NA 321 -12.01 62.91 49.19
CA LEU NA 321 -11.64 61.51 49.27
C LEU NA 321 -10.17 61.32 48.98
N PHE NA 322 -9.58 60.32 49.62
CA PHE NA 322 -8.25 59.85 49.26
C PHE NA 322 -8.25 58.34 49.25
N GLY NA 323 -7.57 57.77 48.26
CA GLY NA 323 -7.40 56.33 48.23
C GLY NA 323 -6.49 55.94 47.10
N PHE NA 324 -6.45 54.65 46.84
CA PHE NA 324 -5.74 54.18 45.67
C PHE NA 324 -6.67 53.39 44.77
N TYR NA 325 -6.12 52.94 43.65
CA TYR NA 325 -6.89 52.57 42.48
C TYR NA 325 -6.13 51.48 41.75
N THR NA 326 -6.82 50.37 41.46
CA THR NA 326 -6.17 49.16 40.98
C THR NA 326 -6.84 48.70 39.69
N ILE NA 327 -6.05 48.61 38.63
CA ILE NA 327 -6.45 48.01 37.36
C ILE NA 327 -5.64 46.74 37.22
N SER NA 328 -6.30 45.58 37.28
CA SER NA 328 -5.48 44.37 37.27
C SER NA 328 -6.27 43.23 36.63
N GLN NA 329 -5.84 42.00 36.92
CA GLN NA 329 -6.21 40.81 36.19
C GLN NA 329 -7.60 40.32 36.59
N ALA NA 330 -7.90 39.07 36.24
CA ALA NA 330 -9.20 38.50 36.55
C ALA NA 330 -9.28 38.03 38.00
N ALA NA 331 -8.43 37.06 38.37
CA ALA NA 331 -8.53 36.40 39.68
C ALA NA 331 -7.24 36.52 40.46
N SER NA 332 -6.49 37.60 40.24
CA SER NA 332 -5.28 37.85 41.01
C SER NA 332 -5.18 39.33 41.33
N ALA NA 333 -6.27 39.89 41.83
CA ALA NA 333 -6.29 41.26 42.31
C ALA NA 333 -6.12 41.36 43.81
N GLY NA 334 -6.39 40.27 44.54
CA GLY NA 334 -6.35 40.32 45.99
C GLY NA 334 -4.95 40.55 46.53
N ASP NA 335 -3.96 39.87 45.94
CA ASP NA 335 -2.57 40.10 46.28
C ASP NA 335 -2.15 41.51 45.94
N VAL NA 336 -2.69 42.06 44.84
CA VAL NA 336 -2.37 43.42 44.43
C VAL NA 336 -2.85 44.42 45.48
N ILE NA 337 -4.11 44.29 45.88
CA ILE NA 337 -4.68 45.26 46.81
C ILE NA 337 -4.08 45.11 48.21
N LYS NA 338 -3.82 43.87 48.62
CA LYS NA 338 -3.20 43.65 49.92
C LYS NA 338 -1.76 44.17 49.94
N ALA NA 339 -1.03 44.02 48.84
CA ALA NA 339 0.34 44.53 48.80
C ALA NA 339 0.38 46.04 48.80
N ALA NA 340 -0.56 46.68 48.07
CA ALA NA 340 -0.61 48.13 48.06
C ALA NA 340 -1.00 48.68 49.42
N TYR NA 341 -1.89 47.98 50.12
CA TYR NA 341 -2.29 48.47 51.43
C TYR NA 341 -1.20 48.25 52.46
N ASN NA 342 -0.40 47.18 52.32
CA ASN NA 342 0.77 47.05 53.18
C ASN NA 342 1.81 48.11 52.88
N GLN NA 343 1.91 48.54 51.62
CA GLN NA 343 2.81 49.64 51.28
C GLN NA 343 2.37 50.95 51.93
N VAL NA 344 1.06 51.21 51.95
CA VAL NA 344 0.58 52.43 52.60
C VAL NA 344 0.77 52.34 54.12
N LYS NA 345 0.58 51.14 54.69
CA LYS NA 345 0.79 50.98 56.13
C LYS NA 345 2.26 51.13 56.51
N THR NA 346 3.16 50.65 55.67
CA THR NA 346 4.57 50.84 56.00
C THR NA 346 5.10 52.21 55.58
N ILE NA 347 4.34 53.00 54.84
CA ILE NA 347 4.67 54.42 54.73
C ILE NA 347 4.17 55.18 55.96
N ALA NA 348 2.97 54.86 56.43
CA ALA NA 348 2.46 55.45 57.67
C ALA NA 348 3.20 54.97 58.90
N GLN NA 349 4.00 53.91 58.79
CA GLN NA 349 4.79 53.42 59.91
C GLN NA 349 5.84 54.44 60.32
N GLY NA 350 6.44 55.12 59.36
CA GLY NA 350 7.50 56.06 59.63
C GLY NA 350 8.63 55.87 58.64
N ASN NA 351 8.57 54.79 57.87
CA ASN NA 351 9.59 54.47 56.88
C ASN NA 351 9.42 55.41 55.69
N LEU NA 352 9.90 56.64 55.87
CA LEU NA 352 9.84 57.65 54.83
C LEU NA 352 11.11 58.48 54.87
N SER NA 353 11.92 58.35 53.82
CA SER NA 353 13.10 59.19 53.68
C SER NA 353 12.69 60.57 53.19
N ASN NA 354 13.53 61.54 53.49
CA ASN NA 354 13.21 62.95 53.22
C ASN NA 354 13.48 63.43 51.78
N PRO NA 355 14.50 62.96 51.04
CA PRO NA 355 14.56 63.34 49.61
C PRO NA 355 13.41 62.82 48.76
N ASP NA 356 12.70 61.77 49.17
CA ASP NA 356 11.49 61.41 48.45
C ASP NA 356 10.38 62.43 48.70
N VAL NA 357 10.34 63.03 49.89
CA VAL NA 357 9.44 64.14 50.15
C VAL NA 357 9.83 65.34 49.29
N GLN NA 358 11.13 65.55 49.09
CA GLN NA 358 11.60 66.58 48.17
C GLN NA 358 11.13 66.30 46.74
N ALA NA 359 11.19 65.04 46.32
CA ALA NA 359 10.76 64.67 44.97
C ALA NA 359 9.27 64.84 44.78
N ALA NA 360 8.49 64.55 45.82
CA ALA NA 360 7.06 64.79 45.76
C ALA NA 360 6.74 66.28 45.72
N LYS NA 361 7.54 67.09 46.43
CA LYS NA 361 7.41 68.54 46.34
C LYS NA 361 7.69 69.02 44.92
N ASN NA 362 8.73 68.46 44.28
CA ASN NA 362 9.04 68.81 42.90
C ASN NA 362 7.92 68.41 41.96
N LYS NA 363 7.35 67.22 42.16
CA LYS NA 363 6.28 66.75 41.29
C LYS NA 363 5.02 67.58 41.47
N LEU NA 364 4.71 67.99 42.69
CA LEU NA 364 3.52 68.80 42.91
C LEU NA 364 3.68 70.19 42.33
N LYS NA 365 4.86 70.80 42.50
CA LYS NA 365 5.11 72.11 41.92
C LYS NA 365 5.03 72.07 40.41
N ALA NA 366 5.62 71.04 39.80
CA ALA NA 366 5.54 70.86 38.36
C ALA NA 366 4.10 70.58 37.92
N GLY NA 367 3.35 69.82 38.71
CA GLY NA 367 2.00 69.46 38.30
C GLY NA 367 1.05 70.64 38.32
N TYR NA 368 1.17 71.51 39.32
CA TYR NA 368 0.35 72.71 39.31
C TYR NA 368 0.79 73.67 38.22
N LEU NA 369 2.10 73.90 38.07
CA LEU NA 369 2.56 74.86 37.08
C LEU NA 369 2.34 74.38 35.66
N MET NA 370 2.18 73.09 35.46
CA MET NA 370 1.92 72.54 34.14
C MET NA 370 0.48 72.10 33.99
N SER NA 371 -0.37 72.34 34.98
CA SER NA 371 -1.81 72.26 34.79
C SER NA 371 -2.41 73.60 34.39
N VAL NA 372 -1.59 74.65 34.31
CA VAL NA 372 -2.04 75.96 33.87
C VAL NA 372 -1.24 76.40 32.66
N GLU NA 373 -0.85 75.44 31.82
CA GLU NA 373 -0.20 75.75 30.55
C GLU NA 373 -1.14 76.51 29.65
N SER NA 374 -2.22 75.86 29.22
CA SER NA 374 -3.20 76.47 28.34
C SER NA 374 -4.11 77.39 29.15
N SER NA 375 -4.86 78.22 28.44
CA SER NA 375 -5.79 79.12 29.09
C SER NA 375 -7.06 78.42 29.55
N GLU NA 376 -7.25 77.16 29.18
CA GLU NA 376 -8.44 76.45 29.59
C GLU NA 376 -8.29 75.93 31.02
N GLY NA 377 -7.19 75.24 31.31
CA GLY NA 377 -6.90 74.89 32.69
C GLY NA 377 -6.61 76.10 33.55
N PHE NA 378 -6.03 77.14 32.96
CA PHE NA 378 -5.85 78.41 33.66
C PHE NA 378 -7.19 79.05 34.00
N LEU NA 379 -8.14 78.95 33.07
CA LEU NA 379 -9.51 79.40 33.33
C LEU NA 379 -10.14 78.61 34.46
N ASP NA 380 -9.90 77.30 34.48
CA ASP NA 380 -10.42 76.44 35.55
C ASP NA 380 -9.88 76.85 36.91
N GLU NA 381 -8.57 77.05 36.99
CA GLU NA 381 -7.94 77.42 38.26
C GLU NA 381 -8.41 78.79 38.75
N VAL NA 382 -8.40 79.78 37.85
CA VAL NA 382 -8.77 81.16 38.22
C VAL NA 382 -10.23 81.21 38.65
N GLY NA 383 -11.13 80.66 37.84
CA GLY NA 383 -12.54 80.76 38.15
C GLY NA 383 -12.94 79.94 39.35
N CYS NA 384 -12.35 78.75 39.52
CA CYS NA 384 -12.74 77.93 40.66
C CYS NA 384 -12.19 78.50 41.96
N GLN NA 385 -11.05 79.20 41.91
CA GLN NA 385 -10.65 79.94 43.09
C GLN NA 385 -11.61 81.09 43.37
N ALA NA 386 -11.93 81.88 42.33
CA ALA NA 386 -12.75 83.07 42.51
C ALA NA 386 -14.19 82.74 42.90
N LEU NA 387 -14.65 81.54 42.61
CA LEU NA 387 -15.97 81.17 43.09
C LEU NA 387 -15.90 80.45 44.42
N ALA NA 388 -14.87 79.64 44.66
CA ALA NA 388 -14.78 78.90 45.91
C ALA NA 388 -14.45 79.83 47.07
N ALA NA 389 -13.55 80.79 46.86
CA ALA NA 389 -13.12 81.67 47.92
C ALA NA 389 -13.34 83.15 47.63
N GLY NA 390 -13.33 83.55 46.36
CA GLY NA 390 -13.47 84.95 46.03
C GLY NA 390 -12.14 85.67 46.03
N SER NA 391 -11.16 85.13 45.31
CA SER NA 391 -9.80 85.64 45.37
C SER NA 391 -9.03 85.17 44.15
N TYR NA 392 -7.80 85.68 44.02
CA TYR NA 392 -6.80 85.13 43.13
C TYR NA 392 -5.50 84.91 43.88
N THR NA 393 -4.91 83.73 43.68
CA THR NA 393 -3.65 83.37 44.29
C THR NA 393 -2.63 83.15 43.18
N PRO NA 394 -1.56 83.93 43.11
CA PRO NA 394 -0.56 83.71 42.07
C PRO NA 394 0.19 82.41 42.31
N PRO NA 395 0.77 81.82 41.27
CA PRO NA 395 1.43 80.51 41.45
C PRO NA 395 2.70 80.56 42.27
N SER NA 396 3.30 81.73 42.46
CA SER NA 396 4.52 81.81 43.27
C SER NA 396 4.24 81.49 44.73
N THR NA 397 3.19 82.11 45.29
CA THR NA 397 2.80 81.73 46.65
C THR NA 397 2.12 80.38 46.70
N VAL NA 398 1.67 79.83 45.57
CA VAL NA 398 1.27 78.43 45.52
C VAL NA 398 2.48 77.53 45.75
N LEU NA 399 3.61 77.84 45.07
CA LEU NA 399 4.84 77.07 45.29
C LEU NA 399 5.34 77.24 46.71
N GLN NA 400 5.17 78.45 47.27
CA GLN NA 400 5.50 78.72 48.66
C GLN NA 400 4.68 77.85 49.61
N GLN NA 401 3.39 77.72 49.35
CA GLN NA 401 2.58 76.86 50.21
C GLN NA 401 2.85 75.38 49.96
N ILE NA 402 3.34 75.01 48.78
CA ILE NA 402 3.72 73.62 48.55
C ILE NA 402 4.93 73.27 49.39
N ASP NA 403 6.01 74.03 49.24
CA ASP NA 403 7.20 73.64 49.99
C ASP NA 403 7.19 74.14 51.43
N ALA NA 404 6.11 74.78 51.87
CA ALA NA 404 5.99 75.21 53.25
C ALA NA 404 5.48 74.10 54.19
N VAL NA 405 5.61 72.83 53.83
CA VAL NA 405 5.28 71.73 54.73
C VAL NA 405 6.50 70.82 54.88
N ALA NA 406 6.50 70.05 55.96
CA ALA NA 406 7.51 69.05 56.26
C ALA NA 406 6.86 67.67 56.28
N ASP NA 407 7.67 66.64 56.54
CA ASP NA 407 7.20 65.26 56.46
C ASP NA 407 6.35 64.85 57.66
N ALA NA 408 6.28 65.68 58.70
CA ALA NA 408 5.40 65.40 59.82
C ALA NA 408 3.95 65.34 59.37
N ASP NA 409 3.55 66.27 58.53
CA ASP NA 409 2.19 66.26 58.01
C ASP NA 409 1.95 65.09 57.07
N VAL NA 410 3.01 64.62 56.41
CA VAL NA 410 2.88 63.45 55.54
C VAL NA 410 2.64 62.20 56.36
N ILE NA 411 3.41 62.03 57.45
CA ILE NA 411 3.20 60.92 58.36
C ILE NA 411 1.80 60.99 58.98
N ASN NA 412 1.35 62.20 59.30
CA ASN NA 412 0.02 62.36 59.89
C ASN NA 412 -1.09 62.01 58.92
N ALA NA 413 -0.94 62.40 57.64
CA ALA NA 413 -1.96 62.11 56.65
C ALA NA 413 -2.01 60.62 56.31
N ALA NA 414 -0.86 59.97 56.17
CA ALA NA 414 -0.83 58.54 55.91
C ALA NA 414 -1.37 57.76 57.10
N LYS NA 415 -1.06 58.22 58.30
CA LYS NA 415 -1.56 57.58 59.51
C LYS NA 415 -3.06 57.77 59.64
N LYS NA 416 -3.57 58.90 59.14
CA LYS NA 416 -5.02 59.11 59.15
C LYS NA 416 -5.71 58.21 58.14
N PHE NA 417 -5.07 57.97 56.98
CA PHE NA 417 -5.66 57.05 56.02
C PHE NA 417 -5.66 55.62 56.54
N VAL NA 418 -4.63 55.24 57.29
CA VAL NA 418 -4.66 53.93 57.93
C VAL NA 418 -5.68 53.93 59.07
N SER NA 419 -5.94 55.10 59.64
CA SER NA 419 -6.77 55.19 60.83
C SER NA 419 -8.24 54.95 60.53
N GLY NA 420 -8.83 55.79 59.66
CA GLY NA 420 -10.27 55.77 59.47
C GLY NA 420 -10.74 54.56 58.69
N ARG NA 421 -12.01 54.20 58.92
CA ARG NA 421 -12.58 53.03 58.26
C ARG NA 421 -12.81 53.33 56.80
N LYS NA 422 -12.39 52.41 55.94
CA LYS NA 422 -12.32 52.69 54.52
C LYS NA 422 -13.67 52.46 53.85
N SER NA 423 -13.68 52.72 52.55
CA SER NA 423 -14.78 52.42 51.67
C SER NA 423 -14.18 51.88 50.37
N MET NA 424 -14.96 51.09 49.65
CA MET NA 424 -14.43 50.65 48.36
C MET NA 424 -15.51 50.38 47.33
N ALA NA 425 -15.07 50.36 46.07
CA ALA NA 425 -15.93 50.00 44.95
C ALA NA 425 -15.12 49.15 43.99
N ALA NA 426 -15.61 47.96 43.68
CA ALA NA 426 -14.91 47.05 42.80
C ALA NA 426 -15.85 46.56 41.72
N SER NA 427 -15.28 46.27 40.54
CA SER NA 427 -16.08 45.80 39.42
C SER NA 427 -15.23 44.91 38.53
N GLY NA 428 -15.93 43.97 37.87
CA GLY NA 428 -15.31 43.04 36.96
C GLY NA 428 -15.57 41.60 37.39
N ASN NA 429 -14.64 40.73 37.02
CA ASN NA 429 -14.71 39.34 37.47
C ASN NA 429 -14.11 39.28 38.88
N LEU NA 430 -14.96 39.08 39.88
CA LEU NA 430 -14.56 39.36 41.24
C LEU NA 430 -14.47 38.08 42.07
N GLY NA 431 -13.80 37.07 41.53
CA GLY NA 431 -13.72 35.79 42.21
C GLY NA 431 -12.76 35.75 43.39
N HIS NA 432 -11.75 36.61 43.40
CA HIS NA 432 -10.72 36.60 44.43
C HIS NA 432 -10.46 38.01 44.92
N THR NA 433 -11.50 38.69 45.22
CA THR NA 433 -11.44 40.08 45.61
C THR NA 433 -11.55 40.20 47.12
N PRO NA 434 -10.65 40.91 47.78
CA PRO NA 434 -10.75 41.07 49.23
C PRO NA 434 -11.93 41.95 49.59
N PHE NA 435 -12.55 41.65 50.73
CA PHE NA 435 -13.86 42.26 50.94
C PHE NA 435 -13.78 43.70 51.43
N ILE NA 436 -13.54 43.91 52.71
CA ILE NA 436 -12.91 45.10 53.29
C ILE NA 436 -12.00 44.56 54.38
N ASP NA 437 -12.60 43.74 55.24
CA ASP NA 437 -11.98 43.27 56.47
C ASP NA 437 -10.90 42.23 56.20
N GLU NA 438 -10.84 41.69 55.00
CA GLU NA 438 -9.86 40.66 54.67
C GLU NA 438 -8.47 41.22 54.42
N LEU NA 439 -8.31 42.53 54.39
CA LEU NA 439 -7.04 43.16 54.05
C LEU NA 439 -5.99 42.96 55.13
N ILE OA 2 -33.58 61.72 1.49
CA ILE OA 2 -32.16 61.53 1.21
C ILE OA 2 -31.94 61.63 -0.27
N ASN OA 3 -32.60 60.74 -0.99
CA ASN OA 3 -32.69 60.81 -2.44
C ASN OA 3 -34.10 60.47 -2.85
N ILE OA 4 -34.57 61.14 -3.90
CA ILE OA 4 -35.88 60.84 -4.48
C ILE OA 4 -35.87 59.45 -5.11
N ARG OA 5 -34.68 58.96 -5.49
CA ARG OA 5 -34.53 57.59 -5.97
C ARG OA 5 -34.85 56.55 -4.89
N LYS OA 6 -34.85 56.93 -3.62
CA LYS OA 6 -35.26 56.02 -2.55
C LYS OA 6 -36.57 56.39 -1.87
N THR OA 7 -37.23 57.47 -2.26
CA THR OA 7 -38.48 57.85 -1.61
C THR OA 7 -39.67 57.89 -2.54
N HIS OA 8 -39.48 58.14 -3.80
CA HIS OA 8 -40.57 58.35 -4.72
C HIS OA 8 -41.18 57.01 -5.11
N PRO OA 9 -42.53 56.91 -5.15
CA PRO OA 9 -43.16 55.59 -5.22
C PRO OA 9 -42.90 54.80 -6.49
N LEU OA 10 -42.92 55.45 -7.65
CA LEU OA 10 -42.47 54.77 -8.87
C LEU OA 10 -40.97 54.52 -8.83
N MET OA 11 -40.22 55.47 -8.29
CA MET OA 11 -38.78 55.29 -8.26
C MET OA 11 -38.36 54.27 -7.22
N LYS OA 12 -39.24 53.95 -6.26
CA LYS OA 12 -39.03 52.75 -5.45
C LYS OA 12 -39.03 51.50 -6.33
N ILE OA 13 -39.96 51.43 -7.28
CA ILE OA 13 -40.07 50.27 -8.15
C ILE OA 13 -38.87 50.16 -9.08
N VAL OA 14 -38.52 51.28 -9.74
CA VAL OA 14 -37.39 51.25 -10.66
C VAL OA 14 -36.08 51.06 -9.90
N ASN OA 15 -35.99 51.57 -8.68
CA ASN OA 15 -34.76 51.50 -7.91
C ASN OA 15 -34.54 50.10 -7.35
N ASN OA 16 -35.60 49.49 -6.82
CA ASN OA 16 -35.50 48.15 -6.27
C ASN OA 16 -35.71 47.07 -7.32
N ALA OA 17 -35.93 47.46 -8.58
CA ALA OA 17 -35.95 46.50 -9.67
C ALA OA 17 -34.68 46.51 -10.49
N PHE OA 18 -34.31 47.67 -11.06
CA PHE OA 18 -33.30 47.72 -12.09
C PHE OA 18 -32.02 48.38 -11.63
N ILE OA 19 -31.88 48.71 -10.35
CA ILE OA 19 -30.64 49.27 -9.86
C ILE OA 19 -30.16 48.50 -8.63
N ASP OA 20 -30.98 48.47 -7.59
CA ASP OA 20 -30.57 47.88 -6.33
C ASP OA 20 -31.00 46.43 -6.20
N LEU OA 21 -30.94 45.70 -7.29
CA LEU OA 21 -31.22 44.28 -7.27
C LEU OA 21 -29.93 43.51 -7.09
N PRO OA 22 -29.82 42.64 -6.10
CA PRO OA 22 -28.64 41.77 -6.02
C PRO OA 22 -28.67 40.76 -7.14
N ALA OA 23 -27.48 40.36 -7.58
CA ALA OA 23 -27.37 39.47 -8.72
C ALA OA 23 -26.31 38.43 -8.43
N PRO OA 24 -26.45 37.23 -8.96
CA PRO OA 24 -25.32 36.31 -8.96
C PRO OA 24 -24.24 36.87 -9.86
N SER OA 25 -23.00 36.69 -9.46
CA SER OA 25 -21.92 37.44 -10.08
C SER OA 25 -21.24 36.70 -11.22
N ASN OA 26 -21.40 35.39 -11.32
CA ASN OA 26 -20.72 34.60 -12.34
C ASN OA 26 -21.64 34.29 -13.51
N ILE OA 27 -22.47 35.25 -13.91
CA ILE OA 27 -23.42 35.05 -14.97
C ILE OA 27 -22.72 34.89 -16.31
N SER OA 28 -23.09 33.85 -17.05
CA SER OA 28 -22.56 33.57 -18.38
C SER OA 28 -23.23 34.41 -19.44
N SER OA 29 -23.13 34.03 -20.70
CA SER OA 29 -23.87 34.72 -21.75
C SER OA 29 -25.19 34.04 -22.04
N TRP OA 30 -25.80 33.43 -21.06
CA TRP OA 30 -27.08 32.77 -21.22
C TRP OA 30 -28.17 33.41 -20.38
N TRP OA 31 -27.89 34.53 -19.72
CA TRP OA 31 -28.89 35.32 -19.03
C TRP OA 31 -29.21 36.60 -19.74
N ASN OA 32 -28.56 36.88 -20.87
CA ASN OA 32 -28.96 38.05 -21.62
C ASN OA 32 -30.28 37.83 -22.33
N PHE OA 33 -30.68 36.57 -22.49
CA PHE OA 33 -31.86 36.24 -23.24
C PHE OA 33 -33.14 36.73 -22.61
N GLY OA 34 -33.15 37.00 -21.31
CA GLY OA 34 -34.31 37.64 -20.72
C GLY OA 34 -34.52 39.04 -21.26
N SER OA 35 -33.45 39.83 -21.26
CA SER OA 35 -33.52 41.16 -21.85
C SER OA 35 -33.72 41.08 -23.36
N LEU OA 36 -33.18 40.06 -24.01
CA LEU OA 36 -33.38 39.92 -25.45
C LEU OA 36 -34.81 39.59 -25.78
N LEU OA 37 -35.45 38.75 -24.98
CA LEU OA 37 -36.86 38.46 -25.18
C LEU OA 37 -37.71 39.69 -24.90
N GLY OA 38 -37.31 40.50 -23.93
CA GLY OA 38 -38.02 41.75 -23.71
C GLY OA 38 -37.92 42.72 -24.88
N ILE OA 39 -36.71 42.83 -25.44
CA ILE OA 39 -36.50 43.75 -26.56
C ILE OA 39 -37.15 43.21 -27.83
N CYS OA 40 -37.09 41.88 -28.03
CA CYS OA 40 -37.83 41.25 -29.13
C CYS OA 40 -39.33 41.48 -28.98
N LEU OA 41 -39.84 41.45 -27.75
CA LEU OA 41 -41.26 41.66 -27.53
C LEU OA 41 -41.67 43.08 -27.88
N ILE OA 42 -40.93 44.07 -27.38
CA ILE OA 42 -41.34 45.45 -27.64
C ILE OA 42 -41.07 45.84 -29.08
N LEU OA 43 -40.09 45.24 -29.73
CA LEU OA 43 -39.87 45.53 -31.14
C LEU OA 43 -40.96 44.90 -31.99
N GLN OA 44 -41.42 43.71 -31.61
CA GLN OA 44 -42.58 43.14 -32.26
C GLN OA 44 -43.81 44.00 -32.08
N ILE OA 45 -43.97 44.58 -30.90
CA ILE OA 45 -45.14 45.43 -30.64
C ILE OA 45 -45.10 46.69 -31.49
N LEU OA 46 -43.92 47.31 -31.61
CA LEU OA 46 -43.86 48.55 -32.36
C LEU OA 46 -43.96 48.31 -33.87
N THR OA 47 -43.31 47.26 -34.38
CA THR OA 47 -43.42 47.00 -35.81
C THR OA 47 -44.82 46.53 -36.18
N GLY OA 48 -45.45 45.72 -35.32
CA GLY OA 48 -46.84 45.39 -35.53
C GLY OA 48 -47.74 46.60 -35.46
N LEU OA 49 -47.38 47.60 -34.64
CA LEU OA 49 -48.20 48.79 -34.55
C LEU OA 49 -48.14 49.59 -35.84
N PHE OA 50 -46.98 49.66 -36.48
CA PHE OA 50 -46.92 50.34 -37.77
C PHE OA 50 -47.65 49.54 -38.85
N LEU OA 51 -47.50 48.22 -38.82
CA LEU OA 51 -48.20 47.36 -39.77
C LEU OA 51 -49.70 47.48 -39.62
N ALA OA 52 -50.19 47.59 -38.39
CA ALA OA 52 -51.60 47.86 -38.17
C ALA OA 52 -51.97 49.25 -38.64
N MET OA 53 -51.02 50.19 -38.61
CA MET OA 53 -51.26 51.47 -39.26
C MET OA 53 -51.12 51.43 -40.77
N HIS OA 54 -50.97 50.25 -41.39
CA HIS OA 54 -51.22 50.17 -42.84
C HIS OA 54 -52.04 48.95 -43.28
N TYR OA 55 -52.81 48.32 -42.41
CA TYR OA 55 -53.42 47.03 -42.74
C TYR OA 55 -54.93 47.14 -42.88
N THR OA 56 -55.50 46.34 -43.78
CA THR OA 56 -56.94 46.26 -44.00
C THR OA 56 -57.38 44.81 -43.97
N PRO OA 57 -57.98 44.34 -42.88
CA PRO OA 57 -58.41 42.94 -42.82
C PRO OA 57 -59.66 42.63 -43.63
N ASP OA 58 -59.49 42.25 -44.88
CA ASP OA 58 -60.58 41.74 -45.71
C ASP OA 58 -60.13 40.51 -46.46
N THR OA 59 -61.01 39.52 -46.60
CA THR OA 59 -60.65 38.27 -47.28
C THR OA 59 -60.44 38.39 -48.77
N THR OA 60 -60.49 39.57 -49.34
CA THR OA 60 -60.11 39.73 -50.73
C THR OA 60 -58.96 40.71 -50.92
N THR OA 61 -58.81 41.68 -50.01
CA THR OA 61 -57.81 42.73 -50.17
C THR OA 61 -56.66 42.63 -49.18
N ALA OA 62 -56.56 41.53 -48.43
CA ALA OA 62 -55.52 41.44 -47.41
C ALA OA 62 -54.15 41.28 -48.04
N PHE OA 63 -54.00 40.29 -48.92
CA PHE OA 63 -52.72 40.03 -49.55
C PHE OA 63 -52.31 41.17 -50.47
N SER OA 64 -53.28 41.74 -51.18
CA SER OA 64 -53.01 42.92 -51.99
C SER OA 64 -52.60 44.10 -51.12
N SER OA 65 -53.17 44.23 -49.93
CA SER OA 65 -52.80 45.33 -49.05
C SER OA 65 -51.41 45.16 -48.47
N VAL OA 66 -51.01 43.91 -48.19
CA VAL OA 66 -49.67 43.69 -47.68
C VAL OA 66 -48.65 43.95 -48.79
N THR OA 67 -49.00 43.58 -50.02
CA THR OA 67 -48.18 43.96 -51.18
C THR OA 67 -48.09 45.47 -51.31
N HIS OA 68 -49.20 46.16 -51.04
CA HIS OA 68 -49.23 47.62 -51.05
C HIS OA 68 -48.31 48.19 -49.98
N ILE OA 69 -48.21 47.51 -48.84
CA ILE OA 69 -47.27 47.92 -47.81
C ILE OA 69 -45.85 47.72 -48.27
N CYS OA 70 -45.58 46.60 -48.95
CA CYS OA 70 -44.22 46.31 -49.39
C CYS OA 70 -43.78 47.24 -50.51
N ARG OA 71 -44.71 47.78 -51.28
CA ARG OA 71 -44.33 48.58 -52.43
C ARG OA 71 -44.52 50.07 -52.20
N ASP OA 72 -45.75 50.50 -51.92
CA ASP OA 72 -46.09 51.91 -52.04
C ASP OA 72 -45.84 52.69 -50.75
N VAL OA 73 -45.26 52.04 -49.75
CA VAL OA 73 -44.89 52.68 -48.49
C VAL OA 73 -43.38 52.77 -48.47
N ASN OA 74 -42.85 53.92 -48.10
CA ASN OA 74 -41.42 54.04 -47.89
C ASN OA 74 -41.02 53.19 -46.69
N TYR OA 75 -40.07 52.27 -46.90
CA TYR OA 75 -39.47 51.39 -45.90
C TYR OA 75 -40.45 50.40 -45.28
N GLY OA 76 -41.66 50.29 -45.84
CA GLY OA 76 -42.64 49.36 -45.31
C GLY OA 76 -42.21 47.93 -45.53
N TRP OA 77 -41.40 47.69 -46.55
CA TRP OA 77 -40.79 46.40 -46.71
C TRP OA 77 -39.85 46.08 -45.56
N ILE OA 78 -39.13 47.09 -45.03
CA ILE OA 78 -38.25 46.78 -43.91
C ILE OA 78 -39.09 46.54 -42.67
N ILE OA 79 -40.27 47.17 -42.57
CA ILE OA 79 -41.01 46.98 -41.32
C ILE OA 79 -41.70 45.62 -41.33
N ARG OA 80 -42.22 45.20 -42.49
CA ARG OA 80 -42.82 43.89 -42.63
C ARG OA 80 -41.80 42.79 -42.38
N TYR OA 81 -40.65 42.91 -43.03
CA TYR OA 81 -39.57 41.96 -42.83
C TYR OA 81 -39.07 41.95 -41.40
N MET OA 82 -39.07 43.11 -40.74
CA MET OA 82 -38.61 43.15 -39.37
C MET OA 82 -39.60 42.47 -38.45
N HIS OA 83 -40.90 42.60 -38.71
CA HIS OA 83 -41.88 41.91 -37.88
C HIS OA 83 -41.76 40.41 -38.03
N ALA OA 84 -41.54 39.94 -39.26
CA ALA OA 84 -41.43 38.49 -39.47
C ALA OA 84 -40.14 37.92 -38.87
N ASN OA 85 -39.00 38.50 -39.22
CA ASN OA 85 -37.75 38.00 -38.67
C ASN OA 85 -37.60 38.28 -37.18
N GLY OA 86 -38.32 39.28 -36.67
CA GLY OA 86 -38.34 39.50 -35.24
C GLY OA 86 -39.12 38.44 -34.53
N ALA OA 87 -40.18 37.92 -35.17
CA ALA OA 87 -40.84 36.75 -34.62
C ALA OA 87 -39.90 35.54 -34.61
N SER OA 88 -39.10 35.42 -35.66
CA SER OA 88 -38.13 34.32 -35.72
C SER OA 88 -37.10 34.42 -34.61
N MET OA 89 -36.50 35.59 -34.43
CA MET OA 89 -35.52 35.79 -33.37
C MET OA 89 -36.16 35.71 -32.00
N PHE OA 90 -37.46 36.04 -31.93
CA PHE OA 90 -38.20 35.91 -30.69
C PHE OA 90 -38.26 34.46 -30.24
N PHE OA 91 -38.62 33.55 -31.16
CA PHE OA 91 -38.65 32.14 -30.74
C PHE OA 91 -37.26 31.54 -30.55
N ILE OA 92 -36.25 32.03 -31.29
CA ILE OA 92 -34.88 31.58 -31.06
C ILE OA 92 -34.44 31.91 -29.64
N CYS OA 93 -34.61 33.18 -29.24
CA CYS OA 93 -34.23 33.56 -27.89
C CYS OA 93 -35.13 32.91 -26.85
N LEU OA 94 -36.37 32.59 -27.21
CA LEU OA 94 -37.25 31.91 -26.26
C LEU OA 94 -36.79 30.49 -25.98
N PHE OA 95 -36.42 29.74 -27.01
CA PHE OA 95 -35.93 28.39 -26.75
C PHE OA 95 -34.57 28.39 -26.09
N MET OA 96 -33.75 29.42 -26.33
CA MET OA 96 -32.51 29.55 -25.55
C MET OA 96 -32.82 29.75 -24.08
N HIS OA 97 -33.80 30.61 -23.79
CA HIS OA 97 -34.18 30.91 -22.41
C HIS OA 97 -34.72 29.68 -21.70
N VAL OA 98 -35.56 28.90 -22.40
CA VAL OA 98 -36.12 27.69 -21.81
C VAL OA 98 -35.04 26.63 -21.63
N GLY OA 99 -34.11 26.54 -22.58
CA GLY OA 99 -33.05 25.55 -22.46
C GLY OA 99 -32.12 25.84 -21.30
N ARG OA 100 -31.81 27.11 -21.07
CA ARG OA 100 -31.04 27.49 -19.89
C ARG OA 100 -31.84 27.19 -18.62
N GLY OA 101 -33.09 27.64 -18.59
CA GLY OA 101 -33.91 27.48 -17.40
C GLY OA 101 -34.26 26.06 -17.06
N LEU OA 102 -34.09 25.15 -18.00
CA LEU OA 102 -34.13 23.72 -17.69
C LEU OA 102 -32.74 23.16 -17.40
N TYR OA 103 -31.70 23.79 -17.94
CA TYR OA 103 -30.37 23.22 -17.78
C TYR OA 103 -29.81 23.48 -16.40
N TYR OA 104 -29.75 24.74 -16.01
CA TYR OA 104 -29.06 25.09 -14.77
C TYR OA 104 -29.91 24.91 -13.55
N GLY OA 105 -30.96 24.11 -13.61
CA GLY OA 105 -31.72 23.81 -12.41
C GLY OA 105 -32.57 24.94 -11.93
N SER OA 106 -32.83 25.93 -12.77
CA SER OA 106 -33.70 27.03 -12.39
C SER OA 106 -35.16 26.62 -12.36
N TYR OA 107 -35.50 25.40 -12.75
CA TYR OA 107 -36.83 24.87 -12.63
C TYR OA 107 -37.14 24.36 -11.24
N THR OA 108 -36.30 24.64 -10.26
CA THR OA 108 -36.68 24.51 -8.86
C THR OA 108 -37.48 25.70 -8.35
N PHE OA 109 -37.92 26.60 -9.23
CA PHE OA 109 -38.73 27.74 -8.87
C PHE OA 109 -40.10 27.51 -9.50
N LEU OA 110 -41.04 27.01 -8.68
CA LEU OA 110 -42.27 26.43 -9.21
C LEU OA 110 -43.17 27.49 -9.83
N GLU OA 111 -43.33 28.60 -9.14
CA GLU OA 111 -44.30 29.62 -9.52
C GLU OA 111 -43.88 30.31 -10.80
N THR OA 112 -42.58 30.60 -10.94
CA THR OA 112 -42.05 31.23 -12.13
C THR OA 112 -42.14 30.27 -13.30
N TRP OA 113 -42.02 28.98 -13.01
CA TRP OA 113 -42.11 27.97 -14.06
C TRP OA 113 -43.52 27.87 -14.61
N ASN OA 114 -44.52 27.91 -13.73
CA ASN OA 114 -45.90 27.88 -14.19
C ASN OA 114 -46.25 29.11 -15.01
N ILE OA 115 -45.84 30.30 -14.52
CA ILE OA 115 -46.11 31.54 -15.25
C ILE OA 115 -45.39 31.53 -16.60
N GLY OA 116 -44.21 30.92 -16.64
CA GLY OA 116 -43.48 30.83 -17.89
C GLY OA 116 -44.16 29.94 -18.91
N VAL OA 117 -44.68 28.78 -18.48
CA VAL OA 117 -45.31 27.90 -19.45
C VAL OA 117 -46.61 28.52 -19.96
N ILE OA 118 -47.29 29.29 -19.12
CA ILE OA 118 -48.41 30.10 -19.58
C ILE OA 118 -47.99 31.06 -20.68
N LEU OA 119 -46.85 31.72 -20.49
CA LEU OA 119 -46.32 32.60 -21.54
C LEU OA 119 -45.93 31.83 -22.79
N LEU OA 120 -45.51 30.59 -22.64
CA LEU OA 120 -45.13 29.78 -23.81
C LEU OA 120 -46.33 29.50 -24.68
N PHE OA 121 -47.43 29.06 -24.06
CA PHE OA 121 -48.70 28.90 -24.77
C PHE OA 121 -49.11 30.20 -25.45
N ALA OA 122 -48.99 31.33 -24.74
CA ALA OA 122 -49.50 32.58 -25.27
C ALA OA 122 -48.69 33.07 -26.46
N THR OA 123 -47.37 32.94 -26.42
CA THR OA 123 -46.56 33.36 -27.56
C THR OA 123 -46.74 32.44 -28.75
N MET OA 124 -46.95 31.13 -28.51
CA MET OA 124 -47.26 30.23 -29.62
C MET OA 124 -48.59 30.60 -30.26
N ALA OA 125 -49.59 30.98 -29.45
CA ALA OA 125 -50.88 31.35 -30.00
C ALA OA 125 -50.81 32.64 -30.81
N THR OA 126 -50.07 33.63 -30.29
CA THR OA 126 -49.93 34.90 -30.99
C THR OA 126 -49.21 34.71 -32.32
N ALA OA 127 -48.14 33.92 -32.32
CA ALA OA 127 -47.37 33.72 -33.53
C ALA OA 127 -48.15 32.92 -34.56
N PHE OA 128 -48.95 31.96 -34.10
CA PHE OA 128 -49.80 31.21 -35.02
C PHE OA 128 -50.84 32.10 -35.68
N MET OA 129 -51.51 32.94 -34.90
CA MET OA 129 -52.59 33.74 -35.47
C MET OA 129 -52.05 34.81 -36.41
N GLY OA 130 -50.93 35.45 -36.04
CA GLY OA 130 -50.30 36.36 -36.97
C GLY OA 130 -49.76 35.68 -38.21
N TYR OA 131 -49.34 34.42 -38.08
CA TYR OA 131 -48.91 33.67 -39.24
C TYR OA 131 -50.08 33.38 -40.17
N VAL OA 132 -51.29 33.28 -39.60
CA VAL OA 132 -52.48 33.13 -40.43
C VAL OA 132 -52.79 34.43 -41.17
N LEU OA 133 -52.57 35.57 -40.50
CA LEU OA 133 -53.06 36.86 -40.99
C LEU OA 133 -52.78 37.32 -42.42
N PRO OA 134 -51.61 37.06 -43.06
CA PRO OA 134 -51.41 37.67 -44.39
C PRO OA 134 -52.13 37.00 -45.53
N TRP OA 135 -53.01 36.05 -45.23
CA TRP OA 135 -53.94 35.43 -46.18
C TRP OA 135 -53.18 34.69 -47.29
N GLY OA 136 -52.01 34.17 -46.96
CA GLY OA 136 -51.28 33.35 -47.87
C GLY OA 136 -51.80 31.94 -47.89
N GLN OA 137 -51.30 31.18 -48.86
CA GLN OA 137 -51.78 29.83 -49.10
C GLN OA 137 -51.44 28.92 -47.92
N MET OA 138 -50.18 29.01 -47.46
CA MET OA 138 -49.74 28.23 -46.31
C MET OA 138 -50.52 28.62 -45.05
N SER OA 139 -50.81 29.90 -44.91
CA SER OA 139 -51.61 30.38 -43.78
C SER OA 139 -52.99 29.76 -43.80
N PHE OA 140 -53.63 29.76 -44.97
CA PHE OA 140 -54.99 29.26 -45.11
C PHE OA 140 -55.08 27.78 -44.78
N TRP OA 141 -54.20 26.98 -45.38
CA TRP OA 141 -54.31 25.53 -45.19
C TRP OA 141 -53.82 25.10 -43.82
N GLY OA 142 -52.79 25.75 -43.27
CA GLY OA 142 -52.38 25.45 -41.92
C GLY OA 142 -53.43 25.83 -40.90
N ALA OA 143 -54.17 26.91 -41.17
CA ALA OA 143 -55.29 27.29 -40.32
C ALA OA 143 -56.36 26.21 -40.32
N THR OA 144 -56.68 25.69 -41.51
CA THR OA 144 -57.68 24.64 -41.62
C THR OA 144 -57.27 23.38 -40.86
N VAL OA 145 -56.00 22.98 -41.02
CA VAL OA 145 -55.49 21.76 -40.42
C VAL OA 145 -55.46 21.85 -38.90
N ILE OA 146 -54.86 22.91 -38.38
CA ILE OA 146 -54.69 23.00 -36.93
C ILE OA 146 -56.02 23.30 -36.23
N THR OA 147 -56.95 23.97 -36.91
CA THR OA 147 -58.23 24.19 -36.26
C THR OA 147 -59.06 22.91 -36.22
N ASN OA 148 -58.93 22.04 -37.24
CA ASN OA 148 -59.60 20.75 -37.12
C ASN OA 148 -58.92 19.84 -36.08
N LEU OA 149 -57.61 20.00 -35.90
CA LEU OA 149 -56.94 19.36 -34.77
C LEU OA 149 -57.51 19.80 -33.44
N LEU OA 150 -57.88 21.07 -33.34
CA LEU OA 150 -58.60 21.50 -32.16
C LEU OA 150 -60.01 20.92 -32.11
N SER OA 151 -60.58 20.60 -33.28
CA SER OA 151 -61.89 19.95 -33.32
C SER OA 151 -61.85 18.47 -33.00
N ALA OA 152 -60.68 17.91 -32.72
CA ALA OA 152 -60.61 16.50 -32.34
C ALA OA 152 -61.34 16.14 -31.04
N ILE OA 153 -61.53 17.08 -30.12
CA ILE OA 153 -62.04 16.72 -28.79
C ILE OA 153 -63.57 16.59 -28.85
N PRO OA 154 -64.13 15.46 -28.42
CA PRO OA 154 -65.55 15.19 -28.67
C PRO OA 154 -66.51 15.90 -27.73
N TYR OA 155 -67.67 16.24 -28.30
CA TYR OA 155 -68.92 16.68 -27.67
C TYR OA 155 -68.88 18.09 -27.09
N ILE OA 156 -67.69 18.67 -26.94
CA ILE OA 156 -67.59 20.00 -26.35
C ILE OA 156 -66.82 20.86 -27.35
N GLY OA 157 -66.00 20.22 -28.18
CA GLY OA 157 -65.08 20.95 -29.04
C GLY OA 157 -65.44 21.07 -30.51
N THR OA 158 -66.31 20.19 -31.01
CA THR OA 158 -66.57 20.11 -32.45
C THR OA 158 -67.31 21.35 -32.95
N ASN OA 159 -68.49 21.60 -32.38
CA ASN OA 159 -69.21 22.82 -32.70
C ASN OA 159 -68.51 24.05 -32.11
N LEU OA 160 -67.63 23.87 -31.13
CA LEU OA 160 -66.77 24.96 -30.65
C LEU OA 160 -65.81 25.41 -31.76
N VAL OA 161 -65.34 24.48 -32.57
CA VAL OA 161 -64.44 24.82 -33.66
C VAL OA 161 -65.20 25.39 -34.85
N GLU OA 162 -66.37 24.82 -35.16
CA GLU OA 162 -67.24 25.47 -36.14
C GLU OA 162 -67.77 26.81 -35.64
N TRP OA 163 -67.72 27.05 -34.33
CA TRP OA 163 -68.04 28.33 -33.72
C TRP OA 163 -66.92 29.34 -33.85
N ILE OA 164 -65.67 28.94 -33.62
CA ILE OA 164 -64.58 29.90 -33.84
C ILE OA 164 -64.29 30.09 -35.32
N TRP OA 165 -64.78 29.20 -36.18
CA TRP OA 165 -64.74 29.43 -37.61
C TRP OA 165 -65.65 30.58 -38.03
N GLY OA 166 -66.72 30.81 -37.28
CA GLY OA 166 -67.77 31.66 -37.82
C GLY OA 166 -68.52 30.95 -38.92
N GLY OA 167 -68.87 29.69 -38.71
CA GLY OA 167 -69.57 28.93 -39.74
C GLY OA 167 -69.03 27.52 -39.90
N PHE OA 168 -68.52 27.22 -41.11
CA PHE OA 168 -68.02 25.89 -41.42
C PHE OA 168 -66.73 25.96 -42.25
N SER OA 169 -66.01 27.06 -42.17
CA SER OA 169 -64.98 27.36 -43.15
C SER OA 169 -64.01 28.37 -42.54
N VAL OA 170 -63.29 29.10 -43.38
CA VAL OA 170 -62.59 30.30 -42.99
C VAL OA 170 -63.19 31.46 -43.77
N ASP OA 171 -63.51 32.56 -43.07
CA ASP OA 171 -64.32 33.62 -43.64
C ASP OA 171 -63.76 34.95 -43.16
N LYS OA 172 -64.47 36.05 -43.46
CA LYS OA 172 -64.11 37.36 -42.95
C LYS OA 172 -64.18 37.41 -41.44
N ALA OA 173 -65.16 36.70 -40.87
CA ALA OA 173 -65.27 36.64 -39.42
C ALA OA 173 -64.06 35.98 -38.81
N THR OA 174 -63.56 34.91 -39.44
CA THR OA 174 -62.37 34.24 -38.94
C THR OA 174 -61.15 35.13 -39.08
N LEU OA 175 -61.06 35.87 -40.18
CA LEU OA 175 -59.96 36.80 -40.38
C LEU OA 175 -59.95 37.90 -39.33
N THR OA 176 -61.10 38.49 -39.05
CA THR OA 176 -61.11 39.58 -38.08
C THR OA 176 -60.99 39.09 -36.65
N ARG OA 177 -61.49 37.88 -36.35
CA ARG OA 177 -61.20 37.26 -35.06
C ARG OA 177 -59.70 37.10 -34.87
N PHE OA 178 -59.02 36.61 -35.91
CA PHE OA 178 -57.59 36.39 -35.80
C PHE OA 178 -56.84 37.71 -35.74
N PHE OA 179 -57.32 38.75 -36.40
CA PHE OA 179 -56.66 40.04 -36.28
C PHE OA 179 -56.83 40.64 -34.90
N ALA OA 180 -58.03 40.49 -34.33
CA ALA OA 180 -58.29 41.01 -33.00
C ALA OA 180 -57.45 40.29 -31.95
N PHE OA 181 -57.34 38.98 -32.04
CA PHE OA 181 -56.55 38.29 -31.04
C PHE OA 181 -55.05 38.47 -31.27
N HIS OA 182 -54.59 38.52 -32.53
CA HIS OA 182 -53.17 38.77 -32.75
C HIS OA 182 -52.78 40.17 -32.34
N PHE OA 183 -53.73 41.11 -32.33
CA PHE OA 183 -53.44 42.39 -31.73
C PHE OA 183 -53.37 42.28 -30.21
N ILE OA 184 -54.38 41.66 -29.59
CA ILE OA 184 -54.57 41.92 -28.17
C ILE OA 184 -53.92 40.87 -27.26
N PHE OA 185 -53.45 39.76 -27.81
CA PHE OA 185 -52.65 38.87 -26.97
C PHE OA 185 -51.31 39.42 -26.47
N PRO OA 186 -50.47 40.13 -27.24
CA PRO OA 186 -49.16 40.53 -26.69
C PRO OA 186 -49.20 41.47 -25.52
N PHE OA 187 -50.28 42.20 -25.31
CA PHE OA 187 -50.31 43.05 -24.12
C PHE OA 187 -50.58 42.23 -22.87
N ILE OA 188 -51.42 41.21 -22.96
CA ILE OA 188 -51.54 40.25 -21.87
C ILE OA 188 -50.24 39.47 -21.69
N ILE OA 189 -49.51 39.23 -22.77
CA ILE OA 189 -48.19 38.61 -22.67
C ILE OA 189 -47.22 39.49 -21.90
N ALA OA 190 -47.25 40.80 -22.15
CA ALA OA 190 -46.34 41.71 -21.46
C ALA OA 190 -46.70 41.83 -19.98
N ALA OA 191 -47.99 41.80 -19.66
CA ALA OA 191 -48.40 41.80 -18.25
C ALA OA 191 -47.93 40.54 -17.53
N LEU OA 192 -48.06 39.38 -18.18
CA LEU OA 192 -47.57 38.16 -17.55
C LEU OA 192 -46.05 38.14 -17.49
N ALA OA 193 -45.39 38.83 -18.41
CA ALA OA 193 -43.94 38.97 -18.34
C ALA OA 193 -43.55 39.75 -17.10
N MET OA 194 -44.32 40.78 -16.76
CA MET OA 194 -44.00 41.53 -15.55
C MET OA 194 -44.31 40.73 -14.29
N VAL OA 195 -45.31 39.84 -14.34
CA VAL OA 195 -45.58 38.98 -13.18
C VAL OA 195 -44.45 37.95 -12.99
N HIS OA 196 -44.04 37.32 -14.09
CA HIS OA 196 -42.85 36.48 -14.17
C HIS OA 196 -41.64 37.15 -13.54
N LEU OA 197 -41.40 38.40 -13.95
CA LEU OA 197 -40.31 39.20 -13.41
C LEU OA 197 -40.48 39.45 -11.92
N LEU OA 198 -41.72 39.64 -11.47
CA LEU OA 198 -41.97 39.93 -10.05
C LEU OA 198 -41.63 38.74 -9.17
N PHE OA 199 -42.08 37.54 -9.54
CA PHE OA 199 -41.75 36.38 -8.75
C PHE OA 199 -40.27 36.06 -8.78
N LEU OA 200 -39.59 36.32 -9.90
CA LEU OA 200 -38.15 36.06 -9.93
C LEU OA 200 -37.40 37.06 -9.03
N HIS OA 201 -37.82 38.33 -9.04
CA HIS OA 201 -37.23 39.30 -8.12
C HIS OA 201 -37.53 38.98 -6.66
N GLU OA 202 -38.64 38.27 -6.42
CA GLU OA 202 -38.89 37.75 -5.07
C GLU OA 202 -37.88 36.69 -4.70
N THR OA 203 -37.64 35.73 -5.59
CA THR OA 203 -36.80 34.59 -5.21
C THR OA 203 -35.32 34.88 -5.39
N GLY OA 204 -34.95 35.75 -6.31
CA GLY OA 204 -33.56 35.89 -6.67
C GLY OA 204 -33.19 34.93 -7.79
N SER OA 205 -32.14 35.29 -8.52
CA SER OA 205 -31.75 34.55 -9.72
C SER OA 205 -30.97 33.30 -9.31
N ASN OA 206 -30.33 32.66 -10.29
CA ASN OA 206 -29.65 31.39 -10.06
C ASN OA 206 -28.32 31.41 -10.80
N ASN OA 207 -27.23 31.26 -10.07
CA ASN OA 207 -25.91 31.22 -10.68
C ASN OA 207 -25.69 29.91 -11.44
N PRO OA 208 -24.73 29.87 -12.37
CA PRO OA 208 -24.50 28.63 -13.11
C PRO OA 208 -23.86 27.52 -12.31
N THR OA 209 -23.51 27.73 -11.06
CA THR OA 209 -23.07 26.61 -10.25
C THR OA 209 -24.18 26.02 -9.42
N GLY OA 210 -25.28 26.75 -9.24
CA GLY OA 210 -26.33 26.29 -8.37
C GLY OA 210 -26.08 26.54 -6.90
N ILE OA 211 -24.92 27.01 -6.53
CA ILE OA 211 -24.67 27.35 -5.13
C ILE OA 211 -25.42 28.64 -4.80
N PRO OA 212 -26.14 28.74 -3.69
CA PRO OA 212 -26.75 30.03 -3.32
C PRO OA 212 -25.67 31.08 -3.08
N SER OA 213 -25.79 32.18 -3.82
CA SER OA 213 -24.71 33.14 -4.01
C SER OA 213 -24.81 34.30 -3.05
N ASP OA 214 -25.22 34.04 -1.81
CA ASP OA 214 -25.55 35.07 -0.85
C ASP OA 214 -24.35 35.86 -0.34
N THR OA 215 -23.13 35.50 -0.73
CA THR OA 215 -21.95 36.29 -0.38
C THR OA 215 -21.35 36.99 -1.59
N ASP OA 216 -21.95 36.85 -2.76
CA ASP OA 216 -21.35 37.32 -4.01
C ASP OA 216 -22.38 38.07 -4.82
N LYS OA 217 -23.07 39.00 -4.20
CA LYS OA 217 -24.08 39.78 -4.90
C LYS OA 217 -23.45 41.08 -5.37
N ILE OA 218 -23.73 41.44 -6.62
CA ILE OA 218 -23.24 42.68 -7.22
C ILE OA 218 -24.47 43.41 -7.74
N PRO OA 219 -24.46 44.74 -7.83
CA PRO OA 219 -25.66 45.45 -8.26
C PRO OA 219 -25.91 45.28 -9.75
N PHE OA 220 -27.14 45.58 -10.15
CA PHE OA 220 -27.53 45.41 -11.54
C PHE OA 220 -26.90 46.48 -12.42
N HIS OA 221 -26.69 47.64 -11.88
CA HIS OA 221 -26.07 48.71 -12.61
C HIS OA 221 -24.64 48.90 -12.10
N PRO OA 222 -23.66 49.08 -12.99
CA PRO OA 222 -23.79 49.16 -14.44
C PRO OA 222 -23.28 47.94 -15.17
N TYR OA 223 -23.28 46.80 -14.48
CA TYR OA 223 -22.62 45.63 -15.01
C TYR OA 223 -23.52 44.92 -16.01
N TYR OA 224 -24.68 44.48 -15.55
CA TYR OA 224 -25.60 43.79 -16.42
C TYR OA 224 -26.30 44.75 -17.36
N THR OA 225 -26.31 46.05 -17.06
CA THR OA 225 -26.84 47.02 -17.99
C THR OA 225 -26.02 47.06 -19.28
N ILE OA 226 -24.70 47.20 -19.14
CA ILE OA 226 -23.88 47.28 -20.34
C ILE OA 226 -23.76 45.90 -20.99
N LYS OA 227 -23.87 44.83 -20.20
CA LYS OA 227 -23.80 43.51 -20.81
C LYS OA 227 -25.05 43.19 -21.62
N ASP OA 228 -26.22 43.61 -21.13
CA ASP OA 228 -27.44 43.44 -21.90
C ASP OA 228 -27.52 44.39 -23.07
N ILE OA 229 -26.94 45.58 -22.96
CA ILE OA 229 -26.93 46.47 -24.12
C ILE OA 229 -26.04 45.90 -25.22
N LEU OA 230 -24.91 45.29 -24.85
CA LEU OA 230 -24.06 44.61 -25.83
C LEU OA 230 -24.77 43.42 -26.45
N GLY OA 231 -25.47 42.63 -25.64
CA GLY OA 231 -26.23 41.50 -26.16
C GLY OA 231 -27.35 41.94 -27.08
N ALA OA 232 -28.00 43.05 -26.74
CA ALA OA 232 -29.02 43.63 -27.61
C ALA OA 232 -28.41 44.15 -28.90
N ILE OA 233 -27.17 44.61 -28.87
CA ILE OA 233 -26.58 45.11 -30.10
C ILE OA 233 -26.17 43.95 -31.01
N LEU OA 234 -25.71 42.84 -30.44
CA LEU OA 234 -25.53 41.63 -31.26
C LEU OA 234 -26.86 41.12 -31.83
N LEU OA 235 -27.94 41.23 -31.05
CA LEU OA 235 -29.26 40.86 -31.54
C LEU OA 235 -29.71 41.76 -32.68
N ILE OA 236 -29.53 43.08 -32.54
CA ILE OA 236 -29.86 44.03 -33.59
C ILE OA 236 -29.01 43.79 -34.83
N LEU OA 237 -27.76 43.37 -34.63
CA LEU OA 237 -26.91 42.97 -35.75
C LEU OA 237 -27.51 41.79 -36.51
N ILE OA 238 -27.96 40.77 -35.79
CA ILE OA 238 -28.50 39.61 -36.47
C ILE OA 238 -29.87 39.90 -37.08
N LEU OA 239 -30.64 40.80 -36.46
CA LEU OA 239 -31.93 41.19 -37.02
C LEU OA 239 -31.73 42.00 -38.30
N MET OA 240 -30.77 42.92 -38.30
CA MET OA 240 -30.49 43.66 -39.53
C MET OA 240 -29.81 42.78 -40.57
N LEU OA 241 -29.13 41.71 -40.14
CA LEU OA 241 -28.64 40.72 -41.09
C LEU OA 241 -29.80 40.05 -41.81
N LEU OA 242 -30.80 39.60 -41.06
CA LEU OA 242 -31.90 38.90 -41.71
C LEU OA 242 -32.94 39.82 -42.32
N VAL OA 243 -32.83 41.14 -42.15
CA VAL OA 243 -33.70 42.02 -42.92
C VAL OA 243 -32.94 42.84 -43.95
N LEU OA 244 -31.63 42.67 -44.07
CA LEU OA 244 -30.88 43.33 -45.13
C LEU OA 244 -30.06 42.40 -46.00
N PHE OA 245 -29.97 41.13 -45.68
CA PHE OA 245 -29.21 40.29 -46.58
C PHE OA 245 -29.93 39.03 -46.99
N THR OA 246 -30.68 38.38 -46.08
CA THR OA 246 -31.40 37.15 -46.40
C THR OA 246 -32.80 37.19 -45.80
N PRO OA 247 -33.78 37.71 -46.53
CA PRO OA 247 -35.17 37.42 -46.17
C PRO OA 247 -35.58 36.00 -46.50
N ASP OA 248 -34.90 35.39 -47.45
CA ASP OA 248 -35.26 34.08 -48.01
C ASP OA 248 -34.70 32.93 -47.19
N LEU OA 249 -33.94 33.22 -46.14
CA LEU OA 249 -33.40 32.14 -45.32
C LEU OA 249 -34.46 31.57 -44.38
N LEU OA 250 -35.53 32.31 -44.11
CA LEU OA 250 -36.61 31.78 -43.30
C LEU OA 250 -38.00 31.95 -43.89
N GLY OA 251 -38.13 32.63 -45.03
CA GLY OA 251 -39.44 32.82 -45.63
C GLY OA 251 -40.01 31.54 -46.22
N ASP OA 252 -41.24 31.66 -46.70
CA ASP OA 252 -41.96 30.53 -47.23
C ASP OA 252 -42.48 30.82 -48.63
N PRO OA 253 -42.19 29.97 -49.60
CA PRO OA 253 -42.73 30.19 -50.96
C PRO OA 253 -44.21 29.96 -51.03
N ASP OA 254 -44.77 29.19 -50.11
CA ASP OA 254 -46.19 28.92 -50.10
C ASP OA 254 -46.97 29.96 -49.33
N ASN OA 255 -46.31 31.03 -48.90
CA ASN OA 255 -46.99 32.13 -48.23
C ASN OA 255 -47.20 33.31 -49.16
N TYR OA 256 -46.43 33.43 -50.23
CA TYR OA 256 -46.49 34.60 -51.09
C TYR OA 256 -47.43 34.42 -52.27
N THR OA 257 -48.47 33.62 -52.14
CA THR OA 257 -49.56 33.53 -53.10
C THR OA 257 -50.89 33.78 -52.40
N PRO OA 258 -51.86 34.36 -53.09
CA PRO OA 258 -53.19 34.54 -52.48
C PRO OA 258 -53.87 33.20 -52.27
N ALA OA 259 -54.63 33.12 -51.19
CA ALA OA 259 -55.19 31.85 -50.71
C ALA OA 259 -56.31 31.41 -51.64
N ASN OA 260 -55.92 30.80 -52.75
CA ASN OA 260 -56.87 30.18 -53.65
C ASN OA 260 -57.26 28.86 -53.01
N PRO OA 261 -58.50 28.71 -52.54
CA PRO OA 261 -58.81 27.62 -51.60
C PRO OA 261 -59.02 26.28 -52.26
N LEU OA 262 -58.57 26.11 -53.50
CA LEU OA 262 -58.83 24.89 -54.25
C LEU OA 262 -57.58 24.07 -54.53
N ASN OA 263 -56.39 24.67 -54.48
CA ASN OA 263 -55.22 24.01 -55.03
C ASN OA 263 -54.65 22.94 -54.10
N THR OA 264 -54.48 23.28 -52.82
CA THR OA 264 -53.83 22.47 -51.78
C THR OA 264 -52.44 22.05 -52.22
N PRO OA 265 -51.43 22.92 -52.14
CA PRO OA 265 -50.09 22.54 -52.57
C PRO OA 265 -49.52 21.45 -51.69
N PRO OA 266 -48.74 20.52 -52.24
CA PRO OA 266 -48.25 19.39 -51.44
C PRO OA 266 -47.24 19.80 -50.40
N HIS OA 267 -46.53 20.90 -50.61
CA HIS OA 267 -45.82 21.55 -49.52
C HIS OA 267 -46.84 22.10 -48.54
N ILE OA 268 -46.77 21.65 -47.29
CA ILE OA 268 -47.80 21.93 -46.30
C ILE OA 268 -47.23 22.32 -44.95
N LYS OA 269 -45.91 22.35 -44.80
CA LYS OA 269 -45.29 22.53 -43.49
C LYS OA 269 -45.43 23.98 -43.02
N PRO OA 270 -45.70 24.20 -41.73
CA PRO OA 270 -45.60 25.56 -41.19
C PRO OA 270 -44.16 26.03 -41.02
N GLU OA 271 -43.96 27.20 -40.41
CA GLU OA 271 -42.59 27.62 -40.13
C GLU OA 271 -42.05 26.84 -38.92
N TRP OA 272 -40.72 26.87 -38.76
CA TRP OA 272 -39.96 25.89 -37.98
C TRP OA 272 -40.41 25.79 -36.53
N TYR OA 273 -40.85 26.88 -35.93
CA TYR OA 273 -41.20 26.90 -34.52
C TYR OA 273 -42.53 26.24 -34.22
N PHE OA 274 -43.19 25.69 -35.23
CA PHE OA 274 -44.21 24.69 -35.02
C PHE OA 274 -43.85 23.36 -35.65
N LEU OA 275 -42.71 23.27 -36.33
CA LEU OA 275 -42.41 22.04 -37.06
C LEU OA 275 -42.03 20.90 -36.13
N PHE OA 276 -41.45 21.20 -34.97
CA PHE OA 276 -41.17 20.10 -34.04
C PHE OA 276 -42.45 19.61 -33.39
N ALA OA 277 -43.39 20.52 -33.15
CA ALA OA 277 -44.65 20.13 -32.53
C ALA OA 277 -45.52 19.34 -33.50
N TYR OA 278 -45.56 19.79 -34.75
CA TYR OA 278 -46.35 19.12 -35.77
C TYR OA 278 -45.80 17.76 -36.13
N ALA OA 279 -44.50 17.53 -35.91
CA ALA OA 279 -43.96 16.21 -36.15
C ALA OA 279 -44.42 15.22 -35.11
N ILE OA 280 -44.66 15.67 -33.88
CA ILE OA 280 -45.15 14.77 -32.84
C ILE OA 280 -46.59 14.41 -33.12
N LEU OA 281 -47.29 15.27 -33.86
CA LEU OA 281 -48.68 15.04 -34.21
C LEU OA 281 -48.84 13.84 -35.13
N ARG OA 282 -48.22 13.89 -36.32
CA ARG OA 282 -48.54 12.95 -37.38
C ARG OA 282 -47.63 11.73 -37.41
N SER OA 283 -46.81 11.54 -36.38
CA SER OA 283 -46.13 10.27 -36.19
C SER OA 283 -46.95 9.29 -35.34
N ILE OA 284 -48.21 9.63 -35.05
CA ILE OA 284 -49.13 8.74 -34.36
C ILE OA 284 -50.39 8.67 -35.21
N PRO OA 285 -50.86 7.49 -35.59
CA PRO OA 285 -52.11 7.39 -36.37
C PRO OA 285 -53.37 7.49 -35.52
N ASN OA 286 -53.54 8.63 -34.88
CA ASN OA 286 -54.67 8.85 -33.97
C ASN OA 286 -54.85 10.36 -33.85
N LYS OA 287 -56.01 10.86 -34.28
CA LYS OA 287 -56.24 12.30 -34.29
C LYS OA 287 -56.33 12.87 -32.88
N LEU OA 288 -57.31 12.38 -32.10
CA LEU OA 288 -57.46 12.84 -30.73
C LEU OA 288 -56.27 12.43 -29.89
N GLY OA 289 -55.72 11.23 -30.15
CA GLY OA 289 -54.49 10.83 -29.49
C GLY OA 289 -53.32 11.72 -29.85
N GLY OA 290 -53.29 12.23 -31.09
CA GLY OA 290 -52.20 13.11 -31.50
C GLY OA 290 -52.25 14.46 -30.82
N VAL OA 291 -53.43 15.09 -30.79
CA VAL OA 291 -53.52 16.40 -30.14
C VAL OA 291 -53.36 16.25 -28.62
N LEU OA 292 -53.80 15.13 -28.06
CA LEU OA 292 -53.59 14.90 -26.64
C LEU OA 292 -52.13 14.66 -26.35
N ALA OA 293 -51.41 14.01 -27.28
CA ALA OA 293 -49.98 13.79 -27.08
C ALA OA 293 -49.19 15.10 -27.17
N LEU OA 294 -49.60 16.01 -28.06
CA LEU OA 294 -48.92 17.30 -28.17
C LEU OA 294 -49.11 18.15 -26.91
N VAL OA 295 -50.37 18.30 -26.49
CA VAL OA 295 -50.67 19.05 -25.27
C VAL OA 295 -50.02 18.39 -24.07
N LEU OA 296 -49.97 17.05 -24.04
CA LEU OA 296 -49.28 16.38 -22.96
C LEU OA 296 -47.76 16.51 -23.03
N SER OA 297 -47.20 16.78 -24.21
CA SER OA 297 -45.76 17.06 -24.26
C SER OA 297 -45.43 18.40 -23.60
N ILE OA 298 -46.23 19.41 -23.90
CA ILE OA 298 -45.97 20.68 -23.21
C ILE OA 298 -46.39 20.60 -21.73
N LEU OA 299 -47.33 19.70 -21.40
CA LEU OA 299 -47.58 19.46 -19.98
C LEU OA 299 -46.46 18.64 -19.33
N VAL OA 300 -45.68 17.88 -20.11
CA VAL OA 300 -44.47 17.28 -19.56
C VAL OA 300 -43.47 18.38 -19.21
N LEU OA 301 -43.39 19.40 -20.07
CA LEU OA 301 -42.61 20.59 -19.71
C LEU OA 301 -43.15 21.30 -18.46
N VAL OA 302 -44.45 21.17 -18.19
CA VAL OA 302 -44.98 21.67 -16.91
C VAL OA 302 -44.49 20.80 -15.75
N ILE OA 303 -44.57 19.48 -15.90
CA ILE OA 303 -44.39 18.57 -14.76
C ILE OA 303 -42.94 18.08 -14.78
N MET OA 304 -42.06 18.91 -15.31
CA MET OA 304 -40.62 18.77 -15.02
C MET OA 304 -40.23 18.71 -13.54
N PRO OA 305 -40.60 19.66 -12.65
CA PRO OA 305 -39.86 19.76 -11.38
C PRO OA 305 -40.14 18.64 -10.41
N LEU OA 306 -41.28 17.98 -10.53
CA LEU OA 306 -41.56 16.85 -9.66
C LEU OA 306 -40.72 15.64 -10.03
N LEU OA 307 -40.19 15.60 -11.25
CA LEU OA 307 -39.28 14.54 -11.65
C LEU OA 307 -37.89 14.72 -11.08
N HIS OA 308 -37.56 15.92 -10.62
CA HIS OA 308 -36.19 16.23 -10.23
C HIS OA 308 -35.88 15.57 -8.89
N THR OA 309 -34.95 14.63 -8.90
CA THR OA 309 -34.58 13.92 -7.68
C THR OA 309 -33.07 13.77 -7.53
N SER OA 310 -32.30 14.75 -7.97
CA SER OA 310 -30.92 14.83 -7.57
C SER OA 310 -30.79 15.38 -6.16
N LYS OA 311 -29.55 15.59 -5.73
CA LYS OA 311 -29.28 16.38 -4.56
C LYS OA 311 -28.49 17.64 -4.85
N GLN OA 312 -27.84 17.73 -6.00
CA GLN OA 312 -27.27 18.98 -6.48
C GLN OA 312 -28.14 19.48 -7.62
N ARG OA 313 -28.35 20.80 -7.68
CA ARG OA 313 -29.38 21.34 -8.55
C ARG OA 313 -28.88 21.65 -9.94
N SER OA 314 -27.58 21.71 -10.16
CA SER OA 314 -27.11 22.07 -11.48
C SER OA 314 -27.11 20.87 -12.42
N MET OA 315 -26.69 21.12 -13.64
CA MET OA 315 -26.29 20.07 -14.55
C MET OA 315 -24.87 20.28 -15.02
N MET OA 316 -24.14 21.21 -14.42
CA MET OA 316 -22.71 21.24 -14.64
C MET OA 316 -22.05 20.07 -13.92
N PHE OA 317 -22.67 19.56 -12.87
CA PHE OA 317 -22.03 18.54 -12.04
C PHE OA 317 -22.75 17.20 -12.10
N ARG OA 318 -23.57 16.96 -13.11
CA ARG OA 318 -24.15 15.65 -13.35
C ARG OA 318 -23.87 15.31 -14.81
N PRO OA 319 -22.73 14.67 -15.08
CA PRO OA 319 -22.25 14.57 -16.47
C PRO OA 319 -23.07 13.67 -17.35
N ILE OA 320 -23.54 12.54 -16.82
CA ILE OA 320 -24.36 11.66 -17.64
C ILE OA 320 -25.72 12.28 -17.88
N SER OA 321 -26.25 12.99 -16.88
CA SER OA 321 -27.48 13.77 -17.07
C SER OA 321 -27.27 14.89 -18.08
N GLN OA 322 -26.08 15.47 -18.10
CA GLN OA 322 -25.74 16.48 -19.10
C GLN OA 322 -25.73 15.90 -20.50
N CYS OA 323 -25.17 14.70 -20.65
CA CYS OA 323 -25.16 14.05 -21.96
C CYS OA 323 -26.56 13.71 -22.43
N MET OA 324 -27.42 13.24 -21.51
CA MET OA 324 -28.79 12.94 -21.91
C MET OA 324 -29.54 14.21 -22.28
N PHE OA 325 -29.21 15.33 -21.63
CA PHE OA 325 -29.77 16.60 -22.04
C PHE OA 325 -29.38 16.97 -23.46
N TRP OA 326 -28.11 16.74 -23.82
CA TRP OA 326 -27.75 17.07 -25.19
C TRP OA 326 -28.37 16.12 -26.20
N ILE OA 327 -28.63 14.88 -25.79
CA ILE OA 327 -29.37 13.98 -26.67
C ILE OA 327 -30.79 14.48 -26.85
N LEU OA 328 -31.38 15.05 -25.79
CA LEU OA 328 -32.71 15.65 -25.89
C LEU OA 328 -32.71 16.82 -26.85
N VAL OA 329 -31.65 17.62 -26.84
CA VAL OA 329 -31.55 18.75 -27.76
C VAL OA 329 -31.46 18.27 -29.21
N ALA OA 330 -30.63 17.24 -29.45
CA ALA OA 330 -30.53 16.67 -30.78
C ALA OA 330 -31.85 16.06 -31.24
N ASP OA 331 -32.60 15.48 -30.32
CA ASP OA 331 -33.87 14.87 -30.70
C ASP OA 331 -34.93 15.93 -31.01
N LEU OA 332 -34.90 17.07 -30.32
CA LEU OA 332 -35.76 18.18 -30.71
C LEU OA 332 -35.41 18.69 -32.10
N LEU OA 333 -34.12 18.77 -32.41
CA LEU OA 333 -33.75 19.26 -33.74
C LEU OA 333 -34.13 18.23 -34.81
N THR OA 334 -34.08 16.94 -34.45
CA THR OA 334 -34.56 15.89 -35.34
C THR OA 334 -36.04 16.02 -35.62
N LEU OA 335 -36.83 16.29 -34.58
CA LEU OA 335 -38.26 16.54 -34.74
C LEU OA 335 -38.50 17.73 -35.66
N THR OA 336 -37.71 18.79 -35.51
CA THR OA 336 -37.84 19.97 -36.36
C THR OA 336 -37.62 19.62 -37.82
N TRP OA 337 -36.52 18.91 -38.10
CA TRP OA 337 -36.22 18.57 -39.48
C TRP OA 337 -37.22 17.56 -40.05
N ILE OA 338 -37.73 16.66 -39.22
CA ILE OA 338 -38.68 15.66 -39.68
C ILE OA 338 -40.02 16.29 -40.03
N GLY OA 339 -40.49 17.21 -39.18
CA GLY OA 339 -41.69 17.96 -39.51
C GLY OA 339 -41.49 18.85 -40.71
N GLY OA 340 -40.25 19.25 -40.99
CA GLY OA 340 -39.98 19.94 -42.23
C GLY OA 340 -39.77 19.07 -43.46
N GLN OA 341 -40.49 17.96 -43.57
CA GLN OA 341 -40.29 17.05 -44.69
C GLN OA 341 -41.61 16.55 -45.26
N PRO OA 342 -41.61 15.89 -46.45
CA PRO OA 342 -42.77 15.09 -46.85
C PRO OA 342 -42.87 13.78 -46.08
N VAL OA 343 -43.77 12.90 -46.48
CA VAL OA 343 -44.06 11.70 -45.71
C VAL OA 343 -43.88 10.47 -46.59
N GLU OA 344 -42.88 9.66 -46.27
CA GLU OA 344 -42.71 8.32 -46.84
C GLU OA 344 -42.25 7.40 -45.72
N HIS OA 345 -41.66 6.27 -46.10
CA HIS OA 345 -41.43 5.17 -45.15
C HIS OA 345 -40.37 5.49 -44.08
N PRO OA 346 -39.12 5.91 -44.41
CA PRO OA 346 -38.15 6.14 -43.32
C PRO OA 346 -38.49 7.34 -42.47
N TYR OA 347 -39.19 8.32 -43.06
CA TYR OA 347 -39.59 9.50 -42.31
C TYR OA 347 -40.57 9.15 -41.21
N ILE OA 348 -41.57 8.33 -41.52
CA ILE OA 348 -42.51 7.85 -40.52
C ILE OA 348 -41.81 7.07 -39.44
N ILE OA 349 -40.86 6.19 -39.83
CA ILE OA 349 -40.16 5.35 -38.86
C ILE OA 349 -39.37 6.21 -37.86
N ILE OA 350 -38.54 7.11 -38.36
CA ILE OA 350 -37.73 7.87 -37.43
C ILE OA 350 -38.50 8.99 -36.75
N GLY OA 351 -39.68 9.35 -37.27
CA GLY OA 351 -40.55 10.24 -36.50
C GLY OA 351 -41.14 9.57 -35.27
N GLN OA 352 -41.59 8.31 -35.43
CA GLN OA 352 -42.05 7.55 -34.26
C GLN OA 352 -40.91 7.34 -33.27
N LEU OA 353 -39.70 7.05 -33.79
CA LEU OA 353 -38.50 6.99 -32.97
C LEU OA 353 -38.28 8.27 -32.19
N ALA OA 354 -38.42 9.43 -32.86
CA ALA OA 354 -38.08 10.69 -32.22
C ALA OA 354 -39.06 11.04 -31.11
N SER OA 355 -40.36 10.85 -31.35
CA SER OA 355 -41.33 11.16 -30.30
C SER OA 355 -41.20 10.23 -29.10
N ILE OA 356 -41.04 8.93 -29.33
CA ILE OA 356 -41.01 8.01 -28.20
C ILE OA 356 -39.68 8.13 -27.45
N MET OA 357 -38.57 8.40 -28.15
CA MET OA 357 -37.31 8.65 -27.46
C MET OA 357 -37.32 9.98 -26.73
N TYR OA 358 -38.08 10.95 -27.22
CA TYR OA 358 -38.27 12.22 -26.52
C TYR OA 358 -38.89 12.00 -25.15
N PHE OA 359 -40.03 11.32 -25.12
CA PHE OA 359 -40.66 11.05 -23.83
C PHE OA 359 -39.85 10.09 -22.98
N LEU OA 360 -39.09 9.20 -23.61
CA LEU OA 360 -38.25 8.28 -22.86
C LEU OA 360 -37.09 9.00 -22.18
N ILE OA 361 -36.48 9.96 -22.86
CA ILE OA 361 -35.37 10.70 -22.27
C ILE OA 361 -35.86 11.60 -21.15
N ILE OA 362 -37.01 12.25 -21.34
CA ILE OA 362 -37.47 13.18 -20.31
C ILE OA 362 -38.01 12.41 -19.11
N LEU OA 363 -39.06 11.62 -19.30
CA LEU OA 363 -39.79 11.08 -18.16
C LEU OA 363 -39.06 9.94 -17.45
N VAL OA 364 -38.06 9.33 -18.08
CA VAL OA 364 -37.42 8.14 -17.55
C VAL OA 364 -35.93 8.36 -17.29
N MET OA 365 -35.20 8.81 -18.32
CA MET OA 365 -33.75 8.75 -18.28
C MET OA 365 -33.15 9.75 -17.30
N MET OA 366 -33.76 10.92 -17.19
CA MET OA 366 -33.22 11.96 -16.32
C MET OA 366 -33.37 11.67 -14.82
N PRO OA 367 -34.52 11.20 -14.30
CA PRO OA 367 -34.51 10.81 -12.87
C PRO OA 367 -33.71 9.57 -12.58
N VAL OA 368 -33.63 8.62 -13.51
CA VAL OA 368 -32.79 7.44 -13.30
C VAL OA 368 -31.32 7.83 -13.26
N ALA OA 369 -30.93 8.80 -14.11
CA ALA OA 369 -29.56 9.29 -14.08
C ALA OA 369 -29.27 10.06 -12.80
N SER OA 370 -30.21 10.89 -12.34
CA SER OA 370 -29.99 11.62 -11.10
C SER OA 370 -29.97 10.68 -9.90
N ILE OA 371 -30.71 9.58 -9.96
CA ILE OA 371 -30.65 8.61 -8.88
C ILE OA 371 -29.34 7.84 -8.89
N ILE OA 372 -28.86 7.45 -10.08
CA ILE OA 372 -27.64 6.64 -10.09
C ILE OA 372 -26.42 7.49 -9.72
N GLU OA 373 -26.38 8.76 -10.14
CA GLU OA 373 -25.29 9.60 -9.67
C GLU OA 373 -25.65 10.39 -8.44
N ASN OA 374 -26.79 10.07 -7.82
CA ASN OA 374 -26.97 10.38 -6.43
C ASN OA 374 -26.38 9.27 -5.58
N ASN OA 375 -26.60 8.04 -6.02
CA ASN OA 375 -26.16 6.86 -5.28
C ASN OA 375 -24.65 6.67 -5.37
N LEU OA 376 -24.03 7.21 -6.42
CA LEU OA 376 -22.61 6.99 -6.63
C LEU OA 376 -21.75 8.11 -6.01
N LEU OA 377 -22.30 8.84 -5.05
CA LEU OA 377 -21.52 9.84 -4.33
C LEU OA 377 -21.50 9.60 -2.82
N LYS OA 378 -21.74 8.36 -2.41
CA LYS OA 378 -22.01 7.98 -1.03
C LYS OA 378 -23.11 8.86 -0.41
N TRP OA 379 -24.21 8.99 -1.14
CA TRP OA 379 -25.37 9.71 -0.63
C TRP OA 379 -26.56 8.81 -0.43
N ASP PA 2 -43.71 11.93 -58.08
CA ASP PA 2 -43.00 11.94 -59.35
C ASP PA 2 -41.51 12.19 -59.15
N LEU PA 3 -40.78 12.23 -60.26
CA LEU PA 3 -39.34 12.45 -60.22
C LEU PA 3 -39.05 13.94 -60.03
N GLU PA 4 -38.33 14.25 -58.97
CA GLU PA 4 -38.04 15.62 -58.59
C GLU PA 4 -36.72 16.09 -59.20
N LEU PA 5 -36.72 17.32 -59.70
CA LEU PA 5 -35.59 17.91 -60.39
C LEU PA 5 -35.17 19.19 -59.68
N HIS PA 6 -33.86 19.41 -59.58
CA HIS PA 6 -33.32 20.57 -58.88
C HIS PA 6 -32.56 21.44 -59.85
N PRO PA 7 -32.91 22.72 -59.99
CA PRO PA 7 -32.17 23.60 -60.88
C PRO PA 7 -30.84 23.99 -60.27
N PRO PA 8 -29.77 23.98 -61.05
CA PRO PA 8 -28.47 24.43 -60.52
C PRO PA 8 -28.38 25.94 -60.41
N SER PA 9 -27.52 26.37 -59.49
CA SER PA 9 -27.31 27.79 -59.26
C SER PA 9 -26.44 28.40 -60.36
N TYR PA 10 -26.87 29.55 -60.87
CA TYR PA 10 -26.18 30.17 -61.98
C TYR PA 10 -25.59 31.50 -61.51
N PRO PA 11 -24.43 31.89 -62.02
CA PRO PA 11 -23.78 33.12 -61.52
C PRO PA 11 -24.46 34.39 -61.98
N TRP PA 12 -25.61 34.71 -61.39
CA TRP PA 12 -26.34 35.92 -61.72
C TRP PA 12 -25.58 37.16 -61.27
N SER PA 13 -26.01 38.31 -61.80
CA SER PA 13 -25.32 39.56 -61.47
C SER PA 13 -25.60 39.98 -60.05
N HIS PA 14 -26.80 39.70 -59.55
CA HIS PA 14 -27.19 40.04 -58.19
C HIS PA 14 -27.00 38.88 -57.23
N ARG PA 15 -26.22 37.88 -57.64
CA ARG PA 15 -25.94 36.77 -56.74
C ARG PA 15 -25.02 37.20 -55.61
N GLY PA 16 -24.16 38.20 -55.87
CA GLY PA 16 -23.23 38.65 -54.85
C GLY PA 16 -23.91 39.45 -53.76
N LEU PA 17 -23.31 39.41 -52.57
CA LEU PA 17 -23.96 39.89 -51.36
C LEU PA 17 -24.02 41.41 -51.27
N LEU PA 18 -23.19 42.12 -52.03
CA LEU PA 18 -23.33 43.57 -52.17
C LEU PA 18 -23.59 43.98 -53.60
N SER PA 19 -24.10 43.06 -54.41
CA SER PA 19 -24.22 43.30 -55.84
C SER PA 19 -25.55 43.95 -56.17
N SER PA 20 -25.52 44.75 -57.22
CA SER PA 20 -26.70 45.43 -57.71
C SER PA 20 -27.42 44.56 -58.74
N LEU PA 21 -28.31 45.17 -59.49
CA LEU PA 21 -28.86 44.60 -60.71
C LEU PA 21 -28.27 45.32 -61.91
N ASP PA 22 -28.52 44.79 -63.09
CA ASP PA 22 -28.19 45.48 -64.34
C ASP PA 22 -29.45 46.19 -64.80
N HIS PA 23 -29.51 47.50 -64.53
CA HIS PA 23 -30.70 48.27 -64.86
C HIS PA 23 -30.95 48.35 -66.36
N THR PA 24 -29.90 48.29 -67.16
CA THR PA 24 -30.08 48.24 -68.61
C THR PA 24 -30.76 46.95 -69.02
N SER PA 25 -30.37 45.85 -68.38
CA SER PA 25 -31.04 44.59 -68.59
C SER PA 25 -32.47 44.63 -68.08
N ILE PA 26 -32.76 45.43 -67.07
CA ILE PA 26 -34.13 45.54 -66.59
C ILE PA 26 -34.98 46.34 -67.56
N ARG PA 27 -34.39 47.35 -68.21
CA ARG PA 27 -35.12 48.08 -69.25
C ARG PA 27 -35.52 47.16 -70.39
N ARG PA 28 -34.54 46.43 -70.94
CA ARG PA 28 -34.90 45.55 -72.02
C ARG PA 28 -35.73 44.36 -71.55
N GLY PA 29 -35.65 43.98 -70.27
CA GLY PA 29 -36.55 42.96 -69.75
C GLY PA 29 -37.98 43.44 -69.63
N PHE PA 30 -38.17 44.72 -69.28
CA PHE PA 30 -39.50 45.31 -69.36
C PHE PA 30 -40.00 45.33 -70.78
N GLN PA 31 -39.10 45.58 -71.73
CA GLN PA 31 -39.49 45.54 -73.14
C GLN PA 31 -39.91 44.13 -73.56
N VAL PA 32 -39.23 43.12 -73.01
CA VAL PA 32 -39.55 41.73 -73.29
C VAL PA 32 -40.91 41.36 -72.71
N TYR PA 33 -41.17 41.77 -71.47
CA TYR PA 33 -42.49 41.58 -70.89
C TYR PA 33 -43.55 42.31 -71.68
N LYS PA 34 -43.21 43.47 -72.22
CA LYS PA 34 -44.16 44.27 -72.98
C LYS PA 34 -44.58 43.57 -74.27
N GLN PA 35 -43.60 43.01 -74.99
CA GLN PA 35 -43.86 42.55 -76.35
C GLN PA 35 -44.70 41.27 -76.38
N VAL PA 36 -44.15 40.18 -75.85
CA VAL PA 36 -44.70 38.86 -76.11
C VAL PA 36 -45.33 38.25 -74.86
N CYS PA 37 -44.75 38.48 -73.68
CA CYS PA 37 -45.23 37.75 -72.51
C CYS PA 37 -46.53 38.33 -71.96
N SER PA 38 -46.90 39.54 -72.35
CA SER PA 38 -48.08 40.21 -71.82
C SER PA 38 -49.32 39.86 -72.62
N SER PA 39 -49.67 38.58 -72.61
CA SER PA 39 -50.87 38.15 -73.28
C SER PA 39 -51.67 37.29 -72.33
N CYS PA 40 -50.97 36.47 -71.58
CA CYS PA 40 -51.58 35.52 -70.68
C CYS PA 40 -51.25 35.83 -69.23
N HIS PA 41 -49.99 36.04 -68.92
CA HIS PA 41 -49.57 36.30 -67.56
C HIS PA 41 -49.99 37.69 -67.14
N SER PA 42 -50.16 37.86 -65.83
CA SER PA 42 -50.53 39.14 -65.24
C SER PA 42 -49.41 39.59 -64.30
N MET PA 43 -49.22 40.89 -64.18
CA MET PA 43 -48.27 41.41 -63.20
C MET PA 43 -48.83 42.68 -62.57
N ASP PA 44 -50.08 42.60 -62.10
CA ASP PA 44 -50.91 43.77 -61.84
C ASP PA 44 -50.39 44.67 -60.74
N TYR PA 45 -49.49 44.19 -59.88
CA TYR PA 45 -49.07 44.98 -58.74
C TYR PA 45 -47.92 45.91 -59.04
N VAL PA 46 -47.57 46.11 -60.30
CA VAL PA 46 -46.50 47.02 -60.67
C VAL PA 46 -47.13 48.14 -61.49
N ALA PA 47 -47.15 49.34 -60.94
CA ALA PA 47 -47.59 50.51 -61.68
C ALA PA 47 -46.46 51.04 -62.53
N TYR PA 48 -46.82 51.87 -63.51
CA TYR PA 48 -45.81 52.42 -64.41
C TYR PA 48 -44.91 53.43 -63.72
N ARG PA 49 -45.35 53.99 -62.59
CA ARG PA 49 -44.52 54.95 -61.89
C ARG PA 49 -43.36 54.30 -61.16
N HIS PA 50 -43.40 52.99 -60.93
CA HIS PA 50 -42.30 52.31 -60.29
C HIS PA 50 -41.15 52.00 -61.23
N LEU PA 51 -41.25 52.45 -62.47
CA LEU PA 51 -40.23 52.24 -63.48
C LEU PA 51 -39.26 53.41 -63.56
N VAL PA 52 -39.49 54.45 -62.76
CA VAL PA 52 -38.89 55.75 -63.01
C VAL PA 52 -37.42 55.81 -62.61
N GLY PA 53 -36.95 54.92 -61.76
CA GLY PA 53 -35.59 55.01 -61.30
C GLY PA 53 -34.85 53.70 -61.48
N VAL PA 54 -35.45 52.82 -62.27
CA VAL PA 54 -34.92 51.49 -62.51
C VAL PA 54 -34.67 51.26 -64.00
N CYS PA 55 -35.63 51.63 -64.84
CA CYS PA 55 -35.54 51.26 -66.24
C CYS PA 55 -35.98 52.32 -67.24
N TYR PA 56 -36.64 53.40 -66.82
CA TYR PA 56 -37.05 54.44 -67.76
C TYR PA 56 -37.04 55.80 -67.09
N THR PA 57 -37.26 56.83 -67.90
CA THR PA 57 -37.29 58.20 -67.45
C THR PA 57 -38.72 58.59 -67.11
N GLU PA 58 -38.96 59.88 -66.94
CA GLU PA 58 -40.33 60.34 -66.74
C GLU PA 58 -41.14 60.27 -68.02
N ASP PA 59 -40.57 60.77 -69.12
CA ASP PA 59 -41.34 60.97 -70.33
C ASP PA 59 -41.61 59.67 -71.06
N GLU PA 60 -40.60 58.80 -71.11
CA GLU PA 60 -40.73 57.52 -71.80
C GLU PA 60 -41.77 56.65 -71.12
N ALA PA 61 -41.84 56.73 -69.79
CA ALA PA 61 -42.91 56.07 -69.06
C ALA PA 61 -44.27 56.69 -69.36
N LYS PA 62 -44.31 58.00 -69.61
CA LYS PA 62 -45.60 58.63 -69.94
C LYS PA 62 -46.10 58.16 -71.30
N ALA PA 63 -45.19 57.95 -72.25
CA ALA PA 63 -45.58 57.36 -73.52
C ALA PA 63 -46.03 55.91 -73.35
N LEU PA 64 -45.25 55.11 -72.61
CA LEU PA 64 -45.56 53.70 -72.42
C LEU PA 64 -46.88 53.50 -71.69
N ALA PA 65 -47.22 54.40 -70.79
CA ALA PA 65 -48.46 54.27 -70.04
C ALA PA 65 -49.64 54.99 -70.67
N GLU PA 66 -49.38 55.89 -71.62
CA GLU PA 66 -50.46 56.41 -72.45
C GLU PA 66 -50.64 55.61 -73.72
N GLU PA 67 -49.94 54.48 -73.86
CA GLU PA 67 -50.31 53.51 -74.88
C GLU PA 67 -51.73 52.98 -74.69
N VAL PA 68 -51.99 52.35 -73.56
CA VAL PA 68 -53.11 51.43 -73.40
C VAL PA 68 -54.26 52.13 -72.69
N GLU PA 69 -55.50 51.80 -73.08
CA GLU PA 69 -56.69 52.32 -72.44
C GLU PA 69 -57.05 51.48 -71.21
N VAL PA 70 -57.75 52.11 -70.27
CA VAL PA 70 -57.87 51.59 -68.91
C VAL PA 70 -59.35 51.34 -68.57
N GLN PA 71 -60.25 52.06 -69.24
CA GLN PA 71 -61.69 52.14 -68.89
C GLN PA 71 -61.86 52.68 -67.47
N ASP PA 72 -61.68 53.99 -67.37
CA ASP PA 72 -62.03 54.78 -66.19
C ASP PA 72 -63.53 54.61 -65.84
N GLY PA 73 -63.90 55.10 -64.65
CA GLY PA 73 -65.14 54.73 -64.02
C GLY PA 73 -66.31 55.58 -64.45
N PRO PA 74 -66.80 56.44 -63.57
CA PRO PA 74 -67.97 57.26 -63.91
C PRO PA 74 -67.64 58.55 -64.65
N ASN PA 75 -68.63 59.06 -65.36
CA ASN PA 75 -68.64 60.39 -65.96
C ASN PA 75 -70.09 60.86 -66.00
N GLU PA 76 -70.38 61.82 -66.90
CA GLU PA 76 -71.73 62.32 -67.10
C GLU PA 76 -72.69 61.20 -67.50
N ASP PA 77 -72.23 60.28 -68.34
CA ASP PA 77 -73.04 59.10 -68.62
C ASP PA 77 -72.81 58.03 -67.55
N GLY PA 78 -71.56 57.87 -67.14
CA GLY PA 78 -71.21 57.06 -65.99
C GLY PA 78 -70.72 55.68 -66.32
N GLU PA 79 -71.24 55.07 -67.38
CA GLU PA 79 -71.03 53.63 -67.53
C GLU PA 79 -69.64 53.33 -68.06
N MET PA 80 -69.35 53.70 -69.31
CA MET PA 80 -68.23 53.11 -70.04
C MET PA 80 -67.51 54.19 -70.84
N PHE PA 81 -66.25 54.45 -70.47
CA PHE PA 81 -65.37 55.30 -71.25
C PHE PA 81 -63.93 54.98 -70.86
N MET PA 82 -63.04 55.05 -71.84
CA MET PA 82 -61.63 54.71 -71.66
C MET PA 82 -60.86 55.92 -71.14
N ARG PA 83 -59.55 55.72 -70.94
CA ARG PA 83 -58.69 56.74 -70.38
C ARG PA 83 -57.25 56.44 -70.77
N PRO PA 84 -56.48 57.44 -71.20
CA PRO PA 84 -55.04 57.21 -71.41
C PRO PA 84 -54.30 56.90 -70.14
N GLY PA 85 -54.39 57.82 -69.16
CA GLY PA 85 -53.77 57.64 -67.87
C GLY PA 85 -52.30 57.95 -67.85
N LYS PA 86 -51.85 58.77 -66.90
CA LYS PA 86 -50.45 59.18 -66.92
C LYS PA 86 -49.53 58.12 -66.30
N LEU PA 87 -49.68 57.85 -65.01
CA LEU PA 87 -48.83 56.86 -64.36
C LEU PA 87 -49.55 55.92 -63.43
N SER PA 88 -50.68 56.30 -62.84
CA SER PA 88 -51.26 55.59 -61.71
C SER PA 88 -52.14 54.44 -62.14
N ASP PA 89 -51.89 53.88 -63.32
CA ASP PA 89 -52.61 52.72 -63.81
C ASP PA 89 -51.76 51.48 -63.60
N TYR PA 90 -52.41 50.40 -63.25
CA TYR PA 90 -51.73 49.13 -63.13
C TYR PA 90 -51.65 48.46 -64.50
N PHE PA 91 -51.04 47.30 -64.54
CA PHE PA 91 -50.98 46.59 -65.80
C PHE PA 91 -52.34 45.98 -66.08
N PRO PA 92 -52.92 46.21 -67.23
CA PRO PA 92 -54.37 46.22 -67.32
C PRO PA 92 -55.05 44.87 -67.51
N LYS PA 93 -54.61 43.82 -66.80
CA LYS PA 93 -55.35 42.57 -66.58
C LYS PA 93 -55.85 41.90 -67.85
N PRO PA 94 -55.01 41.18 -68.59
CA PRO PA 94 -55.41 40.68 -69.91
C PRO PA 94 -56.58 39.71 -69.90
N TYR PA 95 -56.70 38.88 -68.88
CA TYR PA 95 -57.88 38.03 -68.73
C TYR PA 95 -58.70 38.52 -67.55
N PRO PA 96 -59.89 39.07 -67.79
CA PRO PA 96 -60.60 39.81 -66.72
C PRO PA 96 -61.13 38.93 -65.60
N ASN PA 97 -61.20 37.63 -65.78
CA ASN PA 97 -61.64 36.72 -64.73
C ASN PA 97 -60.80 35.45 -64.79
N PRO PA 98 -60.60 34.78 -63.65
CA PRO PA 98 -59.95 33.47 -63.69
C PRO PA 98 -60.79 32.41 -64.38
N GLU PA 99 -62.11 32.56 -64.41
CA GLU PA 99 -62.92 31.70 -65.26
C GLU PA 99 -62.62 31.96 -66.72
N ALA PA 100 -62.63 33.25 -67.11
CA ALA PA 100 -62.28 33.63 -68.47
C ALA PA 100 -60.81 33.40 -68.77
N ALA PA 101 -59.95 33.37 -67.75
CA ALA PA 101 -58.58 32.97 -67.97
C ALA PA 101 -58.48 31.47 -68.23
N ARG PA 102 -59.24 30.68 -67.48
CA ARG PA 102 -59.12 29.23 -67.58
C ARG PA 102 -59.71 28.72 -68.88
N ALA PA 103 -60.83 29.29 -69.31
CA ALA PA 103 -61.40 28.89 -70.59
C ALA PA 103 -60.62 29.42 -71.78
N ALA PA 104 -59.72 30.38 -71.58
CA ALA PA 104 -58.93 30.91 -72.69
C ALA PA 104 -57.92 29.89 -73.17
N ASN PA 105 -57.37 29.10 -72.26
CA ASN PA 105 -56.49 28.01 -72.60
C ASN PA 105 -57.23 26.69 -72.39
N ASN PA 106 -56.51 25.58 -72.54
CA ASN PA 106 -57.03 24.27 -72.17
C ASN PA 106 -56.89 24.12 -70.65
N GLY PA 107 -57.71 24.87 -69.93
CA GLY PA 107 -57.56 25.00 -68.50
C GLY PA 107 -56.24 25.69 -68.16
N ALA PA 108 -55.88 25.56 -66.88
CA ALA PA 108 -54.55 25.87 -66.34
C ALA PA 108 -54.16 27.33 -66.60
N LEU PA 109 -54.88 28.22 -65.93
CA LEU PA 109 -54.65 29.65 -66.10
C LEU PA 109 -53.26 30.00 -65.57
N PRO PA 110 -52.55 30.93 -66.21
CA PRO PA 110 -51.24 31.29 -65.76
C PRO PA 110 -51.33 32.13 -64.49
N PRO PA 111 -50.47 31.89 -63.52
CA PRO PA 111 -50.48 32.72 -62.31
C PRO PA 111 -49.95 34.12 -62.62
N ASP PA 112 -50.24 35.03 -61.71
CA ASP PA 112 -49.71 36.38 -61.88
C ASP PA 112 -48.22 36.41 -61.59
N LEU PA 113 -47.54 37.39 -62.17
CA LEU PA 113 -46.08 37.44 -62.13
C LEU PA 113 -45.54 38.44 -61.12
N SER PA 114 -46.23 38.62 -60.00
CA SER PA 114 -45.65 39.42 -58.93
C SER PA 114 -44.49 38.69 -58.29
N TYR PA 115 -44.77 37.52 -57.72
CA TYR PA 115 -43.88 36.90 -56.76
C TYR PA 115 -43.42 35.53 -57.26
N ILE PA 116 -43.24 35.40 -58.57
CA ILE PA 116 -42.88 34.12 -59.16
C ILE PA 116 -41.43 33.77 -58.84
N VAL PA 117 -40.55 34.75 -58.86
CA VAL PA 117 -39.15 34.48 -58.58
C VAL PA 117 -38.96 34.15 -57.11
N ARG PA 118 -39.77 34.73 -56.25
CA ARG PA 118 -39.53 34.55 -54.83
C ARG PA 118 -40.39 33.42 -54.25
N ALA PA 119 -41.40 32.94 -54.96
CA ALA PA 119 -42.38 32.08 -54.33
C ALA PA 119 -42.56 30.76 -55.06
N ARG PA 120 -41.49 30.18 -55.61
CA ARG PA 120 -41.64 28.88 -56.28
C ARG PA 120 -40.60 27.87 -55.84
N HIS PA 121 -40.20 27.91 -54.56
CA HIS PA 121 -39.26 26.96 -53.94
C HIS PA 121 -37.95 26.88 -54.69
N GLY PA 122 -37.53 27.99 -55.25
CA GLY PA 122 -36.41 28.02 -56.16
C GLY PA 122 -36.46 29.35 -56.87
N GLY PA 123 -35.31 30.00 -57.00
CA GLY PA 123 -35.30 31.37 -57.43
C GLY PA 123 -35.41 31.56 -58.92
N GLU PA 124 -34.68 32.55 -59.42
CA GLU PA 124 -34.64 32.83 -60.84
C GLU PA 124 -33.95 31.74 -61.64
N ASP PA 125 -33.18 30.86 -60.98
CA ASP PA 125 -32.60 29.71 -61.66
C ASP PA 125 -33.68 28.79 -62.19
N TYR PA 126 -34.71 28.57 -61.37
CA TYR PA 126 -35.90 27.80 -61.76
C TYR PA 126 -36.55 28.39 -63.00
N VAL PA 127 -36.77 29.70 -62.99
CA VAL PA 127 -37.50 30.34 -64.06
C VAL PA 127 -36.70 30.32 -65.35
N PHE PA 128 -35.40 30.54 -65.25
CA PHE PA 128 -34.54 30.48 -66.43
C PHE PA 128 -34.49 29.08 -66.99
N SER PA 129 -34.41 28.08 -66.12
CA SER PA 129 -34.30 26.69 -66.56
C SER PA 129 -35.57 26.21 -67.22
N LEU PA 130 -36.72 26.56 -66.64
CA LEU PA 130 -37.99 26.15 -67.23
C LEU PA 130 -38.26 26.87 -68.53
N LEU PA 131 -37.87 28.15 -68.59
CA LEU PA 131 -38.10 28.90 -69.80
C LEU PA 131 -37.23 28.44 -70.95
N THR PA 132 -36.02 27.95 -70.67
CA THR PA 132 -35.15 27.58 -71.77
C THR PA 132 -35.05 26.09 -72.03
N GLY PA 133 -35.56 25.23 -71.16
CA GLY PA 133 -35.14 23.83 -71.24
C GLY PA 133 -36.08 22.81 -71.85
N TYR PA 134 -36.79 23.17 -72.92
CA TYR PA 134 -37.77 22.27 -73.52
C TYR PA 134 -37.11 21.08 -74.20
N CYS PA 135 -37.74 19.92 -74.08
CA CYS PA 135 -37.21 18.71 -74.71
C CYS PA 135 -38.34 17.71 -74.93
N GLU PA 136 -37.97 16.59 -75.60
CA GLU PA 136 -38.88 15.61 -76.19
C GLU PA 136 -39.19 14.49 -75.20
N PRO PA 137 -40.42 13.97 -75.20
CA PRO PA 137 -40.84 13.04 -74.15
C PRO PA 137 -40.34 11.63 -74.40
N PRO PA 138 -39.76 10.99 -73.38
CA PRO PA 138 -39.55 9.54 -73.42
C PRO PA 138 -40.74 8.75 -72.85
N ARG PA 139 -41.76 8.61 -73.69
CA ARG PA 139 -42.95 7.76 -73.49
C ARG PA 139 -43.75 8.19 -72.24
N VAL PA 140 -44.35 9.37 -72.37
CA VAL PA 140 -45.40 9.80 -71.45
C VAL PA 140 -46.67 10.08 -72.25
N SER PA 141 -47.72 10.54 -71.57
CA SER PA 141 -49.04 10.69 -72.17
C SER PA 141 -49.23 12.04 -72.86
N LEU PA 142 -49.12 13.13 -72.09
CA LEU PA 142 -49.29 14.52 -72.53
C LEU PA 142 -50.68 14.73 -73.15
N ARG PA 143 -51.69 14.69 -72.28
CA ARG PA 143 -53.10 14.61 -72.68
C ARG PA 143 -53.56 15.93 -73.30
N GLU PA 144 -53.15 16.14 -74.56
CA GLU PA 144 -53.70 17.08 -75.53
C GLU PA 144 -53.38 18.56 -75.24
N GLY PA 145 -52.91 18.87 -74.05
CA GLY PA 145 -52.67 20.26 -73.72
C GLY PA 145 -51.44 20.41 -72.89
N LEU PA 146 -50.58 19.40 -72.92
CA LEU PA 146 -49.45 19.32 -72.03
C LEU PA 146 -48.17 19.18 -72.84
N TYR PA 147 -47.19 20.01 -72.54
CA TYR PA 147 -45.89 19.97 -73.20
C TYR PA 147 -44.85 19.48 -72.21
N PHE PA 148 -43.73 19.01 -72.74
CA PHE PA 148 -42.71 18.38 -71.91
C PHE PA 148 -41.53 19.32 -71.73
N ASN PA 149 -41.28 19.71 -70.49
CA ASN PA 149 -40.18 20.55 -70.09
C ASN PA 149 -39.89 20.23 -68.63
N PRO PA 150 -38.71 19.67 -68.34
CA PRO PA 150 -38.52 18.92 -67.08
C PRO PA 150 -38.46 19.76 -65.83
N TYR PA 151 -38.23 21.07 -65.92
CA TYR PA 151 -38.11 21.86 -64.70
C TYR PA 151 -39.47 22.28 -64.16
N PHE PA 152 -40.37 21.32 -63.96
CA PHE PA 152 -41.73 21.64 -63.60
C PHE PA 152 -42.31 20.40 -62.95
N PRO PA 153 -43.03 20.54 -61.84
CA PRO PA 153 -43.54 19.36 -61.14
C PRO PA 153 -44.66 18.67 -61.90
N GLY PA 154 -44.38 17.44 -62.36
CA GLY PA 154 -45.28 16.71 -63.21
C GLY PA 154 -44.89 16.75 -64.68
N GLN PA 155 -44.02 17.70 -65.06
CA GLN PA 155 -43.42 17.84 -66.38
C GLN PA 155 -44.46 18.12 -67.46
N ALA PA 156 -45.62 18.62 -67.06
CA ALA PA 156 -46.74 18.80 -67.97
C ALA PA 156 -47.18 20.26 -67.88
N ILE PA 157 -46.95 21.01 -68.94
CA ILE PA 157 -47.14 22.46 -68.92
C ILE PA 157 -48.18 22.81 -69.96
N GLY PA 158 -49.18 23.59 -69.55
CA GLY PA 158 -50.17 24.12 -70.47
C GLY PA 158 -49.78 25.48 -71.02
N MET PA 159 -48.50 25.66 -71.33
CA MET PA 159 -48.00 26.90 -71.91
C MET PA 159 -47.25 26.57 -73.19
N ALA PA 160 -47.60 27.27 -74.26
CA ALA PA 160 -46.84 27.14 -75.49
C ALA PA 160 -45.46 27.75 -75.29
N PRO PA 161 -44.40 27.10 -75.79
CA PRO PA 161 -43.03 27.58 -75.55
C PRO PA 161 -42.75 28.86 -76.30
N PRO PA 162 -42.62 29.98 -75.60
CA PRO PA 162 -42.67 31.29 -76.26
C PRO PA 162 -41.30 31.93 -76.50
N ILE PA 163 -40.22 31.20 -76.26
CA ILE PA 163 -38.96 31.89 -76.03
C ILE PA 163 -38.28 32.32 -77.33
N TYR PA 164 -38.35 31.51 -78.39
CA TYR PA 164 -37.69 31.86 -79.64
C TYR PA 164 -38.67 32.11 -80.75
N ASN PA 165 -39.91 31.67 -80.63
CA ASN PA 165 -40.98 32.13 -81.51
C ASN PA 165 -41.12 33.64 -81.36
N GLU PA 166 -40.77 34.37 -82.41
CA GLU PA 166 -41.00 35.81 -82.55
C GLU PA 166 -40.23 36.60 -81.49
N VAL PA 167 -38.90 36.52 -81.63
CA VAL PA 167 -37.99 37.40 -80.90
C VAL PA 167 -38.32 38.86 -81.22
N LEU PA 168 -38.11 39.73 -80.24
CA LEU PA 168 -38.95 40.91 -80.10
C LEU PA 168 -38.25 42.24 -80.31
N GLU PA 169 -37.05 42.24 -80.92
CA GLU PA 169 -36.36 43.44 -81.39
C GLU PA 169 -36.07 44.41 -80.23
N PHE PA 170 -35.06 44.04 -79.44
CA PHE PA 170 -34.48 44.94 -78.46
C PHE PA 170 -34.17 46.31 -79.08
N ASP PA 171 -34.87 47.33 -78.60
CA ASP PA 171 -34.76 48.65 -79.22
C ASP PA 171 -33.46 49.36 -78.86
N ASP PA 172 -32.78 48.92 -77.80
CA ASP PA 172 -31.47 49.47 -77.46
C ASP PA 172 -30.38 48.92 -78.35
N GLY PA 173 -30.65 47.86 -79.11
CA GLY PA 173 -29.66 47.35 -80.03
C GLY PA 173 -28.98 46.11 -79.51
N THR PA 174 -29.75 45.19 -78.97
CA THR PA 174 -29.19 43.94 -78.49
C THR PA 174 -29.65 42.80 -79.37
N PRO PA 175 -28.74 41.94 -79.86
CA PRO PA 175 -29.15 40.83 -80.74
C PRO PA 175 -29.94 39.78 -79.97
N ALA PA 176 -31.18 39.59 -80.38
CA ALA PA 176 -32.12 38.72 -79.67
C ALA PA 176 -31.77 37.26 -79.95
N THR PA 177 -30.89 36.72 -79.13
CA THR PA 177 -30.68 35.28 -79.10
C THR PA 177 -31.68 34.69 -78.10
N MET PA 178 -31.53 33.42 -77.74
CA MET PA 178 -32.50 32.78 -76.85
C MET PA 178 -32.16 32.99 -75.38
N SER PA 179 -30.95 32.64 -74.99
CA SER PA 179 -30.59 32.71 -73.59
C SER PA 179 -30.43 34.16 -73.13
N GLN PA 180 -30.10 35.07 -74.03
CA GLN PA 180 -29.97 36.47 -73.62
C GLN PA 180 -31.33 37.08 -73.29
N VAL PA 181 -32.35 36.80 -74.12
CA VAL PA 181 -33.68 37.32 -73.84
C VAL PA 181 -34.28 36.61 -72.63
N ALA PA 182 -33.92 35.34 -72.40
CA ALA PA 182 -34.40 34.65 -71.21
C ALA PA 182 -33.77 35.23 -69.95
N LYS PA 183 -32.47 35.53 -70.00
CA LYS PA 183 -31.79 36.19 -68.89
C LYS PA 183 -32.40 37.55 -68.61
N ASP PA 184 -32.75 38.28 -69.66
CA ASP PA 184 -33.36 39.60 -69.50
C ASP PA 184 -34.69 39.52 -68.77
N VAL PA 185 -35.57 38.62 -69.22
CA VAL PA 185 -36.90 38.64 -68.61
C VAL PA 185 -36.85 38.02 -67.21
N CYS PA 186 -35.89 37.15 -66.93
CA CYS PA 186 -35.79 36.62 -65.57
C CYS PA 186 -35.22 37.67 -64.62
N THR PA 187 -34.29 38.51 -65.09
CA THR PA 187 -33.83 39.61 -64.26
C THR PA 187 -34.94 40.62 -64.02
N PHE PA 188 -35.77 40.86 -65.04
CA PHE PA 188 -36.88 41.78 -64.87
C PHE PA 188 -37.92 41.24 -63.90
N LEU PA 189 -38.14 39.92 -63.90
CA LEU PA 189 -39.07 39.37 -62.92
C LEU PA 189 -38.47 39.34 -61.52
N ARG PA 190 -37.14 39.20 -61.41
CA ARG PA 190 -36.49 39.37 -60.11
C ARG PA 190 -36.73 40.76 -59.56
N TRP PA 191 -36.61 41.78 -60.43
CA TRP PA 191 -36.88 43.15 -59.99
C TRP PA 191 -38.34 43.35 -59.62
N ALA PA 192 -39.25 42.79 -60.40
CA ALA PA 192 -40.67 42.95 -60.09
C ALA PA 192 -41.04 42.22 -58.80
N ALA PA 193 -40.31 41.16 -58.46
CA ALA PA 193 -40.56 40.49 -57.20
C ALA PA 193 -40.00 41.29 -56.04
N GLU PA 194 -38.83 41.90 -56.21
CA GLU PA 194 -38.18 42.65 -55.14
C GLU PA 194 -37.93 44.08 -55.61
N PRO PA 195 -38.87 45.01 -55.37
CA PRO PA 195 -38.63 46.41 -55.76
C PRO PA 195 -37.75 47.20 -54.80
N GLU PA 196 -36.98 46.52 -53.96
CA GLU PA 196 -36.20 47.20 -52.93
C GLU PA 196 -34.76 46.72 -52.86
N HIS PA 197 -34.31 45.91 -53.83
CA HIS PA 197 -33.09 45.11 -53.66
C HIS PA 197 -31.83 45.98 -53.61
N ASP PA 198 -31.73 46.96 -54.51
CA ASP PA 198 -30.59 47.88 -54.48
C ASP PA 198 -30.55 48.68 -53.20
N HIS PA 199 -31.71 49.19 -52.77
CA HIS PA 199 -31.72 50.03 -51.58
C HIS PA 199 -31.48 49.21 -50.32
N ARG PA 200 -31.95 47.96 -50.32
CA ARG PA 200 -31.70 47.14 -49.14
C ARG PA 200 -30.25 46.71 -49.05
N LYS PA 201 -29.57 46.53 -50.19
CA LYS PA 201 -28.15 46.25 -50.05
C LYS PA 201 -27.34 47.50 -49.75
N ARG PA 202 -27.83 48.68 -50.11
CA ARG PA 202 -27.17 49.90 -49.64
C ARG PA 202 -27.27 50.03 -48.14
N MET PA 203 -28.45 49.77 -47.58
CA MET PA 203 -28.55 49.84 -46.12
C MET PA 203 -27.80 48.70 -45.45
N GLY PA 204 -27.64 47.57 -46.13
CA GLY PA 204 -26.77 46.52 -45.61
C GLY PA 204 -25.31 46.93 -45.57
N LEU PA 205 -24.87 47.70 -46.57
CA LEU PA 205 -23.52 48.26 -46.55
C LEU PA 205 -23.33 49.18 -45.36
N LYS PA 206 -24.27 50.11 -45.17
CA LYS PA 206 -24.16 51.05 -44.05
C LYS PA 206 -24.23 50.35 -42.72
N MET PA 207 -25.03 49.29 -42.61
CA MET PA 207 -25.15 48.56 -41.36
C MET PA 207 -23.87 47.77 -41.06
N LEU PA 208 -23.27 47.16 -42.08
CA LEU PA 208 -22.03 46.43 -41.85
C LEU PA 208 -20.90 47.36 -41.45
N LEU PA 209 -20.84 48.56 -42.03
CA LEU PA 209 -19.78 49.46 -41.59
C LEU PA 209 -20.07 50.03 -40.20
N MET PA 210 -21.34 50.28 -39.88
CA MET PA 210 -21.67 50.73 -38.54
C MET PA 210 -21.45 49.64 -37.49
N MET PA 211 -21.50 48.38 -37.87
CA MET PA 211 -21.21 47.33 -36.91
C MET PA 211 -19.74 46.92 -36.90
N GLY PA 212 -18.99 47.29 -37.94
CA GLY PA 212 -17.55 47.26 -37.79
C GLY PA 212 -17.06 48.37 -36.90
N LEU PA 213 -17.78 49.49 -36.86
CA LEU PA 213 -17.39 50.60 -36.01
C LEU PA 213 -17.87 50.40 -34.57
N LEU PA 214 -19.18 50.32 -34.38
CA LEU PA 214 -19.79 50.49 -33.06
C LEU PA 214 -19.54 49.31 -32.14
N LEU PA 215 -19.48 48.10 -32.67
CA LEU PA 215 -19.36 46.92 -31.82
C LEU PA 215 -18.04 46.78 -31.04
N PRO PA 216 -16.84 47.08 -31.60
CA PRO PA 216 -15.65 47.07 -30.74
C PRO PA 216 -15.65 48.16 -29.68
N LEU PA 217 -16.37 49.26 -29.91
CA LEU PA 217 -16.48 50.30 -28.89
C LEU PA 217 -17.30 49.82 -27.70
N VAL PA 218 -18.47 49.24 -27.96
CA VAL PA 218 -19.34 48.77 -26.89
C VAL PA 218 -18.69 47.59 -26.17
N TYR PA 219 -18.02 46.72 -26.93
CA TYR PA 219 -17.34 45.61 -26.29
C TYR PA 219 -16.20 46.09 -25.43
N ALA PA 220 -15.47 47.10 -25.89
CA ALA PA 220 -14.37 47.67 -25.11
C ALA PA 220 -14.88 48.30 -23.82
N MET PA 221 -16.01 49.00 -23.89
CA MET PA 221 -16.53 49.62 -22.69
C MET PA 221 -17.09 48.60 -21.72
N LYS PA 222 -17.67 47.52 -22.23
CA LYS PA 222 -18.16 46.46 -21.35
C LYS PA 222 -17.01 45.79 -20.65
N ARG PA 223 -15.92 45.53 -21.37
CA ARG PA 223 -14.74 44.95 -20.74
C ARG PA 223 -14.09 45.91 -19.77
N HIS PA 224 -14.19 47.21 -20.03
CA HIS PA 224 -13.63 48.20 -19.12
C HIS PA 224 -14.36 48.23 -17.80
N LYS PA 225 -15.69 48.39 -17.84
CA LYS PA 225 -16.45 48.40 -16.59
C LYS PA 225 -16.48 47.05 -15.90
N TRP PA 226 -16.32 45.96 -16.65
CA TRP PA 226 -16.20 44.65 -16.05
C TRP PA 226 -14.78 44.28 -15.69
N SER PA 227 -13.83 45.18 -15.89
CA SER PA 227 -12.46 44.80 -15.59
C SER PA 227 -12.18 44.78 -14.09
N VAL PA 228 -13.02 45.39 -13.28
CA VAL PA 228 -12.81 45.35 -11.84
C VAL PA 228 -13.07 43.95 -11.31
N LEU PA 229 -14.21 43.38 -11.69
CA LEU PA 229 -14.59 42.07 -11.17
C LEU PA 229 -13.77 40.95 -11.79
N LYS PA 230 -13.16 41.17 -12.95
CA LYS PA 230 -12.26 40.17 -13.48
C LYS PA 230 -10.97 40.10 -12.68
N SER PA 231 -10.56 41.21 -12.07
CA SER PA 231 -9.27 41.27 -11.40
C SER PA 231 -9.36 41.46 -9.90
N ARG PA 232 -10.56 41.48 -9.32
CA ARG PA 232 -10.68 41.51 -7.88
C ARG PA 232 -10.14 40.21 -7.30
N LYS PA 233 -9.50 40.31 -6.14
CA LYS PA 233 -8.77 39.18 -5.60
C LYS PA 233 -9.10 39.02 -4.13
N LEU PA 234 -9.40 37.79 -3.74
CA LEU PA 234 -9.88 37.50 -2.40
C LEU PA 234 -8.76 36.95 -1.54
N ALA PA 235 -8.89 37.15 -0.24
CA ALA PA 235 -7.93 36.62 0.71
C ALA PA 235 -8.66 36.36 2.01
N TYR PA 236 -8.20 35.35 2.73
CA TYR PA 236 -8.96 34.80 3.85
C TYR PA 236 -8.24 35.11 5.15
N ARG PA 237 -8.79 36.06 5.92
CA ARG PA 237 -8.31 36.37 7.26
C ARG PA 237 -9.32 35.90 8.32
N PRO PA 238 -8.96 34.82 9.00
CA PRO PA 238 -9.48 34.52 10.32
C PRO PA 238 -8.51 34.96 11.39
N PRO PA 239 -8.89 34.88 12.67
CA PRO PA 239 -7.84 34.83 13.67
C PRO PA 239 -7.11 33.50 13.63
N HIS QA 2 -3.40 42.76 11.84
CA HIS QA 2 -3.89 43.61 10.76
C HIS QA 2 -2.76 44.43 10.17
N THR QA 3 -1.56 44.25 10.72
CA THR QA 3 -0.41 45.02 10.26
C THR QA 3 0.18 44.42 9.00
N ASP QA 4 0.10 43.11 8.86
CA ASP QA 4 0.63 42.38 7.73
C ASP QA 4 -0.31 42.33 6.53
N ILE QA 5 -1.33 43.20 6.50
CA ILE QA 5 -2.26 43.25 5.38
C ILE QA 5 -1.54 43.96 4.24
N LYS QA 6 -1.02 43.18 3.31
CA LYS QA 6 -0.37 43.71 2.12
C LYS QA 6 -1.24 43.42 0.91
N VAL QA 7 -1.12 44.26 -0.10
CA VAL QA 7 -1.92 44.03 -1.30
C VAL QA 7 -1.16 43.08 -2.20
N PRO QA 8 -1.81 42.04 -2.71
CA PRO QA 8 -1.20 41.26 -3.77
C PRO QA 8 -1.12 42.11 -5.04
N ASP QA 9 0.03 42.02 -5.70
CA ASP QA 9 0.38 42.97 -6.75
C ASP QA 9 -0.47 42.78 -8.00
N PHE QA 10 -0.59 43.85 -8.76
CA PHE QA 10 -1.33 43.85 -10.01
C PHE QA 10 -0.46 44.34 -11.15
N SER QA 11 0.83 44.03 -11.06
CA SER QA 11 1.79 44.46 -12.08
C SER QA 11 1.57 43.75 -13.40
N ASP QA 12 0.91 42.60 -13.39
CA ASP QA 12 0.56 41.92 -14.63
C ASP QA 12 -0.62 42.56 -15.34
N TYR QA 13 -1.40 43.38 -14.63
CA TYR QA 13 -2.70 43.82 -15.15
C TYR QA 13 -2.72 45.26 -15.63
N ARG QA 14 -1.79 46.08 -15.21
CA ARG QA 14 -1.95 47.52 -15.37
C ARG QA 14 -1.55 47.98 -16.78
N ARG QA 15 -1.60 49.31 -16.97
CA ARG QA 15 -1.06 50.05 -18.10
C ARG QA 15 0.36 50.49 -17.79
N PRO QA 16 1.22 50.63 -18.81
CA PRO QA 16 2.63 50.96 -18.53
C PRO QA 16 2.84 52.38 -18.06
N GLU QA 17 1.85 53.25 -18.24
CA GLU QA 17 1.96 54.62 -17.78
C GLU QA 17 1.89 54.73 -16.28
N VAL QA 18 1.24 53.78 -15.62
CA VAL QA 18 1.15 53.74 -14.17
C VAL QA 18 2.03 52.65 -13.59
N LEU QA 19 2.56 51.75 -14.44
CA LEU QA 19 3.23 50.54 -13.98
C LEU QA 19 4.54 50.84 -13.27
N ASP QA 20 5.12 52.03 -13.47
CA ASP QA 20 6.35 52.39 -12.79
C ASP QA 20 6.08 52.65 -11.31
N SER QA 21 7.11 52.43 -10.49
CA SER QA 21 6.98 52.55 -9.04
C SER QA 21 7.58 53.84 -8.51
N THR QA 22 7.88 54.81 -9.36
CA THR QA 22 8.49 56.06 -8.93
C THR QA 22 7.86 57.29 -9.58
N LYS QA 23 7.22 57.14 -10.74
CA LYS QA 23 6.68 58.28 -11.48
C LYS QA 23 5.52 58.91 -10.73
N SER QA 24 5.42 60.23 -10.87
CA SER QA 24 4.22 60.91 -10.44
C SER QA 24 3.06 60.48 -11.33
N SER QA 25 1.92 60.19 -10.72
CA SER QA 25 0.80 59.61 -11.42
C SER QA 25 -0.10 60.66 -12.06
N LYS QA 26 0.44 61.85 -12.36
CA LYS QA 26 -0.39 62.96 -12.84
C LYS QA 26 -0.57 62.92 -14.35
N GLU QA 27 0.52 62.97 -15.11
CA GLU QA 27 0.40 62.95 -16.56
C GLU QA 27 -0.10 61.62 -17.08
N SER QA 28 0.12 60.55 -16.32
CA SER QA 28 -0.47 59.26 -16.67
C SER QA 28 -1.94 59.19 -16.33
N SER QA 29 -2.50 60.20 -15.65
CA SER QA 29 -3.90 60.13 -15.23
C SER QA 29 -4.84 60.70 -16.27
N GLU QA 30 -4.61 61.96 -16.69
CA GLU QA 30 -5.57 62.62 -17.55
C GLU QA 30 -5.59 62.01 -18.93
N ALA QA 31 -4.46 61.52 -19.42
CA ALA QA 31 -4.45 60.83 -20.71
C ALA QA 31 -5.24 59.53 -20.64
N ARG QA 32 -5.14 58.85 -19.51
CA ARG QA 32 -5.86 57.60 -19.31
C ARG QA 32 -7.37 57.83 -19.28
N LYS QA 33 -7.78 58.87 -18.53
CA LYS QA 33 -9.19 59.23 -18.46
C LYS QA 33 -9.70 59.69 -19.82
N GLY QA 34 -8.85 60.41 -20.56
CA GLY QA 34 -9.25 60.87 -21.88
C GLY QA 34 -9.41 59.74 -22.86
N PHE QA 35 -8.59 58.69 -22.73
CA PHE QA 35 -8.72 57.53 -23.60
C PHE QA 35 -10.04 56.79 -23.35
N SER QA 36 -10.36 56.54 -22.07
CA SER QA 36 -11.60 55.83 -21.77
C SER QA 36 -12.83 56.68 -22.11
N TYR QA 37 -12.77 57.98 -21.84
CA TYR QA 37 -13.94 58.80 -22.15
C TYR QA 37 -14.06 59.10 -23.64
N LEU QA 38 -12.97 59.03 -24.40
CA LEU QA 38 -13.08 59.13 -25.84
C LEU QA 38 -13.71 57.87 -26.43
N ILE QA 39 -13.44 56.70 -25.82
CA ILE QA 39 -14.16 55.49 -26.17
C ILE QA 39 -15.67 55.65 -25.97
N THR QA 40 -16.05 56.16 -24.79
CA THR QA 40 -17.47 56.36 -24.49
C THR QA 40 -18.12 57.34 -25.44
N ALA QA 41 -17.40 58.42 -25.78
CA ALA QA 41 -17.94 59.43 -26.68
C ALA QA 41 -18.13 58.88 -28.09
N THR QA 42 -17.22 58.01 -28.54
CA THR QA 42 -17.36 57.46 -29.89
C THR QA 42 -18.54 56.50 -29.95
N THR QA 43 -18.75 55.73 -28.87
CA THR QA 43 -19.95 54.91 -28.76
C THR QA 43 -21.22 55.76 -28.81
N THR QA 44 -21.19 56.91 -28.12
CA THR QA 44 -22.35 57.78 -28.11
C THR QA 44 -22.62 58.38 -29.48
N VAL QA 45 -21.57 58.65 -30.26
CA VAL QA 45 -21.72 59.12 -31.63
C VAL QA 45 -22.42 58.06 -32.48
N GLY QA 46 -21.99 56.80 -32.36
CA GLY QA 46 -22.64 55.72 -33.11
C GLY QA 46 -24.10 55.52 -32.74
N VAL QA 47 -24.39 55.58 -31.43
CA VAL QA 47 -25.77 55.37 -30.97
C VAL QA 47 -26.66 56.53 -31.40
N ALA QA 48 -26.14 57.76 -31.38
CA ALA QA 48 -26.94 58.92 -31.79
C ALA QA 48 -27.24 58.89 -33.27
N TYR QA 49 -26.25 58.50 -34.09
CA TYR QA 49 -26.48 58.31 -35.52
C TYR QA 49 -27.57 57.27 -35.76
N ALA QA 50 -27.43 56.10 -35.13
CA ALA QA 50 -28.39 55.01 -35.34
C ALA QA 50 -29.79 55.40 -34.90
N ALA QA 51 -29.89 56.14 -33.78
CA ALA QA 51 -31.19 56.52 -33.26
C ALA QA 51 -31.89 57.52 -34.17
N LYS QA 52 -31.16 58.56 -34.59
CA LYS QA 52 -31.81 59.57 -35.44
C LYS QA 52 -32.14 59.01 -36.80
N ASN QA 53 -31.36 58.06 -37.30
CA ASN QA 53 -31.71 57.51 -38.61
C ASN QA 53 -32.85 56.52 -38.53
N VAL QA 54 -32.94 55.71 -37.47
CA VAL QA 54 -34.06 54.77 -37.35
C VAL QA 54 -35.37 55.52 -37.11
N VAL QA 55 -35.34 56.57 -36.27
CA VAL QA 55 -36.54 57.36 -36.05
C VAL QA 55 -36.91 58.13 -37.32
N SER QA 56 -35.91 58.56 -38.09
CA SER QA 56 -36.21 59.20 -39.37
C SER QA 56 -36.82 58.22 -40.36
N GLN QA 57 -36.37 56.97 -40.33
CA GLN QA 57 -36.93 55.94 -41.19
C GLN QA 57 -38.38 55.64 -40.83
N PHE QA 58 -38.69 55.59 -39.54
CA PHE QA 58 -40.06 55.26 -39.15
C PHE QA 58 -41.01 56.43 -39.40
N VAL QA 59 -40.54 57.65 -39.15
CA VAL QA 59 -41.36 58.82 -39.44
C VAL QA 59 -41.57 58.96 -40.94
N SER QA 60 -40.53 58.68 -41.74
CA SER QA 60 -40.67 58.70 -43.19
C SER QA 60 -41.53 57.55 -43.70
N SER QA 61 -41.63 56.46 -42.94
CA SER QA 61 -42.58 55.42 -43.29
C SER QA 61 -44.01 55.90 -43.09
N MET QA 62 -44.30 56.46 -41.91
CA MET QA 62 -45.65 56.96 -41.68
C MET QA 62 -45.89 58.35 -42.24
N SER QA 63 -44.99 58.88 -43.06
CA SER QA 63 -45.18 60.25 -43.56
C SER QA 63 -46.15 60.26 -44.73
N ALA QA 64 -45.78 59.64 -45.84
CA ALA QA 64 -46.57 59.74 -47.05
C ALA QA 64 -46.21 58.59 -47.97
N SER QA 65 -47.20 58.10 -48.70
CA SER QA 65 -46.98 57.01 -49.64
C SER QA 65 -46.40 57.57 -50.93
N ALA QA 66 -46.02 56.67 -51.84
CA ALA QA 66 -45.42 57.06 -53.10
C ALA QA 66 -46.39 57.08 -54.26
N ASP QA 67 -47.69 56.89 -54.00
CA ASP QA 67 -48.72 57.04 -55.01
C ASP QA 67 -49.59 58.29 -54.84
N VAL QA 68 -49.75 58.77 -53.60
CA VAL QA 68 -50.53 59.96 -53.34
C VAL QA 68 -49.82 61.20 -53.87
N LEU QA 69 -48.48 61.16 -53.90
CA LEU QA 69 -47.66 62.25 -54.42
C LEU QA 69 -47.61 62.29 -55.94
N ALA QA 70 -48.43 61.51 -56.63
CA ALA QA 70 -48.42 61.42 -58.08
C ALA QA 70 -49.54 62.22 -58.72
N MET QA 71 -49.84 63.41 -58.20
CA MET QA 71 -50.97 64.19 -58.67
C MET QA 71 -50.51 65.39 -59.50
N SER QA 72 -51.21 65.62 -60.60
CA SER QA 72 -50.84 66.62 -61.59
C SER QA 72 -52.11 67.15 -62.25
N LYS QA 73 -51.97 67.74 -63.44
CA LYS QA 73 -53.03 68.55 -64.04
C LYS QA 73 -54.26 67.73 -64.42
N ILE QA 74 -55.42 68.27 -64.05
CA ILE QA 74 -56.71 67.61 -64.19
C ILE QA 74 -57.56 68.48 -65.11
N GLU QA 75 -58.66 67.92 -65.61
CA GLU QA 75 -59.58 68.63 -66.49
C GLU QA 75 -60.91 68.87 -65.80
N ILE QA 76 -61.50 70.04 -66.05
CA ILE QA 76 -62.75 70.48 -65.46
C ILE QA 76 -63.59 71.10 -66.56
N LYS QA 77 -64.88 70.79 -66.60
CA LYS QA 77 -65.78 71.35 -67.59
C LYS QA 77 -66.81 72.24 -66.91
N LEU QA 78 -66.98 73.46 -67.41
CA LEU QA 78 -67.71 74.51 -66.71
C LEU QA 78 -68.82 75.17 -67.52
N SER QA 79 -69.04 74.76 -68.78
CA SER QA 79 -69.86 75.52 -69.72
C SER QA 79 -71.35 75.40 -69.48
N ASP QA 80 -71.80 74.43 -68.70
CA ASP QA 80 -73.23 74.22 -68.53
C ASP QA 80 -73.88 75.21 -67.59
N ILE QA 81 -73.10 75.87 -66.74
CA ILE QA 81 -73.64 76.58 -65.58
C ILE QA 81 -74.26 77.89 -66.02
N PRO QA 82 -75.53 78.17 -65.67
CA PRO QA 82 -76.14 79.47 -65.97
C PRO QA 82 -75.66 80.58 -65.04
N GLU QA 83 -76.28 81.75 -65.12
CA GLU QA 83 -75.89 82.96 -64.41
C GLU QA 83 -75.83 82.82 -62.88
N GLY QA 84 -74.62 82.88 -62.32
CA GLY QA 84 -74.43 82.95 -60.89
C GLY QA 84 -74.76 81.72 -60.06
N LYS QA 85 -73.98 80.66 -60.21
CA LYS QA 85 -74.23 79.44 -59.44
C LYS QA 85 -72.92 78.68 -59.29
N ASN QA 86 -72.83 77.89 -58.22
CA ASN QA 86 -71.62 77.16 -57.83
C ASN QA 86 -71.84 75.66 -58.05
N MET QA 87 -70.78 74.96 -58.47
CA MET QA 87 -70.78 73.51 -58.61
C MET QA 87 -69.40 72.97 -58.27
N ALA QA 88 -69.34 71.91 -57.46
CA ALA QA 88 -68.06 71.41 -56.96
C ALA QA 88 -67.60 70.19 -57.73
N PHE QA 89 -66.32 69.87 -57.55
CA PHE QA 89 -65.68 68.75 -58.22
C PHE QA 89 -64.73 68.03 -57.26
N LYS QA 90 -64.41 66.79 -57.62
CA LYS QA 90 -63.50 65.96 -56.85
C LYS QA 90 -62.07 66.19 -57.36
N TRP QA 91 -61.21 66.72 -56.49
CA TRP QA 91 -59.87 67.16 -56.90
C TRP QA 91 -58.90 66.79 -55.79
N ARG QA 92 -58.13 65.73 -56.02
CA ARG QA 92 -57.12 65.21 -55.09
C ARG QA 92 -57.71 64.86 -53.72
N GLY QA 93 -58.89 64.26 -53.72
CA GLY QA 93 -59.55 63.98 -52.46
C GLY QA 93 -60.08 65.19 -51.75
N LYS QA 94 -60.32 66.28 -52.47
CA LYS QA 94 -60.77 67.56 -51.95
C LYS QA 94 -61.76 68.16 -52.94
N PRO QA 95 -62.68 69.01 -52.48
CA PRO QA 95 -63.60 69.67 -53.40
C PRO QA 95 -62.92 70.73 -54.25
N LEU QA 96 -63.67 71.23 -55.22
CA LEU QA 96 -63.17 72.20 -56.18
C LEU QA 96 -64.35 73.00 -56.72
N PHE QA 97 -64.51 74.23 -56.23
CA PHE QA 97 -65.59 75.08 -56.71
C PHE QA 97 -65.30 75.57 -58.12
N VAL QA 98 -66.31 75.49 -58.98
CA VAL QA 98 -66.39 76.36 -60.15
C VAL QA 98 -67.70 77.13 -59.99
N ARG QA 99 -67.74 78.34 -60.54
CA ARG QA 99 -68.87 79.21 -60.27
C ARG QA 99 -69.02 80.22 -61.40
N HIS QA 100 -70.24 80.32 -61.93
CA HIS QA 100 -70.57 81.35 -62.90
C HIS QA 100 -71.13 82.56 -62.16
N ARG QA 101 -70.72 83.75 -62.58
CA ARG QA 101 -70.97 84.97 -61.84
C ARG QA 101 -71.75 85.97 -62.69
N THR QA 102 -71.93 87.17 -62.15
CA THR QA 102 -72.81 88.19 -62.71
C THR QA 102 -72.07 89.52 -62.70
N LYS QA 103 -72.33 90.35 -63.72
CA LYS QA 103 -71.79 91.71 -63.75
C LYS QA 103 -72.27 92.54 -62.55
N LYS QA 104 -73.49 92.33 -62.08
CA LYS QA 104 -73.93 92.99 -60.86
C LYS QA 104 -73.20 92.43 -59.65
N GLU QA 105 -72.82 91.16 -59.66
CA GLU QA 105 -71.96 90.63 -58.61
C GLU QA 105 -70.54 91.17 -58.73
N ILE QA 106 -70.09 91.50 -59.94
CA ILE QA 106 -68.82 92.20 -60.10
C ILE QA 106 -68.91 93.61 -59.53
N ASP QA 107 -70.06 94.26 -59.70
CA ASP QA 107 -70.23 95.59 -59.12
C ASP QA 107 -70.51 95.54 -57.62
N GLN QA 108 -70.97 94.42 -57.09
CA GLN QA 108 -70.97 94.24 -55.63
C GLN QA 108 -69.58 93.92 -55.10
N GLU QA 109 -68.76 93.24 -55.92
CA GLU QA 109 -67.38 92.94 -55.59
C GLU QA 109 -66.54 94.21 -55.55
N ALA QA 110 -66.82 95.14 -56.46
CA ALA QA 110 -66.16 96.43 -56.50
C ALA QA 110 -66.95 97.51 -55.77
N ALA QA 111 -68.11 97.18 -55.22
CA ALA QA 111 -68.90 98.14 -54.44
C ALA QA 111 -68.53 98.11 -52.96
N VAL QA 112 -68.34 96.92 -52.39
CA VAL QA 112 -67.71 96.83 -51.08
C VAL QA 112 -66.24 97.26 -51.22
N GLU QA 113 -65.71 97.88 -50.17
CA GLU QA 113 -64.32 98.30 -50.24
C GLU QA 113 -63.41 97.09 -50.16
N VAL QA 114 -62.26 97.21 -50.83
CA VAL QA 114 -61.28 96.13 -50.83
C VAL QA 114 -60.23 96.38 -49.74
N SER QA 115 -60.08 97.62 -49.29
CA SER QA 115 -59.15 97.96 -48.21
C SER QA 115 -59.58 97.43 -46.85
N GLN QA 116 -60.83 96.96 -46.71
CA GLN QA 116 -61.26 96.31 -45.49
C GLN QA 116 -60.56 94.98 -45.26
N LEU QA 117 -60.12 94.32 -46.34
CA LEU QA 117 -59.72 92.93 -46.30
C LEU QA 117 -58.40 92.73 -45.56
N ARG QA 118 -58.17 91.50 -45.12
CA ARG QA 118 -56.93 91.09 -44.51
C ARG QA 118 -56.00 90.40 -45.49
N ASP QA 119 -56.44 90.24 -46.73
CA ASP QA 119 -55.55 89.94 -47.86
C ASP QA 119 -56.24 90.57 -49.07
N PRO QA 120 -55.78 91.75 -49.50
CA PRO QA 120 -56.51 92.47 -50.56
C PRO QA 120 -56.32 91.81 -51.92
N GLN QA 121 -57.41 91.71 -52.66
CA GLN QA 121 -57.39 91.11 -53.98
C GLN QA 121 -58.65 91.55 -54.72
N HIS QA 122 -58.50 91.85 -56.01
CA HIS QA 122 -59.61 92.30 -56.83
C HIS QA 122 -60.29 91.08 -57.46
N ASP QA 123 -61.38 91.33 -58.19
CA ASP QA 123 -62.11 90.26 -58.86
C ASP QA 123 -61.28 89.63 -59.97
N LEU QA 124 -60.75 90.45 -60.89
CA LEU QA 124 -60.02 89.95 -62.05
C LEU QA 124 -58.67 89.34 -61.69
N GLU QA 125 -58.19 89.54 -60.47
CA GLU QA 125 -57.06 88.77 -59.95
C GLU QA 125 -57.50 87.37 -59.51
N ARG QA 126 -58.80 87.11 -59.45
CA ARG QA 126 -59.36 85.80 -59.14
C ARG QA 126 -60.14 85.20 -60.29
N VAL QA 127 -60.50 86.00 -61.31
CA VAL QA 127 -61.29 85.53 -62.43
C VAL QA 127 -60.61 85.94 -63.73
N LYS QA 128 -60.62 85.04 -64.72
CA LYS QA 128 -60.05 85.32 -66.03
C LYS QA 128 -61.11 85.81 -67.01
N LYS QA 129 -62.06 84.95 -67.34
CA LYS QA 129 -63.25 85.37 -68.07
C LYS QA 129 -64.24 85.90 -67.05
N PRO QA 130 -64.57 87.20 -67.07
CA PRO QA 130 -64.81 87.97 -65.82
C PRO QA 130 -65.93 87.47 -64.91
N GLU QA 131 -66.73 86.50 -65.32
CA GLU QA 131 -67.82 85.98 -64.50
C GLU QA 131 -67.70 84.47 -64.23
N TRP QA 132 -66.49 83.91 -64.30
CA TRP QA 132 -66.30 82.46 -64.12
C TRP QA 132 -65.17 82.22 -63.12
N VAL QA 133 -65.48 82.20 -61.82
CA VAL QA 133 -64.43 82.00 -60.82
C VAL QA 133 -64.26 80.50 -60.58
N ILE QA 134 -63.03 80.09 -60.30
CA ILE QA 134 -62.71 78.72 -59.93
C ILE QA 134 -61.89 78.75 -58.66
N LEU QA 135 -62.40 78.12 -57.62
CA LEU QA 135 -61.85 78.24 -56.28
C LEU QA 135 -61.64 76.85 -55.70
N ILE QA 136 -60.89 76.80 -54.60
CA ILE QA 136 -60.80 75.59 -53.81
C ILE QA 136 -62.00 75.53 -52.87
N GLY QA 137 -62.91 74.59 -53.12
CA GLY QA 137 -64.18 74.54 -52.43
C GLY QA 137 -64.11 74.07 -50.99
N VAL QA 138 -63.38 74.80 -50.15
CA VAL QA 138 -63.23 74.47 -48.75
C VAL QA 138 -62.96 75.78 -48.01
N CYS QA 139 -63.38 75.85 -46.75
CA CYS QA 139 -63.08 77.03 -45.97
C CYS QA 139 -61.63 77.01 -45.55
N THR QA 140 -60.95 78.15 -45.69
CA THR QA 140 -59.54 78.23 -45.35
C THR QA 140 -59.30 78.32 -43.85
N HIS QA 141 -60.36 78.48 -43.04
CA HIS QA 141 -60.19 78.45 -41.60
C HIS QA 141 -59.89 77.04 -41.11
N LEU QA 142 -60.87 76.14 -41.22
CA LEU QA 142 -60.73 74.83 -40.61
C LEU QA 142 -61.28 73.70 -41.47
N GLY QA 143 -61.44 73.92 -42.76
CA GLY QA 143 -61.79 72.80 -43.62
C GLY QA 143 -63.25 72.39 -43.56
N CYS QA 144 -64.14 73.30 -43.93
CA CYS QA 144 -65.54 72.98 -44.14
C CYS QA 144 -65.95 73.55 -45.49
N VAL QA 145 -67.03 73.02 -46.05
CA VAL QA 145 -67.48 73.44 -47.36
C VAL QA 145 -68.22 74.77 -47.22
N PRO QA 146 -67.89 75.79 -48.01
CA PRO QA 146 -68.63 77.05 -47.96
C PRO QA 146 -70.02 76.91 -48.58
N ILE QA 147 -71.03 77.37 -47.86
CA ILE QA 147 -72.41 77.38 -48.37
C ILE QA 147 -72.56 78.54 -49.36
N ALA QA 148 -72.89 78.21 -50.60
CA ALA QA 148 -73.20 79.19 -51.61
C ALA QA 148 -74.71 79.41 -51.70
N ASN QA 149 -75.09 80.50 -52.40
CA ASN QA 149 -76.47 80.95 -52.59
C ASN QA 149 -77.22 81.14 -51.27
N ALA QA 150 -76.49 81.56 -50.24
CA ALA QA 150 -77.04 81.81 -48.91
C ALA QA 150 -76.08 82.73 -48.18
N GLY QA 151 -76.21 82.79 -46.86
CA GLY QA 151 -75.44 83.71 -46.06
C GLY QA 151 -76.05 85.08 -46.07
N ASP QA 152 -75.41 85.99 -45.35
CA ASP QA 152 -75.87 87.38 -45.28
C ASP QA 152 -75.28 88.26 -46.38
N PHE QA 153 -74.64 87.67 -47.39
CA PHE QA 153 -73.98 88.43 -48.42
C PHE QA 153 -74.31 87.96 -49.83
N GLY QA 154 -75.11 86.90 -49.99
CA GLY QA 154 -75.32 86.32 -51.30
C GLY QA 154 -74.11 85.60 -51.84
N GLY QA 155 -73.16 85.26 -50.98
CA GLY QA 155 -71.92 84.63 -51.38
C GLY QA 155 -71.61 83.42 -50.52
N TYR QA 156 -70.43 83.42 -49.89
CA TYR QA 156 -69.95 82.25 -49.15
C TYR QA 156 -70.07 82.49 -47.65
N TYR QA 157 -70.84 81.62 -47.00
CA TYR QA 157 -70.96 81.57 -45.55
C TYR QA 157 -70.59 80.17 -45.11
N CYS QA 158 -69.54 80.04 -44.31
CA CYS QA 158 -69.13 78.72 -43.85
C CYS QA 158 -69.93 78.34 -42.61
N PRO QA 159 -70.62 77.19 -42.61
CA PRO QA 159 -71.55 76.88 -41.52
C PRO QA 159 -70.88 76.39 -40.25
N CYS QA 160 -69.57 76.11 -40.28
CA CYS QA 160 -68.89 75.63 -39.08
C CYS QA 160 -68.70 76.75 -38.07
N HIS QA 161 -68.13 77.88 -38.51
CA HIS QA 161 -67.88 78.98 -37.59
C HIS QA 161 -68.29 80.34 -38.13
N GLY QA 162 -68.57 80.47 -39.41
CA GLY QA 162 -69.10 81.74 -39.88
C GLY QA 162 -68.10 82.66 -40.54
N SER QA 163 -67.25 82.09 -41.39
CA SER QA 163 -66.32 82.89 -42.18
C SER QA 163 -67.12 83.68 -43.19
N HIS QA 164 -67.40 84.94 -42.88
CA HIS QA 164 -68.29 85.74 -43.73
C HIS QA 164 -67.54 86.19 -44.98
N TYR QA 165 -67.62 85.35 -46.01
CA TYR QA 165 -67.02 85.64 -47.30
C TYR QA 165 -68.09 86.28 -48.19
N ASP QA 166 -67.85 86.33 -49.50
CA ASP QA 166 -68.79 87.00 -50.40
C ASP QA 166 -68.80 86.27 -51.74
N ALA QA 167 -69.20 86.97 -52.80
CA ALA QA 167 -69.40 86.35 -54.11
C ALA QA 167 -68.13 85.76 -54.69
N SER QA 168 -66.97 86.31 -54.36
CA SER QA 168 -65.70 85.72 -54.75
C SER QA 168 -64.89 85.26 -53.55
N GLY QA 169 -65.45 85.28 -52.35
CA GLY QA 169 -64.81 84.69 -51.21
C GLY QA 169 -63.82 85.60 -50.52
N ARG QA 170 -64.30 86.75 -50.06
CA ARG QA 170 -63.48 87.73 -49.38
C ARG QA 170 -64.08 88.04 -48.01
N ILE QA 171 -63.23 88.03 -46.97
CA ILE QA 171 -63.69 87.97 -45.59
C ILE QA 171 -64.32 89.28 -45.14
N ARG QA 172 -65.48 89.19 -44.49
CA ARG QA 172 -66.15 90.30 -43.83
C ARG QA 172 -66.11 90.20 -42.32
N LYS QA 173 -66.35 89.01 -41.75
CA LYS QA 173 -66.49 88.88 -40.31
C LYS QA 173 -66.23 87.43 -39.91
N GLY QA 174 -65.62 87.25 -38.73
CA GLY QA 174 -65.54 85.96 -38.11
C GLY QA 174 -64.14 85.60 -37.64
N PRO QA 175 -63.98 84.35 -37.18
CA PRO QA 175 -62.64 83.88 -36.78
C PRO QA 175 -61.81 83.36 -37.95
N ALA QA 176 -62.19 83.71 -39.17
CA ALA QA 176 -61.46 83.24 -40.34
C ALA QA 176 -60.12 83.96 -40.43
N PRO QA 177 -59.03 83.24 -40.68
CA PRO QA 177 -57.72 83.90 -40.76
C PRO QA 177 -57.39 84.48 -42.14
N LEU QA 178 -57.95 83.95 -43.21
CA LEU QA 178 -57.51 84.35 -44.55
C LEU QA 178 -58.68 84.32 -45.53
N ASN QA 179 -58.38 84.67 -46.79
CA ASN QA 179 -59.28 84.56 -47.91
C ASN QA 179 -59.12 83.18 -48.56
N LEU QA 180 -59.80 82.96 -49.68
CA LEU QA 180 -59.86 81.62 -50.27
C LEU QA 180 -58.61 81.31 -51.08
N GLU QA 181 -58.66 80.22 -51.86
CA GLU QA 181 -57.49 79.59 -52.44
C GLU QA 181 -57.75 79.30 -53.91
N VAL QA 182 -56.77 79.64 -54.76
CA VAL QA 182 -56.87 79.44 -56.19
C VAL QA 182 -55.70 78.60 -56.67
N PRO QA 183 -55.93 77.59 -57.49
CA PRO QA 183 -54.81 76.96 -58.20
C PRO QA 183 -54.63 77.61 -59.56
N SER QA 184 -53.72 77.08 -60.38
CA SER QA 184 -53.57 77.55 -61.76
C SER QA 184 -54.64 76.87 -62.60
N TYR QA 185 -55.78 77.54 -62.75
CA TYR QA 185 -56.83 77.09 -63.64
C TYR QA 185 -56.70 77.85 -64.96
N GLU QA 186 -56.66 77.11 -66.07
CA GLU QA 186 -56.45 77.71 -67.38
C GLU QA 186 -57.67 77.39 -68.23
N PHE QA 187 -58.44 78.43 -68.59
CA PHE QA 187 -59.60 78.27 -69.45
C PHE QA 187 -59.17 77.82 -70.83
N THR QA 188 -59.41 76.55 -71.14
CA THR QA 188 -59.02 75.98 -72.42
C THR QA 188 -60.19 75.99 -73.39
N SER QA 189 -59.82 75.95 -74.68
CA SER QA 189 -60.39 76.79 -75.72
C SER QA 189 -61.89 76.59 -75.89
N ASP QA 190 -62.35 75.35 -76.06
CA ASP QA 190 -63.74 75.11 -76.41
C ASP QA 190 -64.67 75.43 -75.25
N ASP QA 191 -64.63 74.59 -74.23
CA ASP QA 191 -65.52 74.74 -73.09
C ASP QA 191 -64.86 74.38 -71.77
N MET QA 192 -63.54 74.18 -71.73
CA MET QA 192 -62.97 73.47 -70.59
C MET QA 192 -62.04 74.37 -69.79
N VAL QA 193 -61.43 73.79 -68.78
CA VAL QA 193 -60.39 74.44 -67.98
C VAL QA 193 -59.52 73.35 -67.36
N ILE QA 194 -58.21 73.48 -67.54
CA ILE QA 194 -57.25 72.50 -67.02
C ILE QA 194 -56.56 73.11 -65.81
N VAL QA 195 -56.54 72.35 -64.72
CA VAL QA 195 -56.13 72.83 -63.40
C VAL QA 195 -54.81 72.16 -63.03
N GLY QA 196 -53.85 72.97 -62.59
CA GLY QA 196 -52.61 72.48 -62.03
C GLY QA 196 -52.16 73.29 -60.84
N SER RA 9 -16.27 -5.95 -7.90
CA SER RA 9 -16.84 -5.70 -6.59
C SER RA 9 -16.41 -4.33 -6.06
N SER RA 10 -15.80 -4.32 -4.87
CA SER RA 10 -15.47 -3.08 -4.19
C SER RA 10 -14.14 -2.48 -4.64
N LYS RA 11 -13.19 -3.32 -5.08
CA LYS RA 11 -11.90 -2.81 -5.54
C LYS RA 11 -12.02 -2.09 -6.87
N TRP RA 12 -13.09 -2.32 -7.60
CA TRP RA 12 -13.37 -1.68 -8.88
C TRP RA 12 -14.40 -0.56 -8.74
N LEU RA 13 -15.28 -0.66 -7.73
CA LEU RA 13 -16.21 0.41 -7.41
C LEU RA 13 -15.49 1.70 -7.05
N GLU RA 14 -14.37 1.58 -6.34
CA GLU RA 14 -13.57 2.76 -5.99
C GLU RA 14 -12.97 3.38 -7.25
N GLY RA 15 -12.60 2.56 -8.22
CA GLY RA 15 -12.11 3.09 -9.48
C GLY RA 15 -13.19 3.85 -10.23
N ILE RA 16 -14.42 3.32 -10.22
CA ILE RA 16 -15.54 4.03 -10.85
C ILE RA 16 -15.82 5.34 -10.14
N ARG RA 17 -15.78 5.32 -8.81
CA ARG RA 17 -16.05 6.53 -8.03
C ARG RA 17 -14.96 7.57 -8.24
N LYS RA 18 -13.71 7.15 -8.35
CA LYS RA 18 -12.66 8.13 -8.59
C LYS RA 18 -12.71 8.66 -10.02
N TRP RA 19 -13.13 7.85 -10.99
CA TRP RA 19 -13.36 8.37 -12.33
C TRP RA 19 -14.48 9.39 -12.35
N TYR RA 20 -15.55 9.11 -11.63
CA TYR RA 20 -16.65 10.06 -11.59
C TYR RA 20 -16.28 11.32 -10.83
N TYR RA 21 -15.41 11.21 -9.85
CA TYR RA 21 -15.01 12.38 -9.11
C TYR RA 21 -13.99 13.21 -9.89
N ASN RA 22 -13.22 12.58 -10.77
CA ASN RA 22 -12.44 13.38 -11.71
C ASN RA 22 -13.34 14.08 -12.72
N ALA RA 23 -14.31 13.37 -13.26
CA ALA RA 23 -15.13 13.92 -14.32
C ALA RA 23 -16.27 14.80 -13.80
N ALA RA 24 -16.41 14.93 -12.49
CA ALA RA 24 -17.49 15.74 -11.94
C ALA RA 24 -17.23 17.23 -12.18
N GLY RA 25 -16.05 17.70 -11.82
CA GLY RA 25 -15.69 19.06 -12.13
C GLY RA 25 -15.42 19.93 -10.94
N PHE RA 26 -16.18 19.77 -9.86
CA PHE RA 26 -16.00 20.63 -8.70
C PHE RA 26 -14.75 20.31 -7.90
N ASN RA 27 -14.07 19.22 -8.20
CA ASN RA 27 -12.72 19.05 -7.67
C ASN RA 27 -11.75 20.08 -8.25
N LYS RA 28 -12.06 20.65 -9.40
CA LYS RA 28 -11.19 21.62 -10.03
C LYS RA 28 -11.48 23.05 -9.60
N LEU RA 29 -12.69 23.33 -9.14
CA LEU RA 29 -12.99 24.64 -8.58
C LEU RA 29 -12.74 24.71 -7.09
N GLY RA 30 -11.97 23.76 -6.55
CA GLY RA 30 -11.58 23.81 -5.16
C GLY RA 30 -12.72 23.55 -4.19
N LEU RA 31 -13.72 22.80 -4.60
CA LEU RA 31 -14.89 22.53 -3.78
C LEU RA 31 -14.86 21.11 -3.23
N MET RA 32 -15.94 20.74 -2.55
CA MET RA 32 -16.03 19.45 -1.85
C MET RA 32 -17.45 18.90 -2.02
N ARG RA 33 -17.79 17.93 -1.18
CA ARG RA 33 -19.14 17.37 -1.17
C ARG RA 33 -20.16 18.44 -0.78
N ASP RA 34 -19.99 19.03 0.40
CA ASP RA 34 -20.98 19.89 1.04
C ASP RA 34 -21.05 21.28 0.44
N ASP RA 35 -20.49 21.49 -0.73
CA ASP RA 35 -20.45 22.80 -1.34
C ASP RA 35 -21.48 22.94 -2.45
N THR RA 36 -22.12 21.86 -2.85
CA THR RA 36 -22.99 21.87 -4.02
C THR RA 36 -24.39 21.40 -3.72
N ILE RA 37 -24.76 21.27 -2.46
CA ILE RA 37 -26.02 20.62 -2.11
C ILE RA 37 -27.18 21.56 -2.41
N HIS RA 38 -28.16 21.05 -3.14
CA HIS RA 38 -29.36 21.83 -3.40
C HIS RA 38 -30.18 21.91 -2.13
N GLU RA 39 -30.86 23.03 -1.95
CA GLU RA 39 -31.40 23.40 -0.67
C GLU RA 39 -32.92 23.45 -0.69
N ASN RA 40 -33.50 22.96 0.39
CA ASN RA 40 -34.82 23.29 0.86
C ASN RA 40 -34.62 23.99 2.20
N ASP RA 41 -35.70 24.12 2.99
CA ASP RA 41 -35.54 24.64 4.35
C ASP RA 41 -34.71 23.69 5.20
N ASP RA 42 -34.70 22.42 4.87
CA ASP RA 42 -34.03 21.42 5.70
C ASP RA 42 -32.51 21.50 5.57
N VAL RA 43 -32.01 21.62 4.34
CA VAL RA 43 -30.56 21.71 4.16
C VAL RA 43 -30.05 23.05 4.65
N LYS RA 44 -30.85 24.11 4.52
CA LYS RA 44 -30.45 25.39 5.09
C LYS RA 44 -30.48 25.35 6.60
N GLU RA 45 -31.35 24.52 7.18
CA GLU RA 45 -31.29 24.27 8.62
C GLU RA 45 -30.01 23.55 9.00
N ALA RA 46 -29.57 22.61 8.16
CA ALA RA 46 -28.30 21.92 8.40
C ALA RA 46 -27.12 22.87 8.30
N ILE RA 47 -27.21 23.84 7.38
CA ILE RA 47 -26.21 24.90 7.32
C ILE RA 47 -26.23 25.73 8.59
N ARG RA 48 -27.43 26.01 9.09
CA ARG RA 48 -27.58 26.81 10.29
C ARG RA 48 -26.99 26.13 11.51
N ARG RA 49 -27.04 24.80 11.55
CA ARG RA 49 -26.56 24.05 12.70
C ARG RA 49 -25.06 23.76 12.65
N LEU RA 50 -24.31 24.50 11.89
CA LEU RA 50 -22.89 24.19 11.76
C LEU RA 50 -22.08 24.93 12.81
N PRO RA 51 -20.87 24.43 13.11
CA PRO RA 51 -19.90 25.25 13.86
C PRO RA 51 -19.47 26.46 13.07
N GLU RA 52 -18.87 27.41 13.78
CA GLU RA 52 -18.60 28.71 13.19
C GLU RA 52 -17.44 28.65 12.20
N ASN RA 53 -16.35 27.98 12.57
CA ASN RA 53 -15.15 27.98 11.74
C ASN RA 53 -15.35 27.16 10.47
N LEU RA 54 -16.07 26.04 10.56
CA LEU RA 54 -16.42 25.27 9.38
C LEU RA 54 -17.30 26.07 8.45
N TYR RA 55 -18.22 26.86 9.01
CA TYR RA 55 -19.07 27.71 8.20
C TYR RA 55 -18.27 28.82 7.53
N ASN RA 56 -17.23 29.32 8.19
CA ASN RA 56 -16.35 30.30 7.57
C ASN RA 56 -15.57 29.68 6.42
N ASP RA 57 -15.09 28.46 6.60
CA ASP RA 57 -14.35 27.80 5.54
C ASP RA 57 -15.26 27.48 4.36
N ARG RA 58 -16.52 27.13 4.65
CA ARG RA 58 -17.46 26.86 3.58
C ARG RA 58 -17.79 28.13 2.81
N VAL RA 59 -17.98 29.27 3.49
CA VAL RA 59 -18.32 30.47 2.73
C VAL RA 59 -17.12 30.99 1.95
N PHE RA 60 -15.91 30.74 2.44
CA PHE RA 60 -14.76 31.17 1.65
C PHE RA 60 -14.55 30.28 0.43
N ARG RA 61 -14.76 28.98 0.57
CA ARG RA 61 -14.71 28.09 -0.58
C ARG RA 61 -15.75 28.46 -1.62
N ILE RA 62 -16.96 28.79 -1.17
CA ILE RA 62 -18.03 29.19 -2.07
C ILE RA 62 -17.68 30.47 -2.80
N LYS RA 63 -17.11 31.44 -2.09
CA LYS RA 63 -16.84 32.71 -2.75
C LYS RA 63 -15.65 32.62 -3.72
N ARG RA 64 -14.64 31.81 -3.39
CA ARG RA 64 -13.58 31.55 -4.38
C ARG RA 64 -14.11 30.83 -5.60
N ALA RA 65 -14.99 29.85 -5.39
CA ALA RA 65 -15.50 29.08 -6.52
C ALA RA 65 -16.36 29.97 -7.42
N LEU RA 66 -17.12 30.88 -6.83
CA LEU RA 66 -17.91 31.78 -7.66
C LEU RA 66 -17.03 32.79 -8.40
N ASP RA 67 -15.93 33.24 -7.77
CA ASP RA 67 -15.00 34.12 -8.49
C ASP RA 67 -14.33 33.41 -9.66
N LEU RA 68 -13.85 32.20 -9.41
CA LEU RA 68 -13.15 31.49 -10.47
C LEU RA 68 -14.08 30.93 -11.52
N SER RA 69 -15.38 30.85 -11.25
CA SER RA 69 -16.32 30.64 -12.32
C SER RA 69 -16.83 31.94 -12.90
N MET RA 70 -16.49 33.08 -12.28
CA MET RA 70 -16.85 34.37 -12.85
C MET RA 70 -15.88 34.80 -13.92
N ARG RA 71 -14.59 34.61 -13.71
CA ARG RA 71 -13.68 34.76 -14.84
C ARG RA 71 -13.32 33.42 -15.48
N GLN RA 72 -14.04 32.35 -15.13
CA GLN RA 72 -13.99 31.05 -15.81
C GLN RA 72 -12.59 30.47 -15.78
N GLN RA 73 -11.99 30.49 -14.60
CA GLN RA 73 -10.58 30.24 -14.36
C GLN RA 73 -10.46 29.02 -13.47
N ILE RA 74 -10.24 27.86 -14.06
CA ILE RA 74 -9.97 26.66 -13.28
C ILE RA 74 -8.62 26.80 -12.61
N LEU RA 75 -8.57 26.52 -11.30
CA LEU RA 75 -7.38 26.37 -10.47
C LEU RA 75 -6.30 25.51 -11.11
N PRO RA 76 -5.04 25.71 -10.76
CA PRO RA 76 -3.97 24.85 -11.32
C PRO RA 76 -3.96 23.44 -10.76
N LYS RA 77 -2.90 22.69 -11.06
CA LYS RA 77 -2.79 21.33 -10.57
C LYS RA 77 -2.60 21.29 -9.06
N GLU RA 78 -2.04 22.35 -8.49
CA GLU RA 78 -1.62 22.35 -7.09
C GLU RA 78 -2.78 22.35 -6.12
N GLN RA 79 -3.98 22.79 -6.52
CA GLN RA 79 -5.09 22.91 -5.60
C GLN RA 79 -6.36 22.23 -6.11
N TRP RA 80 -6.24 21.27 -7.02
CA TRP RA 80 -7.36 20.38 -7.28
C TRP RA 80 -7.56 19.51 -6.05
N THR RA 81 -8.75 19.60 -5.47
CA THR RA 81 -9.02 18.88 -4.24
C THR RA 81 -9.07 17.38 -4.52
N LYS RA 82 -8.13 16.66 -3.91
CA LYS RA 82 -7.95 15.24 -4.14
C LYS RA 82 -9.15 14.44 -3.64
N TYR RA 83 -9.37 13.29 -4.25
CA TYR RA 83 -10.41 12.41 -3.76
C TYR RA 83 -9.96 11.77 -2.45
N GLU RA 84 -10.95 11.52 -1.58
CA GLU RA 84 -10.81 10.98 -0.22
C GLU RA 84 -9.72 11.68 0.61
N GLU RA 85 -9.72 13.02 0.55
CA GLU RA 85 -9.26 13.83 1.67
C GLU RA 85 -10.29 14.89 2.03
N ASP RA 86 -11.53 14.70 1.60
CA ASP RA 86 -12.61 15.63 1.90
C ASP RA 86 -13.50 15.07 3.01
N LYS RA 87 -14.09 16.00 3.78
CA LYS RA 87 -14.87 15.64 4.95
C LYS RA 87 -16.34 15.54 4.55
N PHE RA 88 -16.98 14.46 4.97
CA PHE RA 88 -18.43 14.36 4.84
C PHE RA 88 -19.10 14.81 6.13
N TYR RA 89 -18.78 16.05 6.53
CA TYR RA 89 -19.15 16.52 7.85
C TYR RA 89 -20.65 16.77 8.01
N LEU RA 90 -21.38 16.91 6.92
CA LEU RA 90 -22.80 17.17 7.03
C LEU RA 90 -23.63 15.90 7.18
N GLU RA 91 -22.98 14.74 7.07
CA GLU RA 91 -23.68 13.47 7.25
C GLU RA 91 -24.40 13.31 8.59
N PRO RA 92 -23.83 13.64 9.78
CA PRO RA 92 -24.66 13.55 10.98
C PRO RA 92 -25.75 14.60 11.03
N TYR RA 93 -25.45 15.83 10.59
CA TYR RA 93 -26.44 16.90 10.63
C TYR RA 93 -27.61 16.62 9.70
N LEU RA 94 -27.32 16.35 8.43
CA LEU RA 94 -28.37 16.07 7.46
C LEU RA 94 -29.09 14.77 7.79
N LYS RA 95 -28.38 13.80 8.36
CA LYS RA 95 -29.02 12.55 8.75
C LYS RA 95 -30.00 12.76 9.89
N GLU RA 96 -29.66 13.64 10.84
CA GLU RA 96 -30.62 13.93 11.90
C GLU RA 96 -31.76 14.79 11.41
N VAL RA 97 -31.53 15.60 10.36
CA VAL RA 97 -32.65 16.32 9.75
C VAL RA 97 -33.62 15.35 9.09
N ILE RA 98 -33.07 14.33 8.39
CA ILE RA 98 -33.88 13.25 7.82
C ILE RA 98 -34.72 12.59 8.89
N ARG RA 99 -34.07 12.20 10.00
CA ARG RA 99 -34.75 11.49 11.06
C ARG RA 99 -35.81 12.35 11.74
N GLU RA 100 -35.53 13.65 11.90
CA GLU RA 100 -36.51 14.52 12.54
C GLU RA 100 -37.72 14.78 11.65
N ARG RA 101 -37.50 14.98 10.35
CA ARG RA 101 -38.63 15.21 9.45
C ARG RA 101 -39.49 13.96 9.31
N LYS RA 102 -38.84 12.80 9.25
CA LYS RA 102 -39.59 11.55 9.23
C LYS RA 102 -40.28 11.27 10.56
N GLU RA 103 -39.68 11.71 11.67
CA GLU RA 103 -40.34 11.59 12.97
C GLU RA 103 -41.59 12.45 13.02
N ARG RA 104 -41.52 13.69 12.54
CA ARG RA 104 -42.70 14.56 12.47
C ARG RA 104 -43.81 13.93 11.64
N GLU RA 105 -43.47 13.45 10.44
CA GLU RA 105 -44.51 12.89 9.56
C GLU RA 105 -45.10 11.61 10.15
N GLU RA 106 -44.25 10.68 10.57
CA GLU RA 106 -44.72 9.39 11.05
C GLU RA 106 -45.29 9.43 12.45
N TRP RA 107 -45.06 10.51 13.21
CA TRP RA 107 -45.75 10.58 14.48
C TRP RA 107 -47.06 11.33 14.39
N THR RA 108 -47.09 12.45 13.65
CA THR RA 108 -48.34 13.17 13.53
C THR RA 108 -49.34 12.46 12.60
N LYS RA 109 -48.88 11.49 11.81
CA LYS RA 109 -49.82 10.68 11.05
C LYS RA 109 -49.85 9.23 11.54
N ARG SA 2 -36.30 40.41 -0.70
CA ARG SA 2 -34.86 40.27 -0.56
C ARG SA 2 -34.13 41.47 -1.13
N GLN SA 3 -33.97 42.51 -0.33
CA GLN SA 3 -33.12 43.62 -0.68
C GLN SA 3 -31.70 43.34 -0.22
N PHE SA 4 -30.88 44.36 -0.19
CA PHE SA 4 -29.43 44.23 -0.17
C PHE SA 4 -28.92 44.63 1.20
N GLY SA 5 -28.54 43.65 2.02
CA GLY SA 5 -28.00 43.96 3.33
C GLY SA 5 -28.34 42.99 4.45
N HIS SA 6 -29.35 42.14 4.26
CA HIS SA 6 -29.69 41.11 5.22
C HIS SA 6 -29.41 39.72 4.68
N LEU SA 7 -28.36 39.59 3.87
CA LEU SA 7 -28.17 38.35 3.12
C LEU SA 7 -27.59 37.26 4.01
N THR SA 8 -26.42 37.50 4.58
CA THR SA 8 -25.69 36.46 5.29
C THR SA 8 -24.77 37.10 6.33
N ARG SA 9 -24.03 36.26 7.02
CA ARG SA 9 -23.06 36.68 8.02
C ARG SA 9 -21.69 36.15 7.60
N VAL SA 10 -20.77 37.06 7.32
CA VAL SA 10 -19.46 36.72 6.75
C VAL SA 10 -18.37 37.42 7.56
N ARG SA 11 -17.41 36.65 8.05
CA ARG SA 11 -16.22 37.15 8.71
C ARG SA 11 -15.03 36.84 7.81
N HIS SA 12 -13.80 37.24 8.23
CA HIS SA 12 -12.58 36.62 7.79
C HIS SA 12 -12.33 36.82 6.30
N VAL SA 13 -12.96 37.80 5.64
CA VAL SA 13 -12.81 37.94 4.20
C VAL SA 13 -12.22 39.31 3.91
N ILE SA 14 -11.23 39.37 3.03
CA ILE SA 14 -10.74 40.64 2.51
C ILE SA 14 -10.81 40.59 1.00
N THR SA 15 -11.46 41.56 0.40
CA THR SA 15 -11.52 41.73 -1.04
C THR SA 15 -10.63 42.91 -1.43
N TYR SA 16 -9.70 42.68 -2.36
CA TYR SA 16 -8.91 43.74 -2.96
C TYR SA 16 -9.37 43.94 -4.39
N SER SA 17 -9.44 45.20 -4.83
CA SER SA 17 -9.66 45.45 -6.24
C SER SA 17 -9.14 46.83 -6.61
N LEU SA 18 -8.86 47.00 -7.89
CA LEU SA 18 -8.18 48.16 -8.42
C LEU SA 18 -9.16 48.98 -9.24
N SER SA 19 -8.76 50.20 -9.57
CA SER SA 19 -9.60 51.09 -10.36
C SER SA 19 -9.79 50.55 -11.77
N PRO SA 20 -10.91 50.84 -12.41
CA PRO SA 20 -11.07 50.41 -13.80
C PRO SA 20 -10.24 51.21 -14.77
N PHE SA 21 -9.75 52.37 -14.36
CA PHE SA 21 -8.94 53.15 -15.29
C PHE SA 21 -7.53 52.60 -15.40
N GLU SA 22 -6.91 52.24 -14.28
CA GLU SA 22 -5.47 52.02 -14.31
C GLU SA 22 -5.10 50.67 -14.90
N GLN SA 23 -5.84 49.62 -14.57
CA GLN SA 23 -5.62 48.37 -15.29
C GLN SA 23 -6.16 48.51 -16.70
N ARG SA 24 -5.51 47.82 -17.63
CA ARG SA 24 -5.78 48.10 -19.03
C ARG SA 24 -7.09 47.46 -19.45
N ALA SA 25 -7.48 47.76 -20.69
CA ALA SA 25 -8.75 47.27 -21.21
C ALA SA 25 -8.70 45.78 -21.45
N PHE SA 26 -7.70 45.30 -22.20
CA PHE SA 26 -7.64 43.91 -22.62
C PHE SA 26 -6.31 43.29 -22.19
N PRO SA 27 -6.23 42.77 -20.98
CA PRO SA 27 -4.96 42.20 -20.53
C PRO SA 27 -4.65 40.84 -21.15
N HIS SA 28 -3.73 40.85 -22.13
CA HIS SA 28 -3.20 39.66 -22.80
C HIS SA 28 -4.32 38.82 -23.40
N TYR SA 29 -5.06 39.46 -24.29
CA TYR SA 29 -6.24 38.88 -24.89
C TYR SA 29 -5.91 37.86 -25.97
N PHE SA 30 -4.66 37.83 -26.45
CA PHE SA 30 -4.23 36.83 -27.40
C PHE SA 30 -3.24 35.84 -26.81
N SER SA 31 -2.89 35.98 -25.55
CA SER SA 31 -1.96 35.07 -24.90
C SER SA 31 -2.57 34.31 -23.75
N LYS SA 32 -3.78 34.59 -23.39
CA LYS SA 32 -4.47 33.82 -22.37
C LYS SA 32 -5.81 33.31 -22.85
N GLY SA 33 -6.51 34.11 -23.66
CA GLY SA 33 -7.90 33.79 -23.97
C GLY SA 33 -8.03 32.63 -24.93
N ILE SA 34 -7.12 32.50 -25.88
CA ILE SA 34 -7.21 31.40 -26.84
C ILE SA 34 -6.77 30.06 -26.23
N PRO SA 35 -5.74 29.95 -25.38
CA PRO SA 35 -5.61 28.70 -24.63
C PRO SA 35 -6.72 28.48 -23.61
N ASN SA 36 -7.33 29.55 -23.12
CA ASN SA 36 -8.44 29.39 -22.19
C ASN SA 36 -9.66 28.79 -22.89
N VAL SA 37 -9.98 29.29 -24.09
CA VAL SA 37 -11.11 28.72 -24.81
C VAL SA 37 -10.77 27.36 -25.36
N LEU SA 38 -9.49 27.05 -25.58
CA LEU SA 38 -9.15 25.69 -25.93
C LEU SA 38 -9.39 24.74 -24.76
N ARG SA 39 -9.11 25.18 -23.54
CA ARG SA 39 -9.39 24.32 -22.39
C ARG SA 39 -10.89 24.17 -22.20
N ARG SA 40 -11.65 25.25 -22.44
CA ARG SA 40 -13.11 25.18 -22.36
C ARG SA 40 -13.67 24.21 -23.40
N THR SA 41 -13.14 24.23 -24.61
CA THR SA 41 -13.64 23.36 -25.66
C THR SA 41 -13.30 21.92 -25.36
N ARG SA 42 -12.08 21.65 -24.89
CA ARG SA 42 -11.72 20.28 -24.53
C ARG SA 42 -12.45 19.78 -23.29
N ALA SA 43 -13.00 20.66 -22.48
CA ALA SA 43 -13.78 20.20 -21.34
C ALA SA 43 -15.25 19.98 -21.67
N CYS SA 44 -15.68 20.16 -22.93
CA CYS SA 44 -17.11 20.07 -23.20
C CYS SA 44 -17.50 19.20 -24.39
N ILE SA 45 -16.61 19.03 -25.36
CA ILE SA 45 -17.03 18.38 -26.59
C ILE SA 45 -17.20 16.89 -26.44
N LEU SA 46 -16.56 16.27 -25.44
CA LEU SA 46 -16.86 14.88 -25.14
C LEU SA 46 -18.26 14.69 -24.60
N ARG SA 47 -18.87 15.73 -24.05
CA ARG SA 47 -20.23 15.64 -23.54
C ARG SA 47 -21.25 16.33 -24.42
N VAL SA 48 -20.82 17.01 -25.48
CA VAL SA 48 -21.74 17.72 -26.37
C VAL SA 48 -21.70 17.13 -27.79
N ALA SA 49 -20.51 16.94 -28.34
CA ALA SA 49 -20.37 16.52 -29.73
C ALA SA 49 -20.95 15.14 -30.11
N PRO SA 50 -20.78 14.04 -29.36
CA PRO SA 50 -21.19 12.71 -29.89
C PRO SA 50 -22.68 12.53 -30.20
N PRO SA 51 -23.62 13.28 -29.60
CA PRO SA 51 -24.97 13.21 -30.16
C PRO SA 51 -25.14 13.86 -31.54
N PHE SA 52 -24.43 14.95 -31.83
CA PHE SA 52 -24.72 15.65 -33.07
C PHE SA 52 -24.17 14.92 -34.29
N VAL SA 53 -23.11 14.13 -34.11
CA VAL SA 53 -22.68 13.31 -35.24
C VAL SA 53 -23.66 12.17 -35.48
N VAL SA 54 -24.35 11.72 -34.42
CA VAL SA 54 -25.42 10.76 -34.59
C VAL SA 54 -26.56 11.36 -35.40
N PHE SA 55 -26.89 12.63 -35.12
CA PHE SA 55 -27.89 13.32 -35.94
C PHE SA 55 -27.45 13.48 -37.39
N TYR SA 56 -26.17 13.77 -37.60
CA TYR SA 56 -25.69 13.95 -38.97
C TYR SA 56 -25.77 12.64 -39.76
N LEU SA 57 -25.44 11.53 -39.10
CA LEU SA 57 -25.62 10.21 -39.72
C LEU SA 57 -27.08 9.94 -40.04
N VAL SA 58 -27.99 10.30 -39.12
CA VAL SA 58 -29.42 10.12 -39.35
C VAL SA 58 -29.89 10.93 -40.55
N TYR SA 59 -29.37 12.15 -40.69
CA TYR SA 59 -29.76 13.01 -41.81
C TYR SA 59 -29.30 12.44 -43.14
N THR SA 60 -28.04 11.99 -43.21
CA THR SA 60 -27.55 11.34 -44.42
C THR SA 60 -28.32 10.09 -44.76
N TRP SA 61 -28.63 9.28 -43.74
CA TRP SA 61 -29.36 8.05 -43.95
C TRP SA 61 -30.78 8.32 -44.42
N GLY SA 62 -31.40 9.39 -43.89
CA GLY SA 62 -32.76 9.70 -44.26
C GLY SA 62 -32.88 10.14 -45.70
N THR SA 63 -32.01 11.06 -46.12
CA THR SA 63 -32.05 11.52 -47.51
C THR SA 63 -31.69 10.40 -48.48
N GLN SA 64 -30.71 9.57 -48.11
CA GLN SA 64 -30.28 8.49 -48.98
C GLN SA 64 -31.37 7.43 -49.16
N GLU SA 65 -32.00 7.02 -48.05
CA GLU SA 65 -33.04 6.01 -48.15
C GLU SA 65 -34.30 6.55 -48.81
N PHE SA 66 -34.55 7.86 -48.66
CA PHE SA 66 -35.66 8.48 -49.36
C PHE SA 66 -35.48 8.38 -50.87
N GLU SA 67 -34.28 8.71 -51.37
CA GLU SA 67 -34.06 8.60 -52.80
C GLU SA 67 -34.03 7.15 -53.28
N LYS SA 68 -33.53 6.23 -52.45
CA LYS SA 68 -33.50 4.84 -52.88
C LYS SA 68 -34.89 4.21 -52.90
N SER SA 69 -35.78 4.61 -51.99
CA SER SA 69 -37.16 4.17 -52.09
C SER SA 69 -37.90 4.90 -53.19
N LYS SA 70 -37.38 6.05 -53.62
CA LYS SA 70 -37.95 6.71 -54.78
C LYS SA 70 -37.62 5.98 -56.07
N ARG SA 71 -36.38 5.51 -56.21
CA ARG SA 71 -35.94 4.87 -57.46
C ARG SA 71 -36.29 3.38 -57.46
N LYS SA 72 -36.68 2.88 -58.64
CA LYS SA 72 -37.48 1.66 -58.73
C LYS SA 72 -36.74 0.49 -59.37
N ASN SA 73 -36.32 0.63 -60.64
CA ASN SA 73 -35.59 -0.34 -61.46
C ASN SA 73 -36.25 -1.71 -61.59
N PRO SA 74 -37.31 -1.87 -62.41
CA PRO SA 74 -37.61 -3.21 -62.95
C PRO SA 74 -36.83 -3.47 -64.22
N ALA SA 75 -37.12 -4.59 -64.89
CA ALA SA 75 -36.43 -4.93 -66.15
C ALA SA 75 -37.32 -5.89 -66.94
N ALA SA 76 -37.92 -5.41 -68.01
CA ALA SA 76 -38.77 -6.23 -68.88
C ALA SA 76 -38.88 -5.64 -70.27
N LEU TA 13 -28.31 36.35 -84.46
CA LEU TA 13 -29.49 35.92 -83.70
C LEU TA 13 -29.45 34.42 -83.39
N VAL TA 14 -28.25 33.86 -83.38
CA VAL TA 14 -28.03 32.46 -83.04
C VAL TA 14 -27.64 32.39 -81.57
N ASP TA 15 -28.31 31.52 -80.82
CA ASP TA 15 -28.16 31.45 -79.38
C ASP TA 15 -26.81 30.86 -78.96
N PRO TA 16 -26.32 31.18 -77.76
CA PRO TA 16 -25.16 30.46 -77.23
C PRO TA 16 -25.50 29.18 -76.48
N LEU TA 17 -26.78 28.97 -76.14
CA LEU TA 17 -27.22 27.76 -75.45
C LEU TA 17 -26.87 26.50 -76.23
N THR TA 18 -27.16 26.52 -77.54
CA THR TA 18 -26.81 25.41 -78.42
C THR TA 18 -25.32 25.13 -78.39
N THR TA 19 -24.51 26.19 -78.43
CA THR TA 19 -23.06 26.08 -78.45
C THR TA 19 -22.54 25.44 -77.17
N VAL TA 20 -22.98 25.95 -76.02
CA VAL TA 20 -22.41 25.45 -74.78
C VAL TA 20 -22.97 24.09 -74.41
N ARG TA 21 -24.24 23.81 -74.74
CA ARG TA 21 -24.78 22.50 -74.43
C ARG TA 21 -24.20 21.44 -75.36
N GLU TA 22 -23.77 21.84 -76.55
CA GLU TA 22 -23.05 20.87 -77.37
C GLU TA 22 -21.62 20.69 -76.87
N GLN TA 23 -20.93 21.78 -76.57
CA GLN TA 23 -19.50 21.71 -76.34
C GLN TA 23 -19.14 21.19 -74.95
N CYS TA 24 -20.00 21.39 -73.95
CA CYS TA 24 -19.61 21.11 -72.57
C CYS TA 24 -19.53 19.61 -72.31
N GLU TA 25 -20.62 18.90 -72.56
CA GLU TA 25 -20.80 17.52 -72.12
C GLU TA 25 -20.26 16.49 -73.09
N GLN TA 26 -19.33 16.90 -73.97
CA GLN TA 26 -19.14 16.30 -75.29
C GLN TA 26 -18.90 14.79 -75.27
N LEU TA 27 -17.87 14.35 -74.55
CA LEU TA 27 -17.69 12.95 -74.21
C LEU TA 27 -17.44 12.87 -72.71
N GLU TA 28 -18.38 12.26 -71.98
CA GLU TA 28 -18.49 12.44 -70.54
C GLU TA 28 -19.39 11.34 -70.01
N LYS TA 29 -19.42 11.20 -68.68
CA LYS TA 29 -20.42 10.38 -67.99
C LYS TA 29 -21.84 10.79 -68.31
N CYS TA 30 -22.08 12.05 -68.70
CA CYS TA 30 -23.35 12.42 -69.30
C CYS TA 30 -23.65 11.58 -70.53
N VAL TA 31 -22.65 11.39 -71.41
CA VAL TA 31 -22.86 10.58 -72.60
C VAL TA 31 -22.93 9.10 -72.24
N LYS TA 32 -22.25 8.70 -71.16
CA LYS TA 32 -22.44 7.37 -70.60
C LYS TA 32 -23.89 7.13 -70.22
N ALA TA 33 -24.50 8.10 -69.52
CA ALA TA 33 -25.89 7.98 -69.16
C ALA TA 33 -26.82 8.22 -70.34
N ARG TA 34 -26.34 8.89 -71.40
CA ARG TA 34 -27.10 8.95 -72.63
C ARG TA 34 -27.18 7.58 -73.29
N GLU TA 35 -26.09 6.84 -73.27
CA GLU TA 35 -26.13 5.47 -73.79
C GLU TA 35 -26.96 4.58 -72.88
N ARG TA 36 -26.92 4.83 -71.58
CA ARG TA 36 -27.83 4.16 -70.65
C ARG TA 36 -29.29 4.50 -70.97
N LEU TA 37 -29.54 5.75 -71.37
CA LEU TA 37 -30.87 6.16 -71.80
C LEU TA 37 -31.28 5.45 -73.09
N GLU TA 38 -30.34 5.26 -74.01
CA GLU TA 38 -30.65 4.50 -75.23
C GLU TA 38 -30.94 3.04 -74.90
N LEU TA 39 -30.24 2.51 -73.90
CA LEU TA 39 -30.48 1.13 -73.47
C LEU TA 39 -31.87 0.96 -72.87
N CYS TA 40 -32.28 1.85 -71.97
CA CYS TA 40 -33.65 1.74 -71.47
C CYS TA 40 -34.67 2.15 -72.52
N ASP TA 41 -34.29 2.96 -73.51
CA ASP TA 41 -35.21 3.32 -74.58
C ASP TA 41 -35.53 2.11 -75.44
N GLU TA 42 -34.51 1.34 -75.80
CA GLU TA 42 -34.77 0.11 -76.54
C GLU TA 42 -35.35 -0.98 -75.65
N ARG TA 43 -35.14 -0.88 -74.32
CA ARG TA 43 -35.87 -1.73 -73.38
C ARG TA 43 -37.36 -1.46 -73.42
N VAL TA 44 -37.75 -0.18 -73.48
CA VAL TA 44 -39.15 0.17 -73.66
C VAL TA 44 -39.63 -0.23 -75.04
N SER TA 45 -38.76 -0.09 -76.05
CA SER TA 45 -39.12 -0.43 -77.42
C SER TA 45 -39.38 -1.92 -77.60
N SER TA 46 -38.76 -2.76 -76.78
CA SER TA 46 -38.98 -4.20 -76.81
C SER TA 46 -40.02 -4.62 -75.77
N ARG TA 47 -41.04 -3.79 -75.54
CA ARG TA 47 -42.02 -4.08 -74.51
C ARG TA 47 -43.30 -3.33 -74.82
N SER TA 48 -44.44 -3.97 -74.54
CA SER TA 48 -45.75 -3.37 -74.76
C SER TA 48 -46.26 -2.79 -73.45
N GLN TA 49 -46.41 -1.45 -73.41
CA GLN TA 49 -47.01 -0.68 -72.31
C GLN TA 49 -46.27 -0.91 -70.99
N THR TA 50 -45.02 -0.46 -70.96
CA THR TA 50 -44.19 -0.67 -69.80
C THR TA 50 -44.54 0.32 -68.69
N GLU TA 51 -44.03 0.01 -67.50
CA GLU TA 51 -44.06 0.91 -66.35
C GLU TA 51 -42.84 1.80 -66.32
N GLU TA 52 -41.65 1.21 -66.50
CA GLU TA 52 -40.41 1.96 -66.47
C GLU TA 52 -40.30 2.76 -67.76
N ASP TA 53 -40.61 4.06 -67.69
CA ASP TA 53 -40.71 4.89 -68.89
C ASP TA 53 -39.38 5.36 -69.44
N CYS TA 54 -38.25 5.02 -68.80
CA CYS TA 54 -36.91 5.48 -69.16
C CYS TA 54 -36.86 7.00 -69.19
N THR TA 55 -37.04 7.58 -68.01
CA THR TA 55 -37.11 9.02 -67.83
C THR TA 55 -36.19 9.39 -66.67
N GLU TA 56 -35.98 8.41 -65.80
CA GLU TA 56 -35.09 8.53 -64.65
C GLU TA 56 -33.67 8.88 -65.07
N GLU TA 57 -33.18 8.17 -66.08
CA GLU TA 57 -31.88 8.48 -66.65
C GLU TA 57 -31.87 9.85 -67.31
N LEU TA 58 -32.97 10.22 -67.98
CA LEU TA 58 -33.09 11.53 -68.61
C LEU TA 58 -32.88 12.65 -67.60
N PHE TA 59 -33.59 12.56 -66.47
CA PHE TA 59 -33.44 13.57 -65.41
C PHE TA 59 -32.04 13.61 -64.85
N ASP TA 60 -31.44 12.44 -64.55
CA ASP TA 60 -30.19 12.57 -63.81
C ASP TA 60 -29.01 12.97 -64.71
N PHE TA 61 -28.98 12.55 -65.99
CA PHE TA 61 -27.91 13.17 -66.76
C PHE TA 61 -28.23 14.59 -67.19
N LEU TA 62 -29.51 15.00 -67.31
CA LEU TA 62 -29.70 16.39 -67.67
C LEU TA 62 -29.40 17.27 -66.47
N HIS TA 63 -29.56 16.72 -65.26
CA HIS TA 63 -29.07 17.34 -64.05
C HIS TA 63 -27.57 17.55 -64.09
N ALA TA 64 -26.83 16.51 -64.51
CA ALA TA 64 -25.37 16.64 -64.59
C ALA TA 64 -24.93 17.61 -65.68
N ARG TA 65 -25.54 17.51 -66.87
CA ARG TA 65 -25.14 18.39 -67.97
C ARG TA 65 -25.52 19.83 -67.68
N ASP TA 66 -26.54 20.06 -66.86
CA ASP TA 66 -26.86 21.43 -66.55
C ASP TA 66 -26.07 21.95 -65.37
N HIS TA 67 -25.49 21.07 -64.55
CA HIS TA 67 -24.39 21.52 -63.69
C HIS TA 67 -23.22 22.05 -64.51
N CYS TA 68 -22.84 21.33 -65.56
CA CYS TA 68 -21.71 21.84 -66.32
C CYS TA 68 -22.10 23.03 -67.20
N VAL TA 69 -23.40 23.16 -67.49
CA VAL TA 69 -23.91 24.41 -68.05
C VAL TA 69 -23.79 25.54 -67.04
N ALA TA 70 -24.06 25.23 -65.76
CA ALA TA 70 -23.99 26.24 -64.71
C ALA TA 70 -22.58 26.76 -64.50
N HIS TA 71 -21.58 25.93 -64.74
CA HIS TA 71 -20.22 26.39 -64.52
C HIS TA 71 -19.74 27.34 -65.61
N LYS TA 72 -20.14 27.14 -66.86
CA LYS TA 72 -19.46 27.75 -68.01
C LYS TA 72 -20.43 28.34 -69.03
N LEU TA 73 -21.39 29.15 -68.60
CA LEU TA 73 -22.25 29.78 -69.60
C LEU TA 73 -22.10 31.29 -69.65
N PHE TA 74 -22.18 31.96 -68.50
CA PHE TA 74 -22.47 33.40 -68.48
C PHE TA 74 -21.36 34.30 -69.01
N ASN TA 75 -20.26 33.81 -69.56
CA ASN TA 75 -19.33 34.70 -70.24
C ASN TA 75 -19.87 35.15 -71.59
N SER TA 76 -20.77 34.38 -72.19
CA SER TA 76 -21.21 34.60 -73.56
C SER TA 76 -22.40 35.55 -73.66
N LEU TA 77 -22.66 36.35 -72.63
CA LEU TA 77 -23.84 37.18 -72.63
C LEU TA 77 -23.54 38.64 -72.34
N UNK UA 1 -3.94 76.10 43.46
CA UNK UA 1 -4.51 74.77 43.59
C UNK UA 1 -5.91 74.85 44.18
N UNK UA 2 -6.61 75.95 43.91
CA UNK UA 2 -7.97 76.15 44.41
C UNK UA 2 -9.00 75.80 43.33
N UNK UA 3 -8.97 74.53 42.94
CA UNK UA 3 -9.85 74.00 41.89
C UNK UA 3 -9.95 72.49 42.08
N UNK UA 4 -10.83 71.88 41.30
CA UNK UA 4 -10.99 70.43 41.34
C UNK UA 4 -10.24 69.71 40.22
N UNK UA 5 -9.83 70.43 39.17
CA UNK UA 5 -9.05 69.86 38.09
C UNK UA 5 -7.56 70.05 38.27
N UNK UA 6 -7.12 70.34 39.50
CA UNK UA 6 -5.70 70.40 39.82
C UNK UA 6 -5.21 69.16 40.55
N UNK UA 7 -6.10 68.45 41.25
CA UNK UA 7 -5.74 67.18 41.85
C UNK UA 7 -5.49 66.12 40.78
N UNK UA 8 -6.33 66.12 39.74
CA UNK UA 8 -6.23 65.27 38.54
C UNK UA 8 -6.27 63.78 38.90
N UNK UA 9 -7.38 63.37 39.48
CA UNK UA 9 -7.59 61.96 39.76
C UNK UA 9 -8.94 61.45 39.26
N UNK UA 10 -9.99 62.26 39.37
CA UNK UA 10 -11.36 61.86 39.08
C UNK UA 10 -11.69 62.18 37.62
N UNK UA 11 -12.99 62.25 37.32
CA UNK UA 11 -13.47 62.70 36.02
C UNK UA 11 -14.30 63.97 36.18
N UNK UA 12 -14.55 64.62 35.05
CA UNK UA 12 -15.39 65.82 34.99
C UNK UA 12 -15.94 65.92 33.58
N UNK UA 13 -17.26 65.86 33.43
CA UNK UA 13 -17.84 65.71 32.10
C UNK UA 13 -17.76 67.02 31.32
N UNK UA 14 -17.81 66.90 29.98
CA UNK UA 14 -17.68 68.08 29.13
C UNK UA 14 -18.43 67.82 27.83
N UNK UA 15 -19.66 68.30 27.76
CA UNK UA 15 -20.39 68.30 26.50
C UNK UA 15 -20.15 69.64 25.82
N UNK UA 16 -20.64 69.79 24.59
CA UNK UA 16 -20.46 71.05 23.89
C UNK UA 16 -21.50 71.21 22.80
N UNK UA 17 -21.41 72.33 22.10
CA UNK UA 17 -22.22 72.62 20.93
C UNK UA 17 -21.44 72.65 19.64
N UNK UA 18 -20.11 72.78 19.70
CA UNK UA 18 -19.29 72.65 18.52
C UNK UA 18 -17.96 71.98 18.83
N UNK UA 19 -17.91 71.12 19.84
CA UNK UA 19 -16.66 70.47 20.21
C UNK UA 19 -16.94 69.08 20.79
N UNK UA 20 -15.94 68.20 20.69
CA UNK UA 20 -16.10 66.81 21.10
C UNK UA 20 -16.09 66.69 22.62
N UNK UA 21 -16.26 65.46 23.10
CA UNK UA 21 -16.52 65.19 24.50
C UNK UA 21 -15.36 64.49 25.17
N UNK UA 22 -15.25 64.69 26.49
CA UNK UA 22 -14.23 64.07 27.33
C UNK UA 22 -14.70 64.16 28.78
N UNK UA 23 -14.34 63.14 29.57
CA UNK UA 23 -14.65 63.14 31.00
C UNK UA 23 -13.57 62.35 31.74
N UNK UA 24 -12.53 63.06 32.20
CA UNK UA 24 -11.42 62.45 32.93
C UNK UA 24 -10.60 63.55 33.58
N UNK UA 25 -9.71 63.13 34.48
CA UNK UA 25 -8.59 63.94 34.94
C UNK UA 25 -7.56 62.97 35.51
N UNK UA 26 -6.42 62.83 34.84
CA UNK UA 26 -5.45 61.80 35.23
C UNK UA 26 -4.18 62.40 35.83
N UNK UA 27 -23.21 49.62 20.37
CA UNK UA 27 -23.01 50.90 19.71
C UNK UA 27 -21.97 51.73 20.46
N UNK UA 28 -21.41 52.73 19.79
CA UNK UA 28 -20.35 53.57 20.35
C UNK UA 28 -20.34 54.88 19.60
N UNK UA 29 -19.25 55.64 19.75
CA UNK UA 29 -19.08 56.94 19.11
C UNK UA 29 -17.58 57.25 19.04
N UNK UA 30 -17.24 58.52 18.89
CA UNK UA 30 -15.85 59.00 18.80
C UNK UA 30 -15.04 58.72 20.05
N PRO VA 3 -0.57 60.70 -26.50
CA PRO VA 3 -1.05 60.79 -25.12
C PRO VA 3 -1.38 62.23 -24.72
N THR VA 4 -0.57 63.18 -25.17
CA THR VA 4 -0.86 64.59 -24.89
C THR VA 4 -2.11 65.04 -25.65
N LEU VA 5 -2.30 64.53 -26.87
CA LEU VA 5 -3.50 64.82 -27.64
C LEU VA 5 -4.74 64.22 -26.99
N THR VA 6 -4.59 63.11 -26.27
CA THR VA 6 -5.69 62.62 -25.47
C THR VA 6 -5.88 63.47 -24.22
N ALA VA 7 -4.76 63.91 -23.63
CA ALA VA 7 -4.83 64.70 -22.42
C ALA VA 7 -5.43 66.08 -22.67
N ARG VA 8 -5.04 66.73 -23.76
CA ARG VA 8 -5.58 68.07 -24.01
C ARG VA 8 -7.02 67.99 -24.50
N LEU VA 9 -7.40 66.91 -25.19
CA LEU VA 9 -8.79 66.75 -25.59
C LEU VA 9 -9.66 66.48 -24.39
N TYR VA 10 -9.14 65.72 -23.42
CA TYR VA 10 -9.85 65.52 -22.16
C TYR VA 10 -9.99 66.83 -21.38
N SER VA 11 -8.93 67.61 -21.32
CA SER VA 11 -8.96 68.85 -20.56
C SER VA 11 -9.83 69.91 -21.22
N LEU VA 12 -10.08 69.80 -22.53
CA LEU VA 12 -10.97 70.75 -23.17
C LEU VA 12 -12.43 70.30 -23.18
N LEU VA 13 -12.70 69.05 -23.56
CA LEU VA 13 -14.08 68.68 -23.84
C LEU VA 13 -14.71 67.75 -22.82
N PHE VA 14 -13.92 66.95 -22.11
CA PHE VA 14 -14.47 65.91 -21.25
C PHE VA 14 -14.37 66.26 -19.78
N ARG VA 15 -14.01 67.49 -19.44
CA ARG VA 15 -14.12 67.91 -18.04
C ARG VA 15 -15.57 68.24 -17.69
N ARG VA 16 -16.26 68.94 -18.59
CA ARG VA 16 -17.66 69.30 -18.38
C ARG VA 16 -18.56 68.12 -18.72
N THR VA 17 -19.84 68.39 -18.81
CA THR VA 17 -20.82 67.42 -19.28
C THR VA 17 -21.72 67.97 -20.38
N SER VA 18 -22.16 69.23 -20.23
CA SER VA 18 -22.92 69.86 -21.29
C SER VA 18 -22.04 70.10 -22.51
N THR VA 19 -20.78 70.46 -22.28
CA THR VA 19 -19.82 70.60 -23.37
C THR VA 19 -19.56 69.24 -24.03
N PHE VA 20 -19.56 68.18 -23.23
CA PHE VA 20 -19.44 66.82 -23.77
C PHE VA 20 -20.61 66.46 -24.68
N ALA VA 21 -21.83 66.76 -24.25
CA ALA VA 21 -23.02 66.45 -25.06
C ALA VA 21 -23.05 67.27 -26.34
N LEU VA 22 -22.70 68.55 -26.24
CA LEU VA 22 -22.64 69.41 -27.42
C LEU VA 22 -21.57 68.95 -28.39
N THR VA 23 -20.43 68.48 -27.86
CA THR VA 23 -19.35 67.99 -28.69
C THR VA 23 -19.73 66.70 -29.42
N ILE VA 24 -20.39 65.77 -28.72
CA ILE VA 24 -20.78 64.55 -29.43
C ILE VA 24 -21.92 64.81 -30.40
N VAL VA 25 -22.73 65.85 -30.17
CA VAL VA 25 -23.71 66.25 -31.18
C VAL VA 25 -23.03 66.75 -32.44
N VAL VA 26 -22.03 67.62 -32.28
CA VAL VA 26 -21.28 68.15 -33.43
C VAL VA 26 -20.57 67.03 -34.18
N GLY VA 27 -19.94 66.13 -33.44
CA GLY VA 27 -19.30 64.97 -34.05
C GLY VA 27 -20.27 64.03 -34.72
N ALA VA 28 -21.49 63.89 -34.18
CA ALA VA 28 -22.48 62.99 -34.76
C ALA VA 28 -22.99 63.53 -36.09
N LEU VA 29 -23.26 64.83 -36.16
CA LEU VA 29 -23.69 65.42 -37.44
C LEU VA 29 -22.57 65.40 -38.48
N PHE VA 30 -21.33 65.69 -38.04
CA PHE VA 30 -20.18 65.70 -38.93
C PHE VA 30 -19.91 64.31 -39.50
N PHE VA 31 -19.84 63.31 -38.62
CA PHE VA 31 -19.61 61.94 -39.06
C PHE VA 31 -20.81 61.36 -39.80
N GLU VA 32 -22.02 61.84 -39.52
CA GLU VA 32 -23.19 61.48 -40.32
C GLU VA 32 -23.02 61.86 -41.78
N ARG VA 33 -22.65 63.12 -42.02
CA ARG VA 33 -22.47 63.57 -43.40
C ARG VA 33 -21.29 62.87 -44.07
N ALA VA 34 -20.18 62.70 -43.34
CA ALA VA 34 -19.01 62.05 -43.93
C ALA VA 34 -19.26 60.57 -44.20
N PHE VA 35 -20.06 59.91 -43.35
CA PHE VA 35 -20.39 58.53 -43.57
C PHE VA 35 -21.33 58.37 -44.76
N ASP VA 36 -22.23 59.35 -44.98
CA ASP VA 36 -23.06 59.34 -46.18
C ASP VA 36 -22.20 59.43 -47.44
N GLN VA 37 -21.22 60.34 -47.43
CA GLN VA 37 -20.34 60.50 -48.59
C GLN VA 37 -19.53 59.22 -48.85
N GLY VA 38 -18.95 58.65 -47.79
CA GLY VA 38 -18.15 57.45 -47.95
C GLY VA 38 -18.97 56.23 -48.35
N ALA VA 39 -20.20 56.11 -47.84
CA ALA VA 39 -21.03 54.97 -48.19
C ALA VA 39 -21.51 55.06 -49.64
N ASP VA 40 -21.85 56.28 -50.09
CA ASP VA 40 -22.19 56.48 -51.50
C ASP VA 40 -21.03 56.10 -52.40
N ALA VA 41 -19.81 56.55 -52.04
CA ALA VA 41 -18.66 56.29 -52.89
C ALA VA 41 -18.30 54.81 -52.92
N ILE VA 42 -18.36 54.12 -51.79
CA ILE VA 42 -17.96 52.72 -51.77
C ILE VA 42 -19.02 51.84 -52.45
N TYR VA 43 -20.30 52.18 -52.29
CA TYR VA 43 -21.32 51.38 -52.97
C TYR VA 43 -21.31 51.63 -54.47
N GLU VA 44 -21.03 52.85 -54.90
CA GLU VA 44 -20.93 53.06 -56.34
C GLU VA 44 -19.63 52.49 -56.89
N HIS VA 45 -18.61 52.35 -56.05
CA HIS VA 45 -17.37 51.74 -56.48
C HIS VA 45 -17.48 50.23 -56.57
N ILE VA 46 -18.37 49.62 -55.79
CA ILE VA 46 -18.47 48.16 -55.85
C ILE VA 46 -19.30 47.69 -57.03
N ASN VA 47 -19.99 48.59 -57.73
CA ASN VA 47 -20.72 48.23 -58.93
C ASN VA 47 -20.15 48.87 -60.19
N GLU VA 48 -20.14 50.21 -60.26
CA GLU VA 48 -19.50 51.05 -61.27
C GLU VA 48 -20.04 50.94 -62.70
N GLY VA 49 -20.86 49.95 -62.99
CA GLY VA 49 -21.28 49.75 -64.36
C GLY VA 49 -22.69 49.22 -64.42
N LYS VA 50 -23.32 49.21 -63.26
CA LYS VA 50 -24.64 48.61 -63.11
C LYS VA 50 -25.65 49.58 -62.55
N LEU VA 51 -25.26 50.84 -62.30
CA LEU VA 51 -26.13 51.80 -61.65
C LEU VA 51 -27.26 52.23 -62.58
N TRP VA 52 -28.13 53.08 -62.06
CA TRP VA 52 -29.12 53.76 -62.87
C TRP VA 52 -28.73 55.21 -63.16
N LYS VA 53 -27.90 55.80 -62.32
CA LYS VA 53 -27.64 57.22 -62.38
C LYS VA 53 -26.77 57.59 -63.59
N HIS VA 54 -25.56 57.02 -63.67
CA HIS VA 54 -24.65 57.45 -64.73
C HIS VA 54 -25.10 56.93 -66.09
N ILE VA 55 -25.85 55.82 -66.13
CA ILE VA 55 -26.37 55.41 -67.42
C ILE VA 55 -27.64 56.19 -67.78
N LYS VA 56 -28.39 56.70 -66.80
CA LYS VA 56 -29.56 57.48 -67.18
C LYS VA 56 -29.17 58.88 -67.64
N HIS VA 57 -28.01 59.40 -67.21
CA HIS VA 57 -27.55 60.62 -67.85
C HIS VA 57 -26.55 60.34 -68.96
N LYS VA 58 -26.28 59.07 -69.26
CA LYS VA 58 -25.77 58.72 -70.57
C LYS VA 58 -26.85 58.19 -71.50
N TYR VA 59 -28.11 58.42 -71.16
CA TYR VA 59 -29.20 58.42 -72.13
C TYR VA 59 -29.76 59.83 -72.28
N LYS WA 10 75.84 -91.76 100.75
CA LYS WA 10 74.73 -92.29 99.95
C LYS WA 10 74.67 -93.80 100.09
N THR WA 11 73.50 -94.34 99.82
CA THR WA 11 73.33 -95.75 99.51
C THR WA 11 72.71 -95.82 98.12
N SER WA 12 72.31 -97.02 97.72
CA SER WA 12 71.34 -97.13 96.64
C SER WA 12 69.92 -97.20 97.20
N PHE WA 13 69.62 -96.28 98.12
CA PHE WA 13 68.30 -95.86 98.58
C PHE WA 13 67.54 -96.89 99.41
N GLY WA 14 68.03 -98.14 99.43
CA GLY WA 14 67.58 -99.25 100.27
C GLY WA 14 66.10 -99.45 100.50
N SER WA 15 65.78 -99.81 101.74
CA SER WA 15 64.42 -99.84 102.25
C SER WA 15 64.46 -99.24 103.65
N LEU WA 16 63.42 -99.49 104.44
CA LEU WA 16 63.30 -98.90 105.76
C LEU WA 16 63.63 -99.91 106.85
N LYS WA 17 64.35 -99.43 107.86
CA LYS WA 17 64.52 -100.11 109.14
C LYS WA 17 63.86 -99.24 110.20
N ASP WA 18 63.60 -99.83 111.37
CA ASP WA 18 62.88 -99.15 112.43
C ASP WA 18 63.71 -98.00 113.01
N GLU WA 19 63.02 -97.09 113.71
CA GLU WA 19 63.36 -95.76 114.23
C GLU WA 19 63.36 -94.73 113.08
N ASP WA 20 63.28 -95.16 111.82
CA ASP WA 20 62.90 -94.31 110.72
C ASP WA 20 61.39 -94.24 110.57
N ARG WA 21 60.65 -94.98 111.40
CA ARG WA 21 59.20 -94.94 111.43
C ARG WA 21 58.72 -93.77 112.27
N ILE WA 22 57.51 -93.31 111.96
CA ILE WA 22 57.08 -92.01 112.43
C ILE WA 22 56.47 -92.11 113.83
N PHE WA 23 55.65 -93.12 114.07
CA PHE WA 23 54.93 -93.25 115.33
C PHE WA 23 54.54 -94.70 115.52
N THR WA 24 54.39 -95.10 116.77
CA THR WA 24 53.88 -96.43 117.08
C THR WA 24 52.35 -96.38 117.09
N ASN WA 25 51.73 -97.50 117.47
CA ASN WA 25 50.29 -97.74 117.40
C ASN WA 25 49.80 -97.53 115.96
N LEU WA 26 50.25 -98.41 115.09
CA LEU WA 26 49.82 -98.33 113.70
C LEU WA 26 48.47 -98.99 113.49
N TYR WA 27 48.31 -100.23 113.93
CA TYR WA 27 47.18 -101.05 113.50
C TYR WA 27 46.48 -101.66 114.71
N GLY WA 28 45.55 -100.87 115.27
CA GLY WA 28 44.74 -101.26 116.42
C GLY WA 28 45.51 -101.53 117.68
N ARG WA 29 46.73 -101.05 117.78
CA ARG WA 29 47.71 -101.44 118.77
C ARG WA 29 47.72 -100.49 119.98
N HIS WA 30 48.86 -100.45 120.66
CA HIS WA 30 49.14 -100.16 122.05
C HIS WA 30 48.26 -99.17 122.83
N ASP WA 31 47.98 -97.96 122.33
CA ASP WA 31 47.43 -96.97 123.27
C ASP WA 31 46.65 -95.87 122.59
N TRP WA 32 45.73 -95.26 123.35
CA TRP WA 32 45.19 -93.93 123.05
C TRP WA 32 44.62 -93.31 124.30
N ARG WA 33 45.23 -92.20 124.72
CA ARG WA 33 44.95 -91.37 125.88
C ARG WA 33 45.96 -90.23 125.80
N LEU WA 34 45.69 -89.14 126.53
CA LEU WA 34 46.71 -88.11 126.73
C LEU WA 34 47.96 -88.70 127.40
N LYS WA 35 47.77 -89.64 128.33
CA LYS WA 35 48.92 -90.29 128.94
C LYS WA 35 49.59 -91.25 127.97
N GLY WA 36 48.83 -91.87 127.07
CA GLY WA 36 49.45 -92.68 126.04
C GLY WA 36 50.29 -91.84 125.10
N ALA WA 37 49.79 -90.68 124.68
CA ALA WA 37 50.56 -89.81 123.81
C ALA WA 37 51.75 -89.18 124.53
N GLN WA 38 51.60 -88.90 125.82
CA GLN WA 38 52.71 -88.36 126.59
C GLN WA 38 53.79 -89.42 126.80
N SER WA 39 53.38 -90.68 126.98
CA SER WA 39 54.33 -91.77 127.07
C SER WA 39 54.95 -92.11 125.73
N ARG WA 40 54.32 -91.70 124.64
CA ARG WA 40 54.93 -91.94 123.33
C ARG WA 40 55.75 -90.76 122.81
N GLY WA 41 55.58 -89.56 123.37
CA GLY WA 41 56.51 -88.51 123.02
C GLY WA 41 55.95 -87.13 122.70
N ASP WA 42 54.63 -87.02 122.62
CA ASP WA 42 54.01 -85.72 122.41
C ASP WA 42 54.23 -84.85 123.64
N TRP WA 43 54.35 -83.55 123.38
CA TRP WA 43 54.58 -82.51 124.38
C TRP WA 43 55.88 -82.76 125.16
N TYR WA 44 56.99 -82.68 124.42
CA TYR WA 44 58.32 -82.88 124.98
C TYR WA 44 59.28 -81.97 124.25
N LYS WA 45 60.05 -81.19 125.01
CA LYS WA 45 60.97 -80.15 124.50
C LYS WA 45 60.24 -79.15 123.59
N THR WA 46 58.99 -78.86 123.93
CA THR WA 46 58.10 -78.19 122.99
C THR WA 46 58.00 -76.68 123.18
N LYS WA 47 58.06 -76.19 124.43
CA LYS WA 47 58.08 -74.75 124.63
C LYS WA 47 59.43 -74.17 124.23
N GLU WA 48 60.48 -74.97 124.30
CA GLU WA 48 61.79 -74.55 123.83
C GLU WA 48 61.83 -74.40 122.31
N ILE WA 49 60.90 -75.05 121.62
CA ILE WA 49 60.65 -74.79 120.21
C ILE WA 49 59.70 -73.59 120.03
N LEU WA 50 58.75 -73.42 120.97
CA LEU WA 50 57.83 -72.29 120.91
C LEU WA 50 58.55 -70.95 121.02
N LEU WA 51 59.45 -70.84 121.99
CA LEU WA 51 60.11 -69.58 122.29
C LEU WA 51 61.43 -69.44 121.54
N LYS WA 52 61.52 -69.98 120.33
CA LYS WA 52 62.76 -69.88 119.57
C LYS WA 52 62.64 -68.92 118.40
N GLY WA 53 61.66 -69.11 117.53
CA GLY WA 53 61.46 -68.25 116.39
C GLY WA 53 61.06 -69.01 115.16
N PRO WA 54 59.99 -68.56 114.50
CA PRO WA 54 59.45 -69.32 113.35
C PRO WA 54 60.33 -69.29 112.11
N ASP WA 55 61.29 -68.36 112.03
CA ASP WA 55 62.27 -68.43 110.95
C ASP WA 55 63.14 -69.67 111.06
N TRP WA 56 63.44 -70.10 112.28
CA TRP WA 56 64.16 -71.36 112.50
C TRP WA 56 63.35 -72.55 112.01
N ILE WA 57 62.05 -72.57 112.32
CA ILE WA 57 61.18 -73.65 111.86
C ILE WA 57 61.08 -73.64 110.35
N LEU WA 58 60.99 -72.46 109.74
CA LEU WA 58 60.88 -72.37 108.29
C LEU WA 58 62.18 -72.78 107.60
N GLY WA 59 63.31 -72.42 108.19
CA GLY WA 59 64.59 -72.86 107.64
C GLY WA 59 64.75 -74.36 107.76
N GLU WA 60 64.24 -74.95 108.84
CA GLU WA 60 64.31 -76.38 108.98
C GLU WA 60 63.38 -77.09 108.01
N VAL WA 61 62.21 -76.51 107.74
CA VAL WA 61 61.28 -77.08 106.76
C VAL WA 61 61.88 -77.01 105.36
N LYS WA 62 62.43 -75.86 104.98
CA LYS WA 62 63.03 -75.72 103.66
C LYS WA 62 64.36 -76.46 103.52
N THR WA 63 65.01 -76.80 104.63
CA THR WA 63 66.23 -77.59 104.55
C THR WA 63 65.93 -79.08 104.55
N SER WA 64 64.82 -79.49 105.17
CA SER WA 64 64.47 -80.90 105.31
C SER WA 64 63.92 -81.53 104.04
N GLY WA 65 63.89 -80.80 102.93
CA GLY WA 65 63.51 -81.35 101.64
C GLY WA 65 62.08 -81.82 101.55
N LEU WA 66 61.18 -81.17 102.26
CA LEU WA 66 59.82 -81.70 102.43
C LEU WA 66 59.01 -81.54 101.15
N ARG WA 67 58.47 -82.66 100.67
CA ARG WA 67 57.61 -82.67 99.51
C ARG WA 67 56.16 -82.57 99.99
N GLY WA 68 55.39 -81.75 99.29
CA GLY WA 68 54.00 -81.55 99.68
C GLY WA 68 53.11 -82.72 99.33
N ARG WA 69 52.70 -83.46 100.36
CA ARG WA 69 51.79 -84.59 100.17
C ARG WA 69 50.40 -84.09 99.81
N GLY WA 70 49.64 -84.97 99.17
CA GLY WA 70 48.31 -84.65 98.72
C GLY WA 70 48.14 -84.60 97.22
N GLY WA 71 49.16 -84.94 96.46
CA GLY WA 71 49.05 -84.95 95.02
C GLY WA 71 49.25 -83.61 94.37
N ALA WA 72 49.98 -82.71 95.02
CA ALA WA 72 50.28 -81.40 94.45
C ALA WA 72 51.75 -81.22 94.09
N GLY WA 73 52.67 -81.86 94.80
CA GLY WA 73 54.07 -81.89 94.43
C GLY WA 73 54.88 -80.67 94.81
N PHE WA 74 54.25 -79.55 95.15
CA PHE WA 74 55.00 -78.37 95.53
C PHE WA 74 55.56 -78.55 96.94
N PRO WA 75 56.84 -78.21 97.16
CA PRO WA 75 57.40 -78.29 98.50
C PRO WA 75 56.79 -77.26 99.44
N THR WA 76 56.65 -77.68 100.69
CA THR WA 76 55.79 -76.98 101.64
C THR WA 76 56.40 -75.67 102.09
N GLY WA 77 57.73 -75.62 102.19
CA GLY WA 77 58.40 -74.42 102.67
C GLY WA 77 58.23 -73.22 101.78
N LEU WA 78 58.05 -73.44 100.48
CA LEU WA 78 57.79 -72.33 99.59
C LEU WA 78 56.38 -71.76 99.79
N LYS WA 79 55.40 -72.64 100.00
CA LYS WA 79 54.04 -72.20 100.30
C LYS WA 79 53.98 -71.45 101.63
N TRP WA 80 54.71 -71.95 102.62
CA TRP WA 80 54.75 -71.24 103.88
C TRP WA 80 55.58 -69.97 103.81
N SER WA 81 56.48 -69.88 102.84
CA SER WA 81 57.16 -68.61 102.61
C SER WA 81 56.23 -67.60 101.94
N PHE WA 82 55.27 -68.08 101.13
CA PHE WA 82 54.17 -67.21 100.73
C PHE WA 82 53.38 -66.74 101.95
N MET WA 83 53.23 -67.62 102.94
CA MET WA 83 52.42 -67.30 104.12
C MET WA 83 53.03 -66.25 105.05
N ASN WA 84 54.21 -65.70 104.77
CA ASN WA 84 54.87 -64.74 105.65
C ASN WA 84 54.60 -63.31 105.23
N LYS WA 85 53.36 -63.05 104.82
CA LYS WA 85 52.84 -61.71 104.62
C LYS WA 85 53.03 -60.86 105.88
N PRO WA 86 53.28 -59.55 105.76
CA PRO WA 86 53.35 -58.68 106.93
C PRO WA 86 52.02 -58.63 107.68
N SER WA 87 52.12 -58.34 108.98
CA SER WA 87 50.97 -58.42 109.86
C SER WA 87 49.99 -57.29 109.59
N ASP WA 88 48.71 -57.64 109.57
CA ASP WA 88 47.64 -56.67 109.35
C ASP WA 88 46.57 -56.81 110.42
N GLY WA 89 45.43 -56.14 110.22
CA GLY WA 89 44.29 -56.25 111.11
C GLY WA 89 43.43 -57.48 110.90
N ARG WA 90 43.90 -58.47 110.14
CA ARG WA 90 43.14 -59.66 109.84
C ARG WA 90 44.01 -60.87 110.20
N PRO WA 91 43.48 -61.86 110.90
CA PRO WA 91 44.32 -62.98 111.35
C PRO WA 91 44.67 -63.91 110.21
N LYS WA 92 45.56 -64.85 110.51
CA LYS WA 92 45.97 -65.86 109.55
C LYS WA 92 45.69 -67.23 110.13
N TYR WA 93 45.27 -68.15 109.27
CA TYR WA 93 44.67 -69.41 109.70
C TYR WA 93 45.40 -70.60 109.11
N LEU WA 94 45.38 -71.69 109.86
CA LEU WA 94 45.82 -72.97 109.33
C LEU WA 94 44.60 -73.89 109.22
N VAL WA 95 44.28 -74.28 107.99
CA VAL WA 95 43.20 -75.22 107.72
C VAL WA 95 43.82 -76.58 107.49
N VAL WA 96 43.33 -77.57 108.23
CA VAL WA 96 43.84 -78.94 108.17
C VAL WA 96 42.85 -79.75 107.37
N ASN WA 97 43.30 -80.23 106.20
CA ASN WA 97 42.40 -80.79 105.21
C ASN WA 97 42.21 -82.28 105.50
N ALA WA 98 41.38 -82.58 106.49
CA ALA WA 98 41.22 -83.94 107.00
C ALA WA 98 40.31 -84.81 106.14
N ASP WA 99 40.04 -84.43 104.90
CA ASP WA 99 39.19 -85.27 104.06
C ASP WA 99 39.99 -86.41 103.46
N GLU WA 100 39.31 -87.51 103.20
CA GLU WA 100 39.87 -88.60 102.43
C GLU WA 100 39.03 -88.73 101.17
N GLY WA 101 39.38 -87.90 100.19
CA GLY WA 101 38.97 -88.13 98.81
C GLY WA 101 39.93 -89.08 98.15
N GLU WA 102 39.84 -89.16 96.83
CA GLU WA 102 40.64 -90.03 95.95
C GLU WA 102 40.56 -91.47 96.41
N PRO WA 103 39.46 -92.21 96.05
CA PRO WA 103 39.22 -93.59 96.53
C PRO WA 103 40.39 -94.55 96.43
N GLY WA 104 40.92 -94.91 97.59
CA GLY WA 104 42.19 -95.59 97.64
C GLY WA 104 43.08 -95.04 98.74
N THR WA 105 42.75 -93.84 99.23
CA THR WA 105 43.72 -93.06 99.98
C THR WA 105 43.85 -93.54 101.42
N CYS WA 106 42.72 -93.77 102.12
CA CYS WA 106 42.67 -94.49 103.41
C CYS WA 106 43.54 -93.85 104.51
N LYS WA 107 43.86 -92.57 104.33
CA LYS WA 107 45.11 -92.03 104.83
C LYS WA 107 45.05 -91.66 106.31
N ASP WA 108 44.29 -90.62 106.63
CA ASP WA 108 44.32 -90.10 108.00
C ASP WA 108 43.14 -90.61 108.82
N ARG WA 109 42.35 -91.53 108.26
CA ARG WA 109 41.43 -92.29 109.09
C ARG WA 109 42.18 -93.07 110.15
N GLU WA 110 43.34 -93.62 109.78
CA GLU WA 110 44.17 -94.31 110.74
C GLU WA 110 44.82 -93.32 111.70
N ILE WA 111 45.21 -92.14 111.18
CA ILE WA 111 45.83 -91.11 112.02
C ILE WA 111 44.86 -90.63 113.07
N ILE WA 112 43.61 -90.39 112.69
CA ILE WA 112 42.64 -89.95 113.67
C ILE WA 112 42.20 -91.12 114.54
N ARG WA 113 42.33 -92.36 114.06
CA ARG WA 113 41.95 -93.49 114.87
C ARG WA 113 42.97 -93.75 115.97
N HIS WA 114 44.23 -93.38 115.73
CA HIS WA 114 45.28 -93.67 116.70
C HIS WA 114 45.76 -92.44 117.47
N ASP WA 115 46.29 -91.44 116.77
CA ASP WA 115 47.10 -90.41 117.39
C ASP WA 115 46.60 -89.03 116.97
N PRO WA 116 45.54 -88.52 117.60
CA PRO WA 116 45.13 -87.15 117.33
C PRO WA 116 46.06 -86.14 117.96
N HIS WA 117 46.81 -86.53 118.99
CA HIS WA 117 47.71 -85.60 119.63
C HIS WA 117 48.91 -85.30 118.77
N LYS WA 118 49.24 -86.18 117.83
CA LYS WA 118 50.19 -85.84 116.78
C LYS WA 118 49.65 -84.72 115.90
N LEU WA 119 48.35 -84.76 115.59
CA LEU WA 119 47.73 -83.66 114.86
C LEU WA 119 47.72 -82.38 115.68
N VAL WA 120 47.58 -82.50 117.01
CA VAL WA 120 47.66 -81.34 117.89
C VAL WA 120 49.05 -80.72 117.83
N GLU WA 121 50.07 -81.57 117.93
CA GLU WA 121 51.46 -81.14 117.80
C GLU WA 121 51.72 -80.47 116.46
N GLY WA 122 51.18 -81.06 115.39
CA GLY WA 122 51.47 -80.54 114.07
C GLY WA 122 50.77 -79.23 113.78
N CYS WA 123 49.54 -79.07 114.28
CA CYS WA 123 48.87 -77.79 114.07
C CYS WA 123 49.50 -76.71 114.94
N LEU WA 124 50.01 -77.09 116.12
CA LEU WA 124 50.79 -76.16 116.92
C LEU WA 124 52.04 -75.69 116.17
N VAL WA 125 52.75 -76.63 115.54
CA VAL WA 125 53.94 -76.30 114.75
C VAL WA 125 53.60 -75.38 113.59
N GLY WA 126 52.52 -75.71 112.86
CA GLY WA 126 52.17 -74.91 111.70
C GLY WA 126 51.71 -73.50 112.05
N GLY WA 127 50.82 -73.38 113.03
CA GLY WA 127 50.35 -72.06 113.43
C GLY WA 127 51.40 -71.25 114.13
N ARG WA 128 52.33 -71.90 114.82
CA ARG WA 128 53.44 -71.18 115.40
C ARG WA 128 54.44 -70.77 114.32
N ALA WA 129 54.43 -71.47 113.18
CA ALA WA 129 55.42 -71.23 112.14
C ALA WA 129 55.16 -69.97 111.32
N MET WA 130 53.99 -69.36 111.40
CA MET WA 130 53.69 -68.32 110.43
C MET WA 130 52.96 -67.11 110.99
N GLY WA 131 52.97 -66.92 112.31
CA GLY WA 131 52.21 -65.83 112.89
C GLY WA 131 50.72 -66.03 112.81
N ALA WA 132 50.28 -67.29 112.84
CA ALA WA 132 48.87 -67.62 112.65
C ALA WA 132 48.10 -67.49 113.96
N ARG WA 133 46.81 -67.76 113.91
CA ARG WA 133 46.02 -67.54 115.12
C ARG WA 133 45.14 -68.71 115.49
N ALA WA 134 44.54 -69.38 114.51
CA ALA WA 134 43.65 -70.48 114.82
C ALA WA 134 43.72 -71.53 113.71
N ALA WA 135 43.29 -72.73 114.04
CA ALA WA 135 43.28 -73.82 113.10
C ALA WA 135 41.89 -74.41 112.98
N TYR WA 136 41.61 -74.95 111.81
CA TYR WA 136 40.29 -75.50 111.49
C TYR WA 136 40.47 -76.87 110.87
N ILE WA 137 40.15 -77.90 111.65
CA ILE WA 137 40.14 -79.26 111.13
C ILE WA 137 38.86 -79.41 110.31
N TYR WA 138 38.99 -79.53 109.00
CA TYR WA 138 37.83 -79.87 108.19
C TYR WA 138 37.87 -81.36 107.93
N ILE WA 139 36.99 -82.09 108.60
CA ILE WA 139 36.96 -83.52 108.45
C ILE WA 139 35.91 -83.89 107.41
N ARG WA 140 36.08 -85.05 106.80
CA ARG WA 140 35.03 -85.64 105.97
C ARG WA 140 33.82 -85.93 106.84
N GLY WA 141 32.63 -85.61 106.31
CA GLY WA 141 31.41 -85.90 107.03
C GLY WA 141 31.11 -87.38 107.15
N GLU WA 142 31.77 -88.21 106.33
CA GLU WA 142 31.60 -89.65 106.38
C GLU WA 142 32.32 -90.29 107.56
N PHE WA 143 32.95 -89.50 108.43
CA PHE WA 143 33.84 -89.99 109.49
C PHE WA 143 33.31 -89.61 110.86
N TYR WA 144 32.04 -89.87 111.15
CA TYR WA 144 31.41 -89.28 112.33
C TYR WA 144 31.97 -89.85 113.65
N ASN WA 145 32.17 -91.16 113.71
CA ASN WA 145 32.60 -91.78 114.96
C ASN WA 145 34.01 -91.38 115.31
N GLU WA 146 34.93 -91.46 114.35
CA GLU WA 146 36.28 -91.04 114.63
C GLU WA 146 36.41 -89.52 114.68
N ALA WA 147 35.42 -88.80 114.15
CA ALA WA 147 35.34 -87.36 114.37
C ALA WA 147 35.07 -87.05 115.84
N SER WA 148 34.16 -87.80 116.45
CA SER WA 148 33.97 -87.60 117.88
C SER WA 148 35.11 -88.19 118.71
N ASN WA 149 35.86 -89.17 118.18
CA ASN WA 149 37.12 -89.55 118.81
C ASN WA 149 38.08 -88.38 118.86
N LEU WA 150 38.20 -87.64 117.75
CA LEU WA 150 38.99 -86.41 117.72
C LEU WA 150 38.47 -85.39 118.71
N GLN WA 151 37.13 -85.33 118.86
CA GLN WA 151 36.54 -84.44 119.84
C GLN WA 151 36.95 -84.78 121.27
N VAL WA 152 36.90 -86.06 121.61
CA VAL WA 152 37.30 -86.51 122.94
C VAL WA 152 38.79 -86.26 123.17
N ALA WA 153 39.60 -86.40 122.11
CA ALA WA 153 41.03 -86.19 122.27
C ALA WA 153 41.37 -84.72 122.46
N ILE WA 154 40.71 -83.83 121.72
CA ILE WA 154 40.94 -82.41 121.92
C ILE WA 154 40.34 -81.98 123.25
N ARG WA 155 39.32 -82.69 123.74
CA ARG WA 155 38.84 -82.47 125.10
C ARG WA 155 39.87 -82.86 126.15
N GLU WA 156 40.59 -83.95 125.91
CA GLU WA 156 41.69 -84.33 126.78
C GLU WA 156 42.79 -83.27 126.78
N ALA WA 157 43.06 -82.70 125.61
CA ALA WA 157 44.02 -81.60 125.53
C ALA WA 157 43.49 -80.32 126.16
N TYR WA 158 42.18 -80.14 126.13
CA TYR WA 158 41.54 -79.00 126.79
C TYR WA 158 41.71 -79.07 128.30
N GLU WA 159 41.37 -80.21 128.88
CA GLU WA 159 41.50 -80.42 130.32
C GLU WA 159 42.94 -80.73 130.72
N ALA WA 160 43.84 -80.88 129.74
CA ALA WA 160 45.27 -80.93 130.02
C ALA WA 160 45.81 -79.58 130.47
N GLY WA 161 45.13 -78.49 130.15
CA GLY WA 161 45.67 -77.17 130.40
C GLY WA 161 46.90 -76.89 129.57
N LEU WA 162 46.99 -77.49 128.38
CA LEU WA 162 48.23 -77.53 127.61
C LEU WA 162 48.11 -76.93 126.22
N ILE WA 163 46.90 -76.77 125.71
CA ILE WA 163 46.67 -76.08 124.45
C ILE WA 163 45.82 -74.85 124.72
N GLY WA 164 45.65 -74.03 123.70
CA GLY WA 164 44.84 -72.83 123.84
C GLY WA 164 45.62 -71.77 124.56
N LYS WA 165 44.99 -71.12 125.53
CA LYS WA 165 45.66 -70.11 126.33
C LYS WA 165 46.68 -70.77 127.24
N ASN WA 166 47.87 -70.17 127.29
CA ASN WA 166 49.06 -70.68 127.98
C ASN WA 166 49.40 -72.09 127.49
N ALA WA 167 49.70 -72.19 126.21
CA ALA WA 167 50.28 -73.40 125.64
C ALA WA 167 51.70 -73.52 126.16
N CYS WA 168 51.88 -74.38 127.16
CA CYS WA 168 53.12 -74.72 127.87
C CYS WA 168 53.67 -73.58 128.71
N GLY WA 169 53.03 -72.42 128.75
CA GLY WA 169 53.55 -71.30 129.50
C GLY WA 169 53.78 -70.08 128.63
N SER WA 170 53.04 -69.99 127.52
CA SER WA 170 53.16 -68.87 126.61
C SER WA 170 52.03 -67.87 126.83
N GLY WA 171 52.21 -66.68 126.27
CA GLY WA 171 51.13 -65.72 126.23
C GLY WA 171 50.53 -65.70 124.84
N TYR WA 172 50.70 -66.81 124.12
CA TYR WA 172 50.35 -66.92 122.72
C TYR WA 172 49.39 -68.09 122.56
N ASP WA 173 48.10 -67.78 122.49
CA ASP WA 173 47.08 -68.81 122.40
C ASP WA 173 46.77 -69.18 120.96
N PHE WA 174 46.28 -70.41 120.78
CA PHE WA 174 46.09 -70.99 119.46
C PHE WA 174 45.06 -72.11 119.58
N ASP WA 175 43.82 -71.79 119.23
CA ASP WA 175 42.73 -72.76 119.35
C ASP WA 175 42.47 -73.47 118.03
N VAL WA 176 41.89 -74.65 118.14
CA VAL WA 176 41.44 -75.42 117.00
C VAL WA 176 39.94 -75.59 117.11
N PHE WA 177 39.25 -75.40 115.99
CA PHE WA 177 37.85 -75.75 115.86
C PHE WA 177 37.71 -76.81 114.78
N VAL WA 178 36.70 -77.65 114.94
CA VAL WA 178 36.43 -78.74 114.02
C VAL WA 178 35.17 -78.41 113.24
N VAL WA 179 35.25 -78.49 111.93
CA VAL WA 179 34.08 -78.45 111.07
C VAL WA 179 34.00 -79.78 110.34
N ARG WA 180 32.83 -80.41 110.41
CA ARG WA 180 32.60 -81.63 109.67
C ARG WA 180 32.32 -81.31 108.21
N GLY WA 181 32.55 -82.32 107.37
CA GLY WA 181 32.02 -82.26 106.03
C GLY WA 181 30.51 -82.42 106.04
N ALA WA 182 29.87 -81.82 105.05
CA ALA WA 182 28.46 -82.07 104.84
C ALA WA 182 28.23 -83.18 103.84
N GLY WA 183 29.29 -83.80 103.36
CA GLY WA 183 29.17 -84.92 102.47
C GLY WA 183 29.36 -84.46 101.04
N ALA WA 184 30.60 -84.54 100.58
CA ALA WA 184 30.98 -84.16 99.23
C ALA WA 184 32.35 -84.74 98.96
N TYR WA 185 32.87 -84.44 97.78
CA TYR WA 185 34.17 -84.93 97.36
C TYR WA 185 35.16 -83.80 97.12
N ILE WA 186 34.73 -82.76 96.42
CA ILE WA 186 35.62 -81.66 96.08
C ILE WA 186 35.93 -80.77 97.26
N CYS WA 187 35.32 -81.01 98.41
CA CYS WA 187 35.77 -80.35 99.63
C CYS WA 187 37.16 -80.81 100.05
N GLY WA 188 37.61 -81.97 99.54
CA GLY WA 188 39.00 -82.34 99.68
C GLY WA 188 39.93 -81.34 99.02
N GLU WA 189 39.51 -80.77 97.90
CA GLU WA 189 40.35 -79.89 97.09
C GLU WA 189 40.61 -78.57 97.81
N GLU WA 190 41.39 -77.73 97.13
CA GLU WA 190 42.17 -76.72 97.84
C GLU WA 190 41.34 -75.51 98.25
N THR WA 191 40.25 -75.21 97.54
CA THR WA 191 39.51 -73.98 97.83
C THR WA 191 37.99 -74.17 97.90
N ALA WA 192 37.44 -75.23 97.29
CA ALA WA 192 36.03 -75.54 97.53
C ALA WA 192 35.82 -75.93 98.98
N LEU WA 193 36.83 -76.54 99.59
CA LEU WA 193 37.03 -76.53 101.03
C LEU WA 193 36.73 -75.18 101.68
N ILE WA 194 37.34 -74.13 101.16
CA ILE WA 194 37.25 -72.82 101.80
C ILE WA 194 35.85 -72.28 101.66
N GLU WA 195 35.27 -72.38 100.48
CA GLU WA 195 33.91 -71.87 100.36
C GLU WA 195 32.84 -72.83 100.88
N SER WA 196 33.22 -74.06 101.24
CA SER WA 196 32.30 -74.89 102.01
C SER WA 196 32.36 -74.56 103.49
N ILE WA 197 33.55 -74.12 103.95
CA ILE WA 197 33.64 -73.54 105.29
C ILE WA 197 32.78 -72.30 105.39
N GLU WA 198 32.80 -71.46 104.34
CA GLU WA 198 32.16 -70.15 104.39
C GLU WA 198 30.63 -70.20 104.45
N GLY WA 199 30.01 -71.34 104.19
CA GLY WA 199 28.58 -71.44 104.12
C GLY WA 199 28.04 -71.51 102.71
N LYS WA 200 28.82 -71.09 101.71
CA LYS WA 200 28.46 -71.34 100.33
C LYS WA 200 28.56 -72.84 100.04
N GLN WA 201 27.99 -73.26 98.92
CA GLN WA 201 28.09 -74.67 98.59
C GLN WA 201 29.45 -74.94 97.95
N GLY WA 202 29.71 -76.20 97.67
CA GLY WA 202 31.03 -76.61 97.20
C GLY WA 202 31.39 -76.08 95.84
N LYS WA 203 32.26 -75.08 95.83
CA LYS WA 203 32.61 -74.30 94.67
C LYS WA 203 34.05 -73.83 94.85
N PRO WA 204 34.97 -74.22 93.98
CA PRO WA 204 36.36 -73.77 94.15
C PRO WA 204 36.58 -72.32 93.77
N ARG WA 205 37.83 -71.87 93.72
CA ARG WA 205 38.10 -70.50 93.33
C ARG WA 205 39.24 -70.40 92.34
N LEU WA 206 39.25 -69.26 91.66
CA LEU WA 206 40.26 -68.92 90.69
C LEU WA 206 41.59 -68.67 91.36
N LYS WA 207 42.65 -68.72 90.58
CA LYS WA 207 44.01 -68.70 91.10
C LYS WA 207 44.62 -67.39 91.57
N PRO WA 208 44.46 -66.22 90.92
CA PRO WA 208 45.28 -65.05 91.30
C PRO WA 208 44.98 -64.47 92.68
N PRO WA 209 43.73 -64.55 93.21
CA PRO WA 209 43.62 -64.47 94.67
C PRO WA 209 43.95 -65.81 95.30
N PHE WA 210 45.11 -65.88 95.91
CA PHE WA 210 45.62 -67.14 96.42
C PHE WA 210 45.10 -67.41 97.81
N PRO WA 211 45.14 -68.67 98.26
CA PRO WA 211 44.87 -68.95 99.68
C PRO WA 211 45.83 -68.24 100.61
N ALA WA 212 47.09 -68.12 100.20
CA ALA WA 212 48.04 -67.28 100.92
C ALA WA 212 47.73 -65.80 100.81
N ASP WA 213 46.80 -65.41 99.95
CA ASP WA 213 46.39 -64.02 99.83
C ASP WA 213 44.98 -63.81 100.37
N VAL WA 214 43.99 -64.56 99.87
CA VAL WA 214 42.60 -64.42 100.28
C VAL WA 214 42.03 -65.81 100.49
N GLY WA 215 41.59 -66.09 101.70
CA GLY WA 215 41.15 -67.43 102.03
C GLY WA 215 39.83 -67.46 102.75
N VAL WA 216 39.83 -68.00 103.96
CA VAL WA 216 38.62 -68.19 104.75
C VAL WA 216 38.06 -66.82 105.10
N PHE WA 217 36.94 -66.49 104.46
CA PHE WA 217 36.23 -65.21 104.50
C PHE WA 217 37.06 -64.03 104.04
N GLY WA 218 38.21 -64.26 103.42
CA GLY WA 218 39.10 -63.20 103.02
C GLY WA 218 40.42 -63.16 103.75
N CYS WA 219 40.51 -63.76 104.92
CA CYS WA 219 41.77 -63.77 105.63
C CYS WA 219 42.73 -64.74 104.96
N PRO WA 220 44.01 -64.37 104.80
CA PRO WA 220 44.98 -65.31 104.23
C PRO WA 220 45.19 -66.48 105.17
N THR WA 221 45.40 -67.64 104.57
CA THR WA 221 45.40 -68.89 105.32
C THR WA 221 46.16 -69.92 104.50
N THR WA 222 46.33 -71.09 105.07
CA THR WA 222 46.91 -72.17 104.27
C THR WA 222 46.26 -73.50 104.55
N VAL WA 223 45.93 -74.19 103.47
CA VAL WA 223 45.43 -75.55 103.53
C VAL WA 223 46.63 -76.48 103.58
N ALA WA 224 46.63 -77.38 104.54
CA ALA WA 224 47.73 -78.32 104.66
C ALA WA 224 47.20 -79.73 104.72
N ASN WA 225 47.90 -80.63 104.04
CA ASN WA 225 47.59 -82.04 104.13
C ASN WA 225 47.95 -82.56 105.51
N VAL WA 226 47.17 -83.55 105.96
CA VAL WA 226 47.30 -84.06 107.31
C VAL WA 226 48.54 -84.91 107.50
N GLU WA 227 49.06 -85.53 106.44
CA GLU WA 227 50.34 -86.20 106.55
C GLU WA 227 51.48 -85.22 106.82
N THR WA 228 51.49 -84.09 106.10
CA THR WA 228 52.52 -83.08 106.28
C THR WA 228 52.43 -82.44 107.66
N VAL WA 229 51.20 -82.27 108.16
CA VAL WA 229 51.00 -81.75 109.51
C VAL WA 229 51.44 -82.78 110.55
N ALA WA 230 51.15 -84.05 110.32
CA ALA WA 230 51.49 -85.09 111.29
C ALA WA 230 52.99 -85.35 111.33
N VAL WA 231 53.69 -85.14 110.22
CA VAL WA 231 55.14 -85.29 110.22
C VAL WA 231 55.84 -83.98 110.60
N SER WA 232 55.12 -82.86 110.59
CA SER WA 232 55.72 -81.58 110.95
C SER WA 232 56.26 -81.42 112.38
N PRO WA 233 55.70 -82.03 113.48
CA PRO WA 233 56.34 -81.76 114.78
C PRO WA 233 57.64 -82.50 114.99
N THR WA 234 57.80 -83.64 114.33
CA THR WA 234 59.08 -84.32 114.43
C THR WA 234 60.17 -83.57 113.68
N ILE WA 235 59.77 -82.74 112.71
CA ILE WA 235 60.70 -81.80 112.08
C ILE WA 235 61.26 -80.82 113.11
N CYS WA 236 60.41 -80.38 114.04
CA CYS WA 236 60.88 -79.50 115.09
C CYS WA 236 61.68 -80.25 116.15
N ARG WA 237 61.11 -81.31 116.72
CA ARG WA 237 61.72 -81.95 117.88
C ARG WA 237 62.84 -82.90 117.51
N ARG WA 238 63.04 -83.21 116.25
CA ARG WA 238 64.15 -84.07 115.89
C ARG WA 238 65.26 -83.22 115.28
N GLY WA 239 66.31 -83.88 114.80
CA GLY WA 239 67.47 -83.18 114.30
C GLY WA 239 67.22 -82.48 112.99
N GLY WA 240 68.22 -81.68 112.60
CA GLY WA 240 68.15 -80.91 111.38
C GLY WA 240 68.21 -81.76 110.11
N ALA WA 241 67.08 -81.80 109.41
CA ALA WA 241 66.91 -82.49 108.13
C ALA WA 241 67.23 -83.98 108.25
N TRP WA 242 66.87 -84.57 109.39
CA TRP WA 242 66.89 -86.02 109.52
C TRP WA 242 65.89 -86.67 108.58
N PHE WA 243 64.76 -86.00 108.38
CA PHE WA 243 63.73 -86.44 107.44
C PHE WA 243 64.20 -86.32 106.00
N ALA WA 244 65.19 -85.47 105.73
CA ALA WA 244 65.69 -85.30 104.37
C ALA WA 244 66.57 -86.46 103.91
N SER WA 245 67.05 -87.29 104.83
CA SER WA 245 67.95 -88.38 104.48
C SER WA 245 67.22 -89.62 104.02
N PHE WA 246 66.00 -89.48 103.51
CA PHE WA 246 65.10 -90.59 103.18
C PHE WA 246 64.71 -90.47 101.70
N GLY WA 247 65.57 -90.99 100.83
CA GLY WA 247 65.35 -90.93 99.40
C GLY WA 247 66.41 -90.07 98.73
N ARG WA 248 65.99 -89.27 97.77
CA ARG WA 248 66.91 -88.48 96.96
C ARG WA 248 67.15 -87.13 97.63
N GLU WA 249 67.79 -86.23 96.89
CA GLU WA 249 67.95 -84.85 97.27
C GLU WA 249 67.15 -83.91 96.37
N ARG WA 250 66.27 -84.48 95.56
CA ARG WA 250 65.23 -83.74 94.87
C ARG WA 250 63.87 -83.95 95.55
N ASN WA 251 63.62 -85.18 96.01
CA ASN WA 251 62.50 -85.50 96.88
C ASN WA 251 63.01 -86.27 98.08
N SER WA 252 62.28 -86.19 99.20
CA SER WA 252 62.72 -86.85 100.41
C SER WA 252 61.51 -87.26 101.23
N GLY WA 253 61.70 -88.30 102.03
CA GLY WA 253 60.78 -88.59 103.10
C GLY WA 253 60.16 -89.98 103.13
N THR WA 254 59.81 -90.44 104.32
CA THR WA 254 59.08 -91.69 104.44
C THR WA 254 57.65 -91.48 103.96
N LYS WA 255 57.19 -92.40 103.14
CA LYS WA 255 55.86 -92.27 102.59
C LYS WA 255 55.03 -93.49 103.01
N LEU WA 256 53.73 -93.24 103.11
CA LEU WA 256 52.78 -94.19 103.67
C LEU WA 256 52.24 -95.01 102.52
N PHE WA 257 52.96 -96.06 102.15
CA PHE WA 257 52.65 -96.84 100.96
C PHE WA 257 51.60 -97.87 101.32
N ASN WA 258 50.42 -97.76 100.72
CA ASN WA 258 49.38 -98.69 101.12
C ASN WA 258 48.89 -99.41 99.88
N ILE WA 259 48.60 -100.69 100.06
CA ILE WA 259 48.01 -101.49 99.02
C ILE WA 259 46.53 -101.55 99.36
N SER WA 260 45.74 -100.77 98.62
CA SER WA 260 44.33 -101.15 98.50
C SER WA 260 44.17 -102.27 97.47
N GLY WA 261 42.93 -102.61 97.17
CA GLY WA 261 42.63 -103.35 95.97
C GLY WA 261 42.84 -104.84 96.10
N HIS WA 262 43.50 -105.40 95.08
CA HIS WA 262 43.54 -106.85 94.87
C HIS WA 262 44.95 -107.38 95.05
N VAL WA 263 45.28 -107.74 96.29
CA VAL WA 263 46.34 -108.66 96.62
C VAL WA 263 45.79 -109.63 97.66
N ASN WA 264 46.64 -110.53 98.13
CA ASN WA 264 46.32 -111.27 99.34
C ASN WA 264 46.33 -110.33 100.54
N ASN WA 265 45.16 -110.07 101.10
CA ASN WA 265 44.94 -109.29 102.33
C ASN WA 265 45.52 -107.88 102.23
N PRO WA 266 44.87 -106.98 101.47
CA PRO WA 266 45.43 -105.64 101.28
C PRO WA 266 45.34 -104.79 102.53
N CYS WA 267 46.35 -103.95 102.73
CA CYS WA 267 46.55 -103.23 103.97
C CYS WA 267 47.60 -102.13 103.76
N THR WA 268 48.07 -101.54 104.86
CA THR WA 268 48.83 -100.30 104.87
C THR WA 268 50.21 -100.50 105.49
N VAL WA 269 51.28 -99.93 104.89
CA VAL WA 269 52.58 -99.94 105.55
C VAL WA 269 53.22 -98.56 105.45
N GLU WA 270 54.14 -98.30 106.37
CA GLU WA 270 55.01 -97.12 106.32
C GLU WA 270 56.34 -97.54 105.73
N GLU WA 271 56.83 -96.85 104.70
CA GLU WA 271 58.14 -97.18 104.17
C GLU WA 271 58.90 -95.92 103.82
N GLU WA 272 60.09 -96.10 103.26
CA GLU WA 272 60.88 -94.98 102.76
C GLU WA 272 60.40 -94.57 101.38
N MET WA 273 61.14 -93.66 100.75
CA MET WA 273 60.75 -93.15 99.44
C MET WA 273 60.94 -94.21 98.36
N SER WA 274 62.16 -94.67 98.17
CA SER WA 274 62.54 -95.50 97.04
C SER WA 274 62.47 -96.97 97.45
N VAL WA 275 61.46 -97.67 96.96
CA VAL WA 275 61.30 -99.10 97.23
C VAL WA 275 61.02 -99.81 95.91
N PRO WA 276 61.62 -100.98 95.67
CA PRO WA 276 61.17 -101.82 94.54
C PRO WA 276 59.73 -102.25 94.71
N LEU WA 277 58.98 -102.12 93.61
CA LEU WA 277 57.53 -102.19 93.69
C LEU WA 277 57.03 -103.61 93.94
N LYS WA 278 57.64 -104.60 93.29
CA LYS WA 278 57.24 -105.99 93.47
C LYS WA 278 57.50 -106.46 94.89
N GLU WA 279 58.62 -106.02 95.48
CA GLU WA 279 58.95 -106.36 96.85
C GLU WA 279 58.03 -105.63 97.82
N LEU WA 280 57.64 -104.39 97.47
CA LEU WA 280 56.62 -103.66 98.21
C LEU WA 280 55.30 -104.41 98.24
N ILE WA 281 54.93 -104.99 97.10
CA ILE WA 281 53.65 -105.70 97.03
C ILE WA 281 53.71 -106.99 97.85
N GLU WA 282 54.65 -107.86 97.52
CA GLU WA 282 54.58 -109.21 98.06
C GLU WA 282 55.10 -109.28 99.49
N LYS WA 283 56.11 -108.47 99.83
CA LYS WA 283 56.70 -108.57 101.16
C LYS WA 283 55.88 -107.87 102.23
N HIS WA 284 54.76 -107.24 101.89
CA HIS WA 284 54.09 -106.36 102.84
C HIS WA 284 52.59 -106.55 102.92
N ALA WA 285 51.94 -107.10 101.90
CA ALA WA 285 50.54 -107.45 102.05
C ALA WA 285 50.32 -108.75 101.27
N GLY WA 286 50.54 -109.88 101.96
CA GLY WA 286 50.34 -111.20 101.38
C GLY WA 286 51.14 -111.46 100.12
N GLY WA 287 50.46 -111.38 98.99
CA GLY WA 287 51.11 -111.47 97.69
C GLY WA 287 50.08 -111.27 96.61
N VAL WA 288 50.57 -111.24 95.37
CA VAL WA 288 49.66 -111.21 94.23
C VAL WA 288 48.99 -112.56 94.10
N THR WA 289 47.65 -112.55 94.01
CA THR WA 289 46.89 -113.78 93.88
C THR WA 289 47.18 -114.44 92.55
N GLY WA 290 47.24 -115.77 92.55
CA GLY WA 290 47.41 -116.53 91.34
C GLY WA 290 48.75 -116.44 90.65
N GLY WA 291 49.73 -115.83 91.29
CA GLY WA 291 51.04 -115.68 90.68
C GLY WA 291 51.30 -114.24 90.30
N TRP WA 292 52.58 -113.87 90.32
CA TRP WA 292 52.99 -112.53 89.90
C TRP WA 292 52.70 -112.29 88.43
N ASP WA 293 52.75 -113.33 87.59
CA ASP WA 293 52.42 -113.19 86.18
C ASP WA 293 50.92 -113.22 85.93
N ASN WA 294 50.09 -113.37 86.95
CA ASN WA 294 48.66 -113.41 86.77
C ASN WA 294 48.05 -112.00 86.79
N LEU WA 295 48.87 -110.96 86.95
CA LEU WA 295 48.34 -109.62 87.02
C LEU WA 295 47.86 -109.15 85.64
N LEU WA 296 47.05 -108.11 85.63
CA LEU WA 296 46.82 -107.36 84.40
C LEU WA 296 47.67 -106.10 84.38
N ALA WA 297 47.55 -105.26 85.40
CA ALA WA 297 48.26 -103.99 85.37
C ALA WA 297 48.46 -103.49 86.79
N VAL WA 298 48.99 -102.27 86.89
CA VAL WA 298 49.28 -101.59 88.14
C VAL WA 298 48.71 -100.18 88.02
N ILE WA 299 48.11 -99.66 89.10
CA ILE WA 299 47.97 -98.23 89.28
C ILE WA 299 48.77 -97.77 90.49
N PRO WA 300 49.70 -96.84 90.33
CA PRO WA 300 50.18 -96.07 91.47
C PRO WA 300 49.33 -94.83 91.66
N GLY WA 301 49.69 -94.00 92.63
CA GLY WA 301 49.06 -92.68 92.72
C GLY WA 301 47.71 -92.58 93.36
N GLY WA 302 46.79 -93.46 92.99
CA GLY WA 302 45.44 -93.41 93.51
C GLY WA 302 44.39 -93.58 92.44
N SER WA 303 43.28 -92.86 92.57
CA SER WA 303 42.24 -92.87 91.58
C SER WA 303 42.43 -91.79 90.52
N SER WA 304 43.49 -91.02 90.63
CA SER WA 304 43.76 -89.89 89.76
C SER WA 304 45.17 -89.96 89.20
N THR WA 305 45.55 -91.13 88.69
CA THR WA 305 46.88 -91.39 88.16
C THR WA 305 46.72 -92.51 87.15
N PRO WA 306 47.33 -92.39 85.97
CA PRO WA 306 47.16 -93.44 84.95
C PRO WA 306 47.76 -94.78 85.36
N LEU WA 307 47.35 -95.80 84.63
CA LEU WA 307 47.82 -97.15 84.94
C LEU WA 307 49.26 -97.33 84.47
N ILE WA 308 49.93 -98.30 85.06
CA ILE WA 308 51.29 -98.68 84.66
C ILE WA 308 51.26 -100.17 84.35
N PRO WA 309 51.79 -100.60 83.21
CA PRO WA 309 51.85 -102.04 82.93
C PRO WA 309 53.00 -102.70 83.64
N LYS WA 310 53.24 -103.97 83.31
CA LYS WA 310 54.17 -104.78 84.07
C LYS WA 310 55.62 -104.42 83.77
N SER WA 311 55.97 -104.42 82.48
CA SER WA 311 57.37 -104.28 82.05
C SER WA 311 57.95 -102.92 82.36
N VAL WA 312 57.11 -101.89 82.45
CA VAL WA 312 57.61 -100.57 82.84
C VAL WA 312 58.03 -100.57 84.30
N CYS WA 313 57.16 -101.03 85.19
CA CYS WA 313 57.43 -100.99 86.62
C CYS WA 313 58.34 -102.12 87.10
N GLU WA 314 58.69 -103.07 86.23
CA GLU WA 314 59.72 -104.02 86.58
C GLU WA 314 61.06 -103.32 86.81
N THR WA 315 61.38 -102.33 85.98
CA THR WA 315 62.61 -101.57 86.17
C THR WA 315 62.38 -100.33 87.01
N VAL WA 316 61.24 -99.67 86.82
CA VAL WA 316 60.95 -98.42 87.52
C VAL WA 316 60.37 -98.75 88.89
N LEU WA 317 61.09 -98.37 89.92
CA LEU WA 317 60.63 -98.55 91.29
C LEU WA 317 59.89 -97.29 91.71
N MET WA 318 59.60 -97.15 93.00
CA MET WA 318 58.60 -96.17 93.46
C MET WA 318 59.27 -94.84 93.79
N ASP WA 319 59.32 -93.95 92.80
CA ASP WA 319 59.92 -92.63 92.94
C ASP WA 319 59.02 -91.61 92.24
N PHE WA 320 58.93 -90.40 92.81
CA PHE WA 320 58.21 -89.28 92.20
C PHE WA 320 58.71 -88.98 90.79
N ASP WA 321 59.99 -88.60 90.70
CA ASP WA 321 60.53 -88.13 89.44
C ASP WA 321 60.67 -89.27 88.44
N ALA WA 322 60.91 -90.49 88.91
CA ALA WA 322 61.00 -91.62 87.99
C ALA WA 322 59.63 -92.02 87.46
N LEU WA 323 58.56 -91.82 88.24
CA LEU WA 323 57.25 -92.04 87.65
C LEU WA 323 56.80 -90.90 86.74
N ILE WA 324 57.34 -89.69 86.96
CA ILE WA 324 57.18 -88.62 85.98
C ILE WA 324 57.87 -89.02 84.67
N GLN WA 325 59.05 -89.63 84.79
CA GLN WA 325 59.73 -90.23 83.65
C GLN WA 325 58.95 -91.39 83.06
N ALA WA 326 58.15 -92.08 83.89
CA ALA WA 326 57.23 -93.11 83.43
C ALA WA 326 55.86 -92.54 83.07
N GLN WA 327 55.77 -91.22 82.90
CA GLN WA 327 54.61 -90.50 82.38
C GLN WA 327 53.39 -90.61 83.28
N THR WA 328 53.58 -90.69 84.60
CA THR WA 328 52.49 -90.59 85.56
C THR WA 328 52.90 -89.69 86.71
N GLY WA 329 51.98 -89.50 87.64
CA GLY WA 329 52.28 -88.87 88.89
C GLY WA 329 52.50 -89.88 90.00
N LEU WA 330 52.84 -89.38 91.17
CA LEU WA 330 52.96 -90.22 92.36
C LEU WA 330 52.10 -89.67 93.48
N GLY WA 331 51.26 -90.55 94.02
CA GLY WA 331 50.33 -90.22 95.08
C GLY WA 331 50.33 -91.33 96.10
N THR WA 332 49.18 -91.64 96.68
CA THR WA 332 49.19 -92.46 97.88
C THR WA 332 48.21 -93.63 97.76
N ALA WA 333 48.66 -94.80 98.25
CA ALA WA 333 47.89 -95.76 99.01
C ALA WA 333 46.91 -96.61 98.20
N ALA WA 334 46.61 -96.22 96.99
CA ALA WA 334 46.18 -97.19 96.00
C ALA WA 334 47.37 -97.49 95.10
N VAL WA 335 48.45 -98.03 95.67
CA VAL WA 335 49.49 -98.53 94.78
C VAL WA 335 49.20 -100.02 94.64
N ILE WA 336 48.31 -100.35 93.69
CA ILE WA 336 47.72 -101.67 93.62
C ILE WA 336 48.02 -102.26 92.26
N VAL WA 337 47.94 -103.57 92.19
CA VAL WA 337 47.79 -104.26 90.93
C VAL WA 337 46.31 -104.57 90.78
N MET WA 338 45.91 -104.79 89.54
CA MET WA 338 44.61 -105.41 89.33
C MET WA 338 44.78 -106.53 88.31
N ASP WA 339 43.88 -107.50 88.46
CA ASP WA 339 43.98 -108.86 87.98
C ASP WA 339 43.59 -108.97 86.51
N ARG WA 340 44.11 -110.02 85.89
CA ARG WA 340 43.78 -110.40 84.52
C ARG WA 340 42.44 -111.14 84.45
N SER WA 341 41.77 -111.33 85.58
CA SER WA 341 40.44 -111.95 85.57
C SER WA 341 39.40 -111.02 84.95
N THR WA 342 39.11 -109.90 85.62
CA THR WA 342 38.15 -108.93 85.10
C THR WA 342 38.87 -107.89 84.26
N ASP WA 343 38.19 -106.80 83.96
CA ASP WA 343 38.66 -105.85 82.97
C ASP WA 343 38.86 -104.48 83.59
N ILE WA 344 40.05 -103.92 83.35
CA ILE WA 344 40.33 -102.56 83.75
C ILE WA 344 39.48 -101.58 82.95
N VAL WA 345 38.95 -101.98 81.80
CA VAL WA 345 37.97 -101.18 81.08
C VAL WA 345 36.71 -101.01 81.93
N LYS WA 346 36.24 -102.10 82.54
CA LYS WA 346 35.11 -102.03 83.46
C LYS WA 346 35.44 -101.17 84.68
N ALA WA 347 36.64 -101.35 85.23
CA ALA WA 347 37.02 -100.60 86.42
C ALA WA 347 37.11 -99.10 86.15
N ILE WA 348 37.70 -98.71 85.02
CA ILE WA 348 37.82 -97.32 84.65
C ILE WA 348 36.46 -96.73 84.29
N ALA WA 349 35.56 -97.55 83.76
CA ALA WA 349 34.19 -97.09 83.55
C ALA WA 349 33.51 -96.76 84.87
N ARG WA 350 33.75 -97.59 85.89
CA ARG WA 350 33.25 -97.27 87.22
C ARG WA 350 33.92 -96.01 87.78
N LEU WA 351 35.20 -95.81 87.46
CA LEU WA 351 35.92 -94.62 87.89
C LEU WA 351 35.33 -93.36 87.29
N ILE WA 352 34.96 -93.42 86.02
CA ILE WA 352 34.38 -92.26 85.36
C ILE WA 352 32.95 -92.03 85.85
N GLU WA 353 32.23 -93.11 86.19
CA GLU WA 353 30.93 -92.93 86.84
C GLU WA 353 31.08 -92.24 88.19
N PHE WA 354 32.15 -92.54 88.91
CA PHE WA 354 32.45 -91.86 90.17
C PHE WA 354 32.73 -90.38 89.94
N TYR WA 355 33.57 -90.06 88.98
CA TYR WA 355 33.88 -88.66 88.70
C TYR WA 355 32.64 -87.89 88.22
N LYS WA 356 31.73 -88.56 87.53
CA LYS WA 356 30.48 -87.91 87.12
C LYS WA 356 29.58 -87.67 88.31
N HIS WA 357 29.42 -88.67 89.18
CA HIS WA 357 28.49 -88.49 90.29
C HIS WA 357 29.02 -87.54 91.34
N GLU WA 358 30.33 -87.31 91.39
CA GLU WA 358 30.90 -86.33 92.32
C GLU WA 358 31.91 -85.43 91.60
N SER WA 359 31.43 -84.26 91.18
CA SER WA 359 32.19 -83.14 90.62
C SER WA 359 31.25 -81.96 90.51
N CYS WA 360 31.78 -80.75 90.74
CA CYS WA 360 30.89 -79.62 90.60
C CYS WA 360 30.90 -79.19 89.15
N GLY WA 361 30.15 -78.15 88.86
CA GLY WA 361 29.94 -77.79 87.46
C GLY WA 361 30.22 -76.35 87.18
N GLN WA 362 31.23 -75.79 87.83
CA GLN WA 362 31.69 -74.46 87.46
C GLN WA 362 32.25 -74.45 86.05
N CYS WA 363 33.34 -75.18 85.83
CA CYS WA 363 33.97 -75.21 84.52
C CYS WA 363 33.11 -76.03 83.60
N THR WA 364 32.70 -75.44 82.49
CA THR WA 364 32.07 -76.21 81.44
C THR WA 364 32.87 -77.41 80.89
N PRO WA 365 34.22 -77.39 80.77
CA PRO WA 365 34.86 -78.56 80.16
C PRO WA 365 34.77 -79.84 80.97
N CYS WA 366 34.89 -79.80 82.30
CA CYS WA 366 34.86 -81.08 83.03
C CYS WA 366 33.46 -81.66 82.99
N ARG WA 367 32.47 -80.78 83.08
CA ARG WA 367 31.06 -81.16 83.00
C ARG WA 367 30.78 -81.90 81.69
N GLU WA 368 31.00 -81.21 80.56
CA GLU WA 368 30.64 -81.83 79.28
C GLU WA 368 31.58 -82.97 78.92
N GLY WA 369 32.85 -82.87 79.30
CA GLY WA 369 33.81 -83.89 78.95
C GLY WA 369 33.62 -85.16 79.73
N VAL WA 370 33.34 -85.05 81.03
CA VAL WA 370 33.07 -86.23 81.83
C VAL WA 370 31.76 -86.87 81.39
N ASP WA 371 30.81 -86.07 80.89
CA ASP WA 371 29.61 -86.64 80.29
C ASP WA 371 29.93 -87.50 79.08
N TRP WA 372 30.70 -86.94 78.12
CA TRP WA 372 31.02 -87.72 76.92
C TRP WA 372 31.86 -88.93 77.25
N MET WA 373 32.85 -88.77 78.12
CA MET WA 373 33.74 -89.87 78.44
C MET WA 373 33.02 -90.97 79.19
N ASN WA 374 32.00 -90.64 79.99
CA ASN WA 374 31.22 -91.68 80.62
C ASN WA 374 30.41 -92.45 79.59
N LYS WA 375 29.76 -91.74 78.68
CA LYS WA 375 28.94 -92.46 77.70
C LYS WA 375 29.80 -93.27 76.74
N VAL WA 376 30.98 -92.76 76.40
CA VAL WA 376 31.86 -93.47 75.49
C VAL WA 376 32.50 -94.68 76.17
N MET WA 377 32.79 -94.59 77.49
CA MET WA 377 33.23 -95.78 78.19
C MET WA 377 32.13 -96.82 78.33
N ALA WA 378 30.87 -96.38 78.46
CA ALA WA 378 29.76 -97.34 78.51
C ALA WA 378 29.63 -98.08 77.19
N ARG WA 379 29.74 -97.36 76.08
CA ARG WA 379 29.75 -98.01 74.78
C ARG WA 379 30.98 -98.88 74.56
N PHE WA 380 32.09 -98.58 75.25
CA PHE WA 380 33.25 -99.46 75.19
C PHE WA 380 33.01 -100.77 75.90
N VAL WA 381 32.41 -100.70 77.09
CA VAL WA 381 32.09 -101.91 77.84
C VAL WA 381 31.09 -102.75 77.07
N ARG WA 382 30.15 -102.11 76.38
CA ARG WA 382 29.36 -102.87 75.43
C ARG WA 382 30.07 -103.11 74.11
N GLY WA 383 31.20 -102.45 73.85
CA GLY WA 383 31.97 -102.69 72.65
C GLY WA 383 31.43 -102.05 71.39
N ASP WA 384 30.62 -101.00 71.51
CA ASP WA 384 29.76 -100.56 70.42
C ASP WA 384 30.51 -99.74 69.37
N ALA WA 385 31.46 -98.92 69.78
CA ALA WA 385 31.93 -97.80 68.97
C ALA WA 385 32.87 -98.26 67.84
N ARG WA 386 33.47 -97.30 67.18
CA ARG WA 386 34.46 -97.41 66.13
C ARG WA 386 35.81 -96.87 66.63
N PRO WA 387 36.95 -97.32 66.07
CA PRO WA 387 38.26 -96.87 66.61
C PRO WA 387 38.54 -95.39 66.43
N ALA WA 388 37.90 -94.75 65.45
CA ALA WA 388 38.02 -93.31 65.30
C ALA WA 388 37.46 -92.59 66.52
N GLU WA 389 36.39 -93.12 67.09
CA GLU WA 389 35.84 -92.56 68.31
C GLU WA 389 36.80 -92.69 69.48
N ILE WA 390 37.59 -93.77 69.52
CA ILE WA 390 38.42 -93.95 70.71
C ILE WA 390 39.67 -93.07 70.58
N ASP WA 391 40.12 -92.82 69.35
CA ASP WA 391 41.21 -91.86 69.24
C ASP WA 391 40.70 -90.44 69.35
N SER WA 392 39.43 -90.19 69.03
CA SER WA 392 38.82 -88.91 69.35
C SER WA 392 38.64 -88.75 70.86
N LEU WA 393 38.54 -89.87 71.58
CA LEU WA 393 38.50 -89.80 73.03
C LEU WA 393 39.86 -89.39 73.57
N TRP WA 394 40.93 -89.92 72.95
CA TRP WA 394 42.28 -89.38 73.20
C TRP WA 394 42.35 -87.90 72.90
N GLU WA 395 41.68 -87.47 71.83
CA GLU WA 395 41.70 -86.06 71.43
C GLU WA 395 40.98 -85.16 72.44
N ILE WA 396 39.80 -85.58 72.90
CA ILE WA 396 39.07 -84.76 73.88
C ILE WA 396 39.78 -84.76 75.22
N SER WA 397 40.41 -85.88 75.60
CA SER WA 397 41.15 -85.88 76.86
C SER WA 397 42.39 -85.02 76.76
N LYS WA 398 42.96 -84.89 75.56
CA LYS WA 398 43.96 -83.85 75.34
C LYS WA 398 43.36 -82.46 75.40
N GLN WA 399 42.09 -82.31 75.05
CA GLN WA 399 41.52 -80.97 75.10
C GLN WA 399 40.97 -80.58 76.46
N ILE WA 400 40.93 -81.48 77.43
CA ILE WA 400 40.42 -81.11 78.74
C ILE WA 400 41.54 -80.68 79.68
N GLU WA 401 42.67 -81.38 79.64
CA GLU WA 401 43.73 -81.23 80.62
C GLU WA 401 44.37 -79.86 80.48
N GLY WA 402 43.93 -78.92 81.31
CA GLY WA 402 44.46 -77.57 81.27
C GLY WA 402 43.41 -76.55 80.91
N HIS WA 403 42.17 -76.78 81.33
CA HIS WA 403 41.10 -75.86 80.97
C HIS WA 403 40.12 -75.64 82.11
N THR WA 404 40.46 -75.94 83.33
CA THR WA 404 39.47 -75.97 84.39
C THR WA 404 39.81 -74.94 85.47
N ILE WA 405 39.05 -75.00 86.56
CA ILE WA 405 39.47 -74.33 87.79
C ILE WA 405 40.25 -75.33 88.62
N CYS WA 406 39.60 -76.41 89.02
CA CYS WA 406 40.26 -77.35 89.90
C CYS WA 406 40.94 -78.41 89.05
N ALA WA 407 41.35 -79.51 89.65
CA ALA WA 407 42.04 -80.56 88.92
C ALA WA 407 41.25 -81.86 88.84
N LEU WA 408 39.94 -81.82 89.12
CA LEU WA 408 39.21 -83.08 89.09
C LEU WA 408 38.93 -83.54 87.66
N GLY WA 409 38.67 -82.59 86.75
CA GLY WA 409 38.60 -82.94 85.35
C GLY WA 409 39.92 -83.43 84.81
N ASP WA 410 41.03 -82.88 85.33
CA ASP WA 410 42.36 -83.34 84.93
C ASP WA 410 42.60 -84.76 85.38
N GLY WA 411 42.20 -85.06 86.62
CA GLY WA 411 42.23 -86.41 87.15
C GLY WA 411 41.27 -87.35 86.47
N ALA WA 412 40.25 -86.83 85.81
CA ALA WA 412 39.45 -87.66 84.93
C ALA WA 412 40.18 -87.92 83.62
N ALA WA 413 40.92 -86.92 83.15
CA ALA WA 413 41.51 -87.00 81.82
C ALA WA 413 42.70 -87.93 81.77
N TRP WA 414 43.48 -88.03 82.86
CA TRP WA 414 44.68 -88.89 82.82
C TRP WA 414 44.40 -90.38 82.63
N PRO WA 415 43.49 -91.05 83.36
CA PRO WA 415 43.43 -92.53 83.24
C PRO WA 415 42.98 -93.03 81.88
N VAL WA 416 42.12 -92.29 81.20
CA VAL WA 416 41.72 -92.71 79.88
C VAL WA 416 42.87 -92.55 78.90
N GLN WA 417 43.72 -91.55 79.10
CA GLN WA 417 44.94 -91.44 78.29
C GLN WA 417 45.87 -92.62 78.51
N GLY WA 418 46.08 -93.00 79.77
CA GLY WA 418 46.95 -94.14 80.05
C GLY WA 418 46.39 -95.45 79.52
N LEU WA 419 45.06 -95.61 79.59
CA LEU WA 419 44.42 -96.79 79.06
C LEU WA 419 44.53 -96.85 77.53
N ILE WA 420 44.38 -95.72 76.87
CA ILE WA 420 44.52 -95.67 75.41
C ILE WA 420 45.98 -95.89 75.01
N ARG WA 421 46.93 -95.51 75.88
CA ARG WA 421 48.32 -95.86 75.64
C ARG WA 421 48.54 -97.36 75.68
N HIS WA 422 48.16 -98.00 76.78
CA HIS WA 422 48.66 -99.35 77.00
C HIS WA 422 47.70 -100.47 76.60
N PHE WA 423 46.40 -100.28 76.71
CA PHE WA 423 45.49 -101.40 76.48
C PHE WA 423 44.59 -101.14 75.28
N ARG WA 424 45.21 -100.68 74.20
CA ARG WA 424 44.50 -100.48 72.95
C ARG WA 424 43.98 -101.78 72.31
N PRO WA 425 44.77 -102.84 72.06
CA PRO WA 425 44.24 -103.94 71.22
C PRO WA 425 43.24 -104.83 71.94
N GLU WA 426 43.21 -104.82 73.27
CA GLU WA 426 42.17 -105.57 73.98
C GLU WA 426 40.81 -104.89 73.79
N LEU WA 427 40.79 -103.56 73.79
CA LEU WA 427 39.61 -102.80 73.40
C LEU WA 427 39.22 -103.10 71.96
N GLU WA 428 40.23 -103.24 71.08
CA GLU WA 428 39.96 -103.56 69.68
C GLU WA 428 39.27 -104.91 69.55
N GLU WA 429 39.75 -105.91 70.28
CA GLU WA 429 39.13 -107.23 70.22
C GLU WA 429 37.74 -107.24 70.82
N ARG WA 430 37.51 -106.42 71.86
CA ARG WA 430 36.17 -106.26 72.42
C ARG WA 430 35.19 -105.73 71.38
N MET WA 431 35.59 -104.66 70.70
CA MET WA 431 34.77 -104.08 69.64
C MET WA 431 34.60 -105.03 68.47
N GLN WA 432 35.61 -105.86 68.21
CA GLN WA 432 35.52 -106.80 67.11
C GLN WA 432 34.50 -107.89 67.40
N ARG WA 433 34.51 -108.44 68.62
CA ARG WA 433 33.52 -109.44 68.96
C ARG WA 433 32.13 -108.85 69.09
N PHE WA 434 32.02 -107.56 69.45
CA PHE WA 434 30.71 -106.94 69.39
C PHE WA 434 30.23 -106.79 67.95
N ALA WA 435 31.14 -106.50 67.02
CA ALA WA 435 30.76 -106.46 65.62
C ALA WA 435 30.33 -107.83 65.13
N GLN WA 436 30.93 -108.88 65.67
CA GLN WA 436 30.48 -110.24 65.37
C GLN WA 436 29.08 -110.50 65.93
N GLN WA 437 28.82 -110.05 67.16
CA GLN WA 437 27.54 -110.36 67.80
C GLN WA 437 26.39 -109.54 67.19
N HIS WA 438 26.67 -108.29 66.86
CA HIS WA 438 25.78 -107.48 66.02
C HIS WA 438 25.64 -108.08 64.63
N GLN WA 439 26.63 -108.83 64.18
CA GLN WA 439 26.66 -109.39 62.84
C GLN WA 439 26.02 -110.77 62.77
N ALA XA 5 17.85 -85.66 90.59
CA ALA XA 5 16.87 -86.56 91.22
C ALA XA 5 15.65 -85.77 91.68
N LEU XA 6 14.94 -85.21 90.70
CA LEU XA 6 13.67 -84.49 90.88
C LEU XA 6 13.84 -83.30 91.84
N PHE XA 7 14.66 -82.35 91.42
CA PHE XA 7 15.07 -81.26 92.30
C PHE XA 7 14.11 -80.09 92.28
N VAL XA 8 13.12 -80.11 91.40
CA VAL XA 8 11.96 -79.25 91.59
C VAL XA 8 11.17 -79.82 92.76
N HIS XA 9 10.57 -78.95 93.58
CA HIS XA 9 10.07 -79.38 94.88
C HIS XA 9 8.83 -80.26 94.72
N ARG XA 10 7.85 -79.79 93.94
CA ARG XA 10 6.59 -80.51 93.66
C ARG XA 10 5.86 -80.84 94.97
N ASP XA 11 5.30 -79.78 95.54
CA ASP XA 11 5.00 -79.58 96.95
C ASP XA 11 4.51 -80.80 97.73
N THR XA 12 3.44 -81.48 97.25
CA THR XA 12 2.98 -82.81 97.70
C THR XA 12 2.73 -82.91 99.20
N PRO XA 13 1.55 -82.48 99.68
CA PRO XA 13 1.27 -82.43 101.13
C PRO XA 13 1.49 -83.76 101.84
N LYS XA 14 1.80 -83.64 103.15
CA LYS XA 14 2.78 -84.36 104.03
C LYS XA 14 4.12 -83.68 103.86
N ASN XA 15 4.13 -82.57 103.12
CA ASN XA 15 5.21 -81.62 102.92
C ASN XA 15 4.47 -80.31 102.72
N ASN XA 16 5.05 -79.34 101.99
CA ASN XA 16 4.37 -78.12 101.54
C ASN XA 16 3.95 -77.24 102.70
N PRO XA 17 4.87 -76.40 103.20
CA PRO XA 17 4.67 -75.65 104.45
C PRO XA 17 3.36 -74.87 104.53
N GLU XA 18 2.67 -74.95 105.68
CA GLU XA 18 3.21 -75.50 106.94
C GLU XA 18 3.18 -77.01 107.19
N THR XA 19 4.39 -77.51 107.36
CA THR XA 19 4.88 -78.81 107.80
C THR XA 19 5.40 -78.67 109.22
N PRO XA 20 4.96 -79.53 110.15
CA PRO XA 20 5.31 -79.33 111.56
C PRO XA 20 6.77 -79.66 111.84
N PHE XA 21 7.50 -78.69 112.39
CA PHE XA 21 8.92 -78.84 112.68
C PHE XA 21 9.34 -77.75 113.64
N ASP XA 22 9.96 -78.11 114.75
CA ASP XA 22 10.36 -77.10 115.73
C ASP XA 22 11.53 -77.67 116.52
N PHE XA 23 12.14 -76.79 117.31
CA PHE XA 23 13.35 -77.09 118.07
C PHE XA 23 13.08 -77.05 119.57
N THR XA 24 14.14 -77.26 120.33
CA THR XA 24 14.25 -77.21 121.77
C THR XA 24 15.15 -76.03 122.14
N PRO XA 25 14.88 -75.34 123.25
CA PRO XA 25 15.88 -74.39 123.77
C PRO XA 25 17.23 -75.01 124.12
N GLU XA 26 17.29 -76.33 124.37
CA GLU XA 26 18.57 -77.01 124.41
C GLU XA 26 19.20 -77.07 123.03
N ASN XA 27 18.38 -77.28 121.99
CA ASN XA 27 18.92 -77.17 120.65
C ASN XA 27 19.28 -75.73 120.32
N TYR XA 28 18.60 -74.77 120.92
CA TYR XA 28 19.05 -73.39 120.84
C TYR XA 28 20.41 -73.21 121.50
N LYS XA 29 20.68 -73.95 122.57
CA LYS XA 29 22.01 -73.92 123.20
C LYS XA 29 23.07 -74.49 122.25
N ARG XA 30 22.71 -75.53 121.51
CA ARG XA 30 23.60 -76.00 120.43
C ARG XA 30 23.85 -74.92 119.38
N ILE XA 31 22.80 -74.22 118.97
CA ILE XA 31 22.93 -73.13 118.00
C ILE XA 31 23.81 -72.00 118.54
N GLU XA 32 23.75 -71.76 119.85
CA GLU XA 32 24.65 -70.82 120.50
C GLU XA 32 26.10 -71.27 120.39
N ALA XA 33 26.34 -72.57 120.57
CA ALA XA 33 27.69 -73.09 120.36
C ALA XA 33 28.15 -72.91 118.91
N ILE XA 34 27.24 -73.15 117.96
CA ILE XA 34 27.59 -73.09 116.55
C ILE XA 34 27.90 -71.65 116.14
N VAL XA 35 26.98 -70.73 116.38
CA VAL XA 35 27.40 -69.33 116.30
C VAL XA 35 27.84 -68.93 117.70
N LYS XA 36 28.92 -69.55 118.15
CA LYS XA 36 30.00 -68.94 118.89
C LYS XA 36 31.35 -69.41 118.37
N ASN XA 37 31.40 -70.58 117.72
CA ASN XA 37 32.63 -71.03 117.06
C ASN XA 37 33.04 -70.10 115.94
N TYR XA 38 32.11 -69.66 115.14
CA TYR XA 38 32.48 -68.89 113.96
C TYR XA 38 32.67 -67.42 114.32
N PRO XA 39 33.62 -66.74 113.70
CA PRO XA 39 33.88 -65.34 114.05
C PRO XA 39 32.76 -64.44 113.57
N GLU XA 40 32.50 -63.40 114.36
CA GLU XA 40 31.41 -62.48 114.09
C GLU XA 40 31.70 -61.69 112.82
N GLY XA 41 30.65 -61.43 112.04
CA GLY XA 41 30.80 -60.77 110.76
C GLY XA 41 30.66 -61.70 109.58
N HIS XA 42 30.71 -63.00 109.83
CA HIS XA 42 30.61 -64.00 108.79
C HIS XA 42 29.70 -65.12 109.25
N LYS XA 43 28.52 -64.73 109.70
CA LYS XA 43 27.57 -65.62 110.36
C LYS XA 43 27.07 -66.73 109.43
N ALA XA 44 27.09 -66.50 108.11
CA ALA XA 44 26.46 -67.37 107.12
C ALA XA 44 27.16 -68.71 106.96
N ALA XA 45 28.24 -68.98 107.70
CA ALA XA 45 28.91 -70.27 107.69
C ALA XA 45 28.20 -71.30 108.54
N ALA XA 46 27.25 -70.88 109.38
CA ALA XA 46 26.55 -71.79 110.28
C ALA XA 46 25.40 -72.53 109.62
N VAL XA 47 25.12 -72.24 108.35
CA VAL XA 47 24.05 -72.92 107.62
C VAL XA 47 24.34 -74.40 107.52
N LEU XA 48 25.60 -74.75 107.25
CA LEU XA 48 25.97 -76.16 107.15
C LEU XA 48 25.83 -76.92 108.47
N PRO XA 49 26.37 -76.47 109.62
CA PRO XA 49 26.15 -77.27 110.84
C PRO XA 49 24.75 -77.19 111.39
N VAL XA 50 24.01 -76.10 111.14
CA VAL XA 50 22.64 -76.07 111.65
C VAL XA 50 21.77 -77.01 110.84
N LEU XA 51 22.04 -77.15 109.54
CA LEU XA 51 21.27 -78.11 108.77
C LEU XA 51 21.70 -79.54 109.08
N ASP XA 52 22.98 -79.71 109.47
CA ASP XA 52 23.43 -80.98 110.06
C ASP XA 52 22.62 -81.32 111.31
N LEU XA 53 22.46 -80.33 112.20
CA LEU XA 53 21.66 -80.49 113.42
C LEU XA 53 20.23 -80.82 113.08
N ALA XA 54 19.71 -80.23 112.00
CA ALA XA 54 18.35 -80.49 111.59
C ALA XA 54 18.18 -81.93 111.11
N GLN XA 55 19.18 -82.47 110.42
CA GLN XA 55 19.07 -83.87 109.99
C GLN XA 55 19.18 -84.81 111.18
N ARG XA 56 20.03 -84.50 112.14
CA ARG XA 56 20.12 -85.39 113.29
C ARG XA 56 19.02 -85.11 114.32
N GLN XA 57 18.21 -84.08 114.10
CA GLN XA 57 17.05 -83.82 114.94
C GLN XA 57 15.80 -84.47 114.35
N ASN XA 58 15.68 -84.45 113.02
CA ASN XA 58 14.63 -85.18 112.31
C ASN XA 58 15.27 -85.84 111.11
N GLY XA 59 15.02 -87.15 110.96
CA GLY XA 59 15.67 -88.05 110.02
C GLY XA 59 15.90 -87.57 108.60
N TRP XA 60 14.82 -87.34 107.86
CA TRP XA 60 14.89 -86.62 106.61
C TRP XA 60 14.43 -85.19 106.85
N LEU XA 61 15.07 -84.27 106.21
CA LEU XA 61 14.72 -82.89 106.52
C LEU XA 61 13.61 -82.40 105.61
N PRO XA 62 12.59 -81.75 106.15
CA PRO XA 62 11.58 -81.14 105.28
C PRO XA 62 12.00 -79.75 104.86
N ILE XA 63 11.19 -79.15 104.00
CA ILE XA 63 11.43 -77.79 103.55
C ILE XA 63 11.20 -76.78 104.68
N SER XA 64 10.31 -77.12 105.62
CA SER XA 64 10.03 -76.22 106.73
C SER XA 64 11.19 -76.17 107.70
N ALA XA 65 12.00 -77.23 107.74
CA ALA XA 65 13.25 -77.19 108.49
C ALA XA 65 14.18 -76.13 107.94
N MET XA 66 14.36 -76.11 106.62
CA MET XA 66 15.24 -75.14 106.00
C MET XA 66 14.67 -73.73 106.09
N ASN XA 67 13.36 -73.59 106.00
CA ASN XA 67 12.75 -72.29 106.16
C ASN XA 67 12.91 -71.77 107.59
N LYS XA 68 12.83 -72.67 108.58
CA LYS XA 68 13.07 -72.27 109.97
C LYS XA 68 14.53 -71.90 110.20
N VAL XA 69 15.45 -72.57 109.51
CA VAL XA 69 16.86 -72.21 109.60
C VAL XA 69 17.08 -70.83 108.98
N ALA XA 70 16.38 -70.52 107.89
CA ALA XA 70 16.44 -69.17 107.33
C ALA XA 70 15.80 -68.15 108.25
N GLU XA 71 14.78 -68.55 109.00
CA GLU XA 71 14.12 -67.65 109.95
C GLU XA 71 15.01 -67.36 111.15
N ILE XA 72 15.81 -68.34 111.57
CA ILE XA 72 16.75 -68.09 112.66
C ILE XA 72 17.96 -67.30 112.17
N LEU XA 73 18.64 -67.80 111.14
CA LEU XA 73 19.93 -67.26 110.71
C LEU XA 73 19.79 -66.09 109.75
N GLN XA 74 18.62 -65.44 109.73
CA GLN XA 74 18.35 -64.09 109.14
C GLN XA 74 18.85 -63.94 107.70
N VAL XA 75 18.92 -65.03 106.95
CA VAL XA 75 19.27 -64.98 105.54
C VAL XA 75 18.07 -65.48 104.71
N PRO XA 76 17.91 -65.04 103.46
CA PRO XA 76 16.85 -65.59 102.63
C PRO XA 76 17.14 -67.05 102.31
N PRO XA 77 16.09 -67.86 102.12
CA PRO XA 77 16.26 -69.31 102.23
C PRO XA 77 16.92 -69.98 101.04
N MET XA 78 17.09 -69.26 99.92
CA MET XA 78 17.51 -69.91 98.68
C MET XA 78 18.94 -70.42 98.77
N ARG XA 79 19.78 -69.75 99.55
CA ARG XA 79 21.13 -70.25 99.79
C ARG XA 79 21.09 -71.54 100.60
N VAL XA 80 20.14 -71.62 101.54
CA VAL XA 80 19.97 -72.84 102.31
C VAL XA 80 19.50 -73.98 101.42
N TYR XA 81 18.61 -73.67 100.47
CA TYR XA 81 18.18 -74.66 99.50
C TYR XA 81 19.34 -75.12 98.61
N GLU XA 82 20.24 -74.19 98.25
CA GLU XA 82 21.44 -74.55 97.47
C GLU XA 82 22.31 -75.55 98.23
N VAL XA 83 22.63 -75.24 99.48
CA VAL XA 83 23.50 -76.11 100.28
C VAL XA 83 22.82 -77.44 100.53
N ALA XA 84 21.50 -77.45 100.61
CA ALA XA 84 20.80 -78.72 100.74
C ALA XA 84 20.78 -79.51 99.44
N THR XA 85 20.85 -78.84 98.30
CA THR XA 85 20.92 -79.60 97.07
C THR XA 85 22.30 -80.15 96.81
N PHE XA 86 23.36 -79.47 97.27
CA PHE XA 86 24.68 -79.84 96.80
C PHE XA 86 25.21 -81.10 97.47
N TYR XA 87 24.88 -81.34 98.73
CA TYR XA 87 25.57 -82.31 99.54
C TYR XA 87 24.77 -83.60 99.70
N THR XA 88 25.46 -84.63 100.22
CA THR XA 88 25.01 -86.00 100.11
C THR XA 88 24.65 -86.65 101.43
N MET XA 89 24.61 -85.89 102.53
CA MET XA 89 24.00 -86.42 103.74
C MET XA 89 22.49 -86.24 103.73
N TYR XA 90 22.00 -85.25 102.99
CA TYR XA 90 20.69 -84.70 103.26
C TYR XA 90 19.71 -85.33 102.28
N ASN XA 91 19.28 -86.53 102.63
CA ASN XA 91 18.23 -87.21 101.88
C ASN XA 91 16.91 -86.50 102.13
N ARG XA 92 16.55 -85.61 101.19
CA ARG XA 92 15.43 -84.71 101.39
C ARG XA 92 14.10 -85.43 101.26
N LYS XA 93 14.04 -86.44 100.41
CA LYS XA 93 12.87 -87.27 100.34
C LYS XA 93 12.76 -88.14 101.59
N PRO XA 94 11.54 -88.47 102.02
CA PRO XA 94 11.39 -89.25 103.26
C PRO XA 94 11.89 -90.68 103.12
N VAL XA 95 12.80 -91.04 104.02
CA VAL XA 95 13.37 -92.39 104.06
C VAL XA 95 12.96 -93.03 105.37
N GLY XA 96 13.38 -94.28 105.58
CA GLY XA 96 13.14 -94.95 106.83
C GLY XA 96 14.13 -94.53 107.90
N LYS XA 97 14.02 -95.15 109.06
CA LYS XA 97 14.88 -94.81 110.17
C LYS XA 97 16.31 -95.27 109.91
N TYR XA 98 16.52 -96.57 109.77
CA TYR XA 98 17.83 -96.98 109.29
C TYR XA 98 17.94 -96.73 107.81
N HIS XA 99 19.18 -96.77 107.30
CA HIS XA 99 19.43 -96.44 105.90
C HIS XA 99 20.73 -97.11 105.47
N ILE XA 100 20.62 -98.05 104.55
CA ILE XA 100 21.77 -98.79 104.07
C ILE XA 100 22.44 -98.00 102.96
N GLN XA 101 23.75 -97.80 103.07
CA GLN XA 101 24.56 -97.16 102.06
C GLN XA 101 25.69 -98.14 101.73
N VAL XA 102 25.52 -98.94 100.69
CA VAL XA 102 26.58 -99.88 100.33
C VAL XA 102 27.65 -99.07 99.59
N CYS XA 103 28.76 -98.82 100.27
CA CYS XA 103 29.89 -98.20 99.61
C CYS XA 103 30.54 -99.19 98.67
N THR XA 104 30.46 -98.84 97.38
CA THR XA 104 31.05 -99.65 96.31
C THR XA 104 31.35 -98.80 95.06
N THR XA 105 32.62 -98.42 94.88
CA THR XA 105 33.00 -98.13 93.50
C THR XA 105 34.17 -98.92 92.93
N THR XA 106 35.42 -98.56 93.25
CA THR XA 106 36.46 -99.30 92.54
C THR XA 106 37.04 -100.52 93.28
N PRO XA 107 37.51 -100.46 94.53
CA PRO XA 107 38.05 -101.68 95.11
C PRO XA 107 36.95 -102.61 95.57
N CYS XA 108 35.76 -102.08 95.81
CA CYS XA 108 34.69 -102.89 96.35
C CYS XA 108 34.08 -103.77 95.28
N MET XA 109 33.87 -103.20 94.08
CA MET XA 109 33.51 -103.99 92.91
C MET XA 109 34.58 -105.02 92.60
N LEU XA 110 35.84 -104.62 92.78
CA LEU XA 110 36.97 -105.51 92.55
C LEU XA 110 37.02 -106.65 93.55
N ARG XA 111 36.47 -106.46 94.75
CA ARG XA 111 36.44 -107.51 95.76
C ARG XA 111 35.00 -107.92 96.03
N ASN XA 112 34.23 -108.05 94.95
CA ASN XA 112 32.92 -108.69 94.91
C ASN XA 112 31.89 -107.97 95.79
N SER XA 113 31.67 -106.70 95.48
CA SER XA 113 30.46 -106.04 95.96
C SER XA 113 29.23 -106.47 95.19
N ASP XA 114 29.43 -107.08 94.02
CA ASP XA 114 28.33 -107.60 93.23
C ASP XA 114 27.61 -108.72 93.98
N SER XA 115 28.38 -109.59 94.63
CA SER XA 115 27.79 -110.59 95.51
C SER XA 115 27.12 -109.92 96.70
N ILE XA 116 27.71 -108.83 97.21
CA ILE XA 116 27.14 -108.09 98.33
C ILE XA 116 25.83 -107.44 97.92
N LEU XA 117 25.84 -106.78 96.75
CA LEU XA 117 24.65 -106.14 96.21
C LEU XA 117 23.55 -107.15 95.95
N GLU XA 118 23.90 -108.30 95.37
CA GLU XA 118 22.89 -109.30 95.06
C GLU XA 118 22.40 -110.01 96.31
N ALA XA 119 23.23 -110.10 97.35
CA ALA XA 119 22.79 -110.72 98.59
C ALA XA 119 21.80 -109.83 99.31
N ILE XA 120 22.12 -108.53 99.42
CA ILE XA 120 21.16 -107.57 99.98
C ILE XA 120 19.92 -107.50 99.10
N GLN XA 121 20.11 -107.59 97.79
CA GLN XA 121 19.02 -107.55 96.81
C GLN XA 121 18.04 -108.70 97.00
N LYS XA 122 18.54 -109.91 97.23
CA LYS XA 122 17.67 -111.06 97.30
C LYS XA 122 17.26 -111.43 98.72
N LYS XA 123 17.82 -110.79 99.74
CA LYS XA 123 17.27 -111.01 101.07
C LYS XA 123 16.33 -109.90 101.51
N LEU XA 124 16.64 -108.64 101.19
CA LEU XA 124 15.67 -107.59 101.48
C LEU XA 124 14.58 -107.54 100.41
N GLY XA 125 14.87 -108.00 99.20
CA GLY XA 125 13.88 -108.04 98.16
C GLY XA 125 13.93 -106.87 97.17
N ILE XA 126 13.96 -105.65 97.68
CA ILE XA 126 13.83 -104.46 96.84
C ILE XA 126 15.11 -104.20 96.05
N LYS XA 127 15.01 -103.33 95.03
CA LYS XA 127 16.13 -103.06 94.15
C LYS XA 127 16.96 -101.89 94.68
N VAL XA 128 17.89 -101.40 93.86
CA VAL XA 128 18.74 -100.29 94.27
C VAL XA 128 17.92 -99.01 94.30
N GLY XA 129 18.20 -98.16 95.28
CA GLY XA 129 17.52 -96.89 95.41
C GLY XA 129 16.09 -96.93 95.90
N GLU XA 130 15.45 -98.09 95.90
CA GLU XA 130 14.07 -98.20 96.30
C GLU XA 130 13.95 -98.07 97.81
N THR XA 131 12.72 -97.92 98.27
CA THR XA 131 12.44 -98.03 99.69
C THR XA 131 12.03 -99.46 100.02
N THR XA 132 12.32 -99.84 101.25
CA THR XA 132 11.92 -101.11 101.80
C THR XA 132 10.40 -101.20 101.91
N PRO XA 133 9.82 -102.41 101.91
CA PRO XA 133 8.36 -102.52 102.12
C PRO XA 133 7.94 -102.50 103.58
N ASP XA 134 8.58 -101.61 104.35
CA ASP XA 134 8.27 -101.17 105.69
C ASP XA 134 9.01 -99.84 105.85
N LYS XA 135 9.27 -99.42 107.07
CA LYS XA 135 10.28 -98.40 107.22
C LYS XA 135 11.64 -99.04 107.49
N LEU XA 136 12.62 -98.17 107.68
CA LEU XA 136 13.90 -98.40 108.37
C LEU XA 136 14.76 -99.50 107.75
N PHE XA 137 14.61 -99.80 106.46
CA PHE XA 137 15.62 -100.55 105.73
C PHE XA 137 15.78 -100.03 104.31
N THR XA 138 15.83 -98.71 104.14
CA THR XA 138 15.95 -98.12 102.81
C THR XA 138 17.36 -98.27 102.28
N LEU XA 139 17.50 -98.95 101.14
CA LEU XA 139 18.79 -99.32 100.56
C LEU XA 139 19.16 -98.42 99.39
N ILE XA 140 20.37 -97.84 99.44
CA ILE XA 140 21.05 -97.33 98.26
C ILE XA 140 22.50 -97.76 98.33
N GLU XA 141 23.20 -97.61 97.21
CA GLU XA 141 24.65 -97.79 97.16
C GLU XA 141 25.28 -96.46 96.78
N VAL XA 142 26.51 -96.25 97.25
CA VAL XA 142 27.16 -94.96 97.24
C VAL XA 142 28.62 -95.11 96.83
N GLU XA 143 29.28 -93.96 96.74
CA GLU XA 143 30.66 -93.81 96.28
C GLU XA 143 31.59 -94.20 97.41
N CYS XA 144 32.87 -93.88 97.29
CA CYS XA 144 33.81 -94.32 98.30
C CYS XA 144 33.66 -93.54 99.60
N LEU XA 145 34.00 -94.23 100.68
CA LEU XA 145 34.02 -93.61 102.00
C LEU XA 145 35.43 -93.37 102.49
N GLY XA 146 36.32 -94.32 102.25
CA GLY XA 146 37.69 -94.15 102.67
C GLY XA 146 38.33 -95.41 103.21
N ALA XA 147 37.57 -96.48 103.34
CA ALA XA 147 38.14 -97.77 103.73
C ALA XA 147 38.36 -98.65 102.51
N CYS XA 148 39.12 -98.12 101.56
CA CYS XA 148 39.44 -98.89 100.35
C CYS XA 148 40.42 -100.02 100.63
N VAL XA 149 41.15 -99.98 101.75
CA VAL XA 149 41.94 -101.14 102.14
C VAL XA 149 41.06 -102.28 102.61
N ASN XA 150 39.81 -102.01 102.92
CA ASN XA 150 38.89 -103.03 103.37
C ASN XA 150 38.08 -103.61 102.21
N ALA XA 151 37.07 -104.39 102.55
CA ALA XA 151 36.20 -105.06 101.59
C ALA XA 151 35.12 -104.05 101.16
N PRO XA 152 34.17 -104.45 100.31
CA PRO XA 152 32.94 -103.63 100.16
C PRO XA 152 32.22 -103.38 101.47
N MET XA 153 31.82 -102.13 101.72
CA MET XA 153 31.40 -101.87 103.08
C MET XA 153 30.01 -101.27 103.12
N VAL XA 154 29.43 -101.25 104.32
CA VAL XA 154 28.06 -100.80 104.50
C VAL XA 154 28.04 -99.71 105.56
N GLN XA 155 27.57 -98.54 105.20
CA GLN XA 155 27.36 -97.47 106.16
C GLN XA 155 25.87 -97.42 106.51
N ILE XA 156 25.58 -97.46 107.80
CA ILE XA 156 24.22 -97.18 108.24
C ILE XA 156 24.38 -95.83 108.92
N ASN XA 157 23.27 -95.29 109.45
CA ASN XA 157 23.24 -93.94 109.99
C ASN XA 157 24.27 -93.73 111.09
N ASP XA 158 25.31 -92.96 110.74
CA ASP XA 158 26.45 -92.63 111.59
C ASP XA 158 27.21 -93.87 112.07
N ASN XA 159 27.16 -94.98 111.34
CA ASN XA 159 27.90 -96.15 111.80
C ASN XA 159 28.47 -96.91 110.62
N TYR XA 160 29.63 -97.51 110.86
CA TYR XA 160 30.34 -98.31 109.87
C TYR XA 160 30.04 -99.79 110.03
N TYR XA 161 30.22 -100.51 108.93
CA TYR XA 161 30.37 -101.95 108.93
C TYR XA 161 31.37 -102.25 107.83
N GLU XA 162 32.58 -102.62 108.22
CA GLU XA 162 33.67 -102.84 107.29
C GLU XA 162 33.99 -104.32 107.18
N ASP XA 163 34.69 -104.67 106.09
CA ASP XA 163 35.21 -106.02 105.83
C ASP XA 163 34.10 -107.07 105.77
N LEU XA 164 33.26 -106.93 104.75
CA LEU XA 164 32.09 -107.77 104.58
C LEU XA 164 32.28 -108.82 103.49
N THR XA 165 31.29 -109.73 103.42
CA THR XA 165 31.29 -111.01 102.74
C THR XA 165 29.87 -111.53 102.95
N PRO XA 166 29.35 -112.49 102.16
CA PRO XA 166 27.92 -112.86 102.29
C PRO XA 166 27.50 -113.42 103.64
N LYS XA 167 28.41 -114.06 104.38
CA LYS XA 167 28.02 -114.48 105.72
C LYS XA 167 27.90 -113.28 106.65
N ASP XA 168 28.75 -112.26 106.47
CA ASP XA 168 28.57 -111.01 107.19
C ASP XA 168 27.29 -110.29 106.77
N ILE XA 169 26.90 -110.45 105.50
CA ILE XA 169 25.64 -109.90 105.00
C ILE XA 169 24.46 -110.51 105.74
N GLU XA 170 24.46 -111.84 105.85
CA GLU XA 170 23.40 -112.53 106.57
C GLU XA 170 23.37 -112.13 108.04
N GLU XA 171 24.56 -111.97 108.62
CA GLU XA 171 24.69 -111.49 110.00
C GLU XA 171 24.03 -110.12 110.17
N ILE XA 172 24.42 -109.16 109.35
CA ILE XA 172 23.99 -107.79 109.56
C ILE XA 172 22.50 -107.63 109.25
N ILE XA 173 21.99 -108.38 108.26
CA ILE XA 173 20.56 -108.36 107.97
C ILE XA 173 19.74 -108.91 109.14
N ASP XA 174 20.10 -110.11 109.61
CA ASP XA 174 19.28 -110.75 110.63
C ASP XA 174 19.42 -110.04 111.97
N GLU XA 175 20.56 -109.41 112.23
CA GLU XA 175 20.78 -108.75 113.51
C GLU XA 175 20.31 -107.31 113.53
N LEU XA 176 20.19 -106.64 112.39
CA LEU XA 176 19.42 -105.41 112.39
C LEU XA 176 17.93 -105.69 112.34
N LYS XA 177 17.54 -106.91 111.96
CA LYS XA 177 16.20 -107.36 112.29
C LYS XA 177 16.09 -107.74 113.76
N ALA XA 178 17.21 -107.96 114.45
CA ALA XA 178 17.17 -108.22 115.89
C ALA XA 178 17.11 -106.96 116.73
N GLY XA 179 16.74 -105.81 116.17
CA GLY XA 179 16.53 -104.61 116.95
C GLY XA 179 17.79 -103.86 117.32
N LYS XA 180 18.68 -104.52 118.06
CA LYS XA 180 19.89 -103.90 118.58
C LYS XA 180 20.94 -103.73 117.48
N ILE XA 181 22.03 -103.08 117.84
CA ILE XA 181 23.16 -102.92 116.93
C ILE XA 181 24.12 -104.10 117.13
N PRO XA 182 24.77 -104.56 116.09
CA PRO XA 182 25.95 -105.41 116.27
C PRO XA 182 27.19 -104.55 116.46
N LYS XA 183 28.39 -105.13 116.45
CA LYS XA 183 29.51 -104.22 116.55
C LYS XA 183 29.86 -103.63 115.18
N PRO XA 184 30.38 -102.40 115.14
CA PRO XA 184 30.86 -101.84 113.88
C PRO XA 184 32.23 -102.36 113.45
N GLY XA 185 32.79 -103.33 114.16
CA GLY XA 185 34.15 -103.74 113.96
C GLY XA 185 34.40 -104.44 112.66
N PRO XA 186 35.66 -104.48 112.23
CA PRO XA 186 36.02 -105.21 111.00
C PRO XA 186 35.80 -106.70 111.15
N ARG XA 187 34.96 -107.25 110.30
CA ARG XA 187 34.45 -108.60 110.46
C ARG XA 187 35.30 -109.60 109.69
N SER XA 188 35.19 -110.86 110.10
CA SER XA 188 35.88 -112.02 109.50
C SER XA 188 37.40 -111.84 109.48
N GLY XA 189 37.98 -111.79 110.68
CA GLY XA 189 39.41 -111.63 110.83
C GLY XA 189 39.86 -110.19 110.66
N ARG XA 190 41.08 -109.93 111.12
CA ARG XA 190 41.80 -108.65 111.03
C ARG XA 190 40.94 -107.50 111.58
N PHE XA 191 40.83 -107.49 112.91
CA PHE XA 191 39.97 -106.65 113.76
C PHE XA 191 40.25 -105.09 113.64
N SER XA 192 41.17 -104.66 112.78
CA SER XA 192 41.27 -103.28 112.30
C SER XA 192 41.85 -103.33 110.89
N CYS XA 193 42.32 -102.19 110.39
CA CYS XA 193 43.13 -102.25 109.18
C CYS XA 193 44.48 -102.83 109.52
N GLU XA 194 44.64 -104.14 109.34
CA GLU XA 194 45.77 -104.86 109.91
C GLU XA 194 46.43 -105.75 108.87
N PRO XA 195 47.75 -105.75 108.78
CA PRO XA 195 48.42 -106.82 108.03
C PRO XA 195 48.26 -108.13 108.79
N ALA XA 196 47.36 -108.98 108.30
CA ALA XA 196 47.06 -110.24 108.95
C ALA XA 196 47.92 -111.38 108.43
N GLY XA 197 49.00 -111.08 107.72
CA GLY XA 197 49.84 -112.10 107.14
C GLY XA 197 51.25 -112.14 107.70
N GLY XA 198 52.23 -111.70 106.89
CA GLY XA 198 53.62 -111.84 107.28
C GLY XA 198 54.04 -110.86 108.36
N LEU XA 199 53.48 -109.65 108.32
CA LEU XA 199 53.55 -108.63 109.39
C LEU XA 199 55.01 -108.23 109.68
N THR XA 200 55.60 -107.60 108.67
CA THR XA 200 56.96 -107.08 108.74
C THR XA 200 57.01 -105.66 109.29
N SER XA 201 55.92 -105.16 109.85
CA SER XA 201 55.84 -103.78 110.32
C SER XA 201 56.48 -103.63 111.69
N LEU XA 202 56.21 -102.51 112.34
CA LEU XA 202 56.83 -102.14 113.61
C LEU XA 202 56.49 -103.11 114.73
N THR XA 203 57.51 -103.49 115.50
CA THR XA 203 57.35 -104.48 116.56
C THR XA 203 57.86 -103.99 117.90
N GLU XA 204 58.15 -102.71 118.06
CA GLU XA 204 58.70 -102.29 119.35
C GLU XA 204 57.71 -101.40 120.08
N PRO XA 205 57.46 -101.68 121.37
CA PRO XA 205 56.68 -100.77 122.19
C PRO XA 205 57.40 -99.45 122.32
N PRO XA 206 56.67 -98.33 122.48
CA PRO XA 206 57.20 -97.02 122.04
C PRO XA 206 58.41 -96.53 122.84
N LYS XA 207 59.12 -95.58 122.22
CA LYS XA 207 60.43 -95.20 122.72
C LYS XA 207 60.32 -94.40 124.01
N GLY XA 208 59.32 -93.55 124.12
CA GLY XA 208 59.23 -92.61 125.20
C GLY XA 208 59.59 -91.23 124.68
N PRO XA 209 59.33 -90.19 125.47
CA PRO XA 209 59.66 -88.84 124.98
C PRO XA 209 61.14 -88.56 124.97
N GLY XA 210 61.87 -89.03 125.97
CA GLY XA 210 63.25 -88.61 126.18
C GLY XA 210 64.30 -89.37 125.39
N PHE XA 211 64.11 -89.50 124.08
CA PHE XA 211 65.17 -89.94 123.20
C PHE XA 211 65.84 -88.71 122.61
N GLY XA 212 66.68 -88.92 121.58
CA GLY XA 212 67.42 -87.85 120.94
C GLY XA 212 66.58 -86.78 120.31
N VAL XA 213 66.58 -85.60 120.94
CA VAL XA 213 65.90 -84.43 120.43
C VAL XA 213 66.96 -83.37 120.15
N GLN XA 214 66.56 -82.19 119.70
CA GLN XA 214 67.55 -81.25 119.20
C GLN XA 214 67.14 -79.80 119.53
N ALA XA 215 68.17 -78.94 119.61
CA ALA XA 215 68.10 -77.48 119.76
C ALA XA 215 67.57 -77.04 121.11
N GLY XA 216 67.60 -77.92 122.11
CA GLY XA 216 67.16 -77.58 123.44
C GLY XA 216 68.11 -76.64 124.15
N SER YA 6 54.04 -42.73 85.11
CA SER YA 6 53.35 -42.57 86.38
C SER YA 6 52.23 -43.59 86.53
N ASN YA 7 52.61 -44.75 87.09
CA ASN YA 7 51.70 -45.85 87.45
C ASN YA 7 50.95 -46.39 86.24
N LEU YA 8 51.73 -46.88 85.28
CA LEU YA 8 51.20 -47.63 84.15
C LEU YA 8 52.09 -48.85 83.95
N ILE YA 9 51.55 -49.86 83.28
CA ILE YA 9 52.21 -51.15 83.13
C ILE YA 9 52.29 -51.47 81.64
N GLU YA 10 53.42 -52.04 81.20
CA GLU YA 10 53.57 -52.43 79.80
C GLU YA 10 52.94 -53.78 79.53
N VAL YA 11 52.08 -53.83 78.52
CA VAL YA 11 51.71 -55.12 77.96
C VAL YA 11 51.95 -55.08 76.46
N PHE YA 12 52.09 -56.26 75.90
CA PHE YA 12 52.20 -56.49 74.48
C PHE YA 12 50.98 -57.29 74.07
N VAL YA 13 50.10 -56.66 73.32
CA VAL YA 13 49.04 -57.36 72.60
C VAL YA 13 49.59 -57.64 71.21
N ASP YA 14 49.89 -58.91 70.93
CA ASP YA 14 50.59 -59.36 69.72
C ASP YA 14 51.88 -58.59 69.50
N GLY YA 15 52.60 -58.31 70.57
CA GLY YA 15 53.80 -57.54 70.50
C GLY YA 15 53.60 -56.05 70.67
N GLN YA 16 52.41 -55.51 70.38
CA GLN YA 16 52.23 -54.07 70.45
C GLN YA 16 52.11 -53.61 71.89
N SER YA 17 52.93 -52.64 72.26
CA SER YA 17 52.93 -52.13 73.62
C SER YA 17 51.74 -51.21 73.85
N VAL YA 18 51.14 -51.35 75.03
CA VAL YA 18 50.17 -50.37 75.50
C VAL YA 18 50.25 -50.34 77.02
N MET YA 19 49.79 -49.23 77.59
CA MET YA 19 49.98 -48.89 79.00
C MET YA 19 48.71 -49.15 79.80
N VAL YA 20 48.88 -49.67 81.00
CA VAL YA 20 47.80 -50.28 81.77
C VAL YA 20 47.73 -49.57 83.12
N GLU YA 21 46.52 -49.22 83.54
CA GLU YA 21 46.28 -48.85 84.93
C GLU YA 21 46.44 -50.09 85.81
N PRO YA 22 47.16 -50.01 86.93
CA PRO YA 22 47.49 -51.23 87.68
C PRO YA 22 46.27 -51.78 88.40
N GLY YA 23 46.06 -53.09 88.24
CA GLY YA 23 44.97 -53.79 88.88
C GLY YA 23 43.85 -54.19 87.96
N THR YA 24 43.94 -53.90 86.67
CA THR YA 24 42.86 -54.26 85.77
C THR YA 24 42.99 -55.71 85.33
N THR YA 25 42.00 -56.17 84.58
CA THR YA 25 42.06 -57.50 84.00
C THR YA 25 42.70 -57.40 82.62
N VAL YA 26 43.18 -58.56 82.15
CA VAL YA 26 43.78 -58.65 80.83
C VAL YA 26 42.72 -58.41 79.77
N LEU YA 27 41.49 -58.82 80.06
CA LEU YA 27 40.41 -58.69 79.09
C LEU YA 27 40.06 -57.23 78.85
N GLN YA 28 40.14 -56.40 79.88
CA GLN YA 28 39.89 -54.97 79.73
C GLN YA 28 40.95 -54.30 78.88
N ALA YA 29 42.21 -54.69 79.04
CA ALA YA 29 43.27 -54.11 78.21
C ALA YA 29 43.19 -54.59 76.77
N CYS YA 30 42.83 -55.86 76.57
CA CYS YA 30 42.75 -56.38 75.22
C CYS YA 30 41.55 -55.83 74.47
N GLU YA 31 40.47 -55.48 75.17
CA GLU YA 31 39.41 -54.74 74.51
C GLU YA 31 39.61 -53.24 74.59
N LYS YA 32 40.66 -52.78 75.27
CA LYS YA 32 41.11 -51.41 75.09
C LYS YA 32 41.83 -51.24 73.77
N VAL YA 33 42.70 -52.19 73.41
CA VAL YA 33 43.40 -52.04 72.14
C VAL YA 33 42.56 -52.42 70.93
N GLY YA 34 41.47 -53.16 71.12
CA GLY YA 34 40.60 -53.48 70.01
C GLY YA 34 40.20 -54.94 69.87
N MET YA 35 40.99 -55.83 70.45
CA MET YA 35 40.75 -57.27 70.35
C MET YA 35 39.55 -57.68 71.18
N GLN YA 36 38.43 -57.97 70.52
CA GLN YA 36 37.19 -58.34 71.19
C GLN YA 36 37.25 -59.84 71.52
N ILE YA 37 37.95 -60.15 72.59
CA ILE YA 37 38.11 -61.54 73.02
C ILE YA 37 36.76 -62.07 73.50
N PRO YA 38 36.30 -63.22 73.02
CA PRO YA 38 34.95 -63.66 73.30
C PRO YA 38 34.78 -64.13 74.74
N ARG YA 39 33.53 -64.14 75.18
CA ARG YA 39 33.22 -64.26 76.59
C ARG YA 39 31.77 -64.64 76.78
N PHE YA 40 31.49 -65.30 77.90
CA PHE YA 40 30.17 -65.83 78.21
C PHE YA 40 29.73 -65.61 79.64
N CYS YA 41 30.57 -65.08 80.51
CA CYS YA 41 30.15 -64.82 81.87
C CYS YA 41 30.70 -63.53 82.43
N TYR YA 42 31.82 -63.03 81.92
CA TYR YA 42 32.24 -61.69 82.24
C TYR YA 42 31.21 -60.71 81.72
N HIS YA 43 30.99 -59.65 82.48
CA HIS YA 43 30.03 -58.64 82.07
C HIS YA 43 30.40 -57.37 82.80
N GLU YA 44 30.51 -56.28 82.05
CA GLU YA 44 31.10 -55.05 82.58
C GLU YA 44 30.24 -54.46 83.69
N ARG YA 45 28.93 -54.59 83.59
CA ARG YA 45 28.02 -54.08 84.60
C ARG YA 45 27.74 -55.10 85.70
N LEU YA 46 28.60 -56.10 85.85
CA LEU YA 46 28.42 -57.14 86.85
C LEU YA 46 29.76 -57.45 87.50
N SER YA 47 29.71 -58.30 88.51
CA SER YA 47 30.95 -58.86 89.02
C SER YA 47 31.38 -60.01 88.13
N VAL YA 48 32.57 -60.53 88.40
CA VAL YA 48 33.22 -61.49 87.52
C VAL YA 48 33.15 -62.87 88.15
N ALA YA 49 32.49 -63.80 87.47
CA ALA YA 49 32.50 -65.19 87.86
C ALA YA 49 33.63 -65.89 87.11
N GLY YA 50 33.64 -67.22 87.09
CA GLY YA 50 34.66 -67.91 86.33
C GLY YA 50 34.13 -69.00 85.44
N ASN YA 51 32.90 -68.86 84.96
CA ASN YA 51 32.22 -69.96 84.30
C ASN YA 51 32.22 -69.90 82.78
N CYS YA 52 32.76 -68.83 82.17
CA CYS YA 52 32.58 -68.71 80.74
C CYS YA 52 33.50 -69.67 80.03
N ARG YA 53 34.77 -69.67 80.43
CA ARG YA 53 35.87 -70.50 79.98
C ARG YA 53 36.29 -70.20 78.54
N MET YA 54 35.53 -69.35 77.85
CA MET YA 54 35.91 -68.92 76.52
C MET YA 54 37.06 -67.92 76.57
N CYS YA 55 37.29 -67.30 77.71
CA CYS YA 55 38.25 -66.23 77.83
C CYS YA 55 39.70 -66.69 77.88
N LEU YA 56 39.96 -67.97 77.61
CA LEU YA 56 41.32 -68.46 77.69
C LEU YA 56 42.19 -67.87 76.59
N VAL YA 57 43.44 -67.60 76.94
CA VAL YA 57 44.41 -67.08 75.98
C VAL YA 57 45.79 -67.46 76.46
N GLU YA 58 46.64 -67.83 75.53
CA GLU YA 58 48.01 -68.18 75.86
C GLU YA 58 48.83 -66.91 76.02
N ILE YA 59 49.73 -66.94 76.99
CA ILE YA 59 50.77 -65.94 77.16
C ILE YA 59 52.09 -66.67 77.19
N GLU YA 60 53.10 -66.14 76.49
CA GLU YA 60 54.36 -66.86 76.29
C GLU YA 60 55.13 -67.03 77.60
N LYS YA 61 56.23 -67.80 77.48
CA LYS YA 61 57.11 -68.18 78.59
C LYS YA 61 56.33 -68.88 79.71
N ALA YA 62 55.32 -69.65 79.34
CA ALA YA 62 54.45 -70.25 80.31
C ALA YA 62 54.10 -71.65 79.83
N PRO YA 63 54.03 -72.62 80.74
CA PRO YA 63 53.59 -73.95 80.32
C PRO YA 63 52.11 -74.04 80.00
N LYS YA 64 51.26 -73.32 80.73
CA LYS YA 64 49.82 -73.46 80.54
C LYS YA 64 49.14 -72.12 80.26
N VAL YA 65 47.86 -72.24 79.94
CA VAL YA 65 47.05 -71.13 79.46
C VAL YA 65 46.20 -70.62 80.61
N VAL YA 66 46.28 -69.33 80.86
CA VAL YA 66 45.51 -68.71 81.93
C VAL YA 66 44.20 -68.18 81.37
N ALA YA 67 43.28 -67.89 82.28
CA ALA YA 67 42.03 -67.21 81.93
C ALA YA 67 42.29 -65.72 81.89
N ALA YA 68 41.76 -65.06 80.88
CA ALA YA 68 41.95 -63.61 80.79
C ALA YA 68 40.85 -62.83 81.46
N CYS YA 69 39.91 -63.52 82.09
CA CYS YA 69 38.78 -62.80 82.69
C CYS YA 69 39.19 -62.14 84.00
N ALA YA 70 39.81 -62.90 84.88
CA ALA YA 70 40.13 -62.37 86.20
C ALA YA 70 41.62 -62.49 86.49
N MET YA 71 42.44 -62.09 85.53
CA MET YA 71 43.88 -62.09 85.69
C MET YA 71 44.36 -60.66 85.83
N PRO YA 72 44.92 -60.27 86.98
CA PRO YA 72 45.49 -58.93 87.09
C PRO YA 72 46.74 -58.83 86.22
N VAL YA 73 47.01 -57.60 85.80
CA VAL YA 73 48.04 -57.35 84.81
C VAL YA 73 49.38 -57.36 85.54
N MET YA 74 50.14 -58.43 85.37
CA MET YA 74 51.53 -58.43 85.82
C MET YA 74 52.36 -57.55 84.89
N LYS YA 75 53.58 -57.26 85.34
CA LYS YA 75 54.43 -56.31 84.65
C LYS YA 75 55.03 -56.93 83.41
N GLY YA 76 54.90 -56.23 82.29
CA GLY YA 76 55.50 -56.65 81.04
C GLY YA 76 54.86 -57.89 80.46
N TRP YA 77 53.57 -57.80 80.11
CA TRP YA 77 53.01 -58.99 79.48
C TRP YA 77 53.37 -59.06 78.00
N ASN YA 78 53.21 -60.26 77.45
CA ASN YA 78 53.20 -60.44 75.99
C ASN YA 78 52.25 -61.58 75.71
N ILE YA 79 51.07 -61.24 75.19
CA ILE YA 79 49.94 -62.16 75.07
C ILE YA 79 49.94 -62.75 73.66
N LEU YA 80 49.58 -64.02 73.54
CA LEU YA 80 49.36 -64.63 72.24
C LEU YA 80 47.86 -64.75 72.03
N THR YA 81 47.27 -63.70 71.48
CA THR YA 81 45.83 -63.74 71.25
C THR YA 81 45.44 -64.60 70.06
N ASN YA 82 46.40 -64.94 69.20
CA ASN YA 82 46.08 -65.66 67.98
C ASN YA 82 47.10 -66.77 67.74
N SER YA 83 47.42 -67.52 68.78
CA SER YA 83 48.38 -68.60 68.67
C SER YA 83 47.69 -69.84 68.13
N GLU YA 84 48.40 -70.97 68.13
CA GLU YA 84 47.75 -72.23 67.79
C GLU YA 84 46.83 -72.67 68.92
N LYS YA 85 47.38 -72.80 70.12
CA LYS YA 85 46.61 -73.41 71.19
C LYS YA 85 45.57 -72.46 71.77
N THR YA 86 45.65 -71.16 71.48
CA THR YA 86 44.52 -70.28 71.78
C THR YA 86 43.30 -70.71 70.98
N LYS YA 87 43.45 -70.82 69.66
CA LYS YA 87 42.33 -71.23 68.83
C LYS YA 87 41.95 -72.67 69.08
N LYS YA 88 42.91 -73.52 69.47
CA LYS YA 88 42.58 -74.90 69.81
C LYS YA 88 41.78 -74.98 71.11
N ALA YA 89 42.12 -74.15 72.09
CA ALA YA 89 41.36 -74.12 73.33
C ALA YA 89 39.95 -73.58 73.09
N ARG YA 90 39.83 -72.56 72.24
CA ARG YA 90 38.50 -72.03 71.94
C ARG YA 90 37.66 -73.04 71.18
N GLU YA 91 38.27 -73.77 70.23
CA GLU YA 91 37.55 -74.81 69.53
C GLU YA 91 37.14 -75.93 70.47
N GLY YA 92 37.98 -76.23 71.45
CA GLY YA 92 37.62 -77.16 72.51
C GLY YA 92 36.38 -76.73 73.27
N VAL YA 93 36.41 -75.54 73.87
CA VAL YA 93 35.33 -75.08 74.72
C VAL YA 93 34.04 -74.91 73.94
N MET YA 94 34.15 -74.40 72.71
CA MET YA 94 32.97 -74.24 71.87
C MET YA 94 32.41 -75.58 71.42
N GLU YA 95 33.26 -76.60 71.25
CA GLU YA 95 32.69 -77.91 70.97
C GLU YA 95 32.01 -78.48 72.20
N PHE YA 96 32.49 -78.12 73.39
CA PHE YA 96 31.84 -78.62 74.60
C PHE YA 96 30.46 -78.01 74.81
N LEU YA 97 30.32 -76.70 74.53
CA LEU YA 97 29.06 -76.02 74.85
C LEU YA 97 27.90 -76.50 74.00
N LEU YA 98 28.16 -76.95 72.78
CA LEU YA 98 27.10 -77.29 71.87
C LEU YA 98 26.63 -78.72 72.03
N ALA YA 99 26.99 -79.37 73.13
CA ALA YA 99 26.46 -80.71 73.38
C ALA YA 99 25.07 -80.62 74.00
N ASN YA 100 24.98 -80.07 75.19
CA ASN YA 100 23.71 -80.02 75.90
C ASN YA 100 22.99 -78.69 75.72
N HIS YA 101 22.86 -78.27 74.46
CA HIS YA 101 22.05 -77.12 74.07
C HIS YA 101 21.33 -77.55 72.82
N PRO YA 102 20.10 -78.03 72.93
CA PRO YA 102 19.49 -78.78 71.83
C PRO YA 102 19.05 -77.94 70.65
N LEU YA 103 18.46 -78.60 69.67
CA LEU YA 103 18.26 -78.08 68.33
C LEU YA 103 17.04 -77.15 68.25
N ASP YA 104 17.04 -76.10 69.04
CA ASP YA 104 15.89 -75.22 69.04
C ASP YA 104 16.18 -73.88 68.41
N CYS YA 105 17.17 -73.80 67.56
CA CYS YA 105 17.52 -72.56 66.90
C CYS YA 105 16.48 -72.01 65.93
N PRO YA 106 15.61 -72.81 65.30
CA PRO YA 106 14.44 -72.17 64.69
C PRO YA 106 13.47 -71.58 65.69
N ILE YA 107 13.08 -72.35 66.71
CA ILE YA 107 12.04 -71.94 67.64
C ILE YA 107 12.57 -71.15 68.81
N CYS YA 108 13.80 -70.68 68.71
CA CYS YA 108 14.33 -69.82 69.73
C CYS YA 108 13.67 -68.45 69.67
N ASP YA 109 13.96 -67.64 70.66
CA ASP YA 109 13.45 -66.28 70.65
C ASP YA 109 14.55 -65.26 70.49
N GLN YA 110 15.78 -65.63 70.87
CA GLN YA 110 16.98 -64.92 70.52
C GLN YA 110 17.63 -65.54 69.30
N GLY YA 111 16.79 -66.00 68.37
CA GLY YA 111 17.29 -66.68 67.18
C GLY YA 111 18.15 -65.80 66.31
N GLY YA 112 17.84 -64.52 66.22
CA GLY YA 112 18.70 -63.65 65.46
C GLY YA 112 19.88 -63.17 66.28
N GLU YA 113 19.76 -63.27 67.60
CA GLU YA 113 20.65 -62.57 68.52
C GLU YA 113 21.12 -63.48 69.64
N CYS YA 114 21.64 -64.64 69.28
CA CYS YA 114 22.21 -65.53 70.27
C CYS YA 114 23.61 -65.07 70.62
N ASP YA 115 24.35 -65.90 71.33
CA ASP YA 115 25.79 -65.76 71.33
C ASP YA 115 26.51 -67.04 70.95
N LEU YA 116 25.90 -68.19 71.22
CA LEU YA 116 26.44 -69.44 70.70
C LEU YA 116 26.46 -69.43 69.19
N GLN YA 117 25.46 -68.81 68.56
CA GLN YA 117 25.41 -68.69 67.11
C GLN YA 117 26.62 -67.95 66.57
N ASP YA 118 26.78 -66.69 66.99
CA ASP YA 118 27.81 -65.85 66.40
C ASP YA 118 29.19 -66.35 66.76
N GLN YA 119 29.39 -66.76 68.00
CA GLN YA 119 30.72 -67.15 68.39
C GLN YA 119 31.04 -68.57 67.94
N SER YA 120 30.05 -69.39 67.65
CA SER YA 120 30.36 -70.69 67.09
C SER YA 120 30.58 -70.62 65.60
N MET YA 121 30.00 -69.62 64.94
CA MET YA 121 30.37 -69.41 63.55
C MET YA 121 31.76 -68.81 63.43
N MET YA 122 32.13 -67.94 64.36
CA MET YA 122 33.39 -67.23 64.19
C MET YA 122 34.54 -67.86 64.94
N PHE YA 123 34.31 -68.87 65.76
CA PHE YA 123 35.40 -69.48 66.50
C PHE YA 123 35.37 -70.99 66.54
N GLY YA 124 34.23 -71.63 66.33
CA GLY YA 124 34.05 -73.01 66.69
C GLY YA 124 34.51 -73.98 65.64
N SER YA 125 33.79 -75.10 65.55
CA SER YA 125 34.14 -76.19 64.65
C SER YA 125 33.11 -76.29 63.55
N ASP YA 126 33.56 -76.64 62.35
CA ASP YA 126 32.67 -76.78 61.22
C ASP YA 126 31.82 -78.03 61.33
N ARG YA 127 32.42 -79.14 61.70
CA ARG YA 127 31.73 -80.38 61.95
C ARG YA 127 31.70 -80.63 63.45
N SER YA 128 30.67 -81.31 63.91
CA SER YA 128 30.60 -81.72 65.29
C SER YA 128 30.72 -83.23 65.40
N ARG YA 129 30.56 -83.72 66.62
CA ARG YA 129 30.73 -85.13 66.96
C ARG YA 129 29.58 -85.48 67.89
N PHE YA 130 29.71 -86.61 68.62
CA PHE YA 130 28.88 -86.90 69.79
C PHE YA 130 27.38 -87.05 69.52
N LEU YA 131 27.01 -88.22 68.97
CA LEU YA 131 25.62 -88.49 68.61
C LEU YA 131 24.66 -88.40 69.80
N GLU YA 132 24.89 -89.21 70.86
CA GLU YA 132 23.91 -89.33 71.93
C GLU YA 132 23.95 -88.14 72.88
N GLY YA 133 23.36 -88.34 74.05
CA GLY YA 133 23.44 -87.35 75.10
C GLY YA 133 22.29 -86.38 75.00
N LYS YA 134 22.62 -85.09 75.05
CA LYS YA 134 21.71 -83.96 74.88
C LYS YA 134 20.55 -84.05 75.88
N ARG YA 135 20.94 -83.95 77.14
CA ARG YA 135 20.03 -84.12 78.27
C ARG YA 135 18.97 -83.03 78.28
N ALA YA 136 17.86 -83.31 78.96
CA ALA YA 136 16.72 -82.42 78.95
C ALA YA 136 16.32 -82.07 80.37
N VAL YA 137 15.73 -80.90 80.52
CA VAL YA 137 15.29 -80.39 81.81
C VAL YA 137 13.85 -79.94 81.66
N GLU YA 138 13.00 -80.29 82.63
CA GLU YA 138 11.66 -79.75 82.69
C GLU YA 138 11.73 -78.26 82.97
N ASP YA 139 11.01 -77.47 82.19
CA ASP YA 139 11.03 -76.04 82.38
C ASP YA 139 10.28 -75.64 83.65
N LYS YA 140 10.84 -74.69 84.38
CA LYS YA 140 10.20 -74.22 85.59
C LYS YA 140 9.24 -73.08 85.26
N ASN YA 141 8.66 -72.49 86.29
CA ASN YA 141 7.97 -71.23 86.14
C ASN YA 141 8.62 -70.19 87.02
N ILE YA 142 8.58 -68.94 86.58
CA ILE YA 142 9.09 -67.80 87.33
C ILE YA 142 8.00 -66.76 87.56
N GLY YA 143 7.32 -66.37 86.49
CA GLY YA 143 6.20 -65.47 86.59
C GLY YA 143 5.62 -65.29 85.20
N PRO YA 144 4.37 -64.79 85.11
CA PRO YA 144 3.74 -64.62 83.81
C PRO YA 144 4.27 -63.42 83.00
N LEU YA 145 5.39 -62.84 83.42
CA LEU YA 145 6.11 -61.86 82.64
C LEU YA 145 7.33 -62.42 81.95
N VAL YA 146 7.92 -63.49 82.49
CA VAL YA 146 9.12 -64.08 81.94
C VAL YA 146 8.84 -65.53 81.60
N LYS YA 147 8.99 -65.88 80.31
CA LYS YA 147 8.95 -67.26 79.90
C LYS YA 147 10.32 -67.88 80.09
N THR YA 148 10.33 -69.11 80.59
CA THR YA 148 11.55 -69.75 81.07
C THR YA 148 11.66 -71.13 80.47
N ILE YA 149 12.63 -71.31 79.58
CA ILE YA 149 12.96 -72.63 79.07
C ILE YA 149 14.39 -72.92 79.50
N MET YA 150 14.55 -73.68 80.57
CA MET YA 150 15.87 -73.98 81.08
C MET YA 150 16.47 -75.22 80.47
N THR YA 151 16.03 -75.59 79.28
CA THR YA 151 16.79 -76.59 78.55
C THR YA 151 17.93 -75.95 77.79
N ARG YA 152 17.69 -74.76 77.24
CA ARG YA 152 18.69 -74.02 76.49
C ARG YA 152 19.70 -73.29 77.36
N CYS YA 153 19.58 -73.36 78.69
CA CYS YA 153 20.52 -72.68 79.57
C CYS YA 153 21.89 -73.33 79.55
N ILE YA 154 22.93 -72.51 79.63
CA ILE YA 154 24.30 -73.00 79.64
C ILE YA 154 24.94 -72.85 81.01
N GLN YA 155 24.14 -72.54 82.03
CA GLN YA 155 24.56 -72.55 83.44
C GLN YA 155 25.66 -71.53 83.68
N CYS YA 156 25.57 -70.40 82.99
CA CYS YA 156 26.71 -69.51 82.93
C CYS YA 156 26.81 -68.59 84.12
N THR YA 157 25.80 -68.60 85.01
CA THR YA 157 25.79 -67.89 86.29
C THR YA 157 25.92 -66.39 86.06
N ARG YA 158 24.98 -65.86 85.31
CA ARG YA 158 24.94 -64.44 85.04
C ARG YA 158 23.65 -63.81 85.55
N CYS YA 159 22.55 -64.53 85.41
CA CYS YA 159 21.30 -64.13 86.03
C CYS YA 159 21.41 -64.06 87.54
N ILE YA 160 22.20 -64.96 88.13
CA ILE YA 160 22.29 -65.06 89.58
C ILE YA 160 23.01 -63.86 90.16
N ARG YA 161 24.07 -63.41 89.49
CA ARG YA 161 24.83 -62.27 89.97
C ARG YA 161 24.01 -61.00 89.85
N PHE YA 162 23.22 -60.90 88.79
CA PHE YA 162 22.32 -59.76 88.64
C PHE YA 162 21.24 -59.75 89.72
N ALA YA 163 20.67 -60.91 90.03
CA ALA YA 163 19.70 -61.01 91.11
C ALA YA 163 20.31 -60.60 92.44
N SER YA 164 21.35 -61.31 92.88
CA SER YA 164 21.98 -61.09 94.18
C SER YA 164 22.80 -59.80 94.27
N GLU YA 165 22.91 -59.01 93.21
CA GLU YA 165 23.47 -57.68 93.35
C GLU YA 165 22.43 -56.57 93.18
N ILE YA 166 21.77 -56.51 92.04
CA ILE YA 166 20.89 -55.37 91.83
C ILE YA 166 19.49 -55.66 92.38
N ALA YA 167 19.02 -56.90 92.23
CA ALA YA 167 17.74 -57.22 92.86
C ALA YA 167 17.92 -57.52 94.34
N GLY YA 168 18.91 -58.33 94.68
CA GLY YA 168 19.12 -58.80 96.03
C GLY YA 168 18.04 -59.70 96.58
N VAL YA 169 17.14 -60.18 95.72
CA VAL YA 169 15.95 -60.87 96.18
C VAL YA 169 16.27 -62.32 96.51
N ASP YA 170 17.29 -62.87 95.86
CA ASP YA 170 17.82 -64.22 96.10
C ASP YA 170 16.75 -65.28 95.91
N ASP YA 171 16.33 -65.40 94.66
CA ASP YA 171 15.40 -66.44 94.27
C ASP YA 171 16.01 -67.47 93.34
N LEU YA 172 17.01 -67.09 92.57
CA LEU YA 172 17.60 -68.00 91.61
C LEU YA 172 18.74 -68.75 92.28
N GLY YA 173 18.78 -70.05 92.03
CA GLY YA 173 19.80 -70.87 92.66
C GLY YA 173 20.27 -71.97 91.74
N THR YA 174 21.56 -72.29 91.86
CA THR YA 174 22.14 -73.46 91.20
C THR YA 174 21.93 -74.68 92.08
N THR YA 175 21.19 -75.64 91.57
CA THR YA 175 20.85 -76.85 92.31
C THR YA 175 21.34 -78.05 91.52
N GLY YA 176 22.16 -78.88 92.15
CA GLY YA 176 22.60 -80.11 91.55
C GLY YA 176 24.09 -80.09 91.25
N ARG YA 177 24.54 -81.20 90.67
CA ARG YA 177 25.96 -81.41 90.43
C ARG YA 177 26.13 -82.14 89.10
N GLY YA 178 27.39 -82.37 88.75
CA GLY YA 178 27.72 -83.10 87.53
C GLY YA 178 27.28 -82.31 86.32
N ASN YA 179 26.51 -82.96 85.47
CA ASN YA 179 25.84 -82.24 84.41
C ASN YA 179 24.59 -81.55 84.91
N ASP YA 180 23.86 -82.21 85.82
CA ASP YA 180 22.51 -81.79 86.15
C ASP YA 180 22.57 -80.66 87.15
N MET YA 181 22.31 -79.45 86.68
CA MET YA 181 22.48 -78.28 87.53
C MET YA 181 21.44 -77.25 87.08
N GLN YA 182 20.29 -77.29 87.70
CA GLN YA 182 19.23 -76.35 87.36
C GLN YA 182 19.57 -74.96 87.88
N VAL YA 183 19.33 -73.97 87.05
CA VAL YA 183 19.28 -72.58 87.46
C VAL YA 183 17.80 -72.28 87.65
N GLY YA 184 17.34 -72.21 88.89
CA GLY YA 184 15.93 -71.98 89.05
C GLY YA 184 15.54 -71.69 90.47
N THR YA 185 14.24 -71.57 90.68
CA THR YA 185 13.65 -71.42 92.00
C THR YA 185 13.25 -72.79 92.52
N TYR YA 186 13.78 -73.15 93.69
CA TYR YA 186 13.61 -74.49 94.21
C TYR YA 186 12.17 -74.75 94.67
N ILE YA 187 11.41 -73.70 94.98
CA ILE YA 187 10.15 -73.85 95.69
C ILE YA 187 8.96 -73.37 94.88
N GLU YA 188 9.18 -73.04 93.61
CA GLU YA 188 8.16 -72.50 92.70
C GLU YA 188 7.50 -71.24 93.27
N LYS YA 189 8.35 -70.33 93.72
CA LYS YA 189 7.93 -69.03 94.21
C LYS YA 189 8.04 -68.00 93.08
N MET YA 190 7.01 -67.16 92.97
CA MET YA 190 6.92 -66.17 91.91
C MET YA 190 7.97 -65.08 92.12
N PHE YA 191 9.03 -65.09 91.30
CA PHE YA 191 9.91 -63.94 91.25
C PHE YA 191 9.22 -62.81 90.52
N MET YA 192 8.45 -62.01 91.26
CA MET YA 192 7.65 -60.92 90.71
C MET YA 192 7.98 -59.70 91.54
N SER YA 193 9.03 -58.99 91.17
CA SER YA 193 9.40 -57.77 91.86
C SER YA 193 9.89 -56.77 90.81
N GLU YA 194 10.50 -55.69 91.26
CA GLU YA 194 11.00 -54.71 90.30
C GLU YA 194 12.24 -55.24 89.62
N LEU YA 195 12.45 -54.77 88.40
CA LEU YA 195 13.58 -55.13 87.53
C LEU YA 195 13.60 -56.62 87.19
N SER YA 196 12.46 -57.30 87.35
CA SER YA 196 12.36 -58.67 86.89
C SER YA 196 12.31 -58.74 85.38
N GLY YA 197 11.89 -57.66 84.74
CA GLY YA 197 11.95 -57.57 83.29
C GLY YA 197 13.32 -57.25 82.75
N ASN YA 198 14.26 -56.86 83.61
CA ASN YA 198 15.60 -56.53 83.15
C ASN YA 198 16.51 -57.73 83.05
N ILE YA 199 16.04 -58.91 83.43
CA ILE YA 199 16.90 -60.07 83.34
C ILE YA 199 16.93 -60.64 81.94
N ILE YA 200 15.97 -60.28 81.09
CA ILE YA 200 15.87 -60.97 79.83
C ILE YA 200 16.84 -60.43 78.79
N ASP YA 201 17.38 -59.23 78.99
CA ASP YA 201 18.42 -58.73 78.11
C ASP YA 201 19.80 -59.17 78.56
N ILE YA 202 19.87 -60.11 79.50
CA ILE YA 202 21.10 -60.47 80.17
C ILE YA 202 21.44 -61.94 79.99
N CYS YA 203 20.44 -62.81 80.12
CA CYS YA 203 20.60 -64.22 79.82
C CYS YA 203 20.98 -64.37 78.36
N PRO YA 204 22.21 -64.77 78.07
CA PRO YA 204 22.74 -64.59 76.72
C PRO YA 204 22.27 -65.65 75.75
N VAL YA 205 21.57 -66.66 76.23
CA VAL YA 205 21.01 -67.65 75.34
C VAL YA 205 19.51 -67.45 75.39
N GLY YA 206 18.76 -68.25 74.64
CA GLY YA 206 17.33 -68.08 74.65
C GLY YA 206 16.66 -68.86 75.77
N ALA YA 207 17.23 -68.86 76.96
CA ALA YA 207 16.63 -69.54 78.09
C ALA YA 207 15.60 -68.66 78.76
N LEU YA 208 15.98 -67.46 79.15
CA LEU YA 208 15.05 -66.49 79.69
C LEU YA 208 14.55 -65.61 78.56
N THR YA 209 13.25 -65.40 78.49
CA THR YA 209 12.70 -64.60 77.41
C THR YA 209 11.43 -63.91 77.87
N SER YA 210 11.00 -62.94 77.07
CA SER YA 210 9.78 -62.19 77.38
C SER YA 210 8.56 -63.05 77.13
N LYS YA 211 7.55 -62.89 77.97
CA LYS YA 211 6.31 -63.65 77.82
C LYS YA 211 5.35 -63.11 76.75
N PRO YA 212 5.01 -61.79 76.66
CA PRO YA 212 4.05 -61.42 75.62
C PRO YA 212 4.68 -61.33 74.24
N TYR YA 213 5.95 -60.97 74.19
CA TYR YA 213 6.68 -60.89 72.93
C TYR YA 213 6.99 -62.25 72.35
N ALA YA 214 6.92 -63.30 73.19
CA ALA YA 214 7.65 -64.57 73.08
C ALA YA 214 7.79 -65.16 71.68
N PHE YA 215 6.73 -65.17 70.90
CA PHE YA 215 6.78 -65.87 69.64
C PHE YA 215 6.24 -65.00 68.52
N THR YA 216 6.68 -63.76 68.42
CA THR YA 216 6.11 -62.87 67.43
C THR YA 216 7.04 -62.55 66.28
N ALA YA 217 8.27 -62.10 66.53
CA ALA YA 217 9.08 -61.58 65.44
C ALA YA 217 10.54 -61.94 65.65
N ARG YA 218 11.40 -61.31 64.88
CA ARG YA 218 12.77 -61.70 64.71
C ARG YA 218 13.56 -60.42 64.53
N PRO YA 219 14.80 -60.36 65.01
CA PRO YA 219 15.52 -59.08 65.00
C PRO YA 219 15.87 -58.55 63.63
N TRP YA 220 16.06 -59.38 62.60
CA TRP YA 220 16.50 -58.82 61.32
C TRP YA 220 15.39 -58.05 60.62
N GLU YA 221 14.13 -58.45 60.81
CA GLU YA 221 13.04 -57.78 60.09
C GLU YA 221 12.74 -56.42 60.68
N THR YA 222 13.08 -56.20 61.93
CA THR YA 222 12.78 -54.93 62.57
C THR YA 222 13.78 -53.87 62.13
N ARG YA 223 13.65 -52.69 62.72
CA ARG YA 223 14.70 -51.70 62.63
C ARG YA 223 14.73 -50.89 63.93
N LYS YA 224 15.92 -50.41 64.25
CA LYS YA 224 16.12 -49.65 65.47
C LYS YA 224 15.67 -48.21 65.28
N THR YA 225 15.16 -47.60 66.34
CA THR YA 225 14.95 -46.16 66.34
C THR YA 225 15.19 -45.58 67.73
N GLU YA 226 16.05 -44.54 67.77
CA GLU YA 226 16.36 -43.75 68.95
C GLU YA 226 15.11 -43.17 69.59
N SER YA 227 15.04 -43.21 70.92
CA SER YA 227 13.81 -42.83 71.62
C SER YA 227 14.10 -42.59 73.09
N ILE YA 228 13.14 -41.97 73.75
CA ILE YA 228 13.25 -41.54 75.12
C ILE YA 228 12.16 -42.22 75.94
N ASP YA 229 12.53 -42.71 77.12
CA ASP YA 229 11.55 -43.25 78.03
C ASP YA 229 10.66 -42.14 78.58
N VAL YA 230 9.44 -42.52 78.94
CA VAL YA 230 8.49 -41.62 79.58
C VAL YA 230 8.05 -42.27 80.88
N MET YA 231 7.05 -41.67 81.54
CA MET YA 231 6.37 -42.22 82.72
C MET YA 231 7.25 -42.37 83.95
N ASP YA 232 8.50 -41.90 83.87
CA ASP YA 232 9.48 -42.03 84.93
C ASP YA 232 10.48 -40.90 84.82
N ALA YA 233 11.03 -40.51 85.96
CA ALA YA 233 11.86 -39.32 86.05
C ALA YA 233 13.26 -39.52 85.49
N VAL YA 234 13.65 -40.73 85.11
CA VAL YA 234 14.99 -40.94 84.61
C VAL YA 234 15.04 -40.82 83.09
N GLY YA 235 14.16 -41.48 82.36
CA GLY YA 235 14.27 -41.48 80.92
C GLY YA 235 15.44 -42.28 80.38
N SER YA 236 15.37 -43.61 80.50
CA SER YA 236 16.40 -44.48 79.96
C SER YA 236 16.41 -44.42 78.44
N ASN YA 237 17.56 -44.66 77.81
CA ASN YA 237 17.61 -44.33 76.40
C ASN YA 237 17.07 -45.54 75.63
N ILE YA 238 15.85 -45.43 75.10
CA ILE YA 238 15.14 -46.61 74.63
C ILE YA 238 15.12 -46.62 73.11
N VAL YA 239 15.36 -47.79 72.55
CA VAL YA 239 15.21 -48.01 71.13
C VAL YA 239 13.89 -48.73 70.91
N VAL YA 240 13.03 -48.12 70.11
CA VAL YA 240 11.87 -48.84 69.62
C VAL YA 240 12.37 -49.71 68.47
N SER YA 241 12.36 -51.02 68.69
CA SER YA 241 12.49 -52.00 67.63
C SER YA 241 11.15 -52.07 66.94
N THR YA 242 11.09 -51.54 65.73
CA THR YA 242 9.85 -51.29 65.02
C THR YA 242 9.73 -52.22 63.82
N ARG YA 243 8.49 -52.52 63.47
CA ARG YA 243 8.24 -53.48 62.41
C ARG YA 243 6.81 -53.29 61.92
N THR YA 244 6.67 -53.26 60.59
CA THR YA 244 5.44 -53.40 59.77
C THR YA 244 4.33 -52.43 60.18
N GLY YA 245 4.59 -51.14 59.92
CA GLY YA 245 3.61 -50.09 60.19
C GLY YA 245 3.30 -49.94 61.66
N GLU YA 246 4.19 -50.46 62.49
CA GLU YA 246 3.93 -50.81 63.89
C GLU YA 246 5.27 -50.93 64.59
N VAL YA 247 5.32 -51.77 65.60
CA VAL YA 247 6.33 -51.75 66.65
C VAL YA 247 6.91 -53.14 66.48
N MET YA 248 7.83 -53.55 67.33
CA MET YA 248 7.67 -54.84 67.99
C MET YA 248 7.87 -54.67 69.48
N ARG YA 249 8.97 -54.03 69.86
CA ARG YA 249 9.31 -53.98 71.27
C ARG YA 249 10.27 -52.82 71.50
N ILE YA 250 10.72 -52.67 72.75
CA ILE YA 250 11.65 -51.63 73.11
C ILE YA 250 12.79 -52.26 73.88
N LEU YA 251 13.94 -51.59 73.84
CA LEU YA 251 15.15 -52.06 74.51
C LEU YA 251 15.90 -50.89 75.14
N PRO YA 252 16.56 -51.12 76.26
CA PRO YA 252 17.29 -50.04 76.91
C PRO YA 252 18.72 -49.91 76.38
N ARG YA 253 19.26 -48.71 76.56
CA ARG YA 253 20.69 -48.48 76.37
C ARG YA 253 21.09 -47.27 77.20
N MET YA 254 22.42 -47.08 77.20
CA MET YA 254 23.18 -46.40 78.22
C MET YA 254 23.39 -44.95 77.86
N HIS YA 255 22.75 -44.06 78.58
CA HIS YA 255 23.32 -42.74 78.70
C HIS YA 255 24.45 -42.84 79.71
N GLU YA 256 25.43 -41.93 79.59
CA GLU YA 256 26.62 -42.00 80.43
C GLU YA 256 26.28 -41.87 81.90
N ASP YA 257 25.41 -40.92 82.23
CA ASP YA 257 24.98 -40.76 83.61
C ASP YA 257 24.01 -41.86 84.00
N ILE YA 258 22.92 -41.98 83.28
CA ILE YA 258 21.74 -42.68 83.75
C ILE YA 258 21.57 -43.99 83.01
N ASN YA 259 21.04 -44.98 83.73
CA ASN YA 259 20.44 -46.20 83.17
C ASN YA 259 21.45 -47.00 82.36
N GLU YA 260 22.40 -47.56 83.13
CA GLU YA 260 23.53 -48.32 82.61
C GLU YA 260 23.13 -49.37 81.58
N GLU YA 261 22.29 -50.31 81.96
CA GLU YA 261 21.71 -51.20 80.98
C GLU YA 261 20.24 -51.47 81.24
N TRP YA 262 19.61 -50.70 82.10
CA TRP YA 262 18.42 -51.21 82.75
C TRP YA 262 17.22 -50.37 82.38
N ILE YA 263 16.06 -51.00 82.49
CA ILE YA 263 14.81 -50.33 82.15
C ILE YA 263 13.79 -50.69 83.23
N SER YA 264 12.78 -49.84 83.36
CA SER YA 264 11.66 -50.22 84.20
C SER YA 264 10.94 -51.40 83.56
N ASP YA 265 10.60 -52.38 84.39
CA ASP YA 265 9.80 -53.52 83.96
C ASP YA 265 8.48 -53.05 83.37
N LYS YA 266 7.88 -52.05 84.02
CA LYS YA 266 6.68 -51.38 83.53
C LYS YA 266 6.91 -50.76 82.16
N THR YA 267 8.06 -50.09 81.98
CA THR YA 267 8.37 -49.49 80.70
C THR YA 267 8.50 -50.55 79.62
N ARG YA 268 9.26 -51.61 79.92
CA ARG YA 268 9.52 -52.68 78.96
C ARG YA 268 8.25 -53.35 78.50
N PHE YA 269 7.32 -53.59 79.42
CA PHE YA 269 6.09 -54.27 79.06
C PHE YA 269 4.92 -53.29 78.92
N ALA YA 270 5.19 -52.02 78.67
CA ALA YA 270 4.15 -51.01 78.52
C ALA YA 270 4.00 -50.51 77.09
N TYR YA 271 4.05 -51.42 76.10
CA TYR YA 271 3.78 -51.04 74.72
C TYR YA 271 2.47 -51.60 74.17
N ASP YA 272 1.97 -52.70 74.73
CA ASP YA 272 0.68 -53.22 74.30
C ASP YA 272 -0.43 -52.23 74.60
N GLY YA 273 -0.41 -51.64 75.80
CA GLY YA 273 -1.30 -50.53 76.09
C GLY YA 273 -1.01 -49.30 75.27
N LEU YA 274 0.23 -49.16 74.78
CA LEU YA 274 0.53 -48.10 73.84
C LEU YA 274 -0.07 -48.38 72.46
N LYS YA 275 -0.55 -49.60 72.23
CA LYS YA 275 -1.38 -49.83 71.03
C LYS YA 275 -2.70 -50.52 71.35
N ARG YA 276 -3.25 -50.37 72.55
CA ARG YA 276 -4.43 -51.17 72.88
C ARG YA 276 -5.77 -50.46 72.60
N GLN YA 277 -6.04 -49.31 73.22
CA GLN YA 277 -7.36 -48.71 73.11
C GLN YA 277 -7.30 -47.23 72.76
N ARG YA 278 -6.50 -46.89 71.76
CA ARG YA 278 -6.09 -45.51 71.53
C ARG YA 278 -7.24 -44.65 70.98
N LEU YA 279 -7.24 -43.39 71.39
CA LEU YA 279 -8.12 -42.40 70.79
C LEU YA 279 -7.71 -42.15 69.35
N THR YA 280 -8.67 -42.07 68.47
CA THR YA 280 -8.31 -41.99 67.06
C THR YA 280 -8.81 -40.74 66.36
N GLU YA 281 -10.06 -40.33 66.59
CA GLU YA 281 -10.63 -39.29 65.76
C GLU YA 281 -11.14 -38.16 66.63
N PRO YA 282 -11.17 -36.93 66.12
CA PRO YA 282 -11.74 -35.82 66.89
C PRO YA 282 -13.24 -35.98 67.06
N MET YA 283 -13.68 -35.98 68.31
CA MET YA 283 -15.06 -36.31 68.66
C MET YA 283 -15.71 -35.15 69.37
N VAL YA 284 -16.94 -34.85 68.97
CA VAL YA 284 -17.78 -33.81 69.52
C VAL YA 284 -19.01 -34.47 70.12
N ARG YA 285 -19.54 -33.87 71.17
CA ARG YA 285 -20.75 -34.39 71.81
C ARG YA 285 -21.96 -34.21 70.92
N ASN YA 286 -22.55 -35.32 70.51
CA ASN YA 286 -23.91 -35.30 69.96
C ASN YA 286 -24.89 -34.81 71.01
N GLU YA 287 -25.88 -34.05 70.54
CA GLU YA 287 -26.84 -33.32 71.38
C GLU YA 287 -27.72 -34.22 72.22
N LYS YA 288 -27.80 -35.52 71.89
CA LYS YA 288 -28.29 -36.49 72.87
C LYS YA 288 -27.41 -36.51 74.11
N GLY YA 289 -26.11 -36.27 73.94
CA GLY YA 289 -25.19 -36.25 75.05
C GLY YA 289 -24.15 -37.31 74.79
N LEU YA 290 -24.15 -37.81 73.56
CA LEU YA 290 -23.30 -38.94 73.20
C LEU YA 290 -22.02 -38.39 72.60
N LEU YA 291 -21.04 -39.25 72.37
CA LEU YA 291 -19.76 -38.80 71.83
C LEU YA 291 -19.63 -39.35 70.40
N THR YA 292 -19.58 -38.45 69.42
CA THR YA 292 -19.53 -38.85 68.02
C THR YA 292 -18.29 -38.26 67.34
N HIS YA 293 -17.67 -39.09 66.52
CA HIS YA 293 -16.54 -38.71 65.70
C HIS YA 293 -16.94 -37.73 64.59
N THR YA 294 -15.97 -36.95 64.13
CA THR YA 294 -16.22 -36.03 63.04
C THR YA 294 -14.90 -35.69 62.34
N THR YA 295 -15.02 -34.91 61.28
CA THR YA 295 -13.91 -34.34 60.54
C THR YA 295 -13.37 -33.12 61.30
N TRP YA 296 -12.10 -32.77 61.04
CA TRP YA 296 -11.42 -31.70 61.77
C TRP YA 296 -12.05 -30.33 61.58
N GLU YA 297 -12.75 -30.11 60.46
CA GLU YA 297 -13.29 -28.79 60.14
C GLU YA 297 -14.28 -28.31 61.20
N ASP YA 298 -15.30 -29.14 61.46
CA ASP YA 298 -16.38 -28.73 62.34
C ASP YA 298 -15.91 -28.61 63.78
N ALA YA 299 -15.07 -29.55 64.23
CA ALA YA 299 -14.60 -29.54 65.61
C ALA YA 299 -13.70 -28.34 65.87
N LEU YA 300 -12.77 -28.06 64.94
CA LEU YA 300 -11.87 -26.94 65.15
C LEU YA 300 -12.57 -25.60 64.96
N SER YA 301 -13.56 -25.52 64.07
CA SER YA 301 -14.35 -24.29 63.95
C SER YA 301 -15.19 -24.06 65.20
N ARG YA 302 -15.71 -25.14 65.78
CA ARG YA 302 -16.50 -25.04 67.01
C ARG YA 302 -15.65 -24.52 68.18
N VAL YA 303 -14.49 -25.14 68.39
CA VAL YA 303 -13.65 -24.72 69.51
C VAL YA 303 -13.02 -23.36 69.25
N ALA YA 304 -12.76 -23.01 67.99
CA ALA YA 304 -12.24 -21.68 67.69
C ALA YA 304 -13.28 -20.61 67.92
N GLY YA 305 -14.56 -20.90 67.63
CA GLY YA 305 -15.61 -19.95 67.96
C GLY YA 305 -15.79 -19.78 69.45
N MET YA 306 -15.70 -20.89 70.19
CA MET YA 306 -15.76 -20.82 71.66
C MET YA 306 -14.57 -20.08 72.24
N LEU YA 307 -13.42 -20.09 71.57
CA LEU YA 307 -12.30 -19.29 72.03
C LEU YA 307 -12.43 -17.83 71.63
N GLN YA 308 -13.08 -17.55 70.50
CA GLN YA 308 -13.36 -16.16 70.14
C GLN YA 308 -14.40 -15.53 71.04
N SER YA 309 -15.27 -16.34 71.65
CA SER YA 309 -16.28 -15.80 72.56
C SER YA 309 -15.83 -15.83 74.01
N CYS YA 310 -14.54 -15.94 74.30
CA CYS YA 310 -14.10 -16.01 75.68
C CYS YA 310 -12.82 -15.23 75.89
N GLN YA 311 -12.71 -14.62 77.06
CA GLN YA 311 -11.57 -13.81 77.47
C GLN YA 311 -11.31 -14.08 78.95
N GLY YA 312 -10.47 -13.24 79.56
CA GLY YA 312 -10.34 -13.14 81.00
C GLY YA 312 -9.72 -14.37 81.66
N ASN YA 313 -10.15 -14.58 82.91
CA ASN YA 313 -9.74 -15.72 83.73
C ASN YA 313 -10.71 -16.90 83.55
N ASP YA 314 -11.34 -16.99 82.39
CA ASP YA 314 -12.22 -18.10 82.05
C ASP YA 314 -11.47 -19.32 81.54
N VAL YA 315 -10.13 -19.30 81.53
CA VAL YA 315 -9.36 -20.32 80.83
C VAL YA 315 -8.21 -20.84 81.70
N ALA YA 316 -8.30 -22.12 82.03
CA ALA YA 316 -7.27 -22.86 82.75
C ALA YA 316 -6.77 -24.00 81.87
N ALA YA 317 -5.49 -24.28 81.98
CA ALA YA 317 -4.88 -25.30 81.12
C ALA YA 317 -4.27 -26.36 82.03
N ILE YA 318 -4.92 -27.51 82.13
CA ILE YA 318 -4.43 -28.61 82.93
C ILE YA 318 -3.52 -29.43 82.03
N ALA YA 319 -2.21 -29.28 82.21
CA ALA YA 319 -1.21 -30.01 81.44
C ALA YA 319 -0.66 -31.11 82.34
N GLY YA 320 -1.19 -32.33 82.17
CA GLY YA 320 -0.74 -33.44 82.96
C GLY YA 320 -0.35 -34.62 82.09
N GLY YA 321 0.35 -35.57 82.70
CA GLY YA 321 0.72 -36.78 81.99
C GLY YA 321 1.79 -36.50 80.95
N LEU YA 322 1.66 -37.17 79.81
CA LEU YA 322 2.72 -37.21 78.81
C LEU YA 322 2.45 -36.14 77.77
N VAL YA 323 2.92 -34.92 78.05
CA VAL YA 323 2.93 -33.84 77.08
C VAL YA 323 4.37 -33.40 76.88
N ASP YA 324 4.59 -32.61 75.84
CA ASP YA 324 5.93 -32.30 75.38
C ASP YA 324 6.48 -31.10 76.14
N ALA YA 325 7.59 -30.57 75.66
CA ALA YA 325 7.97 -29.20 75.98
C ALA YA 325 7.62 -28.26 74.83
N GLU YA 326 7.71 -28.78 73.60
CA GLU YA 326 7.15 -28.06 72.46
C GLU YA 326 5.66 -27.87 72.60
N ALA YA 327 4.95 -28.86 73.15
CA ALA YA 327 3.50 -28.71 73.35
C ALA YA 327 3.21 -27.65 74.41
N LEU YA 328 4.01 -27.61 75.47
CA LEU YA 328 3.83 -26.60 76.51
C LEU YA 328 4.12 -25.21 75.97
N ILE YA 329 5.12 -25.08 75.09
CA ILE YA 329 5.42 -23.78 74.49
C ILE YA 329 4.29 -23.34 73.57
N ALA YA 330 3.80 -24.24 72.72
CA ALA YA 330 2.74 -23.88 71.77
C ALA YA 330 1.47 -23.49 72.50
N LEU YA 331 1.14 -24.20 73.56
CA LEU YA 331 -0.07 -23.86 74.27
C LEU YA 331 0.09 -22.62 75.15
N LYS YA 332 1.27 -22.36 75.74
CA LYS YA 332 1.40 -21.12 76.51
C LYS YA 332 1.44 -19.91 75.59
N ASP YA 333 1.99 -20.05 74.39
CA ASP YA 333 1.90 -18.96 73.44
C ASP YA 333 0.46 -18.72 73.01
N LEU YA 334 -0.32 -19.79 72.84
CA LEU YA 334 -1.72 -19.62 72.53
C LEU YA 334 -2.48 -18.96 73.69
N LEU YA 335 -2.15 -19.35 74.93
CA LEU YA 335 -2.81 -18.81 76.12
C LEU YA 335 -2.54 -17.33 76.30
N ASN YA 336 -1.27 -16.92 76.20
CA ASN YA 336 -0.97 -15.49 76.23
C ASN YA 336 -1.49 -14.77 75.01
N ARG YA 337 -1.71 -15.48 73.91
CA ARG YA 337 -2.29 -14.86 72.73
C ARG YA 337 -3.77 -14.59 72.90
N VAL YA 338 -4.48 -15.33 73.77
CA VAL YA 338 -5.91 -15.10 73.91
C VAL YA 338 -6.15 -13.78 74.62
N ASP YA 339 -5.93 -13.72 75.93
CA ASP YA 339 -5.61 -12.46 76.60
C ASP YA 339 -4.65 -12.68 77.76
N SER YA 340 -4.93 -13.75 78.51
CA SER YA 340 -4.36 -14.02 79.82
C SER YA 340 -4.58 -15.50 80.09
N ASP YA 341 -4.34 -15.93 81.33
CA ASP YA 341 -4.09 -17.34 81.53
C ASP YA 341 -4.28 -17.75 82.98
N THR YA 342 -4.61 -19.03 83.17
CA THR YA 342 -4.05 -19.74 84.31
C THR YA 342 -3.71 -21.17 83.88
N LEU YA 343 -2.49 -21.59 84.20
CA LEU YA 343 -1.99 -22.89 83.79
C LEU YA 343 -1.59 -23.71 84.99
N CYS YA 344 -2.00 -24.97 84.99
CA CYS YA 344 -1.76 -25.87 86.09
C CYS YA 344 -1.26 -27.20 85.55
N THR YA 345 -0.66 -27.98 86.43
CA THR YA 345 -0.33 -29.37 86.13
C THR YA 345 -1.34 -30.25 86.83
N GLU YA 346 -1.50 -31.46 86.30
CA GLU YA 346 -2.40 -32.41 86.96
C GLU YA 346 -1.78 -32.91 88.25
N GLU YA 347 -0.49 -33.18 88.27
CA GLU YA 347 0.21 -33.51 89.49
C GLU YA 347 0.64 -32.23 90.20
N VAL YA 348 0.33 -32.15 91.48
CA VAL YA 348 0.39 -30.90 92.23
C VAL YA 348 1.81 -30.66 92.72
N PHE YA 349 2.40 -29.55 92.30
CA PHE YA 349 3.65 -29.10 92.88
C PHE YA 349 3.42 -27.83 93.69
N PRO YA 350 3.93 -27.76 94.92
CA PRO YA 350 3.75 -26.55 95.72
C PRO YA 350 4.81 -25.49 95.45
N THR YA 351 4.36 -24.25 95.31
CA THR YA 351 5.27 -23.14 95.07
C THR YA 351 4.86 -21.93 95.91
N ALA YA 352 5.56 -21.73 97.02
CA ALA YA 352 5.37 -20.54 97.84
C ALA YA 352 6.66 -19.73 97.97
N GLY YA 353 7.71 -20.31 98.55
CA GLY YA 353 8.94 -19.59 98.82
C GLY YA 353 9.87 -19.57 97.63
N ALA YA 354 9.44 -18.88 96.57
CA ALA YA 354 10.18 -18.69 95.32
C ALA YA 354 10.55 -20.03 94.68
N GLY YA 355 9.53 -20.81 94.35
CA GLY YA 355 9.72 -22.09 93.71
C GLY YA 355 9.92 -22.05 92.22
N THR YA 356 9.74 -20.89 91.59
CA THR YA 356 9.83 -20.81 90.14
C THR YA 356 11.28 -20.77 89.67
N ASP YA 357 12.01 -19.73 90.05
CA ASP YA 357 13.43 -19.66 89.76
C ASP YA 357 14.22 -20.27 90.90
N LEU YA 358 15.52 -19.95 90.93
CA LEU YA 358 16.50 -20.51 91.87
C LEU YA 358 16.49 -22.04 91.75
N ARG YA 359 16.98 -22.48 90.59
CA ARG YA 359 16.76 -23.78 89.96
C ARG YA 359 16.81 -25.00 90.88
N SER YA 360 17.59 -24.89 91.95
CA SER YA 360 17.81 -26.00 92.87
C SER YA 360 16.54 -26.44 93.60
N ASN YA 361 15.59 -25.54 93.81
CA ASN YA 361 14.43 -25.90 94.61
C ASN YA 361 13.38 -26.70 93.86
N TYR YA 362 13.60 -26.99 92.56
CA TYR YA 362 12.62 -27.78 91.84
C TYR YA 362 13.23 -28.81 90.89
N LEU YA 363 14.54 -28.99 90.87
CA LEU YA 363 15.10 -30.06 90.07
C LEU YA 363 16.03 -30.89 90.92
N LEU YA 364 16.52 -31.98 90.33
CA LEU YA 364 17.44 -32.89 90.99
C LEU YA 364 18.84 -32.35 90.74
N ASN YA 365 19.43 -31.72 91.78
CA ASN YA 365 20.68 -31.00 91.61
C ASN YA 365 21.86 -31.92 91.38
N THR YA 366 21.82 -33.11 91.94
CA THR YA 366 22.93 -34.01 91.77
C THR YA 366 22.92 -34.62 90.37
N THR YA 367 23.99 -35.31 90.05
CA THR YA 367 24.06 -36.15 88.87
C THR YA 367 23.96 -37.60 89.35
N ILE YA 368 23.15 -38.41 88.66
CA ILE YA 368 23.00 -39.80 89.06
C ILE YA 368 24.27 -40.60 88.76
N ALA YA 369 25.19 -40.04 87.96
CA ALA YA 369 26.56 -40.54 87.96
C ALA YA 369 27.32 -40.05 89.19
N GLY YA 370 27.11 -38.79 89.57
CA GLY YA 370 27.83 -38.21 90.68
C GLY YA 370 27.41 -38.72 92.04
N VAL YA 371 26.27 -39.42 92.13
CA VAL YA 371 25.86 -40.02 93.40
C VAL YA 371 26.63 -41.29 93.72
N GLU YA 372 27.51 -41.74 92.83
CA GLU YA 372 28.56 -42.70 93.16
C GLU YA 372 29.73 -42.07 93.90
N GLU YA 373 29.70 -40.77 94.12
CA GLU YA 373 30.65 -40.05 94.96
C GLU YA 373 30.00 -39.54 96.24
N ALA YA 374 29.11 -40.35 96.81
CA ALA YA 374 28.36 -39.97 97.99
C ALA YA 374 28.92 -40.65 99.24
N ASP YA 375 28.65 -40.04 100.39
CA ASP YA 375 29.09 -40.59 101.66
C ASP YA 375 27.93 -40.93 102.59
N VAL YA 376 27.06 -39.97 102.89
CA VAL YA 376 25.95 -40.18 103.81
C VAL YA 376 24.72 -39.58 103.17
N VAL YA 377 23.68 -40.40 102.98
CA VAL YA 377 22.47 -39.98 102.28
C VAL YA 377 21.28 -40.23 103.17
N LEU YA 378 20.41 -39.25 103.28
CA LEU YA 378 19.08 -39.50 103.82
C LEU YA 378 18.04 -39.17 102.77
N LEU YA 379 16.82 -39.63 103.05
CA LEU YA 379 15.81 -39.85 102.03
C LEU YA 379 14.46 -39.55 102.65
N VAL YA 380 13.95 -38.35 102.46
CA VAL YA 380 12.70 -37.95 103.10
C VAL YA 380 11.55 -38.21 102.15
N GLY YA 381 10.37 -38.40 102.77
CA GLY YA 381 9.31 -39.30 102.33
C GLY YA 381 9.04 -39.52 100.87
N THR YA 382 9.21 -40.76 100.47
CA THR YA 382 9.17 -41.25 99.10
C THR YA 382 9.22 -42.77 99.17
N ASN YA 383 9.30 -43.42 98.02
CA ASN YA 383 9.49 -44.87 97.95
C ASN YA 383 10.24 -45.17 96.67
N PRO YA 384 11.57 -45.02 96.67
CA PRO YA 384 12.33 -45.02 95.41
C PRO YA 384 12.40 -46.37 94.73
N ARG YA 385 12.04 -47.44 95.42
CA ARG YA 385 11.89 -48.72 94.76
C ARG YA 385 10.74 -48.69 93.78
N PHE YA 386 9.74 -47.85 94.03
CA PHE YA 386 8.59 -47.75 93.16
C PHE YA 386 8.44 -46.35 92.59
N GLU YA 387 9.44 -45.50 92.79
CA GLU YA 387 9.43 -44.13 92.30
C GLU YA 387 10.81 -43.90 91.70
N ALA YA 388 10.90 -44.00 90.35
CA ALA YA 388 12.12 -44.05 89.57
C ALA YA 388 13.04 -45.16 90.10
N PRO YA 389 12.73 -46.42 89.80
CA PRO YA 389 13.44 -47.54 90.46
C PRO YA 389 14.90 -47.64 90.10
N LEU YA 390 15.31 -47.11 88.95
CA LEU YA 390 16.69 -47.24 88.53
C LEU YA 390 17.59 -46.27 89.27
N PHE YA 391 17.01 -45.16 89.74
CA PHE YA 391 17.72 -44.29 90.67
C PHE YA 391 18.03 -45.02 91.96
N ASN YA 392 17.05 -45.76 92.47
CA ASN YA 392 17.27 -46.53 93.69
C ASN YA 392 18.24 -47.68 93.44
N ALA YA 393 18.24 -48.22 92.22
CA ALA YA 393 19.19 -49.26 91.87
C ALA YA 393 20.60 -48.70 91.78
N ARG YA 394 20.74 -47.46 91.32
CA ARG YA 394 22.03 -46.78 91.33
C ARG YA 394 22.52 -46.58 92.76
N ILE YA 395 21.63 -46.16 93.65
CA ILE YA 395 21.99 -46.01 95.06
C ILE YA 395 22.38 -47.35 95.67
N ARG YA 396 21.72 -48.43 95.24
CA ARG YA 396 22.10 -49.75 95.70
C ARG YA 396 23.48 -50.15 95.15
N LYS YA 397 23.77 -49.79 93.91
CA LYS YA 397 25.08 -50.06 93.34
C LYS YA 397 26.16 -49.34 94.12
N SER YA 398 25.90 -48.08 94.50
CA SER YA 398 26.84 -47.35 95.33
C SER YA 398 26.94 -47.95 96.72
N TRP YA 399 25.80 -48.38 97.28
CA TRP YA 399 25.76 -49.05 98.57
C TRP YA 399 26.55 -50.35 98.56
N LEU YA 400 26.67 -50.97 97.40
CA LEU YA 400 27.44 -52.19 97.31
C LEU YA 400 28.91 -51.91 97.06
N HIS YA 401 29.23 -50.84 96.31
CA HIS YA 401 30.63 -50.51 96.06
C HIS YA 401 31.29 -49.94 97.30
N ASN YA 402 30.82 -48.79 97.78
CA ASN YA 402 31.41 -48.17 98.96
C ASN YA 402 30.37 -48.05 100.07
N ASP YA 403 30.87 -47.96 101.29
CA ASP YA 403 30.00 -48.03 102.46
C ASP YA 403 29.21 -46.73 102.60
N LEU YA 404 27.89 -46.82 102.44
CA LEU YA 404 26.99 -45.68 102.58
C LEU YA 404 26.13 -45.86 103.82
N LYS YA 405 25.93 -44.76 104.54
CA LYS YA 405 24.94 -44.69 105.60
C LYS YA 405 23.73 -43.97 105.01
N VAL YA 406 22.68 -44.72 104.74
CA VAL YA 406 21.50 -44.21 104.05
C VAL YA 406 20.29 -44.41 104.94
N ALA YA 407 19.54 -43.33 105.15
CA ALA YA 407 18.39 -43.33 106.03
C ALA YA 407 17.14 -42.92 105.27
N LEU YA 408 16.02 -43.50 105.70
CA LEU YA 408 14.68 -43.14 105.25
C LEU YA 408 13.96 -42.44 106.38
N ILE YA 409 13.33 -41.32 106.05
CA ILE YA 409 12.57 -40.51 106.97
C ILE YA 409 11.21 -40.27 106.33
N GLY YA 410 10.14 -40.63 107.05
CA GLY YA 410 8.82 -40.21 106.67
C GLY YA 410 7.74 -41.26 106.74
N SER YA 411 8.09 -42.51 106.44
CA SER YA 411 7.16 -43.62 106.46
C SER YA 411 7.95 -44.93 106.43
N PRO YA 412 7.51 -45.96 107.14
CA PRO YA 412 8.17 -47.27 107.02
C PRO YA 412 7.72 -48.04 105.79
N VAL YA 413 8.56 -48.08 104.76
CA VAL YA 413 8.31 -48.94 103.61
C VAL YA 413 9.50 -49.88 103.46
N ASP YA 414 9.43 -50.77 102.48
CA ASP YA 414 10.36 -51.89 102.37
C ASP YA 414 11.32 -51.66 101.22
N LEU YA 415 12.59 -51.46 101.54
CA LEU YA 415 13.68 -51.51 100.58
C LEU YA 415 14.48 -52.79 100.81
N THR YA 416 15.39 -53.05 99.88
CA THR YA 416 16.13 -54.30 99.87
C THR YA 416 17.55 -54.15 100.40
N TYR YA 417 17.90 -53.01 100.97
CA TYR YA 417 19.31 -52.86 101.30
C TYR YA 417 19.52 -52.09 102.59
N ARG YA 418 18.65 -52.28 103.58
CA ARG YA 418 18.92 -52.04 105.00
C ARG YA 418 19.24 -50.56 105.28
N TYR YA 419 18.21 -49.75 105.11
CA TYR YA 419 18.29 -48.33 105.46
C TYR YA 419 18.15 -48.14 106.97
N ASP YA 420 18.28 -46.88 107.40
CA ASP YA 420 17.88 -46.50 108.76
C ASP YA 420 16.55 -45.77 108.77
N HIS YA 421 15.61 -46.25 109.57
CA HIS YA 421 14.28 -45.66 109.64
C HIS YA 421 14.23 -44.68 110.80
N LEU YA 422 14.05 -43.40 110.49
CA LEU YA 422 14.06 -42.35 111.51
C LEU YA 422 12.68 -41.80 111.82
N GLY YA 423 11.64 -42.62 111.71
CA GLY YA 423 10.33 -42.21 112.15
C GLY YA 423 9.49 -41.65 111.03
N ASP YA 424 8.25 -41.31 111.39
CA ASP YA 424 7.24 -40.83 110.46
C ASP YA 424 6.61 -39.54 111.01
N SER YA 425 7.29 -38.43 110.77
CA SER YA 425 6.89 -37.12 111.28
C SER YA 425 7.71 -36.03 110.60
N PRO YA 426 7.11 -34.87 110.30
CA PRO YA 426 7.94 -33.71 109.90
C PRO YA 426 8.78 -33.20 111.05
N LYS YA 427 8.31 -33.36 112.28
CA LYS YA 427 8.96 -32.78 113.44
C LYS YA 427 10.25 -33.51 113.80
N ILE YA 428 10.44 -34.74 113.33
CA ILE YA 428 11.73 -35.38 113.54
C ILE YA 428 12.77 -34.77 112.61
N LEU YA 429 12.36 -34.44 111.38
CA LEU YA 429 13.20 -33.61 110.51
C LEU YA 429 13.48 -32.25 111.13
N GLN YA 430 12.50 -31.70 111.83
CA GLN YA 430 12.75 -30.47 112.59
C GLN YA 430 13.75 -30.70 113.72
N ASP YA 431 13.76 -31.89 114.31
CA ASP YA 431 14.71 -32.20 115.38
C ASP YA 431 16.12 -32.33 114.82
N ILE YA 432 16.27 -32.91 113.64
CA ILE YA 432 17.57 -32.91 112.98
C ILE YA 432 17.97 -31.49 112.58
N ALA YA 433 16.99 -30.66 112.18
CA ALA YA 433 17.27 -29.28 111.78
C ALA YA 433 17.66 -28.42 112.97
N SER YA 434 17.19 -28.76 114.17
CA SER YA 434 17.69 -28.17 115.40
C SER YA 434 18.92 -28.88 115.92
N GLY YA 435 19.29 -30.02 115.34
CA GLY YA 435 20.48 -30.74 115.74
C GLY YA 435 20.28 -31.59 116.98
N SER YA 436 19.35 -32.55 116.90
CA SER YA 436 18.99 -33.35 118.06
C SER YA 436 19.07 -34.85 117.74
N HIS YA 437 19.93 -35.23 116.80
CA HIS YA 437 20.16 -36.63 116.51
C HIS YA 437 21.60 -36.88 116.16
N PRO YA 438 22.20 -37.98 116.67
CA PRO YA 438 23.58 -38.31 116.29
C PRO YA 438 23.74 -38.74 114.85
N PHE YA 439 22.64 -39.06 114.16
CA PHE YA 439 22.72 -39.21 112.72
C PHE YA 439 22.95 -37.88 112.02
N SER YA 440 22.36 -36.81 112.56
CA SER YA 440 22.69 -35.49 112.02
C SER YA 440 24.13 -35.11 112.35
N GLN YA 441 24.68 -35.66 113.44
CA GLN YA 441 26.11 -35.51 113.70
C GLN YA 441 26.94 -36.25 112.66
N VAL YA 442 26.43 -37.37 112.15
CA VAL YA 442 27.07 -38.04 111.03
C VAL YA 442 26.96 -37.19 109.77
N LEU YA 443 25.86 -36.44 109.61
CA LEU YA 443 25.78 -35.47 108.51
C LEU YA 443 26.84 -34.39 108.63
N GLN YA 444 27.02 -33.84 109.83
CA GLN YA 444 28.04 -32.80 109.98
C GLN YA 444 29.46 -33.34 109.90
N GLU YA 445 29.66 -34.63 110.20
CA GLU YA 445 30.97 -35.22 110.00
C GLU YA 445 31.17 -35.76 108.60
N ALA YA 446 30.11 -35.86 107.80
CA ALA YA 446 30.20 -36.48 106.49
C ALA YA 446 30.91 -35.54 105.53
N LYS YA 447 31.81 -36.10 104.72
CA LYS YA 447 32.52 -35.28 103.75
C LYS YA 447 31.60 -34.82 102.63
N LYS YA 448 30.75 -35.70 102.15
CA LYS YA 448 29.84 -35.40 101.05
C LYS YA 448 28.43 -35.87 101.38
N PRO YA 449 27.61 -35.00 101.98
CA PRO YA 449 26.25 -35.41 102.34
C PRO YA 449 25.15 -35.05 101.34
N MET YA 450 24.12 -35.90 101.36
CA MET YA 450 23.03 -35.89 100.39
C MET YA 450 21.67 -36.04 101.09
N VAL YA 451 20.71 -35.22 100.68
CA VAL YA 451 19.32 -35.35 101.06
C VAL YA 451 18.49 -35.44 99.80
N VAL YA 452 17.71 -36.51 99.67
CA VAL YA 452 16.80 -36.69 98.55
C VAL YA 452 15.37 -36.48 99.02
N LEU YA 453 14.69 -35.50 98.43
CA LEU YA 453 13.32 -35.15 98.77
C LEU YA 453 12.32 -35.87 97.87
N GLY YA 454 11.27 -36.43 98.50
CA GLY YA 454 10.20 -37.01 97.71
C GLY YA 454 9.21 -35.98 97.19
N SER YA 455 8.51 -36.36 96.12
CA SER YA 455 7.48 -35.52 95.54
C SER YA 455 6.07 -35.91 95.96
N SER YA 456 5.85 -37.19 96.30
CA SER YA 456 4.53 -37.61 96.76
C SER YA 456 4.23 -37.06 98.15
N ALA YA 457 5.26 -36.96 99.00
CA ALA YA 457 5.12 -36.24 100.26
C ALA YA 457 5.12 -34.73 100.05
N LEU YA 458 5.66 -34.25 98.92
CA LEU YA 458 5.61 -32.83 98.62
C LEU YA 458 4.26 -32.42 98.06
N GLN YA 459 3.38 -33.38 97.74
CA GLN YA 459 2.06 -33.07 97.21
C GLN YA 459 1.19 -32.32 98.20
N ARG YA 460 1.42 -32.52 99.49
CA ARG YA 460 0.53 -32.02 100.53
C ARG YA 460 0.76 -30.52 100.75
N ASN YA 461 0.00 -29.98 101.70
CA ASN YA 461 -0.03 -28.54 101.96
C ASN YA 461 1.20 -28.04 102.71
N ASP YA 462 1.97 -28.94 103.30
CA ASP YA 462 3.13 -28.58 104.09
C ASP YA 462 4.39 -28.47 103.24
N GLY YA 463 4.24 -28.50 101.91
CA GLY YA 463 5.37 -28.79 101.05
C GLY YA 463 6.42 -27.69 101.02
N ALA YA 464 5.98 -26.43 101.05
CA ALA YA 464 6.93 -25.33 101.17
C ALA YA 464 7.60 -25.33 102.53
N ALA YA 465 6.88 -25.76 103.57
CA ALA YA 465 7.48 -25.84 104.90
C ALA YA 465 8.49 -26.98 104.99
N ILE YA 466 8.17 -28.11 104.36
CA ILE YA 466 9.11 -29.23 104.32
C ILE YA 466 10.33 -28.85 103.49
N LEU YA 467 10.12 -28.10 102.40
CA LEU YA 467 11.22 -27.57 101.62
C LEU YA 467 12.06 -26.60 102.43
N ALA YA 468 11.41 -25.81 103.29
CA ALA YA 468 12.14 -24.92 104.18
C ALA YA 468 13.00 -25.71 105.15
N ALA YA 469 12.47 -26.82 105.66
CA ALA YA 469 13.23 -27.66 106.59
C ALA YA 469 14.44 -28.30 105.91
N VAL YA 470 14.25 -28.82 104.69
CA VAL YA 470 15.34 -29.46 103.96
C VAL YA 470 16.39 -28.43 103.55
N SER YA 471 15.94 -27.24 103.15
CA SER YA 471 16.87 -26.19 102.79
C SER YA 471 17.62 -25.67 104.01
N ASN YA 472 17.01 -25.74 105.18
CA ASN YA 472 17.74 -25.37 106.40
C ASN YA 472 18.76 -26.43 106.78
N ILE YA 473 18.47 -27.71 106.50
CA ILE YA 473 19.48 -28.76 106.63
C ILE YA 473 20.69 -28.44 105.75
N ALA YA 474 20.42 -28.17 104.47
CA ALA YA 474 21.48 -27.84 103.52
C ALA YA 474 22.20 -26.55 103.89
N GLN YA 475 21.47 -25.62 104.51
CA GLN YA 475 22.05 -24.37 104.98
C GLN YA 475 23.03 -24.60 106.11
N LYS YA 476 22.62 -25.40 107.10
CA LYS YA 476 23.48 -25.68 108.26
C LYS YA 476 24.72 -26.46 107.83
N ILE YA 477 24.55 -27.40 106.91
CA ILE YA 477 25.70 -28.17 106.45
C ILE YA 477 26.62 -27.31 105.59
N ARG YA 478 26.05 -26.42 104.77
CA ARG YA 478 26.86 -25.56 103.91
C ARG YA 478 27.63 -24.52 104.73
N THR YA 479 27.04 -24.03 105.81
CA THR YA 479 27.76 -23.11 106.68
C THR YA 479 28.81 -23.81 107.53
N SER YA 480 28.58 -25.05 107.94
CA SER YA 480 29.52 -25.75 108.79
C SER YA 480 30.59 -26.46 107.97
N SER YA 481 31.86 -26.11 108.22
CA SER YA 481 33.10 -26.70 107.71
C SER YA 481 33.36 -26.45 106.22
N GLY YA 482 32.44 -25.84 105.48
CA GLY YA 482 32.67 -25.53 104.08
C GLY YA 482 32.69 -26.72 103.15
N VAL YA 483 31.53 -27.33 102.91
CA VAL YA 483 31.43 -28.53 102.08
C VAL YA 483 30.95 -28.14 100.69
N THR YA 484 31.67 -28.58 99.65
CA THR YA 484 33.01 -29.21 99.75
C THR YA 484 34.32 -28.35 99.69
N GLY YA 485 34.51 -27.33 98.83
CA GLY YA 485 33.58 -26.78 97.85
C GLY YA 485 33.87 -27.08 96.40
N ASP YA 486 32.84 -27.17 95.55
CA ASP YA 486 31.44 -27.00 95.93
C ASP YA 486 30.56 -28.15 95.45
N TRP YA 487 30.32 -29.12 96.33
CA TRP YA 487 29.39 -30.20 96.09
C TRP YA 487 28.23 -30.05 97.05
N LYS YA 488 27.07 -30.59 96.68
CA LYS YA 488 25.85 -30.29 97.41
C LYS YA 488 25.16 -31.53 97.97
N VAL YA 489 24.65 -31.35 99.19
CA VAL YA 489 23.68 -32.25 99.82
C VAL YA 489 22.45 -32.44 98.93
N MET YA 490 21.94 -31.35 98.36
CA MET YA 490 20.55 -31.26 97.93
C MET YA 490 20.26 -32.01 96.63
N ASN YA 491 19.12 -32.75 96.62
CA ASN YA 491 18.37 -33.05 95.40
C ASN YA 491 16.95 -33.52 95.74
N ILE YA 492 16.03 -33.31 94.78
CA ILE YA 492 14.64 -33.72 94.92
C ILE YA 492 14.27 -34.63 93.75
N LEU YA 493 13.10 -35.26 93.84
CA LEU YA 493 12.64 -36.17 92.78
C LEU YA 493 11.31 -35.70 92.20
N HIS YA 494 10.84 -36.45 91.20
CA HIS YA 494 9.54 -36.25 90.56
C HIS YA 494 9.02 -37.59 90.07
N ARG YA 495 7.85 -37.55 89.41
CA ARG YA 495 7.35 -38.71 88.68
C ARG YA 495 7.26 -38.47 87.18
N ILE YA 496 6.53 -37.45 86.75
CA ILE YA 496 6.33 -37.20 85.32
C ILE YA 496 7.32 -36.15 84.87
N ALA YA 497 8.00 -36.41 83.75
CA ALA YA 497 8.97 -35.48 83.21
C ALA YA 497 8.33 -34.23 82.64
N SER YA 498 7.07 -34.29 82.22
CA SER YA 498 6.44 -33.10 81.67
C SER YA 498 6.10 -32.09 82.77
N GLN YA 499 5.88 -32.55 84.01
CA GLN YA 499 5.73 -31.63 85.12
C GLN YA 499 7.03 -30.87 85.38
N VAL YA 500 8.16 -31.57 85.23
CA VAL YA 500 9.45 -30.91 85.38
C VAL YA 500 9.68 -29.93 84.23
N ALA YA 501 9.24 -30.29 83.03
CA ALA YA 501 9.34 -29.35 81.91
C ALA YA 501 8.45 -28.13 82.12
N ALA YA 502 7.29 -28.31 82.76
CA ALA YA 502 6.43 -27.18 83.07
C ALA YA 502 7.06 -26.26 84.10
N LEU YA 503 7.67 -26.84 85.13
CA LEU YA 503 8.38 -26.02 86.11
C LEU YA 503 9.63 -25.40 85.52
N ASP YA 504 10.20 -26.00 84.48
CA ASP YA 504 11.26 -25.33 83.73
C ASP YA 504 10.70 -24.18 82.91
N LEU YA 505 9.45 -24.29 82.47
CA LEU YA 505 8.80 -23.25 81.69
C LEU YA 505 7.88 -22.37 82.52
N GLY YA 506 7.79 -22.62 83.83
CA GLY YA 506 7.16 -21.66 84.71
C GLY YA 506 5.65 -21.60 84.63
N TYR YA 507 4.98 -22.63 85.12
CA TYR YA 507 3.54 -22.60 85.23
C TYR YA 507 3.14 -22.38 86.69
N LYS YA 508 1.86 -22.55 86.97
CA LYS YA 508 1.32 -22.42 88.32
C LYS YA 508 0.77 -23.80 88.70
N PRO YA 509 1.64 -24.72 89.12
CA PRO YA 509 1.25 -26.12 89.22
C PRO YA 509 0.33 -26.41 90.40
N GLY YA 510 -0.50 -27.43 90.25
CA GLY YA 510 -1.46 -27.80 91.25
C GLY YA 510 -2.87 -27.42 90.87
N VAL YA 511 -3.83 -28.23 91.32
CA VAL YA 511 -5.24 -28.00 90.95
C VAL YA 511 -5.94 -27.03 91.86
N GLU YA 512 -5.27 -26.51 92.89
CA GLU YA 512 -5.91 -25.56 93.78
C GLU YA 512 -6.16 -24.21 93.11
N ALA YA 513 -5.39 -23.89 92.06
CA ALA YA 513 -5.66 -22.67 91.30
C ALA YA 513 -6.96 -22.76 90.50
N ILE YA 514 -7.49 -23.97 90.32
CA ILE YA 514 -8.81 -24.15 89.71
C ILE YA 514 -9.86 -24.49 90.76
N ARG YA 515 -9.44 -24.96 91.95
CA ARG YA 515 -10.32 -24.92 93.11
C ARG YA 515 -10.73 -23.49 93.45
N LYS YA 516 -9.81 -22.53 93.27
CA LYS YA 516 -10.12 -21.13 93.52
C LYS YA 516 -11.02 -20.55 92.44
N ASN YA 517 -10.51 -20.44 91.23
CA ASN YA 517 -11.21 -19.75 90.15
C ASN YA 517 -11.95 -20.76 89.29
N PRO YA 518 -13.25 -20.54 89.03
CA PRO YA 518 -13.97 -21.39 88.09
C PRO YA 518 -13.78 -20.90 86.67
N PRO YA 519 -13.22 -21.71 85.78
CA PRO YA 519 -13.10 -21.30 84.38
C PRO YA 519 -14.25 -21.79 83.52
N LYS YA 520 -14.54 -21.03 82.47
CA LYS YA 520 -15.50 -21.44 81.46
C LYS YA 520 -14.81 -22.11 80.28
N MET YA 521 -13.52 -22.39 80.40
CA MET YA 521 -12.72 -23.00 79.35
C MET YA 521 -11.51 -23.65 79.99
N LEU YA 522 -11.32 -24.95 79.73
CA LEU YA 522 -10.12 -25.58 80.23
C LEU YA 522 -9.60 -26.59 79.23
N PHE YA 523 -8.28 -26.62 79.10
CA PHE YA 523 -7.58 -27.47 78.15
C PHE YA 523 -6.94 -28.62 78.91
N LEU YA 524 -7.57 -29.79 78.82
CA LEU YA 524 -7.09 -31.01 79.45
C LEU YA 524 -6.07 -31.64 78.52
N LEU YA 525 -4.82 -31.20 78.62
CA LEU YA 525 -3.73 -31.81 77.87
C LEU YA 525 -3.24 -32.99 78.68
N GLY YA 526 -3.79 -34.16 78.39
CA GLY YA 526 -3.44 -35.36 79.11
C GLY YA 526 -4.05 -35.42 80.49
N ALA YA 527 -5.37 -35.27 80.58
CA ALA YA 527 -6.08 -35.46 81.84
C ALA YA 527 -6.09 -36.95 82.16
N ASP YA 528 -5.28 -37.35 83.13
CA ASP YA 528 -5.13 -38.77 83.43
C ASP YA 528 -6.25 -39.30 84.31
N GLY YA 529 -6.30 -38.82 85.55
CA GLY YA 529 -7.15 -39.40 86.56
C GLY YA 529 -7.88 -38.34 87.37
N GLY YA 530 -8.16 -38.67 88.61
CA GLY YA 530 -8.95 -37.83 89.48
C GLY YA 530 -8.19 -36.67 90.10
N CYS YA 531 -7.85 -35.67 89.29
CA CYS YA 531 -7.40 -34.40 89.82
C CYS YA 531 -8.60 -33.50 90.12
N VAL YA 532 -9.34 -33.11 89.08
CA VAL YA 532 -10.55 -32.34 89.20
C VAL YA 532 -11.67 -33.07 88.47
N THR YA 533 -12.89 -32.64 88.73
CA THR YA 533 -14.07 -33.17 88.04
C THR YA 533 -14.97 -32.01 87.64
N ARG YA 534 -15.98 -32.34 86.83
CA ARG YA 534 -17.12 -31.45 86.64
C ARG YA 534 -17.96 -31.34 87.89
N GLN YA 535 -17.83 -32.28 88.82
CA GLN YA 535 -18.52 -32.20 90.10
C GLN YA 535 -17.93 -31.12 91.01
N ASP YA 536 -16.74 -30.62 90.69
CA ASP YA 536 -16.13 -29.50 91.40
C ASP YA 536 -15.90 -28.34 90.45
N LEU YA 537 -16.83 -28.14 89.54
CA LEU YA 537 -16.66 -27.23 88.42
C LEU YA 537 -18.03 -26.77 87.98
N PRO YA 538 -18.18 -25.53 87.51
CA PRO YA 538 -19.51 -25.03 87.15
C PRO YA 538 -20.14 -25.66 85.93
N LYS YA 539 -21.28 -25.10 85.52
CA LYS YA 539 -22.11 -25.71 84.48
C LYS YA 539 -21.47 -25.55 83.10
N ASP YA 540 -21.08 -24.33 82.74
CA ASP YA 540 -20.35 -24.09 81.49
C ASP YA 540 -18.94 -24.63 81.59
N CYS YA 541 -18.77 -25.93 81.31
CA CYS YA 541 -17.48 -26.56 81.51
C CYS YA 541 -16.53 -26.17 80.38
N PHE YA 542 -16.86 -26.61 79.17
CA PHE YA 542 -16.02 -26.52 77.99
C PHE YA 542 -14.62 -27.07 78.26
N ILE YA 543 -14.59 -28.39 78.42
CA ILE YA 543 -13.33 -29.10 78.55
C ILE YA 543 -12.89 -29.55 77.15
N VAL YA 544 -11.62 -29.35 76.87
CA VAL YA 544 -11.03 -29.80 75.61
C VAL YA 544 -9.93 -30.77 76.00
N TYR YA 545 -10.25 -32.05 76.01
CA TYR YA 545 -9.30 -33.11 76.33
C TYR YA 545 -8.55 -33.50 75.07
N GLN YA 546 -7.27 -33.18 75.01
CA GLN YA 546 -6.43 -33.54 73.88
C GLN YA 546 -5.42 -34.58 74.34
N GLY YA 547 -5.54 -35.80 73.81
CA GLY YA 547 -4.67 -36.88 74.23
C GLY YA 547 -4.95 -38.23 73.61
N HIS YA 548 -4.68 -39.30 74.35
CA HIS YA 548 -4.71 -40.64 73.80
C HIS YA 548 -5.01 -41.66 74.88
N HIS YA 549 -6.07 -42.43 74.66
CA HIS YA 549 -6.57 -43.54 75.48
C HIS YA 549 -6.57 -43.26 76.98
N GLY YA 550 -7.47 -42.36 77.38
CA GLY YA 550 -7.71 -42.09 78.78
C GLY YA 550 -9.00 -42.72 79.26
N ASP YA 551 -9.13 -42.81 80.59
CA ASP YA 551 -10.34 -43.32 81.21
C ASP YA 551 -10.94 -42.39 82.25
N VAL YA 552 -10.29 -41.28 82.57
CA VAL YA 552 -10.87 -40.19 83.34
C VAL YA 552 -10.58 -38.91 82.60
N GLY YA 553 -11.62 -38.21 82.19
CA GLY YA 553 -11.49 -37.09 81.27
C GLY YA 553 -12.24 -37.45 80.01
N ALA YA 554 -12.07 -38.69 79.58
CA ALA YA 554 -12.82 -39.23 78.45
C ALA YA 554 -14.28 -39.52 78.81
N PRO YA 555 -14.64 -39.97 80.03
CA PRO YA 555 -16.06 -39.85 80.43
C PRO YA 555 -16.50 -38.44 80.75
N ILE YA 556 -15.55 -37.51 80.93
CA ILE YA 556 -15.85 -36.14 81.31
C ILE YA 556 -15.98 -35.27 80.05
N ALA YA 557 -16.18 -35.90 78.90
CA ALA YA 557 -15.85 -35.31 77.61
C ALA YA 557 -16.78 -34.17 77.22
N ASP YA 558 -16.19 -33.08 76.74
CA ASP YA 558 -16.89 -32.13 75.88
C ASP YA 558 -16.26 -32.12 74.49
N VAL YA 559 -14.96 -31.90 74.38
CA VAL YA 559 -14.27 -31.92 73.08
C VAL YA 559 -13.12 -32.92 73.19
N ILE YA 560 -13.21 -34.02 72.47
CA ILE YA 560 -12.15 -35.03 72.46
C ILE YA 560 -11.27 -34.80 71.24
N LEU YA 561 -9.97 -34.64 71.47
CA LEU YA 561 -9.01 -34.50 70.41
C LEU YA 561 -7.97 -35.61 70.51
N PRO YA 562 -7.67 -36.28 69.42
CA PRO YA 562 -6.73 -37.41 69.48
C PRO YA 562 -5.28 -36.97 69.51
N GLY YA 563 -4.73 -36.75 70.70
CA GLY YA 563 -3.32 -36.44 70.81
C GLY YA 563 -2.44 -37.63 70.47
N ALA YA 564 -1.19 -37.32 70.13
CA ALA YA 564 -0.21 -38.31 69.72
C ALA YA 564 0.55 -38.85 70.94
N ALA YA 565 1.09 -40.04 70.77
CA ALA YA 565 1.86 -40.68 71.83
C ALA YA 565 3.31 -40.23 71.75
N TYR YA 566 4.20 -40.87 72.52
CA TYR YA 566 5.58 -40.44 72.62
C TYR YA 566 6.51 -41.13 71.63
N THR YA 567 6.14 -42.30 71.12
CA THR YA 567 6.90 -42.92 70.04
C THR YA 567 6.51 -42.37 68.68
N GLU YA 568 5.55 -41.45 68.64
CA GLU YA 568 4.84 -41.10 67.43
C GLU YA 568 4.96 -39.62 67.09
N LYS YA 569 5.75 -38.87 67.86
CA LYS YA 569 6.02 -37.48 67.54
C LYS YA 569 7.41 -37.12 68.03
N SER YA 570 8.05 -36.24 67.28
CA SER YA 570 9.43 -35.84 67.59
C SER YA 570 9.37 -34.75 68.64
N ALA YA 571 9.39 -35.17 69.89
CA ALA YA 571 9.20 -34.28 71.02
C ALA YA 571 10.55 -33.89 71.61
N THR YA 572 10.51 -33.19 72.73
CA THR YA 572 11.71 -32.94 73.51
C THR YA 572 11.35 -33.14 74.98
N TYR YA 573 11.98 -34.11 75.61
CA TYR YA 573 11.67 -34.44 76.99
C TYR YA 573 12.87 -34.17 77.87
N VAL YA 574 12.61 -33.71 79.09
CA VAL YA 574 13.63 -33.31 80.04
C VAL YA 574 13.37 -34.04 81.36
N ASN YA 575 14.40 -34.68 81.90
CA ASN YA 575 14.23 -35.51 83.09
C ASN YA 575 14.19 -34.63 84.35
N THR YA 576 14.35 -35.27 85.51
CA THR YA 576 14.35 -34.56 86.78
C THR YA 576 15.67 -33.88 87.09
N GLU YA 577 16.78 -34.29 86.46
CA GLU YA 577 18.04 -33.60 86.69
C GLU YA 577 18.36 -32.63 85.55
N GLY YA 578 17.35 -32.26 84.77
CA GLY YA 578 17.48 -31.20 83.81
C GLY YA 578 18.37 -31.52 82.63
N ARG YA 579 18.04 -32.59 81.90
CA ARG YA 579 18.80 -32.99 80.73
C ARG YA 579 17.87 -33.00 79.53
N ALA YA 580 18.19 -32.19 78.54
CA ALA YA 580 17.37 -32.07 77.35
C ALA YA 580 17.56 -33.29 76.47
N GLN YA 581 16.46 -33.96 76.15
CA GLN YA 581 16.47 -35.16 75.34
C GLN YA 581 15.40 -35.05 74.28
N GLN YA 582 15.80 -35.10 73.02
CA GLN YA 582 14.83 -35.10 71.95
C GLN YA 582 14.41 -36.53 71.62
N THR YA 583 13.19 -36.67 71.13
CA THR YA 583 12.63 -37.95 70.75
C THR YA 583 12.63 -38.07 69.24
N LYS YA 584 12.39 -39.28 68.75
CA LYS YA 584 12.26 -39.53 67.33
C LYS YA 584 10.96 -40.28 67.05
N VAL YA 585 10.57 -40.27 65.79
CA VAL YA 585 9.30 -40.83 65.35
C VAL YA 585 9.52 -42.31 65.05
N ALA YA 586 8.61 -43.16 65.53
CA ALA YA 586 8.58 -44.54 65.07
C ALA YA 586 7.46 -44.77 64.07
N VAL YA 587 6.22 -44.53 64.47
CA VAL YA 587 5.04 -44.83 63.67
C VAL YA 587 4.17 -43.59 63.62
N MET YA 588 3.64 -43.26 62.45
CA MET YA 588 2.59 -42.25 62.50
C MET YA 588 1.30 -42.87 62.99
N PRO YA 589 0.58 -42.20 63.90
CA PRO YA 589 -0.43 -42.86 64.74
C PRO YA 589 -1.65 -43.29 63.94
N PRO YA 590 -2.41 -44.26 64.45
CA PRO YA 590 -3.66 -44.64 63.79
C PRO YA 590 -4.75 -43.60 64.02
N GLY YA 591 -5.81 -43.72 63.23
CA GLY YA 591 -6.80 -42.66 63.26
C GLY YA 591 -6.24 -41.45 62.53
N LEU YA 592 -6.78 -40.28 62.86
CA LEU YA 592 -6.25 -39.07 62.24
C LEU YA 592 -5.01 -38.59 62.99
N ALA YA 593 -5.18 -38.23 64.27
CA ALA YA 593 -4.16 -38.24 65.32
C ALA YA 593 -2.90 -37.46 64.94
N ARG YA 594 -3.07 -36.17 64.76
CA ARG YA 594 -1.97 -35.32 64.35
C ARG YA 594 -1.05 -35.02 65.53
N GLU YA 595 0.00 -34.25 65.27
CA GLU YA 595 0.88 -33.79 66.35
C GLU YA 595 0.14 -32.76 67.20
N ASP YA 596 0.56 -32.64 68.46
CA ASP YA 596 -0.17 -31.79 69.40
C ASP YA 596 0.02 -30.31 69.08
N TRP YA 597 1.28 -29.87 68.95
CA TRP YA 597 1.53 -28.47 68.64
C TRP YA 597 1.07 -28.12 67.23
N LYS YA 598 1.00 -29.11 66.35
CA LYS YA 598 0.44 -28.86 65.02
C LYS YA 598 -1.06 -28.59 65.12
N ILE YA 599 -1.76 -29.32 65.98
CA ILE YA 599 -3.17 -29.05 66.28
C ILE YA 599 -3.33 -27.66 66.89
N ILE YA 600 -2.41 -27.29 67.78
CA ILE YA 600 -2.46 -25.99 68.45
C ILE YA 600 -2.31 -24.86 67.44
N ARG YA 601 -1.36 -24.98 66.52
CA ARG YA 601 -1.12 -23.88 65.60
C ARG YA 601 -2.19 -23.81 64.52
N ALA YA 602 -2.74 -24.97 64.12
CA ALA YA 602 -3.86 -24.95 63.19
C ALA YA 602 -5.09 -24.33 63.83
N LEU YA 603 -5.36 -24.66 65.09
CA LEU YA 603 -6.48 -24.07 65.80
C LEU YA 603 -6.25 -22.57 66.04
N SER YA 604 -4.99 -22.17 66.20
CA SER YA 604 -4.69 -20.75 66.32
C SER YA 604 -4.97 -20.02 65.01
N GLU YA 605 -4.73 -20.68 63.88
CA GLU YA 605 -5.05 -20.04 62.62
C GLU YA 605 -6.55 -20.01 62.36
N ILE YA 606 -7.27 -21.02 62.84
CA ILE YA 606 -8.72 -21.05 62.65
C ILE YA 606 -9.39 -20.01 63.54
N ALA YA 607 -8.89 -19.82 64.75
CA ALA YA 607 -9.29 -18.66 65.53
C ALA YA 607 -8.74 -17.38 64.89
N GLY YA 608 -9.32 -16.25 65.28
CA GLY YA 608 -8.92 -14.98 64.70
C GLY YA 608 -7.58 -14.44 65.18
N MET YA 609 -6.51 -15.20 64.96
CA MET YA 609 -5.16 -14.92 65.41
C MET YA 609 -4.23 -15.87 64.66
N THR YA 610 -2.98 -15.94 65.08
CA THR YA 610 -2.01 -16.86 64.51
C THR YA 610 -0.93 -17.11 65.55
N LEU YA 611 0.05 -17.93 65.18
CA LEU YA 611 1.24 -18.13 65.98
C LEU YA 611 2.48 -18.08 65.08
N PRO YA 612 3.52 -17.35 65.48
CA PRO YA 612 4.64 -17.06 64.57
C PRO YA 612 5.61 -18.23 64.40
N TYR YA 613 5.10 -19.34 63.86
CA TYR YA 613 5.94 -20.46 63.44
C TYR YA 613 5.16 -21.33 62.47
N ASP YA 614 5.90 -22.08 61.68
CA ASP YA 614 5.32 -23.08 60.79
C ASP YA 614 5.94 -24.46 60.95
N THR YA 615 7.25 -24.54 61.22
CA THR YA 615 7.96 -25.80 61.26
C THR YA 615 8.43 -26.11 62.67
N LEU YA 616 8.85 -27.37 62.87
CA LEU YA 616 9.28 -27.80 64.18
C LEU YA 616 10.58 -27.13 64.59
N ASP YA 617 11.43 -26.78 63.62
CA ASP YA 617 12.62 -26.01 63.96
C ASP YA 617 12.26 -24.59 64.37
N GLN YA 618 11.20 -24.03 63.81
CA GLN YA 618 10.72 -22.75 64.30
C GLN YA 618 10.12 -22.87 65.69
N VAL YA 619 9.53 -24.04 66.01
CA VAL YA 619 9.05 -24.26 67.37
C VAL YA 619 10.20 -24.35 68.34
N ARG YA 620 11.29 -25.04 67.95
CA ARG YA 620 12.47 -25.10 68.80
C ARG YA 620 13.17 -23.76 68.90
N ASN YA 621 13.06 -22.93 67.87
CA ASN YA 621 13.56 -21.56 67.99
C ASN YA 621 12.72 -20.74 68.96
N ARG YA 622 11.40 -20.97 69.00
CA ARG YA 622 10.60 -20.29 70.02
C ARG YA 622 10.89 -20.81 71.42
N LEU YA 623 11.16 -22.11 71.55
CA LEU YA 623 11.62 -22.66 72.82
C LEU YA 623 12.94 -22.04 73.25
N GLU YA 624 13.81 -21.76 72.29
CA GLU YA 624 15.01 -20.99 72.57
C GLU YA 624 14.68 -19.58 73.02
N GLU YA 625 13.71 -18.93 72.36
CA GLU YA 625 13.29 -17.57 72.69
C GLU YA 625 12.55 -17.47 74.01
N VAL YA 626 12.11 -18.59 74.57
CA VAL YA 626 11.54 -18.61 75.91
C VAL YA 626 12.58 -18.96 76.94
N SER YA 627 13.33 -20.05 76.73
CA SER YA 627 14.42 -20.44 77.59
C SER YA 627 15.37 -21.36 76.84
N PRO YA 628 16.62 -20.95 76.58
CA PRO YA 628 17.51 -21.75 75.74
C PRO YA 628 18.16 -22.94 76.44
N ASN YA 629 17.75 -23.29 77.67
CA ASN YA 629 18.25 -24.51 78.27
C ASN YA 629 17.70 -25.75 77.57
N LEU YA 630 16.49 -25.67 77.02
CA LEU YA 630 15.80 -26.84 76.54
C LEU YA 630 16.10 -27.16 75.08
N VAL YA 631 17.08 -26.48 74.47
CA VAL YA 631 17.46 -26.78 73.10
C VAL YA 631 18.85 -27.39 73.01
N ARG YA 632 19.75 -27.10 73.95
CA ARG YA 632 21.05 -27.76 74.00
C ARG YA 632 20.85 -29.15 74.58
N TYR YA 633 20.98 -30.16 73.73
CA TYR YA 633 20.56 -31.50 74.09
C TYR YA 633 21.66 -32.23 74.83
N ASP YA 634 21.24 -32.99 75.85
CA ASP YA 634 22.09 -33.91 76.62
C ASP YA 634 23.22 -33.18 77.34
N ASP YA 635 22.84 -32.18 78.14
CA ASP YA 635 23.75 -31.43 78.99
C ASP YA 635 23.12 -31.20 80.34
N VAL YA 636 23.93 -30.71 81.26
CA VAL YA 636 23.47 -30.24 82.57
C VAL YA 636 24.42 -29.16 83.03
N GLU YA 637 23.88 -28.17 83.74
CA GLU YA 637 24.70 -27.14 84.37
C GLU YA 637 24.13 -26.92 85.76
N GLY YA 638 24.96 -27.15 86.77
CA GLY YA 638 24.45 -27.26 88.14
C GLY YA 638 23.97 -25.92 88.68
N ALA YA 639 22.85 -25.96 89.39
CA ALA YA 639 22.29 -24.76 89.99
C ALA YA 639 23.15 -24.32 91.16
N ASN YA 640 23.00 -23.04 91.51
CA ASN YA 640 23.77 -22.46 92.59
C ASN YA 640 22.80 -21.71 93.50
N TYR YA 641 23.38 -20.98 94.46
CA TYR YA 641 22.67 -20.04 95.34
C TYR YA 641 21.66 -20.74 96.25
N PHE YA 642 22.20 -21.70 97.01
CA PHE YA 642 21.40 -22.44 97.99
C PHE YA 642 20.95 -21.54 99.12
N GLN YA 643 21.85 -20.68 99.60
CA GLN YA 643 21.51 -19.73 100.65
C GLN YA 643 20.45 -18.74 100.17
N GLN YA 644 20.55 -18.31 98.92
CA GLN YA 644 19.57 -17.39 98.37
C GLN YA 644 18.22 -18.06 98.20
N ALA YA 645 18.20 -19.32 97.79
CA ALA YA 645 16.96 -20.07 97.72
C ALA YA 645 16.32 -20.24 99.09
N SER YA 646 17.13 -20.62 100.09
CA SER YA 646 16.59 -20.88 101.41
C SER YA 646 16.18 -19.60 102.13
N GLU YA 647 16.83 -18.48 101.82
CA GLU YA 647 16.40 -17.22 102.40
C GLU YA 647 15.23 -16.61 101.64
N LEU YA 648 14.97 -17.07 100.43
CA LEU YA 648 13.68 -16.81 99.81
C LEU YA 648 12.59 -17.68 100.41
N SER YA 649 12.95 -18.84 100.93
CA SER YA 649 11.95 -19.69 101.56
C SER YA 649 11.61 -19.32 103.00
N LYS YA 650 12.13 -18.20 103.53
CA LYS YA 650 11.88 -17.87 104.92
C LYS YA 650 10.53 -17.19 105.16
N LEU YA 651 9.76 -16.89 104.11
CA LEU YA 651 8.59 -16.03 104.26
C LEU YA 651 7.41 -16.76 104.89
N VAL YA 652 6.94 -17.83 104.25
CA VAL YA 652 5.76 -18.56 104.71
C VAL YA 652 6.13 -19.27 106.01
N ASN YA 653 5.56 -18.81 107.12
CA ASN YA 653 5.91 -19.28 108.45
C ASN YA 653 4.63 -19.85 109.06
N GLN YA 654 4.47 -21.17 108.97
CA GLN YA 654 3.24 -21.82 109.36
C GLN YA 654 3.51 -23.06 110.22
N GLN YA 655 2.50 -23.91 110.37
CA GLN YA 655 2.64 -25.17 111.07
C GLN YA 655 3.02 -26.29 110.11
N LEU YA 656 3.54 -27.37 110.69
CA LEU YA 656 3.78 -28.62 109.98
C LEU YA 656 2.95 -29.69 110.67
N LEU YA 657 2.18 -30.44 109.89
CA LEU YA 657 1.15 -31.31 110.44
C LEU YA 657 1.75 -32.52 111.13
N ALA YA 658 0.96 -33.14 112.00
CA ALA YA 658 1.41 -34.23 112.84
C ALA YA 658 0.91 -35.59 112.38
N ASP YA 659 0.21 -35.66 111.26
CA ASP YA 659 -0.17 -36.95 110.71
C ASP YA 659 1.04 -37.61 110.05
N PRO YA 660 1.11 -38.94 110.06
CA PRO YA 660 2.21 -39.62 109.36
C PRO YA 660 2.05 -39.50 107.85
N LEU YA 661 3.06 -38.92 107.23
CA LEU YA 661 3.07 -38.78 105.78
C LEU YA 661 3.31 -40.13 105.14
N VAL YA 662 2.56 -40.43 104.09
CA VAL YA 662 2.72 -41.72 103.43
C VAL YA 662 2.67 -41.53 101.91
N PRO YA 663 3.64 -42.12 101.20
CA PRO YA 663 3.53 -42.14 99.74
C PRO YA 663 2.48 -43.15 99.32
N PRO YA 664 1.78 -42.91 98.22
CA PRO YA 664 0.81 -43.91 97.74
C PRO YA 664 1.48 -45.15 97.20
N GLN YA 665 2.69 -45.02 96.66
CA GLN YA 665 3.41 -46.11 96.02
C GLN YA 665 3.89 -47.06 97.11
N LEU YA 666 2.97 -47.90 97.58
CA LEU YA 666 3.20 -48.70 98.76
C LEU YA 666 3.51 -50.16 98.45
N THR YA 667 3.05 -50.67 97.31
CA THR YA 667 3.27 -52.06 96.98
C THR YA 667 3.25 -52.24 95.47
N ILE YA 668 3.27 -53.51 95.04
CA ILE YA 668 3.54 -53.87 93.66
C ILE YA 668 2.37 -53.49 92.76
N LYS YA 669 1.16 -53.74 93.24
CA LYS YA 669 -0.03 -53.44 92.45
C LYS YA 669 -0.21 -51.94 92.27
N ASP YA 670 0.13 -51.17 93.30
CA ASP YA 670 0.05 -49.73 93.23
C ASP YA 670 1.17 -49.15 92.38
N PHE YA 671 2.28 -49.87 92.24
CA PHE YA 671 3.24 -49.45 91.23
C PHE YA 671 2.72 -49.71 89.82
N TYR YA 672 2.12 -50.88 89.62
CA TYR YA 672 1.72 -51.28 88.28
C TYR YA 672 0.56 -50.44 87.74
N MET YA 673 -0.30 -49.91 88.60
CA MET YA 673 -1.50 -49.25 88.12
C MET YA 673 -1.38 -47.75 87.93
N THR YA 674 -0.29 -47.12 88.37
CA THR YA 674 -0.27 -45.66 88.47
C THR YA 674 0.33 -45.04 87.23
N ASP YA 675 -0.32 -45.28 86.10
CA ASP YA 675 -0.12 -44.59 84.82
C ASP YA 675 -1.33 -44.81 83.94
N SER YA 676 -1.46 -43.92 82.94
CA SER YA 676 -2.53 -44.05 81.95
C SER YA 676 -2.30 -45.28 81.08
N ILE YA 677 -1.09 -45.45 80.55
CA ILE YA 677 -0.83 -46.51 79.59
C ILE YA 677 -0.82 -47.86 80.29
N SER YA 678 -0.10 -47.95 81.40
CA SER YA 678 -0.05 -49.20 82.16
C SER YA 678 -1.39 -49.52 82.80
N ARG YA 679 -2.24 -48.51 82.99
CA ARG YA 679 -3.63 -48.80 83.29
C ARG YA 679 -4.35 -49.37 82.08
N ALA YA 680 -4.00 -48.88 80.89
CA ALA YA 680 -4.76 -49.18 79.69
C ALA YA 680 -4.41 -50.53 79.07
N SER YA 681 -3.33 -51.18 79.48
CA SER YA 681 -2.90 -52.43 78.86
C SER YA 681 -3.67 -53.61 79.41
N GLN YA 682 -3.12 -54.79 79.23
CA GLN YA 682 -3.63 -56.02 79.82
C GLN YA 682 -2.58 -56.83 80.55
N THR YA 683 -1.31 -56.69 80.16
CA THR YA 683 -0.25 -57.43 80.81
C THR YA 683 -0.07 -56.97 82.25
N MET YA 684 -0.33 -55.70 82.51
CA MET YA 684 -0.25 -55.20 83.87
C MET YA 684 -1.35 -55.79 84.74
N ALA YA 685 -2.55 -55.94 84.19
CA ALA YA 685 -3.63 -56.61 84.91
C ALA YA 685 -3.30 -58.07 85.17
N LYS YA 686 -2.64 -58.72 84.20
CA LYS YA 686 -2.24 -60.11 84.36
C LYS YA 686 -1.26 -60.28 85.51
N CYS YA 687 -0.24 -59.43 85.56
CA CYS YA 687 0.75 -59.61 86.61
C CYS YA 687 0.24 -59.13 87.97
N VAL YA 688 -0.68 -58.15 88.00
CA VAL YA 688 -1.29 -57.74 89.26
C VAL YA 688 -2.12 -58.87 89.86
N LYS YA 689 -3.00 -59.46 89.05
CA LYS YA 689 -3.83 -60.53 89.58
C LYS YA 689 -3.01 -61.80 89.83
N ALA YA 690 -1.86 -61.96 89.16
CA ALA YA 690 -0.96 -63.05 89.51
C ALA YA 690 -0.28 -62.79 90.85
N VAL YA 691 -0.02 -61.53 91.19
CA VAL YA 691 0.55 -61.20 92.50
C VAL YA 691 -0.46 -61.44 93.61
N THR YA 692 -1.71 -61.02 93.39
CA THR YA 692 -2.72 -61.14 94.44
C THR YA 692 -3.18 -62.59 94.62
N GLU YA 693 -3.54 -63.24 93.53
CA GLU YA 693 -4.11 -64.59 93.56
C GLU YA 693 -3.06 -65.65 93.83
N ALA ZA 1 46.10 12.58 -23.59
CA ALA ZA 1 46.97 12.80 -24.73
C ALA ZA 1 46.21 13.50 -25.84
N ARG ZA 2 45.33 14.42 -25.44
CA ARG ZA 2 44.69 15.46 -26.25
C ARG ZA 2 43.62 14.90 -27.19
N GLN ZA 3 43.51 13.59 -27.30
CA GLN ZA 3 42.42 12.92 -27.99
C GLN ZA 3 41.51 12.28 -26.95
N TRP ZA 4 40.21 12.50 -27.09
CA TRP ZA 4 39.30 11.99 -26.08
C TRP ZA 4 39.14 10.49 -26.20
N GLN ZA 5 39.09 9.83 -25.06
CA GLN ZA 5 38.77 8.43 -24.94
C GLN ZA 5 37.61 8.28 -23.98
N PRO ZA 6 36.80 7.24 -24.13
CA PRO ZA 6 35.75 6.98 -23.14
C PRO ZA 6 36.35 6.56 -21.81
N ASP ZA 7 35.52 6.68 -20.78
CA ASP ZA 7 35.99 6.58 -19.42
C ASP ZA 7 35.30 5.45 -18.67
N VAL ZA 8 35.53 5.46 -17.37
CA VAL ZA 8 34.90 4.53 -16.45
C VAL ZA 8 33.38 4.66 -16.51
N GLU ZA 9 32.87 5.89 -16.60
CA GLU ZA 9 31.43 6.06 -16.59
C GLU ZA 9 30.78 5.61 -17.90
N TRP ZA 10 31.46 5.76 -19.04
CA TRP ZA 10 30.96 5.18 -20.29
C TRP ZA 10 30.95 3.66 -20.23
N ALA ZA 11 32.06 3.07 -19.83
CA ALA ZA 11 32.10 1.62 -19.85
C ALA ZA 11 31.31 1.01 -18.70
N GLU ZA 12 30.84 1.80 -17.75
CA GLU ZA 12 29.81 1.34 -16.84
C GLU ZA 12 28.40 1.63 -17.35
N GLN ZA 13 28.25 2.60 -18.26
CA GLN ZA 13 26.98 2.72 -18.97
C GLN ZA 13 26.73 1.52 -19.86
N TYR ZA 14 27.78 0.88 -20.39
CA TYR ZA 14 27.54 -0.37 -21.09
C TYR ZA 14 27.49 -1.54 -20.13
N GLY ZA 15 26.67 -1.47 -19.10
CA GLY ZA 15 26.69 -2.44 -18.03
C GLY ZA 15 25.29 -2.71 -17.51
N GLY ZA 16 25.21 -3.62 -16.55
CA GLY ZA 16 23.94 -4.15 -16.12
C GLY ZA 16 23.44 -5.22 -17.08
N ALA ZA 17 22.39 -5.93 -16.66
CA ALA ZA 17 21.85 -6.97 -17.50
C ALA ZA 17 21.13 -6.41 -18.72
N VAL ZA 18 20.66 -5.18 -18.59
CA VAL ZA 18 20.04 -4.46 -19.70
C VAL ZA 18 20.85 -3.21 -19.96
N MET ZA 19 20.67 -2.66 -21.15
CA MET ZA 19 21.25 -1.36 -21.46
C MET ZA 19 20.34 -0.23 -21.02
N TYR ZA 20 19.09 -0.32 -21.34
CA TYR ZA 20 18.13 0.73 -21.06
C TYR ZA 20 17.34 0.38 -19.82
N PRO ZA 21 17.18 1.30 -18.88
CA PRO ZA 21 16.39 1.00 -17.69
C PRO ZA 21 14.91 0.95 -18.01
N THR ZA 22 14.20 0.19 -17.19
CA THR ZA 22 12.74 0.13 -17.24
C THR ZA 22 12.18 0.54 -15.88
N LYS ZA 23 10.87 0.41 -15.74
CA LYS ZA 23 10.24 0.48 -14.44
C LYS ZA 23 10.25 -0.86 -13.72
N GLU ZA 24 10.95 -1.84 -14.27
CA GLU ZA 24 11.17 -3.11 -13.60
C GLU ZA 24 12.63 -3.52 -13.57
N THR ZA 25 13.55 -2.68 -14.02
CA THR ZA 25 14.92 -3.10 -14.26
C THR ZA 25 15.71 -3.37 -12.99
N ALA ZA 26 15.16 -3.09 -11.80
CA ALA ZA 26 15.86 -3.31 -10.55
C ALA ZA 26 15.95 -4.77 -10.14
N HIS ZA 27 15.38 -5.68 -10.92
CA HIS ZA 27 15.38 -7.09 -10.58
C HIS ZA 27 16.40 -7.89 -11.37
N TRP ZA 28 16.72 -7.46 -12.58
CA TRP ZA 28 17.76 -8.13 -13.35
C TRP ZA 28 19.14 -7.80 -12.79
N LYS ZA 29 20.00 -8.80 -12.81
CA LYS ZA 29 21.38 -8.70 -12.37
C LYS ZA 29 22.29 -9.24 -13.47
N PRO ZA 30 23.50 -8.71 -13.59
CA PRO ZA 30 24.42 -9.25 -14.58
C PRO ZA 30 24.86 -10.64 -14.19
N PRO ZA 31 25.18 -11.51 -15.15
CA PRO ZA 31 25.47 -12.89 -14.82
C PRO ZA 31 26.83 -13.03 -14.18
N PRO ZA 32 27.06 -14.09 -13.42
CA PRO ZA 32 28.41 -14.39 -12.96
C PRO ZA 32 29.29 -14.81 -14.12
N TRP ZA 33 30.59 -14.75 -13.86
CA TRP ZA 33 31.59 -14.84 -14.92
C TRP ZA 33 32.04 -16.26 -15.18
N ASN ZA 34 31.71 -17.17 -14.28
CA ASN ZA 34 31.75 -18.60 -14.56
C ASN ZA 34 30.44 -19.09 -15.13
N ASP ZA 35 29.43 -18.21 -15.22
CA ASP ZA 35 28.01 -18.57 -15.46
C ASP ZA 35 27.53 -19.66 -14.51
N VAL ZA 36 27.92 -19.53 -13.24
CA VAL ZA 36 27.53 -20.48 -12.21
C VAL ZA 36 26.93 -19.67 -11.07
N ASP ZA 37 25.65 -19.85 -10.80
CA ASP ZA 37 25.02 -19.24 -9.64
C ASP ZA 37 25.50 -19.96 -8.38
N PRO ZA 38 25.34 -19.34 -7.21
CA PRO ZA 38 25.53 -20.08 -5.94
C PRO ZA 38 24.56 -21.24 -5.86
N PRO ZA 39 25.08 -22.48 -5.73
CA PRO ZA 39 24.37 -23.67 -6.24
C PRO ZA 39 23.00 -23.98 -5.67
N LYS ZA 40 22.89 -24.26 -4.39
CA LYS ZA 40 21.60 -24.66 -3.85
C LYS ZA 40 21.14 -23.80 -2.68
N ASP ZA 41 22.06 -23.52 -1.74
CA ASP ZA 41 21.89 -22.83 -0.45
C ASP ZA 41 21.00 -23.59 0.52
N THR ZA 42 20.58 -24.80 0.16
CA THR ZA 42 19.76 -25.69 0.97
C THR ZA 42 20.27 -27.12 0.80
N LEU ZA 43 21.58 -27.28 0.94
CA LEU ZA 43 22.40 -28.24 0.21
C LEU ZA 43 22.01 -29.72 0.31
N VAL ZA 44 22.20 -30.35 1.47
CA VAL ZA 44 22.07 -31.79 1.61
C VAL ZA 44 21.28 -32.12 2.87
N SER ZA 45 20.76 -33.35 2.90
CA SER ZA 45 20.24 -33.96 4.13
C SER ZA 45 20.39 -35.47 3.98
N ASN ZA 46 21.44 -36.03 4.57
CA ASN ZA 46 21.54 -37.48 4.66
C ASN ZA 46 20.49 -38.00 5.62
N LEU ZA 47 19.93 -39.16 5.30
CA LEU ZA 47 18.75 -39.63 6.02
C LEU ZA 47 19.11 -40.15 7.40
N THR ZA 48 18.24 -39.84 8.36
CA THR ZA 48 18.39 -40.24 9.75
C THR ZA 48 17.26 -41.20 10.08
N LEU ZA 49 17.52 -42.48 9.88
CA LEU ZA 49 16.53 -43.50 10.15
C LEU ZA 49 16.62 -43.93 11.61
N ASN ZA 50 15.47 -43.91 12.28
CA ASN ZA 50 15.34 -44.43 13.65
C ASN ZA 50 14.70 -45.80 13.54
N PHE ZA 51 15.52 -46.83 13.48
CA PHE ZA 51 14.99 -48.16 13.68
C PHE ZA 51 14.68 -48.27 15.17
N GLY ZA 52 13.40 -48.24 15.50
CA GLY ZA 52 12.98 -48.24 16.89
C GLY ZA 52 12.87 -49.64 17.44
N PRO ZA 53 12.25 -49.77 18.63
CA PRO ZA 53 12.19 -51.07 19.30
C PRO ZA 53 11.26 -52.09 18.66
N GLN ZA 54 10.68 -51.81 17.50
CA GLN ZA 54 10.06 -52.86 16.72
C GLN ZA 54 11.13 -53.71 16.04
N HIS ZA 55 10.70 -54.79 15.40
CA HIS ZA 55 11.60 -55.91 15.19
C HIS ZA 55 12.07 -56.02 13.73
N PRO ZA 56 13.35 -56.39 13.50
CA PRO ZA 56 13.96 -56.43 12.17
C PRO ZA 56 13.42 -57.50 11.23
N GLY ZA 60 18.30 -59.28 19.47
CA GLY ZA 60 17.82 -58.56 20.63
C GLY ZA 60 16.97 -57.37 20.25
N VAL ZA 61 16.75 -56.47 21.21
CA VAL ZA 61 15.95 -55.27 21.01
C VAL ZA 61 16.79 -54.06 21.35
N LEU ZA 62 16.98 -53.17 20.38
CA LEU ZA 62 17.88 -52.04 20.53
C LEU ZA 62 17.33 -50.87 19.72
N ARG ZA 63 17.73 -49.66 20.10
CA ARG ZA 63 17.49 -48.51 19.25
C ARG ZA 63 18.66 -48.36 18.31
N LEU ZA 64 18.38 -48.30 17.01
CA LEU ZA 64 19.45 -48.04 16.05
C LEU ZA 64 19.12 -46.71 15.41
N VAL ZA 65 20.09 -45.79 15.40
CA VAL ZA 65 19.90 -44.50 14.78
C VAL ZA 65 20.95 -44.42 13.68
N MET ZA 66 20.58 -44.77 12.47
CA MET ZA 66 21.55 -44.75 11.38
C MET ZA 66 21.37 -43.48 10.58
N GLU ZA 67 22.45 -43.04 9.94
CA GLU ZA 67 22.45 -41.88 9.09
C GLU ZA 67 23.22 -42.28 7.84
N LEU ZA 68 22.64 -41.96 6.69
CA LEU ZA 68 23.10 -42.62 5.48
C LEU ZA 68 22.93 -41.75 4.24
N SER ZA 69 23.91 -41.85 3.35
CA SER ZA 69 23.57 -41.83 1.94
C SER ZA 69 22.96 -43.19 1.61
N GLY ZA 70 22.03 -43.17 0.66
CA GLY ZA 70 21.04 -44.23 0.55
C GLY ZA 70 21.60 -45.53 0.01
N GLU ZA 71 21.02 -46.66 0.48
CA GLU ZA 71 21.50 -48.03 0.26
C GLU ZA 71 22.94 -48.20 0.70
N MET ZA 72 23.32 -47.41 1.69
CA MET ZA 72 24.71 -47.15 2.02
C MET ZA 72 24.66 -46.54 3.42
N VAL ZA 73 25.60 -45.66 3.72
CA VAL ZA 73 25.84 -45.28 5.10
C VAL ZA 73 26.31 -43.84 5.12
N ARG ZA 74 26.27 -43.23 6.30
CA ARG ZA 74 27.25 -42.24 6.71
C ARG ZA 74 27.89 -42.64 8.02
N LYS ZA 75 27.06 -42.88 9.04
CA LYS ZA 75 27.47 -43.15 10.42
C LYS ZA 75 26.21 -43.45 11.23
N CYS ZA 76 26.38 -44.21 12.30
CA CYS ZA 76 25.22 -44.58 13.10
C CYS ZA 76 25.55 -44.49 14.58
N ASP ZA 77 24.50 -44.57 15.38
CA ASP ZA 77 24.59 -44.54 16.84
C ASP ZA 77 23.74 -45.69 17.36
N PRO ZA 78 24.34 -46.71 17.93
CA PRO ZA 78 23.56 -47.75 18.59
C PRO ZA 78 23.16 -47.28 19.98
N HIS ZA 79 21.91 -46.91 20.15
CA HIS ZA 79 21.41 -46.49 21.44
C HIS ZA 79 20.85 -47.70 22.18
N ILE ZA 80 21.47 -47.99 23.31
CA ILE ZA 80 21.07 -49.07 24.20
C ILE ZA 80 20.96 -48.48 25.59
N GLY ZA 81 20.16 -49.13 26.42
CA GLY ZA 81 19.83 -48.64 27.73
C GLY ZA 81 18.37 -48.94 27.89
N LEU ZA 82 17.82 -49.42 26.77
CA LEU ZA 82 16.42 -49.82 26.71
C LEU ZA 82 16.16 -50.97 27.67
N LEU ZA 83 17.07 -51.92 27.73
CA LEU ZA 83 16.92 -53.03 28.67
C LEU ZA 83 17.83 -52.82 29.88
N HIS ZA 84 17.66 -51.69 30.57
CA HIS ZA 84 18.42 -51.44 31.78
C HIS ZA 84 17.60 -51.80 33.00
N ARG ZA 85 18.21 -52.49 33.95
CA ARG ZA 85 17.47 -53.11 35.02
C ARG ZA 85 17.97 -52.77 36.42
N GLY ZA 86 19.10 -52.09 36.56
CA GLY ZA 86 19.57 -51.71 37.88
C GLY ZA 86 20.22 -52.84 38.65
N THR ZA 87 20.95 -53.70 37.95
CA THR ZA 87 21.44 -54.93 38.55
C THR ZA 87 22.53 -54.66 39.57
N GLU ZA 88 23.44 -53.73 39.27
CA GLU ZA 88 24.55 -53.42 40.17
C GLU ZA 88 24.05 -52.79 41.46
N LYS ZA 89 23.00 -51.98 41.36
CA LYS ZA 89 22.43 -51.36 42.55
C LYS ZA 89 21.73 -52.40 43.42
N LEU ZA 90 20.96 -53.28 42.79
CA LEU ZA 90 20.30 -54.35 43.54
C LEU ZA 90 21.30 -55.30 44.18
N ILE ZA 91 22.45 -55.52 43.54
CA ILE ZA 91 23.47 -56.32 44.21
C ILE ZA 91 24.12 -55.52 45.33
N GLU ZA 92 24.21 -54.19 45.19
CA GLU ZA 92 24.73 -53.37 46.28
C GLU ZA 92 23.87 -53.40 47.51
N TYR ZA 93 22.60 -53.78 47.40
CA TYR ZA 93 21.85 -53.97 48.65
C TYR ZA 93 21.67 -55.41 49.07
N LYS ZA 94 22.07 -56.40 48.28
CA LYS ZA 94 21.83 -57.77 48.67
C LYS ZA 94 23.13 -58.46 49.05
N THR ZA 95 23.01 -59.72 49.44
CA THR ZA 95 24.15 -60.51 49.88
C THR ZA 95 24.72 -61.29 48.71
N TYR ZA 96 25.61 -62.23 48.99
CA TYR ZA 96 26.29 -62.96 47.92
C TYR ZA 96 25.39 -64.02 47.32
N LEU ZA 97 24.91 -64.92 48.17
CA LEU ZA 97 24.03 -66.00 47.75
C LEU ZA 97 22.72 -65.47 47.18
N GLN ZA 98 22.14 -64.47 47.83
CA GLN ZA 98 20.85 -63.95 47.41
C GLN ZA 98 20.93 -63.13 46.13
N ALA ZA 99 22.11 -62.91 45.58
CA ALA ZA 99 22.26 -62.16 44.35
C ALA ZA 99 23.03 -62.92 43.28
N LEU ZA 100 23.48 -64.13 43.57
CA LEU ZA 100 23.93 -65.02 42.50
C LEU ZA 100 22.95 -65.18 41.32
N PRO ZA 101 21.62 -65.22 41.48
CA PRO ZA 101 20.77 -65.20 40.29
C PRO ZA 101 20.86 -63.94 39.45
N TYR ZA 102 21.26 -62.80 40.01
CA TYR ZA 102 21.48 -61.63 39.17
C TYR ZA 102 22.60 -61.88 38.16
N PHE ZA 103 23.66 -62.55 38.60
CA PHE ZA 103 24.68 -62.93 37.64
C PHE ZA 103 24.19 -64.03 36.74
N ASP ZA 104 23.28 -64.88 37.21
CA ASP ZA 104 22.79 -65.92 36.32
C ASP ZA 104 21.94 -65.35 35.20
N ARG ZA 105 21.33 -64.19 35.39
CA ARG ZA 105 20.43 -63.69 34.37
C ARG ZA 105 20.76 -62.27 33.92
N LEU ZA 106 21.97 -61.78 34.15
CA LEU ZA 106 22.40 -60.61 33.39
C LEU ZA 106 22.56 -61.01 31.93
N ASP ZA 107 23.51 -61.87 31.63
CA ASP ZA 107 23.43 -62.68 30.44
C ASP ZA 107 22.48 -63.80 30.77
N TYR ZA 108 21.71 -64.22 29.79
CA TYR ZA 108 20.83 -65.34 30.03
C TYR ZA 108 21.20 -66.60 29.26
N VAL ZA 109 22.03 -66.49 28.24
CA VAL ZA 109 22.40 -67.66 27.48
C VAL ZA 109 23.40 -68.50 28.26
N SER ZA 110 24.42 -67.85 28.78
CA SER ZA 110 25.48 -68.51 29.55
C SER ZA 110 25.00 -68.80 30.96
N MET ZA 111 24.00 -69.67 31.05
CA MET ZA 111 23.32 -70.00 32.30
C MET ZA 111 24.20 -70.76 33.29
N MET ZA 112 25.39 -71.17 32.90
CA MET ZA 112 26.34 -71.75 33.83
C MET ZA 112 27.69 -71.07 33.81
N CYS ZA 113 28.05 -70.40 32.72
CA CYS ZA 113 29.35 -69.78 32.66
C CYS ZA 113 29.41 -68.53 33.52
N ASN ZA 114 28.30 -67.79 33.60
CA ASN ZA 114 28.27 -66.66 34.51
C ASN ZA 114 28.31 -67.12 35.96
N GLU ZA 115 27.67 -68.24 36.24
CA GLU ZA 115 27.78 -68.88 37.54
C GLU ZA 115 29.21 -69.23 37.87
N GLN ZA 116 29.93 -69.79 36.90
CA GLN ZA 116 31.31 -70.20 37.13
C GLN ZA 116 32.20 -68.99 37.34
N ALA ZA 117 31.92 -67.90 36.63
CA ALA ZA 117 32.74 -66.71 36.78
C ALA ZA 117 32.51 -66.05 38.13
N TYR ZA 118 31.25 -65.96 38.57
CA TYR ZA 118 30.99 -65.39 39.89
C TYR ZA 118 31.55 -66.26 40.99
N SER ZA 119 31.40 -67.57 40.86
CA SER ZA 119 31.88 -68.47 41.90
C SER ZA 119 33.39 -68.46 41.98
N LEU ZA 120 34.08 -68.34 40.85
CA LEU ZA 120 35.52 -68.23 40.94
C LEU ZA 120 35.97 -66.87 41.41
N ALA ZA 121 35.15 -65.83 41.23
CA ALA ZA 121 35.48 -64.54 41.83
C ALA ZA 121 35.43 -64.64 43.36
N VAL ZA 122 34.38 -65.27 43.88
CA VAL ZA 122 34.25 -65.38 45.33
C VAL ZA 122 35.27 -66.36 45.90
N GLU ZA 123 35.50 -67.49 45.23
CA GLU ZA 123 36.50 -68.45 45.69
C GLU ZA 123 37.90 -67.90 45.58
N LYS ZA 124 38.18 -67.05 44.59
CA LYS ZA 124 39.47 -66.42 44.49
C LYS ZA 124 39.66 -65.40 45.60
N LEU ZA 125 38.56 -64.78 46.03
CA LEU ZA 125 38.71 -63.83 47.12
C LEU ZA 125 38.79 -64.53 48.47
N LEU ZA 126 38.25 -65.74 48.59
CA LEU ZA 126 37.95 -66.32 49.88
C LEU ZA 126 38.91 -67.44 50.29
N ASN ZA 127 39.93 -67.73 49.46
CA ASN ZA 127 40.95 -68.77 49.71
C ASN ZA 127 40.33 -70.16 49.91
N ILE ZA 128 39.67 -70.65 48.87
CA ILE ZA 128 39.07 -71.98 48.88
C ILE ZA 128 39.42 -72.67 47.57
N GLN ZA 129 40.09 -73.82 47.66
CA GLN ZA 129 40.31 -74.61 46.46
C GLN ZA 129 39.22 -75.67 46.42
N PRO ZA 130 38.29 -75.63 45.47
CA PRO ZA 130 37.17 -76.57 45.44
C PRO ZA 130 37.63 -77.99 45.14
N PRO ZA 131 36.85 -79.00 45.53
CA PRO ZA 131 37.30 -80.40 45.37
C PRO ZA 131 37.27 -80.82 43.91
N PRO ZA 132 37.94 -81.92 43.54
CA PRO ZA 132 38.06 -82.23 42.10
C PRO ZA 132 36.77 -82.56 41.39
N ARG ZA 133 35.86 -83.35 42.00
CA ARG ZA 133 34.64 -83.72 41.31
C ARG ZA 133 33.74 -82.52 41.08
N ALA ZA 134 33.79 -81.55 41.99
CA ALA ZA 134 33.14 -80.26 41.74
C ALA ZA 134 33.73 -79.57 40.53
N GLN ZA 135 35.05 -79.60 40.40
CA GLN ZA 135 35.70 -78.95 39.26
C GLN ZA 135 35.34 -79.62 37.95
N TRP ZA 136 35.25 -80.95 37.94
CA TRP ZA 136 34.95 -81.64 36.69
C TRP ZA 136 33.49 -81.44 36.29
N ILE ZA 137 32.57 -81.43 37.27
CA ILE ZA 137 31.16 -81.18 36.95
C ILE ZA 137 30.97 -79.75 36.46
N ARG ZA 138 31.70 -78.81 37.07
CA ARG ZA 138 31.66 -77.42 36.62
C ARG ZA 138 32.21 -77.27 35.20
N VAL ZA 139 33.29 -77.99 34.87
CA VAL ZA 139 33.85 -77.91 33.53
C VAL ZA 139 32.93 -78.55 32.50
N LEU ZA 140 32.30 -79.67 32.87
CA LEU ZA 140 31.37 -80.34 31.97
C LEU ZA 140 30.18 -79.45 31.64
N PHE ZA 141 29.59 -78.83 32.65
CA PHE ZA 141 28.49 -77.93 32.37
C PHE ZA 141 28.95 -76.65 31.69
N GLY ZA 142 30.20 -76.23 31.91
CA GLY ZA 142 30.71 -75.07 31.20
C GLY ZA 142 30.83 -75.31 29.71
N GLU ZA 143 31.32 -76.50 29.33
CA GLU ZA 143 31.44 -76.81 27.92
C GLU ZA 143 30.08 -77.03 27.28
N ILE ZA 144 29.12 -77.61 28.02
CA ILE ZA 144 27.76 -77.77 27.51
C ILE ZA 144 27.11 -76.41 27.26
N THR ZA 145 27.26 -75.49 28.20
CA THR ZA 145 26.66 -74.17 28.01
C THR ZA 145 27.39 -73.39 26.92
N ARG ZA 146 28.69 -73.66 26.73
CA ARG ZA 146 29.39 -73.09 25.60
C ARG ZA 146 28.83 -73.58 24.28
N LEU ZA 147 28.50 -74.87 24.24
CA LEU ZA 147 27.88 -75.46 23.06
C LEU ZA 147 26.53 -74.82 22.77
N LEU ZA 148 25.72 -74.65 23.80
CA LEU ZA 148 24.42 -74.02 23.62
C LEU ZA 148 24.54 -72.57 23.20
N ASN ZA 149 25.58 -71.89 23.67
CA ASN ZA 149 25.72 -70.47 23.35
C ASN ZA 149 26.18 -70.29 21.90
N HIS ZA 150 27.14 -71.10 21.45
CA HIS ZA 150 27.53 -71.07 20.05
C HIS ZA 150 26.39 -71.48 19.12
N ILE ZA 151 25.58 -72.45 19.53
CA ILE ZA 151 24.53 -72.88 18.63
C ILE ZA 151 23.42 -71.86 18.57
N MET ZA 152 23.20 -71.10 19.65
CA MET ZA 152 22.25 -70.00 19.55
C MET ZA 152 22.78 -68.91 18.67
N ALA ZA 153 24.08 -68.60 18.78
CA ALA ZA 153 24.67 -67.53 17.97
C ALA ZA 153 24.55 -67.84 16.49
N VAL ZA 154 24.83 -69.09 16.11
CA VAL ZA 154 24.68 -69.52 14.72
C VAL ZA 154 23.21 -69.46 14.29
N THR ZA 155 22.29 -69.96 15.12
CA THR ZA 155 20.91 -70.04 14.68
C THR ZA 155 20.20 -68.69 14.66
N THR ZA 156 20.50 -67.79 15.59
CA THR ZA 156 19.88 -66.49 15.49
C THR ZA 156 20.55 -65.63 14.44
N HIS ZA 157 21.80 -65.91 14.09
CA HIS ZA 157 22.39 -65.32 12.90
C HIS ZA 157 21.64 -65.76 11.66
N ALA ZA 158 21.25 -67.04 11.63
CA ALA ZA 158 20.47 -67.57 10.50
C ALA ZA 158 19.07 -66.97 10.43
N LEU ZA 159 18.37 -66.92 11.57
CA LEU ZA 159 17.02 -66.37 11.58
C LEU ZA 159 17.02 -64.87 11.36
N ASP ZA 160 18.13 -64.20 11.68
CA ASP ZA 160 18.28 -62.82 11.27
C ASP ZA 160 18.46 -62.73 9.75
N ILE ZA 161 19.26 -63.62 9.18
CA ILE ZA 161 19.60 -63.48 7.78
C ILE ZA 161 18.47 -63.95 6.86
N GLY ZA 162 17.52 -64.71 7.40
CA GLY ZA 162 16.54 -65.42 6.61
C GLY ZA 162 16.45 -66.84 7.12
N ALA ZA 163 16.77 -67.82 6.25
CA ALA ZA 163 17.35 -69.13 6.58
C ALA ZA 163 16.61 -69.85 7.72
N MET ZA 164 15.38 -70.28 7.41
CA MET ZA 164 14.46 -70.69 8.46
C MET ZA 164 14.87 -72.02 9.12
N THR ZA 165 14.97 -73.09 8.33
CA THR ZA 165 15.07 -74.45 8.88
C THR ZA 165 16.25 -74.88 9.79
N PRO ZA 166 17.48 -74.32 9.71
CA PRO ZA 166 18.51 -74.81 10.64
C PRO ZA 166 18.27 -74.34 12.07
N PHE ZA 167 17.59 -73.21 12.22
CA PHE ZA 167 17.11 -72.74 13.52
C PHE ZA 167 16.29 -73.81 14.24
N PHE ZA 168 15.41 -74.47 13.51
CA PHE ZA 168 14.53 -75.41 14.17
C PHE ZA 168 15.20 -76.76 14.39
N TRP ZA 169 16.13 -77.14 13.51
CA TRP ZA 169 16.92 -78.35 13.77
C TRP ZA 169 17.70 -78.20 15.08
N MET ZA 170 18.43 -77.10 15.18
CA MET ZA 170 19.27 -76.97 16.36
C MET ZA 170 18.49 -76.53 17.59
N PHE ZA 171 17.28 -75.98 17.44
CA PHE ZA 171 16.47 -75.83 18.64
C PHE ZA 171 15.86 -77.13 19.13
N GLU ZA 172 15.69 -78.14 18.27
CA GLU ZA 172 15.43 -79.47 18.82
C GLU ZA 172 16.58 -79.92 19.70
N GLU ZA 173 17.82 -79.69 19.22
CA GLU ZA 173 18.99 -80.01 20.04
C GLU ZA 173 19.00 -79.23 21.36
N ARG ZA 174 18.61 -77.96 21.30
CA ARG ZA 174 18.64 -77.14 22.50
C ARG ZA 174 17.55 -77.54 23.49
N GLU ZA 175 16.44 -78.08 22.99
CA GLU ZA 175 15.44 -78.62 23.91
C GLU ZA 175 15.96 -79.84 24.64
N LYS ZA 176 16.74 -80.70 23.96
CA LYS ZA 176 17.34 -81.83 24.67
C LYS ZA 176 18.31 -81.38 25.75
N MET ZA 177 19.08 -80.33 25.49
CA MET ZA 177 20.04 -79.95 26.53
C MET ZA 177 19.38 -79.21 27.69
N PHE ZA 178 18.30 -78.48 27.41
CA PHE ZA 178 17.44 -78.01 28.49
C PHE ZA 178 16.88 -79.14 29.30
N GLU ZA 179 16.58 -80.28 28.67
CA GLU ZA 179 16.11 -81.43 29.43
C GLU ZA 179 17.18 -81.99 30.35
N PHE ZA 180 18.45 -81.92 29.93
CA PHE ZA 180 19.51 -82.31 30.86
C PHE ZA 180 19.64 -81.34 32.03
N TYR ZA 181 19.47 -80.03 31.80
CA TYR ZA 181 19.42 -79.12 32.93
C TYR ZA 181 18.22 -79.37 33.83
N GLU ZA 182 17.10 -79.81 33.25
CA GLU ZA 182 15.93 -80.18 34.04
C GLU ZA 182 16.25 -81.33 34.99
N ARG ZA 183 16.90 -82.36 34.47
CA ARG ZA 183 17.25 -83.49 35.33
C ARG ZA 183 18.29 -83.11 36.37
N VAL ZA 184 19.17 -82.16 36.07
CA VAL ZA 184 20.24 -81.84 37.01
C VAL ZA 184 19.75 -80.91 38.11
N SER ZA 185 19.26 -79.72 37.76
CA SER ZA 185 18.72 -78.86 38.81
C SER ZA 185 17.22 -78.95 38.91
N GLY ZA 186 16.55 -78.93 37.76
CA GLY ZA 186 15.10 -78.87 37.68
C GLY ZA 186 14.60 -77.65 36.96
N ALA ZA 187 15.35 -76.57 37.02
CA ALA ZA 187 14.99 -75.37 36.29
C ALA ZA 187 15.11 -75.62 34.80
N ARG ZA 188 14.24 -74.97 34.05
CA ARG ZA 188 14.30 -75.06 32.60
C ARG ZA 188 15.57 -74.43 32.09
N MET ZA 189 15.78 -73.16 32.43
CA MET ZA 189 16.90 -72.38 31.93
C MET ZA 189 17.81 -71.89 33.04
N HIS ZA 190 17.24 -71.22 34.04
CA HIS ZA 190 18.04 -70.58 35.09
C HIS ZA 190 18.33 -71.55 36.23
N ALA ZA 191 19.06 -72.59 35.88
CA ALA ZA 191 19.67 -73.45 36.87
C ALA ZA 191 20.79 -72.68 37.53
N ALA ZA 192 20.51 -72.00 38.63
CA ALA ZA 192 21.53 -71.21 39.32
C ALA ZA 192 22.64 -72.12 39.82
N TYR ZA 193 22.34 -72.94 40.83
CA TYR ZA 193 22.93 -74.26 41.01
C TYR ZA 193 24.44 -74.34 41.26
N VAL ZA 194 25.18 -73.25 41.04
CA VAL ZA 194 26.61 -73.29 41.27
C VAL ZA 194 26.88 -72.38 42.45
N ARG ZA 195 26.79 -72.94 43.64
CA ARG ZA 195 26.98 -72.15 44.82
C ARG ZA 195 28.46 -71.81 44.97
N PRO ZA 196 28.78 -70.66 45.52
CA PRO ZA 196 30.19 -70.31 45.71
C PRO ZA 196 30.83 -71.20 46.73
N GLY ZA 197 31.76 -72.03 46.28
CA GLY ZA 197 32.33 -73.01 47.17
C GLY ZA 197 31.99 -74.40 46.70
N GLY ZA 198 31.87 -74.56 45.40
CA GLY ZA 198 31.58 -75.86 44.83
C GLY ZA 198 30.09 -76.02 44.54
N VAL ZA 199 29.81 -76.94 43.64
CA VAL ZA 199 28.45 -77.12 43.15
C VAL ZA 199 27.65 -77.95 44.14
N HIS ZA 200 26.55 -77.38 44.61
CA HIS ZA 200 25.59 -78.06 45.46
C HIS ZA 200 24.71 -79.01 44.67
N GLN ZA 201 24.26 -80.08 45.34
CA GLN ZA 201 23.21 -81.00 44.87
C GLN ZA 201 23.63 -81.74 43.59
N ASP ZA 202 24.55 -82.68 43.79
CA ASP ZA 202 25.26 -83.39 42.72
C ASP ZA 202 24.32 -84.12 41.76
N LEU ZA 203 24.90 -84.54 40.64
CA LEU ZA 203 24.10 -85.07 39.53
C LEU ZA 203 23.65 -86.50 39.83
N PRO ZA 204 22.42 -86.83 39.50
CA PRO ZA 204 21.82 -88.06 40.00
C PRO ZA 204 22.21 -89.25 39.14
N LEU ZA 205 21.82 -90.43 39.58
CA LEU ZA 205 22.26 -91.66 38.94
C LEU ZA 205 21.43 -91.90 37.68
N GLY ZA 206 22.12 -92.18 36.58
CA GLY ZA 206 21.48 -92.37 35.30
C GLY ZA 206 21.53 -91.14 34.44
N LEU ZA 207 22.71 -90.56 34.30
CA LEU ZA 207 22.86 -89.33 33.54
C LEU ZA 207 24.00 -89.36 32.54
N MET ZA 208 25.14 -89.95 32.90
CA MET ZA 208 26.36 -89.77 32.13
C MET ZA 208 26.32 -90.53 30.82
N ASP ZA 209 25.73 -91.73 30.83
CA ASP ZA 209 25.55 -92.45 29.58
C ASP ZA 209 24.55 -91.77 28.67
N ASP ZA 210 23.59 -91.04 29.25
CA ASP ZA 210 22.67 -90.28 28.42
C ASP ZA 210 23.38 -89.10 27.76
N ILE ZA 211 24.32 -88.48 28.48
CA ILE ZA 211 25.15 -87.45 27.87
C ILE ZA 211 26.03 -88.06 26.77
N TYR ZA 212 26.48 -89.29 26.96
CA TYR ZA 212 27.28 -90.00 25.97
C TYR ZA 212 26.49 -90.25 24.68
N GLU ZA 213 25.26 -90.74 24.82
CA GLU ZA 213 24.35 -90.92 23.68
C GLU ZA 213 24.10 -89.61 22.94
N PHE ZA 214 23.84 -88.54 23.72
CA PHE ZA 214 23.67 -87.22 23.14
C PHE ZA 214 24.90 -86.78 22.37
N SER ZA 215 26.10 -87.11 22.88
CA SER ZA 215 27.32 -86.68 22.25
C SER ZA 215 27.48 -87.29 20.87
N LYS ZA 216 27.17 -88.58 20.75
CA LYS ZA 216 27.25 -89.23 19.44
C LYS ZA 216 26.25 -88.63 18.45
N ASN ZA 217 24.98 -88.54 18.87
CA ASN ZA 217 23.94 -88.05 17.97
C ASN ZA 217 24.15 -86.58 17.59
N PHE ZA 218 24.71 -85.80 18.51
CA PHE ZA 218 24.91 -84.40 18.21
C PHE ZA 218 26.10 -84.17 17.30
N SER ZA 219 27.14 -85.01 17.38
CA SER ZA 219 28.22 -84.91 16.40
C SER ZA 219 27.69 -85.16 14.99
N LEU ZA 220 26.75 -86.12 14.87
CA LEU ZA 220 26.10 -86.30 13.57
C LEU ZA 220 25.30 -85.08 13.15
N ARG ZA 221 24.50 -84.51 14.06
CA ARG ZA 221 23.66 -83.36 13.69
C ARG ZA 221 24.48 -82.11 13.35
N ILE ZA 222 25.65 -81.93 13.95
CA ILE ZA 222 26.42 -80.75 13.59
C ILE ZA 222 27.17 -80.96 12.27
N ASP ZA 223 27.56 -82.20 11.96
CA ASP ZA 223 28.02 -82.49 10.60
C ASP ZA 223 26.95 -82.18 9.57
N GLU ZA 224 25.70 -82.49 9.90
CA GLU ZA 224 24.59 -82.20 9.00
C GLU ZA 224 24.31 -80.70 8.91
N LEU ZA 225 24.58 -79.96 9.99
CA LEU ZA 225 24.40 -78.51 9.91
C LEU ZA 225 25.45 -77.86 9.01
N GLU ZA 226 26.70 -78.30 9.10
CA GLU ZA 226 27.71 -77.83 8.14
C GLU ZA 226 27.40 -78.26 6.72
N GLU ZA 227 26.71 -79.39 6.55
CA GLU ZA 227 26.24 -79.76 5.23
C GLU ZA 227 25.25 -78.74 4.71
N MET ZA 228 24.37 -78.25 5.60
CA MET ZA 228 23.33 -77.32 5.17
C MET ZA 228 23.90 -75.94 4.85
N LEU ZA 229 24.59 -75.35 5.81
CA LEU ZA 229 25.19 -74.03 5.67
C LEU ZA 229 26.63 -74.28 5.18
N THR ZA 230 27.56 -73.35 5.38
CA THR ZA 230 29.00 -73.64 5.38
C THR ZA 230 29.53 -74.10 4.02
N ASN ZA 231 29.83 -73.11 3.17
CA ASN ZA 231 30.23 -73.17 1.75
C ASN ZA 231 29.03 -73.27 0.84
N ASN ZA 232 27.86 -72.90 1.34
CA ASN ZA 232 26.76 -72.56 0.45
C ASN ZA 232 27.15 -71.35 -0.38
N ARG ZA 233 26.69 -71.34 -1.64
CA ARG ZA 233 27.00 -70.23 -2.54
C ARG ZA 233 26.42 -68.93 -2.03
N ILE ZA 234 25.18 -68.97 -1.56
CA ILE ZA 234 24.53 -67.70 -1.26
C ILE ZA 234 24.88 -67.20 0.13
N TRP ZA 235 25.20 -68.08 1.08
CA TRP ZA 235 25.55 -67.55 2.39
C TRP ZA 235 26.94 -66.93 2.36
N ARG ZA 236 27.85 -67.58 1.65
CA ARG ZA 236 29.14 -66.98 1.32
C ARG ZA 236 28.96 -65.68 0.56
N ASN ZA 237 28.01 -65.65 -0.37
CA ASN ZA 237 27.75 -64.45 -1.17
C ASN ZA 237 27.17 -63.34 -0.30
N ARG ZA 238 26.43 -63.71 0.74
CA ARG ZA 238 25.86 -62.73 1.66
C ARG ZA 238 26.93 -62.14 2.54
N THR ZA 239 27.70 -62.98 3.23
CA THR ZA 239 28.67 -62.51 4.22
C THR ZA 239 30.03 -63.17 4.02
N VAL ZA 240 30.82 -62.60 3.12
CA VAL ZA 240 32.28 -62.67 3.18
C VAL ZA 240 32.88 -61.28 3.21
N ASP ZA 241 32.38 -60.38 2.35
CA ASP ZA 241 33.03 -59.12 2.05
C ASP ZA 241 33.05 -58.16 3.23
N ILE ZA 242 32.24 -58.39 4.26
CA ILE ZA 242 31.94 -57.38 5.26
C ILE ZA 242 32.55 -57.74 6.61
N GLY ZA 243 32.90 -56.69 7.35
CA GLY ZA 243 33.25 -56.84 8.74
C GLY ZA 243 34.70 -57.12 9.04
N VAL ZA 244 35.61 -56.67 8.16
CA VAL ZA 244 37.03 -56.89 8.42
C VAL ZA 244 37.45 -56.03 9.60
N VAL ZA 245 38.33 -56.60 10.42
CA VAL ZA 245 38.80 -55.96 11.64
C VAL ZA 245 40.30 -56.11 11.69
N THR ZA 246 41.00 -54.99 11.68
CA THR ZA 246 42.45 -55.00 11.86
C THR ZA 246 42.79 -55.46 13.26
N ALA ZA 247 43.69 -56.45 13.34
CA ALA ZA 247 43.98 -57.10 14.62
C ALA ZA 247 44.59 -56.15 15.63
N GLU ZA 248 45.38 -55.20 15.15
CA GLU ZA 248 45.91 -54.14 16.01
C GLU ZA 248 44.79 -53.26 16.54
N ASP ZA 249 43.86 -52.92 15.65
CA ASP ZA 249 42.66 -52.23 16.09
C ASP ZA 249 41.73 -53.12 16.88
N ALA ZA 250 41.82 -54.45 16.68
CA ALA ZA 250 41.03 -55.37 17.50
C ALA ZA 250 41.51 -55.39 18.93
N LEU ZA 251 42.82 -55.24 19.13
CA LEU ZA 251 43.33 -55.13 20.49
C LEU ZA 251 42.96 -53.79 21.10
N ASN ZA 252 43.12 -52.71 20.35
CA ASN ZA 252 42.93 -51.40 20.97
C ASN ZA 252 41.47 -51.01 21.12
N TYR ZA 253 40.57 -51.49 20.27
CA TYR ZA 253 39.16 -51.21 20.46
C TYR ZA 253 38.48 -52.09 21.49
N GLY ZA 254 39.23 -52.91 22.22
CA GLY ZA 254 38.62 -53.71 23.26
C GLY ZA 254 37.78 -54.86 22.76
N PHE ZA 255 37.93 -55.25 21.50
CA PHE ZA 255 37.28 -56.46 21.03
C PHE ZA 255 37.90 -57.66 21.72
N SER ZA 256 37.06 -58.58 22.15
CA SER ZA 256 37.53 -59.71 22.93
C SER ZA 256 36.69 -60.94 22.61
N GLY ZA 257 37.31 -62.11 22.77
CA GLY ZA 257 36.63 -63.35 22.50
C GLY ZA 257 36.73 -63.81 21.06
N VAL ZA 258 35.58 -63.94 20.39
CA VAL ZA 258 35.55 -64.50 19.04
C VAL ZA 258 36.16 -63.53 18.04
N MET ZA 259 36.21 -62.25 18.38
CA MET ZA 259 36.86 -61.26 17.52
C MET ZA 259 38.36 -61.49 17.44
N LEU ZA 260 38.99 -61.80 18.57
CA LEU ZA 260 40.42 -62.12 18.57
C LEU ZA 260 40.69 -63.45 17.90
N ARG ZA 261 39.70 -64.35 17.92
CA ARG ZA 261 39.80 -65.58 17.15
C ARG ZA 261 39.85 -65.29 15.67
N GLY ZA 262 38.95 -64.43 15.21
CA GLY ZA 262 38.83 -64.15 13.80
C GLY ZA 262 39.97 -63.33 13.23
N SER ZA 263 40.36 -62.27 13.92
CA SER ZA 263 41.38 -61.38 13.39
C SER ZA 263 42.72 -61.74 14.01
N GLY ZA 264 43.35 -62.76 13.43
CA GLY ZA 264 44.79 -62.82 13.55
C GLY ZA 264 45.32 -63.42 14.84
N ILE ZA 265 45.52 -62.55 15.83
CA ILE ZA 265 46.39 -62.80 16.96
C ILE ZA 265 45.86 -63.95 17.81
N GLN ZA 266 46.78 -64.75 18.33
CA GLN ZA 266 46.45 -65.95 19.06
C GLN ZA 266 46.20 -65.61 20.53
N TRP ZA 267 45.03 -65.97 21.01
CA TRP ZA 267 44.65 -65.69 22.40
C TRP ZA 267 43.50 -66.60 22.81
N ASP ZA 268 43.60 -67.15 24.01
CA ASP ZA 268 42.54 -67.94 24.62
C ASP ZA 268 42.86 -68.08 26.10
N LEU ZA 269 41.91 -67.70 26.96
CA LEU ZA 269 42.17 -67.72 28.40
C LEU ZA 269 42.32 -69.14 28.92
N ARG ZA 270 41.66 -70.10 28.26
CA ARG ZA 270 41.78 -71.49 28.64
C ARG ZA 270 43.18 -72.01 28.40
N LYS ZA 271 43.83 -71.55 27.34
CA LYS ZA 271 45.19 -71.97 27.08
C LYS ZA 271 46.19 -71.16 27.88
N THR ZA 272 45.89 -69.89 28.15
CA THR ZA 272 46.88 -69.05 28.82
C THR ZA 272 46.83 -69.20 30.33
N GLN ZA 273 45.71 -68.85 30.94
CA GLN ZA 273 45.54 -68.92 32.39
C GLN ZA 273 44.47 -69.94 32.72
N PRO ZA 274 44.85 -71.19 32.93
CA PRO ZA 274 43.86 -72.21 33.25
C PRO ZA 274 43.40 -72.02 34.68
N TYR ZA 275 42.22 -71.44 34.83
CA TYR ZA 275 41.69 -71.13 36.14
C TYR ZA 275 41.06 -72.33 36.84
N ASP ZA 276 41.12 -73.51 36.23
CA ASP ZA 276 40.47 -74.70 36.72
C ASP ZA 276 41.18 -75.90 36.10
N VAL ZA 277 40.48 -77.03 36.01
CA VAL ZA 277 41.08 -78.29 35.59
C VAL ZA 277 41.13 -78.38 34.06
N TYR ZA 278 40.89 -77.24 33.37
CA TYR ZA 278 41.14 -77.12 31.94
C TYR ZA 278 42.54 -77.53 31.50
N ASP ZA 279 43.53 -77.40 32.39
CA ASP ZA 279 44.89 -77.83 32.04
C ASP ZA 279 45.00 -79.32 31.85
N GLN ZA 280 44.16 -80.11 32.52
CA GLN ZA 280 44.23 -81.56 32.42
C GLN ZA 280 43.38 -82.12 31.30
N VAL ZA 281 42.82 -81.27 30.44
CA VAL ZA 281 42.16 -81.72 29.23
C VAL ZA 281 42.80 -81.02 28.04
N GLU ZA 282 42.67 -81.65 26.87
CA GLU ZA 282 43.49 -81.33 25.71
C GLU ZA 282 42.60 -80.99 24.53
N PHE ZA 283 42.85 -79.84 23.91
CA PHE ZA 283 42.09 -79.43 22.74
C PHE ZA 283 42.96 -78.52 21.87
N ASP ZA 284 42.35 -77.92 20.86
CA ASP ZA 284 43.04 -76.96 20.00
C ASP ZA 284 42.03 -75.95 19.47
N VAL ZA 285 42.31 -74.68 19.71
CA VAL ZA 285 41.36 -73.61 19.39
C VAL ZA 285 41.58 -73.15 17.96
N PRO ZA 286 40.53 -72.96 17.17
CA PRO ZA 286 40.70 -72.45 15.81
C PRO ZA 286 40.89 -70.96 15.80
N ILE ZA 287 41.55 -70.48 14.75
CA ILE ZA 287 41.87 -69.08 14.57
C ILE ZA 287 41.35 -68.64 13.21
N GLY ZA 288 40.82 -67.42 13.14
CA GLY ZA 288 40.41 -66.89 11.85
C GLY ZA 288 41.59 -66.37 11.04
N SER ZA 289 41.44 -66.42 9.72
CA SER ZA 289 42.52 -66.04 8.82
C SER ZA 289 42.39 -64.63 8.26
N ARG ZA 290 41.17 -64.16 8.02
CA ARG ZA 290 40.92 -62.77 7.65
C ARG ZA 290 39.89 -62.21 8.60
N GLY ZA 291 39.64 -60.90 8.48
CA GLY ZA 291 38.60 -60.29 9.28
C GLY ZA 291 37.18 -60.61 8.83
N ASP ZA 292 37.06 -61.33 7.71
CA ASP ZA 292 35.77 -61.69 7.14
C ASP ZA 292 34.99 -62.57 8.11
N CYS ZA 293 33.73 -62.19 8.39
CA CYS ZA 293 32.95 -62.87 9.39
C CYS ZA 293 32.56 -64.29 8.98
N TYR ZA 294 32.76 -64.64 7.71
CA TYR ZA 294 32.78 -66.03 7.28
C TYR ZA 294 33.78 -66.84 8.10
N ASP ZA 295 34.99 -66.29 8.30
CA ASP ZA 295 36.00 -66.96 9.12
C ASP ZA 295 35.54 -67.05 10.57
N ARG ZA 296 34.87 -66.01 11.05
CA ARG ZA 296 34.37 -65.96 12.41
C ARG ZA 296 33.33 -67.04 12.66
N TYR ZA 297 32.41 -67.17 11.71
CA TYR ZA 297 31.42 -68.23 11.72
C TYR ZA 297 32.08 -69.60 11.76
N LEU ZA 298 33.06 -69.83 10.88
CA LEU ZA 298 33.70 -71.14 10.83
C LEU ZA 298 34.51 -71.43 12.08
N CYS ZA 299 35.06 -70.38 12.70
CA CYS ZA 299 35.73 -70.55 13.98
C CYS ZA 299 34.76 -70.97 15.06
N ARG ZA 300 33.54 -70.43 15.03
CA ARG ZA 300 32.52 -70.86 15.99
C ARG ZA 300 32.16 -72.33 15.81
N VAL ZA 301 32.07 -72.78 14.56
CA VAL ZA 301 31.70 -74.17 14.32
C VAL ZA 301 32.79 -75.11 14.82
N GLU ZA 302 34.05 -74.80 14.52
CA GLU ZA 302 35.07 -75.72 15.01
C GLU ZA 302 35.33 -75.59 16.51
N GLU ZA 303 34.97 -74.48 17.13
CA GLU ZA 303 34.94 -74.47 18.59
C GLU ZA 303 33.85 -75.37 19.15
N MET ZA 304 32.71 -75.48 18.46
CA MET ZA 304 31.70 -76.44 18.88
C MET ZA 304 32.22 -77.87 18.82
N ARG ZA 305 32.94 -78.19 17.75
CA ARG ZA 305 33.46 -79.54 17.61
C ARG ZA 305 34.53 -79.83 18.66
N GLN ZA 306 35.32 -78.82 19.01
CA GLN ZA 306 36.25 -78.98 20.12
C GLN ZA 306 35.56 -79.08 21.47
N SER ZA 307 34.39 -78.45 21.61
CA SER ZA 307 33.62 -78.60 22.84
C SER ZA 307 33.17 -80.04 23.00
N ILE ZA 308 32.83 -80.68 21.88
CA ILE ZA 308 32.49 -82.11 21.94
C ILE ZA 308 33.69 -82.94 22.36
N ARG ZA 309 34.89 -82.57 21.88
CA ARG ZA 309 36.08 -83.29 22.34
C ARG ZA 309 36.35 -83.13 23.83
N ILE ZA 310 36.12 -81.94 24.37
CA ILE ZA 310 36.36 -81.72 25.80
C ILE ZA 310 35.35 -82.50 26.63
N ILE ZA 311 34.10 -82.57 26.17
CA ILE ZA 311 33.10 -83.37 26.88
C ILE ZA 311 33.44 -84.84 26.84
N SER ZA 312 34.00 -85.31 25.72
CA SER ZA 312 34.40 -86.72 25.61
C SER ZA 312 35.50 -87.07 26.59
N GLN ZA 313 36.54 -86.23 26.68
CA GLN ZA 313 37.60 -86.51 27.64
C GLN ZA 313 37.13 -86.34 29.07
N CYS ZA 314 36.19 -85.43 29.31
CA CYS ZA 314 35.68 -85.21 30.66
C CYS ZA 314 34.85 -86.39 31.14
N LEU ZA 315 34.10 -87.03 30.24
CA LEU ZA 315 33.45 -88.28 30.63
C LEU ZA 315 34.44 -89.42 30.74
N ASN ZA 316 35.57 -89.34 30.03
CA ASN ZA 316 36.57 -90.39 30.13
C ASN ZA 316 37.24 -90.42 31.50
N LYS ZA 317 37.65 -89.26 32.02
CA LYS ZA 317 38.55 -89.20 33.17
C LYS ZA 317 37.86 -88.68 34.44
N MET ZA 318 36.61 -89.05 34.66
CA MET ZA 318 35.84 -88.42 35.73
C MET ZA 318 36.09 -89.11 37.08
N PRO ZA 319 36.45 -88.37 38.12
CA PRO ZA 319 36.66 -88.98 39.44
C PRO ZA 319 35.40 -88.94 40.28
N PRO ZA 320 35.11 -89.99 41.05
CA PRO ZA 320 33.94 -90.00 41.93
C PRO ZA 320 34.26 -89.49 43.35
N GLY ZA 321 34.86 -88.31 43.42
CA GLY ZA 321 35.33 -87.79 44.70
C GLY ZA 321 34.33 -87.27 45.71
N GLU ZA 322 33.70 -86.13 45.43
CA GLU ZA 322 33.03 -85.34 46.47
C GLU ZA 322 32.24 -84.22 45.81
N ILE ZA 323 31.09 -83.89 46.40
CA ILE ZA 323 30.20 -82.90 45.80
C ILE ZA 323 30.75 -81.49 45.99
N LYS ZA 324 30.88 -81.07 47.24
CA LYS ZA 324 31.15 -79.70 47.61
C LYS ZA 324 32.43 -79.63 48.42
N VAL ZA 325 32.72 -78.46 48.94
CA VAL ZA 325 33.82 -78.33 49.90
C VAL ZA 325 33.35 -78.88 51.23
N ASP ZA 326 34.31 -79.36 52.03
CA ASP ZA 326 34.04 -79.73 53.41
C ASP ZA 326 34.35 -78.59 54.38
N ASP ZA 327 33.82 -77.41 54.09
CA ASP ZA 327 34.04 -76.24 54.93
C ASP ZA 327 32.65 -75.66 55.19
N ALA ZA 328 32.07 -76.04 56.32
CA ALA ZA 328 30.70 -75.66 56.64
C ALA ZA 328 30.55 -74.17 56.90
N LYS ZA 329 31.65 -73.46 57.12
CA LYS ZA 329 31.57 -72.01 57.29
C LYS ZA 329 31.45 -71.27 55.98
N VAL ZA 330 31.43 -71.98 54.84
CA VAL ZA 330 31.19 -71.39 53.54
C VAL ZA 330 29.94 -71.94 52.88
N SER ZA 331 29.83 -73.21 52.82
CA SER ZA 331 28.65 -73.84 52.24
C SER ZA 331 27.77 -74.40 53.35
N PRO ZA 332 26.46 -74.53 53.12
CA PRO ZA 332 25.61 -75.16 54.12
C PRO ZA 332 25.95 -76.63 54.25
N PRO ZA 333 25.69 -77.23 55.40
CA PRO ZA 333 25.93 -78.67 55.55
C PRO ZA 333 24.89 -79.46 54.78
N LYS ZA 334 25.16 -80.75 54.68
CA LYS ZA 334 24.16 -81.60 54.09
C LYS ZA 334 23.04 -81.88 55.09
N ARG ZA 335 21.93 -82.38 54.56
CA ARG ZA 335 20.67 -82.32 55.27
C ARG ZA 335 20.63 -83.33 56.42
N ALA ZA 336 21.34 -84.46 56.28
CA ALA ZA 336 21.36 -85.45 57.34
C ALA ZA 336 22.08 -84.93 58.58
N GLU ZA 337 23.29 -84.40 58.41
CA GLU ZA 337 24.02 -83.84 59.54
C GLU ZA 337 23.36 -82.59 60.09
N MET ZA 338 22.66 -81.85 59.23
CA MET ZA 338 21.80 -80.77 59.69
C MET ZA 338 20.76 -81.27 60.68
N LYS ZA 339 19.93 -82.22 60.26
CA LYS ZA 339 18.83 -82.66 61.11
C LYS ZA 339 19.30 -83.52 62.28
N THR ZA 340 20.54 -83.98 62.28
CA THR ZA 340 21.01 -84.72 63.45
C THR ZA 340 21.72 -83.81 64.44
N SER ZA 341 22.81 -83.18 64.04
CA SER ZA 341 23.71 -82.60 65.02
C SER ZA 341 23.50 -81.10 65.13
N MET ZA 342 24.26 -80.49 66.04
CA MET ZA 342 23.96 -79.14 66.51
C MET ZA 342 24.65 -78.05 65.71
N GLU ZA 343 25.96 -78.19 65.54
CA GLU ZA 343 26.75 -77.18 64.86
C GLU ZA 343 26.34 -77.05 63.40
N SER ZA 344 25.92 -78.16 62.81
CA SER ZA 344 25.41 -78.11 61.45
C SER ZA 344 24.14 -77.29 61.39
N LEU ZA 345 23.27 -77.39 62.41
CA LEU ZA 345 22.05 -76.61 62.40
C LEU ZA 345 22.33 -75.13 62.59
N ILE ZA 346 23.27 -74.79 63.48
CA ILE ZA 346 23.59 -73.40 63.72
C ILE ZA 346 24.23 -72.78 62.48
N HIS ZA 347 25.14 -73.53 61.84
CA HIS ZA 347 25.74 -73.05 60.61
C HIS ZA 347 24.72 -72.92 59.51
N HIS ZA 348 23.75 -73.84 59.45
CA HIS ZA 348 22.68 -73.73 58.47
C HIS ZA 348 21.87 -72.46 58.67
N PHE ZA 349 21.40 -72.27 59.90
CA PHE ZA 349 20.49 -71.18 60.19
C PHE ZA 349 21.16 -69.83 59.98
N LYS ZA 350 22.25 -69.58 60.68
CA LYS ZA 350 22.82 -68.25 60.50
C LYS ZA 350 23.61 -68.13 59.21
N LEU ZA 351 23.87 -69.22 58.49
CA LEU ZA 351 24.49 -69.07 57.19
C LEU ZA 351 23.48 -68.58 56.20
N TYR ZA 352 22.27 -69.08 56.28
CA TYR ZA 352 21.25 -68.57 55.40
C TYR ZA 352 20.77 -67.18 55.82
N THR ZA 353 20.68 -66.89 57.10
CA THR ZA 353 20.22 -65.55 57.45
C THR ZA 353 21.35 -64.53 57.33
N GLU ZA 354 22.36 -64.67 58.18
CA GLU ZA 354 23.40 -63.65 58.32
C GLU ZA 354 24.25 -63.56 57.07
N GLY ZA 355 24.52 -64.69 56.42
CA GLY ZA 355 25.39 -64.66 55.27
C GLY ZA 355 26.82 -64.72 55.74
N TYR ZA 356 27.60 -65.61 55.12
CA TYR ZA 356 28.97 -65.81 55.53
C TYR ZA 356 29.79 -64.57 55.26
N GLN ZA 357 30.67 -64.27 56.20
CA GLN ZA 357 31.47 -63.07 56.04
C GLN ZA 357 32.53 -63.29 54.99
N VAL ZA 358 32.87 -62.23 54.29
CA VAL ZA 358 33.85 -62.22 53.22
C VAL ZA 358 34.91 -61.20 53.60
N PRO ZA 359 36.20 -61.51 53.51
CA PRO ZA 359 37.20 -60.54 53.90
C PRO ZA 359 37.24 -59.39 52.90
N PRO ZA 360 37.62 -58.20 53.33
CA PRO ZA 360 37.54 -57.05 52.43
C PRO ZA 360 38.62 -57.12 51.37
N GLY ZA 361 38.45 -56.27 50.36
CA GLY ZA 361 39.37 -56.27 49.25
C GLY ZA 361 38.69 -56.19 47.90
N ALA ZA 362 39.48 -55.88 46.88
CA ALA ZA 362 39.01 -55.83 45.52
C ALA ZA 362 39.62 -56.98 44.73
N THR ZA 363 38.86 -57.52 43.79
CA THR ZA 363 39.41 -58.52 42.88
C THR ZA 363 38.77 -58.37 41.52
N TYR ZA 364 39.43 -58.96 40.54
CA TYR ZA 364 38.93 -58.98 39.19
C TYR ZA 364 39.19 -60.34 38.59
N THR ZA 365 38.21 -60.87 37.87
CA THR ZA 365 38.42 -62.12 37.18
C THR ZA 365 37.61 -62.10 35.90
N ALA ZA 366 37.84 -63.13 35.09
CA ALA ZA 366 37.16 -63.26 33.81
C ALA ZA 366 37.29 -64.70 33.35
N ILE ZA 367 36.29 -65.17 32.62
CA ILE ZA 367 36.43 -66.42 31.90
C ILE ZA 367 36.16 -66.16 30.42
N GLU ZA 368 36.51 -67.14 29.60
CA GLU ZA 368 36.12 -67.10 28.21
C GLU ZA 368 34.70 -67.65 28.14
N ALA ZA 369 33.75 -66.75 28.38
CA ALA ZA 369 32.40 -67.00 27.95
C ALA ZA 369 32.37 -67.00 26.43
N PRO ZA 370 31.40 -67.69 25.81
CA PRO ZA 370 31.40 -67.81 24.34
C PRO ZA 370 31.20 -66.50 23.60
N LYS ZA 371 30.67 -65.46 24.25
CA LYS ZA 371 30.87 -64.12 23.74
C LYS ZA 371 32.33 -63.73 23.82
N GLY ZA 372 32.86 -63.66 25.03
CA GLY ZA 372 34.25 -63.33 25.18
C GLY ZA 372 34.75 -63.30 26.61
N GLU ZA 373 35.62 -62.34 26.90
CA GLU ZA 373 36.18 -62.22 28.23
C GLU ZA 373 35.13 -61.68 29.17
N PHE ZA 374 34.28 -62.54 29.69
CA PHE ZA 374 33.29 -62.10 30.66
C PHE ZA 374 34.00 -61.85 31.97
N GLY ZA 375 34.05 -60.59 32.39
CA GLY ZA 375 34.78 -60.22 33.58
C GLY ZA 375 33.82 -59.73 34.66
N VAL ZA 376 34.17 -60.01 35.90
CA VAL ZA 376 33.50 -59.40 37.03
C VAL ZA 376 34.54 -58.80 37.95
N TYR ZA 377 34.24 -57.61 38.45
CA TYR ZA 377 35.09 -56.87 39.37
C TYR ZA 377 34.34 -56.78 40.67
N LEU ZA 378 34.86 -57.43 41.71
CA LEU ZA 378 34.25 -57.42 43.02
C LEU ZA 378 34.97 -56.47 43.96
N VAL ZA 379 34.18 -55.77 44.76
CA VAL ZA 379 34.65 -54.86 45.77
C VAL ZA 379 33.91 -55.22 47.03
N SER ZA 380 34.64 -55.67 48.05
CA SER ZA 380 34.00 -56.18 49.25
C SER ZA 380 34.53 -55.47 50.47
N ASP ZA 381 33.68 -54.67 51.10
CA ASP ZA 381 33.90 -54.32 52.49
C ASP ZA 381 33.81 -55.60 53.32
N GLY ZA 382 34.59 -55.66 54.39
CA GLY ZA 382 34.61 -56.86 55.20
C GLY ZA 382 33.29 -57.01 55.91
N SER ZA 383 32.46 -57.87 55.34
CA SER ZA 383 31.02 -57.82 55.58
C SER ZA 383 30.39 -59.07 55.01
N SER ZA 384 29.06 -59.11 55.07
CA SER ZA 384 28.29 -60.17 54.46
C SER ZA 384 27.63 -59.73 53.17
N ARG ZA 385 27.82 -58.51 52.78
CA ARG ZA 385 27.38 -58.04 51.49
C ARG ZA 385 28.57 -57.79 50.59
N PRO ZA 386 28.43 -57.99 49.29
CA PRO ZA 386 29.39 -57.39 48.37
C PRO ZA 386 29.14 -55.89 48.36
N TYR ZA 387 30.22 -55.12 48.43
CA TYR ZA 387 30.03 -53.68 48.50
C TYR ZA 387 29.68 -53.09 47.15
N ARG ZA 388 30.38 -53.51 46.11
CA ARG ZA 388 30.04 -53.08 44.76
C ARG ZA 388 30.63 -54.08 43.79
N CYS ZA 389 29.83 -54.53 42.85
CA CYS ZA 389 30.33 -55.37 41.77
C CYS ZA 389 30.07 -54.67 40.44
N LYS ZA 390 30.88 -55.03 39.45
CA LYS ZA 390 30.75 -54.42 38.14
C LYS ZA 390 31.14 -55.48 37.12
N ILE ZA 391 30.62 -55.36 35.90
CA ILE ZA 391 30.74 -56.41 34.91
C ILE ZA 391 31.44 -55.87 33.66
N LYS ZA 392 32.50 -56.55 33.24
CA LYS ZA 392 33.07 -56.34 31.92
C LYS ZA 392 32.30 -57.21 30.94
N ALA ZA 393 31.55 -56.57 30.07
CA ALA ZA 393 30.68 -57.24 29.13
C ALA ZA 393 31.32 -57.23 27.75
N PRO ZA 394 31.62 -58.41 27.20
CA PRO ZA 394 32.08 -58.49 25.82
C PRO ZA 394 31.06 -57.99 24.83
N GLY ZA 395 29.78 -58.16 25.13
CA GLY ZA 395 28.75 -57.60 24.27
C GLY ZA 395 28.76 -56.09 24.23
N PHE ZA 396 29.01 -55.46 25.38
CA PHE ZA 396 29.14 -54.01 25.42
C PHE ZA 396 30.36 -53.54 24.65
N ALA ZA 397 31.48 -54.21 24.84
CA ALA ZA 397 32.70 -53.82 24.14
C ALA ZA 397 32.60 -54.05 22.63
N HIS ZA 398 31.93 -55.13 22.21
CA HIS ZA 398 31.71 -55.37 20.79
C HIS ZA 398 30.76 -54.34 20.22
N LEU ZA 399 29.78 -53.92 21.02
CA LEU ZA 399 28.81 -52.95 20.54
C LEU ZA 399 29.45 -51.59 20.37
N ALA ZA 400 30.53 -51.31 21.11
CA ALA ZA 400 31.24 -50.05 20.94
C ALA ZA 400 31.83 -49.92 19.55
N GLY ZA 401 32.34 -51.01 18.98
CA GLY ZA 401 33.05 -50.91 17.72
C GLY ZA 401 32.21 -51.12 16.49
N LEU ZA 402 30.93 -50.77 16.61
CA LEU ZA 402 29.97 -51.03 15.56
C LEU ZA 402 30.23 -50.14 14.34
N ASP ZA 403 30.61 -48.89 14.59
CA ASP ZA 403 30.92 -47.98 13.50
C ASP ZA 403 32.16 -48.43 12.74
N LYS ZA 404 33.14 -48.97 13.45
CA LYS ZA 404 34.34 -49.42 12.79
C LYS ZA 404 34.18 -50.78 12.16
N MET ZA 405 33.15 -51.53 12.51
CA MET ZA 405 32.82 -52.67 11.67
C MET ZA 405 31.98 -52.27 10.47
N SER ZA 406 31.24 -51.18 10.56
CA SER ZA 406 30.27 -50.85 9.54
C SER ZA 406 30.42 -49.42 9.06
N LYS ZA 407 31.65 -49.01 8.77
CA LYS ZA 407 31.86 -47.65 8.29
C LYS ZA 407 31.66 -47.54 6.79
N GLY ZA 408 31.87 -48.61 6.03
CA GLY ZA 408 31.74 -48.49 4.60
C GLY ZA 408 30.83 -49.49 3.94
N HIS ZA 409 29.82 -49.99 4.66
CA HIS ZA 409 28.96 -51.04 4.14
C HIS ZA 409 27.53 -50.68 4.40
N MET ZA 410 26.62 -51.43 3.78
CA MET ZA 410 25.21 -51.04 3.77
C MET ZA 410 24.45 -51.74 4.89
N LEU ZA 411 23.20 -51.28 5.07
CA LEU ZA 411 22.50 -51.47 6.34
C LEU ZA 411 22.07 -52.91 6.56
N ALA ZA 412 21.73 -53.64 5.49
CA ALA ZA 412 21.42 -55.05 5.65
C ALA ZA 412 22.65 -55.82 6.13
N ASP ZA 413 23.81 -55.48 5.59
CA ASP ZA 413 25.02 -56.05 6.14
C ASP ZA 413 25.37 -55.49 7.50
N VAL ZA 414 24.85 -54.31 7.87
CA VAL ZA 414 25.04 -53.85 9.23
C VAL ZA 414 24.29 -54.75 10.19
N VAL ZA 415 23.06 -55.11 9.84
CA VAL ZA 415 22.30 -56.07 10.64
C VAL ZA 415 22.96 -57.44 10.64
N ALA ZA 416 23.59 -57.82 9.53
CA ALA ZA 416 24.39 -59.04 9.53
C ALA ZA 416 25.63 -58.93 10.43
N ILE ZA 417 26.18 -57.72 10.58
CA ILE ZA 417 27.33 -57.54 11.47
C ILE ZA 417 26.90 -57.59 12.93
N ILE ZA 418 25.74 -57.01 13.25
CA ILE ZA 418 25.15 -57.18 14.59
C ILE ZA 418 24.89 -58.66 14.86
N GLY ZA 419 24.36 -59.37 13.87
CA GLY ZA 419 24.06 -60.78 14.07
C GLY ZA 419 25.27 -61.67 14.14
N THR ZA 420 26.36 -61.31 13.47
CA THR ZA 420 27.50 -62.22 13.44
C THR ZA 420 28.30 -62.20 14.73
N GLN ZA 421 28.10 -61.20 15.58
CA GLN ZA 421 28.66 -61.22 16.91
C GLN ZA 421 27.54 -61.51 17.89
N ASP ZA 422 27.80 -62.40 18.84
CA ASP ZA 422 26.72 -62.83 19.70
C ASP ZA 422 26.37 -61.76 20.73
N ILE ZA 423 25.55 -60.83 20.31
CA ILE ZA 423 24.90 -59.88 21.20
C ILE ZA 423 23.63 -60.50 21.75
N VAL ZA 424 23.32 -60.19 23.00
CA VAL ZA 424 22.03 -60.56 23.57
C VAL ZA 424 21.29 -59.38 24.16
N PHE ZA 425 21.99 -58.30 24.50
CA PHE ZA 425 21.48 -57.10 25.14
C PHE ZA 425 20.83 -57.38 26.49
N GLY ZA 426 21.18 -58.49 27.11
CA GLY ZA 426 21.04 -58.62 28.54
C GLY ZA 426 22.36 -58.28 29.16
N GLU ZA 427 23.42 -58.95 28.69
CA GLU ZA 427 24.76 -58.72 29.20
C GLU ZA 427 25.31 -57.39 28.75
N VAL ZA 428 24.91 -56.93 27.57
CA VAL ZA 428 25.36 -55.65 27.04
C VAL ZA 428 24.89 -54.51 27.93
N ASP ZA 429 23.75 -54.67 28.56
CA ASP ZA 429 23.40 -53.82 29.67
C ASP ZA 429 24.11 -54.29 30.94
N ARG ZA 430 24.58 -53.33 31.73
CA ARG ZA 430 25.06 -53.63 33.07
C ARG ZA 430 24.52 -52.59 34.04
N THR AB 7 46.72 -76.81 56.47
CA THR AB 7 46.50 -75.65 55.64
C THR AB 7 46.49 -76.06 54.18
N ARG AB 8 46.79 -77.33 53.94
CA ARG AB 8 46.98 -77.81 52.58
C ARG AB 8 45.68 -78.17 51.83
N PRO AB 9 44.79 -79.05 52.29
CA PRO AB 9 43.66 -79.42 51.42
C PRO AB 9 42.54 -78.40 51.53
N THR AB 10 41.77 -78.29 50.43
CA THR AB 10 40.61 -77.39 50.29
C THR AB 10 40.97 -75.93 50.59
N VAL AB 11 42.20 -75.52 50.28
CA VAL AB 11 42.64 -74.14 50.43
C VAL AB 11 43.32 -73.73 49.14
N ARG AB 12 42.88 -72.63 48.55
CA ARG AB 12 43.45 -72.09 47.32
C ARG AB 12 44.90 -71.74 47.58
N PRO AB 13 45.84 -72.43 46.95
CA PRO AB 13 47.25 -72.23 47.30
C PRO AB 13 47.80 -70.97 46.66
N ARG AB 14 48.67 -70.30 47.41
CA ARG AB 14 49.41 -69.20 46.82
C ARG AB 14 50.58 -69.75 46.01
N ASN AB 15 51.13 -68.89 45.15
CA ASN AB 15 52.32 -69.24 44.37
C ASN AB 15 53.22 -68.01 44.34
N ASP AB 16 54.08 -67.89 45.36
CA ASP AB 16 54.78 -66.64 45.65
C ASP AB 16 55.87 -66.30 44.64
N VAL AB 17 56.16 -67.18 43.68
CA VAL AB 17 57.05 -66.81 42.60
C VAL AB 17 56.44 -65.70 41.76
N ALA AB 18 55.15 -65.82 41.45
CA ALA AB 18 54.45 -64.75 40.74
C ALA AB 18 54.33 -63.50 41.60
N HIS AB 19 54.19 -63.68 42.91
CA HIS AB 19 54.21 -62.55 43.84
C HIS AB 19 55.52 -61.80 43.77
N LYS AB 20 56.64 -62.53 43.69
CA LYS AB 20 57.94 -61.88 43.61
C LYS AB 20 58.15 -61.21 42.27
N GLN AB 21 57.69 -61.83 41.18
CA GLN AB 21 57.86 -61.23 39.86
C GLN AB 21 57.07 -59.95 39.73
N LEU AB 22 55.82 -59.97 40.19
CA LEU AB 22 55.03 -58.74 40.14
C LEU AB 22 55.52 -57.72 41.16
N SER AB 23 56.16 -58.17 42.25
CA SER AB 23 56.78 -57.23 43.17
C SER AB 23 57.94 -56.49 42.51
N ALA AB 24 58.77 -57.23 41.78
CA ALA AB 24 59.89 -56.61 41.08
C ALA AB 24 59.39 -55.69 39.97
N PHE AB 25 58.30 -56.07 39.30
CA PHE AB 25 57.74 -55.20 38.28
C PHE AB 25 57.16 -53.92 38.89
N GLY AB 26 56.54 -54.04 40.06
CA GLY AB 26 55.98 -52.85 40.69
C GLY AB 26 57.06 -51.90 41.16
N GLU AB 27 58.16 -52.46 41.68
CA GLU AB 27 59.31 -51.63 42.06
C GLU AB 27 59.93 -50.97 40.84
N TYR AB 28 59.97 -51.71 39.73
CA TYR AB 28 60.41 -51.16 38.46
C TYR AB 28 59.54 -49.98 38.03
N VAL AB 29 58.22 -50.11 38.17
CA VAL AB 29 57.31 -49.04 37.76
C VAL AB 29 57.46 -47.82 38.67
N ALA AB 30 57.59 -48.04 39.98
CA ALA AB 30 57.77 -46.95 40.91
C ALA AB 30 59.09 -46.23 40.69
N GLU AB 31 60.12 -46.94 40.21
CA GLU AB 31 61.37 -46.25 39.89
C GLU AB 31 61.25 -45.47 38.59
N ILE AB 32 60.67 -46.08 37.55
CA ILE AB 32 60.72 -45.43 36.24
C ILE AB 32 59.74 -44.29 36.10
N LEU AB 33 58.67 -44.27 36.90
CA LEU AB 33 57.76 -43.13 36.95
C LEU AB 33 57.70 -42.66 38.41
N PRO AB 34 58.66 -41.83 38.84
CA PRO AB 34 58.66 -41.40 40.23
C PRO AB 34 57.59 -40.38 40.56
N LYS AB 35 56.91 -39.84 39.56
CA LYS AB 35 56.21 -38.59 39.78
C LYS AB 35 54.81 -38.76 40.35
N TYR AB 36 54.07 -39.79 39.93
CA TYR AB 36 52.66 -39.85 40.28
C TYR AB 36 52.31 -41.10 41.07
N VAL AB 37 53.24 -41.62 41.85
CA VAL AB 37 53.05 -42.89 42.56
C VAL AB 37 52.99 -42.63 44.06
N GLN AB 38 51.90 -43.04 44.66
CA GLN AB 38 51.57 -43.11 46.05
C GLN AB 38 51.57 -44.54 46.54
N GLN AB 39 50.98 -45.45 45.79
CA GLN AB 39 51.00 -46.82 46.29
C GLN AB 39 51.19 -47.80 45.14
N VAL AB 40 51.98 -48.85 45.37
CA VAL AB 40 52.02 -50.00 44.48
C VAL AB 40 51.84 -51.20 45.39
N GLN AB 41 50.63 -51.69 45.51
CA GLN AB 41 50.38 -52.80 46.41
C GLN AB 41 50.15 -54.08 45.64
N VAL AB 42 50.53 -55.18 46.28
CA VAL AB 42 50.35 -56.52 45.74
C VAL AB 42 49.48 -57.29 46.72
N SER AB 43 48.36 -57.81 46.22
CA SER AB 43 47.52 -58.66 47.04
C SER AB 43 48.05 -60.09 47.02
N CYS AB 44 47.56 -60.90 47.96
CA CYS AB 44 48.09 -62.24 48.13
C CYS AB 44 47.65 -63.17 47.01
N PHE AB 45 46.55 -62.86 46.34
CA PHE AB 45 46.14 -63.59 45.15
C PHE AB 45 46.74 -63.01 43.88
N SER AB 46 47.70 -62.10 44.02
CA SER AB 46 48.70 -61.76 43.00
C SER AB 46 48.09 -61.09 41.76
N GLU AB 47 47.52 -59.91 41.96
CA GLU AB 47 47.27 -58.97 40.87
C GLU AB 47 47.71 -57.58 41.29
N LEU AB 48 48.28 -56.84 40.36
CA LEU AB 48 48.96 -55.61 40.76
C LEU AB 48 47.96 -54.47 40.91
N GLU AB 49 48.12 -53.66 41.95
CA GLU AB 49 47.27 -52.48 42.11
C GLU AB 49 48.16 -51.27 42.28
N ILE AB 50 47.90 -50.22 41.51
CA ILE AB 50 48.75 -49.03 41.53
C ILE AB 50 47.87 -47.81 41.74
N CYS AB 51 48.08 -47.12 42.85
CA CYS AB 51 47.22 -46.04 43.30
C CYS AB 51 47.87 -44.71 43.00
N ILE AB 52 47.10 -43.85 42.30
CA ILE AB 52 47.59 -42.82 41.38
C ILE AB 52 46.91 -41.47 41.65
N HIS AB 53 47.74 -40.43 41.73
CA HIS AB 53 47.29 -39.04 41.73
C HIS AB 53 46.71 -38.67 40.36
N PRO AB 54 45.58 -37.96 40.32
CA PRO AB 54 44.87 -37.74 39.06
C PRO AB 54 45.45 -36.67 38.13
N ASP AB 55 46.76 -36.72 37.91
CA ASP AB 55 47.33 -35.81 36.94
C ASP AB 55 47.92 -36.55 35.75
N GLY AB 56 48.86 -37.46 35.97
CA GLY AB 56 49.59 -38.02 34.86
C GLY AB 56 48.99 -39.30 34.32
N VAL AB 57 47.66 -39.36 34.28
CA VAL AB 57 47.00 -40.61 33.88
C VAL AB 57 47.21 -40.87 32.40
N ILE AB 58 47.21 -39.81 31.59
CA ILE AB 58 47.46 -39.95 30.16
C ILE AB 58 48.93 -40.28 29.89
N PRO AB 59 49.94 -39.67 30.56
CA PRO AB 59 51.29 -40.23 30.41
C PRO AB 59 51.45 -41.65 30.90
N VAL AB 60 50.73 -42.04 31.95
CA VAL AB 60 50.81 -43.43 32.41
C VAL AB 60 50.24 -44.36 31.36
N LEU AB 61 49.12 -44.01 30.74
CA LEU AB 61 48.53 -44.92 29.77
C LEU AB 61 49.34 -44.93 28.47
N THR AB 62 49.85 -43.78 28.03
CA THR AB 62 50.70 -43.78 26.85
C THR AB 62 52.03 -44.47 27.10
N PHE AB 63 52.45 -44.58 28.35
CA PHE AB 63 53.63 -45.38 28.63
C PHE AB 63 53.29 -46.86 28.68
N LEU AB 64 52.24 -47.23 29.40
CA LEU AB 64 51.90 -48.62 29.63
C LEU AB 64 51.05 -49.22 28.52
N ARG AB 65 50.92 -48.53 27.40
CA ARG AB 65 50.36 -49.14 26.20
C ARG AB 65 51.46 -49.69 25.30
N ASP AB 66 52.70 -49.41 25.64
CA ASP AB 66 53.84 -49.36 24.72
C ASP AB 66 55.05 -49.85 25.51
N HIS AB 67 56.24 -49.35 25.18
CA HIS AB 67 57.48 -49.39 25.96
C HIS AB 67 58.21 -50.75 25.84
N SER AB 68 57.60 -51.78 25.23
CA SER AB 68 58.23 -53.05 24.85
C SER AB 68 58.81 -53.89 26.00
N ASN AB 69 58.63 -53.43 27.24
CA ASN AB 69 58.89 -54.26 28.39
C ASN AB 69 57.59 -54.69 29.04
N ALA AB 70 56.48 -54.00 28.75
CA ALA AB 70 55.17 -54.32 29.29
C ALA AB 70 54.15 -53.73 28.33
N GLN AB 71 53.56 -54.58 27.49
CA GLN AB 71 52.70 -54.10 26.42
C GLN AB 71 51.40 -53.52 26.97
N PHE AB 72 50.57 -54.38 27.56
CA PHE AB 72 49.24 -54.05 28.09
C PHE AB 72 48.40 -53.32 27.05
N LYS AB 73 48.04 -54.07 26.02
CA LYS AB 73 47.09 -53.53 25.06
C LYS AB 73 45.66 -53.63 25.58
N SER AB 74 45.41 -54.59 26.46
CA SER AB 74 44.06 -55.02 26.79
C SER AB 74 43.47 -54.13 27.88
N LEU AB 75 42.38 -53.44 27.55
CA LEU AB 75 41.68 -52.60 28.50
C LEU AB 75 40.43 -53.31 29.00
N ALA AB 76 40.15 -53.12 30.29
CA ALA AB 76 38.91 -53.52 30.90
C ALA AB 76 38.59 -52.52 32.00
N ASP AB 77 37.62 -52.88 32.83
CA ASP AB 77 36.72 -52.02 33.60
C ASP AB 77 37.29 -50.81 34.31
N LEU AB 78 36.43 -49.82 34.52
CA LEU AB 78 36.77 -48.43 34.71
C LEU AB 78 36.11 -47.78 35.90
N THR AB 79 35.15 -48.46 36.55
CA THR AB 79 34.18 -47.81 37.44
C THR AB 79 34.78 -47.09 38.63
N ALA AB 80 34.24 -45.91 38.91
CA ALA AB 80 34.76 -44.93 39.85
C ALA AB 80 34.19 -45.14 41.25
N VAL AB 81 34.33 -46.37 41.74
CA VAL AB 81 33.50 -47.00 42.77
C VAL AB 81 33.28 -46.10 43.99
N ASP AB 82 32.04 -45.69 44.19
CA ASP AB 82 31.78 -44.51 44.98
C ASP AB 82 31.79 -44.85 46.45
N ILE AB 83 32.71 -44.24 47.19
CA ILE AB 83 32.62 -44.33 48.63
C ILE AB 83 32.57 -42.92 49.20
N PRO AB 84 31.81 -42.73 50.24
CA PRO AB 84 31.93 -41.50 51.03
C PRO AB 84 33.11 -41.59 51.98
N THR AB 85 33.16 -40.67 52.95
CA THR AB 85 34.07 -40.55 54.08
C THR AB 85 35.44 -40.02 53.62
N ARG AB 86 35.73 -40.04 52.35
CA ARG AB 86 36.96 -39.45 51.83
C ARG AB 86 36.63 -38.11 51.18
N GLN AB 87 37.60 -37.21 51.19
CA GLN AB 87 37.40 -35.94 50.51
C GLN AB 87 37.32 -36.15 49.01
N ASN AB 88 38.02 -37.15 48.49
CA ASN AB 88 37.86 -37.59 47.12
C ASN AB 88 36.97 -38.83 47.11
N ARG AB 89 35.74 -38.66 46.66
CA ARG AB 89 34.75 -39.71 46.78
C ARG AB 89 34.96 -40.85 45.79
N PHE AB 90 35.36 -40.53 44.57
CA PHE AB 90 35.20 -41.45 43.46
C PHE AB 90 36.54 -42.02 43.03
N GLU AB 91 36.51 -43.23 42.49
CA GLU AB 91 37.74 -43.90 42.07
C GLU AB 91 37.61 -44.36 40.62
N ILE AB 92 38.44 -43.79 39.75
CA ILE AB 92 38.54 -44.31 38.41
C ILE AB 92 39.39 -45.56 38.49
N VAL AB 93 38.82 -46.69 38.14
CA VAL AB 93 39.52 -47.97 38.25
C VAL AB 93 39.67 -48.51 36.84
N TYR AB 94 40.81 -48.19 36.22
CA TYR AB 94 41.20 -48.79 34.97
C TYR AB 94 41.71 -50.19 35.21
N ASN AB 95 41.52 -51.06 34.25
CA ASN AB 95 41.96 -52.43 34.40
C ASN AB 95 42.70 -52.81 33.13
N LEU AB 96 43.84 -53.47 33.26
CA LEU AB 96 44.62 -53.75 32.08
C LEU AB 96 45.17 -55.17 32.13
N LEU AB 97 45.29 -55.75 30.95
CA LEU AB 97 45.86 -57.08 30.72
C LEU AB 97 46.76 -57.03 29.50
N SER AB 98 47.94 -57.61 29.61
CA SER AB 98 48.85 -57.73 28.48
C SER AB 98 48.56 -59.00 27.69
N LEU AB 99 48.48 -58.86 26.37
CA LEU AB 99 48.24 -60.03 25.53
C LEU AB 99 49.45 -60.94 25.52
N ARG AB 100 50.64 -60.39 25.71
CA ARG AB 100 51.86 -61.15 25.61
C ARG AB 100 52.31 -61.76 26.91
N PHE AB 101 51.80 -61.27 28.04
CA PHE AB 101 52.45 -61.55 29.31
C PHE AB 101 51.58 -62.27 30.32
N ASN AB 102 50.26 -62.28 30.15
CA ASN AB 102 49.30 -62.92 31.06
C ASN AB 102 49.42 -62.37 32.48
N SER AB 103 49.19 -61.07 32.61
CA SER AB 103 49.30 -60.45 33.91
C SER AB 103 48.36 -59.28 33.98
N ARG AB 104 47.67 -59.14 35.10
CA ARG AB 104 46.64 -58.14 35.24
C ARG AB 104 47.06 -57.07 36.23
N ILE AB 105 47.06 -55.85 35.74
CA ILE AB 105 47.34 -54.69 36.57
C ILE AB 105 46.08 -53.85 36.64
N ARG AB 106 45.96 -53.11 37.72
CA ARG AB 106 44.85 -52.22 37.93
C ARG AB 106 45.43 -50.87 38.23
N VAL AB 107 44.98 -49.87 37.52
CA VAL AB 107 45.45 -48.52 37.71
C VAL AB 107 44.29 -47.76 38.32
N LYS AB 108 44.37 -47.49 39.61
CA LYS AB 108 43.28 -46.84 40.31
C LYS AB 108 43.74 -45.44 40.65
N THR AB 109 43.11 -44.46 40.03
CA THR AB 109 43.39 -43.07 40.38
C THR AB 109 42.19 -42.49 41.09
N TYR AB 110 42.47 -41.50 41.94
CA TYR AB 110 41.35 -40.96 42.70
C TYR AB 110 40.80 -39.69 42.09
N THR AB 111 39.61 -39.30 42.53
CA THR AB 111 38.99 -38.04 42.15
C THR AB 111 37.89 -37.71 43.13
N ASP AB 112 37.46 -36.46 43.12
CA ASP AB 112 36.25 -36.07 43.81
C ASP AB 112 35.18 -35.69 42.78
N GLU AB 113 34.05 -35.17 43.27
CA GLU AB 113 32.84 -34.96 42.50
C GLU AB 113 32.97 -33.90 41.40
N LEU AB 114 34.12 -33.22 41.26
CA LEU AB 114 34.28 -32.19 40.23
C LEU AB 114 35.58 -32.27 39.44
N THR AB 115 36.60 -32.94 39.93
CA THR AB 115 37.87 -32.98 39.19
C THR AB 115 37.79 -34.02 38.08
N PRO AB 116 38.10 -33.65 36.84
CA PRO AB 116 37.91 -34.58 35.73
C PRO AB 116 39.13 -35.45 35.44
N VAL AB 117 39.01 -36.32 34.45
CA VAL AB 117 40.17 -36.74 33.66
C VAL AB 117 39.99 -36.20 32.25
N GLU AB 118 41.02 -36.35 31.44
CA GLU AB 118 41.28 -35.41 30.36
C GLU AB 118 41.22 -36.06 28.99
N SER AB 119 40.11 -36.74 28.70
CA SER AB 119 39.87 -37.46 27.44
C SER AB 119 40.88 -38.59 27.23
N SER AB 120 40.74 -39.59 28.09
CA SER AB 120 41.50 -40.83 27.98
C SER AB 120 41.09 -41.69 26.79
N VAL AB 121 40.02 -41.32 26.08
CA VAL AB 121 39.57 -42.06 24.90
C VAL AB 121 40.57 -41.96 23.76
N SER AB 122 41.41 -40.92 23.74
CA SER AB 122 42.34 -40.73 22.65
C SER AB 122 43.51 -41.69 22.72
N VAL AB 123 43.71 -42.35 23.85
CA VAL AB 123 44.82 -43.29 24.00
C VAL AB 123 44.34 -44.73 24.14
N TYR AB 124 43.08 -44.96 24.50
CA TYR AB 124 42.42 -46.26 24.42
C TYR AB 124 41.08 -46.07 23.72
N LYS AB 125 40.94 -46.64 22.52
CA LYS AB 125 39.77 -46.38 21.72
C LYS AB 125 38.54 -47.12 22.25
N ALA AB 126 38.75 -48.10 23.13
CA ALA AB 126 37.64 -48.83 23.74
C ALA AB 126 36.95 -48.02 24.82
N ALA AB 127 37.58 -46.96 25.31
CA ALA AB 127 37.08 -46.27 26.50
C ALA AB 127 35.94 -45.32 26.21
N ASN AB 128 35.39 -45.29 25.01
CA ASN AB 128 34.44 -44.24 24.63
C ASN AB 128 33.12 -44.39 25.37
N TRP AB 129 32.45 -45.52 25.17
CA TRP AB 129 31.19 -45.72 25.88
C TRP AB 129 31.41 -46.02 27.36
N TYR AB 130 32.60 -46.47 27.74
CA TYR AB 130 32.93 -46.59 29.16
C TYR AB 130 32.94 -45.24 29.83
N GLU AB 131 33.59 -44.25 29.20
CA GLU AB 131 33.62 -42.90 29.74
C GLU AB 131 32.24 -42.28 29.75
N ARG AB 132 31.49 -42.45 28.66
CA ARG AB 132 30.14 -41.91 28.61
C ARG AB 132 29.22 -42.59 29.63
N GLU AB 133 29.47 -43.86 29.89
CA GLU AB 133 28.70 -44.61 30.89
C GLU AB 133 28.96 -44.09 32.30
N ILE AB 134 30.23 -43.94 32.67
CA ILE AB 134 30.56 -43.47 34.01
C ILE AB 134 30.06 -42.04 34.22
N TRP AB 135 30.17 -41.20 33.19
CA TRP AB 135 29.59 -39.87 33.26
C TRP AB 135 28.09 -39.90 33.46
N ASP AB 136 27.37 -40.79 32.75
CA ASP AB 136 25.93 -40.76 32.89
C ASP AB 136 25.49 -41.34 34.22
N MET AB 137 26.12 -42.42 34.66
CA MET AB 137 25.63 -43.09 35.84
C MET AB 137 26.07 -42.40 37.12
N PHE AB 138 27.18 -41.68 37.08
CA PHE AB 138 27.66 -41.03 38.28
C PHE AB 138 27.66 -39.51 38.19
N GLY AB 139 28.04 -38.96 37.05
CA GLY AB 139 28.27 -37.55 36.95
C GLY AB 139 29.72 -37.14 37.03
N VAL AB 140 30.64 -38.09 36.89
CA VAL AB 140 32.06 -37.78 36.96
C VAL AB 140 32.41 -37.22 35.60
N PHE AB 141 32.53 -35.88 35.50
CA PHE AB 141 32.76 -35.26 34.20
C PHE AB 141 34.15 -35.61 33.70
N PHE AB 142 34.25 -35.93 32.42
CA PHE AB 142 35.50 -36.27 31.79
C PHE AB 142 35.82 -35.20 30.76
N ALA AB 143 36.95 -34.55 30.96
CA ALA AB 143 37.24 -33.30 30.26
C ALA AB 143 37.78 -33.57 28.88
N ASN AB 144 37.40 -32.69 27.96
CA ASN AB 144 37.87 -32.63 26.57
C ASN AB 144 37.57 -33.89 25.78
N HIS AB 145 36.62 -34.68 26.26
CA HIS AB 145 36.12 -35.82 25.52
C HIS AB 145 35.35 -35.31 24.30
N PRO AB 146 35.42 -36.00 23.15
CA PRO AB 146 34.74 -35.50 21.96
C PRO AB 146 33.21 -35.43 22.05
N ASP AB 147 32.53 -36.46 22.53
CA ASP AB 147 31.07 -36.48 22.52
C ASP AB 147 30.54 -37.16 23.77
N LEU AB 148 29.95 -36.39 24.68
CA LEU AB 148 29.26 -36.92 25.85
C LEU AB 148 27.76 -36.90 25.63
N ARG AB 149 27.11 -38.03 25.87
CA ARG AB 149 25.66 -38.14 25.81
C ARG AB 149 25.23 -39.03 26.99
N ARG AB 150 24.00 -39.54 26.92
CA ARG AB 150 23.47 -40.39 27.98
C ARG AB 150 23.22 -41.79 27.45
N ILE AB 151 23.92 -42.76 28.03
CA ILE AB 151 23.71 -44.18 27.75
C ILE AB 151 23.32 -44.84 29.05
N LEU AB 152 22.37 -45.80 28.97
CA LEU AB 152 21.88 -46.65 30.05
C LEU AB 152 21.02 -45.91 31.06
N THR AB 153 20.50 -44.74 30.70
CA THR AB 153 19.43 -44.13 31.47
C THR AB 153 18.32 -43.74 30.53
N ASP AB 154 17.19 -43.36 31.10
CA ASP AB 154 16.20 -42.65 30.31
C ASP AB 154 16.69 -41.22 30.09
N TYR AB 155 16.14 -40.59 29.05
CA TYR AB 155 16.50 -39.23 28.74
C TYR AB 155 15.95 -38.27 29.78
N GLY AB 156 14.63 -38.33 30.02
CA GLY AB 156 14.00 -37.44 30.97
C GLY AB 156 14.39 -37.71 32.41
N PHE AB 157 14.90 -38.90 32.68
CA PHE AB 157 15.43 -39.21 33.99
C PHE AB 157 16.69 -38.39 34.27
N GLU AB 158 16.86 -38.02 35.53
CA GLU AB 158 18.12 -37.42 35.96
C GLU AB 158 18.35 -37.75 37.43
N GLY AB 159 19.58 -37.58 37.86
CA GLY AB 159 19.90 -37.77 39.26
C GLY AB 159 21.14 -38.61 39.53
N HIS AB 160 21.71 -39.22 38.47
CA HIS AB 160 22.95 -39.98 38.49
C HIS AB 160 22.85 -41.17 39.44
N PRO AB 161 22.14 -42.22 39.03
CA PRO AB 161 21.53 -43.13 40.01
C PRO AB 161 22.49 -44.05 40.73
N PHE AB 162 23.70 -44.29 40.23
CA PHE AB 162 24.58 -45.21 40.96
C PHE AB 162 25.20 -44.61 42.21
N ARG AB 163 24.95 -43.34 42.50
CA ARG AB 163 25.38 -42.73 43.74
C ARG AB 163 24.69 -43.40 44.92
N LYS AB 164 25.28 -43.24 46.10
CA LYS AB 164 24.66 -43.76 47.30
C LYS AB 164 23.45 -42.96 47.73
N ASP AB 165 23.42 -41.67 47.40
CA ASP AB 165 22.30 -40.84 47.83
C ASP AB 165 21.03 -41.18 47.10
N PHE AB 166 21.16 -41.65 45.87
CA PHE AB 166 20.01 -42.11 45.14
C PHE AB 166 19.51 -43.39 45.81
N PRO AB 167 18.23 -43.50 46.11
CA PRO AB 167 17.73 -44.65 46.86
C PRO AB 167 17.60 -45.85 45.95
N LEU AB 168 17.08 -46.94 46.53
CA LEU AB 168 16.94 -48.17 45.77
C LEU AB 168 15.89 -48.03 44.69
N SER AB 169 14.75 -47.47 45.05
CA SER AB 169 13.79 -47.01 44.06
C SER AB 169 14.21 -45.61 43.59
N GLY AB 170 13.32 -44.92 42.88
CA GLY AB 170 13.67 -43.61 42.38
C GLY AB 170 12.80 -42.51 42.94
N TYR AB 171 12.49 -41.53 42.12
CA TYR AB 171 11.56 -40.48 42.49
C TYR AB 171 10.42 -40.34 41.51
N VAL AB 172 10.68 -40.53 40.25
CA VAL AB 172 9.65 -40.58 39.22
C VAL AB 172 9.20 -42.03 39.08
N GLU AB 173 7.98 -42.22 38.59
CA GLU AB 173 7.47 -43.55 38.28
C GLU AB 173 6.44 -43.41 37.19
N LEU AB 174 6.48 -44.28 36.18
CA LEU AB 174 5.61 -44.08 35.04
C LEU AB 174 4.32 -44.89 35.14
N ARG AB 175 3.29 -44.37 34.47
CA ARG AB 175 2.06 -45.11 34.20
C ARG AB 175 1.40 -44.47 33.00
N TYR AB 176 0.26 -45.01 32.60
CA TYR AB 176 -0.49 -44.48 31.48
C TYR AB 176 -1.79 -43.86 31.98
N ASP AB 177 -1.93 -42.54 31.81
CA ASP AB 177 -3.19 -41.91 32.16
C ASP AB 177 -4.01 -41.63 30.91
N ASP AB 178 -5.32 -41.70 31.10
CA ASP AB 178 -6.30 -41.64 30.04
C ASP AB 178 -6.95 -40.26 29.95
N GLU AB 179 -6.54 -39.34 30.81
CA GLU AB 179 -7.03 -37.97 30.73
C GLU AB 179 -6.49 -37.27 29.50
N VAL AB 180 -5.16 -37.16 29.42
CA VAL AB 180 -4.50 -36.63 28.24
C VAL AB 180 -4.02 -37.72 27.32
N LYS AB 181 -4.26 -38.99 27.66
CA LYS AB 181 -4.00 -40.17 26.83
C LYS AB 181 -2.51 -40.32 26.53
N ARG AB 182 -1.70 -40.39 27.59
CA ARG AB 182 -0.26 -40.56 27.39
C ARG AB 182 0.37 -41.18 28.63
N VAL AB 183 1.68 -41.38 28.56
CA VAL AB 183 2.47 -41.90 29.67
C VAL AB 183 2.97 -40.74 30.51
N VAL AB 184 2.62 -40.76 31.80
CA VAL AB 184 2.99 -39.70 32.73
C VAL AB 184 3.78 -40.30 33.89
N ALA AB 185 4.37 -39.41 34.69
CA ALA AB 185 5.19 -39.77 35.82
C ALA AB 185 4.54 -39.29 37.12
N GLU AB 186 4.93 -39.91 38.21
CA GLU AB 186 4.37 -39.68 39.54
C GLU AB 186 5.47 -39.82 40.57
N PRO AB 187 5.27 -39.29 41.78
CA PRO AB 187 6.10 -39.72 42.91
C PRO AB 187 5.88 -41.20 43.18
N VAL AB 188 6.97 -41.90 43.50
CA VAL AB 188 6.91 -43.36 43.54
C VAL AB 188 6.14 -43.82 44.76
N GLU AB 189 5.27 -44.80 44.54
CA GLU AB 189 4.31 -45.25 45.56
C GLU AB 189 4.38 -46.77 45.61
N LEU AB 190 5.10 -47.29 46.59
CA LEU AB 190 5.32 -48.71 46.66
C LEU AB 190 4.07 -49.44 47.14
N ALA AB 191 4.06 -50.75 46.90
CA ALA AB 191 3.06 -51.63 47.46
C ALA AB 191 3.61 -52.53 48.55
N GLN AB 192 4.93 -52.65 48.64
CA GLN AB 192 5.58 -53.39 49.70
C GLN AB 192 6.72 -52.51 50.20
N GLU AB 193 7.21 -52.82 51.41
CA GLU AB 193 8.10 -51.92 52.11
C GLU AB 193 9.51 -51.94 51.55
N PHE AB 194 9.96 -53.06 50.97
CA PHE AB 194 11.37 -53.45 50.91
C PHE AB 194 11.96 -53.46 52.32
N ARG AB 195 11.58 -54.50 53.05
CA ARG AB 195 12.03 -54.70 54.41
C ARG AB 195 13.55 -54.84 54.46
N LYS AB 196 14.20 -53.79 54.90
CA LYS AB 196 15.66 -53.72 54.90
C LYS AB 196 16.20 -54.42 56.13
N PHE AB 197 17.17 -55.29 55.93
CA PHE AB 197 17.69 -56.13 57.00
C PHE AB 197 19.02 -55.59 57.50
N ASP AB 198 19.21 -55.66 58.81
CA ASP AB 198 20.49 -55.32 59.43
C ASP AB 198 21.18 -56.62 59.84
N LEU AB 199 21.93 -57.20 58.90
CA LEU AB 199 22.66 -58.43 59.11
C LEU AB 199 24.09 -58.19 59.53
N ASN AB 200 24.37 -57.06 60.17
CA ASN AB 200 25.73 -56.70 60.58
C ASN AB 200 26.01 -57.25 61.98
N SER AB 201 26.13 -58.54 62.05
CA SER AB 201 26.31 -59.17 63.33
C SER AB 201 27.76 -59.00 63.80
N PRO AB 202 27.96 -58.75 65.09
CA PRO AB 202 29.31 -58.44 65.58
C PRO AB 202 30.24 -59.63 65.69
N TRP AB 203 31.38 -59.37 66.35
CA TRP AB 203 32.46 -60.27 66.76
C TRP AB 203 33.50 -60.60 65.70
N GLU AB 204 33.66 -59.79 64.65
CA GLU AB 204 34.94 -59.62 63.93
C GLU AB 204 35.46 -60.93 63.32
N ALA AB 205 34.77 -61.37 62.27
CA ALA AB 205 35.16 -62.60 61.60
C ALA AB 205 36.54 -62.53 60.92
N PHE AB 206 37.15 -61.36 60.81
CA PHE AB 206 38.48 -61.24 60.20
C PHE AB 206 39.36 -60.38 61.09
N PRO AB 207 40.09 -61.00 62.02
CA PRO AB 207 41.02 -60.23 62.85
C PRO AB 207 42.28 -59.78 62.15
N ALA AB 208 42.45 -60.06 60.87
CA ALA AB 208 43.63 -59.60 60.19
C ALA AB 208 43.57 -58.12 59.83
N TYR AB 209 42.38 -57.54 59.80
CA TYR AB 209 42.18 -56.20 59.26
C TYR AB 209 41.71 -55.22 60.31
N ARG AB 210 42.18 -55.37 61.54
CA ARG AB 210 41.69 -54.52 62.62
C ARG AB 210 42.29 -53.14 62.49
N GLN AB 211 41.45 -52.16 62.18
CA GLN AB 211 41.87 -50.78 62.18
C GLN AB 211 42.10 -50.32 63.62
N PRO AB 212 43.03 -49.39 63.83
CA PRO AB 212 43.27 -48.88 65.19
C PRO AB 212 42.29 -47.79 65.53
N PRO AB 213 41.93 -47.65 66.80
CA PRO AB 213 41.04 -46.55 67.21
C PRO AB 213 41.82 -45.26 67.42
N GLU AB 214 41.15 -44.27 68.01
CA GLU AB 214 41.81 -43.04 68.41
C GLU AB 214 42.78 -43.30 69.56
N SER BB 24 -38.16 -67.89 18.51
CA SER BB 24 -36.86 -67.28 18.77
C SER BB 24 -35.81 -67.82 17.81
N ARG BB 25 -36.22 -67.99 16.54
CA ARG BB 25 -35.30 -68.42 15.49
C ARG BB 25 -34.20 -67.40 15.26
N GLY BB 26 -34.47 -66.12 15.51
CA GLY BB 26 -33.44 -65.12 15.46
C GLY BB 26 -32.39 -65.31 16.56
N GLU BB 27 -32.84 -65.68 17.75
CA GLU BB 27 -31.91 -65.92 18.85
C GLU BB 27 -31.10 -67.19 18.64
N TYR BB 28 -31.69 -68.20 18.02
CA TYR BB 28 -30.95 -69.41 17.69
C TYR BB 28 -29.89 -69.15 16.62
N VAL BB 29 -30.23 -68.32 15.63
CA VAL BB 29 -29.27 -67.89 14.62
C VAL BB 29 -28.16 -67.05 15.26
N VAL BB 30 -28.51 -66.19 16.23
CA VAL BB 30 -27.50 -65.40 16.94
C VAL BB 30 -26.57 -66.29 17.74
N ALA BB 31 -27.10 -67.35 18.36
CA ALA BB 31 -26.27 -68.28 19.12
C ALA BB 31 -25.29 -69.02 18.21
N LYS BB 32 -25.76 -69.56 17.09
CA LYS BB 32 -24.84 -70.28 16.22
C LYS BB 32 -23.87 -69.34 15.50
N LEU BB 33 -24.29 -68.12 15.22
CA LEU BB 33 -23.41 -67.18 14.52
C LEU BB 33 -22.33 -66.65 15.46
N ASP BB 34 -22.68 -66.42 16.73
CA ASP BB 34 -21.71 -66.08 17.75
C ASP BB 34 -20.73 -67.22 17.96
N ASP BB 35 -21.22 -68.47 17.93
CA ASP BB 35 -20.34 -69.63 17.99
C ASP BB 35 -19.36 -69.64 16.83
N LEU BB 36 -19.84 -69.32 15.62
CA LEU BB 36 -18.98 -69.34 14.44
C LEU BB 36 -17.89 -68.28 14.53
N ILE BB 37 -18.24 -67.05 14.91
CA ILE BB 37 -17.22 -66.02 14.92
C ILE BB 37 -16.28 -66.18 16.11
N ASN BB 38 -16.75 -66.76 17.22
CA ASN BB 38 -15.86 -67.02 18.35
C ASN BB 38 -14.90 -68.16 18.04
N TRP BB 39 -15.38 -69.17 17.33
CA TRP BB 39 -14.50 -70.22 16.83
C TRP BB 39 -13.48 -69.66 15.85
N ALA BB 40 -13.91 -68.70 15.02
CA ALA BB 40 -13.00 -68.08 14.07
C ALA BB 40 -11.95 -67.21 14.78
N ARG BB 41 -12.35 -66.52 15.84
CA ARG BB 41 -11.39 -65.71 16.57
C ARG BB 41 -10.40 -66.59 17.31
N ARG BB 42 -10.86 -67.66 17.97
CA ARG BB 42 -9.93 -68.47 18.73
C ARG BB 42 -9.10 -69.39 17.88
N SER BB 43 -9.50 -69.63 16.63
CA SER BB 43 -8.82 -70.62 15.81
C SER BB 43 -7.43 -70.17 15.41
N SER BB 44 -7.33 -69.03 14.73
CA SER BB 44 -6.04 -68.66 14.12
C SER BB 44 -5.08 -68.09 15.17
N LEU BB 45 -5.39 -66.89 15.66
CA LEU BB 45 -4.62 -66.17 16.68
C LEU BB 45 -3.13 -66.12 16.37
N TRP BB 46 -2.78 -65.38 15.34
CA TRP BB 46 -1.36 -65.20 15.06
C TRP BB 46 -0.84 -64.00 15.85
N PRO BB 47 0.16 -64.19 16.70
CA PRO BB 47 0.61 -63.10 17.57
C PRO BB 47 1.74 -62.31 16.97
N MET BB 48 2.19 -61.31 17.71
CA MET BB 48 3.52 -60.75 17.54
C MET BB 48 4.29 -60.98 18.82
N THR BB 49 5.57 -61.29 18.69
CA THR BB 49 6.42 -61.53 19.83
C THR BB 49 7.08 -60.22 20.19
N PHE BB 50 6.73 -59.65 21.35
CA PHE BB 50 7.42 -58.43 21.75
C PHE BB 50 8.81 -58.76 22.29
N GLY BB 51 8.88 -59.52 23.39
CA GLY BB 51 10.05 -60.32 23.66
C GLY BB 51 11.40 -59.66 23.91
N LEU BB 52 11.62 -59.05 25.07
CA LEU BB 52 12.91 -58.41 25.30
C LEU BB 52 13.98 -59.39 25.76
N ALA BB 53 13.87 -59.88 26.99
CA ALA BB 53 14.87 -60.68 27.66
C ALA BB 53 14.55 -62.16 27.49
N CYS BB 54 15.18 -63.00 28.32
CA CYS BB 54 15.13 -64.46 28.24
C CYS BB 54 13.76 -65.11 28.09
N CYS BB 55 12.69 -64.42 28.47
CA CYS BB 55 11.38 -64.90 28.07
C CYS BB 55 11.16 -64.84 26.56
N ALA BB 56 11.90 -64.00 25.82
CA ALA BB 56 11.85 -64.08 24.36
C ALA BB 56 12.43 -65.39 23.87
N VAL BB 57 13.54 -65.82 24.50
CA VAL BB 57 14.14 -67.11 24.20
C VAL BB 57 13.16 -68.22 24.53
N GLU BB 58 12.36 -68.05 25.59
CA GLU BB 58 11.41 -69.10 25.90
C GLU BB 58 10.23 -69.13 24.92
N MET BB 59 9.83 -67.97 24.40
CA MET BB 59 8.82 -67.97 23.35
C MET BB 59 9.34 -68.64 22.08
N MET BB 60 10.56 -68.30 21.67
CA MET BB 60 11.12 -68.96 20.51
C MET BB 60 11.54 -70.40 20.79
N HIS BB 61 11.45 -70.84 22.04
CA HIS BB 61 11.49 -72.26 22.35
C HIS BB 61 10.14 -72.92 22.41
N MET BB 62 9.06 -72.16 22.54
CA MET BB 62 7.76 -72.78 22.35
C MET BB 62 7.26 -72.59 20.94
N ALA BB 63 8.08 -72.09 20.04
CA ALA BB 63 7.86 -72.27 18.61
C ALA BB 63 8.72 -73.40 18.04
N ALA BB 64 9.41 -74.15 18.89
CA ALA BB 64 10.36 -75.17 18.47
C ALA BB 64 9.62 -76.42 18.01
N PRO BB 65 10.32 -77.42 17.44
CA PRO BB 65 9.64 -78.68 17.11
C PRO BB 65 8.99 -79.42 18.26
N ARG BB 66 9.48 -79.30 19.49
CA ARG BB 66 8.87 -80.09 20.55
C ARG BB 66 7.63 -79.45 21.14
N TYR BB 67 7.31 -78.22 20.74
CA TYR BB 67 6.05 -77.58 21.12
C TYR BB 67 5.69 -76.67 19.94
N ASP BB 68 4.76 -77.09 19.11
CA ASP BB 68 4.37 -76.27 17.97
C ASP BB 68 3.22 -75.35 18.36
N MET BB 69 3.40 -74.05 18.15
CA MET BB 69 2.23 -73.19 18.05
C MET BB 69 1.48 -73.46 16.75
N ASP BB 70 2.18 -73.99 15.75
CA ASP BB 70 1.63 -74.21 14.43
C ASP BB 70 0.72 -75.42 14.35
N ARG BB 71 0.62 -76.22 15.41
CA ARG BB 71 -0.49 -77.17 15.46
C ARG BB 71 -1.81 -76.47 15.60
N PHE BB 72 -1.82 -75.30 16.25
CA PHE BB 72 -3.04 -74.58 16.52
C PHE BB 72 -3.39 -73.57 15.45
N GLY BB 73 -2.52 -73.39 14.46
CA GLY BB 73 -2.67 -72.29 13.54
C GLY BB 73 -2.09 -70.98 14.05
N VAL BB 74 -1.60 -70.97 15.28
CA VAL BB 74 -0.94 -69.81 15.87
C VAL BB 74 0.43 -69.66 15.21
N VAL BB 75 0.62 -68.61 14.42
CA VAL BB 75 1.80 -68.43 13.58
C VAL BB 75 2.52 -67.18 14.02
N PHE BB 76 3.83 -67.27 14.23
CA PHE BB 76 4.61 -66.08 14.57
C PHE BB 76 4.64 -65.12 13.40
N ARG BB 77 4.51 -63.83 13.70
CA ARG BB 77 4.46 -62.81 12.67
C ARG BB 77 4.83 -61.47 13.28
N ALA BB 78 5.81 -60.79 12.70
CA ALA BB 78 6.30 -59.53 13.22
C ALA BB 78 5.53 -58.34 12.68
N SER BB 79 4.33 -58.56 12.16
CA SER BB 79 3.53 -57.48 11.61
C SER BB 79 2.57 -56.98 12.67
N PRO BB 80 2.73 -55.76 13.19
CA PRO BB 80 1.82 -55.27 14.23
C PRO BB 80 0.49 -54.77 13.71
N ARG BB 81 0.32 -54.63 12.39
CA ARG BB 81 -0.97 -54.24 11.85
C ARG BB 81 -1.88 -55.41 11.61
N GLN BB 82 -1.45 -56.62 11.92
CA GLN BB 82 -2.35 -57.75 11.83
C GLN BB 82 -2.21 -58.67 13.03
N SER BB 83 -1.63 -58.18 14.11
CA SER BB 83 -1.41 -59.00 15.29
C SER BB 83 -2.72 -59.26 16.02
N ASP BB 84 -2.79 -60.41 16.67
CA ASP BB 84 -3.99 -60.81 17.39
C ASP BB 84 -3.81 -60.72 18.89
N VAL BB 85 -2.79 -61.39 19.42
CA VAL BB 85 -2.47 -61.31 20.83
C VAL BB 85 -1.07 -60.74 20.99
N MET BB 86 -0.95 -59.71 21.81
CA MET BB 86 0.34 -59.14 22.13
C MET BB 86 0.85 -59.81 23.39
N ILE BB 87 1.99 -60.48 23.28
CA ILE BB 87 2.59 -61.17 24.40
C ILE BB 87 3.73 -60.29 24.91
N VAL BB 88 3.49 -59.60 26.03
CA VAL BB 88 4.60 -58.97 26.71
C VAL BB 88 5.40 -60.05 27.39
N ALA BB 89 6.72 -60.02 27.20
CA ALA BB 89 7.60 -61.00 27.82
C ALA BB 89 8.97 -60.36 27.94
N GLY BB 90 9.47 -60.24 29.15
CA GLY BB 90 10.74 -59.59 29.40
C GLY BB 90 10.59 -58.44 30.37
N THR BB 91 11.71 -57.76 30.60
CA THR BB 91 11.76 -56.72 31.62
C THR BB 91 11.40 -55.39 31.00
N LEU BB 92 10.15 -55.00 31.15
CA LEU BB 92 9.68 -53.72 30.65
C LEU BB 92 10.25 -52.58 31.47
N THR BB 93 10.83 -51.58 30.81
CA THR BB 93 11.48 -50.46 31.47
C THR BB 93 10.80 -49.15 31.12
N ASN BB 94 11.20 -48.10 31.84
CA ASN BB 94 10.69 -46.77 31.57
C ASN BB 94 11.11 -46.29 30.20
N LYS BB 95 12.35 -46.58 29.81
CA LYS BB 95 12.85 -46.19 28.51
C LYS BB 95 12.17 -46.96 27.38
N MET BB 96 11.56 -48.10 27.70
CA MET BB 96 10.85 -48.93 26.73
C MET BB 96 9.39 -48.53 26.59
N ALA BB 97 8.76 -48.12 27.69
CA ALA BB 97 7.31 -48.06 27.77
C ALA BB 97 6.58 -47.16 26.76
N PRO BB 98 7.05 -45.95 26.39
CA PRO BB 98 6.34 -45.22 25.33
C PRO BB 98 6.39 -45.92 23.99
N ALA BB 99 7.48 -46.61 23.67
CA ALA BB 99 7.50 -47.42 22.48
C ALA BB 99 6.53 -48.59 22.58
N LEU BB 100 6.33 -49.11 23.80
CA LEU BB 100 5.39 -50.21 23.98
C LEU BB 100 3.97 -49.77 23.68
N ARG BB 101 3.54 -48.65 24.25
CA ARG BB 101 2.16 -48.31 23.98
C ARG BB 101 1.99 -47.69 22.59
N LYS BB 102 3.05 -47.14 21.99
CA LYS BB 102 2.95 -46.79 20.58
C LYS BB 102 2.79 -48.02 19.70
N VAL BB 103 3.39 -49.15 20.08
CA VAL BB 103 3.11 -50.41 19.38
C VAL BB 103 1.68 -50.84 19.60
N TYR BB 104 1.20 -50.71 20.83
CA TYR BB 104 -0.11 -51.23 21.20
C TYR BB 104 -1.24 -50.42 20.60
N ASP BB 105 -1.02 -49.13 20.32
CA ASP BB 105 -2.09 -48.29 19.79
C ASP BB 105 -2.41 -48.64 18.35
N GLN BB 106 -1.39 -48.85 17.52
CA GLN BB 106 -1.62 -49.19 16.12
C GLN BB 106 -1.73 -50.70 15.91
N MET BB 107 -2.55 -51.31 16.74
CA MET BB 107 -2.98 -52.67 16.64
C MET BB 107 -4.49 -52.67 16.47
N PRO BB 108 -5.06 -53.54 15.64
CA PRO BB 108 -6.51 -53.53 15.42
C PRO BB 108 -7.28 -53.85 16.69
N GLU BB 109 -8.46 -53.24 16.80
CA GLU BB 109 -9.35 -53.23 17.96
C GLU BB 109 -9.67 -54.62 18.52
N PRO BB 110 -9.75 -55.70 17.74
CA PRO BB 110 -9.62 -57.01 18.40
C PRO BB 110 -8.18 -57.24 18.81
N ARG BB 111 -7.92 -57.07 20.11
CA ARG BB 111 -6.58 -57.22 20.66
C ARG BB 111 -6.69 -57.89 22.01
N TYR BB 112 -5.72 -58.76 22.31
CA TYR BB 112 -5.76 -59.52 23.54
C TYR BB 112 -4.34 -59.69 24.04
N VAL BB 113 -4.16 -59.61 25.35
CA VAL BB 113 -2.83 -59.38 25.93
C VAL BB 113 -2.47 -60.52 26.86
N VAL BB 114 -1.30 -61.11 26.61
CA VAL BB 114 -0.74 -62.15 27.45
C VAL BB 114 0.52 -61.59 28.10
N SER BB 115 0.50 -61.50 29.43
CA SER BB 115 1.68 -61.08 30.18
C SER BB 115 2.41 -62.33 30.64
N MET BB 116 3.60 -62.55 30.08
CA MET BB 116 4.39 -63.73 30.33
C MET BB 116 5.57 -63.38 31.20
N GLY BB 117 5.79 -64.15 32.25
CA GLY BB 117 7.03 -63.95 32.97
C GLY BB 117 6.86 -63.05 34.16
N SER BB 118 7.67 -63.32 35.19
CA SER BB 118 7.57 -62.59 36.44
C SER BB 118 8.07 -61.16 36.30
N CYS BB 119 8.92 -60.88 35.31
CA CYS BB 119 9.23 -59.49 35.00
C CYS BB 119 8.00 -58.72 34.58
N ALA BB 120 7.15 -59.35 33.78
CA ALA BB 120 6.08 -58.61 33.14
C ALA BB 120 4.78 -58.67 33.88
N ASN BB 121 4.53 -59.67 34.70
CA ASN BB 121 3.22 -59.72 35.35
C ASN BB 121 3.28 -59.23 36.78
N GLY BB 122 4.00 -58.15 37.04
CA GLY BB 122 4.13 -57.67 38.40
C GLY BB 122 5.54 -57.32 38.81
N GLY BB 123 6.39 -57.05 37.82
CA GLY BB 123 7.71 -56.51 38.11
C GLY BB 123 8.71 -57.58 38.48
N GLY BB 124 8.47 -58.24 39.60
CA GLY BB 124 9.20 -59.44 39.91
C GLY BB 124 10.56 -59.25 40.52
N TYR BB 125 11.59 -59.70 39.83
CA TYR BB 125 12.89 -59.76 40.46
C TYR BB 125 13.56 -58.40 40.44
N TYR BB 126 13.36 -57.65 39.37
CA TYR BB 126 13.81 -56.27 39.33
C TYR BB 126 12.69 -55.35 39.74
N HIS BB 127 12.02 -55.65 40.84
CA HIS BB 127 10.88 -54.85 41.26
C HIS BB 127 11.34 -53.56 41.90
N TYR BB 128 12.30 -53.65 42.81
CA TYR BB 128 12.73 -52.51 43.59
C TYR BB 128 13.90 -51.85 42.88
N SER BB 129 13.64 -51.25 41.75
CA SER BB 129 14.66 -50.40 41.18
C SER BB 129 13.99 -49.28 40.45
N TYR BB 130 14.79 -48.28 40.10
CA TYR BB 130 14.38 -47.35 39.09
C TYR BB 130 14.28 -48.07 37.76
N SER BB 131 13.54 -47.44 36.84
CA SER BB 131 13.43 -47.84 35.44
C SER BB 131 12.89 -49.25 35.26
N VAL BB 132 12.04 -49.70 36.17
CA VAL BB 132 11.23 -50.89 35.94
C VAL BB 132 9.79 -50.53 36.26
N VAL BB 133 8.94 -50.53 35.24
CA VAL BB 133 7.52 -50.46 35.48
C VAL BB 133 7.09 -51.75 36.16
N ARG BB 134 6.39 -51.63 37.28
CA ARG BB 134 6.12 -52.78 38.14
C ARG BB 134 5.08 -53.69 37.51
N GLY BB 135 5.46 -54.39 36.46
CA GLY BB 135 4.50 -55.14 35.68
C GLY BB 135 3.82 -54.29 34.62
N CYS BB 136 3.40 -54.93 33.54
CA CYS BB 136 2.81 -54.22 32.42
C CYS BB 136 1.34 -53.88 32.62
N ASP BB 137 0.84 -53.97 33.85
CA ASP BB 137 -0.51 -53.51 34.11
C ASP BB 137 -0.60 -52.00 34.00
N ARG BB 138 0.47 -51.31 34.33
CA ARG BB 138 0.54 -49.86 34.27
C ARG BB 138 0.63 -49.32 32.85
N ILE BB 139 0.73 -50.19 31.85
CA ILE BB 139 0.90 -49.72 30.48
C ILE BB 139 -0.28 -50.15 29.63
N VAL BB 140 -0.53 -51.45 29.55
CA VAL BB 140 -1.64 -51.97 28.76
C VAL BB 140 -2.56 -52.76 29.68
N PRO BB 141 -3.83 -52.93 29.34
CA PRO BB 141 -4.64 -53.92 30.04
C PRO BB 141 -4.17 -55.32 29.70
N VAL BB 142 -4.34 -56.23 30.65
CA VAL BB 142 -3.79 -57.57 30.56
C VAL BB 142 -4.94 -58.56 30.63
N ASP BB 143 -4.95 -59.53 29.71
CA ASP BB 143 -5.96 -60.58 29.79
C ASP BB 143 -5.45 -61.79 30.56
N ILE BB 144 -4.34 -62.38 30.14
CA ILE BB 144 -3.88 -63.63 30.75
C ILE BB 144 -2.51 -63.41 31.35
N TYR BB 145 -2.44 -63.47 32.67
CA TYR BB 145 -1.15 -63.57 33.34
C TYR BB 145 -0.69 -65.02 33.29
N VAL BB 146 0.57 -65.24 32.93
CA VAL BB 146 1.20 -66.54 33.08
C VAL BB 146 2.53 -66.36 33.80
N PRO BB 147 2.74 -67.01 34.93
CA PRO BB 147 3.94 -66.76 35.71
C PRO BB 147 5.07 -67.70 35.36
N GLY BB 148 6.21 -67.54 36.02
CA GLY BB 148 7.38 -68.33 35.72
C GLY BB 148 8.57 -67.44 35.45
N CYS BB 149 9.76 -67.85 35.87
CA CYS BB 149 10.98 -67.10 35.58
C CYS BB 149 12.10 -68.07 35.27
N PRO BB 150 12.16 -68.58 34.04
CA PRO BB 150 11.22 -68.48 32.95
C PRO BB 150 10.07 -69.41 33.16
N PRO BB 151 8.96 -69.14 32.51
CA PRO BB 151 7.90 -70.12 32.45
C PRO BB 151 8.36 -71.30 31.62
N THR BB 152 7.77 -72.45 31.89
CA THR BB 152 7.96 -73.55 30.96
C THR BB 152 7.22 -73.21 29.68
N ALA BB 153 7.83 -73.58 28.55
CA ALA BB 153 7.19 -73.45 27.24
C ALA BB 153 5.84 -74.14 27.23
N GLU BB 154 5.79 -75.33 27.81
CA GLU BB 154 4.58 -76.10 27.99
C GLU BB 154 3.54 -75.33 28.80
N ALA BB 155 3.98 -74.60 29.82
CA ALA BB 155 3.06 -73.77 30.59
C ALA BB 155 2.56 -72.58 29.79
N LEU BB 156 3.39 -72.01 28.94
CA LEU BB 156 2.94 -70.92 28.10
C LEU BB 156 1.89 -71.40 27.11
N LEU BB 157 2.06 -72.61 26.59
CA LEU BB 157 1.07 -73.17 25.69
C LEU BB 157 -0.24 -73.40 26.41
N TYR BB 158 -0.18 -73.84 27.67
CA TYR BB 158 -1.38 -73.98 28.49
C TYR BB 158 -2.05 -72.63 28.73
N GLY BB 159 -1.25 -71.59 28.90
CA GLY BB 159 -1.84 -70.26 29.05
C GLY BB 159 -2.55 -69.79 27.80
N ILE BB 160 -2.00 -70.14 26.63
CA ILE BB 160 -2.68 -69.83 25.38
C ILE BB 160 -3.98 -70.64 25.26
N LEU BB 161 -4.00 -71.86 25.78
CA LEU BB 161 -5.25 -72.63 25.80
C LEU BB 161 -6.30 -71.95 26.68
N GLN BB 162 -5.91 -71.43 27.84
CA GLN BB 162 -6.94 -70.82 28.69
C GLN BB 162 -7.38 -69.46 28.14
N LEU BB 163 -6.50 -68.77 27.41
CA LEU BB 163 -6.94 -67.62 26.63
C LEU BB 163 -7.97 -68.02 25.58
N GLN BB 164 -7.76 -69.16 24.91
CA GLN BB 164 -8.71 -69.59 23.91
C GLN BB 164 -10.04 -69.99 24.52
N LYS BB 165 -10.04 -70.46 25.76
CA LYS BB 165 -11.31 -70.70 26.41
C LYS BB 165 -11.99 -69.39 26.79
N LYS BB 166 -11.20 -68.35 27.10
CA LYS BB 166 -11.80 -67.03 27.23
C LYS BB 166 -12.43 -66.55 25.93
N ILE BB 167 -11.79 -66.86 24.80
CA ILE BB 167 -12.38 -66.51 23.53
C ILE BB 167 -13.60 -67.37 23.23
N LYS BB 168 -13.66 -68.56 23.82
CA LYS BB 168 -14.89 -69.35 23.74
C LYS BB 168 -16.02 -68.70 24.54
N ARG BB 169 -15.69 -67.92 25.56
CA ARG BB 169 -16.69 -67.35 26.46
C ARG BB 169 -17.00 -65.87 26.18
N GLU BB 170 -17.12 -65.43 24.93
CA GLU BB 170 -17.18 -64.00 24.67
C GLU BB 170 -18.59 -63.38 24.78
N LYS BB 171 -19.62 -64.05 24.24
CA LYS BB 171 -21.00 -63.59 24.03
C LYS BB 171 -21.15 -62.15 23.52
N ARG BB 172 -20.24 -61.76 22.62
CA ARG BB 172 -20.29 -60.42 22.02
C ARG BB 172 -21.56 -60.20 21.23
N LEU BB 173 -21.94 -61.18 20.40
CA LEU BB 173 -23.08 -61.00 19.53
C LEU BB 173 -24.39 -61.06 20.31
N ARG BB 174 -24.43 -61.82 21.41
CA ARG BB 174 -25.58 -61.78 22.31
C ARG BB 174 -25.72 -60.41 22.95
N ILE BB 175 -24.62 -59.81 23.41
CA ILE BB 175 -24.71 -58.49 24.01
C ILE BB 175 -25.12 -57.45 22.99
N TRP BB 176 -24.66 -57.58 21.75
CA TRP BB 176 -25.09 -56.65 20.72
C TRP BB 176 -26.55 -56.88 20.32
N TYR BB 177 -27.03 -58.10 20.49
CA TYR BB 177 -28.42 -58.40 20.17
C TYR BB 177 -29.36 -57.82 21.21
N ARG BB 178 -28.97 -57.84 22.48
CA ARG BB 178 -29.86 -57.35 23.53
C ARG BB 178 -29.32 -56.13 24.24
N ARG BB 179 -28.48 -55.34 23.57
CA ARG BB 179 -27.99 -54.09 24.14
C ARG BB 179 -29.08 -53.03 24.19
N THR CB 1 48.16 -75.35 21.17
CA THR CB 1 47.81 -75.91 19.87
C THR CB 1 46.71 -75.12 19.21
N TYR CB 2 46.90 -74.77 17.94
CA TYR CB 2 45.92 -73.98 17.22
C TYR CB 2 45.67 -74.65 15.87
N LYS CB 3 44.40 -74.91 15.59
CA LYS CB 3 43.97 -75.64 14.40
C LYS CB 3 43.08 -74.69 13.62
N TYR CB 4 43.70 -73.86 12.80
CA TYR CB 4 42.94 -72.72 12.29
C TYR CB 4 42.32 -73.02 10.93
N VAL CB 5 41.42 -72.15 10.52
CA VAL CB 5 40.57 -72.40 9.37
C VAL CB 5 40.93 -71.47 8.22
N ASN CB 6 40.74 -71.99 7.01
CA ASN CB 6 40.90 -71.26 5.74
C ASN CB 6 42.32 -70.70 5.57
N LEU CB 7 43.29 -71.60 5.48
CA LEU CB 7 44.56 -71.27 4.85
C LEU CB 7 44.74 -72.31 3.75
N ARG CB 8 44.19 -71.99 2.59
CA ARG CB 8 44.09 -72.83 1.40
C ARG CB 8 43.51 -71.98 0.27
N GLU CB 9 44.03 -72.16 -0.93
CA GLU CB 9 43.42 -71.50 -2.07
C GLU CB 9 42.91 -72.54 -3.05
N PRO CB 10 41.87 -72.24 -3.81
CA PRO CB 10 41.48 -73.14 -4.89
C PRO CB 10 42.55 -73.22 -5.96
N SER CB 11 43.16 -74.40 -6.09
CA SER CB 11 44.30 -74.57 -6.97
C SER CB 11 43.87 -74.46 -8.43
N MET CB 12 44.79 -74.01 -9.27
CA MET CB 12 44.50 -73.66 -10.65
C MET CB 12 44.65 -74.84 -11.60
N ASP CB 13 44.51 -76.06 -11.10
CA ASP CB 13 44.39 -77.20 -11.99
C ASP CB 13 43.10 -77.08 -12.81
N MET CB 14 43.16 -77.59 -14.04
CA MET CB 14 42.05 -77.40 -14.97
C MET CB 14 40.82 -78.14 -14.50
N LYS CB 15 41.00 -79.29 -13.86
CA LYS CB 15 39.84 -80.02 -13.37
C LYS CB 15 39.26 -79.34 -12.13
N SER CB 16 40.12 -78.74 -11.30
CA SER CB 16 39.66 -77.98 -10.15
C SER CB 16 38.84 -76.78 -10.58
N VAL CB 17 39.32 -76.06 -11.59
CA VAL CB 17 38.60 -74.85 -12.00
C VAL CB 17 37.35 -75.21 -12.79
N THR CB 18 37.34 -76.33 -13.53
CA THR CB 18 36.09 -76.66 -14.19
C THR CB 18 35.08 -77.27 -13.23
N ASP CB 19 35.52 -77.89 -12.13
CA ASP CB 19 34.55 -78.36 -11.15
C ASP CB 19 33.98 -77.20 -10.34
N ARG CB 20 34.81 -76.21 -10.02
CA ARG CB 20 34.27 -75.03 -9.35
C ARG CB 20 33.38 -74.22 -10.28
N ALA CB 21 33.72 -74.16 -11.56
CA ALA CB 21 32.86 -73.46 -12.50
C ALA CB 21 31.57 -74.23 -12.75
N ALA CB 22 31.59 -75.56 -12.63
CA ALA CB 22 30.36 -76.31 -12.75
C ALA CB 22 29.49 -76.14 -11.52
N GLN CB 23 30.13 -75.99 -10.36
CA GLN CB 23 29.42 -75.58 -9.14
C GLN CB 23 28.74 -74.24 -9.34
N THR CB 24 29.43 -73.29 -9.98
CA THR CB 24 28.83 -71.99 -10.24
C THR CB 24 27.70 -72.09 -11.26
N LEU CB 25 28.01 -72.54 -12.47
CA LEU CB 25 27.08 -72.47 -13.59
C LEU CB 25 25.99 -73.52 -13.54
N LEU CB 26 26.07 -74.50 -12.63
CA LEU CB 26 25.07 -75.57 -12.59
C LEU CB 26 24.50 -75.81 -11.21
N TRP CB 27 24.80 -74.94 -10.24
CA TRP CB 27 24.08 -74.82 -8.97
C TRP CB 27 24.10 -76.12 -8.15
N THR CB 28 25.22 -76.84 -8.20
CA THR CB 28 25.21 -78.24 -7.79
C THR CB 28 25.09 -78.40 -6.27
N GLU CB 29 25.92 -77.67 -5.51
CA GLU CB 29 25.90 -77.82 -4.07
C GLU CB 29 24.65 -77.19 -3.45
N LEU CB 30 24.04 -76.25 -4.16
CA LEU CB 30 22.69 -75.79 -3.84
C LEU CB 30 21.69 -76.95 -3.85
N ILE CB 31 21.74 -77.77 -4.91
CA ILE CB 31 20.87 -78.94 -5.01
C ILE CB 31 21.24 -79.97 -3.96
N ARG CB 32 22.50 -80.00 -3.53
CA ARG CB 32 22.87 -80.86 -2.42
C ARG CB 32 22.21 -80.41 -1.12
N GLY CB 33 22.10 -79.09 -0.92
CA GLY CB 33 21.35 -78.59 0.22
C GLY CB 33 19.86 -78.91 0.14
N LEU CB 34 19.30 -78.85 -1.07
CA LEU CB 34 17.93 -79.31 -1.28
C LEU CB 34 17.75 -80.77 -0.88
N GLY CB 35 18.72 -81.62 -1.24
CA GLY CB 35 18.65 -83.02 -0.87
C GLY CB 35 18.75 -83.24 0.62
N MET CB 36 19.51 -82.38 1.31
CA MET CB 36 19.60 -82.44 2.76
C MET CB 36 18.25 -82.15 3.42
N THR CB 37 17.60 -81.08 2.98
CA THR CB 37 16.34 -80.75 3.62
C THR CB 37 15.22 -81.70 3.22
N LEU CB 38 15.32 -82.35 2.06
CA LEU CB 38 14.34 -83.40 1.77
C LEU CB 38 14.60 -84.64 2.62
N SER CB 39 15.87 -84.91 2.94
CA SER CB 39 16.16 -85.99 3.88
C SER CB 39 15.57 -85.71 5.24
N TYR CB 40 15.43 -84.44 5.61
CA TYR CB 40 14.67 -84.18 6.82
C TYR CB 40 13.17 -84.08 6.58
N LEU CB 41 12.72 -83.93 5.34
CA LEU CB 41 11.29 -84.06 5.05
C LEU CB 41 10.82 -85.48 5.36
N PHE CB 42 11.54 -86.47 4.87
CA PHE CB 42 10.99 -87.82 5.02
C PHE CB 42 11.17 -88.43 6.40
N ARG CB 43 11.73 -87.71 7.35
CA ARG CB 43 11.81 -88.21 8.71
C ARG CB 43 10.45 -88.23 9.39
N GLU CB 44 10.41 -88.88 10.50
CA GLU CB 44 9.25 -88.77 11.37
C GLU CB 44 9.41 -87.57 12.28
N PRO CB 45 8.37 -86.75 12.43
CA PRO CB 45 8.54 -85.47 13.11
C PRO CB 45 8.64 -85.65 14.61
N ALA CB 46 9.47 -84.83 15.23
CA ALA CB 46 9.69 -84.88 16.66
C ALA CB 46 8.87 -83.79 17.35
N THR CB 47 7.56 -84.01 17.37
CA THR CB 47 6.64 -83.17 18.12
C THR CB 47 5.95 -84.02 19.17
N ILE CB 48 5.29 -83.35 20.10
CA ILE CB 48 4.40 -84.02 21.04
C ILE CB 48 3.07 -83.28 21.05
N ASN CB 49 1.98 -84.03 21.00
CA ASN CB 49 0.66 -83.46 21.22
C ASN CB 49 0.58 -83.00 22.67
N TYR CB 50 0.41 -81.70 22.91
CA TYR CB 50 0.43 -81.23 24.30
C TYR CB 50 -0.77 -81.67 25.12
N PRO CB 51 -2.03 -81.29 24.82
CA PRO CB 51 -3.08 -81.41 25.85
C PRO CB 51 -3.46 -82.84 26.20
N PHE CB 52 -2.90 -83.81 25.48
CA PHE CB 52 -3.06 -85.22 25.79
C PHE CB 52 -1.77 -85.89 26.23
N GLU CB 53 -0.61 -85.35 25.86
CA GLU CB 53 0.69 -85.86 26.30
C GLU CB 53 1.45 -84.66 26.87
N LYS CB 54 1.53 -84.56 28.18
CA LYS CB 54 2.36 -83.48 28.71
C LYS CB 54 3.83 -83.86 28.65
N GLY CB 55 4.68 -82.85 28.57
CA GLY CB 55 6.09 -83.03 28.36
C GLY CB 55 6.80 -83.63 29.55
N PRO CB 56 7.99 -84.16 29.32
CA PRO CB 56 8.72 -84.83 30.39
C PRO CB 56 9.30 -83.84 31.37
N LEU CB 57 9.58 -84.33 32.56
CA LEU CB 57 10.11 -83.52 33.65
C LEU CB 57 11.19 -84.33 34.36
N SER CB 58 11.53 -83.85 35.53
CA SER CB 58 12.46 -84.50 36.44
C SER CB 58 11.75 -84.71 37.75
N PRO CB 59 12.28 -85.54 38.64
CA PRO CB 59 11.84 -85.45 40.04
C PRO CB 59 12.28 -84.18 40.72
N ARG CB 60 13.25 -83.44 40.17
CA ARG CB 60 13.76 -82.25 40.85
C ARG CB 60 13.28 -80.95 40.24
N PHE CB 61 12.19 -81.00 39.47
CA PHE CB 61 11.59 -79.79 38.93
C PHE CB 61 11.05 -78.90 40.05
N ARG CB 62 11.00 -77.59 39.78
CA ARG CB 62 10.55 -76.59 40.75
C ARG CB 62 9.27 -75.92 40.26
N GLY CB 63 8.21 -76.08 41.03
CA GLY CB 63 6.86 -75.78 40.62
C GLY CB 63 6.03 -74.74 41.35
N GLU CB 64 5.27 -75.24 42.31
CA GLU CB 64 3.91 -74.80 42.63
C GLU CB 64 3.79 -73.92 43.88
N HIS CB 65 4.75 -74.00 44.81
CA HIS CB 65 4.71 -73.33 46.13
C HIS CB 65 3.52 -73.77 46.98
N ALA CB 66 3.61 -75.00 47.46
CA ALA CB 66 2.64 -75.48 48.44
C ALA CB 66 3.25 -75.50 49.83
N LEU CB 67 2.40 -75.35 50.84
CA LEU CB 67 2.73 -75.71 52.20
C LEU CB 67 2.33 -77.14 52.47
N ARG CB 68 3.18 -77.86 53.16
CA ARG CB 68 2.86 -79.22 53.57
C ARG CB 68 2.35 -79.22 54.99
N ARG CB 69 2.23 -80.42 55.56
CA ARG CB 69 1.88 -80.58 56.96
C ARG CB 69 2.48 -81.89 57.42
N TYR CB 70 2.33 -82.19 58.71
CA TYR CB 70 2.81 -83.45 59.25
C TYR CB 70 1.94 -84.62 58.78
N PRO CB 71 2.42 -85.89 58.96
CA PRO CB 71 1.52 -87.01 58.74
C PRO CB 71 0.35 -87.02 59.70
N SER CB 72 -0.83 -86.69 59.14
CA SER CB 72 -2.06 -86.43 59.88
C SER CB 72 -1.82 -85.49 61.05
N GLY CB 73 -1.20 -84.36 60.75
CA GLY CB 73 -0.80 -83.48 61.81
C GLY CB 73 -0.98 -82.01 61.52
N GLU CB 74 -0.24 -81.21 62.28
CA GLU CB 74 -0.34 -79.77 62.27
C GLU CB 74 0.44 -79.21 61.09
N GLU CB 75 0.48 -77.88 60.99
CA GLU CB 75 1.17 -77.22 59.90
C GLU CB 75 2.66 -77.35 60.09
N ARG CB 76 3.36 -77.84 59.07
CA ARG CB 76 4.77 -78.16 59.22
C ARG CB 76 5.62 -76.89 59.31
N CYS CB 77 5.14 -75.76 58.80
CA CYS CB 77 5.79 -74.50 59.05
C CYS CB 77 5.72 -74.13 60.52
N ILE CB 78 6.67 -73.32 60.95
CA ILE CB 78 6.73 -72.87 62.33
C ILE CB 78 6.72 -71.35 62.43
N ALA CB 79 6.73 -70.64 61.31
CA ALA CB 79 7.01 -69.21 61.20
C ALA CB 79 8.35 -68.89 61.86
N CYS CB 80 9.40 -69.44 61.24
CA CYS CB 80 10.76 -69.13 61.65
C CYS CB 80 11.46 -68.20 60.68
N LYS CB 81 10.77 -67.71 59.67
CA LYS CB 81 11.14 -66.57 58.83
C LYS CB 81 12.38 -66.77 57.97
N LEU CB 82 12.94 -67.97 57.92
CA LEU CB 82 14.10 -68.24 57.07
C LEU CB 82 13.78 -68.04 55.60
N CYS CB 83 12.59 -68.42 55.20
CA CYS CB 83 12.21 -68.31 53.80
C CYS CB 83 12.10 -66.86 53.37
N GLU CB 84 11.71 -65.97 54.27
CA GLU CB 84 11.85 -64.56 53.92
C GLU CB 84 13.30 -64.11 54.00
N ALA CB 85 14.07 -64.70 54.91
CA ALA CB 85 15.45 -64.27 55.09
C ALA CB 85 16.31 -64.58 53.88
N VAL CB 86 15.96 -65.60 53.10
CA VAL CB 86 16.71 -65.95 51.91
C VAL CB 86 15.91 -65.79 50.64
N CYS CB 87 14.67 -65.41 50.71
CA CYS CB 87 13.91 -65.20 49.51
C CYS CB 87 14.48 -63.98 48.80
N PRO CB 88 15.01 -64.12 47.59
CA PRO CB 88 15.72 -62.99 46.99
C PRO CB 88 14.79 -61.91 46.53
N ALA CB 89 13.65 -62.26 45.95
CA ALA CB 89 12.71 -61.23 45.57
C ALA CB 89 11.85 -60.77 46.72
N GLN CB 90 12.03 -61.37 47.90
CA GLN CB 90 11.35 -60.98 49.14
C GLN CB 90 9.83 -61.09 49.02
N ALA CB 91 9.38 -62.09 48.27
CA ALA CB 91 7.95 -62.27 48.10
C ALA CB 91 7.29 -62.89 49.31
N ILE CB 92 8.06 -63.38 50.25
CA ILE CB 92 7.53 -64.03 51.44
C ILE CB 92 7.25 -62.96 52.48
N THR CB 93 6.02 -62.93 52.97
CA THR CB 93 5.63 -62.07 54.07
C THR CB 93 5.09 -62.93 55.19
N ILE CB 94 5.71 -62.83 56.36
CA ILE CB 94 5.38 -63.69 57.49
C ILE CB 94 5.04 -62.82 58.67
N GLU CB 95 3.90 -63.06 59.29
CA GLU CB 95 3.58 -62.48 60.57
C GLU CB 95 3.02 -63.59 61.45
N ALA CB 96 3.54 -63.65 62.68
CA ALA CB 96 3.52 -64.87 63.48
C ALA CB 96 2.84 -64.66 64.83
N GLU CB 97 1.45 -64.82 64.88
CA GLU CB 97 1.12 -64.89 66.29
C GLU CB 97 1.24 -66.33 66.77
N PRO CB 98 1.54 -66.49 68.06
CA PRO CB 98 1.32 -67.77 68.71
C PRO CB 98 -0.17 -68.01 68.89
N ARG CB 99 -0.55 -69.26 68.76
CA ARG CB 99 -1.95 -69.63 68.80
C ARG CB 99 -2.43 -69.71 70.25
N ALA CB 100 -3.62 -70.28 70.45
CA ALA CB 100 -4.20 -70.34 71.78
C ALA CB 100 -3.50 -71.37 72.67
N ASP CB 101 -3.08 -72.50 72.12
CA ASP CB 101 -2.60 -73.61 72.92
C ASP CB 101 -1.11 -73.53 73.23
N GLY CB 102 -0.53 -72.33 73.21
CA GLY CB 102 0.83 -72.10 73.64
C GLY CB 102 1.90 -72.31 72.59
N SER CB 103 1.63 -73.11 71.57
CA SER CB 103 2.63 -73.39 70.55
C SER CB 103 2.73 -72.24 69.57
N ARG CB 104 3.92 -72.06 68.99
CA ARG CB 104 4.14 -70.91 68.13
C ARG CB 104 3.69 -71.21 66.71
N ARG CB 105 3.06 -70.21 66.11
CA ARG CB 105 2.42 -70.29 64.80
C ARG CB 105 2.45 -68.92 64.14
N THR CB 106 1.48 -68.69 63.27
CA THR CB 106 1.51 -67.69 62.23
C THR CB 106 0.38 -66.71 62.45
N THR CB 107 0.26 -65.74 61.56
CA THR CB 107 -1.04 -65.23 61.15
C THR CB 107 -1.09 -65.33 59.64
N ARG CB 108 -0.01 -64.89 59.02
CA ARG CB 108 -0.06 -64.52 57.62
C ARG CB 108 1.22 -64.97 56.95
N TYR CB 109 1.08 -65.79 55.92
CA TYR CB 109 2.21 -66.35 55.19
C TYR CB 109 1.90 -66.15 53.71
N ASP CB 110 2.54 -65.18 53.09
CA ASP CB 110 2.16 -64.80 51.74
C ASP CB 110 3.32 -64.89 50.78
N ILE CB 111 3.03 -65.39 49.59
CA ILE CB 111 3.94 -65.42 48.47
C ILE CB 111 3.36 -64.52 47.39
N ASP CB 112 4.20 -63.76 46.71
CA ASP CB 112 3.79 -63.10 45.48
C ASP CB 112 4.30 -63.92 44.32
N MET CB 113 3.39 -64.61 43.63
CA MET CB 113 3.76 -65.37 42.45
C MET CB 113 4.19 -64.46 41.33
N THR CB 114 3.76 -63.20 41.37
CA THR CB 114 4.34 -62.20 40.50
C THR CB 114 5.82 -61.99 40.79
N LYS CB 115 6.20 -62.03 42.06
CA LYS CB 115 7.57 -61.65 42.40
C LYS CB 115 8.53 -62.83 42.45
N CYS CB 116 8.04 -64.01 42.83
CA CYS CB 116 8.87 -65.20 43.02
C CYS CB 116 9.63 -65.59 41.76
N ILE CB 117 10.92 -65.82 41.91
CA ILE CB 117 11.80 -66.16 40.80
C ILE CB 117 12.03 -67.67 40.70
N TYR CB 118 11.41 -68.44 41.60
CA TYR CB 118 11.35 -69.91 41.58
C TYR CB 118 12.75 -70.51 41.64
N CYS CB 119 13.42 -70.27 42.76
CA CYS CB 119 14.74 -70.85 42.93
C CYS CB 119 14.71 -72.08 43.78
N GLY CB 120 13.80 -72.10 44.74
CA GLY CB 120 13.89 -73.06 45.78
C GLY CB 120 14.97 -72.75 46.80
N PHE CB 121 15.29 -71.48 47.00
CA PHE CB 121 16.10 -71.17 48.18
C PHE CB 121 15.30 -71.43 49.44
N CYS CB 122 14.00 -71.16 49.40
CA CYS CB 122 13.14 -71.55 50.50
C CYS CB 122 13.05 -73.07 50.61
N GLN CB 123 13.19 -73.78 49.50
CA GLN CB 123 13.23 -75.23 49.55
C GLN CB 123 14.52 -75.73 50.18
N GLU CB 124 15.65 -75.11 49.85
CA GLU CB 124 16.92 -75.44 50.47
C GLU CB 124 17.04 -74.91 51.89
N ALA CB 125 16.12 -74.06 52.33
CA ALA CB 125 16.30 -73.35 53.58
C ALA CB 125 15.27 -73.66 54.65
N CYS CB 126 14.13 -74.19 54.29
CA CYS CB 126 13.12 -74.47 55.29
C CYS CB 126 13.60 -75.61 56.15
N PRO CB 127 13.77 -75.42 57.45
CA PRO CB 127 14.50 -76.39 58.27
C PRO CB 127 13.74 -77.66 58.51
N VAL CB 128 12.45 -77.68 58.20
CA VAL CB 128 11.61 -78.83 58.41
C VAL CB 128 10.99 -79.33 57.12
N ASP CB 129 11.34 -78.73 55.99
CA ASP CB 129 10.81 -79.04 54.66
C ASP CB 129 9.30 -78.87 54.63
N ALA CB 130 8.84 -77.69 55.03
CA ALA CB 130 7.42 -77.41 54.95
C ALA CB 130 7.05 -76.91 53.56
N ILE CB 131 7.58 -75.76 53.17
CA ILE CB 131 7.29 -75.19 51.87
C ILE CB 131 8.12 -75.91 50.82
N VAL CB 132 7.44 -76.55 49.87
CA VAL CB 132 8.10 -77.38 48.89
C VAL CB 132 7.56 -76.98 47.52
N GLU CB 133 8.46 -76.85 46.56
CA GLU CB 133 8.06 -76.66 45.17
C GLU CB 133 7.30 -77.88 44.68
N GLY CB 134 6.18 -77.65 44.00
CA GLY CB 134 5.35 -78.74 43.54
C GLY CB 134 5.79 -79.25 42.18
N PRO CB 135 4.98 -80.08 41.57
CA PRO CB 135 5.34 -80.62 40.26
C PRO CB 135 4.86 -79.78 39.09
N ASN CB 136 3.75 -79.06 39.24
CA ASN CB 136 2.98 -78.65 38.09
C ASN CB 136 3.00 -77.14 37.91
N PHE CB 137 2.78 -76.74 36.67
CA PHE CB 137 2.98 -75.39 36.22
C PHE CB 137 1.75 -74.95 35.43
N GLU CB 138 0.65 -74.75 36.13
CA GLU CB 138 -0.59 -74.43 35.43
C GLU CB 138 -1.35 -73.43 36.29
N PHE CB 139 -1.09 -72.16 36.06
CA PHE CB 139 -1.78 -71.11 36.78
C PHE CB 139 -2.65 -70.29 35.85
N SER CB 140 -2.05 -69.64 34.85
CA SER CB 140 -2.73 -69.05 33.70
C SER CB 140 -3.83 -68.10 34.13
N THR CB 141 -3.49 -67.26 35.07
CA THR CB 141 -4.47 -66.57 35.88
C THR CB 141 -5.04 -65.38 35.14
N GLU CB 142 -6.36 -65.25 35.13
CA GLU CB 142 -6.98 -64.13 34.44
C GLU CB 142 -6.85 -62.81 35.19
N THR CB 143 -6.55 -62.84 36.48
CA THR CB 143 -6.58 -61.64 37.29
C THR CB 143 -5.24 -61.40 37.96
N HIS CB 144 -4.95 -60.14 38.25
CA HIS CB 144 -3.81 -59.83 39.09
C HIS CB 144 -4.19 -59.87 40.56
N GLU CB 145 -5.45 -60.14 40.86
CA GLU CB 145 -5.83 -60.34 42.26
C GLU CB 145 -5.42 -61.72 42.74
N GLU CB 146 -5.58 -62.74 41.91
CA GLU CB 146 -5.39 -64.12 42.36
C GLU CB 146 -3.93 -64.47 42.58
N LEU CB 147 -3.00 -63.75 41.96
CA LEU CB 147 -1.60 -64.14 42.04
C LEU CB 147 -0.91 -63.65 43.31
N LEU CB 148 -1.66 -63.39 44.37
CA LEU CB 148 -1.09 -63.08 45.68
C LEU CB 148 -1.62 -64.15 46.63
N TYR CB 149 -0.83 -65.17 46.88
CA TYR CB 149 -1.31 -66.29 47.65
C TYR CB 149 -1.41 -65.95 49.13
N ASN CB 150 -2.38 -66.55 49.79
CA ASN CB 150 -2.46 -66.52 51.25
C ASN CB 150 -2.34 -67.93 51.79
N LYS CB 151 -2.33 -67.98 53.13
CA LYS CB 151 -2.05 -69.21 53.85
C LYS CB 151 -3.07 -70.29 53.56
N GLU CB 152 -4.33 -69.92 53.42
CA GLU CB 152 -5.32 -70.94 53.12
C GLU CB 152 -5.26 -71.38 51.66
N LYS CB 153 -4.82 -70.50 50.75
CA LYS CB 153 -4.58 -70.93 49.38
C LYS CB 153 -3.42 -71.91 49.33
N LEU CB 154 -2.37 -71.64 50.09
CA LEU CB 154 -1.20 -72.52 50.08
C LEU CB 154 -1.52 -73.85 50.74
N LEU CB 155 -2.33 -73.84 51.79
CA LEU CB 155 -2.67 -75.08 52.46
C LEU CB 155 -3.66 -75.90 51.64
N ASN CB 156 -4.58 -75.25 50.93
CA ASN CB 156 -5.43 -76.00 50.01
C ASN CB 156 -4.62 -76.52 48.83
N ASN CB 157 -3.61 -75.77 48.40
CA ASN CB 157 -2.71 -76.23 47.36
C ASN CB 157 -1.90 -77.44 47.83
N GLY CB 158 -1.53 -77.46 49.11
CA GLY CB 158 -0.94 -78.64 49.69
C GLY CB 158 -1.93 -79.76 49.89
N ASP CB 159 -3.20 -79.43 50.05
CA ASP CB 159 -4.23 -80.46 50.13
C ASP CB 159 -4.51 -81.08 48.78
N LYS CB 160 -4.18 -80.38 47.70
CA LYS CB 160 -4.56 -80.88 46.38
C LYS CB 160 -3.70 -82.06 45.99
N TRP CB 161 -2.49 -82.17 46.54
CA TRP CB 161 -1.75 -83.42 46.48
C TRP CB 161 -0.70 -83.46 47.57
N GLU CB 162 -0.44 -84.68 48.04
CA GLU CB 162 0.70 -84.99 48.88
C GLU CB 162 1.54 -86.09 48.29
N ALA CB 163 0.90 -87.08 47.67
CA ALA CB 163 1.59 -88.29 47.20
C ALA CB 163 2.62 -87.96 46.14
N GLU CB 164 2.37 -86.91 45.36
CA GLU CB 164 3.39 -86.38 44.47
C GLU CB 164 4.61 -85.89 45.24
N ILE CB 165 4.37 -84.99 46.19
CA ILE CB 165 5.47 -84.43 46.97
C ILE CB 165 6.04 -85.49 47.89
N ALA CB 166 5.23 -86.50 48.25
CA ALA CB 166 5.75 -87.64 48.98
C ALA CB 166 6.80 -88.38 48.17
N ALA CB 167 6.51 -88.64 46.90
CA ALA CB 167 7.47 -89.32 46.04
C ALA CB 167 8.69 -88.44 45.75
N ASN CB 168 8.48 -87.13 45.62
CA ASN CB 168 9.62 -86.24 45.36
C ASN CB 168 10.54 -86.13 46.57
N ILE CB 169 9.98 -86.01 47.77
CA ILE CB 169 10.83 -85.91 48.96
C ILE CB 169 11.48 -87.26 49.25
N GLN CB 170 10.79 -88.36 48.89
CA GLN CB 170 11.45 -89.66 48.98
C GLN CB 170 12.53 -89.81 47.92
N ALA CB 171 12.42 -89.08 46.82
CA ALA CB 171 13.52 -89.07 45.86
C ALA CB 171 14.61 -88.06 46.22
N ASP CB 172 14.34 -87.13 47.14
CA ASP CB 172 15.28 -86.05 47.45
C ASP CB 172 15.48 -85.85 48.94
N TYR CB 173 15.43 -86.91 49.74
CA TYR CB 173 16.01 -86.80 51.06
C TYR CB 173 17.44 -87.33 51.05
N LEU CB 174 17.92 -87.75 49.89
CA LEU CB 174 19.23 -88.36 49.74
C LEU CB 174 20.25 -87.41 49.15
N TYR CB 175 19.88 -86.67 48.11
CA TYR CB 175 20.81 -85.68 47.57
C TYR CB 175 20.72 -84.37 48.35
N ARG CB 176 19.58 -83.70 48.27
CA ARG CB 176 19.31 -82.61 49.19
C ARG CB 176 18.61 -83.20 50.39
N ASN DB 35 51.13 -107.57 122.96
CA ASN DB 35 50.05 -106.60 123.00
C ASN DB 35 49.44 -106.46 121.62
N THR DB 36 48.39 -107.23 121.36
CA THR DB 36 47.63 -107.18 120.11
C THR DB 36 46.15 -106.93 120.42
N THR DB 37 45.88 -105.93 121.26
CA THR DB 37 44.56 -105.69 121.80
C THR DB 37 43.95 -104.45 121.16
N TYR DB 38 42.69 -104.57 120.72
CA TYR DB 38 41.96 -103.48 120.11
C TYR DB 38 41.66 -102.40 121.14
N LYS DB 39 42.54 -101.40 121.22
CA LYS DB 39 42.41 -100.37 122.25
C LYS DB 39 41.27 -99.40 122.02
N ASN DB 40 40.65 -99.44 120.86
CA ASN DB 40 39.54 -98.57 120.51
C ASN DB 40 38.24 -99.22 121.01
N LEU DB 41 37.10 -98.79 120.46
CA LEU DB 41 35.73 -99.08 120.90
C LEU DB 41 35.45 -98.49 122.27
N GLN DB 42 36.22 -97.45 122.63
CA GLN DB 42 35.74 -96.44 123.56
C GLN DB 42 34.66 -95.60 122.91
N HIS DB 43 34.65 -95.53 121.58
CA HIS DB 43 33.71 -94.81 120.74
C HIS DB 43 32.41 -95.56 120.51
N HIS DB 44 32.20 -96.65 121.25
CA HIS DB 44 31.09 -97.57 121.02
C HIS DB 44 29.75 -96.96 121.37
N ASP DB 45 29.77 -95.86 122.11
CA ASP DB 45 28.62 -95.32 122.83
C ASP DB 45 28.29 -93.91 122.36
N TYR DB 46 28.22 -93.71 121.05
CA TYR DB 46 27.90 -92.40 120.50
C TYR DB 46 26.45 -92.40 120.04
N SER DB 47 25.65 -91.55 120.65
CA SER DB 47 24.32 -91.28 120.11
C SER DB 47 24.44 -90.14 119.11
N THR DB 48 23.31 -89.62 118.66
CA THR DB 48 23.30 -88.65 117.58
C THR DB 48 23.81 -87.28 118.00
N TYR DB 49 23.89 -87.02 119.30
CA TYR DB 49 24.09 -85.69 119.82
C TYR DB 49 25.50 -85.44 120.33
N THR DB 50 26.39 -86.43 120.22
CA THR DB 50 27.66 -86.40 120.94
C THR DB 50 28.60 -85.34 120.38
N PHE DB 51 28.60 -85.16 119.06
CA PHE DB 51 29.54 -84.22 118.45
C PHE DB 51 29.19 -82.78 118.80
N LEU DB 52 27.95 -82.38 118.50
CA LEU DB 52 27.47 -81.04 118.83
C LEU DB 52 27.51 -80.79 120.32
N ASP DB 53 27.15 -81.79 121.12
CA ASP DB 53 27.18 -81.59 122.57
C ASP DB 53 28.60 -81.62 123.13
N LEU DB 54 29.55 -82.25 122.45
CA LEU DB 54 30.92 -82.21 122.94
C LEU DB 54 31.51 -80.84 122.70
N ASN DB 55 31.31 -80.28 121.50
CA ASN DB 55 31.81 -78.93 121.28
C ASN DB 55 30.99 -77.91 122.06
N LEU DB 56 29.74 -78.22 122.39
CA LEU DB 56 28.95 -77.41 123.30
C LEU DB 56 29.53 -77.40 124.69
N ASP DB 57 29.74 -78.57 125.27
CA ASP DB 57 30.32 -78.70 126.60
C ASP DB 57 31.77 -78.24 126.65
N LEU DB 58 32.42 -78.09 125.51
CA LEU DB 58 33.80 -77.64 125.52
C LEU DB 58 33.86 -76.28 124.82
N SER DB 59 32.95 -75.39 125.19
CA SER DB 59 32.90 -74.04 124.64
C SER DB 59 33.60 -73.01 125.50
N LYS DB 60 33.94 -73.34 126.74
CA LYS DB 60 34.54 -72.37 127.65
C LYS DB 60 36.03 -72.18 127.33
N PHE DB 61 36.70 -71.36 128.17
CA PHE DB 61 38.06 -70.81 128.03
C PHE DB 61 38.40 -70.31 126.64
N ARG DB 62 37.40 -69.77 125.95
CA ARG DB 62 37.49 -69.51 124.53
C ARG DB 62 37.88 -68.06 124.27
N MET DB 63 38.92 -67.87 123.48
CA MET DB 63 39.19 -66.55 122.95
C MET DB 63 38.08 -66.17 121.97
N PRO DB 64 37.59 -64.94 122.03
CA PRO DB 64 36.21 -64.69 121.57
C PRO DB 64 35.96 -64.55 120.07
N GLN DB 65 36.87 -65.03 119.17
CA GLN DB 65 36.66 -65.07 117.72
C GLN DB 65 36.32 -63.70 117.13
N PRO DB 66 37.31 -62.84 116.91
CA PRO DB 66 37.06 -61.40 116.77
C PRO DB 66 36.23 -61.03 115.55
N SER DB 67 35.48 -59.95 115.70
CA SER DB 67 34.53 -59.50 114.70
C SER DB 67 35.23 -58.72 113.60
N SER DB 68 34.44 -58.19 112.67
CA SER DB 68 34.96 -57.20 111.73
C SER DB 68 33.81 -56.28 111.33
N GLY DB 69 33.68 -55.17 112.06
CA GLY DB 69 32.72 -54.13 111.76
C GLY DB 69 31.29 -54.63 111.80
N ARG DB 70 30.72 -54.83 110.63
CA ARG DB 70 29.38 -55.37 110.50
C ARG DB 70 29.35 -56.83 110.96
N GLU DB 71 28.14 -57.31 111.19
CA GLU DB 71 27.88 -58.66 111.66
C GLU DB 71 27.46 -59.59 110.52
N SER DB 72 27.39 -59.07 109.31
CA SER DB 72 26.78 -59.69 108.14
C SER DB 72 27.23 -58.82 106.96
N PRO DB 73 26.83 -59.07 105.71
CA PRO DB 73 26.97 -58.00 104.71
C PRO DB 73 26.19 -56.74 105.09
N ARG DB 74 24.91 -56.90 105.40
CA ARG DB 74 24.11 -55.79 105.89
C ARG DB 74 24.40 -55.53 107.36
N HIS DB 75 23.70 -54.53 107.91
CA HIS DB 75 23.73 -54.31 109.36
C HIS DB 75 22.35 -54.59 109.95
N GLY EB 1 -15.66 -77.33 59.13
CA GLY EB 1 -15.17 -77.27 60.50
C GLY EB 1 -15.02 -75.84 60.97
N VAL EB 2 -15.64 -74.94 60.23
CA VAL EB 2 -15.56 -73.52 60.53
C VAL EB 2 -16.69 -73.14 61.48
N ARG EB 3 -16.52 -72.02 62.16
CA ARG EB 3 -17.63 -71.43 62.90
C ARG EB 3 -18.41 -70.53 61.96
N THR EB 4 -19.32 -69.74 62.52
CA THR EB 4 -20.14 -68.85 61.73
C THR EB 4 -20.02 -67.46 62.34
N SER EB 5 -19.77 -66.48 61.49
CA SER EB 5 -19.63 -65.10 61.92
C SER EB 5 -20.98 -64.55 62.33
N PRO EB 6 -21.00 -63.40 63.01
CA PRO EB 6 -22.24 -62.61 63.09
C PRO EB 6 -22.69 -62.06 61.73
N THR EB 7 -21.82 -62.04 60.72
CA THR EB 7 -22.25 -61.75 59.35
C THR EB 7 -22.85 -62.97 58.68
N GLY EB 8 -22.47 -64.17 59.12
CA GLY EB 8 -23.06 -65.40 58.63
C GLY EB 8 -22.13 -66.27 57.80
N GLU EB 9 -21.00 -65.74 57.36
CA GLU EB 9 -20.11 -66.48 56.47
C GLU EB 9 -19.09 -67.28 57.28
N LYS EB 10 -18.08 -67.81 56.60
CA LYS EB 10 -17.12 -68.72 57.21
C LYS EB 10 -15.98 -67.94 57.84
N VAL EB 11 -15.71 -68.22 59.11
CA VAL EB 11 -14.54 -67.69 59.77
C VAL EB 11 -13.38 -68.64 59.50
N THR EB 12 -12.17 -68.19 59.76
CA THR EB 12 -11.01 -69.02 59.50
C THR EB 12 -10.59 -69.74 60.77
N HIS EB 13 -9.41 -70.35 60.71
CA HIS EB 13 -8.79 -70.86 61.93
C HIS EB 13 -8.38 -69.74 62.87
N THR EB 14 -8.09 -68.56 62.33
CA THR EB 14 -7.88 -67.37 63.13
C THR EB 14 -9.12 -66.49 63.04
N GLY EB 15 -9.57 -65.98 64.18
CA GLY EB 15 -10.80 -65.21 64.22
C GLY EB 15 -10.67 -63.83 63.60
N GLN EB 16 -10.57 -63.79 62.27
CA GLN EB 16 -10.27 -62.58 61.53
C GLN EB 16 -11.47 -62.02 60.78
N VAL EB 17 -12.67 -62.55 61.04
CA VAL EB 17 -13.78 -62.35 60.11
C VAL EB 17 -14.29 -60.92 60.21
N TYR EB 18 -14.95 -60.48 59.14
CA TYR EB 18 -15.22 -59.06 58.95
C TYR EB 18 -16.39 -58.60 59.79
N ASP EB 19 -16.86 -57.39 59.49
CA ASP EB 19 -18.03 -56.79 60.11
C ASP EB 19 -18.95 -56.25 59.03
N ASP EB 20 -20.08 -55.71 59.45
CA ASP EB 20 -20.96 -55.03 58.52
C ASP EB 20 -20.46 -53.65 58.16
N GLU EB 21 -19.48 -53.13 58.90
CA GLU EB 21 -18.86 -51.84 58.61
C GLU EB 21 -17.54 -51.99 57.86
N ASP EB 22 -17.39 -53.08 57.10
CA ASP EB 22 -16.23 -53.31 56.27
C ASP EB 22 -16.63 -53.24 54.81
N TYR EB 23 -15.67 -53.46 53.92
CA TYR EB 23 -15.98 -53.56 52.51
C TYR EB 23 -15.21 -54.67 51.82
N ARG EB 24 -14.42 -55.44 52.52
CA ARG EB 24 -13.86 -56.57 51.83
C ARG EB 24 -14.85 -57.72 51.72
N ARG EB 25 -15.98 -57.61 52.41
CA ARG EB 25 -17.15 -58.37 52.00
C ARG EB 25 -17.60 -57.95 50.61
N VAL EB 26 -17.52 -56.65 50.28
CA VAL EB 26 -17.97 -56.28 48.94
C VAL EB 26 -16.88 -56.53 47.92
N ARG EB 27 -15.67 -56.85 48.35
CA ARG EB 27 -14.79 -57.46 47.34
C ARG EB 27 -14.94 -58.97 47.28
N PHE EB 28 -15.60 -59.59 48.27
CA PHE EB 28 -15.92 -61.00 48.11
C PHE EB 28 -17.19 -61.26 47.34
N VAL EB 29 -17.63 -60.33 46.50
CA VAL EB 29 -18.90 -60.51 45.79
C VAL EB 29 -18.71 -61.55 44.69
N GLY EB 30 -19.43 -62.66 44.83
CA GLY EB 30 -19.48 -63.67 43.80
C GLY EB 30 -18.30 -64.61 43.74
N ARG EB 31 -17.35 -64.51 44.66
CA ARG EB 31 -16.17 -65.37 44.63
C ARG EB 31 -15.85 -65.81 46.04
N GLN EB 32 -15.40 -67.06 46.18
CA GLN EB 32 -15.39 -67.73 47.47
C GLN EB 32 -14.24 -67.30 48.35
N LYS EB 33 -14.56 -67.00 49.60
CA LYS EB 33 -13.57 -66.98 50.67
C LYS EB 33 -13.13 -68.42 50.88
N GLU EB 34 -12.00 -68.79 50.28
CA GLU EB 34 -11.53 -70.17 50.34
C GLU EB 34 -11.00 -70.46 51.72
N VAL EB 35 -11.79 -71.11 52.54
CA VAL EB 35 -11.40 -71.36 53.91
C VAL EB 35 -10.76 -72.73 53.98
N ASN EB 36 -9.84 -72.89 54.93
CA ASN EB 36 -9.29 -74.21 55.19
C ASN EB 36 -10.37 -75.04 55.86
N GLU EB 37 -10.67 -76.20 55.29
CA GLU EB 37 -11.73 -77.04 55.83
C GLU EB 37 -11.18 -78.10 56.77
N ASN EB 38 -9.98 -77.89 57.29
CA ASN EB 38 -9.32 -78.87 58.16
C ASN EB 38 -8.39 -78.07 59.08
N PHE EB 39 -8.91 -77.69 60.25
CA PHE EB 39 -8.16 -76.87 61.19
C PHE EB 39 -7.16 -77.70 61.98
N ALA EB 40 -6.02 -77.10 62.27
CA ALA EB 40 -4.95 -77.87 62.90
C ALA EB 40 -5.13 -77.99 64.41
N ILE EB 41 -5.76 -76.99 65.04
CA ILE EB 41 -5.96 -77.00 66.48
C ILE EB 41 -6.90 -78.13 66.87
N ASP EB 42 -7.87 -78.40 66.02
CA ASP EB 42 -8.80 -79.50 66.25
C ASP EB 42 -8.14 -80.85 66.04
N LEU EB 43 -6.99 -80.90 65.36
CA LEU EB 43 -6.33 -82.14 65.01
C LEU EB 43 -5.08 -82.39 65.85
N ILE EB 44 -5.15 -82.05 67.13
CA ILE EB 44 -4.09 -82.32 68.09
C ILE EB 44 -4.58 -83.23 69.21
N ALA EB 45 -5.72 -82.89 69.80
CA ALA EB 45 -6.31 -83.73 70.84
C ALA EB 45 -6.84 -85.04 70.28
N GLU EB 46 -7.02 -85.13 68.97
CA GLU EB 46 -7.43 -86.37 68.33
C GLU EB 46 -6.35 -87.44 68.39
N GLN EB 47 -5.10 -87.06 68.59
CA GLN EB 47 -4.03 -88.02 68.49
C GLN EB 47 -3.87 -88.82 69.79
N PRO EB 48 -3.44 -90.08 69.68
CA PRO EB 48 -3.17 -90.87 70.89
C PRO EB 48 -1.94 -90.35 71.61
N VAL EB 49 -2.08 -90.10 72.91
CA VAL EB 49 -0.96 -89.64 73.72
C VAL EB 49 -0.07 -90.84 74.01
N SER EB 50 1.11 -90.86 73.40
CA SER EB 50 2.07 -91.93 73.64
C SER EB 50 2.62 -91.82 75.06
N GLN EB 51 2.63 -92.94 75.75
CA GLN EB 51 3.01 -93.00 77.16
C GLN EB 51 4.23 -93.90 77.27
N VAL EB 52 5.41 -93.30 77.13
CA VAL EB 52 6.66 -94.03 77.05
C VAL EB 52 7.20 -94.23 78.46
N GLY EB 53 7.55 -95.47 78.78
CA GLY EB 53 8.05 -95.84 80.09
C GLY EB 53 9.51 -95.50 80.36
N SER EB 54 10.10 -94.63 79.56
CA SER EB 54 11.43 -94.12 79.85
C SER EB 54 11.31 -92.82 80.62
N ARG EB 55 12.42 -92.08 80.75
CA ARG EB 55 12.44 -90.80 81.44
C ARG EB 55 12.52 -89.62 80.48
N VAL EB 56 13.58 -89.56 79.68
CA VAL EB 56 13.83 -88.46 78.75
C VAL EB 56 13.93 -89.08 77.36
N ILE EB 57 12.98 -88.78 76.49
CA ILE EB 57 12.89 -89.51 75.24
C ILE EB 57 13.07 -88.56 74.06
N SER EB 58 13.28 -89.18 72.90
CA SER EB 58 13.54 -88.47 71.66
C SER EB 58 12.26 -88.17 70.92
N CYS EB 59 12.37 -87.27 69.96
CA CYS EB 59 11.29 -87.03 69.01
C CYS EB 59 11.90 -86.63 67.69
N ASP EB 60 11.38 -87.19 66.60
CA ASP EB 60 11.87 -86.97 65.26
C ASP EB 60 10.82 -86.36 64.35
N GLY EB 61 9.63 -86.93 64.32
CA GLY EB 61 8.64 -86.56 63.35
C GLY EB 61 8.30 -87.71 62.41
N GLY EB 62 8.76 -88.90 62.75
CA GLY EB 62 8.40 -90.08 61.99
C GLY EB 62 9.17 -90.29 60.71
N GLY EB 63 10.47 -90.57 60.83
CA GLY EB 63 11.28 -90.84 59.65
C GLY EB 63 12.65 -90.21 59.77
N GLY EB 64 13.69 -90.99 59.48
CA GLY EB 64 15.05 -90.50 59.65
C GLY EB 64 15.41 -89.48 58.59
N ALA EB 65 15.94 -88.34 59.03
CA ALA EB 65 16.26 -87.16 58.22
C ALA EB 65 15.06 -86.62 57.45
N LEU EB 66 13.85 -86.91 57.91
CA LEU EB 66 12.64 -86.26 57.41
C LEU EB 66 11.86 -85.74 58.59
N GLY EB 67 11.06 -84.73 58.35
CA GLY EB 67 10.47 -84.02 59.46
C GLY EB 67 11.51 -83.14 60.15
N HIS EB 68 11.20 -82.82 61.39
CA HIS EB 68 12.04 -81.90 62.13
C HIS EB 68 13.28 -82.59 62.66
N PRO EB 69 14.32 -81.84 63.02
CA PRO EB 69 15.47 -82.45 63.69
C PRO EB 69 15.10 -82.95 65.08
N ARG EB 70 15.98 -83.77 65.63
CA ARG EB 70 15.71 -84.45 66.89
C ARG EB 70 15.51 -83.46 68.02
N VAL EB 71 14.70 -83.85 68.98
CA VAL EB 71 14.56 -83.05 70.19
C VAL EB 71 14.32 -84.00 71.34
N TYR EB 72 15.05 -83.80 72.42
CA TYR EB 72 15.00 -84.72 73.54
C TYR EB 72 14.25 -84.01 74.65
N ILE EB 73 13.18 -84.61 75.11
CA ILE EB 73 12.25 -83.93 76.01
C ILE EB 73 12.14 -84.70 77.31
N ASN EB 74 11.82 -83.93 78.35
CA ASN EB 74 11.71 -84.41 79.72
C ASN EB 74 10.26 -84.63 80.09
N LEU EB 75 10.05 -85.59 80.99
CA LEU EB 75 8.72 -86.08 81.37
C LEU EB 75 8.62 -86.19 82.88
N ASP EB 76 8.99 -85.14 83.59
CA ASP EB 76 9.03 -85.24 85.04
C ASP EB 76 7.74 -84.83 85.73
N LYS EB 77 6.98 -83.92 85.13
CA LYS EB 77 5.72 -83.51 85.73
C LYS EB 77 4.67 -84.62 85.61
N GLU EB 78 3.59 -84.46 86.37
CA GLU EB 78 2.45 -85.35 86.27
C GLU EB 78 1.13 -84.61 86.15
N THR EB 79 1.17 -83.31 85.88
CA THR EB 79 -0.04 -82.56 85.57
C THR EB 79 0.06 -81.69 84.32
N LYS EB 80 1.25 -81.27 83.92
CA LYS EB 80 1.46 -80.52 82.68
C LYS EB 80 2.41 -81.39 81.87
N THR EB 81 1.85 -82.37 81.17
CA THR EB 81 2.62 -83.46 80.61
C THR EB 81 3.39 -83.00 79.37
N GLY EB 82 4.08 -83.95 78.74
CA GLY EB 82 5.06 -83.60 77.74
C GLY EB 82 4.41 -83.10 76.45
N THR EB 83 5.15 -82.25 75.74
CA THR EB 83 4.71 -81.72 74.45
C THR EB 83 5.94 -81.26 73.70
N CYS EB 84 6.22 -81.88 72.57
CA CYS EB 84 7.28 -81.39 71.70
C CYS EB 84 6.86 -80.08 71.05
N GLY EB 85 7.82 -79.14 70.97
CA GLY EB 85 7.54 -77.88 70.31
C GLY EB 85 7.40 -78.01 68.81
N TYR EB 86 8.05 -79.01 68.23
CA TYR EB 86 7.96 -79.28 66.80
C TYR EB 86 6.84 -80.26 66.48
N CYS EB 87 6.89 -81.45 67.09
CA CYS EB 87 5.90 -82.50 66.79
C CYS EB 87 4.50 -82.09 67.20
N GLY EB 88 4.37 -81.29 68.26
CA GLY EB 88 3.07 -80.82 68.70
C GLY EB 88 2.17 -81.90 69.22
N LEU EB 89 2.74 -82.99 69.72
CA LEU EB 89 1.97 -84.12 70.19
C LEU EB 89 2.48 -84.56 71.55
N GLN EB 90 1.56 -85.05 72.37
CA GLN EB 90 1.78 -85.15 73.80
C GLN EB 90 2.59 -86.40 74.14
N PHE EB 91 3.10 -86.41 75.37
CA PHE EB 91 3.85 -87.52 75.91
C PHE EB 91 3.64 -87.60 77.41
N ARG EB 92 3.62 -88.83 77.91
CA ARG EB 92 3.55 -89.10 79.34
C ARG EB 92 4.54 -90.20 79.67
N GLN EB 93 4.78 -90.42 80.95
CA GLN EB 93 5.43 -91.63 81.40
C GLN EB 93 4.46 -92.42 82.27
N GLN EB 94 4.22 -93.67 81.88
CA GLN EB 94 3.23 -94.53 82.53
C GLN EB 94 3.87 -95.90 82.76
N HIS EB 95 4.30 -96.13 83.99
CA HIS EB 95 4.79 -97.43 84.41
C HIS EB 95 3.62 -98.38 84.61
N THR FB 8 46.84 -26.22 39.59
CA THR FB 8 48.12 -25.73 40.08
C THR FB 8 47.93 -24.27 40.49
N GLN FB 9 47.40 -24.09 41.71
CA GLN FB 9 47.03 -22.78 42.28
C GLN FB 9 46.07 -22.02 41.36
N LEU FB 10 45.01 -22.70 40.96
CA LEU FB 10 43.98 -22.14 40.08
C LEU FB 10 42.86 -21.51 40.90
N ILE FB 11 41.71 -21.34 40.25
CA ILE FB 11 40.60 -20.45 40.53
C ILE FB 11 40.13 -20.27 41.96
N THR FB 12 39.86 -21.39 42.64
CA THR FB 12 38.79 -21.45 43.63
C THR FB 12 39.07 -20.63 44.90
N VAL FB 13 38.00 -20.40 45.65
CA VAL FB 13 38.02 -19.88 47.00
C VAL FB 13 37.13 -20.80 47.83
N ASP FB 14 37.49 -20.97 49.10
CA ASP FB 14 36.79 -21.91 49.98
C ASP FB 14 35.40 -21.35 50.29
N GLU FB 15 34.40 -21.89 49.62
CA GLU FB 15 32.99 -21.56 49.87
C GLU FB 15 32.26 -22.83 50.28
N LYS FB 16 30.98 -22.69 50.57
CA LYS FB 16 30.16 -23.88 50.80
C LYS FB 16 29.87 -24.56 49.46
N LEU FB 17 29.55 -25.84 49.52
CA LEU FB 17 29.40 -26.65 48.32
C LEU FB 17 27.92 -26.81 47.97
N ASP FB 18 27.65 -26.89 46.68
CA ASP FB 18 26.32 -26.72 46.13
C ASP FB 18 25.93 -27.92 45.27
N ILE FB 19 26.15 -29.12 45.80
CA ILE FB 19 25.76 -30.34 45.10
C ILE FB 19 24.24 -30.54 45.17
N THR FB 20 23.58 -29.81 46.07
CA THR FB 20 22.15 -29.92 46.28
C THR FB 20 21.35 -29.50 45.05
N THR FB 21 21.91 -28.62 44.22
CA THR FB 21 21.30 -28.32 42.94
C THR FB 21 21.63 -29.37 41.89
N LEU FB 22 22.63 -30.20 42.15
CA LEU FB 22 23.09 -31.18 41.17
C LEU FB 22 22.43 -32.53 41.32
N THR FB 23 21.90 -32.84 42.51
CA THR FB 23 21.32 -34.17 42.69
C THR FB 23 19.97 -34.32 42.00
N GLY FB 24 19.21 -33.24 41.83
CA GLY FB 24 17.97 -33.27 41.08
C GLY FB 24 16.74 -33.74 41.83
N VAL FB 25 16.88 -34.12 43.08
CA VAL FB 25 15.71 -34.49 43.89
C VAL FB 25 14.91 -33.23 44.20
N PRO FB 26 13.58 -33.27 44.22
CA PRO FB 26 12.80 -32.05 44.46
C PRO FB 26 12.98 -31.47 45.87
N GLU FB 27 12.41 -30.26 46.00
CA GLU FB 27 12.70 -29.38 47.12
C GLU FB 27 12.10 -29.89 48.42
N GLU FB 28 11.02 -30.69 48.34
CA GLU FB 28 10.43 -31.29 49.52
C GLU FB 28 11.44 -32.17 50.24
N HIS FB 29 12.20 -32.95 49.49
CA HIS FB 29 13.22 -33.78 50.09
C HIS FB 29 14.57 -33.07 50.19
N ILE FB 30 14.72 -31.92 49.53
CA ILE FB 30 15.85 -31.05 49.84
C ILE FB 30 15.76 -30.53 51.26
N LYS FB 31 14.67 -29.82 51.58
CA LYS FB 31 14.62 -29.03 52.78
C LYS FB 31 13.71 -29.56 53.87
N THR FB 32 12.80 -30.48 53.56
CA THR FB 32 11.80 -30.85 54.55
C THR FB 32 12.37 -31.82 55.57
N ARG FB 33 13.15 -32.80 55.13
CA ARG FB 33 13.65 -33.81 56.04
C ARG FB 33 14.95 -33.37 56.70
N LYS FB 34 15.30 -34.09 57.77
CA LYS FB 34 16.46 -33.78 58.59
C LYS FB 34 17.23 -35.07 58.83
N ALA FB 35 18.55 -35.02 58.69
CA ALA FB 35 19.36 -36.21 58.86
C ALA FB 35 19.66 -36.43 60.34
N ARG FB 36 20.21 -37.60 60.64
CA ARG FB 36 20.70 -37.92 61.97
C ARG FB 36 21.99 -38.70 61.84
N ILE FB 37 23.02 -38.28 62.55
CA ILE FB 37 24.34 -38.86 62.44
C ILE FB 37 24.74 -39.41 63.79
N PHE FB 38 25.05 -40.70 63.84
CA PHE FB 38 25.32 -41.34 65.12
C PHE FB 38 26.07 -42.64 64.87
N VAL FB 39 26.73 -43.14 65.91
CA VAL FB 39 27.24 -44.50 65.89
C VAL FB 39 26.08 -45.38 66.37
N PRO FB 40 25.75 -46.46 65.66
CA PRO FB 40 24.63 -47.32 66.11
C PRO FB 40 24.96 -48.00 67.42
N ALA FB 41 24.00 -47.96 68.35
CA ALA FB 41 24.21 -48.50 69.67
C ALA FB 41 24.39 -50.00 69.60
N ARG FB 42 25.11 -50.55 70.58
CA ARG FB 42 25.33 -51.99 70.61
C ARG FB 42 24.02 -52.70 70.84
N ASN FB 43 23.74 -53.71 70.03
CA ASN FB 43 22.47 -54.40 70.09
C ASN FB 43 22.41 -55.18 71.39
N ASN FB 44 21.85 -54.53 72.42
CA ASN FB 44 22.16 -54.86 73.80
C ASN FB 44 21.53 -56.16 74.27
N MET FB 45 20.76 -56.85 73.44
CA MET FB 45 20.44 -58.23 73.76
C MET FB 45 21.65 -59.13 73.52
N GLN FB 46 22.57 -58.74 72.63
CA GLN FB 46 23.92 -59.25 72.63
C GLN FB 46 24.85 -58.25 73.30
N SER FB 47 26.11 -58.64 73.46
CA SER FB 47 27.16 -57.69 73.85
C SER FB 47 28.36 -57.92 72.94
N GLY FB 48 28.31 -57.36 71.74
CA GLY FB 48 29.43 -57.46 70.84
C GLY FB 48 29.69 -56.12 70.19
N VAL FB 49 30.89 -55.58 70.34
CA VAL FB 49 31.15 -54.19 70.02
C VAL FB 49 31.73 -54.02 68.62
N ASN FB 50 31.56 -55.00 67.73
CA ASN FB 50 32.00 -54.81 66.35
C ASN FB 50 31.06 -53.88 65.59
N ASN FB 51 29.80 -53.83 65.98
CA ASN FB 51 28.80 -52.99 65.33
C ASN FB 51 28.85 -51.56 65.83
N THR FB 52 29.94 -51.20 66.51
CA THR FB 52 30.27 -49.86 66.90
C THR FB 52 31.12 -49.26 65.77
N LYS FB 53 31.76 -48.12 66.01
CA LYS FB 53 32.95 -47.66 65.30
C LYS FB 53 32.69 -47.24 63.86
N LYS FB 54 31.44 -46.99 63.49
CA LYS FB 54 31.12 -46.46 62.18
C LYS FB 54 30.07 -45.37 62.35
N TRP FB 55 30.33 -44.20 61.78
CA TRP FB 55 29.42 -43.06 61.93
C TRP FB 55 28.36 -43.14 60.84
N LYS FB 56 27.18 -43.60 61.20
CA LYS FB 56 26.12 -43.81 60.23
C LYS FB 56 25.18 -42.62 60.16
N MET FB 57 24.71 -42.37 58.95
CA MET FB 57 23.73 -41.34 58.65
C MET FB 57 22.41 -42.02 58.31
N GLU FB 58 21.32 -41.52 58.91
CA GLU FB 58 19.96 -41.98 58.64
C GLU FB 58 19.06 -40.76 58.46
N PHE FB 59 17.82 -41.00 58.04
CA PHE FB 59 16.85 -39.93 57.92
C PHE FB 59 15.70 -40.13 58.90
N ASP FB 60 14.93 -39.05 59.06
CA ASP FB 60 13.67 -39.11 59.78
C ASP FB 60 12.64 -39.92 58.99
N THR FB 61 11.55 -40.26 59.66
CA THR FB 61 10.59 -41.22 59.12
C THR FB 61 9.29 -40.53 58.75
N ARG FB 62 8.47 -41.26 57.99
CA ARG FB 62 7.10 -40.85 57.68
C ARG FB 62 6.20 -42.07 57.83
N GLU FB 63 4.96 -41.94 57.36
CA GLU FB 63 3.93 -42.89 57.69
C GLU FB 63 4.10 -44.20 56.94
N ARG FB 64 3.44 -45.23 57.46
CA ARG FB 64 3.39 -46.55 56.85
C ARG FB 64 1.96 -47.05 57.03
N TRP FB 65 1.21 -47.15 55.95
CA TRP FB 65 -0.17 -47.59 56.09
C TRP FB 65 -0.34 -49.01 55.60
N GLU FB 66 -1.46 -49.60 55.97
CA GLU FB 66 -1.82 -50.93 55.52
C GLU FB 66 -2.08 -50.92 54.03
N ASN FB 67 -1.51 -51.88 53.33
CA ASN FB 67 -2.00 -52.13 51.98
C ASN FB 67 -3.37 -52.74 52.15
N PRO FB 68 -4.45 -52.11 51.66
CA PRO FB 68 -5.80 -52.59 51.95
C PRO FB 68 -6.17 -53.89 51.28
N LEU FB 69 -5.29 -54.45 50.45
CA LEU FB 69 -5.54 -55.73 49.81
C LEU FB 69 -4.79 -56.89 50.44
N MET FB 70 -3.57 -56.67 50.93
CA MET FB 70 -2.81 -57.74 51.55
C MET FB 70 -2.36 -57.47 52.97
N GLY FB 71 -2.45 -56.23 53.44
CA GLY FB 71 -1.91 -55.93 54.75
C GLY FB 71 -0.40 -55.82 54.70
N TRP FB 72 0.10 -55.08 53.72
CA TRP FB 72 1.51 -54.79 53.59
C TRP FB 72 1.80 -53.38 54.07
N ALA FB 73 3.05 -53.15 54.45
CA ALA FB 73 3.51 -51.83 54.86
C ALA FB 73 3.90 -51.08 53.59
N SER FB 74 3.01 -50.21 53.12
CA SER FB 74 3.28 -49.39 51.95
C SER FB 74 3.46 -47.95 52.38
N THR FB 75 4.33 -47.23 51.67
CA THR FB 75 4.60 -45.86 52.06
C THR FB 75 5.03 -45.06 50.84
N ALA FB 76 4.90 -43.74 50.96
CA ALA FB 76 5.35 -42.80 49.93
C ALA FB 76 6.72 -42.23 50.26
N ASP FB 77 7.67 -43.09 50.59
CA ASP FB 77 8.94 -42.64 51.15
C ASP FB 77 10.10 -43.28 50.40
N PRO FB 78 10.67 -42.58 49.42
CA PRO FB 78 11.79 -43.18 48.69
C PRO FB 78 13.05 -43.27 49.52
N LEU FB 79 13.34 -42.26 50.32
CA LEU FB 79 14.62 -42.19 51.02
C LEU FB 79 14.58 -42.83 52.40
N SER FB 80 13.51 -43.54 52.73
CA SER FB 80 13.39 -44.14 54.05
C SER FB 80 14.07 -45.50 54.15
N ASN FB 81 15.02 -45.78 53.27
CA ASN FB 81 15.85 -46.98 53.33
C ASN FB 81 17.30 -46.62 53.15
N LEU FB 82 17.74 -45.55 53.81
CA LEU FB 82 19.12 -45.11 53.72
C LEU FB 82 19.88 -45.35 55.01
N VAL FB 83 21.17 -45.61 54.82
CA VAL FB 83 22.19 -45.54 55.87
C VAL FB 83 23.52 -45.31 55.16
N LEU FB 84 24.33 -44.40 55.70
CA LEU FB 84 25.66 -44.19 55.14
C LEU FB 84 26.69 -44.40 56.23
N THR FB 85 27.62 -45.32 56.02
CA THR FB 85 28.61 -45.69 57.01
C THR FB 85 29.86 -44.84 56.81
N PHE FB 86 30.29 -44.16 57.86
CA PHE FB 86 31.44 -43.25 57.85
C PHE FB 86 32.42 -43.71 58.91
N SER FB 87 33.47 -42.91 59.08
CA SER FB 87 34.51 -43.19 60.04
C SER FB 87 34.82 -42.01 60.94
N THR FB 88 34.22 -40.86 60.71
CA THR FB 88 34.48 -39.68 61.53
C THR FB 88 33.24 -38.79 61.53
N LYS FB 89 33.35 -37.67 62.23
CA LYS FB 89 32.23 -36.75 62.38
C LYS FB 89 32.33 -35.53 61.47
N GLU FB 90 33.56 -35.05 61.24
CA GLU FB 90 33.78 -33.89 60.38
C GLU FB 90 33.35 -34.16 58.95
N ASP FB 91 33.67 -35.34 58.43
CA ASP FB 91 33.26 -35.66 57.07
C ASP FB 91 31.77 -35.96 57.00
N ALA FB 92 31.19 -36.41 58.11
CA ALA FB 92 29.74 -36.59 58.19
C ALA FB 92 29.03 -35.26 58.03
N ILE FB 93 29.45 -34.25 58.80
CA ILE FB 93 28.86 -32.92 58.70
C ILE FB 93 29.14 -32.31 57.34
N ALA FB 94 30.35 -32.53 56.81
CA ALA FB 94 30.73 -31.96 55.53
C ALA FB 94 29.89 -32.51 54.39
N PHE FB 95 29.64 -33.82 54.39
CA PHE FB 95 28.80 -34.39 53.36
C PHE FB 95 27.34 -34.03 53.55
N ALA FB 96 26.88 -33.97 54.80
CA ALA FB 96 25.48 -33.68 55.07
C ALA FB 96 25.11 -32.28 54.64
N GLU FB 97 25.97 -31.30 54.88
CA GLU FB 97 25.73 -29.96 54.36
C GLU FB 97 26.12 -29.82 52.91
N LYS FB 98 27.01 -30.67 52.42
CA LYS FB 98 27.39 -30.63 51.02
C LYS FB 98 26.23 -31.03 50.13
N ASN FB 99 25.41 -31.97 50.59
CA ASN FB 99 24.18 -32.26 49.87
C ASN FB 99 23.04 -31.37 50.34
N GLY FB 100 23.27 -30.52 51.34
CA GLY FB 100 22.29 -29.48 51.62
C GLY FB 100 21.05 -29.92 52.37
N TRP FB 101 21.21 -30.36 53.60
CA TRP FB 101 20.08 -30.56 54.49
C TRP FB 101 20.51 -30.38 55.94
N SER FB 102 19.53 -30.07 56.78
CA SER FB 102 19.73 -29.96 58.22
C SER FB 102 19.89 -31.36 58.82
N TYR FB 103 20.34 -31.40 60.08
CA TYR FB 103 20.88 -32.64 60.63
C TYR FB 103 20.99 -32.56 62.14
N ASP FB 104 21.04 -33.72 62.78
CA ASP FB 104 21.17 -33.84 64.22
C ASP FB 104 22.38 -34.70 64.56
N VAL FB 105 23.28 -34.17 65.38
CA VAL FB 105 24.50 -34.85 65.78
C VAL FB 105 24.35 -35.31 67.22
N GLU FB 106 24.82 -36.51 67.54
CA GLU FB 106 24.69 -37.10 68.86
C GLU FB 106 26.08 -37.40 69.45
N GLU FB 107 26.09 -38.13 70.56
CA GLU FB 107 27.31 -38.45 71.30
C GLU FB 107 27.70 -39.90 71.09
N ARG FB 108 29.01 -40.14 71.03
CA ARG FB 108 29.52 -41.51 71.15
C ARG FB 108 29.75 -41.76 72.63
N LYS FB 109 28.75 -42.37 73.28
CA LYS FB 109 28.79 -42.59 74.72
C LYS FB 109 29.55 -43.87 75.00
N VAL FB 110 30.82 -43.72 75.37
CA VAL FB 110 31.72 -44.84 75.62
C VAL FB 110 31.31 -45.53 76.92
N PRO FB 111 31.67 -46.79 77.12
CA PRO FB 111 31.40 -47.44 78.41
C PRO FB 111 32.25 -46.85 79.52
N LYS FB 112 31.78 -47.09 80.74
CA LYS FB 112 32.52 -46.66 81.92
C LYS FB 112 33.78 -47.50 82.07
N PRO FB 113 34.93 -46.88 82.34
CA PRO FB 113 36.15 -47.66 82.62
C PRO FB 113 36.11 -48.21 84.02
N LYS FB 114 36.03 -49.53 84.13
CA LYS FB 114 35.98 -50.21 85.43
C LYS FB 114 37.21 -51.06 85.65
N SER FB 115 37.39 -51.46 86.91
CA SER FB 115 38.44 -52.41 87.29
C SER FB 115 37.89 -53.22 88.46
N LYS FB 116 37.28 -54.35 88.13
CA LYS FB 116 36.68 -55.24 89.10
C LYS FB 116 37.36 -56.59 89.03
N SER FB 117 37.54 -57.22 90.19
CA SER FB 117 38.34 -58.44 90.24
C SER FB 117 37.76 -59.42 91.26
N TYR FB 118 38.26 -60.65 91.15
CA TYR FB 118 37.69 -61.80 91.82
C TYR FB 118 37.98 -61.75 93.32
N GLY FB 119 39.24 -61.52 93.68
CA GLY FB 119 39.61 -61.45 95.08
C GLY FB 119 39.03 -60.22 95.77
N ALA FB 120 38.90 -59.12 95.04
CA ALA FB 120 38.23 -57.96 95.61
C ALA FB 120 36.74 -58.20 95.78
N ASN FB 121 36.17 -59.09 94.97
CA ASN FB 121 34.81 -59.56 95.24
C ASN FB 121 34.78 -60.51 96.43
N PHE FB 122 35.92 -61.03 96.85
CA PHE FB 122 35.95 -61.94 98.00
C PHE FB 122 36.64 -61.36 99.22
N SER FB 123 36.29 -60.14 99.60
CA SER FB 123 36.97 -59.45 100.70
C SER FB 123 36.54 -60.01 102.05
N TRP FB 124 36.92 -59.28 103.10
CA TRP FB 124 36.75 -59.63 104.51
C TRP FB 124 35.68 -58.80 105.20
N ASN FB 125 35.78 -57.48 105.12
CA ASN FB 125 34.82 -56.60 105.76
C ASN FB 125 33.87 -55.93 104.79
N LYS FB 126 34.29 -55.73 103.55
CA LYS FB 126 33.55 -54.92 102.58
C LYS FB 126 32.25 -55.60 102.19
N ARG FB 127 31.28 -54.79 101.78
CA ARG FB 127 30.01 -55.36 101.34
C ARG FB 127 30.08 -55.95 99.95
N THR FB 128 31.18 -55.78 99.22
CA THR FB 128 31.33 -56.46 97.94
C THR FB 128 31.58 -57.93 98.23
N ARG FB 129 30.49 -58.67 98.34
CA ARG FB 129 30.52 -60.04 98.81
C ARG FB 129 29.36 -60.73 98.09
N VAL FB 130 29.69 -61.63 97.15
CA VAL FB 130 28.66 -62.09 96.24
C VAL FB 130 27.72 -63.09 96.90
N SER FB 131 28.12 -63.69 98.03
CA SER FB 131 27.32 -64.55 98.89
C SER FB 131 26.81 -65.83 98.22
N THR FB 132 27.21 -66.12 96.99
CA THR FB 132 26.65 -67.26 96.28
C THR FB 132 27.64 -68.13 95.54
N LYS FB 133 28.83 -67.64 95.18
CA LYS FB 133 29.74 -68.40 94.34
C LYS FB 133 30.88 -68.93 95.20
N LEU GB 1 -15.93 -43.64 63.29
CA LEU GB 1 -16.38 -44.74 62.45
C LEU GB 1 -15.32 -45.83 62.40
N HIS GB 2 -15.59 -46.88 61.64
CA HIS GB 2 -14.64 -47.97 61.46
C HIS GB 2 -13.43 -47.48 60.65
N HIS GB 3 -12.29 -48.15 60.82
CA HIS GB 3 -11.07 -47.75 60.14
C HIS GB 3 -11.15 -48.07 58.65
N ALA GB 4 -10.07 -47.68 57.95
CA ALA GB 4 -9.81 -47.82 56.51
C ALA GB 4 -10.71 -46.94 55.65
N VAL GB 5 -11.67 -46.25 56.26
CA VAL GB 5 -12.36 -45.17 55.58
C VAL GB 5 -11.60 -43.86 55.85
N ILE GB 6 -10.76 -43.83 56.87
CA ILE GB 6 -9.76 -42.76 56.98
C ILE GB 6 -8.79 -42.89 55.82
N PRO GB 7 -8.35 -41.80 55.22
CA PRO GB 7 -7.35 -41.88 54.16
C PRO GB 7 -5.96 -42.00 54.77
N HIS GB 8 -4.97 -42.21 53.91
CA HIS GB 8 -3.61 -42.31 54.39
C HIS GB 8 -2.66 -41.73 53.37
N GLY GB 9 -1.77 -40.88 53.84
CA GLY GB 9 -0.63 -40.45 53.03
C GLY GB 9 -1.04 -39.53 51.90
N LYS GB 10 -0.39 -39.72 50.76
CA LYS GB 10 -0.70 -38.95 49.57
C LYS GB 10 -1.92 -39.57 48.88
N GLY GB 11 -2.14 -39.18 47.63
CA GLY GB 11 -3.28 -39.67 46.87
C GLY GB 11 -2.83 -40.35 45.60
N GLY GB 12 -3.49 -41.46 45.26
CA GLY GB 12 -3.29 -42.10 43.98
C GLY GB 12 -2.29 -43.24 43.93
N ARG GB 13 -2.70 -44.35 43.31
CA ARG GB 13 -1.85 -45.50 43.00
C ARG GB 13 -1.26 -46.09 44.28
N SER GB 14 -2.15 -46.75 45.04
CA SER GB 14 -1.89 -47.34 46.36
C SER GB 14 -1.56 -46.28 47.39
N SER GB 15 -2.12 -45.11 47.20
CA SER GB 15 -2.12 -44.08 48.22
C SER GB 15 -3.59 -43.90 48.59
N VAL GB 16 -4.01 -44.56 49.66
CA VAL GB 16 -5.41 -44.88 49.88
C VAL GB 16 -6.18 -43.63 50.27
N SER GB 17 -7.13 -43.24 49.42
CA SER GB 17 -8.08 -42.19 49.74
C SER GB 17 -9.30 -42.80 50.42
N GLY GB 18 -10.11 -41.95 51.02
CA GLY GB 18 -11.11 -42.43 51.93
C GLY GB 18 -12.51 -42.64 51.39
N ILE GB 19 -12.71 -42.64 50.07
CA ILE GB 19 -14.06 -42.78 49.55
C ILE GB 19 -14.17 -44.08 48.77
N VAL GB 20 -15.37 -44.64 48.77
CA VAL GB 20 -15.70 -45.85 48.04
C VAL GB 20 -16.84 -45.51 47.12
N ALA GB 21 -16.58 -45.46 45.82
CA ALA GB 21 -17.55 -44.93 44.88
C ALA GB 21 -18.16 -46.07 44.09
N THR GB 22 -19.47 -46.27 44.24
CA THR GB 22 -20.21 -47.18 43.39
C THR GB 22 -20.72 -46.38 42.21
N VAL GB 23 -20.14 -46.61 41.05
CA VAL GB 23 -20.39 -45.78 39.87
C VAL GB 23 -21.24 -46.57 38.89
N PHE GB 24 -22.35 -46.00 38.46
CA PHE GB 24 -23.21 -46.73 37.55
C PHE GB 24 -22.87 -46.44 36.10
N GLY GB 25 -23.01 -47.46 35.26
CA GLY GB 25 -22.74 -47.33 33.84
C GLY GB 25 -21.27 -47.24 33.55
N ALA GB 26 -20.81 -46.05 33.21
CA ALA GB 26 -19.40 -45.60 33.17
C ALA GB 26 -18.54 -46.30 32.13
N THR GB 27 -19.07 -47.26 31.39
CA THR GB 27 -18.32 -47.87 30.31
C THR GB 27 -18.24 -46.93 29.11
N GLY GB 28 -19.09 -45.90 29.07
CA GLY GB 28 -19.00 -44.87 28.06
C GLY GB 28 -17.92 -43.84 28.36
N PHE GB 29 -18.27 -42.56 28.30
CA PHE GB 29 -17.29 -41.48 28.27
C PHE GB 29 -17.05 -40.86 29.65
N LEU GB 30 -18.08 -40.22 30.20
CA LEU GB 30 -17.87 -39.36 31.35
C LEU GB 30 -17.63 -40.17 32.60
N GLY GB 31 -18.31 -41.31 32.72
CA GLY GB 31 -18.03 -42.22 33.82
C GLY GB 31 -16.64 -42.80 33.74
N ARG GB 32 -16.11 -42.98 32.53
CA ARG GB 32 -14.75 -43.47 32.40
C ARG GB 32 -13.73 -42.44 32.86
N TYR GB 33 -13.91 -41.17 32.47
CA TYR GB 33 -12.96 -40.17 32.95
C TYR GB 33 -13.12 -39.89 34.43
N LEU GB 34 -14.32 -40.12 34.97
CA LEU GB 34 -14.49 -39.96 36.41
C LEU GB 34 -13.81 -41.10 37.16
N VAL GB 35 -13.86 -42.31 36.59
CA VAL GB 35 -13.09 -43.44 37.14
C VAL GB 35 -11.60 -43.14 37.08
N ASN GB 36 -11.16 -42.47 36.02
CA ASN GB 36 -9.75 -42.11 35.92
C ASN GB 36 -9.36 -41.10 36.99
N HIS GB 37 -10.22 -40.13 37.28
CA HIS GB 37 -9.91 -39.22 38.37
C HIS GB 37 -10.01 -39.89 39.73
N LEU GB 38 -10.81 -40.93 39.87
CA LEU GB 38 -10.83 -41.62 41.16
C LEU GB 38 -9.62 -42.51 41.35
N GLY GB 39 -9.14 -43.13 40.28
CA GLY GB 39 -7.88 -43.87 40.36
C GLY GB 39 -6.69 -42.95 40.55
N ARG GB 40 -6.74 -41.77 39.95
CA ARG GB 40 -5.75 -40.74 40.26
C ARG GB 40 -5.87 -40.27 41.69
N MET GB 41 -7.09 -40.31 42.25
CA MET GB 41 -7.23 -40.09 43.68
C MET GB 41 -6.78 -41.31 44.46
N GLY GB 42 -6.85 -42.49 43.84
CA GLY GB 42 -6.52 -43.71 44.54
C GLY GB 42 -7.66 -44.14 45.44
N SER GB 43 -8.80 -44.42 44.84
CA SER GB 43 -9.99 -44.82 45.58
C SER GB 43 -10.40 -46.23 45.15
N GLN GB 44 -11.56 -46.64 45.61
CA GLN GB 44 -12.11 -47.95 45.29
C GLN GB 44 -13.34 -47.77 44.42
N VAL GB 45 -13.20 -48.09 43.15
CA VAL GB 45 -14.30 -47.98 42.20
C VAL GB 45 -15.02 -49.32 42.15
N ILE GB 46 -16.26 -49.33 42.61
CA ILE GB 46 -17.15 -50.46 42.41
C ILE GB 46 -17.97 -50.16 41.17
N VAL GB 47 -17.68 -50.84 40.08
CA VAL GB 47 -18.38 -50.59 38.83
C VAL GB 47 -19.13 -51.84 38.40
N PRO GB 48 -20.42 -51.74 38.20
CA PRO GB 48 -21.11 -52.80 37.47
C PRO GB 48 -21.12 -52.51 35.98
N TYR GB 49 -20.70 -53.48 35.19
CA TYR GB 49 -20.89 -53.49 33.76
C TYR GB 49 -21.90 -54.58 33.43
N ARG GB 50 -22.69 -54.35 32.39
CA ARG GB 50 -23.67 -55.33 31.92
C ARG GB 50 -23.30 -55.87 30.55
N CYS GB 51 -22.03 -55.81 30.19
CA CYS GB 51 -21.59 -55.94 28.81
C CYS GB 51 -20.61 -57.10 28.66
N GLU GB 52 -20.02 -57.17 27.49
CA GLU GB 52 -18.89 -58.05 27.20
C GLU GB 52 -17.71 -57.65 28.07
N PRO GB 53 -16.87 -58.61 28.50
CA PRO GB 53 -15.71 -58.27 29.32
C PRO GB 53 -14.63 -57.42 28.63
N TYR GB 54 -14.76 -57.17 27.34
CA TYR GB 54 -13.70 -56.51 26.59
C TYR GB 54 -13.66 -54.99 26.79
N ASP GB 55 -14.81 -54.36 26.94
CA ASP GB 55 -14.84 -52.92 27.12
C ASP GB 55 -14.40 -52.53 28.53
N THR GB 56 -14.89 -53.27 29.52
CA THR GB 56 -14.38 -53.10 30.87
C THR GB 56 -12.93 -53.58 30.99
N MET GB 57 -12.47 -54.41 30.07
CA MET GB 57 -11.04 -54.69 29.99
C MET GB 57 -10.28 -53.46 29.53
N HIS GB 58 -10.82 -52.73 28.55
CA HIS GB 58 -10.05 -51.59 28.07
C HIS GB 58 -10.09 -50.42 29.05
N LEU GB 59 -11.04 -50.42 29.98
CA LEU GB 59 -10.97 -49.45 31.08
C LEU GB 59 -10.40 -50.06 32.36
N ARG GB 60 -10.02 -51.35 32.33
CA ARG GB 60 -9.66 -52.07 33.56
C ARG GB 60 -8.43 -51.53 34.30
N PRO GB 61 -7.24 -51.31 33.67
CA PRO GB 61 -6.07 -51.00 34.51
C PRO GB 61 -6.01 -49.53 34.92
N MET GB 62 -7.13 -48.83 34.80
CA MET GB 62 -7.21 -47.42 35.17
C MET GB 62 -6.93 -47.24 36.65
N GLY GB 63 -7.65 -47.96 37.50
CA GLY GB 63 -7.35 -48.02 38.91
C GLY GB 63 -6.20 -48.97 39.20
N ASP GB 64 -5.92 -49.14 40.48
CA ASP GB 64 -4.73 -49.84 40.92
C ASP GB 64 -5.02 -51.33 41.07
N LEU GB 65 -4.11 -52.06 41.70
CA LEU GB 65 -4.20 -53.50 41.93
C LEU GB 65 -5.36 -53.77 42.86
N GLY GB 66 -6.46 -54.28 42.30
CA GLY GB 66 -7.61 -54.70 43.09
C GLY GB 66 -8.45 -53.59 43.68
N GLN GB 67 -8.10 -52.32 43.45
CA GLN GB 67 -8.95 -51.25 43.95
C GLN GB 67 -10.21 -51.13 43.13
N ILE GB 68 -10.13 -51.41 41.83
CA ILE GB 68 -11.34 -51.59 41.06
C ILE GB 68 -12.01 -52.90 41.46
N ILE GB 69 -13.30 -52.98 41.19
CA ILE GB 69 -13.99 -54.26 41.17
C ILE GB 69 -15.13 -54.18 40.17
N PHE GB 70 -15.30 -55.26 39.41
CA PHE GB 70 -16.26 -55.36 38.32
C PHE GB 70 -17.37 -56.29 38.75
N MET GB 71 -18.61 -55.95 38.40
CA MET GB 71 -19.69 -56.91 38.59
C MET GB 71 -20.85 -56.64 37.64
N ASP GB 72 -21.64 -57.68 37.41
CA ASP GB 72 -22.81 -57.62 36.53
C ASP GB 72 -23.92 -56.81 37.20
N TRP GB 73 -24.79 -56.26 36.38
CA TRP GB 73 -26.02 -55.61 36.83
C TRP GB 73 -26.96 -55.56 35.66
N ASN GB 74 -28.19 -55.11 35.90
CA ASN GB 74 -29.11 -54.88 34.79
C ASN GB 74 -30.11 -53.82 35.18
N GLY GB 75 -30.80 -53.30 34.17
CA GLY GB 75 -31.80 -52.27 34.38
C GLY GB 75 -33.18 -52.83 34.60
N ARG GB 76 -33.27 -54.07 35.04
CA ARG GB 76 -34.58 -54.65 35.31
C ARG GB 76 -34.70 -55.25 36.70
N ASP GB 77 -33.64 -55.86 37.23
CA ASP GB 77 -33.73 -56.60 38.47
C ASP GB 77 -33.37 -55.72 39.67
N LYS GB 78 -33.33 -56.31 40.86
CA LYS GB 78 -33.05 -55.58 42.08
C LYS GB 78 -32.03 -56.27 42.96
N ASP GB 79 -32.00 -57.61 42.92
CA ASP GB 79 -31.06 -58.38 43.73
C ASP GB 79 -29.62 -58.10 43.32
N SER GB 80 -29.39 -57.91 42.02
CA SER GB 80 -28.07 -57.54 41.55
C SER GB 80 -27.66 -56.16 42.02
N ILE GB 81 -28.62 -55.23 42.10
CA ILE GB 81 -28.30 -53.89 42.59
C ILE GB 81 -27.96 -53.94 44.07
N ARG GB 82 -28.72 -54.70 44.86
CA ARG GB 82 -28.46 -54.80 46.29
C ARG GB 82 -27.15 -55.53 46.55
N ARG GB 83 -26.85 -56.53 45.72
CA ARG GB 83 -25.55 -57.20 45.78
C ARG GB 83 -24.43 -56.26 45.36
N ALA GB 84 -24.73 -55.26 44.52
CA ALA GB 84 -23.72 -54.27 44.20
C ALA GB 84 -23.46 -53.34 45.37
N VAL GB 85 -24.51 -52.90 46.04
CA VAL GB 85 -24.33 -51.83 47.03
C VAL GB 85 -24.42 -52.39 48.45
N GLU GB 86 -24.06 -53.67 48.60
CA GLU GB 86 -23.80 -54.33 49.89
C GLU GB 86 -23.05 -53.45 50.88
N HIS GB 87 -21.86 -53.00 50.50
CA HIS GB 87 -21.01 -52.20 51.37
C HIS GB 87 -20.47 -51.05 50.53
N SER GB 88 -21.20 -49.95 50.50
CA SER GB 88 -20.82 -48.81 49.69
C SER GB 88 -20.74 -47.57 50.56
N ASN GB 89 -19.77 -46.71 50.26
CA ASN GB 89 -19.77 -45.39 50.89
C ASN GB 89 -20.68 -44.44 50.14
N VAL GB 90 -20.31 -44.11 48.90
CA VAL GB 90 -21.09 -43.19 48.07
C VAL GB 90 -21.46 -43.88 46.78
N VAL GB 91 -22.37 -43.28 46.05
CA VAL GB 91 -22.84 -43.84 44.78
C VAL GB 91 -23.23 -42.71 43.85
N ILE GB 92 -22.79 -42.81 42.60
CA ILE GB 92 -23.13 -41.83 41.58
C ILE GB 92 -23.87 -42.52 40.44
N ASN GB 93 -24.90 -41.82 39.96
CA ASN GB 93 -25.86 -42.32 39.00
C ASN GB 93 -25.69 -41.56 37.69
N LEU GB 94 -25.15 -42.29 36.69
CA LEU GB 94 -24.81 -41.81 35.35
C LEU GB 94 -25.21 -42.92 34.38
N VAL GB 95 -26.44 -42.87 33.87
CA VAL GB 95 -26.87 -43.85 32.89
C VAL GB 95 -27.87 -43.19 31.96
N GLY GB 96 -27.73 -43.44 30.67
CA GLY GB 96 -28.57 -42.79 29.70
C GLY GB 96 -27.99 -42.70 28.31
N ARG GB 97 -28.80 -43.02 27.31
CA ARG GB 97 -28.34 -43.17 25.95
C ARG GB 97 -29.06 -42.13 25.08
N GLU GB 98 -28.34 -41.56 24.12
CA GLU GB 98 -28.93 -40.55 23.25
C GLU GB 98 -29.79 -41.12 22.15
N TRP GB 99 -29.92 -42.44 22.02
CA TRP GB 99 -30.76 -42.98 20.97
C TRP GB 99 -31.61 -44.12 21.49
N GLU GB 100 -32.78 -44.27 20.88
CA GLU GB 100 -33.71 -45.31 21.23
C GLU GB 100 -33.29 -46.64 20.63
N THR GB 101 -33.61 -47.71 21.33
CA THR GB 101 -33.28 -49.06 20.91
C THR GB 101 -34.59 -49.82 20.68
N LYS GB 102 -34.48 -51.14 20.57
CA LYS GB 102 -35.66 -51.97 20.45
C LYS GB 102 -36.28 -52.25 21.81
N ASN GB 103 -35.46 -52.67 22.78
CA ASN GB 103 -35.96 -53.03 24.10
C ASN GB 103 -35.97 -51.87 25.09
N PHE GB 104 -35.16 -50.85 24.87
CA PHE GB 104 -35.05 -49.77 25.83
C PHE GB 104 -35.04 -48.44 25.11
N ASP GB 105 -35.85 -47.51 25.61
CA ASP GB 105 -35.94 -46.18 25.00
C ASP GB 105 -35.69 -45.12 26.05
N PHE GB 106 -35.98 -43.87 25.73
CA PHE GB 106 -35.75 -42.76 26.65
C PHE GB 106 -36.62 -42.88 27.89
N GLU GB 107 -37.78 -43.50 27.76
CA GLU GB 107 -38.71 -43.66 28.85
C GLU GB 107 -38.40 -44.93 29.60
N ASP GB 108 -38.72 -44.91 30.90
CA ASP GB 108 -38.57 -45.97 31.92
C ASP GB 108 -37.13 -46.26 32.31
N VAL GB 109 -36.14 -45.70 31.63
CA VAL GB 109 -34.80 -45.71 32.22
C VAL GB 109 -34.65 -44.53 33.19
N PHE GB 110 -35.04 -43.33 32.76
CA PHE GB 110 -34.97 -42.14 33.58
C PHE GB 110 -36.17 -42.08 34.51
N VAL GB 111 -37.14 -42.94 34.28
CA VAL GB 111 -38.33 -43.04 35.10
C VAL GB 111 -38.28 -44.27 36.02
N LYS GB 112 -37.67 -45.36 35.59
CA LYS GB 112 -37.55 -46.51 36.46
C LYS GB 112 -36.29 -46.47 37.31
N ILE GB 113 -35.13 -46.37 36.67
CA ILE GB 113 -33.86 -46.76 37.29
C ILE GB 113 -33.49 -45.92 38.50
N PRO GB 114 -33.52 -44.56 38.50
CA PRO GB 114 -33.15 -43.83 39.73
C PRO GB 114 -34.11 -44.02 40.89
N GLN GB 115 -35.38 -44.34 40.63
CA GLN GB 115 -36.31 -44.69 41.71
C GLN GB 115 -35.83 -45.91 42.48
N ALA GB 116 -35.54 -47.00 41.77
CA ALA GB 116 -35.20 -48.26 42.43
C ALA GB 116 -33.83 -48.19 43.10
N ILE GB 117 -32.83 -47.63 42.42
CA ILE GB 117 -31.50 -47.61 43.02
C ILE GB 117 -31.44 -46.57 44.13
N ALA GB 118 -32.20 -45.48 44.01
CA ALA GB 118 -32.27 -44.53 45.11
C ALA GB 118 -33.00 -45.11 46.31
N GLN GB 119 -34.00 -45.95 46.05
CA GLN GB 119 -34.73 -46.64 47.11
C GLN GB 119 -33.82 -47.59 47.87
N VAL GB 120 -33.12 -48.46 47.15
CA VAL GB 120 -32.25 -49.43 47.83
C VAL GB 120 -31.01 -48.77 48.42
N SER GB 121 -30.60 -47.61 47.89
CA SER GB 121 -29.47 -46.89 48.47
C SER GB 121 -29.87 -46.19 49.76
N LYS GB 122 -31.09 -45.62 49.78
CA LYS GB 122 -31.63 -45.06 51.01
C LYS GB 122 -31.87 -46.13 52.05
N GLU GB 123 -32.21 -47.34 51.62
CA GLU GB 123 -32.34 -48.46 52.54
C GLU GB 123 -30.98 -48.89 53.09
N ALA GB 124 -30.00 -49.09 52.21
CA ALA GB 124 -28.72 -49.68 52.59
C ALA GB 124 -27.73 -48.68 53.17
N GLY GB 125 -28.13 -47.42 53.33
CA GLY GB 125 -27.33 -46.49 54.12
C GLY GB 125 -26.12 -45.91 53.42
N VAL GB 126 -26.34 -45.14 52.36
CA VAL GB 126 -25.28 -44.46 51.67
C VAL GB 126 -25.36 -42.97 51.99
N GLU GB 127 -24.30 -42.25 51.63
CA GLU GB 127 -24.30 -40.80 51.68
C GLU GB 127 -23.88 -40.28 50.32
N LYS GB 128 -24.18 -39.00 50.08
CA LYS GB 128 -23.71 -38.25 48.90
C LYS GB 128 -24.16 -38.91 47.58
N PHE GB 129 -25.41 -39.32 47.52
CA PHE GB 129 -25.94 -39.89 46.29
C PHE GB 129 -25.98 -38.82 45.22
N ILE GB 130 -25.09 -38.93 44.23
CA ILE GB 130 -24.95 -37.88 43.23
C ILE GB 130 -25.57 -38.35 41.94
N HIS GB 131 -26.62 -37.68 41.51
CA HIS GB 131 -27.32 -38.01 40.27
C HIS GB 131 -27.05 -36.92 39.25
N ILE GB 132 -26.73 -37.34 38.02
CA ILE GB 132 -26.49 -36.34 36.99
C ILE GB 132 -27.79 -35.98 36.30
N SER GB 133 -27.79 -34.81 35.65
CA SER GB 133 -28.86 -34.41 34.76
C SER GB 133 -28.27 -33.55 33.68
N HIS GB 134 -28.98 -33.43 32.57
CA HIS GB 134 -28.57 -32.48 31.56
C HIS GB 134 -28.79 -31.07 32.08
N LEU GB 135 -28.04 -30.12 31.52
CA LEU GB 135 -28.37 -28.72 31.72
C LEU GB 135 -29.70 -28.40 31.06
N ASN GB 136 -30.42 -27.46 31.68
CA ASN GB 136 -31.77 -26.95 31.34
C ASN GB 136 -32.73 -28.02 30.83
N ALA GB 137 -32.83 -29.12 31.58
CA ALA GB 137 -33.80 -30.16 31.32
C ALA GB 137 -35.09 -29.81 32.07
N ASP GB 138 -36.11 -29.39 31.32
CA ASP GB 138 -37.39 -28.96 31.88
C ASP GB 138 -38.53 -29.73 31.22
N ILE GB 139 -39.77 -29.26 31.39
CA ILE GB 139 -40.93 -29.90 30.78
C ILE GB 139 -41.22 -29.13 29.48
N LYS GB 140 -40.21 -28.42 28.98
CA LYS GB 140 -40.28 -27.73 27.70
C LYS GB 140 -40.44 -28.74 26.55
N SER GB 141 -41.04 -28.27 25.47
CA SER GB 141 -41.55 -29.14 24.43
C SER GB 141 -40.44 -29.64 23.51
N SER GB 142 -40.82 -30.57 22.62
CA SER GB 142 -40.00 -31.12 21.53
C SER GB 142 -38.74 -31.83 22.03
N SER GB 143 -38.73 -32.27 23.28
CA SER GB 143 -37.53 -32.92 23.81
C SER GB 143 -37.99 -33.96 24.84
N LYS GB 144 -38.20 -35.19 24.35
CA LYS GB 144 -38.51 -36.31 25.22
C LYS GB 144 -37.35 -36.58 26.17
N TYR GB 145 -36.14 -36.36 25.69
CA TYR GB 145 -34.92 -36.55 26.46
C TYR GB 145 -34.87 -35.56 27.62
N LEU GB 146 -35.12 -34.29 27.34
CA LEU GB 146 -35.07 -33.27 28.38
C LEU GB 146 -36.22 -33.41 29.37
N ARG GB 147 -37.42 -33.77 28.90
CA ARG GB 147 -38.51 -33.92 29.85
C ARG GB 147 -38.35 -35.18 30.68
N ASN GB 148 -37.74 -36.24 30.13
CA ASN GB 148 -37.49 -37.42 30.94
C ASN GB 148 -36.42 -37.16 31.99
N LYS GB 149 -35.39 -36.39 31.64
CA LYS GB 149 -34.41 -36.05 32.67
C LYS GB 149 -34.98 -35.08 33.70
N ALA GB 150 -35.95 -34.25 33.31
CA ALA GB 150 -36.58 -33.36 34.29
C ALA GB 150 -37.45 -34.15 35.26
N VAL GB 151 -38.20 -35.14 34.75
CA VAL GB 151 -38.94 -36.05 35.61
C VAL GB 151 -37.98 -36.84 36.50
N GLY GB 152 -36.80 -37.17 35.97
CA GLY GB 152 -35.79 -37.83 36.77
C GLY GB 152 -35.26 -36.96 37.89
N GLU GB 153 -35.08 -35.66 37.63
CA GLU GB 153 -34.70 -34.72 38.69
C GLU GB 153 -35.78 -34.67 39.76
N LYS GB 154 -37.04 -34.63 39.34
CA LYS GB 154 -38.16 -34.59 40.28
C LYS GB 154 -38.21 -35.85 41.13
N GLU GB 155 -37.88 -37.01 40.54
CA GLU GB 155 -37.91 -38.26 41.28
C GLU GB 155 -36.73 -38.39 42.22
N VAL GB 156 -35.56 -37.88 41.83
CA VAL GB 156 -34.41 -37.93 42.72
C VAL GB 156 -34.59 -36.95 43.88
N ARG GB 157 -35.29 -35.84 43.64
CA ARG GB 157 -35.68 -34.98 44.75
C ARG GB 157 -36.75 -35.66 45.62
N GLU GB 158 -37.62 -36.45 45.00
CA GLU GB 158 -38.66 -37.20 45.70
C GLU GB 158 -38.09 -38.22 46.66
N THR GB 159 -37.44 -39.26 46.14
CA THR GB 159 -36.91 -40.31 46.98
C THR GB 159 -35.41 -40.10 47.20
N PHE GB 160 -34.99 -40.30 48.46
CA PHE GB 160 -33.73 -39.83 49.03
C PHE GB 160 -33.55 -38.36 48.71
N PRO GB 161 -34.28 -37.46 49.40
CA PRO GB 161 -34.26 -36.04 48.98
C PRO GB 161 -32.95 -35.32 49.24
N GLU GB 162 -32.07 -35.88 50.07
CA GLU GB 162 -30.77 -35.28 50.33
C GLU GB 162 -29.72 -35.73 49.31
N ALA GB 163 -30.08 -35.62 48.04
CA ALA GB 163 -29.25 -36.09 46.95
C ALA GB 163 -28.68 -34.91 46.20
N THR GB 164 -27.46 -35.06 45.69
CA THR GB 164 -26.83 -33.99 44.93
C THR GB 164 -27.27 -34.12 43.48
N ILE GB 165 -28.19 -33.25 43.08
CA ILE GB 165 -28.58 -33.15 41.69
C ILE GB 165 -27.57 -32.25 41.00
N ILE GB 166 -26.92 -32.76 39.96
CA ILE GB 166 -25.98 -31.91 39.27
C ILE GB 166 -26.47 -31.73 37.84
N LYS GB 167 -26.08 -30.63 37.22
CA LYS GB 167 -26.44 -30.34 35.84
C LYS GB 167 -25.26 -29.71 35.10
N PRO GB 168 -24.42 -30.54 34.49
CA PRO GB 168 -23.37 -30.02 33.62
C PRO GB 168 -23.90 -29.64 32.25
N ALA GB 169 -23.12 -28.82 31.56
CA ALA GB 169 -23.49 -28.31 30.25
C ALA GB 169 -23.16 -29.34 29.17
N ASP GB 170 -23.24 -28.91 27.91
CA ASP GB 170 -22.92 -29.77 26.77
C ASP GB 170 -21.41 -29.99 26.75
N ILE GB 171 -20.98 -31.17 27.17
CA ILE GB 171 -19.57 -31.44 27.39
C ILE GB 171 -18.86 -31.68 26.07
N PHE GB 172 -17.62 -31.23 26.00
CA PHE GB 172 -16.72 -31.62 24.94
C PHE GB 172 -15.46 -32.16 25.58
N GLY GB 173 -14.87 -33.16 24.96
CA GLY GB 173 -13.67 -33.79 25.50
C GLY GB 173 -12.84 -34.42 24.42
N ARG GB 174 -12.36 -35.64 24.67
CA ARG GB 174 -11.57 -36.37 23.69
C ARG GB 174 -12.44 -37.18 22.76
N GLU GB 175 -13.58 -37.66 23.24
CA GLU GB 175 -14.51 -38.50 22.50
C GLU GB 175 -15.90 -37.88 22.52
N ASP GB 176 -15.96 -36.61 22.11
CA ASP GB 176 -17.19 -35.84 22.12
C ASP GB 176 -18.19 -36.40 21.11
N ARG GB 177 -19.47 -36.25 21.44
CA ARG GB 177 -20.55 -36.66 20.55
C ARG GB 177 -20.70 -35.68 19.40
N PHE GB 178 -21.01 -34.42 19.73
CA PHE GB 178 -21.43 -33.49 18.70
C PHE GB 178 -20.27 -32.92 17.92
N LEU GB 179 -19.08 -32.83 18.52
CA LEU GB 179 -17.91 -32.39 17.78
C LEU GB 179 -17.51 -33.42 16.72
N ASN GB 180 -17.57 -34.70 17.07
CA ASN GB 180 -17.27 -35.73 16.10
C ASN GB 180 -18.40 -35.88 15.09
N TYR GB 181 -19.62 -35.54 15.51
CA TYR GB 181 -20.74 -35.38 14.57
C TYR GB 181 -20.44 -34.27 13.56
N PHE GB 182 -19.75 -33.22 13.99
CA PHE GB 182 -19.33 -32.17 13.07
C PHE GB 182 -18.17 -32.64 12.20
N ALA GB 183 -17.37 -33.59 12.70
CA ALA GB 183 -16.22 -34.07 11.93
C ALA GB 183 -16.66 -34.89 10.73
N ASN GB 184 -17.86 -35.47 10.77
CA ASN GB 184 -18.40 -36.21 9.63
C ASN GB 184 -19.56 -35.40 9.07
N ILE GB 185 -19.34 -34.77 7.93
CA ILE GB 185 -20.37 -33.95 7.30
C ILE GB 185 -20.28 -33.98 5.79
N THR GB 200 -29.08 -17.88 18.67
CA THR GB 200 -28.98 -18.91 19.70
C THR GB 200 -27.53 -19.15 20.11
N VAL GB 201 -27.18 -18.69 21.31
CA VAL GB 201 -25.84 -18.91 21.87
C VAL GB 201 -25.72 -20.37 22.27
N LYS GB 202 -24.52 -20.81 22.61
CA LYS GB 202 -24.31 -22.14 23.19
C LYS GB 202 -23.04 -22.12 24.01
N GLN GB 203 -23.13 -22.61 25.25
CA GLN GB 203 -21.95 -22.70 26.10
C GLN GB 203 -21.54 -24.15 26.37
N PRO GB 204 -20.52 -24.66 25.70
CA PRO GB 204 -19.96 -25.95 26.06
C PRO GB 204 -18.82 -25.79 27.06
N VAL GB 205 -18.62 -26.83 27.86
CA VAL GB 205 -17.60 -26.83 28.89
C VAL GB 205 -16.82 -28.15 28.81
N TYR GB 206 -15.51 -28.07 29.03
CA TYR GB 206 -14.64 -29.22 28.83
C TYR GB 206 -14.82 -30.25 29.94
N ILE GB 207 -14.42 -31.49 29.64
CA ILE GB 207 -14.72 -32.64 30.49
C ILE GB 207 -13.97 -32.59 31.82
N VAL GB 208 -12.73 -32.09 31.85
CA VAL GB 208 -12.00 -32.22 33.11
C VAL GB 208 -12.43 -31.16 34.10
N ASP GB 209 -12.96 -30.03 33.62
CA ASP GB 209 -13.60 -29.07 34.51
C ASP GB 209 -14.79 -29.70 35.21
N VAL GB 210 -15.60 -30.43 34.45
CA VAL GB 210 -16.81 -31.05 34.99
C VAL GB 210 -16.44 -32.14 35.98
N THR GB 211 -15.52 -33.02 35.62
CA THR GB 211 -15.24 -34.14 36.50
C THR GB 211 -14.37 -33.73 37.69
N LYS GB 212 -13.56 -32.67 37.57
CA LYS GB 212 -12.91 -32.11 38.74
C LYS GB 212 -13.91 -31.48 39.68
N GLY GB 213 -14.94 -30.83 39.12
CA GLY GB 213 -16.01 -30.32 39.96
C GLY GB 213 -16.76 -31.43 40.66
N ILE GB 214 -16.93 -32.57 39.98
CA ILE GB 214 -17.63 -33.69 40.59
C ILE GB 214 -16.83 -34.28 41.73
N ILE GB 215 -15.53 -34.50 41.52
CA ILE GB 215 -14.74 -35.11 42.59
C ILE GB 215 -14.51 -34.13 43.74
N ASN GB 216 -14.43 -32.84 43.43
CA ASN GB 216 -14.30 -31.86 44.52
C ASN GB 216 -15.60 -31.74 45.31
N ALA GB 217 -16.74 -31.83 44.63
CA ALA GB 217 -18.00 -31.80 45.35
C ALA GB 217 -18.26 -33.10 46.09
N ILE GB 218 -17.62 -34.20 45.69
CA ILE GB 218 -17.81 -35.43 46.43
C ILE GB 218 -16.80 -35.56 47.59
N LYS GB 219 -15.69 -34.83 47.55
CA LYS GB 219 -14.76 -34.90 48.67
C LYS GB 219 -14.74 -33.63 49.52
N ASP GB 220 -15.59 -32.65 49.24
CA ASP GB 220 -15.63 -31.41 50.00
C ASP GB 220 -17.02 -31.25 50.61
N PRO GB 221 -17.32 -31.96 51.70
CA PRO GB 221 -18.68 -31.92 52.25
C PRO GB 221 -18.95 -30.60 52.96
N ASP GB 222 -20.24 -30.34 53.16
CA ASP GB 222 -21.05 -29.10 53.31
C ASP GB 222 -21.54 -28.57 51.97
N ALA GB 223 -21.14 -29.17 50.85
CA ALA GB 223 -21.68 -28.82 49.54
C ALA GB 223 -22.67 -29.87 49.08
N ARG GB 224 -23.46 -30.38 50.03
CA ARG GB 224 -24.24 -31.59 49.83
C ARG GB 224 -25.71 -31.28 49.99
N GLY GB 225 -26.55 -31.88 49.14
CA GLY GB 225 -27.95 -31.60 49.11
C GLY GB 225 -28.34 -30.42 48.23
N LYS GB 226 -27.41 -29.49 47.99
CA LYS GB 226 -27.68 -28.34 47.14
C LYS GB 226 -27.28 -28.64 45.71
N THR GB 227 -28.22 -28.47 44.79
CA THR GB 227 -27.97 -28.79 43.40
C THR GB 227 -26.98 -27.81 42.77
N PHE GB 228 -26.20 -28.32 41.83
CA PHE GB 228 -25.11 -27.55 41.24
C PHE GB 228 -25.23 -27.54 39.73
N ALA GB 229 -24.77 -26.45 39.13
CA ALA GB 229 -24.85 -26.25 37.69
C ALA GB 229 -23.50 -25.84 37.13
N PHE GB 230 -23.22 -26.30 35.91
CA PHE GB 230 -21.96 -25.96 35.26
C PHE GB 230 -22.18 -25.05 34.06
N VAL GB 231 -21.20 -24.19 33.83
CA VAL GB 231 -21.32 -23.11 32.85
C VAL GB 231 -20.14 -23.20 31.90
N GLY GB 232 -20.43 -23.19 30.61
CA GLY GB 232 -19.39 -23.04 29.61
C GLY GB 232 -18.88 -21.62 29.58
N PRO GB 233 -17.55 -21.45 29.66
CA PRO GB 233 -16.99 -20.10 29.75
C PRO GB 233 -16.81 -19.36 28.43
N ASN GB 234 -17.58 -19.73 27.39
CA ASN GB 234 -17.70 -18.89 26.21
C ASN GB 234 -19.10 -18.33 26.02
N ARG GB 235 -20.10 -19.22 25.83
CA ARG GB 235 -21.50 -18.89 25.59
C ARG GB 235 -21.64 -17.98 24.36
N TYR GB 236 -21.34 -18.56 23.20
CA TYR GB 236 -21.58 -17.86 21.95
C TYR GB 236 -22.35 -18.76 20.99
N LEU GB 237 -22.59 -18.23 19.80
CA LEU GB 237 -23.47 -18.80 18.79
C LEU GB 237 -22.97 -20.16 18.33
N LEU GB 238 -23.92 -21.02 17.93
CA LEU GB 238 -23.57 -22.31 17.37
C LEU GB 238 -22.82 -22.14 16.05
N PHE GB 239 -23.21 -21.15 15.25
CA PHE GB 239 -22.65 -21.04 13.91
C PHE GB 239 -21.20 -20.56 13.93
N ASP GB 240 -20.85 -19.71 14.89
CA ASP GB 240 -19.45 -19.32 15.04
C ASP GB 240 -18.60 -20.48 15.53
N LEU GB 241 -19.18 -21.39 16.32
CA LEU GB 241 -18.46 -22.59 16.73
C LEU GB 241 -18.24 -23.53 15.56
N VAL GB 242 -19.22 -23.62 14.65
CA VAL GB 242 -19.03 -24.40 13.43
C VAL GB 242 -17.94 -23.78 12.57
N GLN GB 243 -17.90 -22.44 12.50
CA GLN GB 243 -16.82 -21.73 11.81
C GLN GB 243 -15.46 -22.07 12.40
N TYR GB 244 -15.36 -22.03 13.73
CA TYR GB 244 -14.09 -22.31 14.39
C TYR GB 244 -13.65 -23.76 14.20
N VAL GB 245 -14.59 -24.70 14.33
CA VAL GB 245 -14.20 -26.11 14.26
C VAL GB 245 -13.85 -26.50 12.83
N PHE GB 246 -14.47 -25.88 11.83
CA PHE GB 246 -14.02 -26.18 10.47
C PHE GB 246 -12.84 -25.35 10.05
N ALA GB 247 -12.59 -24.23 10.74
CA ALA GB 247 -11.35 -23.50 10.54
C ALA GB 247 -10.16 -24.29 11.05
N VAL GB 248 -10.34 -25.03 12.14
CA VAL GB 248 -9.24 -25.82 12.68
C VAL GB 248 -9.23 -27.23 12.11
N ALA GB 249 -10.34 -27.71 11.55
CA ALA GB 249 -10.41 -29.05 10.97
C ALA GB 249 -10.56 -29.01 9.45
N HIS GB 250 -10.19 -27.89 8.83
CA HIS GB 250 -9.95 -27.78 7.39
C HIS GB 250 -11.18 -28.04 6.54
N TRP GB 278 -24.71 -42.33 13.06
CA TRP GB 278 -25.91 -42.00 13.82
C TRP GB 278 -26.24 -40.53 13.69
N THR GB 279 -27.14 -40.21 12.76
CA THR GB 279 -27.58 -38.84 12.51
C THR GB 279 -29.10 -38.82 12.60
N THR GB 280 -29.63 -38.66 13.80
CA THR GB 280 -31.06 -38.47 14.01
C THR GB 280 -31.29 -37.03 14.41
N ARG GB 281 -32.27 -36.39 13.75
CA ARG GB 281 -32.53 -34.97 13.97
C ARG GB 281 -33.27 -34.70 15.28
N ASP GB 282 -33.63 -35.74 16.02
CA ASP GB 282 -34.06 -35.54 17.40
C ASP GB 282 -32.92 -34.93 18.22
N LYS GB 283 -31.70 -35.39 17.96
CA LYS GB 283 -30.51 -34.75 18.50
C LYS GB 283 -30.38 -33.30 18.04
N VAL GB 284 -30.82 -33.02 16.80
CA VAL GB 284 -30.56 -31.66 16.34
C VAL GB 284 -31.59 -30.71 16.94
N GLU GB 285 -32.79 -31.20 17.27
CA GLU GB 285 -33.68 -30.38 18.07
C GLU GB 285 -33.14 -30.20 19.47
N ARG GB 286 -32.52 -31.23 20.03
CA ARG GB 286 -31.94 -31.10 21.36
C ARG GB 286 -30.78 -30.11 21.39
N ILE GB 287 -30.04 -29.97 20.29
CA ILE GB 287 -28.93 -29.02 20.31
C ILE GB 287 -29.33 -27.66 19.75
N HIS GB 288 -30.52 -27.53 19.16
CA HIS GB 288 -31.00 -26.22 18.78
C HIS GB 288 -31.96 -25.59 19.79
N THR GB 289 -32.51 -26.36 20.73
CA THR GB 289 -33.70 -25.88 21.45
C THR GB 289 -33.38 -24.84 22.54
N THR GB 290 -32.64 -25.23 23.58
CA THR GB 290 -32.48 -24.36 24.74
C THR GB 290 -31.02 -24.21 25.14
N ASP GB 291 -30.63 -22.96 25.41
CA ASP GB 291 -29.30 -22.61 25.86
C ASP GB 291 -29.44 -21.35 26.71
N ARG GB 292 -29.45 -21.50 28.03
CA ARG GB 292 -29.56 -20.34 28.92
C ARG GB 292 -28.84 -20.63 30.23
N THR GB 293 -28.69 -19.57 31.03
CA THR GB 293 -28.13 -19.69 32.36
C THR GB 293 -29.25 -19.84 33.39
N LEU GB 294 -28.89 -20.41 34.54
CA LEU GB 294 -29.79 -20.55 35.67
C LEU GB 294 -29.08 -20.01 36.90
N PRO GB 295 -29.32 -18.74 37.27
CA PRO GB 295 -28.61 -18.15 38.41
C PRO GB 295 -29.20 -18.49 39.77
N HIS GB 296 -30.07 -19.50 39.86
CA HIS GB 296 -30.80 -19.85 41.07
C HIS GB 296 -29.97 -20.71 42.02
N LEU GB 297 -28.70 -20.89 41.72
CA LEU GB 297 -27.80 -21.89 42.29
C LEU GB 297 -26.39 -21.53 41.84
N PRO GB 298 -25.36 -21.93 42.58
CA PRO GB 298 -23.99 -21.53 42.21
C PRO GB 298 -23.39 -22.31 41.05
N GLY GB 299 -22.10 -22.10 40.79
CA GLY GB 299 -21.45 -22.70 39.65
C GLY GB 299 -20.04 -23.19 39.87
N LEU GB 300 -19.11 -22.77 38.99
CA LEU GB 300 -17.76 -23.30 39.00
C LEU GB 300 -16.95 -22.74 40.17
N GLU GB 301 -16.72 -21.43 40.17
CA GLU GB 301 -15.78 -20.82 41.11
C GLU GB 301 -16.31 -20.81 42.53
N ASP GB 302 -17.61 -21.03 42.72
CA ASP GB 302 -18.14 -21.29 44.05
C ASP GB 302 -17.80 -22.69 44.55
N LEU GB 303 -17.34 -23.57 43.68
CA LEU GB 303 -17.12 -24.96 44.06
C LEU GB 303 -15.67 -25.26 44.38
N GLY GB 304 -14.72 -24.55 43.78
CA GLY GB 304 -13.32 -24.84 43.96
C GLY GB 304 -12.72 -25.51 42.75
N VAL GB 305 -13.10 -25.02 41.58
CA VAL GB 305 -12.69 -25.61 40.31
C VAL GB 305 -12.58 -24.52 39.25
N GLN GB 306 -11.44 -24.50 38.56
CA GLN GB 306 -11.10 -23.46 37.60
C GLN GB 306 -11.45 -23.92 36.18
N ALA GB 307 -12.15 -23.05 35.44
CA ALA GB 307 -12.62 -23.39 34.11
C ALA GB 307 -11.48 -23.34 33.09
N THR GB 308 -11.71 -23.98 31.94
CA THR GB 308 -10.81 -23.92 30.78
C THR GB 308 -11.66 -23.67 29.54
N PRO GB 309 -11.30 -22.69 28.71
CA PRO GB 309 -12.14 -22.38 27.55
C PRO GB 309 -12.05 -23.39 26.42
N LEU GB 310 -12.78 -23.11 25.33
CA LEU GB 310 -12.92 -24.07 24.25
C LEU GB 310 -11.68 -24.14 23.36
N GLU GB 311 -10.96 -23.04 23.20
CA GLU GB 311 -9.98 -22.93 22.11
C GLU GB 311 -8.78 -23.85 22.34
N LEU GB 312 -8.24 -23.84 23.55
CA LEU GB 312 -7.06 -24.65 23.86
C LEU GB 312 -7.39 -26.13 23.79
N LYS GB 313 -8.55 -26.51 24.30
CA LYS GB 313 -8.97 -27.91 24.26
C LYS GB 313 -9.32 -28.35 22.84
N ALA GB 314 -9.78 -27.43 21.99
CA ALA GB 314 -10.02 -27.80 20.60
C ALA GB 314 -8.71 -27.96 19.85
N ILE GB 315 -7.68 -27.20 20.24
CA ILE GB 315 -6.34 -27.45 19.70
C ILE GB 315 -5.85 -28.82 20.14
N GLU GB 316 -6.22 -29.22 21.37
CA GLU GB 316 -5.87 -30.55 21.85
C GLU GB 316 -6.53 -31.65 21.04
N VAL GB 317 -7.85 -31.59 20.88
CA VAL GB 317 -8.57 -32.75 20.35
C VAL GB 317 -8.69 -32.73 18.83
N LEU GB 318 -8.73 -31.55 18.20
CA LEU GB 318 -8.87 -31.48 16.76
C LEU GB 318 -7.53 -31.80 16.12
N ARG GB 319 -7.33 -33.08 15.89
CA ARG GB 319 -6.28 -33.60 15.03
C ARG GB 319 -6.87 -33.74 13.62
N ARG GB 320 -6.27 -34.61 12.80
CA ARG GB 320 -6.82 -35.09 11.52
C ARG GB 320 -7.06 -33.95 10.52
N HIS GB 321 -6.01 -33.15 10.32
CA HIS GB 321 -6.00 -32.17 9.23
C HIS GB 321 -6.00 -32.86 7.87
N ARG GB 322 -4.92 -33.59 7.58
CA ARG GB 322 -4.79 -34.38 6.37
C ARG GB 322 -4.16 -35.72 6.73
N THR GB 323 -3.74 -36.47 5.71
CA THR GB 323 -3.07 -37.75 5.93
C THR GB 323 -1.64 -37.53 6.38
N SER GB 329 -4.36 -20.73 12.27
CA SER GB 329 -5.29 -21.72 12.83
C SER GB 329 -6.72 -21.19 12.73
N GLU GB 330 -6.81 -19.88 12.47
CA GLU GB 330 -8.08 -19.14 12.31
C GLU GB 330 -8.97 -19.27 13.55
N ILE GB 331 -8.48 -18.70 14.65
CA ILE GB 331 -9.21 -18.66 15.91
C ILE GB 331 -10.08 -17.41 15.88
N GLU GB 332 -11.37 -17.59 15.59
CA GLU GB 332 -12.25 -16.43 15.45
C GLU GB 332 -12.82 -15.99 16.80
N ASP GB 333 -13.74 -16.78 17.36
CA ASP GB 333 -14.45 -16.52 18.62
C ASP GB 333 -15.13 -15.15 18.61
N VAL GB 334 -16.20 -15.06 17.81
CA VAL GB 334 -16.94 -13.80 17.65
C VAL GB 334 -17.66 -13.37 18.92
N GLN GB 335 -17.92 -14.31 19.84
CA GLN GB 335 -18.44 -14.12 21.20
C GLN GB 335 -19.79 -13.41 21.21
N PRO GB 336 -20.87 -14.10 20.80
CA PRO GB 336 -22.20 -13.51 20.94
C PRO GB 336 -22.69 -13.54 22.37
N ALA GB 337 -22.61 -12.40 23.05
CA ALA GB 337 -23.03 -12.20 24.45
C ALA GB 337 -22.41 -13.20 25.42
N LEU HB 13 -0.32 -2.64 79.19
CA LEU HB 13 -0.72 -3.10 80.52
C LEU HB 13 0.48 -3.10 81.46
N GLY HB 14 0.31 -3.68 82.64
CA GLY HB 14 1.43 -3.89 83.53
C GLY HB 14 2.25 -5.11 83.13
N LEU HB 15 3.34 -5.31 83.86
CA LEU HB 15 4.25 -6.41 83.59
C LEU HB 15 3.62 -7.75 83.99
N ARG HB 16 4.02 -8.82 83.31
CA ARG HB 16 3.54 -10.15 83.66
C ARG HB 16 4.65 -11.06 84.13
N GLU HB 17 5.69 -11.30 83.32
CA GLU HB 17 6.86 -12.06 83.78
C GLU HB 17 8.13 -11.48 83.17
N ILE HB 18 9.23 -11.69 83.88
CA ILE HB 18 10.54 -11.24 83.46
C ILE HB 18 11.46 -12.45 83.50
N ARG HB 19 12.35 -12.56 82.52
CA ARG HB 19 13.29 -13.66 82.44
C ARG HB 19 14.69 -13.11 82.21
N ILE HB 20 15.64 -13.64 82.96
CA ILE HB 20 17.06 -13.30 82.82
C ILE HB 20 17.81 -14.56 82.41
N HIS HB 21 18.81 -14.42 81.56
CA HIS HB 21 19.57 -15.56 81.07
C HIS HB 21 21.07 -15.28 81.10
N LEU HB 22 21.82 -16.24 81.64
CA LEU HB 22 23.25 -16.07 81.92
C LEU HB 22 24.16 -17.15 81.37
N CYS HB 23 25.42 -17.14 81.80
CA CYS HB 23 26.44 -18.02 81.28
C CYS HB 23 27.49 -18.26 82.36
N GLN HB 24 28.70 -18.68 81.95
CA GLN HB 24 29.80 -18.96 82.86
C GLN HB 24 30.63 -17.72 83.19
N ARG HB 25 31.21 -17.09 82.17
CA ARG HB 25 32.01 -15.89 82.38
C ARG HB 25 31.78 -14.88 81.26
N SER HB 26 31.54 -13.64 81.67
CA SER HB 26 31.42 -12.41 80.91
C SER HB 26 31.29 -11.32 81.95
N PRO HB 27 31.84 -10.13 81.74
CA PRO HB 27 31.70 -9.07 82.76
C PRO HB 27 30.29 -8.55 82.89
N GLY HB 28 29.50 -8.58 81.81
CA GLY HB 28 28.08 -8.32 81.95
C GLY HB 28 27.37 -9.43 82.68
N SER HB 29 27.74 -10.67 82.37
CA SER HB 29 27.22 -11.78 83.15
C SER HB 29 27.73 -11.74 84.58
N GLN HB 30 28.92 -11.19 84.81
CA GLN HB 30 29.39 -11.02 86.18
C GLN HB 30 28.63 -9.90 86.88
N GLY HB 31 28.18 -8.89 86.14
CA GLY HB 31 27.30 -7.88 86.73
C GLY HB 31 25.96 -8.47 87.13
N VAL HB 32 25.44 -9.37 86.31
CA VAL HB 32 24.20 -10.03 86.69
C VAL HB 32 24.47 -11.05 87.79
N ARG HB 33 25.71 -11.56 87.89
CA ARG HB 33 26.09 -12.35 89.05
C ARG HB 33 26.06 -11.52 90.32
N ASP HB 34 26.57 -10.29 90.27
CA ASP HB 34 26.43 -9.41 91.42
C ASP HB 34 24.96 -9.07 91.70
N PHE HB 35 24.17 -8.98 90.64
CA PHE HB 35 22.73 -8.75 90.79
C PHE HB 35 22.05 -9.90 91.54
N ILE HB 36 22.31 -11.14 91.10
CA ILE HB 36 21.69 -12.29 91.74
C ILE HB 36 22.31 -12.57 93.12
N GLU HB 37 23.56 -12.16 93.35
CA GLU HB 37 24.16 -12.30 94.67
C GLU HB 37 23.52 -11.32 95.66
N LYS HB 38 23.61 -10.02 95.38
CA LYS HB 38 23.17 -9.03 96.34
C LYS HB 38 21.79 -8.47 96.02
N ARG HB 39 21.62 -7.88 94.84
CA ARG HB 39 20.47 -7.01 94.59
C ARG HB 39 19.32 -7.74 93.89
N TYR HB 40 19.08 -9.00 94.21
CA TYR HB 40 17.92 -9.70 93.68
C TYR HB 40 16.91 -10.06 94.74
N VAL HB 41 17.35 -10.67 95.85
CA VAL HB 41 16.45 -11.13 96.90
C VAL HB 41 15.72 -9.96 97.54
N GLU HB 42 16.34 -8.79 97.53
CA GLU HB 42 15.69 -7.53 97.84
C GLU HB 42 14.47 -7.29 96.95
N LEU HB 43 14.68 -7.27 95.64
CA LEU HB 43 13.61 -6.96 94.70
C LEU HB 43 12.62 -8.12 94.58
N LYS HB 44 13.13 -9.35 94.62
CA LYS HB 44 12.26 -10.50 94.53
C LYS HB 44 11.37 -10.62 95.76
N LYS HB 45 11.93 -10.35 96.94
CA LYS HB 45 11.17 -10.45 98.17
C LYS HB 45 10.19 -9.30 98.34
N ALA HB 46 10.54 -8.11 97.84
CA ALA HB 46 9.64 -6.96 97.96
C ALA HB 46 8.45 -7.03 97.01
N ASN HB 47 8.65 -7.58 95.81
CA ASN HB 47 7.58 -7.72 94.84
C ASN HB 47 7.56 -9.15 94.34
N PRO HB 48 7.02 -10.09 95.11
CA PRO HB 48 7.07 -11.50 94.73
C PRO HB 48 5.88 -11.98 93.92
N ASP HB 49 4.99 -11.09 93.49
CA ASP HB 49 3.75 -11.51 92.87
C ASP HB 49 3.92 -11.96 91.43
N LEU HB 50 4.97 -11.48 90.74
CA LEU HB 50 5.29 -11.84 89.37
C LEU HB 50 6.39 -12.88 89.36
N PRO HB 51 6.20 -14.03 88.73
CA PRO HB 51 7.26 -15.06 88.74
C PRO HB 51 8.36 -14.75 87.74
N ILE HB 52 9.20 -13.79 88.13
CA ILE HB 52 10.45 -13.52 87.43
C ILE HB 52 11.37 -14.73 87.59
N LEU HB 53 11.97 -15.18 86.48
CA LEU HB 53 12.81 -16.36 86.54
C LEU HB 53 14.13 -16.13 85.82
N ILE HB 54 15.18 -16.75 86.36
CA ILE HB 54 16.55 -16.60 85.85
C ILE HB 54 17.06 -17.98 85.50
N ARG HB 55 17.68 -18.09 84.32
CA ARG HB 55 18.18 -19.34 83.80
C ARG HB 55 19.63 -19.19 83.38
N GLU HB 56 20.35 -20.31 83.42
CA GLU HB 56 21.56 -20.49 82.65
C GLU HB 56 21.34 -21.69 81.76
N CYS HB 57 21.97 -21.71 80.58
CA CYS HB 57 21.90 -22.88 79.72
C CYS HB 57 23.27 -23.55 79.58
N SER HB 58 24.19 -22.94 78.84
CA SER HB 58 25.61 -23.18 79.03
C SER HB 58 26.37 -21.89 78.83
N ASP HB 59 25.97 -21.18 77.77
CA ASP HB 59 26.66 -19.97 77.33
C ASP HB 59 25.72 -19.26 76.39
N VAL HB 60 25.28 -18.06 76.78
CA VAL HB 60 24.33 -17.28 76.01
C VAL HB 60 24.53 -15.85 76.46
N GLN HB 61 24.05 -14.90 75.66
CA GLN HB 61 24.05 -13.52 76.07
C GLN HB 61 23.14 -13.35 77.29
N PRO HB 62 23.49 -12.46 78.22
CA PRO HB 62 22.64 -12.25 79.41
C PRO HB 62 21.33 -11.60 79.02
N LYS HB 63 20.40 -12.41 78.55
CA LYS HB 63 19.20 -11.90 77.89
C LYS HB 63 18.15 -11.49 78.93
N LEU HB 64 17.35 -10.50 78.55
CA LEU HB 64 16.33 -9.94 79.41
C LEU HB 64 15.04 -9.91 78.60
N TRP HB 65 14.07 -10.71 79.03
CA TRP HB 65 12.83 -10.94 78.31
C TRP HB 65 11.68 -10.51 79.20
N ALA HB 66 11.04 -9.40 78.86
CA ALA HB 66 9.87 -8.92 79.59
C ALA HB 66 8.65 -9.29 78.78
N ARG HB 67 7.92 -10.29 79.25
CA ARG HB 67 6.71 -10.74 78.58
C ARG HB 67 5.52 -10.15 79.32
N TYR HB 68 4.74 -9.33 78.63
CA TYR HB 68 3.50 -8.79 79.15
C TYR HB 68 2.66 -8.27 77.99
N ALA HB 69 1.44 -7.82 78.32
CA ALA HB 69 0.51 -7.16 77.40
C ALA HB 69 0.17 -8.07 76.20
N PHE HB 70 -0.58 -9.13 76.53
CA PHE HB 70 -1.02 -10.16 75.60
C PHE HB 70 0.19 -10.90 75.01
N GLY HB 71 1.16 -11.18 75.87
CA GLY HB 71 2.29 -11.98 75.47
C GLY HB 71 3.32 -11.29 74.62
N GLN HB 72 3.29 -9.96 74.53
CA GLN HB 72 4.35 -9.24 73.84
C GLN HB 72 5.63 -9.29 74.67
N GLU HB 73 6.74 -9.51 73.99
CA GLU HB 73 8.02 -9.62 74.68
C GLU HB 73 8.94 -8.50 74.24
N LYS HB 74 9.49 -7.82 75.22
CA LYS HB 74 10.54 -6.84 75.01
C LYS HB 74 11.86 -7.50 75.37
N ASN HB 75 12.82 -7.40 74.46
CA ASN HB 75 13.90 -8.37 74.32
C ASN HB 75 15.20 -7.58 74.26
N VAL HB 76 15.89 -7.46 75.39
CA VAL HB 76 17.08 -6.64 75.47
C VAL HB 76 18.22 -7.44 76.06
N SER HB 77 19.40 -6.83 76.06
CA SER HB 77 20.63 -7.48 76.43
C SER HB 77 21.24 -6.83 77.66
N LEU HB 78 22.21 -7.53 78.25
CA LEU HB 78 22.94 -7.03 79.41
C LEU HB 78 24.45 -7.22 79.25
N ASN HB 79 24.93 -7.38 78.02
CA ASN HB 79 26.30 -7.81 77.79
C ASN HB 79 27.30 -6.71 78.09
N ASN HB 80 28.39 -7.11 78.77
CA ASN HB 80 29.53 -6.27 79.16
C ASN HB 80 29.14 -5.08 80.02
N PHE HB 81 28.01 -5.17 80.71
CA PHE HB 81 27.50 -4.07 81.50
C PHE HB 81 27.91 -4.23 82.96
N SER HB 82 27.98 -3.09 83.65
CA SER HB 82 28.18 -3.12 85.09
C SER HB 82 26.93 -3.63 85.78
N ALA HB 83 27.12 -4.10 87.02
CA ALA HB 83 25.99 -4.45 87.87
C ALA HB 83 25.13 -3.24 88.18
N ASP HB 84 25.77 -2.06 88.23
CA ASP HB 84 25.04 -0.79 88.26
C ASP HB 84 24.12 -0.67 87.05
N GLN HB 85 24.65 -0.95 85.86
CA GLN HB 85 23.85 -0.77 84.66
C GLN HB 85 22.78 -1.85 84.55
N VAL HB 86 23.08 -3.07 85.02
CA VAL HB 86 22.08 -4.12 85.08
C VAL HB 86 20.94 -3.76 86.04
N THR HB 87 21.29 -3.20 87.20
CA THR HB 87 20.28 -2.81 88.18
C THR HB 87 19.42 -1.67 87.66
N ARG HB 88 20.05 -0.69 87.01
CA ARG HB 88 19.31 0.43 86.46
C ARG HB 88 18.40 0.01 85.31
N ALA HB 89 18.87 -0.90 84.45
CA ALA HB 89 18.04 -1.34 83.33
C ALA HB 89 16.89 -2.22 83.82
N LEU HB 90 17.13 -3.03 84.85
CA LEU HB 90 16.07 -3.87 85.40
C LEU HB 90 15.01 -3.04 86.08
N GLU HB 91 15.42 -1.98 86.78
CA GLU HB 91 14.43 -1.10 87.37
C GLU HB 91 13.72 -0.27 86.29
N ASN HB 92 14.42 0.04 85.20
CA ASN HB 92 13.82 0.76 84.08
C ASN HB 92 12.70 -0.05 83.45
N VAL HB 93 12.91 -1.35 83.26
CA VAL HB 93 11.84 -2.19 82.73
C VAL HB 93 10.75 -2.39 83.78
N LEU HB 94 11.16 -2.69 85.01
CA LEU HB 94 10.20 -2.91 86.08
C LEU HB 94 9.62 -1.58 86.55
N LYS IB 5 58.57 -66.92 3.86
CA LYS IB 5 57.34 -66.37 4.45
C LYS IB 5 56.30 -66.12 3.39
N LYS IB 6 55.03 -66.21 3.78
CA LYS IB 6 53.94 -65.96 2.83
C LYS IB 6 52.70 -65.56 3.62
N THR IB 7 52.36 -64.26 3.56
CA THR IB 7 51.05 -63.71 3.93
C THR IB 7 50.69 -64.01 5.40
N THR IB 8 51.41 -63.32 6.30
CA THR IB 8 51.29 -63.48 7.74
C THR IB 8 49.88 -63.38 8.30
N GLY IB 9 49.68 -63.89 9.52
CA GLY IB 9 48.35 -64.25 9.97
C GLY IB 9 47.46 -63.07 10.32
N LEU IB 10 48.02 -62.03 10.92
CA LEU IB 10 47.21 -60.89 11.31
C LEU IB 10 46.78 -60.10 10.08
N VAL IB 11 45.61 -59.49 10.17
CA VAL IB 11 44.94 -58.97 8.98
C VAL IB 11 45.59 -57.67 8.52
N GLY IB 12 45.57 -56.65 9.37
CA GLY IB 12 46.05 -55.34 8.95
C GLY IB 12 47.55 -55.25 8.75
N LEU IB 13 48.30 -56.23 9.23
CA LEU IB 13 49.76 -56.20 9.16
C LEU IB 13 50.19 -56.88 7.87
N ALA IB 14 50.53 -56.07 6.87
CA ALA IB 14 51.11 -56.61 5.64
C ALA IB 14 52.52 -57.10 5.90
N VAL IB 15 53.02 -57.95 5.00
CA VAL IB 15 54.30 -58.62 5.23
C VAL IB 15 55.46 -57.63 5.07
N CYS IB 16 56.62 -58.04 5.56
CA CYS IB 16 57.84 -57.27 5.40
C CYS IB 16 58.85 -58.08 4.62
N GLU IB 17 59.76 -57.37 3.94
CA GLU IB 17 60.84 -57.97 3.19
C GLU IB 17 62.19 -57.46 3.62
N THR IB 18 62.23 -56.38 4.41
CA THR IB 18 63.46 -55.79 4.93
C THR IB 18 63.36 -55.76 6.44
N PRO IB 19 63.71 -56.84 7.12
CA PRO IB 19 63.68 -56.80 8.59
C PRO IB 19 64.87 -56.03 9.14
N HIS IB 20 66.01 -56.29 8.51
CA HIS IB 20 67.31 -55.99 9.10
C HIS IB 20 67.52 -54.49 9.23
N GLU IB 21 67.58 -53.79 8.10
CA GLU IB 21 67.87 -52.36 8.10
C GLU IB 21 66.76 -51.57 8.76
N ARG IB 22 65.52 -52.06 8.68
CA ARG IB 22 64.40 -51.40 9.34
C ARG IB 22 64.59 -51.39 10.84
N LEU IB 23 64.91 -52.55 11.41
CA LEU IB 23 65.12 -52.60 12.85
C LEU IB 23 66.37 -51.84 13.27
N LYS IB 24 67.40 -51.81 12.42
CA LYS IB 24 68.61 -51.07 12.78
C LYS IB 24 68.36 -49.57 12.79
N ILE IB 25 67.66 -49.04 11.79
CA ILE IB 25 67.43 -47.59 11.78
C ILE IB 25 66.42 -47.21 12.86
N LEU IB 26 65.47 -48.10 13.18
CA LEU IB 26 64.54 -47.82 14.26
C LEU IB 26 65.26 -47.75 15.60
N TYR IB 27 66.17 -48.68 15.86
CA TYR IB 27 66.82 -48.66 17.15
C TYR IB 27 67.89 -47.59 17.26
N THR IB 28 68.52 -47.20 16.15
CA THR IB 28 69.42 -46.04 16.23
C THR IB 28 68.64 -44.76 16.48
N LYS IB 29 67.44 -44.63 15.91
CA LYS IB 29 66.64 -43.46 16.25
C LYS IB 29 66.12 -43.53 17.69
N ILE IB 30 65.88 -44.74 18.20
CA ILE IB 30 65.55 -44.92 19.62
C ILE IB 30 66.67 -44.38 20.50
N LEU IB 31 67.91 -44.79 20.20
CA LEU IB 31 69.03 -44.33 21.00
C LEU IB 31 69.27 -42.84 20.86
N ASP IB 32 68.97 -42.25 19.70
CA ASP IB 32 69.15 -40.80 19.58
C ASP IB 32 68.11 -40.03 20.38
N VAL IB 33 66.84 -40.38 20.21
CA VAL IB 33 65.77 -39.65 20.89
C VAL IB 33 65.86 -39.87 22.39
N LEU IB 34 66.30 -41.05 22.82
CA LEU IB 34 66.66 -41.23 24.22
C LEU IB 34 67.90 -40.41 24.58
N GLY IB 35 68.77 -40.16 23.60
CA GLY IB 35 69.90 -39.26 23.80
C GLY IB 35 69.51 -37.83 24.05
N HIS IB 36 68.30 -37.42 23.63
CA HIS IB 36 67.78 -36.13 24.06
C HIS IB 36 67.52 -36.11 25.57
N ILE IB 37 67.05 -37.21 26.13
CA ILE IB 37 66.71 -37.24 27.55
C ILE IB 37 67.99 -37.42 28.36
N PRO IB 38 68.20 -36.64 29.40
CA PRO IB 38 69.36 -36.85 30.26
C PRO IB 38 69.21 -38.11 31.11
N LYS IB 39 70.32 -38.48 31.76
CA LYS IB 39 70.38 -39.62 32.67
C LYS IB 39 69.99 -39.22 34.10
N ASN IB 40 69.34 -38.07 34.23
CA ASN IB 40 68.77 -37.61 35.50
C ASN IB 40 67.67 -38.53 36.03
N ALA IB 41 67.06 -39.34 35.16
CA ALA IB 41 66.19 -40.44 35.58
C ALA IB 41 66.88 -41.77 35.31
N ALA IB 42 66.40 -42.82 35.97
CA ALA IB 42 66.83 -44.17 35.67
C ALA IB 42 66.13 -44.74 34.45
N TYR IB 43 65.11 -44.04 33.96
CA TYR IB 43 64.40 -44.39 32.74
C TYR IB 43 65.33 -44.58 31.56
N ARG IB 44 66.32 -43.69 31.44
CA ARG IB 44 67.31 -43.80 30.38
C ARG IB 44 68.12 -45.07 30.50
N LYS IB 45 68.51 -45.44 31.74
CA LYS IB 45 69.24 -46.67 31.98
C LYS IB 45 68.45 -47.90 31.59
N TYR IB 46 67.18 -47.97 32.04
CA TYR IB 46 66.37 -49.15 31.77
C TYR IB 46 66.06 -49.31 30.29
N THR IB 47 65.62 -48.23 29.65
CA THR IB 47 65.28 -48.31 28.23
C THR IB 47 66.52 -48.54 27.36
N GLU IB 48 67.64 -47.90 27.72
CA GLU IB 48 68.89 -48.12 26.98
C GLU IB 48 69.36 -49.56 27.11
N GLN IB 49 69.26 -50.13 28.32
CA GLN IB 49 69.67 -51.51 28.56
C GLN IB 49 68.84 -52.47 27.73
N ILE IB 50 67.52 -52.32 27.77
CA ILE IB 50 66.68 -53.29 27.07
C ILE IB 50 66.81 -53.12 25.56
N THR IB 51 66.96 -51.88 25.07
CA THR IB 51 67.03 -51.68 23.63
C THR IB 51 68.37 -52.13 23.07
N ASN IB 52 69.47 -51.82 23.76
CA ASN IB 52 70.77 -52.26 23.26
C ASN IB 52 70.97 -53.76 23.41
N GLU IB 53 70.42 -54.39 24.46
CA GLU IB 53 70.52 -55.84 24.54
C GLU IB 53 69.69 -56.51 23.47
N LYS IB 54 68.53 -55.94 23.15
CA LYS IB 54 67.71 -56.50 22.07
C LYS IB 54 68.39 -56.33 20.72
N LEU IB 55 68.95 -55.14 20.45
CA LEU IB 55 69.63 -54.89 19.19
C LEU IB 55 70.89 -55.75 19.05
N SER IB 56 71.62 -55.93 20.15
CA SER IB 56 72.81 -56.76 20.10
C SER IB 56 72.48 -58.25 20.02
N ILE IB 57 71.29 -58.66 20.46
CA ILE IB 57 70.79 -59.98 20.10
C ILE IB 57 70.56 -60.07 18.61
N VAL IB 58 70.04 -59.00 18.01
CA VAL IB 58 69.69 -59.06 16.58
C VAL IB 58 70.95 -59.08 15.70
N LYS IB 59 71.98 -58.30 16.07
CA LYS IB 59 73.14 -58.02 15.22
C LYS IB 59 73.86 -59.29 14.76
N ALA IB 60 74.30 -60.10 15.72
CA ALA IB 60 75.09 -61.29 15.43
C ALA IB 60 74.23 -62.49 15.06
N GLU IB 61 73.02 -62.28 14.56
CA GLU IB 61 72.13 -63.36 14.12
C GLU IB 61 71.63 -63.05 12.73
N PRO IB 62 72.08 -63.77 11.70
CA PRO IB 62 71.70 -63.45 10.32
C PRO IB 62 70.40 -64.08 9.88
N ASP IB 63 69.87 -65.02 10.64
CA ASP IB 63 68.85 -65.92 10.12
C ASP IB 63 67.47 -65.27 10.14
N VAL IB 64 66.44 -66.08 9.95
CA VAL IB 64 65.06 -65.61 9.96
C VAL IB 64 64.30 -66.37 11.02
N LYS IB 65 64.26 -67.70 10.90
CA LYS IB 65 63.54 -68.50 11.89
C LYS IB 65 64.25 -68.46 13.23
N LYS IB 66 65.59 -68.54 13.22
CA LYS IB 66 66.33 -68.41 14.46
C LYS IB 66 66.23 -66.99 15.00
N LEU IB 67 66.08 -66.00 14.10
CA LEU IB 67 65.83 -64.64 14.52
C LEU IB 67 64.46 -64.46 15.14
N GLU IB 68 63.49 -65.29 14.77
CA GLU IB 68 62.19 -65.23 15.42
C GLU IB 68 62.16 -66.00 16.73
N GLU IB 69 62.74 -67.19 16.74
CA GLU IB 69 62.67 -68.04 17.92
C GLU IB 69 63.58 -67.54 19.03
N GLN IB 70 64.64 -66.83 18.67
CA GLN IB 70 65.52 -66.23 19.65
C GLN IB 70 64.94 -64.93 20.20
N LEU IB 71 64.53 -64.04 19.32
CA LEU IB 71 64.02 -62.74 19.75
C LEU IB 71 62.57 -62.88 20.16
N GLN IB 72 62.30 -62.64 21.44
CA GLN IB 72 60.98 -62.88 22.01
C GLN IB 72 60.00 -61.81 21.56
N GLY IB 73 58.75 -61.96 21.98
CA GLY IB 73 57.71 -61.02 21.59
C GLY IB 73 57.35 -61.15 20.13
N GLY IB 74 57.21 -62.38 19.65
CA GLY IB 74 57.06 -62.66 18.24
C GLY IB 74 55.74 -62.18 17.64
N GLN IB 75 55.53 -62.48 16.36
CA GLN IB 75 56.39 -63.33 15.53
C GLN IB 75 57.57 -62.61 14.89
N ILE IB 76 57.30 -61.71 13.95
CA ILE IB 76 58.37 -60.94 13.34
C ILE IB 76 58.08 -59.45 13.39
N GLU IB 77 57.03 -59.02 12.71
CA GLU IB 77 56.81 -57.62 12.43
C GLU IB 77 56.05 -56.96 13.55
N GLU IB 78 55.51 -57.75 14.48
CA GLU IB 78 54.94 -57.19 15.69
C GLU IB 78 56.02 -56.55 16.55
N VAL IB 79 57.25 -57.06 16.47
CA VAL IB 79 58.37 -56.43 17.16
C VAL IB 79 58.64 -55.06 16.56
N ILE IB 80 58.55 -54.96 15.23
CA ILE IB 80 58.76 -53.70 14.53
C ILE IB 80 57.67 -52.70 14.89
N LEU IB 81 56.43 -53.17 14.93
CA LEU IB 81 55.30 -52.34 15.32
C LEU IB 81 55.46 -51.82 16.74
N GLN IB 82 55.82 -52.71 17.66
CA GLN IB 82 55.99 -52.36 19.06
C GLN IB 82 57.15 -51.40 19.25
N ALA IB 83 58.20 -51.53 18.43
CA ALA IB 83 59.32 -50.61 18.48
C ALA IB 83 58.93 -49.24 17.97
N GLU IB 84 58.12 -49.19 16.90
CA GLU IB 84 57.61 -47.91 16.41
C GLU IB 84 56.73 -47.24 17.45
N ASN IB 85 55.97 -48.04 18.20
CA ASN IB 85 55.16 -47.51 19.29
C ASN IB 85 56.05 -46.98 20.41
N GLU IB 86 57.16 -47.66 20.68
CA GLU IB 86 58.08 -47.16 21.69
C GLU IB 86 58.76 -45.88 21.25
N LEU IB 87 59.02 -45.73 19.95
CA LEU IB 87 59.58 -44.46 19.48
C LEU IB 87 58.54 -43.36 19.57
N SER IB 88 57.26 -43.71 19.37
CA SER IB 88 56.20 -42.74 19.59
C SER IB 88 56.16 -42.29 21.05
N LEU IB 89 56.33 -43.22 21.99
CA LEU IB 89 56.39 -42.76 23.38
C LEU IB 89 57.66 -42.01 23.68
N ALA IB 90 58.75 -42.29 22.95
CA ALA IB 90 59.98 -41.53 23.16
C ALA IB 90 59.78 -40.07 22.78
N ARG IB 91 59.14 -39.84 21.62
CA ARG IB 91 58.79 -38.49 21.20
C ARG IB 91 57.84 -37.83 22.18
N LYS IB 92 56.86 -38.59 22.66
CA LYS IB 92 55.90 -38.05 23.61
C LYS IB 92 56.48 -37.89 25.01
N MET IB 93 57.61 -38.53 25.30
CA MET IB 93 58.25 -38.43 26.59
C MET IB 93 59.51 -37.60 26.58
N ILE IB 94 59.80 -36.88 25.49
CA ILE IB 94 60.53 -35.63 25.71
C ILE IB 94 59.71 -34.72 26.60
N GLN IB 95 58.42 -34.61 26.30
CA GLN IB 95 57.53 -33.75 27.07
C GLN IB 95 57.06 -34.50 28.32
N TRP IB 96 56.09 -33.89 29.01
CA TRP IB 96 55.23 -34.45 30.05
C TRP IB 96 55.95 -34.69 31.37
N LYS IB 97 57.26 -34.54 31.38
CA LYS IB 97 58.16 -34.63 32.53
C LYS IB 97 57.94 -35.86 33.41
N PRO IB 98 58.22 -37.08 32.97
CA PRO IB 98 58.09 -38.22 33.89
C PRO IB 98 59.16 -38.25 34.95
N TRP IB 99 60.32 -37.65 34.71
CA TRP IB 99 61.42 -37.71 35.66
C TRP IB 99 61.29 -36.72 36.81
N GLU IB 100 60.38 -35.74 36.71
CA GLU IB 100 60.28 -34.73 37.74
C GLU IB 100 59.77 -35.34 39.04
N PRO IB 101 60.13 -34.75 40.19
CA PRO IB 101 59.60 -35.23 41.46
C PRO IB 101 58.11 -34.97 41.62
N LEU IB 102 57.57 -35.40 42.76
CA LEU IB 102 56.16 -35.71 42.82
C LEU IB 102 55.29 -34.46 42.84
N VAL IB 103 54.08 -34.62 42.32
CA VAL IB 103 53.01 -33.66 42.51
C VAL IB 103 52.50 -33.95 43.92
N GLU IB 104 51.69 -33.03 44.45
CA GLU IB 104 51.39 -32.98 45.87
C GLU IB 104 50.58 -34.19 46.32
N GLU IB 105 50.86 -34.64 47.56
CA GLU IB 105 50.29 -35.85 48.15
C GLU IB 105 48.77 -35.72 48.31
N PRO IB 106 48.06 -36.83 48.54
CA PRO IB 106 46.64 -36.74 48.89
C PRO IB 106 46.46 -36.22 50.31
N PRO IB 107 45.21 -36.05 50.79
CA PRO IB 107 45.01 -35.85 52.22
C PRO IB 107 45.35 -37.05 53.11
N ALA IB 108 45.78 -38.18 52.53
CA ALA IB 108 46.54 -39.26 53.15
C ALA IB 108 45.74 -40.09 54.13
N SER IB 109 44.47 -39.77 54.38
CA SER IB 109 43.59 -40.65 55.13
C SER IB 109 42.91 -41.66 54.24
N GLN IB 110 43.38 -41.81 53.01
CA GLN IB 110 42.59 -42.42 51.96
C GLN IB 110 42.78 -43.93 51.87
N TRP IB 111 43.97 -44.37 51.50
CA TRP IB 111 44.07 -45.62 50.78
C TRP IB 111 43.98 -46.87 51.64
N LYS IB 112 43.82 -46.74 52.96
CA LYS IB 112 43.43 -47.89 53.73
C LYS IB 112 41.98 -48.24 53.39
N TRP IB 113 41.73 -49.54 53.23
CA TRP IB 113 40.47 -49.93 52.59
C TRP IB 113 39.22 -49.76 53.44
N PRO IB 114 39.08 -50.41 54.63
CA PRO IB 114 37.73 -50.85 55.05
C PRO IB 114 36.74 -49.78 55.46
N ILE IB 115 37.00 -48.52 55.11
CA ILE IB 115 36.17 -47.31 55.34
C ILE IB 115 35.45 -47.25 56.68
N THR JB 14 44.78 -24.72 49.13
CA THR JB 14 44.21 -25.64 48.17
C THR JB 14 43.64 -24.92 46.96
N SER JB 15 43.51 -25.64 45.84
CA SER JB 15 42.96 -25.08 44.62
C SER JB 15 42.29 -26.19 43.83
N VAL JB 16 41.57 -25.79 42.80
CA VAL JB 16 40.77 -26.71 41.98
C VAL JB 16 41.12 -26.47 40.52
N LYS JB 17 41.33 -27.54 39.75
CA LYS JB 17 41.35 -27.43 38.30
C LYS JB 17 39.98 -26.96 37.83
N PRO JB 18 39.86 -25.80 37.20
CA PRO JB 18 38.56 -25.35 36.73
C PRO JB 18 38.13 -26.16 35.52
N ILE JB 19 36.82 -26.17 35.28
CA ILE JB 19 36.29 -27.02 34.23
C ILE JB 19 36.33 -26.24 32.93
N PHE JB 20 35.55 -25.18 32.86
CA PHE JB 20 35.44 -24.35 31.66
C PHE JB 20 35.73 -22.87 31.91
N SER JB 21 35.25 -22.30 33.01
CA SER JB 21 35.30 -20.87 33.19
C SER JB 21 36.41 -20.47 34.17
N ARG JB 22 36.53 -19.17 34.38
CA ARG JB 22 37.52 -18.60 35.31
C ARG JB 22 36.89 -17.91 36.49
N ASP JB 23 35.75 -17.27 36.31
CA ASP JB 23 35.03 -16.68 37.42
C ASP JB 23 33.55 -16.81 37.09
N MET JB 24 32.70 -16.06 37.79
CA MET JB 24 31.28 -16.20 37.52
C MET JB 24 30.86 -15.55 36.21
N ASN JB 25 31.75 -14.77 35.57
CA ASN JB 25 31.34 -13.95 34.43
C ASN JB 25 31.18 -14.78 33.17
N GLU JB 26 32.16 -15.63 32.85
CA GLU JB 26 31.99 -16.50 31.68
C GLU JB 26 30.91 -17.54 31.91
N ALA JB 27 30.69 -17.91 33.17
CA ALA JB 27 29.58 -18.79 33.52
C ALA JB 27 28.25 -18.12 33.17
N LYS JB 28 28.09 -16.85 33.53
CA LYS JB 28 26.88 -16.11 33.18
C LYS JB 28 26.75 -15.93 31.67
N ARG JB 29 27.89 -15.77 30.98
CA ARG JB 29 27.86 -15.60 29.53
C ARG JB 29 27.44 -16.90 28.83
N ARG JB 30 27.98 -18.04 29.28
CA ARG JB 30 27.60 -19.32 28.72
C ARG JB 30 26.16 -19.66 29.02
N VAL JB 31 25.66 -19.30 30.20
CA VAL JB 31 24.28 -19.65 30.50
C VAL JB 31 23.32 -18.73 29.77
N ARG JB 32 23.80 -17.53 29.47
CA ARG JB 32 23.00 -16.59 28.72
C ARG JB 32 22.82 -17.20 27.34
N GLU JB 33 23.93 -17.54 26.72
CA GLU JB 33 23.92 -18.12 25.37
C GLU JB 33 23.11 -19.41 25.34
N LEU JB 34 23.19 -20.21 26.40
CA LEU JB 34 22.39 -21.43 26.47
C LEU JB 34 20.90 -21.11 26.53
N TYR JB 35 20.54 -20.04 27.24
CA TYR JB 35 19.14 -19.63 27.25
C TYR JB 35 18.68 -19.11 25.90
N ARG JB 36 19.57 -18.43 25.17
CA ARG JB 36 19.26 -18.08 23.79
C ARG JB 36 19.00 -19.31 22.94
N ALA JB 37 19.77 -20.38 23.19
CA ALA JB 37 19.60 -21.60 22.41
C ALA JB 37 18.30 -22.31 22.74
N TRP JB 38 17.92 -22.35 24.03
CA TRP JB 38 16.61 -22.89 24.36
C TRP JB 38 15.49 -22.01 23.84
N TYR JB 39 15.73 -20.71 23.71
CA TYR JB 39 14.70 -19.84 23.14
C TYR JB 39 14.47 -20.19 21.68
N ARG JB 40 15.54 -20.37 20.92
CA ARG JB 40 15.33 -20.77 19.53
C ARG JB 40 15.09 -22.28 19.39
N GLU JB 41 15.00 -23.01 20.49
CA GLU JB 41 14.68 -24.43 20.42
C GLU JB 41 13.19 -24.71 20.53
N VAL JB 42 12.44 -23.91 21.29
CA VAL JB 42 11.05 -24.23 21.63
C VAL JB 42 10.09 -24.26 20.44
N PRO JB 43 9.94 -23.23 19.59
CA PRO JB 43 8.77 -23.20 18.70
C PRO JB 43 8.81 -24.22 17.57
N ASN JB 44 9.97 -24.43 16.95
CA ASN JB 44 10.07 -25.40 15.87
C ASN JB 44 9.83 -26.82 16.38
N THR JB 45 10.39 -27.15 17.55
CA THR JB 45 10.20 -28.49 18.09
C THR JB 45 8.78 -28.71 18.61
N VAL JB 46 8.16 -27.68 19.18
CA VAL JB 46 6.79 -27.86 19.65
C VAL JB 46 5.81 -27.86 18.48
N HIS JB 47 6.21 -27.35 17.32
CA HIS JB 47 5.42 -27.67 16.14
C HIS JB 47 5.67 -29.10 15.70
N LEU JB 48 6.92 -29.55 15.75
CA LEU JB 48 7.28 -30.82 15.14
C LEU JB 48 6.71 -32.00 15.92
N PHE JB 49 6.61 -31.87 17.24
CA PHE JB 49 6.06 -32.97 18.02
C PHE JB 49 4.56 -32.84 18.22
N GLN JB 50 3.99 -31.68 17.85
CA GLN JB 50 2.57 -31.36 17.96
C GLN JB 50 2.05 -31.56 19.38
N LEU JB 51 2.58 -30.75 20.29
CA LEU JB 51 2.08 -30.72 21.65
C LEU JB 51 0.86 -29.80 21.71
N ASP JB 52 0.45 -29.46 22.93
CA ASP JB 52 -0.81 -28.77 23.15
C ASP JB 52 -0.63 -27.48 23.93
N ILE JB 53 0.57 -26.90 23.88
CA ILE JB 53 1.00 -25.85 24.79
C ILE JB 53 1.41 -24.64 23.98
N SER JB 54 0.96 -23.46 24.41
CA SER JB 54 1.33 -22.22 23.75
C SER JB 54 2.83 -21.99 23.89
N VAL JB 55 3.37 -21.26 22.92
CA VAL JB 55 4.78 -20.93 22.90
C VAL JB 55 5.14 -20.04 24.07
N LYS JB 56 4.20 -19.18 24.49
CA LYS JB 56 4.37 -18.35 25.67
C LYS JB 56 4.52 -19.19 26.92
N GLN JB 57 3.66 -20.20 27.08
CA GLN JB 57 3.69 -21.04 28.28
C GLN JB 57 4.96 -21.88 28.34
N GLY JB 58 5.37 -22.43 27.19
CA GLY JB 58 6.59 -23.21 27.15
C GLY JB 58 7.82 -22.37 27.46
N ARG JB 59 7.93 -21.21 26.80
CA ARG JB 59 9.06 -20.31 27.03
C ARG JB 59 9.07 -19.78 28.47
N ASP JB 60 7.90 -19.54 29.04
CA ASP JB 60 7.87 -19.00 30.39
C ASP JB 60 8.18 -20.06 31.42
N LYS JB 61 7.83 -21.32 31.16
CA LYS JB 61 8.30 -22.32 32.11
C LYS JB 61 9.78 -22.64 31.89
N VAL JB 62 10.30 -22.40 30.68
CA VAL JB 62 11.74 -22.52 30.46
C VAL JB 62 12.50 -21.48 31.27
N ARG JB 63 12.08 -20.22 31.18
CA ARG JB 63 12.74 -19.20 31.96
C ARG JB 63 12.41 -19.32 33.43
N GLU JB 64 11.32 -20.00 33.79
CA GLU JB 64 11.11 -20.38 35.18
C GLU JB 64 12.15 -21.39 35.64
N MET JB 65 12.48 -22.36 34.79
CA MET JB 65 13.51 -23.33 35.12
C MET JB 65 14.88 -22.68 35.24
N PHE JB 66 15.14 -21.63 34.45
CA PHE JB 66 16.34 -20.86 34.70
C PHE JB 66 16.24 -20.03 35.99
N LYS JB 67 15.03 -19.59 36.35
CA LYS JB 67 14.85 -18.92 37.64
C LYS JB 67 14.99 -19.86 38.82
N LYS JB 68 14.89 -21.16 38.60
CA LYS JB 68 14.93 -22.09 39.73
C LYS JB 68 16.31 -22.15 40.37
N ASN JB 69 17.36 -22.07 39.57
CA ASN JB 69 18.71 -22.28 40.05
C ASN JB 69 19.54 -21.01 40.05
N ALA JB 70 18.92 -19.87 40.38
CA ALA JB 70 19.59 -18.59 40.19
C ALA JB 70 20.63 -18.29 41.28
N HIS JB 71 20.49 -18.88 42.45
CA HIS JB 71 21.28 -18.49 43.61
C HIS JB 71 22.59 -19.24 43.73
N VAL JB 72 22.99 -19.97 42.70
CA VAL JB 72 24.22 -20.75 42.76
C VAL JB 72 25.41 -19.81 42.65
N THR JB 73 26.37 -19.97 43.57
CA THR JB 73 27.48 -19.05 43.74
C THR JB 73 28.83 -19.61 43.30
N ASP JB 74 28.84 -20.64 42.47
CA ASP JB 74 30.11 -21.23 42.08
C ASP JB 74 30.25 -21.28 40.57
N PRO JB 75 31.46 -21.11 40.03
CA PRO JB 75 31.64 -21.27 38.58
C PRO JB 75 31.53 -22.73 38.14
N ARG JB 76 31.97 -23.66 38.98
CA ARG JB 76 32.00 -25.07 38.59
C ARG JB 76 30.60 -25.64 38.42
N VAL JB 77 29.69 -25.33 39.34
CA VAL JB 77 28.35 -25.90 39.28
C VAL JB 77 27.57 -25.29 38.13
N VAL JB 78 27.77 -24.01 37.87
CA VAL JB 78 27.09 -23.36 36.75
C VAL JB 78 27.62 -23.88 35.42
N ASP JB 79 28.93 -24.18 35.35
CA ASP JB 79 29.46 -24.87 34.17
C ASP JB 79 28.85 -26.26 34.01
N LEU JB 80 28.65 -26.96 35.12
CA LEU JB 80 28.07 -28.30 35.03
C LEU JB 80 26.60 -28.24 34.60
N LEU JB 81 25.88 -27.21 35.04
CA LEU JB 81 24.52 -26.99 34.55
C LEU JB 81 24.50 -26.56 33.10
N VAL JB 82 25.54 -25.86 32.62
CA VAL JB 82 25.67 -25.58 31.20
C VAL JB 82 25.82 -26.88 30.43
N ILE JB 83 26.60 -27.82 30.97
CA ILE JB 83 26.73 -29.14 30.34
C ILE JB 83 25.40 -29.89 30.34
N LYS JB 84 24.67 -29.82 31.45
CA LYS JB 84 23.35 -30.45 31.56
C LYS JB 84 22.38 -29.91 30.53
N GLY JB 85 22.22 -28.59 30.49
CA GLY JB 85 21.31 -27.97 29.55
C GLY JB 85 21.75 -28.17 28.12
N LYS JB 86 23.06 -28.26 27.87
CA LYS JB 86 23.58 -28.48 26.54
C LYS JB 86 23.22 -29.87 26.04
N MET JB 87 23.41 -30.89 26.87
CA MET JB 87 23.06 -32.26 26.49
C MET JB 87 21.56 -32.41 26.28
N GLU JB 88 20.77 -31.82 27.19
CA GLU JB 88 19.31 -31.90 27.05
C GLU JB 88 18.83 -31.15 25.82
N LEU JB 89 19.48 -30.04 25.49
CA LEU JB 89 19.09 -29.28 24.31
C LEU JB 89 19.46 -30.01 23.02
N GLU JB 90 20.61 -30.69 23.01
CA GLU JB 90 20.98 -31.47 21.84
C GLU JB 90 20.02 -32.64 21.63
N GLU JB 91 19.70 -33.36 22.69
CA GLU JB 91 18.84 -34.52 22.48
C GLU JB 91 17.37 -34.17 22.40
N THR JB 92 16.99 -32.91 22.63
CA THR JB 92 15.67 -32.45 22.19
C THR JB 92 15.68 -31.82 20.81
N ILE JB 93 16.81 -31.30 20.35
CA ILE JB 93 16.82 -30.73 19.01
C ILE JB 93 16.95 -31.85 17.98
N ASN JB 94 17.45 -33.01 18.39
CA ASN JB 94 17.21 -34.20 17.58
C ASN JB 94 15.86 -34.78 17.96
N VAL JB 95 15.50 -35.90 17.36
CA VAL JB 95 14.12 -36.35 17.45
C VAL JB 95 14.13 -37.58 18.35
N TRP JB 96 15.05 -37.59 19.31
CA TRP JB 96 15.20 -38.79 20.13
C TRP JB 96 14.21 -38.78 21.28
N LYS JB 97 14.22 -37.73 22.08
CA LYS JB 97 13.38 -37.64 23.26
C LYS JB 97 11.94 -37.42 22.83
N GLN JB 98 11.09 -38.41 23.05
CA GLN JB 98 9.79 -38.46 22.40
C GLN JB 98 8.80 -37.55 23.13
N ARG JB 99 7.53 -37.65 22.73
CA ARG JB 99 6.46 -36.82 23.28
C ARG JB 99 6.29 -37.03 24.77
N THR JB 100 6.54 -38.26 25.22
CA THR JB 100 6.41 -38.60 26.64
C THR JB 100 7.37 -37.80 27.50
N HIS JB 101 8.63 -37.73 27.09
CA HIS JB 101 9.63 -37.07 27.93
C HIS JB 101 9.48 -35.55 27.90
N VAL JB 102 9.14 -35.01 26.73
CA VAL JB 102 8.96 -33.56 26.61
C VAL JB 102 7.76 -33.10 27.42
N MET JB 103 6.69 -33.90 27.41
CA MET JB 103 5.58 -33.59 28.30
C MET JB 103 5.90 -33.92 29.74
N ARG JB 104 6.85 -34.83 29.99
CA ARG JB 104 7.26 -35.16 31.33
C ARG JB 104 8.05 -34.03 31.97
N PHE JB 105 8.58 -33.10 31.15
CA PHE JB 105 9.16 -31.87 31.70
C PHE JB 105 8.15 -31.05 32.50
N PHE JB 106 6.86 -31.17 32.20
CA PHE JB 106 5.84 -30.42 32.91
C PHE JB 106 5.32 -31.26 34.07
N HIS JB 107 4.15 -30.89 34.60
CA HIS JB 107 3.46 -31.68 35.61
C HIS JB 107 1.97 -31.70 35.27
N GLU JB 108 1.55 -32.72 34.54
CA GLU JB 108 0.13 -32.97 34.30
C GLU JB 108 -0.43 -34.04 35.22
N THR JB 109 0.19 -34.22 36.38
CA THR JB 109 -0.35 -35.06 37.45
C THR JB 109 -0.44 -34.20 38.70
N GLU JB 110 -1.66 -33.81 39.06
CA GLU JB 110 -1.87 -33.07 40.28
C GLU JB 110 -1.69 -33.99 41.48
N ALA JB 111 -0.91 -33.61 42.50
CA ALA JB 111 -0.19 -32.33 42.85
C ALA JB 111 -0.85 -30.94 42.70
N PRO JB 112 -1.96 -30.66 43.40
CA PRO JB 112 -2.42 -29.28 43.50
C PRO JB 112 -2.03 -28.58 44.80
N ARG JB 113 -1.32 -29.27 45.70
CA ARG JB 113 -1.18 -28.95 47.12
C ARG JB 113 -0.69 -27.54 47.41
N PRO JB 114 -1.55 -26.68 47.93
CA PRO JB 114 -1.10 -25.36 48.36
C PRO JB 114 -0.31 -25.45 49.64
N LYS JB 115 0.45 -24.39 49.91
CA LYS JB 115 1.33 -24.31 51.05
C LYS JB 115 0.63 -23.73 52.28
N ASP JB 116 -0.69 -23.81 52.32
CA ASP JB 116 -1.44 -23.52 53.54
C ASP JB 116 -1.10 -24.54 54.61
N PHE JB 117 -0.87 -24.05 55.83
CA PHE JB 117 -0.66 -24.93 56.96
C PHE JB 117 -1.90 -25.76 57.24
N LEU JB 118 -3.07 -25.16 57.10
CA LEU JB 118 -4.30 -25.85 57.42
C LEU JB 118 -4.68 -26.87 56.35
N SER JB 119 -4.47 -26.50 55.08
CA SER JB 119 -4.78 -27.42 54.00
C SER JB 119 -3.84 -28.62 54.00
N LYS JB 120 -2.60 -28.42 54.44
CA LYS JB 120 -1.73 -29.55 54.70
C LYS JB 120 -2.07 -30.23 56.01
N PHE JB 121 -2.85 -29.58 56.87
CA PHE JB 121 -3.17 -30.19 58.16
C PHE JB 121 -4.36 -31.14 58.06
N TYR JB 122 -5.28 -30.92 57.11
CA TYR JB 122 -6.45 -31.79 57.00
C TYR JB 122 -6.06 -33.22 56.64
N VAL JB 123 -5.43 -33.39 55.48
CA VAL JB 123 -4.79 -34.65 55.13
C VAL JB 123 -3.33 -34.50 55.53
N GLY JB 124 -2.95 -35.15 56.62
CA GLY JB 124 -1.81 -34.71 57.40
C GLY JB 124 -0.58 -35.56 57.25
N HIS JB 125 0.25 -35.53 58.30
CA HIS JB 125 1.63 -36.03 58.33
C HIS JB 125 2.45 -35.44 57.19
N ASP JB 126 2.23 -34.16 56.90
CA ASP JB 126 2.97 -33.45 55.85
C ASP JB 126 3.56 -32.19 56.45
N PRO JB 127 4.68 -32.31 57.19
CA PRO JB 127 5.28 -31.13 57.84
C PRO JB 127 6.01 -30.23 56.84
N ALA KB 1 11.40 -97.01 14.24
CA ALA KB 1 11.37 -97.22 12.80
C ALA KB 1 10.05 -96.75 12.21
N SER KB 2 9.17 -97.71 11.90
CA SER KB 2 7.84 -97.49 11.32
C SER KB 2 7.93 -96.74 9.99
N ALA KB 3 8.61 -97.36 9.03
CA ALA KB 3 8.77 -96.78 7.70
C ALA KB 3 9.08 -97.89 6.72
N THR KB 4 8.63 -97.70 5.48
CA THR KB 4 8.85 -98.69 4.44
C THR KB 4 10.29 -98.63 3.92
N ARG KB 5 10.62 -99.56 3.02
CA ARG KB 5 11.98 -99.68 2.52
C ARG KB 5 12.34 -98.63 1.47
N LEU KB 6 11.37 -98.20 0.67
CA LEU KB 6 11.64 -97.21 -0.37
C LEU KB 6 12.00 -95.87 0.25
N ILE KB 7 11.24 -95.42 1.24
CA ILE KB 7 11.59 -94.16 1.87
C ILE KB 7 12.75 -94.32 2.83
N GLN KB 8 13.03 -95.54 3.27
CA GLN KB 8 14.27 -95.81 4.00
C GLN KB 8 15.47 -95.59 3.09
N GLY KB 9 15.39 -96.07 1.86
CA GLY KB 9 16.41 -95.79 0.87
C GLY KB 9 16.49 -94.32 0.49
N LEU KB 10 15.36 -93.62 0.52
CA LEU KB 10 15.37 -92.19 0.27
C LEU KB 10 16.06 -91.42 1.40
N ARG KB 11 15.79 -91.81 2.65
CA ARG KB 11 16.46 -91.16 3.77
C ARG KB 11 17.93 -91.54 3.85
N ASN KB 12 18.31 -92.66 3.26
CA ASN KB 12 19.73 -92.98 3.17
C ASN KB 12 20.40 -92.33 1.96
N TRP KB 13 19.65 -92.08 0.89
CA TRP KB 13 20.20 -91.55 -0.35
C TRP KB 13 20.36 -90.04 -0.33
N ALA KB 14 19.30 -89.32 0.07
CA ALA KB 14 19.28 -87.88 -0.05
C ALA KB 14 20.28 -87.19 0.88
N SER KB 15 20.71 -87.86 1.94
CA SER KB 15 21.83 -87.40 2.75
C SER KB 15 22.61 -88.63 3.18
N GLY KB 16 23.84 -88.76 2.68
CA GLY KB 16 24.63 -89.95 2.92
C GLY KB 16 25.35 -90.01 4.26
N ARG KB 17 24.60 -89.95 5.35
CA ARG KB 17 25.17 -90.23 6.66
C ARG KB 17 24.38 -91.29 7.41
N ASP KB 18 23.56 -92.07 6.68
CA ASP KB 18 22.85 -93.24 7.18
C ASP KB 18 21.91 -92.87 8.33
N LEU KB 19 20.83 -92.17 7.93
CA LEU KB 19 19.79 -91.69 8.84
C LEU KB 19 19.17 -92.80 9.69
N GLN KB 20 19.14 -94.04 9.17
CA GLN KB 20 18.51 -95.15 9.88
C GLN KB 20 19.18 -95.46 11.21
N ALA KB 21 20.49 -95.24 11.30
CA ALA KB 21 21.21 -95.57 12.53
C ALA KB 21 20.96 -94.53 13.63
N LYS KB 22 21.34 -93.28 13.38
CA LYS KB 22 21.40 -92.25 14.43
C LYS KB 22 20.44 -91.13 14.05
N LEU KB 23 19.22 -91.16 14.58
CA LEU KB 23 18.14 -90.32 14.06
C LEU KB 23 17.48 -89.43 15.09
N GLN KB 24 17.89 -89.50 16.36
CA GLN KB 24 17.41 -88.60 17.44
C GLN KB 24 15.91 -88.75 17.67
N LEU KB 25 15.42 -89.97 17.53
CA LEU KB 25 14.10 -90.35 18.03
C LEU KB 25 14.33 -91.66 18.79
N ARG KB 26 14.78 -91.54 20.04
CA ARG KB 26 15.22 -92.70 20.79
C ARG KB 26 14.03 -93.46 21.34
N TYR KB 27 14.14 -94.79 21.33
CA TYR KB 27 13.01 -95.66 21.60
C TYR KB 27 13.10 -96.37 22.94
N GLN KB 28 14.16 -97.14 23.17
CA GLN KB 28 14.36 -97.80 24.46
C GLN KB 28 15.75 -97.58 25.04
N GLU KB 29 16.46 -96.54 24.59
CA GLU KB 29 17.70 -96.12 25.23
C GLU KB 29 17.45 -95.36 26.53
N ILE KB 30 16.21 -94.91 26.75
CA ILE KB 30 15.85 -94.08 27.89
C ILE KB 30 16.02 -94.90 29.18
N SER KB 31 16.75 -94.34 30.13
CA SER KB 31 17.09 -95.06 31.35
C SER KB 31 15.86 -95.27 32.23
N LYS KB 32 15.81 -96.43 32.87
CA LYS KB 32 14.79 -96.67 33.88
C LYS KB 32 15.03 -95.76 35.08
N ARG KB 33 13.95 -95.20 35.59
CA ARG KB 33 14.05 -94.38 36.79
C ARG KB 33 13.86 -95.27 38.01
N THR KB 34 13.58 -94.63 39.15
CA THR KB 34 13.53 -95.25 40.48
C THR KB 34 14.82 -96.02 40.77
N GLN KB 35 15.91 -95.26 40.84
CA GLN KB 35 17.20 -95.84 41.12
C GLN KB 35 17.27 -96.34 42.56
N PRO KB 36 18.07 -97.38 42.82
CA PRO KB 36 18.32 -97.78 44.19
C PRO KB 36 19.02 -96.68 44.96
N PRO KB 37 18.76 -96.55 46.26
CA PRO KB 37 19.14 -95.34 46.98
C PRO KB 37 20.62 -95.23 47.21
N PRO KB 38 21.23 -94.10 46.86
CA PRO KB 38 22.68 -93.94 47.00
C PRO KB 38 23.14 -93.44 48.37
N LYS KB 39 24.44 -93.62 48.60
CA LYS KB 39 25.16 -92.99 49.70
C LYS KB 39 26.08 -91.92 49.15
N LEU KB 40 26.54 -91.05 50.02
CA LEU KB 40 27.35 -89.92 49.58
C LEU KB 40 28.67 -89.85 50.32
N PRO KB 41 29.77 -89.61 49.62
CA PRO KB 41 31.07 -89.57 50.28
C PRO KB 41 31.40 -88.20 50.85
N VAL KB 42 32.22 -88.21 51.89
CA VAL KB 42 32.77 -86.99 52.47
C VAL KB 42 34.28 -87.08 52.33
N GLY KB 43 34.89 -86.01 51.84
CA GLY KB 43 36.30 -86.02 51.54
C GLY KB 43 37.11 -85.65 52.77
N PRO KB 44 37.93 -84.62 52.67
CA PRO KB 44 38.83 -84.28 53.78
C PRO KB 44 38.16 -83.63 54.98
N SER KB 45 37.05 -84.20 55.45
CA SER KB 45 36.51 -83.94 56.77
C SER KB 45 35.63 -85.11 57.16
N HIS KB 46 35.10 -85.03 58.39
CA HIS KB 46 34.35 -85.99 59.20
C HIS KB 46 35.25 -87.13 59.67
N ARG KB 47 36.50 -87.20 59.19
CA ARG KB 47 37.48 -88.07 59.78
C ARG KB 47 37.82 -87.55 61.16
N LEU KB 48 37.43 -88.29 62.19
CA LEU KB 48 37.59 -87.83 63.56
C LEU KB 48 39.05 -87.87 63.99
N SER KB 49 39.26 -87.52 65.25
CA SER KB 49 40.43 -87.70 66.10
C SER KB 49 41.56 -86.72 65.80
N ASN KB 50 41.54 -86.00 64.69
CA ASN KB 50 42.57 -85.00 64.42
C ASN KB 50 42.02 -83.69 63.89
N ASN KB 51 40.84 -83.69 63.27
CA ASN KB 51 40.47 -82.69 62.27
C ASN KB 51 40.21 -81.31 62.84
N TYR KB 52 41.29 -80.67 63.29
CA TYR KB 52 41.18 -79.33 63.85
C TYR KB 52 40.86 -78.32 62.76
N TYR KB 53 39.92 -77.43 63.05
CA TYR KB 53 39.55 -76.43 62.08
C TYR KB 53 40.66 -75.40 61.88
N CYS KB 54 41.48 -75.18 62.91
CA CYS KB 54 42.60 -74.26 62.75
C CYS KB 54 43.71 -74.83 61.87
N ALA KB 55 43.70 -76.15 61.65
CA ALA KB 55 44.58 -76.72 60.63
C ALA KB 55 44.16 -76.24 59.24
N ARG KB 56 42.94 -76.57 58.83
CA ARG KB 56 42.44 -76.09 57.54
C ARG KB 56 41.77 -74.72 57.66
N ASP KB 57 42.50 -73.79 58.26
CA ASP KB 57 42.04 -72.44 58.55
C ASP KB 57 42.03 -71.64 57.24
N GLY KB 58 40.98 -71.85 56.45
CA GLY KB 58 40.97 -71.30 55.11
C GLY KB 58 40.71 -69.80 55.05
N ARG KB 59 39.67 -69.34 55.75
CA ARG KB 59 39.21 -67.96 55.62
C ARG KB 59 40.20 -66.98 56.21
N ARG KB 60 40.78 -67.30 57.36
CA ARG KB 60 41.60 -66.32 58.08
C ARG KB 60 42.98 -66.14 57.48
N GLU KB 61 43.27 -66.73 56.32
CA GLU KB 61 44.53 -66.50 55.63
C GLU KB 61 44.53 -65.20 54.85
N ALA KB 62 43.48 -64.38 54.97
CA ALA KB 62 43.40 -63.13 54.24
C ALA KB 62 44.37 -62.11 54.82
N MET KB 63 45.62 -62.17 54.36
CA MET KB 63 46.58 -61.17 54.74
C MET KB 63 46.22 -59.86 54.06
N PRO KB 64 46.54 -58.72 54.69
CA PRO KB 64 46.43 -57.46 53.97
C PRO KB 64 47.47 -57.39 52.87
N PRO KB 65 47.20 -56.64 51.79
CA PRO KB 65 48.15 -56.60 50.67
C PRO KB 65 49.40 -55.83 51.03
N SER KB 66 50.55 -56.34 50.59
CA SER KB 66 51.84 -55.74 50.92
C SER KB 66 52.14 -54.60 49.95
N ILE KB 67 52.63 -53.48 50.48
CA ILE KB 67 52.69 -52.25 49.72
C ILE KB 67 54.14 -51.85 49.50
N VAL KB 68 54.42 -51.29 48.32
CA VAL KB 68 55.63 -50.51 48.06
C VAL KB 68 55.12 -49.22 47.42
N MET KB 69 54.82 -48.21 48.26
CA MET KB 69 55.16 -46.78 48.16
C MET KB 69 54.27 -45.99 49.11
N SER KB 70 54.56 -44.71 49.27
CA SER KB 70 53.58 -43.64 49.38
C SER KB 70 53.97 -42.57 48.37
N SER KB 71 55.18 -42.05 48.59
CA SER KB 71 55.62 -40.78 48.03
C SER KB 71 57.14 -40.75 47.85
N SER KB 89 75.02 -53.36 36.15
CA SER KB 89 74.92 -53.28 37.60
C SER KB 89 73.52 -53.65 38.06
N GLU KB 90 72.51 -53.05 37.41
CA GLU KB 90 71.12 -53.31 37.71
C GLU KB 90 70.55 -54.20 36.61
N LYS KB 91 70.74 -55.51 36.75
CA LYS KB 91 70.16 -56.46 35.82
C LYS KB 91 68.67 -56.54 36.08
N LYS KB 92 67.93 -55.66 35.42
CA LYS KB 92 66.57 -55.32 35.79
C LYS KB 92 65.81 -55.03 34.50
N ALA KB 93 64.70 -54.29 34.65
CA ALA KB 93 63.69 -54.07 33.61
C ALA KB 93 63.09 -55.39 33.15
N VAL KB 94 62.62 -56.16 34.14
CA VAL KB 94 61.95 -57.41 33.84
C VAL KB 94 60.49 -57.15 33.51
N SER KB 95 59.90 -58.08 32.77
CA SER KB 95 58.48 -58.09 32.49
C SER KB 95 57.76 -58.64 33.72
N PRO KB 96 56.44 -58.51 33.80
CA PRO KB 96 55.70 -59.18 34.89
C PRO KB 96 55.75 -60.70 34.79
N ALA KB 97 56.03 -61.25 33.62
CA ALA KB 97 56.16 -62.69 33.44
C ALA KB 97 57.14 -62.93 32.31
N PRO KB 98 57.77 -64.09 32.26
CA PRO KB 98 58.54 -64.47 31.07
C PRO KB 98 57.65 -64.56 29.85
N PRO KB 99 58.21 -64.42 28.65
CA PRO KB 99 57.37 -64.37 27.44
C PRO KB 99 56.68 -65.69 27.19
N ILE KB 100 55.43 -65.60 26.75
CA ILE KB 100 54.62 -66.79 26.56
C ILE KB 100 55.07 -67.49 25.29
N LYS KB 101 55.24 -68.81 25.38
CA LYS KB 101 55.70 -69.61 24.26
C LYS KB 101 54.70 -69.59 23.14
N ARG KB 102 55.19 -69.37 21.92
CA ARG KB 102 54.36 -69.48 20.73
C ARG KB 102 53.86 -70.91 20.60
N TRP KB 103 52.65 -71.05 20.09
CA TRP KB 103 51.93 -72.31 20.16
C TRP KB 103 52.41 -73.28 19.09
N GLU KB 104 51.62 -74.31 18.87
CA GLU KB 104 51.99 -75.46 18.06
C GLU KB 104 50.91 -75.70 17.02
N LEU KB 105 51.31 -76.12 15.83
CA LEU KB 105 50.35 -76.67 14.89
C LEU KB 105 49.84 -77.99 15.44
N SER KB 106 48.53 -78.06 15.69
CA SER KB 106 47.96 -79.25 16.32
C SER KB 106 48.01 -80.43 15.37
N GLN KB 107 48.54 -81.55 15.84
CA GLN KB 107 48.78 -82.69 14.99
C GLN KB 107 47.48 -83.37 14.57
N ASP KB 108 46.42 -83.20 15.35
CA ASP KB 108 45.11 -83.70 14.95
C ASP KB 108 44.54 -82.83 13.84
N GLU KB 109 44.86 -83.19 12.60
CA GLU KB 109 44.54 -82.47 11.36
C GLU KB 109 44.98 -81.02 11.42
N PRO KB 110 46.27 -80.73 11.22
CA PRO KB 110 46.73 -79.33 11.16
C PRO KB 110 46.25 -78.60 9.92
N TYR KB 111 46.60 -77.33 9.81
CA TYR KB 111 46.27 -76.53 8.64
C TYR KB 111 47.42 -75.56 8.38
N LEU KB 112 48.34 -75.93 7.49
CA LEU KB 112 48.32 -77.20 6.79
C LEU KB 112 49.63 -77.93 7.02
N LEU LB 7 -0.37 -100.02 4.36
CA LEU LB 7 -0.69 -101.33 3.79
C LEU LB 7 -1.49 -102.16 4.78
N LYS LB 8 -1.20 -102.00 6.05
CA LYS LB 8 -1.84 -102.78 7.09
C LYS LB 8 -2.35 -101.93 8.24
N ARG LB 9 -1.59 -100.89 8.63
CA ARG LB 9 -1.93 -100.13 9.84
C ARG LB 9 -3.13 -99.21 9.61
N GLY LB 10 -3.29 -98.68 8.41
CA GLY LB 10 -4.37 -97.76 8.10
C GLY LB 10 -5.71 -98.40 7.83
N LEU LB 11 -5.79 -99.73 7.91
CA LEU LB 11 -7.05 -100.45 7.73
C LEU LB 11 -7.45 -101.27 8.95
N GLN LB 12 -6.48 -101.74 9.73
CA GLN LB 12 -6.77 -102.45 10.97
C GLN LB 12 -6.66 -101.53 12.17
N GLN LB 13 -7.15 -100.31 12.02
CA GLN LB 13 -7.13 -99.32 13.09
C GLN LB 13 -8.51 -98.87 13.51
N VAL LB 14 -9.44 -98.76 12.55
CA VAL LB 14 -10.84 -98.48 12.89
C VAL LB 14 -11.45 -99.63 13.67
N SER LB 15 -11.30 -100.85 13.14
CA SER LB 15 -11.70 -102.04 13.88
C SER LB 15 -10.86 -102.20 15.13
N GLY LB 16 -9.58 -101.83 15.07
CA GLY LB 16 -8.73 -101.81 16.24
C GLY LB 16 -9.11 -100.75 17.25
N HIS LB 17 -9.91 -99.77 16.84
CA HIS LB 17 -10.45 -98.80 17.77
C HIS LB 17 -11.78 -99.24 18.37
N GLY LB 18 -12.44 -100.20 17.74
CA GLY LB 18 -13.72 -100.70 18.19
C GLY LB 18 -14.87 -100.36 17.28
N GLY LB 19 -14.71 -99.40 16.39
CA GLY LB 19 -15.77 -99.02 15.48
C GLY LB 19 -15.59 -97.59 15.00
N LEU LB 20 -16.32 -97.28 13.93
CA LEU LB 20 -16.21 -95.97 13.31
C LEU LB 20 -16.87 -94.88 14.16
N ARG LB 21 -17.69 -95.26 15.13
CA ARG LB 21 -18.19 -94.29 16.11
C ARG LB 21 -17.03 -93.70 16.92
N GLY LB 22 -16.16 -94.56 17.42
CA GLY LB 22 -15.04 -94.07 18.22
C GLY LB 22 -13.95 -93.45 17.41
N TYR LB 23 -13.71 -93.97 16.20
CA TYR LB 23 -12.65 -93.44 15.36
C TYR LB 23 -12.95 -92.03 14.89
N LEU LB 24 -14.22 -91.76 14.56
CA LEU LB 24 -14.66 -90.39 14.37
C LEU LB 24 -14.51 -89.59 15.66
N ARG LB 25 -14.85 -90.21 16.79
CA ARG LB 25 -14.77 -89.52 18.08
C ARG LB 25 -13.34 -89.21 18.47
N VAL LB 26 -12.42 -90.16 18.26
CA VAL LB 26 -11.07 -89.96 18.77
C VAL LB 26 -10.27 -88.98 17.91
N LEU LB 27 -10.51 -88.93 16.60
CA LEU LB 27 -9.72 -88.07 15.74
C LEU LB 27 -10.37 -86.71 15.58
N PHE LB 28 -11.69 -86.66 15.46
CA PHE LB 28 -12.37 -85.38 15.48
C PHE LB 28 -12.42 -84.77 16.87
N ARG LB 29 -12.12 -85.55 17.93
CA ARG LB 29 -12.08 -85.05 19.29
C ARG LB 29 -11.01 -83.99 19.44
N ALA LB 30 -9.74 -84.38 19.40
CA ALA LB 30 -8.74 -83.40 19.01
C ALA LB 30 -7.78 -83.90 17.94
N ASN LB 31 -6.98 -84.94 18.26
CA ASN LB 31 -5.75 -85.07 17.50
C ASN LB 31 -5.33 -86.44 16.99
N ASP LB 32 -5.45 -87.49 17.80
CA ASP LB 32 -4.55 -88.63 17.63
C ASP LB 32 -5.27 -89.96 17.62
N VAL LB 33 -4.67 -90.93 16.92
CA VAL LB 33 -5.25 -92.24 16.66
C VAL LB 33 -4.29 -93.38 16.98
N ARG LB 34 -3.37 -93.17 17.93
CA ARG LB 34 -2.34 -94.16 18.22
C ARG LB 34 -2.76 -95.16 19.29
N VAL LB 35 -4.02 -95.56 19.29
CA VAL LB 35 -4.61 -96.32 20.38
C VAL LB 35 -4.02 -97.73 20.43
N GLY LB 36 -4.16 -98.38 21.58
CA GLY LB 36 -4.02 -99.82 21.59
C GLY LB 36 -3.41 -100.53 22.79
N THR LB 37 -3.00 -99.81 23.83
CA THR LB 37 -2.17 -100.44 24.86
C THR LB 37 -2.82 -100.60 26.23
N LEU LB 38 -3.84 -99.79 26.56
CA LEU LB 38 -4.83 -100.11 27.60
C LEU LB 38 -4.22 -100.29 28.99
N VAL LB 39 -3.61 -99.23 29.51
CA VAL LB 39 -2.97 -99.36 30.82
C VAL LB 39 -3.99 -99.24 31.93
N GLY LB 40 -4.71 -98.13 31.99
CA GLY LB 40 -5.63 -98.00 33.09
C GLY LB 40 -6.63 -96.90 32.83
N GLU LB 41 -7.45 -96.65 33.85
CA GLU LB 41 -8.41 -95.57 33.83
C GLU LB 41 -8.69 -95.19 35.27
N ASP LB 42 -9.06 -93.94 35.47
CA ASP LB 42 -9.21 -93.45 36.81
C ASP LB 42 -10.42 -92.52 36.88
N LYS LB 43 -10.63 -91.98 38.07
CA LYS LB 43 -11.84 -91.28 38.47
C LYS LB 43 -12.06 -90.05 37.62
N TYR LB 44 -13.34 -89.66 37.50
CA TYR LB 44 -13.86 -88.76 36.47
C TYR LB 44 -13.59 -89.32 35.07
N GLY LB 45 -13.59 -90.65 34.96
CA GLY LB 45 -13.69 -91.34 33.69
C GLY LB 45 -12.42 -91.44 32.85
N ASN LB 46 -11.34 -90.80 33.23
CA ASN LB 46 -10.26 -90.59 32.27
C ASN LB 46 -9.45 -91.85 32.02
N LYS LB 47 -8.90 -91.96 30.82
CA LYS LB 47 -8.19 -93.17 30.41
C LYS LB 47 -6.69 -92.88 30.27
N TYR LB 48 -5.87 -93.91 30.45
CA TYR LB 48 -4.43 -93.73 30.46
C TYR LB 48 -3.78 -94.86 29.69
N TYR LB 49 -3.00 -94.50 28.67
CA TYR LB 49 -2.38 -95.45 27.77
C TYR LB 49 -0.87 -95.24 27.78
N GLU LB 50 -0.10 -96.33 27.72
CA GLU LB 50 1.36 -96.25 27.57
C GLU LB 50 1.85 -97.19 26.50
N ASP LB 51 2.40 -96.63 25.43
CA ASP LB 51 2.99 -97.38 24.34
C ASP LB 51 4.44 -97.70 24.64
N ASN LB 52 4.94 -98.75 23.98
CA ASN LB 52 6.33 -99.18 24.08
C ASN LB 52 6.94 -99.31 22.69
N LYS LB 53 6.42 -98.53 21.74
CA LYS LB 53 6.78 -98.67 20.34
C LYS LB 53 7.37 -97.38 19.77
N GLN LB 54 6.75 -96.23 20.05
CA GLN LB 54 7.26 -94.95 19.56
C GLN LB 54 8.39 -94.45 20.47
N PHE LB 55 8.70 -93.18 20.32
CA PHE LB 55 9.86 -92.58 20.94
C PHE LB 55 9.49 -91.93 22.27
N PHE LB 56 10.45 -91.26 22.89
CA PHE LB 56 10.29 -90.72 24.24
C PHE LB 56 9.46 -89.45 24.22
N GLY LB 57 8.57 -89.33 25.19
CA GLY LB 57 7.59 -88.27 25.22
C GLY LB 57 6.28 -88.65 24.55
N ARG LB 58 6.33 -89.61 23.63
CA ARG LB 58 5.13 -90.28 23.13
C ARG LB 58 5.03 -91.69 23.68
N HIS LB 59 5.55 -91.91 24.89
CA HIS LB 59 5.21 -93.12 25.62
C HIS LB 59 3.75 -93.08 26.07
N ARG LB 60 3.37 -92.02 26.77
CA ARG LB 60 2.23 -92.03 27.67
C ARG LB 60 1.24 -90.94 27.29
N TRP LB 61 -0.05 -91.23 27.42
CA TRP LB 61 -1.05 -90.19 27.23
C TRP LB 61 -2.33 -90.45 27.98
N VAL LB 62 -2.87 -89.38 28.53
CA VAL LB 62 -4.23 -89.33 29.03
C VAL LB 62 -5.18 -89.17 27.86
N ILE LB 63 -6.38 -89.70 27.99
CA ILE LB 63 -7.51 -89.31 27.16
C ILE LB 63 -8.64 -88.94 28.08
N TYR LB 64 -9.07 -87.68 28.01
CA TYR LB 64 -10.06 -87.16 28.93
C TYR LB 64 -11.46 -87.59 28.54
N THR LB 65 -12.39 -87.43 29.48
CA THR LB 65 -13.78 -87.71 29.24
C THR LB 65 -14.61 -86.45 29.46
N THR LB 66 -15.92 -86.63 29.32
CA THR LB 66 -16.86 -85.52 29.31
C THR LB 66 -17.55 -85.41 30.65
N GLU LB 67 -18.01 -84.18 30.98
CA GLU LB 67 -19.01 -83.93 32.01
C GLU LB 67 -18.54 -84.35 33.40
N MET LB 68 -17.34 -83.93 33.77
CA MET LB 68 -16.73 -84.46 34.98
C MET LB 68 -16.92 -83.59 36.21
N ASN LB 69 -17.24 -82.32 36.07
CA ASN LB 69 -17.62 -81.50 37.21
C ASN LB 69 -18.75 -80.55 36.82
N GLY LB 70 -19.78 -81.10 36.17
CA GLY LB 70 -20.85 -80.31 35.63
C GLY LB 70 -20.39 -79.40 34.50
N LYS LB 71 -19.61 -79.94 33.56
CA LYS LB 71 -18.82 -79.11 32.68
C LYS LB 71 -19.06 -79.30 31.20
N ASN LB 72 -19.49 -80.49 30.76
CA ASN LB 72 -19.69 -80.82 29.34
C ASN LB 72 -18.40 -80.60 28.55
N THR LB 73 -17.36 -81.31 28.96
CA THR LB 73 -16.00 -81.12 28.44
C THR LB 73 -15.64 -82.15 27.38
N PHE LB 74 -16.59 -82.47 26.50
CA PHE LB 74 -16.26 -83.20 25.29
C PHE LB 74 -15.28 -82.40 24.43
N TRP LB 75 -15.53 -81.11 24.27
CA TRP LB 75 -14.58 -80.19 23.66
C TRP LB 75 -13.66 -79.68 24.76
N ASP LB 76 -12.83 -78.67 24.44
CA ASP LB 76 -11.99 -77.82 25.31
C ASP LB 76 -11.40 -78.44 26.58
N VAL LB 77 -10.60 -79.50 26.42
CA VAL LB 77 -10.06 -80.19 27.59
C VAL LB 77 -9.01 -79.31 28.26
N ASP LB 78 -8.91 -79.43 29.58
CA ASP LB 78 -8.02 -78.60 30.37
C ASP LB 78 -6.74 -79.35 30.69
N GLY LB 79 -5.75 -78.59 31.12
CA GLY LB 79 -4.68 -79.15 31.91
C GLY LB 79 -5.12 -79.25 33.35
N SER LB 80 -4.60 -80.27 34.04
CA SER LB 80 -5.00 -80.65 35.39
C SER LB 80 -6.50 -80.88 35.49
N MET LB 81 -7.03 -81.67 34.57
CA MET LB 81 -8.20 -82.46 34.87
C MET LB 81 -7.82 -83.78 35.49
N VAL LB 82 -6.53 -84.01 35.69
CA VAL LB 82 -5.95 -85.30 36.05
C VAL LB 82 -5.77 -85.41 37.55
N PRO LB 83 -5.97 -86.59 38.12
CA PRO LB 83 -5.61 -86.81 39.51
C PRO LB 83 -4.11 -86.84 39.67
N PRO LB 84 -3.58 -86.59 40.88
CA PRO LB 84 -2.14 -86.33 41.00
C PRO LB 84 -1.26 -87.54 40.79
N GLU LB 85 -1.71 -88.76 41.09
CA GLU LB 85 -0.86 -89.93 40.90
C GLU LB 85 -0.59 -90.20 39.43
N TRP LB 86 -1.58 -89.94 38.58
CA TRP LB 86 -1.32 -90.03 37.16
C TRP LB 86 -0.55 -88.84 36.65
N HIS LB 87 -0.56 -87.72 37.39
CA HIS LB 87 0.30 -86.61 37.04
C HIS LB 87 1.75 -86.92 37.35
N ARG LB 88 2.00 -87.75 38.36
CA ARG LB 88 3.35 -88.29 38.56
C ARG LB 88 3.72 -89.24 37.45
N TRP LB 89 2.75 -90.05 37.02
CA TRP LB 89 3.03 -91.05 36.00
C TRP LB 89 3.30 -90.44 34.65
N LEU LB 90 2.60 -89.36 34.33
CA LEU LB 90 2.46 -88.90 32.95
C LEU LB 90 3.63 -88.04 32.50
N HIS LB 91 4.30 -87.37 33.42
CA HIS LB 91 5.47 -86.57 33.09
C HIS LB 91 6.75 -87.38 33.05
N CYS LB 92 6.64 -88.71 33.20
CA CYS LB 92 7.77 -89.63 33.27
C CYS LB 92 8.74 -89.26 34.39
N MET LB 93 8.19 -88.82 35.53
CA MET LB 93 8.97 -88.74 36.75
C MET LB 93 9.26 -90.12 37.30
N THR LB 94 8.44 -91.10 36.95
CA THR LB 94 8.75 -92.51 37.17
C THR LB 94 8.40 -93.28 35.91
N ASP LB 95 9.01 -94.45 35.78
CA ASP LB 95 8.69 -95.38 34.71
C ASP LB 95 7.63 -96.39 35.12
N ASP LB 96 6.93 -96.13 36.22
CA ASP LB 96 6.02 -97.09 36.78
C ASP LB 96 4.61 -96.51 36.91
N PRO LB 97 3.58 -97.30 36.65
CA PRO LB 97 2.22 -96.79 36.75
C PRO LB 97 1.84 -96.56 38.19
N PRO LB 98 0.83 -95.73 38.46
CA PRO LB 98 0.44 -95.47 39.85
C PRO LB 98 -0.51 -96.50 40.40
N THR LB 99 -0.53 -97.70 39.82
CA THR LB 99 -1.24 -98.83 40.38
C THR LB 99 -0.41 -99.60 41.40
N VAL LB 100 0.85 -99.21 41.62
CA VAL LB 100 1.69 -99.91 42.58
C VAL LB 100 1.33 -99.51 44.00
N LYS LB 101 1.57 -98.26 44.37
CA LYS LB 101 1.04 -97.70 45.60
C LYS LB 101 0.66 -96.24 45.36
N PRO LB 102 -0.59 -96.01 44.95
CA PRO LB 102 -1.09 -94.63 44.84
C PRO LB 102 -1.22 -93.93 46.18
N PRO LB 103 -1.97 -94.48 47.20
CA PRO LB 103 -2.56 -93.54 48.17
C PRO LB 103 -1.59 -93.17 49.27
N THR LB 104 -2.14 -92.47 50.26
CA THR LB 104 -1.57 -92.42 51.58
C THR LB 104 -2.72 -92.36 52.57
N ALA LB 105 -2.50 -92.94 53.74
CA ALA LB 105 -3.53 -93.03 54.78
C ALA LB 105 -3.49 -91.79 55.67
N ARG LB 106 -3.74 -90.65 55.03
CA ARG LB 106 -3.74 -89.35 55.68
C ARG LB 106 -5.10 -88.73 55.41
N LYS LB 107 -5.73 -88.17 56.43
CA LYS LB 107 -7.08 -87.65 56.26
C LYS LB 107 -7.03 -86.13 56.07
N PHE LB 108 -6.43 -85.71 54.97
CA PHE LB 108 -6.61 -84.32 54.54
C PHE LB 108 -6.61 -84.13 53.02
N ILE LB 109 -6.54 -85.17 52.20
CA ILE LB 109 -6.38 -85.02 50.77
C ILE LB 109 -7.76 -84.99 50.12
N TRP LB 110 -7.97 -84.06 49.20
CA TRP LB 110 -9.16 -84.06 48.36
C TRP LB 110 -9.23 -85.34 47.53
N THR LB 111 -10.44 -85.88 47.40
CA THR LB 111 -10.73 -86.87 46.37
C THR LB 111 -11.50 -86.26 45.21
N ASN LB 112 -11.75 -84.96 45.24
CA ASN LB 112 -12.58 -84.29 44.26
C ASN LB 112 -11.77 -83.67 43.14
N HIS LB 113 -10.58 -83.12 43.46
CA HIS LB 113 -9.65 -82.49 42.53
C HIS LB 113 -10.31 -81.33 41.78
N LYS LB 114 -10.63 -80.30 42.55
CA LYS LB 114 -11.22 -79.09 42.00
C LYS LB 114 -10.20 -78.43 41.08
N PHE LB 115 -10.45 -78.52 39.78
CA PHE LB 115 -9.48 -78.26 38.73
C PHE LB 115 -9.30 -76.77 38.49
N ASN LB 116 -8.72 -76.41 37.35
CA ASN LB 116 -8.47 -75.01 37.00
C ASN LB 116 -9.78 -74.23 36.96
N LEU LB 117 -9.84 -73.19 37.79
CA LEU LB 117 -11.10 -72.52 38.12
C LEU LB 117 -11.04 -71.01 37.98
N SER LB 118 -10.00 -70.45 37.36
CA SER LB 118 -9.89 -69.00 37.25
C SER LB 118 -10.92 -68.45 36.28
N GLY LB 119 -11.63 -67.40 36.72
CA GLY LB 119 -12.62 -66.78 35.86
C GLY LB 119 -13.97 -67.47 35.84
N THR LB 120 -14.38 -68.05 36.94
CA THR LB 120 -15.61 -68.82 37.11
C THR LB 120 -16.42 -68.13 38.19
N PRO LB 121 -17.59 -68.64 38.62
CA PRO LB 121 -18.12 -68.19 39.92
C PRO LB 121 -17.30 -68.63 41.13
N GLN LB 122 -16.29 -69.48 40.96
CA GLN LB 122 -15.51 -70.01 42.09
C GLN LB 122 -14.03 -69.87 41.78
N GLN LB 123 -13.38 -68.79 42.22
CA GLN LB 123 -11.92 -68.80 42.19
C GLN LB 123 -11.37 -67.98 43.35
N TYR LB 124 -10.07 -68.11 43.53
CA TYR LB 124 -9.39 -67.60 44.72
C TYR LB 124 -9.33 -66.08 44.72
N VAL LB 125 -9.49 -65.50 45.91
CA VAL LB 125 -9.39 -64.06 46.12
C VAL LB 125 -8.52 -63.79 47.34
N PRO LB 126 -7.75 -62.70 47.35
CA PRO LB 126 -6.84 -62.47 48.46
C PRO LB 126 -7.46 -61.67 49.60
N TYR LB 127 -6.96 -61.96 50.81
CA TYR LB 127 -7.41 -61.27 52.01
C TYR LB 127 -6.37 -61.47 53.10
N SER LB 128 -6.22 -60.47 53.95
CA SER LB 128 -5.24 -60.53 55.03
C SER LB 128 -5.78 -61.37 56.17
N THR LB 129 -5.10 -62.46 56.48
CA THR LB 129 -5.58 -63.40 57.50
C THR LB 129 -5.00 -63.00 58.85
N THR LB 130 -5.49 -61.88 59.36
CA THR LB 130 -5.04 -61.37 60.64
C THR LB 130 -6.23 -60.75 61.35
N ARG LB 131 -6.27 -60.88 62.68
CA ARG LB 131 -7.32 -60.24 63.47
C ARG LB 131 -7.04 -58.75 63.69
N LYS LB 132 -7.76 -58.16 64.65
CA LYS LB 132 -7.87 -56.72 64.83
C LYS LB 132 -6.51 -56.06 65.07
N LYS LB 133 -6.35 -54.85 64.55
CA LYS LB 133 -5.05 -54.19 64.52
C LYS LB 133 -4.82 -53.30 65.72
N ILE LB 134 -5.66 -52.29 65.91
CA ILE LB 134 -5.39 -51.24 66.90
C ILE LB 134 -6.49 -51.07 67.95
N GLN LB 135 -7.73 -51.53 67.68
CA GLN LB 135 -8.81 -51.60 68.67
C GLN LB 135 -9.16 -50.23 69.26
N GLU LB 136 -9.88 -49.40 68.49
CA GLU LB 136 -10.22 -48.04 68.91
C GLU LB 136 -11.00 -47.99 70.21
N TRP LB 137 -10.86 -46.85 70.90
CA TRP LB 137 -11.60 -46.58 72.14
C TRP LB 137 -13.07 -46.37 71.82
N VAL LB 138 -13.93 -47.28 72.26
CA VAL LB 138 -15.37 -47.12 72.01
C VAL LB 138 -15.91 -46.04 72.94
N PRO LB 139 -16.61 -45.02 72.43
CA PRO LB 139 -17.20 -44.02 73.31
C PRO LB 139 -18.34 -44.62 74.12
N PRO LB 140 -18.60 -44.10 75.31
CA PRO LB 140 -19.48 -44.81 76.26
C PRO LB 140 -20.94 -44.79 75.85
N SER LB 141 -21.74 -45.55 76.60
CA SER LB 141 -23.15 -45.73 76.28
C SER LB 141 -24.02 -44.62 76.87
N THR LB 142 -23.98 -44.47 78.19
CA THR LB 142 -24.88 -43.53 78.86
C THR LB 142 -24.46 -42.09 78.59
N PRO LB 143 -25.37 -41.25 78.11
CA PRO LB 143 -25.00 -39.88 77.75
C PRO LB 143 -24.89 -39.01 78.99
N TYR LB 144 -23.76 -38.33 79.13
CA TYR LB 144 -23.63 -37.32 80.16
C TYR LB 144 -24.45 -36.10 79.77
N LYS LB 145 -25.10 -35.50 80.76
CA LYS LB 145 -25.93 -34.30 80.63
C LYS LB 145 -27.05 -34.47 79.61
N PRO MB 5 17.13 3.82 0.98
CA PRO MB 5 15.90 3.57 1.74
C PRO MB 5 16.18 3.10 3.16
N LEU MB 6 17.11 2.15 3.28
CA LEU MB 6 17.46 1.56 4.58
C LEU MB 6 18.32 2.57 5.34
N THR MB 7 17.63 3.51 5.97
CA THR MB 7 18.25 4.67 6.60
C THR MB 7 18.11 4.61 8.11
N LEU MB 8 18.72 5.59 8.79
CA LEU MB 8 18.93 5.54 10.22
C LEU MB 8 17.62 5.73 10.99
N GLU MB 9 16.80 6.69 10.56
CA GLU MB 9 15.58 7.00 11.28
C GLU MB 9 14.53 5.90 11.13
N GLY MB 10 14.49 5.22 10.00
CA GLY MB 10 13.58 4.10 9.85
C GLY MB 10 13.98 2.92 10.71
N ILE MB 11 15.29 2.71 10.88
CA ILE MB 11 15.77 1.68 11.80
C ILE MB 11 15.39 2.02 13.23
N LYS MB 12 15.53 3.30 13.61
CA LYS MB 12 15.06 3.77 14.91
C LYS MB 12 13.58 3.52 15.09
N ASP MB 13 12.78 3.80 14.04
CA ASP MB 13 11.33 3.64 14.12
C ASP MB 13 10.93 2.17 14.26
N ARG MB 14 11.61 1.28 13.53
CA ARG MB 14 11.21 -0.12 13.58
C ARG MB 14 11.65 -0.79 14.88
N VAL MB 15 12.82 -0.41 15.42
CA VAL MB 15 13.19 -0.84 16.77
C VAL MB 15 12.18 -0.29 17.79
N LEU MB 16 11.70 0.92 17.55
CA LEU MB 16 10.74 1.54 18.46
C LEU MB 16 9.42 0.78 18.48
N TYR MB 17 8.89 0.43 17.32
CA TYR MB 17 7.59 -0.23 17.40
C TYR MB 17 7.71 -1.73 17.67
N VAL MB 18 8.89 -2.35 17.51
CA VAL MB 18 8.96 -3.72 18.02
C VAL MB 18 9.19 -3.72 19.54
N LEU MB 19 9.78 -2.67 20.11
CA LEU MB 19 9.75 -2.52 21.56
C LEU MB 19 8.34 -2.25 22.07
N LYS MB 20 7.55 -1.50 21.28
CA LYS MB 20 6.13 -1.35 21.59
C LYS MB 20 5.42 -2.69 21.52
N LEU MB 21 5.73 -3.49 20.50
CA LEU MB 21 5.04 -4.74 20.26
C LEU MB 21 5.38 -5.80 21.30
N TYR MB 22 6.58 -5.71 21.88
CA TYR MB 22 6.94 -6.55 23.02
C TYR MB 22 6.05 -6.22 24.21
N ASP MB 23 5.54 -7.27 24.87
CA ASP MB 23 4.43 -7.09 25.80
C ASP MB 23 4.81 -7.11 27.27
N LYS MB 24 5.97 -7.68 27.62
CA LYS MB 24 6.30 -7.83 29.04
C LYS MB 24 6.69 -6.53 29.72
N ILE MB 25 6.90 -5.46 28.96
CA ILE MB 25 7.14 -4.14 29.53
C ILE MB 25 5.78 -3.45 29.74
N ASP MB 26 5.44 -3.20 30.99
CA ASP MB 26 4.15 -2.63 31.37
C ASP MB 26 4.41 -1.47 32.32
N PRO MB 27 4.10 -0.22 31.93
CA PRO MB 27 3.49 0.26 30.68
C PRO MB 27 4.47 0.34 29.52
N GLU MB 28 4.13 1.14 28.51
CA GLU MB 28 5.08 1.45 27.44
C GLU MB 28 6.31 2.12 28.02
N LYS MB 29 6.13 3.29 28.63
CA LYS MB 29 7.10 3.95 29.52
C LYS MB 29 8.42 4.18 28.79
N LEU MB 30 8.33 5.00 27.74
CA LEU MB 30 9.29 5.00 26.66
C LEU MB 30 10.43 5.95 26.97
N SER MB 31 11.66 5.44 26.87
CA SER MB 31 12.86 6.25 27.03
C SER MB 31 13.97 5.64 26.19
N VAL MB 32 14.64 6.50 25.42
CA VAL MB 32 15.68 6.03 24.50
C VAL MB 32 17.05 5.97 25.18
N ASN MB 33 17.33 6.88 26.11
CA ASN MB 33 18.57 6.85 26.90
C ASN MB 33 18.29 6.31 28.30
N SER MB 34 17.51 5.24 28.34
CA SER MB 34 16.80 4.83 29.55
C SER MB 34 17.74 4.27 30.61
N HIS MB 35 18.69 3.41 30.20
CA HIS MB 35 19.33 2.42 31.07
C HIS MB 35 18.25 1.65 31.82
N PHE MB 36 17.40 0.97 31.03
CA PHE MB 36 16.11 0.45 31.48
C PHE MB 36 16.22 -0.75 32.39
N MET MB 37 17.43 -1.21 32.71
CA MET MB 37 17.65 -2.30 33.65
C MET MB 37 17.15 -1.92 35.04
N LYS MB 38 17.79 -0.91 35.63
CA LYS MB 38 17.48 -0.53 37.01
C LYS MB 38 16.29 0.40 37.07
N ASP MB 39 16.23 1.35 36.14
CA ASP MB 39 15.21 2.40 36.18
C ASP MB 39 13.85 1.89 35.73
N LEU MB 40 13.82 0.99 34.75
CA LEU MB 40 12.58 0.50 34.19
C LEU MB 40 12.35 -0.97 34.50
N GLY MB 41 13.19 -1.57 35.34
CA GLY MB 41 12.92 -2.87 35.92
C GLY MB 41 13.01 -4.02 34.94
N LEU MB 42 14.20 -4.24 34.38
CA LEU MB 42 14.45 -5.35 33.48
C LEU MB 42 15.60 -6.17 34.02
N ASP MB 43 15.39 -7.48 34.16
CA ASP MB 43 16.47 -8.39 34.46
C ASP MB 43 17.23 -8.70 33.18
N SER MB 44 18.46 -9.22 33.34
CA SER MB 44 19.29 -9.55 32.18
C SER MB 44 18.75 -10.71 31.36
N LEU MB 45 17.86 -11.52 31.95
CA LEU MB 45 17.16 -12.55 31.20
C LEU MB 45 16.29 -11.91 30.12
N ASP MB 46 15.52 -10.89 30.51
CA ASP MB 46 14.75 -10.13 29.52
C ASP MB 46 15.66 -9.40 28.56
N GLN MB 47 16.84 -9.00 29.02
CA GLN MB 47 17.79 -8.29 28.16
C GLN MB 47 18.25 -9.18 27.02
N VAL MB 48 18.65 -10.42 27.32
CA VAL MB 48 19.06 -11.31 26.24
C VAL MB 48 17.87 -11.68 25.37
N GLU MB 49 16.66 -11.72 25.97
CA GLU MB 49 15.44 -11.94 25.17
C GLU MB 49 15.23 -10.83 24.14
N ILE MB 50 15.37 -9.57 24.56
CA ILE MB 50 15.13 -8.44 23.65
C ILE MB 50 16.21 -8.37 22.58
N ILE MB 51 17.47 -8.58 22.98
CA ILE MB 51 18.57 -8.43 22.02
C ILE MB 51 18.50 -9.52 20.95
N MET MB 52 18.29 -10.77 21.37
CA MET MB 52 18.15 -11.77 20.32
C MET MB 52 16.78 -11.71 19.65
N ALA MB 53 15.80 -11.03 20.23
CA ALA MB 53 14.56 -10.78 19.50
C ALA MB 53 14.80 -9.84 18.34
N MET MB 54 15.63 -8.80 18.55
CA MET MB 54 16.04 -7.94 17.45
C MET MB 54 16.82 -8.72 16.42
N GLU MB 55 17.69 -9.60 16.90
CA GLU MB 55 18.46 -10.51 16.05
C GLU MB 55 17.54 -11.38 15.21
N ASP MB 56 16.43 -11.84 15.80
CA ASP MB 56 15.50 -12.69 15.07
C ASP MB 56 14.66 -11.88 14.09
N GLU MB 57 14.32 -10.64 14.45
CA GLU MB 57 13.49 -9.81 13.58
C GLU MB 57 14.25 -9.37 12.35
N PHE MB 58 15.29 -8.56 12.52
CA PHE MB 58 16.05 -8.14 11.34
C PHE MB 58 17.53 -7.98 11.62
N GLY MB 59 18.02 -8.48 12.75
CA GLY MB 59 19.33 -8.11 13.23
C GLY MB 59 20.46 -8.77 12.47
N PHE MB 60 21.67 -8.42 12.90
CA PHE MB 60 22.90 -9.06 12.46
C PHE MB 60 23.13 -10.33 13.26
N GLU MB 61 24.35 -10.85 13.24
CA GLU MB 61 24.66 -12.05 14.02
C GLU MB 61 24.58 -11.78 15.52
N ILE MB 62 25.04 -10.60 15.96
CA ILE MB 62 24.89 -10.04 17.30
C ILE MB 62 25.46 -10.96 18.38
N PRO MB 63 26.78 -11.02 18.54
CA PRO MB 63 27.35 -11.89 19.58
C PRO MB 63 27.04 -11.37 20.97
N ASP MB 64 27.35 -12.22 21.95
CA ASP MB 64 26.81 -12.11 23.30
C ASP MB 64 27.42 -10.99 24.12
N ILE MB 65 28.69 -10.64 23.88
CA ILE MB 65 29.24 -9.51 24.61
C ILE MB 65 28.67 -8.21 24.08
N ASP MB 66 28.38 -8.15 22.78
CA ASP MB 66 27.62 -7.02 22.25
C ASP MB 66 26.18 -7.05 22.74
N ALA MB 67 25.66 -8.24 23.03
CA ALA MB 67 24.32 -8.35 23.58
C ALA MB 67 24.25 -7.82 25.01
N GLU MB 68 25.34 -7.95 25.77
CA GLU MB 68 25.27 -7.38 27.11
C GLU MB 68 25.63 -5.90 27.15
N LYS MB 69 26.64 -5.47 26.38
CA LYS MB 69 27.18 -4.12 26.58
C LYS MB 69 26.29 -3.01 26.02
N LEU MB 70 25.07 -3.28 25.58
CA LEU MB 70 24.23 -2.20 25.07
C LEU MB 70 23.33 -1.63 26.16
N MET MB 71 22.42 -2.45 26.71
CA MET MB 71 21.54 -2.14 27.85
C MET MB 71 20.62 -0.94 27.64
N CYS MB 72 20.51 -0.40 26.43
CA CYS MB 72 19.92 0.92 26.25
C CYS MB 72 19.41 1.12 24.82
N PRO MB 73 18.16 1.54 24.63
CA PRO MB 73 17.52 1.45 23.30
C PRO MB 73 18.14 2.33 22.24
N GLN MB 74 18.43 3.59 22.57
CA GLN MB 74 19.17 4.44 21.63
C GLN MB 74 20.56 3.90 21.38
N GLU MB 75 21.19 3.33 22.41
CA GLU MB 75 22.49 2.70 22.23
C GLU MB 75 22.39 1.42 21.42
N ILE MB 76 21.25 0.72 21.50
CA ILE MB 76 21.00 -0.43 20.63
C ILE MB 76 20.93 -0.01 19.17
N VAL MB 77 20.11 1.02 18.88
CA VAL MB 77 19.98 1.55 17.52
C VAL MB 77 21.32 2.12 17.05
N ASP MB 78 22.10 2.66 17.98
CA ASP MB 78 23.43 3.12 17.63
C ASP MB 78 24.38 1.95 17.38
N TYR MB 79 24.12 0.77 17.95
CA TYR MB 79 24.94 -0.38 17.57
C TYR MB 79 24.59 -0.87 16.16
N ILE MB 80 23.29 -0.89 15.84
CA ILE MB 80 22.91 -1.24 14.47
C ILE MB 80 23.50 -0.23 13.49
N ALA MB 81 23.44 1.06 13.82
CA ALA MB 81 24.09 2.07 13.00
C ALA MB 81 25.62 2.00 13.06
N ASP MB 82 26.17 1.34 14.08
CA ASP MB 82 27.61 1.06 14.10
C ASP MB 82 27.95 -0.03 13.11
N LYS MB 83 27.00 -0.90 12.77
CA LYS MB 83 27.27 -1.80 11.64
C LYS MB 83 26.49 -1.45 10.38
N LYS MB 84 25.17 -1.37 10.45
CA LYS MB 84 24.34 -1.08 9.27
C LYS MB 84 24.53 0.35 8.78
P 3PE NB . -7.37 -62.92 -30.53
N 3PE NB . -9.59 -61.81 -32.73
O11 3PE NB . -8.02 -61.48 -30.36
O12 3PE NB . -5.93 -62.74 -30.22
O13 3PE NB . -7.54 -63.20 -32.08
O14 3PE NB . -8.15 -63.90 -29.76
C11 3PE NB . -7.18 -62.23 -33.09
C12 3PE NB . -8.49 -61.86 -33.73
C1 3PE NB . -7.24 -60.50 -29.65
C2 3PE NB . -7.74 -60.44 -28.23
C3 3PE NB . -6.74 -59.76 -27.34
O31 3PE NB . -7.47 -59.12 -26.27
O32 3PE NB . -5.58 -58.93 -25.11
C31 3PE NB . -6.75 -58.74 -25.21
C32 3PE NB . -7.59 -58.04 -24.20
C33 3PE NB . -6.77 -57.06 -23.36
C34 3PE NB . -7.54 -56.45 -22.21
C35 3PE NB . -8.72 -55.61 -22.63
C36 3PE NB . -9.28 -54.75 -21.52
C37 3PE NB . -10.41 -53.83 -21.95
C38 3PE NB . -10.83 -52.82 -20.90
O21 3PE NB . -8.90 -59.56 -28.23
O22 3PE NB . -10.27 -61.31 -28.52
C21 3PE NB . -10.10 -60.13 -28.39
C22 3PE NB . -11.19 -59.11 -28.37
C23 3PE NB . -10.69 -57.67 -28.38
C24 3PE NB . -11.34 -56.84 -27.30
C25 3PE NB . -12.86 -56.83 -27.37
C26 3PE NB . -13.53 -56.19 -26.17
C27 3PE NB . -13.07 -54.77 -25.91
C28 3PE NB . -13.59 -54.21 -24.61
C29 3PE NB . -13.11 -52.81 -24.30
P 3PE OB . 27.49 51.07 -36.76
N 3PE OB . 30.18 52.85 -33.91
O11 3PE OB . 27.61 49.79 -37.70
O12 3PE OB . 26.82 50.63 -35.51
O13 3PE OB . 28.97 51.46 -36.34
O14 3PE OB . 26.90 52.21 -37.51
C11 3PE OB . 29.42 52.83 -36.24
C12 3PE OB . 30.61 52.83 -35.33
C1 3PE OB . 27.08 48.53 -37.25
C2 3PE OB . 26.99 47.53 -38.38
C3 3PE OB . 27.03 46.12 -37.85
O31 3PE OB . 25.82 45.39 -38.19
O32 3PE OB . 27.03 43.91 -39.35
C31 3PE OB . 25.97 44.32 -38.98
C32 3PE OB . 24.65 43.70 -39.31
C33 3PE OB . 24.78 42.25 -39.76
C34 3PE OB . 23.48 41.70 -40.32
C35 3PE OB . 22.88 42.58 -41.40
C36 3PE OB . 21.75 41.93 -42.19
C37 3PE OB . 21.13 42.91 -43.17
C38 3PE OB . 20.05 42.34 -44.08
C39 3PE OB . 19.48 43.39 -45.02
C3A 3PE OB . 18.42 42.87 -45.96
C3B 3PE OB . 17.73 43.96 -46.75
O21 3PE OB . 25.72 47.76 -39.06
O22 3PE OB . 26.54 46.96 -40.99
C21 3PE OB . 25.64 47.45 -40.36
C22 3PE OB . 24.28 47.74 -40.91
C23 3PE OB . 24.14 47.41 -42.39
C24 3PE OB . 23.43 48.52 -43.14
C25 3PE OB . 21.92 48.44 -43.19
C26 3PE OB . 21.42 47.52 -44.27
C27 3PE OB . 19.97 47.73 -44.68
C28 3PE OB . 19.64 49.13 -45.15
C29 3PE OB . 18.34 49.23 -45.95
C2A 3PE OB . 17.19 48.43 -45.35
C2B 3PE OB . 15.87 48.56 -46.10
C2C 3PE OB . 15.29 49.96 -46.08
P 3PE PB . 22.37 6.84 -26.27
N 3PE PB . 23.46 3.31 -27.52
O11 3PE PB . 21.63 7.11 -27.66
O12 3PE PB . 23.58 7.68 -26.26
O13 3PE PB . 22.87 5.33 -26.34
O14 3PE PB . 21.39 6.97 -25.17
C11 3PE PB . 24.11 4.89 -25.74
C12 3PE PB . 24.51 3.68 -26.53
C1 3PE PB . 21.51 6.04 -28.63
C2 3PE PB . 20.53 6.48 -29.69
C3 3PE PB . 21.05 7.65 -30.49
O31 3PE PB . 20.25 7.73 -31.68
O32 3PE PB . 22.06 7.53 -32.97
C31 3PE PB . 20.88 7.64 -32.86
C32 3PE PB . 19.91 7.68 -34.00
C33 3PE PB . 20.55 7.40 -35.34
C34 3PE PB . 19.52 7.38 -36.46
C35 3PE PB . 18.97 8.75 -36.81
C36 3PE PB . 17.46 8.78 -36.96
C37 3PE PB . 16.90 7.64 -37.78
C38 3PE PB . 17.09 7.80 -39.27
C39 3PE PB . 16.24 8.90 -39.88
C3A 3PE PB . 16.31 8.95 -41.39
C3B 3PE PB . 15.31 9.91 -42.02
C3C 3PE PB . 15.38 9.97 -43.54
C3D 3PE PB . 14.14 10.57 -44.19
O21 3PE PB . 20.43 5.39 -30.67
O22 3PE PB . 18.33 4.93 -30.00
C21 3PE PB . 19.25 4.75 -30.75
C22 3PE PB . 19.24 3.81 -31.92
C23 3PE PB . 17.85 3.33 -32.28
C24 3PE PB . 17.82 2.60 -33.61
C25 3PE PB . 17.77 3.52 -34.81
C26 3PE PB . 18.01 2.79 -36.11
C27 3PE PB . 17.61 3.56 -37.35
C28 3PE PB . 16.11 3.68 -37.56
C29 3PE PB . 15.39 2.35 -37.76
C2A 3PE PB . 13.91 2.48 -38.04
C2B 3PE PB . 13.18 1.16 -38.26
C2C 3PE PB . 11.71 1.32 -38.59
O12 PC1 QB . 6.01 0.00 -58.84
P PC1 QB . 4.61 -0.39 -58.60
O14 PC1 QB . 4.28 -1.83 -58.40
O13 PC1 QB . 3.75 0.22 -59.78
C11 PC1 QB . 2.48 -0.38 -60.13
C12 PC1 QB . 2.83 -1.23 -61.31
N PC1 QB . 1.96 -2.43 -61.55
C13 PC1 QB . 2.37 -3.10 -62.82
C14 PC1 QB . 2.10 -3.40 -60.42
C15 PC1 QB . 0.53 -2.00 -61.66
O11 PC1 QB . 4.11 0.43 -57.33
C1 PC1 QB . 4.32 -0.12 -56.03
C2 PC1 QB . 5.40 0.64 -55.30
O21 PC1 QB . 4.84 0.97 -53.98
C21 PC1 QB . 5.67 0.91 -52.94
O22 PC1 QB . 6.85 0.76 -53.04
C22 PC1 QB . 4.94 1.01 -51.63
C23 PC1 QB . 5.09 2.37 -50.97
C3 PC1 QB . 5.81 1.89 -56.02
O31 PC1 QB . 6.83 2.60 -55.29
C31 PC1 QB . 8.10 2.31 -55.57
O32 PC1 QB . 8.44 1.47 -56.36
C32 PC1 QB . 9.04 3.19 -54.80
C33 PC1 QB . 9.66 2.49 -53.60
C34 PC1 QB . 9.17 3.01 -52.26
C35 PC1 QB . 9.58 4.43 -51.95
C36 PC1 QB . 9.18 4.91 -50.57
C37 PC1 QB . 9.79 6.24 -50.18
O7 ZMP RB . 37.44 68.44 -3.08
P1 ZMP RB . 36.51 69.61 -3.66
O6 ZMP RB . 36.83 70.86 -2.94
O5 ZMP RB . 35.03 69.12 -3.23
C21 ZMP RB . 33.92 70.02 -3.14
C18 ZMP RB . 32.66 69.28 -2.71
C19 ZMP RB . 32.20 68.39 -3.85
C20 ZMP RB . 33.01 68.42 -1.50
C17 ZMP RB . 31.56 70.31 -2.36
O4 ZMP RB . 31.99 71.03 -1.21
C16 ZMP RB . 30.19 69.70 -2.06
O3 ZMP RB . 29.93 69.18 -0.97
N2 ZMP RB . 29.27 69.85 -3.02
C15 ZMP RB . 27.89 69.35 -2.87
C14 ZMP RB . 27.19 69.25 -4.23
C13 ZMP RB . 27.54 70.47 -5.07
O2 ZMP RB . 28.19 71.39 -4.57
N1 ZMP RB . 27.13 70.48 -6.36
C12 ZMP RB . 26.37 69.39 -6.99
C11 ZMP RB . 24.98 69.91 -7.38
S1 ZMP RB . 25.02 70.99 -8.85
C10 ZMP RB . 23.47 71.81 -8.77
O1 ZMP RB . 22.93 72.16 -7.72
C9 ZMP RB . 22.81 72.08 -10.11
C8 ZMP RB . 23.85 72.55 -11.11
C7 ZMP RB . 23.49 72.05 -12.51
C6 ZMP RB . 24.75 71.66 -13.30
C5 ZMP RB . 24.97 72.70 -14.39
C4 ZMP RB . 25.32 72.03 -15.73
C3 ZMP RB . 24.64 72.83 -16.85
C2 ZMP RB . 25.31 72.49 -18.18
CHA HEM SB . -66.05 53.04 -31.58
CHB HEM SB . -62.97 49.41 -30.72
CHC HEM SB . -62.40 51.13 -26.23
CHD HEM SB . -64.91 55.07 -27.40
C1A HEM SB . -65.27 51.91 -31.70
C2A HEM SB . -65.24 51.09 -32.84
C3A HEM SB . -64.39 50.08 -32.61
C4A HEM SB . -63.87 50.25 -31.32
CMA HEM SB . -64.05 48.97 -33.56
CAA HEM SB . -66.01 51.28 -34.10
CBA HEM SB . -67.39 50.70 -33.91
CGA HEM SB . -68.37 51.84 -33.83
O1A HEM SB . -68.00 52.96 -34.04
O2A HEM SB . -69.66 51.61 -33.55
C1B HEM SB . -62.61 49.63 -29.40
C2B HEM SB . -61.76 48.72 -28.72
C3B HEM SB . -61.59 49.17 -27.49
C4B HEM SB . -62.35 50.41 -27.40
CMB HEM SB . -61.11 47.46 -29.19
CAB HEM SB . -60.78 48.54 -26.45
CBB HEM SB . -59.52 48.91 -26.29
C1C HEM SB . -63.01 52.35 -26.19
C2C HEM SB . -62.97 53.21 -25.10
C3C HEM SB . -63.68 54.32 -25.43
C4C HEM SB . -64.17 54.13 -26.75
CMC HEM SB . -62.26 52.96 -23.79
CAC HEM SB . -63.89 55.48 -24.56
CBC HEM SB . -64.80 55.43 -23.59
C1D HEM SB . -65.46 54.80 -28.63
C2D HEM SB . -66.36 55.74 -29.28
C3D HEM SB . -66.69 55.18 -30.45
C4D HEM SB . -65.97 53.92 -30.53
CMD HEM SB . -66.85 57.06 -28.75
CAD HEM SB . -67.63 55.81 -31.43
CBD HEM SB . -68.96 55.08 -31.43
CGD HEM SB . -69.58 55.44 -32.75
O1D HEM SB . -69.39 56.56 -33.20
O2D HEM SB . -70.33 54.55 -33.42
NA HEM SB . -64.42 51.37 -30.78
NB HEM SB . -62.95 50.61 -28.58
NC HEM SB . -63.73 52.91 -27.20
ND HEM SB . -65.27 53.75 -29.41
FE HEM SB . -64.13 52.18 -29.01
CHA HEM TB . -59.12 58.61 -7.03
CHB HEM TB . -59.64 56.12 -11.10
CHC HEM TB . -59.44 60.24 -13.60
CHD HEM TB . -58.27 62.59 -9.57
C1A HEM TB . -59.31 57.58 -7.93
C2A HEM TB . -59.54 56.24 -7.59
C3A HEM TB . -59.68 55.55 -8.75
C4A HEM TB . -59.56 56.46 -9.79
CMA HEM TB . -59.93 54.08 -8.92
CAA HEM TB . -59.59 55.60 -6.23
CBA HEM TB . -60.98 55.43 -5.66
CGA HEM TB . -61.44 56.80 -5.31
O1A HEM TB . -61.28 57.21 -4.19
O2A HEM TB . -62.00 57.57 -6.25
C1B HEM TB . -59.65 57.08 -12.09
C2B HEM TB . -59.89 56.72 -13.43
C3B HEM TB . -59.84 57.85 -14.15
C4B HEM TB . -59.56 58.93 -13.20
CMB HEM TB . -60.15 55.36 -13.96
CAB HEM TB . -60.04 57.96 -15.59
CBB HEM TB . -58.99 58.03 -16.38
C1C HEM TB . -59.07 61.20 -12.72
C2C HEM TB . -58.88 62.53 -13.06
C3C HEM TB . -58.54 63.18 -11.92
C4C HEM TB . -58.56 62.25 -10.86
CMC HEM TB . -58.99 63.12 -14.42
CAC HEM TB . -58.24 64.61 -11.84
CBC HEM TB . -57.02 65.03 -12.12
C1D HEM TB . -58.44 61.69 -8.53
C2D HEM TB . -58.29 62.07 -7.14
C3D HEM TB . -58.54 60.97 -6.41
C4D HEM TB . -58.83 59.91 -7.38
CMD HEM TB . -57.93 63.45 -6.64
CAD HEM TB . -58.50 60.86 -4.91
CBD HEM TB . -59.77 61.41 -4.27
CGD HEM TB . -59.89 61.03 -2.81
O1D HEM TB . -60.96 60.74 -2.35
O2D HEM TB . -58.80 61.01 -2.03
NA HEM TB . -59.33 57.68 -9.29
NB HEM TB . -59.44 58.40 -11.98
NC HEM TB . -58.89 61.04 -11.38
ND HEM TB . -58.75 60.41 -8.61
FE HEM TB . -59.07 59.38 -10.29
FE HEC UB . -88.48 59.80 -53.31
CHA HEC UB . -86.19 62.02 -52.11
CHB HEC UB . -89.40 59.06 -50.14
CHC HEC UB . -90.53 57.29 -54.46
CHD HEC UB . -87.42 60.38 -56.42
NA HEC UB . -87.92 60.42 -51.51
C1A HEC UB . -86.94 61.33 -51.20
C2A HEC UB . -86.87 61.47 -49.76
C3A HEC UB . -87.76 60.65 -49.23
C4A HEC UB . -88.42 59.99 -50.31
CMA HEC UB . -88.09 60.38 -47.75
CAA HEC UB . -85.90 62.36 -48.98
CBA HEC UB . -85.93 63.88 -49.13
CGA HEC UB . -84.98 64.44 -48.12
O1A HEC UB . -83.76 64.42 -48.44
O2A HEC UB . -85.50 64.87 -47.05
NB HEC UB . -89.71 58.47 -52.48
C1B HEC UB . -89.94 58.32 -51.15
C2B HEC UB . -90.86 57.26 -50.93
C3B HEC UB . -91.17 56.78 -52.13
C4B HEC UB . -90.45 57.52 -53.11
CMB HEC UB . -91.33 56.87 -49.53
CAB HEC UB . -92.13 55.61 -52.42
CBB HEC UB . -93.46 56.04 -52.48
NC HEC UB . -88.88 59.01 -55.08
C1C HEC UB . -89.76 57.98 -55.35
C2C HEC UB . -89.76 57.70 -56.76
C3C HEC UB . -88.89 58.56 -57.29
C4C HEC UB . -88.34 59.39 -56.28
CMC HEC UB . -90.60 56.61 -57.43
CAC HEC UB . -88.52 58.67 -58.81
CBC HEC UB . -89.35 59.52 -59.48
ND HEC UB . -87.08 60.98 -54.10
C1D HEC UB . -86.79 61.08 -55.44
C2D HEC UB . -85.72 62.03 -55.61
C3D HEC UB . -85.38 62.48 -54.42
C4D HEC UB . -86.24 61.85 -53.45
CMD HEC UB . -85.15 62.39 -56.99
CAD HEC UB . -84.30 63.52 -54.06
CBD HEC UB . -84.76 64.94 -53.76
CGD HEC UB . -84.05 65.56 -52.61
O1D HEC UB . -84.77 66.32 -51.89
O2D HEC UB . -82.82 65.30 -52.44
FE1 FES VB . -56.75 14.15 -45.25
FE2 FES VB . -55.41 14.03 -42.48
S1 FES VB . -55.89 12.55 -44.02
S2 FES VB . -56.51 15.57 -43.59
C1 CDL WB . -44.05 47.70 -2.63
O1 CDL WB . -42.84 47.41 -1.92
CA2 CDL WB . -44.23 46.69 -3.73
OA2 CDL WB . -43.14 46.79 -4.67
PA1 CDL WB . -42.58 45.45 -5.34
OA3 CDL WB . -43.38 44.32 -4.81
OA4 CDL WB . -41.11 45.45 -5.16
OA5 CDL WB . -42.82 45.59 -6.91
CA3 CDL WB . -41.77 45.23 -7.82
CA4 CDL WB . -42.24 45.35 -9.24
OA6 CDL WB . -43.53 44.66 -9.39
CA5 CDL WB . -44.45 45.20 -10.19
OA7 CDL WB . -44.30 46.23 -10.79
C11 CDL WB . -45.70 44.37 -10.23
C12 CDL WB . -46.76 44.92 -11.18
CA6 CDL WB . -41.29 44.74 -10.21
OA8 CDL WB . -41.71 45.10 -11.55
CA7 CDL WB . -40.75 45.35 -12.44
OA9 CDL WB . -39.58 45.20 -12.23
C31 CDL WB . -41.33 45.83 -13.74
C32 CDL WB . -41.29 47.36 -13.90
CB2 CDL WB . -45.21 47.71 -1.65
OB2 CDL WB . -46.43 48.05 -2.34
PB2 CDL WB . -47.16 49.43 -2.03
OB3 CDL WB . -46.55 50.45 -2.91
OB4 CDL WB . -47.14 49.64 -0.57
OB5 CDL WB . -48.69 49.32 -2.49
CB3 CDL WB . -49.13 48.21 -3.30
CB4 CDL WB . -49.06 48.58 -4.75
OB6 CDL WB . -50.24 48.03 -5.40
CB5 CDL WB . -50.96 48.84 -6.18
OB7 CDL WB . -50.70 50.00 -6.36
C51 CDL WB . -52.13 48.12 -6.78
CB6 CDL WB . -47.88 47.92 -5.41
OB8 CDL WB . -47.98 48.08 -6.84
CB7 CDL WB . -46.93 47.68 -7.56
OB9 CDL WB . -45.95 47.19 -7.06
C71 CDL WB . -47.14 47.91 -9.02
CHA HEM XB . -47.89 39.39 -38.89
CHB HEM XB . -49.77 42.96 -36.27
CHC HEM XB . -47.29 41.31 -32.45
CHD HEM XB . -45.84 37.50 -35.02
C1A HEM XB . -48.55 40.50 -38.47
C2A HEM XB . -49.31 41.29 -39.33
C3A HEM XB . -49.85 42.30 -38.62
C4A HEM XB . -49.43 42.13 -37.30
CMA HEM XB . -50.73 43.38 -39.16
CAA HEM XB . -49.47 41.06 -40.80
CBA HEM XB . -48.31 41.76 -41.49
CGA HEM XB . -47.57 40.76 -42.34
O1A HEM XB . -47.39 39.64 -41.94
O2A HEM XB . -47.12 41.10 -43.54
C1B HEM XB . -49.20 42.77 -35.02
C2B HEM XB . -49.45 43.68 -33.96
C3B HEM XB . -48.77 43.25 -32.90
C4B HEM XB . -48.09 42.02 -33.31
CMB HEM XB . -50.31 44.89 -33.99
CAB HEM XB . -48.72 43.87 -31.58
CBB HEM XB . -49.67 43.64 -30.70
C1C HEM XB . -46.69 40.13 -32.83
C2C HEM XB . -45.93 39.33 -31.97
C3C HEM XB . -45.51 38.25 -32.72
C4C HEM XB . -46.02 38.41 -34.02
CMC HEM XB . -45.62 39.59 -30.52
CAC HEM XB . -44.69 37.14 -32.22
CBC HEM XB . -43.38 37.28 -32.09
C1D HEM XB . -46.28 37.73 -36.30
C2D HEM XB . -45.97 36.83 -37.42
C3D HEM XB . -46.55 37.36 -38.50
C4D HEM XB . -47.21 38.57 -38.04
CMD HEM XB . -45.17 35.57 -37.36
CAD HEM XB . -46.53 36.85 -39.91
CBD HEM XB . -45.27 37.51 -40.51
CGD HEM XB . -45.18 37.35 -42.01
O1D HEM XB . -45.38 36.28 -42.52
O2D HEM XB . -44.88 38.41 -42.78
NA HEM XB . -48.65 41.04 -37.21
NB HEM XB . -48.38 41.80 -34.59
NC HEM XB . -46.76 39.57 -34.06
ND HEM XB . -47.00 38.74 -36.74
FE HEM XB . -47.70 40.26 -35.66
CHA HEM YB . -35.71 34.62 -15.97
CHB HEM YB . -38.29 37.07 -19.18
CHC HEM YB . -40.26 32.90 -20.65
CHD HEM YB . -38.36 30.74 -16.80
C1A HEM YB . -36.21 35.61 -16.77
C2A HEM YB . -35.75 36.93 -16.77
C3A HEM YB . -36.48 37.62 -17.66
C4A HEM YB . -37.39 36.74 -18.22
CMA HEM YB . -36.38 39.07 -18.04
CAA HEM YB . -34.64 37.49 -15.92
CBA HEM YB . -33.33 37.51 -16.73
CGA HEM YB . -32.63 36.19 -16.66
O1A HEM YB . -32.69 35.53 -15.64
O2A HEM YB . -31.93 35.73 -17.70
C1B HEM YB . -38.99 36.08 -19.85
C2B HEM YB . -39.75 36.41 -20.98
C3B HEM YB . -40.30 35.26 -21.42
C4B HEM YB . -39.87 34.21 -20.49
CMB HEM YB . -39.89 37.76 -21.60
CAB HEM YB . -41.17 35.12 -22.57
CBB HEM YB . -42.46 35.35 -22.40
C1C HEM YB . -39.93 31.96 -19.71
C2C HEM YB . -40.32 30.64 -19.73
C3C HEM YB . -39.80 30.03 -18.64
C4C HEM YB . -39.03 31.01 -17.95
CMC HEM YB . -41.18 29.96 -20.75
CAC HEM YB . -39.99 28.62 -18.30
CBC HEM YB . -41.03 28.28 -17.55
C1D HEM YB . -37.44 31.62 -16.29
C2D HEM YB . -36.55 31.25 -15.21
C3D HEM YB . -35.80 32.33 -14.96
C4D HEM YB . -36.25 33.36 -15.90
CMD HEM YB . -36.49 29.93 -14.54
CAD HEM YB . -34.70 32.43 -13.95
CBD HEM YB . -33.41 31.99 -14.63
CGD HEM YB . -32.27 32.22 -13.69
O1D HEM YB . -31.25 31.60 -13.84
O2D HEM YB . -32.37 33.14 -12.72
NA HEM YB . -37.23 35.52 -17.68
NB HEM YB . -39.09 34.78 -19.58
NC HEM YB . -39.14 32.18 -18.64
ND HEM YB . -37.22 32.86 -16.64
FE HEM YB . -38.20 33.84 -18.06
P 3PE ZB . -21.36 23.87 -19.90
N 3PE ZB . -19.10 23.57 -17.46
O11 3PE ZB . -21.75 23.90 -21.45
O12 3PE ZB . -22.56 24.29 -19.14
O13 3PE ZB . -20.28 25.04 -19.78
O14 3PE ZB . -20.73 22.58 -19.58
C11 3PE ZB . -18.86 24.78 -19.59
C12 3PE ZB . -18.64 24.82 -18.11
C1 3PE ZB . -21.44 25.09 -22.21
C2 3PE ZB . -22.47 25.28 -23.28
C3 3PE ZB . -22.23 24.36 -24.43
O31 3PE ZB . -22.97 24.81 -25.58
O32 3PE ZB . -21.20 25.95 -26.31
C31 3PE ZB . -22.32 25.58 -26.47
C32 3PE ZB . -23.18 25.88 -27.66
C33 3PE ZB . -24.25 24.83 -27.89
C34 3PE ZB . -25.12 25.13 -29.11
C35 3PE ZB . -25.75 26.50 -29.11
O21 3PE ZB . -23.76 24.98 -22.66
O22 3PE ZB . -24.00 27.11 -22.02
C21 3PE ZB . -24.41 25.98 -22.04
C22 3PE ZB . -25.68 25.52 -21.39
C23 3PE ZB . -26.80 26.52 -21.59
C24 3PE ZB . -27.63 26.23 -22.83
C25 3PE ZB . -28.54 25.03 -22.70
C26 3PE ZB . -29.55 24.88 -23.83
C27 3PE ZB . -28.94 24.66 -25.20
C28 3PE ZB . -29.96 24.41 -26.29
C29 3PE ZB . -30.88 25.57 -26.58
C1 CDL AC . -20.10 29.40 -21.49
O1 CDL AC . -20.95 29.24 -22.63
CA2 CDL AC . -19.01 30.37 -21.81
OA2 CDL AC . -19.46 31.26 -22.84
PA1 CDL AC . -19.74 32.78 -22.48
OA3 CDL AC . -18.47 33.42 -22.05
OA4 CDL AC . -20.89 32.79 -21.55
OA5 CDL AC . -20.21 33.45 -23.85
CA3 CDL AC . -19.88 32.85 -25.11
CA4 CDL AC . -21.10 32.15 -25.69
OA6 CDL AC . -20.78 31.18 -26.75
CA5 CDL AC . -20.27 31.53 -27.96
OA7 CDL AC . -19.95 32.65 -28.27
C11 CDL AC . -20.19 30.34 -28.87
C12 CDL AC . -21.12 29.20 -28.47
CA6 CDL AC . -22.20 33.10 -26.12
OA8 CDL AC . -23.09 32.38 -26.99
CA7 CDL AC . -23.32 32.93 -28.18
OA9 CDL AC . -22.88 34.01 -28.51
C31 CDL AC . -24.14 32.03 -29.05
C32 CDL AC . -24.88 32.75 -30.18
C33 CDL AC . -24.02 33.05 -31.40
CB2 CDL AC . -19.55 28.06 -21.08
OB2 CDL AC . -18.90 27.44 -22.21
PB2 CDL AC . -17.37 27.04 -22.13
OB3 CDL AC . -17.26 25.58 -22.35
OB4 CDL AC . -16.77 27.62 -20.90
OB5 CDL AC . -16.73 27.73 -23.41
CB3 CDL AC . -16.86 27.08 -24.70
CB4 CDL AC . -16.80 28.12 -25.77
OB6 CDL AC . -15.98 27.58 -26.86
CB5 CDL AC . -16.50 27.58 -28.09
OB7 CDL AC . -17.61 27.96 -28.36
C51 CDL AC . -15.53 27.05 -29.10
C52 CDL AC . -15.77 27.57 -30.51
CB6 CDL AC . -16.13 29.38 -25.30
OB8 CDL AC . -15.62 30.05 -26.48
CB7 CDL AC . -16.42 30.92 -27.09
OB9 CDL AC . -17.46 31.29 -26.63
C71 CDL AC . -15.85 31.35 -28.41
C72 CDL AC . -16.77 32.29 -29.19
FE HEC BC . -46.10 31.35 -69.33
CHA HEC BC . -46.84 28.95 -67.05
CHB HEC BC . -43.47 32.32 -67.48
CHC HEC BC . -45.15 33.44 -71.85
CHD HEC BC . -49.18 31.15 -70.61
NA HEC BC . -45.31 30.76 -67.61
C1A HEC BC . -45.75 29.74 -66.80
C2A HEC BC . -44.90 29.64 -65.64
C3A HEC BC . -43.97 30.59 -65.75
C4A HEC BC . -44.22 31.28 -66.99
CMA HEC BC . -42.78 31.00 -64.85
CAA HEC BC . -45.26 28.56 -64.59
CBA HEC BC . -44.22 27.88 -63.69
CGA HEC BC . -44.86 27.51 -62.37
O1A HEC BC . -46.12 27.51 -62.36
O2A HEC BC . -44.07 27.25 -61.43
NB HEC BC . -44.61 32.61 -69.61
C1B HEC BC . -43.62 32.88 -68.71
C2B HEC BC . -42.74 33.83 -69.27
C3B HEC BC . -43.21 34.15 -70.48
C4B HEC BC . -44.38 33.39 -70.71
CMB HEC BC . -41.51 34.35 -68.52
CAB HEC BC . -42.59 35.17 -71.48
CBB HEC BC . -41.54 34.60 -72.21
NC HEC BC . -46.99 32.13 -70.92
C1C HEC BC . -46.44 32.97 -71.85
C2C HEC BC . -47.44 33.33 -72.84
C3C HEC BC . -48.55 32.69 -72.47
C4C HEC BC . -48.30 31.94 -71.29
CMC HEC BC . -47.21 34.25 -74.04
CAC HEC BC . -49.93 32.71 -73.21
CBC HEC BC . -50.03 31.72 -74.13
ND HEC BC . -47.69 30.24 -68.90
C1D HEC BC . -48.89 30.32 -69.56
C2D HEC BC . -49.77 29.36 -68.97
C3D HEC BC . -49.14 28.75 -67.99
C4D HEC BC . -47.81 29.30 -67.95
CMD HEC BC . -51.21 29.17 -69.48
CAD HEC BC . -49.62 27.65 -67.06
CBD HEC BC . -49.23 26.25 -67.47
CGD HEC BC . -49.08 25.29 -66.33
O1D HEC BC . -49.81 25.56 -65.33
O2D HEC BC . -48.26 24.34 -66.45
C1 CDL CC . -14.63 35.46 -20.68
O1 CDL CC . -13.44 35.59 -19.88
CA2 CDL CC . -14.31 35.83 -22.11
OA2 CDL CC . -13.35 34.88 -22.62
PA1 CDL CC . -11.86 35.33 -22.90
OA3 CDL CC . -10.99 34.84 -21.81
OA4 CDL CC . -11.88 36.77 -23.20
OA5 CDL CC . -11.50 34.59 -24.27
CA3 CDL CC . -10.98 35.34 -25.39
CA4 CDL CC . -11.93 35.29 -26.55
OA6 CDL CC . -11.31 36.06 -27.62
CA5 CDL CC . -10.85 35.41 -28.69
OA7 CDL CC . -10.86 34.21 -28.80
C11 CDL CC . -10.32 36.36 -29.73
CA6 CDL CC . -13.22 35.99 -26.26
OA8 CDL CC . -14.05 35.18 -25.38
CA7 CDL CC . -14.91 34.35 -25.97
OA9 CDL CC . -15.03 34.24 -27.15
C31 CDL CC . -15.71 33.59 -24.96
CB2 CDL CC . -15.74 36.29 -20.09
OB2 CDL CC . -15.45 37.69 -20.28
PB2 CDL CC . -16.60 38.64 -20.85
OB3 CDL CC . -17.90 38.03 -20.49
OB4 CDL CC . -16.32 40.04 -20.46
OB5 CDL CC . -16.46 38.50 -22.43
CB3 CDL CC . -17.40 37.66 -23.13
CB4 CDL CC . -17.69 38.25 -24.49
OB6 CDL CC . -19.13 38.45 -24.79
CB5 CDL CC . -20.00 37.41 -24.94
OB7 CDL CC . -19.78 36.27 -24.63
C51 CDL CC . -21.27 37.89 -25.56
C52 CDL CC . -22.14 38.74 -24.65
C53 CDL CC . -23.49 39.01 -25.27
C54 CDL CC . -24.20 37.75 -25.68
C55 CDL CC . -25.52 37.93 -26.41
C56 CDL CC . -26.12 36.64 -26.92
CB6 CDL CC . -17.00 37.52 -25.61
OB8 CDL CC . -17.23 38.26 -26.82
CB7 CDL CC . -16.66 37.81 -27.94
OB9 CDL CC . -15.98 36.81 -27.98
C71 CDL CC . -16.95 38.69 -29.10
P 3PE DC . -29.73 55.99 -45.27
N 3PE DC . -31.23 59.02 -45.40
O11 3PE DC . -29.24 55.24 -43.96
O12 3PE DC . -28.79 57.10 -45.55
O13 3PE DC . -31.11 56.64 -44.80
O14 3PE DC . -29.99 54.99 -46.33
C11 3PE DC . -31.24 57.37 -43.57
C12 3PE DC . -31.11 58.82 -43.93
C1 3PE DC . -29.79 53.93 -43.70
C2 3PE DC . -29.26 53.34 -42.42
C3 3PE DC . -28.90 54.39 -41.41
O31 3PE DC . -28.90 53.79 -40.08
O32 3PE DC . -26.73 53.23 -40.27
C31 3PE DC . -27.76 53.24 -39.65
C32 3PE DC . -27.94 52.64 -38.28
C33 3PE DC . -27.03 51.44 -38.07
C34 3PE DC . -27.27 50.77 -36.72
O21 3PE DC . -30.37 52.55 -41.91
O22 3PE DC . -28.98 50.89 -41.33
C21 3PE DC . -30.10 51.32 -41.44
C22 3PE DC . -31.35 50.58 -41.10
C23 3PE DC . -31.77 50.69 -39.64
C24 3PE DC . -30.76 50.08 -38.69
FE1 FES EC . -65.11 77.75 -42.31
FE2 FES EC . -64.37 77.73 -39.34
S1 FES EC . -65.55 79.07 -40.63
S2 FES EC . -64.16 76.28 -40.98
FE1 SF4 FC . 34.65 -79.49 87.36
FE2 SF4 FC . 36.54 -78.91 89.20
FE3 SF4 FC . 35.78 -77.05 87.44
FE4 SF4 FC . 34.10 -77.90 89.47
S1 SF4 FC . 36.05 -76.72 89.68
S2 SF4 FC . 33.55 -77.49 87.29
S3 SF4 FC . 34.63 -80.14 89.57
S4 SF4 FC . 36.85 -79.01 86.92
N1 FMN GC . 43.55 -82.81 100.03
C2 FMN GC . 43.37 -83.53 101.17
O2 FMN GC . 43.97 -83.22 102.21
N3 FMN GC . 42.55 -84.62 101.18
C4 FMN GC . 41.84 -85.11 100.11
O4 FMN GC . 41.11 -86.09 100.25
C4A FMN GC . 42.03 -84.36 98.90
N5 FMN GC . 41.43 -84.75 97.82
C5A FMN GC . 41.66 -84.05 96.64
C6 FMN GC . 41.13 -84.53 95.45
C7 FMN GC . 41.42 -83.92 94.24
C7M FMN GC . 40.89 -84.54 92.97
C8 FMN GC . 42.24 -82.79 94.21
C8M FMN GC . 42.58 -82.11 92.91
C9 FMN GC . 42.75 -82.29 95.40
C9A FMN GC . 42.49 -82.92 96.61
N10 FMN GC . 43.09 -82.50 97.80
C10 FMN GC . 42.91 -83.22 98.96
C1' FMN GC . 43.79 -81.21 97.82
C2' FMN GC . 45.31 -81.31 97.64
O2' FMN GC . 45.77 -82.62 97.95
C3' FMN GC . 46.02 -80.27 98.50
O3' FMN GC . 47.31 -80.03 97.95
C4' FMN GC . 46.19 -80.71 99.95
O4' FMN GC . 44.98 -80.52 100.69
C5' FMN GC . 47.31 -79.95 100.65
O5' FMN GC . 48.56 -80.31 100.05
P FMN GC . 49.94 -79.76 100.60
O1P FMN GC . 51.01 -80.07 99.63
O2P FMN GC . 49.73 -78.28 100.81
O3P FMN GC . 50.14 -80.40 101.96
FE1 FES HC . 34.20 -98.57 98.87
FE2 FES HC . 36.57 -96.70 98.78
S1 FES HC . 35.84 -98.13 100.25
S2 FES HC . 35.19 -97.45 97.25
FE1 SF4 IC . 21.29 -69.80 70.63
FE2 SF4 IC . 20.07 -71.73 69.23
FE3 SF4 IC . 20.12 -71.87 71.91
FE4 SF4 IC . 18.62 -69.97 70.67
S1 SF4 IC . 18.29 -72.24 70.59
S2 SF4 IC . 19.96 -69.66 72.49
S3 SF4 IC . 19.90 -69.47 68.84
S4 SF4 IC . 21.95 -71.99 70.53
FE1 SF4 JC . 23.38 -67.97 82.18
FE2 SF4 JC . 21.61 -69.97 82.41
FE3 SF4 JC . 21.35 -67.76 83.95
FE4 SF4 JC . 20.86 -67.66 81.30
S1 SF4 JC . 19.67 -68.84 82.85
S2 SF4 JC . 22.05 -66.13 82.51
S3 SF4 JC . 22.42 -69.11 80.45
S4 SF4 JC . 23.07 -69.28 84.04
FE1 FES KC . 34.15 -66.32 81.62
FE2 FES KC . 37.00 -65.69 82.33
S1 FES KC . 35.65 -67.33 82.83
S2 FES KC . 35.35 -64.51 81.55
FE1 SF4 LC . 12.44 -61.85 33.44
FE2 SF4 LC . 12.80 -64.22 34.43
FE3 SF4 LC . 11.57 -63.97 32.02
FE4 SF4 LC . 14.17 -63.52 32.15
S1 SF4 LC . 13.17 -65.52 32.57
S2 SF4 LC . 12.63 -62.13 31.17
S3 SF4 LC . 14.43 -62.62 34.25
S4 SF4 LC . 10.74 -63.27 34.06
FE1 SF4 MC . 12.88 -68.26 45.45
FE2 SF4 MC . 10.22 -68.13 45.34
FE3 SF4 MC . 11.34 -69.45 47.40
FE4 SF4 MC . 11.54 -66.78 47.29
S1 SF4 MC . 9.61 -67.95 47.54
S2 SF4 MC . 13.26 -68.26 47.72
S3 SF4 MC . 11.65 -66.38 45.05
S4 SF4 MC . 11.48 -70.05 45.19
FE1 SF4 NC . 9.84 -73.04 56.74
FE2 SF4 NC . 9.55 -70.38 56.28
FE3 SF4 NC . 7.95 -71.61 58.01
FE4 SF4 NC . 10.54 -71.32 58.65
S1 SF4 NC . 9.05 -69.62 58.36
S2 SF4 NC . 9.28 -73.21 58.95
S3 SF4 NC . 11.52 -71.50 56.59
S4 SF4 NC . 8.03 -72.01 55.76
ZN ZN OC . 9.47 -83.25 67.83
PA NDP PC . -23.18 -43.50 27.28
O1A NDP PC . -24.48 -43.20 26.65
O2A NDP PC . -22.53 -44.68 26.58
O5B NDP PC . -23.28 -43.85 28.84
C5B NDP PC . -24.48 -44.45 29.34
C4B NDP PC . -24.12 -45.74 30.01
O4B NDP PC . -25.33 -46.41 30.44
C3B NDP PC . -23.38 -46.74 29.12
O3B NDP PC . -22.55 -47.56 29.92
C2B NDP PC . -24.56 -47.48 28.52
O2B NDP PC . -24.28 -48.71 27.81
C1B NDP PC . -25.45 -47.64 29.74
N9A NDP PC . -26.86 -47.85 29.42
C8A NDP PC . -27.61 -47.15 28.53
N7A NDP PC . -28.83 -47.60 28.38
C5A NDP PC . -28.88 -48.68 29.24
C6A NDP PC . -29.90 -49.61 29.55
N6A NDP PC . -31.13 -49.56 29.03
N1A NDP PC . -29.61 -50.59 30.43
C2A NDP PC . -28.39 -50.61 30.99
N3A NDP PC . -27.37 -49.80 30.78
C4A NDP PC . -27.67 -48.85 29.90
O3 NDP PC . -22.23 -42.24 27.15
PN NDP PC . -22.07 -40.94 28.06
O1N NDP PC . -20.73 -40.93 28.67
O2N NDP PC . -22.26 -39.73 27.16
O5D NDP PC . -23.24 -40.96 29.11
C5D NDP PC . -23.03 -41.02 30.52
C4D NDP PC . -23.96 -40.04 31.17
O4D NDP PC . -23.58 -38.70 30.81
C3D NDP PC . -25.44 -40.20 30.76
O3D NDP PC . -26.23 -40.59 31.87
C2D NDP PC . -25.83 -38.80 30.24
O2D NDP PC . -27.11 -38.41 30.73
C1D NDP PC . -24.73 -37.91 30.81
N1N NDP PC . -24.47 -36.70 30.05
C2N NDP PC . -24.99 -36.51 28.80
C3N NDP PC . -24.76 -35.40 28.07
C7N NDP PC . -25.42 -35.33 26.77
O7N NDP PC . -25.91 -36.35 26.30
N7N NDP PC . -25.47 -34.15 26.17
C4N NDP PC . -23.92 -34.30 28.59
C5N NDP PC . -23.40 -34.60 29.94
C6N NDP PC . -23.67 -35.71 30.59
P2B NDP PC . -23.59 -50.11 28.26
O1X NDP PC . -23.62 -51.03 27.10
O2X NDP PC . -22.18 -49.79 28.70
O3X NDP PC . -24.34 -50.67 29.45
O7 ZMP QC . 23.43 -11.82 33.15
P1 ZMP QC . 22.22 -11.11 33.91
O6 ZMP QC . 22.75 -10.06 34.80
O5 ZMP QC . 21.56 -12.27 34.78
C21 ZMP QC . 20.94 -13.39 34.16
C18 ZMP QC . 20.94 -14.53 35.16
C19 ZMP QC . 19.74 -14.32 36.10
C20 ZMP QC . 20.80 -15.84 34.41
C17 ZMP QC . 22.27 -14.49 35.92
O4 ZMP QC . 23.31 -14.24 34.99
C16 ZMP QC . 22.58 -15.81 36.64
O3 ZMP QC . 21.94 -16.17 37.63
N2 ZMP QC . 23.62 -16.48 36.15
C15 ZMP QC . 24.05 -17.75 36.74
C14 ZMP QC . 23.14 -18.85 36.20
C13 ZMP QC . 22.44 -19.53 37.37
O2 ZMP QC . 22.31 -18.93 38.44
N1 ZMP QC . 22.02 -20.79 37.16
C12 ZMP QC . 22.18 -21.53 35.90
C11 ZMP QC . 20.82 -22.06 35.42
S1 ZMP QC . 20.94 -23.25 34.04
C10 ZMP QC . 19.48 -24.17 34.31
O1 ZMP QC . 18.38 -23.66 34.53
C9 ZMP QC . 19.64 -25.69 34.25
C8 ZMP QC . 18.27 -26.34 34.22
C7 ZMP QC . 17.81 -26.46 32.76
C6 ZMP QC . 16.28 -26.50 32.70
C5 ZMP QC . 15.82 -26.58 31.24
C4 ZMP QC . 14.31 -26.77 31.22
C3 ZMP QC . 13.77 -26.37 29.84
C2 ZMP QC . 13.56 -27.62 28.99
C1 ZMP QC . 12.30 -27.44 28.14
C22 ZMP QC . 11.11 -27.19 29.05
C23 ZMP QC . 9.75 -27.10 28.35
#